data_6YQ5
#
_entry.id   6YQ5
#
_entity_poly.entity_id   1
_entity_poly.type   'polypeptide(L)'
_entity_poly.pdbx_seq_one_letter_code
;PIMGQDVKYLFQSIDAATGSAPLFPAYQTDGSVSGERELFDEQTKNGRILGPGSVADSGEVTYYGKRGDAGQKAIEDAYQ
NGKQIKFWRVDTVKNENDKYDAQFGFAYIESREYSDGVEGAVEISISLQVIGELKNGEIDTLPEEIVNVSKGGYDFQQPG
QTTGEAPGTVPA
;
_entity_poly.pdbx_strand_id   A,B,C,D,E,F,G,H,I,J,K,L
#
# COMPACT_ATOMS: atom_id res chain seq x y z
N PRO A 1 -10.87 -17.54 24.07
CA PRO A 1 -10.84 -18.95 23.67
C PRO A 1 -9.37 -19.31 23.90
N ILE A 2 -8.87 -20.29 23.17
CA ILE A 2 -7.49 -20.73 23.25
C ILE A 2 -6.65 -19.77 22.43
N MET A 3 -5.56 -19.29 23.01
CA MET A 3 -4.68 -18.32 22.37
C MET A 3 -3.65 -19.00 21.50
N GLY A 4 -3.00 -18.22 20.64
CA GLY A 4 -1.92 -18.72 19.80
C GLY A 4 -0.71 -19.20 20.57
N GLN A 5 -0.40 -18.58 21.70
CA GLN A 5 0.62 -19.05 22.62
C GLN A 5 0.14 -20.18 23.50
N ASP A 6 -1.18 -20.35 23.63
CA ASP A 6 -1.76 -21.30 24.58
C ASP A 6 -1.48 -22.75 24.25
N VAL A 7 -1.59 -23.18 22.99
CA VAL A 7 -1.39 -24.57 22.61
C VAL A 7 0.06 -24.73 22.21
N LYS A 8 0.81 -25.55 22.96
CA LYS A 8 2.20 -25.83 22.61
C LYS A 8 2.42 -27.33 22.50
N TYR A 9 3.45 -27.68 21.75
CA TYR A 9 3.65 -29.04 21.24
C TYR A 9 5.00 -29.56 21.74
N LEU A 10 4.97 -30.68 22.45
CA LEU A 10 6.20 -31.33 22.90
C LEU A 10 6.29 -32.72 22.27
N PHE A 11 7.51 -33.17 22.02
CA PHE A 11 7.76 -34.50 21.50
C PHE A 11 8.66 -35.28 22.46
N GLN A 12 8.39 -36.57 22.58
CA GLN A 12 9.29 -37.45 23.31
C GLN A 12 9.72 -38.59 22.40
N SER A 13 11.03 -38.77 22.28
CA SER A 13 11.60 -39.82 21.46
C SER A 13 11.37 -41.19 22.08
N ILE A 14 11.20 -42.20 21.22
CA ILE A 14 10.97 -43.56 21.70
C ILE A 14 12.20 -44.16 22.35
N ASP A 15 13.38 -43.99 21.73
CA ASP A 15 14.59 -44.67 22.17
C ASP A 15 15.16 -44.07 23.45
N ALA A 16 14.87 -42.80 23.74
CA ALA A 16 15.50 -42.16 24.90
C ALA A 16 15.21 -42.93 26.18
N ALA A 17 13.95 -43.32 26.39
CA ALA A 17 13.45 -43.95 27.63
C ALA A 17 13.68 -43.07 28.85
N THR A 18 13.36 -41.78 28.71
CA THR A 18 13.51 -40.80 29.78
C THR A 18 12.14 -40.37 30.27
N GLY A 19 12.09 -39.79 31.46
CA GLY A 19 10.84 -39.35 32.04
C GLY A 19 10.48 -37.92 31.71
N SER A 20 10.78 -37.49 30.49
CA SER A 20 10.53 -36.11 30.09
C SER A 20 10.67 -35.92 28.59
N ALA A 21 9.82 -35.06 28.01
CA ALA A 21 9.68 -34.80 26.58
C ALA A 21 10.26 -33.45 26.18
N PRO A 22 11.33 -33.40 25.36
CA PRO A 22 11.87 -32.09 24.95
C PRO A 22 10.96 -31.38 23.95
N LEU A 23 10.71 -30.09 24.20
CA LEU A 23 10.07 -29.25 23.21
C LEU A 23 11.03 -28.16 22.78
N PHE A 24 10.83 -27.65 21.59
CA PHE A 24 11.89 -26.83 21.07
C PHE A 24 11.51 -25.35 21.10
N PRO A 25 12.43 -24.44 21.41
CA PRO A 25 12.08 -23.02 21.44
C PRO A 25 11.95 -22.43 20.04
N ALA A 26 11.54 -21.16 20.02
CA ALA A 26 11.35 -20.35 18.81
C ALA A 26 10.44 -21.06 17.81
N TYR A 27 9.20 -21.29 18.22
CA TYR A 27 8.19 -21.83 17.33
C TYR A 27 7.68 -20.76 16.36
N GLN A 28 7.39 -21.20 15.15
CA GLN A 28 6.88 -20.36 14.10
C GLN A 28 5.38 -20.64 14.05
N THR A 29 4.99 -21.87 13.73
CA THR A 29 3.58 -22.21 13.65
C THR A 29 3.40 -23.70 13.36
N ASP A 30 2.20 -24.17 13.69
CA ASP A 30 1.92 -25.58 13.81
C ASP A 30 0.62 -25.87 13.09
N GLY A 31 0.70 -26.68 12.05
CA GLY A 31 -0.49 -27.19 11.41
C GLY A 31 -0.62 -28.68 11.61
N SER A 32 -1.73 -29.09 12.22
CA SER A 32 -2.08 -30.49 12.37
C SER A 32 -3.35 -30.66 11.54
N VAL A 33 -3.29 -31.59 10.58
CA VAL A 33 -4.38 -31.76 9.62
C VAL A 33 -4.80 -33.24 9.67
N SER A 34 -6.11 -33.45 9.70
CA SER A 34 -6.70 -34.75 10.01
C SER A 34 -7.85 -34.99 9.04
N GLY A 35 -7.66 -35.93 8.13
CA GLY A 35 -8.67 -36.21 7.12
C GLY A 35 -9.41 -37.51 7.38
N GLU A 36 -10.73 -37.43 7.54
CA GLU A 36 -11.57 -38.59 7.81
C GLU A 36 -12.24 -39.00 6.51
N ARG A 37 -11.78 -40.09 5.91
CA ARG A 37 -12.25 -40.51 4.60
C ARG A 37 -13.68 -41.03 4.69
N GLU A 38 -14.47 -40.77 3.66
CA GLU A 38 -15.91 -40.96 3.69
C GLU A 38 -16.32 -41.84 2.51
N LEU A 39 -17.60 -42.18 2.47
CA LEU A 39 -18.17 -43.03 1.43
C LEU A 39 -18.09 -42.34 0.08
N PHE A 40 -17.75 -43.12 -0.94
CA PHE A 40 -17.81 -42.67 -2.33
C PHE A 40 -19.19 -42.90 -2.93
N ASP A 41 -19.74 -41.85 -3.51
CA ASP A 41 -20.75 -41.94 -4.56
C ASP A 41 -22.06 -42.38 -3.92
N GLU A 42 -23.03 -41.45 -3.87
CA GLU A 42 -24.36 -41.77 -3.36
C GLU A 42 -25.12 -42.76 -4.22
N GLN A 43 -24.88 -42.71 -5.55
CA GLN A 43 -25.62 -43.47 -6.57
C GLN A 43 -27.05 -42.94 -6.75
N THR A 44 -27.27 -41.67 -6.37
CA THR A 44 -28.58 -41.05 -6.15
C THR A 44 -29.52 -42.00 -5.41
N LYS A 45 -29.13 -42.37 -4.19
CA LYS A 45 -29.89 -43.32 -3.37
C LYS A 45 -30.42 -42.63 -2.12
N ASN A 46 -30.15 -43.22 -0.95
CA ASN A 46 -30.56 -42.63 0.32
C ASN A 46 -29.40 -41.99 1.08
N GLY A 47 -28.26 -41.78 0.42
CA GLY A 47 -27.10 -41.19 1.07
C GLY A 47 -26.02 -42.22 1.29
N ARG A 48 -25.26 -42.48 0.23
CA ARG A 48 -24.18 -43.46 0.28
C ARG A 48 -22.86 -42.70 0.21
N ILE A 49 -22.90 -41.42 0.60
CA ILE A 49 -21.70 -40.59 0.61
C ILE A 49 -21.49 -40.01 2.01
N LEU A 50 -22.35 -40.41 2.96
CA LEU A 50 -22.20 -40.00 4.35
C LEU A 50 -21.65 -41.11 5.23
N GLY A 51 -20.96 -42.09 4.63
CA GLY A 51 -20.57 -43.30 5.30
C GLY A 51 -19.17 -43.25 5.88
N PRO A 52 -18.89 -44.15 6.83
CA PRO A 52 -17.60 -44.11 7.52
C PRO A 52 -16.43 -44.58 6.67
N GLY A 53 -15.24 -44.13 7.03
CA GLY A 53 -14.04 -44.48 6.31
C GLY A 53 -12.83 -44.30 7.22
N SER A 54 -11.66 -44.53 6.65
CA SER A 54 -10.42 -44.40 7.40
C SER A 54 -10.07 -42.92 7.56
N VAL A 55 -9.04 -42.67 8.38
CA VAL A 55 -8.59 -41.32 8.69
C VAL A 55 -7.12 -41.18 8.33
N ALA A 56 -6.80 -40.14 7.56
CA ALA A 56 -5.44 -39.80 7.21
C ALA A 56 -5.03 -38.59 8.04
N ASP A 57 -4.06 -38.79 8.93
CA ASP A 57 -3.70 -37.78 9.91
C ASP A 57 -2.24 -37.41 9.70
N SER A 58 -2.01 -36.14 9.37
CA SER A 58 -0.69 -35.61 9.08
C SER A 58 -0.59 -34.19 9.61
N GLY A 59 0.60 -33.83 10.06
CA GLY A 59 0.88 -32.49 10.51
C GLY A 59 2.23 -31.99 10.06
N GLU A 60 2.38 -30.68 9.99
CA GLU A 60 3.66 -30.06 9.66
C GLU A 60 4.02 -29.13 10.82
N VAL A 61 5.32 -28.94 11.04
CA VAL A 61 5.81 -28.12 12.13
C VAL A 61 6.88 -27.19 11.59
N THR A 62 6.69 -25.89 11.78
CA THR A 62 7.71 -24.93 11.39
C THR A 62 8.29 -24.27 12.64
N TYR A 63 9.61 -24.05 12.63
CA TYR A 63 10.27 -23.34 13.71
C TYR A 63 11.60 -22.80 13.21
N TYR A 64 12.23 -21.94 14.02
CA TYR A 64 13.56 -21.41 13.75
C TYR A 64 14.59 -22.19 14.55
N GLY A 65 15.52 -22.83 13.86
CA GLY A 65 16.50 -23.68 14.52
C GLY A 65 17.51 -22.94 15.36
N LYS A 66 17.71 -23.39 16.59
CA LYS A 66 18.75 -22.85 17.45
C LYS A 66 20.02 -23.69 17.30
N ARG A 67 21.17 -23.05 17.55
CA ARG A 67 22.46 -23.68 17.31
C ARG A 67 22.55 -25.11 17.82
N GLY A 68 22.19 -25.37 19.06
CA GLY A 68 22.18 -26.71 19.62
C GLY A 68 21.27 -26.77 20.83
N ASP A 69 20.05 -27.26 20.59
CA ASP A 69 19.07 -27.64 21.62
C ASP A 69 18.39 -28.97 21.28
N ALA A 70 17.90 -29.62 22.34
CA ALA A 70 17.67 -31.06 22.40
C ALA A 70 16.46 -31.61 21.64
N GLY A 71 15.33 -30.89 21.62
CA GLY A 71 14.25 -31.25 20.70
C GLY A 71 14.66 -31.17 19.24
N GLN A 72 15.44 -30.15 18.89
CA GLN A 72 16.04 -30.11 17.55
C GLN A 72 16.98 -31.28 17.32
N LYS A 73 17.88 -31.56 18.26
CA LYS A 73 18.68 -32.77 18.17
C LYS A 73 17.82 -34.02 18.25
N ALA A 74 16.68 -33.96 18.92
CA ALA A 74 15.71 -35.04 18.82
C ALA A 74 15.15 -35.14 17.42
N ILE A 75 14.79 -33.99 16.82
CA ILE A 75 14.39 -33.95 15.42
C ILE A 75 15.52 -34.45 14.53
N GLU A 76 16.75 -34.03 14.81
CA GLU A 76 17.88 -34.44 13.98
C GLU A 76 18.10 -35.94 14.00
N ASP A 77 18.15 -36.56 15.18
CA ASP A 77 18.13 -38.02 15.23
C ASP A 77 16.83 -38.59 14.70
N ALA A 78 15.72 -37.87 14.89
CA ALA A 78 14.48 -38.33 14.30
C ALA A 78 14.62 -38.54 12.79
N TYR A 79 14.96 -37.48 12.05
CA TYR A 79 15.00 -37.59 10.59
C TYR A 79 16.26 -38.29 10.11
N GLN A 80 17.42 -37.88 10.62
CA GLN A 80 18.70 -38.28 10.04
C GLN A 80 19.08 -39.70 10.42
N ASN A 81 18.74 -40.14 11.63
CA ASN A 81 18.93 -41.54 11.98
C ASN A 81 17.76 -42.39 11.47
N GLY A 82 16.56 -41.81 11.46
CA GLY A 82 15.38 -42.51 10.99
C GLY A 82 14.65 -43.24 12.09
N LYS A 83 13.93 -42.50 12.92
CA LYS A 83 13.15 -43.03 14.04
C LYS A 83 11.81 -42.30 14.04
N GLN A 84 10.80 -42.92 14.62
CA GLN A 84 9.53 -42.28 14.92
C GLN A 84 9.64 -41.61 16.29
N ILE A 85 8.93 -40.50 16.47
CA ILE A 85 8.95 -39.80 17.75
C ILE A 85 7.55 -39.70 18.32
N LYS A 86 7.45 -39.84 19.64
CA LYS A 86 6.17 -39.71 20.33
C LYS A 86 5.77 -38.25 20.34
N PHE A 87 4.48 -38.01 20.06
CA PHE A 87 3.94 -36.71 19.72
C PHE A 87 2.93 -36.27 20.80
N TRP A 88 3.21 -35.13 21.41
CA TRP A 88 2.39 -34.55 22.47
C TRP A 88 2.10 -33.10 22.12
N ARG A 89 0.83 -32.71 22.17
CA ARG A 89 0.45 -31.30 22.02
C ARG A 89 -0.49 -30.94 23.16
N VAL A 90 -0.06 -30.03 24.02
CA VAL A 90 -0.82 -29.73 25.22
C VAL A 90 -1.11 -28.24 25.27
N ASP A 91 -2.00 -27.88 26.19
CA ASP A 91 -2.38 -26.50 26.38
C ASP A 91 -1.80 -25.95 27.68
N THR A 92 -1.31 -24.72 27.61
CA THR A 92 -0.66 -24.05 28.72
C THR A 92 -1.63 -23.69 29.85
N VAL A 93 -2.90 -23.44 29.52
CA VAL A 93 -3.90 -23.17 30.54
C VAL A 93 -4.12 -24.40 31.40
N LYS A 94 -4.09 -24.21 32.71
CA LYS A 94 -4.16 -25.32 33.67
C LYS A 94 -5.51 -26.03 33.52
N ASN A 95 -5.46 -27.35 33.46
CA ASN A 95 -6.66 -28.17 33.50
C ASN A 95 -7.23 -28.20 34.92
N GLU A 96 -8.56 -28.12 35.02
CA GLU A 96 -9.21 -28.08 36.32
C GLU A 96 -9.42 -29.45 36.95
N ASN A 97 -9.41 -30.52 36.17
CA ASN A 97 -9.37 -31.86 36.77
C ASN A 97 -8.23 -32.67 36.17
N ASP A 98 -7.20 -32.00 35.67
CA ASP A 98 -5.95 -32.66 35.31
C ASP A 98 -4.83 -31.62 35.40
N LYS A 99 -3.58 -32.07 35.29
CA LYS A 99 -2.45 -31.17 35.20
C LYS A 99 -2.63 -30.22 34.03
N TYR A 100 -2.69 -30.77 32.82
CA TYR A 100 -2.88 -30.01 31.60
C TYR A 100 -3.76 -30.84 30.68
N ASP A 101 -4.03 -30.32 29.49
CA ASP A 101 -4.82 -31.06 28.51
C ASP A 101 -4.03 -31.20 27.22
N ALA A 102 -4.14 -32.39 26.62
CA ALA A 102 -3.20 -32.80 25.60
C ALA A 102 -3.93 -33.52 24.47
N GLN A 103 -3.27 -33.57 23.32
CA GLN A 103 -3.52 -34.57 22.30
C GLN A 103 -2.20 -35.26 22.01
N PHE A 104 -2.25 -36.58 21.84
CA PHE A 104 -1.08 -37.44 21.91
C PHE A 104 -1.05 -38.38 20.72
N GLY A 105 0.15 -38.74 20.27
CA GLY A 105 0.27 -39.79 19.28
C GLY A 105 1.70 -40.26 19.13
N PHE A 106 1.88 -41.20 18.21
CA PHE A 106 3.20 -41.59 17.72
C PHE A 106 3.34 -41.09 16.29
N ALA A 107 4.43 -40.41 16.02
CA ALA A 107 4.60 -39.68 14.77
C ALA A 107 5.95 -40.00 14.13
N TYR A 108 6.02 -39.70 12.83
CA TYR A 108 7.17 -40.03 12.01
C TYR A 108 7.62 -38.77 11.28
N ILE A 109 8.85 -38.79 10.77
CA ILE A 109 9.38 -37.63 10.05
C ILE A 109 9.19 -37.83 8.56
N GLU A 110 8.02 -37.45 8.05
CA GLU A 110 7.78 -37.55 6.61
C GLU A 110 8.68 -36.69 5.76
N SER A 111 8.94 -35.44 6.14
CA SER A 111 9.89 -34.61 5.42
C SER A 111 10.40 -33.53 6.35
N ARG A 112 11.56 -32.98 6.01
CA ARG A 112 12.19 -31.87 6.73
C ARG A 112 12.65 -30.91 5.64
N GLU A 113 12.61 -29.62 5.97
CA GLU A 113 12.96 -28.55 5.05
C GLU A 113 13.81 -27.56 5.83
N TYR A 114 14.93 -27.15 5.25
CA TYR A 114 15.79 -26.16 5.88
C TYR A 114 16.05 -24.98 4.95
N SER A 115 15.63 -23.81 5.39
CA SER A 115 15.82 -22.58 4.66
C SER A 115 16.86 -21.73 5.37
N ASP A 116 17.84 -21.26 4.60
CA ASP A 116 18.79 -20.23 4.99
C ASP A 116 18.54 -19.05 4.06
N GLY A 117 18.20 -17.90 4.63
CA GLY A 117 18.05 -16.68 3.87
C GLY A 117 19.03 -15.61 4.33
N VAL A 118 19.21 -14.61 3.48
CA VAL A 118 20.07 -13.48 3.79
C VAL A 118 19.43 -12.58 4.85
N GLU A 119 18.10 -12.49 4.85
CA GLU A 119 17.41 -11.85 5.96
C GLU A 119 16.91 -12.84 6.99
N GLY A 120 16.74 -12.41 8.24
CA GLY A 120 16.01 -13.20 9.20
C GLY A 120 16.93 -14.28 9.75
N ALA A 121 16.36 -15.40 10.15
CA ALA A 121 17.15 -16.48 10.74
C ALA A 121 16.67 -17.84 10.22
N VAL A 122 17.54 -18.84 10.39
CA VAL A 122 17.34 -20.15 9.79
C VAL A 122 15.95 -20.68 10.15
N GLU A 123 15.26 -21.23 9.15
CA GLU A 123 13.89 -21.69 9.36
C GLU A 123 13.74 -23.13 8.92
N ILE A 124 13.22 -23.96 9.81
CA ILE A 124 13.04 -25.38 9.53
C ILE A 124 11.55 -25.66 9.38
N SER A 125 11.20 -26.29 8.26
CA SER A 125 9.87 -26.85 8.05
C SER A 125 9.98 -28.36 8.11
N ILE A 126 9.35 -28.96 9.11
CA ILE A 126 9.33 -30.41 9.24
C ILE A 126 7.90 -30.90 9.11
N SER A 127 7.68 -31.87 8.23
CA SER A 127 6.38 -32.43 7.95
C SER A 127 6.35 -33.90 8.36
N LEU A 128 5.23 -34.31 8.94
CA LEU A 128 5.08 -35.62 9.53
C LEU A 128 3.67 -36.15 9.30
N GLN A 129 3.55 -37.46 9.15
CA GLN A 129 2.26 -38.14 9.19
C GLN A 129 2.14 -38.79 10.55
N VAL A 130 0.92 -39.13 10.94
CA VAL A 130 0.71 -39.86 12.18
C VAL A 130 -0.38 -40.90 11.93
N ILE A 131 -0.41 -41.93 12.78
CA ILE A 131 -1.32 -43.05 12.55
C ILE A 131 -2.54 -42.94 13.45
N GLY A 132 -2.88 -41.71 13.84
CA GLY A 132 -4.04 -41.50 14.66
C GLY A 132 -3.69 -40.81 15.96
N GLU A 133 -3.79 -39.49 15.98
CA GLU A 133 -3.60 -38.73 17.21
C GLU A 133 -4.88 -38.72 18.04
N LEU A 134 -4.71 -38.91 19.34
CA LEU A 134 -5.84 -39.05 20.24
C LEU A 134 -5.77 -37.92 21.25
N LYS A 135 -6.91 -37.55 21.81
CA LYS A 135 -7.00 -36.45 22.76
C LYS A 135 -7.06 -37.02 24.18
N ASN A 136 -6.37 -36.37 25.12
CA ASN A 136 -6.39 -36.77 26.52
C ASN A 136 -6.08 -35.56 27.38
N GLY A 137 -5.86 -35.81 28.67
CA GLY A 137 -5.34 -34.76 29.53
C GLY A 137 -3.86 -34.92 29.77
N GLU A 138 -3.16 -33.79 29.81
CA GLU A 138 -1.71 -33.80 29.91
C GLU A 138 -1.32 -33.93 31.37
N ILE A 139 -0.45 -34.91 31.65
CA ILE A 139 -0.05 -35.19 33.01
C ILE A 139 1.21 -34.40 33.39
N ASP A 140 2.20 -34.37 32.50
CA ASP A 140 3.44 -33.70 32.83
C ASP A 140 3.37 -32.22 32.49
N THR A 141 3.36 -31.39 33.52
CA THR A 141 3.39 -29.94 33.35
C THR A 141 4.68 -29.47 32.70
N LEU A 142 5.84 -29.99 33.12
CA LEU A 142 7.18 -29.58 32.73
C LEU A 142 7.34 -28.08 32.96
N PRO A 143 7.26 -27.62 34.23
CA PRO A 143 6.96 -26.20 34.50
C PRO A 143 8.05 -25.22 34.12
N GLU A 144 9.19 -25.76 33.69
CA GLU A 144 10.27 -24.98 33.11
C GLU A 144 9.83 -24.26 31.85
N GLU A 145 9.00 -24.90 31.03
CA GLU A 145 8.65 -24.37 29.72
C GLU A 145 7.18 -23.97 29.61
N ILE A 146 6.24 -24.90 29.68
CA ILE A 146 4.82 -24.61 29.58
C ILE A 146 4.37 -23.67 30.69
N VAL A 147 4.67 -24.02 31.95
CA VAL A 147 4.23 -23.23 33.08
C VAL A 147 4.98 -21.91 33.06
N ASN A 148 6.31 -21.99 32.90
CA ASN A 148 7.16 -20.81 32.94
C ASN A 148 7.65 -20.43 31.54
N VAL A 149 7.10 -19.37 30.96
CA VAL A 149 7.67 -18.84 29.72
C VAL A 149 7.88 -17.33 29.90
N SER A 150 9.11 -16.96 30.22
CA SER A 150 9.40 -15.57 30.57
C SER A 150 9.92 -14.76 29.40
N LYS A 151 9.83 -13.44 29.45
CA LYS A 151 10.40 -12.60 28.40
C LYS A 151 11.91 -12.43 28.51
N GLY A 152 12.58 -13.02 29.50
CA GLY A 152 14.00 -12.83 29.69
C GLY A 152 14.33 -11.69 30.63
N GLY A 153 13.31 -10.98 31.08
CA GLY A 153 13.50 -9.82 31.94
C GLY A 153 13.79 -10.22 33.37
N TYR A 154 14.70 -9.49 33.99
CA TYR A 154 15.10 -9.69 35.38
C TYR A 154 15.28 -8.31 36.03
N ASP A 155 15.05 -8.23 37.35
CA ASP A 155 14.74 -6.97 37.99
C ASP A 155 15.79 -5.87 37.84
N PHE A 156 17.05 -6.15 38.21
CA PHE A 156 18.27 -5.38 37.93
C PHE A 156 19.44 -6.33 37.76
N GLN A 157 20.50 -5.80 37.16
CA GLN A 157 21.87 -6.28 37.37
C GLN A 157 22.76 -5.04 37.32
N GLN A 158 22.99 -4.40 38.47
CA GLN A 158 23.58 -3.06 38.45
C GLN A 158 25.01 -3.01 38.98
N PRO A 159 25.49 -3.93 39.86
CA PRO A 159 26.93 -3.91 40.16
C PRO A 159 27.80 -4.52 39.08
N GLY A 160 27.24 -4.85 37.92
CA GLY A 160 27.98 -5.59 36.93
C GLY A 160 28.14 -7.10 37.11
N GLN A 161 27.17 -7.89 36.66
CA GLN A 161 27.32 -9.34 36.75
C GLN A 161 27.73 -9.92 35.39
N THR A 162 28.96 -9.60 34.96
CA THR A 162 29.59 -10.12 33.73
C THR A 162 28.55 -10.51 32.67
N THR A 163 27.94 -9.50 32.06
CA THR A 163 26.76 -9.77 31.25
C THR A 163 27.17 -9.88 29.79
N GLY A 164 26.29 -10.48 28.99
CA GLY A 164 26.46 -10.52 27.55
C GLY A 164 25.15 -10.30 26.81
N GLU A 165 25.06 -10.82 25.58
CA GLU A 165 23.86 -10.62 24.76
C GLU A 165 22.67 -11.36 25.33
N ALA A 166 22.91 -12.40 26.13
CA ALA A 166 21.88 -13.23 26.72
C ALA A 166 21.26 -12.50 27.90
N PRO A 167 20.08 -12.91 28.35
CA PRO A 167 19.20 -12.00 29.08
C PRO A 167 19.51 -11.96 30.58
N GLY A 168 20.39 -12.89 30.98
CA GLY A 168 21.05 -12.82 32.27
C GLY A 168 22.34 -13.60 32.42
N THR A 169 23.48 -12.92 32.35
CA THR A 169 24.74 -13.56 32.69
C THR A 169 25.09 -13.29 34.15
N VAL A 170 26.02 -14.08 34.66
CA VAL A 170 26.52 -13.97 36.03
C VAL A 170 28.02 -13.73 35.98
N PRO A 171 28.67 -13.34 37.09
CA PRO A 171 30.13 -13.10 37.03
C PRO A 171 30.90 -14.41 36.95
N ALA A 172 31.51 -14.64 35.79
CA ALA A 172 32.15 -15.90 35.42
C ALA A 172 31.20 -17.09 35.49
N PRO B 1 -30.65 -7.16 3.10
CA PRO B 1 -30.84 -8.57 2.75
C PRO B 1 -30.41 -9.29 4.03
N ILE B 2 -29.96 -10.52 3.91
CA ILE B 2 -29.48 -11.31 5.04
C ILE B 2 -28.07 -10.87 5.35
N MET B 3 -27.80 -10.60 6.64
CA MET B 3 -26.51 -10.12 7.08
C MET B 3 -25.56 -11.28 7.35
N GLY B 4 -24.27 -10.94 7.47
CA GLY B 4 -23.25 -11.93 7.82
C GLY B 4 -23.43 -12.54 9.20
N GLN B 5 -23.94 -11.79 10.16
CA GLN B 5 -24.31 -12.30 11.46
C GLN B 5 -25.67 -12.99 11.45
N ASP B 6 -26.49 -12.73 10.43
CA ASP B 6 -27.86 -13.20 10.40
C ASP B 6 -28.00 -14.71 10.27
N VAL B 7 -27.23 -15.37 9.42
CA VAL B 7 -27.34 -16.80 9.22
C VAL B 7 -26.36 -17.48 10.17
N LYS B 8 -26.88 -18.27 11.11
CA LYS B 8 -26.01 -19.02 12.00
C LYS B 8 -26.36 -20.51 11.97
N TYR B 9 -25.38 -21.33 12.33
CA TYR B 9 -25.38 -22.76 12.06
C TYR B 9 -25.29 -23.51 13.39
N LEU B 10 -26.28 -24.36 13.65
CA LEU B 10 -26.25 -25.22 14.82
C LEU B 10 -26.22 -26.68 14.40
N PHE B 11 -25.57 -27.51 15.21
CA PHE B 11 -25.52 -28.95 14.97
C PHE B 11 -26.12 -29.69 16.16
N GLN B 12 -26.82 -30.78 15.86
CA GLN B 12 -27.26 -31.68 16.92
C GLN B 12 -26.75 -33.08 16.62
N SER B 13 -26.07 -33.66 17.61
CA SER B 13 -25.53 -35.01 17.49
C SER B 13 -26.63 -36.05 17.50
N ILE B 14 -26.40 -37.14 16.77
CA ILE B 14 -27.40 -38.21 16.70
C ILE B 14 -27.51 -38.97 18.02
N ASP B 15 -26.37 -39.31 18.63
CA ASP B 15 -26.36 -40.19 19.80
C ASP B 15 -26.85 -39.48 21.06
N ALA B 16 -26.77 -38.16 21.13
CA ALA B 16 -27.13 -37.47 22.36
C ALA B 16 -28.56 -37.79 22.79
N ALA B 17 -29.50 -37.72 21.84
CA ALA B 17 -30.95 -37.86 22.06
C ALA B 17 -31.47 -36.81 23.04
N THR B 18 -31.05 -35.56 22.84
CA THR B 18 -31.45 -34.44 23.68
C THR B 18 -32.37 -33.52 22.89
N GLY B 19 -33.11 -32.68 23.59
CA GLY B 19 -34.03 -31.76 22.95
C GLY B 19 -33.43 -30.42 22.62
N SER B 20 -32.16 -30.40 22.23
CA SER B 20 -31.48 -29.15 21.94
C SER B 20 -30.15 -29.38 21.23
N ALA B 21 -29.81 -28.49 20.29
CA ALA B 21 -28.66 -28.55 19.38
C ALA B 21 -27.56 -27.56 19.78
N PRO B 22 -26.36 -28.04 20.19
CA PRO B 22 -25.29 -27.09 20.53
C PRO B 22 -24.71 -26.41 19.31
N LEU B 23 -24.56 -25.09 19.38
CA LEU B 23 -23.80 -24.36 18.39
C LEU B 23 -22.58 -23.74 19.05
N PHE B 24 -21.56 -23.50 18.26
CA PHE B 24 -20.31 -23.18 18.92
C PHE B 24 -19.99 -21.70 18.78
N PRO B 25 -19.44 -21.05 19.81
CA PRO B 25 -19.11 -19.63 19.69
C PRO B 25 -17.87 -19.38 18.85
N ALA B 26 -17.59 -18.09 18.64
CA ALA B 26 -16.44 -17.59 17.88
C ALA B 26 -16.36 -18.22 16.50
N TYR B 27 -17.40 -17.96 15.70
CA TYR B 27 -17.40 -18.38 14.31
C TYR B 27 -16.50 -17.48 13.47
N GLN B 28 -15.86 -18.10 12.49
CA GLN B 28 -14.97 -17.42 11.56
C GLN B 28 -15.79 -17.25 10.28
N THR B 29 -16.19 -18.35 9.65
CA THR B 29 -16.96 -18.28 8.42
C THR B 29 -17.37 -19.67 7.94
N ASP B 30 -18.40 -19.67 7.11
CA ASP B 30 -19.15 -20.87 6.80
C ASP B 30 -19.33 -20.92 5.29
N GLY B 31 -18.78 -21.96 4.68
CA GLY B 31 -19.06 -22.23 3.29
C GLY B 31 -19.83 -23.51 3.13
N SER B 32 -21.01 -23.42 2.54
CA SER B 32 -21.82 -24.59 2.18
C SER B 32 -21.87 -24.57 0.66
N VAL B 33 -21.42 -25.67 0.05
CA VAL B 33 -21.28 -25.75 -1.39
C VAL B 33 -22.06 -26.97 -1.87
N SER B 34 -22.82 -26.79 -2.95
CA SER B 34 -23.84 -27.72 -3.39
C SER B 34 -23.74 -27.86 -4.91
N GLY B 35 -23.27 -29.01 -5.37
CA GLY B 35 -23.10 -29.21 -6.80
C GLY B 35 -24.14 -30.13 -7.39
N GLU B 36 -24.89 -29.62 -8.37
CA GLU B 36 -25.95 -30.39 -9.03
C GLU B 36 -25.41 -30.88 -10.37
N ARG B 37 -25.11 -32.17 -10.44
CA ARG B 37 -24.47 -32.74 -11.61
C ARG B 37 -25.46 -32.78 -12.78
N GLU B 38 -24.94 -32.56 -13.99
CA GLU B 38 -25.76 -32.30 -15.17
C GLU B 38 -25.37 -33.28 -16.26
N LEU B 39 -26.10 -33.22 -17.37
CA LEU B 39 -25.87 -34.10 -18.51
C LEU B 39 -24.51 -33.81 -19.15
N PHE B 40 -23.83 -34.89 -19.55
CA PHE B 40 -22.61 -34.79 -20.33
C PHE B 40 -22.91 -34.75 -21.82
N ASP B 41 -22.35 -33.75 -22.49
CA ASP B 41 -22.07 -33.81 -23.92
C ASP B 41 -23.38 -33.66 -24.67
N GLU B 42 -23.57 -32.51 -25.33
CA GLU B 42 -24.75 -32.28 -26.15
C GLU B 42 -24.80 -33.18 -27.38
N GLN B 43 -23.64 -33.54 -27.94
CA GLN B 43 -23.48 -34.27 -29.20
C GLN B 43 -23.86 -33.41 -30.41
N THR B 44 -23.80 -32.08 -30.23
CA THR B 44 -24.41 -31.07 -31.10
C THR B 44 -25.81 -31.48 -31.55
N LYS B 45 -26.71 -31.65 -30.58
CA LYS B 45 -28.08 -32.09 -30.83
C LYS B 45 -29.07 -31.00 -30.48
N ASN B 46 -30.07 -31.33 -29.66
CA ASN B 46 -31.06 -30.36 -29.21
C ASN B 46 -30.83 -29.92 -27.76
N GLY B 47 -29.68 -30.22 -27.18
CA GLY B 47 -29.40 -29.86 -25.80
C GLY B 47 -29.39 -31.08 -24.91
N ARG B 48 -28.28 -31.80 -24.92
CA ARG B 48 -28.14 -33.01 -24.12
C ARG B 48 -27.15 -32.72 -23.01
N ILE B 49 -27.00 -31.44 -22.67
CA ILE B 49 -26.10 -31.00 -21.60
C ILE B 49 -26.89 -30.19 -20.57
N LEU B 50 -28.20 -30.08 -20.76
CA LEU B 50 -29.07 -29.40 -19.81
C LEU B 50 -29.89 -30.38 -18.99
N GLY B 51 -29.44 -31.63 -18.87
CA GLY B 51 -30.21 -32.70 -18.30
C GLY B 51 -29.95 -32.93 -16.82
N PRO B 52 -30.88 -33.61 -16.15
CA PRO B 52 -30.77 -33.78 -14.70
C PRO B 52 -29.69 -34.77 -14.29
N GLY B 53 -29.21 -34.61 -13.06
CA GLY B 53 -28.17 -35.47 -12.53
C GLY B 53 -28.21 -35.44 -11.02
N SER B 54 -27.26 -36.14 -10.41
CA SER B 54 -27.19 -36.19 -8.96
C SER B 54 -26.59 -34.89 -8.41
N VAL B 55 -26.62 -34.76 -7.09
CA VAL B 55 -26.16 -33.56 -6.41
C VAL B 55 -25.07 -33.96 -5.40
N ALA B 56 -23.94 -33.28 -5.46
CA ALA B 56 -22.85 -33.45 -4.50
C ALA B 56 -22.87 -32.25 -3.57
N ASP B 57 -23.15 -32.50 -2.30
CA ASP B 57 -23.37 -31.44 -1.33
C ASP B 57 -22.33 -31.57 -0.23
N SER B 58 -21.50 -30.56 -0.09
CA SER B 58 -20.43 -30.50 0.88
C SER B 58 -20.27 -29.10 1.42
N GLY B 59 -19.88 -29.02 2.69
CA GLY B 59 -19.62 -27.75 3.31
C GLY B 59 -18.40 -27.79 4.20
N GLU B 60 -17.78 -26.64 4.43
CA GLU B 60 -16.67 -26.52 5.36
C GLU B 60 -17.05 -25.50 6.41
N VAL B 61 -16.50 -25.65 7.61
CA VAL B 61 -16.81 -24.77 8.73
C VAL B 61 -15.51 -24.35 9.40
N THR B 62 -15.28 -23.05 9.49
CA THR B 62 -14.12 -22.56 10.21
C THR B 62 -14.56 -21.82 11.45
N TYR B 63 -13.81 -22.00 12.54
CA TYR B 63 -14.08 -21.28 13.79
C TYR B 63 -12.82 -21.29 14.64
N TYR B 64 -12.82 -20.48 15.71
CA TYR B 64 -11.75 -20.45 16.69
C TYR B 64 -12.15 -21.27 17.89
N GLY B 65 -11.37 -22.31 18.20
CA GLY B 65 -11.72 -23.22 19.27
C GLY B 65 -11.60 -22.63 20.66
N LYS B 66 -12.63 -22.80 21.48
CA LYS B 66 -12.58 -22.39 22.87
C LYS B 66 -12.13 -23.58 23.73
N ARG B 67 -11.52 -23.28 24.88
CA ARG B 67 -10.92 -24.29 25.72
C ARG B 67 -11.80 -25.52 25.93
N GLY B 68 -13.05 -25.35 26.33
CA GLY B 68 -13.98 -26.45 26.48
C GLY B 68 -15.41 -25.94 26.43
N ASP B 69 -16.02 -26.10 25.24
CA ASP B 69 -17.45 -25.90 24.99
C ASP B 69 -18.01 -27.01 24.10
N ALA B 70 -19.32 -27.21 24.23
CA ALA B 70 -20.01 -28.47 23.92
C ALA B 70 -20.22 -28.80 22.44
N GLY B 71 -20.50 -27.80 21.59
CA GLY B 71 -20.47 -28.04 20.15
C GLY B 71 -19.09 -28.46 19.66
N GLN B 72 -18.04 -27.82 20.19
CA GLN B 72 -16.68 -28.28 19.93
C GLN B 72 -16.46 -29.70 20.44
N LYS B 73 -16.85 -29.99 21.69
CA LYS B 73 -16.82 -31.37 22.14
C LYS B 73 -17.77 -32.25 21.36
N ALA B 74 -18.85 -31.69 20.81
CA ALA B 74 -19.64 -32.44 19.86
C ALA B 74 -18.86 -32.70 18.59
N ILE B 75 -18.15 -31.68 18.08
CA ILE B 75 -17.23 -31.87 16.95
C ILE B 75 -16.15 -32.88 17.31
N GLU B 76 -15.61 -32.79 18.53
CA GLU B 76 -14.54 -33.70 18.93
C GLU B 76 -14.99 -35.15 18.95
N ASP B 77 -16.13 -35.45 19.59
CA ASP B 77 -16.71 -36.78 19.47
C ASP B 77 -17.16 -37.05 18.03
N ALA B 78 -17.60 -36.02 17.31
CA ALA B 78 -17.92 -36.22 15.90
C ALA B 78 -16.74 -36.82 15.15
N TYR B 79 -15.60 -36.13 15.12
CA TYR B 79 -14.48 -36.60 14.31
C TYR B 79 -13.73 -37.74 14.98
N GLN B 80 -13.39 -37.57 16.26
CA GLN B 80 -12.44 -38.44 16.93
C GLN B 80 -13.07 -39.79 17.30
N ASN B 81 -14.35 -39.80 17.66
CA ASN B 81 -15.05 -41.06 17.86
C ASN B 81 -15.55 -41.62 16.54
N GLY B 82 -15.93 -40.74 15.62
CA GLY B 82 -16.41 -41.15 14.31
C GLY B 82 -17.90 -41.35 14.27
N LYS B 83 -18.64 -40.25 14.22
CA LYS B 83 -20.11 -40.24 14.17
C LYS B 83 -20.51 -39.17 13.15
N GLN B 84 -21.70 -39.30 12.60
CA GLN B 84 -22.33 -38.26 11.81
C GLN B 84 -23.10 -37.34 12.75
N ILE B 85 -23.20 -36.06 12.39
CA ILE B 85 -23.93 -35.10 13.22
C ILE B 85 -25.05 -34.48 12.40
N LYS B 86 -26.18 -34.25 13.06
CA LYS B 86 -27.31 -33.58 12.45
C LYS B 86 -27.00 -32.11 12.27
N PHE B 87 -27.32 -31.58 11.09
CA PHE B 87 -26.85 -30.29 10.59
C PHE B 87 -28.04 -29.34 10.44
N TRP B 88 -27.96 -28.21 11.14
CA TRP B 88 -28.99 -27.18 11.14
C TRP B 88 -28.32 -25.84 10.85
N ARG B 89 -28.86 -25.08 9.90
CA ARG B 89 -28.42 -23.72 9.64
C ARG B 89 -29.66 -22.83 9.57
N VAL B 90 -29.78 -21.91 10.51
CA VAL B 90 -30.99 -21.11 10.62
C VAL B 90 -30.63 -19.64 10.57
N ASP B 91 -31.66 -18.82 10.41
CA ASP B 91 -31.50 -17.38 10.35
C ASP B 91 -32.02 -16.73 11.63
N THR B 92 -31.28 -15.75 12.12
CA THR B 92 -31.58 -15.05 13.35
C THR B 92 -32.82 -14.16 13.24
N VAL B 93 -33.11 -13.63 12.05
CA VAL B 93 -34.30 -12.83 11.85
C VAL B 93 -35.54 -13.71 12.03
N LYS B 94 -36.49 -13.21 12.82
CA LYS B 94 -37.67 -13.99 13.17
C LYS B 94 -38.49 -14.29 11.93
N ASN B 95 -38.91 -15.54 11.78
CA ASN B 95 -39.84 -15.92 10.74
C ASN B 95 -41.24 -15.45 11.09
N GLU B 96 -41.96 -14.96 10.07
CA GLU B 96 -43.29 -14.41 10.28
C GLU B 96 -44.39 -15.45 10.33
N ASN B 97 -44.17 -16.64 9.77
CA ASN B 97 -45.10 -17.74 10.00
C ASN B 97 -44.37 -18.98 10.51
N ASP B 98 -43.21 -18.79 11.13
CA ASP B 98 -42.55 -19.85 11.88
C ASP B 98 -41.68 -19.19 12.95
N LYS B 99 -41.14 -20.01 13.85
CA LYS B 99 -40.16 -19.52 14.82
C LYS B 99 -38.99 -18.87 14.11
N TYR B 100 -38.27 -19.65 13.31
CA TYR B 100 -37.13 -19.19 12.54
C TYR B 100 -37.15 -19.94 11.21
N ASP B 101 -36.16 -19.67 10.36
CA ASP B 101 -36.06 -20.36 9.08
C ASP B 101 -34.70 -21.04 8.98
N ALA B 102 -34.73 -22.25 8.42
CA ALA B 102 -33.60 -23.15 8.56
C ALA B 102 -33.34 -23.87 7.24
N GLN B 103 -32.13 -24.40 7.12
CA GLN B 103 -31.82 -25.50 6.22
C GLN B 103 -31.19 -26.60 7.06
N PHE B 104 -31.56 -27.85 6.78
CA PHE B 104 -31.34 -28.97 7.68
C PHE B 104 -30.74 -30.14 6.92
N GLY B 105 -29.92 -30.93 7.61
CA GLY B 105 -29.47 -32.17 7.03
C GLY B 105 -28.81 -33.07 8.05
N PHE B 106 -28.34 -34.22 7.56
CA PHE B 106 -27.45 -35.08 8.33
C PHE B 106 -26.08 -35.01 7.68
N ALA B 107 -25.05 -34.76 8.50
CA ALA B 107 -23.73 -34.45 8.00
C ALA B 107 -22.67 -35.29 8.68
N TYR B 108 -21.51 -35.35 8.05
CA TYR B 108 -20.41 -36.21 8.47
C TYR B 108 -19.15 -35.34 8.56
N ILE B 109 -18.13 -35.84 9.27
CA ILE B 109 -16.88 -35.11 9.42
C ILE B 109 -15.88 -35.61 8.39
N GLU B 110 -15.92 -35.02 7.19
CA GLU B 110 -14.96 -35.41 6.16
C GLU B 110 -13.52 -35.09 6.51
N SER B 111 -13.24 -33.91 7.06
CA SER B 111 -11.90 -33.60 7.52
C SER B 111 -11.96 -32.52 8.58
N ARG B 112 -10.92 -32.43 9.39
CA ARG B 112 -10.76 -31.42 10.43
C ARG B 112 -9.33 -30.93 10.30
N GLU B 113 -9.13 -29.66 10.58
CA GLU B 113 -7.85 -28.98 10.47
C GLU B 113 -7.66 -28.14 11.72
N TYR B 114 -6.49 -28.23 12.34
CA TYR B 114 -6.19 -27.41 13.51
C TYR B 114 -4.91 -26.63 13.32
N SER B 115 -5.04 -25.31 13.35
CA SER B 115 -3.91 -24.41 13.23
C SER B 115 -3.64 -23.75 14.57
N ASP B 116 -2.38 -23.80 14.98
CA ASP B 116 -1.83 -23.03 16.09
C ASP B 116 -0.79 -22.09 15.48
N GLY B 117 -0.99 -20.79 15.67
CA GLY B 117 -0.02 -19.80 15.23
C GLY B 117 0.50 -19.00 16.40
N VAL B 118 1.63 -18.34 16.19
CA VAL B 118 2.23 -17.45 17.18
C VAL B 118 1.40 -16.18 17.36
N GLU B 119 0.77 -15.71 16.29
CA GLU B 119 -0.22 -14.64 16.42
C GLU B 119 -1.63 -15.16 16.50
N GLY B 120 -2.54 -14.40 17.11
CA GLY B 120 -3.95 -14.70 16.99
C GLY B 120 -4.31 -15.83 17.92
N ALA B 121 -5.33 -16.60 17.57
CA ALA B 121 -5.79 -17.69 18.43
C ALA B 121 -6.11 -18.93 17.60
N VAL B 122 -6.18 -20.07 18.30
CA VAL B 122 -6.29 -21.36 17.64
C VAL B 122 -7.46 -21.36 16.66
N GLU B 123 -7.23 -21.91 15.47
CA GLU B 123 -8.25 -21.87 14.43
C GLU B 123 -8.50 -23.28 13.90
N ILE B 124 -9.77 -23.67 13.88
CA ILE B 124 -10.15 -24.99 13.43
C ILE B 124 -10.88 -24.85 12.10
N SER B 125 -10.42 -25.60 11.11
CA SER B 125 -11.12 -25.77 9.85
C SER B 125 -11.66 -27.19 9.81
N ILE B 126 -12.98 -27.32 9.79
CA ILE B 126 -13.63 -28.62 9.69
C ILE B 126 -14.42 -28.68 8.40
N SER B 127 -14.19 -29.73 7.62
CA SER B 127 -14.83 -29.93 6.34
C SER B 127 -15.71 -31.18 6.39
N LEU B 128 -16.87 -31.09 5.76
CA LEU B 128 -17.89 -32.12 5.83
C LEU B 128 -18.61 -32.24 4.49
N GLN B 129 -19.02 -33.45 4.17
CA GLN B 129 -19.95 -33.69 3.07
C GLN B 129 -21.31 -33.94 3.67
N VAL B 130 -22.36 -33.79 2.87
CA VAL B 130 -23.71 -34.10 3.32
C VAL B 130 -24.44 -34.80 2.19
N ILE B 131 -25.50 -35.54 2.52
CA ILE B 131 -26.18 -36.37 1.54
C ILE B 131 -27.46 -35.68 1.07
N GLY B 132 -27.49 -34.35 1.15
CA GLY B 132 -28.63 -33.61 0.69
C GLY B 132 -29.23 -32.76 1.78
N GLU B 133 -28.80 -31.51 1.87
CA GLU B 133 -29.39 -30.56 2.80
C GLU B 133 -30.68 -29.98 2.23
N LEU B 134 -31.68 -29.89 3.09
CA LEU B 134 -33.01 -29.45 2.67
C LEU B 134 -33.35 -28.18 3.44
N LYS B 135 -34.23 -27.38 2.86
CA LYS B 135 -34.62 -26.10 3.45
C LYS B 135 -35.97 -26.27 4.15
N ASN B 136 -36.11 -25.64 5.31
CA ASN B 136 -37.37 -25.66 6.04
C ASN B 136 -37.45 -24.43 6.92
N GLY B 137 -38.44 -24.40 7.82
CA GLY B 137 -38.47 -23.37 8.83
C GLY B 137 -37.98 -23.91 10.17
N GLU B 138 -37.25 -23.05 10.87
CA GLU B 138 -36.60 -23.46 12.12
C GLU B 138 -37.60 -23.35 13.26
N ILE B 139 -37.74 -24.43 14.02
CA ILE B 139 -38.72 -24.48 15.09
C ILE B 139 -38.11 -24.03 16.41
N ASP B 140 -36.90 -24.51 16.72
CA ASP B 140 -36.28 -24.18 18.00
C ASP B 140 -35.51 -22.87 17.90
N THR B 141 -36.02 -21.84 18.57
CA THR B 141 -35.34 -20.56 18.65
C THR B 141 -34.01 -20.66 19.38
N LEU B 142 -33.96 -21.38 20.51
CA LEU B 142 -32.82 -21.49 21.43
C LEU B 142 -32.37 -20.10 21.85
N PRO B 143 -33.24 -19.34 22.56
CA PRO B 143 -33.09 -17.87 22.62
C PRO B 143 -31.88 -17.38 23.39
N GLU B 144 -31.18 -18.31 24.02
CA GLU B 144 -29.90 -18.06 24.66
C GLU B 144 -28.85 -17.57 23.66
N GLU B 145 -28.86 -18.13 22.45
CA GLU B 145 -27.83 -17.84 21.47
C GLU B 145 -28.33 -17.07 20.25
N ILE B 146 -29.19 -17.64 19.43
CA ILE B 146 -29.72 -16.98 18.25
C ILE B 146 -30.47 -15.70 18.62
N VAL B 147 -31.42 -15.81 19.54
CA VAL B 147 -32.26 -14.68 19.91
C VAL B 147 -31.38 -13.68 20.66
N ASN B 148 -30.62 -14.18 21.64
CA ASN B 148 -29.78 -13.33 22.48
C ASN B 148 -28.31 -13.46 22.12
N VAL B 149 -27.73 -12.46 21.47
CA VAL B 149 -26.29 -12.44 21.28
C VAL B 149 -25.77 -11.07 21.70
N SER B 150 -25.27 -11.00 22.94
CA SER B 150 -24.89 -9.72 23.53
C SER B 150 -23.41 -9.42 23.36
N LYS B 151 -23.02 -8.15 23.47
CA LYS B 151 -21.60 -7.80 23.42
C LYS B 151 -20.86 -8.06 24.74
N GLY B 152 -21.52 -8.56 25.77
CA GLY B 152 -20.90 -8.76 27.06
C GLY B 152 -21.05 -7.57 28.00
N GLY B 153 -21.65 -6.50 27.50
CA GLY B 153 -21.80 -5.28 28.26
C GLY B 153 -22.93 -5.39 29.27
N TYR B 154 -22.69 -4.83 30.46
CA TYR B 154 -23.66 -4.78 31.55
C TYR B 154 -23.56 -3.41 32.22
N ASP B 155 -24.69 -2.95 32.79
CA ASP B 155 -24.89 -1.53 33.04
C ASP B 155 -23.84 -0.87 33.93
N PHE B 156 -23.61 -1.40 35.13
CA PHE B 156 -22.49 -1.11 36.05
C PHE B 156 -22.12 -2.38 36.81
N GLN B 157 -20.93 -2.35 37.38
CA GLN B 157 -20.57 -3.15 38.56
C GLN B 157 -19.64 -2.28 39.39
N GLN B 158 -20.19 -1.47 40.31
CA GLN B 158 -19.40 -0.41 40.93
C GLN B 158 -19.08 -0.66 42.40
N PRO B 159 -19.87 -1.43 43.19
CA PRO B 159 -19.38 -1.77 44.53
C PRO B 159 -18.31 -2.85 44.56
N GLY B 160 -17.81 -3.27 43.40
CA GLY B 160 -16.93 -4.42 43.37
C GLY B 160 -17.54 -5.80 43.44
N GLN B 161 -17.97 -6.37 42.29
CA GLN B 161 -18.48 -7.74 42.32
C GLN B 161 -17.43 -8.71 41.82
N THR B 162 -16.35 -8.89 42.60
CA THR B 162 -15.26 -9.85 42.36
C THR B 162 -15.10 -10.16 40.87
N THR B 163 -14.57 -9.20 40.13
CA THR B 163 -14.62 -9.29 38.68
C THR B 163 -13.30 -9.87 38.16
N GLY B 164 -13.34 -10.37 36.93
CA GLY B 164 -12.14 -10.81 36.24
C GLY B 164 -12.13 -10.40 34.79
N GLU B 165 -11.40 -11.15 33.96
CA GLU B 165 -11.28 -10.81 32.53
C GLU B 165 -12.60 -11.01 31.80
N ALA B 166 -13.48 -11.85 32.35
CA ALA B 166 -14.77 -12.17 31.74
C ALA B 166 -15.74 -11.03 31.99
N PRO B 167 -16.82 -10.94 31.25
CA PRO B 167 -17.51 -9.67 31.04
C PRO B 167 -18.51 -9.37 32.16
N GLY B 168 -18.73 -10.38 32.99
CA GLY B 168 -19.39 -10.20 34.28
C GLY B 168 -19.15 -11.26 35.33
N THR B 169 -18.28 -10.98 36.30
CA THR B 169 -18.14 -11.86 37.45
C THR B 169 -19.02 -11.35 38.59
N VAL B 170 -19.24 -12.24 39.55
CA VAL B 170 -20.02 -11.95 40.75
C VAL B 170 -19.13 -12.18 41.97
N PRO B 171 -19.54 -11.74 43.18
CA PRO B 171 -18.69 -11.96 44.36
C PRO B 171 -18.72 -13.42 44.79
N ALA B 172 -17.59 -14.10 44.61
CA ALA B 172 -17.43 -15.54 44.78
C ALA B 172 -18.40 -16.34 43.93
N PRO C 1 -20.50 3.03 -24.01
CA PRO C 1 -20.83 1.69 -24.50
C PRO C 1 -21.87 1.21 -23.50
N ILE C 2 -21.99 -0.09 -23.32
CA ILE C 2 -22.92 -0.69 -22.37
C ILE C 2 -22.29 -0.60 -20.99
N MET C 3 -23.07 -0.12 -20.02
CA MET C 3 -22.59 0.07 -18.66
C MET C 3 -22.74 -1.22 -17.85
N GLY C 4 -22.06 -1.25 -16.70
CA GLY C 4 -22.18 -2.37 -15.77
C GLY C 4 -23.56 -2.55 -15.19
N GLN C 5 -24.30 -1.47 -14.98
CA GLN C 5 -25.70 -1.52 -14.58
C GLN C 5 -26.63 -1.78 -15.77
N ASP C 6 -26.15 -1.55 -17.00
CA ASP C 6 -26.99 -1.60 -18.18
C ASP C 6 -27.51 -2.98 -18.52
N VAL C 7 -26.68 -4.03 -18.45
CA VAL C 7 -27.10 -5.38 -18.80
C VAL C 7 -27.58 -6.06 -17.52
N LYS C 8 -28.87 -6.41 -17.49
CA LYS C 8 -29.41 -7.14 -16.35
C LYS C 8 -30.09 -8.42 -16.81
N TYR C 9 -30.17 -9.38 -15.88
CA TYR C 9 -30.49 -10.77 -16.19
C TYR C 9 -31.76 -11.17 -15.43
N LEU C 10 -32.76 -11.62 -16.18
CA LEU C 10 -33.98 -12.13 -15.57
C LEU C 10 -34.15 -13.60 -15.93
N PHE C 11 -34.76 -14.37 -15.03
CA PHE C 11 -35.07 -15.77 -15.28
C PHE C 11 -36.57 -16.00 -15.15
N GLN C 12 -37.09 -16.87 -16.00
CA GLN C 12 -38.46 -17.32 -15.86
C GLN C 12 -38.48 -18.84 -15.75
N SER C 13 -39.12 -19.33 -14.69
CA SER C 13 -39.22 -20.77 -14.45
C SER C 13 -40.18 -21.41 -15.46
N ILE C 14 -39.89 -22.67 -15.80
CA ILE C 14 -40.73 -23.39 -16.76
C ILE C 14 -42.08 -23.75 -16.18
N ASP C 15 -42.12 -24.23 -14.94
CA ASP C 15 -43.34 -24.76 -14.35
C ASP C 15 -44.33 -23.68 -13.95
N ALA C 16 -43.86 -22.45 -13.71
CA ALA C 16 -44.76 -21.41 -13.23
C ALA C 16 -45.92 -21.19 -14.18
N ALA C 17 -45.63 -21.10 -15.48
CA ALA C 17 -46.58 -20.75 -16.55
C ALA C 17 -47.24 -19.38 -16.30
N THR C 18 -46.42 -18.41 -15.95
CA THR C 18 -46.88 -17.05 -15.68
C THR C 18 -46.38 -16.12 -16.78
N GLY C 19 -47.02 -14.95 -16.90
CA GLY C 19 -46.64 -14.00 -17.92
C GLY C 19 -45.60 -13.00 -17.48
N SER C 20 -44.64 -13.45 -16.67
CA SER C 20 -43.62 -12.55 -16.15
C SER C 20 -42.47 -13.32 -15.51
N ALA C 21 -41.24 -12.81 -15.67
CA ALA C 21 -39.98 -13.43 -15.26
C ALA C 21 -39.37 -12.74 -14.03
N PRO C 22 -39.25 -13.42 -12.88
CA PRO C 22 -38.64 -12.76 -11.72
C PRO C 22 -37.14 -12.59 -11.88
N LEU C 23 -36.65 -11.39 -11.57
CA LEU C 23 -35.21 -11.17 -11.44
C LEU C 23 -34.90 -10.79 -10.01
N PHE C 24 -33.68 -11.05 -9.60
CA PHE C 24 -33.44 -10.95 -8.18
C PHE C 24 -32.64 -9.70 -7.85
N PRO C 25 -32.94 -9.01 -6.75
CA PRO C 25 -32.16 -7.82 -6.41
C PRO C 25 -30.79 -8.15 -5.84
N ALA C 26 -30.02 -7.09 -5.60
CA ALA C 26 -28.66 -7.13 -5.05
C ALA C 26 -27.77 -8.07 -5.85
N TYR C 27 -27.57 -7.74 -7.12
CA TYR C 27 -26.63 -8.46 -7.96
C TYR C 27 -25.19 -8.08 -7.62
N GLN C 28 -24.32 -9.08 -7.71
CA GLN C 28 -22.90 -8.93 -7.45
C GLN C 28 -22.26 -8.85 -8.85
N THR C 29 -22.36 -9.91 -9.64
CA THR C 29 -21.76 -9.91 -10.96
C THR C 29 -22.09 -11.20 -11.71
N ASP C 30 -21.96 -11.12 -13.03
CA ASP C 30 -22.52 -12.08 -13.94
C ASP C 30 -21.46 -12.44 -14.95
N GLY C 31 -21.07 -13.70 -14.96
CA GLY C 31 -20.23 -14.22 -16.01
C GLY C 31 -20.95 -15.22 -16.86
N SER C 32 -21.04 -14.94 -18.16
CA SER C 32 -21.60 -15.87 -19.13
C SER C 32 -20.42 -16.22 -20.04
N VAL C 33 -20.12 -17.51 -20.13
CA VAL C 33 -18.95 -17.98 -20.86
C VAL C 33 -19.41 -19.00 -21.89
N SER C 34 -18.89 -18.87 -23.10
CA SER C 34 -19.40 -19.56 -24.29
C SER C 34 -18.20 -20.07 -25.08
N GLY C 35 -18.01 -21.38 -25.08
CA GLY C 35 -16.89 -21.97 -25.78
C GLY C 35 -17.28 -22.66 -27.07
N GLU C 36 -16.71 -22.22 -28.19
CA GLU C 36 -17.00 -22.79 -29.50
C GLU C 36 -15.87 -23.71 -29.88
N ARG C 37 -16.12 -25.01 -29.81
CA ARG C 37 -15.08 -26.01 -30.02
C ARG C 37 -14.67 -26.05 -31.49
N GLU C 38 -13.39 -26.29 -31.74
CA GLU C 38 -12.78 -26.10 -33.06
C GLU C 38 -12.08 -27.38 -33.46
N LEU C 39 -11.56 -27.39 -34.68
CA LEU C 39 -10.86 -28.54 -35.24
C LEU C 39 -9.58 -28.82 -34.47
N PHE C 40 -9.32 -30.11 -34.25
CA PHE C 40 -8.05 -30.56 -33.71
C PHE C 40 -7.02 -30.79 -34.79
N ASP C 41 -5.85 -30.19 -34.62
CA ASP C 41 -4.60 -30.66 -35.21
C ASP C 41 -4.63 -30.34 -36.70
N GLU C 42 -3.79 -29.38 -37.10
CA GLU C 42 -3.66 -29.03 -38.51
C GLU C 42 -3.06 -30.14 -39.36
N GLN C 43 -2.15 -30.94 -38.77
CA GLN C 43 -1.35 -31.97 -39.44
C GLN C 43 -0.28 -31.35 -40.34
N THR C 44 0.09 -30.09 -40.05
CA THR C 44 0.83 -29.19 -40.95
C THR C 44 0.32 -29.28 -42.39
N LYS C 45 -0.96 -28.94 -42.58
CA LYS C 45 -1.61 -29.03 -43.88
C LYS C 45 -1.99 -27.64 -44.37
N ASN C 46 -3.26 -27.47 -44.74
CA ASN C 46 -3.77 -26.17 -45.19
C ASN C 46 -4.63 -25.48 -44.14
N GLY C 47 -4.61 -25.95 -42.91
CA GLY C 47 -5.41 -25.37 -41.84
C GLY C 47 -6.55 -26.28 -41.46
N ARG C 48 -6.24 -27.28 -40.63
CA ARG C 48 -7.23 -28.24 -40.19
C ARG C 48 -7.49 -27.98 -38.71
N ILE C 49 -7.22 -26.76 -38.26
CA ILE C 49 -7.45 -26.35 -36.88
C ILE C 49 -8.36 -25.13 -36.85
N LEU C 50 -8.83 -24.69 -38.01
CA LEU C 50 -9.77 -23.59 -38.11
C LEU C 50 -11.19 -24.06 -38.41
N GLY C 51 -11.50 -25.31 -38.09
CA GLY C 51 -12.73 -25.95 -38.50
C GLY C 51 -13.83 -25.87 -37.48
N PRO C 52 -15.08 -26.07 -37.92
CA PRO C 52 -16.22 -25.93 -37.01
C PRO C 52 -16.35 -27.04 -36.00
N GLY C 53 -17.00 -26.74 -34.89
CA GLY C 53 -17.21 -27.70 -33.82
C GLY C 53 -18.41 -27.30 -33.00
N SER C 54 -18.66 -28.07 -31.95
CA SER C 54 -19.78 -27.79 -31.06
C SER C 54 -19.43 -26.62 -30.14
N VAL C 55 -20.44 -26.17 -29.39
CA VAL C 55 -20.30 -25.03 -28.49
C VAL C 55 -20.70 -25.47 -27.08
N ALA C 56 -19.83 -25.18 -26.12
CA ALA C 56 -20.09 -25.41 -24.71
C ALA C 56 -20.39 -24.08 -24.07
N ASP C 57 -21.61 -23.92 -23.59
CA ASP C 57 -22.11 -22.63 -23.10
C ASP C 57 -22.51 -22.79 -21.64
N SER C 58 -21.81 -22.05 -20.78
CA SER C 58 -22.01 -22.08 -19.35
C SER C 58 -21.85 -20.69 -18.76
N GLY C 59 -22.62 -20.42 -17.72
CA GLY C 59 -22.51 -19.17 -17.02
C GLY C 59 -22.62 -19.34 -15.52
N GLU C 60 -22.06 -18.40 -14.77
CA GLU C 60 -22.19 -18.38 -13.32
C GLU C 60 -22.84 -17.06 -12.92
N VAL C 61 -23.55 -17.08 -11.80
CA VAL C 61 -24.27 -15.90 -11.34
C VAL C 61 -23.99 -15.73 -9.85
N THR C 62 -23.47 -14.56 -9.48
CA THR C 62 -23.27 -14.27 -8.07
C THR C 62 -24.19 -13.14 -7.64
N TYR C 63 -24.75 -13.26 -6.43
CA TYR C 63 -25.59 -12.22 -5.86
C TYR C 63 -25.62 -12.39 -4.34
N TYR C 64 -26.17 -11.38 -3.66
CA TYR C 64 -26.38 -11.42 -2.21
C TYR C 64 -27.83 -11.78 -1.94
N GLY C 65 -28.05 -12.89 -1.24
CA GLY C 65 -29.39 -13.37 -1.00
C GLY C 65 -30.21 -12.54 -0.04
N LYS C 66 -31.43 -12.19 -0.43
CA LYS C 66 -32.35 -11.49 0.45
C LYS C 66 -33.23 -12.51 1.18
N ARG C 67 -33.71 -12.12 2.36
CA ARG C 67 -34.43 -13.03 3.24
C ARG C 67 -35.49 -13.87 2.52
N GLY C 68 -36.36 -13.25 1.74
CA GLY C 68 -37.35 -13.97 0.96
C GLY C 68 -37.85 -13.11 -0.19
N ASP C 69 -37.28 -13.37 -1.37
CA ASP C 69 -37.74 -12.82 -2.66
C ASP C 69 -37.72 -13.91 -3.74
N ALA C 70 -38.57 -13.69 -4.75
CA ALA C 70 -39.12 -14.73 -5.62
C ALA C 70 -38.20 -15.34 -6.68
N GLY C 71 -37.31 -14.54 -7.29
CA GLY C 71 -36.25 -15.12 -8.11
C GLY C 71 -35.32 -16.01 -7.31
N GLN C 72 -34.98 -15.60 -6.08
CA GLN C 72 -34.25 -16.48 -5.18
C GLN C 72 -35.05 -17.73 -4.84
N LYS C 73 -36.33 -17.59 -4.48
CA LYS C 73 -37.17 -18.77 -4.33
C LYS C 73 -37.35 -19.50 -5.64
N ALA C 74 -37.27 -18.80 -6.78
CA ALA C 74 -37.19 -19.50 -8.06
C ALA C 74 -35.89 -20.28 -8.17
N ILE C 75 -34.77 -19.66 -7.78
CA ILE C 75 -33.50 -20.37 -7.69
C ILE C 75 -33.60 -21.53 -6.71
N GLU C 76 -34.23 -21.31 -5.56
CA GLU C 76 -34.34 -22.35 -4.56
C GLU C 76 -35.11 -23.57 -5.06
N ASP C 77 -36.30 -23.36 -5.65
CA ASP C 77 -36.97 -24.47 -6.34
C ASP C 77 -36.16 -24.93 -7.55
N ALA C 78 -35.45 -24.03 -8.20
CA ALA C 78 -34.59 -24.46 -9.29
C ALA C 78 -33.61 -25.54 -8.83
N TYR C 79 -32.77 -25.23 -7.85
CA TYR C 79 -31.73 -26.18 -7.46
C TYR C 79 -32.29 -27.29 -6.57
N GLN C 80 -33.07 -26.91 -5.55
CA GLN C 80 -33.43 -27.84 -4.48
C GLN C 80 -34.52 -28.82 -4.92
N ASN C 81 -35.46 -28.37 -5.75
CA ASN C 81 -36.41 -29.30 -6.33
C ASN C 81 -35.84 -29.99 -7.56
N GLY C 82 -34.99 -29.29 -8.31
CA GLY C 82 -34.35 -29.85 -9.48
C GLY C 82 -35.14 -29.62 -10.76
N LYS C 83 -35.09 -28.40 -11.26
CA LYS C 83 -35.79 -27.98 -12.47
C LYS C 83 -34.81 -27.11 -13.28
N GLN C 84 -35.03 -27.03 -14.58
CA GLN C 84 -34.35 -26.07 -15.44
C GLN C 84 -35.14 -24.77 -15.43
N ILE C 85 -34.44 -23.65 -15.59
CA ILE C 85 -35.12 -22.34 -15.61
C ILE C 85 -34.82 -21.65 -16.92
N LYS C 86 -35.82 -20.95 -17.44
CA LYS C 86 -35.67 -20.16 -18.66
C LYS C 86 -34.84 -18.92 -18.34
N PHE C 87 -33.89 -18.63 -19.23
CA PHE C 87 -32.81 -17.69 -19.00
C PHE C 87 -32.93 -16.50 -19.95
N TRP C 88 -33.04 -15.30 -19.38
CA TRP C 88 -33.19 -14.06 -20.11
C TRP C 88 -32.14 -13.07 -19.59
N ARG C 89 -31.39 -12.45 -20.51
CA ARG C 89 -30.47 -11.37 -20.14
C ARG C 89 -30.72 -10.21 -21.10
N VAL C 90 -31.19 -9.09 -20.57
CA VAL C 90 -31.59 -7.99 -21.41
C VAL C 90 -30.84 -6.73 -21.00
N ASP C 91 -30.93 -5.72 -21.85
CA ASP C 91 -30.29 -4.44 -21.59
C ASP C 91 -31.33 -3.38 -21.23
N THR C 92 -30.98 -2.57 -20.24
CA THR C 92 -31.85 -1.53 -19.70
C THR C 92 -32.07 -0.38 -20.68
N VAL C 93 -31.09 -0.10 -21.54
CA VAL C 93 -31.25 0.93 -22.55
C VAL C 93 -32.32 0.53 -23.55
N LYS C 94 -33.25 1.44 -23.82
CA LYS C 94 -34.40 1.16 -24.66
C LYS C 94 -33.95 0.81 -26.07
N ASN C 95 -34.50 -0.26 -26.61
CA ASN C 95 -34.28 -0.61 -28.01
C ASN C 95 -35.10 0.33 -28.90
N GLU C 96 -34.50 0.73 -30.02
CA GLU C 96 -35.13 1.68 -30.93
C GLU C 96 -36.10 1.03 -31.90
N ASN C 97 -35.98 -0.26 -32.16
CA ASN C 97 -37.03 -0.96 -32.90
C ASN C 97 -37.50 -2.20 -32.14
N ASP C 98 -37.33 -2.20 -30.82
CA ASP C 98 -37.96 -3.19 -29.96
C ASP C 98 -38.14 -2.57 -28.58
N LYS C 99 -38.85 -3.26 -27.71
CA LYS C 99 -38.95 -2.86 -26.31
C LYS C 99 -37.56 -2.77 -25.69
N TYR C 100 -36.86 -3.90 -25.65
CA TYR C 100 -35.51 -3.98 -25.11
C TYR C 100 -34.74 -4.99 -25.97
N ASP C 101 -33.49 -5.23 -25.61
CA ASP C 101 -32.68 -6.20 -26.34
C ASP C 101 -32.15 -7.25 -25.36
N ALA C 102 -32.17 -8.50 -25.82
CA ALA C 102 -32.03 -9.63 -24.93
C ALA C 102 -31.14 -10.69 -25.54
N GLN C 103 -30.62 -11.55 -24.67
CA GLN C 103 -30.15 -12.88 -25.06
C GLN C 103 -30.89 -13.87 -24.17
N PHE C 104 -31.31 -14.99 -24.77
CA PHE C 104 -32.30 -15.87 -24.19
C PHE C 104 -31.83 -17.32 -24.26
N GLY C 105 -32.24 -18.12 -23.27
CA GLY C 105 -32.01 -19.54 -23.37
C GLY C 105 -32.80 -20.31 -22.33
N PHE C 106 -32.59 -21.64 -22.35
CA PHE C 106 -33.05 -22.51 -21.27
C PHE C 106 -31.83 -22.98 -20.52
N ALA C 107 -31.85 -22.85 -19.20
CA ALA C 107 -30.68 -23.06 -18.37
C ALA C 107 -30.99 -23.98 -17.20
N TYR C 108 -29.92 -24.53 -16.62
CA TYR C 108 -30.01 -25.53 -15.57
C TYR C 108 -29.14 -25.07 -14.41
N ILE C 109 -29.36 -25.65 -13.22
CA ILE C 109 -28.58 -25.30 -12.05
C ILE C 109 -27.45 -26.29 -11.88
N GLU C 110 -26.31 -26.04 -12.54
CA GLU C 110 -25.16 -26.91 -12.38
C GLU C 110 -24.59 -26.95 -10.97
N SER C 111 -24.45 -25.80 -10.31
CA SER C 111 -24.03 -25.79 -8.92
C SER C 111 -24.50 -24.50 -8.26
N ARG C 112 -24.58 -24.53 -6.94
CA ARG C 112 -24.94 -23.39 -6.11
C ARG C 112 -23.93 -23.38 -4.98
N GLU C 113 -23.60 -22.18 -4.52
CA GLU C 113 -22.62 -21.96 -3.47
C GLU C 113 -23.20 -20.92 -2.51
N TYR C 114 -23.13 -21.19 -1.22
CA TYR C 114 -23.60 -20.24 -0.23
C TYR C 114 -22.52 -19.93 0.79
N SER C 115 -22.13 -18.66 0.83
CA SER C 115 -21.14 -18.18 1.78
C SER C 115 -21.82 -17.32 2.84
N ASP C 116 -21.52 -17.63 4.08
CA ASP C 116 -21.83 -16.80 5.24
C ASP C 116 -20.49 -16.38 5.85
N GLY C 117 -20.27 -15.07 5.91
CA GLY C 117 -19.09 -14.54 6.56
C GLY C 117 -19.45 -13.66 7.74
N VAL C 118 -18.46 -13.42 8.61
CA VAL C 118 -18.63 -12.54 9.75
C VAL C 118 -18.72 -11.08 9.31
N GLU C 119 -18.03 -10.72 8.23
CA GLU C 119 -18.25 -9.42 7.62
C GLU C 119 -19.21 -9.46 6.45
N GLY C 120 -19.88 -8.36 6.14
CA GLY C 120 -20.60 -8.25 4.89
C GLY C 120 -21.92 -8.97 5.02
N ALA C 121 -22.44 -9.49 3.91
CA ALA C 121 -23.74 -10.15 3.92
C ALA C 121 -23.70 -11.41 3.06
N VAL C 122 -24.70 -12.28 3.28
CA VAL C 122 -24.71 -13.60 2.68
C VAL C 122 -24.52 -13.50 1.17
N GLU C 123 -23.67 -14.36 0.63
CA GLU C 123 -23.36 -14.28 -0.80
C GLU C 123 -23.58 -15.65 -1.45
N ILE C 124 -24.35 -15.66 -2.53
CA ILE C 124 -24.67 -16.88 -3.24
C ILE C 124 -23.94 -16.86 -4.59
N SER C 125 -23.20 -17.93 -4.85
CA SER C 125 -22.62 -18.19 -6.15
C SER C 125 -23.39 -19.35 -6.77
N ILE C 126 -24.09 -19.10 -7.87
CA ILE C 126 -24.80 -20.15 -8.58
C ILE C 126 -24.21 -20.29 -9.97
N SER C 127 -23.87 -21.52 -10.33
CA SER C 127 -23.25 -21.83 -11.62
C SER C 127 -24.19 -22.72 -12.42
N LEU C 128 -24.25 -22.46 -13.72
CA LEU C 128 -25.20 -23.10 -14.62
C LEU C 128 -24.56 -23.33 -15.98
N GLN C 129 -24.96 -24.42 -16.63
CA GLN C 129 -24.65 -24.64 -18.04
C GLN C 129 -25.90 -24.33 -18.83
N VAL C 130 -25.75 -24.09 -20.12
CA VAL C 130 -26.89 -23.88 -20.99
C VAL C 130 -26.62 -24.59 -22.31
N ILE C 131 -27.69 -24.89 -23.05
CA ILE C 131 -27.56 -25.69 -24.26
C ILE C 131 -27.58 -24.81 -25.49
N GLY C 132 -27.19 -23.56 -25.33
CA GLY C 132 -27.14 -22.65 -26.46
C GLY C 132 -27.99 -21.43 -26.22
N GLU C 133 -27.38 -20.37 -25.70
CA GLU C 133 -28.07 -19.10 -25.55
C GLU C 133 -28.07 -18.32 -26.86
N LEU C 134 -29.22 -17.74 -27.18
CA LEU C 134 -29.40 -17.06 -28.46
C LEU C 134 -29.72 -15.60 -28.16
N LYS C 135 -29.41 -14.74 -29.13
CA LYS C 135 -29.61 -13.30 -28.97
C LYS C 135 -30.89 -12.90 -29.69
N ASN C 136 -31.66 -12.00 -29.08
CA ASN C 136 -32.88 -11.48 -29.69
C ASN C 136 -33.16 -10.09 -29.12
N GLY C 137 -34.36 -9.57 -29.41
CA GLY C 137 -34.80 -8.36 -28.75
C GLY C 137 -35.78 -8.68 -27.65
N GLU C 138 -35.66 -7.92 -26.56
CA GLU C 138 -36.46 -8.18 -25.36
C GLU C 138 -37.81 -7.52 -25.51
N ILE C 139 -38.87 -8.31 -25.29
CA ILE C 139 -40.22 -7.80 -25.49
C ILE C 139 -40.78 -7.24 -24.18
N ASP C 140 -40.59 -7.96 -23.08
CA ASP C 140 -41.15 -7.52 -21.81
C ASP C 140 -40.22 -6.55 -21.10
N THR C 141 -40.63 -5.29 -21.03
CA THR C 141 -39.89 -4.28 -20.29
C THR C 141 -39.83 -4.58 -18.80
N LEU C 142 -40.95 -4.99 -18.18
CA LEU C 142 -41.13 -5.19 -16.75
C LEU C 142 -40.73 -3.93 -16.01
N PRO C 143 -41.45 -2.80 -16.23
CA PRO C 143 -40.89 -1.48 -15.92
C PRO C 143 -40.71 -1.18 -14.44
N GLU C 144 -41.17 -2.10 -13.61
CA GLU C 144 -40.94 -2.07 -12.17
C GLU C 144 -39.46 -2.15 -11.85
N GLU C 145 -38.71 -2.96 -12.60
CA GLU C 145 -37.32 -3.23 -12.29
C GLU C 145 -36.34 -2.66 -13.31
N ILE C 146 -36.33 -3.14 -14.55
CA ILE C 146 -35.44 -2.66 -15.59
C ILE C 146 -35.65 -1.18 -15.85
N VAL C 147 -36.89 -0.78 -16.12
CA VAL C 147 -37.19 0.59 -16.47
C VAL C 147 -36.97 1.45 -15.22
N ASN C 148 -37.54 1.00 -14.09
CA ASN C 148 -37.46 1.76 -12.84
C ASN C 148 -36.49 1.11 -11.86
N VAL C 149 -35.32 1.72 -11.66
CA VAL C 149 -34.44 1.28 -10.61
C VAL C 149 -34.02 2.51 -9.79
N SER C 150 -34.70 2.73 -8.67
CA SER C 150 -34.51 3.94 -7.89
C SER C 150 -33.53 3.77 -6.75
N LYS C 151 -32.95 4.86 -6.24
CA LYS C 151 -32.08 4.76 -5.08
C LYS C 151 -32.83 4.62 -3.75
N GLY C 152 -34.15 4.61 -3.75
CA GLY C 152 -34.92 4.55 -2.52
C GLY C 152 -35.30 5.92 -1.99
N GLY C 153 -34.82 6.97 -2.66
CA GLY C 153 -35.06 8.33 -2.22
C GLY C 153 -36.47 8.80 -2.57
N TYR C 154 -37.07 9.52 -1.64
CA TYR C 154 -38.39 10.11 -1.79
C TYR C 154 -38.37 11.52 -1.20
N ASP C 155 -39.23 12.40 -1.74
CA ASP C 155 -39.01 13.85 -1.61
C ASP C 155 -38.93 14.37 -0.18
N PHE C 156 -39.95 14.10 0.65
CA PHE C 156 -40.01 14.28 2.10
C PHE C 156 -40.87 13.18 2.70
N GLN C 157 -40.70 12.99 4.02
CA GLN C 157 -41.74 12.44 4.89
C GLN C 157 -41.60 13.17 6.22
N GLN C 158 -42.31 14.31 6.37
CA GLN C 158 -42.01 15.22 7.49
C GLN C 158 -43.10 15.25 8.56
N PRO C 159 -44.39 14.95 8.29
CA PRO C 159 -45.32 14.83 9.42
C PRO C 159 -45.19 13.53 10.19
N GLY C 160 -44.18 12.71 9.90
CA GLY C 160 -44.12 11.38 10.48
C GLY C 160 -44.98 10.29 9.87
N GLN C 161 -44.52 9.62 8.83
CA GLN C 161 -45.28 8.50 8.28
C GLN C 161 -44.71 7.17 8.75
N THR C 162 -44.85 6.89 10.05
CA THR C 162 -44.45 5.62 10.70
C THR C 162 -43.32 4.93 9.96
N THR C 163 -42.12 5.48 10.06
CA THR C 163 -41.04 5.07 9.18
C THR C 163 -40.18 4.03 9.90
N GLY C 164 -39.41 3.28 9.11
CA GLY C 164 -38.43 2.36 9.65
C GLY C 164 -37.13 2.38 8.86
N GLU C 165 -36.38 1.28 8.90
CA GLU C 165 -35.08 1.21 8.22
C GLU C 165 -35.25 1.24 6.71
N ALA C 166 -36.42 0.83 6.22
CA ALA C 166 -36.72 0.77 4.79
C ALA C 166 -37.00 2.16 4.27
N PRO C 167 -36.92 2.37 2.96
CA PRO C 167 -36.66 3.70 2.41
C PRO C 167 -37.92 4.54 2.27
N GLY C 168 -39.05 3.87 2.47
CA GLY C 168 -40.33 4.53 2.68
C GLY C 168 -41.41 3.74 3.37
N THR C 169 -41.63 3.97 4.67
CA THR C 169 -42.79 3.40 5.34
C THR C 169 -43.94 4.40 5.34
N VAL C 170 -45.13 3.88 5.62
CA VAL C 170 -46.36 4.67 5.70
C VAL C 170 -46.95 4.48 7.09
N PRO C 171 -47.94 5.30 7.50
CA PRO C 171 -48.51 5.13 8.84
C PRO C 171 -49.40 3.91 8.92
N ALA C 172 -48.92 2.90 9.66
CA ALA C 172 -49.50 1.56 9.75
C ALA C 172 -49.60 0.88 8.38
N PRO D 1 9.68 2.91 -30.07
CA PRO D 1 9.42 1.64 -30.76
C PRO D 1 7.93 1.76 -31.09
N ILE D 2 7.25 0.63 -31.23
CA ILE D 2 5.82 0.59 -31.52
C ILE D 2 5.09 0.81 -30.19
N MET D 3 4.12 1.72 -30.21
CA MET D 3 3.36 2.08 -29.03
C MET D 3 2.18 1.13 -28.83
N GLY D 4 1.61 1.18 -27.62
CA GLY D 4 0.42 0.41 -27.32
C GLY D 4 -0.81 0.79 -28.13
N GLN D 5 -0.94 2.06 -28.48
CA GLN D 5 -1.98 2.51 -29.40
C GLN D 5 -1.61 2.28 -30.86
N ASP D 6 -0.32 2.05 -31.15
CA ASP D 6 0.17 1.97 -32.51
C ASP D 6 -0.34 0.76 -33.28
N VAL D 7 -0.37 -0.43 -32.69
CA VAL D 7 -0.80 -1.64 -33.38
C VAL D 7 -2.28 -1.82 -33.12
N LYS D 8 -3.09 -1.76 -34.18
CA LYS D 8 -4.52 -2.00 -34.05
C LYS D 8 -4.97 -3.09 -35.01
N TYR D 9 -6.09 -3.72 -34.65
CA TYR D 9 -6.52 -4.99 -35.24
C TYR D 9 -7.89 -4.80 -35.87
N LEU D 10 -7.98 -5.09 -37.16
CA LEU D 10 -9.26 -5.06 -37.86
C LEU D 10 -9.60 -6.45 -38.39
N PHE D 11 -10.89 -6.76 -38.44
CA PHE D 11 -11.36 -8.02 -38.99
C PHE D 11 -12.29 -7.76 -40.16
N GLN D 12 -12.21 -8.62 -41.17
CA GLN D 12 -13.18 -8.59 -42.25
C GLN D 12 -13.84 -9.96 -42.37
N SER D 13 -15.16 -9.97 -42.34
CA SER D 13 -15.93 -11.20 -42.45
C SER D 13 -15.86 -11.76 -43.87
N ILE D 14 -15.90 -13.09 -43.97
CA ILE D 14 -15.84 -13.74 -45.27
C ILE D 14 -17.11 -13.52 -46.08
N ASP D 15 -18.28 -13.67 -45.45
CA ASP D 15 -19.55 -13.65 -46.18
C ASP D 15 -19.95 -12.25 -46.63
N ALA D 16 -19.46 -11.21 -45.97
CA ALA D 16 -19.91 -9.86 -46.31
C ALA D 16 -19.66 -9.54 -47.77
N ALA D 17 -18.45 -9.85 -48.27
CA ALA D 17 -17.97 -9.51 -49.63
C ALA D 17 -18.01 -8.00 -49.86
N THR D 18 -17.50 -7.24 -48.88
CA THR D 18 -17.45 -5.79 -48.94
C THR D 18 -16.00 -5.35 -49.07
N GLY D 19 -15.79 -4.11 -49.52
CA GLY D 19 -14.46 -3.58 -49.71
C GLY D 19 -13.91 -2.87 -48.49
N SER D 20 -14.23 -3.37 -47.30
CA SER D 20 -13.79 -2.73 -46.07
C SER D 20 -14.00 -3.62 -44.86
N ALA D 21 -13.08 -3.56 -43.89
CA ALA D 21 -12.98 -4.40 -42.70
C ALA D 21 -13.38 -3.64 -41.43
N PRO D 22 -14.48 -4.02 -40.74
CA PRO D 22 -14.84 -3.33 -39.51
C PRO D 22 -13.91 -3.65 -38.37
N LEU D 23 -13.46 -2.61 -37.65
CA LEU D 23 -12.76 -2.81 -36.40
C LEU D 23 -13.58 -2.20 -35.27
N PHE D 24 -13.38 -2.71 -34.08
CA PHE D 24 -14.34 -2.35 -33.07
C PHE D 24 -13.74 -1.35 -32.09
N PRO D 25 -14.50 -0.36 -31.61
CA PRO D 25 -13.94 0.60 -30.65
C PRO D 25 -13.82 0.02 -29.26
N ALA D 26 -13.23 0.83 -28.37
CA ALA D 26 -12.99 0.52 -26.97
C ALA D 26 -12.26 -0.81 -26.79
N TYR D 27 -11.04 -0.86 -27.33
CA TYR D 27 -10.18 -2.01 -27.13
C TYR D 27 -9.58 -2.02 -25.72
N GLN D 28 -9.43 -3.21 -25.18
CA GLN D 28 -8.87 -3.43 -23.87
C GLN D 28 -7.43 -3.88 -24.13
N THR D 29 -7.25 -5.03 -24.78
CA THR D 29 -5.90 -5.53 -25.05
C THR D 29 -5.96 -6.80 -25.90
N ASP D 30 -4.83 -7.07 -26.53
CA ASP D 30 -4.76 -8.02 -27.62
C ASP D 30 -3.56 -8.92 -27.38
N GLY D 31 -3.82 -10.20 -27.21
CA GLY D 31 -2.76 -11.17 -27.19
C GLY D 31 -2.83 -12.10 -28.38
N SER D 32 -1.76 -12.11 -29.16
CA SER D 32 -1.61 -13.06 -30.26
C SER D 32 -0.43 -13.94 -29.88
N VAL D 33 -0.68 -15.24 -29.84
CA VAL D 33 0.30 -16.20 -29.34
C VAL D 33 0.51 -17.27 -30.42
N SER D 34 1.76 -17.58 -30.68
CA SER D 34 2.18 -18.35 -31.85
C SER D 34 3.22 -19.38 -31.40
N GLY D 35 2.84 -20.65 -31.39
CA GLY D 35 3.73 -21.69 -30.94
C GLY D 35 4.29 -22.52 -32.06
N GLU D 36 5.62 -22.56 -32.20
CA GLU D 36 6.28 -23.30 -33.25
C GLU D 36 6.82 -24.59 -32.65
N ARG D 37 6.16 -25.71 -32.96
CA ARG D 37 6.47 -26.98 -32.35
C ARG D 37 7.81 -27.49 -32.87
N GLU D 38 8.57 -28.16 -31.99
CA GLU D 38 9.97 -28.48 -32.24
C GLU D 38 10.17 -29.98 -32.03
N LEU D 39 11.39 -30.43 -32.32
CA LEU D 39 11.76 -31.83 -32.21
C LEU D 39 11.70 -32.28 -30.75
N PHE D 40 11.19 -33.50 -30.55
CA PHE D 40 11.23 -34.17 -29.26
C PHE D 40 12.52 -34.95 -29.08
N ASP D 41 13.18 -34.71 -27.96
CA ASP D 41 14.11 -35.65 -27.34
C ASP D 41 15.38 -35.70 -28.18
N GLU D 42 16.47 -35.16 -27.62
CA GLU D 42 17.76 -35.22 -28.28
C GLU D 42 18.31 -36.64 -28.40
N GLN D 43 18.01 -37.49 -27.42
CA GLN D 43 18.57 -38.85 -27.26
C GLN D 43 20.04 -38.81 -26.85
N THR D 44 20.46 -37.68 -26.25
CA THR D 44 21.87 -37.30 -26.06
C THR D 44 22.70 -37.57 -27.30
N LYS D 45 22.34 -36.92 -28.41
CA LYS D 45 23.00 -37.13 -29.69
C LYS D 45 23.70 -35.85 -30.14
N ASN D 46 23.41 -35.40 -31.36
CA ASN D 46 23.99 -34.15 -31.88
C ASN D 46 22.98 -33.01 -31.90
N GLY D 47 21.85 -33.16 -31.22
CA GLY D 47 20.83 -32.12 -31.21
C GLY D 47 19.62 -32.53 -32.01
N ARG D 48 18.76 -33.34 -31.39
CA ARG D 48 17.56 -33.83 -32.06
C ARG D 48 16.37 -33.16 -31.39
N ILE D 49 16.62 -32.00 -30.78
CA ILE D 49 15.56 -31.22 -30.13
C ILE D 49 15.53 -29.81 -30.71
N LEU D 50 16.36 -29.56 -31.71
CA LEU D 50 16.37 -28.27 -32.41
C LEU D 50 15.72 -28.36 -33.77
N GLY D 51 14.85 -29.36 -33.99
CA GLY D 51 14.33 -29.68 -35.30
C GLY D 51 13.00 -29.03 -35.60
N PRO D 52 12.64 -28.96 -36.89
CA PRO D 52 11.42 -28.25 -37.26
C PRO D 52 10.15 -29.01 -36.92
N GLY D 53 9.06 -28.26 -36.78
CA GLY D 53 7.77 -28.83 -36.46
C GLY D 53 6.67 -27.90 -36.90
N SER D 54 5.43 -28.29 -36.59
CA SER D 54 4.29 -27.47 -36.96
C SER D 54 4.15 -26.28 -36.02
N VAL D 55 3.23 -25.39 -36.35
CA VAL D 55 3.01 -24.16 -35.60
C VAL D 55 1.54 -24.10 -35.16
N ALA D 56 1.35 -23.86 -33.87
CA ALA D 56 0.02 -23.66 -33.31
C ALA D 56 -0.14 -22.18 -33.03
N ASP D 57 -1.08 -21.55 -33.73
CA ASP D 57 -1.23 -20.11 -33.71
C ASP D 57 -2.63 -19.77 -33.22
N SER D 58 -2.69 -19.10 -32.08
CA SER D 58 -3.93 -18.72 -31.43
C SER D 58 -3.79 -17.34 -30.81
N GLY D 59 -4.90 -16.60 -30.80
CA GLY D 59 -4.94 -15.31 -30.18
C GLY D 59 -6.22 -15.08 -29.41
N GLU D 60 -6.18 -14.19 -28.43
CA GLU D 60 -7.38 -13.80 -27.70
C GLU D 60 -7.54 -12.29 -27.85
N VAL D 61 -8.77 -11.81 -27.80
CA VAL D 61 -9.07 -10.40 -27.98
C VAL D 61 -10.02 -9.96 -26.87
N THR D 62 -9.64 -8.95 -26.11
CA THR D 62 -10.52 -8.40 -25.10
C THR D 62 -10.92 -6.98 -25.49
N TYR D 63 -12.18 -6.65 -25.25
CA TYR D 63 -12.68 -5.29 -25.49
C TYR D 63 -13.94 -5.06 -24.67
N TYR D 64 -14.39 -3.82 -24.61
CA TYR D 64 -15.64 -3.43 -23.96
C TYR D 64 -16.71 -3.26 -25.02
N GLY D 65 -17.77 -4.06 -24.92
CA GLY D 65 -18.82 -4.04 -25.93
C GLY D 65 -19.67 -2.80 -25.95
N LYS D 66 -19.85 -2.22 -27.13
CA LYS D 66 -20.75 -1.08 -27.29
C LYS D 66 -22.13 -1.58 -27.69
N ARG D 67 -23.16 -0.80 -27.36
CA ARG D 67 -24.54 -1.22 -27.55
C ARG D 67 -24.81 -1.85 -28.92
N GLY D 68 -24.41 -1.21 -30.00
CA GLY D 68 -24.56 -1.76 -31.34
C GLY D 68 -23.60 -1.09 -32.30
N ASP D 69 -22.48 -1.79 -32.55
CA ASP D 69 -21.51 -1.47 -33.59
C ASP D 69 -21.05 -2.73 -34.33
N ALA D 70 -20.60 -2.53 -35.56
CA ALA D 70 -20.58 -3.53 -36.64
C ALA D 70 -19.51 -4.62 -36.55
N GLY D 71 -18.29 -4.30 -36.09
CA GLY D 71 -17.34 -5.35 -35.76
C GLY D 71 -17.82 -6.25 -34.64
N GLN D 72 -18.46 -5.68 -33.62
CA GLN D 72 -19.13 -6.49 -32.61
C GLN D 72 -20.24 -7.33 -33.21
N LYS D 73 -21.12 -6.73 -34.03
CA LYS D 73 -22.09 -7.52 -34.75
C LYS D 73 -21.42 -8.47 -35.73
N ALA D 74 -20.23 -8.12 -36.24
CA ALA D 74 -19.44 -9.10 -36.98
C ALA D 74 -19.00 -10.23 -36.08
N ILE D 75 -18.51 -9.89 -34.88
CA ILE D 75 -18.19 -10.91 -33.88
C ILE D 75 -19.44 -11.73 -33.53
N GLU D 76 -20.58 -11.04 -33.36
CA GLU D 76 -21.80 -11.74 -32.98
C GLU D 76 -22.25 -12.75 -34.04
N ASP D 77 -22.30 -12.35 -35.31
CA ASP D 77 -22.50 -13.33 -36.37
C ASP D 77 -21.33 -14.29 -36.46
N ALA D 78 -20.12 -13.83 -36.17
CA ALA D 78 -18.99 -14.75 -36.14
C ALA D 78 -19.25 -15.92 -35.20
N TYR D 79 -19.48 -15.66 -33.92
CA TYR D 79 -19.62 -16.74 -32.95
C TYR D 79 -21.00 -17.39 -33.03
N GLN D 80 -22.06 -16.57 -33.03
CA GLN D 80 -23.41 -17.06 -32.82
C GLN D 80 -23.98 -17.75 -34.06
N ASN D 81 -23.63 -17.25 -35.25
CA ASN D 81 -24.00 -17.96 -36.47
C ASN D 81 -23.00 -19.07 -36.77
N GLY D 82 -21.74 -18.86 -36.44
CA GLY D 82 -20.70 -19.84 -36.65
C GLY D 82 -20.01 -19.70 -38.00
N LYS D 83 -19.15 -18.71 -38.11
CA LYS D 83 -18.38 -18.41 -39.32
C LYS D 83 -16.96 -18.10 -38.90
N GLN D 84 -16.01 -18.26 -39.81
CA GLN D 84 -14.65 -17.79 -39.64
C GLN D 84 -14.57 -16.36 -40.14
N ILE D 85 -13.69 -15.56 -39.54
CA ILE D 85 -13.54 -14.17 -39.95
C ILE D 85 -12.10 -13.92 -40.38
N LYS D 86 -11.94 -13.10 -41.42
CA LYS D 86 -10.63 -12.72 -41.90
C LYS D 86 -10.00 -11.75 -40.91
N PHE D 87 -8.72 -11.96 -40.62
CA PHE D 87 -8.01 -11.37 -39.50
C PHE D 87 -6.89 -10.46 -40.01
N TRP D 88 -6.96 -9.19 -39.63
CA TRP D 88 -6.00 -8.16 -40.04
C TRP D 88 -5.52 -7.44 -38.78
N ARG D 89 -4.20 -7.31 -38.63
CA ARG D 89 -3.63 -6.50 -37.55
C ARG D 89 -2.58 -5.59 -38.17
N VAL D 90 -2.82 -4.29 -38.12
CA VAL D 90 -1.96 -3.35 -38.81
C VAL D 90 -1.45 -2.31 -37.82
N ASP D 91 -0.46 -1.55 -38.28
CA ASP D 91 0.13 -0.50 -37.47
C ASP D 91 -0.28 0.87 -37.98
N THR D 92 -0.58 1.76 -37.03
CA THR D 92 -1.07 3.10 -37.32
C THR D 92 0.01 4.00 -37.94
N VAL D 93 1.29 3.76 -37.60
CA VAL D 93 2.37 4.52 -38.20
C VAL D 93 2.46 4.22 -39.69
N LYS D 94 2.54 5.28 -40.48
CA LYS D 94 2.51 5.16 -41.94
C LYS D 94 3.73 4.36 -42.42
N ASN D 95 3.48 3.40 -43.30
CA ASN D 95 4.56 2.68 -43.96
C ASN D 95 5.19 3.56 -45.03
N GLU D 96 6.52 3.50 -45.12
CA GLU D 96 7.25 4.34 -46.06
C GLU D 96 7.29 3.79 -47.48
N ASN D 97 7.08 2.49 -47.67
CA ASN D 97 6.88 1.99 -49.03
C ASN D 97 5.59 1.17 -49.12
N ASP D 98 4.64 1.43 -48.22
CA ASP D 98 3.29 0.91 -48.35
C ASP D 98 2.34 1.87 -47.63
N LYS D 99 1.05 1.66 -47.79
CA LYS D 99 0.06 2.39 -47.02
C LYS D 99 0.31 2.21 -45.54
N TYR D 100 0.20 0.97 -45.06
CA TYR D 100 0.44 0.62 -43.67
C TYR D 100 1.13 -0.73 -43.65
N ASP D 101 1.38 -1.25 -42.45
CA ASP D 101 2.01 -2.56 -42.33
C ASP D 101 1.12 -3.45 -41.46
N ALA D 102 1.02 -4.71 -41.87
CA ALA D 102 -0.03 -5.58 -41.37
C ALA D 102 0.51 -6.98 -41.11
N GLN D 103 -0.22 -7.72 -40.29
CA GLN D 103 -0.17 -9.18 -40.28
C GLN D 103 -1.60 -9.66 -40.48
N PHE D 104 -1.75 -10.71 -41.28
CA PHE D 104 -3.03 -11.09 -41.86
C PHE D 104 -3.28 -12.58 -41.67
N GLY D 105 -4.55 -12.96 -41.54
CA GLY D 105 -4.88 -14.37 -41.55
C GLY D 105 -6.36 -14.60 -41.69
N PHE D 106 -6.73 -15.88 -41.68
CA PHE D 106 -8.12 -16.29 -41.53
C PHE D 106 -8.27 -16.92 -40.16
N ALA D 107 -9.27 -16.47 -39.42
CA ALA D 107 -9.41 -16.82 -38.01
C ALA D 107 -10.82 -17.28 -37.69
N TYR D 108 -10.93 -17.97 -36.56
CA TYR D 108 -12.16 -18.62 -36.14
C TYR D 108 -12.47 -18.17 -34.72
N ILE D 109 -13.71 -18.36 -34.28
CA ILE D 109 -14.12 -17.98 -32.93
C ILE D 109 -14.05 -19.19 -32.02
N GLU D 110 -12.88 -19.45 -31.45
CA GLU D 110 -12.73 -20.57 -30.53
C GLU D 110 -13.56 -20.43 -29.25
N SER D 111 -13.60 -19.25 -28.65
CA SER D 111 -14.46 -19.02 -27.49
C SER D 111 -14.75 -17.54 -27.36
N ARG D 112 -15.83 -17.23 -26.66
CA ARG D 112 -16.24 -15.85 -26.36
C ARG D 112 -16.62 -15.88 -24.88
N GLU D 113 -16.37 -14.76 -24.23
CA GLU D 113 -16.63 -14.59 -22.80
C GLU D 113 -17.27 -13.24 -22.62
N TYR D 114 -18.36 -13.19 -21.85
CA TYR D 114 -19.02 -11.93 -21.55
C TYR D 114 -19.16 -11.72 -20.05
N SER D 115 -18.54 -10.65 -19.57
CA SER D 115 -18.60 -10.27 -18.18
C SER D 115 -19.46 -9.02 -18.02
N ASP D 116 -20.40 -9.10 -17.10
CA ASP D 116 -21.16 -7.96 -16.60
C ASP D 116 -20.81 -7.83 -15.12
N GLY D 117 -20.28 -6.67 -14.75
CA GLY D 117 -19.99 -6.36 -13.37
C GLY D 117 -20.77 -5.16 -12.88
N VAL D 118 -20.85 -5.02 -11.56
CA VAL D 118 -21.51 -3.88 -10.93
C VAL D 118 -20.69 -2.61 -11.10
N GLU D 119 -19.35 -2.74 -11.12
CA GLU D 119 -18.51 -1.63 -11.50
C GLU D 119 -18.10 -1.67 -12.97
N GLY D 120 -17.79 -0.52 -13.56
CA GLY D 120 -17.13 -0.51 -14.84
C GLY D 120 -18.16 -0.75 -15.92
N ALA D 121 -17.74 -1.34 -17.04
CA ALA D 121 -18.64 -1.57 -18.16
C ALA D 121 -18.41 -2.94 -18.77
N VAL D 122 -19.40 -3.40 -19.55
CA VAL D 122 -19.42 -4.76 -20.04
C VAL D 122 -18.11 -5.08 -20.75
N GLU D 123 -17.57 -6.27 -20.46
CA GLU D 123 -16.27 -6.65 -21.02
C GLU D 123 -16.37 -7.99 -21.72
N ILE D 124 -15.92 -8.03 -22.97
CA ILE D 124 -15.96 -9.23 -23.77
C ILE D 124 -14.55 -9.76 -23.95
N SER D 125 -14.36 -11.03 -23.61
CA SER D 125 -13.15 -11.76 -23.93
C SER D 125 -13.46 -12.76 -25.03
N ILE D 126 -12.87 -12.58 -26.19
CA ILE D 126 -13.06 -13.51 -27.30
C ILE D 126 -11.72 -14.14 -27.64
N SER D 127 -11.71 -15.47 -27.70
CA SER D 127 -10.51 -16.25 -27.98
C SER D 127 -10.68 -16.99 -29.29
N LEU D 128 -9.59 -17.04 -30.06
CA LEU D 128 -9.61 -17.57 -31.41
C LEU D 128 -8.30 -18.30 -31.69
N GLN D 129 -8.38 -19.35 -32.51
CA GLN D 129 -7.21 -19.98 -33.09
C GLN D 129 -7.11 -19.52 -34.53
N VAL D 130 -5.93 -19.66 -35.12
CA VAL D 130 -5.75 -19.33 -36.53
C VAL D 130 -4.84 -20.38 -37.14
N ILE D 131 -4.91 -20.52 -38.46
CA ILE D 131 -4.19 -21.60 -39.15
C ILE D 131 -2.91 -21.06 -39.77
N GLY D 132 -2.38 -19.99 -39.22
CA GLY D 132 -1.14 -19.43 -39.72
C GLY D 132 -1.31 -17.99 -40.14
N GLU D 133 -1.02 -17.07 -39.23
CA GLU D 133 -1.02 -15.66 -39.57
C GLU D 133 0.29 -15.26 -40.23
N LEU D 134 0.18 -14.46 -41.28
CA LEU D 134 1.33 -14.08 -42.08
C LEU D 134 1.48 -12.57 -42.01
N LYS D 135 2.70 -12.10 -42.22
CA LYS D 135 3.01 -10.67 -42.14
C LYS D 135 3.07 -10.09 -43.54
N ASN D 136 2.54 -8.88 -43.71
CA ASN D 136 2.60 -8.18 -44.99
C ASN D 136 2.52 -6.68 -44.75
N GLY D 137 2.34 -5.92 -45.82
CA GLY D 137 2.05 -4.52 -45.67
C GLY D 137 0.56 -4.24 -45.86
N GLU D 138 0.04 -3.32 -45.06
CA GLU D 138 -1.38 -3.04 -45.04
C GLU D 138 -1.70 -2.05 -46.17
N ILE D 139 -2.69 -2.41 -46.98
CA ILE D 139 -3.04 -1.59 -48.14
C ILE D 139 -4.14 -0.60 -47.78
N ASP D 140 -5.17 -1.05 -47.07
CA ASP D 140 -6.28 -0.17 -46.76
C ASP D 140 -6.01 0.61 -45.48
N THR D 141 -5.82 1.92 -45.63
CA THR D 141 -5.65 2.81 -44.49
C THR D 141 -6.89 2.88 -43.62
N LEU D 142 -8.08 2.98 -44.24
CA LEU D 142 -9.38 3.19 -43.58
C LEU D 142 -9.30 4.42 -42.68
N PRO D 143 -9.07 5.62 -43.27
CA PRO D 143 -8.55 6.76 -42.49
C PRO D 143 -9.51 7.34 -41.46
N GLU D 144 -10.73 6.82 -41.47
CA GLU D 144 -11.73 7.13 -40.45
C GLU D 144 -11.26 6.68 -39.07
N GLU D 145 -10.60 5.54 -38.98
CA GLU D 145 -10.23 4.95 -37.71
C GLU D 145 -8.74 4.94 -37.43
N ILE D 146 -7.95 4.19 -38.20
CA ILE D 146 -6.51 4.12 -38.00
C ILE D 146 -5.85 5.48 -38.17
N VAL D 147 -6.13 6.16 -39.28
CA VAL D 147 -5.51 7.44 -39.57
C VAL D 147 -6.05 8.46 -38.58
N ASN D 148 -7.39 8.49 -38.44
CA ASN D 148 -8.04 9.47 -37.59
C ASN D 148 -8.57 8.82 -36.30
N VAL D 149 -7.91 9.09 -35.18
CA VAL D 149 -8.47 8.67 -33.90
C VAL D 149 -8.43 9.87 -32.95
N SER D 150 -9.58 10.55 -32.84
CA SER D 150 -9.64 11.81 -32.11
C SER D 150 -10.11 11.63 -30.67
N LYS D 151 -9.82 12.59 -29.79
CA LYS D 151 -10.33 12.51 -28.43
C LYS D 151 -11.79 12.93 -28.28
N GLY D 152 -12.47 13.31 -29.37
CA GLY D 152 -13.84 13.78 -29.29
C GLY D 152 -13.94 15.28 -29.14
N GLY D 153 -12.80 15.95 -29.02
CA GLY D 153 -12.76 17.39 -28.81
C GLY D 153 -13.02 18.15 -30.10
N TYR D 154 -13.78 19.23 -29.98
CA TYR D 154 -14.10 20.13 -31.07
C TYR D 154 -14.05 21.57 -30.56
N ASP D 155 -13.73 22.51 -31.46
CA ASP D 155 -13.20 23.80 -31.06
C ASP D 155 -14.08 24.61 -30.12
N PHE D 156 -15.35 24.87 -30.50
CA PHE D 156 -16.45 25.39 -29.68
C PHE D 156 -17.76 24.78 -30.17
N GLN D 157 -18.77 24.88 -29.30
CA GLN D 157 -20.18 24.89 -29.70
C GLN D 157 -20.88 25.84 -28.75
N GLN D 158 -20.93 27.15 -29.10
CA GLN D 158 -21.33 28.15 -28.12
C GLN D 158 -22.71 28.77 -28.39
N PRO D 159 -23.25 28.81 -29.61
CA PRO D 159 -24.65 29.25 -29.74
C PRO D 159 -25.67 28.20 -29.34
N GLY D 160 -25.23 27.07 -28.78
CA GLY D 160 -26.14 25.97 -28.54
C GLY D 160 -26.50 25.06 -29.72
N GLN D 161 -25.68 24.05 -30.01
CA GLN D 161 -26.05 23.12 -31.08
C GLN D 161 -26.62 21.84 -30.50
N THR D 162 -27.81 21.93 -29.89
CA THR D 162 -28.59 20.80 -29.33
C THR D 162 -27.68 19.64 -28.92
N THR D 163 -26.96 19.82 -27.82
CA THR D 163 -25.88 18.90 -27.50
C THR D 163 -26.39 17.86 -26.51
N GLY D 164 -25.66 16.75 -26.41
CA GLY D 164 -25.93 15.74 -25.41
C GLY D 164 -24.65 15.19 -24.80
N GLU D 165 -24.71 13.95 -24.29
CA GLU D 165 -23.56 13.34 -23.64
C GLU D 165 -22.44 13.05 -24.64
N ALA D 166 -22.80 12.91 -25.92
CA ALA D 166 -21.85 12.58 -26.98
C ALA D 166 -21.07 13.84 -27.35
N PRO D 167 -19.93 13.69 -28.02
CA PRO D 167 -18.89 14.70 -27.97
C PRO D 167 -19.10 15.82 -28.98
N GLY D 168 -20.07 15.59 -29.87
CA GLY D 168 -20.63 16.63 -30.70
C GLY D 168 -22.02 16.38 -31.27
N THR D 169 -23.05 16.98 -30.69
CA THR D 169 -24.37 16.95 -31.30
C THR D 169 -24.57 18.22 -32.12
N VAL D 170 -25.59 18.15 -32.99
CA VAL D 170 -25.97 19.27 -33.85
C VAL D 170 -27.43 19.62 -33.56
N PRO D 171 -27.94 20.77 -34.03
CA PRO D 171 -29.35 21.10 -33.75
C PRO D 171 -30.31 20.25 -34.56
N ALA D 172 -31.01 19.36 -33.87
CA ALA D 172 -31.87 18.32 -34.43
C ALA D 172 -31.09 17.39 -35.37
N PRO E 1 29.42 -7.37 -9.05
CA PRO E 1 29.38 -8.63 -9.80
C PRO E 1 28.94 -8.17 -11.18
N ILE E 2 28.30 -9.06 -11.94
CA ILE E 2 27.78 -8.75 -13.26
C ILE E 2 26.47 -8.01 -13.09
N MET E 3 26.31 -6.89 -13.80
CA MET E 3 25.14 -6.05 -13.70
C MET E 3 24.04 -6.54 -14.64
N GLY E 4 22.83 -6.04 -14.41
CA GLY E 4 21.71 -6.33 -15.29
C GLY E 4 21.87 -5.82 -16.71
N GLN E 5 22.54 -4.69 -16.90
CA GLN E 5 22.91 -4.19 -18.21
C GLN E 5 24.15 -4.88 -18.76
N ASP E 6 24.94 -5.53 -17.91
CA ASP E 6 26.23 -6.08 -18.30
C ASP E 6 26.14 -7.24 -19.27
N VAL E 7 25.22 -8.19 -19.08
CA VAL E 7 25.11 -9.35 -19.95
C VAL E 7 24.10 -9.02 -21.04
N LYS E 8 24.56 -8.99 -22.29
CA LYS E 8 23.64 -8.77 -23.40
C LYS E 8 23.77 -9.87 -24.43
N TYR E 9 22.70 -10.05 -25.21
CA TYR E 9 22.48 -11.25 -26.03
C TYR E 9 22.37 -10.82 -27.48
N LEU E 10 23.23 -11.38 -28.33
CA LEU E 10 23.14 -11.16 -29.76
C LEU E 10 22.87 -12.47 -30.48
N PHE E 11 22.15 -12.40 -31.60
CA PHE E 11 21.89 -13.56 -32.43
C PHE E 11 22.44 -13.33 -33.84
N GLN E 12 22.96 -14.40 -34.43
CA GLN E 12 23.34 -14.35 -35.83
C GLN E 12 22.60 -15.46 -36.57
N SER E 13 21.91 -15.08 -37.64
CA SER E 13 21.16 -16.02 -38.46
C SER E 13 22.11 -16.91 -39.28
N ILE E 14 21.68 -18.15 -39.50
CA ILE E 14 22.50 -19.09 -40.26
C ILE E 14 22.58 -18.71 -41.74
N ASP E 15 21.45 -18.35 -42.35
CA ASP E 15 21.38 -18.15 -43.78
C ASP E 15 22.04 -16.85 -44.23
N ALA E 16 22.15 -15.86 -43.34
CA ALA E 16 22.67 -14.56 -43.76
C ALA E 16 24.07 -14.70 -44.37
N ALA E 17 24.95 -15.46 -43.70
CA ALA E 17 26.38 -15.61 -44.04
C ALA E 17 27.09 -14.26 -44.04
N THR E 18 26.86 -13.47 -43.00
CA THR E 18 27.47 -12.15 -42.83
C THR E 18 28.45 -12.20 -41.68
N GLY E 19 29.35 -11.22 -41.63
CA GLY E 19 30.36 -11.16 -40.60
C GLY E 19 29.94 -10.37 -39.38
N SER E 20 28.66 -10.45 -39.02
CA SER E 20 28.16 -9.67 -37.90
C SER E 20 26.77 -10.15 -37.46
N ALA E 21 26.50 -10.13 -36.16
CA ALA E 21 25.31 -10.64 -35.49
C ALA E 21 24.39 -9.52 -35.01
N PRO E 22 23.16 -9.38 -35.55
CA PRO E 22 22.26 -8.34 -35.07
C PRO E 22 21.72 -8.62 -33.68
N LEU E 23 21.76 -7.63 -32.81
CA LEU E 23 21.06 -7.71 -31.55
C LEU E 23 19.98 -6.63 -31.51
N PHE E 24 18.96 -6.87 -30.71
CA PHE E 24 17.81 -6.01 -30.88
C PHE E 24 17.71 -5.01 -29.73
N PRO E 25 17.31 -3.77 -29.98
CA PRO E 25 17.19 -2.81 -28.88
C PRO E 25 15.95 -3.04 -28.04
N ALA E 26 15.85 -2.24 -26.97
CA ALA E 26 14.74 -2.25 -26.01
C ALA E 26 14.50 -3.65 -25.45
N TYR E 27 15.51 -4.18 -24.77
CA TYR E 27 15.37 -5.45 -24.07
C TYR E 27 14.55 -5.28 -22.79
N GLN E 28 13.77 -6.32 -22.49
CA GLN E 28 12.95 -6.35 -21.30
C GLN E 28 13.71 -7.25 -20.32
N THR E 29 13.90 -8.53 -20.66
CA THR E 29 14.61 -9.44 -19.78
C THR E 29 14.77 -10.81 -20.43
N ASP E 30 15.74 -11.55 -19.91
CA ASP E 30 16.30 -12.71 -20.57
C ASP E 30 16.38 -13.83 -19.55
N GLY E 31 15.65 -14.90 -19.80
CA GLY E 31 15.80 -16.10 -19.02
C GLY E 31 16.36 -17.22 -19.86
N SER E 32 17.52 -17.75 -19.44
CA SER E 32 18.12 -18.93 -20.05
C SER E 32 18.08 -19.99 -18.96
N VAL E 33 17.45 -21.11 -19.27
CA VAL E 33 17.21 -22.16 -18.29
C VAL E 33 17.77 -23.47 -18.85
N SER E 34 18.49 -24.20 -18.00
CA SER E 34 19.33 -25.31 -18.42
C SER E 34 19.13 -26.45 -17.41
N GLY E 35 18.47 -27.51 -17.85
CA GLY E 35 18.18 -28.63 -16.98
C GLY E 35 19.05 -29.84 -17.26
N GLU E 36 19.81 -30.28 -16.26
CA GLU E 36 20.71 -31.42 -16.39
C GLU E 36 20.02 -32.62 -15.75
N ARG E 37 19.53 -33.54 -16.58
CA ARG E 37 18.74 -34.67 -16.11
C ARG E 37 19.65 -35.65 -15.37
N GLU E 38 19.09 -36.27 -14.32
CA GLU E 38 19.87 -37.03 -13.35
C GLU E 38 19.27 -38.43 -13.24
N LEU E 39 19.94 -39.27 -12.45
CA LEU E 39 19.53 -40.65 -12.23
C LEU E 39 18.19 -40.71 -11.50
N PHE E 40 17.34 -41.63 -11.93
CA PHE E 40 16.10 -41.94 -11.23
C PHE E 40 16.32 -42.99 -10.16
N ASP E 41 15.87 -42.69 -8.95
CA ASP E 41 15.49 -43.68 -7.94
C ASP E 41 16.78 -44.30 -7.39
N GLU E 42 17.09 -43.99 -6.13
CA GLU E 42 18.23 -44.57 -5.46
C GLU E 42 18.09 -46.06 -5.23
N GLN E 43 16.85 -46.54 -5.00
CA GLN E 43 16.53 -47.92 -4.60
C GLN E 43 16.95 -48.20 -3.16
N THR E 44 17.10 -47.14 -2.36
CA THR E 44 17.79 -47.14 -1.06
C THR E 44 19.09 -47.95 -1.11
N LYS E 45 20.01 -47.50 -1.98
CA LYS E 45 21.27 -48.20 -2.20
C LYS E 45 22.43 -47.32 -1.74
N ASN E 46 23.42 -47.12 -2.62
CA ASN E 46 24.57 -46.26 -2.32
C ASN E 46 24.49 -44.92 -3.03
N GLY E 47 23.35 -44.56 -3.59
CA GLY E 47 23.19 -43.30 -4.30
C GLY E 47 23.07 -43.52 -5.79
N ARG E 48 21.86 -43.88 -6.22
CA ARG E 48 21.60 -44.14 -7.62
C ARG E 48 20.72 -43.01 -8.16
N ILE E 49 20.79 -41.86 -7.48
CA ILE E 49 20.03 -40.68 -7.88
C ILE E 49 20.98 -39.51 -8.10
N LEU E 50 22.28 -39.76 -7.95
CA LEU E 50 23.29 -38.74 -8.22
C LEU E 50 24.01 -38.96 -9.54
N GLY E 51 23.39 -39.69 -10.47
CA GLY E 51 24.03 -40.15 -11.67
C GLY E 51 23.83 -39.24 -12.87
N PRO E 52 24.69 -39.38 -13.87
CA PRO E 52 24.63 -38.47 -15.02
C PRO E 52 23.45 -38.71 -15.94
N GLY E 53 23.07 -37.67 -16.67
CA GLY E 53 21.94 -37.74 -17.59
C GLY E 53 22.08 -36.67 -18.64
N SER E 54 21.08 -36.60 -19.51
CA SER E 54 21.09 -35.61 -20.57
C SER E 54 20.72 -34.24 -20.01
N VAL E 55 20.85 -33.22 -20.87
CA VAL E 55 20.59 -31.84 -20.49
C VAL E 55 19.53 -31.26 -21.42
N ALA E 56 18.50 -30.67 -20.82
CA ALA E 56 17.46 -29.96 -21.56
C ALA E 56 17.71 -28.47 -21.39
N ASP E 57 18.01 -27.78 -22.49
CA ASP E 57 18.44 -26.40 -22.44
C ASP E 57 17.48 -25.57 -23.27
N SER E 58 16.80 -24.64 -22.59
CA SER E 58 15.80 -23.78 -23.19
C SER E 58 15.88 -22.39 -22.58
N GLY E 59 15.59 -21.39 -23.40
CA GLY E 59 15.55 -20.03 -22.93
C GLY E 59 14.40 -19.26 -23.53
N GLU E 60 13.97 -18.20 -22.85
CA GLU E 60 12.93 -17.31 -23.36
C GLU E 60 13.53 -15.92 -23.41
N VAL E 61 13.04 -15.10 -24.34
CA VAL E 61 13.54 -13.75 -24.54
C VAL E 61 12.36 -12.81 -24.63
N THR E 62 12.31 -11.79 -23.78
CA THR E 62 11.29 -10.77 -23.87
C THR E 62 11.90 -9.45 -24.27
N TYR E 63 11.20 -8.71 -25.13
CA TYR E 63 11.63 -7.37 -25.52
C TYR E 63 10.43 -6.60 -26.06
N TYR E 64 10.62 -5.29 -26.26
CA TYR E 64 9.62 -4.42 -26.87
C TYR E 64 9.98 -4.21 -28.32
N GLY E 65 9.07 -4.61 -29.22
CA GLY E 65 9.34 -4.55 -30.64
C GLY E 65 9.38 -3.15 -31.22
N LYS E 66 10.43 -2.85 -31.98
CA LYS E 66 10.53 -1.57 -32.67
C LYS E 66 9.97 -1.73 -34.09
N ARG E 67 9.48 -0.62 -34.66
CA ARG E 67 8.77 -0.66 -35.94
C ARG E 67 9.48 -1.49 -37.00
N GLY E 68 10.76 -1.28 -37.23
CA GLY E 68 11.53 -2.09 -38.17
C GLY E 68 13.01 -1.97 -37.86
N ASP E 69 13.52 -3.00 -37.17
CA ASP E 69 14.94 -3.23 -36.94
C ASP E 69 15.29 -4.72 -37.11
N ALA E 70 16.56 -4.96 -37.42
CA ALA E 70 17.05 -6.16 -38.12
C ALA E 70 17.12 -7.46 -37.32
N GLY E 71 17.49 -7.40 -36.03
CA GLY E 71 17.34 -8.57 -35.17
C GLY E 71 15.88 -9.00 -35.03
N GLN E 72 14.97 -8.03 -34.90
CA GLN E 72 13.55 -8.34 -34.96
C GLN E 72 13.15 -8.94 -36.30
N LYS E 73 13.57 -8.33 -37.42
CA LYS E 73 13.36 -8.96 -38.71
C LYS E 73 14.12 -10.27 -38.82
N ALA E 74 15.25 -10.41 -38.10
CA ALA E 74 15.87 -11.73 -37.99
C ALA E 74 14.98 -12.68 -37.22
N ILE E 75 14.40 -12.22 -36.12
CA ILE E 75 13.41 -13.01 -35.39
C ILE E 75 12.21 -13.32 -36.29
N GLU E 76 11.75 -12.33 -37.05
CA GLU E 76 10.59 -12.52 -37.91
C GLU E 76 10.82 -13.58 -38.97
N ASP E 77 11.94 -13.50 -39.70
CA ASP E 77 12.32 -14.62 -40.57
C ASP E 77 12.63 -15.87 -39.77
N ALA E 78 13.17 -15.72 -38.57
CA ALA E 78 13.38 -16.89 -37.73
C ALA E 78 12.09 -17.67 -37.53
N TYR E 79 11.06 -17.04 -36.96
CA TYR E 79 9.84 -17.77 -36.64
C TYR E 79 8.96 -17.99 -37.87
N GLN E 80 8.74 -16.93 -38.64
CA GLN E 80 7.72 -16.93 -39.68
C GLN E 80 8.16 -17.71 -40.92
N ASN E 81 9.44 -17.64 -41.27
CA ASN E 81 9.96 -18.49 -42.33
C ASN E 81 10.29 -19.88 -41.82
N GLY E 82 10.75 -19.96 -40.56
CA GLY E 82 11.07 -21.23 -39.94
C GLY E 82 12.53 -21.62 -40.14
N LYS E 83 13.41 -20.98 -39.40
CA LYS E 83 14.85 -21.22 -39.44
C LYS E 83 15.35 -21.25 -37.99
N GLN E 84 16.48 -21.90 -37.77
CA GLN E 84 17.20 -21.81 -36.51
C GLN E 84 18.16 -20.63 -36.58
N ILE E 85 18.41 -19.99 -35.44
CA ILE E 85 19.32 -18.85 -35.39
C ILE E 85 20.47 -19.14 -34.45
N LYS E 86 21.66 -18.69 -34.82
CA LYS E 86 22.84 -18.83 -33.98
C LYS E 86 22.73 -17.87 -32.81
N PHE E 87 23.06 -18.38 -31.62
CA PHE E 87 22.76 -17.75 -30.35
C PHE E 87 24.05 -17.36 -29.63
N TRP E 88 24.18 -16.07 -29.34
CA TRP E 88 25.35 -15.50 -28.67
C TRP E 88 24.87 -14.66 -27.50
N ARG E 89 25.45 -14.89 -26.32
CA ARG E 89 25.20 -14.04 -25.15
C ARG E 89 26.55 -13.65 -24.55
N VAL E 90 26.86 -12.36 -24.59
CA VAL E 90 28.18 -11.92 -24.18
C VAL E 90 28.03 -10.87 -23.09
N ASP E 91 29.16 -10.55 -22.46
CA ASP E 91 29.21 -9.55 -21.41
C ASP E 91 29.90 -8.29 -21.90
N THR E 92 29.32 -7.15 -21.50
CA THR E 92 29.80 -5.84 -21.92
C THR E 92 31.14 -5.48 -21.29
N VAL E 93 31.43 -5.99 -20.10
CA VAL E 93 32.73 -5.74 -19.47
C VAL E 93 33.83 -6.40 -20.28
N LYS E 94 34.88 -5.64 -20.55
CA LYS E 94 35.96 -6.10 -21.42
C LYS E 94 36.66 -7.30 -20.79
N ASN E 95 36.88 -8.35 -21.59
CA ASN E 95 37.67 -9.48 -21.17
C ASN E 95 39.15 -9.10 -21.18
N GLU E 96 39.87 -9.57 -20.16
CA GLU E 96 41.28 -9.24 -20.00
C GLU E 96 42.22 -10.09 -20.83
N ASN E 97 41.80 -11.28 -21.25
CA ASN E 97 42.56 -12.03 -22.24
C ASN E 97 41.69 -12.43 -23.42
N ASP E 98 40.61 -11.70 -23.66
CA ASP E 98 39.85 -11.81 -24.89
C ASP E 98 39.15 -10.48 -25.15
N LYS E 99 38.56 -10.34 -26.33
CA LYS E 99 37.71 -9.19 -26.61
C LYS E 99 36.60 -9.06 -25.58
N TYR E 100 35.73 -10.06 -25.52
CA TYR E 100 34.63 -10.11 -24.58
C TYR E 100 34.47 -11.57 -24.15
N ASP E 101 33.48 -11.83 -23.31
CA ASP E 101 33.20 -13.19 -22.87
C ASP E 101 31.76 -13.54 -23.18
N ALA E 102 31.57 -14.78 -23.64
CA ALA E 102 30.34 -15.16 -24.31
C ALA E 102 29.90 -16.54 -23.86
N GLN E 103 28.62 -16.83 -24.07
CA GLN E 103 28.11 -18.18 -24.17
C GLN E 103 27.37 -18.27 -25.50
N PHE E 104 27.54 -19.39 -26.19
CA PHE E 104 27.22 -19.52 -27.60
C PHE E 104 26.41 -20.78 -27.85
N GLY E 105 25.52 -20.73 -28.85
CA GLY E 105 24.85 -21.94 -29.28
C GLY E 105 24.13 -21.76 -30.59
N PHE E 106 23.48 -22.84 -31.02
CA PHE E 106 22.52 -22.77 -32.11
C PHE E 106 21.13 -22.97 -31.52
N ALA E 107 20.21 -22.09 -31.86
CA ALA E 107 18.91 -22.02 -31.20
C ALA E 107 17.78 -21.97 -32.22
N TYR E 108 16.59 -22.31 -31.74
CA TYR E 108 15.40 -22.44 -32.57
C TYR E 108 14.30 -21.60 -31.97
N ILE E 109 13.26 -21.31 -32.75
CA ILE E 109 12.14 -20.51 -32.27
C ILE E 109 11.01 -21.43 -31.82
N GLU E 110 11.07 -21.87 -30.57
CA GLU E 110 10.01 -22.72 -30.04
C GLU E 110 8.64 -22.04 -29.98
N SER E 111 8.57 -20.78 -29.53
CA SER E 111 7.32 -20.06 -29.56
C SER E 111 7.61 -18.57 -29.56
N ARG E 112 6.64 -17.79 -30.01
CA ARG E 112 6.69 -16.33 -30.04
C ARG E 112 5.33 -15.88 -29.51
N GLU E 113 5.34 -14.76 -28.80
CA GLU E 113 4.16 -14.19 -28.18
C GLU E 113 4.18 -12.69 -28.46
N TYR E 114 3.05 -12.14 -28.90
CA TYR E 114 2.94 -10.72 -29.14
C TYR E 114 1.77 -10.12 -28.38
N SER E 115 2.10 -9.19 -27.49
CA SER E 115 1.11 -8.48 -26.71
C SER E 115 1.02 -7.04 -27.18
N ASP E 116 -0.22 -6.61 -27.43
CA ASP E 116 -0.58 -5.21 -27.64
C ASP E 116 -1.51 -4.84 -26.49
N GLY E 117 -1.11 -3.83 -25.73
CA GLY E 117 -1.94 -3.29 -24.67
C GLY E 117 -2.28 -1.84 -24.91
N VAL E 118 -3.31 -1.36 -24.22
CA VAL E 118 -3.71 0.04 -24.28
C VAL E 118 -2.70 0.93 -23.57
N GLU E 119 -2.07 0.42 -22.50
CA GLU E 119 -0.94 1.12 -21.92
C GLU E 119 0.39 0.60 -22.42
N GLY E 120 1.43 1.43 -22.38
CA GLY E 120 2.78 0.94 -22.58
C GLY E 120 3.02 0.75 -24.06
N ALA E 121 3.89 -0.19 -24.42
CA ALA E 121 4.24 -0.41 -25.80
C ALA E 121 4.33 -1.90 -26.11
N VAL E 122 4.28 -2.22 -27.41
CA VAL E 122 4.16 -3.60 -27.86
C VAL E 122 5.25 -4.46 -27.22
N GLU E 123 4.87 -5.64 -26.75
CA GLU E 123 5.82 -6.50 -26.04
C GLU E 123 5.84 -7.88 -26.67
N ILE E 124 7.03 -8.35 -27.01
CA ILE E 124 7.20 -9.65 -27.63
C ILE E 124 7.86 -10.58 -26.63
N SER E 125 7.24 -11.73 -26.42
CA SER E 125 7.83 -12.84 -25.69
C SER E 125 8.16 -13.94 -26.68
N ILE E 126 9.44 -14.23 -26.84
CA ILE E 126 9.88 -15.30 -27.73
C ILE E 126 10.57 -16.37 -26.89
N SER E 127 10.15 -17.61 -27.06
CA SER E 127 10.69 -18.74 -26.33
C SER E 127 11.38 -19.70 -27.29
N LEU E 128 12.49 -20.25 -26.84
CA LEU E 128 13.36 -21.06 -27.69
C LEU E 128 13.96 -22.19 -26.86
N GLN E 129 14.19 -23.33 -27.51
CA GLN E 129 15.00 -24.39 -26.95
C GLN E 129 16.36 -24.35 -27.63
N VAL E 130 17.36 -24.97 -27.02
CA VAL E 130 18.67 -25.05 -27.65
C VAL E 130 19.22 -26.45 -27.37
N ILE E 131 20.18 -26.87 -28.19
CA ILE E 131 20.69 -28.24 -28.11
C ILE E 131 22.01 -28.28 -27.37
N GLY E 132 22.23 -27.30 -26.50
CA GLY E 132 23.45 -27.26 -25.72
C GLY E 132 24.22 -25.98 -25.94
N GLU E 133 23.99 -24.99 -25.09
CA GLU E 133 24.76 -23.77 -25.14
C GLU E 133 26.08 -23.94 -24.40
N LEU E 134 27.15 -23.42 -25.02
CA LEU E 134 28.49 -23.59 -24.49
C LEU E 134 29.06 -22.23 -24.16
N LYS E 135 30.01 -22.19 -23.24
CA LYS E 135 30.62 -20.95 -22.79
C LYS E 135 31.96 -20.77 -23.48
N ASN E 136 32.27 -19.53 -23.89
CA ASN E 136 33.55 -19.22 -24.51
C ASN E 136 33.87 -17.75 -24.26
N GLY E 137 34.90 -17.24 -24.94
CA GLY E 137 35.14 -15.82 -24.95
C GLY E 137 34.64 -15.19 -26.24
N GLU E 138 34.09 -13.99 -26.10
CA GLU E 138 33.46 -13.32 -27.23
C GLU E 138 34.54 -12.58 -28.02
N ILE E 139 34.56 -12.83 -29.33
CA ILE E 139 35.59 -12.25 -30.19
C ILE E 139 35.12 -10.92 -30.77
N ASP E 140 33.88 -10.87 -31.26
CA ASP E 140 33.39 -9.65 -31.89
C ASP E 140 32.81 -8.70 -30.86
N THR E 141 33.50 -7.58 -30.65
CA THR E 141 33.02 -6.52 -29.77
C THR E 141 31.73 -5.90 -30.28
N LEU E 142 31.65 -5.60 -31.59
CA LEU E 142 30.56 -4.87 -32.25
C LEU E 142 30.34 -3.53 -31.55
N PRO E 143 31.35 -2.64 -31.57
CA PRO E 143 31.43 -1.55 -30.58
C PRO E 143 30.34 -0.48 -30.71
N GLU E 144 29.55 -0.60 -31.77
CA GLU E 144 28.36 0.21 -31.96
C GLU E 144 27.34 0.00 -30.85
N GLU E 145 27.20 -1.23 -30.38
CA GLU E 145 26.16 -1.57 -29.42
C GLU E 145 26.69 -1.95 -28.05
N ILE E 146 27.42 -3.05 -27.91
CA ILE E 146 27.97 -3.49 -26.64
C ILE E 146 28.92 -2.45 -26.05
N VAL E 147 29.90 -2.02 -26.84
CA VAL E 147 30.91 -1.09 -26.37
C VAL E 147 30.22 0.26 -26.15
N ASN E 148 29.47 0.70 -27.15
CA ASN E 148 28.81 2.01 -27.09
C ASN E 148 27.31 1.88 -26.85
N VAL E 149 26.85 2.20 -25.65
CA VAL E 149 25.42 2.28 -25.41
C VAL E 149 25.12 3.62 -24.73
N SER E 150 24.71 4.61 -25.52
CA SER E 150 24.56 5.97 -25.03
C SER E 150 23.13 6.29 -24.60
N LYS E 151 22.94 7.31 -23.77
CA LYS E 151 21.59 7.72 -23.41
C LYS E 151 20.89 8.56 -24.48
N GLY E 152 21.54 8.85 -25.61
CA GLY E 152 20.97 9.70 -26.63
C GLY E 152 21.34 11.16 -26.47
N GLY E 153 22.06 11.48 -25.39
CA GLY E 153 22.44 12.84 -25.09
C GLY E 153 23.60 13.30 -25.96
N TYR E 154 23.52 14.55 -26.40
CA TYR E 154 24.54 15.22 -27.20
C TYR E 154 24.68 16.65 -26.71
N ASP E 155 25.89 17.22 -26.86
CA ASP E 155 26.31 18.36 -26.05
C ASP E 155 25.42 19.60 -26.16
N PHE E 156 25.18 20.11 -27.38
CA PHE E 156 24.18 21.11 -27.76
C PHE E 156 23.68 20.80 -29.16
N GLN E 157 22.53 21.40 -29.48
CA GLN E 157 22.14 21.72 -30.86
C GLN E 157 21.39 23.04 -30.78
N GLN E 158 22.11 24.17 -30.90
CA GLN E 158 21.50 25.46 -30.56
C GLN E 158 21.25 26.36 -31.76
N PRO E 159 21.95 26.25 -32.91
CA PRO E 159 21.50 27.04 -34.07
C PRO E 159 20.30 26.46 -34.77
N GLY E 160 19.67 25.42 -34.22
CA GLY E 160 18.64 24.73 -34.94
C GLY E 160 19.04 23.71 -36.00
N GLN E 161 19.32 22.46 -35.61
CA GLN E 161 19.63 21.44 -36.61
C GLN E 161 18.42 20.56 -36.88
N THR E 162 17.37 21.15 -37.50
CA THR E 162 16.14 20.46 -37.92
C THR E 162 15.85 19.23 -37.08
N THR E 163 15.42 19.45 -35.84
CA THR E 163 15.37 18.37 -34.88
C THR E 163 13.95 17.79 -34.84
N GLY E 164 13.84 16.57 -34.31
CA GLY E 164 12.55 15.96 -34.06
C GLY E 164 12.51 15.22 -32.74
N GLU E 165 11.65 14.22 -32.62
CA GLU E 165 11.49 13.48 -31.37
C GLU E 165 12.73 12.64 -31.06
N ALA E 166 13.50 12.31 -32.10
CA ALA E 166 14.70 11.48 -31.97
C ALA E 166 15.83 12.31 -31.41
N PRO E 167 16.86 11.68 -30.88
CA PRO E 167 17.72 12.34 -29.88
C PRO E 167 18.82 13.18 -30.53
N GLY E 168 18.94 13.04 -31.84
CA GLY E 168 19.69 13.96 -32.67
C GLY E 168 19.36 13.99 -34.15
N THR E 169 18.59 14.99 -34.59
CA THR E 169 18.41 15.20 -36.02
C THR E 169 19.41 16.23 -36.53
N VAL E 170 19.56 16.25 -37.84
CA VAL E 170 20.44 17.18 -38.54
C VAL E 170 19.60 18.00 -39.52
N PRO E 171 20.14 19.10 -40.09
CA PRO E 171 19.34 19.88 -41.04
C PRO E 171 19.18 19.18 -42.37
N ALA E 172 17.95 18.73 -42.63
CA ALA E 172 17.60 17.87 -43.77
C ALA E 172 18.38 16.56 -43.78
N PRO F 1 18.96 -17.84 18.05
CA PRO F 1 19.08 -19.16 17.44
C PRO F 1 20.11 -18.92 16.34
N ILE F 2 20.07 -19.73 15.29
CA ILE F 2 20.98 -19.59 14.15
C ILE F 2 20.45 -18.48 13.27
N MET F 3 21.33 -17.56 12.87
CA MET F 3 20.96 -16.41 12.07
C MET F 3 20.99 -16.75 10.59
N GLY F 4 20.38 -15.87 9.79
CA GLY F 4 20.41 -16.00 8.34
C GLY F 4 21.79 -15.92 7.73
N GLN F 5 22.67 -15.11 8.31
CA GLN F 5 24.07 -15.06 7.92
C GLN F 5 24.89 -16.19 8.52
N ASP F 6 24.36 -16.84 9.57
CA ASP F 6 25.13 -17.82 10.34
C ASP F 6 25.44 -19.09 9.58
N VAL F 7 24.49 -19.65 8.83
CA VAL F 7 24.70 -20.90 8.10
C VAL F 7 25.17 -20.55 6.69
N LYS F 8 26.40 -20.94 6.36
CA LYS F 8 26.91 -20.71 5.01
C LYS F 8 27.38 -22.02 4.39
N TYR F 9 27.39 -22.05 3.06
CA TYR F 9 27.51 -23.27 2.27
C TYR F 9 28.75 -23.18 1.40
N LEU F 10 29.64 -24.15 1.55
CA LEU F 10 30.82 -24.24 0.69
C LEU F 10 30.79 -25.55 -0.09
N PHE F 11 31.33 -25.52 -1.31
CA PHE F 11 31.45 -26.72 -2.13
C PHE F 11 32.91 -26.98 -2.46
N GLN F 12 33.25 -28.27 -2.51
CA GLN F 12 34.56 -28.66 -2.99
C GLN F 12 34.38 -29.65 -4.14
N SER F 13 35.01 -29.32 -5.28
CA SER F 13 34.95 -30.18 -6.46
C SER F 13 35.75 -31.46 -6.25
N ILE F 14 35.28 -32.54 -6.88
CA ILE F 14 35.95 -33.83 -6.76
C ILE F 14 37.28 -33.84 -7.50
N ASP F 15 37.33 -33.31 -8.72
CA ASP F 15 38.50 -33.44 -9.56
C ASP F 15 39.64 -32.53 -9.12
N ALA F 16 39.35 -31.45 -8.41
CA ALA F 16 40.41 -30.50 -8.06
C ALA F 16 41.54 -31.18 -7.30
N ALA F 17 41.18 -31.98 -6.29
CA ALA F 17 42.11 -32.63 -5.34
C ALA F 17 42.95 -31.60 -4.59
N THR F 18 42.29 -30.55 -4.10
CA THR F 18 42.93 -29.48 -3.36
C THR F 18 42.50 -29.54 -1.90
N GLY F 19 43.26 -28.90 -1.03
CA GLY F 19 42.98 -28.91 0.40
C GLY F 19 42.09 -27.76 0.84
N SER F 20 41.14 -27.37 0.00
CA SER F 20 40.26 -26.25 0.31
C SER F 20 39.07 -26.17 -0.62
N ALA F 21 37.91 -25.77 -0.09
CA ALA F 21 36.60 -25.74 -0.74
C ALA F 21 36.17 -24.31 -1.09
N PRO F 22 36.04 -23.95 -2.38
CA PRO F 22 35.58 -22.59 -2.70
C PRO F 22 34.11 -22.38 -2.40
N LEU F 23 33.80 -21.27 -1.74
CA LEU F 23 32.42 -20.84 -1.61
C LEU F 23 32.24 -19.51 -2.34
N PHE F 24 31.01 -19.24 -2.74
CA PHE F 24 30.89 -18.15 -3.67
C PHE F 24 30.27 -16.93 -2.97
N PRO F 25 30.71 -15.72 -3.29
CA PRO F 25 30.13 -14.53 -2.64
C PRO F 25 28.76 -14.19 -3.21
N ALA F 26 28.15 -13.17 -2.59
CA ALA F 26 26.84 -12.63 -2.93
C ALA F 26 25.77 -13.73 -2.99
N TYR F 27 25.56 -14.37 -1.84
CA TYR F 27 24.48 -15.34 -1.71
C TYR F 27 23.13 -14.64 -1.61
N GLN F 28 22.13 -15.29 -2.20
CA GLN F 28 20.76 -14.81 -2.20
C GLN F 28 20.05 -15.65 -1.14
N THR F 29 19.96 -16.96 -1.33
CA THR F 29 19.29 -17.81 -0.36
C THR F 29 19.40 -19.28 -0.76
N ASP F 30 19.21 -20.13 0.24
CA ASP F 30 19.59 -21.52 0.17
C ASP F 30 18.42 -22.35 0.69
N GLY F 31 17.88 -23.19 -0.18
CA GLY F 31 16.91 -24.17 0.24
C GLY F 31 17.45 -25.56 0.09
N SER F 32 17.51 -26.29 1.20
CA SER F 32 17.86 -27.70 1.21
C SER F 32 16.60 -28.42 1.67
N VAL F 33 16.13 -29.34 0.84
CA VAL F 33 14.87 -30.03 1.08
C VAL F 33 15.13 -31.53 1.06
N SER F 34 14.56 -32.22 2.04
CA SER F 34 14.90 -33.60 2.35
C SER F 34 13.60 -34.36 2.63
N GLY F 35 13.24 -35.25 1.70
CA GLY F 35 12.01 -36.00 1.84
C GLY F 35 12.23 -37.45 2.24
N GLU F 36 11.66 -37.85 3.38
CA GLU F 36 11.81 -39.21 3.89
C GLU F 36 10.53 -39.97 3.56
N ARG F 37 10.61 -40.86 2.58
CA ARG F 37 9.44 -41.56 2.07
C ARG F 37 8.95 -42.57 3.10
N GLU F 38 7.63 -42.74 3.19
CA GLU F 38 6.98 -43.45 4.28
C GLU F 38 6.10 -44.54 3.68
N LEU F 39 5.51 -45.34 4.57
CA LEU F 39 4.64 -46.44 4.20
C LEU F 39 3.38 -45.93 3.53
N PHE F 40 2.96 -46.63 2.47
CA PHE F 40 1.67 -46.38 1.82
C PHE F 40 0.56 -47.18 2.49
N ASP F 41 -0.51 -46.49 2.85
CA ASP F 41 -1.85 -47.06 3.00
C ASP F 41 -1.86 -47.88 4.28
N GLU F 42 -2.58 -47.40 5.28
CA GLU F 42 -2.76 -48.12 6.53
C GLU F 42 -3.54 -49.41 6.37
N GLN F 43 -4.51 -49.43 5.43
CA GLN F 43 -5.48 -50.51 5.23
C GLN F 43 -6.51 -50.58 6.36
N THR F 44 -6.69 -49.45 7.06
CA THR F 44 -7.36 -49.35 8.37
C THR F 44 -6.95 -50.50 9.29
N LYS F 45 -5.66 -50.57 9.60
CA LYS F 45 -5.10 -51.64 10.43
C LYS F 45 -4.57 -51.07 11.73
N ASN F 46 -3.31 -51.38 12.06
CA ASN F 46 -2.67 -50.86 13.26
C ASN F 46 -1.67 -49.75 12.96
N GLY F 47 -1.67 -49.20 11.76
CA GLY F 47 -0.74 -48.16 11.38
C GLY F 47 0.30 -48.68 10.41
N ARG F 48 -0.09 -48.75 9.13
CA ARG F 48 0.79 -49.24 8.09
C ARG F 48 1.17 -48.04 7.20
N ILE F 49 1.08 -46.84 7.78
CA ILE F 49 1.45 -45.62 7.08
C ILE F 49 2.50 -44.86 7.87
N LEU F 50 2.96 -45.45 8.98
CA LEU F 50 4.03 -44.86 9.77
C LEU F 50 5.36 -45.59 9.58
N GLY F 51 5.51 -46.29 8.46
CA GLY F 51 6.62 -47.19 8.24
C GLY F 51 7.79 -46.56 7.51
N PRO F 52 8.97 -47.18 7.61
CA PRO F 52 10.16 -46.59 7.02
C PRO F 52 10.21 -46.68 5.51
N GLY F 53 10.97 -45.76 4.90
CA GLY F 53 11.12 -45.71 3.46
C GLY F 53 12.40 -45.01 3.11
N SER F 54 12.60 -44.84 1.80
CA SER F 54 13.79 -44.16 1.31
C SER F 54 13.67 -42.66 1.50
N VAL F 55 14.76 -41.95 1.24
CA VAL F 55 14.84 -40.51 1.41
C VAL F 55 15.25 -39.86 0.09
N ALA F 56 14.48 -38.87 -0.34
CA ALA F 56 14.80 -38.08 -1.52
C ALA F 56 15.30 -36.72 -1.03
N ASP F 57 16.57 -36.44 -1.32
CA ASP F 57 17.24 -35.28 -0.79
C ASP F 57 17.71 -34.41 -1.94
N SER F 58 17.18 -33.19 -2.00
CA SER F 58 17.46 -32.23 -3.05
C SER F 58 17.51 -30.82 -2.47
N GLY F 59 18.37 -30.01 -3.06
CA GLY F 59 18.47 -28.62 -2.66
C GLY F 59 18.63 -27.70 -3.84
N GLU F 60 18.26 -26.44 -3.68
CA GLU F 60 18.46 -25.42 -4.70
C GLU F 60 19.30 -24.32 -4.08
N VAL F 61 20.08 -23.63 -4.91
CA VAL F 61 20.97 -22.57 -4.45
C VAL F 61 20.79 -21.37 -5.36
N THR F 62 20.46 -20.22 -4.79
CA THR F 62 20.38 -19.00 -5.55
C THR F 62 21.48 -18.04 -5.11
N TYR F 63 22.07 -17.35 -6.09
CA TYR F 63 23.08 -16.32 -5.80
C TYR F 63 23.19 -15.39 -6.99
N TYR F 64 23.89 -14.27 -6.79
CA TYR F 64 24.18 -13.31 -7.85
C TYR F 64 25.59 -13.56 -8.37
N GLY F 65 25.70 -13.87 -9.66
CA GLY F 65 26.98 -14.22 -10.23
C GLY F 65 27.95 -13.06 -10.36
N LYS F 66 29.18 -13.27 -9.91
CA LYS F 66 30.24 -12.28 -10.08
C LYS F 66 31.01 -12.59 -11.36
N ARG F 67 31.61 -11.55 -11.94
CA ARG F 67 32.26 -11.67 -13.25
C ARG F 67 33.15 -12.90 -13.38
N GLY F 68 34.06 -13.14 -12.43
CA GLY F 68 34.89 -14.32 -12.45
C GLY F 68 35.43 -14.59 -11.06
N ASP F 69 34.76 -15.53 -10.37
CA ASP F 69 35.21 -16.13 -9.11
C ASP F 69 34.99 -17.64 -9.11
N ALA F 70 35.79 -18.32 -8.28
CA ALA F 70 36.15 -19.73 -8.42
C ALA F 70 35.10 -20.77 -8.06
N GLY F 71 34.29 -20.53 -7.03
CA GLY F 71 33.11 -21.37 -6.80
C GLY F 71 32.12 -21.30 -7.95
N GLN F 72 31.92 -20.10 -8.51
CA GLN F 72 31.13 -19.98 -9.73
C GLN F 72 31.78 -20.72 -10.88
N LYS F 73 33.08 -20.54 -11.11
CA LYS F 73 33.77 -21.37 -12.09
C LYS F 73 33.78 -22.83 -11.69
N ALA F 74 33.72 -23.13 -10.40
CA ALA F 74 33.47 -24.51 -9.97
C ALA F 74 32.07 -24.95 -10.38
N ILE F 75 31.07 -24.09 -10.16
CA ILE F 75 29.72 -24.36 -10.65
C ILE F 75 29.73 -24.50 -12.18
N GLU F 76 30.46 -23.62 -12.86
CA GLU F 76 30.48 -23.64 -14.31
C GLU F 76 31.06 -24.94 -14.86
N ASP F 77 32.22 -25.38 -14.36
CA ASP F 77 32.70 -26.72 -14.68
C ASP F 77 31.79 -27.79 -14.12
N ALA F 78 31.15 -27.52 -12.98
CA ALA F 78 30.17 -28.48 -12.47
C ALA F 78 29.09 -28.78 -13.50
N TYR F 79 28.36 -27.75 -13.94
CA TYR F 79 27.23 -27.99 -14.84
C TYR F 79 27.69 -28.22 -16.27
N GLN F 80 28.57 -27.35 -16.77
CA GLN F 80 28.87 -27.29 -18.20
C GLN F 80 29.80 -28.42 -18.63
N ASN F 81 30.73 -28.82 -17.78
CA ASN F 81 31.53 -30.00 -18.07
C ASN F 81 30.79 -31.28 -17.67
N GLY F 82 30.00 -31.20 -16.60
CA GLY F 82 29.23 -32.33 -16.13
C GLY F 82 29.96 -33.17 -15.11
N LYS F 83 30.05 -32.67 -13.88
CA LYS F 83 30.72 -33.33 -12.77
C LYS F 83 29.81 -33.17 -11.54
N GLN F 84 29.97 -34.06 -10.57
CA GLN F 84 29.36 -33.91 -9.26
C GLN F 84 30.32 -33.10 -8.38
N ILE F 85 29.78 -32.33 -7.44
CA ILE F 85 30.61 -31.54 -6.54
C ILE F 85 30.33 -31.93 -5.10
N LYS F 86 31.38 -31.95 -4.30
CA LYS F 86 31.26 -32.23 -2.88
C LYS F 86 30.62 -31.04 -2.19
N PHE F 87 29.67 -31.34 -1.29
CA PHE F 87 28.73 -30.37 -0.73
C PHE F 87 28.95 -30.24 0.77
N TRP F 88 29.25 -29.02 1.20
CA TRP F 88 29.51 -28.68 2.59
C TRP F 88 28.64 -27.49 2.97
N ARG F 89 27.92 -27.60 4.09
CA ARG F 89 27.18 -26.47 4.64
C ARG F 89 27.51 -26.37 6.13
N VAL F 90 28.16 -25.29 6.52
CA VAL F 90 28.65 -25.16 7.87
C VAL F 90 28.10 -23.90 8.50
N ASP F 91 28.28 -23.80 9.82
CA ASP F 91 27.83 -22.64 10.57
C ASP F 91 29.00 -21.79 11.01
N THR F 92 28.83 -20.48 10.90
CA THR F 92 29.86 -19.50 11.21
C THR F 92 30.16 -19.42 12.70
N VAL F 93 29.18 -19.70 13.56
CA VAL F 93 29.42 -19.71 14.99
C VAL F 93 30.38 -20.84 15.35
N LYS F 94 31.39 -20.52 16.15
CA LYS F 94 32.44 -21.46 16.48
C LYS F 94 31.86 -22.64 17.25
N ASN F 95 32.24 -23.85 16.85
CA ASN F 95 31.90 -25.05 17.61
C ASN F 95 32.78 -25.13 18.86
N GLU F 96 32.16 -25.55 19.97
CA GLU F 96 32.86 -25.62 21.23
C GLU F 96 33.68 -26.88 21.42
N ASN F 97 33.38 -27.96 20.70
CA ASN F 97 34.28 -29.11 20.67
C ASN F 97 34.63 -29.49 19.24
N ASP F 98 34.54 -28.54 18.31
CA ASP F 98 35.08 -28.71 16.98
C ASP F 98 35.42 -27.33 16.42
N LYS F 99 36.09 -27.29 15.28
CA LYS F 99 36.32 -26.04 14.57
C LYS F 99 34.99 -25.35 14.27
N TYR F 100 34.15 -26.00 13.48
CA TYR F 100 32.85 -25.51 13.11
C TYR F 100 31.90 -26.71 13.05
N ASP F 101 30.65 -26.46 12.69
CA ASP F 101 29.68 -27.54 12.55
C ASP F 101 29.08 -27.51 11.16
N ALA F 102 28.90 -28.71 10.60
CA ALA F 102 28.67 -28.84 9.17
C ALA F 102 27.61 -29.90 8.91
N GLN F 103 27.03 -29.81 7.71
CA GLN F 103 26.37 -30.95 7.07
C GLN F 103 27.03 -31.11 5.70
N PHE F 104 27.26 -32.36 5.31
CA PHE F 104 28.17 -32.71 4.23
C PHE F 104 27.50 -33.69 3.27
N GLY F 105 27.87 -33.61 2.00
CA GLY F 105 27.44 -34.64 1.07
C GLY F 105 28.17 -34.55 -0.24
N PHE F 106 27.81 -35.46 -1.15
CA PHE F 106 28.21 -35.36 -2.55
C PHE F 106 26.98 -35.00 -3.36
N ALA F 107 27.10 -33.98 -4.20
CA ALA F 107 25.96 -33.39 -4.88
C ALA F 107 26.22 -33.24 -6.36
N TYR F 108 25.12 -33.08 -7.10
CA TYR F 108 25.14 -33.04 -8.56
C TYR F 108 24.40 -31.79 -9.01
N ILE F 109 24.61 -31.39 -10.26
CA ILE F 109 23.96 -30.20 -10.80
C ILE F 109 22.72 -30.62 -11.58
N GLU F 110 21.59 -30.76 -10.87
CA GLU F 110 20.34 -31.10 -11.54
C GLU F 110 19.85 -30.06 -12.53
N SER F 111 19.91 -28.77 -12.18
CA SER F 111 19.57 -27.73 -13.13
C SER F 111 20.25 -26.44 -12.71
N ARG F 112 20.40 -25.52 -13.67
CA ARG F 112 20.96 -24.20 -13.46
C ARG F 112 20.03 -23.25 -14.22
N GLU F 113 19.88 -22.05 -13.68
CA GLU F 113 19.00 -21.02 -14.20
C GLU F 113 19.78 -19.71 -14.17
N TYR F 114 19.75 -18.97 -15.28
CA TYR F 114 20.39 -17.67 -15.33
C TYR F 114 19.42 -16.59 -15.78
N SER F 115 19.21 -15.63 -14.89
CA SER F 115 18.35 -14.50 -15.16
C SER F 115 19.20 -13.24 -15.34
N ASP F 116 18.93 -12.53 -16.43
CA ASP F 116 19.41 -11.18 -16.68
C ASP F 116 18.18 -10.29 -16.74
N GLY F 117 18.14 -9.29 -15.86
CA GLY F 117 17.08 -8.31 -15.87
C GLY F 117 17.62 -6.92 -16.10
N VAL F 118 16.72 -6.01 -16.48
CA VAL F 118 17.07 -4.60 -16.68
C VAL F 118 17.33 -3.91 -15.35
N GLU F 119 16.63 -4.33 -14.29
CA GLU F 119 16.98 -3.89 -12.95
C GLU F 119 17.86 -4.88 -12.21
N GLY F 120 18.64 -4.41 -11.25
CA GLY F 120 19.30 -5.31 -10.32
C GLY F 120 20.51 -5.90 -11.00
N ALA F 121 20.90 -7.12 -10.60
CA ALA F 121 22.10 -7.74 -11.14
C ALA F 121 21.84 -9.22 -11.41
N VAL F 122 22.73 -9.81 -12.24
CA VAL F 122 22.53 -11.15 -12.75
C VAL F 122 22.27 -12.12 -11.61
N GLU F 123 21.28 -12.99 -11.78
CA GLU F 123 20.91 -13.91 -10.71
C GLU F 123 20.91 -15.34 -11.23
N ILE F 124 21.60 -16.20 -10.50
CA ILE F 124 21.71 -17.61 -10.88
C ILE F 124 20.92 -18.44 -9.89
N SER F 125 20.02 -19.26 -10.42
CA SER F 125 19.35 -20.30 -9.65
C SER F 125 19.91 -21.65 -10.07
N ILE F 126 20.58 -22.34 -9.16
CA ILE F 126 21.10 -23.67 -9.43
C ILE F 126 20.42 -24.66 -8.51
N SER F 127 19.89 -25.73 -9.11
CA SER F 127 19.18 -26.76 -8.39
C SER F 127 19.93 -28.08 -8.49
N LEU F 128 19.95 -28.82 -7.39
CA LEU F 128 20.75 -30.03 -7.27
C LEU F 128 20.01 -31.07 -6.44
N GLN F 129 20.21 -32.34 -6.77
CA GLN F 129 19.80 -33.43 -5.91
C GLN F 129 21.03 -33.95 -5.20
N VAL F 130 20.83 -34.68 -4.10
CA VAL F 130 21.94 -35.30 -3.41
C VAL F 130 21.51 -36.69 -2.97
N ILE F 131 22.48 -37.56 -2.71
CA ILE F 131 22.18 -38.96 -2.41
C ILE F 131 22.25 -39.21 -0.91
N GLY F 132 22.03 -38.17 -0.12
CA GLY F 132 22.03 -38.33 1.31
C GLY F 132 23.05 -37.43 1.97
N GLU F 133 22.62 -36.23 2.38
CA GLU F 133 23.48 -35.34 3.14
C GLU F 133 23.50 -35.73 4.60
N LEU F 134 24.69 -35.70 5.18
CA LEU F 134 24.89 -36.15 6.55
C LEU F 134 25.40 -34.97 7.36
N LYS F 135 25.16 -35.01 8.67
CA LYS F 135 25.55 -33.93 9.56
C LYS F 135 26.84 -34.33 10.29
N ASN F 136 27.75 -33.37 10.46
CA ASN F 136 28.99 -33.60 11.19
C ASN F 136 29.48 -32.28 11.75
N GLY F 137 30.71 -32.28 12.26
CA GLY F 137 31.34 -31.03 12.63
C GLY F 137 32.34 -30.59 11.57
N GLU F 138 32.38 -29.29 11.34
CA GLU F 138 33.21 -28.74 10.27
C GLU F 138 34.63 -28.57 10.78
N ILE F 139 35.59 -29.10 10.02
CA ILE F 139 36.98 -29.07 10.43
C ILE F 139 37.68 -27.83 9.88
N ASP F 140 37.47 -27.53 8.60
CA ASP F 140 38.16 -26.40 7.99
C ASP F 140 37.40 -25.10 8.23
N THR F 141 37.98 -24.23 9.05
CA THR F 141 37.42 -22.91 9.28
C THR F 141 37.41 -22.05 8.01
N LEU F 142 38.50 -22.05 7.24
CA LEU F 142 38.74 -21.21 6.07
C LEU F 142 38.55 -19.75 6.45
N PRO F 143 39.39 -19.22 7.37
CA PRO F 143 39.04 -18.00 8.11
C PRO F 143 38.98 -16.73 7.29
N GLU F 144 39.37 -16.85 6.02
CA GLU F 144 39.23 -15.78 5.05
C GLU F 144 37.77 -15.41 4.82
N GLU F 145 36.88 -16.41 4.83
CA GLU F 145 35.48 -16.19 4.50
C GLU F 145 34.53 -16.38 5.66
N ILE F 146 34.39 -17.59 6.19
CA ILE F 146 33.51 -17.86 7.32
C ILE F 146 33.89 -17.06 8.54
N VAL F 147 35.16 -17.12 8.95
CA VAL F 147 35.62 -16.45 10.15
C VAL F 147 35.59 -14.95 9.88
N ASN F 148 36.15 -14.54 8.75
CA ASN F 148 36.25 -13.13 8.40
C ASN F 148 35.27 -12.75 7.31
N VAL F 149 34.20 -12.02 7.66
CA VAL F 149 33.33 -11.47 6.63
C VAL F 149 33.12 -9.99 6.95
N SER F 150 33.88 -9.14 6.27
CA SER F 150 33.91 -7.71 6.60
C SER F 150 32.97 -6.90 5.71
N LYS F 151 32.58 -5.70 6.15
CA LYS F 151 31.77 -4.84 5.31
C LYS F 151 32.57 -4.10 4.23
N GLY F 152 33.88 -4.29 4.16
CA GLY F 152 34.70 -3.56 3.21
C GLY F 152 35.30 -2.28 3.78
N GLY F 153 34.92 -1.95 5.01
CA GLY F 153 35.36 -0.74 5.66
C GLY F 153 36.79 -0.85 6.16
N TYR F 154 37.54 0.23 5.99
CA TYR F 154 38.92 0.36 6.45
C TYR F 154 39.12 1.76 7.03
N ASP F 155 40.04 1.89 7.98
CA ASP F 155 40.03 3.01 8.93
C ASP F 155 40.10 4.39 8.28
N PHE F 156 41.13 4.65 7.46
CA PHE F 156 41.28 5.79 6.55
C PHE F 156 42.04 5.33 5.31
N GLN F 157 41.92 6.15 4.25
CA GLN F 157 42.92 6.26 3.19
C GLN F 157 42.97 7.72 2.79
N GLN F 158 43.82 8.52 3.44
CA GLN F 158 43.71 9.97 3.31
C GLN F 158 44.86 10.61 2.52
N PRO F 159 46.07 10.03 2.43
CA PRO F 159 47.04 10.62 1.49
C PRO F 159 46.79 10.28 0.04
N GLY F 160 45.67 9.64 -0.28
CA GLY F 160 45.48 9.13 -1.62
C GLY F 160 46.15 7.83 -2.01
N GLN F 161 45.53 6.68 -1.71
CA GLN F 161 46.11 5.41 -2.16
C GLN F 161 45.41 4.90 -3.39
N THR F 162 45.58 5.60 -4.53
CA THR F 162 45.06 5.24 -5.86
C THR F 162 43.80 4.38 -5.76
N THR F 163 42.69 5.01 -5.39
CA THR F 163 41.52 4.23 -5.00
C THR F 163 40.58 4.12 -6.20
N GLY F 164 39.67 3.16 -6.14
CA GLY F 164 38.61 3.03 -7.12
C GLY F 164 37.28 2.67 -6.47
N GLU F 165 36.40 2.02 -7.24
CA GLU F 165 35.07 1.67 -6.75
C GLU F 165 35.14 0.61 -5.67
N ALA F 166 36.23 -0.18 -5.66
CA ALA F 166 36.43 -1.28 -4.72
C ALA F 166 36.85 -0.71 -3.37
N PRO F 167 36.73 -1.48 -2.31
CA PRO F 167 36.61 -0.90 -0.96
C PRO F 167 37.96 -0.59 -0.34
N GLY F 168 39.00 -1.07 -1.00
CA GLY F 168 40.37 -0.62 -0.76
C GLY F 168 41.38 -0.84 -1.86
N THR F 169 41.70 0.20 -2.62
CA THR F 169 42.80 0.13 -3.56
C THR F 169 44.08 0.67 -2.91
N VAL F 170 45.20 0.34 -3.53
CA VAL F 170 46.52 0.78 -3.10
C VAL F 170 47.17 1.56 -4.24
N PRO F 171 48.28 2.29 -4.01
CA PRO F 171 48.91 3.03 -5.10
C PRO F 171 49.62 2.13 -6.07
N ALA F 172 49.07 2.01 -7.27
CA ALA F 172 49.47 1.05 -8.31
C ALA F 172 49.41 -0.39 -7.83
N PRO G 1 3.42 16.51 39.79
CA PRO G 1 3.52 15.12 39.32
C PRO G 1 5.02 14.99 39.03
N ILE G 2 5.37 14.08 38.13
CA ILE G 2 6.74 13.87 37.72
C ILE G 2 7.11 14.95 36.71
N MET G 3 8.25 15.59 36.92
CA MET G 3 8.71 16.69 36.08
C MET G 3 9.47 16.16 34.88
N GLY G 4 9.67 17.05 33.89
CA GLY G 4 10.47 16.73 32.72
C GLY G 4 11.92 16.43 33.01
N GLN G 5 12.50 17.08 34.01
CA GLN G 5 13.83 16.78 34.50
C GLN G 5 13.84 15.58 35.44
N ASP G 6 12.69 15.21 35.99
CA ASP G 6 12.60 14.20 37.03
C ASP G 6 12.96 12.79 36.54
N VAL G 7 12.49 12.37 35.38
CA VAL G 7 12.76 11.02 34.88
C VAL G 7 14.00 11.07 34.02
N LYS G 8 15.06 10.38 34.43
CA LYS G 8 16.27 10.32 33.62
C LYS G 8 16.67 8.87 33.37
N TYR G 9 17.42 8.68 32.29
CA TYR G 9 17.63 7.36 31.68
C TYR G 9 19.13 7.06 31.69
N LEU G 10 19.50 5.95 32.30
CA LEU G 10 20.89 5.50 32.27
C LEU G 10 20.97 4.14 31.58
N PHE G 11 22.08 3.88 30.91
CA PHE G 11 22.34 2.60 30.28
C PHE G 11 23.61 1.98 30.84
N GLN G 12 23.58 0.66 30.97
CA GLN G 12 24.79 -0.07 31.32
C GLN G 12 25.05 -1.13 30.25
N SER G 13 26.27 -1.11 29.70
CA SER G 13 26.65 -2.05 28.68
C SER G 13 26.85 -3.45 29.27
N ILE G 14 26.56 -4.47 28.47
CA ILE G 14 26.69 -5.85 28.93
C ILE G 14 28.16 -6.26 29.09
N ASP G 15 29.01 -5.91 28.12
CA ASP G 15 30.38 -6.39 28.11
C ASP G 15 31.26 -5.71 29.14
N ALA G 16 30.90 -4.50 29.58
CA ALA G 16 31.78 -3.77 30.49
C ALA G 16 32.07 -4.58 31.76
N ALA G 17 31.01 -5.15 32.36
CA ALA G 17 31.06 -5.85 33.66
C ALA G 17 31.56 -4.95 34.78
N THR G 18 31.02 -3.72 34.82
CA THR G 18 31.39 -2.74 35.82
C THR G 18 30.21 -2.52 36.76
N GLY G 19 30.48 -1.95 37.93
CA GLY G 19 29.45 -1.72 38.92
C GLY G 19 28.79 -0.35 38.80
N SER G 20 28.62 0.12 37.57
CA SER G 20 28.03 1.44 37.36
C SER G 20 27.64 1.66 35.90
N ALA G 21 26.53 2.37 35.69
CA ALA G 21 25.88 2.61 34.39
C ALA G 21 26.09 4.04 33.90
N PRO G 22 26.79 4.25 32.77
CA PRO G 22 26.96 5.62 32.27
C PRO G 22 25.68 6.19 31.68
N LEU G 23 25.35 7.40 32.06
CA LEU G 23 24.29 8.15 31.39
C LEU G 23 24.90 9.37 30.72
N PHE G 24 24.22 9.85 29.70
CA PHE G 24 24.93 10.83 28.89
C PHE G 24 24.36 12.22 29.12
N PRO G 25 25.19 13.25 29.15
CA PRO G 25 24.67 14.61 29.37
C PRO G 25 24.00 15.18 28.12
N ALA G 26 23.42 16.37 28.31
CA ALA G 26 22.72 17.14 27.28
C ALA G 26 21.64 16.30 26.59
N TYR G 27 20.66 15.88 27.39
CA TYR G 27 19.48 15.20 26.86
C TYR G 27 18.54 16.18 26.17
N GLN G 28 17.93 15.69 25.11
CA GLN G 28 16.97 16.45 24.33
C GLN G 28 15.60 15.94 24.77
N THR G 29 15.31 14.66 24.54
CA THR G 29 14.02 14.11 24.92
C THR G 29 13.96 12.60 24.62
N ASP G 30 13.03 11.96 25.31
CA ASP G 30 13.02 10.52 25.44
C ASP G 30 11.61 10.04 25.19
N GLY G 31 11.45 9.25 24.13
CA GLY G 31 10.21 8.56 23.90
C GLY G 31 10.36 7.07 24.06
N SER G 32 9.59 6.50 24.98
CA SER G 32 9.52 5.06 25.16
C SER G 32 8.08 4.69 24.80
N VAL G 33 7.94 3.79 23.83
CA VAL G 33 6.65 3.44 23.28
C VAL G 33 6.47 1.93 23.38
N SER G 34 5.30 1.51 23.83
CA SER G 34 5.05 0.15 24.26
C SER G 34 3.68 -0.28 23.72
N GLY G 35 3.69 -1.17 22.74
CA GLY G 35 2.45 -1.61 22.13
C GLY G 35 2.04 -3.01 22.55
N GLU G 36 0.85 -3.12 23.13
CA GLU G 36 0.33 -4.41 23.61
C GLU G 36 -0.68 -4.90 22.59
N ARG G 37 -0.29 -5.91 21.82
CA ARG G 37 -1.11 -6.41 20.71
C ARG G 37 -2.32 -7.14 21.25
N GLU G 38 -3.44 -7.00 20.56
CA GLU G 38 -4.75 -7.42 21.06
C GLU G 38 -5.40 -8.34 20.04
N LEU G 39 -6.56 -8.87 20.41
CA LEU G 39 -7.32 -9.80 19.58
C LEU G 39 -7.80 -9.11 18.31
N PHE G 40 -7.71 -9.83 17.20
CA PHE G 40 -8.30 -9.40 15.93
C PHE G 40 -9.75 -9.83 15.81
N ASP G 41 -10.62 -8.88 15.50
CA ASP G 41 -11.91 -9.13 14.85
C ASP G 41 -12.85 -9.77 15.87
N GLU G 42 -13.86 -9.00 16.29
CA GLU G 42 -14.87 -9.51 17.19
C GLU G 42 -15.73 -10.60 16.58
N GLN G 43 -15.97 -10.53 15.26
CA GLN G 43 -16.89 -11.38 14.50
C GLN G 43 -18.35 -11.08 14.83
N THR G 44 -18.61 -9.87 15.33
CA THR G 44 -19.85 -9.45 16.01
C THR G 44 -20.34 -10.54 16.98
N LYS G 45 -19.50 -10.84 17.97
CA LYS G 45 -19.80 -11.89 18.94
C LYS G 45 -19.97 -11.30 20.33
N ASN G 46 -19.24 -11.83 21.32
CA ASN G 46 -19.28 -11.31 22.68
C ASN G 46 -18.04 -10.50 23.04
N GLY G 47 -17.23 -10.12 22.06
CA GLY G 47 -16.02 -9.37 22.31
C GLY G 47 -14.79 -10.22 22.10
N ARG G 48 -14.40 -10.35 20.84
CA ARG G 48 -13.23 -11.16 20.47
C ARG G 48 -12.15 -10.20 20.00
N ILE G 49 -12.23 -8.95 20.45
CA ILE G 49 -11.24 -7.94 20.11
C ILE G 49 -10.66 -7.33 21.38
N LEU G 50 -11.07 -7.85 22.54
CA LEU G 50 -10.53 -7.43 23.82
C LEU G 50 -9.56 -8.45 24.41
N GLY G 51 -8.97 -9.30 23.56
CA GLY G 51 -8.21 -10.44 24.01
C GLY G 51 -6.72 -10.18 24.09
N PRO G 52 -6.01 -11.02 24.84
CA PRO G 52 -4.58 -10.79 25.07
C PRO G 52 -3.71 -11.07 23.86
N GLY G 53 -2.55 -10.44 23.81
CA GLY G 53 -1.62 -10.60 22.71
C GLY G 53 -0.22 -10.25 23.17
N SER G 54 0.71 -10.30 22.23
CA SER G 54 2.10 -9.97 22.54
C SER G 54 2.28 -8.46 22.66
N VAL G 55 3.46 -8.04 23.09
CA VAL G 55 3.79 -6.64 23.31
C VAL G 55 5.01 -6.28 22.48
N ALA G 56 4.90 -5.20 21.71
CA ALA G 56 6.01 -4.66 20.94
C ALA G 56 6.49 -3.41 21.65
N ASP G 57 7.71 -3.44 22.15
CA ASP G 57 8.24 -2.39 23.01
C ASP G 57 9.47 -1.80 22.35
N SER G 58 9.39 -0.52 22.02
CA SER G 58 10.44 0.22 21.35
C SER G 58 10.51 1.63 21.88
N GLY G 59 11.73 2.16 21.92
CA GLY G 59 11.93 3.53 22.34
C GLY G 59 12.97 4.23 21.48
N GLU G 60 12.89 5.56 21.42
CA GLU G 60 13.89 6.37 20.73
C GLU G 60 14.47 7.33 21.75
N VAL G 61 15.73 7.72 21.52
CA VAL G 61 16.44 8.61 22.44
C VAL G 61 17.11 9.70 21.62
N THR G 62 16.82 10.95 21.93
CA THR G 62 17.49 12.05 21.27
C THR G 62 18.36 12.80 22.29
N TYR G 63 19.54 13.21 21.85
CA TYR G 63 20.43 14.02 22.69
C TYR G 63 21.42 14.76 21.79
N TYR G 64 22.15 15.71 22.39
CA TYR G 64 23.21 16.44 21.72
C TYR G 64 24.56 15.82 22.09
N GLY G 65 25.29 15.33 21.10
CA GLY G 65 26.53 14.64 21.35
C GLY G 65 27.66 15.53 21.84
N LYS G 66 28.32 15.12 22.91
CA LYS G 66 29.50 15.81 23.40
C LYS G 66 30.76 15.18 22.79
N ARG G 67 31.82 15.99 22.68
CA ARG G 67 33.03 15.56 21.99
C ARG G 67 33.49 14.16 22.36
N GLY G 68 33.62 13.85 23.64
CA GLY G 68 33.99 12.52 24.09
C GLY G 68 33.56 12.32 25.53
N ASP G 69 32.41 11.64 25.69
CA ASP G 69 31.91 11.14 26.97
C ASP G 69 31.34 9.71 26.81
N ALA G 70 31.34 8.99 27.94
CA ALA G 70 31.35 7.53 28.00
C ALA G 70 30.05 6.80 27.66
N GLY G 71 28.89 7.34 28.05
CA GLY G 71 27.64 6.83 27.53
C GLY G 71 27.52 6.96 26.02
N GLN G 72 27.96 8.09 25.48
CA GLN G 72 28.06 8.22 24.02
C GLN G 72 29.04 7.21 23.44
N LYS G 73 30.23 7.07 24.01
CA LYS G 73 31.12 6.00 23.59
C LYS G 73 30.53 4.63 23.88
N ALA G 74 29.68 4.52 24.90
CA ALA G 74 28.90 3.30 25.08
C ALA G 74 27.92 3.12 23.93
N ILE G 75 27.23 4.20 23.56
CA ILE G 75 26.37 4.17 22.37
C ILE G 75 27.19 3.84 21.13
N GLU G 76 28.38 4.45 21.01
CA GLU G 76 29.20 4.23 19.83
C GLU G 76 29.64 2.77 19.68
N ASP G 77 30.16 2.17 20.75
CA ASP G 77 30.38 0.73 20.74
C ASP G 77 29.07 -0.04 20.63
N ALA G 78 28.00 0.50 21.22
CA ALA G 78 26.70 -0.15 21.05
C ALA G 78 26.35 -0.33 19.58
N TYR G 79 26.28 0.76 18.82
CA TYR G 79 25.84 0.66 17.43
C TYR G 79 26.95 0.16 16.52
N GLN G 80 28.14 0.75 16.64
CA GLN G 80 29.19 0.56 15.64
C GLN G 80 29.88 -0.79 15.79
N ASN G 81 30.03 -1.28 17.03
CA ASN G 81 30.53 -2.63 17.21
C ASN G 81 29.40 -3.65 17.10
N GLY G 82 28.20 -3.27 17.51
CA GLY G 82 27.03 -4.13 17.43
C GLY G 82 26.83 -4.97 18.67
N LYS G 83 26.33 -4.36 19.72
CA LYS G 83 26.07 -4.99 21.01
C LYS G 83 24.71 -4.48 21.50
N GLN G 84 24.06 -5.25 22.35
CA GLN G 84 22.89 -4.80 23.09
C GLN G 84 23.35 -4.12 24.38
N ILE G 85 22.59 -3.14 24.84
CA ILE G 85 22.94 -2.45 26.07
C ILE G 85 21.81 -2.58 27.07
N LYS G 86 22.18 -2.72 28.35
CA LYS G 86 21.22 -2.79 29.43
C LYS G 86 20.62 -1.41 29.65
N PHE G 87 19.31 -1.37 29.83
CA PHE G 87 18.50 -0.16 29.77
C PHE G 87 17.86 0.11 31.12
N TRP G 88 18.16 1.29 31.68
CA TRP G 88 17.67 1.73 32.97
C TRP G 88 17.07 3.12 32.81
N ARG G 89 15.85 3.31 33.31
CA ARG G 89 15.24 4.65 33.36
C ARG G 89 14.70 4.85 34.77
N VAL G 90 15.26 5.82 35.48
CA VAL G 90 14.92 6.00 36.88
C VAL G 90 14.45 7.43 37.10
N ASP G 91 13.88 7.65 38.28
CA ASP G 91 13.38 8.96 38.66
C ASP G 91 14.28 9.59 39.72
N THR G 92 14.53 10.88 39.55
CA THR G 92 15.42 11.64 40.42
C THR G 92 14.85 11.84 41.82
N VAL G 93 13.52 11.89 41.95
CA VAL G 93 12.90 12.02 43.26
C VAL G 93 13.16 10.75 44.08
N LYS G 94 13.60 10.96 45.31
CA LYS G 94 14.00 9.84 46.17
C LYS G 94 12.82 8.93 46.45
N ASN G 95 13.03 7.63 46.30
CA ASN G 95 12.04 6.65 46.70
C ASN G 95 12.01 6.52 48.23
N GLU G 96 10.80 6.41 48.77
CA GLU G 96 10.61 6.34 50.20
C GLU G 96 10.84 4.96 50.80
N ASN G 97 10.73 3.89 50.01
CA ASN G 97 11.17 2.59 50.48
C ASN G 97 12.15 1.95 49.50
N ASP G 98 12.84 2.77 48.72
CA ASP G 98 13.97 2.32 47.94
C ASP G 98 14.89 3.52 47.71
N LYS G 99 16.08 3.26 47.17
CA LYS G 99 16.97 4.32 46.75
C LYS G 99 16.27 5.25 45.75
N TYR G 100 15.88 4.70 44.61
CA TYR G 100 15.19 5.41 43.56
C TYR G 100 14.17 4.45 42.95
N ASP G 101 13.45 4.92 41.94
CA ASP G 101 12.49 4.07 41.25
C ASP G 101 12.81 4.05 39.76
N ALA G 102 12.69 2.87 39.17
CA ALA G 102 13.28 2.60 37.87
C ALA G 102 12.32 1.79 37.01
N GLN G 103 12.55 1.83 35.71
CA GLN G 103 12.11 0.80 34.78
C GLN G 103 13.35 0.32 34.04
N PHE G 104 13.44 -0.99 33.82
CA PHE G 104 14.67 -1.66 33.45
C PHE G 104 14.44 -2.59 32.27
N GLY G 105 15.46 -2.75 31.43
CA GLY G 105 15.38 -3.77 30.40
C GLY G 105 16.72 -4.02 29.75
N PHE G 106 16.72 -4.92 28.78
CA PHE G 106 17.84 -5.10 27.87
C PHE G 106 17.41 -4.58 26.51
N ALA G 107 18.25 -3.73 25.91
CA ALA G 107 17.88 -3.00 24.72
C ALA G 107 18.95 -3.10 23.65
N TYR G 108 18.54 -2.79 22.43
CA TYR G 108 19.38 -2.95 21.24
C TYR G 108 19.38 -1.63 20.48
N ILE G 109 20.35 -1.45 19.58
CA ILE G 109 20.43 -0.23 18.79
C ILE G 109 19.79 -0.47 17.44
N GLU G 110 18.47 -0.26 17.36
CA GLU G 110 17.77 -0.41 16.09
C GLU G 110 18.21 0.59 15.03
N SER G 111 18.38 1.85 15.37
CA SER G 111 18.91 2.83 14.42
C SER G 111 19.54 3.98 15.18
N ARG G 112 20.42 4.70 14.50
CA ARG G 112 21.08 5.89 15.03
C ARG G 112 21.01 6.91 13.90
N GLU G 113 20.89 8.17 14.28
CA GLU G 113 20.76 9.30 13.36
C GLU G 113 21.67 10.39 13.86
N TYR G 114 22.47 10.98 12.96
CA TYR G 114 23.33 12.09 13.32
C TYR G 114 23.08 13.28 12.42
N SER G 115 22.67 14.37 13.04
CA SER G 115 22.43 15.63 12.35
C SER G 115 23.51 16.64 12.72
N ASP G 116 24.09 17.23 11.70
CA ASP G 116 24.96 18.40 11.79
C ASP G 116 24.24 19.53 11.06
N GLY G 117 23.96 20.62 11.78
CA GLY G 117 23.38 21.80 11.18
C GLY G 117 24.29 23.00 11.33
N VAL G 118 24.03 24.02 10.52
CA VAL G 118 24.77 25.28 10.59
C VAL G 118 24.41 26.06 11.85
N GLU G 119 23.15 25.95 12.30
CA GLU G 119 22.79 26.47 13.61
C GLU G 119 22.82 25.42 14.69
N GLY G 120 23.01 25.82 15.94
CA GLY G 120 22.77 24.92 17.05
C GLY G 120 23.97 24.00 17.20
N ALA G 121 23.74 22.80 17.72
CA ALA G 121 24.82 21.85 17.95
C ALA G 121 24.41 20.44 17.55
N VAL G 122 25.42 19.58 17.37
CA VAL G 122 25.22 18.25 16.80
C VAL G 122 24.12 17.52 17.56
N GLU G 123 23.22 16.88 16.84
CA GLU G 123 22.09 16.21 17.47
C GLU G 123 22.02 14.76 17.03
N ILE G 124 21.95 13.85 18.00
CA ILE G 124 21.88 12.43 17.72
C ILE G 124 20.50 11.92 18.06
N SER G 125 19.88 11.26 17.09
CA SER G 125 18.65 10.50 17.31
C SER G 125 19.00 9.02 17.25
N ILE G 126 18.83 8.32 18.37
CA ILE G 126 19.07 6.89 18.42
C ILE G 126 17.75 6.19 18.75
N SER G 127 17.41 5.20 17.94
CA SER G 127 16.18 4.44 18.08
C SER G 127 16.50 2.99 18.41
N LEU G 128 15.71 2.41 19.30
CA LEU G 128 15.97 1.08 19.84
C LEU G 128 14.65 0.35 20.07
N GLN G 129 14.68 -0.96 19.90
CA GLN G 129 13.59 -1.82 20.33
C GLN G 129 14.03 -2.50 21.61
N VAL G 130 13.07 -3.02 22.37
CA VAL G 130 13.40 -3.78 23.57
C VAL G 130 12.46 -4.97 23.65
N ILE G 131 12.87 -5.99 24.40
CA ILE G 131 12.11 -7.24 24.43
C ILE G 131 11.26 -7.31 25.69
N GLY G 132 10.90 -6.16 26.24
CA GLY G 132 10.06 -6.12 27.40
C GLY G 132 10.72 -5.39 28.54
N GLU G 133 10.44 -4.09 28.66
CA GLU G 133 10.92 -3.31 29.80
C GLU G 133 10.02 -3.51 31.01
N LEU G 134 10.65 -3.68 32.16
CA LEU G 134 9.92 -3.98 33.38
C LEU G 134 10.17 -2.84 34.37
N LYS G 135 9.23 -2.67 35.30
CA LYS G 135 9.31 -1.59 36.28
C LYS G 135 9.82 -2.16 37.60
N ASN G 136 10.68 -1.42 38.29
CA ASN G 136 11.19 -1.81 39.59
C ASN G 136 11.60 -0.57 40.37
N GLY G 137 12.27 -0.78 41.50
CA GLY G 137 12.89 0.33 42.19
C GLY G 137 14.37 0.40 41.91
N GLU G 138 14.87 1.63 41.77
CA GLU G 138 16.26 1.85 41.38
C GLU G 138 17.14 1.78 42.61
N ILE G 139 18.18 0.95 42.54
CA ILE G 139 19.06 0.73 43.68
C ILE G 139 20.22 1.70 43.66
N ASP G 140 20.85 1.88 42.50
CA ASP G 140 22.03 2.74 42.42
C ASP G 140 21.63 4.19 42.20
N THR G 141 21.84 5.01 43.22
CA THR G 141 21.61 6.44 43.12
C THR G 141 22.52 7.11 42.10
N LEU G 142 23.81 6.77 42.09
CA LEU G 142 24.88 7.38 41.29
C LEU G 142 24.88 8.89 41.53
N PRO G 143 25.17 9.33 42.77
CA PRO G 143 24.77 10.68 43.21
C PRO G 143 25.52 11.83 42.54
N GLU G 144 26.50 11.46 41.72
CA GLU G 144 27.21 12.40 40.86
C GLU G 144 26.27 13.04 39.85
N GLU G 145 25.32 12.28 39.32
CA GLU G 145 24.46 12.75 38.24
C GLU G 145 23.00 12.92 38.65
N ILE G 146 22.29 11.85 38.97
CA ILE G 146 20.89 11.93 39.38
C ILE G 146 20.72 12.79 40.62
N VAL G 147 21.47 12.49 41.67
CA VAL G 147 21.32 13.19 42.94
C VAL G 147 21.82 14.62 42.74
N ASN G 148 23.01 14.74 42.14
CA ASN G 148 23.65 16.04 41.95
C ASN G 148 23.58 16.49 40.49
N VAL G 149 22.73 17.47 40.19
CA VAL G 149 22.75 18.07 38.86
C VAL G 149 22.79 19.59 39.02
N SER G 150 23.99 20.15 38.94
CA SER G 150 24.18 21.56 39.25
C SER G 150 24.14 22.45 38.01
N LYS G 151 23.89 23.74 38.16
CA LYS G 151 23.95 24.65 37.02
C LYS G 151 25.37 25.06 36.63
N GLY G 152 26.40 24.58 37.31
CA GLY G 152 27.76 24.97 37.03
C GLY G 152 28.22 26.15 37.86
N GLY G 153 27.33 26.71 38.67
CA GLY G 153 27.62 27.88 39.46
C GLY G 153 28.42 27.52 40.71
N TYR G 154 29.39 28.38 41.01
CA TYR G 154 30.24 28.26 42.18
C TYR G 154 30.44 29.65 42.80
N ASP G 155 30.66 29.68 44.13
CA ASP G 155 30.40 30.89 44.90
C ASP G 155 31.17 32.13 44.46
N PHE G 156 32.51 32.05 44.39
CA PHE G 156 33.43 33.00 43.75
C PHE G 156 34.61 32.24 43.16
N GLN G 157 35.32 32.92 42.25
CA GLN G 157 36.72 32.66 41.97
C GLN G 157 37.35 34.01 41.69
N GLN G 158 37.86 34.69 42.73
CA GLN G 158 38.22 36.11 42.59
C GLN G 158 39.72 36.37 42.62
N PRO G 159 40.59 35.53 43.23
CA PRO G 159 42.03 35.78 43.04
C PRO G 159 42.56 35.31 41.69
N GLY G 160 41.69 34.89 40.78
CA GLY G 160 42.17 34.28 39.56
C GLY G 160 42.58 32.82 39.60
N GLN G 161 41.65 31.88 39.46
CA GLN G 161 42.04 30.47 39.41
C GLN G 161 42.04 29.97 37.97
N THR G 162 42.99 30.46 37.17
CA THR G 162 43.23 30.06 35.77
C THR G 162 41.97 29.51 35.11
N THR G 163 41.04 30.40 34.79
CA THR G 163 39.72 29.97 34.41
C THR G 163 39.62 29.92 32.89
N GLY G 164 38.62 29.19 32.40
CA GLY G 164 38.29 29.18 30.98
C GLY G 164 36.80 29.19 30.73
N GLU G 165 36.38 28.67 29.58
CA GLU G 165 34.96 28.68 29.22
C GLU G 165 34.15 27.77 30.12
N ALA G 166 34.79 26.77 30.73
CA ALA G 166 34.15 25.79 31.59
C ALA G 166 33.87 26.42 32.94
N PRO G 167 32.97 25.84 33.73
CA PRO G 167 32.28 26.60 34.77
C PRO G 167 33.07 26.68 36.07
N GLY G 168 34.15 25.90 36.11
CA GLY G 168 35.19 26.07 37.11
C GLY G 168 36.55 25.50 36.78
N THR G 169 37.50 26.34 36.37
CA THR G 169 38.87 25.90 36.24
C THR G 169 39.65 26.23 37.51
N VAL G 170 40.80 25.59 37.64
CA VAL G 170 41.71 25.77 38.77
C VAL G 170 43.05 26.24 38.23
N PRO G 171 43.98 26.73 39.07
CA PRO G 171 45.28 27.18 38.55
C PRO G 171 46.16 26.02 38.15
N ALA G 172 46.37 25.87 36.84
CA ALA G 172 47.04 24.73 36.21
C ALA G 172 46.34 23.41 36.53
N PRO H 1 -23.46 23.97 27.23
CA PRO H 1 -23.55 22.54 26.90
C PRO H 1 -22.62 21.91 27.93
N ILE H 2 -22.05 20.75 27.61
CA ILE H 2 -21.12 20.05 28.48
C ILE H 2 -19.76 20.71 28.32
N MET H 3 -19.11 21.01 29.44
CA MET H 3 -17.82 21.70 29.46
C MET H 3 -16.69 20.70 29.34
N GLY H 4 -15.50 21.22 29.04
CA GLY H 4 -14.29 20.40 28.98
C GLY H 4 -13.90 19.78 30.31
N GLN H 5 -14.16 20.46 31.42
CA GLN H 5 -13.99 19.91 32.75
C GLN H 5 -15.16 19.02 33.15
N ASP H 6 -16.30 19.15 32.49
CA ASP H 6 -17.53 18.48 32.90
C ASP H 6 -17.48 16.97 32.77
N VAL H 7 -16.95 16.42 31.68
CA VAL H 7 -16.92 14.98 31.46
C VAL H 7 -15.58 14.46 31.98
N LYS H 8 -15.64 13.61 33.02
CA LYS H 8 -14.42 13.01 33.54
C LYS H 8 -14.55 11.49 33.56
N TYR H 9 -13.39 10.83 33.53
CA TYR H 9 -13.28 9.41 33.22
C TYR H 9 -12.65 8.69 34.40
N LEU H 10 -13.35 7.70 34.95
CA LEU H 10 -12.80 6.87 36.01
C LEU H 10 -12.70 5.43 35.53
N PHE H 11 -11.71 4.70 36.04
CA PHE H 11 -11.55 3.29 35.74
C PHE H 11 -11.59 2.48 37.03
N GLN H 12 -12.19 1.29 36.94
CA GLN H 12 -12.12 0.35 38.04
C GLN H 12 -11.53 -0.96 37.54
N SER H 13 -10.48 -1.43 38.21
CA SER H 13 -9.82 -2.67 37.85
C SER H 13 -10.70 -3.87 38.19
N ILE H 14 -10.58 -4.93 37.39
CA ILE H 14 -11.37 -6.12 37.61
C ILE H 14 -10.92 -6.89 38.84
N ASP H 15 -9.61 -7.05 39.04
CA ASP H 15 -9.08 -7.90 40.09
C ASP H 15 -9.21 -7.28 41.47
N ALA H 16 -9.29 -5.96 41.57
CA ALA H 16 -9.31 -5.31 42.88
C ALA H 16 -10.45 -5.83 43.74
N ALA H 17 -11.66 -5.92 43.16
CA ALA H 17 -12.91 -6.26 43.85
C ALA H 17 -13.22 -5.30 45.00
N THR H 18 -13.08 -4.00 44.73
CA THR H 18 -13.32 -2.95 45.70
C THR H 18 -14.57 -2.18 45.29
N GLY H 19 -15.15 -1.46 46.25
CA GLY H 19 -16.36 -0.69 45.99
C GLY H 19 -16.10 0.73 45.54
N SER H 20 -15.05 0.92 44.74
CA SER H 20 -14.69 2.27 44.29
C SER H 20 -13.66 2.23 43.17
N ALA H 21 -13.80 3.16 42.21
CA ALA H 21 -13.02 3.25 40.97
C ALA H 21 -12.01 4.40 41.00
N PRO H 22 -10.69 4.12 40.97
CA PRO H 22 -9.71 5.21 40.97
C PRO H 22 -9.69 5.97 39.66
N LEU H 23 -9.71 7.29 39.73
CA LEU H 23 -9.44 8.12 38.57
C LEU H 23 -8.17 8.92 38.81
N PHE H 24 -7.52 9.31 37.73
CA PHE H 24 -6.18 9.81 37.95
C PHE H 24 -6.15 11.32 37.78
N PRO H 25 -5.38 12.05 38.58
CA PRO H 25 -5.32 13.51 38.43
C PRO H 25 -4.47 13.93 37.23
N ALA H 26 -4.47 15.24 36.99
CA ALA H 26 -3.73 15.91 35.91
C ALA H 26 -4.04 15.28 34.56
N TYR H 27 -5.32 15.38 34.16
CA TYR H 27 -5.73 14.95 32.84
C TYR H 27 -5.30 15.97 31.78
N GLN H 28 -4.95 15.44 30.61
CA GLN H 28 -4.54 16.24 29.48
C GLN H 28 -5.76 16.27 28.56
N THR H 29 -6.18 15.11 28.05
CA THR H 29 -7.33 15.07 27.15
C THR H 29 -7.68 13.62 26.78
N ASP H 30 -8.91 13.46 26.35
CA ASP H 30 -9.55 12.16 26.25
C ASP H 30 -10.22 12.07 24.89
N GLY H 31 -9.76 11.12 24.09
CA GLY H 31 -10.45 10.80 22.87
C GLY H 31 -11.04 9.41 22.92
N SER H 32 -12.35 9.33 22.76
CA SER H 32 -13.05 8.05 22.64
C SER H 32 -13.62 8.04 21.23
N VAL H 33 -13.25 7.02 20.47
CA VAL H 33 -13.60 6.95 19.05
C VAL H 33 -14.31 5.62 18.81
N SER H 34 -15.41 5.69 18.07
CA SER H 34 -16.38 4.59 17.96
C SER H 34 -16.78 4.47 16.49
N GLY H 35 -16.33 3.40 15.84
CA GLY H 35 -16.63 3.22 14.44
C GLY H 35 -17.67 2.14 14.19
N GLU H 36 -18.77 2.52 13.54
CA GLU H 36 -19.87 1.61 13.25
C GLU H 36 -19.75 1.19 11.79
N ARG H 37 -19.31 -0.05 11.56
CA ARG H 37 -19.03 -0.53 10.22
C ARG H 37 -20.33 -0.73 9.44
N GLU H 38 -20.30 -0.44 8.15
CA GLU H 38 -21.50 -0.31 7.33
C GLU H 38 -21.36 -1.24 6.12
N LEU H 39 -22.42 -1.30 5.33
CA LEU H 39 -22.48 -2.14 4.14
C LEU H 39 -21.48 -1.65 3.09
N PHE H 40 -20.82 -2.63 2.45
CA PHE H 40 -19.96 -2.36 1.30
C PHE H 40 -20.75 -2.37 0.01
N ASP H 41 -20.60 -1.31 -0.78
CA ASP H 41 -20.81 -1.33 -2.22
C ASP H 41 -22.32 -1.39 -2.48
N GLU H 42 -22.87 -0.28 -2.98
CA GLU H 42 -24.28 -0.24 -3.36
C GLU H 42 -24.62 -1.16 -4.51
N GLN H 43 -23.68 -1.33 -5.46
CA GLN H 43 -23.85 -2.05 -6.73
C GLN H 43 -24.74 -1.26 -7.70
N THR H 44 -24.81 0.06 -7.49
CA THR H 44 -25.82 0.97 -8.07
C THR H 44 -27.22 0.34 -8.04
N LYS H 45 -27.69 0.06 -6.83
CA LYS H 45 -28.99 -0.59 -6.63
C LYS H 45 -29.95 0.34 -5.91
N ASN H 46 -30.55 -0.12 -4.81
CA ASN H 46 -31.45 0.70 -4.01
C ASN H 46 -30.82 1.17 -2.71
N GLY H 47 -29.51 1.06 -2.57
CA GLY H 47 -28.83 1.46 -1.35
C GLY H 47 -28.35 0.26 -0.56
N ARG H 48 -27.21 -0.29 -0.98
CA ARG H 48 -26.64 -1.46 -0.32
C ARG H 48 -25.38 -1.00 0.40
N ILE H 49 -25.32 0.29 0.71
CA ILE H 49 -24.19 0.86 1.45
C ILE H 49 -24.68 1.55 2.71
N LEU H 50 -25.99 1.47 2.98
CA LEU H 50 -26.56 2.02 4.19
C LEU H 50 -26.90 0.94 5.20
N GLY H 51 -26.27 -0.23 5.11
CA GLY H 51 -26.64 -1.40 5.86
C GLY H 51 -25.87 -1.57 7.15
N PRO H 52 -26.41 -2.38 8.07
CA PRO H 52 -25.78 -2.52 9.38
C PRO H 52 -24.50 -3.33 9.37
N GLY H 53 -23.65 -3.10 10.36
CA GLY H 53 -22.39 -3.79 10.48
C GLY H 53 -21.92 -3.75 11.92
N SER H 54 -20.73 -4.30 12.14
CA SER H 54 -20.16 -4.32 13.48
C SER H 54 -19.61 -2.95 13.85
N VAL H 55 -19.22 -2.81 15.11
CA VAL H 55 -18.71 -1.55 15.64
C VAL H 55 -17.31 -1.77 16.21
N ALA H 56 -16.38 -0.92 15.80
CA ALA H 56 -15.02 -0.93 16.33
C ALA H 56 -14.89 0.26 17.26
N ASP H 57 -14.68 -0.01 18.54
CA ASP H 57 -14.71 1.02 19.57
C ASP H 57 -13.35 1.04 20.27
N SER H 58 -12.67 2.18 20.15
CA SER H 58 -11.35 2.39 20.70
C SER H 58 -11.23 3.82 21.22
N GLY H 59 -10.45 3.96 22.29
CA GLY H 59 -10.18 5.26 22.84
C GLY H 59 -8.73 5.41 23.26
N GLU H 60 -8.24 6.64 23.33
CA GLU H 60 -6.91 6.93 23.83
C GLU H 60 -7.06 7.90 24.99
N VAL H 61 -6.12 7.83 25.93
CA VAL H 61 -6.16 8.67 27.12
C VAL H 61 -4.79 9.28 27.32
N THR H 62 -4.72 10.60 27.40
CA THR H 62 -3.47 11.28 27.69
C THR H 62 -3.57 11.95 29.05
N TYR H 63 -2.48 11.89 29.81
CA TYR H 63 -2.40 12.58 31.11
C TYR H 63 -0.94 12.76 31.49
N TYR H 64 -0.70 13.57 32.52
CA TYR H 64 0.64 13.77 33.09
C TYR H 64 0.79 12.90 34.32
N GLY H 65 1.75 11.99 34.30
CA GLY H 65 1.93 11.05 35.39
C GLY H 65 2.43 11.66 36.69
N LYS H 66 1.77 11.34 37.79
CA LYS H 66 2.23 11.77 39.10
C LYS H 66 3.10 10.68 39.71
N ARG H 67 4.01 11.08 40.60
CA ARG H 67 5.02 10.16 41.14
C ARG H 67 4.45 8.83 41.58
N GLY H 68 3.38 8.82 42.38
CA GLY H 68 2.73 7.59 42.79
C GLY H 68 1.32 7.87 43.24
N ASP H 69 0.37 7.62 42.33
CA ASP H 69 -1.08 7.60 42.58
C ASP H 69 -1.74 6.40 41.88
N ALA H 70 -2.89 6.01 42.44
CA ALA H 70 -3.46 4.67 42.33
C ALA H 70 -4.11 4.29 40.99
N GLY H 71 -4.80 5.22 40.32
CA GLY H 71 -5.22 4.99 38.95
C GLY H 71 -4.04 4.78 38.01
N GLN H 72 -2.97 5.57 38.19
CA GLN H 72 -1.74 5.31 37.46
C GLN H 72 -1.15 3.95 37.81
N LYS H 73 -1.05 3.61 39.10
CA LYS H 73 -0.67 2.26 39.47
C LYS H 73 -1.69 1.24 39.00
N ALA H 74 -2.96 1.63 38.87
CA ALA H 74 -3.92 0.77 38.21
C ALA H 74 -3.59 0.60 36.74
N ILE H 75 -3.24 1.72 36.07
CA ILE H 75 -2.75 1.65 34.70
C ILE H 75 -1.47 0.81 34.63
N GLU H 76 -0.57 1.00 35.59
CA GLU H 76 0.69 0.27 35.57
C GLU H 76 0.49 -1.23 35.69
N ASP H 77 -0.31 -1.69 36.66
CA ASP H 77 -0.71 -3.10 36.68
C ASP H 77 -1.56 -3.45 35.47
N ALA H 78 -2.37 -2.50 34.98
CA ALA H 78 -3.11 -2.75 33.75
C ALA H 78 -2.20 -3.18 32.62
N TYR H 79 -1.24 -2.33 32.24
CA TYR H 79 -0.41 -2.63 31.09
C TYR H 79 0.69 -3.64 31.41
N GLN H 80 1.41 -3.41 32.51
CA GLN H 80 2.64 -4.13 32.79
C GLN H 80 2.38 -5.55 33.28
N ASN H 81 1.31 -5.74 34.06
CA ASN H 81 0.91 -7.10 34.42
C ASN H 81 0.08 -7.74 33.33
N GLY H 82 -0.72 -6.93 32.63
CA GLY H 82 -1.55 -7.42 31.53
C GLY H 82 -2.93 -7.85 31.99
N LYS H 83 -3.78 -6.86 32.25
CA LYS H 83 -5.16 -7.06 32.69
C LYS H 83 -6.03 -6.09 31.92
N GLN H 84 -7.31 -6.39 31.80
CA GLN H 84 -8.31 -5.46 31.30
C GLN H 84 -8.85 -4.66 32.49
N ILE H 85 -9.23 -3.42 32.23
CA ILE H 85 -9.77 -2.57 33.30
C ILE H 85 -11.18 -2.13 32.93
N LYS H 86 -12.04 -2.06 33.94
CA LYS H 86 -13.40 -1.58 33.77
C LYS H 86 -13.37 -0.07 33.56
N PHE H 87 -14.16 0.38 32.59
CA PHE H 87 -14.08 1.73 32.02
C PHE H 87 -15.36 2.49 32.30
N TRP H 88 -15.22 3.63 32.99
CA TRP H 88 -16.32 4.49 33.38
C TRP H 88 -15.99 5.91 32.94
N ARG H 89 -16.93 6.57 32.25
CA ARG H 89 -16.79 7.99 31.93
C ARG H 89 -18.09 8.68 32.31
N VAL H 90 -18.02 9.59 33.27
CA VAL H 90 -19.23 10.19 33.82
C VAL H 90 -19.12 11.70 33.71
N ASP H 91 -20.25 12.35 33.94
CA ASP H 91 -20.31 13.81 33.90
C ASP H 91 -20.47 14.37 35.31
N THR H 92 -19.75 15.47 35.55
CA THR H 92 -19.71 16.12 36.86
C THR H 92 -21.03 16.81 37.20
N VAL H 93 -21.77 17.27 36.20
CA VAL H 93 -23.07 17.89 36.45
C VAL H 93 -24.04 16.84 37.00
N LYS H 94 -24.73 17.20 38.07
CA LYS H 94 -25.60 16.26 38.77
C LYS H 94 -26.73 15.83 37.87
N ASN H 95 -26.99 14.53 37.81
CA ASN H 95 -28.16 14.00 37.13
C ASN H 95 -29.41 14.27 37.95
N GLU H 96 -30.48 14.63 37.26
CA GLU H 96 -31.74 14.97 37.93
C GLU H 96 -32.59 13.78 38.30
N ASN H 97 -32.41 12.63 37.64
CA ASN H 97 -33.03 11.41 38.13
C ASN H 97 -32.01 10.30 38.30
N ASP H 98 -30.75 10.67 38.51
CA ASP H 98 -29.72 9.74 38.93
C ASP H 98 -28.65 10.52 39.69
N LYS H 99 -27.73 9.80 40.32
CA LYS H 99 -26.56 10.43 40.92
C LYS H 99 -25.80 11.24 39.89
N TYR H 100 -25.29 10.57 38.86
CA TYR H 100 -24.55 11.18 37.77
C TYR H 100 -24.92 10.44 36.49
N ASP H 101 -24.33 10.84 35.38
CA ASP H 101 -24.57 10.16 34.11
C ASP H 101 -23.24 9.69 33.52
N ALA H 102 -23.29 8.50 32.96
CA ALA H 102 -22.05 7.76 32.68
C ALA H 102 -22.16 7.08 31.32
N GLN H 103 -21.00 6.74 30.77
CA GLN H 103 -20.86 5.68 29.77
C GLN H 103 -19.83 4.70 30.30
N PHE H 104 -20.10 3.42 30.11
CA PHE H 104 -19.42 2.35 30.84
C PHE H 104 -18.96 1.26 29.87
N GLY H 105 -17.85 0.61 30.21
CA GLY H 105 -17.45 -0.55 29.46
C GLY H 105 -16.36 -1.34 30.16
N PHE H 106 -15.92 -2.40 29.50
CA PHE H 106 -14.71 -3.12 29.87
C PHE H 106 -13.66 -2.85 28.81
N ALA H 107 -12.47 -2.44 29.24
CA ALA H 107 -11.45 -1.94 28.33
C ALA H 107 -10.10 -2.61 28.60
N TYR H 108 -9.23 -2.50 27.60
CA TYR H 108 -7.95 -3.17 27.60
C TYR H 108 -6.87 -2.13 27.30
N ILE H 109 -5.62 -2.47 27.60
CA ILE H 109 -4.51 -1.55 27.35
C ILE H 109 -3.86 -1.91 26.02
N GLU H 110 -4.37 -1.35 24.93
CA GLU H 110 -3.78 -1.59 23.63
C GLU H 110 -2.36 -1.06 23.48
N SER H 111 -2.09 0.15 23.96
CA SER H 111 -0.72 0.66 23.95
C SER H 111 -0.59 1.73 25.03
N ARG H 112 0.65 1.98 25.44
CA ARG H 112 1.00 3.02 26.40
C ARG H 112 2.22 3.71 25.81
N GLU H 113 2.31 5.01 26.07
CA GLU H 113 3.37 5.85 25.56
C GLU H 113 3.84 6.72 26.71
N TYR H 114 5.15 6.82 26.90
CA TYR H 114 5.71 7.68 27.93
C TYR H 114 6.74 8.64 27.35
N SER H 115 6.43 9.93 27.49
CA SER H 115 7.31 10.99 27.03
C SER H 115 7.92 11.70 28.23
N ASP H 116 9.25 11.84 28.19
CA ASP H 116 10.01 12.69 29.08
C ASP H 116 10.64 13.76 28.20
N GLY H 117 10.33 15.01 28.49
CA GLY H 117 10.95 16.14 27.81
C GLY H 117 11.71 17.02 28.76
N VAL H 118 12.60 17.85 28.20
CA VAL H 118 13.36 18.82 28.98
C VAL H 118 12.48 19.95 29.47
N GLU H 119 11.45 20.32 28.70
CA GLU H 119 10.44 21.22 29.20
C GLU H 119 9.21 20.50 29.73
N GLY H 120 8.47 21.12 30.65
CA GLY H 120 7.16 20.62 30.99
C GLY H 120 7.31 19.46 31.95
N ALA H 121 6.35 18.53 31.92
CA ALA H 121 6.36 17.41 32.84
C ALA H 121 5.96 16.12 32.12
N VAL H 122 6.30 14.99 32.75
CA VAL H 122 6.16 13.69 32.11
C VAL H 122 4.74 13.51 31.58
N GLU H 123 4.63 13.00 30.37
CA GLU H 123 3.32 12.86 29.73
C GLU H 123 3.11 11.43 29.26
N ILE H 124 1.99 10.85 29.65
CA ILE H 124 1.66 9.48 29.29
C ILE H 124 0.52 9.50 28.30
N SER H 125 0.72 8.83 27.17
CA SER H 125 -0.34 8.54 26.21
C SER H 125 -0.66 7.05 26.30
N ILE H 126 -1.87 6.73 26.72
CA ILE H 126 -2.32 5.34 26.79
C ILE H 126 -3.48 5.16 25.84
N SER H 127 -3.37 4.15 24.99
CA SER H 127 -4.39 3.84 23.98
C SER H 127 -5.00 2.48 24.28
N LEU H 128 -6.32 2.39 24.08
CA LEU H 128 -7.09 1.22 24.44
C LEU H 128 -8.19 0.98 23.42
N GLN H 129 -8.52 -0.29 23.20
CA GLN H 129 -9.71 -0.67 22.47
C GLN H 129 -10.75 -1.11 23.49
N VAL H 130 -12.02 -1.13 23.09
CA VAL H 130 -13.06 -1.63 23.96
C VAL H 130 -14.03 -2.44 23.10
N ILE H 131 -14.79 -3.33 23.75
CA ILE H 131 -15.64 -4.25 23.02
C ILE H 131 -17.09 -3.77 23.03
N GLY H 132 -17.28 -2.47 23.17
CA GLY H 132 -18.60 -1.90 23.15
C GLY H 132 -18.91 -1.14 24.43
N GLU H 133 -18.66 0.16 24.40
CA GLU H 133 -19.03 1.01 25.53
C GLU H 133 -20.51 1.40 25.44
N LEU H 134 -21.16 1.34 26.60
CA LEU H 134 -22.60 1.57 26.68
C LEU H 134 -22.84 2.78 27.56
N LYS H 135 -23.97 3.44 27.34
CA LYS H 135 -24.31 4.65 28.08
C LYS H 135 -25.30 4.30 29.18
N ASN H 136 -25.14 4.91 30.36
CA ASN H 136 -26.06 4.70 31.47
C ASN H 136 -26.01 5.92 32.38
N GLY H 137 -26.63 5.80 33.55
CA GLY H 137 -26.47 6.82 34.57
C GLY H 137 -25.48 6.38 35.62
N GLU H 138 -24.67 7.34 36.08
CA GLU H 138 -23.60 7.04 37.01
C GLU H 138 -24.15 7.02 38.43
N ILE H 139 -23.87 5.93 39.14
CA ILE H 139 -24.42 5.75 40.49
C ILE H 139 -23.46 6.30 41.53
N ASP H 140 -22.17 6.00 41.40
CA ASP H 140 -21.21 6.43 42.41
C ASP H 140 -20.71 7.84 42.11
N THR H 141 -21.11 8.79 42.96
CA THR H 141 -20.62 10.16 42.87
C THR H 141 -19.12 10.26 43.10
N LEU H 142 -18.59 9.56 44.12
CA LEU H 142 -17.21 9.63 44.59
C LEU H 142 -16.85 11.08 44.90
N PRO H 143 -17.52 11.72 45.88
CA PRO H 143 -17.58 13.18 45.96
C PRO H 143 -16.25 13.86 46.30
N GLU H 144 -15.26 13.05 46.61
CA GLU H 144 -13.89 13.49 46.79
C GLU H 144 -13.32 14.12 45.52
N GLU H 145 -13.66 13.56 44.36
CA GLU H 145 -13.08 13.99 43.10
C GLU H 145 -14.05 14.67 42.17
N ILE H 146 -15.06 13.97 41.65
CA ILE H 146 -16.05 14.53 40.75
C ILE H 146 -16.80 15.69 41.40
N VAL H 147 -17.36 15.44 42.58
CA VAL H 147 -18.18 16.45 43.26
C VAL H 147 -17.25 17.56 43.71
N ASN H 148 -16.14 17.19 44.36
CA ASN H 148 -15.20 18.17 44.90
C ASN H 148 -13.93 18.25 44.06
N VAL H 149 -13.76 19.32 43.30
CA VAL H 149 -12.49 19.55 42.63
C VAL H 149 -12.05 20.99 42.92
N SER H 150 -11.17 21.15 43.91
CA SER H 150 -10.81 22.47 44.40
C SER H 150 -9.53 23.00 43.76
N LYS H 151 -9.31 24.30 43.78
CA LYS H 151 -8.06 24.86 43.28
C LYS H 151 -6.89 24.72 44.25
N GLY H 152 -7.08 24.14 45.43
CA GLY H 152 -6.04 24.05 46.42
C GLY H 152 -6.03 25.20 47.40
N GLY H 153 -6.91 26.17 47.18
CA GLY H 153 -6.97 27.37 48.00
C GLY H 153 -7.67 27.10 49.33
N TYR H 154 -7.13 27.69 50.39
CA TYR H 154 -7.65 27.61 51.74
C TYR H 154 -7.53 28.99 52.39
N ASP H 155 -8.45 29.28 53.33
CA ASP H 155 -8.75 30.66 53.70
C ASP H 155 -7.58 31.48 54.20
N PHE H 156 -6.88 30.99 55.24
CA PHE H 156 -5.57 31.45 55.73
C PHE H 156 -4.79 30.26 56.28
N GLN H 157 -3.48 30.47 56.41
CA GLN H 157 -2.64 29.74 57.37
C GLN H 157 -1.61 30.75 57.87
N GLN H 158 -1.94 31.47 58.95
CA GLN H 158 -1.14 32.64 59.32
C GLN H 158 -0.31 32.46 60.59
N PRO H 159 -0.65 31.58 61.56
CA PRO H 159 0.30 31.35 62.65
C PRO H 159 1.45 30.43 62.26
N GLY H 160 1.58 30.07 60.99
CA GLY H 160 2.56 29.07 60.62
C GLY H 160 2.21 27.61 60.82
N GLN H 161 1.50 26.98 59.87
CA GLN H 161 1.23 25.55 60.00
C GLN H 161 2.18 24.74 59.15
N THR H 162 3.47 24.73 59.51
CA THR H 162 4.54 23.95 58.87
C THR H 162 4.23 23.64 57.41
N THR H 163 4.34 24.67 56.57
CA THR H 163 3.82 24.56 55.22
C THR H 163 4.95 24.18 54.27
N GLY H 164 4.57 23.67 53.10
CA GLY H 164 5.51 23.41 52.03
C GLY H 164 4.97 23.80 50.67
N GLU H 165 5.48 23.16 49.60
CA GLU H 165 5.06 23.50 48.25
C GLU H 165 3.60 23.11 48.00
N ALA H 166 3.09 22.14 48.76
CA ALA H 166 1.74 21.63 48.62
C ALA H 166 0.76 22.62 49.24
N PRO H 167 -0.52 22.54 48.89
CA PRO H 167 -1.42 23.69 49.00
C PRO H 167 -2.00 23.85 50.38
N GLY H 168 -1.78 22.82 51.20
CA GLY H 168 -1.99 22.91 52.64
C GLY H 168 -1.25 21.92 53.51
N THR H 169 -0.15 22.32 54.13
CA THR H 169 0.48 21.48 55.14
C THR H 169 -0.01 21.86 56.52
N VAL H 170 0.23 20.96 57.47
CA VAL H 170 -0.13 21.15 58.87
C VAL H 170 1.14 21.06 59.71
N PRO H 171 1.11 21.45 61.00
CA PRO H 171 2.33 21.36 61.82
C PRO H 171 2.66 19.92 62.17
N ALA H 172 3.75 19.42 61.59
CA ALA H 172 4.17 18.02 61.64
C ALA H 172 3.09 17.06 61.12
N PRO I 1 -24.47 35.70 -0.97
CA PRO I 1 -24.78 34.33 -1.39
C PRO I 1 -25.34 33.73 -0.11
N ILE I 2 -25.22 32.41 0.04
CA ILE I 2 -25.69 31.71 1.22
C ILE I 2 -24.64 31.88 2.31
N MET I 3 -25.08 32.25 3.51
CA MET I 3 -24.20 32.50 4.62
C MET I 3 -23.89 31.21 5.37
N GLY I 4 -22.86 31.28 6.22
CA GLY I 4 -22.51 30.16 7.08
C GLY I 4 -23.58 29.79 8.10
N GLN I 5 -24.33 30.76 8.60
CA GLN I 5 -25.48 30.51 9.44
C GLN I 5 -26.72 30.14 8.63
N ASP I 6 -26.73 30.42 7.33
CA ASP I 6 -27.91 30.26 6.50
C ASP I 6 -28.33 28.82 6.30
N VAL I 7 -27.40 27.90 6.04
CA VAL I 7 -27.74 26.50 5.80
C VAL I 7 -27.67 25.76 7.12
N LYS I 8 -28.81 25.23 7.58
CA LYS I 8 -28.82 24.44 8.80
C LYS I 8 -29.45 23.08 8.55
N TYR I 9 -29.09 22.13 9.40
CA TYR I 9 -29.30 20.70 9.16
C TYR I 9 -30.17 20.14 10.28
N LEU I 10 -31.31 19.55 9.91
CA LEU I 10 -32.17 18.88 10.88
C LEU I 10 -32.27 17.41 10.53
N PHE I 11 -32.41 16.56 11.55
CA PHE I 11 -32.61 15.13 11.36
C PHE I 11 -33.94 14.71 11.97
N GLN I 12 -34.61 13.76 11.32
CA GLN I 12 -35.77 13.13 11.91
C GLN I 12 -35.55 11.63 11.95
N SER I 13 -35.72 11.05 13.13
CA SER I 13 -35.56 9.62 13.32
C SER I 13 -36.71 8.85 12.69
N ILE I 14 -36.40 7.64 12.21
CA ILE I 14 -37.40 6.81 11.57
C ILE I 14 -38.42 6.28 12.56
N ASP I 15 -37.97 5.78 13.71
CA ASP I 15 -38.84 5.10 14.66
C ASP I 15 -39.75 6.05 15.41
N ALA I 16 -39.39 7.33 15.54
CA ALA I 16 -40.20 8.23 16.34
C ALA I 16 -41.64 8.29 15.85
N ALA I 17 -41.82 8.42 14.53
CA ALA I 17 -43.13 8.64 13.88
C ALA I 17 -43.82 9.90 14.40
N THR I 18 -43.07 10.98 14.48
CA THR I 18 -43.57 12.27 14.96
C THR I 18 -43.61 13.25 13.79
N GLY I 19 -44.38 14.31 13.95
CA GLY I 19 -44.52 15.31 12.91
C GLY I 19 -43.52 16.44 13.00
N SER I 20 -42.29 16.13 13.42
CA SER I 20 -41.27 17.15 13.60
C SER I 20 -39.89 16.55 13.78
N ALA I 21 -38.87 17.22 13.23
CA ALA I 21 -37.47 16.79 13.16
C ALA I 21 -36.58 17.56 14.12
N PRO I 22 -35.98 16.90 15.15
CA PRO I 22 -35.09 17.63 16.06
C PRO I 22 -33.78 18.02 15.40
N LEU I 23 -33.36 19.26 15.57
CA LEU I 23 -32.02 19.67 15.21
C LEU I 23 -31.28 20.10 16.47
N PHE I 24 -29.96 20.01 16.42
CA PHE I 24 -29.27 20.13 17.68
C PHE I 24 -28.57 21.49 17.77
N PRO I 25 -28.55 22.12 18.94
CA PRO I 25 -27.86 23.42 19.05
C PRO I 25 -26.36 23.27 19.10
N ALA I 26 -25.69 24.44 19.10
CA ALA I 26 -24.23 24.58 19.15
C ALA I 26 -23.55 23.77 18.06
N TYR I 27 -23.85 24.13 16.81
CA TYR I 27 -23.18 23.54 15.67
C TYR I 27 -21.77 24.10 15.52
N GLN I 28 -20.87 23.23 15.08
CA GLN I 28 -19.48 23.57 14.85
C GLN I 28 -19.37 23.74 13.33
N THR I 29 -19.60 22.68 12.56
CA THR I 29 -19.49 22.74 11.12
C THR I 29 -19.90 21.42 10.48
N ASP I 30 -20.24 21.52 9.20
CA ASP I 30 -20.95 20.48 8.49
C ASP I 30 -20.27 20.27 7.15
N GLY I 31 -19.75 19.07 6.96
CA GLY I 31 -19.26 18.68 5.67
C GLY I 31 -20.10 17.58 5.07
N SER I 32 -20.67 17.85 3.90
CA SER I 32 -21.39 16.84 3.13
C SER I 32 -20.58 16.66 1.86
N VAL I 33 -20.17 15.42 1.61
CA VAL I 33 -19.26 15.12 0.51
C VAL I 33 -19.91 14.03 -0.35
N SER I 34 -19.85 14.24 -1.66
CA SER I 34 -20.65 13.48 -2.62
C SER I 34 -19.75 13.14 -3.80
N GLY I 35 -19.41 11.85 -3.93
CA GLY I 35 -18.52 11.43 -5.00
C GLY I 35 -19.24 10.68 -6.09
N GLU I 36 -19.16 11.20 -7.32
CA GLU I 36 -19.81 10.60 -8.48
C GLU I 36 -18.77 9.83 -9.27
N ARG I 37 -18.81 8.50 -9.17
CA ARG I 37 -17.79 7.65 -9.77
C ARG I 37 -17.92 7.67 -11.29
N GLU I 38 -16.78 7.61 -11.98
CA GLU I 38 -16.69 7.87 -13.40
C GLU I 38 -16.02 6.70 -14.09
N LEU I 39 -15.95 6.76 -15.41
CA LEU I 39 -15.35 5.71 -16.23
C LEU I 39 -13.86 5.61 -15.96
N PHE I 40 -13.37 4.37 -15.90
CA PHE I 40 -11.95 4.09 -15.84
C PHE I 40 -11.33 4.00 -17.22
N ASP I 41 -10.26 4.74 -17.43
CA ASP I 41 -9.24 4.45 -18.43
C ASP I 41 -9.82 4.77 -19.81
N GLU I 42 -9.31 5.83 -20.43
CA GLU I 42 -9.71 6.19 -21.78
C GLU I 42 -9.30 5.16 -22.82
N GLN I 43 -8.15 4.51 -22.62
CA GLN I 43 -7.51 3.58 -23.57
C GLN I 43 -6.90 4.35 -24.76
N THR I 44 -6.63 5.64 -24.56
CA THR I 44 -6.36 6.63 -25.61
C THR I 44 -7.31 6.46 -26.80
N LYS I 45 -8.61 6.64 -26.52
CA LYS I 45 -9.65 6.45 -27.52
C LYS I 45 -10.36 7.77 -27.79
N ASN I 46 -11.69 7.78 -27.70
CA ASN I 46 -12.47 8.99 -27.89
C ASN I 46 -13.01 9.56 -26.57
N GLY I 47 -12.50 9.11 -25.44
CA GLY I 47 -12.96 9.58 -24.14
C GLY I 47 -13.77 8.52 -23.44
N ARG I 48 -13.07 7.57 -22.81
CA ARG I 48 -13.71 6.48 -22.10
C ARG I 48 -13.48 6.71 -20.60
N ILE I 49 -13.23 7.96 -20.23
CA ILE I 49 -13.02 8.34 -18.84
C ILE I 49 -14.01 9.43 -18.44
N LEU I 50 -14.90 9.79 -19.36
CA LEU I 50 -15.95 10.76 -19.07
C LEU I 50 -17.31 10.10 -18.89
N GLY I 51 -17.33 8.81 -18.54
CA GLY I 51 -18.54 8.01 -18.54
C GLY I 51 -19.22 7.94 -17.20
N PRO I 52 -20.51 7.57 -17.19
CA PRO I 52 -21.27 7.57 -15.95
C PRO I 52 -20.91 6.45 -15.00
N GLY I 53 -21.17 6.67 -13.72
CA GLY I 53 -20.87 5.68 -12.69
C GLY I 53 -21.75 5.93 -11.49
N SER I 54 -21.53 5.13 -10.45
CA SER I 54 -22.29 5.26 -9.22
C SER I 54 -21.81 6.47 -8.42
N VAL I 55 -22.54 6.78 -7.35
CA VAL I 55 -22.26 7.92 -6.51
C VAL I 55 -22.07 7.44 -5.07
N ALA I 56 -20.96 7.86 -4.45
CA ALA I 56 -20.69 7.58 -3.04
C ALA I 56 -20.92 8.87 -2.28
N ASP I 57 -21.93 8.86 -1.40
CA ASP I 57 -22.37 10.07 -0.72
C ASP I 57 -22.22 9.86 0.77
N SER I 58 -21.37 10.69 1.38
CA SER I 58 -21.07 10.63 2.79
C SER I 58 -20.90 12.04 3.35
N GLY I 59 -21.29 12.20 4.60
CA GLY I 59 -21.10 13.46 5.29
C GLY I 59 -20.66 13.28 6.72
N GLU I 60 -20.02 14.29 7.27
CA GLU I 60 -19.62 14.29 8.68
C GLU I 60 -20.26 15.51 9.33
N VAL I 61 -20.54 15.40 10.62
CA VAL I 61 -21.20 16.47 11.36
C VAL I 61 -20.44 16.69 12.66
N THR I 62 -19.98 17.91 12.90
CA THR I 62 -19.34 18.24 14.15
C THR I 62 -20.21 19.22 14.93
N TYR I 63 -20.27 19.03 16.25
CA TYR I 63 -20.99 19.95 17.12
C TYR I 63 -20.49 19.78 18.55
N TYR I 64 -20.89 20.71 19.42
CA TYR I 64 -20.59 20.65 20.85
C TYR I 64 -21.80 20.09 21.58
N GLY I 65 -21.61 18.97 22.27
CA GLY I 65 -22.72 18.30 22.93
C GLY I 65 -23.26 19.03 24.15
N LYS I 66 -24.57 19.20 24.21
CA LYS I 66 -25.21 19.78 25.38
C LYS I 66 -25.65 18.65 26.32
N ARG I 67 -25.74 18.97 27.62
CA ARG I 67 -25.98 17.97 28.65
C ARG I 67 -27.11 17.00 28.28
N GLY I 68 -28.27 17.49 27.88
CA GLY I 68 -29.37 16.63 27.46
C GLY I 68 -30.34 17.42 26.59
N ASP I 69 -30.18 17.24 25.28
CA ASP I 69 -31.12 17.71 24.25
C ASP I 69 -31.34 16.63 23.17
N ALA I 70 -32.51 16.74 22.52
CA ALA I 70 -33.19 15.63 21.85
C ALA I 70 -32.62 15.15 20.52
N GLY I 71 -32.10 16.06 19.68
CA GLY I 71 -31.31 15.63 18.52
C GLY I 71 -30.06 14.88 18.91
N GLN I 72 -29.38 15.33 19.96
CA GLN I 72 -28.28 14.56 20.53
C GLN I 72 -28.75 13.21 21.06
N LYS I 73 -29.83 13.18 21.84
CA LYS I 73 -30.41 11.90 22.22
C LYS I 73 -30.94 11.14 21.01
N ALA I 74 -31.34 11.84 19.95
CA ALA I 74 -31.61 11.17 18.69
C ALA I 74 -30.35 10.57 18.11
N ILE I 75 -29.25 11.34 18.12
CA ILE I 75 -27.95 10.80 17.73
C ILE I 75 -27.56 9.64 18.63
N GLU I 76 -27.77 9.77 19.94
CA GLU I 76 -27.39 8.72 20.88
C GLU I 76 -28.13 7.42 20.61
N ASP I 77 -29.47 7.46 20.48
CA ASP I 77 -30.18 6.28 20.01
C ASP I 77 -29.79 5.92 18.59
N ALA I 78 -29.48 6.92 17.76
CA ALA I 78 -28.99 6.59 16.42
C ALA I 78 -27.79 5.67 16.46
N TYR I 79 -26.70 6.08 17.12
CA TYR I 79 -25.48 5.29 17.10
C TYR I 79 -25.56 4.12 18.06
N GLN I 80 -25.98 4.38 19.30
CA GLN I 80 -25.82 3.41 20.38
C GLN I 80 -26.86 2.29 20.31
N ASN I 81 -28.08 2.62 19.87
CA ASN I 81 -29.05 1.56 19.61
C ASN I 81 -28.85 0.96 18.23
N GLY I 82 -28.41 1.76 17.27
CA GLY I 82 -28.14 1.29 15.92
C GLY I 82 -29.35 1.41 15.01
N LYS I 83 -29.63 2.62 14.58
CA LYS I 83 -30.75 2.95 13.69
C LYS I 83 -30.23 3.92 12.64
N GLN I 84 -30.89 3.99 11.49
CA GLN I 84 -30.67 5.02 10.49
C GLN I 84 -31.59 6.20 10.83
N ILE I 85 -31.13 7.42 10.51
CA ILE I 85 -31.93 8.60 10.77
C ILE I 85 -32.19 9.34 9.47
N LYS I 86 -33.39 9.90 9.35
CA LYS I 86 -33.78 10.70 8.19
C LYS I 86 -33.04 12.03 8.26
N PHE I 87 -32.52 12.45 7.11
CA PHE I 87 -31.54 13.53 7.00
C PHE I 87 -32.14 14.68 6.21
N TRP I 88 -32.20 15.86 6.84
CA TRP I 88 -32.74 17.08 6.25
C TRP I 88 -31.72 18.19 6.42
N ARG I 89 -31.42 18.90 5.34
CA ARG I 89 -30.58 20.10 5.41
C ARG I 89 -31.29 21.21 4.65
N VAL I 90 -31.68 22.25 5.36
CA VAL I 90 -32.49 23.30 4.75
C VAL I 90 -31.81 24.65 4.95
N ASP I 91 -32.32 25.64 4.23
CA ASP I 91 -31.80 26.98 4.30
C ASP I 91 -32.77 27.90 5.05
N THR I 92 -32.20 28.75 5.89
CA THR I 92 -32.96 29.66 6.74
C THR I 92 -33.65 30.76 5.95
N VAL I 93 -33.07 31.18 4.82
CA VAL I 93 -33.71 32.18 3.97
C VAL I 93 -35.00 31.63 3.38
N LYS I 94 -36.07 32.41 3.48
CA LYS I 94 -37.39 31.97 3.09
C LYS I 94 -37.41 31.68 1.58
N ASN I 95 -37.98 30.54 1.21
CA ASN I 95 -38.22 30.23 -0.19
C ASN I 95 -39.40 31.04 -0.71
N GLU I 96 -39.26 31.53 -1.93
CA GLU I 96 -40.30 32.37 -2.53
C GLU I 96 -41.45 31.60 -3.14
N ASN I 97 -41.26 30.33 -3.49
CA ASN I 97 -42.40 29.50 -3.86
C ASN I 97 -42.42 28.21 -3.04
N ASP I 98 -41.81 28.23 -1.86
CA ASP I 98 -41.97 27.17 -0.88
C ASP I 98 -41.74 27.75 0.51
N LYS I 99 -42.02 26.97 1.54
CA LYS I 99 -41.68 27.36 2.90
C LYS I 99 -40.19 27.65 3.01
N TYR I 100 -39.37 26.63 2.76
CA TYR I 100 -37.93 26.72 2.81
C TYR I 100 -37.37 25.84 1.68
N ASP I 101 -36.05 25.77 1.58
CA ASP I 101 -35.42 24.91 0.58
C ASP I 101 -34.47 23.95 1.27
N ALA I 102 -34.48 22.70 0.78
CA ALA I 102 -33.91 21.61 1.54
C ALA I 102 -33.14 20.68 0.61
N GLN I 103 -32.26 19.89 1.20
CA GLN I 103 -31.78 18.64 0.62
C GLN I 103 -32.03 17.56 1.66
N PHE I 104 -32.48 16.40 1.20
CA PHE I 104 -33.10 15.38 2.04
C PHE I 104 -32.49 14.01 1.76
N GLY I 105 -32.44 13.17 2.79
CA GLY I 105 -32.07 11.78 2.55
C GLY I 105 -32.34 10.91 3.76
N PHE I 106 -32.00 9.64 3.62
CA PHE I 106 -31.94 8.71 4.74
C PHE I 106 -30.47 8.40 5.01
N ALA I 107 -30.07 8.54 6.27
CA ALA I 107 -28.66 8.49 6.63
C ALA I 107 -28.44 7.54 7.79
N TYR I 108 -27.17 7.14 7.94
CA TYR I 108 -26.76 6.14 8.92
C TYR I 108 -25.61 6.72 9.73
N ILE I 109 -25.33 6.11 10.89
CA ILE I 109 -24.25 6.58 11.74
C ILE I 109 -23.00 5.75 11.48
N GLU I 110 -22.21 6.14 10.48
CA GLU I 110 -20.97 5.44 10.20
C GLU I 110 -19.95 5.49 11.32
N SER I 111 -19.74 6.64 11.95
CA SER I 111 -18.86 6.71 13.10
C SER I 111 -19.25 7.92 13.94
N ARG I 112 -18.86 7.88 15.21
CA ARG I 112 -19.07 8.98 16.16
C ARG I 112 -17.73 9.12 16.88
N GLU I 113 -17.41 10.36 17.25
CA GLU I 113 -16.17 10.71 17.91
C GLU I 113 -16.52 11.66 19.05
N TYR I 114 -15.97 11.41 20.23
CA TYR I 114 -16.19 12.29 21.36
C TYR I 114 -14.87 12.75 21.96
N SER I 115 -14.66 14.05 21.94
CA SER I 115 -13.48 14.67 22.50
C SER I 115 -13.85 15.43 23.76
N ASP I 116 -13.10 15.16 24.82
CA ASP I 116 -13.10 15.94 26.05
C ASP I 116 -11.70 16.54 26.17
N GLY I 117 -11.63 17.87 26.23
CA GLY I 117 -10.38 18.57 26.45
C GLY I 117 -10.42 19.38 27.72
N VAL I 118 -9.24 19.76 28.19
CA VAL I 118 -9.11 20.62 29.37
C VAL I 118 -9.54 22.04 29.06
N GLU I 119 -9.31 22.50 27.83
CA GLU I 119 -9.90 23.76 27.38
C GLU I 119 -11.19 23.57 26.62
N GLY I 120 -12.06 24.58 26.61
CA GLY I 120 -13.17 24.59 25.68
C GLY I 120 -14.26 23.69 26.22
N ALA I 121 -15.06 23.12 25.33
CA ALA I 121 -16.18 22.28 25.75
C ALA I 121 -16.28 21.03 24.88
N VAL I 122 -17.02 20.04 25.38
CA VAL I 122 -17.06 18.72 24.77
C VAL I 122 -17.42 18.85 23.30
N GLU I 123 -16.72 18.11 22.45
CA GLU I 123 -16.92 18.22 21.01
C GLU I 123 -17.18 16.84 20.42
N ILE I 124 -18.26 16.73 19.67
CA ILE I 124 -18.65 15.47 19.05
C ILE I 124 -18.44 15.59 17.54
N SER I 125 -17.70 14.62 16.99
CA SER I 125 -17.59 14.44 15.56
C SER I 125 -18.35 13.17 15.19
N ILE I 126 -19.42 13.33 14.41
CA ILE I 126 -20.19 12.19 13.94
C ILE I 126 -20.11 12.14 12.43
N SER I 127 -19.76 10.96 11.92
CA SER I 127 -19.59 10.73 10.49
C SER I 127 -20.62 9.72 10.01
N LEU I 128 -21.16 9.98 8.82
CA LEU I 128 -22.26 9.20 8.28
C LEU I 128 -22.11 9.06 6.77
N GLN I 129 -22.56 7.93 6.25
CA GLN I 129 -22.73 7.75 4.81
C GLN I 129 -24.21 7.89 4.51
N VAL I 130 -24.54 8.14 3.25
CA VAL I 130 -25.94 8.19 2.84
C VAL I 130 -26.05 7.51 1.48
N ILE I 131 -27.25 7.07 1.14
CA ILE I 131 -27.45 6.29 -0.09
C ILE I 131 -28.02 7.16 -1.19
N GLY I 132 -27.75 8.46 -1.12
CA GLY I 132 -28.21 9.36 -2.15
C GLY I 132 -29.08 10.46 -1.58
N GLU I 133 -28.47 11.60 -1.26
CA GLU I 133 -29.22 12.75 -0.82
C GLU I 133 -29.77 13.52 -2.03
N LEU I 134 -31.02 13.94 -1.90
CA LEU I 134 -31.72 14.59 -3.01
C LEU I 134 -32.09 15.99 -2.56
N LYS I 135 -32.26 16.88 -3.53
CA LYS I 135 -32.57 18.28 -3.26
C LYS I 135 -34.07 18.51 -3.47
N ASN I 136 -34.68 19.30 -2.60
CA ASN I 136 -36.10 19.64 -2.72
C ASN I 136 -36.34 20.98 -2.04
N GLY I 137 -37.61 21.34 -1.89
CA GLY I 137 -37.95 22.47 -1.06
C GLY I 137 -38.44 22.03 0.31
N GLU I 138 -38.05 22.80 1.33
CA GLU I 138 -38.34 22.43 2.71
C GLU I 138 -39.75 22.90 3.06
N ILE I 139 -40.55 21.99 3.59
CA ILE I 139 -41.94 22.31 3.89
C ILE I 139 -42.08 22.79 5.33
N ASP I 140 -41.43 22.10 6.27
CA ASP I 140 -41.58 22.47 7.67
C ASP I 140 -40.58 23.56 8.06
N THR I 141 -41.11 24.75 8.33
CA THR I 141 -40.29 25.85 8.80
C THR I 141 -39.68 25.57 10.18
N LEU I 142 -40.47 25.01 11.11
CA LEU I 142 -40.11 24.79 12.51
C LEU I 142 -39.65 26.10 13.14
N PRO I 143 -40.53 27.11 13.22
CA PRO I 143 -40.08 28.51 13.38
C PRO I 143 -39.43 28.83 14.72
N GLU I 144 -39.46 27.86 15.62
CA GLU I 144 -38.76 27.92 16.89
C GLU I 144 -37.25 28.02 16.68
N GLU I 145 -36.72 27.34 15.69
CA GLU I 145 -35.28 27.25 15.48
C GLU I 145 -34.79 27.95 14.22
N ILE I 146 -35.16 27.46 13.04
CA ILE I 146 -34.74 28.06 11.78
C ILE I 146 -35.22 29.50 11.66
N VAL I 147 -36.51 29.73 11.86
CA VAL I 147 -37.09 31.06 11.70
C VAL I 147 -36.56 31.93 12.83
N ASN I 148 -36.65 31.41 14.07
CA ASN I 148 -36.25 32.18 15.23
C ASN I 148 -34.91 31.68 15.80
N VAL I 149 -33.85 32.44 15.62
CA VAL I 149 -32.59 32.11 16.29
C VAL I 149 -32.08 33.39 16.97
N SER I 150 -32.36 33.52 18.26
CA SER I 150 -32.07 34.75 18.98
C SER I 150 -30.74 34.72 19.70
N LYS I 151 -30.17 35.86 20.04
CA LYS I 151 -28.94 35.89 20.83
C LYS I 151 -29.16 35.66 22.31
N GLY I 152 -30.40 35.47 22.78
CA GLY I 152 -30.68 35.31 24.19
C GLY I 152 -31.02 36.62 24.88
N GLY I 153 -30.95 37.72 24.14
CA GLY I 153 -31.18 39.04 24.69
C GLY I 153 -32.68 39.31 24.85
N TYR I 154 -33.01 39.95 25.97
CA TYR I 154 -34.37 40.35 26.30
C TYR I 154 -34.32 41.75 26.92
N ASP I 155 -35.41 42.51 26.74
CA ASP I 155 -35.35 43.97 26.85
C ASP I 155 -34.86 44.51 28.20
N PHE I 156 -35.49 44.10 29.31
CA PHE I 156 -35.06 44.27 30.70
C PHE I 156 -35.52 43.06 31.51
N GLN I 157 -34.89 42.91 32.68
CA GLN I 157 -35.48 42.23 33.83
C GLN I 157 -34.99 42.98 35.06
N GLN I 158 -35.73 44.00 35.50
CA GLN I 158 -35.18 44.94 36.48
C GLN I 158 -35.83 44.83 37.86
N PRO I 159 -37.07 44.35 38.04
CA PRO I 159 -37.54 44.11 39.41
C PRO I 159 -36.99 42.84 40.04
N GLY I 160 -36.05 42.17 39.37
CA GLY I 160 -35.63 40.86 39.85
C GLY I 160 -36.50 39.66 39.51
N GLN I 161 -36.34 39.06 38.33
CA GLN I 161 -37.10 37.85 38.04
C GLN I 161 -36.25 36.61 38.23
N THR I 162 -35.88 36.31 39.48
CA THR I 162 -35.12 35.12 39.91
C THR I 162 -34.24 34.57 38.79
N THR I 163 -33.16 35.29 38.50
CA THR I 163 -32.41 35.02 37.29
C THR I 163 -31.23 34.10 37.61
N GLY I 164 -30.68 33.46 36.58
CA GLY I 164 -29.46 32.70 36.71
C GLY I 164 -28.53 32.89 35.53
N GLU I 165 -27.68 31.89 35.26
CA GLU I 165 -26.70 32.00 34.18
C GLU I 165 -27.38 32.00 32.82
N ALA I 166 -28.59 31.45 32.74
CA ALA I 166 -29.35 31.34 31.50
C ALA I 166 -29.97 32.68 31.16
N PRO I 167 -30.37 32.90 29.92
CA PRO I 167 -30.48 34.25 29.38
C PRO I 167 -31.82 34.91 29.71
N GLY I 168 -32.72 34.09 30.25
CA GLY I 168 -33.91 34.58 30.92
C GLY I 168 -34.58 33.64 31.91
N THR I 169 -34.37 33.84 33.20
CA THR I 169 -35.13 33.12 34.21
C THR I 169 -36.34 33.95 34.64
N VAL I 170 -37.28 33.28 35.28
CA VAL I 170 -38.49 33.89 35.82
C VAL I 170 -38.55 33.64 37.31
N PRO I 171 -39.42 34.32 38.08
CA PRO I 171 -39.48 34.08 39.52
C PRO I 171 -40.11 32.73 39.84
N ALA I 172 -39.29 31.81 40.33
CA ALA I 172 -39.63 30.41 40.55
C ALA I 172 -40.11 29.71 39.28
N PRO J 1 1.38 39.88 -16.67
CA PRO J 1 1.06 38.60 -17.30
C PRO J 1 -0.45 38.51 -17.09
N ILE J 2 -0.97 37.30 -17.05
CA ILE J 2 -2.40 37.06 -16.83
C ILE J 2 -2.66 37.18 -15.33
N MET J 3 -3.69 37.93 -14.97
CA MET J 3 -4.02 38.18 -13.58
C MET J 3 -4.93 37.08 -13.04
N GLY J 4 -5.05 37.06 -11.71
CA GLY J 4 -5.95 36.12 -11.05
C GLY J 4 -7.42 36.33 -11.38
N GLN J 5 -7.83 37.57 -11.60
CA GLN J 5 -9.16 37.89 -12.09
C GLN J 5 -9.29 37.69 -13.59
N ASP J 6 -8.17 37.65 -14.30
CA ASP J 6 -8.18 37.64 -15.77
C ASP J 6 -8.76 36.38 -16.38
N VAL J 7 -8.42 35.20 -15.86
CA VAL J 7 -8.90 33.93 -16.43
C VAL J 7 -10.18 33.56 -15.70
N LYS J 8 -11.30 33.51 -16.41
CA LYS J 8 -12.55 33.08 -15.81
C LYS J 8 -13.16 31.93 -16.61
N TYR J 9 -14.00 31.16 -15.93
CA TYR J 9 -14.43 29.84 -16.40
C TYR J 9 -15.96 29.84 -16.52
N LEU J 10 -16.44 29.54 -17.71
CA LEU J 10 -17.88 29.41 -17.92
C LEU J 10 -18.19 27.98 -18.38
N PHE J 11 -19.38 27.49 -18.00
CA PHE J 11 -19.84 26.18 -18.42
C PHE J 11 -21.16 26.32 -19.19
N GLN J 12 -21.31 25.48 -20.21
CA GLN J 12 -22.59 25.38 -20.89
C GLN J 12 -23.06 23.92 -20.85
N SER J 13 -24.29 23.73 -20.36
CA SER J 13 -24.87 22.40 -20.28
C SER J 13 -25.23 21.87 -21.66
N ILE J 14 -25.13 20.55 -21.81
CA ILE J 14 -25.44 19.92 -23.08
C ILE J 14 -26.92 19.96 -23.40
N ASP J 15 -27.78 19.65 -22.43
CA ASP J 15 -29.21 19.50 -22.66
C ASP J 15 -29.92 20.82 -22.87
N ALA J 16 -29.37 21.93 -22.37
CA ALA J 16 -30.08 23.20 -22.47
C ALA J 16 -30.40 23.56 -23.91
N ALA J 17 -29.41 23.42 -24.81
CA ALA J 17 -29.48 23.83 -26.22
C ALA J 17 -29.77 25.32 -26.36
N THR J 18 -29.07 26.13 -25.57
CA THR J 18 -29.23 27.58 -25.58
C THR J 18 -27.98 28.22 -26.16
N GLY J 19 -28.11 29.47 -26.60
CA GLY J 19 -26.99 30.18 -27.20
C GLY J 19 -26.15 30.96 -26.21
N SER J 20 -25.98 30.42 -25.01
CA SER J 20 -25.22 31.11 -23.97
C SER J 20 -24.89 30.20 -22.80
N ALA J 21 -23.70 30.38 -22.22
CA ALA J 21 -23.10 29.56 -21.17
C ALA J 21 -23.13 30.24 -19.80
N PRO J 22 -23.87 29.72 -18.81
CA PRO J 22 -23.86 30.35 -17.49
C PRO J 22 -22.55 30.16 -16.75
N LEU J 23 -22.03 31.24 -16.19
CA LEU J 23 -20.92 31.14 -15.25
C LEU J 23 -21.38 31.62 -13.88
N PHE J 24 -20.71 31.14 -12.86
CA PHE J 24 -21.31 31.36 -11.55
C PHE J 24 -20.53 32.44 -10.79
N PRO J 25 -21.20 33.30 -10.04
CA PRO J 25 -20.48 34.33 -9.29
C PRO J 25 -19.80 33.77 -8.04
N ALA J 26 -19.05 34.66 -7.37
CA ALA J 26 -18.31 34.37 -6.14
C ALA J 26 -17.40 33.16 -6.31
N TYR J 27 -16.45 33.28 -7.22
CA TYR J 27 -15.42 32.26 -7.39
C TYR J 27 -14.39 32.33 -6.27
N GLN J 28 -13.91 31.17 -5.88
CA GLN J 28 -12.91 31.01 -4.85
C GLN J 28 -11.59 30.77 -5.61
N THR J 29 -11.51 29.67 -6.35
CA THR J 29 -10.29 29.36 -7.08
C THR J 29 -10.46 28.10 -7.92
N ASP J 30 -9.60 27.98 -8.92
CA ASP J 30 -9.79 27.05 -10.01
C ASP J 30 -8.47 26.33 -10.24
N GLY J 31 -8.50 25.02 -10.06
CA GLY J 31 -7.37 24.21 -10.44
C GLY J 31 -7.73 23.29 -11.57
N SER J 32 -7.00 23.41 -12.67
CA SER J 32 -7.12 22.51 -13.81
C SER J 32 -5.78 21.80 -13.90
N VAL J 33 -5.83 20.48 -13.83
CA VAL J 33 -4.62 19.66 -13.76
C VAL J 33 -4.67 18.64 -14.90
N SER J 34 -3.54 18.50 -15.58
CA SER J 34 -3.46 17.79 -16.86
C SER J 34 -2.21 16.93 -16.84
N GLY J 35 -2.40 15.61 -16.77
CA GLY J 35 -1.27 14.71 -16.70
C GLY J 35 -1.04 13.95 -18.00
N GLU J 36 0.15 14.11 -18.58
CA GLU J 36 0.50 13.47 -19.83
C GLU J 36 1.38 12.26 -19.51
N ARG J 37 0.80 11.07 -19.64
CA ARG J 37 1.47 9.84 -19.23
C ARG J 37 2.61 9.52 -20.21
N GLU J 38 3.70 8.97 -19.67
CA GLU J 38 4.95 8.85 -20.39
C GLU J 38 5.40 7.40 -20.36
N LEU J 39 6.50 7.11 -21.05
CA LEU J 39 7.05 5.77 -21.15
C LEU J 39 7.56 5.31 -19.79
N PHE J 40 7.31 4.04 -19.49
CA PHE J 40 7.88 3.37 -18.32
C PHE J 40 9.23 2.78 -18.62
N ASP J 41 10.22 3.11 -17.79
CA ASP J 41 11.40 2.30 -17.57
C ASP J 41 12.30 2.43 -18.79
N GLU J 42 13.44 3.11 -18.62
CA GLU J 42 14.43 3.23 -19.68
C GLU J 42 15.08 1.91 -20.06
N GLN J 43 15.25 1.01 -19.07
CA GLN J 43 16.00 -0.25 -19.19
C GLN J 43 17.51 -0.01 -19.29
N THR J 44 17.96 1.16 -18.82
CA THR J 44 19.28 1.74 -19.09
C THR J 44 19.67 1.58 -20.57
N LYS J 45 18.85 2.18 -21.45
CA LYS J 45 19.05 2.07 -22.89
C LYS J 45 19.39 3.44 -23.48
N ASN J 46 18.65 3.85 -24.51
CA ASN J 46 18.84 5.16 -25.13
C ASN J 46 17.75 6.16 -24.74
N GLY J 47 16.94 5.86 -23.74
CA GLY J 47 15.87 6.74 -23.32
C GLY J 47 14.52 6.16 -23.68
N ARG J 48 14.04 5.24 -22.85
CA ARG J 48 12.76 4.59 -23.09
C ARG J 48 11.79 5.09 -22.03
N ILE J 49 12.08 6.27 -21.47
CA ILE J 49 11.23 6.90 -20.46
C ILE J 49 10.81 8.28 -20.93
N LEU J 50 11.21 8.66 -22.14
CA LEU J 50 10.82 9.94 -22.73
C LEU J 50 9.75 9.76 -23.80
N GLY J 51 9.00 8.66 -23.75
CA GLY J 51 8.10 8.27 -24.82
C GLY J 51 6.67 8.73 -24.61
N PRO J 52 5.90 8.76 -25.69
CA PRO J 52 4.52 9.29 -25.60
C PRO J 52 3.56 8.36 -24.89
N GLY J 53 2.50 8.96 -24.34
CA GLY J 53 1.50 8.20 -23.62
C GLY J 53 0.20 8.98 -23.62
N SER J 54 -0.79 8.42 -22.92
CA SER J 54 -2.09 9.07 -22.84
C SER J 54 -2.04 10.23 -21.85
N VAL J 55 -3.13 10.99 -21.81
CA VAL J 55 -3.24 12.17 -20.97
C VAL J 55 -4.46 12.03 -20.06
N ALA J 56 -4.23 12.23 -18.75
CA ALA J 56 -5.29 12.24 -17.76
C ALA J 56 -5.55 13.69 -17.37
N ASP J 57 -6.74 14.18 -17.69
CA ASP J 57 -7.05 15.60 -17.53
C ASP J 57 -8.22 15.73 -16.57
N SER J 58 -7.97 16.38 -15.46
CA SER J 58 -8.95 16.59 -14.40
C SER J 58 -8.79 17.97 -13.80
N GLY J 59 -9.90 18.55 -13.37
CA GLY J 59 -9.89 19.82 -12.71
C GLY J 59 -10.85 19.87 -11.54
N GLU J 60 -10.61 20.75 -10.59
CA GLU J 60 -11.51 20.97 -9.47
C GLU J 60 -11.89 22.45 -9.49
N VAL J 61 -13.09 22.74 -8.99
CA VAL J 61 -13.61 24.11 -8.99
C VAL J 61 -14.17 24.40 -7.60
N THR J 62 -13.68 25.46 -6.97
CA THR J 62 -14.23 25.88 -5.69
C THR J 62 -14.92 27.23 -5.85
N TYR J 63 -16.06 27.38 -5.17
CA TYR J 63 -16.76 28.65 -5.16
C TYR J 63 -17.69 28.70 -3.95
N TYR J 64 -18.24 29.89 -3.68
CA TYR J 64 -19.22 30.09 -2.62
C TYR J 64 -20.62 30.11 -3.25
N GLY J 65 -21.47 29.17 -2.83
CA GLY J 65 -22.79 29.04 -3.42
C GLY J 65 -23.74 30.16 -3.08
N LYS J 66 -24.39 30.71 -4.10
CA LYS J 66 -25.43 31.71 -3.89
C LYS J 66 -26.79 31.03 -3.82
N ARG J 67 -27.73 31.67 -3.12
CA ARG J 67 -29.04 31.06 -2.85
C ARG J 67 -29.67 30.40 -4.06
N GLY J 68 -29.76 31.10 -5.19
CA GLY J 68 -30.28 30.52 -6.41
C GLY J 68 -29.82 31.32 -7.62
N ASP J 69 -28.77 30.79 -8.26
CA ASP J 69 -28.26 31.25 -9.56
C ASP J 69 -27.93 30.06 -10.47
N ALA J 70 -27.96 30.33 -11.77
CA ALA J 70 -28.17 29.36 -12.84
C ALA J 70 -27.02 28.42 -13.18
N GLY J 71 -25.76 28.90 -13.15
CA GLY J 71 -24.63 27.99 -13.21
C GLY J 71 -24.58 27.02 -12.05
N GLN J 72 -24.90 27.51 -10.85
CA GLN J 72 -25.06 26.60 -9.71
C GLN J 72 -26.20 25.62 -9.93
N LYS J 73 -27.37 26.09 -10.37
CA LYS J 73 -28.43 25.17 -10.76
C LYS J 73 -28.02 24.33 -11.96
N ALA J 74 -27.13 24.85 -12.82
CA ALA J 74 -26.53 24.00 -13.84
C ALA J 74 -25.65 22.92 -13.20
N ILE J 75 -24.83 23.32 -12.22
CA ILE J 75 -24.06 22.36 -11.44
C ILE J 75 -24.99 21.38 -10.72
N GLU J 76 -26.08 21.89 -10.15
CA GLU J 76 -27.00 21.04 -9.41
C GLU J 76 -27.65 19.98 -10.30
N ASP J 77 -28.19 20.37 -11.46
CA ASP J 77 -28.62 19.37 -12.43
C ASP J 77 -27.43 18.58 -12.97
N ALA J 78 -26.27 19.21 -13.08
CA ALA J 78 -25.09 18.45 -13.48
C ALA J 78 -24.86 17.25 -12.58
N TYR J 79 -24.66 17.48 -11.28
CA TYR J 79 -24.32 16.38 -10.38
C TYR J 79 -25.55 15.55 -10.01
N GLN J 80 -26.63 16.22 -9.61
CA GLN J 80 -27.75 15.54 -8.97
C GLN J 80 -28.62 14.79 -9.98
N ASN J 81 -28.77 15.33 -11.19
CA ASN J 81 -29.45 14.58 -12.24
C ASN J 81 -28.49 13.62 -12.93
N GLY J 82 -27.22 14.01 -13.04
CA GLY J 82 -26.20 13.17 -13.64
C GLY J 82 -26.05 13.42 -15.13
N LYS J 83 -25.40 14.51 -15.49
CA LYS J 83 -25.16 14.92 -16.87
C LYS J 83 -23.72 15.42 -16.94
N GLN J 84 -23.14 15.39 -18.12
CA GLN J 84 -21.87 16.05 -18.40
C GLN J 84 -22.16 17.49 -18.83
N ILE J 85 -21.24 18.40 -18.52
CA ILE J 85 -21.41 19.79 -18.89
C ILE J 85 -20.25 20.24 -19.78
N LYS J 86 -20.57 21.07 -20.76
CA LYS J 86 -19.56 21.64 -21.64
C LYS J 86 -18.77 22.69 -20.87
N PHE J 87 -17.45 22.64 -21.05
CA PHE J 87 -16.47 23.34 -20.21
C PHE J 87 -15.73 24.38 -21.03
N TRP J 88 -15.83 25.64 -20.58
CA TRP J 88 -15.20 26.79 -21.24
C TRP J 88 -14.42 27.55 -20.19
N ARG J 89 -13.16 27.87 -20.48
CA ARG J 89 -12.36 28.75 -19.63
C ARG J 89 -11.71 29.80 -20.53
N VAL J 90 -12.09 31.06 -20.33
CA VAL J 90 -11.65 32.12 -21.23
C VAL J 90 -10.96 33.20 -20.43
N ASP J 91 -10.29 34.09 -21.14
CA ASP J 91 -9.61 35.21 -20.53
C ASP J 91 -10.34 36.52 -20.80
N THR J 92 -10.41 37.35 -19.76
CA THR J 92 -11.13 38.62 -19.81
C THR J 92 -10.45 39.65 -20.70
N VAL J 93 -9.12 39.59 -20.83
CA VAL J 93 -8.42 40.50 -21.73
C VAL J 93 -8.81 40.22 -23.17
N LYS J 94 -9.14 41.27 -23.90
CA LYS J 94 -9.65 41.16 -25.25
C LYS J 94 -8.59 40.54 -26.15
N ASN J 95 -9.00 39.55 -26.94
CA ASN J 95 -8.13 38.99 -27.98
C ASN J 95 -8.03 39.97 -29.15
N GLU J 96 -6.82 40.07 -29.70
CA GLU J 96 -6.56 41.01 -30.79
C GLU J 96 -6.95 40.49 -32.16
N ASN J 97 -7.04 39.17 -32.34
CA ASN J 97 -7.64 38.64 -33.56
C ASN J 97 -8.76 37.65 -33.24
N ASP J 98 -9.37 37.78 -32.06
CA ASP J 98 -10.60 37.09 -31.75
C ASP J 98 -11.35 37.89 -30.70
N LYS J 99 -12.59 37.51 -30.43
CA LYS J 99 -13.34 38.09 -29.33
C LYS J 99 -12.58 37.95 -28.02
N TYR J 100 -12.34 36.71 -27.61
CA TYR J 100 -11.60 36.38 -26.40
C TYR J 100 -10.78 35.13 -26.69
N ASP J 101 -10.06 34.66 -25.68
CA ASP J 101 -9.27 33.45 -25.83
C ASP J 101 -9.68 32.44 -24.77
N ALA J 102 -9.75 31.18 -25.18
CA ALA J 102 -10.45 30.17 -24.40
C ALA J 102 -9.67 28.86 -24.41
N GLN J 103 -9.98 28.02 -23.44
CA GLN J 103 -9.74 26.59 -23.51
C GLN J 103 -11.07 25.91 -23.23
N PHE J 104 -11.36 24.85 -23.99
CA PHE J 104 -12.70 24.29 -24.12
C PHE J 104 -12.67 22.79 -23.93
N GLY J 105 -13.75 22.24 -23.38
CA GLY J 105 -13.88 20.80 -23.37
C GLY J 105 -15.29 20.36 -23.00
N PHE J 106 -15.46 19.04 -22.93
CA PHE J 106 -16.65 18.45 -22.33
C PHE J 106 -16.23 17.81 -21.03
N ALA J 107 -16.97 18.10 -19.96
CA ALA J 107 -16.56 17.74 -18.61
C ALA J 107 -17.70 17.08 -17.86
N TYR J 108 -17.33 16.38 -16.79
CA TYR J 108 -18.25 15.57 -16.01
C TYR J 108 -18.09 15.96 -14.54
N ILE J 109 -19.08 15.60 -13.72
CA ILE J 109 -19.04 15.93 -12.30
C ILE J 109 -18.50 14.73 -11.53
N GLU J 110 -17.18 14.63 -11.41
CA GLU J 110 -16.59 13.54 -10.64
C GLU J 110 -16.93 13.56 -9.17
N SER J 111 -16.91 14.72 -8.52
CA SER J 111 -17.35 14.82 -7.13
C SER J 111 -17.76 16.25 -6.83
N ARG J 112 -18.56 16.40 -5.80
CA ARG J 112 -19.02 17.70 -5.31
C ARG J 112 -18.87 17.63 -3.79
N GLU J 113 -18.55 18.77 -3.19
CA GLU J 113 -18.31 18.90 -1.76
C GLU J 113 -19.03 20.15 -1.30
N TYR J 114 -19.77 20.04 -0.21
CA TYR J 114 -20.45 21.19 0.36
C TYR J 114 -20.09 21.38 1.83
N SER J 115 -19.49 22.52 2.12
CA SER J 115 -19.11 22.89 3.47
C SER J 115 -20.01 24.00 3.97
N ASP J 116 -20.56 23.80 5.16
CA ASP J 116 -21.24 24.81 5.95
C ASP J 116 -20.42 25.00 7.22
N GLY J 117 -19.95 26.21 7.44
CA GLY J 117 -19.23 26.55 8.66
C GLY J 117 -19.94 27.62 9.44
N VAL J 118 -19.60 27.75 10.71
CA VAL J 118 -20.14 28.79 11.58
C VAL J 118 -19.60 30.15 11.21
N GLU J 119 -18.35 30.21 10.73
CA GLU J 119 -17.83 31.44 10.14
C GLU J 119 -17.95 31.46 8.63
N GLY J 120 -18.02 32.64 8.03
CA GLY J 120 -17.85 32.74 6.59
C GLY J 120 -19.15 32.36 5.92
N ALA J 121 -19.07 31.85 4.70
CA ALA J 121 -20.26 31.50 3.94
C ALA J 121 -20.08 30.17 3.22
N VAL J 122 -21.20 29.59 2.81
CA VAL J 122 -21.22 28.22 2.27
C VAL J 122 -20.21 28.09 1.16
N GLU J 123 -19.46 27.00 1.17
CA GLU J 123 -18.39 26.81 0.19
C GLU J 123 -18.56 25.47 -0.50
N ILE J 124 -18.56 25.50 -1.83
CA ILE J 124 -18.72 24.30 -2.63
C ILE J 124 -17.40 23.97 -3.30
N SER J 125 -16.94 22.74 -3.12
CA SER J 125 -15.82 22.19 -3.87
C SER J 125 -16.38 21.16 -4.84
N ILE J 126 -16.25 21.42 -6.13
CA ILE J 126 -16.68 20.47 -7.15
C ILE J 126 -15.47 20.03 -7.96
N SER J 127 -15.32 18.71 -8.08
CA SER J 127 -14.20 18.11 -8.79
C SER J 127 -14.72 17.36 -10.01
N LEU J 128 -13.96 17.46 -11.10
CA LEU J 128 -14.37 16.94 -12.39
C LEU J 128 -13.17 16.40 -13.14
N GLN J 129 -13.39 15.35 -13.94
CA GLN J 129 -12.41 14.89 -14.90
C GLN J 129 -12.88 15.37 -16.27
N VAL J 130 -11.96 15.40 -17.23
CA VAL J 130 -12.33 15.75 -18.60
C VAL J 130 -11.55 14.83 -19.54
N ILE J 131 -12.06 14.70 -20.76
CA ILE J 131 -11.49 13.73 -21.70
C ILE J 131 -10.59 14.43 -22.70
N GLY J 132 -10.03 15.57 -22.31
CA GLY J 132 -9.13 16.29 -23.17
C GLY J 132 -9.61 17.70 -23.43
N GLU J 133 -9.15 18.65 -22.63
CA GLU J 133 -9.45 20.05 -22.88
C GLU J 133 -8.50 20.62 -23.92
N LEU J 134 -9.08 21.40 -24.83
CA LEU J 134 -8.33 21.94 -25.96
C LEU J 134 -8.36 23.46 -25.87
N LYS J 135 -7.36 24.11 -26.46
CA LYS J 135 -7.22 25.55 -26.41
C LYS J 135 -7.73 26.14 -27.72
N ASN J 136 -8.43 27.26 -27.64
CA ASN J 136 -8.92 27.97 -28.83
C ASN J 136 -9.09 29.44 -28.49
N GLY J 137 -9.73 30.17 -29.40
CA GLY J 137 -10.14 31.53 -29.09
C GLY J 137 -11.61 31.59 -28.74
N GLU J 138 -11.94 32.43 -27.76
CA GLU J 138 -13.30 32.51 -27.26
C GLU J 138 -14.10 33.44 -28.15
N ILE J 139 -15.26 32.96 -28.60
CA ILE J 139 -16.09 33.72 -29.52
C ILE J 139 -17.11 34.56 -28.76
N ASP J 140 -17.77 33.97 -27.76
CA ASP J 140 -18.81 34.69 -27.05
C ASP J 140 -18.22 35.50 -25.90
N THR J 141 -18.26 36.82 -26.05
CA THR J 141 -17.82 37.72 -24.99
C THR J 141 -18.69 37.61 -23.74
N LEU J 142 -20.02 37.55 -23.90
CA LEU J 142 -21.03 37.57 -22.83
C LEU J 142 -20.80 38.80 -21.96
N PRO J 143 -20.95 40.02 -22.52
CA PRO J 143 -20.34 41.22 -21.91
C PRO J 143 -20.95 41.65 -20.59
N GLU J 144 -22.02 40.98 -20.21
CA GLU J 144 -22.64 41.14 -18.90
C GLU J 144 -21.68 40.76 -17.78
N GLU J 145 -20.87 39.72 -17.99
CA GLU J 145 -20.03 39.18 -16.95
C GLU J 145 -18.54 39.37 -17.20
N ILE J 146 -17.97 38.74 -18.22
CA ILE J 146 -16.56 38.87 -18.54
C ILE J 146 -16.18 40.32 -18.84
N VAL J 147 -16.91 40.94 -19.76
CA VAL J 147 -16.59 42.30 -20.18
C VAL J 147 -16.89 43.24 -19.01
N ASN J 148 -18.09 43.08 -18.43
CA ASN J 148 -18.53 43.95 -17.35
C ASN J 148 -18.49 43.24 -16.00
N VAL J 149 -17.53 43.59 -15.15
CA VAL J 149 -17.54 43.10 -13.79
C VAL J 149 -17.34 44.29 -12.84
N SER J 150 -18.46 44.79 -12.31
CA SER J 150 -18.43 46.02 -11.54
C SER J 150 -18.34 45.78 -10.05
N LYS J 151 -17.90 46.77 -9.27
CA LYS J 151 -17.89 46.63 -7.82
C LYS J 151 -19.24 46.84 -7.17
N GLY J 152 -20.30 47.12 -7.93
CA GLY J 152 -21.61 47.40 -7.37
C GLY J 152 -21.84 48.87 -7.12
N GLY J 153 -20.83 49.69 -7.35
CA GLY J 153 -20.90 51.12 -7.10
C GLY J 153 -21.68 51.85 -8.19
N TYR J 154 -22.49 52.80 -7.76
CA TYR J 154 -23.30 53.65 -8.63
C TYR J 154 -23.24 55.09 -8.10
N ASP J 155 -23.38 56.06 -9.00
CA ASP J 155 -22.91 57.42 -8.73
C ASP J 155 -23.52 58.10 -7.50
N PHE J 156 -24.86 58.17 -7.43
CA PHE J 156 -25.67 58.54 -6.26
C PHE J 156 -26.97 57.76 -6.30
N GLN J 157 -27.62 57.71 -5.13
CA GLN J 157 -29.07 57.53 -5.02
C GLN J 157 -29.52 58.38 -3.85
N GLN J 158 -29.86 59.65 -4.10
CA GLN J 158 -30.02 60.60 -2.99
C GLN J 158 -31.47 61.02 -2.74
N PRO J 159 -32.41 60.98 -3.70
CA PRO J 159 -33.80 61.23 -3.32
C PRO J 159 -34.48 60.04 -2.64
N GLY J 160 -33.73 58.98 -2.34
CA GLY J 160 -34.36 57.77 -1.86
C GLY J 160 -34.97 56.83 -2.88
N GLN J 161 -34.19 55.94 -3.49
CA GLN J 161 -34.78 54.97 -4.41
C GLN J 161 -34.94 53.61 -3.74
N THR J 162 -35.85 53.53 -2.75
CA THR J 162 -36.23 52.31 -2.02
C THR J 162 -35.11 51.29 -2.00
N THR J 163 -34.08 51.56 -1.20
CA THR J 163 -32.85 50.80 -1.31
C THR J 163 -32.85 49.70 -0.26
N GLY J 164 -31.99 48.69 -0.48
CA GLY J 164 -31.76 47.65 0.50
C GLY J 164 -30.29 47.28 0.61
N GLU J 165 -30.02 46.04 1.04
CA GLU J 165 -28.64 45.60 1.23
C GLU J 165 -27.91 45.47 -0.11
N ALA J 166 -28.66 45.28 -1.19
CA ALA J 166 -28.12 45.10 -2.53
C ALA J 166 -27.67 46.45 -3.08
N PRO J 167 -26.82 46.46 -4.10
CA PRO J 167 -25.96 47.61 -4.36
C PRO J 167 -26.66 48.69 -5.18
N GLY J 168 -27.84 48.33 -5.69
CA GLY J 168 -28.78 49.28 -6.23
C GLY J 168 -30.23 48.85 -6.31
N THR J 169 -31.07 49.30 -5.37
CA THR J 169 -32.50 49.09 -5.50
C THR J 169 -33.14 50.32 -6.15
N VAL J 170 -34.36 50.12 -6.61
CA VAL J 170 -35.17 51.17 -7.23
C VAL J 170 -36.47 51.32 -6.44
N PRO J 171 -37.26 52.38 -6.65
CA PRO J 171 -38.51 52.52 -5.89
C PRO J 171 -39.57 51.54 -6.37
N ALA J 172 -39.87 50.57 -5.52
CA ALA J 172 -40.72 49.42 -5.82
C ALA J 172 -40.21 48.61 -7.01
N PRO K 1 28.19 32.50 -4.03
CA PRO K 1 28.06 31.25 -4.80
C PRO K 1 27.11 31.66 -5.91
N ILE K 2 26.38 30.71 -6.47
CA ILE K 2 25.40 30.95 -7.52
C ILE K 2 24.13 31.49 -6.87
N MET K 3 23.61 32.58 -7.42
CA MET K 3 22.44 33.24 -6.88
C MET K 3 21.16 32.62 -7.43
N GLY K 4 20.04 32.94 -6.78
CA GLY K 4 18.74 32.50 -7.24
C GLY K 4 18.34 33.04 -8.60
N GLN K 5 18.75 34.26 -8.93
CA GLN K 5 18.58 34.83 -10.25
C GLN K 5 19.64 34.33 -11.24
N ASP K 6 20.75 33.79 -10.74
CA ASP K 6 21.89 33.43 -11.57
C ASP K 6 21.62 32.29 -12.53
N VAL K 7 20.96 31.22 -12.10
CA VAL K 7 20.71 30.06 -12.95
C VAL K 7 19.36 30.25 -13.62
N LYS K 8 19.35 30.36 -14.94
CA LYS K 8 18.09 30.47 -15.66
C LYS K 8 18.01 29.40 -16.75
N TYR K 9 16.77 29.09 -17.13
CA TYR K 9 16.45 27.89 -17.90
C TYR K 9 15.78 28.30 -19.21
N LEU K 10 16.38 27.88 -20.32
CA LEU K 10 15.77 28.12 -21.63
C LEU K 10 15.45 26.79 -22.29
N PHE K 11 14.39 26.77 -23.10
CA PHE K 11 14.02 25.59 -23.86
C PHE K 11 14.03 25.92 -25.35
N GLN K 12 14.44 24.95 -26.16
CA GLN K 12 14.31 25.06 -27.59
C GLN K 12 13.52 23.87 -28.12
N SER K 13 12.46 24.16 -28.87
CA SER K 13 11.61 23.13 -29.43
C SER K 13 12.32 22.41 -30.57
N ILE K 14 12.01 21.12 -30.72
CA ILE K 14 12.65 20.31 -31.77
C ILE K 14 12.16 20.71 -33.16
N ASP K 15 10.86 20.91 -33.33
CA ASP K 15 10.28 21.12 -34.65
C ASP K 15 10.57 22.51 -35.21
N ALA K 16 10.85 23.50 -34.35
CA ALA K 16 11.03 24.86 -34.84
C ALA K 16 12.13 24.93 -35.89
N ALA K 17 13.28 24.31 -35.60
CA ALA K 17 14.51 24.37 -36.41
C ALA K 17 15.00 25.81 -36.57
N THR K 18 15.03 26.54 -35.45
CA THR K 18 15.48 27.93 -35.43
C THR K 18 16.80 28.01 -34.67
N GLY K 19 17.52 29.10 -34.88
CA GLY K 19 18.81 29.29 -34.23
C GLY K 19 18.73 30.01 -32.90
N SER K 20 17.67 29.74 -32.13
CA SER K 20 17.48 30.41 -30.86
C SER K 20 16.40 29.74 -30.02
N ALA K 21 16.60 29.70 -28.70
CA ALA K 21 15.77 29.02 -27.70
C ALA K 21 14.93 29.99 -26.87
N PRO K 22 13.59 29.95 -26.97
CA PRO K 22 12.78 30.86 -26.15
C PRO K 22 12.78 30.47 -24.68
N LEU K 23 12.99 31.45 -23.81
CA LEU K 23 12.78 31.25 -22.39
C LEU K 23 11.64 32.16 -21.93
N PHE K 24 11.00 31.77 -20.86
CA PHE K 24 9.75 32.46 -20.59
C PHE K 24 9.92 33.41 -19.39
N PRO K 25 9.31 34.59 -19.42
CA PRO K 25 9.44 35.51 -18.28
C PRO K 25 8.59 35.09 -17.10
N ALA K 26 8.76 35.85 -16.01
CA ALA K 26 8.07 35.67 -14.73
C ALA K 26 8.21 34.24 -14.21
N TYR K 27 9.46 33.85 -13.95
CA TYR K 27 9.73 32.56 -13.32
C TYR K 27 9.39 32.60 -11.83
N GLN K 28 8.90 31.46 -11.35
CA GLN K 28 8.53 31.28 -9.96
C GLN K 28 9.70 30.50 -9.35
N THR K 29 9.93 29.27 -9.81
CA THR K 29 11.01 28.45 -9.28
C THR K 29 11.11 27.13 -10.03
N ASP K 30 12.30 26.53 -9.91
CA ASP K 30 12.74 25.47 -10.78
C ASP K 30 13.31 24.37 -9.92
N GLY K 31 12.68 23.20 -9.98
CA GLY K 31 13.25 22.03 -9.37
C GLY K 31 13.63 21.01 -10.41
N SER K 32 14.92 20.65 -10.44
CA SER K 32 15.42 19.58 -11.28
C SER K 32 15.90 18.51 -10.31
N VAL K 33 15.36 17.30 -10.46
CA VAL K 33 15.61 16.22 -9.53
C VAL K 33 16.11 15.01 -10.33
N SER K 34 17.16 14.39 -9.81
CA SER K 34 17.95 13.42 -10.55
C SER K 34 18.25 12.25 -9.61
N GLY K 35 17.62 11.11 -9.87
CA GLY K 35 17.81 9.95 -9.02
C GLY K 35 18.68 8.88 -9.64
N GLU K 36 19.77 8.53 -8.99
CA GLU K 36 20.72 7.54 -9.48
C GLU K 36 20.46 6.24 -8.73
N ARG K 37 19.84 5.28 -9.40
CA ARG K 37 19.42 4.03 -8.75
C ARG K 37 20.63 3.18 -8.42
N GLU K 38 20.57 2.48 -7.30
CA GLU K 38 21.72 1.83 -6.69
C GLU K 38 21.38 0.35 -6.46
N LEU K 39 22.38 -0.39 -6.00
CA LEU K 39 22.25 -1.82 -5.74
C LEU K 39 21.26 -2.07 -4.61
N PHE K 40 20.45 -3.11 -4.78
CA PHE K 40 19.57 -3.60 -3.73
C PHE K 40 20.27 -4.62 -2.86
N ASP K 41 20.22 -4.41 -1.55
CA ASP K 41 20.36 -5.45 -0.54
C ASP K 41 21.81 -5.89 -0.49
N GLU K 42 22.49 -5.55 0.61
CA GLU K 42 23.87 -5.97 0.82
C GLU K 42 24.01 -7.48 0.99
N GLN K 43 22.99 -8.13 1.59
CA GLN K 43 23.00 -9.54 1.99
C GLN K 43 23.93 -9.78 3.19
N THR K 44 24.20 -8.72 3.95
CA THR K 44 25.28 -8.64 4.94
C THR K 44 26.58 -9.24 4.40
N LYS K 45 27.09 -8.66 3.31
CA LYS K 45 28.28 -9.16 2.64
C LYS K 45 29.41 -8.14 2.73
N ASN K 46 30.00 -7.79 1.58
CA ASN K 46 31.05 -6.78 1.55
C ASN K 46 30.57 -5.44 0.98
N GLY K 47 29.26 -5.25 0.87
CA GLY K 47 28.71 -4.02 0.33
C GLY K 47 28.12 -4.24 -1.05
N ARG K 48 26.89 -4.75 -1.07
CA ARG K 48 26.20 -5.04 -2.32
C ARG K 48 25.06 -4.04 -2.45
N ILE K 49 25.20 -2.90 -1.77
CA ILE K 49 24.20 -1.84 -1.83
C ILE K 49 24.86 -0.53 -2.27
N LEU K 50 26.15 -0.59 -2.60
CA LEU K 50 26.87 0.57 -3.11
C LEU K 50 27.12 0.47 -4.61
N GLY K 51 26.31 -0.33 -5.32
CA GLY K 51 26.56 -0.68 -6.69
C GLY K 51 25.85 0.21 -7.69
N PRO K 52 26.32 0.21 -8.94
CA PRO K 52 25.77 1.11 -9.94
C PRO K 52 24.39 0.71 -10.42
N GLY K 53 23.64 1.70 -10.92
CA GLY K 53 22.29 1.47 -11.41
C GLY K 53 21.93 2.56 -12.38
N SER K 54 20.68 2.51 -12.86
CA SER K 54 20.19 3.50 -13.80
C SER K 54 19.87 4.80 -13.07
N VAL K 55 19.57 5.83 -13.85
CA VAL K 55 19.27 7.16 -13.33
C VAL K 55 17.89 7.60 -13.81
N ALA K 56 17.05 8.03 -12.87
CA ALA K 56 15.75 8.59 -13.16
C ALA K 56 15.83 10.09 -12.99
N ASP K 57 15.66 10.83 -14.09
CA ASP K 57 15.90 12.26 -14.10
C ASP K 57 14.60 12.95 -14.50
N SER K 58 14.09 13.76 -13.59
CA SER K 58 12.83 14.48 -13.76
C SER K 58 12.94 15.86 -13.13
N GLY K 59 12.26 16.82 -13.74
CA GLY K 59 12.20 18.16 -13.21
C GLY K 59 10.82 18.76 -13.34
N GLU K 60 10.51 19.73 -12.49
CA GLU K 60 9.26 20.48 -12.56
C GLU K 60 9.61 21.95 -12.72
N VAL K 61 8.73 22.69 -13.38
CA VAL K 61 8.95 24.11 -13.65
C VAL K 61 7.69 24.87 -13.29
N THR K 62 7.82 25.85 -12.41
CA THR K 62 6.69 26.71 -12.09
C THR K 62 6.96 28.11 -12.59
N TYR K 63 5.92 28.76 -13.12
CA TYR K 63 6.01 30.15 -13.55
C TYR K 63 4.61 30.75 -13.61
N TYR K 64 4.54 32.07 -13.77
CA TYR K 64 3.29 32.79 -13.95
C TYR K 64 3.10 33.07 -15.43
N GLY K 65 2.01 32.55 -16.00
CA GLY K 65 1.77 32.68 -17.42
C GLY K 65 1.42 34.07 -17.89
N LYS K 66 2.10 34.54 -18.94
CA LYS K 66 1.78 35.82 -19.54
C LYS K 66 0.79 35.60 -20.70
N ARG K 67 0.01 36.63 -21.00
CA ARG K 67 -1.08 36.51 -21.97
C ARG K 67 -0.68 35.80 -23.25
N GLY K 68 0.42 36.20 -23.89
CA GLY K 68 0.91 35.53 -25.08
C GLY K 68 2.38 35.85 -25.28
N ASP K 69 3.23 34.89 -24.85
CA ASP K 69 4.67 34.86 -25.13
C ASP K 69 5.12 33.45 -25.51
N ALA K 70 6.23 33.40 -26.25
CA ALA K 70 6.61 32.30 -27.13
C ALA K 70 7.12 31.01 -26.48
N GLY K 71 7.89 31.11 -25.40
CA GLY K 71 8.18 29.91 -24.61
C GLY K 71 6.94 29.28 -24.01
N GLN K 72 6.00 30.11 -23.53
CA GLN K 72 4.71 29.59 -23.12
C GLN K 72 3.96 28.96 -24.29
N LYS K 73 3.88 29.63 -25.43
CA LYS K 73 3.34 28.99 -26.62
C LYS K 73 4.19 27.81 -27.06
N ALA K 74 5.48 27.82 -26.78
CA ALA K 74 6.28 26.61 -26.95
C ALA K 74 5.83 25.52 -26.00
N ILE K 75 5.61 25.89 -24.73
CA ILE K 75 5.03 24.95 -23.76
C ILE K 75 3.66 24.49 -24.22
N GLU K 76 2.84 25.42 -24.73
CA GLU K 76 1.50 25.07 -25.16
C GLU K 76 1.49 24.07 -26.30
N ASP K 77 2.26 24.31 -27.36
CA ASP K 77 2.48 23.28 -28.37
C ASP K 77 3.20 22.08 -27.81
N ALA K 78 4.09 22.28 -26.84
CA ALA K 78 4.73 21.14 -26.19
C ALA K 78 3.69 20.18 -25.62
N TYR K 79 2.85 20.65 -24.70
CA TYR K 79 1.91 19.75 -24.04
C TYR K 79 0.71 19.42 -24.92
N GLN K 80 0.10 20.45 -25.50
CA GLN K 80 -1.21 20.30 -26.14
C GLN K 80 -1.11 19.63 -27.50
N ASN K 81 -0.04 19.88 -28.25
CA ASN K 81 0.17 19.13 -29.48
C ASN K 81 0.86 17.80 -29.18
N GLY K 82 1.71 17.75 -28.17
CA GLY K 82 2.40 16.55 -27.78
C GLY K 82 3.73 16.36 -28.48
N LYS K 83 4.72 17.12 -28.03
CA LYS K 83 6.09 17.10 -28.56
C LYS K 83 7.04 17.12 -27.37
N GLN K 84 8.26 16.63 -27.57
CA GLN K 84 9.35 16.80 -26.63
C GLN K 84 10.06 18.12 -26.95
N ILE K 85 10.60 18.77 -25.92
CA ILE K 85 11.32 20.02 -26.12
C ILE K 85 12.74 19.89 -25.63
N LYS K 86 13.66 20.52 -26.35
CA LYS K 86 15.06 20.54 -25.97
C LYS K 86 15.23 21.46 -24.77
N PHE K 87 16.02 20.99 -23.80
CA PHE K 87 16.09 21.55 -22.45
C PHE K 87 17.48 22.10 -22.19
N TRP K 88 17.54 23.40 -21.88
CA TRP K 88 18.78 24.12 -21.62
C TRP K 88 18.62 24.87 -20.29
N ARG K 89 19.59 24.71 -19.39
CA ARG K 89 19.64 25.50 -18.16
C ARG K 89 21.05 26.06 -18.03
N VAL K 90 21.16 27.39 -18.08
CA VAL K 90 22.47 28.02 -18.11
C VAL K 90 22.56 29.03 -16.97
N ASP K 91 23.79 29.49 -16.74
CA ASP K 91 24.05 30.46 -15.71
C ASP K 91 24.37 31.82 -16.31
N THR K 92 23.82 32.86 -15.69
CA THR K 92 23.95 34.23 -16.16
C THR K 92 25.36 34.78 -16.00
N VAL K 93 26.10 34.30 -15.01
CA VAL K 93 27.50 34.73 -14.83
C VAL K 93 28.34 34.24 -16.01
N LYS K 94 29.12 35.14 -16.56
CA LYS K 94 29.89 34.86 -17.76
C LYS K 94 30.91 33.76 -17.49
N ASN K 95 30.98 32.77 -18.37
CA ASN K 95 32.02 31.76 -18.32
C ASN K 95 33.34 32.35 -18.79
N GLU K 96 34.41 31.97 -18.10
CA GLU K 96 35.73 32.50 -18.41
C GLU K 96 36.44 31.80 -19.55
N ASN K 97 36.06 30.56 -19.89
CA ASN K 97 36.54 29.97 -21.12
C ASN K 97 35.38 29.45 -21.96
N ASP K 98 34.19 30.03 -21.78
CA ASP K 98 33.08 29.81 -22.68
C ASP K 98 32.17 31.03 -22.61
N LYS K 99 31.19 31.10 -23.50
CA LYS K 99 30.16 32.12 -23.43
C LYS K 99 29.46 32.08 -22.08
N TYR K 100 28.80 30.96 -21.79
CA TYR K 100 28.10 30.73 -20.54
C TYR K 100 28.29 29.27 -20.18
N ASP K 101 27.68 28.86 -19.06
CA ASP K 101 27.76 27.46 -18.64
C ASP K 101 26.35 26.90 -18.48
N ALA K 102 26.19 25.66 -18.92
CA ALA K 102 24.86 25.12 -19.15
C ALA K 102 24.79 23.68 -18.67
N GLN K 103 23.56 23.22 -18.45
CA GLN K 103 23.22 21.80 -18.46
C GLN K 103 22.10 21.63 -19.47
N PHE K 104 22.17 20.56 -20.25
CA PHE K 104 21.40 20.40 -21.48
C PHE K 104 20.72 19.04 -21.52
N GLY K 105 19.55 18.98 -22.15
CA GLY K 105 18.95 17.69 -22.41
C GLY K 105 17.80 17.78 -23.38
N PHE K 106 17.19 16.63 -23.64
CA PHE K 106 15.91 16.56 -24.34
C PHE K 106 14.86 16.16 -23.33
N ALA K 107 13.77 16.91 -23.29
CA ALA K 107 12.77 16.77 -22.23
C ALA K 107 11.37 16.67 -22.81
N TYR K 108 10.46 16.17 -21.97
CA TYR K 108 9.09 15.87 -22.37
C TYR K 108 8.16 16.55 -21.37
N ILE K 109 6.89 16.70 -21.74
CA ILE K 109 5.91 17.31 -20.87
C ILE K 109 5.13 16.24 -20.13
N GLU K 110 5.66 15.79 -19.00
CA GLU K 110 4.96 14.79 -18.20
C GLU K 110 3.63 15.27 -17.64
N SER K 111 3.55 16.48 -17.12
CA SER K 111 2.28 17.03 -16.68
C SER K 111 2.35 18.54 -16.69
N ARG K 112 1.19 19.17 -16.74
CA ARG K 112 1.05 20.63 -16.68
C ARG K 112 -0.10 20.88 -15.71
N GLU K 113 0.00 21.98 -14.98
CA GLU K 113 -0.96 22.37 -13.96
C GLU K 113 -1.24 23.85 -14.14
N TYR K 114 -2.51 24.23 -14.15
CA TYR K 114 -2.87 25.63 -14.25
C TYR K 114 -3.78 26.04 -13.10
N SER K 115 -3.30 26.99 -12.31
CA SER K 115 -4.05 27.55 -11.20
C SER K 115 -4.48 28.96 -11.53
N ASP K 116 -5.77 29.22 -11.32
CA ASP K 116 -6.36 30.54 -11.32
C ASP K 116 -6.89 30.78 -9.90
N GLY K 117 -6.39 31.82 -9.25
CA GLY K 117 -6.88 32.22 -7.94
C GLY K 117 -7.46 33.61 -7.97
N VAL K 118 -8.25 33.91 -6.94
CA VAL K 118 -8.83 35.24 -6.77
C VAL K 118 -7.77 36.27 -6.39
N GLU K 119 -6.75 35.84 -5.64
CA GLU K 119 -5.58 36.68 -5.42
C GLU K 119 -4.44 36.38 -6.37
N GLY K 120 -3.57 37.35 -6.64
CA GLY K 120 -2.32 37.05 -7.30
C GLY K 120 -2.58 36.92 -8.79
N ALA K 121 -1.76 36.13 -9.47
CA ALA K 121 -1.89 35.98 -10.91
C ALA K 121 -1.71 34.52 -11.32
N VAL K 122 -2.16 34.21 -12.54
CA VAL K 122 -2.24 32.83 -13.01
C VAL K 122 -0.89 32.14 -12.83
N GLU K 123 -0.92 30.91 -12.33
CA GLU K 123 0.31 30.19 -12.04
C GLU K 123 0.29 28.83 -12.72
N ILE K 124 1.34 28.54 -13.46
CA ILE K 124 1.46 27.28 -14.19
C ILE K 124 2.54 26.44 -13.52
N SER K 125 2.17 25.21 -13.18
CA SER K 125 3.12 24.19 -12.77
C SER K 125 3.24 23.16 -13.89
N ILE K 126 4.42 23.06 -14.48
CA ILE K 126 4.66 22.08 -15.53
C ILE K 126 5.75 21.11 -15.04
N SER K 127 5.45 19.82 -15.13
CA SER K 127 6.34 18.77 -14.69
C SER K 127 6.78 17.93 -15.88
N LEU K 128 8.05 17.55 -15.88
CA LEU K 128 8.68 16.87 -17.00
C LEU K 128 9.67 15.84 -16.50
N GLN K 129 9.81 14.75 -17.25
CA GLN K 129 10.89 13.80 -17.06
C GLN K 129 11.92 14.06 -18.16
N VAL K 130 13.13 13.59 -17.95
CA VAL K 130 14.15 13.70 -18.99
C VAL K 130 14.95 12.40 -19.00
N ILE K 131 15.61 12.12 -20.11
CA ILE K 131 16.29 10.84 -20.29
C ILE K 131 17.79 10.99 -20.05
N GLY K 132 18.16 11.97 -19.25
CA GLY K 132 19.55 12.17 -18.91
C GLY K 132 20.03 13.55 -19.31
N GLU K 133 19.97 14.48 -18.37
CA GLU K 133 20.52 15.81 -18.60
C GLU K 133 22.02 15.82 -18.36
N LEU K 134 22.73 16.50 -19.26
CA LEU K 134 24.19 16.51 -19.23
C LEU K 134 24.64 17.95 -19.03
N LYS K 135 25.84 18.11 -18.48
CA LYS K 135 26.39 19.42 -18.18
C LYS K 135 27.39 19.80 -19.27
N ASN K 136 27.37 21.07 -19.67
CA ASN K 136 28.32 21.58 -20.66
C ASN K 136 28.49 23.07 -20.46
N GLY K 137 29.16 23.72 -21.41
CA GLY K 137 29.19 25.16 -21.41
C GLY K 137 28.22 25.74 -22.42
N GLU K 138 27.59 26.84 -22.03
CA GLU K 138 26.53 27.44 -22.84
C GLU K 138 27.17 28.33 -23.90
N ILE K 139 26.77 28.10 -25.15
CA ILE K 139 27.36 28.83 -26.26
C ILE K 139 26.55 30.09 -26.57
N ASP K 140 25.23 29.97 -26.61
CA ASP K 140 24.40 31.11 -26.97
C ASP K 140 24.08 31.96 -25.75
N THR K 141 24.66 33.17 -25.72
CA THR K 141 24.37 34.12 -24.67
C THR K 141 22.91 34.58 -24.67
N LEU K 142 22.34 34.87 -25.85
CA LEU K 142 21.01 35.44 -26.06
C LEU K 142 20.88 36.72 -25.26
N PRO K 143 21.69 37.75 -25.55
CA PRO K 143 21.95 38.83 -24.59
C PRO K 143 20.76 39.73 -24.28
N GLU K 144 19.68 39.51 -25.01
CA GLU K 144 18.40 40.15 -24.75
C GLU K 144 17.85 39.78 -23.37
N GLU K 145 18.04 38.53 -22.96
CA GLU K 145 17.45 38.03 -21.73
C GLU K 145 18.46 37.72 -20.64
N ILE K 146 19.33 36.73 -20.82
CA ILE K 146 20.33 36.36 -19.84
C ILE K 146 21.27 37.51 -19.55
N VAL K 147 21.86 38.09 -20.58
CA VAL K 147 22.84 39.16 -20.42
C VAL K 147 22.11 40.38 -19.90
N ASN K 148 21.00 40.73 -20.56
CA ASN K 148 20.24 41.93 -20.21
C ASN K 148 18.94 41.57 -19.48
N VAL K 149 18.88 41.82 -18.18
CA VAL K 149 17.61 41.69 -17.47
C VAL K 149 17.40 42.96 -16.64
N SER K 150 16.62 43.89 -17.20
CA SER K 150 16.46 45.20 -16.59
C SER K 150 15.24 45.31 -15.70
N LYS K 151 15.21 46.27 -14.79
CA LYS K 151 14.01 46.48 -13.98
C LYS K 151 12.90 47.23 -14.69
N GLY K 152 13.08 47.63 -15.95
CA GLY K 152 12.08 48.39 -16.67
C GLY K 152 12.30 49.89 -16.56
N GLY K 153 13.29 50.30 -15.77
CA GLY K 153 13.56 51.70 -15.53
C GLY K 153 14.29 52.34 -16.70
N TYR K 154 13.90 53.57 -17.01
CA TYR K 154 14.49 54.38 -18.07
C TYR K 154 14.60 55.82 -17.56
N ASP K 155 15.60 56.55 -18.08
CA ASP K 155 16.12 57.74 -17.39
C ASP K 155 15.10 58.83 -17.12
N PHE K 156 14.39 59.31 -18.16
CA PHE K 156 13.19 60.16 -18.12
C PHE K 156 12.29 59.81 -19.28
N GLN K 157 11.03 60.24 -19.16
CA GLN K 157 10.16 60.52 -20.30
C GLN K 157 9.31 61.72 -19.90
N GLN K 158 9.80 62.94 -20.18
CA GLN K 158 9.19 64.12 -19.57
C GLN K 158 8.41 65.00 -20.57
N PRO K 159 8.70 65.00 -21.89
CA PRO K 159 7.77 65.73 -22.78
C PRO K 159 6.49 64.99 -23.08
N GLY K 160 6.23 63.87 -22.41
CA GLY K 160 5.11 63.03 -22.79
C GLY K 160 5.27 62.11 -23.97
N GLN K 161 5.82 60.91 -23.77
CA GLN K 161 5.90 59.96 -24.89
C GLN K 161 4.79 58.92 -24.79
N THR K 162 3.53 59.34 -24.98
CA THR K 162 2.33 58.50 -25.02
C THR K 162 2.51 57.22 -24.20
N THR K 163 2.50 57.37 -22.87
CA THR K 163 2.92 56.27 -22.02
C THR K 163 1.70 55.50 -21.55
N GLY K 164 1.93 54.27 -21.09
CA GLY K 164 0.91 53.48 -20.45
C GLY K 164 1.42 52.73 -19.24
N GLU K 165 0.77 51.61 -18.91
CA GLU K 165 1.15 50.83 -17.72
C GLU K 165 2.52 50.18 -17.89
N ALA K 166 2.93 49.97 -19.15
CA ALA K 166 4.19 49.32 -19.47
C ALA K 166 5.33 50.31 -19.28
N PRO K 167 6.56 49.83 -19.17
CA PRO K 167 7.61 50.59 -18.49
C PRO K 167 8.31 51.59 -19.40
N GLY K 168 7.98 51.47 -20.69
CA GLY K 168 8.28 52.51 -21.66
C GLY K 168 7.46 52.52 -22.94
N THR K 169 6.47 53.39 -23.04
CA THR K 169 5.78 53.59 -24.31
C THR K 169 6.41 54.76 -25.05
N VAL K 170 6.09 54.82 -26.34
CA VAL K 170 6.56 55.89 -27.23
C VAL K 170 5.34 56.58 -27.82
N PRO K 171 5.49 57.76 -28.47
CA PRO K 171 4.32 58.43 -29.05
C PRO K 171 3.82 57.72 -30.28
N ALA K 172 2.64 57.11 -30.16
CA ALA K 172 2.03 56.22 -31.16
C ALA K 172 2.94 55.04 -31.50
N PRO L 1 29.23 20.74 24.07
CA PRO L 1 29.31 19.44 23.39
C PRO L 1 29.87 19.83 22.02
N ILE L 2 29.57 19.02 21.01
CA ILE L 2 30.00 19.29 19.65
C ILE L 2 29.05 20.32 19.05
N MET L 3 29.61 21.34 18.42
CA MET L 3 28.84 22.43 17.85
C MET L 3 28.39 22.10 16.43
N GLY L 4 27.43 22.88 15.93
CA GLY L 4 26.98 22.74 14.56
C GLY L 4 28.04 23.03 13.51
N GLN L 5 28.96 23.96 13.79
CA GLN L 5 30.11 24.21 12.95
C GLN L 5 31.23 23.21 13.19
N ASP L 6 31.19 22.50 14.32
CA ASP L 6 32.30 21.64 14.74
C ASP L 6 32.49 20.42 13.85
N VAL L 7 31.44 19.73 13.44
CA VAL L 7 31.56 18.53 12.62
C VAL L 7 31.46 18.94 11.17
N LYS L 8 32.54 18.73 10.41
CA LYS L 8 32.51 19.02 8.98
C LYS L 8 32.92 17.79 8.18
N TYR L 9 32.49 17.77 6.92
CA TYR L 9 32.48 16.58 6.09
C TYR L 9 33.33 16.84 4.85
N LEU L 10 34.34 16.02 4.63
CA LEU L 10 35.15 16.10 3.43
C LEU L 10 35.02 14.79 2.64
N PHE L 11 35.11 14.89 1.32
CA PHE L 11 35.09 13.72 0.45
C PHE L 11 36.37 13.67 -0.37
N GLN L 12 36.86 12.45 -0.59
CA GLN L 12 37.96 12.25 -1.53
C GLN L 12 37.54 11.25 -2.59
N SER L 13 37.69 11.66 -3.85
CA SER L 13 37.33 10.81 -4.98
C SER L 13 38.32 9.65 -5.12
N ILE L 14 37.81 8.52 -5.60
CA ILE L 14 38.66 7.34 -5.77
C ILE L 14 39.64 7.52 -6.93
N ASP L 15 39.19 8.04 -8.06
CA ASP L 15 40.01 8.09 -9.26
C ASP L 15 41.10 9.16 -9.19
N ALA L 16 40.93 10.19 -8.37
CA ALA L 16 41.90 11.29 -8.36
C ALA L 16 43.30 10.77 -8.06
N ALA L 17 43.43 9.91 -7.03
CA ALA L 17 44.70 9.42 -6.49
C ALA L 17 45.60 10.57 -6.02
N THR L 18 45.02 11.51 -5.28
CA THR L 18 45.72 12.66 -4.75
C THR L 18 45.83 12.53 -3.25
N GLY L 19 46.75 13.28 -2.65
CA GLY L 19 46.97 13.24 -1.21
C GLY L 19 46.14 14.24 -0.44
N SER L 20 44.92 14.49 -0.89
CA SER L 20 44.06 15.47 -0.24
C SER L 20 42.62 15.38 -0.71
N ALA L 21 41.67 15.60 0.21
CA ALA L 21 40.23 15.45 0.04
C ALA L 21 39.51 16.80 -0.06
N PRO L 22 38.89 17.13 -1.22
CA PRO L 22 38.17 18.41 -1.31
C PRO L 22 36.88 18.41 -0.50
N LEU L 23 36.66 19.46 0.27
CA LEU L 23 35.37 19.69 0.89
C LEU L 23 34.77 20.97 0.34
N PHE L 24 33.47 21.06 0.39
CA PHE L 24 32.87 22.12 -0.39
C PHE L 24 32.38 23.24 0.53
N PRO L 25 32.51 24.50 0.14
CA PRO L 25 32.03 25.59 1.00
C PRO L 25 30.52 25.74 0.96
N ALA L 26 30.03 26.65 1.80
CA ALA L 26 28.61 26.99 1.94
C ALA L 26 27.76 25.76 2.20
N TYR L 27 28.03 25.10 3.32
CA TYR L 27 27.22 23.98 3.76
C TYR L 27 25.89 24.47 4.35
N GLN L 28 24.85 23.68 4.10
CA GLN L 28 23.51 23.96 4.59
C GLN L 28 23.34 23.03 5.79
N THR L 29 23.38 21.73 5.59
CA THR L 29 23.20 20.78 6.68
C THR L 29 23.36 19.34 6.19
N ASP L 30 23.64 18.48 7.16
CA ASP L 30 24.16 17.15 6.89
C ASP L 30 23.38 16.17 7.74
N GLY L 31 22.68 15.27 7.07
CA GLY L 31 22.06 14.15 7.75
C GLY L 31 22.71 12.85 7.36
N SER L 32 23.23 12.13 8.35
CA SER L 32 23.76 10.79 8.16
C SER L 32 22.85 9.90 8.99
N VAL L 33 22.25 8.91 8.33
CA VAL L 33 21.26 8.06 8.94
C VAL L 33 21.70 6.61 8.76
N SER L 34 21.59 5.84 9.85
CA SER L 34 22.21 4.53 9.96
C SER L 34 21.20 3.59 10.62
N GLY L 35 20.67 2.65 9.84
CA GLY L 35 19.68 1.73 10.35
C GLY L 35 20.21 0.34 10.58
N GLU L 36 20.14 -0.14 11.81
CA GLU L 36 20.63 -1.47 12.19
C GLU L 36 19.43 -2.41 12.27
N ARG L 37 19.30 -3.28 11.28
CA ARG L 37 18.14 -4.14 11.17
C ARG L 37 18.17 -5.21 12.26
N GLU L 38 17.00 -5.57 12.77
CA GLU L 38 16.87 -6.37 13.98
C GLU L 38 15.99 -7.57 13.68
N LEU L 39 15.85 -8.45 14.68
CA LEU L 39 15.07 -9.67 14.57
C LEU L 39 13.59 -9.34 14.38
N PHE L 40 12.94 -10.10 13.51
CA PHE L 40 11.49 -10.04 13.35
C PHE L 40 10.80 -10.99 14.31
N ASP L 41 9.82 -10.45 15.05
CA ASP L 41 8.72 -11.22 15.62
C ASP L 41 9.26 -12.04 16.79
N GLU L 42 8.86 -11.65 18.00
CA GLU L 42 9.23 -12.39 19.20
C GLU L 42 8.62 -13.78 19.25
N GLN L 43 7.40 -13.94 18.70
CA GLN L 43 6.58 -15.16 18.78
C GLN L 43 6.02 -15.37 20.19
N THR L 44 5.94 -14.28 20.96
CA THR L 44 5.76 -14.28 22.43
C THR L 44 6.61 -15.36 23.11
N LYS L 45 7.92 -15.23 22.94
CA LYS L 45 8.88 -16.21 23.48
C LYS L 45 9.75 -15.56 24.55
N ASN L 46 11.07 -15.69 24.42
CA ASN L 46 12.01 -15.07 25.36
C ASN L 46 12.68 -13.84 24.78
N GLY L 47 12.18 -13.29 23.68
CA GLY L 47 12.78 -12.13 23.06
C GLY L 47 13.47 -12.49 21.77
N ARG L 48 12.69 -12.61 20.70
CA ARG L 48 13.22 -12.98 19.39
C ARG L 48 13.10 -11.74 18.50
N ILE L 49 13.05 -10.58 19.12
CA ILE L 49 12.99 -9.31 18.40
C ILE L 49 14.14 -8.40 18.81
N LEU L 50 15.02 -8.92 19.67
CA LEU L 50 16.20 -8.18 20.09
C LEU L 50 17.47 -8.71 19.41
N GLY L 51 17.32 -9.39 18.27
CA GLY L 51 18.41 -10.11 17.64
C GLY L 51 19.15 -9.32 16.59
N PRO L 52 20.36 -9.76 16.26
CA PRO L 52 21.20 -9.00 15.33
C PRO L 52 20.73 -9.08 13.89
N GLY L 53 21.10 -8.07 13.10
CA GLY L 53 20.72 -8.01 11.70
C GLY L 53 21.70 -7.12 10.97
N SER L 54 21.42 -6.92 9.68
CA SER L 54 22.28 -6.08 8.86
C SER L 54 22.01 -4.61 9.15
N VAL L 55 22.84 -3.75 8.56
CA VAL L 55 22.78 -2.32 8.77
C VAL L 55 22.61 -1.63 7.41
N ALA L 56 21.61 -0.75 7.32
CA ALA L 56 21.39 0.08 6.16
C ALA L 56 21.85 1.49 6.49
N ASP L 57 22.88 1.95 5.80
CA ASP L 57 23.54 3.20 6.13
C ASP L 57 23.45 4.13 4.93
N SER L 58 22.77 5.25 5.12
CA SER L 58 22.54 6.24 4.08
C SER L 58 22.59 7.64 4.68
N GLY L 59 23.08 8.57 3.87
CA GLY L 59 23.13 9.96 4.28
C GLY L 59 22.74 10.89 3.16
N GLU L 60 22.27 12.08 3.50
CA GLU L 60 21.98 13.12 2.52
C GLU L 60 22.81 14.33 2.87
N VAL L 61 23.16 15.12 1.85
CA VAL L 61 23.99 16.30 2.03
C VAL L 61 23.36 17.47 1.30
N THR L 62 23.09 18.55 2.01
CA THR L 62 22.58 19.75 1.37
C THR L 62 23.62 20.86 1.46
N TYR L 63 23.74 21.63 0.38
CA TYR L 63 24.64 22.79 0.36
C TYR L 63 24.20 23.74 -0.75
N TYR L 64 24.77 24.94 -0.76
CA TYR L 64 24.54 25.93 -1.80
C TYR L 64 25.71 25.89 -2.78
N GLY L 65 25.41 25.60 -4.05
CA GLY L 65 26.45 25.44 -5.04
C GLY L 65 27.15 26.71 -5.44
N LYS L 66 28.49 26.69 -5.43
CA LYS L 66 29.26 27.82 -5.91
C LYS L 66 29.59 27.62 -7.39
N ARG L 67 29.80 28.74 -8.10
CA ARG L 67 29.97 28.72 -9.55
C ARG L 67 30.92 27.63 -10.03
N GLY L 68 32.11 27.53 -9.47
CA GLY L 68 33.05 26.48 -9.82
C GLY L 68 34.07 26.28 -8.71
N ASP L 69 33.81 25.26 -7.88
CA ASP L 69 34.74 24.75 -6.87
C ASP L 69 34.75 23.21 -6.88
N ALA L 70 35.87 22.66 -6.40
CA ALA L 70 36.35 21.32 -6.73
C ALA L 70 35.64 20.13 -6.08
N GLY L 71 35.21 20.25 -4.82
CA GLY L 71 34.30 19.26 -4.25
C GLY L 71 32.98 19.18 -4.99
N GLN L 72 32.43 20.34 -5.38
CA GLN L 72 31.27 20.33 -6.26
C GLN L 72 31.57 19.70 -7.60
N LYS L 73 32.69 20.06 -8.25
CA LYS L 73 33.09 19.34 -9.44
C LYS L 73 33.43 17.89 -9.13
N ALA L 74 33.87 17.59 -7.91
CA ALA L 74 33.97 16.20 -7.50
C ALA L 74 32.60 15.55 -7.43
N ILE L 75 31.63 16.26 -6.84
CA ILE L 75 30.24 15.80 -6.86
C ILE L 75 29.74 15.66 -8.29
N GLU L 76 30.07 16.64 -9.15
CA GLU L 76 29.59 16.61 -10.52
C GLU L 76 30.12 15.41 -11.29
N ASP L 77 31.43 15.14 -11.24
CA ASP L 77 31.94 13.88 -11.77
C ASP L 77 31.42 12.69 -10.98
N ALA L 78 31.20 12.86 -9.68
CA ALA L 78 30.60 11.78 -8.92
C ALA L 78 29.28 11.33 -9.54
N TYR L 79 28.30 12.23 -9.64
CA TYR L 79 26.99 11.83 -10.11
C TYR L 79 26.95 11.67 -11.63
N GLN L 80 27.47 12.66 -12.36
CA GLN L 80 27.25 12.76 -13.79
C GLN L 80 28.12 11.77 -14.57
N ASN L 81 29.34 11.52 -14.10
CA ASN L 81 30.13 10.45 -14.71
C ASN L 81 29.77 9.09 -14.14
N GLY L 82 29.39 9.05 -12.86
CA GLY L 82 28.98 7.82 -12.21
C GLY L 82 30.14 7.10 -11.55
N LYS L 83 30.56 7.62 -10.40
CA LYS L 83 31.66 7.06 -9.61
C LYS L 83 31.22 7.09 -8.15
N GLN L 84 31.81 6.24 -7.33
CA GLN L 84 31.69 6.30 -5.88
C GLN L 84 32.78 7.24 -5.34
N ILE L 85 32.49 7.93 -4.25
CA ILE L 85 33.46 8.82 -3.65
C ILE L 85 33.74 8.41 -2.22
N LYS L 86 35.00 8.54 -1.82
CA LYS L 86 35.42 8.24 -0.46
C LYS L 86 34.90 9.33 0.47
N PHE L 87 34.36 8.90 1.61
CA PHE L 87 33.55 9.72 2.50
C PHE L 87 34.25 9.89 3.84
N TRP L 88 34.51 11.15 4.21
CA TRP L 88 35.19 11.51 5.44
C TRP L 88 34.35 12.56 6.15
N ARG L 89 34.08 12.36 7.44
CA ARG L 89 33.43 13.36 8.28
C ARG L 89 34.25 13.52 9.55
N VAL L 90 34.82 14.69 9.75
CA VAL L 90 35.73 14.88 10.86
C VAL L 90 35.26 16.06 11.71
N ASP L 91 35.86 16.18 12.88
CA ASP L 91 35.54 17.26 13.79
C ASP L 91 36.68 18.26 13.85
N THR L 92 36.29 19.55 13.88
CA THR L 92 37.22 20.67 13.86
C THR L 92 38.01 20.79 15.15
N VAL L 93 37.43 20.38 16.28
CA VAL L 93 38.15 20.40 17.55
C VAL L 93 39.32 19.41 17.51
N LYS L 94 40.48 19.89 17.93
CA LYS L 94 41.71 19.11 17.83
C LYS L 94 41.60 17.86 18.70
N ASN L 95 41.97 16.71 18.14
CA ASN L 95 42.08 15.49 18.91
C ASN L 95 43.34 15.52 19.77
N GLU L 96 43.21 15.03 21.00
CA GLU L 96 44.29 15.05 21.96
C GLU L 96 45.30 13.93 21.79
N ASN L 97 44.91 12.81 21.16
CA ASN L 97 45.90 11.81 20.77
C ASN L 97 45.78 11.48 19.28
N ASP L 98 45.25 12.40 18.50
CA ASP L 98 45.32 12.32 17.05
C ASP L 98 45.25 13.73 16.48
N LYS L 99 45.49 13.87 15.18
CA LYS L 99 45.27 15.14 14.50
C LYS L 99 43.85 15.62 14.71
N TYR L 100 42.89 14.85 14.22
CA TYR L 100 41.47 15.15 14.34
C TYR L 100 40.74 13.83 14.54
N ASP L 101 39.42 13.89 14.64
CA ASP L 101 38.62 12.68 14.79
C ASP L 101 37.58 12.63 13.69
N ALA L 102 37.39 11.42 13.17
CA ALA L 102 36.70 11.25 11.90
C ALA L 102 35.76 10.05 11.96
N GLN L 103 34.81 10.04 11.04
CA GLN L 103 34.13 8.83 10.61
C GLN L 103 34.29 8.76 9.09
N PHE L 104 34.54 7.55 8.59
CA PHE L 104 35.05 7.34 7.24
C PHE L 104 34.25 6.27 6.53
N GLY L 105 34.13 6.40 5.21
CA GLY L 105 33.55 5.32 4.44
C GLY L 105 33.78 5.51 2.95
N PHE L 106 33.24 4.56 2.18
CA PHE L 106 33.12 4.71 0.74
C PHE L 106 31.65 4.88 0.41
N ALA L 107 31.34 5.91 -0.37
CA ALA L 107 29.97 6.33 -0.58
C ALA L 107 29.67 6.51 -2.07
N TYR L 108 28.37 6.51 -2.38
CA TYR L 108 27.88 6.54 -3.74
C TYR L 108 26.89 7.68 -3.86
N ILE L 109 26.59 8.11 -5.09
CA ILE L 109 25.63 9.18 -5.31
C ILE L 109 24.27 8.58 -5.64
N GLU L 110 23.48 8.29 -4.60
CA GLU L 110 22.14 7.77 -4.82
C GLU L 110 21.21 8.72 -5.53
N SER L 111 21.21 10.01 -5.17
CA SER L 111 20.42 10.99 -5.88
C SER L 111 21.02 12.36 -5.66
N ARG L 112 20.70 13.28 -6.57
CA ARG L 112 21.11 14.69 -6.50
C ARG L 112 19.86 15.48 -6.85
N GLU L 113 19.74 16.65 -6.23
CA GLU L 113 18.60 17.54 -6.38
C GLU L 113 19.15 18.94 -6.55
N TYR L 114 18.64 19.67 -7.54
CA TYR L 114 19.05 21.04 -7.75
C TYR L 114 17.84 21.98 -7.78
N SER L 115 17.82 22.90 -6.83
CA SER L 115 16.78 23.90 -6.74
C SER L 115 17.32 25.26 -7.13
N ASP L 116 16.60 25.93 -8.03
CA ASP L 116 16.79 27.33 -8.37
C ASP L 116 15.50 28.03 -7.96
N GLY L 117 15.62 29.01 -7.06
CA GLY L 117 14.50 29.83 -6.67
C GLY L 117 14.73 31.28 -7.01
N VAL L 118 13.64 32.05 -7.02
CA VAL L 118 13.70 33.49 -7.25
C VAL L 118 14.32 34.22 -6.06
N GLU L 119 14.09 33.71 -4.85
CA GLU L 119 14.81 34.20 -3.69
C GLU L 119 16.02 33.35 -3.35
N GLY L 120 17.01 33.93 -2.68
CA GLY L 120 18.06 33.13 -2.08
C GLY L 120 19.05 32.72 -3.15
N ALA L 121 19.70 31.59 -2.97
CA ALA L 121 20.72 31.13 -3.91
C ALA L 121 20.59 29.62 -4.16
N VAL L 122 21.21 29.18 -5.26
CA VAL L 122 21.02 27.82 -5.74
C VAL L 122 21.31 26.82 -4.62
N GLU L 123 20.46 25.82 -4.50
CA GLU L 123 20.60 24.86 -3.40
C GLU L 123 20.61 23.44 -3.95
N ILE L 124 21.63 22.68 -3.56
CA ILE L 124 21.80 21.31 -4.01
C ILE L 124 21.51 20.38 -2.86
N SER L 125 20.62 19.43 -3.08
CA SER L 125 20.39 18.31 -2.18
C SER L 125 20.95 17.06 -2.84
N ILE L 126 21.97 16.47 -2.23
CA ILE L 126 22.56 15.23 -2.74
C ILE L 126 22.37 14.15 -1.70
N SER L 127 21.82 13.02 -2.12
CA SER L 127 21.55 11.89 -1.25
C SER L 127 22.40 10.70 -1.68
N LEU L 128 22.89 9.96 -0.69
CA LEU L 128 23.84 8.89 -0.90
C LEU L 128 23.58 7.75 0.09
N GLN L 129 23.84 6.53 -0.35
CA GLN L 129 23.90 5.38 0.54
C GLN L 129 25.36 5.06 0.76
N VAL L 130 25.65 4.32 1.82
CA VAL L 130 27.00 3.86 2.07
C VAL L 130 26.94 2.42 2.57
N ILE L 131 28.05 1.70 2.43
CA ILE L 131 28.06 0.27 2.75
C ILE L 131 28.68 0.03 4.12
N GLY L 132 28.60 1.03 4.99
CA GLY L 132 29.12 0.89 6.33
C GLY L 132 30.17 1.93 6.64
N GLU L 133 29.74 3.04 7.23
CA GLU L 133 30.68 4.05 7.68
C GLU L 133 31.26 3.68 9.05
N LEU L 134 32.56 3.87 9.18
CA LEU L 134 33.28 3.46 10.38
C LEU L 134 33.88 4.70 11.02
N LYS L 135 34.11 4.63 12.32
CA LYS L 135 34.64 5.75 13.09
C LYS L 135 36.13 5.56 13.31
N ASN L 136 36.90 6.63 13.21
CA ASN L 136 38.33 6.59 13.45
C ASN L 136 38.81 7.96 13.88
N GLY L 137 40.13 8.14 13.95
CA GLY L 137 40.68 9.47 14.12
C GLY L 137 41.17 10.04 12.82
N GLU L 138 40.96 11.34 12.65
CA GLU L 138 41.28 12.01 11.40
C GLU L 138 42.74 12.38 11.39
N ILE L 139 43.45 11.99 10.33
CA ILE L 139 44.89 12.22 10.24
C ILE L 139 45.18 13.55 9.55
N ASP L 140 44.50 13.82 8.44
CA ASP L 140 44.77 15.03 7.68
C ASP L 140 43.97 16.20 8.22
N THR L 141 44.67 17.16 8.83
CA THR L 141 44.04 18.39 9.30
C THR L 141 43.48 19.23 8.17
N LEU L 142 44.23 19.38 7.06
CA LEU L 142 43.93 20.24 5.92
C LEU L 142 43.69 21.66 6.42
N PRO L 143 44.71 22.32 7.02
CA PRO L 143 44.48 23.47 7.90
C PRO L 143 43.98 24.72 7.21
N GLU L 144 43.92 24.66 5.88
CA GLU L 144 43.30 25.69 5.06
C GLU L 144 41.82 25.84 5.37
N GLU L 145 41.12 24.73 5.63
CA GLU L 145 39.69 24.74 5.80
C GLU L 145 39.23 24.42 7.21
N ILE L 146 39.45 23.20 7.70
CA ILE L 146 39.05 22.80 9.04
C ILE L 146 39.72 23.67 10.11
N VAL L 147 41.04 23.77 10.04
CA VAL L 147 41.80 24.51 11.05
C VAL L 147 41.46 25.99 10.89
N ASN L 148 41.55 26.48 9.64
CA ASN L 148 41.33 27.89 9.35
C ASN L 148 39.97 28.12 8.68
N VAL L 149 39.02 28.68 9.40
CA VAL L 149 37.77 29.10 8.77
C VAL L 149 37.48 30.54 9.21
N SER L 150 37.85 31.50 8.35
CA SER L 150 37.79 32.90 8.72
C SER L 150 36.50 33.57 8.25
N LYS L 151 36.13 34.69 8.85
CA LYS L 151 34.96 35.43 8.37
C LYS L 151 35.23 36.29 7.13
N GLY L 152 36.46 36.29 6.60
CA GLY L 152 36.80 37.12 5.46
C GLY L 152 37.36 38.47 5.87
N GLY L 153 37.40 38.74 7.16
CA GLY L 153 37.86 40.02 7.67
C GLY L 153 39.37 40.11 7.66
N TYR L 154 39.86 41.29 7.30
CA TYR L 154 41.28 41.62 7.26
C TYR L 154 41.48 43.03 7.80
N ASP L 155 42.64 43.29 8.39
CA ASP L 155 42.80 44.40 9.33
C ASP L 155 42.46 45.79 8.77
N PHE L 156 43.10 46.18 7.66
CA PHE L 156 42.77 47.34 6.81
C PHE L 156 43.10 46.99 5.36
N GLN L 157 42.53 47.78 4.46
CA GLN L 157 43.09 48.02 3.13
C GLN L 157 42.78 49.47 2.80
N GLN L 158 43.69 50.40 3.16
CA GLN L 158 43.34 51.81 3.14
C GLN L 158 44.05 52.62 2.04
N PRO L 159 45.23 52.22 1.52
CA PRO L 159 45.73 52.94 0.34
C PRO L 159 45.04 52.57 -0.96
N GLY L 160 43.98 51.76 -0.92
CA GLY L 160 43.40 51.24 -2.13
C GLY L 160 44.07 50.04 -2.78
N GLN L 161 43.76 48.82 -2.35
CA GLN L 161 44.32 47.65 -3.03
C GLN L 161 43.31 47.03 -3.98
N THR L 162 42.98 47.75 -5.06
CA THR L 162 42.09 47.32 -6.15
C THR L 162 41.08 46.28 -5.68
N THR L 163 40.08 46.73 -4.91
CA THR L 163 39.23 45.81 -4.19
C THR L 163 37.97 45.56 -5.01
N GLY L 164 37.27 44.47 -4.68
CA GLY L 164 35.96 44.19 -5.23
C GLY L 164 35.00 43.64 -4.20
N GLU L 165 34.01 42.88 -4.66
CA GLU L 165 32.99 42.34 -3.75
C GLU L 165 33.57 41.29 -2.82
N ALA L 166 34.69 40.67 -3.22
CA ALA L 166 35.35 39.62 -2.46
C ALA L 166 36.14 40.25 -1.31
N PRO L 167 36.49 39.46 -0.30
CA PRO L 167 36.76 40.02 1.03
C PRO L 167 38.19 40.53 1.17
N GLY L 168 38.99 40.20 0.16
CA GLY L 168 40.28 40.85 -0.05
C GLY L 168 40.87 40.78 -1.44
N THR L 169 40.77 41.86 -2.21
CA THR L 169 41.49 41.94 -3.47
C THR L 169 42.81 42.66 -3.27
N VAL L 170 43.69 42.49 -4.26
CA VAL L 170 45.01 43.12 -4.28
C VAL L 170 45.11 43.99 -5.53
N PRO L 171 46.13 44.87 -5.65
CA PRO L 171 46.22 45.70 -6.86
C PRO L 171 46.68 44.89 -8.05
N ALA L 172 45.76 44.70 -9.00
CA ALA L 172 45.91 43.81 -10.16
C ALA L 172 46.22 42.37 -9.75
N PRO A 1 -10.78 -17.63 24.15
CA PRO A 1 -10.74 -19.04 23.76
C PRO A 1 -9.28 -19.40 23.97
N ILE A 2 -8.78 -20.39 23.24
CA ILE A 2 -7.39 -20.81 23.32
C ILE A 2 -6.56 -19.84 22.50
N MET A 3 -5.45 -19.38 23.08
CA MET A 3 -4.59 -18.40 22.45
C MET A 3 -3.55 -19.08 21.56
N GLY A 4 -2.89 -18.28 20.73
CA GLY A 4 -1.80 -18.76 19.90
C GLY A 4 -0.60 -19.27 20.66
N GLN A 5 -0.28 -18.66 21.79
CA GLN A 5 0.75 -19.14 22.70
C GLN A 5 0.26 -20.31 23.55
N ASP A 6 -1.06 -20.48 23.67
CA ASP A 6 -1.63 -21.45 24.58
C ASP A 6 -1.35 -22.90 24.22
N VAL A 7 -1.35 -23.27 22.95
CA VAL A 7 -1.12 -24.64 22.52
C VAL A 7 0.36 -24.82 22.29
N LYS A 8 1.00 -25.70 23.07
CA LYS A 8 2.41 -25.98 22.86
C LYS A 8 2.63 -27.48 22.72
N TYR A 9 3.66 -27.83 21.94
CA TYR A 9 3.85 -29.17 21.41
C TYR A 9 5.17 -29.73 21.93
N LEU A 10 5.08 -30.82 22.68
CA LEU A 10 6.28 -31.50 23.14
C LEU A 10 6.34 -32.91 22.53
N PHE A 11 7.55 -33.35 22.19
CA PHE A 11 7.78 -34.69 21.67
C PHE A 11 8.69 -35.46 22.61
N GLN A 12 8.39 -36.75 22.76
CA GLN A 12 9.29 -37.64 23.47
C GLN A 12 9.76 -38.73 22.51
N SER A 13 11.08 -38.90 22.43
CA SER A 13 11.68 -39.91 21.58
C SER A 13 11.42 -41.31 22.13
N ILE A 14 11.30 -42.28 21.21
CA ILE A 14 11.04 -43.66 21.62
C ILE A 14 12.25 -44.29 22.27
N ASP A 15 13.46 -44.01 21.77
CA ASP A 15 14.65 -44.70 22.22
C ASP A 15 15.22 -44.12 23.51
N ALA A 16 14.87 -42.89 23.86
CA ALA A 16 15.47 -42.27 25.04
C ALA A 16 15.09 -43.02 26.31
N ALA A 17 13.79 -43.34 26.47
CA ALA A 17 13.20 -43.94 27.68
C ALA A 17 13.47 -43.08 28.91
N THR A 18 13.26 -41.77 28.77
CA THR A 18 13.46 -40.81 29.85
C THR A 18 12.11 -40.39 30.41
N GLY A 19 12.11 -39.87 31.63
CA GLY A 19 10.89 -39.46 32.29
C GLY A 19 10.48 -38.03 31.98
N SER A 20 10.69 -37.60 30.73
CA SER A 20 10.37 -36.23 30.36
C SER A 20 10.53 -36.01 28.86
N ALA A 21 9.67 -35.15 28.29
CA ALA A 21 9.54 -34.85 26.87
C ALA A 21 10.09 -33.47 26.50
N PRO A 22 11.17 -33.38 25.69
CA PRO A 22 11.67 -32.05 25.31
C PRO A 22 10.75 -31.34 24.34
N LEU A 23 10.54 -30.05 24.56
CA LEU A 23 9.89 -29.21 23.57
C LEU A 23 10.86 -28.13 23.11
N PHE A 24 10.67 -27.67 21.90
CA PHE A 24 11.74 -26.87 21.36
C PHE A 24 11.37 -25.38 21.38
N PRO A 25 12.30 -24.50 21.70
CA PRO A 25 11.96 -23.06 21.71
C PRO A 25 11.88 -22.47 20.31
N ALA A 26 11.47 -21.20 20.28
CA ALA A 26 11.30 -20.39 19.07
C ALA A 26 10.47 -21.11 18.01
N TYR A 27 9.20 -21.35 18.36
CA TYR A 27 8.25 -21.90 17.42
C TYR A 27 7.75 -20.83 16.45
N GLN A 28 7.51 -21.26 15.23
CA GLN A 28 7.01 -20.42 14.16
C GLN A 28 5.50 -20.69 14.12
N THR A 29 5.10 -21.93 13.85
CA THR A 29 3.70 -22.27 13.77
C THR A 29 3.50 -23.76 13.48
N ASP A 30 2.28 -24.20 13.75
CA ASP A 30 1.97 -25.61 13.86
C ASP A 30 0.63 -25.86 13.18
N GLY A 31 0.66 -26.68 12.15
CA GLY A 31 -0.56 -27.16 11.56
C GLY A 31 -0.71 -28.65 11.72
N SER A 32 -1.80 -29.06 12.36
CA SER A 32 -2.16 -30.47 12.47
C SER A 32 -3.39 -30.64 11.58
N VAL A 33 -3.31 -31.60 10.67
CA VAL A 33 -4.35 -31.78 9.66
C VAL A 33 -4.80 -33.25 9.71
N SER A 34 -6.11 -33.43 9.75
CA SER A 34 -6.72 -34.72 10.08
C SER A 34 -7.85 -34.96 9.09
N GLY A 35 -7.64 -35.89 8.16
CA GLY A 35 -8.64 -36.18 7.16
C GLY A 35 -9.39 -37.46 7.41
N GLU A 36 -10.71 -37.37 7.59
CA GLU A 36 -11.56 -38.51 7.86
C GLU A 36 -12.24 -38.92 6.56
N ARG A 37 -11.76 -39.99 5.95
CA ARG A 37 -12.23 -40.40 4.63
C ARG A 37 -13.66 -40.93 4.72
N GLU A 38 -14.43 -40.69 3.67
CA GLU A 38 -15.88 -40.88 3.70
C GLU A 38 -16.27 -41.78 2.53
N LEU A 39 -17.55 -42.14 2.50
CA LEU A 39 -18.10 -43.02 1.48
C LEU A 39 -18.04 -42.34 0.11
N PHE A 40 -17.75 -43.14 -0.92
CA PHE A 40 -17.82 -42.70 -2.30
C PHE A 40 -19.19 -42.98 -2.89
N ASP A 41 -19.76 -41.97 -3.54
CA ASP A 41 -20.76 -42.14 -4.58
C ASP A 41 -22.08 -42.51 -3.93
N GLU A 42 -23.04 -41.59 -3.97
CA GLU A 42 -24.39 -41.85 -3.45
C GLU A 42 -25.15 -42.88 -4.26
N GLN A 43 -24.93 -42.90 -5.58
CA GLN A 43 -25.68 -43.70 -6.56
C GLN A 43 -27.10 -43.17 -6.77
N THR A 44 -27.30 -41.87 -6.44
CA THR A 44 -28.61 -41.25 -6.25
C THR A 44 -29.57 -42.15 -5.48
N LYS A 45 -29.17 -42.50 -4.25
CA LYS A 45 -29.94 -43.40 -3.40
C LYS A 45 -30.44 -42.67 -2.16
N ASN A 46 -30.17 -43.24 -0.98
CA ASN A 46 -30.56 -42.61 0.28
C ASN A 46 -29.38 -41.93 0.98
N GLY A 47 -28.25 -41.79 0.30
CA GLY A 47 -27.08 -41.17 0.90
C GLY A 47 -26.01 -42.19 1.23
N ARG A 48 -25.24 -42.56 0.21
CA ARG A 48 -24.18 -43.55 0.37
C ARG A 48 -22.85 -42.82 0.31
N ILE A 49 -22.87 -41.54 0.70
CA ILE A 49 -21.65 -40.72 0.72
C ILE A 49 -21.46 -40.14 2.12
N LEU A 50 -22.32 -40.54 3.06
CA LEU A 50 -22.19 -40.12 4.45
C LEU A 50 -21.62 -41.22 5.32
N GLY A 51 -20.90 -42.18 4.73
CA GLY A 51 -20.48 -43.38 5.41
C GLY A 51 -19.09 -43.29 6.02
N PRO A 52 -18.78 -44.24 6.91
CA PRO A 52 -17.50 -44.17 7.62
C PRO A 52 -16.31 -44.57 6.77
N GLY A 53 -15.14 -44.05 7.13
CA GLY A 53 -13.91 -44.32 6.42
C GLY A 53 -12.73 -44.17 7.35
N SER A 54 -11.56 -44.53 6.85
CA SER A 54 -10.35 -44.44 7.64
C SER A 54 -9.95 -42.97 7.82
N VAL A 55 -9.00 -42.74 8.73
CA VAL A 55 -8.54 -41.41 9.07
C VAL A 55 -7.08 -41.25 8.63
N ALA A 56 -6.80 -40.17 7.93
CA ALA A 56 -5.45 -39.81 7.52
C ALA A 56 -4.97 -38.71 8.45
N ASP A 57 -3.88 -38.98 9.16
CA ASP A 57 -3.41 -38.09 10.22
C ASP A 57 -2.00 -37.64 9.87
N SER A 58 -1.84 -36.33 9.72
CA SER A 58 -0.58 -35.70 9.35
C SER A 58 -0.44 -34.35 10.05
N GLY A 59 0.79 -34.01 10.38
CA GLY A 59 1.07 -32.73 10.97
C GLY A 59 2.34 -32.12 10.42
N GLU A 60 2.43 -30.80 10.42
CA GLU A 60 3.63 -30.09 10.03
C GLU A 60 3.98 -29.11 11.15
N VAL A 61 5.27 -28.93 11.39
CA VAL A 61 5.74 -28.07 12.46
C VAL A 61 6.84 -27.17 11.90
N THR A 62 6.64 -25.86 11.96
CA THR A 62 7.68 -24.93 11.55
C THR A 62 8.27 -24.25 12.78
N TYR A 63 9.58 -24.01 12.76
CA TYR A 63 10.25 -23.28 13.83
C TYR A 63 11.58 -22.74 13.31
N TYR A 64 12.19 -21.83 14.08
CA TYR A 64 13.50 -21.29 13.78
C TYR A 64 14.54 -22.09 14.54
N GLY A 65 15.49 -22.69 13.81
CA GLY A 65 16.48 -23.55 14.41
C GLY A 65 17.52 -22.85 15.25
N LYS A 66 17.72 -23.32 16.47
CA LYS A 66 18.77 -22.80 17.33
C LYS A 66 20.02 -23.67 17.19
N ARG A 67 21.19 -23.06 17.41
CA ARG A 67 22.47 -23.73 17.16
C ARG A 67 22.53 -25.15 17.70
N GLY A 68 22.19 -25.37 18.96
CA GLY A 68 22.16 -26.70 19.54
C GLY A 68 21.23 -26.73 20.73
N ASP A 69 19.99 -27.20 20.48
CA ASP A 69 18.99 -27.53 21.50
C ASP A 69 18.31 -28.86 21.18
N ALA A 70 17.84 -29.52 22.25
CA ALA A 70 17.61 -30.96 22.31
C ALA A 70 16.42 -31.52 21.53
N GLY A 71 15.26 -30.87 21.55
CA GLY A 71 14.20 -31.22 20.61
C GLY A 71 14.64 -31.12 19.15
N GLN A 72 15.46 -30.12 18.84
CA GLN A 72 16.08 -30.08 17.52
C GLN A 72 17.02 -31.25 17.29
N LYS A 73 17.96 -31.51 18.21
CA LYS A 73 18.75 -32.73 18.12
C LYS A 73 17.88 -33.97 18.21
N ALA A 74 16.72 -33.89 18.86
CA ALA A 74 15.76 -34.97 18.77
C ALA A 74 15.20 -35.09 17.36
N ILE A 75 14.85 -33.95 16.75
CA ILE A 75 14.45 -33.93 15.34
C ILE A 75 15.58 -34.46 14.46
N GLU A 76 16.83 -34.10 14.78
CA GLU A 76 17.96 -34.53 13.97
C GLU A 76 18.13 -36.04 13.97
N ASP A 77 18.18 -36.67 15.14
CA ASP A 77 18.12 -38.14 15.18
C ASP A 77 16.80 -38.65 14.64
N ALA A 78 15.70 -37.93 14.90
CA ALA A 78 14.44 -38.34 14.30
C ALA A 78 14.57 -38.56 12.80
N TYR A 79 14.96 -37.53 12.06
CA TYR A 79 14.99 -37.65 10.60
C TYR A 79 16.26 -38.34 10.12
N GLN A 80 17.41 -37.91 10.63
CA GLN A 80 18.70 -38.29 10.05
C GLN A 80 19.11 -39.70 10.45
N ASN A 81 18.79 -40.11 11.68
CA ASN A 81 19.00 -41.50 12.06
C ASN A 81 17.86 -42.38 11.60
N GLY A 82 16.67 -41.80 11.44
CA GLY A 82 15.50 -42.52 10.98
C GLY A 82 14.78 -43.26 12.08
N LYS A 83 14.02 -42.51 12.88
CA LYS A 83 13.25 -43.04 14.00
C LYS A 83 11.90 -42.33 13.98
N GLN A 84 10.91 -42.93 14.62
CA GLN A 84 9.63 -42.29 14.90
C GLN A 84 9.72 -41.64 16.28
N ILE A 85 9.03 -40.50 16.44
CA ILE A 85 9.03 -39.81 17.73
C ILE A 85 7.61 -39.72 18.27
N LYS A 86 7.50 -39.79 19.59
CA LYS A 86 6.22 -39.65 20.26
C LYS A 86 5.84 -38.18 20.31
N PHE A 87 4.56 -37.90 20.06
CA PHE A 87 4.05 -36.57 19.76
C PHE A 87 3.04 -36.15 20.82
N TRP A 88 3.30 -35.01 21.45
CA TRP A 88 2.48 -34.46 22.52
C TRP A 88 2.16 -33.02 22.16
N ARG A 89 0.87 -32.66 22.17
CA ARG A 89 0.45 -31.27 22.01
C ARG A 89 -0.49 -30.93 23.15
N VAL A 90 -0.08 -30.00 24.01
CA VAL A 90 -0.84 -29.72 25.21
C VAL A 90 -1.12 -28.23 25.29
N ASP A 91 -2.09 -27.89 26.15
CA ASP A 91 -2.47 -26.51 26.35
C ASP A 91 -1.86 -25.97 27.63
N THR A 92 -1.41 -24.71 27.56
CA THR A 92 -0.74 -24.04 28.66
C THR A 92 -1.70 -23.66 29.79
N VAL A 93 -2.98 -23.42 29.47
CA VAL A 93 -3.95 -23.13 30.51
C VAL A 93 -4.18 -24.37 31.38
N LYS A 94 -4.22 -24.14 32.70
CA LYS A 94 -4.30 -25.23 33.65
C LYS A 94 -5.62 -25.98 33.49
N ASN A 95 -5.55 -27.30 33.43
CA ASN A 95 -6.74 -28.13 33.45
C ASN A 95 -7.29 -28.22 34.86
N GLU A 96 -8.62 -28.14 34.97
CA GLU A 96 -9.28 -28.14 36.28
C GLU A 96 -9.51 -29.53 36.84
N ASN A 97 -9.52 -30.57 36.01
CA ASN A 97 -9.51 -31.93 36.54
C ASN A 97 -8.33 -32.72 35.95
N ASP A 98 -7.27 -32.03 35.56
CA ASP A 98 -6.01 -32.67 35.24
C ASP A 98 -4.90 -31.63 35.36
N LYS A 99 -3.66 -32.06 35.19
CA LYS A 99 -2.54 -31.13 35.12
C LYS A 99 -2.70 -30.18 33.94
N TYR A 100 -2.75 -30.74 32.73
CA TYR A 100 -2.93 -30.00 31.50
C TYR A 100 -3.79 -30.84 30.57
N ASP A 101 -4.13 -30.29 29.42
CA ASP A 101 -4.91 -31.03 28.44
C ASP A 101 -4.11 -31.18 27.15
N ALA A 102 -4.16 -32.37 26.58
CA ALA A 102 -3.21 -32.78 25.57
C ALA A 102 -3.90 -33.50 24.44
N GLN A 103 -3.21 -33.57 23.31
CA GLN A 103 -3.44 -34.58 22.29
C GLN A 103 -2.11 -35.27 22.03
N PHE A 104 -2.16 -36.57 21.79
CA PHE A 104 -0.99 -37.44 21.86
C PHE A 104 -0.93 -38.36 20.66
N GLY A 105 0.28 -38.74 20.26
CA GLY A 105 0.42 -39.77 19.24
C GLY A 105 1.84 -40.23 19.09
N PHE A 106 2.03 -41.19 18.21
CA PHE A 106 3.35 -41.59 17.73
C PHE A 106 3.48 -41.13 16.28
N ALA A 107 4.57 -40.47 15.96
CA ALA A 107 4.72 -39.78 14.69
C ALA A 107 6.08 -40.09 14.07
N TYR A 108 6.16 -39.81 12.77
CA TYR A 108 7.32 -40.14 11.96
C TYR A 108 7.79 -38.87 11.25
N ILE A 109 9.03 -38.87 10.78
CA ILE A 109 9.58 -37.71 10.09
C ILE A 109 9.31 -37.86 8.59
N GLU A 110 8.15 -37.41 8.14
CA GLU A 110 7.84 -37.46 6.72
C GLU A 110 8.71 -36.58 5.86
N SER A 111 9.00 -35.35 6.29
CA SER A 111 9.93 -34.50 5.56
C SER A 111 10.42 -33.40 6.48
N ARG A 112 11.54 -32.80 6.11
CA ARG A 112 12.14 -31.67 6.82
C ARG A 112 12.57 -30.70 5.72
N GLU A 113 12.47 -29.41 6.04
CA GLU A 113 12.79 -28.33 5.13
C GLU A 113 13.68 -27.35 5.87
N TYR A 114 14.80 -26.97 5.25
CA TYR A 114 15.68 -25.99 5.86
C TYR A 114 15.90 -24.81 4.92
N SER A 115 15.57 -23.63 5.42
CA SER A 115 15.76 -22.39 4.69
C SER A 115 16.83 -21.54 5.36
N ASP A 116 17.84 -21.19 4.58
CA ASP A 116 18.84 -20.19 4.92
C ASP A 116 18.55 -18.97 4.05
N GLY A 117 18.30 -17.83 4.68
CA GLY A 117 18.11 -16.58 3.97
C GLY A 117 19.11 -15.53 4.41
N VAL A 118 19.31 -14.54 3.56
CA VAL A 118 20.19 -13.41 3.87
C VAL A 118 19.55 -12.49 4.90
N GLU A 119 18.22 -12.38 4.88
CA GLU A 119 17.53 -11.70 5.96
C GLU A 119 17.03 -12.65 7.03
N GLY A 120 16.88 -12.19 8.26
CA GLY A 120 16.15 -12.95 9.26
C GLY A 120 17.05 -14.04 9.78
N ALA A 121 16.46 -15.16 10.18
CA ALA A 121 17.22 -16.26 10.75
C ALA A 121 16.74 -17.61 10.18
N VAL A 122 17.57 -18.64 10.41
CA VAL A 122 17.36 -19.93 9.77
C VAL A 122 15.97 -20.45 10.12
N GLU A 123 15.30 -21.06 9.14
CA GLU A 123 13.94 -21.52 9.35
C GLU A 123 13.83 -22.99 8.97
N ILE A 124 13.23 -23.78 9.85
CA ILE A 124 13.07 -25.20 9.65
C ILE A 124 11.57 -25.52 9.59
N SER A 125 11.16 -26.14 8.50
CA SER A 125 9.84 -26.73 8.37
C SER A 125 9.99 -28.24 8.41
N ILE A 126 9.40 -28.88 9.42
CA ILE A 126 9.43 -30.33 9.54
C ILE A 126 8.01 -30.85 9.40
N SER A 127 7.84 -31.81 8.50
CA SER A 127 6.54 -32.41 8.22
C SER A 127 6.55 -33.87 8.65
N LEU A 128 5.42 -34.31 9.20
CA LEU A 128 5.30 -35.62 9.80
C LEU A 128 3.93 -36.21 9.49
N GLN A 129 3.88 -37.54 9.37
CA GLN A 129 2.62 -38.27 9.33
C GLN A 129 2.41 -38.85 10.71
N VAL A 130 1.16 -39.19 11.03
CA VAL A 130 0.87 -39.85 12.30
C VAL A 130 -0.20 -40.90 12.03
N ILE A 131 -0.31 -41.87 12.94
CA ILE A 131 -1.20 -43.00 12.72
C ILE A 131 -2.45 -42.88 13.60
N GLY A 132 -2.76 -41.66 14.01
CA GLY A 132 -3.94 -41.44 14.82
C GLY A 132 -3.60 -40.81 16.15
N GLU A 133 -3.57 -39.49 16.19
CA GLU A 133 -3.38 -38.78 17.45
C GLU A 133 -4.67 -38.74 18.25
N LEU A 134 -4.54 -38.99 19.55
CA LEU A 134 -5.69 -39.10 20.43
C LEU A 134 -5.64 -37.95 21.42
N LYS A 135 -6.81 -37.56 21.91
CA LYS A 135 -6.92 -36.44 22.83
C LYS A 135 -7.01 -36.97 24.26
N ASN A 136 -6.34 -36.31 25.20
CA ASN A 136 -6.38 -36.68 26.60
C ASN A 136 -6.01 -35.48 27.45
N GLY A 137 -5.73 -35.72 28.72
CA GLY A 137 -5.16 -34.67 29.54
C GLY A 137 -3.66 -34.87 29.74
N GLU A 138 -2.94 -33.77 29.83
CA GLU A 138 -1.49 -33.80 29.89
C GLU A 138 -1.07 -33.93 31.34
N ILE A 139 -0.22 -34.93 31.61
CA ILE A 139 0.20 -35.21 32.98
C ILE A 139 1.50 -34.47 33.31
N ASP A 140 2.46 -34.49 32.39
CA ASP A 140 3.75 -33.87 32.66
C ASP A 140 3.69 -32.36 32.45
N THR A 141 3.65 -31.62 33.56
CA THR A 141 3.68 -30.17 33.52
C THR A 141 4.94 -29.65 32.84
N LEU A 142 6.12 -30.14 33.24
CA LEU A 142 7.45 -29.67 32.80
C LEU A 142 7.54 -28.16 32.99
N PRO A 143 7.41 -27.66 34.24
CA PRO A 143 7.04 -26.25 34.46
C PRO A 143 8.09 -25.23 34.04
N GLU A 144 9.25 -25.73 33.66
CA GLU A 144 10.31 -24.93 33.06
C GLU A 144 9.83 -24.23 31.79
N GLU A 145 9.09 -24.94 30.94
CA GLU A 145 8.71 -24.43 29.64
C GLU A 145 7.23 -24.10 29.52
N ILE A 146 6.34 -25.08 29.66
CA ILE A 146 4.90 -24.86 29.56
C ILE A 146 4.41 -23.91 30.65
N VAL A 147 4.71 -24.22 31.91
CA VAL A 147 4.22 -23.44 33.03
C VAL A 147 4.93 -22.10 32.99
N ASN A 148 6.24 -22.12 32.75
CA ASN A 148 7.05 -20.90 32.76
C ASN A 148 7.49 -20.52 31.35
N VAL A 149 6.91 -19.47 30.79
CA VAL A 149 7.42 -18.94 29.52
C VAL A 149 7.66 -17.44 29.70
N SER A 150 8.90 -17.07 30.03
CA SER A 150 9.22 -15.71 30.38
C SER A 150 9.78 -14.90 29.21
N LYS A 151 9.72 -13.58 29.29
CA LYS A 151 10.34 -12.76 28.25
C LYS A 151 11.85 -12.62 28.39
N GLY A 152 12.46 -13.13 29.45
CA GLY A 152 13.88 -12.96 29.67
C GLY A 152 14.21 -11.81 30.60
N GLY A 153 13.20 -11.10 31.05
CA GLY A 153 13.38 -9.93 31.89
C GLY A 153 13.76 -10.32 33.31
N TYR A 154 14.70 -9.57 33.86
CA TYR A 154 15.20 -9.73 35.23
C TYR A 154 15.32 -8.36 35.87
N ASP A 155 15.12 -8.30 37.19
CA ASP A 155 14.76 -7.04 37.86
C ASP A 155 15.80 -5.93 37.79
N PHE A 156 17.04 -6.22 38.19
CA PHE A 156 18.27 -5.42 37.99
C PHE A 156 19.43 -6.35 37.69
N GLN A 157 20.48 -5.77 37.11
CA GLN A 157 21.85 -6.27 37.22
C GLN A 157 22.74 -5.04 37.19
N GLN A 158 23.00 -4.43 38.35
CA GLN A 158 23.60 -3.09 38.36
C GLN A 158 25.02 -3.05 38.94
N PRO A 159 25.45 -3.96 39.83
CA PRO A 159 26.88 -3.96 40.18
C PRO A 159 27.77 -4.58 39.14
N GLY A 160 27.24 -4.91 37.96
CA GLY A 160 28.02 -5.66 37.00
C GLY A 160 28.11 -7.17 37.18
N GLN A 161 27.13 -7.94 36.71
CA GLN A 161 27.25 -9.40 36.80
C GLN A 161 27.65 -9.99 35.46
N THR A 162 28.86 -9.66 34.98
CA THR A 162 29.48 -10.17 33.76
C THR A 162 28.43 -10.55 32.70
N THR A 163 27.92 -9.54 32.01
CA THR A 163 26.74 -9.75 31.19
C THR A 163 27.15 -9.91 29.74
N GLY A 164 26.28 -10.52 28.94
CA GLY A 164 26.46 -10.60 27.51
C GLY A 164 25.19 -10.28 26.74
N GLU A 165 25.07 -10.80 25.52
CA GLU A 165 23.91 -10.51 24.68
C GLU A 165 22.65 -11.17 25.23
N ALA A 166 22.81 -12.24 26.00
CA ALA A 166 21.71 -13.01 26.56
C ALA A 166 21.11 -12.23 27.74
N PRO A 167 19.91 -12.59 28.16
CA PRO A 167 19.06 -11.64 28.88
C PRO A 167 19.40 -11.54 30.36
N GLY A 168 20.21 -12.50 30.81
CA GLY A 168 20.89 -12.40 32.08
C GLY A 168 22.12 -13.27 32.27
N THR A 169 23.31 -12.70 32.17
CA THR A 169 24.52 -13.42 32.54
C THR A 169 24.93 -13.06 33.96
N VAL A 170 25.80 -13.89 34.52
CA VAL A 170 26.35 -13.71 35.85
C VAL A 170 27.87 -13.73 35.76
N PRO A 171 28.61 -13.34 36.82
CA PRO A 171 30.07 -13.37 36.74
C PRO A 171 30.61 -14.79 36.70
N ALA A 172 31.26 -15.13 35.59
CA ALA A 172 31.70 -16.48 35.23
C ALA A 172 30.55 -17.47 35.16
N PRO B 1 -30.70 -7.26 3.19
CA PRO B 1 -30.89 -8.67 2.86
C PRO B 1 -30.46 -9.38 4.13
N ILE B 2 -29.99 -10.62 4.01
CA ILE B 2 -29.52 -11.40 5.14
C ILE B 2 -28.10 -10.94 5.46
N MET B 3 -27.84 -10.71 6.74
CA MET B 3 -26.55 -10.20 7.19
C MET B 3 -25.58 -11.36 7.45
N GLY B 4 -24.31 -11.01 7.62
CA GLY B 4 -23.29 -11.98 7.97
C GLY B 4 -23.47 -12.62 9.33
N GLN B 5 -23.98 -11.87 10.31
CA GLN B 5 -24.35 -12.40 11.60
C GLN B 5 -25.69 -13.12 11.57
N ASP B 6 -26.50 -12.87 10.54
CA ASP B 6 -27.87 -13.38 10.49
C ASP B 6 -27.97 -14.89 10.36
N VAL B 7 -27.10 -15.53 9.59
CA VAL B 7 -27.16 -16.98 9.38
C VAL B 7 -26.30 -17.63 10.44
N LYS B 8 -26.91 -18.44 11.31
CA LYS B 8 -26.15 -19.17 12.31
C LYS B 8 -26.48 -20.65 12.24
N TYR B 9 -25.48 -21.46 12.60
CA TYR B 9 -25.46 -22.89 12.30
C TYR B 9 -25.41 -23.67 13.61
N LEU B 10 -26.45 -24.48 13.86
CA LEU B 10 -26.46 -25.35 15.02
C LEU B 10 -26.46 -26.81 14.57
N PHE B 11 -25.75 -27.65 15.31
CA PHE B 11 -25.72 -29.08 15.05
C PHE B 11 -26.30 -29.84 16.24
N GLN B 12 -27.03 -30.91 15.94
CA GLN B 12 -27.46 -31.82 17.00
C GLN B 12 -26.87 -33.20 16.71
N SER B 13 -26.21 -33.76 17.72
CA SER B 13 -25.61 -35.08 17.61
C SER B 13 -26.68 -36.16 17.56
N ILE B 14 -26.38 -37.24 16.83
CA ILE B 14 -27.33 -38.35 16.70
C ILE B 14 -27.47 -39.13 18.00
N ASP B 15 -26.37 -39.34 18.72
CA ASP B 15 -26.38 -40.22 19.88
C ASP B 15 -26.90 -39.54 21.14
N ALA B 16 -26.90 -38.22 21.18
CA ALA B 16 -27.30 -37.53 22.41
C ALA B 16 -28.76 -37.80 22.75
N ALA B 17 -29.64 -37.68 21.74
CA ALA B 17 -31.10 -37.76 21.89
C ALA B 17 -31.64 -36.74 22.90
N THR B 18 -31.14 -35.50 22.80
CA THR B 18 -31.54 -34.41 23.68
C THR B 18 -32.50 -33.50 22.94
N GLY B 19 -33.27 -32.72 23.70
CA GLY B 19 -34.24 -31.82 23.11
C GLY B 19 -33.68 -30.46 22.77
N SER B 20 -32.45 -30.42 22.26
CA SER B 20 -31.81 -29.15 21.95
C SER B 20 -30.47 -29.36 21.24
N ALA B 21 -30.13 -28.44 20.32
CA ALA B 21 -28.97 -28.48 19.43
C ALA B 21 -27.91 -27.46 19.82
N PRO B 22 -26.71 -27.89 20.24
CA PRO B 22 -25.67 -26.91 20.58
C PRO B 22 -25.10 -26.21 19.36
N LEU B 23 -24.91 -24.91 19.45
CA LEU B 23 -24.15 -24.19 18.45
C LEU B 23 -22.91 -23.58 19.10
N PHE B 24 -21.88 -23.40 18.30
CA PHE B 24 -20.63 -23.10 18.95
C PHE B 24 -20.28 -21.61 18.83
N PRO B 25 -19.75 -20.98 19.86
CA PRO B 25 -19.40 -19.56 19.75
C PRO B 25 -18.12 -19.33 18.95
N ALA B 26 -17.84 -18.04 18.73
CA ALA B 26 -16.68 -17.54 17.99
C ALA B 26 -16.54 -18.22 16.63
N TYR B 27 -17.53 -17.98 15.77
CA TYR B 27 -17.46 -18.45 14.40
C TYR B 27 -16.57 -17.55 13.56
N GLN B 28 -15.88 -18.18 12.61
CA GLN B 28 -14.99 -17.50 11.70
C GLN B 28 -15.81 -17.33 10.41
N THR B 29 -16.24 -18.41 9.80
CA THR B 29 -17.01 -18.34 8.58
C THR B 29 -17.43 -19.73 8.10
N ASP B 30 -18.42 -19.72 7.19
CA ASP B 30 -19.17 -20.90 6.86
C ASP B 30 -19.39 -20.90 5.36
N GLY B 31 -18.89 -21.92 4.70
CA GLY B 31 -19.20 -22.14 3.31
C GLY B 31 -19.94 -23.44 3.12
N SER B 32 -21.14 -23.35 2.56
CA SER B 32 -21.92 -24.51 2.17
C SER B 32 -21.90 -24.52 0.66
N VAL B 33 -21.51 -25.65 0.09
CA VAL B 33 -21.30 -25.76 -1.35
C VAL B 33 -22.09 -26.97 -1.85
N SER B 34 -22.85 -26.75 -2.91
CA SER B 34 -23.89 -27.67 -3.37
C SER B 34 -23.77 -27.81 -4.88
N GLY B 35 -23.29 -28.97 -5.33
CA GLY B 35 -23.10 -29.18 -6.75
C GLY B 35 -24.14 -30.08 -7.36
N GLU B 36 -24.91 -29.55 -8.32
CA GLU B 36 -25.96 -30.31 -8.98
C GLU B 36 -25.43 -30.79 -10.32
N ARG B 37 -25.09 -32.08 -10.39
CA ARG B 37 -24.45 -32.64 -11.57
C ARG B 37 -25.43 -32.68 -12.73
N GLU B 38 -24.91 -32.49 -13.95
CA GLU B 38 -25.73 -32.24 -15.13
C GLU B 38 -25.33 -33.23 -16.22
N LEU B 39 -26.08 -33.21 -17.31
CA LEU B 39 -25.87 -34.09 -18.45
C LEU B 39 -24.52 -33.82 -19.09
N PHE B 40 -23.86 -34.90 -19.53
CA PHE B 40 -22.65 -34.80 -20.32
C PHE B 40 -22.98 -34.80 -21.81
N ASP B 41 -22.39 -33.87 -22.54
CA ASP B 41 -22.13 -33.98 -23.96
C ASP B 41 -23.45 -33.78 -24.71
N GLU B 42 -23.55 -32.66 -25.41
CA GLU B 42 -24.72 -32.37 -26.23
C GLU B 42 -24.84 -33.30 -27.43
N GLN B 43 -23.71 -33.70 -28.01
CA GLN B 43 -23.61 -34.46 -29.27
C GLN B 43 -23.96 -33.59 -30.49
N THR B 44 -23.84 -32.27 -30.32
CA THR B 44 -24.42 -31.25 -31.21
C THR B 44 -25.84 -31.62 -31.65
N LYS B 45 -26.73 -31.76 -30.66
CA LYS B 45 -28.11 -32.17 -30.91
C LYS B 45 -29.06 -31.04 -30.52
N ASN B 46 -30.06 -31.36 -29.69
CA ASN B 46 -31.01 -30.35 -29.22
C ASN B 46 -30.72 -29.89 -27.79
N GLY B 47 -29.57 -30.27 -27.23
CA GLY B 47 -29.23 -29.89 -25.87
C GLY B 47 -29.33 -31.07 -24.93
N ARG B 48 -28.28 -31.89 -24.93
CA ARG B 48 -28.24 -33.08 -24.09
C ARG B 48 -27.25 -32.81 -22.96
N ILE B 49 -27.11 -31.53 -22.61
CA ILE B 49 -26.23 -31.12 -21.51
C ILE B 49 -27.01 -30.30 -20.49
N LEU B 50 -28.32 -30.18 -20.71
CA LEU B 50 -29.19 -29.49 -19.76
C LEU B 50 -30.00 -30.47 -18.92
N GLY B 51 -29.52 -31.70 -18.77
CA GLY B 51 -30.28 -32.78 -18.17
C GLY B 51 -30.04 -32.95 -16.69
N PRO B 52 -30.92 -33.70 -16.03
CA PRO B 52 -30.81 -33.85 -14.58
C PRO B 52 -29.69 -34.77 -14.13
N GLY B 53 -29.21 -34.54 -12.91
CA GLY B 53 -28.13 -35.33 -12.35
C GLY B 53 -28.23 -35.31 -10.84
N SER B 54 -27.37 -36.11 -10.22
CA SER B 54 -27.35 -36.19 -8.77
C SER B 54 -26.77 -34.91 -8.18
N VAL B 55 -26.91 -34.75 -6.86
CA VAL B 55 -26.46 -33.57 -6.15
C VAL B 55 -25.34 -33.97 -5.19
N ALA B 56 -24.24 -33.21 -5.25
CA ALA B 56 -23.12 -33.38 -4.34
C ALA B 56 -23.20 -32.28 -3.30
N ASP B 57 -23.31 -32.67 -2.04
CA ASP B 57 -23.57 -31.74 -0.95
C ASP B 57 -22.43 -31.81 0.05
N SER B 58 -21.76 -30.69 0.23
CA SER B 58 -20.61 -30.57 1.11
C SER B 58 -20.59 -29.19 1.76
N GLY B 59 -20.11 -29.16 2.99
CA GLY B 59 -19.96 -27.91 3.71
C GLY B 59 -18.67 -27.86 4.50
N GLU B 60 -18.15 -26.65 4.70
CA GLU B 60 -16.97 -26.45 5.55
C GLU B 60 -17.32 -25.39 6.57
N VAL B 61 -16.80 -25.54 7.78
CA VAL B 61 -17.08 -24.61 8.87
C VAL B 61 -15.78 -24.25 9.55
N THR B 62 -15.44 -22.96 9.56
CA THR B 62 -14.26 -22.51 10.27
C THR B 62 -14.68 -21.75 11.52
N TYR B 63 -13.92 -21.92 12.60
CA TYR B 63 -14.15 -21.18 13.83
C TYR B 63 -12.89 -21.19 14.68
N TYR B 64 -12.86 -20.35 15.71
CA TYR B 64 -11.77 -20.31 16.68
C TYR B 64 -12.13 -21.18 17.87
N GLY B 65 -11.30 -22.17 18.16
CA GLY B 65 -11.59 -23.12 19.21
C GLY B 65 -11.47 -22.57 20.62
N LYS B 66 -12.51 -22.77 21.43
CA LYS B 66 -12.47 -22.40 22.83
C LYS B 66 -12.04 -23.60 23.67
N ARG B 67 -11.42 -23.33 24.82
CA ARG B 67 -10.82 -24.37 25.63
C ARG B 67 -11.74 -25.57 25.84
N GLY B 68 -12.97 -25.37 26.26
CA GLY B 68 -13.94 -26.45 26.42
C GLY B 68 -15.35 -25.90 26.34
N ASP B 69 -15.93 -26.06 25.14
CA ASP B 69 -17.36 -25.81 24.86
C ASP B 69 -17.94 -26.92 23.98
N ALA B 70 -19.25 -27.12 24.13
CA ALA B 70 -19.95 -28.37 23.83
C ALA B 70 -20.12 -28.74 22.35
N GLY B 71 -20.48 -27.79 21.49
CA GLY B 71 -20.40 -28.03 20.06
C GLY B 71 -19.01 -28.41 19.59
N GLN B 72 -17.99 -27.82 20.20
CA GLN B 72 -16.62 -28.28 19.95
C GLN B 72 -16.40 -29.70 20.45
N LYS B 73 -16.75 -29.99 21.71
CA LYS B 73 -16.73 -31.36 22.17
C LYS B 73 -17.69 -32.23 21.38
N ALA B 74 -18.74 -31.67 20.83
CA ALA B 74 -19.56 -32.41 19.87
C ALA B 74 -18.77 -32.69 18.60
N ILE B 75 -18.06 -31.68 18.09
CA ILE B 75 -17.15 -31.90 16.97
C ILE B 75 -16.08 -32.93 17.33
N GLU B 76 -15.58 -32.88 18.56
CA GLU B 76 -14.53 -33.80 18.98
C GLU B 76 -15.00 -35.26 18.94
N ASP B 77 -16.12 -35.58 19.60
CA ASP B 77 -16.72 -36.89 19.41
C ASP B 77 -17.14 -37.11 17.96
N ALA B 78 -17.64 -36.07 17.29
CA ALA B 78 -17.95 -36.22 15.88
C ALA B 78 -16.78 -36.83 15.11
N TYR B 79 -15.62 -36.16 15.11
CA TYR B 79 -14.51 -36.64 14.30
C TYR B 79 -13.75 -37.77 14.98
N GLN B 80 -13.41 -37.59 16.26
CA GLN B 80 -12.46 -38.46 16.93
C GLN B 80 -13.09 -39.79 17.35
N ASN B 81 -14.37 -39.77 17.74
CA ASN B 81 -15.07 -41.03 17.98
C ASN B 81 -15.60 -41.62 16.68
N GLY B 82 -15.85 -40.77 15.69
CA GLY B 82 -16.33 -41.20 14.40
C GLY B 82 -17.84 -41.41 14.36
N LYS B 83 -18.57 -40.30 14.28
CA LYS B 83 -20.03 -40.28 14.23
C LYS B 83 -20.42 -39.23 13.20
N GLN B 84 -21.65 -39.34 12.68
CA GLN B 84 -22.26 -38.30 11.87
C GLN B 84 -23.07 -37.39 12.80
N ILE B 85 -23.12 -36.10 12.47
CA ILE B 85 -23.87 -35.15 13.27
C ILE B 85 -24.98 -34.52 12.43
N LYS B 86 -26.10 -34.22 13.09
CA LYS B 86 -27.22 -33.56 12.44
C LYS B 86 -26.90 -32.07 12.32
N PHE B 87 -27.24 -31.50 11.16
CA PHE B 87 -26.78 -30.20 10.72
C PHE B 87 -27.96 -29.26 10.55
N TRP B 88 -27.90 -28.13 11.25
CA TRP B 88 -28.95 -27.10 11.24
C TRP B 88 -28.31 -25.76 10.94
N ARG B 89 -28.82 -25.06 9.93
CA ARG B 89 -28.39 -23.69 9.65
C ARG B 89 -29.64 -22.82 9.56
N VAL B 90 -29.77 -21.88 10.49
CA VAL B 90 -30.99 -21.10 10.60
C VAL B 90 -30.65 -19.62 10.57
N ASP B 91 -31.67 -18.81 10.31
CA ASP B 91 -31.52 -17.37 10.27
C ASP B 91 -32.03 -16.74 11.55
N THR B 92 -31.29 -15.73 12.00
CA THR B 92 -31.57 -15.03 13.25
C THR B 92 -32.79 -14.13 13.16
N VAL B 93 -33.10 -13.61 11.97
CA VAL B 93 -34.29 -12.80 11.79
C VAL B 93 -35.54 -13.65 11.98
N LYS B 94 -36.50 -13.13 12.71
CA LYS B 94 -37.70 -13.87 13.08
C LYS B 94 -38.50 -14.21 11.83
N ASN B 95 -38.90 -15.47 11.71
CA ASN B 95 -39.82 -15.88 10.66
C ASN B 95 -41.24 -15.46 11.01
N GLU B 96 -41.96 -14.96 10.00
CA GLU B 96 -43.31 -14.46 10.20
C GLU B 96 -44.38 -15.54 10.19
N ASN B 97 -44.12 -16.70 9.58
CA ASN B 97 -45.02 -17.83 9.75
C ASN B 97 -44.27 -19.05 10.29
N ASP B 98 -43.17 -18.82 11.00
CA ASP B 98 -42.52 -19.85 11.78
C ASP B 98 -41.69 -19.19 12.86
N LYS B 99 -41.09 -20.00 13.73
CA LYS B 99 -40.13 -19.48 14.71
C LYS B 99 -38.94 -18.84 13.99
N TYR B 100 -38.22 -19.64 13.22
CA TYR B 100 -37.07 -19.20 12.45
C TYR B 100 -37.08 -19.97 11.13
N ASP B 101 -36.15 -19.63 10.24
CA ASP B 101 -36.04 -20.32 8.97
C ASP B 101 -34.68 -21.00 8.89
N ALA B 102 -34.70 -22.23 8.37
CA ALA B 102 -33.58 -23.14 8.54
C ALA B 102 -33.30 -23.87 7.24
N GLN B 103 -32.09 -24.42 7.16
CA GLN B 103 -31.79 -25.54 6.28
C GLN B 103 -31.17 -26.62 7.14
N PHE B 104 -31.47 -27.88 6.82
CA PHE B 104 -31.27 -29.01 7.72
C PHE B 104 -30.62 -30.17 6.99
N GLY B 105 -29.85 -30.97 7.71
CA GLY B 105 -29.36 -32.21 7.13
C GLY B 105 -28.70 -33.09 8.15
N PHE B 106 -28.26 -34.26 7.69
CA PHE B 106 -27.37 -35.11 8.45
C PHE B 106 -26.01 -35.10 7.78
N ALA B 107 -24.97 -34.87 8.56
CA ALA B 107 -23.64 -34.60 8.03
C ALA B 107 -22.59 -35.43 8.75
N TYR B 108 -21.42 -35.52 8.10
CA TYR B 108 -20.33 -36.36 8.55
C TYR B 108 -19.08 -35.50 8.66
N ILE B 109 -18.09 -35.98 9.42
CA ILE B 109 -16.84 -35.23 9.58
C ILE B 109 -15.85 -35.66 8.51
N GLU B 110 -15.92 -35.01 7.34
CA GLU B 110 -14.98 -35.31 6.28
C GLU B 110 -13.54 -34.96 6.60
N SER B 111 -13.28 -33.80 7.21
CA SER B 111 -11.93 -33.47 7.65
C SER B 111 -12.01 -32.37 8.69
N ARG B 112 -10.93 -32.24 9.46
CA ARG B 112 -10.78 -31.20 10.47
C ARG B 112 -9.36 -30.69 10.30
N GLU B 113 -9.18 -29.40 10.55
CA GLU B 113 -7.90 -28.72 10.39
C GLU B 113 -7.68 -27.90 11.65
N TYR B 114 -6.51 -28.02 12.25
CA TYR B 114 -6.17 -27.23 13.42
C TYR B 114 -4.90 -26.43 13.20
N SER B 115 -5.01 -25.12 13.34
CA SER B 115 -3.89 -24.21 13.21
C SER B 115 -3.59 -23.59 14.56
N ASP B 116 -2.33 -23.74 14.98
CA ASP B 116 -1.73 -23.02 16.10
C ASP B 116 -0.74 -22.03 15.49
N GLY B 117 -0.96 -20.75 15.76
CA GLY B 117 -0.04 -19.71 15.34
C GLY B 117 0.50 -18.93 16.52
N VAL B 118 1.64 -18.27 16.32
CA VAL B 118 2.25 -17.42 17.33
C VAL B 118 1.46 -16.13 17.49
N GLU B 119 0.85 -15.63 16.42
CA GLU B 119 -0.10 -14.54 16.53
C GLU B 119 -1.53 -15.02 16.64
N GLY B 120 -2.41 -14.24 17.27
CA GLY B 120 -3.82 -14.49 17.17
C GLY B 120 -4.19 -15.63 18.07
N ALA B 121 -5.21 -16.40 17.69
CA ALA B 121 -5.67 -17.50 18.52
C ALA B 121 -5.97 -18.74 17.67
N VAL B 122 -6.10 -19.88 18.35
CA VAL B 122 -6.19 -21.17 17.68
C VAL B 122 -7.35 -21.16 16.69
N GLU B 123 -7.12 -21.76 15.53
CA GLU B 123 -8.15 -21.74 14.47
C GLU B 123 -8.44 -23.16 14.02
N ILE B 124 -9.72 -23.48 13.94
CA ILE B 124 -10.17 -24.81 13.53
C ILE B 124 -10.98 -24.68 12.26
N SER B 125 -10.56 -25.40 11.23
CA SER B 125 -11.34 -25.58 10.01
C SER B 125 -11.85 -27.01 10.00
N ILE B 126 -13.16 -27.18 10.02
CA ILE B 126 -13.78 -28.50 9.96
C ILE B 126 -14.57 -28.60 8.67
N SER B 127 -14.31 -29.66 7.90
CA SER B 127 -14.95 -29.90 6.63
C SER B 127 -15.82 -31.15 6.71
N LEU B 128 -16.97 -31.09 6.07
CA LEU B 128 -17.99 -32.12 6.17
C LEU B 128 -18.65 -32.34 4.81
N GLN B 129 -19.05 -33.57 4.55
CA GLN B 129 -19.93 -33.89 3.43
C GLN B 129 -21.33 -34.02 3.98
N VAL B 130 -22.34 -33.90 3.11
CA VAL B 130 -23.71 -34.11 3.52
C VAL B 130 -24.42 -34.83 2.38
N ILE B 131 -25.55 -35.47 2.70
CA ILE B 131 -26.24 -36.31 1.73
C ILE B 131 -27.50 -35.62 1.23
N GLY B 132 -27.54 -34.30 1.35
CA GLY B 132 -28.68 -33.55 0.87
C GLY B 132 -29.32 -32.74 1.97
N GLU B 133 -28.85 -31.52 2.17
CA GLU B 133 -29.48 -30.62 3.11
C GLU B 133 -30.75 -30.00 2.52
N LEU B 134 -31.79 -29.96 3.35
CA LEU B 134 -33.09 -29.51 2.89
C LEU B 134 -33.42 -28.22 3.63
N LYS B 135 -34.26 -27.38 3.00
CA LYS B 135 -34.63 -26.10 3.56
C LYS B 135 -35.98 -26.21 4.23
N ASN B 136 -36.14 -25.57 5.40
CA ASN B 136 -37.41 -25.56 6.11
C ASN B 136 -37.44 -24.34 7.03
N GLY B 137 -38.39 -24.34 7.96
CA GLY B 137 -38.36 -23.35 9.02
C GLY B 137 -37.85 -23.92 10.31
N GLU B 138 -37.14 -23.08 11.07
CA GLU B 138 -36.48 -23.53 12.29
C GLU B 138 -37.46 -23.42 13.45
N ILE B 139 -37.61 -24.52 14.18
CA ILE B 139 -38.58 -24.58 15.27
C ILE B 139 -37.91 -24.20 16.60
N ASP B 140 -36.72 -24.72 16.85
CA ASP B 140 -36.06 -24.47 18.13
C ASP B 140 -35.37 -23.10 18.12
N THR B 141 -35.99 -22.13 18.80
CA THR B 141 -35.41 -20.81 18.97
C THR B 141 -34.06 -20.86 19.65
N LEU B 142 -33.95 -21.57 20.79
CA LEU B 142 -32.79 -21.64 21.67
C LEU B 142 -32.33 -20.22 22.01
N PRO B 143 -33.19 -19.41 22.68
CA PRO B 143 -33.03 -17.95 22.65
C PRO B 143 -31.81 -17.41 23.38
N GLU B 144 -31.10 -18.32 24.06
CA GLU B 144 -29.81 -18.02 24.67
C GLU B 144 -28.80 -17.56 23.64
N GLU B 145 -28.77 -18.20 22.47
CA GLU B 145 -27.74 -17.93 21.47
C GLU B 145 -28.28 -17.22 20.23
N ILE B 146 -29.18 -17.82 19.47
CA ILE B 146 -29.75 -17.23 18.27
C ILE B 146 -30.50 -15.94 18.60
N VAL B 147 -31.46 -16.02 19.52
CA VAL B 147 -32.29 -14.87 19.85
C VAL B 147 -31.41 -13.84 20.55
N ASN B 148 -30.58 -14.32 21.48
CA ASN B 148 -29.73 -13.43 22.28
C ASN B 148 -28.27 -13.55 21.87
N VAL B 149 -27.73 -12.54 21.19
CA VAL B 149 -26.29 -12.51 20.95
C VAL B 149 -25.76 -11.15 21.40
N SER B 150 -25.27 -11.10 22.64
CA SER B 150 -24.88 -9.84 23.25
C SER B 150 -23.39 -9.55 23.13
N LYS B 151 -22.99 -8.28 23.27
CA LYS B 151 -21.57 -7.97 23.26
C LYS B 151 -20.87 -8.25 24.59
N GLY B 152 -21.58 -8.63 25.65
CA GLY B 152 -20.98 -8.85 26.95
C GLY B 152 -21.12 -7.65 27.87
N GLY B 153 -21.73 -6.59 27.37
CA GLY B 153 -21.87 -5.36 28.13
C GLY B 153 -22.93 -5.48 29.21
N TYR B 154 -22.61 -4.93 30.37
CA TYR B 154 -23.50 -4.90 31.54
C TYR B 154 -23.44 -3.50 32.15
N ASP B 155 -24.56 -3.07 32.75
CA ASP B 155 -24.81 -1.64 32.97
C ASP B 155 -23.82 -0.94 33.90
N PHE B 156 -23.62 -1.48 35.11
CA PHE B 156 -22.56 -1.14 36.07
C PHE B 156 -22.08 -2.42 36.76
N GLN B 157 -20.88 -2.33 37.34
CA GLN B 157 -20.47 -3.16 38.46
C GLN B 157 -19.54 -2.30 39.31
N GLN B 158 -20.11 -1.52 40.25
CA GLN B 158 -19.33 -0.47 40.88
C GLN B 158 -19.05 -0.70 42.38
N PRO B 159 -19.88 -1.46 43.14
CA PRO B 159 -19.43 -1.78 44.50
C PRO B 159 -18.39 -2.88 44.56
N GLY B 160 -17.86 -3.32 43.42
CA GLY B 160 -16.99 -4.48 43.42
C GLY B 160 -17.63 -5.85 43.44
N GLN B 161 -18.04 -6.38 42.29
CA GLN B 161 -18.59 -7.74 42.28
C GLN B 161 -17.55 -8.74 41.77
N THR B 162 -16.46 -8.90 42.53
CA THR B 162 -15.36 -9.87 42.28
C THR B 162 -15.20 -10.16 40.78
N THR B 163 -14.54 -9.24 40.08
CA THR B 163 -14.57 -9.29 38.63
C THR B 163 -13.28 -9.92 38.13
N GLY B 164 -13.31 -10.42 36.89
CA GLY B 164 -12.13 -10.90 36.21
C GLY B 164 -12.05 -10.41 34.78
N GLU B 165 -11.33 -11.16 33.93
CA GLU B 165 -11.15 -10.75 32.54
C GLU B 165 -12.45 -10.86 31.75
N ALA B 166 -13.38 -11.71 32.21
CA ALA B 166 -14.66 -11.95 31.56
C ALA B 166 -15.58 -10.78 31.81
N PRO B 167 -16.65 -10.64 31.04
CA PRO B 167 -17.30 -9.34 30.85
C PRO B 167 -18.25 -8.99 31.99
N GLY B 168 -18.54 -10.00 32.80
CA GLY B 168 -19.17 -9.82 34.09
C GLY B 168 -19.02 -10.93 35.10
N THR B 169 -18.13 -10.78 36.08
CA THR B 169 -18.09 -11.70 37.19
C THR B 169 -18.86 -11.14 38.37
N VAL B 170 -19.17 -12.03 39.32
CA VAL B 170 -19.88 -11.69 40.54
C VAL B 170 -19.05 -12.19 41.73
N PRO B 171 -19.37 -11.79 42.97
CA PRO B 171 -18.59 -12.26 44.12
C PRO B 171 -18.80 -13.75 44.38
N ALA B 172 -17.72 -14.52 44.23
CA ALA B 172 -17.73 -15.98 44.26
C ALA B 172 -18.60 -16.58 43.16
N PRO C 1 -20.63 2.98 -24.00
CA PRO C 1 -20.97 1.63 -24.50
C PRO C 1 -22.01 1.17 -23.49
N ILE C 2 -22.12 -0.14 -23.30
CA ILE C 2 -23.06 -0.73 -22.35
C ILE C 2 -22.42 -0.63 -20.97
N MET C 3 -23.21 -0.18 -19.99
CA MET C 3 -22.72 0.02 -18.64
C MET C 3 -22.86 -1.26 -17.83
N GLY C 4 -22.22 -1.26 -16.65
CA GLY C 4 -22.33 -2.37 -15.73
C GLY C 4 -23.72 -2.58 -15.16
N GLN C 5 -24.46 -1.51 -14.94
CA GLN C 5 -25.86 -1.58 -14.56
C GLN C 5 -26.77 -1.87 -15.73
N ASP C 6 -26.30 -1.65 -16.96
CA ASP C 6 -27.13 -1.73 -18.15
C ASP C 6 -27.62 -3.14 -18.46
N VAL C 7 -26.80 -4.18 -18.26
CA VAL C 7 -27.20 -5.55 -18.58
C VAL C 7 -27.83 -6.15 -17.34
N LYS C 8 -29.11 -6.51 -17.42
CA LYS C 8 -29.77 -7.17 -16.31
C LYS C 8 -30.42 -8.47 -16.76
N TYR C 9 -30.49 -9.41 -15.83
CA TYR C 9 -30.77 -10.82 -16.13
C TYR C 9 -32.04 -11.23 -15.43
N LEU C 10 -33.05 -11.63 -16.20
CA LEU C 10 -34.29 -12.15 -15.63
C LEU C 10 -34.45 -13.60 -16.04
N PHE C 11 -34.98 -14.42 -15.14
CA PHE C 11 -35.28 -15.81 -15.40
C PHE C 11 -36.78 -16.06 -15.26
N GLN C 12 -37.31 -16.92 -16.15
CA GLN C 12 -38.67 -17.39 -15.98
C GLN C 12 -38.66 -18.89 -15.81
N SER C 13 -39.32 -19.35 -14.75
CA SER C 13 -39.40 -20.79 -14.47
C SER C 13 -40.30 -21.49 -15.48
N ILE C 14 -39.96 -22.75 -15.76
CA ILE C 14 -40.74 -23.54 -16.71
C ILE C 14 -42.10 -23.90 -16.16
N ASP C 15 -42.19 -24.25 -14.89
CA ASP C 15 -43.42 -24.78 -14.32
C ASP C 15 -44.42 -23.69 -13.95
N ALA C 16 -43.98 -22.45 -13.79
CA ALA C 16 -44.90 -21.41 -13.35
C ALA C 16 -46.00 -21.15 -14.37
N ALA C 17 -45.61 -21.03 -15.65
CA ALA C 17 -46.50 -20.65 -16.76
C ALA C 17 -47.19 -19.31 -16.51
N THR C 18 -46.42 -18.34 -16.04
CA THR C 18 -46.91 -17.00 -15.74
C THR C 18 -46.49 -16.05 -16.85
N GLY C 19 -47.19 -14.93 -16.97
CA GLY C 19 -46.90 -13.95 -18.01
C GLY C 19 -45.85 -12.93 -17.60
N SER C 20 -44.82 -13.38 -16.88
CA SER C 20 -43.79 -12.46 -16.41
C SER C 20 -42.64 -13.21 -15.75
N ALA C 21 -41.41 -12.68 -15.91
CA ALA C 21 -40.14 -13.26 -15.48
C ALA C 21 -39.54 -12.53 -14.30
N PRO C 22 -39.42 -13.17 -13.11
CA PRO C 22 -38.81 -12.47 -11.97
C PRO C 22 -37.32 -12.29 -12.14
N LEU C 23 -36.82 -11.11 -11.79
CA LEU C 23 -35.38 -10.90 -11.67
C LEU C 23 -35.05 -10.54 -10.24
N PHE C 24 -33.84 -10.85 -9.84
CA PHE C 24 -33.60 -10.78 -8.41
C PHE C 24 -32.79 -9.53 -8.06
N PRO C 25 -33.10 -8.85 -6.96
CA PRO C 25 -32.33 -7.66 -6.60
C PRO C 25 -30.98 -8.01 -5.99
N ALA C 26 -30.20 -6.94 -5.76
CA ALA C 26 -28.85 -7.00 -5.17
C ALA C 26 -27.96 -8.00 -5.91
N TYR C 27 -27.71 -7.70 -7.19
CA TYR C 27 -26.76 -8.48 -7.97
C TYR C 27 -25.32 -8.11 -7.63
N GLN C 28 -24.47 -9.11 -7.68
CA GLN C 28 -23.05 -8.96 -7.41
C GLN C 28 -22.39 -8.87 -8.79
N THR C 29 -22.53 -9.91 -9.60
CA THR C 29 -21.93 -9.91 -10.92
C THR C 29 -22.26 -11.20 -11.69
N ASP C 30 -22.06 -11.12 -12.99
CA ASP C 30 -22.60 -12.08 -13.93
C ASP C 30 -21.53 -12.38 -14.97
N GLY C 31 -21.13 -13.64 -15.03
CA GLY C 31 -20.28 -14.08 -16.10
C GLY C 31 -20.98 -15.12 -16.95
N SER C 32 -21.11 -14.83 -18.24
CA SER C 32 -21.63 -15.78 -19.22
C SER C 32 -20.43 -16.16 -20.07
N VAL C 33 -20.19 -17.46 -20.18
CA VAL C 33 -19.00 -17.97 -20.85
C VAL C 33 -19.45 -18.98 -21.90
N SER C 34 -18.92 -18.81 -23.11
CA SER C 34 -19.42 -19.50 -24.30
C SER C 34 -18.22 -20.01 -25.09
N GLY C 35 -18.03 -21.33 -25.07
CA GLY C 35 -16.90 -21.93 -25.75
C GLY C 35 -17.28 -22.61 -27.04
N GLU C 36 -16.73 -22.14 -28.16
CA GLU C 36 -17.01 -22.69 -29.48
C GLU C 36 -15.87 -23.62 -29.86
N ARG C 37 -16.11 -24.92 -29.76
CA ARG C 37 -15.07 -25.91 -29.97
C ARG C 37 -14.66 -25.95 -31.44
N GLU C 38 -13.38 -26.22 -31.69
CA GLU C 38 -12.78 -26.04 -33.00
C GLU C 38 -12.08 -27.34 -33.40
N LEU C 39 -11.60 -27.36 -34.64
CA LEU C 39 -10.92 -28.52 -35.20
C LEU C 39 -9.63 -28.81 -34.45
N PHE C 40 -9.35 -30.10 -34.27
CA PHE C 40 -8.07 -30.56 -33.74
C PHE C 40 -7.07 -30.83 -34.85
N ASP C 41 -5.88 -30.30 -34.69
CA ASP C 41 -4.67 -30.83 -35.30
C ASP C 41 -4.68 -30.44 -36.79
N GLU C 42 -3.77 -29.53 -37.15
CA GLU C 42 -3.61 -29.14 -38.54
C GLU C 42 -3.08 -30.26 -39.42
N GLN C 43 -2.19 -31.09 -38.87
CA GLN C 43 -1.43 -32.13 -39.59
C GLN C 43 -0.35 -31.53 -40.49
N THR C 44 0.07 -30.29 -40.17
CA THR C 44 0.85 -29.40 -41.04
C THR C 44 0.34 -29.43 -42.48
N LYS C 45 -0.94 -29.07 -42.65
CA LYS C 45 -1.59 -29.11 -43.95
C LYS C 45 -1.97 -27.70 -44.40
N ASN C 46 -3.24 -27.50 -44.77
CA ASN C 46 -3.73 -26.18 -45.16
C ASN C 46 -4.53 -25.50 -44.07
N GLY C 47 -4.52 -26.03 -42.86
CA GLY C 47 -5.27 -25.46 -41.75
C GLY C 47 -6.49 -26.30 -41.42
N ARG C 48 -6.27 -27.35 -40.65
CA ARG C 48 -7.34 -28.26 -40.25
C ARG C 48 -7.62 -28.02 -38.78
N ILE C 49 -7.36 -26.79 -38.33
CA ILE C 49 -7.62 -26.41 -36.95
C ILE C 49 -8.51 -25.18 -36.90
N LEU C 50 -8.97 -24.74 -38.09
CA LEU C 50 -9.91 -23.62 -38.18
C LEU C 50 -11.34 -24.09 -38.46
N GLY C 51 -11.65 -25.33 -38.11
CA GLY C 51 -12.89 -25.97 -38.51
C GLY C 51 -13.99 -25.85 -37.48
N PRO C 52 -15.22 -26.13 -37.89
CA PRO C 52 -16.37 -25.93 -36.99
C PRO C 52 -16.48 -27.00 -35.91
N GLY C 53 -17.11 -26.64 -34.80
CA GLY C 53 -17.28 -27.54 -33.68
C GLY C 53 -18.51 -27.13 -32.90
N SER C 54 -18.86 -27.96 -31.92
CA SER C 54 -20.01 -27.69 -31.08
C SER C 54 -19.72 -26.53 -30.13
N VAL C 55 -20.76 -26.03 -29.50
CA VAL C 55 -20.67 -24.88 -28.60
C VAL C 55 -20.99 -25.34 -27.17
N ALA C 56 -20.11 -24.99 -26.24
CA ALA C 56 -20.32 -25.24 -24.82
C ALA C 56 -20.78 -23.94 -24.18
N ASP C 57 -21.97 -23.97 -23.59
CA ASP C 57 -22.62 -22.76 -23.08
C ASP C 57 -22.85 -22.92 -21.60
N SER C 58 -22.25 -22.03 -20.83
CA SER C 58 -22.31 -22.03 -19.37
C SER C 58 -22.32 -20.60 -18.84
N GLY C 59 -23.03 -20.41 -17.74
CA GLY C 59 -23.05 -19.13 -17.09
C GLY C 59 -23.00 -19.25 -15.58
N GLU C 60 -22.47 -18.24 -14.91
CA GLU C 60 -22.46 -18.19 -13.45
C GLU C 60 -23.05 -16.85 -13.05
N VAL C 61 -23.79 -16.84 -11.94
CA VAL C 61 -24.45 -15.64 -11.45
C VAL C 61 -24.19 -15.51 -9.97
N THR C 62 -23.57 -14.42 -9.55
CA THR C 62 -23.37 -14.17 -8.14
C THR C 62 -24.29 -13.04 -7.68
N TYR C 63 -24.81 -13.16 -6.46
CA TYR C 63 -25.63 -12.10 -5.88
C TYR C 63 -25.65 -12.28 -4.36
N TYR C 64 -26.15 -11.25 -3.67
CA TYR C 64 -26.34 -11.29 -2.22
C TYR C 64 -27.77 -11.70 -1.93
N GLY C 65 -27.93 -12.79 -1.18
CA GLY C 65 -29.25 -13.33 -0.91
C GLY C 65 -30.09 -12.51 0.04
N LYS C 66 -31.32 -12.21 -0.36
CA LYS C 66 -32.25 -11.53 0.52
C LYS C 66 -33.14 -12.56 1.22
N ARG C 67 -33.61 -12.22 2.41
CA ARG C 67 -34.34 -13.16 3.26
C ARG C 67 -35.40 -13.96 2.51
N GLY C 68 -36.29 -13.31 1.77
CA GLY C 68 -37.28 -14.00 0.96
C GLY C 68 -37.74 -13.11 -0.18
N ASP C 69 -37.15 -13.36 -1.36
CA ASP C 69 -37.57 -12.80 -2.64
C ASP C 69 -37.56 -13.88 -3.74
N ALA C 70 -38.42 -13.65 -4.74
CA ALA C 70 -38.98 -14.68 -5.61
C ALA C 70 -38.06 -15.33 -6.63
N GLY C 71 -37.21 -14.55 -7.32
CA GLY C 71 -36.14 -15.14 -8.11
C GLY C 71 -35.22 -16.02 -7.28
N GLN C 72 -34.95 -15.61 -6.03
CA GLN C 72 -34.23 -16.48 -5.12
C GLN C 72 -35.03 -17.74 -4.79
N LYS C 73 -36.29 -17.61 -4.38
CA LYS C 73 -37.14 -18.78 -4.24
C LYS C 73 -37.33 -19.50 -5.57
N ALA C 74 -37.22 -18.80 -6.69
CA ALA C 74 -37.14 -19.49 -7.97
C ALA C 74 -35.85 -20.29 -8.08
N ILE C 75 -34.73 -19.69 -7.69
CA ILE C 75 -33.46 -20.41 -7.61
C ILE C 75 -33.59 -21.59 -6.65
N GLU C 76 -34.28 -21.38 -5.53
CA GLU C 76 -34.41 -22.44 -4.53
C GLU C 76 -35.14 -23.67 -5.07
N ASP C 77 -36.33 -23.49 -5.66
CA ASP C 77 -36.97 -24.59 -6.39
C ASP C 77 -36.13 -25.01 -7.58
N ALA C 78 -35.48 -24.07 -8.25
CA ALA C 78 -34.58 -24.45 -9.33
C ALA C 78 -33.61 -25.54 -8.89
N TYR C 79 -32.78 -25.26 -7.88
CA TYR C 79 -31.76 -26.22 -7.48
C TYR C 79 -32.32 -27.32 -6.60
N GLN C 80 -33.08 -26.93 -5.57
CA GLN C 80 -33.44 -27.85 -4.50
C GLN C 80 -34.56 -28.80 -4.90
N ASN C 81 -35.51 -28.32 -5.72
CA ASN C 81 -36.51 -29.23 -6.28
C ASN C 81 -35.98 -29.93 -7.52
N GLY C 82 -35.01 -29.32 -8.20
CA GLY C 82 -34.40 -29.90 -9.38
C GLY C 82 -35.21 -29.66 -10.64
N LYS C 83 -35.11 -28.45 -11.17
CA LYS C 83 -35.80 -28.02 -12.39
C LYS C 83 -34.82 -27.19 -13.20
N GLN C 84 -35.07 -27.06 -14.49
CA GLN C 84 -34.38 -26.11 -15.35
C GLN C 84 -35.17 -24.82 -15.38
N ILE C 85 -34.48 -23.69 -15.49
CA ILE C 85 -35.14 -22.39 -15.54
C ILE C 85 -34.82 -21.70 -16.85
N LYS C 86 -35.79 -20.94 -17.36
CA LYS C 86 -35.61 -20.15 -18.57
C LYS C 86 -34.82 -18.90 -18.22
N PHE C 87 -33.88 -18.56 -19.10
CA PHE C 87 -32.82 -17.59 -18.85
C PHE C 87 -32.95 -16.42 -19.82
N TRP C 88 -33.07 -15.22 -19.26
CA TRP C 88 -33.22 -13.98 -20.01
C TRP C 88 -32.17 -12.99 -19.52
N ARG C 89 -31.39 -12.43 -20.44
CA ARG C 89 -30.46 -11.35 -20.12
C ARG C 89 -30.71 -10.20 -21.09
N VAL C 90 -31.16 -9.07 -20.57
CA VAL C 90 -31.58 -7.97 -21.43
C VAL C 90 -30.85 -6.71 -21.01
N ASP C 91 -30.87 -5.73 -21.91
CA ASP C 91 -30.23 -4.45 -21.67
C ASP C 91 -31.27 -3.41 -21.27
N THR C 92 -30.89 -2.57 -20.30
CA THR C 92 -31.76 -1.55 -19.75
C THR C 92 -31.98 -0.38 -20.71
N VAL C 93 -31.01 -0.10 -21.59
CA VAL C 93 -31.18 0.96 -22.58
C VAL C 93 -32.26 0.56 -23.58
N LYS C 94 -33.14 1.51 -23.88
CA LYS C 94 -34.30 1.25 -24.72
C LYS C 94 -33.85 0.87 -26.12
N ASN C 95 -34.41 -0.22 -26.65
CA ASN C 95 -34.20 -0.59 -28.03
C ASN C 95 -35.03 0.29 -28.96
N GLU C 96 -34.43 0.71 -30.06
CA GLU C 96 -35.09 1.62 -30.99
C GLU C 96 -36.02 0.92 -31.98
N ASN C 97 -35.83 -0.37 -32.23
CA ASN C 97 -36.83 -1.12 -32.98
C ASN C 97 -37.31 -2.33 -32.19
N ASP C 98 -37.23 -2.26 -30.87
CA ASP C 98 -37.88 -3.24 -30.00
C ASP C 98 -38.07 -2.59 -28.63
N LYS C 99 -38.74 -3.29 -27.73
CA LYS C 99 -38.83 -2.87 -26.35
C LYS C 99 -37.45 -2.78 -25.72
N TYR C 100 -36.75 -3.92 -25.66
CA TYR C 100 -35.41 -4.02 -25.12
C TYR C 100 -34.66 -5.04 -25.95
N ASP C 101 -33.38 -5.22 -25.67
CA ASP C 101 -32.57 -6.21 -26.38
C ASP C 101 -32.06 -7.24 -25.39
N ALA C 102 -32.12 -8.50 -25.83
CA ALA C 102 -32.00 -9.61 -24.91
C ALA C 102 -31.12 -10.71 -25.50
N GLN C 103 -30.63 -11.57 -24.63
CA GLN C 103 -30.19 -12.91 -25.00
C GLN C 103 -30.95 -13.89 -24.10
N PHE C 104 -31.31 -15.03 -24.67
CA PHE C 104 -32.32 -15.92 -24.10
C PHE C 104 -31.84 -17.36 -24.12
N GLY C 105 -32.29 -18.15 -23.15
CA GLY C 105 -32.04 -19.58 -23.22
C GLY C 105 -32.83 -20.34 -22.18
N PHE C 106 -32.66 -21.66 -22.22
CA PHE C 106 -33.12 -22.53 -21.14
C PHE C 106 -31.89 -23.06 -20.42
N ALA C 107 -31.90 -22.97 -19.10
CA ALA C 107 -30.72 -23.23 -18.29
C ALA C 107 -31.04 -24.13 -17.11
N TYR C 108 -29.99 -24.69 -16.54
CA TYR C 108 -30.09 -25.68 -15.48
C TYR C 108 -29.23 -25.21 -14.32
N ILE C 109 -29.49 -25.76 -13.12
CA ILE C 109 -28.73 -25.38 -11.94
C ILE C 109 -27.54 -26.32 -11.78
N GLU C 110 -26.43 -25.98 -12.45
CA GLU C 110 -25.23 -26.80 -12.32
C GLU C 110 -24.63 -26.80 -10.92
N SER C 111 -24.56 -25.66 -10.25
CA SER C 111 -24.10 -25.62 -8.87
C SER C 111 -24.56 -24.33 -8.22
N ARG C 112 -24.57 -24.33 -6.90
CA ARG C 112 -24.91 -23.16 -6.08
C ARG C 112 -23.87 -23.15 -4.97
N GLU C 113 -23.50 -21.95 -4.55
CA GLU C 113 -22.50 -21.71 -3.53
C GLU C 113 -23.07 -20.70 -2.55
N TYR C 114 -23.00 -21.01 -1.26
CA TYR C 114 -23.45 -20.09 -0.24
C TYR C 114 -22.35 -19.77 0.76
N SER C 115 -22.05 -18.49 0.87
CA SER C 115 -21.05 -18.00 1.81
C SER C 115 -21.72 -17.18 2.90
N ASP C 116 -21.47 -17.58 4.14
CA ASP C 116 -21.79 -16.82 5.33
C ASP C 116 -20.46 -16.33 5.89
N GLY C 117 -20.32 -15.02 6.01
CA GLY C 117 -19.14 -14.42 6.63
C GLY C 117 -19.52 -13.57 7.82
N VAL C 118 -18.54 -13.34 8.69
CA VAL C 118 -18.72 -12.48 9.86
C VAL C 118 -18.78 -11.01 9.44
N GLU C 119 -18.06 -10.64 8.38
CA GLU C 119 -18.25 -9.32 7.79
C GLU C 119 -19.22 -9.33 6.63
N GLY C 120 -19.87 -8.20 6.36
CA GLY C 120 -20.60 -8.05 5.12
C GLY C 120 -21.91 -8.79 5.22
N ALA C 121 -22.40 -9.30 4.09
CA ALA C 121 -23.69 -9.99 4.07
C ALA C 121 -23.62 -11.25 3.22
N VAL C 122 -24.63 -12.11 3.39
CA VAL C 122 -24.61 -13.45 2.80
C VAL C 122 -24.42 -13.34 1.30
N GLU C 123 -23.61 -14.23 0.74
CA GLU C 123 -23.30 -14.19 -0.68
C GLU C 123 -23.59 -15.52 -1.33
N ILE C 124 -24.30 -15.48 -2.46
CA ILE C 124 -24.69 -16.68 -3.17
C ILE C 124 -24.05 -16.63 -4.56
N SER C 125 -23.29 -17.67 -4.87
CA SER C 125 -22.80 -17.92 -6.22
C SER C 125 -23.56 -19.09 -6.79
N ILE C 126 -24.32 -18.87 -7.87
CA ILE C 126 -25.04 -19.93 -8.53
C ILE C 126 -24.47 -20.11 -9.93
N SER C 127 -24.12 -21.35 -10.26
CA SER C 127 -23.53 -21.70 -11.54
C SER C 127 -24.49 -22.58 -12.33
N LEU C 128 -24.54 -22.35 -13.63
CA LEU C 128 -25.50 -22.99 -14.51
C LEU C 128 -24.85 -23.33 -15.84
N GLN C 129 -25.31 -24.42 -16.45
CA GLN C 129 -24.99 -24.74 -17.83
C GLN C 129 -26.18 -24.33 -18.68
N VAL C 130 -25.95 -24.13 -19.97
CA VAL C 130 -27.04 -23.84 -20.88
C VAL C 130 -26.77 -24.57 -22.19
N ILE C 131 -27.83 -24.77 -22.98
CA ILE C 131 -27.72 -25.58 -24.19
C ILE C 131 -27.72 -24.70 -25.43
N GLY C 132 -27.35 -23.44 -25.25
CA GLY C 132 -27.28 -22.53 -26.39
C GLY C 132 -28.18 -21.33 -26.19
N GLU C 133 -27.65 -20.29 -25.57
CA GLU C 133 -28.39 -19.04 -25.45
C GLU C 133 -28.34 -18.26 -26.75
N LEU C 134 -29.49 -17.71 -27.13
CA LEU C 134 -29.64 -17.03 -28.40
C LEU C 134 -29.91 -15.57 -28.12
N LYS C 135 -29.54 -14.71 -29.07
CA LYS C 135 -29.70 -13.27 -28.92
C LYS C 135 -30.96 -12.82 -29.64
N ASN C 136 -31.71 -11.91 -29.05
CA ASN C 136 -32.91 -11.36 -29.66
C ASN C 136 -33.21 -10.00 -29.04
N GLY C 137 -34.42 -9.50 -29.28
CA GLY C 137 -34.87 -8.33 -28.55
C GLY C 137 -35.83 -8.70 -27.45
N GLU C 138 -35.77 -7.94 -26.36
CA GLU C 138 -36.55 -8.25 -25.17
C GLU C 138 -37.92 -7.58 -25.29
N ILE C 139 -38.96 -8.39 -25.10
CA ILE C 139 -40.33 -7.90 -25.27
C ILE C 139 -40.89 -7.41 -23.94
N ASP C 140 -40.68 -8.18 -22.87
CA ASP C 140 -41.25 -7.81 -21.59
C ASP C 140 -40.40 -6.75 -20.90
N THR C 141 -40.91 -5.52 -20.91
CA THR C 141 -40.27 -4.42 -20.20
C THR C 141 -40.14 -4.69 -18.72
N LEU C 142 -41.23 -5.10 -18.04
CA LEU C 142 -41.36 -5.28 -16.60
C LEU C 142 -40.88 -4.01 -15.89
N PRO C 143 -41.54 -2.86 -16.13
CA PRO C 143 -40.93 -1.55 -15.86
C PRO C 143 -40.68 -1.23 -14.40
N GLU C 144 -41.17 -2.11 -13.53
CA GLU C 144 -40.89 -2.06 -12.10
C GLU C 144 -39.41 -2.17 -11.82
N GLU C 145 -38.70 -3.06 -12.53
CA GLU C 145 -37.31 -3.34 -12.24
C GLU C 145 -36.35 -2.83 -13.31
N ILE C 146 -36.44 -3.31 -14.54
CA ILE C 146 -35.57 -2.89 -15.63
C ILE C 146 -35.74 -1.40 -15.92
N VAL C 147 -36.97 -0.97 -16.18
CA VAL C 147 -37.24 0.41 -16.55
C VAL C 147 -36.96 1.28 -15.32
N ASN C 148 -37.45 0.83 -14.16
CA ASN C 148 -37.32 1.60 -12.93
C ASN C 148 -36.31 0.96 -11.98
N VAL C 149 -35.14 1.58 -11.82
CA VAL C 149 -34.21 1.14 -10.79
C VAL C 149 -33.81 2.36 -9.97
N SER C 150 -34.51 2.56 -8.84
CA SER C 150 -34.34 3.77 -8.05
C SER C 150 -33.38 3.58 -6.89
N LYS C 151 -32.84 4.67 -6.35
CA LYS C 151 -31.99 4.56 -5.16
C LYS C 151 -32.79 4.41 -3.86
N GLY C 152 -34.11 4.52 -3.88
CA GLY C 152 -34.91 4.45 -2.67
C GLY C 152 -35.26 5.83 -2.13
N GLY C 153 -34.80 6.88 -2.80
CA GLY C 153 -35.02 8.24 -2.36
C GLY C 153 -36.44 8.69 -2.61
N TYR C 154 -37.01 9.39 -1.63
CA TYR C 154 -38.34 9.95 -1.69
C TYR C 154 -38.29 11.38 -1.14
N ASP C 155 -39.17 12.25 -1.67
CA ASP C 155 -38.95 13.70 -1.60
C ASP C 155 -38.93 14.29 -0.19
N PHE C 156 -39.97 14.03 0.62
CA PHE C 156 -40.07 14.26 2.06
C PHE C 156 -40.83 13.11 2.71
N GLN C 157 -40.64 13.00 4.02
CA GLN C 157 -41.62 12.37 4.92
C GLN C 157 -41.50 13.11 6.24
N GLN C 158 -42.24 14.23 6.40
CA GLN C 158 -41.96 15.13 7.52
C GLN C 158 -43.08 15.19 8.56
N PRO C 159 -44.36 14.92 8.26
CA PRO C 159 -45.33 14.82 9.36
C PRO C 159 -45.25 13.52 10.13
N GLY C 160 -44.23 12.68 9.87
CA GLY C 160 -44.22 11.36 10.45
C GLY C 160 -45.06 10.28 9.80
N GLN C 161 -44.56 9.62 8.76
CA GLN C 161 -45.31 8.51 8.17
C GLN C 161 -44.74 7.17 8.62
N THR C 162 -44.85 6.89 9.93
CA THR C 162 -44.44 5.62 10.57
C THR C 162 -43.30 4.94 9.82
N THR C 163 -42.08 5.43 10.05
CA THR C 163 -40.98 5.05 9.19
C THR C 163 -40.15 3.97 9.90
N GLY C 164 -39.39 3.22 9.11
CA GLY C 164 -38.42 2.27 9.63
C GLY C 164 -37.09 2.35 8.92
N GLU C 165 -36.33 1.25 8.94
CA GLU C 165 -35.00 1.23 8.33
C GLU C 165 -35.08 1.32 6.82
N ALA C 166 -36.22 0.90 6.25
CA ALA C 166 -36.43 0.89 4.79
C ALA C 166 -36.68 2.30 4.31
N PRO C 167 -36.56 2.55 3.02
CA PRO C 167 -36.27 3.89 2.51
C PRO C 167 -37.52 4.77 2.43
N GLY C 168 -38.67 4.11 2.54
CA GLY C 168 -39.93 4.78 2.80
C GLY C 168 -41.05 3.95 3.38
N THR C 169 -41.32 4.08 4.68
CA THR C 169 -42.49 3.47 5.26
C THR C 169 -43.61 4.49 5.36
N VAL C 170 -44.83 3.99 5.57
CA VAL C 170 -46.02 4.80 5.72
C VAL C 170 -46.72 4.39 7.02
N PRO C 171 -47.72 5.16 7.52
CA PRO C 171 -48.38 4.76 8.76
C PRO C 171 -49.23 3.52 8.58
N ALA C 172 -48.85 2.46 9.29
CA ALA C 172 -49.39 1.11 9.16
C ALA C 172 -49.19 0.54 7.75
N PRO D 1 9.59 2.90 -30.18
CA PRO D 1 9.32 1.65 -30.88
C PRO D 1 7.83 1.76 -31.20
N ILE D 2 7.15 0.63 -31.34
CA ILE D 2 5.72 0.59 -31.60
C ILE D 2 4.99 0.83 -30.29
N MET D 3 4.00 1.71 -30.32
CA MET D 3 3.26 2.09 -29.13
C MET D 3 2.08 1.13 -28.92
N GLY D 4 1.49 1.23 -27.73
CA GLY D 4 0.30 0.46 -27.41
C GLY D 4 -0.93 0.82 -28.23
N GLN D 5 -1.08 2.08 -28.59
CA GLN D 5 -2.11 2.53 -29.52
C GLN D 5 -1.74 2.24 -30.96
N ASP D 6 -0.46 2.01 -31.25
CA ASP D 6 0.02 1.88 -32.62
C ASP D 6 -0.51 0.66 -33.35
N VAL D 7 -0.62 -0.50 -32.70
CA VAL D 7 -1.08 -1.72 -33.36
C VAL D 7 -2.59 -1.79 -33.22
N LYS D 8 -3.29 -1.76 -34.35
CA LYS D 8 -4.74 -1.90 -34.33
C LYS D 8 -5.19 -3.02 -35.25
N TYR D 9 -6.30 -3.65 -34.88
CA TYR D 9 -6.71 -4.94 -35.43
C TYR D 9 -8.07 -4.76 -36.11
N LEU D 10 -8.10 -5.01 -37.42
CA LEU D 10 -9.36 -4.99 -38.15
C LEU D 10 -9.66 -6.39 -38.69
N PHE D 11 -10.94 -6.76 -38.69
CA PHE D 11 -11.39 -8.03 -39.24
C PHE D 11 -12.33 -7.78 -40.40
N GLN D 12 -12.23 -8.62 -41.42
CA GLN D 12 -13.21 -8.61 -42.50
C GLN D 12 -13.89 -9.97 -42.56
N SER D 13 -15.22 -9.95 -42.54
CA SER D 13 -16.01 -11.18 -42.60
C SER D 13 -15.93 -11.81 -43.98
N ILE D 14 -15.99 -13.13 -44.02
CA ILE D 14 -15.93 -13.86 -45.28
C ILE D 14 -17.18 -13.66 -46.12
N ASP D 15 -18.36 -13.65 -45.49
CA ASP D 15 -19.61 -13.63 -46.22
C ASP D 15 -20.01 -12.25 -46.70
N ALA D 16 -19.46 -11.18 -46.12
CA ALA D 16 -19.88 -9.84 -46.49
C ALA D 16 -19.54 -9.53 -47.93
N ALA D 17 -18.30 -9.83 -48.34
CA ALA D 17 -17.73 -9.49 -49.66
C ALA D 17 -17.79 -7.99 -49.93
N THR D 18 -17.41 -7.20 -48.92
CA THR D 18 -17.39 -5.75 -49.00
C THR D 18 -15.97 -5.27 -49.19
N GLY D 19 -15.82 -4.05 -49.71
CA GLY D 19 -14.50 -3.49 -49.95
C GLY D 19 -13.92 -2.76 -48.76
N SER D 20 -14.13 -3.30 -47.56
CA SER D 20 -13.64 -2.65 -46.35
C SER D 20 -13.86 -3.51 -45.12
N ALA D 21 -12.91 -3.44 -44.16
CA ALA D 21 -12.83 -4.25 -42.94
C ALA D 21 -13.19 -3.46 -41.69
N PRO D 22 -14.29 -3.80 -40.99
CA PRO D 22 -14.62 -3.07 -39.77
C PRO D 22 -13.67 -3.38 -38.62
N LEU D 23 -13.25 -2.36 -37.89
CA LEU D 23 -12.56 -2.57 -36.64
C LEU D 23 -13.39 -1.99 -35.50
N PHE D 24 -13.20 -2.53 -34.32
CA PHE D 24 -14.18 -2.19 -33.31
C PHE D 24 -13.59 -1.20 -32.31
N PRO D 25 -14.36 -0.21 -31.86
CA PRO D 25 -13.81 0.75 -30.89
C PRO D 25 -13.74 0.17 -29.48
N ALA D 26 -13.14 0.98 -28.59
CA ALA D 26 -12.94 0.67 -27.17
C ALA D 26 -12.27 -0.70 -26.99
N TYR D 27 -11.05 -0.80 -27.47
CA TYR D 27 -10.23 -1.99 -27.24
C TYR D 27 -9.65 -2.00 -25.83
N GLN D 28 -9.55 -3.19 -25.28
CA GLN D 28 -8.99 -3.41 -23.95
C GLN D 28 -7.56 -3.86 -24.21
N THR D 29 -7.36 -4.97 -24.90
CA THR D 29 -6.02 -5.47 -25.17
C THR D 29 -6.07 -6.74 -26.02
N ASP D 30 -4.91 -7.05 -26.59
CA ASP D 30 -4.80 -8.00 -27.68
C ASP D 30 -3.56 -8.84 -27.44
N GLY D 31 -3.77 -10.14 -27.30
CA GLY D 31 -2.66 -11.06 -27.27
C GLY D 31 -2.73 -12.02 -28.43
N SER D 32 -1.69 -12.02 -29.25
CA SER D 32 -1.53 -12.98 -30.33
C SER D 32 -0.39 -13.90 -29.88
N VAL D 33 -0.66 -15.20 -29.91
CA VAL D 33 0.27 -16.18 -29.38
C VAL D 33 0.50 -17.24 -30.46
N SER D 34 1.77 -17.53 -30.70
CA SER D 34 2.20 -18.29 -31.87
C SER D 34 3.23 -19.32 -31.40
N GLY D 35 2.82 -20.59 -31.39
CA GLY D 35 3.71 -21.64 -30.93
C GLY D 35 4.29 -22.47 -32.05
N GLU D 36 5.60 -22.47 -32.19
CA GLU D 36 6.30 -23.21 -33.24
C GLU D 36 6.82 -24.50 -32.63
N ARG D 37 6.16 -25.61 -32.91
CA ARG D 37 6.47 -26.89 -32.30
C ARG D 37 7.81 -27.40 -32.81
N GLU D 38 8.56 -28.08 -31.95
CA GLU D 38 9.96 -28.41 -32.18
C GLU D 38 10.15 -29.92 -32.00
N LEU D 39 11.35 -30.39 -32.31
CA LEU D 39 11.71 -31.79 -32.23
C LEU D 39 11.66 -32.26 -30.78
N PHE D 40 11.18 -33.49 -30.59
CA PHE D 40 11.24 -34.16 -29.30
C PHE D 40 12.52 -34.97 -29.16
N ASP D 41 13.18 -34.81 -28.03
CA ASP D 41 14.08 -35.81 -27.45
C ASP D 41 15.38 -35.80 -28.26
N GLU D 42 16.45 -35.32 -27.64
CA GLU D 42 17.77 -35.34 -28.28
C GLU D 42 18.33 -36.74 -28.46
N GLN D 43 18.03 -37.64 -27.52
CA GLN D 43 18.59 -39.01 -27.44
C GLN D 43 20.06 -38.99 -27.00
N THR D 44 20.46 -37.88 -26.34
CA THR D 44 21.87 -37.50 -26.11
C THR D 44 22.73 -37.74 -27.35
N LYS D 45 22.36 -37.06 -28.45
CA LYS D 45 23.03 -37.21 -29.73
C LYS D 45 23.71 -35.91 -30.13
N ASN D 46 23.43 -35.44 -31.35
CA ASN D 46 23.98 -34.17 -31.83
C ASN D 46 22.97 -33.03 -31.78
N GLY D 47 21.82 -33.24 -31.14
CA GLY D 47 20.79 -32.22 -31.06
C GLY D 47 19.62 -32.55 -31.94
N ARG D 48 18.74 -33.41 -31.43
CA ARG D 48 17.56 -33.84 -32.18
C ARG D 48 16.35 -33.17 -31.55
N ILE D 49 16.58 -32.01 -30.92
CA ILE D 49 15.50 -31.24 -30.30
C ILE D 49 15.48 -29.82 -30.88
N LEU D 50 16.33 -29.57 -31.87
CA LEU D 50 16.34 -28.29 -32.56
C LEU D 50 15.68 -28.36 -33.93
N GLY D 51 14.78 -29.33 -34.13
CA GLY D 51 14.24 -29.64 -35.43
C GLY D 51 12.92 -28.95 -35.72
N PRO D 52 12.52 -28.94 -36.99
CA PRO D 52 11.31 -28.22 -37.37
C PRO D 52 10.03 -28.91 -36.98
N GLY D 53 8.98 -28.11 -36.80
CA GLY D 53 7.67 -28.63 -36.41
C GLY D 53 6.60 -27.69 -36.90
N SER D 54 5.36 -28.13 -36.72
CA SER D 54 4.22 -27.33 -37.15
C SER D 54 4.05 -26.11 -36.24
N VAL D 55 3.21 -25.19 -36.67
CA VAL D 55 2.96 -23.94 -35.95
C VAL D 55 1.52 -23.93 -35.44
N ALA D 56 1.36 -23.63 -34.15
CA ALA D 56 0.05 -23.45 -33.54
C ALA D 56 -0.21 -21.97 -33.40
N ASP D 57 -1.27 -21.49 -34.03
CA ASP D 57 -1.54 -20.07 -34.13
C ASP D 57 -2.89 -19.79 -33.48
N SER D 58 -2.87 -18.95 -32.45
CA SER D 58 -4.04 -18.59 -31.67
C SER D 58 -3.93 -17.15 -31.22
N GLY D 59 -5.08 -16.48 -31.14
CA GLY D 59 -5.14 -15.13 -30.64
C GLY D 59 -6.34 -14.90 -29.76
N GLU D 60 -6.22 -13.96 -28.83
CA GLU D 60 -7.33 -13.57 -27.98
C GLU D 60 -7.47 -12.05 -28.08
N VAL D 61 -8.70 -11.56 -28.04
CA VAL D 61 -8.98 -10.14 -28.17
C VAL D 61 -9.97 -9.74 -27.09
N THR D 62 -9.57 -8.81 -26.22
CA THR D 62 -10.48 -8.29 -25.22
C THR D 62 -10.89 -6.87 -25.58
N TYR D 63 -12.14 -6.53 -25.32
CA TYR D 63 -12.64 -5.17 -25.53
C TYR D 63 -13.89 -4.96 -24.70
N TYR D 64 -14.32 -3.69 -24.58
CA TYR D 64 -15.56 -3.33 -23.91
C TYR D 64 -16.66 -3.22 -24.95
N GLY D 65 -17.73 -4.00 -24.79
CA GLY D 65 -18.80 -4.04 -25.77
C GLY D 65 -19.66 -2.80 -25.81
N LYS D 66 -19.86 -2.25 -26.99
CA LYS D 66 -20.77 -1.13 -27.18
C LYS D 66 -22.14 -1.66 -27.62
N ARG D 67 -23.19 -0.90 -27.28
CA ARG D 67 -24.56 -1.35 -27.49
C ARG D 67 -24.80 -1.96 -28.86
N GLY D 68 -24.42 -1.28 -29.94
CA GLY D 68 -24.55 -1.81 -31.28
C GLY D 68 -23.55 -1.13 -32.20
N ASP D 69 -22.42 -1.83 -32.43
CA ASP D 69 -21.42 -1.49 -33.45
C ASP D 69 -20.96 -2.75 -34.20
N ALA D 70 -20.53 -2.53 -35.43
CA ALA D 70 -20.51 -3.52 -36.50
C ALA D 70 -19.47 -4.65 -36.41
N GLY D 71 -18.23 -4.34 -36.03
CA GLY D 71 -17.28 -5.40 -35.68
C GLY D 71 -17.79 -6.28 -34.55
N GLN D 72 -18.49 -5.68 -33.58
CA GLN D 72 -19.16 -6.48 -32.57
C GLN D 72 -20.28 -7.32 -33.16
N LYS D 73 -21.19 -6.73 -33.95
CA LYS D 73 -22.15 -7.53 -34.68
C LYS D 73 -21.47 -8.46 -35.67
N ALA D 74 -20.27 -8.12 -36.14
CA ALA D 74 -19.48 -9.08 -36.90
C ALA D 74 -19.05 -10.23 -36.01
N ILE D 75 -18.57 -9.91 -34.80
CA ILE D 75 -18.26 -10.94 -33.81
C ILE D 75 -19.50 -11.76 -33.49
N GLU D 76 -20.66 -11.10 -33.39
CA GLU D 76 -21.89 -11.80 -33.04
C GLU D 76 -22.28 -12.84 -34.08
N ASP D 77 -22.36 -12.46 -35.36
CA ASP D 77 -22.50 -13.45 -36.42
C ASP D 77 -21.31 -14.39 -36.47
N ALA D 78 -20.11 -13.87 -36.22
CA ALA D 78 -18.95 -14.76 -36.15
C ALA D 78 -19.21 -15.94 -35.23
N TYR D 79 -19.49 -15.69 -33.96
CA TYR D 79 -19.63 -16.77 -33.00
C TYR D 79 -21.01 -17.41 -33.07
N GLN D 80 -22.05 -16.59 -33.06
CA GLN D 80 -23.42 -17.07 -32.84
C GLN D 80 -24.00 -17.71 -34.09
N ASN D 81 -23.66 -17.19 -35.27
CA ASN D 81 -24.06 -17.86 -36.50
C ASN D 81 -23.08 -18.97 -36.85
N GLY D 82 -21.84 -18.85 -36.41
CA GLY D 82 -20.82 -19.85 -36.64
C GLY D 82 -20.15 -19.70 -37.99
N LYS D 83 -19.24 -18.73 -38.09
CA LYS D 83 -18.48 -18.43 -39.30
C LYS D 83 -17.05 -18.14 -38.86
N GLN D 84 -16.11 -18.26 -39.80
CA GLN D 84 -14.75 -17.80 -39.62
C GLN D 84 -14.65 -16.37 -40.15
N ILE D 85 -13.80 -15.56 -39.51
CA ILE D 85 -13.62 -14.19 -39.94
C ILE D 85 -12.17 -13.96 -40.35
N LYS D 86 -11.99 -13.09 -41.34
CA LYS D 86 -10.67 -12.71 -41.80
C LYS D 86 -10.07 -11.70 -40.82
N PHE D 87 -8.79 -11.89 -40.52
CA PHE D 87 -8.10 -11.23 -39.41
C PHE D 87 -6.98 -10.35 -39.95
N TRP D 88 -7.03 -9.06 -39.58
CA TRP D 88 -6.07 -8.05 -39.99
C TRP D 88 -5.56 -7.34 -38.75
N ARG D 89 -4.24 -7.28 -38.59
CA ARG D 89 -3.63 -6.48 -37.52
C ARG D 89 -2.58 -5.58 -38.16
N VAL D 90 -2.80 -4.28 -38.10
CA VAL D 90 -1.94 -3.34 -38.80
C VAL D 90 -1.43 -2.29 -37.84
N ASP D 91 -0.38 -1.60 -38.25
CA ASP D 91 0.22 -0.55 -37.46
C ASP D 91 -0.23 0.82 -37.96
N THR D 92 -0.48 1.71 -37.00
CA THR D 92 -0.98 3.05 -37.27
C THR D 92 0.08 3.97 -37.88
N VAL D 93 1.35 3.73 -37.56
CA VAL D 93 2.43 4.52 -38.15
C VAL D 93 2.53 4.22 -39.65
N LYS D 94 2.68 5.29 -40.43
CA LYS D 94 2.65 5.18 -41.88
C LYS D 94 3.84 4.36 -42.36
N ASN D 95 3.57 3.40 -43.24
CA ASN D 95 4.62 2.66 -43.90
C ASN D 95 5.25 3.50 -45.01
N GLU D 96 6.58 3.44 -45.11
CA GLU D 96 7.31 4.25 -46.07
C GLU D 96 7.36 3.64 -47.47
N ASN D 97 7.18 2.33 -47.60
CA ASN D 97 6.99 1.76 -48.93
C ASN D 97 5.69 0.96 -49.00
N ASP D 98 4.71 1.33 -48.17
CA ASP D 98 3.35 0.84 -48.31
C ASP D 98 2.42 1.82 -47.60
N LYS D 99 1.11 1.58 -47.71
CA LYS D 99 0.15 2.35 -46.94
C LYS D 99 0.37 2.16 -45.45
N TYR D 100 0.26 0.92 -44.99
CA TYR D 100 0.47 0.55 -43.59
C TYR D 100 1.14 -0.82 -43.58
N ASP D 101 1.49 -1.29 -42.39
CA ASP D 101 2.09 -2.61 -42.26
C ASP D 101 1.20 -3.49 -41.39
N ALA D 102 1.05 -4.73 -41.83
CA ALA D 102 -0.03 -5.58 -41.34
C ALA D 102 0.49 -6.98 -41.08
N GLN D 103 -0.28 -7.72 -40.29
CA GLN D 103 -0.26 -9.17 -40.28
C GLN D 103 -1.69 -9.63 -40.49
N PHE D 104 -1.86 -10.72 -41.24
CA PHE D 104 -3.12 -11.11 -41.83
C PHE D 104 -3.39 -12.59 -41.61
N GLY D 105 -4.67 -12.95 -41.51
CA GLY D 105 -5.01 -14.36 -41.50
C GLY D 105 -6.50 -14.58 -41.63
N PHE D 106 -6.88 -15.85 -41.67
CA PHE D 106 -8.27 -16.26 -41.52
C PHE D 106 -8.41 -16.94 -40.18
N ALA D 107 -9.42 -16.53 -39.41
CA ALA D 107 -9.55 -16.93 -38.02
C ALA D 107 -10.97 -17.38 -37.71
N TYR D 108 -11.08 -18.08 -36.58
CA TYR D 108 -12.33 -18.71 -36.16
C TYR D 108 -12.65 -18.24 -34.75
N ILE D 109 -13.91 -18.38 -34.34
CA ILE D 109 -14.32 -17.99 -33.00
C ILE D 109 -14.18 -19.16 -32.05
N GLU D 110 -12.98 -19.34 -31.49
CA GLU D 110 -12.77 -20.41 -30.53
C GLU D 110 -13.57 -20.27 -29.24
N SER D 111 -13.63 -19.07 -28.67
CA SER D 111 -14.48 -18.84 -27.50
C SER D 111 -14.74 -17.36 -27.37
N ARG D 112 -15.78 -17.03 -26.61
CA ARG D 112 -16.17 -15.66 -26.29
C ARG D 112 -16.51 -15.68 -24.81
N GLU D 113 -16.22 -14.58 -24.14
CA GLU D 113 -16.42 -14.41 -22.71
C GLU D 113 -17.11 -13.08 -22.51
N TYR D 114 -18.19 -13.08 -21.73
CA TYR D 114 -18.89 -11.83 -21.42
C TYR D 114 -18.99 -11.64 -19.92
N SER D 115 -18.46 -10.51 -19.46
CA SER D 115 -18.51 -10.13 -18.06
C SER D 115 -19.41 -8.91 -17.90
N ASP D 116 -20.39 -9.05 -17.03
CA ASP D 116 -21.21 -7.97 -16.50
C ASP D 116 -20.80 -7.78 -15.05
N GLY D 117 -20.35 -6.57 -14.73
CA GLY D 117 -20.02 -6.22 -13.35
C GLY D 117 -20.83 -5.04 -12.88
N VAL D 118 -20.93 -4.91 -11.56
CA VAL D 118 -21.62 -3.77 -10.95
C VAL D 118 -20.79 -2.50 -11.07
N GLU D 119 -19.46 -2.63 -11.05
CA GLU D 119 -18.61 -1.50 -11.39
C GLU D 119 -18.19 -1.49 -12.84
N GLY D 120 -17.90 -0.33 -13.41
CA GLY D 120 -17.23 -0.26 -14.69
C GLY D 120 -18.24 -0.54 -15.77
N ALA D 121 -17.80 -1.13 -16.89
CA ALA D 121 -18.68 -1.40 -18.02
C ALA D 121 -18.45 -2.79 -18.58
N VAL D 122 -19.39 -3.24 -19.40
CA VAL D 122 -19.42 -4.62 -19.87
C VAL D 122 -18.10 -4.95 -20.57
N GLU D 123 -17.59 -6.15 -20.33
CA GLU D 123 -16.30 -6.54 -20.89
C GLU D 123 -16.42 -7.84 -21.65
N ILE D 124 -15.89 -7.85 -22.86
CA ILE D 124 -15.95 -9.02 -23.73
C ILE D 124 -14.54 -9.51 -24.00
N SER D 125 -14.29 -10.77 -23.68
CA SER D 125 -13.07 -11.47 -24.08
C SER D 125 -13.44 -12.47 -25.16
N ILE D 126 -12.89 -12.29 -26.36
CA ILE D 126 -13.12 -13.22 -27.45
C ILE D 126 -11.81 -13.89 -27.81
N SER D 127 -11.83 -15.22 -27.85
CA SER D 127 -10.66 -16.03 -28.14
C SER D 127 -10.85 -16.75 -29.47
N LEU D 128 -9.77 -16.83 -30.24
CA LEU D 128 -9.80 -17.36 -31.60
C LEU D 128 -8.57 -18.19 -31.86
N GLN D 129 -8.71 -19.20 -32.70
CA GLN D 129 -7.58 -19.92 -33.26
C GLN D 129 -7.37 -19.39 -34.67
N VAL D 130 -6.17 -19.59 -35.21
CA VAL D 130 -5.90 -19.22 -36.59
C VAL D 130 -5.01 -20.29 -37.19
N ILE D 131 -4.99 -20.35 -38.53
CA ILE D 131 -4.29 -21.43 -39.22
C ILE D 131 -3.00 -20.91 -39.83
N GLY D 132 -2.47 -19.82 -39.30
CA GLY D 132 -1.23 -19.27 -39.78
C GLY D 132 -1.40 -17.85 -40.27
N GLU D 133 -1.23 -16.89 -39.37
CA GLU D 133 -1.23 -15.48 -39.76
C GLU D 133 0.09 -15.09 -40.38
N LEU D 134 0.01 -14.33 -41.47
CA LEU D 134 1.19 -13.97 -42.25
C LEU D 134 1.37 -12.47 -42.15
N LYS D 135 2.61 -12.02 -42.29
CA LYS D 135 2.94 -10.60 -42.17
C LYS D 135 3.04 -9.99 -43.56
N ASN D 136 2.52 -8.77 -43.72
CA ASN D 136 2.61 -8.05 -44.99
C ASN D 136 2.47 -6.57 -44.73
N GLY D 137 2.23 -5.80 -45.78
CA GLY D 137 1.86 -4.42 -45.61
C GLY D 137 0.38 -4.20 -45.80
N GLU D 138 -0.16 -3.25 -45.04
CA GLU D 138 -1.60 -3.02 -45.02
C GLU D 138 -1.96 -2.03 -46.13
N ILE D 139 -2.92 -2.42 -46.96
CA ILE D 139 -3.29 -1.60 -48.11
C ILE D 139 -4.45 -0.67 -47.75
N ASP D 140 -5.45 -1.18 -47.04
CA ASP D 140 -6.62 -0.36 -46.73
C ASP D 140 -6.35 0.54 -45.54
N THR D 141 -6.13 1.82 -45.81
CA THR D 141 -5.96 2.82 -44.76
C THR D 141 -7.16 2.89 -43.83
N LEU D 142 -8.38 3.00 -44.39
CA LEU D 142 -9.64 3.22 -43.67
C LEU D 142 -9.50 4.42 -42.74
N PRO D 143 -9.22 5.62 -43.29
CA PRO D 143 -8.64 6.71 -42.50
C PRO D 143 -9.54 7.28 -41.41
N GLU D 144 -10.79 6.84 -41.42
CA GLU D 144 -11.76 7.14 -40.37
C GLU D 144 -11.27 6.67 -39.01
N GLU D 145 -10.68 5.46 -38.94
CA GLU D 145 -10.31 4.86 -37.68
C GLU D 145 -8.81 4.79 -37.46
N ILE D 146 -8.06 4.07 -38.29
CA ILE D 146 -6.62 3.95 -38.15
C ILE D 146 -5.93 5.29 -38.30
N VAL D 147 -6.19 6.00 -39.40
CA VAL D 147 -5.54 7.26 -39.67
C VAL D 147 -6.03 8.28 -38.66
N ASN D 148 -7.35 8.28 -38.43
CA ASN D 148 -7.97 9.25 -37.53
C ASN D 148 -8.44 8.60 -36.24
N VAL D 149 -7.74 8.86 -35.14
CA VAL D 149 -8.25 8.43 -33.84
C VAL D 149 -8.24 9.64 -32.90
N SER D 150 -9.40 10.29 -32.80
CA SER D 150 -9.49 11.55 -32.07
C SER D 150 -10.00 11.38 -30.65
N LYS D 151 -9.74 12.34 -29.77
CA LYS D 151 -10.30 12.28 -28.43
C LYS D 151 -11.76 12.70 -28.33
N GLY D 152 -12.37 13.18 -29.42
CA GLY D 152 -13.74 13.66 -29.38
C GLY D 152 -13.84 15.16 -29.21
N GLY D 153 -12.70 15.83 -29.10
CA GLY D 153 -12.66 17.26 -28.87
C GLY D 153 -13.02 18.04 -30.13
N TYR D 154 -13.80 19.09 -29.94
CA TYR D 154 -14.23 19.99 -30.99
C TYR D 154 -14.10 21.43 -30.48
N ASP D 155 -13.81 22.37 -31.39
CA ASP D 155 -13.23 23.65 -31.01
C ASP D 155 -14.11 24.53 -30.13
N PHE D 156 -15.35 24.80 -30.54
CA PHE D 156 -16.46 25.40 -29.77
C PHE D 156 -17.76 24.71 -30.14
N GLN D 157 -18.74 24.87 -29.25
CA GLN D 157 -20.16 24.80 -29.59
C GLN D 157 -20.87 25.76 -28.65
N GLN D 158 -20.95 27.04 -29.04
CA GLN D 158 -21.35 28.07 -28.08
C GLN D 158 -22.71 28.71 -28.37
N PRO D 159 -23.22 28.77 -29.63
CA PRO D 159 -24.61 29.23 -29.79
C PRO D 159 -25.65 28.19 -29.42
N GLY D 160 -25.24 27.06 -28.85
CA GLY D 160 -26.18 25.96 -28.65
C GLY D 160 -26.48 25.06 -29.81
N GLN D 161 -25.65 24.05 -30.09
CA GLN D 161 -25.99 23.11 -31.16
C GLN D 161 -26.55 21.82 -30.59
N THR D 162 -27.72 21.90 -29.96
CA THR D 162 -28.48 20.76 -29.41
C THR D 162 -27.56 19.61 -28.98
N THR D 163 -26.95 19.76 -27.81
CA THR D 163 -25.87 18.87 -27.44
C THR D 163 -26.40 17.80 -26.49
N GLY D 164 -25.67 16.68 -26.41
CA GLY D 164 -25.95 15.65 -25.43
C GLY D 164 -24.69 15.15 -24.74
N GLU D 165 -24.73 13.92 -24.24
CA GLU D 165 -23.59 13.36 -23.50
C GLU D 165 -22.41 13.10 -24.44
N ALA D 166 -22.69 12.92 -25.73
CA ALA D 166 -21.67 12.61 -26.73
C ALA D 166 -20.89 13.88 -27.05
N PRO D 167 -19.73 13.76 -27.68
CA PRO D 167 -18.70 14.80 -27.57
C PRO D 167 -18.93 15.95 -28.54
N GLY D 168 -19.85 15.71 -29.48
CA GLY D 168 -20.43 16.77 -30.29
C GLY D 168 -21.76 16.47 -30.96
N THR D 169 -22.86 16.98 -30.41
CA THR D 169 -24.13 16.91 -31.11
C THR D 169 -24.39 18.22 -31.84
N VAL D 170 -25.35 18.16 -32.76
CA VAL D 170 -25.78 19.30 -33.56
C VAL D 170 -27.29 19.44 -33.42
N PRO D 171 -27.90 20.56 -33.86
CA PRO D 171 -29.35 20.70 -33.74
C PRO D 171 -30.09 19.76 -34.66
N ALA D 172 -30.85 18.84 -34.06
CA ALA D 172 -31.52 17.72 -34.74
C ALA D 172 -30.52 16.80 -35.45
N PRO E 1 29.47 -7.38 -9.19
CA PRO E 1 29.43 -8.64 -9.94
C PRO E 1 28.98 -8.17 -11.32
N ILE E 2 28.33 -9.05 -12.07
CA ILE E 2 27.81 -8.75 -13.40
C ILE E 2 26.50 -7.99 -13.21
N MET E 3 26.34 -6.90 -13.95
CA MET E 3 25.17 -6.04 -13.83
C MET E 3 24.07 -6.53 -14.77
N GLY E 4 22.87 -5.99 -14.57
CA GLY E 4 21.74 -6.27 -15.44
C GLY E 4 21.91 -5.79 -16.86
N GLN E 5 22.57 -4.66 -17.06
CA GLN E 5 22.94 -4.17 -18.38
C GLN E 5 24.16 -4.90 -18.94
N ASP E 6 24.95 -5.56 -18.08
CA ASP E 6 26.21 -6.14 -18.48
C ASP E 6 26.08 -7.30 -19.46
N VAL E 7 25.09 -8.17 -19.30
CA VAL E 7 24.92 -9.34 -20.18
C VAL E 7 24.04 -8.93 -21.33
N LYS E 8 24.58 -8.97 -22.56
CA LYS E 8 23.78 -8.68 -23.74
C LYS E 8 23.88 -9.81 -24.75
N TYR E 9 22.80 -9.98 -25.50
CA TYR E 9 22.56 -11.19 -26.29
C TYR E 9 22.48 -10.80 -27.77
N LEU E 10 23.38 -11.34 -28.57
CA LEU E 10 23.35 -11.14 -30.01
C LEU E 10 23.10 -12.47 -30.71
N PHE E 11 22.32 -12.45 -31.78
CA PHE E 11 22.08 -13.62 -32.60
C PHE E 11 22.60 -13.40 -34.00
N GLN E 12 23.15 -14.46 -34.59
CA GLN E 12 23.50 -14.43 -36.00
C GLN E 12 22.72 -15.50 -36.73
N SER E 13 22.04 -15.09 -37.80
CA SER E 13 21.24 -16.00 -38.61
C SER E 13 22.15 -16.96 -39.40
N ILE E 14 21.65 -18.17 -39.61
CA ILE E 14 22.42 -19.17 -40.35
C ILE E 14 22.51 -18.83 -41.83
N ASP E 15 21.44 -18.32 -42.42
CA ASP E 15 21.39 -18.13 -43.87
C ASP E 15 22.08 -16.85 -44.32
N ALA E 16 22.27 -15.88 -43.42
CA ALA E 16 22.83 -14.60 -43.84
C ALA E 16 24.26 -14.77 -44.36
N ALA E 17 25.09 -15.51 -43.62
CA ALA E 17 26.53 -15.67 -43.87
C ALA E 17 27.26 -14.33 -43.91
N THR E 18 26.95 -13.47 -42.93
CA THR E 18 27.55 -12.15 -42.81
C THR E 18 28.59 -12.16 -41.71
N GLY E 19 29.51 -11.20 -41.76
CA GLY E 19 30.57 -11.12 -40.77
C GLY E 19 30.19 -10.33 -39.53
N SER E 20 28.95 -10.47 -39.07
CA SER E 20 28.47 -9.71 -37.92
C SER E 20 27.09 -10.17 -37.48
N ALA E 21 26.84 -10.12 -36.17
CA ALA E 21 25.63 -10.61 -35.49
C ALA E 21 24.76 -9.46 -34.98
N PRO E 22 23.53 -9.29 -35.52
CA PRO E 22 22.66 -8.21 -35.01
C PRO E 22 22.13 -8.51 -33.62
N LEU E 23 22.14 -7.50 -32.75
CA LEU E 23 21.43 -7.59 -31.49
C LEU E 23 20.33 -6.53 -31.46
N PHE E 24 19.30 -6.81 -30.69
CA PHE E 24 18.13 -5.97 -30.87
C PHE E 24 18.01 -4.98 -29.72
N PRO E 25 17.62 -3.73 -29.98
CA PRO E 25 17.49 -2.76 -28.89
C PRO E 25 16.22 -2.98 -28.09
N ALA E 26 16.11 -2.19 -27.00
CA ALA E 26 14.99 -2.18 -26.07
C ALA E 26 14.67 -3.60 -25.56
N TYR E 27 15.64 -4.17 -24.85
CA TYR E 27 15.43 -5.45 -24.19
C TYR E 27 14.62 -5.28 -22.90
N GLN E 28 13.80 -6.28 -22.63
CA GLN E 28 12.96 -6.32 -21.45
C GLN E 28 13.72 -7.21 -20.47
N THR E 29 13.96 -8.47 -20.82
CA THR E 29 14.66 -9.38 -19.94
C THR E 29 14.84 -10.75 -20.59
N ASP E 30 15.76 -11.52 -20.01
CA ASP E 30 16.32 -12.68 -20.64
C ASP E 30 16.45 -13.77 -19.58
N GLY E 31 15.75 -14.88 -19.80
CA GLY E 31 15.95 -16.04 -18.98
C GLY E 31 16.49 -17.19 -19.80
N SER E 32 17.65 -17.69 -19.42
CA SER E 32 18.23 -18.90 -20.01
C SER E 32 18.12 -19.96 -18.92
N VAL E 33 17.53 -21.10 -19.29
CA VAL E 33 17.22 -22.15 -18.33
C VAL E 33 17.81 -23.45 -18.87
N SER E 34 18.53 -24.16 -18.01
CA SER E 34 19.39 -25.26 -18.40
C SER E 34 19.16 -26.40 -17.40
N GLY E 35 18.49 -27.46 -17.86
CA GLY E 35 18.19 -28.57 -16.99
C GLY E 35 19.06 -29.79 -17.25
N GLU E 36 19.83 -30.20 -16.25
CA GLU E 36 20.73 -31.34 -16.37
C GLU E 36 20.05 -32.54 -15.71
N ARG E 37 19.53 -33.45 -16.54
CA ARG E 37 18.74 -34.57 -16.07
C ARG E 37 19.63 -35.55 -15.32
N GLU E 38 19.08 -36.19 -14.30
CA GLU E 38 19.85 -36.96 -13.33
C GLU E 38 19.26 -38.36 -13.23
N LEU E 39 19.94 -39.22 -12.48
CA LEU E 39 19.53 -40.60 -12.28
C LEU E 39 18.20 -40.67 -11.54
N PHE E 40 17.37 -41.62 -11.95
CA PHE E 40 16.14 -41.95 -11.24
C PHE E 40 16.37 -43.03 -10.21
N ASP E 41 15.88 -42.81 -9.00
CA ASP E 41 15.53 -43.85 -8.04
C ASP E 41 16.82 -44.42 -7.45
N GLU E 42 17.04 -44.13 -6.17
CA GLU E 42 18.19 -44.68 -5.46
C GLU E 42 18.11 -46.19 -5.27
N GLN E 43 16.89 -46.71 -5.06
CA GLN E 43 16.61 -48.12 -4.70
C GLN E 43 17.01 -48.41 -3.25
N THR E 44 17.10 -47.35 -2.43
CA THR E 44 17.76 -47.34 -1.12
C THR E 44 19.08 -48.12 -1.15
N LYS E 45 20.00 -47.65 -2.01
CA LYS E 45 21.29 -48.30 -2.20
C LYS E 45 22.43 -47.39 -1.75
N ASN E 46 23.42 -47.17 -2.62
CA ASN E 46 24.53 -46.27 -2.30
C ASN E 46 24.39 -44.91 -2.98
N GLY E 47 23.23 -44.61 -3.57
CA GLY E 47 23.03 -43.35 -4.25
C GLY E 47 23.01 -43.53 -5.75
N ARG E 48 21.85 -43.95 -6.27
CA ARG E 48 21.69 -44.18 -7.70
C ARG E 48 20.83 -43.06 -8.26
N ILE E 49 20.87 -41.90 -7.60
CA ILE E 49 20.13 -40.73 -8.03
C ILE E 49 21.08 -39.55 -8.23
N LEU E 50 22.39 -39.79 -8.07
CA LEU E 50 23.40 -38.78 -8.33
C LEU E 50 24.11 -38.99 -9.65
N GLY E 51 23.47 -39.69 -10.60
CA GLY E 51 24.10 -40.13 -11.82
C GLY E 51 23.92 -39.18 -12.98
N PRO E 52 24.71 -39.37 -14.03
CA PRO E 52 24.68 -38.43 -15.17
C PRO E 52 23.46 -38.60 -16.05
N GLY E 53 23.09 -37.52 -16.73
CA GLY E 53 21.94 -37.52 -17.62
C GLY E 53 22.13 -36.46 -18.68
N SER E 54 21.21 -36.46 -19.63
CA SER E 54 21.26 -35.50 -20.72
C SER E 54 20.89 -34.10 -20.21
N VAL E 55 21.15 -33.10 -21.04
CA VAL E 55 20.92 -31.71 -20.69
C VAL E 55 19.80 -31.16 -21.59
N ALA E 56 18.82 -30.51 -20.96
CA ALA E 56 17.74 -29.83 -21.65
C ALA E 56 18.04 -28.35 -21.62
N ASP E 57 18.17 -27.74 -22.80
CA ASP E 57 18.63 -26.37 -22.94
C ASP E 57 17.55 -25.57 -23.63
N SER E 58 17.05 -24.55 -22.94
CA SER E 58 15.99 -23.69 -23.41
C SER E 58 16.21 -22.26 -22.91
N GLY E 59 15.81 -21.30 -23.73
CA GLY E 59 15.89 -19.91 -23.35
C GLY E 59 14.67 -19.14 -23.80
N GLU E 60 14.34 -18.07 -23.07
CA GLU E 60 13.26 -17.17 -23.46
C GLU E 60 13.82 -15.76 -23.45
N VAL E 61 13.35 -14.94 -24.39
CA VAL E 61 13.83 -13.58 -24.54
C VAL E 61 12.63 -12.66 -24.68
N THR E 62 12.48 -11.70 -23.78
CA THR E 62 11.43 -10.72 -23.90
C THR E 62 12.03 -9.37 -24.28
N TYR E 63 11.32 -8.62 -25.12
CA TYR E 63 11.73 -7.27 -25.49
C TYR E 63 10.52 -6.51 -26.03
N TYR E 64 10.67 -5.20 -26.17
CA TYR E 64 9.66 -4.34 -26.76
C TYR E 64 9.96 -4.16 -28.24
N GLY E 65 9.02 -4.54 -29.09
CA GLY E 65 9.23 -4.50 -30.53
C GLY E 65 9.27 -3.12 -31.13
N LYS E 66 10.31 -2.84 -31.91
CA LYS E 66 10.40 -1.58 -32.64
C LYS E 66 9.87 -1.78 -34.06
N ARG E 67 9.35 -0.70 -34.64
CA ARG E 67 8.66 -0.77 -35.92
C ARG E 67 9.40 -1.60 -36.97
N GLY E 68 10.68 -1.33 -37.21
CA GLY E 68 11.49 -2.11 -38.13
C GLY E 68 12.95 -2.00 -37.77
N ASP E 69 13.44 -3.03 -37.05
CA ASP E 69 14.86 -3.26 -36.78
C ASP E 69 15.23 -4.73 -36.96
N ALA E 70 16.49 -4.95 -37.29
CA ALA E 70 16.98 -6.14 -37.99
C ALA E 70 17.02 -7.45 -37.21
N GLY E 71 17.46 -7.45 -35.95
CA GLY E 71 17.27 -8.61 -35.10
C GLY E 71 15.81 -9.00 -34.95
N GLN E 72 14.92 -8.02 -34.90
CA GLN E 72 13.49 -8.31 -34.96
C GLN E 72 13.10 -8.92 -36.30
N LYS E 73 13.47 -8.29 -37.42
CA LYS E 73 13.27 -8.93 -38.71
C LYS E 73 14.06 -10.23 -38.83
N ALA E 74 15.15 -10.37 -38.08
CA ALA E 74 15.78 -11.67 -37.97
C ALA E 74 14.89 -12.65 -37.23
N ILE E 75 14.31 -12.21 -36.11
CA ILE E 75 13.31 -13.00 -35.41
C ILE E 75 12.13 -13.33 -36.33
N GLU E 76 11.71 -12.36 -37.13
CA GLU E 76 10.57 -12.56 -38.01
C GLU E 76 10.81 -13.67 -39.04
N ASP E 77 11.91 -13.59 -39.79
CA ASP E 77 12.31 -14.74 -40.61
C ASP E 77 12.61 -15.96 -39.76
N ALA E 78 13.21 -15.77 -38.59
CA ALA E 78 13.41 -16.91 -37.70
C ALA E 78 12.13 -17.70 -37.52
N TYR E 79 11.08 -17.08 -36.99
CA TYR E 79 9.86 -17.81 -36.67
C TYR E 79 8.98 -18.02 -37.90
N GLN E 80 8.76 -16.94 -38.66
CA GLN E 80 7.72 -16.95 -39.69
C GLN E 80 8.18 -17.67 -40.95
N ASN E 81 9.47 -17.57 -41.30
CA ASN E 81 9.99 -18.39 -42.40
C ASN E 81 10.35 -19.78 -41.92
N GLY E 82 10.66 -19.92 -40.63
CA GLY E 82 11.01 -21.21 -40.04
C GLY E 82 12.46 -21.58 -40.26
N LYS E 83 13.33 -20.97 -39.46
CA LYS E 83 14.78 -21.20 -39.51
C LYS E 83 15.26 -21.26 -38.07
N GLN E 84 16.42 -21.86 -37.85
CA GLN E 84 17.13 -21.79 -36.58
C GLN E 84 18.12 -20.62 -36.65
N ILE E 85 18.33 -19.97 -35.50
CA ILE E 85 19.26 -18.84 -35.46
C ILE E 85 20.39 -19.15 -34.50
N LYS E 86 21.58 -18.64 -34.81
CA LYS E 86 22.74 -18.79 -33.96
C LYS E 86 22.65 -17.79 -32.81
N PHE E 87 22.99 -18.26 -31.62
CA PHE E 87 22.70 -17.59 -30.36
C PHE E 87 24.00 -17.22 -29.65
N TRP E 88 24.15 -15.92 -29.35
CA TRP E 88 25.33 -15.37 -28.70
C TRP E 88 24.87 -14.55 -27.50
N ARG E 89 25.43 -14.83 -26.33
CA ARG E 89 25.19 -14.01 -25.13
C ARG E 89 26.54 -13.64 -24.55
N VAL E 90 26.86 -12.36 -24.55
CA VAL E 90 28.18 -11.92 -24.16
C VAL E 90 28.05 -10.85 -23.08
N ASP E 91 29.17 -10.62 -22.40
CA ASP E 91 29.22 -9.63 -21.34
C ASP E 91 29.89 -8.35 -21.85
N THR E 92 29.33 -7.22 -21.41
CA THR E 92 29.79 -5.90 -21.84
C THR E 92 31.12 -5.51 -21.21
N VAL E 93 31.43 -6.02 -20.02
CA VAL E 93 32.71 -5.75 -19.39
C VAL E 93 33.83 -6.41 -20.20
N LYS E 94 34.91 -5.66 -20.42
CA LYS E 94 36.00 -6.10 -21.27
C LYS E 94 36.66 -7.32 -20.66
N ASN E 95 36.88 -8.35 -21.48
CA ASN E 95 37.66 -9.50 -21.08
C ASN E 95 39.15 -9.17 -21.12
N GLU E 96 39.86 -9.63 -20.09
CA GLU E 96 41.28 -9.33 -19.97
C GLU E 96 42.19 -10.25 -20.79
N ASN E 97 41.72 -11.45 -21.15
CA ASN E 97 42.46 -12.25 -22.12
C ASN E 97 41.57 -12.61 -23.31
N ASP E 98 40.56 -11.80 -23.58
CA ASP E 98 39.81 -11.89 -24.82
C ASP E 98 39.15 -10.53 -25.08
N LYS E 99 38.49 -10.41 -26.23
CA LYS E 99 37.68 -9.23 -26.50
C LYS E 99 36.55 -9.11 -25.48
N TYR E 100 35.69 -10.11 -25.43
CA TYR E 100 34.57 -10.17 -24.52
C TYR E 100 34.39 -11.63 -24.11
N ASP E 101 33.46 -11.88 -23.19
CA ASP E 101 33.18 -13.24 -22.76
C ASP E 101 31.73 -13.59 -23.10
N ALA E 102 31.55 -14.80 -23.59
CA ALA E 102 30.31 -15.15 -24.27
C ALA E 102 29.85 -16.54 -23.86
N GLN E 103 28.58 -16.81 -24.11
CA GLN E 103 28.06 -18.16 -24.24
C GLN E 103 27.34 -18.22 -25.58
N PHE E 104 27.44 -19.37 -26.25
CA PHE E 104 27.14 -19.50 -27.66
C PHE E 104 26.29 -20.73 -27.91
N GLY E 105 25.45 -20.68 -28.94
CA GLY E 105 24.76 -21.88 -29.36
C GLY E 105 24.03 -21.68 -30.67
N PHE E 106 23.40 -22.76 -31.13
CA PHE E 106 22.44 -22.70 -32.23
C PHE E 106 21.06 -22.96 -31.64
N ALA E 107 20.11 -22.10 -31.98
CA ALA E 107 18.80 -22.10 -31.33
C ALA E 107 17.68 -22.03 -32.37
N TYR E 108 16.49 -22.37 -31.90
CA TYR E 108 15.31 -22.48 -32.74
C TYR E 108 14.21 -21.62 -32.13
N ILE E 109 13.20 -21.28 -32.95
CA ILE E 109 12.08 -20.46 -32.47
C ILE E 109 10.99 -21.37 -31.94
N GLU E 110 11.09 -21.75 -30.67
CA GLU E 110 10.04 -22.57 -30.06
C GLU E 110 8.69 -21.89 -29.96
N SER E 111 8.64 -20.62 -29.57
CA SER E 111 7.38 -19.89 -29.57
C SER E 111 7.68 -18.39 -29.54
N ARG E 112 6.68 -17.61 -29.93
CA ARG E 112 6.75 -16.14 -29.92
C ARG E 112 5.40 -15.71 -29.35
N GLU E 113 5.42 -14.61 -28.61
CA GLU E 113 4.26 -14.05 -27.95
C GLU E 113 4.23 -12.57 -28.25
N TYR E 114 3.08 -12.06 -28.69
CA TYR E 114 2.94 -10.64 -28.94
C TYR E 114 1.79 -10.05 -28.16
N SER E 115 2.10 -9.06 -27.34
CA SER E 115 1.12 -8.35 -26.54
C SER E 115 0.98 -6.93 -27.05
N ASP E 116 -0.26 -6.56 -27.37
CA ASP E 116 -0.68 -5.19 -27.64
C ASP E 116 -1.54 -4.78 -26.45
N GLY E 117 -1.14 -3.72 -25.77
CA GLY E 117 -1.92 -3.15 -24.68
C GLY E 117 -2.27 -1.70 -24.94
N VAL E 118 -3.30 -1.23 -24.27
CA VAL E 118 -3.72 0.17 -24.35
C VAL E 118 -2.74 1.07 -23.62
N GLU E 119 -2.14 0.57 -22.54
CA GLU E 119 -1.04 1.29 -21.92
C GLU E 119 0.32 0.82 -22.41
N GLY E 120 1.34 1.68 -22.36
CA GLY E 120 2.69 1.23 -22.55
C GLY E 120 2.94 1.01 -24.02
N ALA E 121 3.81 0.05 -24.36
CA ALA E 121 4.16 -0.20 -25.74
C ALA E 121 4.22 -1.71 -26.01
N VAL E 122 4.23 -2.05 -27.31
CA VAL E 122 4.08 -3.43 -27.73
C VAL E 122 5.18 -4.28 -27.11
N GLU E 123 4.80 -5.49 -26.67
CA GLU E 123 5.75 -6.35 -25.98
C GLU E 123 5.81 -7.71 -26.66
N ILE E 124 7.03 -8.17 -26.91
CA ILE E 124 7.25 -9.45 -27.58
C ILE E 124 7.99 -10.37 -26.63
N SER E 125 7.41 -11.53 -26.37
CA SER E 125 8.08 -12.62 -25.69
C SER E 125 8.38 -13.71 -26.71
N ILE E 126 9.66 -14.00 -26.93
CA ILE E 126 10.06 -15.06 -27.84
C ILE E 126 10.75 -16.15 -27.04
N SER E 127 10.30 -17.38 -27.22
CA SER E 127 10.82 -18.54 -26.52
C SER E 127 11.51 -19.47 -27.51
N LEU E 128 12.62 -20.05 -27.07
CA LEU E 128 13.47 -20.85 -27.93
C LEU E 128 14.02 -22.04 -27.16
N GLN E 129 14.22 -23.15 -27.86
CA GLN E 129 14.97 -24.28 -27.34
C GLN E 129 16.37 -24.20 -27.92
N VAL E 130 17.33 -24.85 -27.26
CA VAL E 130 18.69 -24.92 -27.79
C VAL E 130 19.21 -26.33 -27.52
N ILE E 131 20.25 -26.70 -28.27
CA ILE E 131 20.76 -28.08 -28.21
C ILE E 131 22.07 -28.12 -27.45
N GLY E 132 22.31 -27.13 -26.60
CA GLY E 132 23.52 -27.11 -25.81
C GLY E 132 24.33 -25.85 -26.07
N GLU E 133 24.05 -24.79 -25.32
CA GLU E 133 24.87 -23.59 -25.40
C GLU E 133 26.17 -23.77 -24.63
N LEU E 134 27.25 -23.31 -25.25
CA LEU E 134 28.58 -23.50 -24.69
C LEU E 134 29.14 -22.13 -24.33
N LYS E 135 30.04 -22.11 -23.35
CA LYS E 135 30.63 -20.87 -22.87
C LYS E 135 31.99 -20.67 -23.52
N ASN E 136 32.31 -19.43 -23.90
CA ASN E 136 33.60 -19.10 -24.48
C ASN E 136 33.87 -17.62 -24.29
N GLY E 137 34.85 -17.10 -25.00
CA GLY E 137 35.04 -15.66 -25.05
C GLY E 137 34.52 -15.08 -26.35
N GLU E 138 33.99 -13.86 -26.26
CA GLU E 138 33.35 -13.23 -27.40
C GLU E 138 34.40 -12.48 -28.21
N ILE E 139 34.42 -12.76 -29.52
CA ILE E 139 35.43 -12.17 -30.39
C ILE E 139 34.91 -10.89 -31.02
N ASP E 140 33.67 -10.90 -31.49
CA ASP E 140 33.14 -9.73 -32.18
C ASP E 140 32.67 -8.68 -31.17
N THR E 141 33.45 -7.62 -31.03
CA THR E 141 33.07 -6.50 -30.18
C THR E 141 31.77 -5.85 -30.62
N LEU E 142 31.63 -5.54 -31.92
CA LEU E 142 30.52 -4.80 -32.52
C LEU E 142 30.30 -3.50 -31.74
N PRO E 143 31.30 -2.60 -31.71
CA PRO E 143 31.36 -1.57 -30.66
C PRO E 143 30.27 -0.50 -30.72
N GLU E 144 29.48 -0.56 -31.79
CA GLU E 144 28.29 0.25 -31.94
C GLU E 144 27.29 0.01 -30.82
N GLU E 145 27.10 -1.26 -30.44
CA GLU E 145 26.07 -1.62 -29.48
C GLU E 145 26.62 -2.07 -28.13
N ILE E 146 27.39 -3.15 -28.07
CA ILE E 146 27.96 -3.65 -26.83
C ILE E 146 28.91 -2.64 -26.22
N VAL E 147 29.90 -2.18 -26.98
CA VAL E 147 30.92 -1.27 -26.47
C VAL E 147 30.24 0.07 -26.19
N ASN E 148 29.40 0.50 -27.13
CA ASN E 148 28.74 1.80 -27.02
C ASN E 148 27.25 1.65 -26.73
N VAL E 149 26.81 1.96 -25.51
CA VAL E 149 25.39 2.01 -25.22
C VAL E 149 25.10 3.36 -24.56
N SER E 150 24.68 4.33 -25.38
CA SER E 150 24.52 5.70 -24.91
C SER E 150 23.09 6.04 -24.53
N LYS E 151 22.88 7.07 -23.72
CA LYS E 151 21.52 7.50 -23.40
C LYS E 151 20.86 8.33 -24.50
N GLY E 152 21.57 8.68 -25.57
CA GLY E 152 21.03 9.54 -26.61
C GLY E 152 21.40 11.00 -26.43
N GLY E 153 22.12 11.31 -25.37
CA GLY E 153 22.49 12.68 -25.06
C GLY E 153 23.58 13.19 -25.98
N TYR E 154 23.42 14.45 -26.41
CA TYR E 154 24.36 15.15 -27.26
C TYR E 154 24.54 16.57 -26.71
N ASP E 155 25.74 17.13 -26.91
CA ASP E 155 26.20 18.25 -26.07
C ASP E 155 25.39 19.52 -26.19
N PHE E 156 25.18 20.03 -27.42
CA PHE E 156 24.24 21.09 -27.81
C PHE E 156 23.63 20.74 -29.16
N GLN E 157 22.49 21.39 -29.43
CA GLN E 157 22.03 21.66 -30.79
C GLN E 157 21.28 22.99 -30.73
N GLN E 158 22.01 24.11 -30.88
CA GLN E 158 21.43 25.40 -30.56
C GLN E 158 21.21 26.32 -31.77
N PRO E 159 21.96 26.21 -32.88
CA PRO E 159 21.56 27.00 -34.06
C PRO E 159 20.37 26.42 -34.81
N GLY E 160 19.71 25.40 -34.27
CA GLY E 160 18.68 24.70 -35.03
C GLY E 160 19.13 23.67 -36.04
N GLN E 161 19.38 22.43 -35.63
CA GLN E 161 19.72 21.39 -36.61
C GLN E 161 18.52 20.50 -36.87
N THR E 162 17.47 21.07 -37.46
CA THR E 162 16.23 20.37 -37.88
C THR E 162 15.94 19.15 -37.02
N THR E 163 15.38 19.40 -35.83
CA THR E 163 15.31 18.34 -34.84
C THR E 163 13.92 17.74 -34.84
N GLY E 164 13.81 16.51 -34.32
CA GLY E 164 12.54 15.88 -34.09
C GLY E 164 12.44 15.22 -32.73
N GLU E 165 11.57 14.21 -32.61
CA GLU E 165 11.37 13.55 -31.32
C GLU E 165 12.60 12.74 -30.92
N ALA E 166 13.41 12.33 -31.89
CA ALA E 166 14.60 11.51 -31.67
C ALA E 166 15.70 12.38 -31.09
N PRO E 167 16.73 11.78 -30.51
CA PRO E 167 17.54 12.47 -29.50
C PRO E 167 18.60 13.37 -30.13
N GLY E 168 18.80 13.18 -31.43
CA GLY E 168 19.52 14.13 -32.25
C GLY E 168 19.27 14.08 -33.75
N THR E 169 18.47 15.00 -34.28
CA THR E 169 18.35 15.14 -35.72
C THR E 169 19.28 16.25 -36.21
N VAL E 170 19.50 16.24 -37.53
CA VAL E 170 20.32 17.23 -38.21
C VAL E 170 19.51 17.83 -39.35
N PRO E 171 19.95 18.94 -39.98
CA PRO E 171 19.17 19.52 -41.07
C PRO E 171 19.19 18.64 -42.31
N ALA E 172 18.00 18.14 -42.68
CA ALA E 172 17.80 17.14 -43.72
C ALA E 172 18.51 15.83 -43.41
N PRO F 1 19.09 -17.89 18.00
CA PRO F 1 19.22 -19.21 17.40
C PRO F 1 20.25 -18.96 16.29
N ILE F 2 20.20 -19.76 15.24
CA ILE F 2 21.10 -19.63 14.09
C ILE F 2 20.57 -18.50 13.22
N MET F 3 21.45 -17.61 12.81
CA MET F 3 21.09 -16.45 12.02
C MET F 3 21.11 -16.78 10.54
N GLY F 4 20.54 -15.87 9.75
CA GLY F 4 20.56 -16.00 8.30
C GLY F 4 21.94 -15.93 7.68
N GLN F 5 22.83 -15.13 8.24
CA GLN F 5 24.24 -15.09 7.85
C GLN F 5 25.02 -16.26 8.42
N ASP F 6 24.51 -16.90 9.48
CA ASP F 6 25.25 -17.91 10.21
C ASP F 6 25.53 -19.17 9.41
N VAL F 7 24.61 -19.65 8.58
CA VAL F 7 24.79 -20.88 7.82
C VAL F 7 25.41 -20.51 6.49
N LYS F 8 26.63 -20.99 6.23
CA LYS F 8 27.27 -20.75 4.94
C LYS F 8 27.71 -22.05 4.31
N TYR F 9 27.70 -22.07 2.99
CA TYR F 9 27.78 -23.29 2.19
C TYR F 9 29.04 -23.25 1.33
N LEU F 10 29.93 -24.21 1.55
CA LEU F 10 31.12 -24.34 0.72
C LEU F 10 31.08 -25.67 -0.04
N PHE F 11 31.55 -25.66 -1.27
CA PHE F 11 31.64 -26.87 -2.08
C PHE F 11 33.10 -27.14 -2.44
N GLN F 12 33.45 -28.42 -2.44
CA GLN F 12 34.75 -28.82 -2.96
C GLN F 12 34.55 -29.75 -4.15
N SER F 13 35.20 -29.41 -5.25
CA SER F 13 35.12 -30.22 -6.47
C SER F 13 35.86 -31.54 -6.30
N ILE F 14 35.34 -32.58 -6.97
CA ILE F 14 35.95 -33.90 -6.88
C ILE F 14 37.29 -33.95 -7.61
N ASP F 15 37.40 -33.30 -8.76
CA ASP F 15 38.58 -33.43 -9.61
C ASP F 15 39.74 -32.55 -9.15
N ALA F 16 39.48 -31.52 -8.36
CA ALA F 16 40.54 -30.59 -7.99
C ALA F 16 41.61 -31.29 -7.14
N ALA F 17 41.17 -32.06 -6.13
CA ALA F 17 42.02 -32.69 -5.11
C ALA F 17 42.90 -31.68 -4.39
N THR F 18 42.29 -30.56 -3.99
CA THR F 18 42.97 -29.49 -3.28
C THR F 18 42.61 -29.56 -1.80
N GLY F 19 43.44 -28.95 -0.97
CA GLY F 19 43.22 -28.96 0.47
C GLY F 19 42.35 -27.83 0.96
N SER F 20 41.31 -27.49 0.20
CA SER F 20 40.44 -26.38 0.56
C SER F 20 39.23 -26.29 -0.37
N ALA F 21 38.08 -25.87 0.17
CA ALA F 21 36.78 -25.80 -0.47
C ALA F 21 36.34 -24.37 -0.77
N PRO F 22 36.22 -23.97 -2.04
CA PRO F 22 35.77 -22.60 -2.33
C PRO F 22 34.30 -22.39 -2.00
N LEU F 23 33.98 -21.26 -1.39
CA LEU F 23 32.60 -20.83 -1.25
C LEU F 23 32.41 -19.53 -2.00
N PHE F 24 31.18 -19.29 -2.44
CA PHE F 24 31.05 -18.21 -3.39
C PHE F 24 30.43 -16.98 -2.71
N PRO F 25 30.89 -15.78 -3.03
CA PRO F 25 30.31 -14.58 -2.40
C PRO F 25 28.96 -14.22 -3.01
N ALA F 26 28.34 -13.21 -2.38
CA ALA F 26 27.03 -12.66 -2.76
C ALA F 26 25.97 -13.75 -2.89
N TYR F 27 25.69 -14.40 -1.77
CA TYR F 27 24.60 -15.37 -1.72
C TYR F 27 23.26 -14.68 -1.63
N GLN F 28 22.27 -15.30 -2.26
CA GLN F 28 20.89 -14.82 -2.27
C GLN F 28 20.18 -15.64 -1.21
N THR F 29 20.13 -16.96 -1.36
CA THR F 29 19.46 -17.81 -0.40
C THR F 29 19.57 -19.28 -0.79
N ASP F 30 19.30 -20.12 0.20
CA ASP F 30 19.66 -21.52 0.16
C ASP F 30 18.51 -22.32 0.73
N GLY F 31 17.94 -23.18 -0.09
CA GLY F 31 16.98 -24.15 0.40
C GLY F 31 17.48 -25.55 0.23
N SER F 32 17.57 -26.28 1.34
CA SER F 32 17.90 -27.70 1.33
C SER F 32 16.62 -28.40 1.72
N VAL F 33 16.20 -29.36 0.90
CA VAL F 33 14.92 -30.03 1.07
C VAL F 33 15.17 -31.53 1.08
N SER F 34 14.59 -32.20 2.07
CA SER F 34 14.93 -33.58 2.42
C SER F 34 13.64 -34.34 2.66
N GLY F 35 13.27 -35.21 1.73
CA GLY F 35 12.03 -35.96 1.85
C GLY F 35 12.24 -37.39 2.26
N GLU F 36 11.69 -37.78 3.41
CA GLU F 36 11.83 -39.13 3.93
C GLU F 36 10.55 -39.89 3.61
N ARG F 37 10.62 -40.76 2.61
CA ARG F 37 9.45 -41.46 2.10
C ARG F 37 8.95 -42.47 3.13
N GLU F 38 7.64 -42.65 3.19
CA GLU F 38 6.98 -43.37 4.28
C GLU F 38 6.10 -44.47 3.68
N LEU F 39 5.54 -45.29 4.56
CA LEU F 39 4.70 -46.41 4.18
C LEU F 39 3.42 -45.90 3.51
N PHE F 40 2.99 -46.64 2.49
CA PHE F 40 1.70 -46.41 1.85
C PHE F 40 0.61 -47.24 2.50
N ASP F 41 -0.50 -46.61 2.82
CA ASP F 41 -1.81 -47.25 2.94
C ASP F 41 -1.83 -48.02 4.26
N GLU F 42 -2.63 -47.52 5.20
CA GLU F 42 -2.81 -48.22 6.48
C GLU F 42 -3.55 -49.54 6.34
N GLN F 43 -4.51 -49.61 5.40
CA GLN F 43 -5.44 -50.75 5.21
C GLN F 43 -6.47 -50.80 6.33
N THR F 44 -6.71 -49.66 7.00
CA THR F 44 -7.41 -49.55 8.28
C THR F 44 -6.99 -50.67 9.25
N LYS F 45 -5.70 -50.70 9.57
CA LYS F 45 -5.13 -51.73 10.43
C LYS F 45 -4.60 -51.12 11.71
N ASN F 46 -3.33 -51.42 12.05
CA ASN F 46 -2.70 -50.85 13.24
C ASN F 46 -1.75 -49.70 12.90
N GLY F 47 -1.76 -49.22 11.66
CA GLY F 47 -0.88 -48.14 11.26
C GLY F 47 0.24 -48.66 10.37
N ARG F 48 -0.09 -48.81 9.08
CA ARG F 48 0.88 -49.31 8.11
C ARG F 48 1.28 -48.14 7.23
N ILE F 49 1.21 -46.93 7.79
CA ILE F 49 1.60 -45.72 7.06
C ILE F 49 2.66 -44.96 7.87
N LEU F 50 3.09 -45.54 8.99
CA LEU F 50 4.16 -44.96 9.79
C LEU F 50 5.49 -45.67 9.59
N GLY F 51 5.66 -46.34 8.45
CA GLY F 51 6.78 -47.22 8.21
C GLY F 51 7.95 -46.56 7.51
N PRO F 52 9.11 -47.21 7.55
CA PRO F 52 10.31 -46.60 6.98
C PRO F 52 10.35 -46.60 5.47
N GLY F 53 11.08 -45.64 4.91
CA GLY F 53 11.21 -45.51 3.47
C GLY F 53 12.52 -44.83 3.14
N SER F 54 12.82 -44.77 1.84
CA SER F 54 14.04 -44.14 1.39
C SER F 54 13.95 -42.62 1.55
N VAL F 55 15.09 -41.97 1.40
CA VAL F 55 15.21 -40.52 1.57
C VAL F 55 15.55 -39.89 0.23
N ALA F 56 14.79 -38.85 -0.13
CA ALA F 56 15.05 -38.06 -1.32
C ALA F 56 15.70 -36.76 -0.89
N ASP F 57 16.92 -36.53 -1.38
CA ASP F 57 17.73 -35.42 -0.91
C ASP F 57 18.04 -34.51 -2.09
N SER F 58 17.60 -33.26 -1.98
CA SER F 58 17.76 -32.25 -3.01
C SER F 58 17.97 -30.89 -2.37
N GLY F 59 18.76 -30.07 -3.06
CA GLY F 59 19.00 -28.72 -2.61
C GLY F 59 19.02 -27.73 -3.76
N GLU F 60 18.68 -26.49 -3.49
CA GLU F 60 18.76 -25.42 -4.48
C GLU F 60 19.54 -24.28 -3.86
N VAL F 61 20.34 -23.60 -4.67
CA VAL F 61 21.18 -22.51 -4.20
C VAL F 61 21.02 -21.34 -5.15
N THR F 62 20.57 -20.20 -4.63
CA THR F 62 20.49 -18.99 -5.44
C THR F 62 21.57 -18.01 -5.01
N TYR F 63 22.15 -17.31 -5.98
CA TYR F 63 23.13 -16.26 -5.70
C TYR F 63 23.22 -15.32 -6.89
N TYR F 64 23.88 -14.18 -6.69
CA TYR F 64 24.15 -13.22 -7.75
C TYR F 64 25.53 -13.49 -8.32
N GLY F 65 25.60 -13.75 -9.63
CA GLY F 65 26.85 -14.11 -10.26
C GLY F 65 27.84 -12.97 -10.40
N LYS F 66 29.08 -13.22 -9.96
CA LYS F 66 30.14 -12.25 -10.16
C LYS F 66 30.92 -12.60 -11.42
N ARG F 67 31.51 -11.57 -12.04
CA ARG F 67 32.16 -11.73 -13.35
C ARG F 67 33.06 -12.96 -13.44
N GLY F 68 33.97 -13.15 -12.50
CA GLY F 68 34.82 -14.33 -12.46
C GLY F 68 35.32 -14.58 -11.06
N ASP F 69 34.63 -15.50 -10.38
CA ASP F 69 35.04 -16.08 -9.09
C ASP F 69 34.84 -17.60 -9.08
N ALA F 70 35.66 -18.26 -8.26
CA ALA F 70 36.03 -19.67 -8.40
C ALA F 70 34.96 -20.71 -8.09
N GLY F 71 34.19 -20.54 -7.00
CA GLY F 71 33.01 -21.37 -6.81
C GLY F 71 32.02 -21.27 -7.97
N GLN F 72 31.89 -20.08 -8.55
CA GLN F 72 31.11 -19.94 -9.78
C GLN F 72 31.76 -20.69 -10.94
N LYS F 73 33.05 -20.48 -11.19
CA LYS F 73 33.74 -21.31 -12.16
C LYS F 73 33.75 -22.77 -11.75
N ALA F 74 33.67 -23.06 -10.45
CA ALA F 74 33.43 -24.43 -10.03
C ALA F 74 32.05 -24.90 -10.45
N ILE F 75 31.04 -24.05 -10.24
CA ILE F 75 29.70 -24.33 -10.75
C ILE F 75 29.72 -24.48 -12.26
N GLU F 76 30.49 -23.65 -12.94
CA GLU F 76 30.55 -23.71 -14.40
C GLU F 76 31.08 -25.03 -14.92
N ASP F 77 32.24 -25.47 -14.44
CA ASP F 77 32.69 -26.84 -14.73
C ASP F 77 31.73 -27.86 -14.14
N ALA F 78 31.17 -27.59 -12.97
CA ALA F 78 30.17 -28.51 -12.44
C ALA F 78 29.09 -28.82 -13.46
N TYR F 79 28.37 -27.80 -13.94
CA TYR F 79 27.26 -28.05 -14.84
C TYR F 79 27.72 -28.26 -16.28
N GLN F 80 28.59 -27.37 -16.77
CA GLN F 80 28.88 -27.30 -18.19
C GLN F 80 29.84 -28.40 -18.63
N ASN F 81 30.79 -28.78 -17.77
CA ASN F 81 31.63 -29.93 -18.06
C ASN F 81 30.94 -31.23 -17.66
N GLY F 82 30.03 -31.15 -16.70
CA GLY F 82 29.28 -32.30 -16.24
C GLY F 82 30.03 -33.13 -15.23
N LYS F 83 30.07 -32.66 -13.98
CA LYS F 83 30.74 -33.30 -12.86
C LYS F 83 29.82 -33.17 -11.65
N GLN F 84 30.02 -34.03 -10.66
CA GLN F 84 29.40 -33.87 -9.35
C GLN F 84 30.35 -33.10 -8.45
N ILE F 85 29.80 -32.29 -7.55
CA ILE F 85 30.63 -31.52 -6.63
C ILE F 85 30.33 -31.92 -5.19
N LYS F 86 31.35 -31.88 -4.35
CA LYS F 86 31.20 -32.16 -2.93
C LYS F 86 30.60 -30.95 -2.25
N PHE F 87 29.67 -31.20 -1.33
CA PHE F 87 28.76 -30.21 -0.77
C PHE F 87 28.99 -30.08 0.73
N TRP F 88 29.30 -28.87 1.17
CA TRP F 88 29.56 -28.56 2.57
C TRP F 88 28.68 -27.39 2.98
N ARG F 89 27.92 -27.55 4.07
CA ARG F 89 27.16 -26.44 4.64
C ARG F 89 27.52 -26.36 6.12
N VAL F 90 28.14 -25.27 6.54
CA VAL F 90 28.64 -25.17 7.89
C VAL F 90 28.10 -23.88 8.53
N ASP F 91 28.21 -23.84 9.85
CA ASP F 91 27.76 -22.70 10.62
C ASP F 91 28.94 -21.84 11.02
N THR F 92 28.73 -20.52 10.95
CA THR F 92 29.76 -19.53 11.23
C THR F 92 30.07 -19.42 12.72
N VAL F 93 29.10 -19.72 13.60
CA VAL F 93 29.35 -19.70 15.03
C VAL F 93 30.32 -20.83 15.40
N LYS F 94 31.29 -20.50 16.24
CA LYS F 94 32.35 -21.43 16.59
C LYS F 94 31.76 -22.63 17.33
N ASN F 95 32.15 -23.83 16.92
CA ASN F 95 31.81 -25.04 17.64
C ASN F 95 32.70 -25.19 18.87
N GLU F 96 32.09 -25.59 19.98
CA GLU F 96 32.81 -25.71 21.24
C GLU F 96 33.58 -27.02 21.40
N ASN F 97 33.21 -28.07 20.68
CA ASN F 97 34.05 -29.25 20.62
C ASN F 97 34.42 -29.61 19.18
N ASP F 98 34.42 -28.61 18.31
CA ASP F 98 35.00 -28.76 16.98
C ASP F 98 35.34 -27.37 16.45
N LYS F 99 35.97 -27.31 15.28
CA LYS F 99 36.20 -26.04 14.60
C LYS F 99 34.87 -25.36 14.28
N TYR F 100 34.05 -26.02 13.48
CA TYR F 100 32.74 -25.53 13.09
C TYR F 100 31.81 -26.74 13.01
N ASP F 101 30.53 -26.48 12.75
CA ASP F 101 29.56 -27.55 12.59
C ASP F 101 28.98 -27.52 11.19
N ALA F 102 28.85 -28.71 10.60
CA ALA F 102 28.65 -28.82 9.17
C ALA F 102 27.59 -29.87 8.88
N GLN F 103 27.06 -29.79 7.66
CA GLN F 103 26.42 -30.93 7.00
C GLN F 103 27.09 -31.08 5.64
N PHE F 104 27.26 -32.33 5.21
CA PHE F 104 28.18 -32.68 4.13
C PHE F 104 27.51 -33.63 3.16
N GLY F 105 27.92 -33.56 1.89
CA GLY F 105 27.47 -34.57 0.95
C GLY F 105 28.21 -34.47 -0.37
N PHE F 106 27.88 -35.39 -1.27
CA PHE F 106 28.29 -35.30 -2.66
C PHE F 106 27.04 -35.00 -3.49
N ALA F 107 27.14 -34.00 -4.35
CA ALA F 107 25.98 -33.45 -5.04
C ALA F 107 26.25 -33.29 -6.53
N TYR F 108 25.17 -33.14 -7.27
CA TYR F 108 25.20 -33.09 -8.74
C TYR F 108 24.49 -31.82 -9.18
N ILE F 109 24.74 -31.40 -10.42
CA ILE F 109 24.10 -30.20 -10.95
C ILE F 109 22.81 -30.59 -11.66
N GLU F 110 21.72 -30.67 -10.90
CA GLU F 110 20.43 -30.99 -11.49
C GLU F 110 19.92 -29.92 -12.46
N SER F 111 20.04 -28.64 -12.13
CA SER F 111 19.67 -27.58 -13.06
C SER F 111 20.33 -26.30 -12.63
N ARG F 112 20.42 -25.36 -13.56
CA ARG F 112 20.96 -24.01 -13.33
C ARG F 112 20.00 -23.08 -14.05
N GLU F 113 19.82 -21.90 -13.48
CA GLU F 113 18.91 -20.88 -13.98
C GLU F 113 19.67 -19.56 -14.00
N TYR F 114 19.63 -18.86 -15.12
CA TYR F 114 20.26 -17.56 -15.21
C TYR F 114 19.27 -16.49 -15.63
N SER F 115 19.15 -15.47 -14.80
CA SER F 115 18.28 -14.34 -15.06
C SER F 115 19.12 -13.10 -15.28
N ASP F 116 18.88 -12.47 -16.42
CA ASP F 116 19.38 -11.12 -16.76
C ASP F 116 18.15 -10.21 -16.74
N GLY F 117 18.20 -9.20 -15.89
CA GLY F 117 17.15 -8.19 -15.84
C GLY F 117 17.70 -6.80 -16.10
N VAL F 118 16.82 -5.90 -16.50
CA VAL F 118 17.18 -4.50 -16.72
C VAL F 118 17.40 -3.78 -15.39
N GLU F 119 16.68 -4.17 -14.34
CA GLU F 119 16.99 -3.71 -13.01
C GLU F 119 17.90 -4.65 -12.24
N GLY F 120 18.67 -4.14 -11.29
CA GLY F 120 19.33 -5.01 -10.34
C GLY F 120 20.54 -5.64 -11.01
N ALA F 121 20.90 -6.85 -10.60
CA ALA F 121 22.08 -7.51 -11.14
C ALA F 121 21.78 -8.99 -11.43
N VAL F 122 22.68 -9.60 -12.20
CA VAL F 122 22.46 -10.94 -12.72
C VAL F 122 22.20 -11.91 -11.58
N GLU F 123 21.25 -12.82 -11.79
CA GLU F 123 20.86 -13.74 -10.72
C GLU F 123 20.94 -15.17 -11.22
N ILE F 124 21.58 -16.02 -10.44
CA ILE F 124 21.76 -17.42 -10.78
C ILE F 124 21.06 -18.28 -9.74
N SER F 125 20.15 -19.13 -10.22
CA SER F 125 19.55 -20.18 -9.41
C SER F 125 20.12 -21.51 -9.88
N ILE F 126 20.83 -22.20 -9.00
CA ILE F 126 21.37 -23.51 -9.32
C ILE F 126 20.70 -24.55 -8.43
N SER F 127 20.18 -25.59 -9.05
CA SER F 127 19.47 -26.66 -8.36
C SER F 127 20.25 -27.96 -8.48
N LEU F 128 20.26 -28.73 -7.40
CA LEU F 128 21.08 -29.92 -7.29
C LEU F 128 20.31 -31.01 -6.56
N GLN F 129 20.58 -32.25 -6.91
CA GLN F 129 20.13 -33.41 -6.15
C GLN F 129 21.32 -33.88 -5.32
N VAL F 130 21.05 -34.62 -4.26
CA VAL F 130 22.11 -35.21 -3.46
C VAL F 130 21.67 -36.60 -3.05
N ILE F 131 22.64 -37.45 -2.68
CA ILE F 131 22.35 -38.85 -2.39
C ILE F 131 22.40 -39.10 -0.90
N GLY F 132 22.21 -38.07 -0.10
CA GLY F 132 22.19 -38.22 1.34
C GLY F 132 23.25 -37.37 2.00
N GLU F 133 22.90 -36.13 2.33
CA GLU F 133 23.79 -35.27 3.09
C GLU F 133 23.77 -35.65 4.56
N LEU F 134 24.97 -35.69 5.15
CA LEU F 134 25.13 -36.13 6.52
C LEU F 134 25.60 -34.95 7.36
N LYS F 135 25.29 -34.97 8.64
CA LYS F 135 25.65 -33.88 9.55
C LYS F 135 26.91 -34.25 10.31
N ASN F 136 27.81 -33.30 10.49
CA ASN F 136 29.03 -33.51 11.25
C ASN F 136 29.54 -32.17 11.76
N GLY F 137 30.79 -32.15 12.21
CA GLY F 137 31.44 -30.88 12.51
C GLY F 137 32.40 -30.48 11.41
N GLU F 138 32.50 -29.18 11.19
CA GLU F 138 33.31 -28.66 10.09
C GLU F 138 34.74 -28.47 10.57
N ILE F 139 35.68 -29.04 9.82
CA ILE F 139 37.08 -28.99 10.22
C ILE F 139 37.79 -27.79 9.59
N ASP F 140 37.53 -27.55 8.30
CA ASP F 140 38.23 -26.46 7.62
C ASP F 140 37.58 -25.12 7.92
N THR F 141 38.23 -24.34 8.78
CA THR F 141 37.78 -22.99 9.09
C THR F 141 37.70 -22.10 7.86
N LEU F 142 38.77 -22.07 7.04
CA LEU F 142 38.95 -21.19 5.89
C LEU F 142 38.70 -19.74 6.30
N PRO F 143 39.49 -19.20 7.25
CA PRO F 143 39.07 -18.02 8.02
C PRO F 143 38.94 -16.73 7.22
N GLU F 144 39.38 -16.80 5.96
CA GLU F 144 39.19 -15.72 5.01
C GLU F 144 37.72 -15.39 4.81
N GLU F 145 36.87 -16.42 4.71
CA GLU F 145 35.47 -16.22 4.39
C GLU F 145 34.52 -16.49 5.54
N ILE F 146 34.47 -17.71 6.07
CA ILE F 146 33.60 -18.07 7.18
C ILE F 146 33.95 -17.26 8.43
N VAL F 147 35.20 -17.31 8.85
CA VAL F 147 35.63 -16.64 10.08
C VAL F 147 35.55 -15.14 9.84
N ASN F 148 36.04 -14.70 8.68
CA ASN F 148 36.08 -13.28 8.35
C ASN F 148 35.05 -12.91 7.29
N VAL F 149 33.99 -12.22 7.68
CA VAL F 149 33.07 -11.67 6.68
C VAL F 149 32.88 -10.18 6.98
N SER F 150 33.67 -9.34 6.29
CA SER F 150 33.71 -7.92 6.60
C SER F 150 32.80 -7.10 5.69
N LYS F 151 32.43 -5.90 6.10
CA LYS F 151 31.66 -5.02 5.23
C LYS F 151 32.49 -4.31 4.17
N GLY F 152 33.82 -4.43 4.20
CA GLY F 152 34.67 -3.73 3.26
C GLY F 152 35.24 -2.44 3.82
N GLY F 153 34.88 -2.12 5.05
CA GLY F 153 35.30 -0.89 5.70
C GLY F 153 36.76 -0.95 6.12
N TYR F 154 37.46 0.16 5.90
CA TYR F 154 38.85 0.33 6.27
C TYR F 154 39.02 1.72 6.89
N ASP F 155 39.98 1.84 7.83
CA ASP F 155 39.94 2.92 8.81
C ASP F 155 40.09 4.33 8.23
N PHE F 156 41.13 4.57 7.43
CA PHE F 156 41.35 5.74 6.56
C PHE F 156 41.98 5.29 5.25
N GLN F 157 41.86 6.17 4.26
CA GLN F 157 42.80 6.23 3.14
C GLN F 157 42.85 7.70 2.72
N GLN F 158 43.75 8.49 3.36
CA GLN F 158 43.66 9.94 3.23
C GLN F 158 44.83 10.57 2.48
N PRO F 159 46.05 10.00 2.44
CA PRO F 159 47.05 10.57 1.54
C PRO F 159 46.85 10.22 0.07
N GLY F 160 45.73 9.59 -0.28
CA GLY F 160 45.56 9.08 -1.63
C GLY F 160 46.21 7.76 -1.97
N GLN F 161 45.58 6.63 -1.68
CA GLN F 161 46.14 5.35 -2.08
C GLN F 161 45.44 4.81 -3.31
N THR F 162 45.57 5.51 -4.45
CA THR F 162 45.05 5.14 -5.77
C THR F 162 43.78 4.30 -5.66
N THR F 163 42.65 4.95 -5.41
CA THR F 163 41.45 4.24 -5.03
C THR F 163 40.54 4.09 -6.23
N GLY F 164 39.64 3.12 -6.17
CA GLY F 164 38.59 2.95 -7.16
C GLY F 164 37.25 2.69 -6.53
N GLU F 165 36.35 2.04 -7.29
CA GLU F 165 35.00 1.78 -6.80
C GLU F 165 35.00 0.76 -5.67
N ALA F 166 36.03 -0.09 -5.62
CA ALA F 166 36.15 -1.15 -4.62
C ALA F 166 36.56 -0.54 -3.29
N PRO F 167 36.40 -1.26 -2.20
CA PRO F 167 36.26 -0.64 -0.88
C PRO F 167 37.60 -0.26 -0.27
N GLY F 168 38.66 -0.80 -0.87
CA GLY F 168 40.01 -0.31 -0.64
C GLY F 168 41.05 -0.64 -1.70
N THR F 169 41.40 0.33 -2.54
CA THR F 169 42.53 0.17 -3.44
C THR F 169 43.78 0.80 -2.84
N VAL F 170 44.92 0.43 -3.41
CA VAL F 170 46.22 0.94 -3.01
C VAL F 170 46.92 1.48 -4.24
N PRO F 171 48.04 2.22 -4.11
CA PRO F 171 48.72 2.74 -5.30
C PRO F 171 49.38 1.63 -6.09
N ALA F 172 48.91 1.45 -7.32
CA ALA F 172 49.27 0.33 -8.21
C ALA F 172 48.91 -1.02 -7.61
N PRO G 1 3.53 16.42 39.82
CA PRO G 1 3.64 15.03 39.37
C PRO G 1 5.13 14.91 39.06
N ILE G 2 5.48 14.01 38.15
CA ILE G 2 6.87 13.80 37.74
C ILE G 2 7.22 14.89 36.75
N MET G 3 8.38 15.52 36.94
CA MET G 3 8.83 16.62 36.11
C MET G 3 9.59 16.10 34.90
N GLY G 4 9.82 17.00 33.94
CA GLY G 4 10.62 16.69 32.76
C GLY G 4 12.07 16.37 33.06
N GLN G 5 12.66 17.03 34.05
CA GLN G 5 13.99 16.70 34.54
C GLN G 5 13.99 15.48 35.44
N ASP G 6 12.84 15.11 35.98
CA ASP G 6 12.75 14.06 36.99
C ASP G 6 13.10 12.67 36.47
N VAL G 7 12.72 12.31 35.25
CA VAL G 7 12.99 10.98 34.71
C VAL G 7 14.32 11.03 33.98
N LYS G 8 15.30 10.27 34.46
CA LYS G 8 16.58 10.20 33.78
C LYS G 8 16.95 8.75 33.49
N TYR G 9 17.70 8.57 32.40
CA TYR G 9 17.89 7.28 31.76
C TYR G 9 19.37 6.92 31.79
N LEU G 10 19.71 5.82 32.46
CA LEU G 10 21.09 5.33 32.47
C LEU G 10 21.14 3.97 31.80
N PHE G 11 22.20 3.72 31.05
CA PHE G 11 22.43 2.42 30.42
C PHE G 11 23.70 1.79 30.96
N GLN G 12 23.67 0.48 31.13
CA GLN G 12 24.87 -0.26 31.45
C GLN G 12 25.15 -1.27 30.34
N SER G 13 26.38 -1.23 29.82
CA SER G 13 26.79 -2.14 28.76
C SER G 13 26.94 -3.57 29.29
N ILE G 14 26.64 -4.53 28.42
CA ILE G 14 26.75 -5.94 28.82
C ILE G 14 28.20 -6.37 29.00
N ASP G 15 29.10 -5.91 28.14
CA ASP G 15 30.46 -6.41 28.12
C ASP G 15 31.34 -5.76 29.18
N ALA G 16 30.96 -4.59 29.70
CA ALA G 16 31.82 -3.89 30.64
C ALA G 16 32.01 -4.68 31.92
N ALA G 17 30.90 -5.19 32.48
CA ALA G 17 30.84 -5.88 33.78
C ALA G 17 31.38 -4.99 34.91
N THR G 18 30.95 -3.73 34.91
CA THR G 18 31.36 -2.75 35.91
C THR G 18 30.24 -2.54 36.91
N GLY G 19 30.58 -2.04 38.09
CA GLY G 19 29.59 -1.82 39.13
C GLY G 19 28.91 -0.47 39.05
N SER G 20 28.61 -0.01 37.83
CA SER G 20 28.00 1.30 37.66
C SER G 20 27.60 1.54 36.20
N ALA G 21 26.49 2.26 36.00
CA ALA G 21 25.84 2.53 34.71
C ALA G 21 26.03 3.98 34.25
N PRO G 22 26.75 4.23 33.15
CA PRO G 22 26.90 5.63 32.69
C PRO G 22 25.61 6.19 32.12
N LEU G 23 25.31 7.43 32.46
CA LEU G 23 24.24 8.16 31.78
C LEU G 23 24.84 9.38 31.09
N PHE G 24 24.18 9.80 30.03
CA PHE G 24 24.88 10.76 29.20
C PHE G 24 24.33 12.16 29.43
N PRO G 25 25.17 13.19 29.46
CA PRO G 25 24.65 14.55 29.66
C PRO G 25 24.03 15.12 28.41
N ALA G 26 23.45 16.32 28.58
CA ALA G 26 22.77 17.09 27.53
C ALA G 26 21.73 16.25 26.79
N TYR G 27 20.71 15.83 27.52
CA TYR G 27 19.59 15.13 26.92
C TYR G 27 18.64 16.11 26.23
N GLN G 28 18.06 15.64 25.14
CA GLN G 28 17.11 16.41 24.35
C GLN G 28 15.75 15.91 24.79
N THR G 29 15.47 14.62 24.61
CA THR G 29 14.18 14.07 24.98
C THR G 29 14.11 12.57 24.70
N ASP G 30 13.13 11.94 25.33
CA ASP G 30 13.08 10.50 25.47
C ASP G 30 11.65 10.06 25.26
N GLY G 31 11.45 9.23 24.25
CA GLY G 31 10.17 8.58 24.07
C GLY G 31 10.30 7.09 24.19
N SER G 32 9.57 6.52 25.13
CA SER G 32 9.48 5.06 25.28
C SER G 32 8.06 4.71 24.85
N VAL G 33 7.96 3.78 23.92
CA VAL G 33 6.69 3.44 23.30
C VAL G 33 6.49 1.92 23.41
N SER G 34 5.32 1.52 23.88
CA SER G 34 5.05 0.17 24.33
C SER G 34 3.69 -0.25 23.77
N GLY G 35 3.71 -1.14 22.78
CA GLY G 35 2.49 -1.58 22.14
C GLY G 35 2.05 -2.96 22.57
N GLU G 36 0.88 -3.07 23.18
CA GLU G 36 0.34 -4.34 23.66
C GLU G 36 -0.67 -4.83 22.64
N ARG G 37 -0.27 -5.82 21.85
CA ARG G 37 -1.10 -6.30 20.75
C ARG G 37 -2.31 -7.04 21.28
N GLU G 38 -3.43 -6.92 20.57
CA GLU G 38 -4.74 -7.33 21.06
C GLU G 38 -5.37 -8.27 20.05
N LEU G 39 -6.51 -8.84 20.42
CA LEU G 39 -7.25 -9.78 19.60
C LEU G 39 -7.75 -9.10 18.33
N PHE G 40 -7.71 -9.84 17.23
CA PHE G 40 -8.30 -9.42 15.96
C PHE G 40 -9.74 -9.91 15.84
N ASP G 41 -10.63 -9.01 15.48
CA ASP G 41 -11.89 -9.32 14.83
C ASP G 41 -12.85 -9.90 15.87
N GLU G 42 -13.88 -9.13 16.19
CA GLU G 42 -14.92 -9.59 17.11
C GLU G 42 -15.75 -10.73 16.55
N GLN G 43 -15.99 -10.71 15.24
CA GLN G 43 -16.91 -11.62 14.52
C GLN G 43 -18.37 -11.32 14.82
N THR G 44 -18.64 -10.08 15.27
CA THR G 44 -19.88 -9.64 15.91
C THR G 44 -20.38 -10.69 16.92
N LYS G 45 -19.54 -10.97 17.92
CA LYS G 45 -19.84 -11.98 18.92
C LYS G 45 -20.00 -11.34 20.30
N ASN G 46 -19.26 -11.86 21.29
CA ASN G 46 -19.29 -11.29 22.64
C ASN G 46 -18.06 -10.44 22.94
N GLY G 47 -17.25 -10.13 21.94
CA GLY G 47 -16.05 -9.33 22.14
C GLY G 47 -14.81 -10.18 22.04
N ARG G 48 -14.37 -10.44 20.80
CA ARG G 48 -13.20 -11.25 20.55
C ARG G 48 -12.09 -10.32 20.09
N ILE G 49 -12.15 -9.06 20.52
CA ILE G 49 -11.14 -8.07 20.19
C ILE G 49 -10.57 -7.46 21.47
N LEU G 50 -10.99 -7.98 22.62
CA LEU G 50 -10.46 -7.55 23.91
C LEU G 50 -9.48 -8.55 24.49
N GLY G 51 -8.87 -9.38 23.64
CA GLY G 51 -8.08 -10.51 24.07
C GLY G 51 -6.60 -10.22 24.19
N PRO G 52 -5.86 -11.09 24.87
CA PRO G 52 -4.45 -10.84 25.12
C PRO G 52 -3.56 -11.04 23.90
N GLY G 53 -2.43 -10.34 23.89
CA GLY G 53 -1.49 -10.42 22.78
C GLY G 53 -0.10 -10.10 23.28
N SER G 54 0.87 -10.27 22.40
CA SER G 54 2.26 -9.99 22.75
C SER G 54 2.47 -8.48 22.86
N VAL G 55 3.63 -8.11 23.41
CA VAL G 55 3.98 -6.72 23.65
C VAL G 55 5.16 -6.35 22.76
N ALA G 56 5.03 -5.24 22.05
CA ALA G 56 6.10 -4.67 21.24
C ALA G 56 6.70 -3.51 22.01
N ASP G 57 8.00 -3.60 22.30
CA ASP G 57 8.66 -2.66 23.18
C ASP G 57 9.79 -1.99 22.41
N SER G 58 9.70 -0.68 22.28
CA SER G 58 10.65 0.14 21.55
C SER G 58 10.81 1.48 22.23
N GLY G 59 12.03 2.02 22.14
CA GLY G 59 12.31 3.33 22.68
C GLY G 59 13.22 4.13 21.77
N GLU G 60 13.10 5.45 21.82
CA GLU G 60 13.99 6.34 21.07
C GLU G 60 14.55 7.35 22.07
N VAL G 61 15.80 7.74 21.87
CA VAL G 61 16.47 8.66 22.76
C VAL G 61 17.18 9.71 21.93
N THR G 62 16.83 10.97 22.11
CA THR G 62 17.52 12.05 21.44
C THR G 62 18.38 12.82 22.43
N TYR G 63 19.55 13.25 21.98
CA TYR G 63 20.44 14.08 22.80
C TYR G 63 21.41 14.82 21.91
N TYR G 64 22.11 15.81 22.47
CA TYR G 64 23.16 16.54 21.78
C TYR G 64 24.50 15.91 22.10
N GLY G 65 25.22 15.48 21.07
CA GLY G 65 26.46 14.77 21.26
C GLY G 65 27.62 15.62 21.75
N LYS G 66 28.29 15.19 22.80
CA LYS G 66 29.48 15.86 23.29
C LYS G 66 30.72 15.19 22.69
N ARG G 67 31.79 15.97 22.54
CA ARG G 67 32.99 15.51 21.85
C ARG G 67 33.44 14.11 22.26
N GLY G 68 33.59 13.85 23.55
CA GLY G 68 33.94 12.53 24.04
C GLY G 68 33.47 12.36 25.47
N ASP G 69 32.31 11.70 25.62
CA ASP G 69 31.77 11.21 26.89
C ASP G 69 31.22 9.79 26.75
N ALA G 70 31.24 9.08 27.87
CA ALA G 70 31.25 7.61 27.95
C ALA G 70 29.97 6.88 27.56
N GLY G 71 28.80 7.35 28.01
CA GLY G 71 27.55 6.84 27.46
C GLY G 71 27.45 7.00 25.96
N GLN G 72 27.97 8.12 25.43
CA GLN G 72 28.08 8.25 23.99
C GLN G 72 29.05 7.25 23.39
N LYS G 73 30.28 7.12 23.93
CA LYS G 73 31.16 6.05 23.52
C LYS G 73 30.56 4.69 23.83
N ALA G 74 29.69 4.59 24.83
CA ALA G 74 28.92 3.37 25.01
C ALA G 74 27.95 3.17 23.86
N ILE G 75 27.25 4.24 23.47
CA ILE G 75 26.40 4.20 22.27
C ILE G 75 27.23 3.84 21.04
N GLU G 76 28.44 4.39 20.95
CA GLU G 76 29.28 4.15 19.79
C GLU G 76 29.66 2.68 19.64
N ASP G 77 30.20 2.06 20.70
CA ASP G 77 30.37 0.61 20.68
C ASP G 77 29.02 -0.10 20.58
N ALA G 78 28.00 0.43 21.23
CA ALA G 78 26.67 -0.16 21.08
C ALA G 78 26.32 -0.36 19.60
N TYR G 79 26.28 0.73 18.82
CA TYR G 79 25.84 0.61 17.44
C TYR G 79 26.96 0.12 16.52
N GLN G 80 28.14 0.72 16.65
CA GLN G 80 29.19 0.54 15.66
C GLN G 80 29.92 -0.79 15.83
N ASN G 81 30.09 -1.24 17.06
CA ASN G 81 30.63 -2.58 17.28
C ASN G 81 29.52 -3.63 17.18
N GLY G 82 28.28 -3.23 17.46
CA GLY G 82 27.15 -4.13 17.37
C GLY G 82 26.96 -4.96 18.62
N LYS G 83 26.42 -4.34 19.65
CA LYS G 83 26.15 -4.98 20.94
C LYS G 83 24.78 -4.49 21.41
N GLN G 84 24.16 -5.24 22.31
CA GLN G 84 22.97 -4.80 23.03
C GLN G 84 23.42 -4.14 24.34
N ILE G 85 22.67 -3.13 24.78
CA ILE G 85 23.01 -2.44 26.02
C ILE G 85 21.86 -2.58 27.01
N LYS G 86 22.22 -2.65 28.29
CA LYS G 86 21.23 -2.71 29.35
C LYS G 86 20.68 -1.32 29.60
N PHE G 87 19.36 -1.24 29.80
CA PHE G 87 18.59 -0.01 29.76
C PHE G 87 17.95 0.25 31.11
N TRP G 88 18.25 1.41 31.68
CA TRP G 88 17.75 1.84 32.99
C TRP G 88 17.12 3.22 32.84
N ARG G 89 15.88 3.37 33.29
CA ARG G 89 15.23 4.68 33.35
C ARG G 89 14.70 4.86 34.77
N VAL G 90 15.23 5.85 35.48
CA VAL G 90 14.90 6.00 36.88
C VAL G 90 14.44 7.44 37.13
N ASP G 91 13.78 7.62 38.26
CA ASP G 91 13.29 8.93 38.66
C ASP G 91 14.21 9.56 39.70
N THR G 92 14.42 10.86 39.54
CA THR G 92 15.32 11.64 40.40
C THR G 92 14.76 11.86 41.79
N VAL G 93 13.44 11.90 41.93
CA VAL G 93 12.83 12.04 43.26
C VAL G 93 13.09 10.79 44.08
N LYS G 94 13.47 11.00 45.34
CA LYS G 94 13.87 9.91 46.21
C LYS G 94 12.70 8.98 46.46
N ASN G 95 12.94 7.68 46.31
CA ASN G 95 11.95 6.68 46.68
C ASN G 95 11.93 6.50 48.19
N GLU G 96 10.72 6.38 48.74
CA GLU G 96 10.55 6.27 50.18
C GLU G 96 10.73 4.86 50.73
N ASN G 97 10.58 3.84 49.89
CA ASN G 97 10.97 2.49 50.31
C ASN G 97 11.98 1.89 49.34
N ASP G 98 12.73 2.73 48.64
CA ASP G 98 13.89 2.30 47.88
C ASP G 98 14.81 3.50 47.69
N LYS G 99 15.98 3.27 47.09
CA LYS G 99 16.86 4.35 46.70
C LYS G 99 16.16 5.27 45.69
N TYR G 100 15.80 4.71 44.54
CA TYR G 100 15.11 5.42 43.48
C TYR G 100 14.12 4.44 42.85
N ASP G 101 13.33 4.94 41.91
CA ASP G 101 12.38 4.08 41.20
C ASP G 101 12.72 4.07 39.72
N ALA G 102 12.64 2.87 39.14
CA ALA G 102 13.26 2.63 37.85
C ALA G 102 12.32 1.80 36.98
N GLN G 103 12.60 1.83 35.68
CA GLN G 103 12.18 0.80 34.75
C GLN G 103 13.44 0.33 34.02
N PHE G 104 13.51 -0.97 33.73
CA PHE G 104 14.74 -1.64 33.38
C PHE G 104 14.53 -2.54 32.18
N GLY G 105 15.57 -2.73 31.37
CA GLY G 105 15.51 -3.73 30.33
C GLY G 105 16.85 -3.96 29.68
N PHE G 106 16.86 -4.89 28.73
CA PHE G 106 17.99 -5.07 27.82
C PHE G 106 17.54 -4.61 26.44
N ALA G 107 18.36 -3.78 25.81
CA ALA G 107 17.98 -3.09 24.60
C ALA G 107 19.06 -3.18 23.54
N TYR G 108 18.67 -2.88 22.31
CA TYR G 108 19.52 -3.04 21.14
C TYR G 108 19.53 -1.72 20.39
N ILE G 109 20.53 -1.51 19.53
CA ILE G 109 20.64 -0.29 18.75
C ILE G 109 19.92 -0.47 17.42
N GLU G 110 18.60 -0.21 17.42
CA GLU G 110 17.84 -0.31 16.18
C GLU G 110 18.25 0.71 15.13
N SER G 111 18.48 1.96 15.49
CA SER G 111 18.98 2.94 14.55
C SER G 111 19.59 4.11 15.31
N ARG G 112 20.42 4.88 14.61
CA ARG G 112 21.05 6.08 15.14
C ARG G 112 20.93 7.10 14.02
N GLU G 113 20.77 8.37 14.41
CA GLU G 113 20.59 9.48 13.50
C GLU G 113 21.53 10.58 13.96
N TYR G 114 22.31 11.13 13.03
CA TYR G 114 23.20 12.24 13.35
C TYR G 114 22.91 13.43 12.45
N SER G 115 22.61 14.55 13.09
CA SER G 115 22.35 15.81 12.41
C SER G 115 23.46 16.80 12.73
N ASP G 116 24.08 17.32 11.68
CA ASP G 116 24.97 18.45 11.72
C ASP G 116 24.24 19.61 11.05
N GLY G 117 24.05 20.70 11.79
CA GLY G 117 23.46 21.91 11.25
C GLY G 117 24.38 23.10 11.39
N VAL G 118 24.15 24.10 10.57
CA VAL G 118 24.90 25.36 10.63
C VAL G 118 24.52 26.17 11.86
N GLU G 119 23.26 26.08 12.29
CA GLU G 119 22.87 26.64 13.57
C GLU G 119 22.92 25.62 14.69
N GLY G 120 23.12 26.07 15.93
CA GLY G 120 22.90 25.20 17.07
C GLY G 120 24.06 24.25 17.21
N ALA G 121 23.81 23.05 17.72
CA ALA G 121 24.87 22.08 17.95
C ALA G 121 24.43 20.69 17.51
N VAL G 122 25.42 19.80 17.38
CA VAL G 122 25.20 18.47 16.79
C VAL G 122 24.10 17.74 17.56
N GLU G 123 23.24 17.06 16.82
CA GLU G 123 22.10 16.38 17.44
C GLU G 123 22.08 14.91 17.05
N ILE G 124 21.93 14.05 18.04
CA ILE G 124 21.92 12.61 17.82
C ILE G 124 20.57 12.07 18.26
N SER G 125 19.90 11.38 17.33
CA SER G 125 18.72 10.61 17.62
C SER G 125 19.09 9.14 17.53
N ILE G 126 18.98 8.42 18.64
CA ILE G 126 19.25 6.99 18.67
C ILE G 126 17.96 6.25 18.99
N SER G 127 17.63 5.27 18.15
CA SER G 127 16.42 4.48 18.28
C SER G 127 16.77 3.05 18.61
N LEU G 128 15.98 2.43 19.48
CA LEU G 128 16.26 1.11 20.02
C LEU G 128 14.97 0.32 20.15
N GLN G 129 15.07 -0.98 19.98
CA GLN G 129 14.00 -1.90 20.34
C GLN G 129 14.34 -2.52 21.68
N VAL G 130 13.34 -3.04 22.37
CA VAL G 130 13.59 -3.74 23.63
C VAL G 130 12.65 -4.94 23.68
N ILE G 131 13.00 -5.91 24.52
CA ILE G 131 12.26 -7.17 24.55
C ILE G 131 11.39 -7.24 25.80
N GLY G 132 11.05 -6.09 26.36
CA GLY G 132 10.20 -6.05 27.52
C GLY G 132 10.88 -5.37 28.69
N GLU G 133 10.73 -4.06 28.79
CA GLU G 133 11.22 -3.33 29.94
C GLU G 133 10.29 -3.49 31.13
N LEU G 134 10.88 -3.72 32.30
CA LEU G 134 10.13 -4.01 33.50
C LEU G 134 10.34 -2.87 34.48
N LYS G 135 9.36 -2.66 35.35
CA LYS G 135 9.41 -1.56 36.32
C LYS G 135 9.88 -2.11 37.67
N ASN G 136 10.73 -1.35 38.35
CA ASN G 136 11.21 -1.72 39.67
C ASN G 136 11.66 -0.47 40.41
N GLY G 137 12.40 -0.67 41.50
CA GLY G 137 13.06 0.45 42.14
C GLY G 137 14.54 0.48 41.82
N GLU G 138 15.07 1.69 41.71
CA GLU G 138 16.45 1.88 41.29
C GLU G 138 17.36 1.81 42.51
N ILE G 139 18.38 0.95 42.43
CA ILE G 139 19.28 0.75 43.56
C ILE G 139 20.48 1.67 43.47
N ASP G 140 21.07 1.80 42.29
CA ASP G 140 22.28 2.61 42.15
C ASP G 140 21.93 4.09 42.05
N THR G 141 22.15 4.81 43.15
CA THR G 141 21.96 6.26 43.18
C THR G 141 22.83 6.97 42.14
N LEU G 142 24.14 6.67 42.09
CA LEU G 142 25.15 7.34 41.27
C LEU G 142 25.08 8.84 41.49
N PRO G 143 25.31 9.31 42.74
CA PRO G 143 24.84 10.65 43.15
C PRO G 143 25.52 11.82 42.46
N GLU G 144 26.55 11.50 41.67
CA GLU G 144 27.21 12.46 40.80
C GLU G 144 26.24 13.07 39.81
N GLU G 145 25.38 12.26 39.21
CA GLU G 145 24.50 12.71 38.14
C GLU G 145 23.03 12.80 38.54
N ILE G 146 22.40 11.70 38.92
CA ILE G 146 20.99 11.69 39.32
C ILE G 146 20.77 12.56 40.55
N VAL G 147 21.51 12.29 41.62
CA VAL G 147 21.33 12.99 42.89
C VAL G 147 21.77 14.43 42.68
N ASN G 148 22.92 14.61 42.01
CA ASN G 148 23.50 15.93 41.81
C ASN G 148 23.38 16.37 40.36
N VAL G 149 22.50 17.33 40.07
CA VAL G 149 22.47 17.93 38.75
C VAL G 149 22.53 19.45 38.92
N SER G 150 23.75 20.00 38.82
CA SER G 150 23.97 21.41 39.13
C SER G 150 23.98 22.29 37.88
N LYS G 151 23.76 23.58 38.03
CA LYS G 151 23.85 24.48 36.89
C LYS G 151 25.29 24.86 36.52
N GLY G 152 26.29 24.45 37.30
CA GLY G 152 27.67 24.83 37.05
C GLY G 152 28.12 26.02 37.86
N GLY G 153 27.22 26.57 38.67
CA GLY G 153 27.51 27.75 39.46
C GLY G 153 28.40 27.42 40.64
N TYR G 154 29.36 28.31 40.89
CA TYR G 154 30.29 28.22 42.00
C TYR G 154 30.43 29.61 42.64
N ASP G 155 30.68 29.63 43.95
CA ASP G 155 30.38 30.81 44.76
C ASP G 155 31.17 32.07 44.41
N PHE G 156 32.51 31.98 44.36
CA PHE G 156 33.45 32.95 43.80
C PHE G 156 34.57 32.21 43.08
N GLN G 157 35.27 32.95 42.22
CA GLN G 157 36.66 32.67 41.85
C GLN G 157 37.29 34.02 41.58
N GLN G 158 37.83 34.67 42.63
CA GLN G 158 38.21 36.08 42.49
C GLN G 158 39.72 36.33 42.57
N PRO G 159 40.55 35.51 43.22
CA PRO G 159 42.00 35.72 43.08
C PRO G 159 42.57 35.24 41.75
N GLY G 160 41.73 34.85 40.81
CA GLY G 160 42.22 34.21 39.61
C GLY G 160 42.60 32.74 39.66
N GLN G 161 41.64 31.83 39.52
CA GLN G 161 41.99 30.41 39.48
C GLN G 161 42.00 29.88 38.06
N THR G 162 42.91 30.39 37.22
CA THR G 162 43.14 29.98 35.83
C THR G 162 41.87 29.45 35.17
N THR G 163 41.02 30.37 34.74
CA THR G 163 39.67 29.98 34.36
C THR G 163 39.59 29.90 32.84
N GLY G 164 38.60 29.15 32.35
CA GLY G 164 38.29 29.10 30.94
C GLY G 164 36.81 29.22 30.66
N GLU G 165 36.36 28.69 29.52
CA GLU G 165 34.96 28.79 29.12
C GLU G 165 34.07 27.96 30.03
N ALA G 166 34.64 26.92 30.65
CA ALA G 166 33.91 26.00 31.51
C ALA G 166 33.63 26.66 32.85
N PRO G 167 32.71 26.14 33.64
CA PRO G 167 32.01 26.93 34.64
C PRO G 167 32.82 27.08 35.93
N GLY G 168 33.87 26.26 36.03
CA GLY G 168 34.92 26.46 37.01
C GLY G 168 36.25 25.79 36.73
N THR G 169 37.24 26.54 36.27
CA THR G 169 38.59 26.01 36.17
C THR G 169 39.40 26.43 37.39
N VAL G 170 40.52 25.74 37.58
CA VAL G 170 41.46 26.02 38.68
C VAL G 170 42.85 26.22 38.08
N PRO G 171 43.84 26.72 38.86
CA PRO G 171 45.18 26.91 38.29
C PRO G 171 45.86 25.60 37.99
N ALA G 172 46.14 25.36 36.71
CA ALA G 172 46.63 24.09 36.16
C ALA G 172 45.68 22.94 36.42
N PRO H 1 -23.46 23.87 27.33
CA PRO H 1 -23.55 22.44 27.01
C PRO H 1 -22.60 21.81 28.04
N ILE H 2 -22.04 20.66 27.72
CA ILE H 2 -21.11 19.96 28.59
C ILE H 2 -19.74 20.63 28.43
N MET H 3 -19.10 20.91 29.55
CA MET H 3 -17.81 21.60 29.56
C MET H 3 -16.66 20.61 29.43
N GLY H 4 -15.47 21.15 29.18
CA GLY H 4 -14.27 20.34 29.12
C GLY H 4 -13.88 19.70 30.44
N GLN H 5 -14.13 20.37 31.56
CA GLN H 5 -13.97 19.80 32.88
C GLN H 5 -15.12 18.89 33.26
N ASP H 6 -16.26 19.01 32.59
CA ASP H 6 -17.48 18.30 32.98
C ASP H 6 -17.39 16.80 32.82
N VAL H 7 -16.76 16.27 31.78
CA VAL H 7 -16.68 14.83 31.55
C VAL H 7 -15.43 14.33 32.23
N LYS H 8 -15.59 13.45 33.21
CA LYS H 8 -14.43 12.84 33.87
C LYS H 8 -14.54 11.32 33.85
N TYR H 9 -13.38 10.68 33.81
CA TYR H 9 -13.25 9.26 33.46
C TYR H 9 -12.66 8.52 34.66
N LEU H 10 -13.41 7.57 35.19
CA LEU H 10 -12.91 6.71 36.26
C LEU H 10 -12.86 5.26 35.78
N PHE H 11 -11.82 4.54 36.19
CA PHE H 11 -11.68 3.13 35.87
C PHE H 11 -11.70 2.31 37.16
N GLN H 12 -12.33 1.14 37.08
CA GLN H 12 -12.25 0.18 38.17
C GLN H 12 -11.60 -1.09 37.65
N SER H 13 -10.56 -1.55 38.36
CA SER H 13 -9.85 -2.76 37.99
C SER H 13 -10.71 -4.00 38.26
N ILE H 14 -10.52 -5.02 37.43
CA ILE H 14 -11.29 -6.25 37.58
C ILE H 14 -10.87 -7.03 38.81
N ASP H 15 -9.57 -7.08 39.11
CA ASP H 15 -9.05 -7.94 40.16
C ASP H 15 -9.22 -7.33 41.55
N ALA H 16 -9.39 -6.02 41.66
CA ALA H 16 -9.44 -5.39 42.97
C ALA H 16 -10.65 -5.88 43.77
N ALA H 17 -11.82 -5.89 43.13
CA ALA H 17 -13.13 -6.19 43.76
C ALA H 17 -13.42 -5.26 44.93
N THR H 18 -13.18 -3.97 44.72
CA THR H 18 -13.40 -2.93 45.73
C THR H 18 -14.68 -2.18 45.40
N GLY H 19 -15.25 -1.52 46.39
CA GLY H 19 -16.48 -0.77 46.21
C GLY H 19 -16.27 0.65 45.75
N SER H 20 -15.30 0.87 44.88
CA SER H 20 -14.99 2.21 44.41
C SER H 20 -13.96 2.21 43.29
N ALA H 21 -14.09 3.15 42.35
CA ALA H 21 -13.31 3.28 41.12
C ALA H 21 -12.33 4.45 41.16
N PRO H 22 -11.01 4.21 41.14
CA PRO H 22 -10.07 5.34 41.16
C PRO H 22 -10.06 6.09 39.85
N LEU H 23 -10.03 7.42 39.92
CA LEU H 23 -9.77 8.24 38.76
C LEU H 23 -8.49 9.02 38.98
N PHE H 24 -7.83 9.35 37.89
CA PHE H 24 -6.48 9.84 38.09
C PHE H 24 -6.42 11.36 37.91
N PRO H 25 -5.65 12.07 38.74
CA PRO H 25 -5.58 13.53 38.58
C PRO H 25 -4.69 13.94 37.41
N ALA H 26 -4.69 15.25 37.16
CA ALA H 26 -3.92 15.91 36.09
C ALA H 26 -4.16 15.25 34.73
N TYR H 27 -5.41 15.34 34.28
CA TYR H 27 -5.75 14.88 32.94
C TYR H 27 -5.33 15.89 31.89
N GLN H 28 -4.92 15.36 30.75
CA GLN H 28 -4.50 16.16 29.61
C GLN H 28 -5.72 16.20 28.68
N THR H 29 -6.18 15.05 28.21
CA THR H 29 -7.32 15.00 27.31
C THR H 29 -7.67 13.56 26.94
N ASP H 30 -8.89 13.42 26.43
CA ASP H 30 -9.54 12.13 26.31
C ASP H 30 -10.26 12.09 24.98
N GLY H 31 -9.86 11.14 24.15
CA GLY H 31 -10.60 10.87 22.93
C GLY H 31 -11.16 9.48 22.95
N SER H 32 -12.48 9.38 22.84
CA SER H 32 -13.17 8.10 22.68
C SER H 32 -13.66 8.09 21.25
N VAL H 33 -13.32 7.02 20.53
CA VAL H 33 -13.61 6.93 19.10
C VAL H 33 -14.34 5.61 18.84
N SER H 34 -15.44 5.70 18.12
CA SER H 34 -16.42 4.63 17.99
C SER H 34 -16.81 4.51 16.53
N GLY H 35 -16.34 3.44 15.89
CA GLY H 35 -16.62 3.24 14.48
C GLY H 35 -17.66 2.19 14.22
N GLU H 36 -18.77 2.58 13.60
CA GLU H 36 -19.87 1.67 13.30
C GLU H 36 -19.76 1.27 11.83
N ARG H 37 -19.29 0.05 11.60
CA ARG H 37 -19.01 -0.43 10.26
C ARG H 37 -20.31 -0.63 9.48
N GLU H 38 -20.26 -0.36 8.18
CA GLU H 38 -21.46 -0.25 7.35
C GLU H 38 -21.32 -1.18 6.16
N LEU H 39 -22.39 -1.28 5.38
CA LEU H 39 -22.45 -2.14 4.21
C LEU H 39 -21.46 -1.67 3.15
N PHE H 40 -20.84 -2.64 2.48
CA PHE H 40 -19.99 -2.37 1.32
C PHE H 40 -20.80 -2.44 0.03
N ASP H 41 -20.63 -1.42 -0.81
CA ASP H 41 -20.86 -1.52 -2.24
C ASP H 41 -22.37 -1.51 -2.50
N GLU H 42 -22.87 -0.42 -3.07
CA GLU H 42 -24.26 -0.33 -3.44
C GLU H 42 -24.66 -1.27 -4.56
N GLN H 43 -23.74 -1.50 -5.51
CA GLN H 43 -23.96 -2.25 -6.76
C GLN H 43 -24.83 -1.46 -7.74
N THR H 44 -24.86 -0.13 -7.58
CA THR H 44 -25.83 0.78 -8.18
C THR H 44 -27.25 0.21 -8.13
N LYS H 45 -27.72 -0.06 -6.90
CA LYS H 45 -29.03 -0.67 -6.68
C LYS H 45 -29.96 0.31 -5.96
N ASN H 46 -30.55 -0.15 -4.85
CA ASN H 46 -31.42 0.71 -4.04
C ASN H 46 -30.74 1.22 -2.78
N GLY H 47 -29.43 1.02 -2.66
CA GLY H 47 -28.70 1.46 -1.48
C GLY H 47 -28.30 0.28 -0.61
N ARG H 48 -27.21 -0.37 -0.99
CA ARG H 48 -26.72 -1.53 -0.26
C ARG H 48 -25.46 -1.11 0.48
N ILE H 49 -25.38 0.18 0.81
CA ILE H 49 -24.25 0.73 1.56
C ILE H 49 -24.75 1.43 2.82
N LEU H 50 -26.06 1.35 3.07
CA LEU H 50 -26.64 1.91 4.28
C LEU H 50 -26.97 0.84 5.30
N GLY H 51 -26.30 -0.32 5.23
CA GLY H 51 -26.66 -1.48 6.00
C GLY H 51 -25.89 -1.62 7.30
N PRO H 52 -26.39 -2.48 8.19
CA PRO H 52 -25.77 -2.59 9.52
C PRO H 52 -24.45 -3.33 9.52
N GLY H 53 -23.62 -3.02 10.51
CA GLY H 53 -22.31 -3.63 10.64
C GLY H 53 -21.89 -3.62 12.09
N SER H 54 -20.77 -4.29 12.36
CA SER H 54 -20.25 -4.34 13.72
C SER H 54 -19.68 -2.98 14.13
N VAL H 55 -19.40 -2.84 15.42
CA VAL H 55 -18.91 -1.60 15.99
C VAL H 55 -17.48 -1.81 16.50
N ALA H 56 -16.58 -0.91 16.10
CA ALA H 56 -15.22 -0.90 16.58
C ALA H 56 -15.09 0.19 17.63
N ASP H 57 -14.71 -0.20 18.84
CA ASP H 57 -14.73 0.69 19.98
C ASP H 57 -13.31 0.79 20.54
N SER H 58 -12.79 2.01 20.53
CA SER H 58 -11.44 2.31 20.98
C SER H 58 -11.40 3.67 21.64
N GLY H 59 -10.53 3.79 22.65
CA GLY H 59 -10.34 5.05 23.31
C GLY H 59 -8.88 5.31 23.63
N GLU H 60 -8.49 6.57 23.70
CA GLU H 60 -7.14 6.95 24.11
C GLU H 60 -7.28 7.97 25.23
N VAL H 61 -6.36 7.91 26.19
CA VAL H 61 -6.38 8.79 27.35
C VAL H 61 -4.99 9.35 27.55
N THR H 62 -4.85 10.66 27.51
CA THR H 62 -3.59 11.30 27.81
C THR H 62 -3.66 12.00 29.16
N TYR H 63 -2.56 11.96 29.91
CA TYR H 63 -2.47 12.66 31.18
C TYR H 63 -1.00 12.84 31.54
N TYR H 64 -0.75 13.69 32.55
CA TYR H 64 0.59 13.90 33.09
C TYR H 64 0.78 12.99 34.29
N GLY H 65 1.79 12.13 34.24
CA GLY H 65 2.01 11.16 35.29
C GLY H 65 2.52 11.74 36.60
N LYS H 66 1.86 11.39 37.70
CA LYS H 66 2.33 11.80 39.02
C LYS H 66 3.17 10.66 39.62
N ARG H 67 4.11 11.04 40.50
CA ARG H 67 5.09 10.10 41.02
C ARG H 67 4.47 8.78 41.48
N GLY H 68 3.44 8.80 42.30
CA GLY H 68 2.76 7.59 42.73
C GLY H 68 1.33 7.92 43.14
N ASP H 69 0.41 7.68 42.21
CA ASP H 69 -1.05 7.70 42.43
C ASP H 69 -1.73 6.51 41.75
N ALA H 70 -2.86 6.11 42.33
CA ALA H 70 -3.43 4.77 42.23
C ALA H 70 -4.05 4.36 40.88
N GLY H 71 -4.81 5.25 40.23
CA GLY H 71 -5.20 5.01 38.84
C GLY H 71 -4.00 4.83 37.92
N GLN H 72 -2.92 5.58 38.18
CA GLN H 72 -1.68 5.33 37.47
C GLN H 72 -1.10 3.97 37.81
N LYS H 73 -0.96 3.63 39.09
CA LYS H 73 -0.58 2.28 39.46
C LYS H 73 -1.61 1.26 39.00
N ALA H 74 -2.87 1.67 38.85
CA ALA H 74 -3.84 0.81 38.20
C ALA H 74 -3.49 0.64 36.72
N ILE H 75 -3.15 1.73 36.05
CA ILE H 75 -2.65 1.64 34.68
C ILE H 75 -1.40 0.78 34.62
N GLU H 76 -0.51 0.91 35.61
CA GLU H 76 0.73 0.17 35.61
C GLU H 76 0.50 -1.34 35.67
N ASP H 77 -0.28 -1.82 36.65
CA ASP H 77 -0.72 -3.21 36.62
C ASP H 77 -1.57 -3.50 35.39
N ALA H 78 -2.40 -2.56 34.97
CA ALA H 78 -3.15 -2.76 33.74
C ALA H 78 -2.24 -3.19 32.60
N TYR H 79 -1.26 -2.36 32.23
CA TYR H 79 -0.43 -2.67 31.08
C TYR H 79 0.67 -3.68 31.42
N GLN H 80 1.38 -3.43 32.51
CA GLN H 80 2.63 -4.15 32.79
C GLN H 80 2.38 -5.55 33.34
N ASN H 81 1.32 -5.72 34.13
CA ASN H 81 0.93 -7.07 34.54
C ASN H 81 0.08 -7.74 33.48
N GLY H 82 -0.61 -6.95 32.67
CA GLY H 82 -1.44 -7.46 31.59
C GLY H 82 -2.82 -7.88 32.06
N LYS H 83 -3.68 -6.90 32.27
CA LYS H 83 -5.06 -7.10 32.72
C LYS H 83 -5.93 -6.13 31.93
N GLN H 84 -7.22 -6.42 31.85
CA GLN H 84 -8.23 -5.50 31.34
C GLN H 84 -8.79 -4.70 32.51
N ILE H 85 -9.13 -3.44 32.27
CA ILE H 85 -9.70 -2.60 33.33
C ILE H 85 -11.10 -2.16 32.94
N LYS H 86 -11.96 -2.02 33.94
CA LYS H 86 -13.32 -1.54 33.73
C LYS H 86 -13.28 -0.02 33.58
N PHE H 87 -14.06 0.48 32.63
CA PHE H 87 -13.97 1.84 32.10
C PHE H 87 -15.27 2.59 32.39
N TRP H 88 -15.14 3.71 33.08
CA TRP H 88 -16.26 4.57 33.47
C TRP H 88 -15.95 5.99 33.02
N ARG H 89 -16.87 6.60 32.28
CA ARG H 89 -16.77 8.03 31.92
C ARG H 89 -18.09 8.70 32.30
N VAL H 90 -18.02 9.61 33.26
CA VAL H 90 -19.24 10.20 33.80
C VAL H 90 -19.14 11.72 33.72
N ASP H 91 -20.30 12.36 33.86
CA ASP H 91 -20.37 13.80 33.82
C ASP H 91 -20.50 14.37 35.23
N THR H 92 -19.80 15.48 35.46
CA THR H 92 -19.74 16.13 36.75
C THR H 92 -21.03 16.84 37.12
N VAL H 93 -21.80 17.30 36.13
CA VAL H 93 -23.09 17.92 36.39
C VAL H 93 -24.06 16.89 36.94
N LYS H 94 -24.79 17.28 37.99
CA LYS H 94 -25.67 16.37 38.70
C LYS H 94 -26.78 15.90 37.78
N ASN H 95 -27.02 14.60 37.75
CA ASN H 95 -28.17 14.04 37.05
C ASN H 95 -29.43 14.26 37.87
N GLU H 96 -30.52 14.63 37.19
CA GLU H 96 -31.77 14.92 37.85
C GLU H 96 -32.62 13.70 38.15
N ASN H 97 -32.41 12.59 37.45
CA ASN H 97 -33.03 11.34 37.86
C ASN H 97 -31.98 10.25 38.07
N ASP H 98 -30.75 10.65 38.38
CA ASP H 98 -29.74 9.72 38.84
C ASP H 98 -28.68 10.52 39.61
N LYS H 99 -27.72 9.82 40.19
CA LYS H 99 -26.57 10.47 40.81
C LYS H 99 -25.80 11.27 39.77
N TYR H 100 -25.28 10.59 38.76
CA TYR H 100 -24.53 11.19 37.67
C TYR H 100 -24.88 10.42 36.39
N ASP H 101 -24.36 10.88 35.27
CA ASP H 101 -24.58 10.21 34.00
C ASP H 101 -23.26 9.73 33.43
N ALA H 102 -23.27 8.50 32.91
CA ALA H 102 -22.04 7.79 32.66
C ALA H 102 -22.12 7.08 31.31
N GLN H 103 -20.95 6.72 30.80
CA GLN H 103 -20.80 5.66 29.81
C GLN H 103 -19.77 4.68 30.37
N PHE H 104 -19.99 3.39 30.12
CA PHE H 104 -19.34 2.32 30.86
C PHE H 104 -18.82 1.26 29.89
N GLY H 105 -17.74 0.59 30.28
CA GLY H 105 -17.31 -0.57 29.51
C GLY H 105 -16.22 -1.33 30.22
N PHE H 106 -15.80 -2.43 29.58
CA PHE H 106 -14.58 -3.14 29.96
C PHE H 106 -13.55 -2.91 28.87
N ALA H 107 -12.34 -2.53 29.27
CA ALA H 107 -11.33 -2.07 28.34
C ALA H 107 -9.99 -2.73 28.62
N TYR H 108 -9.12 -2.65 27.62
CA TYR H 108 -7.82 -3.32 27.64
C TYR H 108 -6.75 -2.28 27.37
N ILE H 109 -5.50 -2.59 27.71
CA ILE H 109 -4.40 -1.67 27.49
C ILE H 109 -3.78 -1.95 26.13
N GLU H 110 -4.33 -1.33 25.08
CA GLU H 110 -3.78 -1.50 23.74
C GLU H 110 -2.37 -0.94 23.58
N SER H 111 -2.09 0.25 24.11
CA SER H 111 -0.74 0.79 24.09
C SER H 111 -0.62 1.87 25.15
N ARG H 112 0.62 2.17 25.51
CA ARG H 112 0.97 3.22 26.46
C ARG H 112 2.16 3.94 25.84
N GLU H 113 2.22 5.24 26.06
CA GLU H 113 3.26 6.11 25.52
C GLU H 113 3.77 6.97 26.67
N TYR H 114 5.09 7.02 26.83
CA TYR H 114 5.68 7.87 27.84
C TYR H 114 6.67 8.84 27.25
N SER H 115 6.42 10.12 27.48
CA SER H 115 7.29 11.19 27.02
C SER H 115 7.95 11.86 28.21
N ASP H 116 9.28 11.91 28.16
CA ASP H 116 10.10 12.71 29.05
C ASP H 116 10.68 13.84 28.20
N GLY H 117 10.39 15.07 28.58
CA GLY H 117 10.96 16.24 27.92
C GLY H 117 11.75 17.10 28.88
N VAL H 118 12.64 17.91 28.33
CA VAL H 118 13.43 18.85 29.11
C VAL H 118 12.56 20.02 29.59
N GLU H 119 11.57 20.41 28.80
CA GLU H 119 10.57 21.34 29.28
C GLU H 119 9.34 20.66 29.84
N GLY H 120 8.63 21.31 30.76
CA GLY H 120 7.31 20.85 31.12
C GLY H 120 7.44 19.67 32.05
N ALA H 121 6.47 18.75 32.01
CA ALA H 121 6.47 17.60 32.90
C ALA H 121 6.09 16.33 32.14
N VAL H 122 6.36 15.19 32.78
CA VAL H 122 6.24 13.90 32.12
C VAL H 122 4.82 13.72 31.58
N GLU H 123 4.72 13.16 30.38
CA GLU H 123 3.42 13.01 29.74
C GLU H 123 3.18 11.57 29.35
N ILE H 124 2.02 11.04 29.70
CA ILE H 124 1.66 9.67 29.41
C ILE H 124 0.44 9.66 28.48
N SER H 125 0.59 9.01 27.34
CA SER H 125 -0.52 8.69 26.45
C SER H 125 -0.79 7.20 26.55
N ILE H 126 -1.98 6.84 27.01
CA ILE H 126 -2.38 5.44 27.09
C ILE H 126 -3.54 5.21 26.14
N SER H 127 -3.41 4.20 25.29
CA SER H 127 -4.40 3.86 24.30
C SER H 127 -5.00 2.50 24.62
N LEU H 128 -6.31 2.37 24.40
CA LEU H 128 -7.07 1.20 24.79
C LEU H 128 -8.11 0.88 23.73
N GLN H 129 -8.40 -0.41 23.57
CA GLN H 129 -9.54 -0.86 22.80
C GLN H 129 -10.64 -1.20 23.78
N VAL H 130 -11.88 -1.22 23.31
CA VAL H 130 -13.00 -1.63 24.14
C VAL H 130 -13.94 -2.47 23.28
N ILE H 131 -14.78 -3.26 23.93
CA ILE H 131 -15.64 -4.20 23.21
C ILE H 131 -17.08 -3.72 23.21
N GLY H 132 -17.27 -2.42 23.38
CA GLY H 132 -18.60 -1.85 23.34
C GLY H 132 -18.94 -1.14 24.63
N GLU H 133 -18.61 0.14 24.71
CA GLU H 133 -19.00 0.95 25.85
C GLU H 133 -20.47 1.36 25.74
N LEU H 134 -21.16 1.26 26.87
CA LEU H 134 -22.60 1.51 26.91
C LEU H 134 -22.84 2.73 27.76
N LYS H 135 -23.95 3.43 27.49
CA LYS H 135 -24.29 4.66 28.18
C LYS H 135 -25.30 4.35 29.27
N ASN H 136 -25.14 4.96 30.44
CA ASN H 136 -26.08 4.79 31.55
C ASN H 136 -25.98 6.00 32.48
N GLY H 137 -26.54 5.87 33.67
CA GLY H 137 -26.30 6.87 34.69
C GLY H 137 -25.30 6.39 35.71
N GLU H 138 -24.51 7.32 36.23
CA GLU H 138 -23.43 7.00 37.14
C GLU H 138 -23.95 6.96 38.55
N ILE H 139 -23.68 5.85 39.26
CA ILE H 139 -24.20 5.67 40.60
C ILE H 139 -23.19 6.15 41.64
N ASP H 140 -21.91 5.82 41.46
CA ASP H 140 -20.92 6.18 42.44
C ASP H 140 -20.48 7.63 42.26
N THR H 141 -20.96 8.50 43.16
CA THR H 141 -20.55 9.90 43.17
C THR H 141 -19.05 10.06 43.36
N LEU H 142 -18.46 9.38 44.37
CA LEU H 142 -17.07 9.50 44.80
C LEU H 142 -16.73 10.97 45.03
N PRO H 143 -17.43 11.65 45.98
CA PRO H 143 -17.50 13.11 45.97
C PRO H 143 -16.20 13.83 46.26
N GLU H 144 -15.18 13.05 46.62
CA GLU H 144 -13.81 13.54 46.77
C GLU H 144 -13.29 14.14 45.48
N GLU H 145 -13.56 13.50 44.34
CA GLU H 145 -12.99 13.91 43.07
C GLU H 145 -14.00 14.52 42.12
N ILE H 146 -15.01 13.78 41.69
CA ILE H 146 -16.04 14.28 40.78
C ILE H 146 -16.81 15.44 41.39
N VAL H 147 -17.37 15.23 42.57
CA VAL H 147 -18.20 16.24 43.21
C VAL H 147 -17.29 17.40 43.62
N ASN H 148 -16.14 17.06 44.20
CA ASN H 148 -15.21 18.07 44.69
C ASN H 148 -13.96 18.17 43.81
N VAL H 149 -13.84 19.24 43.03
CA VAL H 149 -12.58 19.48 42.32
C VAL H 149 -12.14 20.92 42.64
N SER H 150 -11.25 21.04 43.63
CA SER H 150 -10.88 22.35 44.13
C SER H 150 -9.57 22.87 43.53
N LYS H 151 -9.33 24.17 43.58
CA LYS H 151 -8.05 24.70 43.11
C LYS H 151 -6.91 24.54 44.11
N GLY H 152 -7.17 24.05 45.32
CA GLY H 152 -6.15 23.94 46.33
C GLY H 152 -6.14 25.11 47.31
N GLY H 153 -7.02 26.07 47.08
CA GLY H 153 -7.06 27.28 47.90
C GLY H 153 -7.67 27.00 49.27
N TYR H 154 -7.06 27.60 50.28
CA TYR H 154 -7.50 27.51 51.67
C TYR H 154 -7.43 28.91 52.29
N ASP H 155 -8.33 29.18 53.25
CA ASP H 155 -8.69 30.56 53.59
C ASP H 155 -7.56 31.40 54.17
N PHE H 156 -6.88 30.91 55.22
CA PHE H 156 -5.62 31.41 55.78
C PHE H 156 -4.76 30.22 56.21
N GLN H 157 -3.46 30.50 56.36
CA GLN H 157 -2.57 29.75 57.24
C GLN H 157 -1.55 30.75 57.76
N GLN H 158 -1.88 31.44 58.87
CA GLN H 158 -1.07 32.60 59.25
C GLN H 158 -0.28 32.42 60.55
N PRO H 159 -0.69 31.56 61.52
CA PRO H 159 0.24 31.31 62.63
C PRO H 159 1.38 30.38 62.29
N GLY H 160 1.56 30.03 61.03
CA GLY H 160 2.53 29.00 60.69
C GLY H 160 2.13 27.55 60.86
N GLN H 161 1.44 26.95 59.90
CA GLN H 161 1.13 25.53 60.01
C GLN H 161 2.06 24.70 59.14
N THR H 162 3.36 24.70 59.48
CA THR H 162 4.42 23.91 58.83
C THR H 162 4.11 23.64 57.36
N THR H 163 4.35 24.63 56.51
CA THR H 163 3.85 24.57 55.16
C THR H 163 4.96 24.14 54.22
N GLY H 164 4.58 23.63 53.05
CA GLY H 164 5.52 23.33 51.99
C GLY H 164 5.04 23.80 50.64
N GLU H 165 5.53 23.16 49.56
CA GLU H 165 5.17 23.58 48.21
C GLU H 165 3.71 23.27 47.91
N ALA H 166 3.12 22.30 48.61
CA ALA H 166 1.75 21.86 48.41
C ALA H 166 0.81 22.89 49.02
N PRO H 167 -0.47 22.86 48.66
CA PRO H 167 -1.32 24.04 48.75
C PRO H 167 -1.87 24.26 50.16
N GLY H 168 -1.72 23.22 50.97
CA GLY H 168 -1.89 23.32 52.41
C GLY H 168 -1.26 22.26 53.26
N THR H 169 -0.12 22.55 53.89
CA THR H 169 0.44 21.64 54.88
C THR H 169 0.03 22.09 56.28
N VAL H 170 0.20 21.18 57.22
CA VAL H 170 -0.10 21.41 58.64
C VAL H 170 1.14 21.06 59.45
N PRO H 171 1.21 21.42 60.76
CA PRO H 171 2.40 21.07 61.54
C PRO H 171 2.49 19.58 61.79
N ALA H 172 3.55 18.97 61.26
CA ALA H 172 3.77 17.53 61.22
C ALA H 172 2.66 16.79 60.46
N PRO I 1 -24.59 35.64 -0.93
CA PRO I 1 -24.91 34.26 -1.34
C PRO I 1 -25.46 33.66 -0.06
N ILE I 2 -25.34 32.35 0.09
CA ILE I 2 -25.80 31.65 1.28
C ILE I 2 -24.75 31.83 2.36
N MET I 3 -25.20 32.17 3.57
CA MET I 3 -24.31 32.44 4.69
C MET I 3 -23.99 31.15 5.44
N GLY I 4 -22.99 31.24 6.32
CA GLY I 4 -22.63 30.12 7.18
C GLY I 4 -23.70 29.73 8.18
N GLN I 5 -24.46 30.70 8.69
CA GLN I 5 -25.62 30.45 9.52
C GLN I 5 -26.83 30.02 8.71
N ASP I 6 -26.84 30.30 7.41
CA ASP I 6 -28.01 30.10 6.56
C ASP I 6 -28.39 28.64 6.39
N VAL I 7 -27.44 27.73 6.24
CA VAL I 7 -27.74 26.31 6.02
C VAL I 7 -27.82 25.64 7.38
N LYS I 8 -28.99 25.11 7.72
CA LYS I 8 -29.14 24.36 8.96
C LYS I 8 -29.73 22.99 8.70
N TYR I 9 -29.36 22.05 9.55
CA TYR I 9 -29.53 20.62 9.30
C TYR I 9 -30.43 20.04 10.40
N LEU I 10 -31.58 19.51 9.98
CA LEU I 10 -32.47 18.83 10.92
C LEU I 10 -32.59 17.36 10.53
N PHE I 11 -32.66 16.48 11.53
CA PHE I 11 -32.85 15.06 11.31
C PHE I 11 -34.16 14.61 11.94
N GLN I 12 -34.84 13.69 11.26
CA GLN I 12 -36.00 13.04 11.85
C GLN I 12 -35.74 11.55 11.94
N SER I 13 -35.92 11.00 13.14
CA SER I 13 -35.72 9.58 13.38
C SER I 13 -36.82 8.76 12.70
N ILE I 14 -36.44 7.55 12.27
CA ILE I 14 -37.39 6.67 11.60
C ILE I 14 -38.42 6.11 12.56
N ASP I 15 -38.02 5.77 13.78
CA ASP I 15 -38.89 5.07 14.72
C ASP I 15 -39.84 6.01 15.45
N ALA I 16 -39.53 7.31 15.50
CA ALA I 16 -40.37 8.22 16.28
C ALA I 16 -41.78 8.31 15.71
N ALA I 17 -41.87 8.49 14.38
CA ALA I 17 -43.13 8.74 13.66
C ALA I 17 -43.85 9.97 14.19
N THR I 18 -43.10 11.05 14.40
CA THR I 18 -43.63 12.31 14.91
C THR I 18 -43.74 13.30 13.77
N GLY I 19 -44.57 14.32 13.95
CA GLY I 19 -44.79 15.32 12.93
C GLY I 19 -43.81 16.47 12.98
N SER I 20 -42.55 16.18 13.28
CA SER I 20 -41.53 17.23 13.42
C SER I 20 -40.14 16.65 13.61
N ALA I 21 -39.13 17.33 13.07
CA ALA I 21 -37.73 16.93 13.01
C ALA I 21 -36.84 17.75 13.95
N PRO I 22 -36.25 17.13 14.99
CA PRO I 22 -35.37 17.90 15.89
C PRO I 22 -34.07 18.29 15.22
N LEU I 23 -33.63 19.52 15.43
CA LEU I 23 -32.29 19.93 15.07
C LEU I 23 -31.53 20.32 16.31
N PHE I 24 -30.22 20.18 16.26
CA PHE I 24 -29.53 20.29 17.52
C PHE I 24 -28.81 21.63 17.64
N PRO I 25 -28.80 22.27 18.80
CA PRO I 25 -28.11 23.55 18.93
C PRO I 25 -26.60 23.40 19.02
N ALA I 26 -25.93 24.55 19.02
CA ALA I 26 -24.47 24.68 19.11
C ALA I 26 -23.77 23.81 18.07
N TYR I 27 -24.01 24.14 16.80
CA TYR I 27 -23.30 23.49 15.70
C TYR I 27 -21.89 24.05 15.55
N GLN I 28 -20.97 23.18 15.17
CA GLN I 28 -19.59 23.52 14.94
C GLN I 28 -19.47 23.69 13.43
N THR I 29 -19.75 22.64 12.66
CA THR I 29 -19.64 22.72 11.21
C THR I 29 -20.05 21.40 10.56
N ASP I 30 -20.31 21.50 9.26
CA ASP I 30 -21.01 20.47 8.53
C ASP I 30 -20.35 20.32 7.17
N GLY I 31 -19.84 19.14 6.92
CA GLY I 31 -19.36 18.80 5.60
C GLY I 31 -20.16 17.68 5.00
N SER I 32 -20.78 17.94 3.85
CA SER I 32 -21.46 16.93 3.07
C SER I 32 -20.59 16.71 1.84
N VAL I 33 -20.25 15.46 1.59
CA VAL I 33 -19.31 15.11 0.54
C VAL I 33 -19.95 14.04 -0.35
N SER I 34 -19.90 14.27 -1.66
CA SER I 34 -20.70 13.54 -2.63
C SER I 34 -19.79 13.18 -3.80
N GLY I 35 -19.43 11.90 -3.91
CA GLY I 35 -18.54 11.46 -4.95
C GLY I 35 -19.25 10.73 -6.08
N GLU I 36 -19.18 11.28 -7.29
CA GLU I 36 -19.83 10.68 -8.45
C GLU I 36 -18.78 9.92 -9.23
N ARG I 37 -18.80 8.59 -9.13
CA ARG I 37 -17.77 7.75 -9.72
C ARG I 37 -17.90 7.76 -11.24
N GLU I 38 -16.76 7.68 -11.92
CA GLU I 38 -16.67 7.94 -13.35
C GLU I 38 -16.00 6.74 -14.02
N LEU I 39 -15.97 6.78 -15.36
CA LEU I 39 -15.39 5.72 -16.17
C LEU I 39 -13.90 5.62 -15.92
N PHE I 40 -13.41 4.37 -15.90
CA PHE I 40 -11.98 4.09 -15.86
C PHE I 40 -11.40 3.95 -17.25
N ASP I 41 -10.29 4.64 -17.49
CA ASP I 41 -9.31 4.28 -18.50
C ASP I 41 -9.88 4.66 -19.87
N GLU I 42 -9.28 5.68 -20.49
CA GLU I 42 -9.67 6.09 -21.83
C GLU I 42 -9.33 5.07 -22.89
N GLN I 43 -8.20 4.35 -22.72
CA GLN I 43 -7.61 3.42 -23.70
C GLN I 43 -6.99 4.17 -24.88
N THR I 44 -6.66 5.45 -24.66
CA THR I 44 -6.35 6.43 -25.71
C THR I 44 -7.31 6.33 -26.88
N LYS I 45 -8.60 6.51 -26.59
CA LYS I 45 -9.65 6.39 -27.60
C LYS I 45 -10.34 7.73 -27.83
N ASN I 46 -11.68 7.75 -27.73
CA ASN I 46 -12.44 8.99 -27.88
C ASN I 46 -12.90 9.56 -26.54
N GLY I 47 -12.40 9.03 -25.43
CA GLY I 47 -12.80 9.51 -24.11
C GLY I 47 -13.70 8.51 -23.42
N ARG I 48 -13.09 7.49 -22.82
CA ARG I 48 -13.83 6.45 -22.13
C ARG I 48 -13.62 6.66 -20.62
N ILE I 49 -13.37 7.91 -20.24
CA ILE I 49 -13.18 8.26 -18.83
C ILE I 49 -14.17 9.36 -18.44
N LEU I 50 -15.06 9.73 -19.38
CA LEU I 50 -16.10 10.71 -19.09
C LEU I 50 -17.46 10.05 -18.89
N GLY I 51 -17.48 8.78 -18.51
CA GLY I 51 -18.69 7.98 -18.48
C GLY I 51 -19.37 7.95 -17.13
N PRO I 52 -20.62 7.51 -17.12
CA PRO I 52 -21.40 7.54 -15.87
C PRO I 52 -21.00 6.47 -14.87
N GLY I 53 -21.24 6.76 -13.60
CA GLY I 53 -20.91 5.83 -12.53
C GLY I 53 -21.83 6.08 -11.34
N SER I 54 -21.71 5.20 -10.36
CA SER I 54 -22.53 5.32 -9.16
C SER I 54 -22.08 6.51 -8.32
N VAL I 55 -22.90 6.87 -7.34
CA VAL I 55 -22.64 8.02 -6.47
C VAL I 55 -22.39 7.52 -5.05
N ALA I 56 -21.30 8.00 -4.45
CA ALA I 56 -20.98 7.73 -3.06
C ALA I 56 -21.35 8.95 -2.25
N ASP I 57 -22.25 8.77 -1.28
CA ASP I 57 -22.82 9.88 -0.54
C ASP I 57 -22.51 9.69 0.93
N SER I 58 -21.80 10.66 1.49
CA SER I 58 -21.36 10.65 2.88
C SER I 58 -21.37 12.06 3.43
N GLY I 59 -21.67 12.15 4.72
CA GLY I 59 -21.64 13.43 5.41
C GLY I 59 -21.05 13.31 6.79
N GLU I 60 -20.46 14.39 7.29
CA GLU I 60 -19.95 14.44 8.65
C GLU I 60 -20.54 15.69 9.30
N VAL I 61 -20.83 15.60 10.59
CA VAL I 61 -21.44 16.70 11.33
C VAL I 61 -20.70 16.86 12.64
N THR I 62 -20.12 18.04 12.86
CA THR I 62 -19.48 18.32 14.13
C THR I 62 -20.32 19.32 14.92
N TYR I 63 -20.37 19.13 16.24
CA TYR I 63 -21.06 20.07 17.12
C TYR I 63 -20.55 19.89 18.54
N TYR I 64 -20.89 20.84 19.41
CA TYR I 64 -20.57 20.78 20.84
C TYR I 64 -21.74 20.18 21.58
N GLY I 65 -21.49 19.07 22.28
CA GLY I 65 -22.56 18.36 22.96
C GLY I 65 -23.12 19.06 24.18
N LYS I 66 -24.44 19.19 24.24
CA LYS I 66 -25.09 19.74 25.42
C LYS I 66 -25.55 18.60 26.32
N ARG I 67 -25.62 18.89 27.63
CA ARG I 67 -25.88 17.85 28.63
C ARG I 67 -27.02 16.91 28.25
N GLY I 68 -28.18 17.44 27.89
CA GLY I 68 -29.30 16.62 27.44
C GLY I 68 -30.22 17.44 26.55
N ASP I 69 -30.05 17.27 25.24
CA ASP I 69 -30.95 17.76 24.20
C ASP I 69 -31.20 16.69 23.13
N ALA I 70 -32.36 16.79 22.49
CA ALA I 70 -33.06 15.70 21.82
C ALA I 70 -32.46 15.17 20.51
N GLY I 71 -32.02 16.07 19.62
CA GLY I 71 -31.21 15.62 18.48
C GLY I 71 -29.96 14.89 18.90
N GLN I 72 -29.34 15.32 20.01
CA GLN I 72 -28.24 14.56 20.58
C GLN I 72 -28.71 13.20 21.10
N LYS I 73 -29.76 13.16 21.92
CA LYS I 73 -30.35 11.89 22.29
C LYS I 73 -30.89 11.14 21.08
N ALA I 74 -31.26 11.85 20.02
CA ALA I 74 -31.54 11.17 18.76
C ALA I 74 -30.28 10.56 18.17
N ILE I 75 -29.18 11.31 18.19
CA ILE I 75 -27.89 10.76 17.79
C ILE I 75 -27.51 9.58 18.69
N GLU I 76 -27.80 9.69 19.98
CA GLU I 76 -27.44 8.62 20.92
C GLU I 76 -28.15 7.32 20.60
N ASP I 77 -29.49 7.33 20.48
CA ASP I 77 -30.19 6.16 19.96
C ASP I 77 -29.76 5.84 18.53
N ALA I 78 -29.51 6.87 17.72
CA ALA I 78 -29.00 6.61 16.39
C ALA I 78 -27.81 5.67 16.42
N TYR I 79 -26.72 6.05 17.10
CA TYR I 79 -25.51 5.25 17.07
C TYR I 79 -25.58 4.08 18.05
N GLN I 80 -25.99 4.36 19.30
CA GLN I 80 -25.84 3.41 20.38
C GLN I 80 -26.90 2.31 20.34
N ASN I 81 -28.12 2.65 19.92
CA ASN I 81 -29.13 1.62 19.69
C ASN I 81 -28.96 0.99 18.32
N GLY I 82 -28.39 1.73 17.37
CA GLY I 82 -28.15 1.23 16.04
C GLY I 82 -29.37 1.36 15.14
N LYS I 83 -29.62 2.57 14.66
CA LYS I 83 -30.74 2.89 13.78
C LYS I 83 -30.21 3.85 12.71
N GLN I 84 -30.90 3.95 11.59
CA GLN I 84 -30.68 4.98 10.60
C GLN I 84 -31.59 6.16 10.90
N ILE I 85 -31.12 7.36 10.60
CA ILE I 85 -31.93 8.56 10.84
C ILE I 85 -32.17 9.28 9.53
N LYS I 86 -33.34 9.91 9.42
CA LYS I 86 -33.69 10.71 8.25
C LYS I 86 -33.00 12.06 8.36
N PHE I 87 -32.47 12.52 7.23
CA PHE I 87 -31.52 13.62 7.15
C PHE I 87 -32.12 14.76 6.34
N TRP I 88 -32.19 15.94 6.96
CA TRP I 88 -32.75 17.15 6.37
C TRP I 88 -31.73 18.27 6.51
N ARG I 89 -31.40 18.93 5.40
CA ARG I 89 -30.55 20.12 5.43
C ARG I 89 -31.27 21.22 4.66
N VAL I 90 -31.66 22.28 5.35
CA VAL I 90 -32.48 23.32 4.74
C VAL I 90 -31.81 24.66 4.93
N ASP I 91 -32.28 25.63 4.14
CA ASP I 91 -31.76 26.98 4.22
C ASP I 91 -32.73 27.88 4.98
N THR I 92 -32.15 28.76 5.80
CA THR I 92 -32.89 29.67 6.66
C THR I 92 -33.57 30.78 5.89
N VAL I 93 -33.02 31.19 4.75
CA VAL I 93 -33.65 32.21 3.92
C VAL I 93 -34.96 31.67 3.34
N LYS I 94 -35.99 32.49 3.40
CA LYS I 94 -37.33 32.07 2.99
C LYS I 94 -37.34 31.75 1.49
N ASN I 95 -37.91 30.60 1.15
CA ASN I 95 -38.14 30.25 -0.25
C ASN I 95 -39.34 31.02 -0.77
N GLU I 96 -39.22 31.51 -2.00
CA GLU I 96 -40.27 32.31 -2.61
C GLU I 96 -41.38 31.51 -3.26
N ASN I 97 -41.12 30.24 -3.61
CA ASN I 97 -42.22 29.36 -4.02
C ASN I 97 -42.23 28.10 -3.16
N ASP I 98 -41.71 28.18 -1.94
CA ASP I 98 -41.90 27.14 -0.95
C ASP I 98 -41.69 27.75 0.43
N LYS I 99 -41.90 26.96 1.48
CA LYS I 99 -41.57 27.38 2.83
C LYS I 99 -40.08 27.65 2.95
N TYR I 100 -39.27 26.62 2.72
CA TYR I 100 -37.83 26.70 2.77
C TYR I 100 -37.28 25.79 1.67
N ASP I 101 -35.97 25.79 1.50
CA ASP I 101 -35.34 24.92 0.51
C ASP I 101 -34.39 23.96 1.21
N ALA I 102 -34.44 22.71 0.76
CA ALA I 102 -33.87 21.61 1.55
C ALA I 102 -33.11 20.67 0.63
N GLN I 103 -32.25 19.86 1.25
CA GLN I 103 -31.79 18.60 0.70
C GLN I 103 -32.06 17.54 1.75
N PHE I 104 -32.45 16.35 1.29
CA PHE I 104 -33.07 15.33 2.12
C PHE I 104 -32.45 13.97 1.88
N GLY I 105 -32.45 13.12 2.91
CA GLY I 105 -32.04 11.75 2.69
C GLY I 105 -32.32 10.89 3.91
N PHE I 106 -32.01 9.60 3.76
CA PHE I 106 -31.96 8.68 4.89
C PHE I 106 -30.50 8.32 5.13
N ALA I 107 -30.06 8.43 6.37
CA ALA I 107 -28.65 8.33 6.71
C ALA I 107 -28.44 7.39 7.90
N TYR I 108 -27.18 6.98 8.04
CA TYR I 108 -26.78 5.98 9.03
C TYR I 108 -25.64 6.57 9.84
N ILE I 109 -25.41 5.99 11.03
CA ILE I 109 -24.34 6.47 11.90
C ILE I 109 -23.06 5.71 11.59
N GLU I 110 -22.29 6.18 10.61
CA GLU I 110 -21.03 5.55 10.27
C GLU I 110 -19.99 5.62 11.39
N SER I 111 -19.83 6.77 12.04
CA SER I 111 -18.94 6.87 13.18
C SER I 111 -19.31 8.08 14.01
N ARG I 112 -18.86 8.09 15.26
CA ARG I 112 -19.05 9.20 16.19
C ARG I 112 -17.70 9.35 16.88
N GLU I 113 -17.37 10.60 17.20
CA GLU I 113 -16.11 10.97 17.82
C GLU I 113 -16.44 11.89 18.99
N TYR I 114 -15.88 11.60 20.15
CA TYR I 114 -16.07 12.46 21.32
C TYR I 114 -14.74 12.92 21.88
N SER I 115 -14.59 14.24 21.95
CA SER I 115 -13.40 14.86 22.50
C SER I 115 -13.76 15.58 23.79
N ASP I 116 -13.04 15.22 24.85
CA ASP I 116 -13.02 15.94 26.12
C ASP I 116 -11.65 16.60 26.21
N GLY I 117 -11.65 17.92 26.34
CA GLY I 117 -10.43 18.66 26.54
C GLY I 117 -10.47 19.47 27.82
N VAL I 118 -9.29 19.83 28.32
CA VAL I 118 -9.17 20.67 29.51
C VAL I 118 -9.55 22.11 29.21
N GLU I 119 -9.30 22.58 27.98
CA GLU I 119 -9.84 23.85 27.54
C GLU I 119 -11.15 23.71 26.79
N GLY I 120 -11.99 24.74 26.82
CA GLY I 120 -13.11 24.78 25.90
C GLY I 120 -14.20 23.88 26.42
N ALA I 121 -14.99 23.30 25.50
CA ALA I 121 -16.10 22.44 25.90
C ALA I 121 -16.16 21.19 25.02
N VAL I 122 -16.93 20.21 25.48
CA VAL I 122 -16.96 18.89 24.86
C VAL I 122 -17.31 19.01 23.39
N GLU I 123 -16.63 18.23 22.55
CA GLU I 123 -16.84 18.33 21.12
C GLU I 123 -17.17 16.96 20.53
N ILE I 124 -18.22 16.91 19.73
CA ILE I 124 -18.67 15.67 19.13
C ILE I 124 -18.57 15.79 17.61
N SER I 125 -17.83 14.86 17.01
CA SER I 125 -17.81 14.69 15.57
C SER I 125 -18.56 13.41 15.24
N ILE I 126 -19.66 13.53 14.50
CA ILE I 126 -20.43 12.38 14.07
C ILE I 126 -20.36 12.28 12.56
N SER I 127 -19.99 11.10 12.07
CA SER I 127 -19.83 10.82 10.66
C SER I 127 -20.89 9.82 10.20
N LEU I 128 -21.42 10.04 9.01
CA LEU I 128 -22.53 9.27 8.49
C LEU I 128 -22.34 9.02 7.00
N GLN I 129 -22.83 7.87 6.54
CA GLN I 129 -22.96 7.61 5.12
C GLN I 129 -24.42 7.84 4.74
N VAL I 130 -24.69 8.07 3.46
CA VAL I 130 -26.05 8.21 2.99
C VAL I 130 -26.15 7.51 1.64
N ILE I 131 -27.38 7.18 1.25
CA ILE I 131 -27.59 6.38 0.04
C ILE I 131 -28.13 7.25 -1.08
N GLY I 132 -27.89 8.56 -0.99
CA GLY I 132 -28.33 9.45 -2.03
C GLY I 132 -29.25 10.52 -1.49
N GLU I 133 -28.68 11.64 -1.05
CA GLU I 133 -29.48 12.77 -0.62
C GLU I 133 -29.99 13.55 -1.83
N LEU I 134 -31.26 13.93 -1.76
CA LEU I 134 -31.93 14.59 -2.88
C LEU I 134 -32.27 16.00 -2.45
N LYS I 135 -32.37 16.90 -3.43
CA LYS I 135 -32.64 18.31 -3.18
C LYS I 135 -34.12 18.57 -3.41
N ASN I 136 -34.73 19.37 -2.54
CA ASN I 136 -36.13 19.76 -2.69
C ASN I 136 -36.37 21.07 -1.94
N GLY I 137 -37.63 21.39 -1.73
CA GLY I 137 -37.96 22.50 -0.84
C GLY I 137 -38.42 22.01 0.51
N GLU I 138 -38.09 22.77 1.54
CA GLU I 138 -38.37 22.36 2.91
C GLU I 138 -39.76 22.83 3.30
N ILE I 139 -40.57 21.89 3.79
CA ILE I 139 -41.95 22.20 4.12
C ILE I 139 -42.09 22.60 5.59
N ASP I 140 -41.42 21.87 6.48
CA ASP I 140 -41.55 22.16 7.90
C ASP I 140 -40.66 23.33 8.31
N THR I 141 -41.30 24.49 8.53
CA THR I 141 -40.60 25.66 9.02
C THR I 141 -39.93 25.42 10.36
N LEU I 142 -40.66 24.86 11.35
CA LEU I 142 -40.25 24.68 12.73
C LEU I 142 -39.73 25.99 13.30
N PRO I 143 -40.58 27.04 13.35
CA PRO I 143 -40.07 28.42 13.45
C PRO I 143 -39.39 28.77 14.75
N GLU I 144 -39.44 27.85 15.70
CA GLU I 144 -38.69 27.93 16.94
C GLU I 144 -37.19 28.03 16.69
N GLU I 145 -36.68 27.24 15.75
CA GLU I 145 -35.24 27.15 15.53
C GLU I 145 -34.78 27.78 14.22
N ILE I 146 -35.22 27.29 13.08
CA ILE I 146 -34.85 27.83 11.78
C ILE I 146 -35.30 29.27 11.63
N VAL I 147 -36.58 29.53 11.82
CA VAL I 147 -37.14 30.86 11.63
C VAL I 147 -36.58 31.76 12.72
N ASN I 148 -36.56 31.25 13.96
CA ASN I 148 -36.12 32.04 15.10
C ASN I 148 -34.77 31.55 15.62
N VAL I 149 -33.71 32.32 15.40
CA VAL I 149 -32.43 32.01 16.03
C VAL I 149 -31.93 33.28 16.72
N SER I 150 -32.22 33.38 18.02
CA SER I 150 -31.94 34.60 18.75
C SER I 150 -30.63 34.56 19.52
N LYS I 151 -30.07 35.70 19.89
CA LYS I 151 -28.86 35.71 20.71
C LYS I 151 -29.13 35.47 22.19
N GLY I 152 -30.38 35.39 22.62
CA GLY I 152 -30.70 35.22 24.04
C GLY I 152 -31.03 36.53 24.72
N GLY I 153 -30.95 37.63 23.99
CA GLY I 153 -31.18 38.95 24.54
C GLY I 153 -32.66 39.21 24.80
N TYR I 154 -32.93 39.83 25.94
CA TYR I 154 -34.26 40.21 26.38
C TYR I 154 -34.21 41.63 26.94
N ASP I 155 -35.32 42.37 26.78
CA ASP I 155 -35.27 43.83 26.84
C ASP I 155 -34.85 44.43 28.18
N PHE I 156 -35.50 44.02 29.28
CA PHE I 156 -35.13 44.25 30.68
C PHE I 156 -35.46 43.00 31.50
N GLN I 157 -34.83 42.92 32.66
CA GLN I 157 -35.34 42.18 33.81
C GLN I 157 -34.87 42.92 35.05
N GLN I 158 -35.64 43.93 35.50
CA GLN I 158 -35.12 44.87 36.48
C GLN I 158 -35.80 44.77 37.86
N PRO I 159 -37.07 44.33 37.99
CA PRO I 159 -37.57 44.10 39.35
C PRO I 159 -37.06 42.82 39.99
N GLY I 160 -36.11 42.14 39.37
CA GLY I 160 -35.72 40.82 39.85
C GLY I 160 -36.59 39.64 39.48
N GLN I 161 -36.40 39.05 38.29
CA GLN I 161 -37.16 37.86 37.95
C GLN I 161 -36.32 36.60 38.12
N THR I 162 -35.92 36.31 39.37
CA THR I 162 -35.17 35.11 39.77
C THR I 162 -34.27 34.60 38.65
N THR I 163 -33.12 35.25 38.47
CA THR I 163 -32.34 35.01 37.28
C THR I 163 -31.19 34.06 37.61
N GLY I 164 -30.66 33.41 36.56
CA GLY I 164 -29.46 32.61 36.69
C GLY I 164 -28.47 32.86 35.58
N GLU I 165 -27.62 31.88 35.28
CA GLU I 165 -26.58 32.04 34.25
C GLU I 165 -27.19 32.11 32.86
N ALA I 166 -28.40 31.54 32.70
CA ALA I 166 -29.09 31.49 31.41
C ALA I 166 -29.67 32.86 31.11
N PRO I 167 -30.04 33.12 29.86
CA PRO I 167 -30.12 34.50 29.35
C PRO I 167 -31.41 35.19 29.73
N GLY I 168 -32.36 34.38 30.21
CA GLY I 168 -33.53 34.88 30.90
C GLY I 168 -34.27 33.90 31.80
N THR I 169 -34.08 34.00 33.11
CA THR I 169 -34.90 33.23 34.03
C THR I 169 -36.04 34.10 34.56
N VAL I 170 -37.03 33.43 35.14
CA VAL I 170 -38.19 34.07 35.73
C VAL I 170 -38.34 33.58 37.17
N PRO I 171 -39.19 34.20 38.01
CA PRO I 171 -39.34 33.73 39.39
C PRO I 171 -40.03 32.38 39.45
N ALA I 172 -39.30 31.38 39.94
CA ALA I 172 -39.68 29.97 39.94
C ALA I 172 -39.91 29.43 38.53
N PRO J 1 1.27 39.86 -16.74
CA PRO J 1 0.93 38.58 -17.38
C PRO J 1 -0.57 38.50 -17.16
N ILE J 2 -1.10 37.28 -17.12
CA ILE J 2 -2.52 37.05 -16.89
C ILE J 2 -2.78 37.18 -15.39
N MET J 3 -3.82 37.91 -15.04
CA MET J 3 -4.15 38.17 -13.65
C MET J 3 -5.05 37.08 -13.08
N GLY J 4 -5.21 37.08 -11.76
CA GLY J 4 -6.10 36.16 -11.10
C GLY J 4 -7.57 36.33 -11.44
N GLN J 5 -7.99 37.58 -11.66
CA GLN J 5 -9.33 37.87 -12.16
C GLN J 5 -9.46 37.64 -13.65
N ASP J 6 -8.33 37.59 -14.37
CA ASP J 6 -8.34 37.54 -15.82
C ASP J 6 -8.92 36.26 -16.40
N VAL J 7 -8.65 35.10 -15.81
CA VAL J 7 -9.14 33.82 -16.32
C VAL J 7 -10.50 33.55 -15.69
N LYS J 8 -11.55 33.49 -16.50
CA LYS J 8 -12.86 33.15 -15.98
C LYS J 8 -13.46 31.98 -16.76
N TYR J 9 -14.28 31.20 -16.07
CA TYR J 9 -14.70 29.86 -16.51
C TYR J 9 -16.21 29.86 -16.68
N LEU J 10 -16.66 29.60 -17.90
CA LEU J 10 -18.09 29.45 -18.17
C LEU J 10 -18.37 28.03 -18.64
N PHE J 11 -19.51 27.48 -18.21
CA PHE J 11 -19.95 26.17 -18.64
C PHE J 11 -21.27 26.29 -19.40
N GLN J 12 -21.41 25.47 -20.45
CA GLN J 12 -22.70 25.35 -21.11
C GLN J 12 -23.17 23.91 -21.00
N SER J 13 -24.41 23.74 -20.53
CA SER J 13 -25.01 22.42 -20.38
C SER J 13 -25.34 21.82 -21.74
N ILE J 14 -25.23 20.48 -21.82
CA ILE J 14 -25.51 19.78 -23.06
C ILE J 14 -26.98 19.82 -23.41
N ASP J 15 -27.87 19.67 -22.42
CA ASP J 15 -29.29 19.50 -22.68
C ASP J 15 -30.00 20.83 -22.93
N ALA J 16 -29.42 21.95 -22.51
CA ALA J 16 -30.12 23.23 -22.64
C ALA J 16 -30.35 23.59 -24.10
N ALA J 17 -29.30 23.46 -24.93
CA ALA J 17 -29.26 23.88 -26.34
C ALA J 17 -29.60 25.36 -26.50
N THR J 18 -29.00 26.19 -25.64
CA THR J 18 -29.21 27.63 -25.65
C THR J 18 -28.00 28.31 -26.29
N GLY J 19 -28.19 29.54 -26.76
CA GLY J 19 -27.14 30.27 -27.41
C GLY J 19 -26.28 31.07 -26.45
N SER J 20 -25.98 30.50 -25.29
CA SER J 20 -25.20 31.21 -24.28
C SER J 20 -24.86 30.32 -23.10
N ALA J 21 -23.67 30.53 -22.51
CA ALA J 21 -23.06 29.72 -21.45
C ALA J 21 -23.07 30.45 -20.10
N PRO J 22 -23.81 29.96 -19.08
CA PRO J 22 -23.78 30.64 -17.79
C PRO J 22 -22.46 30.45 -17.06
N LEU J 23 -21.95 31.53 -16.46
CA LEU J 23 -20.85 31.42 -15.53
C LEU J 23 -21.30 31.87 -14.15
N PHE J 24 -20.65 31.34 -13.13
CA PHE J 24 -21.25 31.54 -11.84
C PHE J 24 -20.49 32.61 -11.05
N PRO J 25 -21.18 33.48 -10.31
CA PRO J 25 -20.46 34.50 -9.54
C PRO J 25 -19.83 33.94 -8.27
N ALA J 26 -19.07 34.81 -7.60
CA ALA J 26 -18.35 34.53 -6.35
C ALA J 26 -17.49 33.27 -6.47
N TYR J 27 -16.51 33.34 -7.35
CA TYR J 27 -15.52 32.26 -7.47
C TYR J 27 -14.49 32.34 -6.35
N GLN J 28 -14.05 31.17 -5.92
CA GLN J 28 -13.06 31.03 -4.88
C GLN J 28 -11.74 30.78 -5.63
N THR J 29 -11.66 29.71 -6.41
CA THR J 29 -10.45 29.40 -7.15
C THR J 29 -10.62 28.14 -7.99
N ASP J 30 -9.70 27.99 -8.94
CA ASP J 30 -9.85 27.07 -10.03
C ASP J 30 -8.51 26.41 -10.28
N GLY J 31 -8.48 25.10 -10.13
CA GLY J 31 -7.33 24.33 -10.54
C GLY J 31 -7.66 23.38 -11.66
N SER J 32 -6.97 23.53 -12.78
CA SER J 32 -7.08 22.60 -13.90
C SER J 32 -5.75 21.85 -13.92
N VAL J 33 -5.84 20.52 -13.91
CA VAL J 33 -4.67 19.68 -13.79
C VAL J 33 -4.69 18.66 -14.93
N SER J 34 -3.55 18.55 -15.60
CA SER J 34 -3.45 17.86 -16.89
C SER J 34 -2.20 16.98 -16.86
N GLY J 35 -2.42 15.67 -16.76
CA GLY J 35 -1.30 14.75 -16.69
C GLY J 35 -1.04 14.01 -17.98
N GLU J 36 0.14 14.19 -18.56
CA GLU J 36 0.51 13.56 -19.82
C GLU J 36 1.38 12.35 -19.49
N ARG J 37 0.80 11.16 -19.59
CA ARG J 37 1.48 9.94 -19.18
C ARG J 37 2.61 9.62 -20.15
N GLU J 38 3.68 9.04 -19.62
CA GLU J 38 4.94 8.91 -20.34
C GLU J 38 5.38 7.45 -20.32
N LEU J 39 6.45 7.15 -21.04
CA LEU J 39 6.99 5.81 -21.15
C LEU J 39 7.51 5.33 -19.79
N PHE J 40 7.29 4.05 -19.52
CA PHE J 40 7.88 3.38 -18.36
C PHE J 40 9.21 2.76 -18.70
N ASP J 41 10.21 3.01 -17.86
CA ASP J 41 11.37 2.14 -17.69
C ASP J 41 12.29 2.33 -18.89
N GLU J 42 13.44 2.95 -18.65
CA GLU J 42 14.45 3.11 -19.69
C GLU J 42 15.08 1.81 -20.12
N GLN J 43 15.25 0.87 -19.18
CA GLN J 43 15.98 -0.40 -19.36
C GLN J 43 17.49 -0.18 -19.45
N THR J 44 17.95 0.96 -18.92
CA THR J 44 19.28 1.53 -19.17
C THR J 44 19.68 1.43 -20.63
N LYS J 45 18.87 2.05 -21.50
CA LYS J 45 19.08 1.99 -22.94
C LYS J 45 19.40 3.38 -23.49
N ASN J 46 18.66 3.81 -24.52
CA ASN J 46 18.85 5.14 -25.09
C ASN J 46 17.78 6.13 -24.64
N GLY J 47 16.96 5.77 -23.66
CA GLY J 47 15.91 6.63 -23.17
C GLY J 47 14.55 6.14 -23.61
N ARG J 48 14.02 5.17 -22.88
CA ARG J 48 12.72 4.59 -23.21
C ARG J 48 11.72 5.08 -22.15
N ILE J 49 11.99 6.26 -21.60
CA ILE J 49 11.11 6.87 -20.61
C ILE J 49 10.71 8.26 -21.07
N LEU J 50 11.13 8.65 -22.28
CA LEU J 50 10.74 9.92 -22.87
C LEU J 50 9.66 9.75 -23.92
N GLY J 51 8.88 8.68 -23.86
CA GLY J 51 7.96 8.30 -24.91
C GLY J 51 6.55 8.79 -24.70
N PRO J 52 5.74 8.75 -25.76
CA PRO J 52 4.39 9.31 -25.67
C PRO J 52 3.42 8.44 -24.89
N GLY J 53 2.40 9.09 -24.33
CA GLY J 53 1.39 8.40 -23.54
C GLY J 53 0.10 9.18 -23.59
N SER J 54 -0.93 8.56 -23.02
CA SER J 54 -2.24 9.20 -22.98
C SER J 54 -2.24 10.38 -22.01
N VAL J 55 -3.30 11.19 -22.08
CA VAL J 55 -3.42 12.38 -21.26
C VAL J 55 -4.59 12.19 -20.29
N ALA J 56 -4.35 12.47 -19.02
CA ALA J 56 -5.37 12.45 -17.98
C ALA J 56 -5.75 13.89 -17.69
N ASP J 57 -7.03 14.22 -17.88
CA ASP J 57 -7.49 15.59 -17.82
C ASP J 57 -8.57 15.68 -16.73
N SER J 58 -8.28 16.51 -15.74
CA SER J 58 -9.16 16.70 -14.59
C SER J 58 -9.09 18.15 -14.12
N GLY J 59 -10.21 18.64 -13.62
CA GLY J 59 -10.26 19.97 -13.07
C GLY J 59 -11.11 20.03 -11.81
N GLU J 60 -10.80 20.97 -10.94
CA GLU J 60 -11.60 21.21 -9.74
C GLU J 60 -11.94 22.69 -9.71
N VAL J 61 -13.14 23.01 -9.23
CA VAL J 61 -13.63 24.38 -9.18
C VAL J 61 -14.22 24.63 -7.81
N THR J 62 -13.68 25.60 -7.08
CA THR J 62 -14.25 25.99 -5.81
C THR J 62 -14.93 27.34 -5.94
N TYR J 63 -16.06 27.50 -5.24
CA TYR J 63 -16.75 28.79 -5.20
C TYR J 63 -17.67 28.82 -3.99
N TYR J 64 -18.18 30.00 -3.66
CA TYR J 64 -19.15 30.20 -2.60
C TYR J 64 -20.55 30.16 -3.19
N GLY J 65 -21.38 29.24 -2.71
CA GLY J 65 -22.70 29.06 -3.27
C GLY J 65 -23.68 30.16 -2.95
N LYS J 66 -24.35 30.68 -3.98
CA LYS J 66 -25.40 31.66 -3.78
C LYS J 66 -26.76 30.95 -3.74
N ARG J 67 -27.72 31.56 -3.03
CA ARG J 67 -29.01 30.92 -2.78
C ARG J 67 -29.63 30.30 -4.03
N GLY J 68 -29.74 31.03 -5.13
CA GLY J 68 -30.25 30.49 -6.37
C GLY J 68 -29.73 31.30 -7.55
N ASP J 69 -28.67 30.77 -8.17
CA ASP J 69 -28.12 31.24 -9.45
C ASP J 69 -27.79 30.06 -10.38
N ALA J 70 -27.85 30.34 -11.68
CA ALA J 70 -28.07 29.36 -12.75
C ALA J 70 -26.93 28.40 -13.06
N GLY J 71 -25.68 28.87 -13.12
CA GLY J 71 -24.55 27.95 -13.16
C GLY J 71 -24.52 27.01 -11.97
N GLN J 72 -24.91 27.49 -10.79
CA GLN J 72 -25.08 26.60 -9.66
C GLN J 72 -26.22 25.62 -9.88
N LYS J 73 -27.40 26.09 -10.27
CA LYS J 73 -28.45 25.16 -10.67
C LYS J 73 -28.05 24.34 -11.88
N ALA J 74 -27.14 24.85 -12.72
CA ALA J 74 -26.54 24.00 -13.74
C ALA J 74 -25.68 22.92 -13.11
N ILE J 75 -24.85 23.29 -12.13
CA ILE J 75 -24.10 22.31 -11.35
C ILE J 75 -25.04 21.33 -10.67
N GLU J 76 -26.16 21.83 -10.15
CA GLU J 76 -27.09 20.97 -9.44
C GLU J 76 -27.69 19.88 -10.33
N ASP J 77 -28.25 20.25 -11.49
CA ASP J 77 -28.62 19.25 -12.48
C ASP J 77 -27.40 18.49 -12.98
N ALA J 78 -26.27 19.17 -13.14
CA ALA J 78 -25.06 18.46 -13.51
C ALA J 78 -24.83 17.24 -12.63
N TYR J 79 -24.68 17.45 -11.31
CA TYR J 79 -24.34 16.35 -10.42
C TYR J 79 -25.56 15.52 -10.04
N GLN J 80 -26.64 16.20 -9.64
CA GLN J 80 -27.76 15.54 -8.99
C GLN J 80 -28.66 14.83 -10.00
N ASN J 81 -28.82 15.40 -11.20
CA ASN J 81 -29.53 14.68 -12.25
C ASN J 81 -28.60 13.71 -12.97
N GLY J 82 -27.30 14.00 -12.96
CA GLY J 82 -26.31 13.15 -13.59
C GLY J 82 -26.17 13.40 -15.08
N LYS J 83 -25.49 14.48 -15.43
CA LYS J 83 -25.23 14.89 -16.81
C LYS J 83 -23.79 15.37 -16.88
N GLN J 84 -23.23 15.38 -18.08
CA GLN J 84 -21.96 16.03 -18.35
C GLN J 84 -22.23 17.46 -18.80
N ILE J 85 -21.32 18.37 -18.47
CA ILE J 85 -21.48 19.77 -18.85
C ILE J 85 -20.31 20.20 -19.72
N LYS J 86 -20.59 21.08 -20.68
CA LYS J 86 -19.56 21.64 -21.54
C LYS J 86 -18.81 22.72 -20.77
N PHE J 87 -17.48 22.72 -20.94
CA PHE J 87 -16.54 23.45 -20.10
C PHE J 87 -15.81 24.49 -20.93
N TRP J 88 -15.89 25.74 -20.51
CA TRP J 88 -15.27 26.88 -21.17
C TRP J 88 -14.46 27.66 -20.14
N ARG J 89 -13.19 27.90 -20.44
CA ARG J 89 -12.35 28.77 -19.60
C ARG J 89 -11.71 29.81 -20.52
N VAL J 90 -12.06 31.07 -20.32
CA VAL J 90 -11.62 32.11 -21.23
C VAL J 90 -10.95 33.22 -20.43
N ASP J 91 -10.22 34.06 -21.15
CA ASP J 91 -9.52 35.18 -20.55
C ASP J 91 -10.27 36.47 -20.81
N THR J 92 -10.31 37.32 -19.77
CA THR J 92 -11.03 38.58 -19.79
C THR J 92 -10.36 39.63 -20.67
N VAL J 93 -9.04 39.57 -20.82
CA VAL J 93 -8.35 40.50 -21.71
C VAL J 93 -8.73 40.23 -23.16
N LYS J 94 -9.00 41.31 -23.88
CA LYS J 94 -9.51 41.21 -25.25
C LYS J 94 -8.47 40.55 -26.14
N ASN J 95 -8.90 39.57 -26.92
CA ASN J 95 -8.05 38.98 -27.94
C ASN J 95 -7.97 39.91 -29.15
N GLU J 96 -6.75 40.04 -29.70
CA GLU J 96 -6.52 40.93 -30.82
C GLU J 96 -6.86 40.35 -32.18
N ASN J 97 -6.91 39.03 -32.31
CA ASN J 97 -7.47 38.43 -33.51
C ASN J 97 -8.61 37.47 -33.17
N ASP J 98 -9.27 37.69 -32.05
CA ASP J 98 -10.52 37.02 -31.73
C ASP J 98 -11.27 37.86 -30.71
N LYS J 99 -12.49 37.44 -30.37
CA LYS J 99 -13.23 38.07 -29.29
C LYS J 99 -12.47 37.91 -27.97
N TYR J 100 -12.25 36.66 -27.56
CA TYR J 100 -11.54 36.32 -26.35
C TYR J 100 -10.73 35.06 -26.63
N ASP J 101 -9.93 34.64 -25.66
CA ASP J 101 -9.16 33.41 -25.80
C ASP J 101 -9.59 32.41 -24.73
N ALA J 102 -9.72 31.16 -25.15
CA ALA J 102 -10.43 30.18 -24.37
C ALA J 102 -9.68 28.86 -24.37
N GLN J 103 -10.02 28.01 -23.40
CA GLN J 103 -9.81 26.57 -23.48
C GLN J 103 -11.16 25.92 -23.22
N PHE J 104 -11.43 24.82 -23.92
CA PHE J 104 -12.77 24.27 -24.05
C PHE J 104 -12.75 22.77 -23.82
N GLY J 105 -13.86 22.23 -23.33
CA GLY J 105 -13.99 20.79 -23.27
C GLY J 105 -15.40 20.37 -22.89
N PHE J 106 -15.60 19.05 -22.86
CA PHE J 106 -16.78 18.45 -22.27
C PHE J 106 -16.37 17.76 -20.98
N ALA J 107 -17.08 18.03 -19.90
CA ALA J 107 -16.68 17.61 -18.58
C ALA J 107 -17.83 16.96 -17.82
N TYR J 108 -17.47 16.25 -16.76
CA TYR J 108 -18.40 15.45 -15.98
C TYR J 108 -18.26 15.86 -14.53
N ILE J 109 -19.27 15.55 -13.71
CA ILE J 109 -19.25 15.89 -12.29
C ILE J 109 -18.63 14.73 -11.51
N GLU J 110 -17.31 14.72 -11.41
CA GLU J 110 -16.64 13.68 -10.63
C GLU J 110 -16.95 13.71 -9.15
N SER J 111 -16.98 14.89 -8.52
CA SER J 111 -17.39 14.99 -7.13
C SER J 111 -17.78 16.43 -6.83
N ARG J 112 -18.54 16.61 -5.75
CA ARG J 112 -18.96 17.91 -5.25
C ARG J 112 -18.76 17.84 -3.74
N GLU J 113 -18.39 18.97 -3.16
CA GLU J 113 -18.11 19.10 -1.74
C GLU J 113 -18.86 20.32 -1.24
N TYR J 114 -19.60 20.18 -0.15
CA TYR J 114 -20.30 21.30 0.45
C TYR J 114 -19.90 21.49 1.90
N SER J 115 -19.39 22.67 2.21
CA SER J 115 -19.01 23.04 3.55
C SER J 115 -19.93 24.12 4.08
N ASP J 116 -20.53 23.84 5.23
CA ASP J 116 -21.25 24.80 6.05
C ASP J 116 -20.40 25.04 7.28
N GLY J 117 -20.02 26.29 7.49
CA GLY J 117 -19.29 26.68 8.69
C GLY J 117 -20.02 27.75 9.47
N VAL J 118 -19.69 27.85 10.75
CA VAL J 118 -20.26 28.88 11.62
C VAL J 118 -19.69 30.26 11.29
N GLU J 119 -18.44 30.31 10.84
CA GLU J 119 -17.90 31.55 10.29
C GLU J 119 -18.02 31.61 8.78
N GLY J 120 -18.09 32.81 8.22
CA GLY J 120 -17.92 32.97 6.78
C GLY J 120 -19.20 32.57 6.09
N ALA J 121 -19.10 32.04 4.87
CA ALA J 121 -20.27 31.67 4.10
C ALA J 121 -20.07 30.31 3.42
N VAL J 122 -21.17 29.74 2.95
CA VAL J 122 -21.18 28.38 2.45
C VAL J 122 -20.16 28.23 1.32
N GLU J 123 -19.44 27.11 1.32
CA GLU J 123 -18.38 26.91 0.33
C GLU J 123 -18.60 25.60 -0.41
N ILE J 124 -18.51 25.67 -1.73
CA ILE J 124 -18.72 24.51 -2.58
C ILE J 124 -17.43 24.22 -3.34
N SER J 125 -16.93 23.01 -3.19
CA SER J 125 -15.86 22.49 -4.02
C SER J 125 -16.44 21.45 -4.95
N ILE J 126 -16.37 21.70 -6.26
CA ILE J 126 -16.84 20.74 -7.25
C ILE J 126 -15.65 20.26 -8.06
N SER J 127 -15.52 18.95 -8.17
CA SER J 127 -14.42 18.31 -8.88
C SER J 127 -14.97 17.58 -10.10
N LEU J 128 -14.21 17.64 -11.19
CA LEU J 128 -14.65 17.13 -12.48
C LEU J 128 -13.48 16.48 -13.20
N GLN J 129 -13.77 15.45 -13.98
CA GLN J 129 -12.83 14.89 -14.94
C GLN J 129 -13.18 15.46 -16.31
N VAL J 130 -12.22 15.43 -17.23
CA VAL J 130 -12.49 15.84 -18.59
C VAL J 130 -11.74 14.90 -19.53
N ILE J 131 -12.18 14.85 -20.79
CA ILE J 131 -11.62 13.88 -21.73
C ILE J 131 -10.70 14.57 -22.72
N GLY J 132 -10.17 15.73 -22.34
CA GLY J 132 -9.25 16.44 -23.19
C GLY J 132 -9.75 17.83 -23.52
N GLU J 133 -9.42 18.80 -22.68
CA GLU J 133 -9.74 20.19 -22.97
C GLU J 133 -8.76 20.76 -23.99
N LEU J 134 -9.32 21.51 -24.95
CA LEU J 134 -8.53 22.04 -26.06
C LEU J 134 -8.53 23.55 -25.95
N LYS J 135 -7.48 24.17 -26.48
CA LYS J 135 -7.32 25.61 -26.42
C LYS J 135 -7.78 26.23 -27.72
N ASN J 136 -8.48 27.37 -27.64
CA ASN J 136 -8.93 28.09 -28.82
C ASN J 136 -9.16 29.55 -28.45
N GLY J 137 -9.85 30.28 -29.32
CA GLY J 137 -10.30 31.60 -28.97
C GLY J 137 -11.77 31.61 -28.62
N GLU J 138 -12.14 32.47 -27.68
CA GLU J 138 -13.50 32.50 -27.16
C GLU J 138 -14.34 33.43 -28.03
N ILE J 139 -15.46 32.92 -28.50
CA ILE J 139 -16.31 33.68 -29.41
C ILE J 139 -17.38 34.45 -28.63
N ASP J 140 -18.02 33.80 -27.65
CA ASP J 140 -19.09 34.45 -26.92
C ASP J 140 -18.54 35.37 -25.84
N THR J 141 -18.60 36.68 -26.11
CA THR J 141 -18.21 37.68 -25.14
C THR J 141 -19.01 37.59 -23.85
N LEU J 142 -20.35 37.52 -23.94
CA LEU J 142 -21.31 37.56 -22.84
C LEU J 142 -21.01 38.77 -21.95
N PRO J 143 -21.10 40.00 -22.49
CA PRO J 143 -20.41 41.15 -21.89
C PRO J 143 -20.97 41.60 -20.54
N GLU J 144 -22.07 40.98 -20.15
CA GLU J 144 -22.64 41.14 -18.81
C GLU J 144 -21.66 40.74 -17.73
N GLU J 145 -20.94 39.63 -17.93
CA GLU J 145 -20.08 39.08 -16.90
C GLU J 145 -18.59 39.21 -17.20
N ILE J 146 -18.09 38.61 -18.27
CA ILE J 146 -16.69 38.68 -18.65
C ILE J 146 -16.27 40.11 -18.95
N VAL J 147 -16.98 40.78 -19.85
CA VAL J 147 -16.63 42.13 -20.28
C VAL J 147 -16.88 43.06 -19.11
N ASN J 148 -18.02 42.88 -18.44
CA ASN J 148 -18.41 43.75 -17.34
C ASN J 148 -18.32 43.04 -15.99
N VAL J 149 -17.32 43.38 -15.19
CA VAL J 149 -17.29 42.88 -13.81
C VAL J 149 -17.12 44.08 -12.88
N SER J 150 -18.24 44.57 -12.35
CA SER J 150 -18.25 45.81 -11.58
C SER J 150 -18.20 45.56 -10.08
N LYS J 151 -17.79 46.54 -9.30
CA LYS J 151 -17.83 46.41 -7.84
C LYS J 151 -19.20 46.61 -7.24
N GLY J 152 -20.22 47.01 -8.02
CA GLY J 152 -21.54 47.29 -7.48
C GLY J 152 -21.76 48.76 -7.21
N GLY J 153 -20.75 49.58 -7.47
CA GLY J 153 -20.81 51.00 -7.20
C GLY J 153 -21.67 51.74 -8.21
N TYR J 154 -22.48 52.66 -7.72
CA TYR J 154 -23.36 53.51 -8.52
C TYR J 154 -23.26 54.94 -8.01
N ASP J 155 -23.42 55.91 -8.91
CA ASP J 155 -22.91 57.26 -8.69
C ASP J 155 -23.53 58.02 -7.52
N PHE J 156 -24.86 58.10 -7.46
CA PHE J 156 -25.70 58.54 -6.34
C PHE J 156 -26.95 57.68 -6.27
N GLN J 157 -27.58 57.70 -5.09
CA GLN J 157 -29.01 57.43 -4.93
C GLN J 157 -29.47 58.29 -3.76
N GLN J 158 -29.84 59.55 -4.03
CA GLN J 158 -30.02 60.51 -2.94
C GLN J 158 -31.47 60.96 -2.72
N PRO J 159 -32.37 60.95 -3.73
CA PRO J 159 -33.79 61.21 -3.38
C PRO J 159 -34.49 60.04 -2.73
N GLY J 160 -33.77 58.97 -2.39
CA GLY J 160 -34.43 57.76 -1.94
C GLY J 160 -35.00 56.82 -2.98
N GLN J 161 -34.19 55.94 -3.56
CA GLN J 161 -34.74 54.96 -4.51
C GLN J 161 -34.90 53.60 -3.85
N THR J 162 -35.78 53.52 -2.84
CA THR J 162 -36.16 52.28 -2.12
C THR J 162 -35.02 51.28 -2.10
N THR J 163 -34.05 51.50 -1.20
CA THR J 163 -32.81 50.77 -1.27
C THR J 163 -32.84 49.64 -0.25
N GLY J 164 -31.99 48.63 -0.48
CA GLY J 164 -31.78 47.56 0.48
C GLY J 164 -30.31 47.25 0.67
N GLU J 165 -30.01 46.02 1.10
CA GLU J 165 -28.63 45.62 1.37
C GLU J 165 -27.81 45.52 0.08
N ALA J 166 -28.49 45.31 -1.05
CA ALA J 166 -27.85 45.15 -2.35
C ALA J 166 -27.40 46.51 -2.86
N PRO J 167 -26.53 46.56 -3.84
CA PRO J 167 -25.67 47.73 -4.05
C PRO J 167 -26.37 48.84 -4.82
N GLY J 168 -27.51 48.49 -5.40
CA GLY J 168 -28.47 49.45 -5.90
C GLY J 168 -29.89 48.97 -6.09
N THR J 169 -30.79 49.33 -5.18
CA THR J 169 -32.21 49.08 -5.40
C THR J 169 -32.88 50.35 -5.93
N VAL J 170 -34.07 50.15 -6.48
CA VAL J 170 -34.89 51.24 -7.02
C VAL J 170 -36.27 51.16 -6.37
N PRO J 171 -37.12 52.20 -6.51
CA PRO J 171 -38.45 52.13 -5.89
C PRO J 171 -39.34 51.09 -6.56
N ALA J 172 -39.72 50.07 -5.79
CA ALA J 172 -40.43 48.88 -6.25
C ALA J 172 -39.63 48.10 -7.30
N PRO K 1 28.18 32.49 -4.17
CA PRO K 1 28.05 31.26 -4.95
C PRO K 1 27.10 31.67 -6.06
N ILE K 2 26.36 30.71 -6.61
CA ILE K 2 25.38 30.97 -7.66
C ILE K 2 24.12 31.51 -7.00
N MET K 3 23.58 32.59 -7.57
CA MET K 3 22.42 33.25 -7.02
C MET K 3 21.14 32.63 -7.56
N GLY K 4 20.02 33.00 -6.93
CA GLY K 4 18.70 32.56 -7.39
C GLY K 4 18.31 33.08 -8.76
N GLN K 5 18.72 34.30 -9.09
CA GLN K 5 18.55 34.85 -10.43
C GLN K 5 19.59 34.31 -11.41
N ASP K 6 20.70 33.76 -10.91
CA ASP K 6 21.82 33.37 -11.74
C ASP K 6 21.52 32.22 -12.69
N VAL K 7 20.76 31.21 -12.26
CA VAL K 7 20.46 30.05 -13.10
C VAL K 7 19.19 30.34 -13.87
N LYS K 8 19.28 30.40 -15.19
CA LYS K 8 18.10 30.59 -16.02
C LYS K 8 18.00 29.49 -17.07
N TYR K 9 16.75 29.18 -17.44
CA TYR K 9 16.42 27.96 -18.16
C TYR K 9 15.79 28.35 -19.51
N LEU K 10 16.43 27.96 -20.59
CA LEU K 10 15.88 28.17 -21.92
C LEU K 10 15.59 26.83 -22.58
N PHE K 11 14.50 26.75 -23.33
CA PHE K 11 14.14 25.56 -24.08
C PHE K 11 14.12 25.87 -25.57
N GLN K 12 14.57 24.92 -26.37
CA GLN K 12 14.42 25.01 -27.82
C GLN K 12 13.57 23.85 -28.30
N SER K 13 12.53 24.17 -29.06
CA SER K 13 11.64 23.16 -29.60
C SER K 13 12.32 22.37 -30.70
N ILE K 14 11.95 21.09 -30.82
CA ILE K 14 12.55 20.22 -31.83
C ILE K 14 12.09 20.59 -33.23
N ASP K 15 10.82 20.95 -33.41
CA ASP K 15 10.24 21.15 -34.73
C ASP K 15 10.57 22.53 -35.30
N ALA K 16 10.93 23.50 -34.47
CA ALA K 16 11.15 24.85 -34.97
C ALA K 16 12.32 24.91 -35.94
N ALA K 17 13.45 24.28 -35.57
CA ALA K 17 14.73 24.33 -36.30
C ALA K 17 15.22 25.76 -36.50
N THR K 18 15.15 26.55 -35.43
CA THR K 18 15.57 27.95 -35.44
C THR K 18 16.91 28.07 -34.75
N GLY K 19 17.63 29.15 -35.03
CA GLY K 19 18.94 29.37 -34.46
C GLY K 19 18.90 30.08 -33.12
N SER K 20 17.92 29.75 -32.28
CA SER K 20 17.78 30.42 -31.00
C SER K 20 16.69 29.77 -30.14
N ALA K 21 16.89 29.76 -28.82
CA ALA K 21 16.08 29.10 -27.81
C ALA K 21 15.28 30.09 -26.97
N PRO K 22 13.93 30.10 -27.05
CA PRO K 22 13.16 31.02 -26.21
C PRO K 22 13.17 30.65 -24.75
N LEU K 23 13.34 31.63 -23.88
CA LEU K 23 13.13 31.42 -22.45
C LEU K 23 11.98 32.31 -21.99
N PHE K 24 11.32 31.87 -20.95
CA PHE K 24 10.06 32.54 -20.67
C PHE K 24 10.20 33.49 -19.49
N PRO K 25 9.59 34.68 -19.53
CA PRO K 25 9.71 35.60 -18.39
C PRO K 25 8.82 35.19 -17.22
N ALA K 26 8.99 35.95 -16.13
CA ALA K 26 8.27 35.77 -14.87
C ALA K 26 8.33 34.32 -14.37
N TYR K 27 9.55 33.89 -14.06
CA TYR K 27 9.74 32.58 -13.45
C TYR K 27 9.41 32.62 -11.97
N GLN K 28 8.87 31.50 -11.49
CA GLN K 28 8.50 31.33 -10.10
C GLN K 28 9.66 30.54 -9.49
N THR K 29 9.92 29.34 -9.98
CA THR K 29 10.99 28.52 -9.43
C THR K 29 11.12 27.20 -10.20
N ASP K 30 12.27 26.58 -10.00
CA ASP K 30 12.73 25.50 -10.85
C ASP K 30 13.35 24.43 -9.97
N GLY K 31 12.78 23.25 -10.01
CA GLY K 31 13.40 22.11 -9.39
C GLY K 31 13.77 21.06 -10.40
N SER K 32 15.04 20.72 -10.46
CA SER K 32 15.54 19.62 -11.28
C SER K 32 15.95 18.54 -10.30
N VAL K 33 15.42 17.34 -10.51
CA VAL K 33 15.61 16.24 -9.57
C VAL K 33 16.13 15.03 -10.35
N SER K 34 17.19 14.43 -9.82
CA SER K 34 18.00 13.46 -10.55
C SER K 34 18.28 12.29 -9.61
N GLY K 35 17.64 11.16 -9.87
CA GLY K 35 17.80 10.00 -9.02
C GLY K 35 18.67 8.93 -9.63
N GLU K 36 19.79 8.62 -8.98
CA GLU K 36 20.74 7.63 -9.46
C GLU K 36 20.48 6.33 -8.70
N ARG K 37 19.84 5.37 -9.36
CA ARG K 37 19.41 4.14 -8.71
C ARG K 37 20.63 3.28 -8.37
N GLU K 38 20.54 2.56 -7.26
CA GLU K 38 21.69 1.89 -6.66
C GLU K 38 21.36 0.42 -6.45
N LEU K 39 22.36 -0.34 -6.02
CA LEU K 39 22.23 -1.77 -5.79
C LEU K 39 21.25 -2.03 -4.65
N PHE K 40 20.47 -3.10 -4.81
CA PHE K 40 19.61 -3.60 -3.76
C PHE K 40 20.31 -4.66 -2.93
N ASP K 41 20.24 -4.51 -1.61
CA ASP K 41 20.37 -5.61 -0.66
C ASP K 41 21.85 -6.00 -0.57
N GLU K 42 22.45 -5.70 0.58
CA GLU K 42 23.84 -6.09 0.82
C GLU K 42 24.02 -7.59 0.94
N GLN K 43 23.03 -8.29 1.51
CA GLN K 43 23.07 -9.72 1.87
C GLN K 43 23.98 -9.98 3.07
N THR K 44 24.20 -8.93 3.88
CA THR K 44 25.27 -8.84 4.89
C THR K 44 26.59 -9.41 4.37
N LYS K 45 27.08 -8.81 3.29
CA LYS K 45 28.31 -9.27 2.62
C LYS K 45 29.40 -8.20 2.74
N ASN K 46 29.99 -7.83 1.60
CA ASN K 46 31.02 -6.79 1.57
C ASN K 46 30.49 -5.45 1.06
N GLY K 47 29.17 -5.32 0.91
CA GLY K 47 28.57 -4.09 0.42
C GLY K 47 28.07 -4.26 -0.99
N ARG K 48 26.87 -4.83 -1.12
CA ARG K 48 26.27 -5.05 -2.42
C ARG K 48 25.13 -4.07 -2.59
N ILE K 49 25.25 -2.92 -1.91
CA ILE K 49 24.25 -1.86 -2.00
C ILE K 49 24.91 -0.55 -2.44
N LEU K 50 26.21 -0.61 -2.74
CA LEU K 50 26.94 0.54 -3.25
C LEU K 50 27.17 0.45 -4.75
N GLY K 51 26.34 -0.31 -5.47
CA GLY K 51 26.57 -0.65 -6.85
C GLY K 51 25.88 0.28 -7.83
N PRO K 52 26.29 0.23 -9.09
CA PRO K 52 25.75 1.16 -10.08
C PRO K 52 24.35 0.83 -10.53
N GLY K 53 23.62 1.85 -10.97
CA GLY K 53 22.25 1.70 -11.42
C GLY K 53 21.93 2.79 -12.42
N SER K 54 20.74 2.66 -13.01
CA SER K 54 20.29 3.64 -13.98
C SER K 54 19.94 4.96 -13.29
N VAL K 55 19.76 6.00 -14.11
CA VAL K 55 19.48 7.34 -13.62
C VAL K 55 18.07 7.74 -14.04
N ALA K 56 17.29 8.22 -13.08
CA ALA K 56 15.96 8.76 -13.34
C ALA K 56 16.05 10.27 -13.32
N ASP K 57 15.69 10.89 -14.43
CA ASP K 57 15.90 12.32 -14.63
C ASP K 57 14.55 12.97 -14.87
N SER K 58 14.19 13.90 -13.99
CA SER K 58 12.92 14.60 -14.02
C SER K 58 13.12 16.04 -13.54
N GLY K 59 12.34 16.94 -14.12
CA GLY K 59 12.36 18.32 -13.70
C GLY K 59 10.96 18.92 -13.67
N GLU K 60 10.77 19.91 -12.82
CA GLU K 60 9.52 20.66 -12.76
C GLU K 60 9.85 22.13 -12.86
N VAL K 61 8.98 22.88 -13.53
CA VAL K 61 9.20 24.31 -13.74
C VAL K 61 7.91 25.04 -13.42
N THR K 62 7.97 25.96 -12.46
CA THR K 62 6.82 26.79 -12.16
C THR K 62 7.07 28.21 -12.63
N TYR K 63 6.02 28.85 -13.14
CA TYR K 63 6.09 30.25 -13.55
C TYR K 63 4.69 30.84 -13.60
N TYR K 64 4.61 32.17 -13.70
CA TYR K 64 3.36 32.89 -13.87
C TYR K 64 3.11 33.11 -15.35
N GLY K 65 1.98 32.62 -15.85
CA GLY K 65 1.69 32.71 -17.27
C GLY K 65 1.34 34.09 -17.77
N LYS K 66 2.01 34.53 -18.83
CA LYS K 66 1.69 35.79 -19.47
C LYS K 66 0.73 35.54 -20.64
N ARG K 67 -0.10 36.55 -20.95
CA ARG K 67 -1.17 36.39 -21.93
C ARG K 67 -0.72 35.69 -23.21
N GLY K 68 0.35 36.14 -23.84
CA GLY K 68 0.89 35.49 -25.02
C GLY K 68 2.36 35.82 -25.18
N ASP K 69 3.19 34.87 -24.73
CA ASP K 69 4.65 34.84 -24.96
C ASP K 69 5.11 33.43 -25.35
N ALA K 70 6.21 33.39 -26.10
CA ALA K 70 6.59 32.30 -26.99
C ALA K 70 7.06 30.99 -26.35
N GLY K 71 7.90 31.05 -25.32
CA GLY K 71 8.16 29.86 -24.52
C GLY K 71 6.90 29.26 -23.92
N GLN K 72 5.95 30.11 -23.51
CA GLN K 72 4.65 29.61 -23.11
C GLN K 72 3.91 28.97 -24.27
N LYS K 73 3.80 29.66 -25.40
CA LYS K 73 3.25 29.01 -26.59
C LYS K 73 4.11 27.84 -27.04
N ALA K 74 5.41 27.85 -26.73
CA ALA K 74 6.20 26.65 -26.91
C ALA K 74 5.75 25.55 -25.97
N ILE K 75 5.52 25.89 -24.70
CA ILE K 75 4.93 24.94 -23.75
C ILE K 75 3.57 24.47 -24.23
N GLU K 76 2.78 25.38 -24.79
CA GLU K 76 1.45 25.03 -25.25
C GLU K 76 1.47 23.98 -26.36
N ASP K 77 2.23 24.22 -27.44
CA ASP K 77 2.46 23.16 -28.41
C ASP K 77 3.19 21.97 -27.79
N ALA K 78 4.13 22.24 -26.88
CA ALA K 78 4.77 21.13 -26.18
C ALA K 78 3.74 20.16 -25.62
N TYR K 79 2.86 20.62 -24.74
CA TYR K 79 1.93 19.71 -24.07
C TYR K 79 0.73 19.39 -24.95
N GLN K 80 0.11 20.43 -25.52
CA GLN K 80 -1.20 20.30 -26.15
C GLN K 80 -1.11 19.66 -27.53
N ASN K 81 -0.04 19.95 -28.28
CA ASN K 81 0.17 19.24 -29.54
C ASN K 81 0.86 17.90 -29.30
N GLY K 82 1.61 17.80 -28.20
CA GLY K 82 2.29 16.56 -27.85
C GLY K 82 3.62 16.40 -28.55
N LYS K 83 4.62 17.12 -28.06
CA LYS K 83 5.99 17.10 -28.60
C LYS K 83 6.94 17.10 -27.41
N GLN K 84 8.17 16.67 -27.63
CA GLN K 84 9.26 16.82 -26.68
C GLN K 84 9.99 18.12 -26.99
N ILE K 85 10.50 18.78 -25.96
CA ILE K 85 11.24 20.02 -26.15
C ILE K 85 12.66 19.88 -25.65
N LYS K 86 13.58 20.55 -26.31
CA LYS K 86 14.98 20.57 -25.90
C LYS K 86 15.15 21.52 -24.73
N PHE K 87 15.94 21.10 -23.75
CA PHE K 87 16.00 21.70 -22.43
C PHE K 87 17.40 22.25 -22.18
N TRP K 88 17.48 23.54 -21.88
CA TRP K 88 18.73 24.26 -21.62
C TRP K 88 18.60 24.97 -20.28
N ARG K 89 19.56 24.76 -19.38
CA ARG K 89 19.63 25.52 -18.13
C ARG K 89 21.05 26.08 -18.01
N VAL K 90 21.17 27.40 -18.05
CA VAL K 90 22.48 28.02 -18.09
C VAL K 90 22.58 29.03 -16.97
N ASP K 91 23.82 29.42 -16.69
CA ASP K 91 24.11 30.40 -15.66
C ASP K 91 24.39 31.76 -16.27
N THR K 92 23.87 32.79 -15.62
CA THR K 92 23.97 34.18 -16.08
C THR K 92 25.38 34.74 -15.92
N VAL K 93 26.13 34.26 -14.94
CA VAL K 93 27.51 34.71 -14.76
C VAL K 93 28.37 34.24 -15.93
N LYS K 94 29.19 35.14 -16.44
CA LYS K 94 29.98 34.87 -17.64
C LYS K 94 30.97 33.74 -17.38
N ASN K 95 31.02 32.77 -18.28
CA ASN K 95 32.03 31.73 -18.22
C ASN K 95 33.36 32.28 -18.75
N GLU K 96 34.44 31.91 -18.05
CA GLU K 96 35.76 32.41 -18.40
C GLU K 96 36.44 31.65 -19.51
N ASN K 97 36.05 30.40 -19.77
CA ASN K 97 36.51 29.73 -20.98
C ASN K 97 35.33 29.24 -21.82
N ASP K 98 34.18 29.92 -21.69
CA ASP K 98 33.07 29.73 -22.62
C ASP K 98 32.19 30.97 -22.56
N LYS K 99 31.17 31.03 -23.40
CA LYS K 99 30.17 32.07 -23.31
C LYS K 99 29.45 32.02 -21.97
N TYR K 100 28.79 30.90 -21.71
CA TYR K 100 28.08 30.67 -20.46
C TYR K 100 28.23 29.20 -20.11
N ASP K 101 27.72 28.80 -18.95
CA ASP K 101 27.78 27.41 -18.54
C ASP K 101 26.36 26.86 -18.39
N ALA K 102 26.18 25.65 -18.87
CA ALA K 102 24.85 25.12 -19.12
C ALA K 102 24.75 23.69 -18.66
N GLN K 103 23.51 23.23 -18.48
CA GLN K 103 23.15 21.82 -18.51
C GLN K 103 22.04 21.67 -19.54
N PHE K 104 22.06 20.56 -20.27
CA PHE K 104 21.30 20.41 -21.50
C PHE K 104 20.60 19.07 -21.52
N GLY K 105 19.45 19.01 -22.21
CA GLY K 105 18.82 17.74 -22.45
C GLY K 105 17.67 17.84 -23.43
N PHE K 106 17.07 16.69 -23.71
CA PHE K 106 15.80 16.62 -24.42
C PHE K 106 14.75 16.16 -23.42
N ALA K 107 13.63 16.88 -23.37
CA ALA K 107 12.64 16.69 -22.32
C ALA K 107 11.23 16.61 -22.91
N TYR K 108 10.33 16.09 -22.09
CA TYR K 108 8.95 15.82 -22.50
C TYR K 108 8.02 16.51 -21.51
N ILE K 109 6.77 16.70 -21.91
CA ILE K 109 5.78 17.35 -21.04
C ILE K 109 5.06 16.29 -20.23
N GLU K 110 5.63 15.91 -19.08
CA GLU K 110 4.98 14.93 -18.21
C GLU K 110 3.66 15.42 -17.62
N SER K 111 3.58 16.66 -17.17
CA SER K 111 2.32 17.20 -16.69
C SER K 111 2.41 18.72 -16.69
N ARG K 112 1.24 19.36 -16.66
CA ARG K 112 1.11 20.82 -16.58
C ARG K 112 -0.01 21.05 -15.57
N GLU K 113 0.12 22.13 -14.81
CA GLU K 113 -0.81 22.50 -13.76
C GLU K 113 -1.13 23.97 -13.95
N TYR K 114 -2.41 24.31 -13.95
CA TYR K 114 -2.82 25.70 -14.05
C TYR K 114 -3.71 26.10 -12.88
N SER K 115 -3.26 27.13 -12.17
CA SER K 115 -4.00 27.68 -11.05
C SER K 115 -4.49 29.08 -11.39
N ASP K 116 -5.80 29.26 -11.25
CA ASP K 116 -6.46 30.56 -11.28
C ASP K 116 -6.91 30.83 -9.85
N GLY K 117 -6.44 31.92 -9.28
CA GLY K 117 -6.88 32.35 -7.96
C GLY K 117 -7.47 33.74 -8.00
N VAL K 118 -8.28 34.06 -6.99
CA VAL K 118 -8.88 35.38 -6.84
C VAL K 118 -7.83 36.41 -6.42
N GLU K 119 -6.84 35.98 -5.64
CA GLU K 119 -5.69 36.84 -5.38
C GLU K 119 -4.54 36.58 -6.32
N GLY K 120 -3.69 37.57 -6.57
CA GLY K 120 -2.43 37.33 -7.23
C GLY K 120 -2.67 37.16 -8.72
N ALA K 121 -1.84 36.35 -9.37
CA ALA K 121 -1.96 36.17 -10.81
C ALA K 121 -1.81 34.70 -11.18
N VAL K 122 -2.20 34.38 -12.42
CA VAL K 122 -2.28 32.99 -12.86
C VAL K 122 -0.95 32.29 -12.69
N GLU K 123 -0.99 31.04 -12.23
CA GLU K 123 0.24 30.32 -11.94
C GLU K 123 0.25 28.99 -12.69
N ILE K 124 1.36 28.70 -13.36
CA ILE K 124 1.50 27.49 -14.13
C ILE K 124 2.64 26.68 -13.55
N SER K 125 2.33 25.44 -13.19
CA SER K 125 3.33 24.44 -12.84
C SER K 125 3.40 23.42 -13.96
N ILE K 126 4.56 23.33 -14.62
CA ILE K 126 4.77 22.35 -15.67
C ILE K 126 5.83 21.36 -15.22
N SER K 127 5.50 20.08 -15.32
CA SER K 127 6.38 18.99 -14.90
C SER K 127 6.80 18.18 -16.12
N LEU K 128 8.06 17.77 -16.11
CA LEU K 128 8.67 17.11 -17.26
C LEU K 128 9.59 15.99 -16.79
N GLN K 129 9.70 14.95 -17.59
CA GLN K 129 10.72 13.92 -17.42
C GLN K 129 11.82 14.22 -18.42
N VAL K 130 13.01 13.69 -18.16
CA VAL K 130 14.10 13.83 -19.12
C VAL K 130 14.88 12.51 -19.13
N ILE K 131 15.64 12.30 -20.21
CA ILE K 131 16.30 11.01 -20.40
C ILE K 131 17.80 11.15 -20.14
N GLY K 132 18.18 12.15 -19.36
CA GLY K 132 19.56 12.35 -19.02
C GLY K 132 20.07 13.70 -19.46
N GLU K 133 19.93 14.69 -18.60
CA GLU K 133 20.50 16.00 -18.87
C GLU K 133 22.00 16.01 -18.60
N LEU K 134 22.73 16.64 -19.51
CA LEU K 134 24.19 16.63 -19.44
C LEU K 134 24.66 18.05 -19.21
N LYS K 135 25.83 18.19 -18.58
CA LYS K 135 26.37 19.50 -18.25
C LYS K 135 27.39 19.90 -19.31
N ASN K 136 27.39 21.17 -19.69
CA ASN K 136 28.36 21.69 -20.65
C ASN K 136 28.48 23.20 -20.46
N GLY K 137 29.08 23.86 -21.45
CA GLY K 137 29.04 25.31 -21.46
C GLY K 137 28.04 25.83 -22.47
N GLU K 138 27.43 26.95 -22.13
CA GLU K 138 26.36 27.51 -22.95
C GLU K 138 26.95 28.41 -24.02
N ILE K 139 26.58 28.15 -25.27
CA ILE K 139 27.14 28.89 -26.40
C ILE K 139 26.27 30.10 -26.73
N ASP K 140 24.96 29.91 -26.76
CA ASP K 140 24.07 31.01 -27.16
C ASP K 140 23.83 31.96 -25.99
N THR K 141 24.48 33.12 -26.05
CA THR K 141 24.27 34.17 -25.06
C THR K 141 22.82 34.62 -25.00
N LEU K 142 22.21 34.93 -26.16
CA LEU K 142 20.87 35.51 -26.30
C LEU K 142 20.76 36.75 -25.42
N PRO K 143 21.59 37.79 -25.66
CA PRO K 143 21.86 38.80 -24.63
C PRO K 143 20.70 39.70 -24.26
N GLU K 144 19.60 39.54 -25.01
CA GLU K 144 18.33 40.17 -24.70
C GLU K 144 17.82 39.77 -23.32
N GLU K 145 17.93 38.49 -22.98
CA GLU K 145 17.35 37.98 -21.76
C GLU K 145 18.39 37.59 -20.70
N ILE K 146 19.26 36.63 -20.97
CA ILE K 146 20.29 36.19 -20.03
C ILE K 146 21.25 37.33 -19.70
N VAL K 147 21.84 37.94 -20.72
CA VAL K 147 22.84 38.97 -20.52
C VAL K 147 22.12 40.20 -19.95
N ASN K 148 20.96 40.53 -20.53
CA ASN K 148 20.21 41.71 -20.13
C ASN K 148 18.95 41.34 -19.37
N VAL K 149 18.93 41.57 -18.06
CA VAL K 149 17.68 41.41 -17.31
C VAL K 149 17.46 42.70 -16.51
N SER K 150 16.66 43.60 -17.07
CA SER K 150 16.51 44.93 -16.50
C SER K 150 15.25 45.05 -15.63
N LYS K 151 15.20 46.03 -14.74
CA LYS K 151 13.98 46.25 -13.96
C LYS K 151 12.89 47.00 -14.72
N GLY K 152 13.15 47.47 -15.94
CA GLY K 152 12.17 48.24 -16.68
C GLY K 152 12.38 49.74 -16.55
N GLY K 153 13.38 50.14 -15.78
CA GLY K 153 13.64 51.54 -15.52
C GLY K 153 14.28 52.23 -16.72
N TYR K 154 13.82 53.44 -16.99
CA TYR K 154 14.32 54.29 -18.07
C TYR K 154 14.48 55.71 -17.53
N ASP K 155 15.46 56.44 -18.08
CA ASP K 155 16.02 57.60 -17.38
C ASP K 155 15.06 58.76 -17.14
N PHE K 156 14.39 59.24 -18.19
CA PHE K 156 13.24 60.16 -18.17
C PHE K 156 12.25 59.74 -19.26
N GLN K 157 11.02 60.22 -19.10
CA GLN K 157 10.09 60.44 -20.20
C GLN K 157 9.24 61.65 -19.82
N GLN K 158 9.72 62.86 -20.15
CA GLN K 158 9.11 64.05 -19.56
C GLN K 158 8.38 64.94 -20.57
N PRO K 159 8.71 64.96 -21.87
CA PRO K 159 7.83 65.70 -22.80
C PRO K 159 6.55 64.96 -23.14
N GLY K 160 6.25 63.86 -22.47
CA GLY K 160 5.14 63.03 -22.88
C GLY K 160 5.33 62.08 -24.05
N GLN K 161 5.88 60.89 -23.82
CA GLN K 161 5.99 59.93 -24.91
C GLN K 161 4.90 58.87 -24.82
N THR K 162 3.64 59.29 -24.98
CA THR K 162 2.44 58.43 -25.01
C THR K 162 2.63 57.16 -24.17
N THR K 163 2.48 57.30 -22.87
CA THR K 163 2.90 56.24 -21.97
C THR K 163 1.67 55.45 -21.53
N GLY K 164 1.91 54.22 -21.09
CA GLY K 164 0.88 53.39 -20.48
C GLY K 164 1.35 52.71 -19.21
N GLU K 165 0.72 51.59 -18.87
CA GLU K 165 1.05 50.89 -17.63
C GLU K 165 2.43 50.25 -17.71
N ALA K 166 2.91 49.98 -18.93
CA ALA K 166 4.20 49.34 -19.17
C ALA K 166 5.31 50.35 -18.93
N PRO K 167 6.55 49.90 -18.77
CA PRO K 167 7.56 50.68 -18.06
C PRO K 167 8.21 51.73 -18.94
N GLY K 168 7.97 51.59 -20.24
CA GLY K 168 8.23 52.65 -21.20
C GLY K 168 7.50 52.58 -22.52
N THR K 169 6.47 53.38 -22.70
CA THR K 169 5.84 53.53 -24.00
C THR K 169 6.39 54.76 -24.72
N VAL K 170 6.15 54.81 -26.02
CA VAL K 170 6.55 55.91 -26.88
C VAL K 170 5.33 56.41 -27.63
N PRO K 171 5.39 57.57 -28.31
CA PRO K 171 4.20 58.05 -29.05
C PRO K 171 3.92 57.19 -30.26
N ALA K 172 2.76 56.54 -30.25
CA ALA K 172 2.34 55.53 -31.21
C ALA K 172 3.28 54.34 -31.25
N PRO L 1 29.34 20.71 23.99
CA PRO L 1 29.43 19.42 23.30
C PRO L 1 29.97 19.81 21.93
N ILE L 2 29.68 19.01 20.92
CA ILE L 2 30.11 19.27 19.55
C ILE L 2 29.15 20.30 18.96
N MET L 3 29.72 21.32 18.32
CA MET L 3 28.94 22.42 17.76
C MET L 3 28.49 22.09 16.34
N GLY L 4 27.57 22.90 15.83
CA GLY L 4 27.10 22.77 14.46
C GLY L 4 28.17 23.04 13.41
N GLN L 5 29.08 23.96 13.68
CA GLN L 5 30.24 24.20 12.83
C GLN L 5 31.33 23.16 13.05
N ASP L 6 31.30 22.45 14.18
CA ASP L 6 32.38 21.56 14.57
C ASP L 6 32.55 20.36 13.66
N VAL L 7 31.46 19.75 13.18
CA VAL L 7 31.54 18.56 12.33
C VAL L 7 31.60 19.02 10.89
N LYS L 8 32.71 18.71 10.21
CA LYS L 8 32.83 19.05 8.79
C LYS L 8 33.20 17.80 7.99
N TYR L 9 32.75 17.79 6.74
CA TYR L 9 32.70 16.58 5.91
C TYR L 9 33.57 16.81 4.68
N LEU L 10 34.61 15.99 4.54
CA LEU L 10 35.44 16.03 3.35
C LEU L 10 35.33 14.71 2.59
N PHE L 11 35.33 14.79 1.27
CA PHE L 11 35.31 13.61 0.42
C PHE L 11 36.58 13.55 -0.43
N GLN L 12 37.08 12.33 -0.61
CA GLN L 12 38.17 12.12 -1.56
C GLN L 12 37.70 11.18 -2.65
N SER L 13 37.88 11.60 -3.90
CA SER L 13 37.49 10.79 -5.05
C SER L 13 38.41 9.58 -5.20
N ILE L 14 37.84 8.49 -5.71
CA ILE L 14 38.62 7.27 -5.90
C ILE L 14 39.62 7.41 -7.03
N ASP L 15 39.24 8.07 -8.13
CA ASP L 15 40.07 8.11 -9.33
C ASP L 15 41.18 9.14 -9.25
N ALA L 16 41.07 10.13 -8.37
CA ALA L 16 42.06 11.20 -8.34
C ALA L 16 43.43 10.67 -7.95
N ALA L 17 43.48 9.85 -6.88
CA ALA L 17 44.72 9.34 -6.25
C ALA L 17 45.64 10.48 -5.82
N THR L 18 45.05 11.49 -5.18
CA THR L 18 45.78 12.66 -4.69
C THR L 18 45.97 12.54 -3.19
N GLY L 19 46.95 13.26 -2.66
CA GLY L 19 47.24 13.22 -1.23
C GLY L 19 46.43 14.22 -0.42
N SER L 20 45.16 14.39 -0.77
CA SER L 20 44.32 15.36 -0.08
C SER L 20 42.88 15.30 -0.54
N ALA L 21 41.94 15.54 0.39
CA ALA L 21 40.49 15.41 0.23
C ALA L 21 39.80 16.77 0.17
N PRO L 22 39.17 17.15 -0.97
CA PRO L 22 38.48 18.44 -1.02
C PRO L 22 37.20 18.43 -0.20
N LEU L 23 36.96 19.50 0.54
CA LEU L 23 35.66 19.72 1.15
C LEU L 23 35.05 20.99 0.59
N PHE L 24 33.74 21.03 0.60
CA PHE L 24 33.13 22.09 -0.19
C PHE L 24 32.63 23.21 0.72
N PRO L 25 32.77 24.47 0.32
CA PRO L 25 32.28 25.57 1.17
C PRO L 25 30.77 25.73 1.08
N ALA L 26 30.27 26.64 1.92
CA ALA L 26 28.86 27.00 2.03
C ALA L 26 27.98 25.76 2.22
N TYR L 27 28.18 25.08 3.34
CA TYR L 27 27.33 23.96 3.71
C TYR L 27 26.00 24.45 4.29
N GLN L 28 24.96 23.70 4.00
CA GLN L 28 23.62 23.98 4.48
C GLN L 28 23.44 23.06 5.69
N THR L 29 23.52 21.74 5.49
CA THR L 29 23.34 20.81 6.58
C THR L 29 23.51 19.36 6.11
N ASP L 30 23.72 18.50 7.09
CA ASP L 30 24.22 17.16 6.85
C ASP L 30 23.46 16.21 7.76
N GLY L 31 22.77 15.26 7.13
CA GLY L 31 22.18 14.18 7.87
C GLY L 31 22.78 12.85 7.48
N SER L 32 23.34 12.16 8.45
CA SER L 32 23.84 10.79 8.26
C SER L 32 22.87 9.92 9.04
N VAL L 33 22.34 8.91 8.36
CA VAL L 33 21.30 8.06 8.92
C VAL L 33 21.74 6.61 8.78
N SER L 34 21.64 5.87 9.86
CA SER L 34 22.26 4.55 10.01
C SER L 34 21.23 3.62 10.65
N GLY L 35 20.70 2.70 9.85
CA GLY L 35 19.69 1.78 10.35
C GLY L 35 20.23 0.39 10.59
N GLU L 36 20.16 -0.07 11.84
CA GLU L 36 20.65 -1.38 12.22
C GLU L 36 19.46 -2.33 12.32
N ARG L 37 19.30 -3.18 11.30
CA ARG L 37 18.14 -4.04 11.21
C ARG L 37 18.17 -5.11 12.30
N GLU L 38 16.99 -5.49 12.78
CA GLU L 38 16.86 -6.29 13.99
C GLU L 38 15.99 -7.50 13.68
N LEU L 39 15.88 -8.40 14.66
CA LEU L 39 15.11 -9.62 14.53
C LEU L 39 13.63 -9.31 14.36
N PHE L 40 12.97 -10.11 13.51
CA PHE L 40 11.53 -10.06 13.36
C PHE L 40 10.85 -11.04 14.31
N ASP L 41 9.83 -10.57 15.01
CA ASP L 41 8.76 -11.40 15.55
C ASP L 41 9.29 -12.16 16.75
N GLU L 42 8.81 -11.79 17.94
CA GLU L 42 9.17 -12.49 19.16
C GLU L 42 8.63 -13.92 19.22
N GLN L 43 7.43 -14.13 18.66
CA GLN L 43 6.65 -15.38 18.75
C GLN L 43 6.07 -15.60 20.15
N THR L 44 5.94 -14.50 20.91
CA THR L 44 5.71 -14.48 22.36
C THR L 44 6.59 -15.52 23.07
N LYS L 45 7.90 -15.37 22.92
CA LYS L 45 8.87 -16.30 23.49
C LYS L 45 9.71 -15.62 24.55
N ASN L 46 11.05 -15.73 24.42
CA ASN L 46 11.96 -15.07 25.35
C ASN L 46 12.57 -13.80 24.76
N GLY L 47 12.07 -13.33 23.63
CA GLY L 47 12.61 -12.13 22.99
C GLY L 47 13.40 -12.48 21.75
N ARG L 48 12.69 -12.69 20.65
CA ARG L 48 13.32 -13.04 19.39
C ARG L 48 13.23 -11.82 18.47
N ILE L 49 13.19 -10.63 19.08
CA ILE L 49 13.14 -9.39 18.33
C ILE L 49 14.29 -8.48 18.76
N LEU L 50 15.16 -8.99 19.63
CA LEU L 50 16.35 -8.26 20.06
C LEU L 50 17.61 -8.77 19.37
N GLY L 51 17.46 -9.41 18.21
CA GLY L 51 18.55 -10.11 17.57
C GLY L 51 19.30 -9.29 16.55
N PRO L 52 20.48 -9.77 16.15
CA PRO L 52 21.32 -8.99 15.23
C PRO L 52 20.83 -8.99 13.80
N GLY L 53 21.19 -7.93 13.08
CA GLY L 53 20.79 -7.78 11.69
C GLY L 53 21.81 -6.93 10.97
N SER L 54 21.62 -6.83 9.65
CA SER L 54 22.52 -6.03 8.83
C SER L 54 22.30 -4.55 9.10
N VAL L 55 23.21 -3.72 8.60
CA VAL L 55 23.17 -2.28 8.78
C VAL L 55 22.93 -1.60 7.44
N ALA L 56 21.97 -0.69 7.41
CA ALA L 56 21.68 0.13 6.24
C ALA L 56 22.27 1.50 6.49
N ASP L 57 23.20 1.92 5.63
CA ASP L 57 23.97 3.13 5.84
C ASP L 57 23.72 4.07 4.67
N SER L 58 23.18 5.24 4.99
CA SER L 58 22.83 6.27 4.02
C SER L 58 23.07 7.64 4.61
N GLY L 59 23.46 8.57 3.73
CA GLY L 59 23.65 9.94 4.14
C GLY L 59 23.14 10.92 3.09
N GLU L 60 22.74 12.11 3.53
CA GLU L 60 22.32 13.16 2.63
C GLU L 60 23.11 14.41 3.00
N VAL L 61 23.48 15.20 2.00
CA VAL L 61 24.27 16.40 2.20
C VAL L 61 23.64 17.54 1.42
N THR L 62 23.24 18.60 2.11
CA THR L 62 22.73 19.77 1.44
C THR L 62 23.74 20.90 1.52
N TYR L 63 23.84 21.68 0.45
CA TYR L 63 24.72 22.86 0.43
C TYR L 63 24.26 23.80 -0.68
N TYR L 64 24.79 25.03 -0.66
CA TYR L 64 24.54 26.01 -1.69
C TYR L 64 25.67 25.95 -2.72
N GLY L 65 25.31 25.70 -3.97
CA GLY L 65 26.30 25.52 -5.01
C GLY L 65 27.03 26.79 -5.43
N LYS L 66 28.35 26.73 -5.46
CA LYS L 66 29.14 27.84 -5.95
C LYS L 66 29.48 27.61 -7.42
N ARG L 67 29.68 28.71 -8.16
CA ARG L 67 29.85 28.64 -9.61
C ARG L 67 30.82 27.56 -10.05
N GLY L 68 32.02 27.51 -9.50
CA GLY L 68 32.97 26.46 -9.81
C GLY L 68 33.96 26.29 -8.67
N ASP L 69 33.68 25.28 -7.84
CA ASP L 69 34.59 24.76 -6.80
C ASP L 69 34.61 23.23 -6.80
N ALA L 70 35.74 22.69 -6.34
CA ALA L 70 36.23 21.35 -6.66
C ALA L 70 35.49 20.17 -6.05
N GLY L 71 35.12 20.22 -4.76
CA GLY L 71 34.20 19.23 -4.22
C GLY L 71 32.88 19.19 -4.97
N GLN L 72 32.39 20.35 -5.41
CA GLN L 72 31.23 20.37 -6.29
C GLN L 72 31.53 19.73 -7.64
N LYS L 73 32.62 20.11 -8.31
CA LYS L 73 33.04 19.39 -9.49
C LYS L 73 33.39 17.96 -9.18
N ALA L 74 33.80 17.66 -7.95
CA ALA L 74 33.91 16.26 -7.53
C ALA L 74 32.55 15.60 -7.48
N ILE L 75 31.57 16.30 -6.90
CA ILE L 75 30.18 15.82 -6.93
C ILE L 75 29.70 15.67 -8.37
N GLU L 76 30.07 16.60 -9.24
CA GLU L 76 29.62 16.56 -10.62
C GLU L 76 30.12 15.32 -11.36
N ASP L 77 31.43 15.06 -11.33
CA ASP L 77 31.93 13.77 -11.81
C ASP L 77 31.38 12.62 -10.99
N ALA L 78 31.23 12.80 -9.68
CA ALA L 78 30.60 11.76 -8.88
C ALA L 78 29.30 11.29 -9.50
N TYR L 79 28.32 12.19 -9.65
CA TYR L 79 27.01 11.78 -10.13
C TYR L 79 26.98 11.63 -11.64
N GLN L 80 27.49 12.64 -12.36
CA GLN L 80 27.27 12.75 -13.79
C GLN L 80 28.16 11.79 -14.58
N ASN L 81 29.39 11.57 -14.11
CA ASN L 81 30.22 10.54 -14.73
C ASN L 81 29.89 9.16 -14.18
N GLY L 82 29.38 9.11 -12.95
CA GLY L 82 28.99 7.86 -12.33
C GLY L 82 30.16 7.15 -11.68
N LYS L 83 30.54 7.64 -10.50
CA LYS L 83 31.64 7.09 -9.71
C LYS L 83 31.19 7.09 -8.25
N GLN L 84 31.83 6.28 -7.43
CA GLN L 84 31.69 6.33 -5.98
C GLN L 84 32.78 7.25 -5.42
N ILE L 85 32.47 7.96 -4.34
CA ILE L 85 33.45 8.85 -3.73
C ILE L 85 33.71 8.41 -2.30
N LYS L 86 34.95 8.60 -1.86
CA LYS L 86 35.34 8.30 -0.49
C LYS L 86 34.86 9.42 0.42
N PHE L 87 34.33 9.03 1.58
CA PHE L 87 33.55 9.89 2.47
C PHE L 87 34.25 10.04 3.80
N TRP L 88 34.53 11.29 4.17
CA TRP L 88 35.22 11.64 5.41
C TRP L 88 34.37 12.68 6.15
N ARG L 89 34.07 12.41 7.42
CA ARG L 89 33.41 13.40 8.28
C ARG L 89 34.24 13.53 9.56
N VAL L 90 34.80 14.70 9.77
CA VAL L 90 35.73 14.88 10.88
C VAL L 90 35.27 16.06 11.73
N ASP L 91 35.82 16.12 12.94
CA ASP L 91 35.51 17.20 13.87
C ASP L 91 36.63 18.22 13.89
N THR L 92 36.23 19.49 13.95
CA THR L 92 37.14 20.62 13.92
C THR L 92 37.94 20.78 15.21
N VAL L 93 37.38 20.34 16.34
CA VAL L 93 38.10 20.40 17.61
C VAL L 93 39.27 19.42 17.58
N LYS L 94 40.42 19.89 18.05
CA LYS L 94 41.66 19.12 17.97
C LYS L 94 41.54 17.85 18.80
N ASN L 95 41.91 16.73 18.23
CA ASN L 95 42.01 15.47 18.96
C ASN L 95 43.28 15.47 19.80
N GLU L 96 43.15 14.98 21.03
CA GLU L 96 44.27 14.96 21.97
C GLU L 96 45.21 13.79 21.79
N ASN L 97 44.75 12.69 21.19
CA ASN L 97 45.69 11.64 20.80
C ASN L 97 45.58 11.35 19.31
N ASP L 98 45.15 12.32 18.53
CA ASP L 98 45.24 12.26 17.08
C ASP L 98 45.20 13.68 16.53
N LYS L 99 45.36 13.83 15.22
CA LYS L 99 45.18 15.11 14.56
C LYS L 99 43.75 15.60 14.76
N TYR L 100 42.79 14.83 14.25
CA TYR L 100 41.38 15.12 14.36
C TYR L 100 40.64 13.80 14.53
N ASP L 101 39.33 13.86 14.73
CA ASP L 101 38.53 12.66 14.87
C ASP L 101 37.50 12.60 13.75
N ALA L 102 37.34 11.41 13.19
CA ALA L 102 36.67 11.26 11.90
C ALA L 102 35.73 10.07 11.93
N GLN L 103 34.80 10.06 10.98
CA GLN L 103 34.13 8.85 10.53
C GLN L 103 34.33 8.80 9.01
N PHE L 104 34.50 7.58 8.49
CA PHE L 104 35.04 7.36 7.16
C PHE L 104 34.20 6.33 6.41
N GLY L 105 34.14 6.45 5.09
CA GLY L 105 33.54 5.40 4.31
C GLY L 105 33.76 5.59 2.83
N PHE L 106 33.26 4.63 2.05
CA PHE L 106 33.15 4.78 0.61
C PHE L 106 31.66 4.90 0.27
N ALA L 107 31.33 5.90 -0.53
CA ALA L 107 29.94 6.27 -0.75
C ALA L 107 29.66 6.47 -2.23
N TYR L 108 28.37 6.46 -2.56
CA TYR L 108 27.90 6.50 -3.93
C TYR L 108 26.90 7.65 -4.05
N ILE L 109 26.66 8.11 -5.28
CA ILE L 109 25.72 9.20 -5.51
C ILE L 109 24.32 8.63 -5.74
N GLU L 110 23.58 8.39 -4.67
CA GLU L 110 22.22 7.90 -4.81
C GLU L 110 21.27 8.86 -5.48
N SER L 111 21.32 10.15 -5.15
CA SER L 111 20.51 11.14 -5.84
C SER L 111 21.10 12.52 -5.60
N ARG L 112 20.74 13.46 -6.47
CA ARG L 112 21.13 14.87 -6.36
C ARG L 112 19.86 15.65 -6.68
N GLU L 113 19.74 16.79 -6.01
CA GLU L 113 18.58 17.67 -6.13
C GLU L 113 19.10 19.08 -6.34
N TYR L 114 18.57 19.77 -7.34
CA TYR L 114 18.95 21.15 -7.59
C TYR L 114 17.74 22.06 -7.59
N SER L 115 17.78 23.05 -6.71
CA SER L 115 16.73 24.04 -6.61
C SER L 115 17.25 25.40 -7.04
N ASP L 116 16.56 25.98 -8.01
CA ASP L 116 16.72 27.38 -8.42
C ASP L 116 15.46 28.10 -7.94
N GLY L 117 15.65 29.12 -7.11
CA GLY L 117 14.57 29.96 -6.66
C GLY L 117 14.80 31.41 -7.02
N VAL L 118 13.71 32.18 -7.06
CA VAL L 118 13.79 33.62 -7.32
C VAL L 118 14.35 34.36 -6.12
N GLU L 119 14.09 33.87 -4.90
CA GLU L 119 14.78 34.38 -3.73
C GLU L 119 16.01 33.57 -3.37
N GLY L 120 16.99 34.19 -2.72
CA GLY L 120 18.05 33.43 -2.10
C GLY L 120 19.03 32.99 -3.16
N ALA L 121 19.66 31.84 -2.95
CA ALA L 121 20.66 31.35 -3.90
C ALA L 121 20.50 29.86 -4.13
N VAL L 122 21.16 29.37 -5.20
CA VAL L 122 20.95 28.02 -5.68
C VAL L 122 21.23 27.02 -4.56
N GLU L 123 20.40 25.99 -4.47
CA GLU L 123 20.53 25.02 -3.39
C GLU L 123 20.63 23.61 -3.95
N ILE L 124 21.61 22.87 -3.47
CA ILE L 124 21.85 21.51 -3.93
C ILE L 124 21.67 20.56 -2.76
N SER L 125 20.78 19.59 -2.93
CA SER L 125 20.65 18.46 -2.03
C SER L 125 21.19 17.23 -2.73
N ILE L 126 22.25 16.65 -2.17
CA ILE L 126 22.83 15.42 -2.72
C ILE L 126 22.64 14.31 -1.70
N SER L 127 22.09 13.19 -2.16
CA SER L 127 21.81 12.03 -1.33
C SER L 127 22.68 10.86 -1.77
N LEU L 128 23.16 10.10 -0.79
CA LEU L 128 24.12 9.04 -1.01
C LEU L 128 23.82 7.86 -0.12
N GLN L 129 24.11 6.66 -0.61
CA GLN L 129 24.12 5.46 0.21
C GLN L 129 25.57 5.17 0.56
N VAL L 130 25.78 4.39 1.61
CA VAL L 130 27.13 3.97 1.97
C VAL L 130 27.05 2.52 2.44
N ILE L 131 28.20 1.84 2.42
CA ILE L 131 28.22 0.41 2.71
C ILE L 131 28.81 0.16 4.09
N GLY L 132 28.77 1.17 4.95
CA GLY L 132 29.26 1.02 6.30
C GLY L 132 30.35 2.01 6.60
N GLU L 133 29.97 3.18 7.09
CA GLU L 133 30.95 4.16 7.53
C GLU L 133 31.49 3.80 8.91
N LEU L 134 32.81 3.93 9.05
CA LEU L 134 33.49 3.52 10.27
C LEU L 134 34.06 4.76 10.93
N LYS L 135 34.22 4.70 12.25
CA LYS L 135 34.70 5.82 13.04
C LYS L 135 36.19 5.64 13.31
N ASN L 136 36.97 6.72 13.21
CA ASN L 136 38.39 6.69 13.51
C ASN L 136 38.85 8.08 13.87
N GLY L 137 40.16 8.29 13.88
CA GLY L 137 40.69 9.63 14.00
C GLY L 137 41.16 10.17 12.65
N GLU L 138 41.00 11.47 12.46
CA GLU L 138 41.30 12.10 11.20
C GLU L 138 42.76 12.50 11.16
N ILE L 139 43.46 12.07 10.11
CA ILE L 139 44.89 12.31 10.01
C ILE L 139 45.16 13.60 9.24
N ASP L 140 44.46 13.82 8.12
CA ASP L 140 44.72 14.99 7.30
C ASP L 140 44.03 16.22 7.88
N THR L 141 44.83 17.09 8.50
CA THR L 141 44.33 18.35 9.01
C THR L 141 43.72 19.21 7.91
N LEU L 142 44.43 19.41 6.78
CA LEU L 142 44.07 20.30 5.68
C LEU L 142 43.78 21.69 6.22
N PRO L 143 44.77 22.35 6.87
CA PRO L 143 44.47 23.46 7.80
C PRO L 143 43.91 24.72 7.15
N GLU L 144 43.89 24.71 5.82
CA GLU L 144 43.24 25.75 5.04
C GLU L 144 41.76 25.86 5.37
N GLU L 145 41.08 24.72 5.52
CA GLU L 145 39.64 24.70 5.70
C GLU L 145 39.19 24.31 7.10
N ILE L 146 39.50 23.10 7.55
CA ILE L 146 39.11 22.62 8.87
C ILE L 146 39.76 23.47 9.96
N VAL L 147 41.08 23.60 9.93
CA VAL L 147 41.81 24.33 10.96
C VAL L 147 41.44 25.79 10.85
N ASN L 148 41.43 26.30 9.61
CA ASN L 148 41.17 27.72 9.36
C ASN L 148 39.79 27.93 8.73
N VAL L 149 38.85 28.46 9.48
CA VAL L 149 37.58 28.87 8.89
C VAL L 149 37.31 30.31 9.31
N SER L 150 37.68 31.25 8.43
CA SER L 150 37.63 32.66 8.78
C SER L 150 36.37 33.35 8.27
N LYS L 151 36.00 34.49 8.85
CA LYS L 151 34.85 35.25 8.33
C LYS L 151 35.17 36.07 7.08
N GLY L 152 36.42 36.14 6.65
CA GLY L 152 36.80 36.95 5.51
C GLY L 152 37.35 38.31 5.91
N GLY L 153 37.39 38.58 7.21
CA GLY L 153 37.83 39.86 7.72
C GLY L 153 39.34 40.01 7.63
N TYR L 154 39.76 41.21 7.23
CA TYR L 154 41.17 41.58 7.11
C TYR L 154 41.35 42.98 7.71
N ASP L 155 42.54 43.24 8.26
CA ASP L 155 42.70 44.30 9.25
C ASP L 155 42.45 45.72 8.73
N PHE L 156 43.10 46.11 7.63
CA PHE L 156 42.85 47.30 6.81
C PHE L 156 43.04 46.95 5.33
N GLN L 157 42.48 47.79 4.48
CA GLN L 157 42.94 48.00 3.11
C GLN L 157 42.65 49.45 2.78
N GLN L 158 43.60 50.36 3.11
CA GLN L 158 43.26 51.78 3.09
C GLN L 158 44.01 52.57 2.01
N PRO L 159 45.20 52.17 1.53
CA PRO L 159 45.75 52.89 0.37
C PRO L 159 45.11 52.52 -0.95
N GLY L 160 44.03 51.73 -0.93
CA GLY L 160 43.49 51.20 -2.17
C GLY L 160 44.16 49.99 -2.78
N GLN L 161 43.81 48.77 -2.34
CA GLN L 161 44.38 47.58 -2.97
C GLN L 161 43.37 46.94 -3.92
N THR L 162 43.01 47.66 -4.99
CA THR L 162 42.12 47.22 -6.06
C THR L 162 41.10 46.20 -5.57
N THR L 163 40.05 46.69 -4.92
CA THR L 163 39.16 45.80 -4.19
C THR L 163 37.92 45.52 -5.02
N GLY L 164 37.24 44.43 -4.69
CA GLY L 164 35.95 44.12 -5.28
C GLY L 164 34.95 43.66 -4.25
N GLU L 165 33.95 42.88 -4.68
CA GLU L 165 32.88 42.43 -3.78
C GLU L 165 33.41 41.42 -2.76
N ALA L 166 34.51 40.73 -3.10
CA ALA L 166 35.12 39.71 -2.27
C ALA L 166 35.87 40.37 -1.12
N PRO L 167 36.20 39.63 -0.07
CA PRO L 167 36.43 40.23 1.24
C PRO L 167 37.83 40.81 1.38
N GLY L 168 38.68 40.43 0.42
CA GLY L 168 39.95 41.10 0.20
C GLY L 168 40.59 40.93 -1.16
N THR L 169 40.50 41.93 -2.03
CA THR L 169 41.26 41.93 -3.26
C THR L 169 42.54 42.74 -3.09
N VAL L 170 43.45 42.54 -4.03
CA VAL L 170 44.74 43.24 -4.08
C VAL L 170 44.89 43.87 -5.46
N PRO L 171 45.88 44.77 -5.66
CA PRO L 171 46.03 45.38 -7.00
C PRO L 171 46.52 44.38 -8.02
N ALA L 172 45.68 44.12 -9.03
CA ALA L 172 45.86 43.07 -10.03
C ALA L 172 45.93 41.68 -9.41
N PRO A 1 -10.69 -16.81 24.60
CA PRO A 1 -10.50 -18.25 24.36
C PRO A 1 -9.03 -18.64 24.29
N ILE A 2 -8.75 -19.94 24.18
CA ILE A 2 -7.40 -20.45 24.07
C ILE A 2 -6.74 -19.79 22.87
N MET A 3 -5.65 -19.07 23.11
CA MET A 3 -4.96 -18.34 22.07
C MET A 3 -3.99 -19.25 21.31
N GLY A 4 -3.34 -18.67 20.30
CA GLY A 4 -2.32 -19.38 19.55
C GLY A 4 -1.13 -19.83 20.38
N GLN A 5 -0.80 -19.10 21.43
CA GLN A 5 0.21 -19.51 22.40
C GLN A 5 -0.30 -20.58 23.34
N ASP A 6 -1.61 -20.79 23.40
CA ASP A 6 -2.23 -21.68 24.39
C ASP A 6 -1.87 -23.14 24.20
N VAL A 7 -1.75 -23.64 22.97
CA VAL A 7 -1.45 -25.04 22.73
C VAL A 7 0.01 -25.16 22.33
N LYS A 8 0.77 -26.01 23.02
CA LYS A 8 2.15 -26.24 22.66
C LYS A 8 2.42 -27.72 22.47
N TYR A 9 3.43 -28.02 21.66
CA TYR A 9 3.65 -29.34 21.10
C TYR A 9 4.92 -29.93 21.71
N LEU A 10 4.75 -30.72 22.76
CA LEU A 10 5.87 -31.43 23.37
C LEU A 10 6.22 -32.64 22.52
N PHE A 11 7.51 -32.96 22.44
CA PHE A 11 7.98 -34.14 21.73
C PHE A 11 8.99 -34.90 22.59
N GLN A 12 8.89 -36.22 22.58
CA GLN A 12 9.92 -37.04 23.20
C GLN A 12 10.23 -38.21 22.27
N SER A 13 11.50 -38.57 22.21
CA SER A 13 11.95 -39.68 21.39
C SER A 13 11.55 -41.02 22.00
N ILE A 14 11.42 -42.03 21.14
CA ILE A 14 11.03 -43.36 21.61
C ILE A 14 12.14 -44.02 22.40
N ASP A 15 13.37 -44.04 21.88
CA ASP A 15 14.46 -44.80 22.48
C ASP A 15 15.12 -44.06 23.64
N ALA A 16 14.79 -42.78 23.86
CA ALA A 16 15.48 -42.02 24.88
C ALA A 16 15.16 -42.54 26.28
N ALA A 17 13.92 -43.02 26.48
CA ALA A 17 13.37 -43.44 27.78
C ALA A 17 13.75 -42.47 28.90
N THR A 18 13.58 -41.18 28.63
CA THR A 18 13.90 -40.13 29.59
C THR A 18 12.64 -39.75 30.34
N GLY A 19 12.81 -39.05 31.47
CA GLY A 19 11.68 -38.65 32.29
C GLY A 19 11.14 -37.29 31.95
N SER A 20 11.63 -36.69 30.86
CA SER A 20 11.21 -35.35 30.48
C SER A 20 11.38 -35.11 28.98
N ALA A 21 10.35 -34.51 28.35
CA ALA A 21 10.23 -34.28 26.92
C ALA A 21 10.72 -32.89 26.51
N PRO A 22 11.69 -32.78 25.58
CA PRO A 22 12.13 -31.44 25.15
C PRO A 22 11.08 -30.71 24.35
N LEU A 23 10.78 -29.47 24.74
CA LEU A 23 9.99 -28.60 23.90
C LEU A 23 10.89 -27.54 23.29
N PHE A 24 10.79 -27.37 22.00
CA PHE A 24 11.83 -26.59 21.37
C PHE A 24 11.42 -25.12 21.29
N PRO A 25 12.34 -24.18 21.50
CA PRO A 25 11.97 -22.77 21.42
C PRO A 25 11.82 -22.28 19.98
N ALA A 26 11.45 -21.00 19.86
CA ALA A 26 11.24 -20.30 18.60
C ALA A 26 10.22 -21.02 17.71
N TYR A 27 9.12 -21.42 18.33
CA TYR A 27 8.00 -22.01 17.59
C TYR A 27 7.28 -20.94 16.78
N GLN A 28 7.01 -21.28 15.53
CA GLN A 28 6.29 -20.43 14.60
C GLN A 28 4.87 -20.97 14.57
N THR A 29 4.46 -21.58 13.45
CA THR A 29 3.11 -22.11 13.33
C THR A 29 3.13 -23.61 13.09
N ASP A 30 1.93 -24.16 13.01
CA ASP A 30 1.72 -25.59 13.11
C ASP A 30 0.34 -25.90 12.57
N GLY A 31 0.25 -26.96 11.78
CA GLY A 31 -1.03 -27.46 11.37
C GLY A 31 -1.18 -28.93 11.72
N SER A 32 -2.29 -29.27 12.35
CA SER A 32 -2.65 -30.65 12.64
C SER A 32 -3.82 -30.95 11.71
N VAL A 33 -3.51 -31.59 10.59
CA VAL A 33 -4.50 -31.83 9.54
C VAL A 33 -4.94 -33.28 9.62
N SER A 34 -6.23 -33.48 9.86
CA SER A 34 -6.79 -34.76 10.24
C SER A 34 -8.03 -35.02 9.38
N GLY A 35 -7.82 -35.57 8.20
CA GLY A 35 -8.92 -35.82 7.30
C GLY A 35 -9.63 -37.13 7.55
N GLU A 36 -10.95 -37.08 7.75
CA GLU A 36 -11.75 -38.26 8.04
C GLU A 36 -12.58 -38.56 6.79
N ARG A 37 -12.00 -39.32 5.87
CA ARG A 37 -12.63 -39.57 4.59
C ARG A 37 -13.92 -40.37 4.78
N GLU A 38 -14.59 -40.69 3.68
CA GLU A 38 -15.95 -41.19 3.69
C GLU A 38 -16.15 -42.10 2.48
N LEU A 39 -16.90 -43.17 2.68
CA LEU A 39 -17.18 -44.16 1.66
C LEU A 39 -18.18 -43.62 0.65
N PHE A 40 -18.30 -44.31 -0.48
CA PHE A 40 -19.34 -44.04 -1.47
C PHE A 40 -20.39 -45.11 -1.48
N ASP A 41 -21.35 -45.00 -0.56
CA ASP A 41 -22.68 -45.57 -0.70
C ASP A 41 -23.67 -44.44 -0.98
N GLU A 42 -23.89 -44.18 -2.27
CA GLU A 42 -24.87 -43.18 -2.69
C GLU A 42 -26.30 -43.55 -2.33
N GLN A 43 -26.52 -44.83 -1.99
CA GLN A 43 -27.85 -45.44 -1.77
C GLN A 43 -28.74 -45.34 -3.01
N THR A 44 -28.12 -45.47 -4.20
CA THR A 44 -28.68 -45.10 -5.50
C THR A 44 -29.52 -43.83 -5.41
N LYS A 45 -28.91 -42.77 -4.87
CA LYS A 45 -29.59 -41.50 -4.67
C LYS A 45 -28.94 -40.41 -5.51
N ASN A 46 -27.97 -39.70 -4.94
CA ASN A 46 -27.24 -38.66 -5.67
C ASN A 46 -25.81 -38.48 -5.17
N GLY A 47 -25.19 -39.54 -4.67
CA GLY A 47 -23.83 -39.46 -4.15
C GLY A 47 -23.82 -38.99 -2.71
N ARG A 48 -24.84 -39.40 -1.96
CA ARG A 48 -24.97 -39.01 -0.56
C ARG A 48 -24.52 -40.20 0.28
N ILE A 49 -23.53 -39.97 1.14
CA ILE A 49 -23.02 -40.99 2.03
C ILE A 49 -22.79 -40.41 3.42
N LEU A 50 -23.26 -41.12 4.46
CA LEU A 50 -23.03 -40.70 5.84
C LEU A 50 -22.03 -41.60 6.55
N GLY A 51 -21.19 -42.31 5.79
CA GLY A 51 -20.34 -43.35 6.33
C GLY A 51 -18.87 -43.00 6.32
N PRO A 52 -18.08 -43.70 7.15
CA PRO A 52 -16.67 -43.36 7.28
C PRO A 52 -15.80 -43.88 6.16
N GLY A 53 -14.64 -43.27 5.99
CA GLY A 53 -13.71 -43.65 4.95
C GLY A 53 -12.38 -44.05 5.57
N SER A 54 -11.63 -43.04 5.98
CA SER A 54 -10.33 -43.29 6.60
C SER A 54 -9.83 -42.02 7.31
N VAL A 55 -8.75 -42.19 8.06
CA VAL A 55 -8.17 -41.09 8.84
C VAL A 55 -6.81 -40.74 8.28
N ALA A 56 -6.71 -39.55 7.71
CA ALA A 56 -5.45 -39.01 7.20
C ALA A 56 -4.93 -38.02 8.24
N ASP A 57 -4.20 -38.53 9.22
CA ASP A 57 -3.79 -37.74 10.38
C ASP A 57 -2.33 -37.36 10.20
N SER A 58 -2.11 -36.12 9.80
CA SER A 58 -0.79 -35.58 9.53
C SER A 58 -0.66 -34.19 10.15
N GLY A 59 0.58 -33.81 10.44
CA GLY A 59 0.85 -32.49 10.96
C GLY A 59 2.15 -31.93 10.41
N GLU A 60 2.26 -30.61 10.39
CA GLU A 60 3.49 -29.94 10.00
C GLU A 60 3.84 -28.93 11.08
N VAL A 61 5.11 -28.91 11.49
CA VAL A 61 5.57 -28.04 12.55
C VAL A 61 6.70 -27.18 12.01
N THR A 62 6.55 -25.86 12.08
CA THR A 62 7.63 -24.97 11.69
C THR A 62 8.25 -24.34 12.93
N TYR A 63 9.57 -24.18 12.90
CA TYR A 63 10.28 -23.51 13.98
C TYR A 63 11.57 -22.92 13.44
N TYR A 64 12.13 -21.94 14.17
CA TYR A 64 13.42 -21.35 13.85
C TYR A 64 14.52 -22.17 14.51
N GLY A 65 15.66 -22.27 13.84
CA GLY A 65 16.75 -23.10 14.33
C GLY A 65 17.57 -22.48 15.43
N LYS A 66 17.96 -23.29 16.42
CA LYS A 66 18.85 -22.83 17.47
C LYS A 66 20.11 -23.70 17.47
N ARG A 67 21.24 -23.11 17.88
CA ARG A 67 22.54 -23.76 17.78
C ARG A 67 22.57 -25.13 18.47
N GLY A 68 21.94 -25.29 19.62
CA GLY A 68 21.86 -26.57 20.29
C GLY A 68 20.42 -26.98 20.48
N ASP A 69 20.07 -27.24 21.75
CA ASP A 69 18.70 -27.44 22.23
C ASP A 69 18.10 -28.73 21.65
N ALA A 70 17.51 -29.51 22.55
CA ALA A 70 17.32 -30.96 22.40
C ALA A 70 16.00 -31.42 21.77
N GLY A 71 15.03 -30.53 21.55
CA GLY A 71 13.89 -30.88 20.73
C GLY A 71 14.21 -30.93 19.24
N GLN A 72 14.95 -29.92 18.76
CA GLN A 72 15.47 -29.99 17.40
C GLN A 72 16.52 -31.09 17.25
N LYS A 73 17.35 -31.32 18.28
CA LYS A 73 18.24 -32.46 18.24
C LYS A 73 17.47 -33.78 18.33
N ALA A 74 16.45 -33.86 19.18
CA ALA A 74 15.54 -34.99 19.12
C ALA A 74 14.83 -35.05 17.77
N ILE A 75 14.55 -33.88 17.20
CA ILE A 75 14.01 -33.81 15.83
C ILE A 75 15.00 -34.40 14.84
N GLU A 76 16.24 -33.91 14.86
CA GLU A 76 17.25 -34.38 13.92
C GLU A 76 17.69 -35.81 14.20
N ASP A 77 17.85 -36.19 15.48
CA ASP A 77 18.05 -37.60 15.80
C ASP A 77 16.89 -38.45 15.32
N ALA A 78 15.65 -38.05 15.64
CA ALA A 78 14.51 -38.79 15.11
C ALA A 78 14.51 -38.79 13.58
N TYR A 79 14.79 -37.63 12.96
CA TYR A 79 14.69 -37.54 11.50
C TYR A 79 15.71 -38.42 10.81
N GLN A 80 16.99 -38.28 11.18
CA GLN A 80 18.08 -38.86 10.41
C GLN A 80 18.19 -40.37 10.62
N ASN A 81 17.95 -40.85 11.84
CA ASN A 81 17.86 -42.29 12.04
C ASN A 81 16.46 -42.81 11.77
N GLY A 82 15.54 -41.92 11.45
CA GLY A 82 14.17 -42.29 11.14
C GLY A 82 13.42 -42.83 12.33
N LYS A 83 13.78 -42.37 13.51
CA LYS A 83 13.18 -42.78 14.78
C LYS A 83 11.75 -42.26 14.79
N GLN A 84 10.84 -43.01 15.40
CA GLN A 84 9.50 -42.55 15.70
C GLN A 84 9.58 -41.50 16.80
N ILE A 85 8.70 -40.50 16.73
CA ILE A 85 8.69 -39.45 17.74
C ILE A 85 7.35 -39.45 18.47
N LYS A 86 7.42 -39.37 19.80
CA LYS A 86 6.22 -39.29 20.62
C LYS A 86 5.83 -37.83 20.79
N PHE A 87 4.61 -37.51 20.36
CA PHE A 87 4.15 -36.14 20.16
C PHE A 87 3.00 -35.83 21.11
N TRP A 88 3.15 -34.75 21.87
CA TRP A 88 2.18 -34.30 22.85
C TRP A 88 1.79 -32.86 22.52
N ARG A 89 0.51 -32.65 22.18
CA ARG A 89 -0.02 -31.30 21.99
C ARG A 89 -0.81 -30.93 23.25
N VAL A 90 -0.25 -30.06 24.07
CA VAL A 90 -0.85 -29.76 25.36
C VAL A 90 -1.14 -28.27 25.45
N ASP A 91 -2.19 -27.95 26.18
CA ASP A 91 -2.59 -26.57 26.39
C ASP A 91 -1.75 -25.92 27.48
N THR A 92 -1.85 -24.60 27.55
CA THR A 92 -1.08 -23.79 28.49
C THR A 92 -1.93 -23.24 29.64
N VAL A 93 -3.23 -23.09 29.43
CA VAL A 93 -4.11 -22.64 30.50
C VAL A 93 -4.34 -23.77 31.50
N LYS A 94 -4.86 -23.41 32.67
CA LYS A 94 -5.02 -24.36 33.77
C LYS A 94 -6.40 -24.98 33.73
N ASN A 95 -6.48 -26.24 33.34
CA ASN A 95 -7.72 -27.00 33.43
C ASN A 95 -8.04 -27.32 34.89
N GLU A 96 -9.31 -27.63 35.15
CA GLU A 96 -9.76 -27.90 36.51
C GLU A 96 -9.83 -29.38 36.85
N ASN A 97 -9.67 -30.28 35.88
CA ASN A 97 -9.51 -31.69 36.22
C ASN A 97 -8.03 -32.07 36.19
N ASP A 98 -7.48 -32.33 35.01
CA ASP A 98 -6.04 -32.45 34.83
C ASP A 98 -5.41 -31.08 35.00
N LYS A 99 -4.11 -31.04 35.20
CA LYS A 99 -3.38 -29.79 35.20
C LYS A 99 -3.61 -29.04 33.90
N TYR A 100 -3.50 -29.75 32.78
CA TYR A 100 -3.71 -29.20 31.45
C TYR A 100 -4.51 -30.23 30.66
N ASP A 101 -4.64 -30.00 29.35
CA ASP A 101 -5.35 -30.94 28.49
C ASP A 101 -4.60 -31.08 27.17
N ALA A 102 -4.57 -32.31 26.67
CA ALA A 102 -3.63 -32.68 25.63
C ALA A 102 -4.34 -33.40 24.51
N GLN A 103 -3.86 -33.17 23.30
CA GLN A 103 -4.05 -34.08 22.17
C GLN A 103 -2.68 -34.68 21.86
N PHE A 104 -2.62 -36.01 21.82
CA PHE A 104 -1.37 -36.76 21.89
C PHE A 104 -1.33 -37.83 20.82
N GLY A 105 -0.13 -38.18 20.38
CA GLY A 105 0.00 -39.33 19.50
C GLY A 105 1.44 -39.76 19.35
N PHE A 106 1.61 -40.91 18.70
CA PHE A 106 2.92 -41.35 18.22
C PHE A 106 3.06 -40.87 16.78
N ALA A 107 4.21 -40.29 16.47
CA ALA A 107 4.41 -39.60 15.20
C ALA A 107 5.71 -40.02 14.54
N TYR A 108 5.75 -39.80 13.22
CA TYR A 108 6.86 -40.25 12.39
C TYR A 108 7.23 -39.10 11.45
N ILE A 109 8.53 -38.78 11.39
CA ILE A 109 9.00 -37.71 10.52
C ILE A 109 8.76 -38.09 9.07
N GLU A 110 7.98 -37.28 8.36
CA GLU A 110 7.74 -37.53 6.94
C GLU A 110 8.57 -36.68 6.01
N SER A 111 9.00 -35.49 6.43
CA SER A 111 9.89 -34.68 5.62
C SER A 111 10.49 -33.59 6.48
N ARG A 112 11.73 -33.23 6.16
CA ARG A 112 12.45 -32.14 6.83
C ARG A 112 12.71 -31.11 5.73
N GLU A 113 12.53 -29.85 6.09
CA GLU A 113 12.68 -28.73 5.18
C GLU A 113 13.53 -27.69 5.88
N TYR A 114 14.67 -27.35 5.30
CA TYR A 114 15.53 -26.32 5.85
C TYR A 114 15.51 -25.06 4.99
N SER A 115 15.16 -23.95 5.63
CA SER A 115 15.13 -22.66 4.98
C SER A 115 16.32 -21.83 5.44
N ASP A 116 17.07 -21.32 4.48
CA ASP A 116 18.09 -20.30 4.66
C ASP A 116 17.71 -19.14 3.74
N GLY A 117 17.38 -18.00 4.34
CA GLY A 117 17.10 -16.80 3.58
C GLY A 117 18.19 -15.76 3.76
N VAL A 118 17.99 -14.60 3.15
CA VAL A 118 18.91 -13.47 3.29
C VAL A 118 18.67 -12.72 4.59
N GLU A 119 17.41 -12.46 4.93
CA GLU A 119 17.09 -11.96 6.26
C GLU A 119 16.51 -13.03 7.16
N GLY A 120 16.61 -12.85 8.48
CA GLY A 120 15.85 -13.66 9.40
C GLY A 120 16.63 -14.93 9.68
N ALA A 121 16.50 -15.46 10.90
CA ALA A 121 17.24 -16.65 11.29
C ALA A 121 16.69 -17.89 10.57
N VAL A 122 17.48 -18.97 10.63
CA VAL A 122 17.20 -20.17 9.85
C VAL A 122 15.83 -20.71 10.21
N GLU A 123 15.12 -21.23 9.20
CA GLU A 123 13.76 -21.70 9.42
C GLU A 123 13.67 -23.19 9.12
N ILE A 124 13.03 -23.93 10.02
CA ILE A 124 12.87 -25.36 9.89
C ILE A 124 11.39 -25.69 9.77
N SER A 125 11.02 -26.25 8.62
CA SER A 125 9.71 -26.84 8.42
C SER A 125 9.86 -28.35 8.50
N ILE A 126 9.06 -28.99 9.35
CA ILE A 126 9.07 -30.44 9.47
C ILE A 126 7.66 -30.95 9.24
N SER A 127 7.54 -31.90 8.30
CA SER A 127 6.27 -32.49 7.91
C SER A 127 6.18 -33.91 8.45
N LEU A 128 5.10 -34.19 9.16
CA LEU A 128 4.92 -35.45 9.86
C LEU A 128 3.50 -35.94 9.70
N GLN A 129 3.27 -37.20 10.03
CA GLN A 129 1.93 -37.74 10.19
C GLN A 129 1.85 -38.37 11.57
N VAL A 130 0.63 -38.60 12.05
CA VAL A 130 0.45 -39.28 13.33
C VAL A 130 -0.42 -40.51 13.08
N ILE A 131 0.05 -41.66 13.55
CA ILE A 131 -0.62 -42.92 13.25
C ILE A 131 -1.98 -42.97 13.92
N GLY A 132 -2.02 -42.71 15.23
CA GLY A 132 -3.27 -42.69 15.95
C GLY A 132 -3.46 -41.38 16.69
N GLU A 133 -4.51 -40.66 16.36
CA GLU A 133 -4.86 -39.46 17.10
C GLU A 133 -5.42 -39.81 18.47
N LEU A 134 -4.77 -39.29 19.50
CA LEU A 134 -5.12 -39.62 20.87
C LEU A 134 -5.39 -38.32 21.62
N LYS A 135 -6.28 -38.39 22.60
CA LYS A 135 -6.67 -37.22 23.38
C LYS A 135 -6.74 -37.59 24.86
N ASN A 136 -6.07 -36.82 25.70
CA ASN A 136 -6.09 -37.03 27.14
C ASN A 136 -5.75 -35.72 27.84
N GLY A 137 -6.24 -35.58 29.06
CA GLY A 137 -5.78 -34.47 29.90
C GLY A 137 -4.32 -34.61 30.25
N GLU A 138 -3.68 -33.48 30.49
CA GLU A 138 -2.24 -33.44 30.73
C GLU A 138 -1.98 -33.06 32.18
N ILE A 139 -1.03 -33.75 32.80
CA ILE A 139 -0.75 -33.53 34.21
C ILE A 139 0.54 -32.73 34.38
N ASP A 140 1.67 -33.29 33.96
CA ASP A 140 2.95 -32.60 34.16
C ASP A 140 3.65 -32.36 32.83
N THR A 141 3.83 -31.10 32.49
CA THR A 141 4.59 -30.72 31.30
C THR A 141 5.87 -29.98 31.63
N LEU A 142 6.58 -30.39 32.70
CA LEU A 142 7.76 -29.74 33.26
C LEU A 142 7.50 -28.23 33.37
N PRO A 143 6.45 -27.82 34.11
CA PRO A 143 5.86 -26.48 33.91
C PRO A 143 6.74 -25.31 34.35
N GLU A 144 7.82 -25.65 35.05
CA GLU A 144 8.86 -24.70 35.39
C GLU A 144 9.55 -24.14 34.16
N GLU A 145 9.55 -24.89 33.06
CA GLU A 145 10.29 -24.52 31.87
C GLU A 145 9.45 -24.47 30.60
N ILE A 146 8.58 -25.44 30.37
CA ILE A 146 7.73 -25.48 29.19
C ILE A 146 6.50 -24.60 29.37
N VAL A 147 5.85 -24.70 30.52
CA VAL A 147 4.62 -23.97 30.78
C VAL A 147 4.98 -22.50 30.99
N ASN A 148 6.10 -22.27 31.69
CA ASN A 148 6.51 -20.91 32.02
C ASN A 148 7.49 -20.35 30.99
N VAL A 149 7.09 -19.33 30.24
CA VAL A 149 8.03 -18.64 29.38
C VAL A 149 8.50 -17.38 30.10
N SER A 150 9.81 -17.32 30.38
CA SER A 150 10.35 -16.25 31.21
C SER A 150 11.26 -15.31 30.43
N LYS A 151 11.28 -14.02 30.79
CA LYS A 151 12.20 -13.10 30.15
C LYS A 151 13.65 -13.24 30.62
N GLY A 152 13.89 -13.47 31.92
CA GLY A 152 15.24 -13.54 32.44
C GLY A 152 15.75 -12.21 32.93
N GLY A 153 14.89 -11.21 32.97
CA GLY A 153 15.27 -9.86 33.36
C GLY A 153 15.50 -9.75 34.86
N TYR A 154 16.71 -9.31 35.21
CA TYR A 154 17.12 -9.07 36.59
C TYR A 154 17.06 -7.58 36.88
N ASP A 155 16.10 -7.18 37.73
CA ASP A 155 15.62 -5.80 37.73
C ASP A 155 16.59 -4.78 38.32
N PHE A 156 17.46 -5.19 39.26
CA PHE A 156 18.64 -4.49 39.78
C PHE A 156 19.77 -5.48 39.99
N GLN A 157 20.85 -5.25 39.24
CA GLN A 157 22.20 -5.67 39.62
C GLN A 157 23.15 -4.63 39.03
N GLN A 158 22.81 -3.34 39.16
CA GLN A 158 23.51 -2.32 38.37
C GLN A 158 25.04 -2.37 38.54
N PRO A 159 25.64 -2.16 39.72
CA PRO A 159 27.09 -2.39 39.81
C PRO A 159 27.45 -3.85 39.96
N GLY A 160 28.48 -4.33 39.25
CA GLY A 160 28.75 -5.76 39.24
C GLY A 160 27.73 -6.68 38.60
N GLN A 161 27.06 -6.24 37.52
CA GLN A 161 26.15 -7.14 36.83
C GLN A 161 26.90 -8.26 36.13
N THR A 162 28.05 -7.91 35.51
CA THR A 162 28.98 -8.83 34.84
C THR A 162 28.25 -9.81 33.92
N THR A 163 27.59 -9.28 32.89
CA THR A 163 26.67 -10.09 32.13
C THR A 163 27.12 -10.13 30.67
N GLY A 164 26.81 -11.25 30.01
CA GLY A 164 27.02 -11.37 28.58
C GLY A 164 25.92 -10.73 27.77
N GLU A 165 25.92 -10.96 26.46
CA GLU A 165 24.92 -10.35 25.58
C GLU A 165 23.51 -10.79 25.94
N ALA A 166 23.38 -11.98 26.53
CA ALA A 166 22.09 -12.57 26.90
C ALA A 166 21.67 -12.02 28.25
N PRO A 167 20.39 -12.09 28.58
CA PRO A 167 19.81 -11.17 29.57
C PRO A 167 20.12 -11.58 31.00
N GLY A 168 21.29 -11.14 31.46
CA GLY A 168 21.63 -11.16 32.87
C GLY A 168 22.28 -12.42 33.41
N THR A 169 23.61 -12.49 33.41
CA THR A 169 24.30 -13.57 34.09
C THR A 169 25.01 -13.03 35.32
N VAL A 170 25.23 -13.92 36.28
CA VAL A 170 25.93 -13.61 37.52
C VAL A 170 27.36 -13.20 37.18
N PRO A 171 28.07 -12.49 38.07
CA PRO A 171 29.45 -12.09 37.75
C PRO A 171 30.38 -13.29 37.75
N ALA A 172 31.28 -13.31 36.76
CA ALA A 172 32.17 -14.43 36.44
C ALA A 172 31.40 -15.73 36.18
N PRO B 1 -30.71 -6.43 3.62
CA PRO B 1 -30.95 -7.86 3.49
C PRO B 1 -30.31 -8.67 4.60
N ILE B 2 -30.56 -9.97 4.62
CA ILE B 2 -29.98 -10.88 5.61
C ILE B 2 -28.47 -10.75 5.53
N MET B 3 -27.85 -10.36 6.63
CA MET B 3 -26.42 -10.14 6.69
C MET B 3 -25.67 -11.44 6.95
N GLY B 4 -24.34 -11.35 6.96
CA GLY B 4 -23.50 -12.49 7.28
C GLY B 4 -23.72 -13.06 8.67
N GLN B 5 -24.12 -12.22 9.63
CA GLN B 5 -24.51 -12.65 10.96
C GLN B 5 -25.90 -13.27 10.96
N ASP B 6 -26.69 -13.06 9.90
CA ASP B 6 -28.09 -13.46 9.87
C ASP B 6 -28.30 -14.96 9.90
N VAL B 7 -27.46 -15.76 9.24
CA VAL B 7 -27.63 -17.21 9.19
C VAL B 7 -26.63 -17.83 10.13
N LYS B 8 -27.11 -18.67 11.06
CA LYS B 8 -26.21 -19.38 11.96
C LYS B 8 -26.47 -20.88 11.91
N TYR B 9 -25.45 -21.64 12.24
CA TYR B 9 -25.38 -23.07 11.95
C TYR B 9 -25.44 -23.84 13.26
N LEU B 10 -26.64 -24.27 13.64
CA LEU B 10 -26.81 -25.10 14.82
C LEU B 10 -26.41 -26.53 14.49
N PHE B 11 -25.82 -27.22 15.46
CA PHE B 11 -25.46 -28.62 15.32
C PHE B 11 -25.91 -29.40 16.54
N GLN B 12 -26.44 -30.60 16.31
CA GLN B 12 -26.72 -31.52 17.40
C GLN B 12 -26.25 -32.91 17.00
N SER B 13 -25.71 -33.64 17.98
CA SER B 13 -25.23 -35.00 17.75
C SER B 13 -26.41 -35.96 17.63
N ILE B 14 -26.17 -37.07 16.92
CA ILE B 14 -27.21 -38.07 16.72
C ILE B 14 -27.53 -38.83 18.01
N ASP B 15 -26.51 -39.32 18.71
CA ASP B 15 -26.72 -40.20 19.86
C ASP B 15 -27.03 -39.42 21.14
N ALA B 16 -26.90 -38.10 21.13
CA ALA B 16 -27.08 -37.34 22.36
C ALA B 16 -28.53 -37.39 22.84
N ALA B 17 -29.48 -37.42 21.89
CA ALA B 17 -30.93 -37.33 22.13
C ALA B 17 -31.26 -36.27 23.19
N THR B 18 -30.65 -35.09 23.04
CA THR B 18 -30.86 -33.98 23.96
C THR B 18 -31.95 -33.07 23.40
N GLY B 19 -32.49 -32.21 24.26
CA GLY B 19 -33.55 -31.31 23.86
C GLY B 19 -33.06 -29.96 23.37
N SER B 20 -31.74 -29.83 23.21
CA SER B 20 -31.16 -28.56 22.79
C SER B 20 -29.82 -28.75 22.10
N ALA B 21 -29.62 -28.05 20.98
CA ALA B 21 -28.46 -28.14 20.07
C ALA B 21 -27.39 -27.10 20.39
N PRO B 22 -26.13 -27.51 20.68
CA PRO B 22 -25.09 -26.52 20.94
C PRO B 22 -24.72 -25.73 19.70
N LEU B 23 -24.71 -24.41 19.82
CA LEU B 23 -24.13 -23.56 18.79
C LEU B 23 -22.82 -23.00 19.30
N PHE B 24 -21.79 -23.13 18.48
CA PHE B 24 -20.49 -22.86 19.06
C PHE B 24 -20.10 -21.41 18.84
N PRO B 25 -19.46 -20.76 19.82
CA PRO B 25 -19.06 -19.37 19.62
C PRO B 25 -17.83 -19.22 18.73
N ALA B 26 -17.46 -17.96 18.51
CA ALA B 26 -16.31 -17.55 17.69
C ALA B 26 -16.38 -18.14 16.27
N TYR B 27 -17.57 -18.03 15.68
CA TYR B 27 -17.75 -18.43 14.29
C TYR B 27 -17.10 -17.42 13.35
N GLN B 28 -16.37 -17.97 12.38
CA GLN B 28 -15.69 -17.20 11.37
C GLN B 28 -16.58 -17.29 10.12
N THR B 29 -16.13 -17.99 9.09
CA THR B 29 -16.91 -18.12 7.87
C THR B 29 -17.25 -19.57 7.58
N ASP B 30 -18.00 -19.76 6.50
CA ASP B 30 -18.70 -20.99 6.23
C ASP B 30 -19.08 -20.99 4.76
N GLY B 31 -18.89 -22.13 4.13
CA GLY B 31 -19.40 -22.34 2.80
C GLY B 31 -20.28 -23.55 2.72
N SER B 32 -21.47 -23.39 2.14
CA SER B 32 -22.37 -24.49 1.85
C SER B 32 -22.34 -24.66 0.35
N VAL B 33 -21.54 -25.61 -0.12
CA VAL B 33 -21.29 -25.78 -1.55
C VAL B 33 -22.12 -26.98 -2.01
N SER B 34 -23.01 -26.73 -2.96
CA SER B 34 -24.08 -27.66 -3.33
C SER B 34 -24.11 -27.74 -4.86
N GLY B 35 -23.28 -28.60 -5.42
CA GLY B 35 -23.21 -28.72 -6.86
C GLY B 35 -24.25 -29.67 -7.43
N GLU B 36 -25.05 -29.18 -8.38
CA GLU B 36 -26.10 -29.97 -9.01
C GLU B 36 -25.66 -30.31 -10.42
N ARG B 37 -24.91 -31.40 -10.56
CA ARG B 37 -24.32 -31.77 -11.84
C ARG B 37 -25.41 -32.07 -12.86
N GLU B 38 -24.99 -32.44 -14.07
CA GLU B 38 -25.87 -32.51 -15.23
C GLU B 38 -25.35 -33.58 -16.18
N LEU B 39 -26.28 -34.31 -16.79
CA LEU B 39 -25.97 -35.39 -17.71
C LEU B 39 -25.48 -34.83 -19.04
N PHE B 40 -24.91 -35.71 -19.85
CA PHE B 40 -24.55 -35.39 -21.23
C PHE B 40 -25.47 -36.08 -22.22
N ASP B 41 -26.63 -35.47 -22.46
CA ASP B 41 -27.40 -35.65 -23.69
C ASP B 41 -27.25 -34.37 -24.53
N GLU B 42 -26.26 -34.39 -25.42
CA GLU B 42 -26.05 -33.27 -26.34
C GLU B 42 -27.19 -33.11 -27.34
N GLN B 43 -28.03 -34.15 -27.48
CA GLN B 43 -29.09 -34.26 -28.49
C GLN B 43 -28.52 -34.22 -29.91
N THR B 44 -27.34 -34.81 -30.09
CA THR B 44 -26.46 -34.62 -31.26
C THR B 44 -26.48 -33.18 -31.76
N LYS B 45 -26.21 -32.25 -30.83
CA LYS B 45 -26.25 -30.82 -31.14
C LYS B 45 -24.86 -30.21 -30.97
N ASN B 46 -24.56 -29.70 -29.77
CA ASN B 46 -23.25 -29.12 -29.48
C ASN B 46 -22.86 -29.26 -28.01
N GLY B 47 -23.34 -30.30 -27.33
CA GLY B 47 -23.02 -30.49 -25.93
C GLY B 47 -23.97 -29.71 -25.05
N ARG B 48 -25.22 -29.61 -25.50
CA ARG B 48 -26.24 -28.88 -24.76
C ARG B 48 -27.12 -29.90 -24.05
N ILE B 49 -27.21 -29.77 -22.72
CA ILE B 49 -28.03 -30.65 -21.91
C ILE B 49 -28.79 -29.83 -20.87
N LEU B 50 -30.09 -30.09 -20.73
CA LEU B 50 -30.91 -29.44 -19.72
C LEU B 50 -31.30 -30.40 -18.60
N GLY B 51 -30.55 -31.49 -18.41
CA GLY B 51 -30.92 -32.56 -17.53
C GLY B 51 -30.05 -32.68 -16.30
N PRO B 52 -30.57 -33.34 -15.27
CA PRO B 52 -29.84 -33.41 -14.00
C PRO B 52 -28.71 -34.43 -14.00
N GLY B 53 -27.77 -34.25 -13.07
CA GLY B 53 -26.63 -35.13 -12.95
C GLY B 53 -26.61 -35.73 -11.56
N SER B 54 -26.17 -34.93 -10.60
CA SER B 54 -26.10 -35.38 -9.22
C SER B 54 -25.95 -34.19 -8.28
N VAL B 55 -26.05 -34.47 -6.98
CA VAL B 55 -25.99 -33.45 -5.94
C VAL B 55 -24.73 -33.66 -5.12
N ALA B 56 -23.79 -32.73 -5.23
CA ALA B 56 -22.58 -32.72 -4.43
C ALA B 56 -22.76 -31.70 -3.32
N ASP B 57 -23.36 -32.15 -2.22
CA ASP B 57 -23.76 -31.26 -1.14
C ASP B 57 -22.76 -31.39 0.00
N SER B 58 -21.87 -30.39 0.09
CA SER B 58 -20.81 -30.34 1.07
C SER B 58 -20.71 -28.95 1.67
N GLY B 59 -20.20 -28.90 2.88
CA GLY B 59 -19.97 -27.63 3.55
C GLY B 59 -18.69 -27.62 4.35
N GLU B 60 -18.14 -26.44 4.58
CA GLU B 60 -16.96 -26.29 5.43
C GLU B 60 -17.28 -25.20 6.44
N VAL B 61 -16.95 -25.44 7.70
CA VAL B 61 -17.23 -24.50 8.78
C VAL B 61 -15.93 -24.19 9.49
N THR B 62 -15.57 -22.91 9.54
CA THR B 62 -14.40 -22.49 10.30
C THR B 62 -14.83 -21.80 11.57
N TYR B 63 -14.10 -22.05 12.65
CA TYR B 63 -14.35 -21.37 13.93
C TYR B 63 -13.05 -21.33 14.74
N TYR B 64 -12.99 -20.42 15.71
CA TYR B 64 -11.88 -20.32 16.65
C TYR B 64 -12.14 -21.24 17.82
N GLY B 65 -11.08 -21.84 18.36
CA GLY B 65 -11.23 -22.80 19.43
C GLY B 65 -11.45 -22.21 20.81
N LYS B 66 -12.33 -22.82 21.59
CA LYS B 66 -12.54 -22.42 22.97
C LYS B 66 -12.23 -23.58 23.90
N ARG B 67 -11.77 -23.26 25.11
CA ARG B 67 -11.28 -24.27 26.04
C ARG B 67 -12.30 -25.38 26.31
N GLY B 68 -13.58 -25.06 26.43
CA GLY B 68 -14.62 -26.06 26.62
C GLY B 68 -15.64 -25.96 25.51
N ASP B 69 -16.90 -25.79 25.92
CA ASP B 69 -18.04 -25.46 25.05
C ASP B 69 -18.36 -26.62 24.09
N ALA B 70 -19.64 -26.96 24.05
CA ALA B 70 -20.16 -28.26 23.64
C ALA B 70 -20.49 -28.46 22.16
N GLY B 71 -20.48 -27.41 21.35
CA GLY B 71 -20.53 -27.59 19.90
C GLY B 71 -19.22 -28.09 19.33
N GLN B 72 -18.10 -27.51 19.76
CA GLN B 72 -16.79 -28.05 19.39
C GLN B 72 -16.56 -29.41 20.05
N LYS B 73 -17.03 -29.61 21.28
CA LYS B 73 -16.99 -30.95 21.86
C LYS B 73 -17.91 -31.91 21.14
N ALA B 74 -19.12 -31.47 20.78
CA ALA B 74 -19.94 -32.27 19.89
C ALA B 74 -19.27 -32.44 18.54
N ILE B 75 -18.53 -31.42 18.10
CA ILE B 75 -17.71 -31.54 16.89
C ILE B 75 -16.64 -32.60 17.08
N GLU B 76 -15.86 -32.52 18.15
CA GLU B 76 -14.79 -33.47 18.38
C GLU B 76 -15.32 -34.86 18.75
N ASP B 77 -16.38 -34.94 19.56
CA ASP B 77 -17.05 -36.22 19.76
C ASP B 77 -17.56 -36.78 18.44
N ALA B 78 -18.28 -35.98 17.67
CA ALA B 78 -18.70 -36.46 16.35
C ALA B 78 -17.51 -36.82 15.49
N TYR B 79 -16.46 -36.00 15.48
CA TYR B 79 -15.33 -36.22 14.58
C TYR B 79 -14.59 -37.52 14.92
N GLN B 80 -14.20 -37.68 16.19
CA GLN B 80 -13.26 -38.73 16.57
C GLN B 80 -13.92 -40.10 16.62
N ASN B 81 -15.18 -40.17 17.05
CA ASN B 81 -15.91 -41.42 16.96
C ASN B 81 -16.58 -41.56 15.59
N GLY B 82 -16.47 -40.54 14.76
CA GLY B 82 -17.04 -40.55 13.43
C GLY B 82 -18.56 -40.55 13.43
N LYS B 83 -19.13 -39.94 14.47
CA LYS B 83 -20.58 -39.83 14.65
C LYS B 83 -21.10 -38.93 13.54
N GLN B 84 -22.32 -39.20 13.07
CA GLN B 84 -23.06 -38.31 12.19
C GLN B 84 -23.49 -37.10 13.00
N ILE B 85 -23.52 -35.92 12.36
CA ILE B 85 -23.93 -34.71 13.04
C ILE B 85 -25.16 -34.14 12.37
N LYS B 86 -26.14 -33.77 13.18
CA LYS B 86 -27.36 -33.13 12.68
C LYS B 86 -27.16 -31.63 12.62
N PHE B 87 -27.31 -31.07 11.43
CA PHE B 87 -26.88 -29.73 11.07
C PHE B 87 -28.09 -28.87 10.72
N TRP B 88 -28.21 -27.73 11.39
CA TRP B 88 -29.31 -26.79 11.21
C TRP B 88 -28.71 -25.43 10.85
N ARG B 89 -29.01 -24.94 9.65
CA ARG B 89 -28.63 -23.57 9.26
C ARG B 89 -29.89 -22.71 9.36
N VAL B 90 -29.92 -21.87 10.39
CA VAL B 90 -31.12 -21.10 10.66
C VAL B 90 -30.80 -19.61 10.64
N ASP B 91 -31.78 -18.83 10.24
CA ASP B 91 -31.63 -17.38 10.18
C ASP B 91 -31.84 -16.76 11.56
N THR B 92 -31.46 -15.49 11.66
CA THR B 92 -31.51 -14.74 12.91
C THR B 92 -32.63 -13.71 12.93
N VAL B 93 -33.07 -13.24 11.76
CA VAL B 93 -34.19 -12.30 11.71
C VAL B 93 -35.49 -13.04 11.98
N LYS B 94 -36.54 -12.27 12.26
CA LYS B 94 -37.82 -12.83 12.65
C LYS B 94 -38.71 -12.99 11.43
N ASN B 95 -38.92 -14.24 11.01
CA ASN B 95 -39.88 -14.55 9.96
C ASN B 95 -41.30 -14.39 10.51
N GLU B 96 -42.26 -14.26 9.59
CA GLU B 96 -43.64 -14.04 9.97
C GLU B 96 -44.50 -15.29 9.94
N ASN B 97 -43.98 -16.41 9.43
CA ASN B 97 -44.67 -17.68 9.60
C ASN B 97 -44.07 -18.48 10.74
N ASP B 98 -42.95 -19.16 10.49
CA ASP B 98 -42.15 -19.74 11.54
C ASP B 98 -41.46 -18.62 12.30
N LYS B 99 -40.94 -18.92 13.48
CA LYS B 99 -40.11 -17.97 14.21
C LYS B 99 -38.92 -17.53 13.36
N TYR B 100 -38.26 -18.49 12.73
CA TYR B 100 -37.13 -18.26 11.87
C TYR B 100 -37.28 -19.16 10.66
N ASP B 101 -36.24 -19.23 9.83
CA ASP B 101 -36.27 -20.09 8.66
C ASP B 101 -34.91 -20.76 8.50
N ALA B 102 -34.95 -22.04 8.11
CA ALA B 102 -33.80 -22.90 8.24
C ALA B 102 -33.54 -23.64 6.94
N GLN B 103 -32.26 -23.87 6.66
CA GLN B 103 -31.81 -24.93 5.77
C GLN B 103 -31.11 -25.95 6.65
N PHE B 104 -31.53 -27.21 6.53
CA PHE B 104 -31.22 -28.25 7.50
C PHE B 104 -30.76 -29.52 6.80
N GLY B 105 -29.94 -30.31 7.49
CA GLY B 105 -29.61 -31.62 6.98
C GLY B 105 -28.92 -32.47 8.02
N PHE B 106 -28.75 -33.75 7.66
CA PHE B 106 -27.88 -34.65 8.40
C PHE B 106 -26.51 -34.61 7.75
N ALA B 107 -25.47 -34.48 8.57
CA ALA B 107 -24.13 -34.21 8.08
C ALA B 107 -23.11 -35.14 8.72
N TYR B 108 -21.98 -35.27 8.03
CA TYR B 108 -20.93 -36.22 8.40
C TYR B 108 -19.60 -35.49 8.30
N ILE B 109 -18.78 -35.60 9.35
CA ILE B 109 -17.47 -34.96 9.37
C ILE B 109 -16.59 -35.59 8.31
N GLU B 110 -16.13 -34.78 7.36
CA GLU B 110 -15.23 -35.29 6.32
C GLU B 110 -13.76 -34.98 6.56
N SER B 111 -13.45 -33.90 7.26
CA SER B 111 -12.07 -33.62 7.63
C SER B 111 -12.05 -32.57 8.73
N ARG B 112 -11.04 -32.68 9.59
CA ARG B 112 -10.80 -31.73 10.68
C ARG B 112 -9.44 -31.13 10.37
N GLU B 113 -9.34 -29.82 10.57
CA GLU B 113 -8.14 -29.04 10.30
C GLU B 113 -7.89 -28.16 11.51
N TYR B 114 -6.73 -28.33 12.13
CA TYR B 114 -6.37 -27.49 13.26
C TYR B 114 -5.25 -26.54 12.89
N SER B 115 -5.51 -25.25 13.09
CA SER B 115 -4.54 -24.21 12.84
C SER B 115 -4.01 -23.67 14.16
N ASP B 116 -2.68 -23.66 14.27
CA ASP B 116 -1.95 -22.98 15.32
C ASP B 116 -1.00 -22.02 14.61
N GLY B 117 -1.21 -20.72 14.81
CA GLY B 117 -0.31 -19.71 14.29
C GLY B 117 0.47 -19.03 15.38
N VAL B 118 1.27 -18.04 15.00
CA VAL B 118 2.04 -17.24 15.94
C VAL B 118 1.17 -16.16 16.58
N GLU B 119 0.38 -15.46 15.77
CA GLU B 119 -0.64 -14.58 16.33
C GLU B 119 -2.04 -15.18 16.25
N GLY B 120 -2.95 -14.72 17.10
CA GLY B 120 -4.35 -15.02 16.92
C GLY B 120 -4.65 -16.35 17.58
N ALA B 121 -5.86 -16.51 18.10
CA ALA B 121 -6.23 -17.73 18.80
C ALA B 121 -6.41 -18.89 17.81
N VAL B 122 -6.45 -20.10 18.36
CA VAL B 122 -6.41 -21.32 17.57
C VAL B 122 -7.58 -21.33 16.60
N GLU B 123 -7.33 -21.85 15.39
CA GLU B 123 -8.36 -21.84 14.35
C GLU B 123 -8.72 -23.25 13.95
N ILE B 124 -10.02 -23.52 13.86
CA ILE B 124 -10.51 -24.84 13.50
C ILE B 124 -11.28 -24.74 12.20
N SER B 125 -10.77 -25.42 11.18
CA SER B 125 -11.49 -25.64 9.92
C SER B 125 -12.03 -27.06 9.93
N ILE B 126 -13.33 -27.20 9.70
CA ILE B 126 -13.95 -28.51 9.62
C ILE B 126 -14.65 -28.63 8.27
N SER B 127 -14.32 -29.70 7.54
CA SER B 127 -14.88 -29.97 6.23
C SER B 127 -15.85 -31.13 6.29
N LEU B 128 -17.06 -30.90 5.80
CA LEU B 128 -18.16 -31.83 5.92
C LEU B 128 -18.93 -31.90 4.60
N GLN B 129 -19.77 -32.92 4.48
CA GLN B 129 -20.75 -32.99 3.42
C GLN B 129 -22.10 -33.20 4.06
N VAL B 130 -23.18 -32.94 3.32
CA VAL B 130 -24.52 -33.21 3.83
C VAL B 130 -25.21 -34.16 2.85
N ILE B 131 -25.77 -35.24 3.37
CA ILE B 131 -26.33 -36.28 2.52
C ILE B 131 -27.56 -35.76 1.79
N GLY B 132 -28.51 -35.19 2.53
CA GLY B 132 -29.69 -34.62 1.93
C GLY B 132 -29.89 -33.18 2.35
N GLU B 133 -29.89 -32.28 1.36
CA GLU B 133 -30.20 -30.89 1.63
C GLU B 133 -31.69 -30.72 1.92
N LEU B 134 -31.97 -30.17 3.10
CA LEU B 134 -33.35 -30.04 3.56
C LEU B 134 -33.60 -28.58 3.91
N LYS B 135 -34.84 -28.15 3.74
CA LYS B 135 -35.22 -26.76 3.98
C LYS B 135 -36.55 -26.73 4.73
N ASN B 136 -36.58 -26.00 5.84
CA ASN B 136 -37.80 -25.83 6.62
C ASN B 136 -37.70 -24.57 7.44
N GLY B 137 -38.86 -23.98 7.76
CA GLY B 137 -38.88 -22.90 8.72
C GLY B 137 -38.47 -23.37 10.10
N GLU B 138 -37.93 -22.44 10.88
CA GLU B 138 -37.38 -22.77 12.19
C GLU B 138 -38.25 -22.14 13.26
N ILE B 139 -38.52 -22.91 14.32
CA ILE B 139 -39.40 -22.46 15.39
C ILE B 139 -38.60 -22.05 16.62
N ASP B 140 -37.91 -22.99 17.24
CA ASP B 140 -37.18 -22.68 18.46
C ASP B 140 -35.69 -23.01 18.30
N THR B 141 -34.87 -21.97 18.40
CA THR B 141 -33.42 -22.14 18.37
C THR B 141 -32.77 -21.74 19.69
N LEU B 142 -33.40 -22.07 20.83
CA LEU B 142 -33.01 -21.68 22.18
C LEU B 142 -32.67 -20.18 22.20
N PRO B 143 -33.62 -19.31 21.81
CA PRO B 143 -33.28 -17.95 21.36
C PRO B 143 -32.75 -17.02 22.45
N GLU B 144 -32.88 -17.48 23.69
CA GLU B 144 -32.28 -16.82 24.85
C GLU B 144 -30.77 -16.81 24.76
N GLU B 145 -30.19 -17.77 24.05
CA GLU B 145 -28.74 -17.94 24.02
C GLU B 145 -28.15 -17.96 22.62
N ILE B 146 -28.76 -18.65 21.67
CA ILE B 146 -28.28 -18.73 20.30
C ILE B 146 -28.71 -17.51 19.49
N VAL B 147 -29.98 -17.12 19.62
CA VAL B 147 -30.52 -16.02 18.84
C VAL B 147 -29.96 -14.72 19.41
N ASN B 148 -29.88 -14.66 20.74
CA ASN B 148 -29.43 -13.45 21.42
C ASN B 148 -27.93 -13.48 21.69
N VAL B 149 -27.17 -12.60 21.05
CA VAL B 149 -25.76 -12.45 21.39
C VAL B 149 -25.64 -11.24 22.33
N SER B 150 -25.17 -11.50 23.56
CA SER B 150 -25.16 -10.48 24.59
C SER B 150 -23.76 -10.06 24.99
N LYS B 151 -23.55 -8.80 25.35
CA LYS B 151 -22.25 -8.36 25.84
C LYS B 151 -21.95 -8.80 27.27
N GLY B 152 -22.93 -8.78 28.18
CA GLY B 152 -22.70 -9.11 29.57
C GLY B 152 -22.32 -7.90 30.41
N GLY B 153 -22.43 -6.71 29.84
CA GLY B 153 -22.05 -5.49 30.51
C GLY B 153 -23.07 -5.09 31.57
N TYR B 154 -22.58 -4.95 32.80
CA TYR B 154 -23.37 -4.53 33.95
C TYR B 154 -23.08 -3.05 34.23
N ASP B 155 -24.08 -2.20 33.97
CA ASP B 155 -23.82 -0.77 33.74
C ASP B 155 -23.42 0.03 34.98
N PHE B 156 -23.87 -0.39 36.17
CA PHE B 156 -23.44 0.05 37.50
C PHE B 156 -23.39 -1.15 38.43
N GLN B 157 -22.18 -1.43 38.92
CA GLN B 157 -21.96 -2.13 40.18
C GLN B 157 -20.65 -1.60 40.74
N GLN B 158 -20.44 -0.27 40.67
CA GLN B 158 -19.10 0.28 40.90
C GLN B 158 -18.48 -0.17 42.23
N PRO B 159 -19.03 0.13 43.42
CA PRO B 159 -18.47 -0.49 44.63
C PRO B 159 -18.94 -1.92 44.86
N GLY B 160 -18.04 -2.83 45.24
CA GLY B 160 -18.41 -4.22 45.29
C GLY B 160 -18.76 -4.94 44.00
N GLN B 161 -18.10 -4.59 42.88
CA GLN B 161 -18.34 -5.33 41.64
C GLN B 161 -17.81 -6.75 41.74
N THR B 162 -16.63 -6.92 42.35
CA THR B 162 -15.98 -8.21 42.63
C THR B 162 -15.98 -9.13 41.42
N THR B 163 -15.31 -8.68 40.35
CA THR B 163 -15.47 -9.35 39.07
C THR B 163 -14.12 -9.88 38.60
N GLY B 164 -14.15 -10.99 37.85
CA GLY B 164 -12.97 -11.51 37.20
C GLY B 164 -12.66 -10.79 35.91
N GLU B 165 -11.72 -11.32 35.13
CA GLU B 165 -11.29 -10.69 33.89
C GLU B 165 -12.45 -10.58 32.90
N ALA B 166 -13.41 -11.51 32.99
CA ALA B 166 -14.55 -11.57 32.09
C ALA B 166 -15.63 -10.61 32.58
N PRO B 167 -16.55 -10.21 31.72
CA PRO B 167 -17.28 -8.96 31.91
C PRO B 167 -18.40 -9.09 32.93
N GLY B 168 -18.02 -8.92 34.20
CA GLY B 168 -18.96 -8.68 35.28
C GLY B 168 -19.52 -9.90 35.98
N THR B 169 -18.88 -10.36 37.05
CA THR B 169 -19.46 -11.39 37.88
C THR B 169 -19.87 -10.80 39.22
N VAL B 170 -20.84 -11.45 39.85
CA VAL B 170 -21.36 -11.07 41.16
C VAL B 170 -20.23 -11.20 42.18
N PRO B 171 -20.31 -10.53 43.35
CA PRO B 171 -19.22 -10.65 44.33
C PRO B 171 -19.19 -12.03 44.96
N ALA B 172 -17.97 -12.56 45.12
CA ALA B 172 -17.69 -13.93 45.55
C ALA B 172 -18.34 -14.96 44.62
N PRO C 1 -20.66 3.86 -23.69
CA PRO C 1 -21.20 2.57 -24.10
C PRO C 1 -22.04 1.89 -23.02
N ILE C 2 -22.66 0.77 -23.35
CA ILE C 2 -23.47 -0.01 -22.41
C ILE C 2 -22.59 -0.34 -21.20
N MET C 3 -23.00 0.12 -20.04
CA MET C 3 -22.23 -0.07 -18.81
C MET C 3 -22.54 -1.44 -18.19
N GLY C 4 -21.84 -1.73 -17.09
CA GLY C 4 -22.09 -2.95 -16.34
C GLY C 4 -23.48 -3.08 -15.78
N GLN C 5 -24.13 -1.95 -15.47
CA GLN C 5 -25.53 -1.92 -15.08
C GLN C 5 -26.46 -2.09 -16.28
N ASP C 6 -25.95 -1.93 -17.49
CA ASP C 6 -26.77 -1.90 -18.69
C ASP C 6 -27.45 -3.23 -19.01
N VAL C 7 -26.80 -4.37 -18.78
CA VAL C 7 -27.36 -5.68 -19.10
C VAL C 7 -27.83 -6.31 -17.81
N LYS C 8 -29.10 -6.72 -17.75
CA LYS C 8 -29.60 -7.42 -16.58
C LYS C 8 -30.24 -8.74 -16.98
N TYR C 9 -30.25 -9.67 -16.03
CA TYR C 9 -30.51 -11.09 -16.28
C TYR C 9 -31.84 -11.47 -15.66
N LEU C 10 -32.90 -11.42 -16.46
CA LEU C 10 -34.22 -11.87 -16.02
C LEU C 10 -34.28 -13.39 -16.02
N PHE C 11 -34.99 -13.96 -15.06
CA PHE C 11 -35.20 -15.40 -15.00
C PHE C 11 -36.67 -15.69 -14.73
N GLN C 12 -37.18 -16.70 -15.42
CA GLN C 12 -38.51 -17.22 -15.11
C GLN C 12 -38.47 -18.74 -15.11
N SER C 13 -39.21 -19.33 -14.19
CA SER C 13 -39.29 -20.79 -14.07
C SER C 13 -40.14 -21.37 -15.19
N ILE C 14 -39.86 -22.63 -15.53
CA ILE C 14 -40.60 -23.31 -16.58
C ILE C 14 -42.04 -23.60 -16.18
N ASP C 15 -42.25 -24.18 -15.01
CA ASP C 15 -43.57 -24.66 -14.61
C ASP C 15 -44.45 -23.55 -14.04
N ALA C 16 -43.89 -22.36 -13.81
CA ALA C 16 -44.68 -21.30 -13.18
C ALA C 16 -45.80 -20.82 -14.09
N ALA C 17 -45.55 -20.80 -15.40
CA ALA C 17 -46.45 -20.25 -16.42
C ALA C 17 -47.06 -18.91 -15.99
N THR C 18 -46.21 -18.03 -15.46
CA THR C 18 -46.63 -16.71 -14.99
C THR C 18 -46.41 -15.70 -16.10
N GLY C 19 -47.05 -14.54 -15.96
CA GLY C 19 -46.95 -13.49 -16.97
C GLY C 19 -45.82 -12.51 -16.70
N SER C 20 -44.98 -12.79 -15.71
CA SER C 20 -43.91 -11.88 -15.35
C SER C 20 -42.76 -12.61 -14.67
N ALA C 21 -41.53 -12.30 -15.07
CA ALA C 21 -40.27 -12.93 -14.66
C ALA C 21 -39.60 -12.21 -13.50
N PRO C 22 -39.33 -12.87 -12.36
CA PRO C 22 -38.65 -12.18 -11.26
C PRO C 22 -37.21 -11.86 -11.57
N LEU C 23 -36.82 -10.61 -11.37
CA LEU C 23 -35.42 -10.24 -11.40
C LEU C 23 -34.94 -9.98 -9.98
N PHE C 24 -33.84 -10.60 -9.63
CA PHE C 24 -33.53 -10.58 -8.22
C PHE C 24 -32.64 -9.39 -7.88
N PRO C 25 -32.84 -8.74 -6.72
CA PRO C 25 -31.98 -7.60 -6.37
C PRO C 25 -30.61 -8.04 -5.88
N ALA C 26 -29.80 -7.04 -5.56
CA ALA C 26 -28.42 -7.19 -5.06
C ALA C 26 -27.57 -8.05 -5.98
N TYR C 27 -27.66 -7.76 -7.28
CA TYR C 27 -26.81 -8.40 -8.26
C TYR C 27 -25.38 -7.90 -8.16
N GLN C 28 -24.45 -8.83 -8.19
CA GLN C 28 -23.02 -8.56 -8.13
C GLN C 28 -22.55 -8.69 -9.57
N THR C 29 -21.76 -9.73 -9.87
CA THR C 29 -21.24 -9.92 -11.22
C THR C 29 -21.72 -11.23 -11.81
N ASP C 30 -21.31 -11.45 -13.05
CA ASP C 30 -21.90 -12.46 -13.91
C ASP C 30 -20.94 -12.71 -15.06
N GLY C 31 -20.76 -13.98 -15.39
CA GLY C 31 -20.05 -14.34 -16.59
C GLY C 31 -20.88 -15.23 -17.47
N SER C 32 -20.95 -14.88 -18.74
CA SER C 32 -21.59 -15.71 -19.75
C SER C 32 -20.45 -16.24 -20.62
N VAL C 33 -20.03 -17.46 -20.33
CA VAL C 33 -18.85 -18.05 -20.96
C VAL C 33 -19.33 -19.03 -22.02
N SER C 34 -18.96 -18.76 -23.26
CA SER C 34 -19.53 -19.41 -24.43
C SER C 34 -18.38 -19.84 -25.35
N GLY C 35 -17.83 -21.02 -25.08
CA GLY C 35 -16.72 -21.50 -25.87
C GLY C 35 -17.13 -22.22 -27.13
N GLU C 36 -16.61 -21.77 -28.27
CA GLU C 36 -16.94 -22.35 -29.57
C GLU C 36 -15.73 -23.13 -30.05
N ARG C 37 -15.64 -24.39 -29.63
CA ARG C 37 -14.47 -25.21 -29.92
C ARG C 37 -14.33 -25.42 -31.43
N GLU C 38 -13.31 -26.19 -31.81
CA GLU C 38 -12.87 -26.27 -33.20
C GLU C 38 -12.25 -27.65 -33.42
N LEU C 39 -12.50 -28.20 -34.61
CA LEU C 39 -12.01 -29.51 -35.00
C LEU C 39 -10.52 -29.46 -35.30
N PHE C 40 -9.91 -30.64 -35.40
CA PHE C 40 -8.54 -30.77 -35.86
C PHE C 40 -8.48 -31.39 -37.25
N ASP C 41 -8.65 -30.55 -38.26
CA ASP C 41 -8.14 -30.79 -39.60
C ASP C 41 -6.95 -29.86 -39.84
N GLU C 42 -5.76 -30.36 -39.53
CA GLU C 42 -4.53 -29.61 -39.78
C GLU C 42 -4.26 -29.39 -41.26
N GLN C 43 -4.95 -30.13 -42.14
CA GLN C 43 -4.74 -30.18 -43.59
C GLN C 43 -3.32 -30.65 -43.94
N THR C 44 -2.79 -31.59 -43.13
CA THR C 44 -1.36 -31.94 -43.06
C THR C 44 -0.46 -30.72 -43.22
N LYS C 45 -0.71 -29.71 -42.38
CA LYS C 45 0.02 -28.45 -42.43
C LYS C 45 0.81 -28.24 -41.15
N ASN C 46 0.21 -27.56 -40.17
CA ASN C 46 0.85 -27.34 -38.87
C ASN C 46 -0.15 -27.22 -37.73
N GLY C 47 -1.30 -27.88 -37.84
CA GLY C 47 -2.32 -27.81 -36.79
C GLY C 47 -3.21 -26.60 -36.99
N ARG C 48 -3.45 -26.26 -38.25
CA ARG C 48 -4.28 -25.10 -38.58
C ARG C 48 -5.65 -25.63 -38.99
N ILE C 49 -6.68 -25.17 -38.29
CA ILE C 49 -8.06 -25.55 -38.59
C ILE C 49 -8.97 -24.32 -38.53
N LEU C 50 -9.82 -24.16 -39.54
CA LEU C 50 -10.79 -23.07 -39.56
C LEU C 50 -12.22 -23.57 -39.33
N GLY C 51 -12.37 -24.75 -38.72
CA GLY C 51 -13.64 -25.43 -38.62
C GLY C 51 -14.20 -25.49 -37.23
N PRO C 52 -15.52 -25.71 -37.13
CA PRO C 52 -16.16 -25.67 -35.81
C PRO C 52 -15.97 -26.94 -35.01
N GLY C 53 -16.16 -26.82 -33.70
CA GLY C 53 -15.99 -27.93 -32.79
C GLY C 53 -17.28 -28.16 -32.04
N SER C 54 -17.52 -27.30 -31.04
CA SER C 54 -18.73 -27.40 -30.25
C SER C 54 -18.97 -26.13 -29.46
N VAL C 55 -20.14 -26.04 -28.84
CA VAL C 55 -20.54 -24.85 -28.08
C VAL C 55 -20.62 -25.22 -26.60
N ALA C 56 -19.72 -24.65 -25.81
CA ALA C 56 -19.73 -24.79 -24.37
C ALA C 56 -20.35 -23.53 -23.77
N ASP C 57 -21.66 -23.50 -23.67
CA ASP C 57 -22.39 -22.30 -23.30
C ASP C 57 -22.82 -22.44 -21.85
N SER C 58 -22.09 -21.76 -20.97
CA SER C 58 -22.30 -21.77 -19.54
C SER C 58 -22.22 -20.36 -18.98
N GLY C 59 -22.89 -20.17 -17.85
CA GLY C 59 -22.83 -18.90 -17.16
C GLY C 59 -22.81 -19.07 -15.66
N GLU C 60 -22.29 -18.07 -14.96
CA GLU C 60 -22.30 -18.06 -13.49
C GLU C 60 -22.86 -16.71 -13.06
N VAL C 61 -23.77 -16.73 -12.10
CA VAL C 61 -24.42 -15.52 -11.62
C VAL C 61 -24.21 -15.43 -10.12
N THR C 62 -23.61 -14.33 -9.66
CA THR C 62 -23.45 -14.10 -8.24
C THR C 62 -24.43 -13.02 -7.79
N TYR C 63 -24.98 -13.20 -6.59
CA TYR C 63 -25.86 -12.20 -6.00
C TYR C 63 -25.84 -12.33 -4.49
N TYR C 64 -26.24 -11.27 -3.79
CA TYR C 64 -26.37 -11.27 -2.33
C TYR C 64 -27.76 -11.77 -1.96
N GLY C 65 -27.86 -12.49 -0.86
CA GLY C 65 -29.13 -13.08 -0.46
C GLY C 65 -30.10 -12.14 0.21
N LYS C 66 -31.37 -12.26 -0.12
CA LYS C 66 -32.41 -11.49 0.54
C LYS C 66 -33.41 -12.45 1.20
N ARG C 67 -34.02 -11.98 2.30
CA ARG C 67 -34.87 -12.84 3.12
C ARG C 67 -35.99 -13.51 2.34
N GLY C 68 -36.62 -12.81 1.40
CA GLY C 68 -37.65 -13.39 0.56
C GLY C 68 -37.26 -13.28 -0.90
N ASP C 69 -38.15 -12.66 -1.68
CA ASP C 69 -37.93 -12.24 -3.06
C ASP C 69 -37.75 -13.44 -3.99
N ALA C 70 -38.49 -13.41 -5.09
CA ALA C 70 -38.91 -14.56 -5.88
C ALA C 70 -37.99 -15.02 -7.02
N GLY C 71 -36.96 -14.23 -7.36
CA GLY C 71 -35.92 -14.73 -8.25
C GLY C 71 -34.99 -15.73 -7.57
N GLN C 72 -34.55 -15.40 -6.35
CA GLN C 72 -33.81 -16.36 -5.55
C GLN C 72 -34.69 -17.53 -5.12
N LYS C 73 -35.96 -17.29 -4.82
CA LYS C 73 -36.88 -18.39 -4.59
C LYS C 73 -37.13 -19.20 -5.85
N ALA C 74 -37.31 -18.54 -7.00
CA ALA C 74 -37.31 -19.25 -8.26
C ALA C 74 -35.96 -19.93 -8.50
N ILE C 75 -34.87 -19.30 -8.04
CA ILE C 75 -33.56 -19.94 -8.08
C ILE C 75 -33.55 -21.20 -7.21
N GLU C 76 -33.97 -21.07 -5.95
CA GLU C 76 -33.95 -22.22 -5.05
C GLU C 76 -35.01 -23.26 -5.41
N ASP C 77 -36.20 -22.83 -5.81
CA ASP C 77 -37.16 -23.78 -6.39
C ASP C 77 -36.60 -24.47 -7.61
N ALA C 78 -36.06 -23.71 -8.56
CA ALA C 78 -35.42 -24.34 -9.70
C ALA C 78 -34.27 -25.24 -9.26
N TYR C 79 -33.43 -24.77 -8.33
CA TYR C 79 -32.25 -25.53 -7.95
C TYR C 79 -32.60 -26.86 -7.29
N GLN C 80 -33.45 -26.81 -6.26
CA GLN C 80 -33.66 -27.95 -5.38
C GLN C 80 -34.52 -29.03 -6.03
N ASN C 81 -35.52 -28.63 -6.81
CA ASN C 81 -36.28 -29.61 -7.59
C ASN C 81 -35.60 -29.87 -8.93
N GLY C 82 -34.52 -29.15 -9.22
CA GLY C 82 -33.76 -29.32 -10.44
C GLY C 82 -34.54 -28.89 -11.67
N LYS C 83 -35.41 -27.90 -11.49
CA LYS C 83 -36.25 -27.34 -12.55
C LYS C 83 -35.32 -26.63 -13.53
N GLN C 84 -35.67 -26.65 -14.80
CA GLN C 84 -35.03 -25.82 -15.82
C GLN C 84 -35.45 -24.38 -15.59
N ILE C 85 -34.53 -23.44 -15.84
CA ILE C 85 -34.84 -22.03 -15.68
C ILE C 85 -34.72 -21.30 -17.01
N LYS C 86 -35.72 -20.48 -17.30
CA LYS C 86 -35.73 -19.67 -18.50
C LYS C 86 -35.02 -18.34 -18.21
N PHE C 87 -33.97 -18.08 -18.97
CA PHE C 87 -32.98 -17.03 -18.69
C PHE C 87 -33.01 -15.98 -19.78
N TRP C 88 -33.19 -14.73 -19.39
CA TRP C 88 -33.26 -13.58 -20.28
C TRP C 88 -32.19 -12.58 -19.86
N ARG C 89 -31.21 -12.33 -20.74
CA ARG C 89 -30.23 -11.27 -20.53
C ARG C 89 -30.63 -10.08 -21.39
N VAL C 90 -31.15 -9.04 -20.75
CA VAL C 90 -31.69 -7.91 -21.49
C VAL C 90 -30.97 -6.64 -21.08
N ASP C 91 -30.88 -5.73 -22.04
CA ASP C 91 -30.23 -4.45 -21.80
C ASP C 91 -31.19 -3.49 -21.12
N THR C 92 -30.62 -2.39 -20.62
CA THR C 92 -31.36 -1.38 -19.86
C THR C 92 -31.57 -0.09 -20.67
N VAL C 93 -30.70 0.19 -21.64
CA VAL C 93 -30.89 1.36 -22.48
C VAL C 93 -32.02 1.12 -23.47
N LYS C 94 -32.49 2.20 -24.08
CA LYS C 94 -33.66 2.14 -24.97
C LYS C 94 -33.20 1.95 -26.40
N ASN C 95 -33.42 0.75 -26.94
CA ASN C 95 -33.21 0.49 -28.35
C ASN C 95 -34.30 1.17 -29.18
N GLU C 96 -34.01 1.35 -30.46
CA GLU C 96 -34.93 2.05 -31.36
C GLU C 96 -35.79 1.12 -32.20
N ASN C 97 -35.53 -0.18 -32.19
CA ASN C 97 -36.47 -1.12 -32.78
C ASN C 97 -37.36 -1.76 -31.72
N ASP C 98 -36.83 -2.78 -31.02
CA ASP C 98 -37.47 -3.29 -29.82
C ASP C 98 -37.30 -2.26 -28.71
N LYS C 99 -38.08 -2.40 -27.64
CA LYS C 99 -37.89 -1.59 -26.46
C LYS C 99 -36.46 -1.72 -25.93
N TYR C 100 -35.99 -2.95 -25.86
CA TYR C 100 -34.65 -3.27 -25.39
C TYR C 100 -34.10 -4.36 -26.31
N ASP C 101 -32.95 -4.92 -25.94
CA ASP C 101 -32.36 -6.00 -26.72
C ASP C 101 -31.79 -7.05 -25.78
N ALA C 102 -31.96 -8.31 -26.17
CA ALA C 102 -31.80 -9.41 -25.23
C ALA C 102 -30.91 -10.48 -25.85
N GLN C 103 -30.13 -11.13 -24.99
CA GLN C 103 -29.60 -12.46 -25.25
C GLN C 103 -30.29 -13.41 -24.27
N PHE C 104 -30.86 -14.47 -24.81
CA PHE C 104 -31.85 -15.29 -24.12
C PHE C 104 -31.52 -16.76 -24.27
N GLY C 105 -31.94 -17.56 -23.29
CA GLY C 105 -31.84 -19.00 -23.45
C GLY C 105 -32.61 -19.74 -22.39
N PHE C 106 -32.71 -21.05 -22.58
CA PHE C 106 -33.18 -21.96 -21.54
C PHE C 106 -31.95 -22.47 -20.79
N ALA C 107 -32.03 -22.46 -19.46
CA ALA C 107 -30.88 -22.71 -18.62
C ALA C 107 -31.19 -23.70 -17.53
N TYR C 108 -30.13 -24.32 -17.01
CA TYR C 108 -30.23 -25.41 -16.04
C TYR C 108 -29.22 -25.14 -14.94
N ILE C 109 -29.67 -25.22 -13.68
CA ILE C 109 -28.78 -25.00 -12.54
C ILE C 109 -27.73 -26.10 -12.50
N GLU C 110 -26.45 -25.71 -12.59
CA GLU C 110 -25.38 -26.69 -12.50
C GLU C 110 -24.71 -26.76 -11.14
N SER C 111 -24.72 -25.68 -10.36
CA SER C 111 -24.20 -25.73 -9.00
C SER C 111 -24.67 -24.51 -8.25
N ARG C 112 -24.88 -24.67 -6.95
CA ARG C 112 -25.27 -23.61 -6.03
C ARG C 112 -24.13 -23.51 -5.04
N GLU C 113 -23.76 -22.27 -4.71
CA GLU C 113 -22.65 -21.96 -3.83
C GLU C 113 -23.15 -20.93 -2.83
N TYR C 114 -23.13 -21.26 -1.55
CA TYR C 114 -23.52 -20.32 -0.52
C TYR C 114 -22.32 -19.85 0.29
N SER C 115 -22.14 -18.53 0.31
CA SER C 115 -21.08 -17.90 1.07
C SER C 115 -21.65 -17.24 2.31
N ASP C 116 -21.07 -17.58 3.45
CA ASP C 116 -21.27 -16.91 4.72
C ASP C 116 -19.89 -16.47 5.19
N GLY C 117 -19.68 -15.15 5.26
CA GLY C 117 -18.46 -14.60 5.80
C GLY C 117 -18.67 -13.93 7.13
N VAL C 118 -17.61 -13.33 7.66
CA VAL C 118 -17.68 -12.58 8.91
C VAL C 118 -18.22 -11.18 8.68
N GLU C 119 -17.74 -10.50 7.64
CA GLU C 119 -18.37 -9.25 7.22
C GLU C 119 -19.23 -9.42 5.98
N GLY C 120 -20.20 -8.54 5.77
CA GLY C 120 -20.87 -8.45 4.50
C GLY C 120 -22.01 -9.45 4.49
N ALA C 121 -23.09 -9.12 3.79
CA ALA C 121 -24.27 -9.97 3.76
C ALA C 121 -24.01 -11.23 2.94
N VAL C 122 -24.90 -12.21 3.10
CA VAL C 122 -24.68 -13.55 2.54
C VAL C 122 -24.52 -13.45 1.03
N GLU C 123 -23.65 -14.30 0.49
CA GLU C 123 -23.34 -14.24 -0.94
C GLU C 123 -23.72 -15.55 -1.60
N ILE C 124 -24.39 -15.45 -2.74
CA ILE C 124 -24.84 -16.61 -3.48
C ILE C 124 -24.17 -16.62 -4.84
N SER C 125 -23.37 -17.64 -5.08
CA SER C 125 -22.82 -17.94 -6.40
C SER C 125 -23.62 -19.10 -6.98
N ILE C 126 -24.14 -18.92 -8.19
CA ILE C 126 -24.87 -19.98 -8.88
C ILE C 126 -24.22 -20.22 -10.23
N SER C 127 -23.86 -21.47 -10.50
CA SER C 127 -23.21 -21.87 -11.72
C SER C 127 -24.18 -22.65 -12.60
N LEU C 128 -24.30 -22.21 -13.84
CA LEU C 128 -25.29 -22.73 -14.76
C LEU C 128 -24.69 -22.90 -16.14
N GLN C 129 -25.37 -23.64 -17.00
CA GLN C 129 -25.07 -23.67 -18.42
C GLN C 129 -26.34 -23.32 -19.17
N VAL C 130 -26.20 -22.96 -20.44
CA VAL C 130 -27.38 -22.70 -21.27
C VAL C 130 -27.30 -23.62 -22.48
N ILE C 131 -28.38 -24.33 -22.76
CA ILE C 131 -28.37 -25.34 -23.82
C ILE C 131 -28.23 -24.68 -25.17
N GLY C 132 -29.08 -23.70 -25.46
CA GLY C 132 -29.01 -22.98 -26.71
C GLY C 132 -28.91 -21.50 -26.49
N GLU C 133 -27.82 -20.89 -26.95
CA GLU C 133 -27.68 -19.44 -26.91
C GLU C 133 -28.60 -18.79 -27.94
N LEU C 134 -29.47 -17.92 -27.45
CA LEU C 134 -30.48 -17.29 -28.29
C LEU C 134 -30.35 -15.78 -28.14
N LYS C 135 -30.69 -15.07 -29.20
CA LYS C 135 -30.57 -13.61 -29.23
C LYS C 135 -31.82 -13.02 -29.87
N ASN C 136 -32.45 -12.07 -29.19
CA ASN C 136 -33.62 -11.38 -29.74
C ASN C 136 -33.75 -10.02 -29.05
N GLY C 137 -34.37 -9.08 -29.74
CA GLY C 137 -34.74 -7.83 -29.10
C GLY C 137 -35.79 -8.05 -28.03
N GLU C 138 -35.79 -7.16 -27.04
CA GLU C 138 -36.66 -7.31 -25.88
C GLU C 138 -37.72 -6.22 -25.91
N ILE C 139 -38.95 -6.60 -25.61
CA ILE C 139 -40.07 -5.67 -25.66
C ILE C 139 -40.48 -5.22 -24.27
N ASP C 140 -40.96 -6.14 -23.44
CA ASP C 140 -41.43 -5.77 -22.12
C ASP C 140 -40.68 -6.53 -21.03
N THR C 141 -39.95 -5.78 -20.21
CA THR C 141 -39.26 -6.36 -19.06
C THR C 141 -39.82 -5.87 -17.73
N LEU C 142 -41.15 -5.71 -17.62
CA LEU C 142 -41.88 -5.13 -16.49
C LEU C 142 -41.18 -3.84 -16.06
N PRO C 143 -41.04 -2.85 -16.97
CA PRO C 143 -40.03 -1.80 -16.80
C PRO C 143 -40.29 -0.83 -15.66
N GLU C 144 -41.48 -0.91 -15.09
CA GLU C 144 -41.85 -0.19 -13.88
C GLU C 144 -41.02 -0.64 -12.70
N GLU C 145 -40.51 -1.87 -12.73
CA GLU C 145 -39.82 -2.45 -11.59
C GLU C 145 -38.42 -2.97 -11.91
N ILE C 146 -38.24 -3.66 -13.02
CA ILE C 146 -36.94 -4.21 -13.41
C ILE C 146 -36.09 -3.15 -14.11
N VAL C 147 -36.69 -2.40 -15.02
CA VAL C 147 -35.96 -1.41 -15.81
C VAL C 147 -35.66 -0.23 -14.89
N ASN C 148 -36.64 0.12 -14.05
CA ASN C 148 -36.51 1.28 -13.17
C ASN C 148 -35.97 0.89 -11.80
N VAL C 149 -34.76 1.33 -11.47
CA VAL C 149 -34.27 1.16 -10.11
C VAL C 149 -34.50 2.47 -9.34
N SER C 150 -35.32 2.39 -8.29
CA SER C 150 -35.75 3.57 -7.58
C SER C 150 -35.21 3.66 -6.17
N LYS C 151 -34.93 4.86 -5.67
CA LYS C 151 -34.50 5.01 -4.29
C LYS C 151 -35.64 4.87 -3.27
N GLY C 152 -36.83 5.39 -3.55
CA GLY C 152 -37.91 5.35 -2.59
C GLY C 152 -37.96 6.57 -1.68
N GLY C 153 -37.13 7.56 -1.98
CA GLY C 153 -37.03 8.75 -1.15
C GLY C 153 -38.23 9.67 -1.33
N TYR C 154 -38.89 9.95 -0.22
CA TYR C 154 -40.04 10.85 -0.16
C TYR C 154 -39.57 12.20 0.38
N ASP C 155 -39.57 13.22 -0.49
CA ASP C 155 -38.75 14.41 -0.26
C ASP C 155 -39.23 15.34 0.85
N PHE C 156 -40.54 15.37 1.12
CA PHE C 156 -41.21 15.97 2.28
C PHE C 156 -42.35 15.07 2.74
N GLN C 157 -42.21 14.58 3.97
CA GLN C 157 -43.34 14.18 4.80
C GLN C 157 -42.92 14.43 6.24
N GLN C 158 -42.29 15.58 6.50
CA GLN C 158 -41.60 15.75 7.78
C GLN C 158 -42.48 15.49 9.01
N PRO C 159 -43.58 16.22 9.27
CA PRO C 159 -44.47 15.77 10.35
C PRO C 159 -45.40 14.64 9.96
N GLY C 160 -45.58 13.63 10.80
CA GLY C 160 -46.31 12.45 10.39
C GLY C 160 -45.72 11.58 9.30
N GLN C 161 -44.39 11.44 9.24
CA GLN C 161 -43.82 10.52 8.25
C GLN C 161 -44.14 9.08 8.59
N THR C 162 -44.08 8.74 9.88
CA THR C 162 -44.44 7.42 10.45
C THR C 162 -43.81 6.28 9.66
N THR C 163 -42.48 6.23 9.64
CA THR C 163 -41.80 5.35 8.71
C THR C 163 -40.94 4.36 9.49
N GLY C 164 -40.77 3.17 8.91
CA GLY C 164 -39.85 2.18 9.44
C GLY C 164 -38.42 2.44 9.03
N GLU C 165 -37.53 1.48 9.30
CA GLU C 165 -36.11 1.66 9.00
C GLU C 165 -35.88 1.84 7.50
N ALA C 166 -36.78 1.29 6.68
CA ALA C 166 -36.67 1.34 5.22
C ALA C 166 -37.26 2.66 4.73
N PRO C 167 -36.90 3.08 3.52
CA PRO C 167 -36.96 4.50 3.17
C PRO C 167 -38.38 4.95 2.83
N GLY C 168 -39.11 5.31 3.88
CA GLY C 168 -40.35 6.05 3.76
C GLY C 168 -41.62 5.26 3.58
N THR C 169 -42.30 4.91 4.66
CA THR C 169 -43.63 4.31 4.56
C THR C 169 -44.67 5.31 5.06
N VAL C 170 -45.89 5.13 4.56
CA VAL C 170 -47.04 5.95 4.93
C VAL C 170 -47.31 5.75 6.42
N PRO C 171 -48.02 6.69 7.09
CA PRO C 171 -48.28 6.49 8.53
C PRO C 171 -49.25 5.35 8.77
N ALA C 172 -48.97 4.57 9.80
CA ALA C 172 -49.65 3.31 10.13
C ALA C 172 -49.63 2.32 8.97
N PRO D 1 9.65 3.79 -29.92
CA PRO D 1 9.23 2.66 -30.74
C PRO D 1 7.72 2.55 -30.88
N ILE D 2 7.25 1.61 -31.69
CA ILE D 2 5.83 1.37 -31.90
C ILE D 2 5.21 1.09 -30.53
N MET D 3 4.25 1.92 -30.14
CA MET D 3 3.60 1.81 -28.84
C MET D 3 2.47 0.79 -28.89
N GLY D 4 1.86 0.58 -27.73
CA GLY D 4 0.69 -0.30 -27.63
C GLY D 4 -0.49 0.14 -28.46
N GLN D 5 -0.65 1.44 -28.68
CA GLN D 5 -1.64 1.99 -29.59
C GLN D 5 -1.25 1.81 -31.04
N ASP D 6 0.02 1.51 -31.31
CA ASP D 6 0.56 1.49 -32.67
C ASP D 6 -0.02 0.39 -33.54
N VAL D 7 -0.29 -0.79 -33.00
CA VAL D 7 -0.80 -1.91 -33.80
C VAL D 7 -2.28 -2.05 -33.51
N LYS D 8 -3.11 -2.04 -34.55
CA LYS D 8 -4.54 -2.26 -34.36
C LYS D 8 -5.03 -3.39 -35.26
N TYR D 9 -6.12 -4.00 -34.82
CA TYR D 9 -6.56 -5.29 -35.34
C TYR D 9 -7.86 -5.09 -36.11
N LEU D 10 -7.75 -4.93 -37.43
CA LEU D 10 -8.93 -4.85 -38.28
C LEU D 10 -9.50 -6.24 -38.50
N PHE D 11 -10.82 -6.33 -38.59
CA PHE D 11 -11.51 -7.58 -38.89
C PHE D 11 -12.57 -7.35 -39.96
N GLN D 12 -12.66 -8.30 -40.88
CA GLN D 12 -13.74 -8.29 -41.85
C GLN D 12 -14.29 -9.71 -41.98
N SER D 13 -15.60 -9.82 -42.13
CA SER D 13 -16.26 -11.11 -42.28
C SER D 13 -16.03 -11.67 -43.68
N ILE D 14 -16.09 -13.00 -43.78
CA ILE D 14 -15.88 -13.66 -45.07
C ILE D 14 -17.03 -13.41 -46.03
N ASP D 15 -18.27 -13.60 -45.60
CA ASP D 15 -19.42 -13.55 -46.49
C ASP D 15 -19.89 -12.12 -46.76
N ALA D 16 -19.36 -11.13 -46.04
CA ALA D 16 -19.87 -9.77 -46.20
C ALA D 16 -19.54 -9.21 -47.58
N ALA D 17 -18.38 -9.58 -48.12
CA ALA D 17 -17.81 -9.05 -49.38
C ALA D 17 -17.99 -7.54 -49.48
N THR D 18 -17.65 -6.84 -48.40
CA THR D 18 -17.74 -5.39 -48.32
C THR D 18 -16.40 -4.78 -48.66
N GLY D 19 -16.39 -3.49 -48.98
CA GLY D 19 -15.18 -2.79 -49.34
C GLY D 19 -14.46 -2.15 -48.17
N SER D 20 -14.92 -2.43 -46.96
CA SER D 20 -14.33 -1.83 -45.78
C SER D 20 -14.55 -2.68 -44.53
N ALA D 21 -13.50 -2.85 -43.72
CA ALA D 21 -13.42 -3.71 -42.54
C ALA D 21 -13.72 -2.96 -41.25
N PRO D 22 -14.73 -3.38 -40.46
CA PRO D 22 -15.00 -2.68 -39.20
C PRO D 22 -13.90 -2.89 -38.17
N LEU D 23 -13.41 -1.80 -37.60
CA LEU D 23 -12.54 -1.88 -36.44
C LEU D 23 -13.32 -1.43 -35.21
N PHE D 24 -13.27 -2.25 -34.18
CA PHE D 24 -14.22 -1.98 -33.12
C PHE D 24 -13.61 -1.07 -32.06
N PRO D 25 -14.37 -0.13 -31.49
CA PRO D 25 -13.80 0.75 -30.46
C PRO D 25 -13.66 0.06 -29.12
N ALA D 26 -13.12 0.82 -28.17
CA ALA D 26 -12.88 0.39 -26.78
C ALA D 26 -12.05 -0.87 -26.72
N TYR D 27 -10.97 -0.89 -27.50
CA TYR D 27 -10.00 -1.97 -27.44
C TYR D 27 -9.18 -1.91 -26.17
N GLN D 28 -9.04 -3.06 -25.53
CA GLN D 28 -8.27 -3.21 -24.32
C GLN D 28 -6.94 -3.84 -24.76
N THR D 29 -6.69 -5.09 -24.41
CA THR D 29 -5.45 -5.75 -24.78
C THR D 29 -5.71 -6.97 -25.66
N ASP D 30 -4.61 -7.59 -26.06
CA ASP D 30 -4.60 -8.55 -27.14
C ASP D 30 -3.31 -9.34 -27.05
N GLY D 31 -3.43 -10.65 -27.23
CA GLY D 31 -2.27 -11.48 -27.38
C GLY D 31 -2.32 -12.27 -28.66
N SER D 32 -1.22 -12.24 -29.42
CA SER D 32 -1.06 -13.06 -30.60
C SER D 32 -0.01 -14.09 -30.23
N VAL D 33 -0.47 -15.27 -29.85
CA VAL D 33 0.41 -16.32 -29.33
C VAL D 33 0.63 -17.35 -30.44
N SER D 34 1.89 -17.50 -30.82
CA SER D 34 2.28 -18.22 -32.03
C SER D 34 3.41 -19.17 -31.66
N GLY D 35 3.05 -20.36 -31.20
CA GLY D 35 4.05 -21.34 -30.78
C GLY D 35 4.57 -22.17 -31.94
N GLU D 36 5.89 -22.19 -32.12
CA GLU D 36 6.53 -22.93 -33.19
C GLU D 36 7.23 -24.14 -32.57
N ARG D 37 6.49 -25.23 -32.40
CA ARG D 37 7.00 -26.40 -31.71
C ARG D 37 8.17 -27.00 -32.47
N GLU D 38 8.71 -28.10 -31.95
CA GLU D 38 9.99 -28.65 -32.41
C GLU D 38 9.97 -30.16 -32.18
N LEU D 39 10.57 -30.88 -33.14
CA LEU D 39 10.63 -32.33 -33.10
C LEU D 39 11.64 -32.80 -32.06
N PHE D 40 11.59 -34.10 -31.76
CA PHE D 40 12.59 -34.74 -30.92
C PHE D 40 13.48 -35.66 -31.74
N ASP D 41 14.50 -35.08 -32.36
CA ASP D 41 15.72 -35.77 -32.74
C ASP D 41 16.84 -35.33 -31.80
N GLU D 42 17.02 -36.07 -30.72
CA GLU D 42 18.10 -35.81 -29.78
C GLU D 42 19.48 -36.03 -30.38
N GLN D 43 19.54 -36.73 -31.53
CA GLN D 43 20.77 -37.19 -32.19
C GLN D 43 21.59 -38.13 -31.29
N THR D 44 20.88 -38.95 -30.50
CA THR D 44 21.41 -39.69 -29.35
C THR D 44 22.43 -38.86 -28.57
N LYS D 45 22.01 -37.65 -28.17
CA LYS D 45 22.89 -36.72 -27.47
C LYS D 45 22.36 -36.45 -26.07
N ASN D 46 21.54 -35.41 -25.92
CA ASN D 46 20.92 -35.08 -24.64
C ASN D 46 19.58 -34.40 -24.79
N GLY D 47 18.84 -34.69 -25.85
CA GLY D 47 17.53 -34.08 -26.07
C GLY D 47 17.69 -32.74 -26.77
N ARG D 48 18.68 -32.66 -27.65
CA ARG D 48 18.95 -31.43 -28.38
C ARG D 48 18.38 -31.60 -29.79
N ILE D 49 17.48 -30.70 -30.17
CA ILE D 49 16.89 -30.71 -31.51
C ILE D 49 16.84 -29.29 -32.08
N LEU D 50 17.26 -29.13 -33.33
CA LEU D 50 17.18 -27.85 -34.00
C LEU D 50 16.10 -27.83 -35.09
N GLY D 51 15.11 -28.72 -34.99
CA GLY D 51 14.16 -28.95 -36.05
C GLY D 51 12.75 -28.50 -35.71
N PRO D 52 11.94 -28.29 -36.75
CA PRO D 52 10.60 -27.75 -36.51
C PRO D 52 9.60 -28.79 -36.03
N GLY D 53 8.52 -28.30 -35.41
CA GLY D 53 7.48 -29.15 -34.89
C GLY D 53 6.16 -28.80 -35.53
N SER D 54 5.58 -27.70 -35.06
CA SER D 54 4.31 -27.24 -35.60
C SER D 54 4.04 -25.80 -35.20
N VAL D 55 3.00 -25.22 -35.78
CA VAL D 55 2.64 -23.84 -35.55
C VAL D 55 1.30 -23.77 -34.81
N ALA D 56 1.34 -23.33 -33.56
CA ALA D 56 0.16 -23.11 -32.75
C ALA D 56 -0.15 -21.62 -32.77
N ASP D 57 -0.88 -21.18 -33.78
CA ASP D 57 -1.11 -19.77 -34.02
C ASP D 57 -2.51 -19.41 -33.54
N SER D 58 -2.57 -18.78 -32.37
CA SER D 58 -3.81 -18.40 -31.74
C SER D 58 -3.70 -16.98 -31.19
N GLY D 59 -4.84 -16.33 -31.07
CA GLY D 59 -4.89 -15.00 -30.48
C GLY D 59 -6.12 -14.80 -29.63
N GLU D 60 -6.04 -13.88 -28.68
CA GLU D 60 -7.19 -13.50 -27.86
C GLU D 60 -7.31 -11.99 -27.92
N VAL D 61 -8.52 -11.50 -28.11
CA VAL D 61 -8.78 -10.08 -28.22
C VAL D 61 -9.82 -9.69 -27.18
N THR D 62 -9.47 -8.76 -26.30
CA THR D 62 -10.43 -8.23 -25.34
C THR D 62 -10.87 -6.85 -25.75
N TYR D 63 -12.15 -6.55 -25.54
CA TYR D 63 -12.69 -5.21 -25.79
C TYR D 63 -13.92 -4.99 -24.92
N TYR D 64 -14.28 -3.72 -24.73
CA TYR D 64 -15.48 -3.33 -24.01
C TYR D 64 -16.64 -3.29 -24.98
N GLY D 65 -17.83 -3.66 -24.51
CA GLY D 65 -18.99 -3.74 -25.37
C GLY D 65 -19.66 -2.41 -25.67
N LYS D 66 -20.09 -2.23 -26.92
CA LYS D 66 -20.84 -1.04 -27.29
C LYS D 66 -22.21 -1.47 -27.82
N ARG D 67 -23.21 -0.59 -27.63
CA ARG D 67 -24.60 -0.93 -27.95
C ARG D 67 -24.79 -1.41 -29.39
N GLY D 68 -24.12 -0.81 -30.36
CA GLY D 68 -24.19 -1.24 -31.74
C GLY D 68 -22.81 -1.60 -32.25
N ASP D 69 -22.43 -0.95 -33.36
CA ASP D 69 -21.07 -0.96 -33.91
C ASP D 69 -20.70 -2.35 -34.43
N ALA D 70 -20.19 -2.37 -35.67
CA ALA D 70 -20.21 -3.51 -36.58
C ALA D 70 -19.03 -4.47 -36.54
N GLY D 71 -17.95 -4.13 -35.82
CA GLY D 71 -16.92 -5.13 -35.54
C GLY D 71 -17.34 -6.15 -34.50
N GLN D 72 -17.95 -5.68 -33.41
CA GLN D 72 -18.56 -6.60 -32.46
C GLN D 72 -19.77 -7.31 -33.06
N LYS D 73 -20.56 -6.64 -33.90
CA LYS D 73 -21.60 -7.34 -34.63
C LYS D 73 -21.03 -8.30 -35.64
N ALA D 74 -19.99 -7.92 -36.37
CA ALA D 74 -19.26 -8.89 -37.17
C ALA D 74 -18.64 -9.97 -36.30
N ILE D 75 -18.23 -9.60 -35.08
CA ILE D 75 -17.77 -10.59 -34.11
C ILE D 75 -18.90 -11.54 -33.74
N GLU D 76 -20.05 -11.00 -33.35
CA GLU D 76 -21.17 -11.84 -32.94
C GLU D 76 -21.80 -12.57 -34.11
N ASP D 77 -21.93 -11.92 -35.28
CA ASP D 77 -22.31 -12.65 -36.48
C ASP D 77 -21.33 -13.76 -36.81
N ALA D 78 -20.02 -13.44 -36.83
CA ALA D 78 -19.05 -14.49 -37.03
C ALA D 78 -19.14 -15.56 -35.95
N TYR D 79 -19.28 -15.15 -34.68
CA TYR D 79 -19.26 -16.11 -33.58
C TYR D 79 -20.44 -17.07 -33.64
N GLN D 80 -21.65 -16.52 -33.74
CA GLN D 80 -22.87 -17.31 -33.53
C GLN D 80 -23.18 -18.20 -34.73
N ASN D 81 -22.93 -17.72 -35.94
CA ASN D 81 -23.05 -18.59 -37.11
C ASN D 81 -21.76 -19.36 -37.35
N GLY D 82 -20.73 -19.09 -36.55
CA GLY D 82 -19.47 -19.77 -36.67
C GLY D 82 -18.73 -19.43 -37.96
N LYS D 83 -18.95 -18.22 -38.45
CA LYS D 83 -18.33 -17.71 -39.67
C LYS D 83 -16.83 -17.56 -39.40
N GLN D 84 -16.02 -17.79 -40.42
CA GLN D 84 -14.60 -17.46 -40.38
C GLN D 84 -14.46 -15.93 -40.43
N ILE D 85 -13.45 -15.41 -39.73
CA ILE D 85 -13.23 -13.97 -39.73
C ILE D 85 -11.86 -13.66 -40.31
N LYS D 86 -11.83 -12.67 -41.20
CA LYS D 86 -10.58 -12.21 -41.81
C LYS D 86 -9.99 -11.12 -40.92
N PHE D 87 -8.75 -11.38 -40.47
CA PHE D 87 -8.11 -10.63 -39.40
C PHE D 87 -6.87 -9.92 -39.93
N TRP D 88 -6.82 -8.61 -39.70
CA TRP D 88 -5.73 -7.75 -40.14
C TRP D 88 -5.15 -7.04 -38.93
N ARG D 89 -3.89 -7.31 -38.61
CA ARG D 89 -3.17 -6.58 -37.57
C ARG D 89 -2.26 -5.56 -38.25
N VAL D 90 -2.64 -4.30 -38.19
CA VAL D 90 -1.92 -3.27 -38.93
C VAL D 90 -1.42 -2.21 -37.98
N ASP D 91 -0.29 -1.63 -38.34
CA ASP D 91 0.33 -0.58 -37.53
C ASP D 91 -0.34 0.77 -37.82
N THR D 92 -0.04 1.73 -36.94
CA THR D 92 -0.63 3.06 -37.00
C THR D 92 0.35 4.12 -37.49
N VAL D 93 1.66 3.89 -37.31
CA VAL D 93 2.66 4.82 -37.81
C VAL D 93 2.78 4.70 -39.32
N LYS D 94 3.41 5.69 -39.94
CA LYS D 94 3.50 5.77 -41.39
C LYS D 94 4.78 5.11 -41.87
N ASN D 95 4.65 3.94 -42.49
CA ASN D 95 5.76 3.29 -43.15
C ASN D 95 6.12 4.04 -44.44
N GLU D 96 7.33 3.81 -44.92
CA GLU D 96 7.83 4.51 -46.10
C GLU D 96 7.71 3.71 -47.39
N ASN D 97 7.36 2.43 -47.31
CA ASN D 97 7.00 1.70 -48.53
C ASN D 97 5.49 1.63 -48.70
N ASP D 98 4.84 0.71 -48.00
CA ASP D 98 3.40 0.70 -47.88
C ASP D 98 2.99 1.88 -46.99
N LYS D 99 1.70 2.23 -47.03
CA LYS D 99 1.17 3.22 -46.10
C LYS D 99 1.42 2.80 -44.67
N TYR D 100 1.16 1.54 -44.37
CA TYR D 100 1.35 0.95 -43.06
C TYR D 100 1.94 -0.44 -43.26
N ASP D 101 2.03 -1.20 -42.17
CA ASP D 101 2.54 -2.57 -42.26
C ASP D 101 1.70 -3.48 -41.37
N ALA D 102 1.46 -4.68 -41.87
CA ALA D 102 0.41 -5.52 -41.33
C ALA D 102 0.95 -6.93 -41.09
N GLN D 103 0.42 -7.55 -40.03
CA GLN D 103 0.41 -9.00 -39.89
C GLN D 103 -1.04 -9.43 -40.00
N PHE D 104 -1.30 -10.38 -40.89
CA PHE D 104 -2.64 -10.67 -41.39
C PHE D 104 -2.90 -12.16 -41.37
N GLY D 105 -4.18 -12.54 -41.23
CA GLY D 105 -4.53 -13.94 -41.41
C GLY D 105 -6.02 -14.14 -41.50
N PHE D 106 -6.40 -15.37 -41.84
CA PHE D 106 -7.78 -15.82 -41.73
C PHE D 106 -7.94 -16.46 -40.36
N ALA D 107 -9.00 -16.12 -39.66
CA ALA D 107 -9.17 -16.48 -38.27
C ALA D 107 -10.57 -17.05 -38.01
N TYR D 108 -10.66 -17.81 -36.93
CA TYR D 108 -11.87 -18.55 -36.57
C TYR D 108 -12.13 -18.34 -35.09
N ILE D 109 -13.36 -17.98 -34.74
CA ILE D 109 -13.72 -17.76 -33.35
C ILE D 109 -13.63 -19.07 -32.58
N GLU D 110 -12.78 -19.12 -31.56
CA GLU D 110 -12.67 -20.32 -30.75
C GLU D 110 -13.43 -20.25 -29.44
N SER D 111 -13.64 -19.07 -28.87
CA SER D 111 -14.46 -18.94 -27.69
C SER D 111 -14.84 -17.48 -27.49
N ARG D 112 -16.03 -17.26 -26.94
CA ARG D 112 -16.55 -15.94 -26.62
C ARG D 112 -16.71 -15.95 -25.10
N GLU D 113 -16.33 -14.84 -24.47
CA GLU D 113 -16.36 -14.67 -23.03
C GLU D 113 -17.01 -13.33 -22.76
N TYR D 114 -18.12 -13.33 -22.04
CA TYR D 114 -18.79 -12.09 -21.66
C TYR D 114 -18.63 -11.83 -20.17
N SER D 115 -18.09 -10.65 -19.86
CA SER D 115 -17.91 -10.21 -18.50
C SER D 115 -18.92 -9.13 -18.18
N ASP D 116 -19.66 -9.34 -17.09
CA ASP D 116 -20.50 -8.35 -16.45
C ASP D 116 -20.02 -8.23 -15.01
N GLY D 117 -19.50 -7.07 -14.65
CA GLY D 117 -19.08 -6.80 -13.29
C GLY D 117 -20.00 -5.79 -12.62
N VAL D 118 -19.66 -5.42 -11.39
CA VAL D 118 -20.40 -4.41 -10.65
C VAL D 118 -19.98 -3.00 -11.07
N GLU D 119 -18.67 -2.77 -11.20
CA GLU D 119 -18.20 -1.54 -11.81
C GLU D 119 -17.73 -1.74 -13.24
N GLY D 120 -17.72 -0.68 -14.04
CA GLY D 120 -17.03 -0.72 -15.31
C GLY D 120 -17.97 -1.30 -16.35
N ALA D 121 -17.84 -0.84 -17.60
CA ALA D 121 -18.72 -1.29 -18.67
C ALA D 121 -18.40 -2.73 -19.06
N VAL D 122 -19.34 -3.33 -19.80
CA VAL D 122 -19.29 -4.75 -20.10
C VAL D 122 -17.98 -5.09 -20.82
N GLU D 123 -17.43 -6.25 -20.51
CA GLU D 123 -16.14 -6.64 -21.08
C GLU D 123 -16.30 -7.90 -21.91
N ILE D 124 -15.71 -7.88 -23.10
CA ILE D 124 -15.77 -9.00 -24.02
C ILE D 124 -14.37 -9.53 -24.25
N SER D 125 -14.16 -10.77 -23.85
CA SER D 125 -12.96 -11.53 -24.20
C SER D 125 -13.32 -12.50 -25.31
N ILE D 126 -12.58 -12.47 -26.41
CA ILE D 126 -12.79 -13.40 -27.51
C ILE D 126 -11.49 -14.14 -27.78
N SER D 127 -11.57 -15.46 -27.79
CA SER D 127 -10.42 -16.33 -28.00
C SER D 127 -10.52 -16.97 -29.38
N LEU D 128 -9.44 -16.82 -30.14
CA LEU D 128 -9.41 -17.24 -31.54
C LEU D 128 -8.08 -17.91 -31.85
N GLN D 129 -8.02 -18.59 -32.98
CA GLN D 129 -6.77 -19.06 -33.55
C GLN D 129 -6.69 -18.53 -34.98
N VAL D 130 -5.50 -18.55 -35.55
CA VAL D 130 -5.34 -18.16 -36.95
C VAL D 130 -4.68 -19.32 -37.68
N ILE D 131 -5.28 -19.73 -38.80
CA ILE D 131 -4.82 -20.92 -39.51
C ILE D 131 -3.44 -20.67 -40.11
N GLY D 132 -3.29 -19.59 -40.85
CA GLY D 132 -2.01 -19.24 -41.42
C GLY D 132 -1.59 -17.85 -41.06
N GLU D 133 -0.45 -17.73 -40.36
CA GLU D 133 0.11 -16.42 -40.07
C GLU D 133 0.69 -15.79 -41.33
N LEU D 134 0.19 -14.61 -41.65
CA LEU D 134 0.57 -13.93 -42.89
C LEU D 134 1.08 -12.55 -42.53
N LYS D 135 2.00 -12.04 -43.33
CA LYS D 135 2.62 -10.73 -43.09
C LYS D 135 2.71 -9.98 -44.40
N ASN D 136 2.21 -8.74 -44.42
CA ASN D 136 2.30 -7.89 -45.60
C ASN D 136 2.19 -6.44 -45.17
N GLY D 137 2.77 -5.54 -45.96
CA GLY D 137 2.53 -4.12 -45.76
C GLY D 137 1.09 -3.76 -46.01
N GLU D 138 0.65 -2.69 -45.36
CA GLU D 138 -0.76 -2.29 -45.41
C GLU D 138 -0.87 -0.98 -46.16
N ILE D 139 -1.87 -0.89 -47.04
CA ILE D 139 -2.04 0.29 -47.87
C ILE D 139 -3.18 1.16 -47.35
N ASP D 140 -4.40 0.65 -47.38
CA ASP D 140 -5.54 1.45 -46.96
C ASP D 140 -6.29 0.79 -45.80
N THR D 141 -6.31 1.47 -44.67
CA THR D 141 -7.07 1.00 -43.51
C THR D 141 -8.20 1.95 -43.15
N LEU D 142 -8.90 2.51 -44.15
CA LEU D 142 -9.93 3.54 -44.02
C LEU D 142 -9.45 4.63 -43.07
N PRO D 143 -8.31 5.28 -43.37
CA PRO D 143 -7.54 5.99 -42.33
C PRO D 143 -8.21 7.24 -41.78
N GLU D 144 -9.29 7.65 -42.44
CA GLU D 144 -10.15 8.72 -41.96
C GLU D 144 -10.82 8.35 -40.65
N GLU D 145 -11.00 7.05 -40.39
CA GLU D 145 -11.75 6.59 -39.24
C GLU D 145 -11.00 5.61 -38.35
N ILE D 146 -10.29 4.64 -38.92
CA ILE D 146 -9.53 3.67 -38.16
C ILE D 146 -8.17 4.23 -37.74
N VAL D 147 -7.47 4.87 -38.67
CA VAL D 147 -6.14 5.38 -38.41
C VAL D 147 -6.27 6.60 -37.51
N ASN D 148 -7.30 7.42 -37.78
CA ASN D 148 -7.49 8.66 -37.05
C ASN D 148 -8.44 8.47 -35.87
N VAL D 149 -7.93 8.60 -34.64
CA VAL D 149 -8.81 8.63 -33.48
C VAL D 149 -9.05 10.08 -33.09
N SER D 150 -10.31 10.51 -33.16
CA SER D 150 -10.64 11.92 -32.98
C SER D 150 -11.45 12.17 -31.71
N LYS D 151 -11.26 13.31 -31.07
CA LYS D 151 -12.07 13.65 -29.91
C LYS D 151 -13.49 14.11 -30.26
N GLY D 152 -13.68 14.88 -31.33
CA GLY D 152 -14.99 15.39 -31.67
C GLY D 152 -15.28 16.75 -31.05
N GLY D 153 -14.27 17.35 -30.44
CA GLY D 153 -14.42 18.61 -29.75
C GLY D 153 -14.55 19.77 -30.73
N TYR D 154 -15.65 20.50 -30.59
CA TYR D 154 -15.95 21.69 -31.39
C TYR D 154 -15.65 22.93 -30.55
N ASP D 155 -14.59 23.67 -30.93
CA ASP D 155 -13.92 24.57 -30.00
C ASP D 155 -14.69 25.84 -29.65
N PHE D 156 -15.54 26.33 -30.56
CA PHE D 156 -16.57 27.36 -30.36
C PHE D 156 -17.83 26.98 -31.13
N GLN D 157 -18.91 26.78 -30.38
CA GLN D 157 -20.27 26.94 -30.86
C GLN D 157 -21.09 27.40 -29.66
N GLN D 158 -20.56 28.34 -28.86
CA GLN D 158 -21.16 28.61 -27.55
C GLN D 158 -22.66 28.92 -27.60
N PRO D 159 -23.15 29.98 -28.27
CA PRO D 159 -24.61 30.09 -28.41
C PRO D 159 -25.17 29.23 -29.53
N GLY D 160 -26.29 28.55 -29.29
CA GLY D 160 -26.78 27.59 -30.26
C GLY D 160 -25.95 26.34 -30.51
N GLN D 161 -25.28 25.79 -29.48
CA GLN D 161 -24.56 24.55 -29.68
C GLN D 161 -25.51 23.39 -29.90
N THR D 162 -26.62 23.37 -29.15
CA THR D 162 -27.72 22.39 -29.27
C THR D 162 -27.21 20.96 -29.34
N THR D 163 -26.54 20.52 -28.28
CA THR D 163 -25.79 19.28 -28.35
C THR D 163 -26.33 18.29 -27.32
N GLY D 164 -26.24 17.00 -27.65
CA GLY D 164 -26.55 15.95 -26.71
C GLY D 164 -25.40 15.66 -25.75
N GLU D 165 -25.52 14.58 -24.97
CA GLU D 165 -24.51 14.25 -23.98
C GLU D 165 -23.16 13.99 -24.63
N ALA D 166 -23.16 13.54 -25.89
CA ALA D 166 -21.95 13.20 -26.64
C ALA D 166 -21.38 14.48 -27.24
N PRO D 167 -20.10 14.47 -27.59
CA PRO D 167 -19.34 15.72 -27.70
C PRO D 167 -19.62 16.48 -28.98
N GLY D 168 -20.69 17.28 -28.94
CA GLY D 168 -20.93 18.30 -29.93
C GLY D 168 -21.72 17.90 -31.16
N THR D 169 -23.04 18.04 -31.12
CA THR D 169 -23.84 17.86 -32.33
C THR D 169 -24.39 19.21 -32.78
N VAL D 170 -24.68 19.29 -34.07
CA VAL D 170 -25.24 20.48 -34.70
C VAL D 170 -26.62 20.73 -34.09
N PRO D 171 -27.16 21.97 -34.18
CA PRO D 171 -28.49 22.22 -33.59
C PRO D 171 -29.59 21.51 -34.37
N ALA D 172 -30.54 20.94 -33.63
CA ALA D 172 -31.60 20.06 -34.14
C ALA D 172 -31.04 18.86 -34.89
N PRO E 1 29.63 -6.50 -8.90
CA PRO E 1 29.65 -7.64 -9.83
C PRO E 1 28.95 -7.33 -11.15
N ILE E 2 29.01 -8.27 -12.10
CA ILE E 2 28.37 -8.12 -13.40
C ILE E 2 26.88 -7.88 -13.15
N MET E 3 26.40 -6.73 -13.62
CA MET E 3 25.02 -6.33 -13.42
C MET E 3 24.11 -6.96 -14.48
N GLY E 4 22.82 -6.69 -14.33
CA GLY E 4 21.83 -7.14 -15.32
C GLY E 4 22.05 -6.59 -16.72
N GLN E 5 22.62 -5.40 -16.83
CA GLN E 5 23.03 -4.83 -18.11
C GLN E 5 24.31 -5.45 -18.62
N ASP E 6 25.06 -6.16 -17.77
CA ASP E 6 26.38 -6.66 -18.12
C ASP E 6 26.37 -7.73 -19.19
N VAL E 7 25.39 -8.62 -19.24
CA VAL E 7 25.34 -9.70 -20.22
C VAL E 7 24.32 -9.33 -21.27
N LYS E 8 24.73 -9.33 -22.55
CA LYS E 8 23.78 -9.07 -23.63
C LYS E 8 23.83 -10.19 -24.66
N TYR E 9 22.71 -10.35 -25.36
CA TYR E 9 22.43 -11.54 -26.16
C TYR E 9 22.45 -11.17 -27.64
N LEU E 10 23.60 -11.36 -28.27
CA LEU E 10 23.72 -11.15 -29.71
C LEU E 10 23.10 -12.33 -30.45
N PHE E 11 22.47 -12.05 -31.59
CA PHE E 11 21.90 -13.08 -32.45
C PHE E 11 22.31 -12.82 -33.90
N GLN E 12 22.63 -13.91 -34.60
CA GLN E 12 22.84 -13.82 -36.04
C GLN E 12 22.17 -15.01 -36.70
N SER E 13 21.57 -14.76 -37.87
CA SER E 13 20.90 -15.80 -38.63
C SER E 13 21.90 -16.73 -39.30
N ILE E 14 21.47 -17.97 -39.54
CA ILE E 14 22.35 -18.95 -40.16
C ILE E 14 22.62 -18.62 -41.63
N ASP E 15 21.58 -18.33 -42.41
CA ASP E 15 21.73 -18.16 -43.85
C ASP E 15 22.22 -16.78 -44.24
N ALA E 16 22.29 -15.83 -43.30
CA ALA E 16 22.64 -14.47 -43.65
C ALA E 16 24.09 -14.38 -44.12
N ALA E 17 24.97 -15.20 -43.52
CA ALA E 17 26.43 -15.18 -43.73
C ALA E 17 26.98 -13.75 -43.76
N THR E 18 26.55 -12.94 -42.79
CA THR E 18 26.97 -11.55 -42.68
C THR E 18 28.14 -11.46 -41.70
N GLY E 19 28.85 -10.34 -41.75
CA GLY E 19 30.00 -10.14 -40.90
C GLY E 19 29.68 -9.47 -39.58
N SER E 20 28.39 -9.30 -39.29
CA SER E 20 27.97 -8.61 -38.06
C SER E 20 26.58 -9.03 -37.62
N ALA E 21 26.41 -9.30 -36.32
CA ALA E 21 25.21 -9.84 -35.68
C ALA E 21 24.33 -8.74 -35.11
N PRO E 22 23.04 -8.65 -35.53
CA PRO E 22 22.17 -7.61 -34.95
C PRO E 22 21.83 -7.87 -33.50
N LEU E 23 22.04 -6.87 -32.65
CA LEU E 23 21.53 -6.91 -31.29
C LEU E 23 20.33 -5.97 -31.18
N PHE E 24 19.26 -6.49 -30.63
CA PHE E 24 18.05 -5.72 -30.78
C PHE E 24 17.86 -4.78 -29.57
N PRO E 25 17.37 -3.57 -29.77
CA PRO E 25 17.16 -2.66 -28.63
C PRO E 25 15.93 -3.02 -27.82
N ALA E 26 15.73 -2.23 -26.76
CA ALA E 26 14.61 -2.36 -25.83
C ALA E 26 14.52 -3.76 -25.24
N TYR E 27 15.67 -4.28 -24.81
CA TYR E 27 15.71 -5.55 -24.11
C TYR E 27 15.14 -5.41 -22.70
N GLN E 28 14.30 -6.37 -22.34
CA GLN E 28 13.68 -6.44 -21.04
C GLN E 28 14.47 -7.50 -20.28
N THR E 29 13.86 -8.66 -20.00
CA THR E 29 14.54 -9.71 -19.28
C THR E 29 14.66 -10.98 -20.11
N ASP E 30 15.30 -11.96 -19.51
CA ASP E 30 15.80 -13.12 -20.23
C ASP E 30 16.09 -14.22 -19.21
N GLY E 31 15.69 -15.43 -19.54
CA GLY E 31 16.09 -16.58 -18.77
C GLY E 31 16.78 -17.61 -19.62
N SER E 32 17.94 -18.07 -19.16
CA SER E 32 18.66 -19.16 -19.79
C SER E 32 18.52 -20.34 -18.83
N VAL E 33 17.55 -21.20 -19.11
CA VAL E 33 17.21 -22.29 -18.21
C VAL E 33 17.81 -23.58 -18.77
N SER E 34 18.69 -24.20 -17.97
CA SER E 34 19.58 -25.26 -18.42
C SER E 34 19.52 -26.38 -17.39
N GLY E 35 18.53 -27.27 -17.55
CA GLY E 35 18.36 -28.35 -16.60
C GLY E 35 19.22 -29.56 -16.91
N GLU E 36 20.01 -30.00 -15.94
CA GLU E 36 20.91 -31.14 -16.12
C GLU E 36 20.34 -32.31 -15.32
N ARG E 37 19.43 -33.06 -15.94
CA ARG E 37 18.72 -34.12 -15.26
C ARG E 37 19.69 -35.20 -14.80
N GLU E 38 19.16 -36.25 -14.18
CA GLU E 38 19.95 -37.24 -13.46
C GLU E 38 19.22 -38.58 -13.51
N LEU E 39 20.00 -39.65 -13.63
CA LEU E 39 19.49 -41.00 -13.71
C LEU E 39 19.01 -41.47 -12.34
N PHE E 40 18.26 -42.59 -12.35
CA PHE E 40 17.87 -43.27 -11.12
C PHE E 40 18.63 -44.58 -10.96
N ASP E 41 19.85 -44.49 -10.43
CA ASP E 41 20.51 -45.58 -9.73
C ASP E 41 20.49 -45.26 -8.24
N GLU E 42 19.47 -45.74 -7.54
CA GLU E 42 19.37 -45.59 -6.09
C GLU E 42 20.45 -46.33 -5.35
N GLN E 43 21.12 -47.27 -6.02
CA GLN E 43 22.10 -48.22 -5.44
C GLN E 43 21.46 -49.10 -4.37
N THR E 44 20.19 -49.47 -4.58
CA THR E 44 19.28 -50.02 -3.56
C THR E 44 19.48 -49.37 -2.20
N LYS E 45 19.41 -48.04 -2.19
CA LYS E 45 19.63 -47.24 -0.98
C LYS E 45 18.36 -46.51 -0.58
N ASN E 46 18.21 -45.27 -1.06
CA ASN E 46 17.01 -44.47 -0.79
C ASN E 46 16.69 -43.49 -1.90
N GLY E 47 17.05 -43.80 -3.14
CA GLY E 47 16.80 -42.91 -4.27
C GLY E 47 17.91 -41.89 -4.40
N ARG E 48 19.13 -42.30 -4.08
CA ARG E 48 20.29 -41.42 -4.15
C ARG E 48 21.04 -41.76 -5.43
N ILE E 49 21.22 -40.76 -6.29
CA ILE E 49 21.96 -40.93 -7.54
C ILE E 49 22.89 -39.74 -7.75
N LEU E 50 24.15 -40.02 -8.11
CA LEU E 50 25.11 -38.96 -8.42
C LEU E 50 25.42 -38.91 -9.91
N GLY E 51 24.53 -39.43 -10.76
CA GLY E 51 24.79 -39.62 -12.16
C GLY E 51 23.99 -38.71 -13.07
N PRO E 52 24.46 -38.53 -14.30
CA PRO E 52 23.81 -37.58 -15.21
C PRO E 52 22.55 -38.13 -15.85
N GLY E 53 21.71 -37.22 -16.33
CA GLY E 53 20.45 -37.58 -16.96
C GLY E 53 20.43 -37.03 -18.37
N SER E 54 20.17 -35.73 -18.46
CA SER E 54 20.12 -35.07 -19.75
C SER E 54 20.20 -33.56 -19.58
N VAL E 55 20.34 -32.87 -20.71
CA VAL E 55 20.48 -31.42 -20.73
C VAL E 55 19.24 -30.80 -21.39
N ALA E 56 18.45 -30.10 -20.59
CA ALA E 56 17.30 -29.34 -21.08
C ALA E 56 17.70 -27.88 -21.17
N ASP E 57 18.28 -27.51 -22.31
CA ASP E 57 18.87 -26.19 -22.48
C ASP E 57 17.93 -25.35 -23.31
N SER E 58 17.20 -24.47 -22.63
CA SER E 58 16.22 -23.58 -23.23
C SER E 58 16.37 -22.18 -22.67
N GLY E 59 15.93 -21.21 -23.47
CA GLY E 59 15.93 -19.83 -23.05
C GLY E 59 14.72 -19.08 -23.54
N GLU E 60 14.36 -18.01 -22.83
CA GLU E 60 13.27 -17.14 -23.26
C GLU E 60 13.80 -15.71 -23.23
N VAL E 61 13.51 -14.96 -24.28
CA VAL E 61 13.99 -13.59 -24.41
C VAL E 61 12.79 -12.68 -24.62
N THR E 62 12.62 -11.70 -23.74
CA THR E 62 11.57 -10.72 -23.91
C THR E 62 12.17 -9.39 -24.36
N TYR E 63 11.47 -8.69 -25.25
CA TYR E 63 11.89 -7.36 -25.70
C TYR E 63 10.67 -6.60 -26.17
N TYR E 64 10.81 -5.27 -26.22
CA TYR E 64 9.77 -4.38 -26.76
C TYR E 64 9.97 -4.24 -28.26
N GLY E 65 8.86 -4.13 -28.99
CA GLY E 65 8.93 -4.07 -30.44
C GLY E 65 9.32 -2.72 -31.01
N LYS E 66 10.14 -2.73 -32.05
CA LYS E 66 10.49 -1.51 -32.76
C LYS E 66 10.07 -1.63 -34.22
N ARG E 67 9.73 -0.50 -34.83
CA ARG E 67 9.16 -0.48 -36.18
C ARG E 67 10.02 -1.21 -37.20
N GLY E 68 11.33 -1.09 -37.14
CA GLY E 68 12.22 -1.80 -38.04
C GLY E 68 13.19 -2.66 -37.25
N ASP E 69 14.48 -2.45 -37.49
CA ASP E 69 15.60 -2.98 -36.70
C ASP E 69 15.69 -4.50 -36.86
N ALA E 70 16.92 -4.96 -37.13
CA ALA E 70 17.21 -6.23 -37.79
C ALA E 70 17.42 -7.46 -36.90
N GLY E 71 17.50 -7.28 -35.59
CA GLY E 71 17.45 -8.43 -34.68
C GLY E 71 16.05 -8.99 -34.55
N GLN E 72 15.06 -8.12 -34.38
CA GLN E 72 13.66 -8.57 -34.42
C GLN E 72 13.27 -9.03 -35.82
N LYS E 73 13.79 -8.38 -36.87
CA LYS E 73 13.58 -8.90 -38.21
C LYS E 73 14.31 -10.21 -38.43
N ALA E 74 15.55 -10.33 -37.95
CA ALA E 74 16.19 -11.63 -37.92
C ALA E 74 15.41 -12.59 -37.03
N ILE E 75 14.81 -12.08 -35.97
CA ILE E 75 13.91 -12.89 -35.14
C ILE E 75 12.71 -13.36 -35.95
N GLU E 76 12.02 -12.42 -36.61
CA GLU E 76 10.83 -12.79 -37.38
C GLU E 76 11.17 -13.57 -38.64
N ASP E 77 12.26 -13.21 -39.33
CA ASP E 77 12.75 -14.07 -40.41
C ASP E 77 13.09 -15.45 -39.91
N ALA E 78 13.88 -15.54 -38.84
CA ALA E 78 14.15 -16.85 -38.25
C ALA E 78 12.86 -17.54 -37.82
N TYR E 79 11.95 -16.82 -37.17
CA TYR E 79 10.75 -17.44 -36.64
C TYR E 79 9.86 -18.01 -37.74
N GLN E 80 9.51 -17.18 -38.72
CA GLN E 80 8.45 -17.50 -39.66
C GLN E 80 8.90 -18.52 -40.70
N ASN E 81 10.16 -18.45 -41.14
CA ASN E 81 10.71 -19.50 -41.99
C ASN E 81 11.26 -20.65 -41.17
N GLY E 82 11.26 -20.50 -39.84
CA GLY E 82 11.74 -21.52 -38.95
C GLY E 82 13.23 -21.73 -39.04
N LYS E 83 13.95 -20.67 -39.37
CA LYS E 83 15.41 -20.67 -39.52
C LYS E 83 15.99 -20.90 -38.13
N GLN E 84 17.12 -21.60 -38.07
CA GLN E 84 17.94 -21.69 -36.86
C GLN E 84 18.59 -20.34 -36.61
N ILE E 85 18.74 -19.97 -35.34
CA ILE E 85 19.38 -18.70 -35.00
C ILE E 85 20.63 -18.96 -34.19
N LYS E 86 21.70 -18.27 -34.56
CA LYS E 86 22.97 -18.35 -33.85
C LYS E 86 22.97 -17.30 -32.74
N PHE E 87 23.14 -17.78 -31.50
CA PHE E 87 22.90 -17.03 -30.29
C PHE E 87 24.19 -16.85 -29.51
N TRP E 88 24.52 -15.60 -29.19
CA TRP E 88 25.72 -15.22 -28.47
C TRP E 88 25.31 -14.44 -27.24
N ARG E 89 25.61 -14.97 -26.05
CA ARG E 89 25.42 -14.25 -24.79
C ARG E 89 26.78 -13.74 -24.33
N VAL E 90 27.00 -12.44 -24.48
CA VAL E 90 28.31 -11.89 -24.21
C VAL E 90 28.20 -10.82 -23.14
N ASP E 91 29.27 -10.69 -22.36
CA ASP E 91 29.33 -9.70 -21.30
C ASP E 91 29.70 -8.34 -21.86
N THR E 92 29.52 -7.31 -21.01
CA THR E 92 29.75 -5.93 -21.38
C THR E 92 31.01 -5.35 -20.75
N VAL E 93 31.44 -5.91 -19.61
CA VAL E 93 32.67 -5.45 -18.98
C VAL E 93 33.88 -5.96 -19.77
N LYS E 94 35.03 -5.38 -19.49
CA LYS E 94 36.25 -5.69 -20.25
C LYS E 94 37.03 -6.78 -19.54
N ASN E 95 37.03 -7.98 -20.13
CA ASN E 95 37.87 -9.06 -19.67
C ASN E 95 39.33 -8.79 -20.03
N GLU E 96 40.24 -9.46 -19.33
CA GLU E 96 41.66 -9.25 -19.54
C GLU E 96 42.33 -10.27 -20.45
N ASN E 97 41.62 -11.33 -20.83
CA ASN E 97 42.14 -12.20 -21.88
C ASN E 97 41.48 -11.87 -23.23
N ASP E 98 40.27 -12.36 -23.44
CA ASP E 98 39.45 -11.92 -24.56
C ASP E 98 38.98 -10.50 -24.26
N LYS E 99 38.49 -9.81 -25.29
CA LYS E 99 37.86 -8.52 -25.10
C LYS E 99 36.70 -8.63 -24.11
N TYR E 100 35.87 -9.64 -24.29
CA TYR E 100 34.73 -9.93 -23.44
C TYR E 100 34.68 -11.43 -23.21
N ASP E 101 33.59 -11.91 -22.61
CA ASP E 101 33.42 -13.33 -22.40
C ASP E 101 31.97 -13.72 -22.66
N ALA E 102 31.81 -14.89 -23.28
CA ALA E 102 30.55 -15.23 -23.91
C ALA E 102 30.11 -16.63 -23.49
N GLN E 103 28.80 -16.79 -23.37
CA GLN E 103 28.15 -18.09 -23.45
C GLN E 103 27.35 -18.10 -24.75
N PHE E 104 27.58 -19.12 -25.57
CA PHE E 104 27.19 -19.12 -26.98
C PHE E 104 26.51 -20.42 -27.34
N GLY E 105 25.63 -20.37 -28.33
CA GLY E 105 25.08 -21.60 -28.86
C GLY E 105 24.33 -21.38 -30.15
N PHE E 106 23.96 -22.50 -30.79
CA PHE E 106 23.01 -22.48 -31.89
C PHE E 106 21.62 -22.71 -31.32
N ALA E 107 20.67 -21.89 -31.75
CA ALA E 107 19.36 -21.85 -31.13
C ALA E 107 18.24 -21.91 -32.17
N TYR E 108 17.07 -22.33 -31.71
CA TYR E 108 15.92 -22.57 -32.57
C TYR E 108 14.70 -21.94 -31.91
N ILE E 109 13.94 -21.16 -32.68
CA ILE E 109 12.74 -20.52 -32.16
C ILE E 109 11.71 -21.58 -31.80
N GLU E 110 11.32 -21.61 -30.52
CA GLU E 110 10.30 -22.57 -30.10
C GLU E 110 8.91 -21.96 -29.96
N SER E 111 8.79 -20.66 -29.68
CA SER E 111 7.49 -20.02 -29.66
C SER E 111 7.69 -18.51 -29.71
N ARG E 112 6.73 -17.83 -30.34
CA ARG E 112 6.69 -16.38 -30.44
C ARG E 112 5.43 -15.97 -29.70
N GLU E 113 5.54 -14.91 -28.92
CA GLU E 113 4.45 -14.39 -28.11
C GLU E 113 4.40 -12.88 -28.34
N TYR E 114 3.26 -12.39 -28.84
CA TYR E 114 3.08 -10.97 -29.03
C TYR E 114 2.09 -10.39 -28.04
N SER E 115 2.56 -9.39 -27.29
CA SER E 115 1.73 -8.70 -26.32
C SER E 115 1.37 -7.33 -26.84
N ASP E 116 0.07 -7.05 -26.85
CA ASP E 116 -0.51 -5.73 -27.06
C ASP E 116 -1.35 -5.42 -25.83
N GLY E 117 -0.94 -4.40 -25.08
CA GLY E 117 -1.71 -3.94 -23.94
C GLY E 117 -2.32 -2.57 -24.20
N VAL E 118 -2.99 -2.04 -23.19
CA VAL E 118 -3.58 -0.71 -23.26
C VAL E 118 -2.52 0.36 -23.00
N GLU E 119 -1.68 0.18 -21.99
CA GLU E 119 -0.52 1.03 -21.82
C GLU E 119 0.77 0.37 -22.27
N GLY E 120 1.79 1.15 -22.61
CA GLY E 120 3.12 0.60 -22.78
C GLY E 120 3.26 0.09 -24.20
N ALA E 121 4.47 0.17 -24.75
CA ALA E 121 4.70 -0.25 -26.13
C ALA E 121 4.64 -1.77 -26.25
N VAL E 122 4.54 -2.23 -27.50
CA VAL E 122 4.28 -3.65 -27.77
C VAL E 122 5.37 -4.50 -27.16
N GLU E 123 4.99 -5.67 -26.65
CA GLU E 123 5.94 -6.54 -25.97
C GLU E 123 6.06 -7.86 -26.70
N ILE E 124 7.30 -8.30 -26.89
CA ILE E 124 7.58 -9.54 -27.60
C ILE E 124 8.27 -10.50 -26.65
N SER E 125 7.62 -11.62 -26.37
CA SER E 125 8.22 -12.74 -25.67
C SER E 125 8.54 -13.81 -26.70
N ILE E 126 9.79 -14.27 -26.72
CA ILE E 126 10.21 -15.33 -27.61
C ILE E 126 10.81 -16.45 -26.79
N SER E 127 10.29 -17.67 -27.00
CA SER E 127 10.72 -18.85 -26.28
C SER E 127 11.52 -19.75 -27.20
N LEU E 128 12.72 -20.11 -26.75
CA LEU E 128 13.68 -20.85 -27.56
C LEU E 128 14.35 -21.92 -26.72
N GLN E 129 15.02 -22.85 -27.40
CA GLN E 129 15.92 -23.78 -26.75
C GLN E 129 17.26 -23.67 -27.45
N VAL E 130 18.31 -24.17 -26.80
CA VAL E 130 19.62 -24.20 -27.43
C VAL E 130 20.11 -25.64 -27.43
N ILE E 131 20.54 -26.11 -28.60
CA ILE E 131 20.91 -27.52 -28.75
C ILE E 131 22.14 -27.84 -27.94
N GLY E 132 23.20 -27.06 -28.13
CA GLY E 132 24.42 -27.26 -27.37
C GLY E 132 24.85 -26.00 -26.67
N GLU E 133 24.92 -26.04 -25.35
CA GLU E 133 25.45 -24.92 -24.58
C GLU E 133 26.96 -24.82 -24.75
N LEU E 134 27.39 -23.65 -25.23
CA LEU E 134 28.79 -23.44 -25.56
C LEU E 134 29.27 -22.21 -24.79
N LYS E 135 30.56 -22.21 -24.44
CA LYS E 135 31.14 -21.12 -23.67
C LYS E 135 32.50 -20.76 -24.25
N ASN E 136 32.71 -19.49 -24.55
CA ASN E 136 33.99 -19.01 -25.05
C ASN E 136 34.13 -17.52 -24.75
N GLY E 137 35.36 -17.05 -24.63
CA GLY E 137 35.60 -15.63 -24.56
C GLY E 137 35.21 -14.93 -25.85
N GLU E 138 34.85 -13.66 -25.72
CA GLU E 138 34.34 -12.90 -26.85
C GLU E 138 35.36 -11.83 -27.24
N ILE E 139 35.57 -11.67 -28.54
CA ILE E 139 36.57 -10.73 -29.03
C ILE E 139 35.90 -9.47 -29.56
N ASP E 140 35.12 -9.59 -30.63
CA ASP E 140 34.52 -8.41 -31.24
C ASP E 140 32.99 -8.53 -31.26
N THR E 141 32.34 -7.62 -30.54
CA THR E 141 30.88 -7.54 -30.56
C THR E 141 30.36 -6.26 -31.18
N LEU E 142 31.01 -5.78 -32.27
CA LEU E 142 30.76 -4.50 -32.92
C LEU E 142 30.65 -3.40 -31.87
N PRO E 143 31.70 -3.20 -31.04
CA PRO E 143 31.53 -2.51 -29.75
C PRO E 143 31.21 -1.02 -29.84
N GLU E 144 31.34 -0.49 -31.06
CA GLU E 144 30.92 0.86 -31.38
C GLU E 144 29.41 1.03 -31.23
N GLU E 145 28.65 -0.05 -31.35
CA GLU E 145 27.20 0.02 -31.37
C GLU E 145 26.54 -0.89 -30.35
N ILE E 146 26.98 -2.13 -30.19
CA ILE E 146 26.40 -3.07 -29.23
C ILE E 146 26.97 -2.85 -27.84
N VAL E 147 28.28 -2.67 -27.73
CA VAL E 147 28.93 -2.53 -26.43
C VAL E 147 28.61 -1.14 -25.90
N ASN E 148 28.60 -0.15 -26.80
CA ASN E 148 28.38 1.24 -26.41
C ASN E 148 26.91 1.62 -26.53
N VAL E 149 26.25 1.89 -25.41
CA VAL E 149 24.90 2.45 -25.46
C VAL E 149 25.01 3.96 -25.28
N SER E 150 24.59 4.70 -26.30
CA SER E 150 24.78 6.15 -26.32
C SER E 150 23.48 6.92 -26.23
N LYS E 151 23.48 8.08 -25.58
CA LYS E 151 22.29 8.92 -25.55
C LYS E 151 22.02 9.66 -26.86
N GLY E 152 23.04 10.17 -27.55
CA GLY E 152 22.84 10.95 -28.76
C GLY E 152 22.70 12.44 -28.49
N GLY E 153 22.95 12.84 -27.26
CA GLY E 153 22.79 14.23 -26.86
C GLY E 153 23.90 15.10 -27.40
N TYR E 154 23.52 16.13 -28.13
CA TYR E 154 24.42 17.12 -28.71
C TYR E 154 24.37 18.39 -27.86
N ASP E 155 25.46 18.66 -27.14
CA ASP E 155 25.40 19.54 -25.96
C ASP E 155 25.19 21.02 -26.26
N PHE E 156 25.66 21.50 -27.42
CA PHE E 156 25.37 22.80 -28.03
C PHE E 156 25.20 22.62 -29.54
N GLN E 157 23.99 22.93 -30.00
CA GLN E 157 23.74 23.37 -31.38
C GLN E 157 22.56 24.31 -31.32
N GLN E 158 22.55 25.22 -30.34
CA GLN E 158 21.32 25.97 -30.04
C GLN E 158 20.71 26.67 -31.26
N PRO E 159 21.38 27.65 -31.92
CA PRO E 159 20.79 28.13 -33.18
C PRO E 159 21.07 27.23 -34.38
N GLY E 160 20.08 26.98 -35.22
CA GLY E 160 20.25 25.99 -36.27
C GLY E 160 20.39 24.53 -35.86
N GLN E 161 19.73 24.09 -34.79
CA GLN E 161 19.80 22.67 -34.44
C GLN E 161 19.07 21.82 -35.48
N THR E 162 17.92 22.31 -35.96
CA THR E 162 17.10 21.70 -37.02
C THR E 162 16.89 20.20 -36.79
N THR E 163 16.23 19.86 -35.69
CA THR E 163 16.22 18.48 -35.25
C THR E 163 14.78 17.97 -35.20
N GLY E 164 14.62 16.67 -35.45
CA GLY E 164 13.34 16.02 -35.28
C GLY E 164 13.06 15.65 -33.84
N GLU E 165 11.99 14.88 -33.61
CA GLU E 165 11.60 14.52 -32.25
C GLU E 165 12.70 13.73 -31.54
N ALA E 166 13.52 13.01 -32.31
CA ALA E 166 14.58 12.16 -31.79
C ALA E 166 15.82 13.02 -31.53
N PRO E 167 16.74 12.56 -30.69
CA PRO E 167 17.65 13.47 -30.00
C PRO E 167 18.80 13.94 -30.88
N GLY E 168 18.52 15.00 -31.64
CA GLY E 168 19.55 15.78 -32.30
C GLY E 168 19.97 15.34 -33.68
N THR E 169 19.33 15.86 -34.73
CA THR E 169 19.81 15.64 -36.08
C THR E 169 20.37 16.94 -36.64
N VAL E 170 21.28 16.78 -37.60
CA VAL E 170 21.91 17.89 -38.30
C VAL E 170 20.83 18.67 -39.04
N PRO E 171 21.08 19.94 -39.41
CA PRO E 171 20.04 20.70 -40.13
C PRO E 171 19.84 20.18 -41.54
N ALA E 172 18.58 20.11 -41.95
CA ALA E 172 18.13 19.49 -43.20
C ALA E 172 18.56 18.03 -43.30
N PRO F 1 19.26 -17.06 18.40
CA PRO F 1 19.60 -18.33 17.75
C PRO F 1 20.40 -18.14 16.47
N ILE F 2 20.85 -19.25 15.88
CA ILE F 2 21.60 -19.22 14.63
C ILE F 2 20.76 -18.49 13.59
N MET F 3 21.29 -17.39 13.07
CA MET F 3 20.59 -16.57 12.11
C MET F 3 20.74 -17.12 10.69
N GLY F 4 20.08 -16.45 9.74
CA GLY F 4 20.21 -16.80 8.34
C GLY F 4 21.62 -16.68 7.78
N GLN F 5 22.42 -15.77 8.32
CA GLN F 5 23.83 -15.67 8.00
C GLN F 5 24.65 -16.74 8.67
N ASP F 6 24.09 -17.43 9.67
CA ASP F 6 24.85 -18.36 10.49
C ASP F 6 25.32 -19.61 9.75
N VAL F 7 24.54 -20.14 8.81
CA VAL F 7 24.91 -21.35 8.09
C VAL F 7 25.37 -20.95 6.70
N LYS F 8 26.56 -21.37 6.31
CA LYS F 8 27.05 -21.09 4.96
C LYS F 8 27.48 -22.38 4.28
N TYR F 9 27.42 -22.36 2.95
CA TYR F 9 27.48 -23.56 2.11
C TYR F 9 28.79 -23.56 1.34
N LEU F 10 29.80 -24.24 1.89
CA LEU F 10 31.07 -24.40 1.19
C LEU F 10 30.92 -25.48 0.12
N PHE F 11 31.61 -25.29 -1.00
CA PHE F 11 31.63 -26.28 -2.07
C PHE F 11 33.06 -26.50 -2.54
N GLN F 12 33.39 -27.75 -2.81
CA GLN F 12 34.66 -28.07 -3.45
C GLN F 12 34.43 -29.12 -4.52
N SER F 13 35.14 -28.98 -5.63
CA SER F 13 35.03 -29.92 -6.74
C SER F 13 35.73 -31.24 -6.41
N ILE F 14 35.27 -32.32 -7.05
CA ILE F 14 35.85 -33.63 -6.82
C ILE F 14 37.25 -33.74 -7.38
N ASP F 15 37.46 -33.35 -8.64
CA ASP F 15 38.72 -33.57 -9.32
C ASP F 15 39.77 -32.52 -8.97
N ALA F 16 39.40 -31.45 -8.28
CA ALA F 16 40.35 -30.38 -8.02
C ALA F 16 41.48 -30.83 -7.09
N ALA F 17 41.14 -31.71 -6.13
CA ALA F 17 42.05 -32.17 -5.06
C ALA F 17 42.85 -31.02 -4.47
N THR F 18 42.16 -29.91 -4.17
CA THR F 18 42.77 -28.73 -3.60
C THR F 18 42.63 -28.77 -2.09
N GLY F 19 43.42 -27.95 -1.39
CA GLY F 19 43.39 -27.92 0.06
C GLY F 19 42.43 -26.90 0.63
N SER F 20 41.62 -26.29 -0.24
CA SER F 20 40.70 -25.25 0.20
C SER F 20 39.50 -25.12 -0.73
N ALA F 21 38.30 -25.03 -0.16
CA ALA F 21 36.99 -25.01 -0.83
C ALA F 21 36.50 -23.60 -1.11
N PRO F 22 36.21 -23.22 -2.37
CA PRO F 22 35.70 -21.87 -2.62
C PRO F 22 34.28 -21.67 -2.10
N LEU F 23 34.08 -20.61 -1.34
CA LEU F 23 32.73 -20.19 -0.99
C LEU F 23 32.39 -18.94 -1.77
N PHE F 24 31.23 -18.97 -2.41
CA PHE F 24 31.02 -17.92 -3.38
C PHE F 24 30.31 -16.73 -2.73
N PRO F 25 30.66 -15.50 -3.10
CA PRO F 25 29.98 -14.34 -2.50
C PRO F 25 28.60 -14.11 -3.09
N ALA F 26 27.94 -13.08 -2.55
CA ALA F 26 26.60 -12.64 -2.95
C ALA F 26 25.58 -13.78 -2.86
N TYR F 27 25.64 -14.51 -1.74
CA TYR F 27 24.65 -15.54 -1.46
C TYR F 27 23.30 -14.92 -1.10
N GLN F 28 22.25 -15.47 -1.69
CA GLN F 28 20.89 -15.04 -1.47
C GLN F 28 20.31 -16.08 -0.52
N THR F 29 19.38 -16.92 -1.00
CA THR F 29 18.77 -17.93 -0.15
C THR F 29 19.03 -19.33 -0.70
N ASP F 30 18.52 -20.30 0.05
CA ASP F 30 18.92 -21.68 -0.08
C ASP F 30 17.87 -22.54 0.60
N GLY F 31 17.51 -23.63 -0.06
CA GLY F 31 16.68 -24.63 0.57
C GLY F 31 17.33 -25.99 0.53
N SER F 32 17.38 -26.65 1.68
CA SER F 32 17.84 -28.03 1.77
C SER F 32 16.60 -28.85 2.06
N VAL F 33 16.04 -29.44 1.01
CA VAL F 33 14.75 -30.13 1.11
C VAL F 33 15.04 -31.63 1.13
N SER F 34 14.62 -32.27 2.22
CA SER F 34 15.04 -33.62 2.57
C SER F 34 13.80 -34.42 2.96
N GLY F 35 13.12 -34.97 1.97
CA GLY F 35 11.89 -35.71 2.24
C GLY F 35 12.14 -37.16 2.61
N GLU F 36 11.62 -37.58 3.76
CA GLU F 36 11.79 -38.94 4.25
C GLU F 36 10.47 -39.67 4.10
N ARG F 37 10.23 -40.23 2.92
CA ARG F 37 8.95 -40.85 2.60
C ARG F 37 8.70 -42.04 3.52
N GLU F 38 7.56 -42.71 3.31
CA GLU F 38 7.03 -43.69 4.24
C GLU F 38 6.23 -44.73 3.47
N LEU F 39 6.34 -45.98 3.91
CA LEU F 39 5.66 -47.10 3.27
C LEU F 39 4.17 -47.07 3.60
N PHE F 40 3.40 -47.88 2.87
CA PHE F 40 2.00 -48.12 3.17
C PHE F 40 1.79 -49.52 3.71
N ASP F 41 2.00 -49.68 5.02
CA ASP F 41 1.39 -50.72 5.83
C ASP F 41 0.31 -50.07 6.70
N GLU F 42 -0.92 -50.05 6.20
CA GLU F 42 -2.05 -49.55 6.97
C GLU F 42 -2.37 -50.39 8.19
N GLN F 43 -1.83 -51.62 8.24
CA GLN F 43 -2.14 -52.65 9.24
C GLN F 43 -3.63 -53.03 9.24
N THR F 44 -4.22 -53.04 8.03
CA THR F 44 -5.67 -53.06 7.80
C THR F 44 -6.42 -52.19 8.83
N LYS F 45 -5.99 -50.92 8.93
CA LYS F 45 -6.55 -49.98 9.90
C LYS F 45 -7.23 -48.83 9.18
N ASN F 46 -6.48 -47.75 8.93
CA ASN F 46 -7.02 -46.59 8.21
C ASN F 46 -5.94 -45.85 7.43
N GLY F 47 -4.89 -46.53 6.97
CA GLY F 47 -3.82 -45.89 6.24
C GLY F 47 -2.79 -45.30 7.19
N ARG F 48 -2.58 -45.97 8.31
CA ARG F 48 -1.63 -45.52 9.32
C ARG F 48 -0.37 -46.35 9.17
N ILE F 49 0.76 -45.68 8.94
CA ILE F 49 2.05 -46.34 8.81
C ILE F 49 3.11 -45.57 9.60
N LEU F 50 3.92 -46.28 10.38
CA LEU F 50 5.03 -45.67 11.11
C LEU F 50 6.38 -46.05 10.52
N GLY F 51 6.42 -46.46 9.25
CA GLY F 51 7.58 -47.04 8.64
C GLY F 51 8.22 -46.17 7.59
N PRO F 52 9.50 -46.42 7.29
CA PRO F 52 10.22 -45.57 6.35
C PRO F 52 9.90 -45.84 4.89
N GLY F 53 10.19 -44.86 4.05
CA GLY F 53 9.93 -44.97 2.62
C GLY F 53 11.22 -44.78 1.87
N SER F 54 11.63 -43.51 1.76
CA SER F 54 12.86 -43.19 1.07
C SER F 54 13.31 -41.77 1.40
N VAL F 55 14.52 -41.42 0.97
CA VAL F 55 15.12 -40.13 1.24
C VAL F 55 15.24 -39.35 -0.07
N ALA F 56 14.47 -38.27 -0.17
CA ALA F 56 14.55 -37.35 -1.30
C ALA F 56 15.34 -36.14 -0.85
N ASP F 57 16.66 -36.22 -0.98
CA ASP F 57 17.56 -35.22 -0.43
C ASP F 57 18.05 -34.34 -1.57
N SER F 58 17.47 -33.16 -1.67
CA SER F 58 17.76 -32.19 -2.71
C SER F 58 17.90 -30.80 -2.11
N GLY F 59 18.66 -29.95 -2.80
CA GLY F 59 18.81 -28.58 -2.38
C GLY F 59 18.86 -27.64 -3.56
N GLU F 60 18.51 -26.38 -3.33
CA GLU F 60 18.61 -25.34 -4.35
C GLU F 60 19.36 -24.17 -3.73
N VAL F 61 20.32 -23.64 -4.48
CA VAL F 61 21.16 -22.54 -4.00
C VAL F 61 21.04 -21.39 -4.98
N THR F 62 20.61 -20.22 -4.50
CA THR F 62 20.58 -19.04 -5.34
C THR F 62 21.70 -18.10 -4.94
N TYR F 63 22.31 -17.45 -5.94
CA TYR F 63 23.35 -16.44 -5.69
C TYR F 63 23.39 -15.47 -6.86
N TYR F 64 23.97 -14.29 -6.63
CA TYR F 64 24.19 -13.29 -7.66
C TYR F 64 25.52 -13.56 -8.33
N GLY F 65 25.59 -13.30 -9.64
CA GLY F 65 26.78 -13.60 -10.40
C GLY F 65 27.90 -12.60 -10.25
N LYS F 66 29.14 -13.09 -10.17
CA LYS F 66 30.30 -12.23 -10.15
C LYS F 66 31.21 -12.56 -11.34
N ARG F 67 31.92 -11.54 -11.82
CA ARG F 67 32.70 -11.67 -13.05
C ARG F 67 33.69 -12.84 -13.03
N GLY F 68 34.34 -13.10 -11.90
CA GLY F 68 35.24 -14.23 -11.77
C GLY F 68 34.78 -15.14 -10.65
N ASP F 69 35.71 -15.37 -9.71
CA ASP F 69 35.45 -16.02 -8.41
C ASP F 69 35.07 -17.50 -8.61
N ALA F 70 35.74 -18.35 -7.83
CA ALA F 70 35.95 -19.77 -8.12
C ALA F 70 34.91 -20.76 -7.59
N GLY F 71 33.98 -20.32 -6.73
CA GLY F 71 32.83 -21.16 -6.41
C GLY F 71 31.82 -21.24 -7.54
N GLN F 72 31.50 -20.09 -8.15
CA GLN F 72 30.69 -20.10 -9.36
C GLN F 72 31.43 -20.73 -10.53
N LYS F 73 32.75 -20.52 -10.63
CA LYS F 73 33.52 -21.25 -11.63
C LYS F 73 33.59 -22.73 -11.31
N ALA F 74 33.78 -23.10 -10.05
CA ALA F 74 33.61 -24.50 -9.66
C ALA F 74 32.18 -24.96 -9.91
N ILE F 75 31.22 -24.05 -9.73
CA ILE F 75 29.83 -24.34 -10.08
C ILE F 75 29.70 -24.60 -11.58
N GLU F 76 30.21 -23.69 -12.40
CA GLU F 76 30.09 -23.84 -13.84
C GLU F 76 30.98 -24.95 -14.39
N ASP F 77 32.19 -25.11 -13.86
CA ASP F 77 32.99 -26.30 -14.18
C ASP F 77 32.27 -27.57 -13.77
N ALA F 78 31.78 -27.64 -12.53
CA ALA F 78 30.99 -28.80 -12.14
C ALA F 78 29.75 -28.96 -13.02
N TYR F 79 29.05 -27.86 -13.32
CA TYR F 79 27.80 -27.96 -14.06
C TYR F 79 28.02 -28.47 -15.48
N GLN F 80 28.93 -27.83 -16.21
CA GLN F 80 29.03 -28.03 -17.65
C GLN F 80 29.70 -29.35 -17.99
N ASN F 81 30.71 -29.76 -17.21
CA ASN F 81 31.27 -31.09 -17.39
C ASN F 81 30.49 -32.13 -16.60
N GLY F 82 29.50 -31.68 -15.83
CA GLY F 82 28.66 -32.57 -15.05
C GLY F 82 29.41 -33.23 -13.92
N LYS F 83 30.41 -32.55 -13.40
CA LYS F 83 31.25 -33.01 -12.29
C LYS F 83 30.37 -33.07 -11.05
N GLN F 84 30.63 -34.04 -10.18
CA GLN F 84 30.05 -34.09 -8.85
C GLN F 84 30.66 -32.97 -8.01
N ILE F 85 29.86 -32.39 -7.12
CA ILE F 85 30.37 -31.32 -6.25
C ILE F 85 30.27 -31.75 -4.80
N LYS F 86 31.35 -31.51 -4.06
CA LYS F 86 31.38 -31.80 -2.63
C LYS F 86 30.89 -30.58 -1.87
N PHE F 87 29.83 -30.78 -1.09
CA PHE F 87 29.02 -29.73 -0.52
C PHE F 87 29.10 -29.77 1.00
N TRP F 88 29.47 -28.64 1.60
CA TRP F 88 29.64 -28.48 3.04
C TRP F 88 28.73 -27.35 3.50
N ARG F 89 27.75 -27.66 4.36
CA ARG F 89 26.93 -26.64 5.00
C ARG F 89 27.43 -26.48 6.43
N VAL F 90 28.11 -25.37 6.69
CA VAL F 90 28.76 -25.18 7.98
C VAL F 90 28.24 -23.91 8.62
N ASP F 91 28.20 -23.93 9.95
CA ASP F 91 27.75 -22.79 10.71
C ASP F 91 28.87 -21.77 10.86
N THR F 92 28.48 -20.57 11.32
CA THR F 92 29.38 -19.44 11.46
C THR F 92 29.71 -19.13 12.92
N VAL F 93 28.83 -19.51 13.85
CA VAL F 93 29.11 -19.31 15.27
C VAL F 93 30.15 -20.33 15.74
N LYS F 94 30.73 -20.08 16.91
CA LYS F 94 31.81 -20.89 17.42
C LYS F 94 31.26 -21.98 18.33
N ASN F 95 31.29 -23.22 17.85
CA ASN F 95 30.97 -24.37 18.68
C ASN F 95 32.07 -24.62 19.68
N GLU F 96 31.74 -25.37 20.74
CA GLU F 96 32.69 -25.64 21.80
C GLU F 96 33.37 -27.00 21.71
N ASN F 97 32.94 -27.86 20.79
CA ASN F 97 33.71 -29.06 20.50
C ASN F 97 34.57 -28.88 19.25
N ASP F 98 33.96 -29.01 18.07
CA ASP F 98 34.59 -28.62 16.83
C ASP F 98 34.63 -27.10 16.78
N LYS F 99 35.43 -26.54 15.89
CA LYS F 99 35.43 -25.11 15.64
C LYS F 99 34.04 -24.65 15.24
N TYR F 100 33.40 -25.38 14.34
CA TYR F 100 32.06 -25.10 13.86
C TYR F 100 31.32 -26.43 13.76
N ASP F 101 30.13 -26.41 13.17
CA ASP F 101 29.37 -27.62 12.99
C ASP F 101 28.71 -27.62 11.60
N ALA F 102 28.70 -28.80 10.98
CA ALA F 102 28.44 -28.88 9.56
C ALA F 102 27.40 -29.95 9.28
N GLN F 103 26.59 -29.67 8.25
CA GLN F 103 25.86 -30.71 7.53
C GLN F 103 26.49 -30.78 6.14
N PHE F 104 26.89 -31.98 5.73
CA PHE F 104 27.80 -32.19 4.62
C PHE F 104 27.27 -33.27 3.70
N GLY F 105 27.63 -33.20 2.42
CA GLY F 105 27.34 -34.29 1.53
C GLY F 105 28.07 -34.16 0.21
N PHE F 106 27.99 -35.23 -0.59
CA PHE F 106 28.39 -35.19 -1.99
C PHE F 106 27.15 -34.85 -2.82
N ALA F 107 27.31 -33.92 -3.74
CA ALA F 107 26.18 -33.34 -4.45
C ALA F 107 26.43 -33.30 -5.95
N TYR F 108 25.33 -33.23 -6.69
CA TYR F 108 25.35 -33.31 -8.15
C TYR F 108 24.45 -32.21 -8.69
N ILE F 109 24.95 -31.45 -9.66
CA ILE F 109 24.17 -30.37 -10.25
C ILE F 109 22.99 -30.96 -11.01
N GLU F 110 21.77 -30.59 -10.61
CA GLU F 110 20.58 -31.06 -11.31
C GLU F 110 20.00 -30.06 -12.29
N SER F 111 20.19 -28.77 -12.07
CA SER F 111 19.75 -27.77 -13.04
C SER F 111 20.42 -26.45 -12.73
N ARG F 112 20.69 -25.68 -13.78
CA ARG F 112 21.26 -24.33 -13.69
C ARG F 112 20.20 -23.41 -14.26
N GLU F 113 20.02 -22.28 -13.60
CA GLU F 113 19.02 -21.28 -13.97
C GLU F 113 19.71 -19.93 -13.95
N TYR F 114 19.71 -19.25 -15.10
CA TYR F 114 20.29 -17.92 -15.18
C TYR F 114 19.20 -16.87 -15.36
N SER F 115 19.21 -15.91 -14.44
CA SER F 115 18.28 -14.79 -14.46
C SER F 115 19.00 -13.54 -14.90
N ASP F 116 18.46 -12.89 -15.93
CA ASP F 116 18.81 -11.55 -16.35
C ASP F 116 17.53 -10.72 -16.30
N GLY F 117 17.51 -9.74 -15.42
CA GLY F 117 16.39 -8.81 -15.34
C GLY F 117 16.77 -7.43 -15.82
N VAL F 118 15.84 -6.50 -15.72
CA VAL F 118 16.07 -5.10 -16.07
C VAL F 118 16.78 -4.37 -14.95
N GLU F 119 16.34 -4.56 -13.71
CA GLU F 119 17.09 -4.07 -12.56
C GLU F 119 17.85 -5.18 -11.85
N GLY F 120 18.91 -4.84 -11.13
CA GLY F 120 19.51 -5.78 -10.21
C GLY F 120 20.51 -6.62 -10.96
N ALA F 121 21.58 -7.03 -10.29
CA ALA F 121 22.64 -7.81 -10.93
C ALA F 121 22.16 -9.23 -11.23
N VAL F 122 22.92 -9.91 -12.08
CA VAL F 122 22.51 -11.21 -12.61
C VAL F 122 22.27 -12.19 -11.47
N GLU F 123 21.26 -13.04 -11.65
CA GLU F 123 20.88 -13.96 -10.58
C GLU F 123 21.05 -15.40 -11.05
N ILE F 124 21.66 -16.22 -10.22
CA ILE F 124 21.91 -17.61 -10.55
C ILE F 124 21.16 -18.49 -9.55
N SER F 125 20.21 -19.26 -10.06
CA SER F 125 19.56 -20.33 -9.31
C SER F 125 20.16 -21.65 -9.75
N ILE F 126 20.63 -22.45 -8.80
CA ILE F 126 21.17 -23.76 -9.10
C ILE F 126 20.41 -24.79 -8.27
N SER F 127 19.89 -25.80 -8.96
CA SER F 127 19.11 -26.86 -8.35
C SER F 127 19.91 -28.15 -8.33
N LEU F 128 20.04 -28.74 -7.14
CA LEU F 128 20.88 -29.89 -6.91
C LEU F 128 20.18 -30.89 -6.03
N GLN F 129 20.71 -32.11 -5.98
CA GLN F 129 20.32 -33.09 -4.97
C GLN F 129 21.58 -33.55 -4.26
N VAL F 130 21.43 -34.18 -3.11
CA VAL F 130 22.57 -34.74 -2.39
C VAL F 130 22.29 -36.22 -2.18
N ILE F 131 23.26 -37.05 -2.55
CA ILE F 131 23.06 -38.50 -2.52
C ILE F 131 22.92 -38.98 -1.08
N GLY F 132 23.88 -38.62 -0.24
CA GLY F 132 23.82 -38.99 1.15
C GLY F 132 23.94 -37.79 2.06
N GLU F 133 22.91 -37.55 2.87
CA GLU F 133 22.97 -36.50 3.87
C GLU F 133 23.89 -36.88 5.01
N LEU F 134 24.91 -36.04 5.23
CA LEU F 134 25.94 -36.34 6.22
C LEU F 134 26.01 -35.17 7.18
N LYS F 135 26.38 -35.46 8.42
CA LYS F 135 26.44 -34.46 9.47
C LYS F 135 27.72 -34.66 10.29
N ASN F 136 28.51 -33.61 10.45
CA ASN F 136 29.72 -33.66 11.26
C ASN F 136 30.07 -32.26 11.72
N GLY F 137 30.78 -32.17 12.84
CA GLY F 137 31.34 -30.90 13.25
C GLY F 137 32.41 -30.44 12.28
N GLU F 138 32.59 -29.13 12.22
CA GLU F 138 33.49 -28.52 11.25
C GLU F 138 34.68 -27.93 11.99
N ILE F 139 35.87 -28.14 11.43
CA ILE F 139 37.10 -27.68 12.08
C ILE F 139 37.64 -26.44 11.39
N ASP F 140 38.04 -26.56 10.13
CA ASP F 140 38.65 -25.44 9.43
C ASP F 140 37.86 -25.10 8.17
N THR F 141 37.29 -23.90 8.14
CA THR F 141 36.60 -23.39 6.96
C THR F 141 37.30 -22.20 6.35
N LEU F 142 38.65 -22.19 6.32
CA LEU F 142 39.50 -21.09 5.89
C LEU F 142 39.00 -19.79 6.53
N PRO F 143 38.94 -19.72 7.88
CA PRO F 143 38.09 -18.73 8.56
C PRO F 143 38.54 -17.28 8.42
N GLU F 144 39.74 -17.11 7.90
CA GLU F 144 40.28 -15.80 7.54
C GLU F 144 39.46 -15.16 6.42
N GLU F 145 38.79 -15.97 5.60
CA GLU F 145 38.10 -15.48 4.42
C GLU F 145 36.64 -15.89 4.36
N ILE F 146 36.29 -17.13 4.66
CA ILE F 146 34.92 -17.61 4.61
C ILE F 146 34.18 -17.25 5.89
N VAL F 147 34.81 -17.45 7.05
CA VAL F 147 34.17 -17.22 8.33
C VAL F 147 34.08 -15.71 8.54
N ASN F 148 35.15 -15.00 8.14
CA ASN F 148 35.22 -13.56 8.34
C ASN F 148 34.71 -12.79 7.12
N VAL F 149 33.60 -12.08 7.27
CA VAL F 149 33.17 -11.18 6.20
C VAL F 149 33.62 -9.77 6.58
N SER F 150 34.48 -9.18 5.73
CA SER F 150 35.11 -7.92 6.06
C SER F 150 34.65 -6.79 5.14
N LYS F 151 34.57 -5.57 5.66
CA LYS F 151 34.25 -4.43 4.80
C LYS F 151 35.40 -3.97 3.93
N GLY F 152 36.64 -3.95 4.43
CA GLY F 152 37.77 -3.46 3.67
C GLY F 152 38.02 -1.97 3.88
N GLY F 153 37.32 -1.38 4.83
CA GLY F 153 37.42 0.04 5.10
C GLY F 153 38.72 0.40 5.82
N TYR F 154 39.47 1.29 5.19
CA TYR F 154 40.73 1.80 5.72
C TYR F 154 40.49 3.19 6.31
N ASP F 155 40.56 3.29 7.65
CA ASP F 155 39.91 4.39 8.37
C ASP F 155 40.58 5.75 8.21
N PHE F 156 41.90 5.79 7.99
CA PHE F 156 42.71 6.94 7.56
C PHE F 156 43.74 6.48 6.55
N GLN F 157 43.61 7.02 5.33
CA GLN F 157 44.74 7.17 4.41
C GLN F 157 44.43 8.42 3.58
N GLN F 158 43.97 9.50 4.25
CA GLN F 158 43.39 10.61 3.50
C GLN F 158 44.30 11.17 2.40
N PRO F 159 45.50 11.71 2.67
CA PRO F 159 46.38 12.05 1.54
C PRO F 159 47.14 10.86 0.99
N GLY F 160 47.22 10.72 -0.34
CA GLY F 160 47.78 9.52 -0.91
C GLY F 160 47.02 8.22 -0.73
N GLN F 161 45.68 8.26 -0.72
CA GLN F 161 44.93 7.01 -0.64
C GLN F 161 45.08 6.20 -1.91
N THR F 162 45.05 6.88 -3.06
CA THR F 162 45.26 6.32 -4.41
C THR F 162 44.45 5.04 -4.62
N THR F 163 43.13 5.17 -4.59
CA THR F 163 42.29 4.00 -4.50
C THR F 163 41.35 3.97 -5.71
N GLY F 164 40.99 2.76 -6.14
CA GLY F 164 39.98 2.56 -7.16
C GLY F 164 38.58 2.65 -6.61
N GLU F 165 37.58 2.30 -7.43
CA GLU F 165 36.19 2.40 -7.02
C GLU F 165 35.89 1.51 -5.83
N ALA F 166 36.65 0.42 -5.68
CA ALA F 166 36.47 -0.56 -4.62
C ALA F 166 37.20 -0.08 -3.37
N PRO F 167 36.82 -0.58 -2.20
CA PRO F 167 37.06 0.14 -0.95
C PRO F 167 38.51 0.03 -0.46
N GLY F 168 39.33 0.92 -1.00
CA GLY F 168 40.65 1.19 -0.45
C GLY F 168 41.79 0.33 -0.95
N THR F 169 42.48 0.77 -2.00
CA THR F 169 43.71 0.10 -2.40
C THR F 169 44.90 1.01 -2.10
N VAL F 170 46.06 0.36 -1.94
CA VAL F 170 47.32 1.05 -1.68
C VAL F 170 47.65 1.92 -2.89
N PRO F 171 48.51 2.95 -2.75
CA PRO F 171 48.84 3.80 -3.90
C PRO F 171 49.66 3.04 -4.93
N ALA F 172 49.34 3.26 -6.20
CA ALA F 172 49.87 2.53 -7.36
C ALA F 172 49.65 1.02 -7.24
N PRO G 1 3.64 17.25 40.26
CA PRO G 1 3.96 15.86 39.90
C PRO G 1 5.36 15.70 39.32
N ILE G 2 5.76 14.46 39.05
CA ILE G 2 7.06 14.15 38.47
C ILE G 2 7.17 14.91 37.15
N MET G 3 8.16 15.79 37.06
CA MET G 3 8.36 16.63 35.88
C MET G 3 9.13 15.87 34.81
N GLY G 4 9.31 16.54 33.66
CA GLY G 4 10.11 15.99 32.58
C GLY G 4 11.56 15.73 32.94
N GLN G 5 12.12 16.51 33.86
CA GLN G 5 13.45 16.26 34.41
C GLN G 5 13.44 15.12 35.41
N ASP G 6 12.27 14.71 35.90
CA ASP G 6 12.16 13.74 36.98
C ASP G 6 12.65 12.35 36.61
N VAL G 7 12.41 11.88 35.40
CA VAL G 7 12.81 10.53 34.99
C VAL G 7 14.05 10.65 34.12
N LYS G 8 15.11 9.92 34.48
CA LYS G 8 16.31 9.92 33.66
C LYS G 8 16.72 8.48 33.32
N TYR G 9 17.43 8.35 32.20
CA TYR G 9 17.63 7.07 31.53
C TYR G 9 19.10 6.69 31.65
N LEU G 10 19.42 5.88 32.66
CA LEU G 10 20.77 5.35 32.81
C LEU G 10 20.98 4.21 31.83
N PHE G 11 22.19 4.09 31.32
CA PHE G 11 22.57 3.00 30.43
C PHE G 11 23.91 2.41 30.87
N GLN G 12 23.99 1.09 30.82
CA GLN G 12 25.27 0.42 31.02
C GLN G 12 25.42 -0.68 29.98
N SER G 13 26.65 -0.85 29.49
CA SER G 13 26.94 -1.87 28.49
C SER G 13 26.97 -3.26 29.14
N ILE G 14 26.71 -4.28 28.32
CA ILE G 14 26.69 -5.64 28.83
C ILE G 14 28.10 -6.13 29.17
N ASP G 15 29.06 -5.95 28.27
CA ASP G 15 30.38 -6.53 28.43
C ASP G 15 31.28 -5.70 29.34
N ALA G 16 30.86 -4.50 29.72
CA ALA G 16 31.74 -3.64 30.50
C ALA G 16 31.99 -4.20 31.89
N ALA G 17 30.97 -4.86 32.47
CA ALA G 17 30.96 -5.36 33.86
C ALA G 17 31.56 -4.35 34.83
N THR G 18 31.12 -3.10 34.70
CA THR G 18 31.59 -2.01 35.55
C THR G 18 30.61 -1.83 36.70
N GLY G 19 31.04 -1.12 37.74
CA GLY G 19 30.22 -0.89 38.91
C GLY G 19 29.41 0.38 38.84
N SER G 20 29.40 1.04 37.68
CA SER G 20 28.68 2.30 37.53
C SER G 20 28.30 2.56 36.08
N ALA G 21 27.05 3.00 35.86
CA ALA G 21 26.42 3.20 34.57
C ALA G 21 26.53 4.65 34.08
N PRO G 22 27.11 4.91 32.90
CA PRO G 22 27.19 6.30 32.42
C PRO G 22 25.83 6.86 32.04
N LEU G 23 25.51 8.04 32.57
CA LEU G 23 24.36 8.79 32.10
C LEU G 23 24.85 9.97 31.28
N PHE G 24 24.29 10.11 30.10
CA PHE G 24 24.93 11.04 29.20
C PHE G 24 24.30 12.44 29.34
N PRO G 25 25.10 13.50 29.28
CA PRO G 25 24.53 14.85 29.40
C PRO G 25 23.82 15.30 28.12
N ALA G 26 23.26 16.51 28.20
CA ALA G 26 22.53 17.18 27.12
C ALA G 26 21.39 16.30 26.58
N TYR G 27 20.64 15.74 27.52
CA TYR G 27 19.44 14.99 27.15
C TYR G 27 18.32 15.94 26.69
N GLN G 28 17.70 15.56 25.58
CA GLN G 28 16.60 16.29 25.00
C GLN G 28 15.35 15.53 25.41
N THR G 29 14.68 14.87 24.47
CA THR G 29 13.46 14.14 24.78
C THR G 29 13.61 12.66 24.46
N ASP G 30 12.55 11.92 24.75
CA ASP G 30 12.60 10.49 24.84
C ASP G 30 11.17 9.97 24.79
N GLY G 31 10.98 8.91 24.01
CA GLY G 31 9.72 8.20 24.03
C GLY G 31 9.92 6.74 24.33
N SER G 32 9.15 6.23 25.28
CA SER G 32 9.11 4.81 25.60
C SER G 32 7.75 4.33 25.11
N VAL G 33 7.75 3.75 23.91
CA VAL G 33 6.51 3.37 23.24
C VAL G 33 6.33 1.86 23.39
N SER G 34 5.25 1.47 24.03
CA SER G 34 5.04 0.11 24.51
C SER G 34 3.63 -0.33 24.11
N GLY G 35 3.51 -0.85 22.89
CA GLY G 35 2.21 -1.26 22.38
C GLY G 35 1.83 -2.67 22.80
N GLU G 36 0.67 -2.81 23.43
CA GLU G 36 0.19 -4.11 23.90
C GLU G 36 -0.96 -4.53 23.00
N ARG G 37 -0.63 -5.18 21.89
CA ARG G 37 -1.60 -5.54 20.88
C ARG G 37 -2.63 -6.51 21.45
N GLU G 38 -3.57 -6.94 20.62
CA GLU G 38 -4.76 -7.65 21.06
C GLU G 38 -5.23 -8.58 19.94
N LEU G 39 -5.70 -9.76 20.32
CA LEU G 39 -6.16 -10.78 19.39
C LEU G 39 -7.51 -10.38 18.81
N PHE G 40 -7.90 -11.09 17.75
CA PHE G 40 -9.24 -10.97 17.18
C PHE G 40 -10.07 -12.21 17.48
N ASP G 41 -10.67 -12.24 18.66
CA ASP G 41 -11.87 -13.01 18.94
C ASP G 41 -13.05 -12.05 19.06
N GLU G 42 -13.72 -11.82 17.94
CA GLU G 42 -14.92 -10.99 17.93
C GLU G 42 -16.07 -11.57 18.72
N GLN G 43 -15.99 -12.87 19.04
CA GLN G 43 -17.06 -13.68 19.66
C GLN G 43 -18.32 -13.72 18.79
N THR G 44 -18.11 -13.75 17.47
CA THR G 44 -19.14 -13.47 16.44
C THR G 44 -20.07 -12.35 16.87
N LYS G 45 -19.47 -11.21 17.23
CA LYS G 45 -20.23 -10.05 17.72
C LYS G 45 -20.07 -8.87 16.76
N ASN G 46 -19.07 -8.03 17.02
CA ASN G 46 -18.79 -6.89 16.14
C ASN G 46 -17.32 -6.49 16.15
N GLY G 47 -16.42 -7.44 16.36
CA GLY G 47 -14.99 -7.14 16.40
C GLY G 47 -14.56 -6.68 17.77
N ARG G 48 -15.20 -7.24 18.80
CA ARG G 48 -14.91 -6.88 20.17
C ARG G 48 -14.03 -7.99 20.76
N ILE G 49 -12.85 -7.60 21.24
CA ILE G 49 -11.92 -8.54 21.86
C ILE G 49 -11.33 -7.93 23.13
N LEU G 50 -11.31 -8.70 24.22
CA LEU G 50 -10.70 -8.25 25.46
C LEU G 50 -9.40 -8.99 25.75
N GLY G 51 -8.76 -9.56 24.73
CA GLY G 51 -7.64 -10.45 24.89
C GLY G 51 -6.32 -9.88 24.41
N PRO G 52 -5.22 -10.45 24.89
CA PRO G 52 -3.90 -9.90 24.57
C PRO G 52 -3.41 -10.29 23.19
N GLY G 53 -2.46 -9.50 22.68
CA GLY G 53 -1.89 -9.73 21.36
C GLY G 53 -0.40 -9.92 21.50
N SER G 54 0.30 -8.81 21.67
CA SER G 54 1.75 -8.85 21.82
C SER G 54 2.26 -7.53 22.39
N VAL G 55 3.55 -7.52 22.72
CA VAL G 55 4.19 -6.36 23.33
C VAL G 55 5.23 -5.80 22.35
N ALA G 56 4.95 -4.60 21.84
CA ALA G 56 5.87 -3.87 20.98
C ALA G 56 6.57 -2.82 21.84
N ASP G 57 7.65 -3.21 22.49
CA ASP G 57 8.30 -2.37 23.48
C ASP G 57 9.55 -1.77 22.85
N SER G 58 9.44 -0.50 22.47
CA SER G 58 10.51 0.23 21.81
C SER G 58 10.63 1.62 22.41
N GLY G 59 11.82 2.19 22.29
CA GLY G 59 12.06 3.53 22.75
C GLY G 59 13.00 4.29 21.84
N GLU G 60 12.91 5.61 21.84
CA GLU G 60 13.83 6.46 21.10
C GLU G 60 14.37 7.51 22.06
N VAL G 61 15.68 7.73 22.02
CA VAL G 61 16.33 8.67 22.91
C VAL G 61 17.09 9.68 22.07
N THR G 62 16.78 10.95 22.25
CA THR G 62 17.52 12.01 21.57
C THR G 62 18.42 12.72 22.56
N TYR G 63 19.62 13.08 22.11
CA TYR G 63 20.55 13.85 22.93
C TYR G 63 21.49 14.64 22.02
N TYR G 64 22.11 15.68 22.57
CA TYR G 64 23.12 16.48 21.87
C TYR G 64 24.48 15.84 22.09
N GLY G 65 25.33 15.91 21.06
CA GLY G 65 26.63 15.26 21.12
C GLY G 65 27.68 15.99 21.91
N LYS G 66 28.48 15.26 22.67
CA LYS G 66 29.60 15.84 23.38
C LYS G 66 30.90 15.17 22.92
N ARG G 67 32.00 15.94 22.96
CA ARG G 67 33.27 15.49 22.41
C ARG G 67 33.73 14.14 22.97
N GLY G 68 33.55 13.89 24.25
CA GLY G 68 33.90 12.62 24.85
C GLY G 68 32.68 11.98 25.49
N ASP G 69 32.81 11.67 26.79
CA ASP G 69 31.73 11.27 27.68
C ASP G 69 31.16 9.91 27.27
N ALA G 70 31.04 9.03 28.27
CA ALA G 70 31.01 7.57 28.13
C ALA G 70 29.64 6.91 27.94
N GLY G 71 28.54 7.65 28.11
CA GLY G 71 27.24 7.13 27.69
C GLY G 71 27.06 7.13 26.18
N GLN G 72 27.44 8.24 25.53
CA GLN G 72 27.47 8.25 24.08
C GLN G 72 28.56 7.33 23.53
N LYS G 73 29.70 7.22 24.21
CA LYS G 73 30.69 6.22 23.82
C LYS G 73 30.19 4.81 24.09
N ALA G 74 29.54 4.57 25.22
CA ALA G 74 28.84 3.32 25.41
C ALA G 74 27.73 3.16 24.38
N ILE G 75 27.10 4.26 23.99
CA ILE G 75 26.14 4.24 22.89
C ILE G 75 26.81 3.82 21.60
N GLU G 76 27.90 4.49 21.23
CA GLU G 76 28.58 4.19 19.98
C GLU G 76 29.30 2.84 20.02
N ASP G 77 29.93 2.49 21.15
CA ASP G 77 30.43 1.13 21.32
C ASP G 77 29.32 0.11 21.21
N ALA G 78 28.21 0.31 21.94
CA ALA G 78 27.08 -0.59 21.78
C ALA G 78 26.56 -0.58 20.34
N TYR G 79 26.44 0.59 19.72
CA TYR G 79 25.86 0.68 18.40
C TYR G 79 26.70 -0.05 17.35
N GLN G 80 27.99 0.29 17.29
CA GLN G 80 28.83 -0.12 16.16
C GLN G 80 29.21 -1.59 16.25
N ASN G 81 29.46 -2.10 17.45
CA ASN G 81 29.67 -3.54 17.60
C ASN G 81 28.35 -4.27 17.77
N GLY G 82 27.26 -3.52 17.84
CA GLY G 82 25.93 -4.10 17.98
C GLY G 82 25.71 -4.76 19.32
N LYS G 83 26.38 -4.25 20.34
CA LYS G 83 26.30 -4.74 21.72
C LYS G 83 24.90 -4.45 22.22
N GLN G 84 24.37 -5.33 23.06
CA GLN G 84 23.16 -5.08 23.82
C GLN G 84 23.45 -4.03 24.88
N ILE G 85 22.47 -3.17 25.16
CA ILE G 85 22.64 -2.13 26.17
C ILE G 85 21.64 -2.35 27.30
N LYS G 86 22.14 -2.26 28.53
CA LYS G 86 21.29 -2.36 29.70
C LYS G 86 20.79 -0.97 30.07
N PHE G 87 19.45 -0.84 30.09
CA PHE G 87 18.76 0.43 30.13
C PHE G 87 17.97 0.56 31.43
N TRP G 88 18.20 1.66 32.14
CA TRP G 88 17.57 1.95 33.42
C TRP G 88 16.88 3.30 33.30
N ARG G 89 15.56 3.32 33.42
CA ARG G 89 14.80 4.58 33.50
C ARG G 89 14.43 4.82 34.96
N VAL G 90 15.11 5.77 35.59
CA VAL G 90 14.93 5.96 37.02
C VAL G 90 14.48 7.39 37.28
N ASP G 91 13.71 7.55 38.34
CA ASP G 91 13.21 8.86 38.74
C ASP G 91 14.26 9.62 39.52
N THR G 92 14.00 10.91 39.69
CA THR G 92 14.92 11.83 40.35
C THR G 92 14.44 12.25 41.74
N VAL G 93 13.12 12.19 41.99
CA VAL G 93 12.61 12.50 43.32
C VAL G 93 12.90 11.35 44.27
N LYS G 94 12.76 11.62 45.57
CA LYS G 94 13.12 10.66 46.60
C LYS G 94 11.90 9.84 46.99
N ASN G 95 11.88 8.57 46.60
CA ASN G 95 10.87 7.65 47.05
C ASN G 95 11.11 7.27 48.52
N GLU G 96 10.07 6.77 49.16
CA GLU G 96 10.15 6.43 50.57
C GLU G 96 10.41 4.96 50.86
N ASN G 97 10.36 4.10 49.84
CA ASN G 97 10.83 2.73 50.02
C ASN G 97 12.25 2.57 49.50
N ASP G 98 12.39 2.41 48.18
CA ASP G 98 13.69 2.50 47.53
C ASP G 98 14.13 3.96 47.55
N LYS G 99 15.41 4.21 47.30
CA LYS G 99 15.91 5.56 47.12
C LYS G 99 15.16 6.26 46.01
N TYR G 100 14.97 5.57 44.89
CA TYR G 100 14.25 6.07 43.73
C TYR G 100 13.39 4.95 43.20
N ASP G 101 12.80 5.15 42.03
CA ASP G 101 11.98 4.11 41.41
C ASP G 101 12.25 4.08 39.91
N ALA G 102 12.29 2.87 39.37
CA ALA G 102 12.87 2.66 38.05
C ALA G 102 11.92 1.83 37.20
N GLN G 103 11.93 2.14 35.90
CA GLN G 103 11.52 1.20 34.87
C GLN G 103 12.77 0.83 34.09
N PHE G 104 13.01 -0.49 33.96
CA PHE G 104 14.30 -1.02 33.57
C PHE G 104 14.12 -2.08 32.49
N GLY G 105 15.14 -2.25 31.66
CA GLY G 105 15.15 -3.36 30.73
C GLY G 105 16.48 -3.56 30.07
N PHE G 106 16.60 -4.67 29.35
CA PHE G 106 17.71 -4.90 28.44
C PHE G 106 17.29 -4.41 27.06
N ALA G 107 18.16 -3.66 26.41
CA ALA G 107 17.82 -2.95 25.19
C ALA G 107 18.88 -3.16 24.11
N TYR G 108 18.44 -2.94 22.88
CA TYR G 108 19.25 -3.21 21.69
C TYR G 108 19.12 -2.01 20.75
N ILE G 109 20.25 -1.51 20.27
CA ILE G 109 20.25 -0.38 19.36
C ILE G 109 19.59 -0.78 18.05
N GLU G 110 18.50 -0.10 17.69
CA GLU G 110 17.84 -0.40 16.42
C GLU G 110 18.18 0.57 15.31
N SER G 111 18.54 1.82 15.62
CA SER G 111 18.99 2.76 14.60
C SER G 111 19.67 3.93 15.28
N ARG G 112 20.67 4.48 14.58
CA ARG G 112 21.42 5.66 15.01
C ARG G 112 21.13 6.71 13.95
N GLU G 113 20.90 7.93 14.41
CA GLU G 113 20.57 9.07 13.57
C GLU G 113 21.45 10.22 14.00
N TYR G 114 22.26 10.74 13.08
CA TYR G 114 23.11 11.89 13.38
C TYR G 114 22.62 13.12 12.64
N SER G 115 22.35 14.16 13.41
CA SER G 115 21.91 15.44 12.87
C SER G 115 23.04 16.45 12.96
N ASP G 116 23.34 17.06 11.83
CA ASP G 116 24.20 18.22 11.72
C ASP G 116 23.37 19.31 11.04
N GLY G 117 23.11 20.39 11.77
CA GLY G 117 22.42 21.54 11.21
C GLY G 117 23.35 22.72 11.06
N VAL G 118 22.78 23.85 10.63
CA VAL G 118 23.52 25.10 10.50
C VAL G 118 23.63 25.80 11.85
N GLU G 119 22.53 25.87 12.60
CA GLU G 119 22.60 26.31 13.98
C GLU G 119 22.53 25.17 14.97
N GLY G 120 23.05 25.37 16.18
CA GLY G 120 22.76 24.44 17.26
C GLY G 120 23.76 23.30 17.21
N ALA G 121 24.13 22.77 18.37
CA ALA G 121 25.12 21.70 18.43
C ALA G 121 24.56 20.39 17.88
N VAL G 122 25.46 19.45 17.61
CA VAL G 122 25.10 18.23 16.90
C VAL G 122 24.03 17.47 17.67
N GLU G 123 23.11 16.85 16.93
CA GLU G 123 21.99 16.18 17.56
C GLU G 123 22.02 14.69 17.24
N ILE G 124 21.83 13.87 18.26
CA ILE G 124 21.85 12.43 18.11
C ILE G 124 20.48 11.88 18.47
N SER G 125 19.83 11.26 17.49
CA SER G 125 18.63 10.47 17.71
C SER G 125 19.00 9.01 17.66
N ILE G 126 18.65 8.25 18.69
CA ILE G 126 18.91 6.82 18.72
C ILE G 126 17.59 6.09 18.94
N SER G 127 17.30 5.15 18.06
CA SER G 127 16.07 4.37 18.08
C SER G 127 16.37 2.95 18.54
N LEU G 128 15.66 2.51 19.55
CA LEU G 128 15.91 1.24 20.21
C LEU G 128 14.60 0.53 20.51
N GLN G 129 14.68 -0.75 20.83
CA GLN G 129 13.56 -1.49 21.40
C GLN G 129 14.04 -2.12 22.69
N VAL G 130 13.11 -2.55 23.54
CA VAL G 130 13.47 -3.24 24.76
C VAL G 130 12.75 -4.59 24.75
N ILE G 131 13.52 -5.66 24.99
CA ILE G 131 12.97 -7.01 24.87
C ILE G 131 11.94 -7.26 25.95
N GLY G 132 12.31 -7.01 27.20
CA GLY G 132 11.39 -7.18 28.30
C GLY G 132 11.27 -5.92 29.13
N GLU G 133 10.08 -5.36 29.20
CA GLU G 133 9.82 -4.23 30.08
C GLU G 133 9.81 -4.66 31.53
N LEU G 134 10.69 -4.05 32.31
CA LEU G 134 10.89 -4.43 33.71
C LEU G 134 10.69 -3.19 34.56
N LYS G 135 10.21 -3.40 35.79
CA LYS G 135 9.94 -2.30 36.71
C LYS G 135 10.42 -2.68 38.10
N ASN G 136 11.23 -1.81 38.71
CA ASN G 136 11.71 -2.03 40.06
C ASN G 136 12.08 -0.68 40.68
N GLY G 137 12.03 -0.61 42.00
CA GLY G 137 12.56 0.55 42.69
C GLY G 137 14.07 0.64 42.53
N GLU G 138 14.58 1.87 42.61
CA GLU G 138 15.98 2.11 42.35
C GLU G 138 16.66 2.53 43.65
N ILE G 139 17.85 2.00 43.88
CA ILE G 139 18.57 2.25 45.12
C ILE G 139 19.70 3.24 44.90
N ASP G 140 20.69 2.87 44.10
CA ASP G 140 21.84 3.74 43.89
C ASP G 140 22.02 4.08 42.42
N THR G 141 21.89 5.37 42.10
CA THR G 141 22.14 5.86 40.75
C THR G 141 23.33 6.78 40.68
N LEU G 142 24.42 6.49 41.42
CA LEU G 142 25.60 7.32 41.59
C LEU G 142 25.19 8.76 41.86
N PRO G 143 24.40 9.01 42.92
CA PRO G 143 23.60 10.24 43.00
C PRO G 143 24.39 11.53 43.19
N GLU G 144 25.68 11.36 43.46
CA GLU G 144 26.63 12.47 43.50
C GLU G 144 26.77 13.12 42.14
N GLU G 145 26.51 12.38 41.06
CA GLU G 145 26.74 12.85 39.71
C GLU G 145 25.53 12.78 38.80
N ILE G 146 24.78 11.68 38.82
CA ILE G 146 23.59 11.52 37.99
C ILE G 146 22.38 12.19 38.62
N VAL G 147 22.18 12.00 39.92
CA VAL G 147 21.01 12.53 40.60
C VAL G 147 21.21 14.04 40.75
N ASN G 148 22.45 14.45 41.05
CA ASN G 148 22.76 15.85 41.30
C ASN G 148 23.23 16.53 40.03
N VAL G 149 22.46 17.49 39.52
CA VAL G 149 22.94 18.32 38.43
C VAL G 149 23.44 19.64 39.01
N SER G 150 24.74 19.90 38.84
CA SER G 150 25.38 21.04 39.50
C SER G 150 25.82 22.11 38.51
N LYS G 151 25.78 23.37 38.91
CA LYS G 151 26.29 24.44 38.05
C LYS G 151 27.81 24.52 38.00
N GLY G 152 28.50 24.33 39.13
CA GLY G 152 29.95 24.47 39.18
C GLY G 152 30.40 25.87 39.52
N GLY G 153 29.46 26.72 39.91
CA GLY G 153 29.75 28.11 40.21
C GLY G 153 30.45 28.25 41.56
N TYR G 154 31.63 28.87 41.51
CA TYR G 154 32.45 29.17 42.68
C TYR G 154 32.27 30.64 43.05
N ASP G 155 31.60 30.89 44.19
CA ASP G 155 30.97 32.17 44.43
C ASP G 155 31.92 33.33 44.71
N PHE G 156 33.10 33.05 45.28
CA PHE G 156 34.27 33.94 45.42
C PHE G 156 35.54 33.12 45.18
N GLN G 157 36.26 33.53 44.13
CA GLN G 157 37.70 33.32 44.02
C GLN G 157 38.24 34.48 43.20
N GLN G 158 37.78 35.70 43.50
CA GLN G 158 38.02 36.82 42.58
C GLN G 158 39.50 37.02 42.22
N PRO G 159 40.43 37.31 43.15
CA PRO G 159 41.84 37.31 42.74
C PRO G 159 42.44 35.91 42.68
N GLY G 160 43.23 35.60 41.65
CA GLY G 160 43.67 34.23 41.47
C GLY G 160 42.65 33.17 41.15
N GLN G 161 41.59 33.50 40.39
CA GLN G 161 40.64 32.46 40.00
C GLN G 161 41.28 31.48 39.03
N THR G 162 42.07 32.00 38.08
CA THR G 162 42.85 31.24 37.09
C THR G 162 42.01 30.16 36.42
N THR G 163 40.98 30.58 35.70
CA THR G 163 39.97 29.63 35.25
C THR G 163 39.90 29.66 33.73
N GLY G 164 39.56 28.52 33.14
CA GLY G 164 39.29 28.42 31.72
C GLY G 164 37.90 28.88 31.36
N GLU G 165 37.49 28.65 30.11
CA GLU G 165 36.18 29.11 29.65
C GLU G 165 35.05 28.45 30.44
N ALA G 166 35.30 27.25 30.97
CA ALA G 166 34.31 26.48 31.72
C ALA G 166 34.29 26.96 33.16
N PRO G 167 33.23 26.69 33.89
CA PRO G 167 32.89 27.51 35.07
C PRO G 167 33.72 27.15 36.29
N GLY G 168 34.90 27.76 36.35
CA GLY G 168 35.70 27.80 37.56
C GLY G 168 36.66 26.66 37.80
N THR G 169 37.90 26.79 37.34
CA THR G 169 38.93 25.83 37.71
C THR G 169 39.93 26.48 38.65
N VAL G 170 40.58 25.63 39.44
CA VAL G 170 41.61 26.05 40.39
C VAL G 170 42.77 26.66 39.62
N PRO G 171 43.63 27.48 40.25
CA PRO G 171 44.75 28.08 39.51
C PRO G 171 45.79 27.04 39.13
N ALA G 172 46.30 27.16 37.90
CA ALA G 172 47.18 26.19 37.25
C ALA G 172 46.56 24.79 37.19
N PRO H 1 -23.44 24.70 27.76
CA PRO H 1 -23.51 23.24 27.66
C PRO H 1 -22.40 22.54 28.45
N ILE H 2 -22.44 21.21 28.50
CA ILE H 2 -21.45 20.41 29.20
C ILE H 2 -20.08 20.76 28.61
N MET H 3 -19.20 21.26 29.47
CA MET H 3 -17.88 21.70 29.05
C MET H 3 -16.91 20.51 28.98
N GLY H 4 -15.68 20.80 28.56
CA GLY H 4 -14.63 19.80 28.53
C GLY H 4 -14.28 19.23 29.89
N GLN H 5 -14.44 20.00 30.95
CA GLN H 5 -14.30 19.52 32.32
C GLN H 5 -15.50 18.71 32.77
N ASP H 6 -16.61 18.78 32.04
CA ASP H 6 -17.87 18.18 32.46
C ASP H 6 -17.86 16.67 32.50
N VAL H 7 -17.18 16.00 31.56
CA VAL H 7 -17.14 14.54 31.51
C VAL H 7 -15.81 14.08 32.04
N LYS H 8 -15.82 13.18 33.03
CA LYS H 8 -14.57 12.63 33.55
C LYS H 8 -14.62 11.11 33.53
N TYR H 9 -13.44 10.51 33.45
CA TYR H 9 -13.28 9.10 33.10
C TYR H 9 -12.78 8.35 34.32
N LEU H 10 -13.70 7.75 35.07
CA LEU H 10 -13.34 6.91 36.20
C LEU H 10 -12.88 5.55 35.70
N PHE H 11 -11.91 4.96 36.37
CA PHE H 11 -11.42 3.62 36.06
C PHE H 11 -11.31 2.80 37.34
N GLN H 12 -11.71 1.54 37.24
CA GLN H 12 -11.45 0.59 38.32
C GLN H 12 -10.97 -0.72 37.73
N SER H 13 -10.02 -1.35 38.43
CA SER H 13 -9.47 -2.62 38.01
C SER H 13 -10.46 -3.76 38.24
N ILE H 14 -10.33 -4.83 37.45
CA ILE H 14 -11.22 -5.97 37.58
C ILE H 14 -10.97 -6.74 38.86
N ASP H 15 -9.71 -7.08 39.15
CA ASP H 15 -9.39 -7.96 40.26
C ASP H 15 -9.35 -7.24 41.61
N ALA H 16 -9.42 -5.91 41.61
CA ALA H 16 -9.28 -5.18 42.86
C ALA H 16 -10.46 -5.44 43.80
N ALA H 17 -11.66 -5.61 43.22
CA ALA H 17 -12.93 -5.73 43.95
C ALA H 17 -13.04 -4.73 45.10
N THR H 18 -12.70 -3.48 44.80
CA THR H 18 -12.74 -2.40 45.78
C THR H 18 -14.07 -1.66 45.66
N GLY H 19 -14.41 -0.90 46.68
CA GLY H 19 -15.66 -0.16 46.71
C GLY H 19 -15.56 1.24 46.14
N SER H 20 -14.41 1.56 45.55
CA SER H 20 -14.20 2.91 45.01
C SER H 20 -13.14 2.91 43.91
N ALA H 21 -13.45 3.63 42.81
CA ALA H 21 -12.66 3.69 41.57
C ALA H 21 -11.70 4.89 41.55
N PRO H 22 -10.39 4.66 41.37
CA PRO H 22 -9.47 5.81 41.32
C PRO H 22 -9.65 6.63 40.06
N LEU H 23 -9.80 7.95 40.22
CA LEU H 23 -9.73 8.86 39.10
C LEU H 23 -8.41 9.61 39.15
N PHE H 24 -7.72 9.63 38.04
CA PHE H 24 -6.35 10.10 38.16
C PHE H 24 -6.26 11.59 37.88
N PRO H 25 -5.43 12.34 38.60
CA PRO H 25 -5.33 13.78 38.35
C PRO H 25 -4.52 14.08 37.10
N ALA H 26 -4.42 15.39 36.82
CA ALA H 26 -3.69 15.96 35.68
C ALA H 26 -4.15 15.35 34.35
N TYR H 27 -5.48 15.28 34.20
CA TYR H 27 -6.06 14.85 32.94
C TYR H 27 -5.91 15.93 31.88
N GLN H 28 -5.49 15.49 30.69
CA GLN H 28 -5.30 16.35 29.54
C GLN H 28 -6.54 16.11 28.67
N THR H 29 -6.37 15.48 27.51
CA THR H 29 -7.49 15.22 26.63
C THR H 29 -7.70 13.73 26.41
N ASP H 30 -8.73 13.44 25.63
CA ASP H 30 -9.30 12.11 25.56
C ASP H 30 -10.15 12.03 24.31
N GLY H 31 -10.03 10.92 23.60
CA GLY H 31 -10.93 10.64 22.50
C GLY H 31 -11.59 9.30 22.68
N SER H 32 -12.92 9.29 22.54
CA SER H 32 -13.70 8.06 22.53
C SER H 32 -14.15 7.88 21.09
N VAL H 33 -13.43 7.06 20.35
CA VAL H 33 -13.66 6.91 18.92
C VAL H 33 -14.41 5.59 18.70
N SER H 34 -15.60 5.71 18.13
CA SER H 34 -16.58 4.63 18.09
C SER H 34 -17.13 4.53 16.66
N GLY H 35 -16.42 3.79 15.81
CA GLY H 35 -16.82 3.67 14.43
C GLY H 35 -17.85 2.58 14.20
N GLU H 36 -18.97 2.94 13.60
CA GLU H 36 -20.06 1.99 13.33
C GLU H 36 -20.07 1.71 11.84
N ARG H 37 -19.27 0.74 11.40
CA ARG H 37 -19.10 0.46 9.99
C ARG H 37 -20.42 -0.01 9.38
N GLU H 38 -20.38 -0.33 8.09
CA GLU H 38 -21.59 -0.54 7.29
C GLU H 38 -21.27 -1.53 6.18
N LEU H 39 -22.24 -2.39 5.89
CA LEU H 39 -22.11 -3.42 4.87
C LEU H 39 -22.19 -2.80 3.48
N PHE H 40 -21.80 -3.61 2.48
CA PHE H 40 -21.99 -3.24 1.08
C PHE H 40 -23.08 -4.08 0.43
N ASP H 41 -24.32 -3.65 0.62
CA ASP H 41 -25.43 -3.94 -0.28
C ASP H 41 -25.75 -2.67 -1.07
N GLU H 42 -25.13 -2.53 -2.24
CA GLU H 42 -25.41 -1.42 -3.13
C GLU H 42 -26.83 -1.44 -3.68
N GLN H 43 -27.52 -2.59 -3.57
CA GLN H 43 -28.83 -2.86 -4.18
C GLN H 43 -28.79 -2.75 -5.70
N THR H 44 -27.65 -3.16 -6.29
CA THR H 44 -27.26 -2.86 -7.68
C THR H 44 -27.66 -1.44 -8.08
N LYS H 45 -27.23 -0.46 -7.26
CA LYS H 45 -27.57 0.94 -7.47
C LYS H 45 -26.31 1.75 -7.76
N ASN H 46 -25.70 2.31 -6.71
CA ASN H 46 -24.46 3.08 -6.85
C ASN H 46 -23.58 3.01 -5.61
N GLY H 47 -23.64 1.93 -4.85
CA GLY H 47 -22.85 1.78 -3.64
C GLY H 47 -23.55 2.42 -2.46
N ARG H 48 -24.88 2.34 -2.46
CA ARG H 48 -25.68 2.92 -1.39
C ARG H 48 -26.11 1.79 -0.46
N ILE H 49 -25.76 1.91 0.81
CA ILE H 49 -26.13 0.92 1.82
C ILE H 49 -26.60 1.62 3.09
N LEU H 50 -27.73 1.17 3.64
CA LEU H 50 -28.23 1.71 4.90
C LEU H 50 -28.08 0.71 6.05
N GLY H 51 -27.16 -0.24 5.91
CA GLY H 51 -27.06 -1.36 6.82
C GLY H 51 -25.82 -1.34 7.68
N PRO H 52 -25.85 -2.06 8.80
CA PRO H 52 -24.73 -2.02 9.75
C PRO H 52 -23.54 -2.86 9.33
N GLY H 53 -22.38 -2.53 9.89
CA GLY H 53 -21.15 -3.22 9.59
C GLY H 53 -20.57 -3.80 10.86
N SER H 54 -19.95 -2.93 11.64
CA SER H 54 -19.37 -3.36 12.91
C SER H 54 -19.07 -2.16 13.80
N VAL H 55 -18.69 -2.44 15.03
CA VAL H 55 -18.42 -1.40 16.03
C VAL H 55 -16.94 -1.41 16.37
N ALA H 56 -16.24 -0.35 15.99
CA ALA H 56 -14.83 -0.16 16.34
C ALA H 56 -14.78 0.82 17.50
N ASP H 57 -14.89 0.30 18.71
CA ASP H 57 -15.04 1.13 19.89
C ASP H 57 -13.70 1.18 20.62
N SER H 58 -12.98 2.28 20.44
CA SER H 58 -11.67 2.50 21.02
C SER H 58 -11.58 3.89 21.61
N GLY H 59 -10.69 4.04 22.58
CA GLY H 59 -10.44 5.33 23.18
C GLY H 59 -8.98 5.53 23.51
N GLU H 60 -8.55 6.78 23.58
CA GLU H 60 -7.20 7.12 24.00
C GLU H 60 -7.31 8.16 25.10
N VAL H 61 -6.54 7.98 26.17
CA VAL H 61 -6.57 8.87 27.32
C VAL H 61 -5.16 9.39 27.57
N THR H 62 -4.99 10.70 27.54
CA THR H 62 -3.71 11.29 27.88
C THR H 62 -3.78 11.93 29.25
N TYR H 63 -2.69 11.80 30.02
CA TYR H 63 -2.59 12.45 31.32
C TYR H 63 -1.12 12.69 31.65
N TYR H 64 -0.86 13.60 32.58
CA TYR H 64 0.48 13.88 33.10
C TYR H 64 0.76 12.93 34.25
N GLY H 65 2.01 12.50 34.38
CA GLY H 65 2.38 11.55 35.39
C GLY H 65 2.55 12.11 36.79
N LYS H 66 2.09 11.38 37.79
CA LYS H 66 2.30 11.77 39.18
C LYS H 66 3.07 10.66 39.90
N ARG H 67 3.87 11.05 40.90
CA ARG H 67 4.78 10.13 41.57
C ARG H 67 4.08 8.89 42.12
N GLY H 68 2.89 9.02 42.68
CA GLY H 68 2.13 7.88 43.16
C GLY H 68 0.79 7.81 42.46
N ASP H 69 -0.28 7.78 43.28
CA ASP H 69 -1.67 7.95 42.86
C ASP H 69 -2.12 6.75 42.01
N ALA H 70 -3.29 6.22 42.39
CA ALA H 70 -3.72 4.84 42.13
C ALA H 70 -4.50 4.58 40.84
N GLY H 71 -4.91 5.62 40.11
CA GLY H 71 -5.42 5.43 38.77
C GLY H 71 -4.32 5.12 37.76
N GLN H 72 -3.23 5.87 37.81
CA GLN H 72 -2.06 5.51 37.01
C GLN H 72 -1.42 4.22 37.49
N LYS H 73 -1.42 3.96 38.80
CA LYS H 73 -0.99 2.65 39.27
C LYS H 73 -1.96 1.55 38.87
N ALA H 74 -3.26 1.79 38.95
CA ALA H 74 -4.21 0.88 38.34
C ALA H 74 -4.02 0.80 36.85
N ILE H 75 -3.63 1.92 36.23
CA ILE H 75 -3.26 1.92 34.81
C ILE H 75 -2.04 1.01 34.58
N GLU H 76 -0.96 1.24 35.34
CA GLU H 76 0.24 0.44 35.15
C GLU H 76 0.08 -0.99 35.62
N ASP H 77 -0.62 -1.23 36.73
CA ASP H 77 -1.00 -2.59 37.08
C ASP H 77 -1.84 -3.24 36.00
N ALA H 78 -2.89 -2.56 35.54
CA ALA H 78 -3.65 -3.10 34.43
C ALA H 78 -2.79 -3.29 33.19
N TYR H 79 -1.93 -2.32 32.87
CA TYR H 79 -1.16 -2.39 31.64
C TYR H 79 -0.17 -3.55 31.66
N GLN H 80 0.64 -3.64 32.71
CA GLN H 80 1.80 -4.53 32.70
C GLN H 80 1.40 -5.98 32.91
N ASN H 81 0.40 -6.24 33.74
CA ASN H 81 -0.14 -7.59 33.85
C ASN H 81 -1.21 -7.84 32.79
N GLY H 82 -1.53 -6.81 32.01
CA GLY H 82 -2.52 -6.93 30.95
C GLY H 82 -3.92 -7.16 31.47
N LYS H 83 -4.20 -6.63 32.64
CA LYS H 83 -5.50 -6.73 33.31
C LYS H 83 -6.50 -5.93 32.48
N GLN H 84 -7.74 -6.39 32.44
CA GLN H 84 -8.85 -5.62 31.90
C GLN H 84 -9.16 -4.48 32.86
N ILE H 85 -9.56 -3.33 32.31
CA ILE H 85 -9.89 -2.18 33.15
C ILE H 85 -11.35 -1.81 32.95
N LYS H 86 -12.03 -1.57 34.06
CA LYS H 86 -13.42 -1.14 34.03
C LYS H 86 -13.46 0.38 33.97
N PHE H 87 -14.10 0.90 32.91
CA PHE H 87 -14.02 2.28 32.50
C PHE H 87 -15.39 2.95 32.61
N TRP H 88 -15.43 4.06 33.33
CA TRP H 88 -16.65 4.84 33.56
C TRP H 88 -16.41 6.26 33.09
N ARG H 89 -17.17 6.70 32.08
CA ARG H 89 -17.15 8.09 31.64
C ARG H 89 -18.39 8.77 32.20
N VAL H 90 -18.20 9.61 33.21
CA VAL H 90 -19.34 10.19 33.91
C VAL H 90 -19.25 11.70 33.84
N ASP H 91 -20.42 12.33 33.83
CA ASP H 91 -20.51 13.77 33.79
C ASP H 91 -20.31 14.37 35.17
N THR H 92 -20.11 15.69 35.20
CA THR H 92 -19.84 16.43 36.43
C THR H 92 -21.03 17.28 36.87
N VAL H 93 -21.90 17.67 35.94
CA VAL H 93 -23.09 18.43 36.29
C VAL H 93 -24.11 17.51 36.95
N LYS H 94 -25.09 18.12 37.60
CA LYS H 94 -26.08 17.37 38.38
C LYS H 94 -27.30 17.07 37.52
N ASN H 95 -27.45 15.80 37.15
CA ASN H 95 -28.66 15.34 36.47
C ASN H 95 -29.81 15.29 37.47
N GLU H 96 -31.03 15.28 36.93
CA GLU H 96 -32.22 15.29 37.77
C GLU H 96 -32.85 13.92 37.97
N ASN H 97 -32.39 12.89 37.27
CA ASN H 97 -32.79 11.53 37.61
C ASN H 97 -31.72 10.84 38.45
N ASP H 98 -30.68 10.33 37.81
CA ASP H 98 -29.48 9.88 38.50
C ASP H 98 -28.74 11.11 39.02
N LYS H 99 -27.82 10.90 39.96
CA LYS H 99 -26.94 11.96 40.40
C LYS H 99 -26.19 12.57 39.22
N TYR H 100 -25.65 11.71 38.37
CA TYR H 100 -24.92 12.11 37.18
C TYR H 100 -25.34 11.19 36.05
N ASP H 101 -24.64 11.27 34.92
CA ASP H 101 -24.94 10.39 33.79
C ASP H 101 -23.63 9.93 33.15
N ALA H 102 -23.63 8.67 32.75
CA ALA H 102 -22.39 7.98 32.45
C ALA H 102 -22.48 7.28 31.10
N GLN H 103 -21.35 7.24 30.40
CA GLN H 103 -21.08 6.26 29.37
C GLN H 103 -19.98 5.34 29.91
N PHE H 104 -20.24 4.04 29.89
CA PHE H 104 -19.47 3.07 30.66
C PHE H 104 -19.09 1.88 29.79
N GLY H 105 -18.00 1.23 30.14
CA GLY H 105 -17.67 -0.02 29.48
C GLY H 105 -16.56 -0.76 30.19
N PHE H 106 -16.33 -1.99 29.75
CA PHE H 106 -15.14 -2.76 30.12
C PHE H 106 -14.10 -2.51 29.04
N ALA H 107 -12.87 -2.23 29.47
CA ALA H 107 -11.83 -1.75 28.57
C ALA H 107 -10.53 -2.53 28.78
N TYR H 108 -9.69 -2.49 27.76
CA TYR H 108 -8.45 -3.26 27.71
C TYR H 108 -7.36 -2.35 27.20
N ILE H 109 -6.23 -2.33 27.90
CA ILE H 109 -5.09 -1.50 27.50
C ILE H 109 -4.55 -2.00 26.18
N GLU H 110 -4.56 -1.14 25.16
CA GLU H 110 -4.00 -1.53 23.87
C GLU H 110 -2.59 -0.99 23.62
N SER H 111 -2.21 0.13 24.22
CA SER H 111 -0.85 0.61 24.11
C SER H 111 -0.60 1.67 25.18
N ARG H 112 0.64 1.72 25.65
CA ARG H 112 1.09 2.70 26.64
C ARG H 112 2.17 3.51 25.92
N GLU H 113 2.13 4.81 26.12
CA GLU H 113 3.05 5.75 25.49
C GLU H 113 3.57 6.67 26.58
N TYR H 114 4.87 6.68 26.78
CA TYR H 114 5.48 7.58 27.75
C TYR H 114 6.27 8.69 27.07
N SER H 115 5.90 9.92 27.40
CA SER H 115 6.57 11.10 26.88
C SER H 115 7.43 11.72 27.96
N ASP H 116 8.70 11.92 27.63
CA ASP H 116 9.64 12.72 28.40
C ASP H 116 10.15 13.80 27.45
N GLY H 117 9.84 15.05 27.76
CA GLY H 117 10.35 16.19 27.00
C GLY H 117 11.35 16.99 27.81
N VAL H 118 11.82 18.08 27.22
CA VAL H 118 12.74 18.99 27.89
C VAL H 118 11.99 19.93 28.82
N GLU H 119 10.87 20.50 28.36
CA GLU H 119 9.99 21.23 29.25
C GLU H 119 8.76 20.43 29.63
N GLY H 120 8.13 20.75 30.77
CA GLY H 120 6.81 20.24 31.05
C GLY H 120 6.94 18.88 31.71
N ALA H 121 6.01 18.55 32.60
CA ALA H 121 6.08 17.29 33.33
C ALA H 121 5.76 16.11 32.42
N VAL H 122 6.08 14.91 32.90
CA VAL H 122 6.01 13.71 32.09
C VAL H 122 4.60 13.52 31.56
N GLU H 123 4.49 13.03 30.32
CA GLU H 123 3.19 12.88 29.70
C GLU H 123 2.92 11.42 29.38
N ILE H 124 1.73 10.96 29.71
CA ILE H 124 1.33 9.59 29.48
C ILE H 124 0.16 9.55 28.51
N SER H 125 0.39 8.94 27.36
CA SER H 125 -0.67 8.62 26.42
C SER H 125 -0.97 7.13 26.54
N ILE H 126 -2.24 6.79 26.75
CA ILE H 126 -2.66 5.40 26.83
C ILE H 126 -3.75 5.17 25.79
N SER H 127 -3.54 4.16 24.97
CA SER H 127 -4.46 3.80 23.89
C SER H 127 -5.18 2.51 24.24
N LEU H 128 -6.50 2.55 24.18
CA LEU H 128 -7.36 1.47 24.63
C LEU H 128 -8.50 1.26 23.64
N GLN H 129 -9.18 0.13 23.77
CA GLN H 129 -10.45 -0.09 23.09
C GLN H 129 -11.46 -0.49 24.16
N VAL H 130 -12.74 -0.41 23.83
CA VAL H 130 -13.78 -0.87 24.74
C VAL H 130 -14.61 -1.91 24.01
N ILE H 131 -14.81 -3.07 24.65
CA ILE H 131 -15.47 -4.18 23.99
C ILE H 131 -16.93 -3.86 23.74
N GLY H 132 -17.64 -3.43 24.78
CA GLY H 132 -19.02 -3.05 24.63
C GLY H 132 -19.28 -1.65 25.15
N GLU H 133 -19.74 -0.77 24.27
CA GLU H 133 -20.14 0.56 24.68
C GLU H 133 -21.45 0.51 25.46
N LEU H 134 -21.39 1.02 26.68
CA LEU H 134 -22.53 0.94 27.59
C LEU H 134 -22.85 2.36 28.07
N LYS H 135 -24.12 2.60 28.34
CA LYS H 135 -24.59 3.91 28.75
C LYS H 135 -25.58 3.76 29.90
N ASN H 136 -25.35 4.48 31.00
CA ASN H 136 -26.25 4.46 32.14
C ASN H 136 -26.06 5.75 32.94
N GLY H 137 -27.10 6.16 33.66
CA GLY H 137 -26.95 7.23 34.61
C GLY H 137 -26.03 6.83 35.75
N GLU H 138 -25.39 7.84 36.35
CA GLU H 138 -24.40 7.60 37.37
C GLU H 138 -24.93 8.11 38.71
N ILE H 139 -24.71 7.31 39.75
CA ILE H 139 -25.24 7.65 41.07
C ILE H 139 -24.13 8.18 41.98
N ASP H 140 -23.15 7.36 42.29
CA ASP H 140 -22.09 7.78 43.21
C ASP H 140 -20.72 7.69 42.55
N THR H 141 -20.07 8.83 42.40
CA THR H 141 -18.71 8.88 41.89
C THR H 141 -17.71 9.38 42.92
N LEU H 142 -17.87 8.97 44.19
CA LEU H 142 -17.10 9.43 45.35
C LEU H 142 -16.99 10.95 45.32
N PRO H 143 -18.14 11.67 45.30
CA PRO H 143 -18.17 13.07 44.84
C PRO H 143 -17.44 14.06 45.72
N GLU H 144 -17.07 13.61 46.91
CA GLU H 144 -16.22 14.36 47.83
C GLU H 144 -14.84 14.60 47.23
N GLU H 145 -14.40 13.73 46.33
CA GLU H 145 -13.04 13.77 45.81
C GLU H 145 -12.97 13.83 44.29
N ILE H 146 -13.76 13.05 43.57
CA ILE H 146 -13.76 13.04 42.12
C ILE H 146 -14.61 14.17 41.55
N VAL H 147 -15.80 14.36 42.11
CA VAL H 147 -16.73 15.36 41.60
C VAL H 147 -16.21 16.73 42.02
N ASN H 148 -15.68 16.82 43.24
CA ASN H 148 -15.21 18.08 43.78
C ASN H 148 -13.72 18.28 43.52
N VAL H 149 -13.35 19.26 42.70
CA VAL H 149 -11.96 19.63 42.56
C VAL H 149 -11.69 20.85 43.46
N SER H 150 -10.81 20.67 44.44
CA SER H 150 -10.59 21.69 45.45
C SER H 150 -9.21 22.32 45.37
N LYS H 151 -9.09 23.60 45.71
CA LYS H 151 -7.77 24.22 45.74
C LYS H 151 -6.94 23.85 46.97
N GLY H 152 -7.55 23.75 48.15
CA GLY H 152 -6.81 23.46 49.36
C GLY H 152 -6.35 24.71 50.09
N GLY H 153 -6.82 25.86 49.63
CA GLY H 153 -6.41 27.14 50.20
C GLY H 153 -7.05 27.39 51.55
N TYR H 154 -6.20 27.62 52.55
CA TYR H 154 -6.61 27.92 53.92
C TYR H 154 -6.45 29.43 54.13
N ASP H 155 -7.59 30.13 54.27
CA ASP H 155 -7.63 31.57 54.03
C ASP H 155 -6.96 32.43 55.09
N PHE H 156 -6.92 31.96 56.35
CA PHE H 156 -6.13 32.47 57.47
C PHE H 156 -5.59 31.29 58.28
N GLN H 157 -4.26 31.21 58.32
CA GLN H 157 -3.53 30.56 59.40
C GLN H 157 -2.20 31.28 59.50
N GLN H 158 -2.22 32.63 59.43
CA GLN H 158 -0.97 33.36 59.23
C GLN H 158 0.13 33.03 60.25
N PRO H 159 -0.03 33.26 61.56
CA PRO H 159 0.99 32.73 62.48
C PRO H 159 0.84 31.26 62.80
N GLY H 160 1.92 30.49 62.81
CA GLY H 160 1.79 29.05 62.93
C GLY H 160 1.14 28.30 61.79
N GLN H 161 1.34 28.72 60.54
CA GLN H 161 0.79 27.94 59.43
C GLN H 161 1.52 26.62 59.28
N THR H 162 2.85 26.64 59.45
CA THR H 162 3.74 25.46 59.44
C THR H 162 3.45 24.55 58.25
N THR H 163 3.66 25.06 57.05
CA THR H 163 3.17 24.38 55.87
C THR H 163 4.34 24.06 54.96
N GLY H 164 4.21 22.95 54.22
CA GLY H 164 5.15 22.59 53.18
C GLY H 164 4.91 23.34 51.88
N GLU H 165 5.61 22.95 50.82
CA GLU H 165 5.49 23.64 49.53
C GLU H 165 4.06 23.56 48.99
N ALA H 166 3.33 22.50 49.37
CA ALA H 166 1.97 22.26 48.90
C ALA H 166 1.00 23.05 49.77
N PRO H 167 -0.21 23.30 49.28
CA PRO H 167 -1.00 24.43 49.76
C PRO H 167 -1.68 24.15 51.10
N GLY H 168 -0.92 24.38 52.16
CA GLY H 168 -1.46 24.49 53.50
C GLY H 168 -1.57 23.20 54.30
N THR H 169 -0.54 22.85 55.07
CA THR H 169 -0.67 21.75 56.01
C THR H 169 -0.67 22.28 57.43
N VAL H 170 -1.27 21.50 58.32
CA VAL H 170 -1.36 21.82 59.74
C VAL H 170 0.05 21.86 60.32
N PRO H 171 0.28 22.53 61.47
CA PRO H 171 1.64 22.58 62.02
C PRO H 171 2.09 21.22 62.53
N ALA H 172 3.35 20.89 62.26
CA ALA H 172 3.95 19.57 62.51
C ALA H 172 3.18 18.45 61.82
N PRO I 1 -24.63 36.51 -0.58
CA PRO I 1 -25.10 35.15 -0.85
C PRO I 1 -25.43 34.38 0.42
N ILE I 2 -25.96 33.17 0.28
CA ILE I 2 -26.30 32.30 1.40
C ILE I 2 -25.02 32.09 2.21
N MET I 3 -25.05 32.49 3.48
CA MET I 3 -23.90 32.41 4.36
C MET I 3 -23.80 31.02 4.97
N GLY I 4 -22.73 30.83 5.76
CA GLY I 4 -22.54 29.59 6.49
C GLY I 4 -23.64 29.28 7.50
N GLN I 5 -24.28 30.31 8.06
CA GLN I 5 -25.44 30.15 8.89
C GLN I 5 -26.70 29.85 8.09
N ASP I 6 -26.67 30.07 6.78
CA ASP I 6 -27.85 29.99 5.94
C ASP I 6 -28.42 28.58 5.81
N VAL I 7 -27.59 27.54 5.75
CA VAL I 7 -28.05 26.17 5.59
C VAL I 7 -27.96 25.48 6.94
N LYS I 8 -29.06 24.89 7.40
CA LYS I 8 -29.04 24.14 8.64
C LYS I 8 -29.60 22.74 8.42
N TYR I 9 -29.17 21.82 9.28
CA TYR I 9 -29.31 20.38 9.06
C TYR I 9 -30.30 19.84 10.09
N LEU I 10 -31.56 19.73 9.69
CA LEU I 10 -32.58 19.11 10.55
C LEU I 10 -32.44 17.60 10.49
N PHE I 11 -32.69 16.93 11.61
CA PHE I 11 -32.68 15.48 11.68
C PHE I 11 -33.92 14.99 12.42
N GLN I 12 -34.50 13.91 11.90
CA GLN I 12 -35.57 13.24 12.63
C GLN I 12 -35.34 11.73 12.54
N SER I 13 -35.64 11.04 13.64
CA SER I 13 -35.48 9.60 13.71
C SER I 13 -36.58 8.90 12.92
N ILE I 14 -36.27 7.67 12.45
CA ILE I 14 -37.24 6.91 11.69
C ILE I 14 -38.40 6.43 12.54
N ASP I 15 -38.12 5.81 13.70
CA ASP I 15 -39.14 5.18 14.50
C ASP I 15 -39.91 6.16 15.38
N ALA I 16 -39.47 7.42 15.46
CA ALA I 16 -40.11 8.35 16.37
C ALA I 16 -41.53 8.67 15.92
N ALA I 17 -41.76 8.72 14.60
CA ALA I 17 -43.01 9.16 13.97
C ALA I 17 -43.61 10.38 14.65
N THR I 18 -42.75 11.38 14.89
CA THR I 18 -43.15 12.63 15.53
C THR I 18 -43.46 13.67 14.47
N GLY I 19 -44.15 14.72 14.86
CA GLY I 19 -44.54 15.78 13.93
C GLY I 19 -43.53 16.90 13.84
N SER I 20 -42.37 16.73 14.48
CA SER I 20 -41.36 17.78 14.49
C SER I 20 -39.96 17.22 14.70
N ALA I 21 -38.98 17.70 13.91
CA ALA I 21 -37.60 17.24 13.84
C ALA I 21 -36.67 18.05 14.73
N PRO I 22 -35.94 17.42 15.69
CA PRO I 22 -35.02 18.21 16.51
C PRO I 22 -33.83 18.72 15.73
N LEU I 23 -33.56 20.01 15.85
CA LEU I 23 -32.31 20.57 15.36
C LEU I 23 -31.41 20.90 16.54
N PHE I 24 -30.18 20.44 16.47
CA PHE I 24 -29.42 20.50 17.69
C PHE I 24 -28.61 21.80 17.77
N PRO I 25 -28.49 22.41 18.94
CA PRO I 25 -27.71 23.65 19.03
C PRO I 25 -26.22 23.40 19.01
N ALA I 26 -25.47 24.51 19.06
CA ALA I 26 -24.01 24.56 19.07
C ALA I 26 -23.42 23.82 17.86
N TYR I 27 -24.00 24.09 16.69
CA TYR I 27 -23.46 23.57 15.45
C TYR I 27 -22.16 24.26 15.07
N GLN I 28 -21.18 23.46 14.69
CA GLN I 28 -19.87 23.92 14.27
C GLN I 28 -19.90 23.85 12.74
N THR I 29 -19.14 22.93 12.16
CA THR I 29 -19.11 22.81 10.70
C THR I 29 -19.59 21.43 10.25
N ASP I 30 -19.60 21.28 8.94
CA ASP I 30 -20.32 20.20 8.29
C ASP I 30 -19.79 20.07 6.87
N GLY I 31 -19.57 18.84 6.44
CA GLY I 31 -19.27 18.58 5.06
C GLY I 31 -20.23 17.59 4.47
N SER I 32 -20.79 17.91 3.32
CA SER I 32 -21.63 17.00 2.55
C SER I 32 -20.80 16.64 1.33
N VAL I 33 -20.14 15.49 1.40
CA VAL I 33 -19.20 15.06 0.38
C VAL I 33 -19.88 14.01 -0.50
N SER I 34 -20.00 14.33 -1.78
CA SER I 34 -20.85 13.60 -2.71
C SER I 34 -20.05 13.33 -3.98
N GLY I 35 -19.29 12.24 -3.97
CA GLY I 35 -18.45 11.91 -5.10
C GLY I 35 -19.19 11.15 -6.18
N GLU I 36 -19.16 11.65 -7.41
CA GLU I 36 -19.84 11.04 -8.55
C GLU I 36 -18.78 10.43 -9.45
N ARG I 37 -18.39 9.20 -9.15
CA ARG I 37 -17.29 8.53 -9.85
C ARG I 37 -17.65 8.34 -11.32
N GLU I 38 -16.74 7.73 -12.07
CA GLU I 38 -16.80 7.69 -13.52
C GLU I 38 -16.12 6.41 -14.01
N LEU I 39 -16.70 5.83 -15.06
CA LEU I 39 -16.21 4.59 -15.65
C LEU I 39 -14.94 4.85 -16.44
N PHE I 40 -14.25 3.76 -16.78
CA PHE I 40 -13.11 3.81 -17.70
C PHE I 40 -13.46 3.20 -19.05
N ASP I 41 -14.08 4.01 -19.91
CA ASP I 41 -14.04 3.84 -21.35
C ASP I 41 -13.12 4.92 -21.93
N GLU I 42 -11.85 4.58 -22.08
CA GLU I 42 -10.89 5.49 -22.70
C GLU I 42 -11.18 5.75 -24.17
N GLN I 43 -12.02 4.91 -24.79
CA GLN I 43 -12.32 4.89 -26.23
C GLN I 43 -11.06 4.63 -27.05
N THR I 44 -10.17 3.77 -26.53
CA THR I 44 -8.78 3.60 -26.96
C THR I 44 -8.15 4.94 -27.36
N LYS I 45 -8.22 5.91 -26.45
CA LYS I 45 -7.72 7.26 -26.69
C LYS I 45 -6.56 7.57 -25.75
N ASN I 46 -6.88 8.17 -24.59
CA ASN I 46 -5.86 8.48 -23.58
C ASN I 46 -6.42 8.46 -22.16
N GLY I 47 -7.43 7.65 -21.90
CA GLY I 47 -8.04 7.58 -20.57
C GLY I 47 -9.08 8.66 -20.39
N ARG I 48 -9.79 8.97 -21.48
CA ARG I 48 -10.81 10.00 -21.46
C ARG I 48 -12.17 9.30 -21.40
N ILE I 49 -12.94 9.62 -20.37
CA ILE I 49 -14.27 9.04 -20.19
C ILE I 49 -15.25 10.14 -19.77
N LEU I 50 -16.42 10.19 -20.42
CA LEU I 50 -17.47 11.13 -20.05
C LEU I 50 -18.65 10.44 -19.38
N GLY I 51 -18.43 9.25 -18.81
CA GLY I 51 -19.49 8.41 -18.32
C GLY I 51 -19.53 8.28 -16.81
N PRO I 52 -20.69 7.88 -16.29
CA PRO I 52 -20.84 7.82 -14.82
C PRO I 52 -20.21 6.61 -14.19
N GLY I 53 -19.95 6.70 -12.89
CA GLY I 53 -19.35 5.63 -12.14
C GLY I 53 -20.25 5.22 -11.01
N SER I 54 -20.25 6.04 -9.95
CA SER I 54 -21.09 5.77 -8.80
C SER I 54 -21.20 7.01 -7.93
N VAL I 55 -22.08 6.95 -6.93
CA VAL I 55 -22.35 8.06 -6.03
C VAL I 55 -21.88 7.69 -4.63
N ALA I 56 -20.84 8.39 -4.17
CA ALA I 56 -20.32 8.24 -2.81
C ALA I 56 -20.85 9.42 -2.00
N ASP I 57 -22.05 9.26 -1.45
CA ASP I 57 -22.75 10.35 -0.79
C ASP I 57 -22.62 10.17 0.71
N SER I 58 -21.73 10.94 1.31
CA SER I 58 -21.44 10.90 2.73
C SER I 58 -21.34 12.31 3.29
N GLY I 59 -21.60 12.42 4.58
CA GLY I 59 -21.49 13.68 5.27
C GLY I 59 -20.93 13.52 6.67
N GLU I 60 -20.32 14.58 7.19
CA GLU I 60 -19.84 14.59 8.57
C GLU I 60 -20.37 15.85 9.22
N VAL I 61 -20.89 15.71 10.44
CA VAL I 61 -21.48 16.83 11.16
C VAL I 61 -20.77 16.96 12.50
N THR I 62 -20.20 18.12 12.77
CA THR I 62 -19.60 18.37 14.07
C THR I 62 -20.48 19.31 14.87
N TYR I 63 -20.57 19.06 16.18
CA TYR I 63 -21.31 19.95 17.08
C TYR I 63 -20.74 19.81 18.49
N TYR I 64 -21.01 20.81 19.33
CA TYR I 64 -20.64 20.79 20.74
C TYR I 64 -21.74 20.12 21.53
N GLY I 65 -21.35 19.39 22.57
CA GLY I 65 -22.32 18.63 23.36
C GLY I 65 -23.11 19.43 24.35
N LYS I 66 -24.40 19.13 24.48
CA LYS I 66 -25.24 19.76 25.48
C LYS I 66 -25.81 18.69 26.40
N ARG I 67 -26.05 19.06 27.67
CA ARG I 67 -26.46 18.11 28.69
C ARG I 67 -27.69 17.29 28.32
N GLY I 68 -28.68 17.89 27.68
CA GLY I 68 -29.85 17.17 27.22
C GLY I 68 -30.01 17.33 25.72
N ASP I 69 -31.20 17.82 25.32
CA ASP I 69 -31.51 18.28 23.96
C ASP I 69 -31.51 17.09 22.98
N ALA I 70 -32.59 17.04 22.19
CA ALA I 70 -33.10 15.82 21.54
C ALA I 70 -32.58 15.50 20.14
N GLY I 71 -31.84 16.41 19.50
CA GLY I 71 -31.12 16.05 18.29
C GLY I 71 -29.89 15.20 18.57
N GLN I 72 -29.10 15.60 19.57
CA GLN I 72 -28.02 14.73 20.03
C GLN I 72 -28.52 13.46 20.68
N LYS I 73 -29.65 13.53 21.40
CA LYS I 73 -30.28 12.31 21.89
C LYS I 73 -30.84 11.48 20.75
N ALA I 74 -31.48 12.10 19.77
CA ALA I 74 -31.82 11.39 18.55
C ALA I 74 -30.58 10.90 17.83
N ILE I 75 -29.49 11.67 17.93
CA ILE I 75 -28.20 11.21 17.42
C ILE I 75 -27.73 9.97 18.17
N GLU I 76 -27.70 10.05 19.49
CA GLU I 76 -27.22 8.92 20.28
C GLU I 76 -28.20 7.74 20.27
N ASP I 77 -29.50 8.00 20.31
CA ASP I 77 -30.46 6.93 20.07
C ASP I 77 -30.28 6.31 18.69
N ALA I 78 -30.21 7.15 17.65
CA ALA I 78 -29.92 6.60 16.33
C ALA I 78 -28.57 5.87 16.30
N TYR I 79 -27.55 6.45 16.92
CA TYR I 79 -26.22 5.86 16.84
C TYR I 79 -26.15 4.50 17.52
N GLN I 80 -26.59 4.43 18.78
CA GLN I 80 -26.33 3.27 19.62
C GLN I 80 -27.22 2.09 19.26
N ASN I 81 -28.48 2.35 18.89
CA ASN I 81 -29.31 1.28 18.37
C ASN I 81 -29.12 1.10 16.87
N GLY I 82 -28.29 1.96 16.26
CA GLY I 82 -28.00 1.88 14.85
C GLY I 82 -29.20 2.21 13.98
N LYS I 83 -30.07 3.07 14.48
CA LYS I 83 -31.29 3.51 13.80
C LYS I 83 -30.85 4.34 12.60
N GLN I 84 -31.61 4.27 11.52
CA GLN I 84 -31.47 5.17 10.39
C GLN I 84 -31.97 6.56 10.81
N ILE I 85 -31.33 7.61 10.30
CA ILE I 85 -31.73 8.96 10.62
C ILE I 85 -32.18 9.69 9.37
N LYS I 86 -33.31 10.37 9.47
CA LYS I 86 -33.84 11.17 8.37
C LYS I 86 -33.26 12.58 8.47
N PHE I 87 -32.56 12.99 7.41
CA PHE I 87 -31.69 14.15 7.39
C PHE I 87 -32.23 15.19 6.41
N TRP I 88 -32.41 16.40 6.90
CA TRP I 88 -32.93 17.53 6.14
C TRP I 88 -31.92 18.67 6.20
N ARG I 89 -31.36 19.05 5.06
CA ARG I 89 -30.49 20.23 4.97
C ARG I 89 -31.31 21.36 4.36
N VAL I 90 -31.71 22.31 5.18
CA VAL I 90 -32.62 23.36 4.72
C VAL I 90 -31.97 24.72 4.92
N ASP I 91 -32.33 25.63 4.03
CA ASP I 91 -31.81 26.99 4.09
C ASP I 91 -32.58 27.82 5.10
N THR I 92 -32.03 28.98 5.42
CA THR I 92 -32.57 29.88 6.42
C THR I 92 -33.21 31.12 5.80
N VAL I 93 -32.79 31.52 4.61
CA VAL I 93 -33.40 32.65 3.93
C VAL I 93 -34.76 32.26 3.38
N LYS I 94 -35.54 33.26 3.01
CA LYS I 94 -36.93 33.05 2.58
C LYS I 94 -36.98 32.91 1.06
N ASN I 95 -37.22 31.69 0.59
CA ASN I 95 -37.47 31.46 -0.82
C ASN I 95 -38.85 31.99 -1.19
N GLU I 96 -39.06 32.21 -2.49
CA GLU I 96 -40.30 32.77 -2.99
C GLU I 96 -41.28 31.72 -3.52
N ASN I 97 -40.86 30.47 -3.66
CA ASN I 97 -41.82 29.42 -3.94
C ASN I 97 -42.20 28.66 -2.66
N ASP I 98 -41.34 27.73 -2.24
CA ASP I 98 -41.45 27.14 -0.92
C ASP I 98 -41.04 28.18 0.11
N LYS I 99 -41.38 27.94 1.38
CA LYS I 99 -40.90 28.78 2.46
C LYS I 99 -39.38 28.83 2.46
N TYR I 100 -38.75 27.68 2.32
CA TYR I 100 -37.30 27.55 2.27
C TYR I 100 -36.97 26.54 1.18
N ASP I 101 -35.71 26.14 1.11
CA ASP I 101 -35.28 25.15 0.12
C ASP I 101 -34.30 24.19 0.77
N ALA I 102 -34.43 22.92 0.41
CA ALA I 102 -33.82 21.85 1.17
C ALA I 102 -33.06 20.91 0.25
N GLN I 103 -31.96 20.37 0.76
CA GLN I 103 -31.38 19.13 0.28
C GLN I 103 -31.57 18.10 1.38
N PHE I 104 -32.15 16.96 1.02
CA PHE I 104 -32.72 16.02 1.98
C PHE I 104 -32.28 14.61 1.67
N GLY I 105 -32.23 13.76 2.69
CA GLY I 105 -32.01 12.35 2.44
C GLY I 105 -32.27 11.52 3.67
N PHE I 106 -32.26 10.20 3.47
CA PHE I 106 -32.22 9.24 4.56
C PHE I 106 -30.75 8.90 4.83
N ALA I 107 -30.37 8.90 6.09
CA ALA I 107 -28.97 8.82 6.47
C ALA I 107 -28.77 7.79 7.57
N TYR I 108 -27.52 7.32 7.66
CA TYR I 108 -27.14 6.24 8.56
C TYR I 108 -25.85 6.64 9.26
N ILE I 109 -25.83 6.50 10.59
CA ILE I 109 -24.65 6.85 11.36
C ILE I 109 -23.51 5.90 10.99
N GLU I 110 -22.40 6.46 10.50
CA GLU I 110 -21.25 5.63 10.17
C GLU I 110 -20.15 5.65 11.22
N SER I 111 -20.02 6.72 11.99
CA SER I 111 -19.07 6.75 13.08
C SER I 111 -19.40 7.90 14.01
N ARG I 112 -19.14 7.71 15.30
CA ARG I 112 -19.32 8.72 16.33
C ARG I 112 -17.92 8.97 16.88
N GLU I 113 -17.62 10.25 17.11
CA GLU I 113 -16.33 10.70 17.60
C GLU I 113 -16.59 11.66 18.74
N TYR I 114 -16.07 11.34 19.92
CA TYR I 114 -16.20 12.22 21.06
C TYR I 114 -14.88 12.85 21.43
N SER I 115 -14.86 14.17 21.45
CA SER I 115 -13.69 14.95 21.83
C SER I 115 -13.88 15.53 23.22
N ASP I 116 -12.91 15.27 24.07
CA ASP I 116 -12.74 15.92 25.37
C ASP I 116 -11.35 16.55 25.34
N GLY I 117 -11.30 17.87 25.41
CA GLY I 117 -10.05 18.59 25.51
C GLY I 117 -9.87 19.23 26.88
N VAL I 118 -8.78 19.96 27.04
CA VAL I 118 -8.51 20.70 28.26
C VAL I 118 -9.27 22.01 28.29
N GLU I 119 -9.27 22.75 27.19
CA GLU I 119 -10.16 23.90 27.05
C GLU I 119 -11.37 23.61 26.18
N GLY I 120 -12.45 24.36 26.36
CA GLY I 120 -13.52 24.34 25.39
C GLY I 120 -14.46 23.20 25.73
N ALA I 121 -15.76 23.39 25.45
CA ALA I 121 -16.75 22.38 25.79
C ALA I 121 -16.62 21.17 24.88
N VAL I 122 -17.28 20.07 25.29
CA VAL I 122 -17.10 18.78 24.64
C VAL I 122 -17.47 18.89 23.17
N GLU I 123 -16.74 18.17 22.32
CA GLU I 123 -16.96 18.26 20.88
C GLU I 123 -17.37 16.91 20.32
N ILE I 124 -18.41 16.92 19.49
CA ILE I 124 -18.93 15.70 18.90
C ILE I 124 -18.77 15.78 17.40
N SER I 125 -17.97 14.88 16.85
CA SER I 125 -17.88 14.66 15.41
C SER I 125 -18.67 13.40 15.08
N ILE I 126 -19.60 13.50 14.14
CA ILE I 126 -20.38 12.36 13.69
C ILE I 126 -20.21 12.21 12.19
N SER I 127 -19.81 11.02 11.77
CA SER I 127 -19.57 10.69 10.37
C SER I 127 -20.67 9.80 9.85
N LEU I 128 -21.28 10.21 8.74
CA LEU I 128 -22.45 9.56 8.19
C LEU I 128 -22.34 9.46 6.67
N GLN I 129 -23.19 8.64 6.07
CA GLN I 129 -23.38 8.64 4.64
C GLN I 129 -24.87 8.82 4.38
N VAL I 130 -25.23 9.19 3.16
CA VAL I 130 -26.63 9.29 2.80
C VAL I 130 -26.86 8.40 1.58
N ILE I 131 -27.87 7.54 1.66
CA ILE I 131 -28.10 6.54 0.63
C ILE I 131 -28.53 7.21 -0.67
N GLY I 132 -29.54 8.06 -0.60
CA GLY I 132 -29.99 8.77 -1.77
C GLY I 132 -30.02 10.27 -1.53
N GLU I 133 -29.24 11.01 -2.31
CA GLU I 133 -29.29 12.46 -2.25
C GLU I 133 -30.57 12.99 -2.88
N LEU I 134 -31.33 13.73 -2.07
CA LEU I 134 -32.63 14.22 -2.49
C LEU I 134 -32.66 15.73 -2.33
N LYS I 135 -33.42 16.39 -3.17
CA LYS I 135 -33.51 17.85 -3.18
C LYS I 135 -34.97 18.27 -3.33
N ASN I 136 -35.45 19.12 -2.44
CA ASN I 136 -36.80 19.65 -2.52
C ASN I 136 -36.87 20.97 -1.76
N GLY I 137 -37.81 21.82 -2.16
CA GLY I 137 -38.09 23.01 -1.37
C GLY I 137 -38.66 22.65 -0.01
N GLU I 138 -38.44 23.54 0.95
CA GLU I 138 -38.83 23.27 2.32
C GLU I 138 -39.96 24.21 2.71
N ILE I 139 -40.95 23.67 3.40
CA ILE I 139 -42.13 24.45 3.76
C ILE I 139 -42.09 24.83 5.24
N ASP I 140 -42.13 23.85 6.13
CA ASP I 140 -42.17 24.16 7.55
C ASP I 140 -40.99 23.51 8.28
N THR I 141 -40.13 24.35 8.85
CA THR I 141 -39.02 23.88 9.66
C THR I 141 -39.15 24.30 11.12
N LEU I 142 -40.37 24.27 11.69
CA LEU I 142 -40.73 24.75 13.02
C LEU I 142 -40.10 26.12 13.24
N PRO I 143 -40.41 27.11 12.38
CA PRO I 143 -39.54 28.30 12.25
C PRO I 143 -39.50 29.23 13.45
N GLU I 144 -40.42 28.98 14.39
CA GLU I 144 -40.43 29.65 15.68
C GLU I 144 -39.19 29.32 16.49
N GLU I 145 -38.57 28.17 16.22
CA GLU I 145 -37.46 27.70 17.04
C GLU I 145 -36.21 27.37 16.24
N ILE I 146 -36.33 26.70 15.10
CA ILE I 146 -35.19 26.34 14.27
C ILE I 146 -34.77 27.49 13.37
N VAL I 147 -35.74 28.16 12.75
CA VAL I 147 -35.46 29.24 11.80
C VAL I 147 -35.01 30.45 12.61
N ASN I 148 -35.68 30.67 13.75
CA ASN I 148 -35.41 31.83 14.58
C ASN I 148 -34.38 31.52 15.66
N VAL I 149 -33.20 32.13 15.59
CA VAL I 149 -32.25 32.02 16.69
C VAL I 149 -32.37 33.28 17.55
N SER I 150 -32.76 33.10 18.81
CA SER I 150 -33.08 34.22 19.67
C SER I 150 -32.09 34.39 20.82
N LYS I 151 -31.81 35.61 21.25
CA LYS I 151 -30.95 35.81 22.41
C LYS I 151 -31.64 35.52 23.74
N GLY I 152 -32.91 35.89 23.91
CA GLY I 152 -33.59 35.69 25.18
C GLY I 152 -33.47 36.90 26.10
N GLY I 153 -32.93 38.00 25.58
CA GLY I 153 -32.70 39.19 26.38
C GLY I 153 -34.00 39.93 26.66
N TYR I 154 -34.27 40.13 27.94
CA TYR I 154 -35.43 40.86 28.43
C TYR I 154 -34.98 42.27 28.85
N ASP I 155 -35.41 43.27 28.08
CA ASP I 155 -34.71 44.57 28.05
C ASP I 155 -34.89 45.42 29.31
N PHE I 156 -36.03 45.28 30.01
CA PHE I 156 -36.32 45.79 31.35
C PHE I 156 -37.11 44.74 32.12
N GLN I 157 -36.51 44.28 33.22
CA GLN I 157 -37.22 43.73 34.36
C GLN I 157 -36.35 44.03 35.58
N GLN I 158 -35.83 45.26 35.67
CA GLN I 158 -34.77 45.53 36.64
C GLN I 158 -35.14 45.15 38.08
N PRO I 159 -36.16 45.72 38.73
CA PRO I 159 -36.55 45.16 40.03
C PRO I 159 -37.42 43.92 39.93
N GLY I 160 -37.15 42.89 40.73
CA GLY I 160 -37.83 41.63 40.55
C GLY I 160 -37.55 40.83 39.29
N GLN I 161 -36.31 40.87 38.77
CA GLN I 161 -36.01 40.05 37.60
C GLN I 161 -36.00 38.57 37.97
N THR I 162 -35.45 38.25 39.15
CA THR I 162 -35.43 36.90 39.74
C THR I 162 -34.97 35.84 38.73
N THR I 163 -33.73 35.97 38.26
CA THR I 163 -33.31 35.20 37.12
C THR I 163 -32.11 34.33 37.50
N GLY I 164 -32.00 33.18 36.85
CA GLY I 164 -30.84 32.32 36.99
C GLY I 164 -29.68 32.78 36.13
N GLU I 165 -28.64 31.95 36.04
CA GLU I 165 -27.44 32.32 35.28
C GLU I 165 -27.77 32.52 33.81
N ALA I 166 -28.81 31.85 33.31
CA ALA I 166 -29.23 31.92 31.91
C ALA I 166 -30.11 33.14 31.71
N PRO I 167 -30.24 33.60 30.47
CA PRO I 167 -30.62 34.99 30.23
C PRO I 167 -32.10 35.25 30.41
N GLY I 168 -32.47 35.50 31.67
CA GLY I 168 -33.75 36.08 32.01
C GLY I 168 -34.90 35.12 32.23
N THR I 169 -35.10 34.67 33.47
CA THR I 169 -36.30 33.91 33.80
C THR I 169 -37.23 34.76 34.67
N VAL I 170 -38.51 34.42 34.61
CA VAL I 170 -39.55 35.08 35.38
C VAL I 170 -39.27 34.85 36.86
N PRO I 171 -39.82 35.67 37.78
CA PRO I 171 -39.54 35.45 39.22
C PRO I 171 -40.21 34.19 39.72
N ALA I 172 -39.49 33.45 40.56
CA ALA I 172 -39.85 32.11 41.04
C ALA I 172 -40.11 31.14 39.90
N PRO J 1 1.30 40.76 -16.48
CA PRO J 1 0.77 39.58 -17.17
C PRO J 1 -0.66 39.26 -16.78
N ILE J 2 -1.26 38.27 -17.43
CA ILE J 2 -2.62 37.83 -17.15
C ILE J 2 -2.69 37.46 -15.68
N MET J 3 -3.56 38.16 -14.94
CA MET J 3 -3.70 37.95 -13.51
C MET J 3 -4.63 36.79 -13.21
N GLY J 4 -4.79 36.49 -11.92
CA GLY J 4 -5.72 35.46 -11.47
C GLY J 4 -7.16 35.73 -11.83
N GLN J 5 -7.55 37.00 -11.91
CA GLN J 5 -8.85 37.41 -12.41
C GLN J 5 -8.97 37.30 -13.91
N ASP J 6 -7.83 37.18 -14.62
CA ASP J 6 -7.81 37.24 -16.07
C ASP J 6 -8.50 36.07 -16.75
N VAL J 7 -8.41 34.85 -16.22
CA VAL J 7 -9.02 33.68 -16.84
C VAL J 7 -10.28 33.33 -16.07
N LYS J 8 -11.41 33.22 -16.77
CA LYS J 8 -12.65 32.82 -16.11
C LYS J 8 -13.26 31.63 -16.84
N TYR J 9 -14.05 30.86 -16.09
CA TYR J 9 -14.48 29.52 -16.49
C TYR J 9 -15.98 29.55 -16.77
N LEU J 10 -16.35 29.73 -18.03
CA LEU J 10 -17.75 29.67 -18.43
C LEU J 10 -18.19 28.21 -18.51
N PHE J 11 -19.43 27.94 -18.14
CA PHE J 11 -20.01 26.61 -18.25
C PHE J 11 -21.39 26.69 -18.89
N GLN J 12 -21.67 25.73 -19.78
CA GLN J 12 -23.02 25.58 -20.30
C GLN J 12 -23.38 24.10 -20.32
N SER J 13 -24.64 23.82 -20.00
CA SER J 13 -25.14 22.45 -20.00
C SER J 13 -25.34 21.93 -21.41
N ILE J 14 -25.26 20.61 -21.56
CA ILE J 14 -25.41 19.99 -22.87
C ILE J 14 -26.85 20.09 -23.37
N ASP J 15 -27.83 19.73 -22.55
CA ASP J 15 -29.21 19.62 -22.99
C ASP J 15 -29.93 20.97 -23.02
N ALA J 16 -29.32 22.01 -22.47
CA ALA J 16 -30.02 23.29 -22.37
C ALA J 16 -30.26 23.90 -23.76
N ALA J 17 -29.32 23.69 -24.68
CA ALA J 17 -29.30 24.30 -26.03
C ALA J 17 -29.68 25.78 -25.99
N THR J 18 -29.09 26.51 -25.05
CA THR J 18 -29.34 27.93 -24.87
C THR J 18 -28.28 28.73 -25.62
N GLY J 19 -28.55 30.00 -25.84
CA GLY J 19 -27.64 30.86 -26.58
C GLY J 19 -26.65 31.59 -25.69
N SER J 20 -26.62 31.24 -24.41
CA SER J 20 -25.74 31.93 -23.46
C SER J 20 -25.41 31.05 -22.27
N ALA J 21 -24.12 31.02 -21.88
CA ALA J 21 -23.54 30.17 -20.83
C ALA J 21 -23.48 30.87 -19.49
N PRO J 22 -24.08 30.31 -18.42
CA PRO J 22 -23.99 30.97 -17.11
C PRO J 22 -22.59 30.91 -16.52
N LEU J 23 -22.07 32.05 -16.11
CA LEU J 23 -20.85 32.09 -15.31
C LEU J 23 -21.21 32.43 -13.87
N PHE J 24 -20.70 31.62 -12.96
CA PHE J 24 -21.26 31.75 -11.62
C PHE J 24 -20.44 32.73 -10.79
N PRO J 25 -21.07 33.55 -9.96
CA PRO J 25 -20.30 34.50 -9.15
C PRO J 25 -19.62 33.83 -7.96
N ALA J 26 -18.88 34.66 -7.21
CA ALA J 26 -18.13 34.27 -6.02
C ALA J 26 -17.17 33.12 -6.31
N TYR J 27 -16.43 33.26 -7.41
CA TYR J 27 -15.38 32.32 -7.74
C TYR J 27 -14.18 32.50 -6.82
N GLN J 28 -13.68 31.36 -6.33
CA GLN J 28 -12.52 31.32 -5.46
C GLN J 28 -11.36 30.90 -6.36
N THR J 29 -10.85 29.68 -6.18
CA THR J 29 -9.74 29.20 -6.99
C THR J 29 -10.13 27.96 -7.78
N ASP J 30 -9.17 27.51 -8.57
CA ASP J 30 -9.41 26.55 -9.63
C ASP J 30 -8.08 25.94 -10.03
N GLY J 31 -8.08 24.63 -10.22
CA GLY J 31 -6.94 23.97 -10.80
C GLY J 31 -7.33 23.19 -12.03
N SER J 32 -6.57 23.38 -13.11
CA SER J 32 -6.73 22.59 -14.32
C SER J 32 -5.49 21.71 -14.38
N VAL J 33 -5.64 20.47 -13.93
CA VAL J 33 -4.51 19.57 -13.78
C VAL J 33 -4.54 18.57 -14.96
N SER J 34 -3.48 18.59 -15.75
CA SER J 34 -3.45 17.95 -17.06
C SER J 34 -2.14 17.15 -17.16
N GLY J 35 -2.16 15.92 -16.65
CA GLY J 35 -0.98 15.10 -16.66
C GLY J 35 -0.77 14.34 -17.95
N GLU J 36 0.38 14.51 -18.57
CA GLU J 36 0.71 13.86 -19.84
C GLU J 36 1.73 12.77 -19.56
N ARG J 37 1.24 11.58 -19.21
CA ARG J 37 2.10 10.49 -18.78
C ARG J 37 3.00 10.06 -19.93
N GLU J 38 3.82 9.04 -19.68
CA GLU J 38 4.92 8.67 -20.57
C GLU J 38 5.18 7.18 -20.43
N LEU J 39 5.50 6.55 -21.56
CA LEU J 39 5.76 5.12 -21.63
C LEU J 39 7.12 4.80 -21.01
N PHE J 40 7.34 3.51 -20.78
CA PHE J 40 8.65 3.00 -20.37
C PHE J 40 9.31 2.21 -21.49
N ASP J 41 9.96 2.94 -22.39
CA ASP J 41 11.06 2.42 -23.21
C ASP J 41 12.37 3.02 -22.68
N GLU J 42 13.00 2.29 -21.77
CA GLU J 42 14.30 2.70 -21.24
C GLU J 42 15.40 2.67 -22.29
N GLN J 43 15.15 2.00 -23.42
CA GLN J 43 16.13 1.71 -24.48
C GLN J 43 17.31 0.90 -23.97
N THR J 44 17.04 -0.02 -23.02
CA THR J 44 18.03 -0.69 -22.16
C THR J 44 19.13 0.27 -21.74
N LYS J 45 18.73 1.40 -21.16
CA LYS J 45 19.66 2.46 -20.76
C LYS J 45 19.62 2.64 -19.24
N ASN J 46 18.77 3.56 -18.78
CA ASN J 46 18.60 3.79 -17.34
C ASN J 46 17.21 4.28 -16.98
N GLY J 47 16.19 3.89 -17.75
CA GLY J 47 14.83 4.33 -17.47
C GLY J 47 14.56 5.67 -18.11
N ARG J 48 15.16 5.90 -19.27
CA ARG J 48 15.00 7.16 -19.99
C ARG J 48 14.02 6.91 -21.13
N ILE J 49 12.93 7.68 -21.14
CA ILE J 49 11.91 7.59 -22.18
C ILE J 49 11.49 8.99 -22.63
N LEU J 50 11.43 9.21 -23.94
CA LEU J 50 10.96 10.47 -24.48
C LEU J 50 9.58 10.34 -25.13
N GLY J 51 8.81 9.32 -24.75
CA GLY J 51 7.59 8.97 -25.42
C GLY J 51 6.35 9.21 -24.61
N PRO J 52 5.20 9.32 -25.28
CA PRO J 52 3.96 9.66 -24.59
C PRO J 52 3.33 8.51 -23.84
N GLY J 53 2.48 8.83 -22.88
CA GLY J 53 1.81 7.84 -22.07
C GLY J 53 0.31 8.01 -22.21
N SER J 54 -0.21 9.01 -21.51
CA SER J 54 -1.64 9.30 -21.56
C SER J 54 -1.92 10.69 -21.02
N VAL J 55 -3.17 11.12 -21.17
CA VAL J 55 -3.61 12.44 -20.77
C VAL J 55 -4.60 12.31 -19.61
N ALA J 56 -4.19 12.76 -18.43
CA ALA J 56 -5.05 12.81 -17.26
C ALA J 56 -5.53 14.23 -17.09
N ASP J 57 -6.62 14.57 -17.77
CA ASP J 57 -7.09 15.95 -17.85
C ASP J 57 -8.27 16.11 -16.91
N SER J 58 -8.01 16.72 -15.75
CA SER J 58 -8.99 16.92 -14.71
C SER J 58 -8.87 18.34 -14.17
N GLY J 59 -9.98 18.83 -13.63
CA GLY J 59 -10.00 20.13 -13.00
C GLY J 59 -10.87 20.16 -11.76
N GLU J 60 -10.59 21.08 -10.86
CA GLU J 60 -11.42 21.30 -9.67
C GLU J 60 -11.75 22.78 -9.61
N VAL J 61 -13.00 23.09 -9.34
CA VAL J 61 -13.48 24.46 -9.29
C VAL J 61 -14.12 24.70 -7.94
N THR J 62 -13.62 25.68 -7.20
CA THR J 62 -14.24 26.05 -5.94
C THR J 62 -14.97 27.37 -6.10
N TYR J 63 -16.14 27.48 -5.45
CA TYR J 63 -16.89 28.74 -5.45
C TYR J 63 -17.76 28.78 -4.19
N TYR J 64 -18.19 29.99 -3.82
CA TYR J 64 -19.11 30.21 -2.71
C TYR J 64 -20.54 30.10 -3.23
N GLY J 65 -21.43 29.56 -2.40
CA GLY J 65 -22.80 29.32 -2.82
C GLY J 65 -23.69 30.54 -2.80
N LYS J 66 -24.54 30.67 -3.82
CA LYS J 66 -25.53 31.74 -3.86
C LYS J 66 -26.92 31.13 -3.91
N ARG J 67 -27.91 31.86 -3.35
CA ARG J 67 -29.25 31.34 -3.18
C ARG J 67 -29.87 30.85 -4.50
N GLY J 68 -29.65 31.54 -5.60
CA GLY J 68 -30.14 31.10 -6.90
C GLY J 68 -29.00 30.93 -7.87
N ASP J 69 -29.10 31.63 -9.00
CA ASP J 69 -28.03 31.81 -9.98
C ASP J 69 -27.68 30.49 -10.67
N ALA J 70 -27.63 30.55 -12.01
CA ALA J 70 -27.83 29.42 -12.92
C ALA J 70 -26.58 28.63 -13.33
N GLY J 71 -25.38 29.11 -13.00
CA GLY J 71 -24.19 28.27 -13.14
C GLY J 71 -24.10 27.20 -12.07
N GLN J 72 -24.35 27.57 -10.82
CA GLN J 72 -24.47 26.57 -9.76
C GLN J 72 -25.71 25.70 -9.95
N LYS J 73 -26.82 26.27 -10.43
CA LYS J 73 -27.95 25.43 -10.80
C LYS J 73 -27.65 24.55 -11.99
N ALA J 74 -26.97 25.09 -13.02
CA ALA J 74 -26.44 24.22 -14.06
C ALA J 74 -25.43 23.24 -13.51
N ILE J 75 -24.68 23.65 -12.49
CA ILE J 75 -23.79 22.74 -11.79
C ILE J 75 -24.59 21.64 -11.10
N GLU J 76 -25.60 22.01 -10.31
CA GLU J 76 -26.39 21.02 -9.59
C GLU J 76 -27.28 20.21 -10.51
N ASP J 77 -27.89 20.84 -11.53
CA ASP J 77 -28.57 20.07 -12.57
C ASP J 77 -27.62 19.11 -13.26
N ALA J 78 -26.46 19.60 -13.71
CA ALA J 78 -25.48 18.69 -14.29
C ALA J 78 -25.06 17.63 -13.29
N TYR J 79 -24.81 18.01 -12.04
CA TYR J 79 -24.29 17.06 -11.07
C TYR J 79 -25.28 15.95 -10.77
N GLN J 80 -26.51 16.32 -10.41
CA GLN J 80 -27.46 15.38 -9.84
C GLN J 80 -28.05 14.45 -10.90
N ASN J 81 -28.30 14.97 -12.10
CA ASN J 81 -28.71 14.08 -13.20
C ASN J 81 -27.49 13.50 -13.91
N GLY J 82 -26.29 13.92 -13.50
CA GLY J 82 -25.06 13.42 -14.07
C GLY J 82 -24.87 13.86 -15.51
N LYS J 83 -25.40 15.03 -15.85
CA LYS J 83 -25.31 15.63 -17.18
C LYS J 83 -23.85 15.98 -17.42
N GLN J 84 -23.42 15.87 -18.66
CA GLN J 84 -22.13 16.39 -19.11
C GLN J 84 -22.21 17.92 -19.11
N ILE J 85 -21.10 18.58 -18.77
CA ILE J 85 -21.07 20.04 -18.77
C ILE J 85 -20.04 20.53 -19.78
N LYS J 86 -20.45 21.52 -20.57
CA LYS J 86 -19.56 22.14 -21.54
C LYS J 86 -18.84 23.30 -20.87
N PHE J 87 -17.50 23.22 -20.87
CA PHE J 87 -16.62 24.04 -20.04
C PHE J 87 -15.75 24.92 -20.93
N TRP J 88 -15.79 26.22 -20.67
CA TRP J 88 -15.04 27.23 -21.41
C TRP J 88 -14.17 28.00 -20.43
N ARG J 89 -12.85 27.92 -20.58
CA ARG J 89 -11.93 28.74 -19.81
C ARG J 89 -11.44 29.87 -20.71
N VAL J 90 -11.94 31.08 -20.46
CA VAL J 90 -11.66 32.19 -21.35
C VAL J 90 -10.99 33.31 -20.57
N ASP J 91 -10.14 34.04 -21.27
CA ASP J 91 -9.44 35.17 -20.67
C ASP J 91 -10.33 36.40 -20.63
N THR J 92 -9.87 37.39 -19.87
CA THR J 92 -10.61 38.63 -19.65
C THR J 92 -10.00 39.82 -20.39
N VAL J 93 -8.69 39.76 -20.69
CA VAL J 93 -8.06 40.84 -21.45
C VAL J 93 -8.46 40.72 -22.91
N LYS J 94 -8.20 41.80 -23.66
CA LYS J 94 -8.63 41.90 -25.05
C LYS J 94 -7.52 41.42 -25.97
N ASN J 95 -7.71 40.25 -26.56
CA ASN J 95 -6.82 39.77 -27.61
C ASN J 95 -7.03 40.56 -28.89
N GLU J 96 -6.03 40.50 -29.77
CA GLU J 96 -6.07 41.27 -31.01
C GLU J 96 -6.52 40.47 -32.22
N ASN J 97 -6.66 39.15 -32.09
CA ASN J 97 -7.31 38.38 -33.15
C ASN J 97 -8.77 38.10 -32.79
N ASP J 98 -9.01 37.09 -31.96
CA ASP J 98 -10.31 36.89 -31.35
C ASP J 98 -10.54 37.99 -30.32
N LYS J 99 -11.79 38.17 -29.91
CA LYS J 99 -12.09 39.07 -28.81
C LYS J 99 -11.31 38.68 -27.56
N TYR J 100 -11.29 37.39 -27.25
CA TYR J 100 -10.58 36.84 -26.11
C TYR J 100 -9.92 35.54 -26.58
N ASP J 101 -9.37 34.79 -25.63
CA ASP J 101 -8.76 33.51 -25.96
C ASP J 101 -9.10 32.49 -24.89
N ALA J 102 -9.35 31.26 -25.33
CA ALA J 102 -10.03 30.29 -24.50
C ALA J 102 -9.27 28.96 -24.53
N GLN J 103 -9.30 28.28 -23.39
CA GLN J 103 -9.09 26.85 -23.32
C GLN J 103 -10.42 26.21 -22.96
N PHE J 104 -10.85 25.25 -23.76
CA PHE J 104 -12.23 24.78 -23.78
C PHE J 104 -12.27 23.25 -23.75
N GLY J 105 -13.35 22.70 -23.21
CA GLY J 105 -13.56 21.28 -23.32
C GLY J 105 -14.96 20.87 -22.92
N PHE J 106 -15.27 19.60 -23.17
CA PHE J 106 -16.46 18.97 -22.61
C PHE J 106 -16.05 18.30 -21.31
N ALA J 107 -16.84 18.49 -20.27
CA ALA J 107 -16.47 18.10 -18.92
C ALA J 107 -17.60 17.34 -18.23
N TYR J 108 -17.22 16.58 -17.22
CA TYR J 108 -18.12 15.68 -16.51
C TYR J 108 -17.88 15.85 -15.02
N ILE J 109 -18.96 16.03 -14.26
CA ILE J 109 -18.84 16.19 -12.81
C ILE J 109 -18.33 14.90 -12.20
N GLU J 110 -17.18 14.97 -11.53
CA GLU J 110 -16.64 13.80 -10.86
C GLU J 110 -16.90 13.75 -9.37
N SER J 111 -17.05 14.89 -8.70
CA SER J 111 -17.42 14.90 -7.29
C SER J 111 -17.89 16.29 -6.93
N ARG J 112 -18.84 16.34 -5.99
CA ARG J 112 -19.38 17.58 -5.43
C ARG J 112 -19.02 17.54 -3.96
N GLU J 113 -18.58 18.69 -3.45
CA GLU J 113 -18.14 18.85 -2.08
C GLU J 113 -18.82 20.09 -1.53
N TYR J 114 -19.60 19.93 -0.47
CA TYR J 114 -20.25 21.07 0.17
C TYR J 114 -19.63 21.35 1.53
N SER J 115 -19.17 22.58 1.69
CA SER J 115 -18.59 23.04 2.94
C SER J 115 -19.56 23.97 3.64
N ASP J 116 -19.84 23.66 4.90
CA ASP J 116 -20.54 24.52 5.84
C ASP J 116 -19.60 24.69 7.02
N GLY J 117 -19.14 25.92 7.25
CA GLY J 117 -18.32 26.24 8.40
C GLY J 117 -19.06 27.11 9.39
N VAL J 118 -18.38 27.52 10.44
CA VAL J 118 -18.93 28.41 11.45
C VAL J 118 -18.87 29.87 10.98
N GLU J 119 -17.73 30.28 10.42
CA GLU J 119 -17.66 31.57 9.75
C GLU J 119 -17.70 31.45 8.24
N GLY J 120 -18.10 32.50 7.53
CA GLY J 120 -17.90 32.56 6.11
C GLY J 120 -19.04 31.86 5.42
N ALA J 121 -19.41 32.33 4.23
CA ALA J 121 -20.55 31.77 3.51
C ALA J 121 -20.20 30.38 2.96
N VAL J 122 -21.25 29.67 2.55
CA VAL J 122 -21.12 28.26 2.18
C VAL J 122 -20.12 28.11 1.04
N GLU J 123 -19.35 27.04 1.08
CA GLU J 123 -18.29 26.83 0.09
C GLU J 123 -18.56 25.56 -0.70
N ILE J 124 -18.42 25.67 -2.02
CA ILE J 124 -18.66 24.55 -2.91
C ILE J 124 -17.36 24.22 -3.64
N SER J 125 -16.86 23.02 -3.40
CA SER J 125 -15.78 22.44 -4.18
C SER J 125 -16.37 21.43 -5.14
N ILE J 126 -16.06 21.56 -6.42
CA ILE J 126 -16.52 20.63 -7.43
C ILE J 126 -15.31 20.07 -8.16
N SER J 127 -15.22 18.75 -8.21
CA SER J 127 -14.11 18.04 -8.84
C SER J 127 -14.59 17.40 -10.14
N LEU J 128 -13.88 17.70 -11.22
CA LEU J 128 -14.27 17.29 -12.56
C LEU J 128 -13.06 16.82 -13.34
N GLN J 129 -13.31 16.16 -14.46
CA GLN J 129 -12.28 15.87 -15.44
C GLN J 129 -12.77 16.39 -16.78
N VAL J 130 -11.86 16.55 -17.73
CA VAL J 130 -12.24 16.97 -19.08
C VAL J 130 -11.72 15.91 -20.04
N ILE J 131 -12.62 15.43 -20.91
CA ILE J 131 -12.28 14.32 -21.80
C ILE J 131 -11.24 14.75 -22.81
N GLY J 132 -11.49 15.85 -23.50
CA GLY J 132 -10.54 16.36 -24.47
C GLY J 132 -10.20 17.81 -24.20
N GLU J 133 -8.93 18.08 -23.93
CA GLU J 133 -8.47 19.44 -23.78
C GLU J 133 -8.44 20.16 -25.13
N LEU J 134 -9.17 21.26 -25.21
CA LEU J 134 -9.33 21.98 -26.45
C LEU J 134 -8.92 23.42 -26.22
N LYS J 135 -8.40 24.07 -27.26
CA LYS J 135 -7.92 25.43 -27.17
C LYS J 135 -8.38 26.21 -28.40
N ASN J 136 -9.01 27.37 -28.19
CA ASN J 136 -9.44 28.22 -29.28
C ASN J 136 -9.58 29.65 -28.77
N GLY J 137 -9.44 30.61 -29.67
CA GLY J 137 -9.76 31.98 -29.31
C GLY J 137 -11.24 32.15 -29.05
N GLU J 138 -11.57 33.14 -28.22
CA GLU J 138 -12.94 33.34 -27.78
C GLU J 138 -13.47 34.63 -28.39
N ILE J 139 -14.71 34.58 -28.85
CA ILE J 139 -15.31 35.73 -29.52
C ILE J 139 -16.30 36.44 -28.59
N ASP J 140 -17.38 35.75 -28.23
CA ASP J 140 -18.40 36.39 -27.41
C ASP J 140 -18.61 35.63 -26.11
N THR J 141 -18.32 36.29 -24.99
CA THR J 141 -18.57 35.73 -23.68
C THR J 141 -19.63 36.51 -22.90
N LEU J 142 -20.69 36.97 -23.58
CA LEU J 142 -21.74 37.84 -23.05
C LEU J 142 -21.10 38.98 -22.26
N PRO J 143 -20.23 39.78 -22.90
CA PRO J 143 -19.25 40.60 -22.15
C PRO J 143 -19.84 41.74 -21.34
N GLU J 144 -21.12 42.00 -21.57
CA GLU J 144 -21.90 42.93 -20.77
C GLU J 144 -22.02 42.47 -19.33
N GLU J 145 -21.93 41.16 -19.09
CA GLU J 145 -22.18 40.59 -17.78
C GLU J 145 -21.05 39.73 -17.26
N ILE J 146 -20.45 38.87 -18.08
CA ILE J 146 -19.36 38.01 -17.67
C ILE J 146 -18.02 38.75 -17.72
N VAL J 147 -17.78 39.48 -18.79
CA VAL J 147 -16.51 40.17 -18.99
C VAL J 147 -16.49 41.36 -18.04
N ASN J 148 -17.63 42.03 -17.90
CA ASN J 148 -17.72 43.24 -17.07
C ASN J 148 -18.17 42.91 -15.65
N VAL J 149 -17.30 43.10 -14.67
CA VAL J 149 -17.71 43.00 -13.28
C VAL J 149 -18.00 44.41 -12.76
N SER J 150 -19.24 44.66 -12.37
CA SER J 150 -19.67 46.00 -12.01
C SER J 150 -20.01 46.14 -10.54
N LYS J 151 -19.76 47.29 -9.94
CA LYS J 151 -20.16 47.52 -8.56
C LYS J 151 -21.67 47.77 -8.38
N GLY J 152 -22.31 48.52 -9.28
CA GLY J 152 -23.71 48.85 -9.13
C GLY J 152 -23.93 50.14 -8.38
N GLY J 153 -22.87 50.88 -8.12
CA GLY J 153 -22.93 52.11 -7.35
C GLY J 153 -23.54 53.24 -8.17
N TYR J 154 -24.60 53.82 -7.63
CA TYR J 154 -25.31 54.95 -8.22
C TYR J 154 -24.90 56.22 -7.47
N ASP J 155 -24.15 57.08 -8.15
CA ASP J 155 -23.32 58.07 -7.46
C ASP J 155 -24.07 59.22 -6.80
N PHE J 156 -25.25 59.59 -7.34
CA PHE J 156 -26.27 60.48 -6.75
C PHE J 156 -27.65 59.92 -7.07
N GLN J 157 -28.36 59.58 -6.00
CA GLN J 157 -29.83 59.55 -5.98
C GLN J 157 -30.24 59.88 -4.56
N GLN J 158 -29.59 60.88 -3.94
CA GLN J 158 -29.72 61.07 -2.50
C GLN J 158 -31.18 61.17 -2.01
N PRO J 159 -32.00 62.15 -2.41
CA PRO J 159 -33.41 62.06 -2.04
C PRO J 159 -34.22 61.14 -2.93
N GLY J 160 -35.09 60.31 -2.37
CA GLY J 160 -35.75 59.28 -3.17
C GLY J 160 -34.90 58.16 -3.74
N GLN J 161 -33.86 57.72 -3.03
CA GLN J 161 -33.08 56.58 -3.52
C GLN J 161 -33.91 55.30 -3.48
N THR J 162 -34.68 55.13 -2.39
CA THR J 162 -35.62 54.01 -2.17
C THR J 162 -34.98 52.66 -2.49
N THR J 163 -33.94 52.30 -1.74
CA THR J 163 -33.11 51.19 -2.13
C THR J 163 -33.13 50.13 -1.03
N GLY J 164 -32.98 48.88 -1.43
CA GLY J 164 -32.81 47.78 -0.49
C GLY J 164 -31.39 47.65 0.00
N GLU J 165 -31.09 46.56 0.71
CA GLU J 165 -29.76 46.37 1.28
C GLU J 165 -28.69 46.30 0.20
N ALA J 166 -29.07 45.86 -1.00
CA ALA J 166 -28.16 45.70 -2.13
C ALA J 166 -28.00 47.04 -2.84
N PRO J 167 -26.93 47.21 -3.61
CA PRO J 167 -26.42 48.55 -3.90
C PRO J 167 -27.22 49.26 -4.98
N GLY J 168 -28.30 49.91 -4.53
CA GLY J 168 -29.00 50.90 -5.32
C GLY J 168 -30.11 50.39 -6.22
N THR J 169 -31.35 50.35 -5.73
CA THR J 169 -32.48 50.07 -6.60
C THR J 169 -33.33 51.32 -6.77
N VAL J 170 -34.05 51.38 -7.88
CA VAL J 170 -34.95 52.47 -8.22
C VAL J 170 -36.04 52.53 -7.16
N PRO J 171 -36.74 53.67 -6.99
CA PRO J 171 -37.81 53.74 -5.98
C PRO J 171 -38.99 52.89 -6.37
N ALA J 172 -39.55 52.20 -5.37
CA ALA J 172 -40.60 51.18 -5.54
C ALA J 172 -40.19 50.08 -6.50
N PRO K 1 28.30 33.38 -3.90
CA PRO K 1 28.16 32.27 -4.85
C PRO K 1 27.02 32.49 -5.84
N ILE K 2 26.88 31.59 -6.80
CA ILE K 2 25.82 31.66 -7.81
C ILE K 2 24.49 31.68 -7.06
N MET K 3 23.73 32.75 -7.28
CA MET K 3 22.46 32.95 -6.59
C MET K 3 21.33 32.21 -7.32
N GLY K 4 20.14 32.28 -6.74
CA GLY K 4 18.95 31.72 -7.36
C GLY K 4 18.61 32.31 -8.72
N GLN K 5 18.94 33.57 -8.94
CA GLN K 5 18.81 34.21 -10.24
C GLN K 5 19.92 33.79 -11.20
N ASP K 6 20.98 33.17 -10.69
CA ASP K 6 22.17 32.88 -11.48
C ASP K 6 21.94 31.83 -12.56
N VAL K 7 21.13 30.81 -12.33
CA VAL K 7 20.88 29.75 -13.31
C VAL K 7 19.52 29.99 -13.93
N LYS K 8 19.47 30.05 -15.26
CA LYS K 8 18.19 30.19 -15.95
C LYS K 8 18.03 29.11 -17.00
N TYR K 9 16.77 28.80 -17.30
CA TYR K 9 16.39 27.59 -18.02
C TYR K 9 15.86 27.98 -19.39
N LEU K 10 16.74 27.96 -20.39
CA LEU K 10 16.32 28.20 -21.77
C LEU K 10 15.65 26.96 -22.33
N PHE K 11 14.65 27.16 -23.17
CA PHE K 11 13.96 26.07 -23.85
C PHE K 11 13.81 26.40 -25.34
N GLN K 12 14.02 25.39 -26.17
CA GLN K 12 13.71 25.52 -27.59
C GLN K 12 13.01 24.25 -28.05
N SER K 13 12.03 24.43 -28.94
CA SER K 13 11.28 23.31 -29.49
C SER K 13 12.11 22.55 -30.52
N ILE K 14 11.78 21.26 -30.68
CA ILE K 14 12.52 20.43 -31.62
C ILE K 14 12.23 20.82 -33.07
N ASP K 15 10.96 20.96 -33.44
CA ASP K 15 10.59 21.16 -34.83
C ASP K 15 10.73 22.61 -35.28
N ALA K 16 10.98 23.55 -34.35
CA ALA K 16 11.02 24.95 -34.73
C ALA K 16 12.20 25.25 -35.65
N ALA K 17 13.32 24.57 -35.42
CA ALA K 17 14.62 24.80 -36.11
C ALA K 17 14.92 26.29 -36.22
N THR K 18 14.74 27.01 -35.12
CA THR K 18 14.99 28.45 -35.07
C THR K 18 16.39 28.69 -34.55
N GLY K 19 16.90 29.91 -34.76
CA GLY K 19 18.24 30.26 -34.33
C GLY K 19 18.30 30.86 -32.94
N SER K 20 17.17 30.84 -32.23
CA SER K 20 17.12 31.44 -30.90
C SER K 20 16.02 30.81 -30.04
N ALA K 21 16.35 30.51 -28.78
CA ALA K 21 15.51 29.79 -27.80
C ALA K 21 14.73 30.75 -26.91
N PRO K 22 13.39 30.66 -26.85
CA PRO K 22 12.64 31.55 -25.96
C PRO K 22 12.86 31.22 -24.50
N LEU K 23 13.20 32.24 -23.71
CA LEU K 23 13.19 32.11 -22.26
C LEU K 23 12.00 32.86 -21.70
N PHE K 24 11.25 32.18 -20.85
CA PHE K 24 9.97 32.78 -20.53
C PHE K 24 10.09 33.66 -19.29
N PRO K 25 9.40 34.80 -19.24
CA PRO K 25 9.48 35.65 -18.04
C PRO K 25 8.66 35.11 -16.90
N ALA K 26 8.72 35.83 -15.78
CA ALA K 26 8.02 35.54 -14.52
C ALA K 26 8.32 34.13 -14.02
N TYR K 27 9.60 33.78 -14.05
CA TYR K 27 10.05 32.52 -13.47
C TYR K 27 9.98 32.55 -11.95
N GLN K 28 9.44 31.48 -11.39
CA GLN K 28 9.32 31.31 -9.96
C GLN K 28 10.45 30.35 -9.58
N THR K 29 10.13 29.13 -9.19
CA THR K 29 11.15 28.17 -8.79
C THR K 29 11.14 26.94 -9.70
N ASP K 30 12.07 26.05 -9.41
CA ASP K 30 12.45 24.98 -10.31
C ASP K 30 13.20 23.94 -9.53
N GLY K 31 12.88 22.68 -9.79
CA GLY K 31 13.67 21.59 -9.26
C GLY K 31 14.16 20.68 -10.36
N SER K 32 15.45 20.39 -10.34
CA SER K 32 16.05 19.41 -11.24
C SER K 32 16.40 18.22 -10.36
N VAL K 33 15.52 17.23 -10.36
CA VAL K 33 15.65 16.09 -9.46
C VAL K 33 16.20 14.91 -10.27
N SER K 34 17.35 14.42 -9.85
CA SER K 34 18.16 13.50 -10.63
C SER K 34 18.61 12.36 -9.72
N GLY K 35 17.75 11.35 -9.58
CA GLY K 35 18.06 10.23 -8.70
C GLY K 35 18.91 9.17 -9.36
N GLU K 36 20.04 8.84 -8.75
CA GLU K 36 20.97 7.84 -9.28
C GLU K 36 20.85 6.60 -8.41
N ARG K 37 19.91 5.73 -8.74
CA ARG K 37 19.61 4.57 -7.91
C ARG K 37 20.81 3.63 -7.88
N GLU K 38 20.66 2.51 -7.18
CA GLU K 38 21.77 1.63 -6.83
C GLU K 38 21.26 0.20 -6.71
N LEU K 39 22.08 -0.74 -7.16
CA LEU K 39 21.75 -2.16 -7.14
C LEU K 39 21.84 -2.70 -5.72
N PHE K 40 21.28 -3.91 -5.55
CA PHE K 40 21.43 -4.66 -4.30
C PHE K 40 22.36 -5.85 -4.49
N ASP K 41 23.66 -5.59 -4.39
CA ASP K 41 24.66 -6.58 -4.02
C ASP K 41 25.11 -6.29 -2.59
N GLU K 42 24.45 -6.92 -1.62
CA GLU K 42 24.84 -6.80 -0.22
C GLU K 42 26.20 -7.40 0.07
N GLN K 43 26.72 -8.22 -0.85
CA GLN K 43 27.95 -9.03 -0.68
C GLN K 43 27.83 -10.01 0.49
N THR K 44 26.62 -10.55 0.68
CA THR K 44 26.20 -11.24 1.91
C THR K 44 26.76 -10.58 3.17
N LYS K 45 26.52 -9.28 3.28
CA LYS K 45 27.04 -8.48 4.40
C LYS K 45 25.90 -7.93 5.24
N ASN K 46 25.44 -6.72 4.92
CA ASN K 46 24.30 -6.12 5.62
C ASN K 46 23.50 -5.17 4.74
N GLY K 47 23.45 -5.41 3.44
CA GLY K 47 22.73 -4.55 2.53
C GLY K 47 23.57 -3.37 2.10
N ARG K 48 24.87 -3.62 1.95
CA ARG K 48 25.81 -2.58 1.55
C ARG K 48 26.12 -2.79 0.07
N ILE K 49 25.87 -1.76 -0.74
CA ILE K 49 26.15 -1.80 -2.16
C ILE K 49 26.79 -0.49 -2.61
N LEU K 50 27.87 -0.58 -3.38
CA LEU K 50 28.52 0.60 -3.93
C LEU K 50 28.30 0.73 -5.43
N GLY K 51 27.24 0.10 -5.95
CA GLY K 51 27.04 -0.04 -7.38
C GLY K 51 25.86 0.76 -7.90
N PRO K 52 25.86 1.02 -9.21
CA PRO K 52 24.82 1.87 -9.79
C PRO K 52 23.50 1.16 -10.01
N GLY K 53 22.43 1.95 -10.11
CA GLY K 53 21.09 1.41 -10.31
C GLY K 53 20.52 1.97 -11.59
N SER K 54 20.08 3.22 -11.52
CA SER K 54 19.50 3.89 -12.67
C SER K 54 19.43 5.40 -12.44
N VAL K 55 19.09 6.12 -13.50
CA VAL K 55 19.03 7.57 -13.48
C VAL K 55 17.57 8.01 -13.65
N ALA K 56 17.01 8.58 -12.60
CA ALA K 56 15.68 9.16 -12.62
C ALA K 56 15.82 10.67 -12.76
N ASP K 57 15.93 11.13 -13.99
CA ASP K 57 16.26 12.52 -14.28
C ASP K 57 14.98 13.25 -14.68
N SER K 58 14.43 14.00 -13.74
CA SER K 58 13.19 14.74 -13.93
C SER K 58 13.33 16.15 -13.37
N GLY K 59 12.52 17.05 -13.92
CA GLY K 59 12.49 18.41 -13.43
C GLY K 59 11.09 18.99 -13.43
N GLU K 60 10.85 19.97 -12.59
CA GLU K 60 9.58 20.69 -12.57
C GLU K 60 9.90 22.18 -12.63
N VAL K 61 9.17 22.90 -13.47
CA VAL K 61 9.39 24.32 -13.68
C VAL K 61 8.09 25.05 -13.41
N THR K 62 8.11 25.98 -12.47
CA THR K 62 6.94 26.81 -12.22
C THR K 62 7.18 28.21 -12.77
N TYR K 63 6.12 28.81 -13.32
CA TYR K 63 6.19 30.20 -13.80
C TYR K 63 4.79 30.79 -13.79
N TYR K 64 4.72 32.12 -13.80
CA TYR K 64 3.46 32.86 -13.90
C TYR K 64 3.12 33.04 -15.37
N GLY K 65 1.83 33.01 -15.68
CA GLY K 65 1.39 33.09 -17.06
C GLY K 65 1.38 34.49 -17.65
N LYS K 66 1.79 34.61 -18.90
CA LYS K 66 1.71 35.88 -19.61
C LYS K 66 0.83 35.71 -20.85
N ARG K 67 0.16 36.80 -21.24
CA ARG K 67 -0.83 36.76 -22.32
C ARG K 67 -0.29 36.17 -23.62
N GLY K 68 0.95 36.48 -23.99
CA GLY K 68 1.57 35.91 -25.17
C GLY K 68 2.85 35.19 -24.80
N ASP K 69 3.94 35.60 -25.45
CA ASP K 69 5.32 35.21 -25.12
C ASP K 69 5.55 33.72 -25.39
N ALA K 70 6.65 33.45 -26.09
CA ALA K 70 6.87 32.24 -26.89
C ALA K 70 7.52 31.05 -26.19
N GLY K 71 8.04 31.21 -24.98
CA GLY K 71 8.45 30.06 -24.18
C GLY K 71 7.26 29.29 -23.62
N GLN K 72 6.28 30.01 -23.06
CA GLN K 72 5.03 29.37 -22.67
C GLN K 72 4.24 28.89 -23.88
N LYS K 73 4.28 29.61 -25.00
CA LYS K 73 3.69 29.08 -26.23
C LYS K 73 4.48 27.90 -26.76
N ALA K 74 5.81 27.95 -26.73
CA ALA K 74 6.59 26.76 -26.99
C ALA K 74 6.30 25.67 -25.97
N ILE K 75 6.02 26.08 -24.72
CA ILE K 75 5.58 25.15 -23.69
C ILE K 75 4.24 24.52 -24.08
N GLU K 76 3.26 25.35 -24.41
CA GLU K 76 1.94 24.83 -24.76
C GLU K 76 1.93 24.12 -26.11
N ASP K 77 2.65 24.64 -27.10
CA ASP K 77 2.85 23.88 -28.33
C ASP K 77 3.53 22.55 -28.05
N ALA K 78 4.64 22.57 -27.32
CA ALA K 78 5.25 21.30 -26.94
C ALA K 78 4.29 20.42 -26.14
N TYR K 79 3.57 21.00 -25.19
CA TYR K 79 2.72 20.20 -24.32
C TYR K 79 1.59 19.52 -25.09
N GLN K 80 0.82 20.32 -25.84
CA GLN K 80 -0.44 19.86 -26.40
C GLN K 80 -0.23 18.92 -27.59
N ASN K 81 0.77 19.18 -28.42
CA ASN K 81 1.12 18.23 -29.48
C ASN K 81 2.08 17.16 -28.95
N GLY K 82 2.50 17.30 -27.69
CA GLY K 82 3.39 16.33 -27.07
C GLY K 82 4.78 16.35 -27.68
N LYS K 83 5.20 17.50 -28.17
CA LYS K 83 6.50 17.72 -28.78
C LYS K 83 7.55 17.56 -27.69
N GLN K 84 8.71 17.03 -28.06
CA GLN K 84 9.90 17.03 -27.20
C GLN K 84 10.41 18.47 -27.11
N ILE K 85 10.93 18.83 -25.93
CA ILE K 85 11.48 20.17 -25.75
C ILE K 85 12.96 20.10 -25.43
N LYS K 86 13.73 20.94 -26.10
CA LYS K 86 15.17 21.03 -25.85
C LYS K 86 15.41 22.05 -24.74
N PHE K 87 16.05 21.59 -23.67
CA PHE K 87 16.13 22.28 -22.40
C PHE K 87 17.59 22.63 -22.09
N TRP K 88 17.84 23.91 -21.83
CA TRP K 88 19.16 24.45 -21.52
C TRP K 88 19.09 25.15 -20.18
N ARG K 89 19.84 24.64 -19.20
CA ARG K 89 19.99 25.32 -17.91
C ARG K 89 21.35 26.01 -17.91
N VAL K 90 21.34 27.33 -18.03
CA VAL K 90 22.58 28.07 -18.18
C VAL K 90 22.70 29.10 -17.07
N ASP K 91 23.94 29.37 -16.69
CA ASP K 91 24.23 30.33 -15.65
C ASP K 91 24.20 31.75 -16.22
N THR K 92 24.18 32.72 -15.30
CA THR K 92 24.09 34.13 -15.65
C THR K 92 25.41 34.87 -15.43
N VAL K 93 26.27 34.38 -14.55
CA VAL K 93 27.57 35.00 -14.34
C VAL K 93 28.49 34.67 -15.51
N LYS K 94 29.59 35.41 -15.61
CA LYS K 94 30.50 35.30 -16.73
C LYS K 94 31.61 34.31 -16.41
N ASN K 95 31.57 33.14 -17.03
CA ASN K 95 32.66 32.18 -16.94
C ASN K 95 33.85 32.68 -17.76
N GLU K 96 35.03 32.12 -17.45
CA GLU K 96 36.26 32.54 -18.10
C GLU K 96 36.69 31.64 -19.24
N ASN K 97 36.05 30.49 -19.43
CA ASN K 97 36.28 29.72 -20.65
C ASN K 97 35.17 29.96 -21.67
N ASP K 98 34.03 29.31 -21.50
CA ASP K 98 32.83 29.64 -22.24
C ASP K 98 32.30 30.98 -21.72
N LYS K 99 31.41 31.60 -22.48
CA LYS K 99 30.72 32.79 -22.01
C LYS K 99 29.99 32.50 -20.70
N TYR K 100 29.29 31.37 -20.66
CA TYR K 100 28.55 30.92 -19.49
C TYR K 100 28.78 29.42 -19.36
N ASP K 101 28.04 28.79 -18.46
CA ASP K 101 28.14 27.35 -18.28
C ASP K 101 26.75 26.76 -18.07
N ALA K 102 26.54 25.58 -18.67
CA ALA K 102 25.19 25.07 -18.86
C ALA K 102 25.12 23.63 -18.40
N GLN K 103 23.96 23.27 -17.86
CA GLN K 103 23.49 21.90 -17.80
C GLN K 103 22.32 21.79 -18.76
N PHE K 104 22.38 20.82 -19.67
CA PHE K 104 21.54 20.78 -20.86
C PHE K 104 20.95 19.40 -21.04
N GLY K 105 19.79 19.33 -21.68
CA GLY K 105 19.25 18.04 -22.07
C GLY K 105 18.09 18.17 -23.02
N PHE K 106 17.67 17.03 -23.56
CA PHE K 106 16.42 16.93 -24.28
C PHE K 106 15.35 16.49 -23.29
N ALA K 107 14.20 17.16 -23.32
CA ALA K 107 13.18 17.00 -22.30
C ALA K 107 11.81 16.80 -22.91
N TYR K 108 10.93 16.22 -22.11
CA TYR K 108 9.59 15.82 -22.54
C TYR K 108 8.60 16.26 -21.48
N ILE K 109 7.53 16.92 -21.90
CA ILE K 109 6.50 17.39 -20.97
C ILE K 109 5.81 16.18 -20.34
N GLU K 110 5.88 16.08 -19.02
CA GLU K 110 5.20 14.99 -18.34
C GLU K 110 3.88 15.37 -17.70
N SER K 111 3.70 16.63 -17.33
CA SER K 111 2.40 17.09 -16.82
C SER K 111 2.37 18.61 -16.84
N ARG K 112 1.18 19.15 -17.08
CA ARG K 112 0.92 20.59 -17.07
C ARG K 112 -0.07 20.80 -15.93
N GLU K 113 0.16 21.86 -15.17
CA GLU K 113 -0.64 22.21 -14.00
C GLU K 113 -0.97 23.68 -14.11
N TYR K 114 -2.26 24.02 -14.16
CA TYR K 114 -2.67 25.40 -14.20
C TYR K 114 -3.33 25.82 -12.90
N SER K 115 -2.78 26.86 -12.29
CA SER K 115 -3.31 27.41 -11.06
C SER K 115 -4.01 28.73 -11.35
N ASP K 116 -5.26 28.81 -10.90
CA ASP K 116 -6.03 30.04 -10.83
C ASP K 116 -6.44 30.22 -9.37
N GLY K 117 -5.94 31.27 -8.74
CA GLY K 117 -6.33 31.60 -7.39
C GLY K 117 -7.16 32.86 -7.33
N VAL K 118 -7.51 33.28 -6.13
CA VAL K 118 -8.25 34.52 -5.91
C VAL K 118 -7.33 35.73 -5.96
N GLU K 119 -6.17 35.64 -5.30
CA GLU K 119 -5.14 36.66 -5.49
C GLU K 119 -4.01 36.19 -6.38
N GLY K 120 -3.28 37.12 -7.00
CA GLY K 120 -2.04 36.77 -7.63
C GLY K 120 -2.32 36.30 -9.04
N ALA K 121 -1.39 36.57 -9.96
CA ALA K 121 -1.59 36.20 -11.36
C ALA K 121 -1.49 34.69 -11.54
N VAL K 122 -1.95 34.23 -12.72
CA VAL K 122 -2.09 32.81 -12.98
C VAL K 122 -0.75 32.10 -12.81
N GLU K 123 -0.79 30.89 -12.28
CA GLU K 123 0.45 30.16 -12.01
C GLU K 123 0.49 28.88 -12.82
N ILE K 124 1.63 28.62 -13.44
CA ILE K 124 1.81 27.44 -14.28
C ILE K 124 2.90 26.58 -13.67
N SER K 125 2.54 25.37 -13.26
CA SER K 125 3.47 24.34 -12.87
C SER K 125 3.58 23.34 -14.02
N ILE K 126 4.79 23.08 -14.48
CA ILE K 126 5.02 22.09 -15.53
C ILE K 126 6.00 21.06 -15.02
N SER K 127 5.61 19.79 -15.12
CA SER K 127 6.40 18.66 -14.66
C SER K 127 6.96 17.90 -15.85
N LEU K 128 8.27 17.71 -15.85
CA LEU K 128 8.99 17.13 -16.98
C LEU K 128 10.03 16.15 -16.48
N GLN K 129 10.55 15.35 -17.40
CA GLN K 129 11.74 14.54 -17.15
C GLN K 129 12.74 14.86 -18.25
N VAL K 130 13.99 14.51 -18.02
CA VAL K 130 15.01 14.68 -19.05
C VAL K 130 15.65 13.32 -19.31
N ILE K 131 15.72 12.94 -20.58
CA ILE K 131 16.18 11.59 -20.93
C ILE K 131 17.66 11.44 -20.60
N GLY K 132 18.47 12.37 -21.08
CA GLY K 132 19.89 12.34 -20.80
C GLY K 132 20.37 13.65 -20.21
N GLU K 133 20.89 13.59 -18.98
CA GLU K 133 21.50 14.76 -18.38
C GLU K 133 22.83 15.08 -19.04
N LEU K 134 22.92 16.30 -19.56
CA LEU K 134 24.08 16.73 -20.32
C LEU K 134 24.62 17.99 -19.69
N LYS K 135 25.93 18.19 -19.78
CA LYS K 135 26.60 19.33 -19.19
C LYS K 135 27.62 19.89 -20.18
N ASN K 136 27.55 21.19 -20.44
CA ASN K 136 28.51 21.86 -21.32
C ASN K 136 28.55 23.34 -20.98
N GLY K 137 29.67 23.98 -21.26
CA GLY K 137 29.74 25.42 -21.18
C GLY K 137 28.84 26.07 -22.22
N GLU K 138 28.39 27.28 -21.90
CA GLU K 138 27.42 27.97 -22.75
C GLU K 138 28.09 29.18 -23.38
N ILE K 139 27.83 29.39 -24.67
CA ILE K 139 28.47 30.47 -25.41
C ILE K 139 27.51 31.63 -25.61
N ASP K 140 26.43 31.40 -26.36
CA ASP K 140 25.50 32.49 -26.66
C ASP K 140 24.10 32.15 -26.17
N THR K 141 23.60 32.95 -25.23
CA THR K 141 22.24 32.81 -24.74
C THR K 141 21.38 34.03 -25.08
N LEU K 142 21.55 34.61 -26.29
CA LEU K 142 20.93 35.85 -26.74
C LEU K 142 21.03 36.90 -25.65
N PRO K 143 22.26 37.24 -25.20
CA PRO K 143 22.45 37.89 -23.90
C PRO K 143 21.93 39.31 -23.79
N GLU K 144 21.56 39.87 -24.94
CA GLU K 144 20.89 41.15 -25.02
C GLU K 144 19.52 41.10 -24.36
N GLU K 145 18.91 39.92 -24.28
CA GLU K 145 17.54 39.78 -23.81
C GLU K 145 17.39 38.77 -22.67
N ILE K 146 18.02 37.61 -22.76
CA ILE K 146 17.94 36.58 -21.73
C ILE K 146 18.91 36.86 -20.58
N VAL K 147 20.14 37.22 -20.92
CA VAL K 147 21.17 37.44 -19.91
C VAL K 147 20.87 38.77 -19.21
N ASN K 148 20.43 39.76 -20.00
CA ASN K 148 20.17 41.09 -19.47
C ASN K 148 18.71 41.26 -19.07
N VAL K 149 18.44 41.42 -17.78
CA VAL K 149 17.10 41.78 -17.34
C VAL K 149 17.06 43.28 -17.11
N SER K 150 16.22 43.97 -17.88
CA SER K 150 16.21 45.43 -17.88
C SER K 150 14.92 46.01 -17.31
N LYS K 151 14.99 47.15 -16.64
CA LYS K 151 13.78 47.80 -16.16
C LYS K 151 12.99 48.51 -17.25
N GLY K 152 13.64 49.17 -18.20
CA GLY K 152 12.94 49.93 -19.22
C GLY K 152 12.70 51.38 -18.83
N GLY K 153 13.29 51.81 -17.73
CA GLY K 153 13.10 53.15 -17.22
C GLY K 153 13.86 54.18 -18.05
N TYR K 154 13.11 55.15 -18.55
CA TYR K 154 13.62 56.27 -19.33
C TYR K 154 13.70 57.50 -18.43
N ASP K 155 14.92 57.93 -18.11
CA ASP K 155 15.15 58.76 -16.93
C ASP K 155 14.66 60.20 -17.05
N PHE K 156 14.64 60.76 -18.27
CA PHE K 156 13.99 62.01 -18.66
C PHE K 156 13.34 61.83 -20.04
N GLN K 157 12.02 61.98 -20.04
CA GLN K 157 11.27 62.39 -21.24
C GLN K 157 10.05 63.15 -20.72
N GLN K 158 10.25 64.04 -19.73
CA GLN K 158 9.12 64.58 -19.00
C GLN K 158 8.05 65.22 -19.90
N PRO K 159 8.31 66.28 -20.69
CA PRO K 159 7.28 66.69 -21.64
C PRO K 159 7.24 65.86 -22.91
N GLY K 160 6.07 65.48 -23.40
CA GLY K 160 5.99 64.54 -24.49
C GLY K 160 6.47 63.12 -24.25
N GLN K 161 6.26 62.57 -23.05
CA GLN K 161 6.63 61.17 -22.83
C GLN K 161 5.72 60.24 -23.61
N THR K 162 4.41 60.56 -23.65
CA THR K 162 3.37 59.85 -24.40
C THR K 162 3.46 58.34 -24.22
N THR K 163 3.25 57.89 -22.98
CA THR K 163 3.58 56.51 -22.65
C THR K 163 2.32 55.80 -22.16
N GLY K 164 2.26 54.50 -22.41
CA GLY K 164 1.21 53.66 -21.86
C GLY K 164 1.48 53.24 -20.43
N GLU K 165 0.68 52.32 -19.90
CA GLU K 165 0.83 51.89 -18.52
C GLU K 165 2.19 51.25 -18.27
N ALA K 166 2.78 50.67 -19.32
CA ALA K 166 4.07 49.99 -19.23
C ALA K 166 5.19 51.01 -19.35
N PRO K 167 6.38 50.68 -18.89
CA PRO K 167 7.35 51.70 -18.50
C PRO K 167 8.06 52.34 -19.68
N GLY K 168 7.40 53.35 -20.23
CA GLY K 168 8.03 54.28 -21.15
C GLY K 168 8.01 53.92 -22.63
N THR K 169 6.99 54.37 -23.35
CA THR K 169 7.01 54.23 -24.80
C THR K 169 7.17 55.60 -25.44
N VAL K 170 7.71 55.59 -26.66
CA VAL K 170 7.92 56.79 -27.46
C VAL K 170 6.56 57.42 -27.75
N PRO K 171 6.49 58.72 -28.10
CA PRO K 171 5.18 59.33 -28.38
C PRO K 171 4.59 58.80 -29.67
N ALA K 172 3.28 58.56 -29.64
CA ALA K 172 2.52 57.88 -30.70
C ALA K 172 3.08 56.51 -31.04
N PRO L 1 29.51 21.55 24.34
CA PRO L 1 29.78 20.35 23.55
C PRO L 1 30.07 20.65 22.09
N ILE L 2 30.42 19.63 21.32
CA ILE L 2 30.69 19.75 19.90
C ILE L 2 29.45 20.35 19.24
N MET L 3 29.62 21.51 18.62
CA MET L 3 28.52 22.23 18.00
C MET L 3 28.25 21.70 16.60
N GLY L 4 27.22 22.25 15.96
CA GLY L 4 26.90 21.93 14.58
C GLY L 4 28.00 22.25 13.58
N GLN L 5 28.81 23.27 13.86
CA GLN L 5 29.99 23.58 13.09
C GLN L 5 31.14 22.63 13.38
N ASP L 6 31.06 21.87 14.48
CA ASP L 6 32.17 21.06 14.95
C ASP L 6 32.52 19.90 14.03
N VAL L 7 31.55 19.25 13.39
CA VAL L 7 31.81 18.11 12.53
C VAL L 7 31.70 18.57 11.09
N LYS L 8 32.73 18.33 10.29
CA LYS L 8 32.68 18.67 8.87
C LYS L 8 33.02 17.45 8.02
N TYR L 9 32.51 17.47 6.79
CA TYR L 9 32.44 16.28 5.93
C TYR L 9 33.40 16.48 4.76
N LEU L 10 34.61 15.95 4.90
CA LEU L 10 35.57 15.97 3.80
C LEU L 10 35.21 14.89 2.80
N PHE L 11 35.44 15.17 1.51
CA PHE L 11 35.23 14.19 0.46
C PHE L 11 36.42 14.18 -0.49
N GLN L 12 36.81 12.98 -0.90
CA GLN L 12 37.81 12.85 -1.96
C GLN L 12 37.37 11.77 -2.93
N SER L 13 37.63 12.02 -4.21
CA SER L 13 37.28 11.07 -5.26
C SER L 13 38.22 9.86 -5.25
N ILE L 14 37.72 8.74 -5.75
CA ILE L 14 38.52 7.53 -5.79
C ILE L 14 39.64 7.62 -6.80
N ASP L 15 39.35 8.03 -8.03
CA ASP L 15 40.32 7.99 -9.12
C ASP L 15 41.26 9.18 -9.10
N ALA L 16 41.02 10.19 -8.26
CA ALA L 16 41.85 11.39 -8.30
C ALA L 16 43.27 11.10 -7.83
N ALA L 17 43.41 10.18 -6.87
CA ALA L 17 44.68 9.86 -6.18
C ALA L 17 45.47 11.13 -5.84
N THR L 18 44.79 12.11 -5.28
CA THR L 18 45.39 13.38 -4.89
C THR L 18 45.78 13.32 -3.43
N GLY L 19 46.64 14.24 -3.00
CA GLY L 19 47.11 14.28 -1.63
C GLY L 19 46.27 15.15 -0.72
N SER L 20 45.14 15.64 -1.23
CA SER L 20 44.29 16.52 -0.44
C SER L 20 42.84 16.47 -0.91
N ALA L 21 41.90 16.40 0.05
CA ALA L 21 40.46 16.22 -0.15
C ALA L 21 39.71 17.55 -0.16
N PRO L 22 38.96 17.88 -1.24
CA PRO L 22 38.21 19.14 -1.24
C PRO L 22 37.06 19.13 -0.25
N LEU L 23 36.98 20.15 0.59
CA LEU L 23 35.80 20.38 1.39
C LEU L 23 35.03 21.56 0.84
N PHE L 24 33.74 21.36 0.64
CA PHE L 24 33.06 22.37 -0.15
C PHE L 24 32.47 23.45 0.74
N PRO L 25 32.50 24.71 0.34
CA PRO L 25 31.91 25.76 1.19
C PRO L 25 30.40 25.78 1.12
N ALA L 26 29.82 26.72 1.89
CA ALA L 26 28.38 26.95 2.01
C ALA L 26 27.63 25.67 2.38
N TYR L 27 28.16 24.97 3.37
CA TYR L 27 27.48 23.81 3.93
C TYR L 27 26.27 24.23 4.76
N GLN L 28 25.17 23.53 4.52
CA GLN L 28 23.92 23.75 5.22
C GLN L 28 23.84 22.63 6.26
N THR L 29 22.93 21.68 6.09
CA THR L 29 22.79 20.59 7.04
C THR L 29 23.04 19.25 6.38
N ASP L 30 22.96 18.21 7.21
CA ASP L 30 23.47 16.90 6.88
C ASP L 30 22.85 15.90 7.84
N GLY L 31 22.44 14.77 7.29
CA GLY L 31 22.02 13.66 8.11
C GLY L 31 22.80 12.42 7.78
N SER L 32 23.33 11.76 8.80
CA SER L 32 23.98 10.46 8.67
C SER L 32 23.03 9.48 9.33
N VAL L 33 22.22 8.81 8.51
CA VAL L 33 21.18 7.94 9.01
C VAL L 33 21.65 6.49 8.87
N SER L 34 21.73 5.80 9.99
CA SER L 34 22.41 4.52 10.11
C SER L 34 21.51 3.56 10.86
N GLY L 35 20.60 2.91 10.13
CA GLY L 35 19.67 2.00 10.77
C GLY L 35 20.23 0.61 10.97
N GLU L 36 20.19 0.12 12.20
CA GLU L 36 20.71 -1.21 12.54
C GLU L 36 19.52 -2.12 12.81
N ARG L 37 18.97 -2.71 11.77
CA ARG L 37 17.76 -3.51 11.87
C ARG L 37 18.00 -4.72 12.76
N GLU L 38 16.97 -5.54 12.92
CA GLU L 38 16.93 -6.59 13.93
C GLU L 38 16.06 -7.74 13.43
N LEU L 39 16.48 -8.96 13.74
CA LEU L 39 15.78 -10.17 13.32
C LEU L 39 14.52 -10.36 14.14
N PHE L 40 13.66 -11.27 13.67
CA PHE L 40 12.49 -11.71 14.42
C PHE L 40 12.68 -13.12 14.94
N ASP L 41 13.35 -13.24 16.08
CA ASP L 41 13.20 -14.37 17.00
C ASP L 41 12.42 -13.88 18.22
N GLU L 42 11.10 -14.04 18.16
CA GLU L 42 10.24 -13.70 19.30
C GLU L 42 10.47 -14.58 20.51
N GLN L 43 11.16 -15.72 20.31
CA GLN L 43 11.36 -16.79 21.32
C GLN L 43 10.03 -17.37 21.80
N THR L 44 9.07 -17.47 20.87
CA THR L 44 7.63 -17.70 21.15
C THR L 44 7.19 -16.94 22.41
N LYS L 45 7.44 -15.63 22.42
CA LYS L 45 7.12 -14.78 23.55
C LYS L 45 6.08 -13.73 23.17
N ASN L 46 6.54 -12.56 22.75
CA ASN L 46 5.64 -11.49 22.30
C ASN L 46 6.28 -10.60 21.23
N GLY L 47 7.18 -11.13 20.42
CA GLY L 47 7.84 -10.34 19.39
C GLY L 47 9.04 -9.60 19.96
N ARG L 48 9.72 -10.24 20.91
CA ARG L 48 10.87 -9.65 21.56
C ARG L 48 12.12 -10.30 20.94
N ILE L 49 13.00 -9.46 20.39
CA ILE L 49 14.24 -9.93 19.79
C ILE L 49 15.39 -9.01 20.19
N LEU L 50 16.51 -9.60 20.62
CA LEU L 50 17.70 -8.83 20.96
C LEU L 50 18.80 -9.01 19.93
N GLY L 51 18.46 -9.41 18.71
CA GLY L 51 19.41 -9.82 17.71
C GLY L 51 19.52 -8.86 16.54
N PRO L 52 20.64 -8.94 15.81
CA PRO L 52 20.88 -7.98 14.72
C PRO L 52 20.12 -8.31 13.45
N GLY L 53 19.95 -7.30 12.61
CA GLY L 53 19.24 -7.44 11.36
C GLY L 53 20.16 -7.07 10.21
N SER L 54 20.33 -5.76 10.04
CA SER L 54 21.18 -5.26 8.97
C SER L 54 21.52 -3.79 9.22
N VAL L 55 22.44 -3.28 8.41
CA VAL L 55 22.92 -1.90 8.53
C VAL L 55 22.48 -1.11 7.29
N ALA L 56 21.58 -0.16 7.51
CA ALA L 56 21.14 0.76 6.47
C ALA L 56 21.87 2.07 6.67
N ASP L 57 23.06 2.18 6.11
CA ASP L 57 23.95 3.30 6.36
C ASP L 57 23.89 4.24 5.16
N SER L 58 23.15 5.33 5.33
CA SER L 58 22.93 6.33 4.30
C SER L 58 23.08 7.72 4.89
N GLY L 59 23.43 8.67 4.02
CA GLY L 59 23.53 10.05 4.41
C GLY L 59 23.04 10.98 3.34
N GLU L 60 22.61 12.18 3.73
CA GLU L 60 22.23 13.22 2.79
C GLU L 60 22.98 14.49 3.17
N VAL L 61 23.54 15.16 2.18
CA VAL L 61 24.32 16.37 2.40
C VAL L 61 23.72 17.49 1.57
N THR L 62 23.33 18.58 2.23
CA THR L 62 22.85 19.75 1.51
C THR L 62 23.91 20.84 1.54
N TYR L 63 24.03 21.56 0.43
CA TYR L 63 24.95 22.71 0.37
C TYR L 63 24.44 23.68 -0.70
N TYR L 64 24.90 24.93 -0.63
CA TYR L 64 24.62 25.95 -1.63
C TYR L 64 25.66 25.88 -2.72
N GLY L 65 25.24 26.15 -3.96
CA GLY L 65 26.12 26.01 -5.10
C GLY L 65 27.08 27.17 -5.30
N LYS L 66 28.32 26.86 -5.66
CA LYS L 66 29.30 27.88 -5.99
C LYS L 66 29.77 27.69 -7.44
N ARG L 67 30.13 28.79 -8.09
CA ARG L 67 30.45 28.79 -9.51
C ARG L 67 31.53 27.77 -9.87
N GLY L 68 32.56 27.61 -9.06
CA GLY L 68 33.59 26.61 -9.30
C GLY L 68 33.68 25.65 -8.13
N ASP L 69 34.90 25.55 -7.58
CA ASP L 69 35.19 24.88 -6.31
C ASP L 69 34.98 23.37 -6.42
N ALA L 70 35.98 22.62 -5.96
CA ALA L 70 36.27 21.25 -6.38
C ALA L 70 35.62 20.11 -5.58
N GLY L 71 34.99 20.42 -4.44
CA GLY L 71 34.15 19.43 -3.78
C GLY L 71 32.83 19.19 -4.50
N GLN L 72 32.17 20.28 -4.90
CA GLN L 72 31.00 20.15 -5.76
C GLN L 72 31.37 19.64 -7.15
N LYS L 73 32.53 20.03 -7.68
CA LYS L 73 33.00 19.42 -8.91
C LYS L 73 33.38 17.96 -8.72
N ALA L 74 34.05 17.62 -7.61
CA ALA L 74 34.21 16.23 -7.26
C ALA L 74 32.87 15.56 -7.02
N ILE L 75 31.90 16.32 -6.48
CA ILE L 75 30.53 15.83 -6.36
C ILE L 75 29.94 15.55 -7.74
N GLU L 76 30.00 16.54 -8.63
CA GLU L 76 29.42 16.36 -9.95
C GLU L 76 30.21 15.38 -10.82
N ASP L 77 31.53 15.41 -10.75
CA ASP L 77 32.33 14.35 -11.37
C ASP L 77 31.97 12.99 -10.80
N ALA L 78 31.95 12.84 -9.48
CA ALA L 78 31.51 11.58 -8.90
C ALA L 78 30.08 11.25 -9.32
N TYR L 79 29.18 12.22 -9.29
CA TYR L 79 27.78 11.95 -9.57
C TYR L 79 27.57 11.47 -11.00
N GLN L 80 28.06 12.25 -11.97
CA GLN L 80 27.69 12.05 -13.37
C GLN L 80 28.38 10.84 -13.99
N ASN L 81 29.63 10.59 -13.61
CA ASN L 81 30.28 9.35 -14.04
C ASN L 81 29.97 8.21 -13.08
N GLY L 82 29.25 8.51 -11.99
CA GLY L 82 28.87 7.51 -11.02
C GLY L 82 30.04 6.97 -10.24
N LYS L 83 31.06 7.79 -10.07
CA LYS L 83 32.28 7.45 -9.33
C LYS L 83 31.89 7.26 -7.87
N GLN L 84 32.57 6.35 -7.19
CA GLN L 84 32.50 6.22 -5.74
C GLN L 84 33.20 7.42 -5.11
N ILE L 85 32.69 7.88 -3.97
CA ILE L 85 33.30 9.01 -3.28
C ILE L 85 33.77 8.58 -1.91
N LYS L 86 35.00 8.97 -1.57
CA LYS L 86 35.56 8.69 -0.26
C LYS L 86 35.19 9.82 0.69
N PHE L 87 34.50 9.47 1.77
CA PHE L 87 33.80 10.40 2.65
C PHE L 87 34.42 10.37 4.04
N TRP L 88 34.80 11.54 4.52
CA TRP L 88 35.43 11.72 5.83
C TRP L 88 34.61 12.72 6.63
N ARG L 89 34.03 12.27 7.74
CA ARG L 89 33.34 13.16 8.68
C ARG L 89 34.28 13.40 9.86
N VAL L 90 34.85 14.59 9.93
CA VAL L 90 35.87 14.88 10.92
C VAL L 90 35.43 16.06 11.77
N ASP L 91 35.86 16.03 13.02
CA ASP L 91 35.54 17.10 13.96
C ASP L 91 36.49 18.27 13.76
N THR L 92 36.12 19.40 14.38
CA THR L 92 36.86 20.65 14.26
C THR L 92 37.62 21.00 15.53
N VAL L 93 37.18 20.51 16.69
CA VAL L 93 37.91 20.75 17.93
C VAL L 93 39.17 19.89 17.97
N LYS L 94 40.07 20.23 18.88
CA LYS L 94 41.37 19.58 18.96
C LYS L 94 41.31 18.42 19.95
N ASN L 95 41.35 17.20 19.43
CA ASN L 95 41.48 16.01 20.26
C ASN L 95 42.90 15.92 20.82
N GLU L 96 43.06 15.14 21.89
CA GLU L 96 44.33 15.01 22.55
C GLU L 96 45.12 13.77 22.15
N ASN L 97 44.53 12.85 21.40
CA ASN L 97 45.31 11.78 20.81
C ASN L 97 45.64 12.09 19.34
N ASP L 98 44.70 11.85 18.45
CA ASP L 98 44.79 12.34 17.08
C ASP L 98 44.61 13.86 17.10
N LYS L 99 44.98 14.51 16.01
CA LYS L 99 44.69 15.93 15.84
C LYS L 99 43.20 16.19 15.97
N TYR L 100 42.39 15.36 15.31
CA TYR L 100 40.94 15.45 15.33
C TYR L 100 40.41 14.02 15.43
N ASP L 101 39.10 13.87 15.27
CA ASP L 101 38.49 12.55 15.31
C ASP L 101 37.41 12.47 14.24
N ALA L 102 37.34 11.30 13.59
CA ALA L 102 36.62 11.17 12.34
C ALA L 102 35.70 9.97 12.38
N GLN L 103 34.56 10.11 11.71
CA GLN L 103 33.77 8.99 11.22
C GLN L 103 33.89 9.01 9.70
N PHE L 104 34.28 7.88 9.12
CA PHE L 104 34.77 7.80 7.76
C PHE L 104 34.12 6.65 7.02
N GLY L 105 34.01 6.78 5.71
CA GLY L 105 33.58 5.64 4.91
C GLY L 105 33.78 5.88 3.43
N PHE L 106 33.58 4.81 2.66
CA PHE L 106 33.46 4.90 1.22
C PHE L 106 31.99 5.06 0.88
N ALA L 107 31.68 6.00 0.00
CA ALA L 107 30.32 6.41 -0.26
C ALA L 107 30.03 6.47 -1.76
N TYR L 108 28.74 6.39 -2.07
CA TYR L 108 28.25 6.30 -3.44
C TYR L 108 27.08 7.27 -3.59
N ILE L 109 27.12 8.09 -4.64
CA ILE L 109 26.04 9.04 -4.88
C ILE L 109 24.77 8.29 -5.22
N GLU L 110 23.72 8.48 -4.41
CA GLU L 110 22.44 7.84 -4.68
C GLU L 110 21.42 8.75 -5.36
N SER L 111 21.49 10.06 -5.16
CA SER L 111 20.62 10.97 -5.86
C SER L 111 21.17 12.38 -5.73
N ARG L 112 20.95 13.17 -6.78
CA ARG L 112 21.33 14.59 -6.82
C ARG L 112 20.02 15.35 -6.96
N GLU L 113 19.93 16.44 -6.22
CA GLU L 113 18.73 17.28 -6.17
C GLU L 113 19.20 18.72 -6.34
N TYR L 114 18.71 19.39 -7.37
CA TYR L 114 19.04 20.79 -7.58
C TYR L 114 17.83 21.68 -7.32
N SER L 115 18.01 22.63 -6.42
CA SER L 115 16.99 23.60 -6.08
C SER L 115 17.35 24.95 -6.67
N ASP L 116 16.39 25.49 -7.41
CA ASP L 116 16.39 26.88 -7.87
C ASP L 116 15.10 27.51 -7.35
N GLY L 117 15.25 28.49 -6.47
CA GLY L 117 14.12 29.24 -5.96
C GLY L 117 14.12 30.66 -6.48
N VAL L 118 13.15 31.45 -6.02
CA VAL L 118 13.06 32.86 -6.36
C VAL L 118 14.01 33.69 -5.52
N GLU L 119 14.04 33.44 -4.20
CA GLU L 119 15.07 34.03 -3.37
C GLU L 119 16.17 33.06 -3.02
N GLY L 120 17.36 33.54 -2.68
CA GLY L 120 18.36 32.70 -2.06
C GLY L 120 19.16 32.01 -3.15
N ALA L 121 20.44 31.76 -2.91
CA ALA L 121 21.30 31.15 -3.91
C ALA L 121 20.94 29.67 -4.09
N VAL L 122 21.45 29.10 -5.18
CA VAL L 122 21.07 27.76 -5.61
C VAL L 122 21.36 26.76 -4.51
N GLU L 123 20.48 25.77 -4.36
CA GLU L 123 20.63 24.80 -3.28
C GLU L 123 20.81 23.40 -3.85
N ILE L 124 21.79 22.69 -3.31
CA ILE L 124 22.09 21.34 -3.77
C ILE L 124 21.86 20.37 -2.61
N SER L 125 20.91 19.45 -2.81
CA SER L 125 20.72 18.32 -1.94
C SER L 125 21.29 17.09 -2.62
N ILE L 126 22.17 16.38 -1.93
CA ILE L 126 22.74 15.15 -2.45
C ILE L 126 22.47 14.02 -1.48
N SER L 127 21.88 12.94 -1.99
CA SER L 127 21.52 11.78 -1.20
C SER L 127 22.45 10.62 -1.51
N LEU L 128 23.04 10.06 -0.47
CA LEU L 128 24.08 9.05 -0.60
C LEU L 128 23.86 7.95 0.42
N GLN L 129 24.54 6.83 0.23
CA GLN L 129 24.66 5.80 1.25
C GLN L 129 26.13 5.54 1.47
N VAL L 130 26.47 4.89 2.58
CA VAL L 130 27.85 4.50 2.83
C VAL L 130 27.87 3.00 3.06
N ILE L 131 28.76 2.32 2.34
CA ILE L 131 28.78 0.85 2.37
C ILE L 131 29.22 0.36 3.75
N GLY L 132 30.34 0.85 4.23
CA GLY L 132 30.83 0.48 5.54
C GLY L 132 31.07 1.70 6.41
N GLU L 133 30.37 1.79 7.53
CA GLU L 133 30.62 2.84 8.49
C GLU L 133 31.93 2.59 9.23
N LEU L 134 32.82 3.56 9.14
CA LEU L 134 34.16 3.42 9.69
C LEU L 134 34.41 4.60 10.63
N LYS L 135 35.21 4.36 11.66
CA LYS L 135 35.50 5.37 12.67
C LYS L 135 36.99 5.35 12.99
N ASN L 136 37.64 6.51 12.92
CA ASN L 136 39.05 6.63 13.27
C ASN L 136 39.34 8.07 13.65
N GLY L 137 40.37 8.26 14.47
CA GLY L 137 40.86 9.60 14.72
C GLY L 137 41.46 10.22 13.47
N GLU L 138 41.42 11.54 13.42
CA GLU L 138 41.85 12.26 12.22
C GLU L 138 43.12 13.03 12.53
N ILE L 139 44.07 12.98 11.61
CA ILE L 139 45.37 13.62 11.82
C ILE L 139 45.47 14.93 11.04
N ASP L 140 45.42 14.86 9.71
CA ASP L 140 45.58 16.06 8.91
C ASP L 140 44.37 16.28 8.01
N THR L 141 43.68 17.39 8.24
CA THR L 141 42.56 17.78 7.39
C THR L 141 42.83 19.07 6.63
N LEU L 142 44.07 19.26 6.14
CA LEU L 142 44.57 20.49 5.50
C LEU L 142 44.15 21.69 6.33
N PRO L 143 44.55 21.76 7.63
CA PRO L 143 43.85 22.61 8.60
C PRO L 143 44.03 24.11 8.39
N GLU L 144 44.95 24.45 7.50
CA GLU L 144 45.13 25.82 7.03
C GLU L 144 43.90 26.34 6.30
N GLU L 145 43.11 25.44 5.72
CA GLU L 145 42.00 25.83 4.87
C GLU L 145 40.67 25.22 5.29
N ILE L 146 40.62 23.93 5.63
CA ILE L 146 39.40 23.26 6.04
C ILE L 146 39.10 23.50 7.51
N VAL L 147 40.11 23.40 8.36
CA VAL L 147 39.92 23.54 9.80
C VAL L 147 39.71 25.02 10.09
N ASN L 148 40.46 25.87 9.39
CA ASN L 148 40.41 27.32 9.63
C ASN L 148 39.41 27.99 8.69
N VAL L 149 38.33 28.53 9.24
CA VAL L 149 37.44 29.36 8.43
C VAL L 149 37.79 30.83 8.70
N SER L 150 38.22 31.53 7.65
CA SER L 150 38.75 32.88 7.79
C SER L 150 37.86 33.92 7.14
N LYS L 151 37.78 35.13 7.71
CA LYS L 151 37.03 36.20 7.07
C LYS L 151 37.74 36.83 5.88
N GLY L 152 39.07 37.02 5.93
CA GLY L 152 39.79 37.68 4.86
C GLY L 152 39.89 39.18 5.04
N GLY L 153 39.48 39.67 6.21
CA GLY L 153 39.47 41.08 6.49
C GLY L 153 40.87 41.62 6.73
N TYR L 154 41.25 42.62 5.94
CA TYR L 154 42.53 43.31 6.03
C TYR L 154 42.31 44.64 6.73
N ASP L 155 42.83 44.75 7.97
CA ASP L 155 42.32 45.75 8.93
C ASP L 155 42.69 47.20 8.62
N PHE L 156 43.85 47.43 7.95
CA PHE L 156 44.28 48.68 7.34
C PHE L 156 44.97 48.37 6.01
N GLN L 157 44.36 48.88 4.93
CA GLN L 157 45.05 49.19 3.69
C GLN L 157 44.32 50.39 3.08
N GLN L 158 43.97 51.39 3.91
CA GLN L 158 43.03 52.41 3.47
C GLN L 158 43.42 53.09 2.15
N PRO L 159 44.56 53.80 2.02
CA PRO L 159 44.94 54.26 0.67
C PRO L 159 45.61 53.19 -0.16
N GLY L 160 45.25 53.07 -1.44
CA GLY L 160 45.73 51.96 -2.23
C GLY L 160 45.26 50.56 -1.86
N GLN L 161 44.02 50.40 -1.40
CA GLN L 161 43.52 49.06 -1.12
C GLN L 161 43.34 48.27 -2.41
N THR L 162 42.82 48.94 -3.44
CA THR L 162 42.63 48.41 -4.82
C THR L 162 41.97 47.03 -4.79
N THR L 163 40.74 46.97 -4.31
CA THR L 163 40.15 45.68 -4.00
C THR L 163 38.87 45.52 -4.81
N GLY L 164 38.55 44.27 -5.15
CA GLY L 164 37.28 43.93 -5.78
C GLY L 164 36.16 43.81 -4.77
N GLU L 165 35.00 43.33 -5.23
CA GLU L 165 33.83 43.21 -4.36
C GLU L 165 34.10 42.29 -3.18
N ALA L 166 35.00 41.32 -3.35
CA ALA L 166 35.34 40.34 -2.34
C ALA L 166 36.36 40.92 -1.39
N PRO L 167 36.50 40.36 -0.20
CA PRO L 167 37.05 41.12 0.93
C PRO L 167 38.56 41.22 0.89
N GLY L 168 39.04 42.23 0.15
CA GLY L 168 40.41 42.68 0.24
C GLY L 168 41.41 42.00 -0.66
N THR L 169 41.64 42.52 -1.87
CA THR L 169 42.73 42.05 -2.69
C THR L 169 43.81 43.11 -2.78
N VAL L 170 45.03 42.65 -3.05
CA VAL L 170 46.19 43.50 -3.21
C VAL L 170 45.97 44.42 -4.41
N PRO L 171 46.68 45.55 -4.52
CA PRO L 171 46.47 46.44 -5.68
C PRO L 171 46.99 45.81 -6.96
N ALA L 172 46.21 45.97 -8.03
CA ALA L 172 46.41 45.33 -9.33
C ALA L 172 46.45 43.80 -9.22
N PRO A 1 -10.80 -16.90 24.64
CA PRO A 1 -10.58 -18.33 24.43
C PRO A 1 -9.11 -18.71 24.33
N ILE A 2 -8.84 -20.01 24.18
CA ILE A 2 -7.48 -20.52 24.04
C ILE A 2 -6.85 -19.84 22.83
N MET A 3 -5.70 -19.20 23.05
CA MET A 3 -5.01 -18.47 22.01
C MET A 3 -4.07 -19.38 21.22
N GLY A 4 -3.41 -18.79 20.22
CA GLY A 4 -2.41 -19.50 19.44
C GLY A 4 -1.19 -19.92 20.23
N GLN A 5 -0.79 -19.14 21.24
CA GLN A 5 0.25 -19.52 22.17
C GLN A 5 -0.21 -20.54 23.19
N ASP A 6 -1.53 -20.76 23.29
CA ASP A 6 -2.10 -21.59 24.34
C ASP A 6 -1.76 -23.07 24.21
N VAL A 7 -1.63 -23.60 23.01
CA VAL A 7 -1.35 -25.02 22.81
C VAL A 7 0.10 -25.16 22.36
N LYS A 8 0.88 -25.92 23.11
CA LYS A 8 2.27 -26.17 22.71
C LYS A 8 2.52 -27.67 22.57
N TYR A 9 3.49 -28.00 21.71
CA TYR A 9 3.66 -29.35 21.18
C TYR A 9 4.94 -29.94 21.79
N LEU A 10 4.77 -30.79 22.79
CA LEU A 10 5.89 -31.50 23.38
C LEU A 10 6.24 -32.71 22.51
N PHE A 11 7.53 -33.02 22.40
CA PHE A 11 8.00 -34.18 21.67
C PHE A 11 9.00 -34.95 22.53
N GLN A 12 8.86 -36.28 22.52
CA GLN A 12 9.86 -37.14 23.12
C GLN A 12 10.08 -38.35 22.23
N SER A 13 11.34 -38.76 22.11
CA SER A 13 11.70 -39.92 21.30
C SER A 13 11.34 -41.22 22.03
N ILE A 14 11.14 -42.27 21.23
CA ILE A 14 10.79 -43.57 21.80
C ILE A 14 11.92 -44.16 22.62
N ASP A 15 13.15 -44.14 22.10
CA ASP A 15 14.26 -44.81 22.73
C ASP A 15 14.94 -43.98 23.81
N ALA A 16 14.55 -42.72 23.97
CA ALA A 16 15.24 -41.86 24.93
C ALA A 16 15.09 -42.37 26.36
N ALA A 17 13.90 -42.90 26.68
CA ALA A 17 13.51 -43.32 28.04
C ALA A 17 13.92 -42.29 29.10
N THR A 18 13.65 -41.02 28.80
CA THR A 18 13.97 -39.92 29.69
C THR A 18 12.74 -39.55 30.50
N GLY A 19 12.94 -38.82 31.59
CA GLY A 19 11.85 -38.43 32.46
C GLY A 19 11.29 -37.06 32.14
N SER A 20 11.76 -36.44 31.07
CA SER A 20 11.31 -35.10 30.70
C SER A 20 11.32 -34.89 29.20
N ALA A 21 10.25 -34.28 28.67
CA ALA A 21 9.98 -34.06 27.25
C ALA A 21 10.54 -32.74 26.74
N PRO A 22 11.40 -32.74 25.70
CA PRO A 22 11.92 -31.47 25.18
C PRO A 22 10.89 -30.70 24.38
N LEU A 23 10.70 -29.44 24.72
CA LEU A 23 9.93 -28.54 23.88
C LEU A 23 10.86 -27.49 23.29
N PHE A 24 10.77 -27.31 21.99
CA PHE A 24 11.83 -26.54 21.39
C PHE A 24 11.44 -25.07 21.34
N PRO A 25 12.39 -24.15 21.54
CA PRO A 25 12.05 -22.72 21.48
C PRO A 25 11.92 -22.21 20.06
N ALA A 26 11.49 -20.95 19.97
CA ALA A 26 11.28 -20.21 18.72
C ALA A 26 10.30 -20.94 17.79
N TYR A 27 9.20 -21.39 18.38
CA TYR A 27 8.12 -21.97 17.59
C TYR A 27 7.42 -20.93 16.75
N GLN A 28 7.18 -21.29 15.50
CA GLN A 28 6.50 -20.44 14.54
C GLN A 28 5.06 -20.94 14.51
N THR A 29 4.65 -21.60 13.43
CA THR A 29 3.28 -22.09 13.32
C THR A 29 3.26 -23.60 13.12
N ASP A 30 2.04 -24.14 13.12
CA ASP A 30 1.81 -25.56 13.28
C ASP A 30 0.40 -25.85 12.80
N GLY A 31 0.30 -26.84 11.92
CA GLY A 31 -1.00 -27.35 11.54
C GLY A 31 -1.12 -28.82 11.86
N SER A 32 -2.24 -29.19 12.46
CA SER A 32 -2.57 -30.60 12.70
C SER A 32 -3.76 -30.88 11.79
N VAL A 33 -3.49 -31.53 10.67
CA VAL A 33 -4.49 -31.75 9.65
C VAL A 33 -4.91 -33.21 9.70
N SER A 34 -6.20 -33.43 9.94
CA SER A 34 -6.74 -34.74 10.31
C SER A 34 -8.00 -34.98 9.48
N GLY A 35 -7.81 -35.50 8.27
CA GLY A 35 -8.93 -35.74 7.38
C GLY A 35 -9.63 -37.05 7.65
N GLU A 36 -10.94 -36.99 7.86
CA GLU A 36 -11.75 -38.18 8.14
C GLU A 36 -12.56 -38.50 6.90
N ARG A 37 -11.98 -39.30 6.01
CA ARG A 37 -12.59 -39.59 4.72
C ARG A 37 -13.92 -40.31 4.91
N GLU A 38 -14.54 -40.70 3.80
CA GLU A 38 -15.93 -41.16 3.80
C GLU A 38 -16.13 -42.09 2.60
N LEU A 39 -16.96 -43.11 2.81
CA LEU A 39 -17.24 -44.11 1.78
C LEU A 39 -18.22 -43.55 0.75
N PHE A 40 -18.30 -44.24 -0.38
CA PHE A 40 -19.30 -43.95 -1.40
C PHE A 40 -20.36 -45.05 -1.46
N ASP A 41 -21.32 -44.97 -0.56
CA ASP A 41 -22.65 -45.54 -0.73
C ASP A 41 -23.64 -44.41 -1.00
N GLU A 42 -23.92 -44.17 -2.28
CA GLU A 42 -24.90 -43.18 -2.67
C GLU A 42 -26.33 -43.56 -2.29
N GLN A 43 -26.54 -44.84 -1.95
CA GLN A 43 -27.86 -45.45 -1.72
C GLN A 43 -28.76 -45.38 -2.95
N THR A 44 -28.14 -45.51 -4.14
CA THR A 44 -28.72 -45.16 -5.44
C THR A 44 -29.55 -43.88 -5.37
N LYS A 45 -28.93 -42.82 -4.84
CA LYS A 45 -29.60 -41.54 -4.64
C LYS A 45 -28.93 -40.46 -5.49
N ASN A 46 -27.93 -39.78 -4.92
CA ASN A 46 -27.18 -38.76 -5.65
C ASN A 46 -25.73 -38.62 -5.15
N GLY A 47 -25.15 -39.69 -4.63
CA GLY A 47 -23.79 -39.65 -4.12
C GLY A 47 -23.75 -39.13 -2.71
N ARG A 48 -24.78 -39.46 -1.94
CA ARG A 48 -24.88 -39.02 -0.55
C ARG A 48 -24.48 -40.18 0.34
N ILE A 49 -23.48 -39.96 1.19
CA ILE A 49 -23.00 -40.97 2.13
C ILE A 49 -22.78 -40.34 3.50
N LEU A 50 -23.28 -41.01 4.55
CA LEU A 50 -23.06 -40.56 5.91
C LEU A 50 -22.08 -41.45 6.66
N GLY A 51 -21.28 -42.23 5.94
CA GLY A 51 -20.46 -43.27 6.53
C GLY A 51 -18.97 -42.96 6.48
N PRO A 52 -18.20 -43.68 7.30
CA PRO A 52 -16.77 -43.39 7.40
C PRO A 52 -15.95 -43.94 6.25
N GLY A 53 -14.75 -43.37 6.07
CA GLY A 53 -13.87 -43.79 5.00
C GLY A 53 -12.52 -44.15 5.58
N SER A 54 -11.76 -43.12 5.93
CA SER A 54 -10.44 -43.32 6.51
C SER A 54 -9.94 -42.05 7.19
N VAL A 55 -8.88 -42.19 7.96
CA VAL A 55 -8.31 -41.08 8.73
C VAL A 55 -6.94 -40.74 8.14
N ALA A 56 -6.83 -39.53 7.60
CA ALA A 56 -5.56 -39.00 7.11
C ALA A 56 -5.04 -38.01 8.13
N ASP A 57 -4.29 -38.50 9.10
CA ASP A 57 -3.88 -37.70 10.24
C ASP A 57 -2.41 -37.33 10.07
N SER A 58 -2.18 -36.07 9.74
CA SER A 58 -0.86 -35.53 9.49
C SER A 58 -0.71 -34.17 10.16
N GLY A 59 0.55 -33.78 10.38
CA GLY A 59 0.83 -32.48 10.93
C GLY A 59 2.11 -31.90 10.38
N GLU A 60 2.23 -30.57 10.40
CA GLU A 60 3.45 -29.89 9.99
C GLU A 60 3.82 -28.93 11.11
N VAL A 61 5.11 -28.89 11.44
CA VAL A 61 5.61 -28.04 12.53
C VAL A 61 6.71 -27.16 11.98
N THR A 62 6.57 -25.85 12.15
CA THR A 62 7.64 -24.95 11.76
C THR A 62 8.24 -24.30 13.00
N TYR A 63 9.56 -24.12 12.98
CA TYR A 63 10.26 -23.42 14.07
C TYR A 63 11.54 -22.81 13.52
N TYR A 64 12.13 -21.90 14.30
CA TYR A 64 13.42 -21.29 13.98
C TYR A 64 14.53 -22.16 14.55
N GLY A 65 15.61 -22.32 13.80
CA GLY A 65 16.69 -23.19 14.20
C GLY A 65 17.57 -22.66 15.30
N LYS A 66 17.94 -23.52 16.25
CA LYS A 66 18.86 -23.15 17.30
C LYS A 66 20.10 -24.05 17.21
N ARG A 67 21.25 -23.50 17.62
CA ARG A 67 22.53 -24.18 17.44
C ARG A 67 22.60 -25.54 18.14
N GLY A 68 22.03 -25.68 19.33
CA GLY A 68 21.98 -26.95 20.03
C GLY A 68 20.54 -27.32 20.34
N ASP A 69 20.29 -27.56 21.64
CA ASP A 69 18.96 -27.72 22.22
C ASP A 69 18.27 -28.98 21.67
N ALA A 70 17.70 -29.74 22.61
CA ALA A 70 17.42 -31.17 22.47
C ALA A 70 16.10 -31.59 21.82
N GLY A 71 15.20 -30.63 21.54
CA GLY A 71 14.05 -30.94 20.70
C GLY A 71 14.41 -31.02 19.23
N GLN A 72 15.18 -30.04 18.74
CA GLN A 72 15.72 -30.15 17.40
C GLN A 72 16.79 -31.23 17.29
N LYS A 73 17.60 -31.42 18.34
CA LYS A 73 18.51 -32.56 18.35
C LYS A 73 17.77 -33.87 18.41
N ALA A 74 16.69 -33.97 19.19
CA ALA A 74 15.81 -35.12 19.10
C ALA A 74 15.08 -35.12 17.76
N ILE A 75 14.82 -33.93 17.22
CA ILE A 75 14.25 -33.82 15.87
C ILE A 75 15.21 -34.44 14.85
N GLU A 76 16.48 -34.02 14.88
CA GLU A 76 17.44 -34.52 13.91
C GLU A 76 17.85 -35.96 14.19
N ASP A 77 18.07 -36.33 15.45
CA ASP A 77 18.24 -37.74 15.79
C ASP A 77 17.03 -38.57 15.36
N ALA A 78 15.82 -38.07 15.65
CA ALA A 78 14.64 -38.78 15.16
C ALA A 78 14.61 -38.83 13.64
N TYR A 79 14.87 -37.70 12.98
CA TYR A 79 14.74 -37.66 11.52
C TYR A 79 15.76 -38.56 10.83
N GLN A 80 17.04 -38.38 11.17
CA GLN A 80 18.12 -38.97 10.39
C GLN A 80 18.27 -40.47 10.65
N ASN A 81 17.97 -40.92 11.87
CA ASN A 81 17.92 -42.36 12.13
C ASN A 81 16.54 -42.93 11.80
N GLY A 82 15.59 -42.05 11.48
CA GLY A 82 14.25 -42.46 11.12
C GLY A 82 13.48 -43.01 12.29
N LYS A 83 13.83 -42.56 13.49
CA LYS A 83 13.19 -42.96 14.74
C LYS A 83 11.78 -42.41 14.73
N GLN A 84 10.84 -43.14 15.33
CA GLN A 84 9.50 -42.64 15.61
C GLN A 84 9.58 -41.68 16.78
N ILE A 85 8.81 -40.59 16.71
CA ILE A 85 8.81 -39.60 17.78
C ILE A 85 7.45 -39.58 18.45
N LYS A 86 7.46 -39.56 19.79
CA LYS A 86 6.23 -39.46 20.56
C LYS A 86 5.86 -37.99 20.71
N PHE A 87 4.61 -37.69 20.33
CA PHE A 87 4.13 -36.34 20.10
C PHE A 87 3.01 -36.01 21.07
N TRP A 88 3.15 -34.90 21.79
CA TRP A 88 2.20 -34.43 22.78
C TRP A 88 1.80 -33.01 22.43
N ARG A 89 0.52 -32.80 22.10
CA ARG A 89 -0.02 -31.45 21.90
C ARG A 89 -0.84 -31.10 23.13
N VAL A 90 -0.27 -30.26 24.00
CA VAL A 90 -0.91 -29.97 25.27
C VAL A 90 -1.12 -28.48 25.39
N ASP A 91 -2.17 -28.13 26.13
CA ASP A 91 -2.50 -26.74 26.38
C ASP A 91 -1.59 -26.13 27.44
N THR A 92 -1.66 -24.81 27.55
CA THR A 92 -0.82 -24.05 28.47
C THR A 92 -1.61 -23.48 29.64
N VAL A 93 -2.90 -23.21 29.46
CA VAL A 93 -3.73 -22.73 30.55
C VAL A 93 -3.99 -23.86 31.54
N LYS A 94 -4.47 -23.50 32.73
CA LYS A 94 -4.65 -24.46 33.82
C LYS A 94 -6.08 -24.98 33.80
N ASN A 95 -6.25 -26.22 33.34
CA ASN A 95 -7.52 -26.90 33.43
C ASN A 95 -7.85 -27.22 34.89
N GLU A 96 -9.12 -27.50 35.15
CA GLU A 96 -9.57 -27.74 36.51
C GLU A 96 -9.67 -29.22 36.87
N ASN A 97 -9.61 -30.12 35.89
CA ASN A 97 -9.46 -31.54 36.21
C ASN A 97 -7.98 -31.95 36.19
N ASP A 98 -7.45 -32.22 35.01
CA ASP A 98 -6.02 -32.38 34.82
C ASP A 98 -5.38 -30.99 34.94
N LYS A 99 -4.08 -30.97 35.22
CA LYS A 99 -3.32 -29.72 35.18
C LYS A 99 -3.52 -29.01 33.85
N TYR A 100 -3.39 -29.76 32.76
CA TYR A 100 -3.56 -29.26 31.42
C TYR A 100 -4.37 -30.30 30.64
N ASP A 101 -4.49 -30.10 29.34
CA ASP A 101 -5.20 -31.06 28.50
C ASP A 101 -4.49 -31.19 27.16
N ALA A 102 -4.47 -32.42 26.65
CA ALA A 102 -3.55 -32.77 25.59
C ALA A 102 -4.27 -33.57 24.51
N GLN A 103 -3.86 -33.34 23.27
CA GLN A 103 -4.05 -34.27 22.18
C GLN A 103 -2.68 -34.87 21.87
N PHE A 104 -2.61 -36.19 21.81
CA PHE A 104 -1.37 -36.94 21.88
C PHE A 104 -1.31 -37.99 20.78
N GLY A 105 -0.10 -38.36 20.39
CA GLY A 105 0.04 -39.51 19.50
C GLY A 105 1.49 -39.91 19.32
N PHE A 106 1.66 -41.06 18.68
CA PHE A 106 2.97 -41.49 18.19
C PHE A 106 3.09 -41.02 16.75
N ALA A 107 4.21 -40.40 16.41
CA ALA A 107 4.37 -39.71 15.15
C ALA A 107 5.69 -40.07 14.48
N TYR A 108 5.75 -39.82 13.19
CA TYR A 108 6.88 -40.20 12.34
C TYR A 108 7.20 -39.03 11.42
N ILE A 109 8.48 -38.67 11.35
CA ILE A 109 8.90 -37.56 10.49
C ILE A 109 8.72 -37.97 9.04
N GLU A 110 7.89 -37.22 8.31
CA GLU A 110 7.70 -37.50 6.89
C GLU A 110 8.56 -36.65 5.97
N SER A 111 8.87 -35.41 6.35
CA SER A 111 9.78 -34.60 5.56
C SER A 111 10.33 -33.49 6.43
N ARG A 112 11.58 -33.10 6.16
CA ARG A 112 12.26 -32.00 6.83
C ARG A 112 12.60 -31.01 5.72
N GLU A 113 12.48 -29.74 6.04
CA GLU A 113 12.71 -28.64 5.10
C GLU A 113 13.56 -27.61 5.84
N TYR A 114 14.73 -27.31 5.29
CA TYR A 114 15.59 -26.29 5.87
C TYR A 114 15.60 -25.04 5.01
N SER A 115 15.15 -23.94 5.60
CA SER A 115 15.15 -22.65 4.94
C SER A 115 16.33 -21.82 5.43
N ASP A 116 17.11 -21.34 4.46
CA ASP A 116 18.14 -20.32 4.65
C ASP A 116 17.79 -19.19 3.69
N GLY A 117 17.42 -18.05 4.25
CA GLY A 117 17.17 -16.86 3.46
C GLY A 117 18.25 -15.82 3.66
N VAL A 118 18.06 -14.66 3.05
CA VAL A 118 18.96 -13.53 3.20
C VAL A 118 18.71 -12.79 4.51
N GLU A 119 17.44 -12.54 4.83
CA GLU A 119 17.09 -12.05 6.16
C GLU A 119 16.50 -13.12 7.05
N GLY A 120 16.54 -12.95 8.36
CA GLY A 120 15.76 -13.77 9.25
C GLY A 120 16.56 -14.99 9.63
N ALA A 121 16.41 -15.46 10.86
CA ALA A 121 17.18 -16.60 11.34
C ALA A 121 16.70 -17.89 10.69
N VAL A 122 17.53 -18.94 10.82
CA VAL A 122 17.29 -20.18 10.11
C VAL A 122 15.87 -20.68 10.36
N GLU A 123 15.28 -21.31 9.36
CA GLU A 123 13.89 -21.75 9.47
C GLU A 123 13.80 -23.24 9.19
N ILE A 124 13.10 -23.95 10.08
CA ILE A 124 12.94 -25.38 9.97
C ILE A 124 11.45 -25.70 9.90
N SER A 125 11.03 -26.25 8.77
CA SER A 125 9.71 -26.84 8.62
C SER A 125 9.86 -28.35 8.62
N ILE A 126 9.14 -29.03 9.52
CA ILE A 126 9.16 -30.48 9.58
C ILE A 126 7.75 -30.99 9.33
N SER A 127 7.61 -31.84 8.31
CA SER A 127 6.33 -32.40 7.91
C SER A 127 6.24 -33.85 8.37
N LEU A 128 5.17 -34.15 9.10
CA LEU A 128 5.00 -35.45 9.75
C LEU A 128 3.58 -35.92 9.57
N GLN A 129 3.36 -37.20 9.83
CA GLN A 129 2.02 -37.76 9.96
C GLN A 129 1.92 -38.35 11.36
N VAL A 130 0.70 -38.57 11.82
CA VAL A 130 0.49 -39.22 13.11
C VAL A 130 -0.38 -40.46 12.87
N ILE A 131 0.06 -41.59 13.43
CA ILE A 131 -0.60 -42.86 13.16
C ILE A 131 -1.98 -42.88 13.80
N GLY A 132 -2.05 -42.57 15.08
CA GLY A 132 -3.32 -42.52 15.77
C GLY A 132 -3.48 -41.25 16.56
N GLU A 133 -4.53 -40.49 16.28
CA GLU A 133 -4.84 -39.31 17.06
C GLU A 133 -5.42 -39.71 18.42
N LEU A 134 -4.76 -39.26 19.47
CA LEU A 134 -5.13 -39.64 20.83
C LEU A 134 -5.42 -38.38 21.62
N LYS A 135 -6.31 -38.49 22.59
CA LYS A 135 -6.74 -37.35 23.40
C LYS A 135 -6.76 -37.77 24.87
N ASN A 136 -6.12 -36.97 25.72
CA ASN A 136 -6.12 -37.22 27.15
C ASN A 136 -5.83 -35.92 27.89
N GLY A 137 -6.22 -35.84 29.15
CA GLY A 137 -5.79 -34.75 29.99
C GLY A 137 -4.33 -34.84 30.34
N GLU A 138 -3.72 -33.69 30.60
CA GLU A 138 -2.29 -33.63 30.83
C GLU A 138 -2.03 -33.26 32.28
N ILE A 139 -1.05 -33.92 32.88
CA ILE A 139 -0.76 -33.71 34.30
C ILE A 139 0.48 -32.83 34.48
N ASP A 140 1.63 -33.31 34.03
CA ASP A 140 2.87 -32.56 34.24
C ASP A 140 3.58 -32.33 32.91
N THR A 141 3.73 -31.05 32.55
CA THR A 141 4.48 -30.67 31.37
C THR A 141 5.77 -29.94 31.71
N LEU A 142 6.49 -30.36 32.76
CA LEU A 142 7.66 -29.72 33.33
C LEU A 142 7.41 -28.22 33.45
N PRO A 143 6.35 -27.81 34.17
CA PRO A 143 5.77 -26.47 33.99
C PRO A 143 6.66 -25.32 34.45
N GLU A 144 7.73 -25.66 35.15
CA GLU A 144 8.77 -24.73 35.53
C GLU A 144 9.48 -24.15 34.31
N GLU A 145 9.47 -24.87 33.21
CA GLU A 145 10.23 -24.49 32.03
C GLU A 145 9.41 -24.44 30.74
N ILE A 146 8.54 -25.41 30.50
CA ILE A 146 7.71 -25.45 29.31
C ILE A 146 6.48 -24.55 29.46
N VAL A 147 5.85 -24.58 30.62
CA VAL A 147 4.63 -23.83 30.84
C VAL A 147 5.01 -22.37 31.04
N ASN A 148 6.11 -22.15 31.79
CA ASN A 148 6.54 -20.80 32.10
C ASN A 148 7.45 -20.22 31.03
N VAL A 149 7.00 -19.19 30.33
CA VAL A 149 7.89 -18.47 29.42
C VAL A 149 8.45 -17.25 30.15
N SER A 150 9.76 -17.26 30.39
CA SER A 150 10.39 -16.25 31.21
C SER A 150 11.37 -15.37 30.44
N LYS A 151 11.46 -14.08 30.77
CA LYS A 151 12.44 -13.23 30.14
C LYS A 151 13.85 -13.36 30.72
N GLY A 152 13.98 -13.61 32.03
CA GLY A 152 15.29 -13.68 32.66
C GLY A 152 15.79 -12.32 33.10
N GLY A 153 14.93 -11.32 33.07
CA GLY A 153 15.31 -9.96 33.41
C GLY A 153 15.54 -9.80 34.91
N TYR A 154 16.73 -9.34 35.25
CA TYR A 154 17.15 -9.07 36.62
C TYR A 154 17.05 -7.57 36.86
N ASP A 155 16.14 -7.18 37.77
CA ASP A 155 15.61 -5.81 37.78
C ASP A 155 16.59 -4.73 38.27
N PHE A 156 17.48 -5.09 39.21
CA PHE A 156 18.66 -4.33 39.64
C PHE A 156 19.82 -5.29 39.90
N GLN A 157 20.85 -5.13 39.07
CA GLN A 157 22.22 -5.52 39.43
C GLN A 157 23.12 -4.47 38.79
N GLN A 158 22.78 -3.18 38.95
CA GLN A 158 23.42 -2.14 38.14
C GLN A 158 24.95 -2.13 38.25
N PRO A 159 25.59 -2.00 39.42
CA PRO A 159 27.05 -2.19 39.44
C PRO A 159 27.47 -3.65 39.53
N GLY A 160 28.45 -4.08 38.73
CA GLY A 160 28.76 -5.49 38.65
C GLY A 160 27.72 -6.42 38.05
N GLN A 161 26.96 -5.98 37.05
CA GLN A 161 26.02 -6.89 36.40
C GLN A 161 26.75 -8.03 35.71
N THR A 162 27.84 -7.69 35.01
CA THR A 162 28.76 -8.63 34.33
C THR A 162 28.00 -9.65 33.48
N THR A 163 27.34 -9.16 32.42
CA THR A 163 26.38 -10.00 31.73
C THR A 163 26.78 -10.10 30.26
N GLY A 164 26.50 -11.26 29.66
CA GLY A 164 26.67 -11.46 28.23
C GLY A 164 25.49 -10.96 27.44
N GLU A 165 25.48 -11.22 26.13
CA GLU A 165 24.42 -10.74 25.26
C GLU A 165 23.06 -11.27 25.68
N ALA A 166 23.05 -12.46 26.31
CA ALA A 166 21.83 -13.13 26.74
C ALA A 166 21.40 -12.58 28.10
N PRO A 167 20.14 -12.71 28.46
CA PRO A 167 19.53 -11.81 29.44
C PRO A 167 19.89 -12.17 30.88
N GLY A 168 21.03 -11.62 31.31
CA GLY A 168 21.39 -11.58 32.71
C GLY A 168 22.14 -12.76 33.27
N THR A 169 23.47 -12.70 33.27
CA THR A 169 24.26 -13.71 33.98
C THR A 169 25.01 -13.06 35.13
N VAL A 170 25.39 -13.90 36.09
CA VAL A 170 26.15 -13.49 37.27
C VAL A 170 27.55 -13.07 36.80
N PRO A 171 28.29 -12.27 37.60
CA PRO A 171 29.64 -11.87 37.17
C PRO A 171 30.59 -13.04 37.14
N ALA A 172 31.45 -13.06 36.11
CA ALA A 172 32.35 -14.17 35.78
C ALA A 172 31.60 -15.48 35.56
N PRO B 1 -30.83 -6.45 3.55
CA PRO B 1 -31.08 -7.89 3.46
C PRO B 1 -30.40 -8.71 4.55
N ILE B 2 -30.61 -10.02 4.54
CA ILE B 2 -30.02 -10.93 5.51
C ILE B 2 -28.51 -10.78 5.42
N MET B 3 -27.87 -10.48 6.54
CA MET B 3 -26.44 -10.25 6.60
C MET B 3 -25.69 -11.56 6.81
N GLY B 4 -24.36 -11.46 6.84
CA GLY B 4 -23.51 -12.60 7.14
C GLY B 4 -23.67 -13.16 8.54
N GLN B 5 -23.98 -12.31 9.51
CA GLN B 5 -24.32 -12.74 10.86
C GLN B 5 -25.73 -13.30 10.94
N ASP B 6 -26.55 -13.08 9.91
CA ASP B 6 -27.96 -13.43 9.95
C ASP B 6 -28.23 -14.92 9.99
N VAL B 7 -27.42 -15.75 9.36
CA VAL B 7 -27.64 -17.20 9.32
C VAL B 7 -26.62 -17.85 10.22
N LYS B 8 -27.09 -18.61 11.22
CA LYS B 8 -26.17 -19.34 12.08
C LYS B 8 -26.49 -20.83 12.05
N TYR B 9 -25.45 -21.63 12.31
CA TYR B 9 -25.44 -23.06 12.01
C TYR B 9 -25.50 -23.83 13.32
N LEU B 10 -26.68 -24.32 13.66
CA LEU B 10 -26.83 -25.17 14.83
C LEU B 10 -26.42 -26.60 14.49
N PHE B 11 -25.81 -27.29 15.45
CA PHE B 11 -25.44 -28.68 15.30
C PHE B 11 -25.88 -29.48 16.50
N GLN B 12 -26.44 -30.66 16.24
CA GLN B 12 -26.72 -31.61 17.31
C GLN B 12 -26.36 -33.01 16.85
N SER B 13 -25.78 -33.78 17.76
CA SER B 13 -25.39 -35.16 17.46
C SER B 13 -26.61 -36.08 17.45
N ILE B 14 -26.48 -37.19 16.71
CA ILE B 14 -27.57 -38.14 16.61
C ILE B 14 -27.87 -38.82 17.94
N ASP B 15 -26.83 -39.29 18.65
CA ASP B 15 -27.02 -40.09 19.84
C ASP B 15 -27.23 -39.26 21.09
N ALA B 16 -27.08 -37.93 21.01
CA ALA B 16 -27.16 -37.12 22.21
C ALA B 16 -28.55 -37.19 22.84
N ALA B 17 -29.59 -37.25 22.00
CA ALA B 17 -31.01 -37.20 22.41
C ALA B 17 -31.26 -36.11 23.45
N THR B 18 -30.70 -34.93 23.21
CA THR B 18 -30.83 -33.78 24.10
C THR B 18 -31.95 -32.89 23.60
N GLY B 19 -32.44 -32.00 24.46
CA GLY B 19 -33.53 -31.11 24.11
C GLY B 19 -33.05 -29.76 23.62
N SER B 20 -31.74 -29.59 23.46
CA SER B 20 -31.19 -28.31 23.03
C SER B 20 -29.92 -28.48 22.20
N ALA B 21 -29.82 -27.73 21.10
CA ALA B 21 -28.76 -27.79 20.09
C ALA B 21 -27.60 -26.86 20.40
N PRO B 22 -26.36 -27.37 20.51
CA PRO B 22 -25.23 -26.47 20.78
C PRO B 22 -24.83 -25.66 19.56
N LEU B 23 -24.73 -24.35 19.73
CA LEU B 23 -24.13 -23.50 18.73
C LEU B 23 -22.81 -22.94 19.26
N PHE B 24 -21.77 -23.08 18.47
CA PHE B 24 -20.49 -22.81 19.07
C PHE B 24 -20.10 -21.35 18.89
N PRO B 25 -19.45 -20.73 19.88
CA PRO B 25 -19.05 -19.32 19.73
C PRO B 25 -17.82 -19.16 18.87
N ALA B 26 -17.50 -17.90 18.60
CA ALA B 26 -16.35 -17.46 17.80
C ALA B 26 -16.37 -18.06 16.39
N TYR B 27 -17.55 -18.01 15.78
CA TYR B 27 -17.70 -18.43 14.39
C TYR B 27 -16.99 -17.46 13.45
N GLN B 28 -16.28 -18.03 12.50
CA GLN B 28 -15.54 -17.28 11.49
C GLN B 28 -16.43 -17.33 10.25
N THR B 29 -16.03 -18.08 9.23
CA THR B 29 -16.81 -18.16 8.00
C THR B 29 -17.21 -19.61 7.71
N ASP B 30 -18.02 -19.74 6.66
CA ASP B 30 -18.77 -20.94 6.40
C ASP B 30 -19.21 -20.92 4.95
N GLY B 31 -18.94 -22.01 4.25
CA GLY B 31 -19.48 -22.19 2.93
C GLY B 31 -20.32 -23.43 2.86
N SER B 32 -21.49 -23.32 2.24
CA SER B 32 -22.36 -24.45 1.95
C SER B 32 -22.35 -24.59 0.44
N VAL B 33 -21.57 -25.54 -0.05
CA VAL B 33 -21.35 -25.69 -1.48
C VAL B 33 -22.13 -26.91 -1.95
N SER B 34 -23.05 -26.68 -2.88
CA SER B 34 -24.09 -27.63 -3.25
C SER B 34 -24.15 -27.69 -4.78
N GLY B 35 -23.30 -28.53 -5.37
CA GLY B 35 -23.25 -28.63 -6.82
C GLY B 35 -24.29 -29.57 -7.37
N GLU B 36 -25.10 -29.08 -8.31
CA GLU B 36 -26.16 -29.86 -8.94
C GLU B 36 -25.70 -30.23 -10.35
N ARG B 37 -25.01 -31.35 -10.47
CA ARG B 37 -24.41 -31.76 -11.73
C ARG B 37 -25.49 -31.98 -12.79
N GLU B 38 -25.08 -32.44 -13.96
CA GLU B 38 -25.93 -32.45 -15.15
C GLU B 38 -25.43 -33.54 -16.09
N LEU B 39 -26.37 -34.19 -16.75
CA LEU B 39 -26.09 -35.28 -17.68
C LEU B 39 -25.55 -34.73 -19.01
N PHE B 40 -24.96 -35.62 -19.80
CA PHE B 40 -24.56 -35.31 -21.16
C PHE B 40 -25.44 -36.03 -22.17
N ASP B 41 -26.60 -35.45 -22.44
CA ASP B 41 -27.34 -35.64 -23.67
C ASP B 41 -27.21 -34.36 -24.51
N GLU B 42 -26.26 -34.37 -25.43
CA GLU B 42 -26.08 -33.26 -26.36
C GLU B 42 -27.23 -33.10 -27.34
N GLN B 43 -28.07 -34.14 -27.47
CA GLN B 43 -29.14 -34.25 -28.47
C GLN B 43 -28.59 -34.22 -29.90
N THR B 44 -27.41 -34.82 -30.08
CA THR B 44 -26.54 -34.65 -31.27
C THR B 44 -26.55 -33.20 -31.76
N LYS B 45 -26.26 -32.27 -30.84
CA LYS B 45 -26.28 -30.84 -31.13
C LYS B 45 -24.89 -30.24 -30.95
N ASN B 46 -24.58 -29.79 -29.73
CA ASN B 46 -23.27 -29.23 -29.42
C ASN B 46 -22.88 -29.41 -27.96
N GLY B 47 -23.39 -30.44 -27.30
CA GLY B 47 -23.08 -30.68 -25.90
C GLY B 47 -23.99 -29.86 -25.00
N ARG B 48 -25.24 -29.68 -25.43
CA ARG B 48 -26.21 -28.90 -24.68
C ARG B 48 -27.13 -29.89 -23.97
N ILE B 49 -27.22 -29.76 -22.64
CA ILE B 49 -28.08 -30.60 -21.84
C ILE B 49 -28.82 -29.76 -20.81
N LEU B 50 -30.13 -29.97 -20.68
CA LEU B 50 -30.93 -29.28 -19.69
C LEU B 50 -31.36 -30.21 -18.55
N GLY B 51 -30.68 -31.35 -18.39
CA GLY B 51 -31.10 -32.41 -17.51
C GLY B 51 -30.21 -32.58 -16.30
N PRO B 52 -30.73 -33.26 -15.27
CA PRO B 52 -29.99 -33.38 -14.01
C PRO B 52 -28.88 -34.42 -14.07
N GLY B 53 -27.94 -34.29 -13.14
CA GLY B 53 -26.80 -35.20 -13.06
C GLY B 53 -26.73 -35.78 -11.68
N SER B 54 -26.23 -34.97 -10.74
CA SER B 54 -26.11 -35.41 -9.36
C SER B 54 -25.92 -34.21 -8.44
N VAL B 55 -26.05 -34.46 -7.15
CA VAL B 55 -25.95 -33.42 -6.13
C VAL B 55 -24.69 -33.64 -5.30
N ALA B 56 -23.76 -32.70 -5.38
CA ALA B 56 -22.55 -32.70 -4.58
C ALA B 56 -22.73 -31.68 -3.47
N ASP B 57 -23.30 -32.12 -2.35
CA ASP B 57 -23.69 -31.23 -1.28
C ASP B 57 -22.69 -31.37 -0.14
N SER B 58 -21.85 -30.35 0.00
CA SER B 58 -20.79 -30.29 0.99
C SER B 58 -20.74 -28.93 1.64
N GLY B 59 -20.14 -28.88 2.82
CA GLY B 59 -19.96 -27.63 3.51
C GLY B 59 -18.67 -27.59 4.30
N GLU B 60 -18.14 -26.40 4.56
CA GLU B 60 -16.97 -26.22 5.39
C GLU B 60 -17.30 -25.17 6.44
N VAL B 61 -16.91 -25.43 7.68
CA VAL B 61 -17.21 -24.53 8.79
C VAL B 61 -15.90 -24.18 9.48
N THR B 62 -15.61 -22.89 9.61
CA THR B 62 -14.45 -22.46 10.35
C THR B 62 -14.88 -21.74 11.62
N TYR B 63 -14.13 -21.95 12.70
CA TYR B 63 -14.39 -21.26 13.96
C TYR B 63 -13.10 -21.20 14.77
N TYR B 64 -13.08 -20.34 15.79
CA TYR B 64 -11.96 -20.24 16.72
C TYR B 64 -12.17 -21.23 17.85
N GLY B 65 -11.09 -21.87 18.29
CA GLY B 65 -11.19 -22.90 19.30
C GLY B 65 -11.43 -22.40 20.71
N LYS B 66 -12.29 -23.07 21.45
CA LYS B 66 -12.52 -22.75 22.85
C LYS B 66 -12.16 -23.97 23.71
N ARG B 67 -11.70 -23.70 24.94
CA ARG B 67 -11.17 -24.75 25.80
C ARG B 67 -12.19 -25.85 26.11
N GLY B 68 -13.46 -25.52 26.30
CA GLY B 68 -14.49 -26.51 26.53
C GLY B 68 -15.59 -26.36 25.49
N ASP B 69 -16.82 -26.19 26.00
CA ASP B 69 -18.01 -25.80 25.22
C ASP B 69 -18.38 -26.89 24.21
N ALA B 70 -19.69 -27.20 24.20
CA ALA B 70 -20.24 -28.48 23.75
C ALA B 70 -20.54 -28.63 22.25
N GLY B 71 -20.43 -27.54 21.47
CA GLY B 71 -20.46 -27.70 20.02
C GLY B 71 -19.15 -28.23 19.46
N GLN B 72 -18.02 -27.69 19.92
CA GLN B 72 -16.72 -28.27 19.58
C GLN B 72 -16.51 -29.60 20.28
N LYS B 73 -17.00 -29.76 21.51
CA LYS B 73 -16.98 -31.08 22.14
C LYS B 73 -17.86 -32.07 21.41
N ALA B 74 -19.05 -31.65 20.98
CA ALA B 74 -19.84 -32.48 20.08
C ALA B 74 -19.16 -32.59 18.73
N ILE B 75 -18.43 -31.54 18.33
CA ILE B 75 -17.61 -31.60 17.12
C ILE B 75 -16.55 -32.70 17.24
N GLU B 76 -15.79 -32.69 18.35
CA GLU B 76 -14.73 -33.66 18.52
C GLU B 76 -15.27 -35.06 18.85
N ASP B 77 -16.29 -35.15 19.71
CA ASP B 77 -16.99 -36.42 19.88
C ASP B 77 -17.57 -36.93 18.58
N ALA B 78 -18.21 -36.04 17.80
CA ALA B 78 -18.68 -36.47 16.49
C ALA B 78 -17.52 -36.88 15.60
N TYR B 79 -16.46 -36.08 15.55
CA TYR B 79 -15.36 -36.35 14.62
C TYR B 79 -14.64 -37.65 14.95
N GLN B 80 -14.20 -37.78 16.21
CA GLN B 80 -13.27 -38.84 16.59
C GLN B 80 -13.96 -40.20 16.69
N ASN B 81 -15.22 -40.23 17.09
CA ASN B 81 -15.97 -41.48 17.04
C ASN B 81 -16.61 -41.68 15.67
N GLY B 82 -16.51 -40.68 14.81
CA GLY B 82 -17.05 -40.75 13.47
C GLY B 82 -18.56 -40.74 13.44
N LYS B 83 -19.16 -40.13 14.46
CA LYS B 83 -20.61 -40.02 14.61
C LYS B 83 -21.10 -39.08 13.51
N GLN B 84 -22.31 -39.34 13.02
CA GLN B 84 -23.02 -38.42 12.14
C GLN B 84 -23.54 -37.26 12.98
N ILE B 85 -23.48 -36.05 12.43
CA ILE B 85 -23.96 -34.87 13.14
C ILE B 85 -25.15 -34.29 12.42
N LYS B 86 -26.19 -33.95 13.19
CA LYS B 86 -27.38 -33.32 12.65
C LYS B 86 -27.14 -31.81 12.58
N PHE B 87 -27.35 -31.26 11.38
CA PHE B 87 -26.91 -29.91 11.01
C PHE B 87 -28.12 -29.05 10.67
N TRP B 88 -28.21 -27.90 11.33
CA TRP B 88 -29.29 -26.94 11.17
C TRP B 88 -28.68 -25.59 10.79
N ARG B 89 -28.99 -25.10 9.60
CA ARG B 89 -28.62 -23.75 9.19
C ARG B 89 -29.86 -22.87 9.26
N VAL B 90 -29.95 -22.07 10.30
CA VAL B 90 -31.16 -21.29 10.55
C VAL B 90 -30.82 -19.82 10.60
N ASP B 91 -31.80 -19.01 10.22
CA ASP B 91 -31.64 -17.56 10.23
C ASP B 91 -31.80 -17.01 11.64
N THR B 92 -31.44 -15.75 11.79
CA THR B 92 -31.46 -15.06 13.08
C THR B 92 -32.56 -14.02 13.17
N VAL B 93 -32.97 -13.44 12.04
CA VAL B 93 -34.07 -12.48 12.05
C VAL B 93 -35.39 -13.21 12.27
N LYS B 94 -36.43 -12.45 12.60
CA LYS B 94 -37.72 -13.00 12.96
C LYS B 94 -38.61 -13.07 11.73
N ASN B 95 -38.78 -14.28 11.20
CA ASN B 95 -39.75 -14.53 10.14
C ASN B 95 -41.17 -14.35 10.67
N GLU B 96 -42.12 -14.17 9.75
CA GLU B 96 -43.50 -13.95 10.13
C GLU B 96 -44.37 -15.19 10.09
N ASN B 97 -43.90 -16.28 9.50
CA ASN B 97 -44.59 -17.55 9.65
C ASN B 97 -44.00 -18.38 10.80
N ASP B 98 -42.89 -19.08 10.52
CA ASP B 98 -42.09 -19.68 11.57
C ASP B 98 -41.35 -18.57 12.30
N LYS B 99 -40.92 -18.85 13.52
CA LYS B 99 -40.06 -17.94 14.26
C LYS B 99 -38.86 -17.55 13.41
N TYR B 100 -38.21 -18.54 12.82
CA TYR B 100 -37.05 -18.36 11.96
C TYR B 100 -37.23 -19.27 10.75
N ASP B 101 -36.20 -19.37 9.92
CA ASP B 101 -36.24 -20.25 8.77
C ASP B 101 -34.88 -20.91 8.57
N ALA B 102 -34.92 -22.18 8.17
CA ALA B 102 -33.76 -23.03 8.27
C ALA B 102 -33.57 -23.82 6.98
N GLN B 103 -32.31 -24.02 6.63
CA GLN B 103 -31.88 -25.10 5.75
C GLN B 103 -31.17 -26.13 6.63
N PHE B 104 -31.58 -27.39 6.51
CA PHE B 104 -31.28 -28.42 7.48
C PHE B 104 -30.77 -29.67 6.79
N GLY B 105 -30.01 -30.48 7.52
CA GLY B 105 -29.65 -31.79 7.00
C GLY B 105 -28.93 -32.62 8.02
N PHE B 106 -28.77 -33.91 7.68
CA PHE B 106 -27.88 -34.81 8.42
C PHE B 106 -26.53 -34.75 7.74
N ALA B 107 -25.48 -34.59 8.53
CA ALA B 107 -24.15 -34.32 8.01
C ALA B 107 -23.10 -35.20 8.67
N TYR B 108 -21.95 -35.30 8.01
CA TYR B 108 -20.88 -36.19 8.40
C TYR B 108 -19.57 -35.43 8.27
N ILE B 109 -18.73 -35.48 9.31
CA ILE B 109 -17.44 -34.80 9.28
C ILE B 109 -16.53 -35.47 8.27
N GLU B 110 -16.11 -34.72 7.25
CA GLU B 110 -15.20 -35.27 6.26
C GLU B 110 -13.73 -34.96 6.53
N SER B 111 -13.41 -33.81 7.13
CA SER B 111 -12.04 -33.53 7.52
C SER B 111 -12.05 -32.44 8.57
N ARG B 112 -11.07 -32.52 9.48
CA ARG B 112 -10.85 -31.54 10.54
C ARG B 112 -9.45 -31.00 10.30
N GLU B 113 -9.29 -29.70 10.51
CA GLU B 113 -8.05 -28.99 10.29
C GLU B 113 -7.81 -28.11 11.50
N TYR B 114 -6.69 -28.31 12.19
CA TYR B 114 -6.35 -27.47 13.32
C TYR B 114 -5.20 -26.53 12.98
N SER B 115 -5.49 -25.25 13.08
CA SER B 115 -4.50 -24.20 12.83
C SER B 115 -3.99 -23.67 14.16
N ASP B 116 -2.66 -23.69 14.29
CA ASP B 116 -1.92 -23.01 15.35
C ASP B 116 -0.93 -22.10 14.65
N GLY B 117 -1.13 -20.79 14.78
CA GLY B 117 -0.21 -19.82 14.26
C GLY B 117 0.56 -19.12 15.36
N VAL B 118 1.37 -18.13 14.98
CA VAL B 118 2.11 -17.32 15.94
C VAL B 118 1.23 -16.25 16.55
N GLU B 119 0.44 -15.56 15.73
CA GLU B 119 -0.60 -14.68 16.26
C GLU B 119 -1.99 -15.28 16.16
N GLY B 120 -2.93 -14.82 16.97
CA GLY B 120 -4.32 -15.13 16.75
C GLY B 120 -4.66 -16.40 17.49
N ALA B 121 -5.88 -16.49 18.02
CA ALA B 121 -6.28 -17.66 18.79
C ALA B 121 -6.50 -18.86 17.89
N VAL B 122 -6.56 -20.04 18.52
CA VAL B 122 -6.58 -21.30 17.79
C VAL B 122 -7.66 -21.28 16.72
N GLU B 123 -7.41 -21.93 15.60
CA GLU B 123 -8.34 -21.90 14.49
C GLU B 123 -8.73 -23.31 14.09
N ILE B 124 -10.03 -23.55 13.96
CA ILE B 124 -10.54 -24.86 13.60
C ILE B 124 -11.36 -24.73 12.31
N SER B 125 -10.88 -25.40 11.27
CA SER B 125 -11.64 -25.58 10.04
C SER B 125 -12.13 -27.02 9.99
N ILE B 126 -13.43 -27.22 9.85
CA ILE B 126 -14.00 -28.55 9.74
C ILE B 126 -14.70 -28.66 8.40
N SER B 127 -14.28 -29.66 7.62
CA SER B 127 -14.82 -29.90 6.28
C SER B 127 -15.75 -31.10 6.31
N LEU B 128 -16.96 -30.89 5.82
CA LEU B 128 -18.02 -31.88 5.91
C LEU B 128 -18.78 -31.94 4.60
N GLN B 129 -19.56 -33.00 4.42
CA GLN B 129 -20.54 -33.08 3.35
C GLN B 129 -21.90 -33.26 4.00
N VAL B 130 -22.96 -32.99 3.25
CA VAL B 130 -24.31 -33.22 3.75
C VAL B 130 -25.01 -34.17 2.77
N ILE B 131 -25.65 -35.20 3.33
CA ILE B 131 -26.23 -36.25 2.49
C ILE B 131 -27.43 -35.71 1.72
N GLY B 132 -28.36 -35.09 2.44
CA GLY B 132 -29.51 -34.50 1.80
C GLY B 132 -29.75 -33.09 2.27
N GLU B 133 -29.77 -32.15 1.32
CA GLU B 133 -30.11 -30.77 1.65
C GLU B 133 -31.62 -30.64 1.90
N LEU B 134 -31.94 -30.16 3.09
CA LEU B 134 -33.33 -30.08 3.52
C LEU B 134 -33.63 -28.63 3.86
N LYS B 135 -34.89 -28.23 3.68
CA LYS B 135 -35.32 -26.86 3.92
C LYS B 135 -36.63 -26.87 4.70
N ASN B 136 -36.69 -26.13 5.80
CA ASN B 136 -37.91 -26.00 6.59
C ASN B 136 -37.85 -24.71 7.39
N GLY B 137 -39.02 -24.22 7.79
CA GLY B 137 -39.05 -23.12 8.73
C GLY B 137 -38.63 -23.56 10.12
N GLU B 138 -38.11 -22.61 10.89
CA GLU B 138 -37.56 -22.91 12.20
C GLU B 138 -38.43 -22.29 13.26
N ILE B 139 -38.66 -23.05 14.34
CA ILE B 139 -39.54 -22.59 15.40
C ILE B 139 -38.74 -22.10 16.60
N ASP B 140 -38.00 -23.00 17.25
CA ASP B 140 -37.26 -22.61 18.44
C ASP B 140 -35.77 -22.92 18.30
N THR B 141 -34.95 -21.87 18.34
CA THR B 141 -33.51 -22.03 18.33
C THR B 141 -32.86 -21.66 19.65
N LEU B 142 -33.48 -22.01 20.79
CA LEU B 142 -33.10 -21.62 22.15
C LEU B 142 -32.78 -20.13 22.17
N PRO B 143 -33.73 -19.26 21.76
CA PRO B 143 -33.37 -17.89 21.34
C PRO B 143 -32.89 -16.98 22.44
N GLU B 144 -33.02 -17.44 23.68
CA GLU B 144 -32.45 -16.79 24.85
C GLU B 144 -30.93 -16.76 24.79
N GLU B 145 -30.32 -17.70 24.07
CA GLU B 145 -28.88 -17.86 24.06
C GLU B 145 -28.27 -17.88 22.68
N ILE B 146 -28.87 -18.57 21.72
CA ILE B 146 -28.36 -18.67 20.36
C ILE B 146 -28.76 -17.44 19.54
N VAL B 147 -30.01 -17.00 19.68
CA VAL B 147 -30.53 -15.88 18.89
C VAL B 147 -29.95 -14.60 19.48
N ASN B 148 -29.90 -14.54 20.81
CA ASN B 148 -29.44 -13.33 21.50
C ASN B 148 -27.93 -13.34 21.69
N VAL B 149 -27.23 -12.41 21.05
CA VAL B 149 -25.81 -12.24 21.32
C VAL B 149 -25.66 -11.10 22.33
N SER B 150 -25.18 -11.44 23.53
CA SER B 150 -25.14 -10.48 24.62
C SER B 150 -23.73 -10.15 25.08
N LYS B 151 -23.47 -8.91 25.47
CA LYS B 151 -22.16 -8.56 26.00
C LYS B 151 -21.97 -8.95 27.47
N GLY B 152 -23.01 -8.91 28.30
CA GLY B 152 -22.88 -9.19 29.71
C GLY B 152 -22.49 -7.99 30.53
N GLY B 153 -22.52 -6.81 29.91
CA GLY B 153 -22.11 -5.59 30.57
C GLY B 153 -23.11 -5.15 31.62
N TYR B 154 -22.61 -4.98 32.84
CA TYR B 154 -23.37 -4.52 33.99
C TYR B 154 -23.07 -3.04 34.21
N ASP B 155 -24.09 -2.19 34.04
CA ASP B 155 -23.86 -0.77 33.76
C ASP B 155 -23.38 0.05 34.94
N PHE B 156 -23.78 -0.31 36.17
CA PHE B 156 -23.26 0.17 37.47
C PHE B 156 -23.23 -1.01 38.44
N GLN B 157 -22.02 -1.37 38.84
CA GLN B 157 -21.74 -2.04 40.11
C GLN B 157 -20.41 -1.48 40.60
N GLN B 158 -20.23 -0.16 40.55
CA GLN B 158 -18.90 0.41 40.72
C GLN B 158 -18.21 0.00 42.03
N PRO B 159 -18.76 0.21 43.23
CA PRO B 159 -18.12 -0.39 44.41
C PRO B 159 -18.50 -1.83 44.64
N GLY B 160 -17.55 -2.72 44.93
CA GLY B 160 -17.85 -4.13 44.99
C GLY B 160 -18.24 -4.83 43.71
N GLN B 161 -17.68 -4.44 42.56
CA GLN B 161 -17.98 -5.17 41.32
C GLN B 161 -17.48 -6.60 41.41
N THR B 162 -16.26 -6.79 41.93
CA THR B 162 -15.61 -8.08 42.18
C THR B 162 -15.71 -9.01 40.97
N THR B 163 -15.02 -8.63 39.89
CA THR B 163 -15.26 -9.27 38.61
C THR B 163 -13.95 -9.86 38.10
N GLY B 164 -14.04 -10.99 37.40
CA GLY B 164 -12.92 -11.57 36.71
C GLY B 164 -12.70 -10.95 35.34
N GLU B 165 -11.76 -11.51 34.56
CA GLU B 165 -11.44 -10.97 33.25
C GLU B 165 -12.65 -10.96 32.33
N ALA B 166 -13.59 -11.90 32.55
CA ALA B 166 -14.78 -12.05 31.74
C ALA B 166 -15.85 -11.09 32.22
N PRO B 167 -16.81 -10.76 31.38
CA PRO B 167 -17.56 -9.50 31.54
C PRO B 167 -18.64 -9.59 32.61
N GLY B 168 -18.21 -9.31 33.85
CA GLY B 168 -19.11 -9.03 34.94
C GLY B 168 -19.61 -10.21 35.75
N THR B 169 -18.92 -10.55 36.84
CA THR B 169 -19.45 -11.54 37.77
C THR B 169 -19.74 -10.88 39.11
N VAL B 170 -20.61 -11.54 39.87
CA VAL B 170 -21.00 -11.10 41.20
C VAL B 170 -19.79 -11.23 42.13
N PRO B 171 -19.74 -10.51 43.28
CA PRO B 171 -18.59 -10.64 44.17
C PRO B 171 -18.51 -12.02 44.80
N ALA B 172 -17.29 -12.54 44.92
CA ALA B 172 -16.99 -13.90 45.33
C ALA B 172 -17.67 -14.95 44.45
N PRO C 1 -20.68 3.85 -23.82
CA PRO C 1 -21.25 2.57 -24.22
C PRO C 1 -22.07 1.88 -23.13
N ILE C 2 -22.64 0.72 -23.44
CA ILE C 2 -23.43 -0.06 -22.50
C ILE C 2 -22.53 -0.38 -21.31
N MET C 3 -22.98 -0.02 -20.11
CA MET C 3 -22.22 -0.19 -18.90
C MET C 3 -22.49 -1.58 -18.29
N GLY C 4 -21.80 -1.85 -17.18
CA GLY C 4 -22.01 -3.08 -16.44
C GLY C 4 -23.40 -3.21 -15.83
N GLN C 5 -24.00 -2.10 -15.43
CA GLN C 5 -25.38 -2.07 -14.99
C GLN C 5 -26.37 -2.17 -16.14
N ASP C 6 -25.89 -1.99 -17.37
CA ASP C 6 -26.77 -1.89 -18.54
C ASP C 6 -27.48 -3.18 -18.88
N VAL C 7 -26.87 -4.34 -18.68
CA VAL C 7 -27.47 -5.63 -19.03
C VAL C 7 -27.90 -6.31 -17.74
N LYS C 8 -29.19 -6.64 -17.64
CA LYS C 8 -29.67 -7.37 -16.47
C LYS C 8 -30.33 -8.67 -16.90
N TYR C 9 -30.30 -9.64 -15.99
CA TYR C 9 -30.58 -11.04 -16.29
C TYR C 9 -31.92 -11.42 -15.67
N LEU C 10 -32.97 -11.46 -16.49
CA LEU C 10 -34.27 -11.92 -16.03
C LEU C 10 -34.30 -13.44 -16.04
N PHE C 11 -34.99 -14.02 -15.06
CA PHE C 11 -35.18 -15.46 -14.99
C PHE C 11 -36.65 -15.78 -14.74
N GLN C 12 -37.14 -16.79 -15.46
CA GLN C 12 -38.47 -17.32 -15.18
C GLN C 12 -38.43 -18.83 -15.30
N SER C 13 -39.14 -19.50 -14.39
CA SER C 13 -39.20 -20.95 -14.38
C SER C 13 -40.14 -21.46 -15.47
N ILE C 14 -39.89 -22.70 -15.90
CA ILE C 14 -40.72 -23.30 -16.95
C ILE C 14 -42.15 -23.53 -16.50
N ASP C 15 -42.35 -24.08 -15.30
CA ASP C 15 -43.67 -24.48 -14.85
C ASP C 15 -44.45 -23.35 -14.21
N ALA C 16 -43.84 -22.18 -14.00
CA ALA C 16 -44.53 -21.11 -13.31
C ALA C 16 -45.75 -20.63 -14.08
N ALA C 17 -45.64 -20.59 -15.41
CA ALA C 17 -46.65 -20.03 -16.33
C ALA C 17 -47.20 -18.69 -15.83
N THR C 18 -46.30 -17.82 -15.39
CA THR C 18 -46.65 -16.51 -14.86
C THR C 18 -46.50 -15.47 -15.97
N GLY C 19 -47.11 -14.32 -15.79
CA GLY C 19 -47.06 -13.25 -16.78
C GLY C 19 -45.94 -12.25 -16.54
N SER C 20 -45.10 -12.51 -15.55
CA SER C 20 -44.02 -11.59 -15.21
C SER C 20 -42.79 -12.31 -14.68
N ALA C 21 -41.61 -11.91 -15.14
CA ALA C 21 -40.30 -12.52 -14.87
C ALA C 21 -39.63 -11.92 -13.64
N PRO C 22 -39.27 -12.72 -12.62
CA PRO C 22 -38.58 -12.15 -11.46
C PRO C 22 -37.13 -11.80 -11.75
N LEU C 23 -36.75 -10.57 -11.43
CA LEU C 23 -35.34 -10.20 -11.43
C LEU C 23 -34.90 -9.93 -10.00
N PHE C 24 -33.79 -10.55 -9.62
CA PHE C 24 -33.53 -10.53 -8.20
C PHE C 24 -32.66 -9.33 -7.83
N PRO C 25 -32.88 -8.70 -6.68
CA PRO C 25 -32.06 -7.55 -6.31
C PRO C 25 -30.70 -7.96 -5.77
N ALA C 26 -29.87 -6.95 -5.53
CA ALA C 26 -28.50 -7.06 -5.02
C ALA C 26 -27.64 -7.96 -5.91
N TYR C 27 -27.73 -7.72 -7.22
CA TYR C 27 -26.86 -8.40 -8.17
C TYR C 27 -25.42 -7.93 -8.02
N GLN C 28 -24.52 -8.89 -8.04
CA GLN C 28 -23.09 -8.66 -7.95
C GLN C 28 -22.58 -8.75 -9.39
N THR C 29 -21.84 -9.81 -9.72
CA THR C 29 -21.31 -9.95 -11.06
C THR C 29 -21.80 -11.25 -11.71
N ASP C 30 -21.44 -11.39 -12.98
CA ASP C 30 -22.05 -12.35 -13.86
C ASP C 30 -21.13 -12.56 -15.05
N GLY C 31 -20.83 -13.81 -15.33
CA GLY C 31 -20.14 -14.15 -16.55
C GLY C 31 -20.95 -15.07 -17.41
N SER C 32 -21.02 -14.77 -18.70
CA SER C 32 -21.65 -15.65 -19.68
C SER C 32 -20.51 -16.14 -20.56
N VAL C 33 -20.07 -17.37 -20.30
CA VAL C 33 -18.89 -17.92 -20.95
C VAL C 33 -19.36 -18.94 -21.99
N SER C 34 -19.01 -18.69 -23.25
CA SER C 34 -19.59 -19.37 -24.40
C SER C 34 -18.45 -19.77 -25.32
N GLY C 35 -17.86 -20.92 -25.06
CA GLY C 35 -16.74 -21.39 -25.85
C GLY C 35 -17.16 -22.10 -27.12
N GLU C 36 -16.65 -21.64 -28.26
CA GLU C 36 -16.98 -22.22 -29.56
C GLU C 36 -15.79 -23.03 -30.03
N ARG C 37 -15.74 -24.30 -29.66
CA ARG C 37 -14.59 -25.15 -29.93
C ARG C 37 -14.41 -25.30 -31.43
N GLU C 38 -13.43 -26.13 -31.82
CA GLU C 38 -12.94 -26.18 -33.19
C GLU C 38 -12.34 -27.56 -33.43
N LEU C 39 -12.53 -28.06 -34.66
CA LEU C 39 -12.05 -29.37 -35.07
C LEU C 39 -10.55 -29.34 -35.33
N PHE C 40 -9.96 -30.52 -35.39
CA PHE C 40 -8.57 -30.68 -35.81
C PHE C 40 -8.49 -31.33 -37.18
N ASP C 41 -8.66 -30.53 -38.22
CA ASP C 41 -8.12 -30.79 -39.55
C ASP C 41 -6.94 -29.85 -39.79
N GLU C 42 -5.74 -30.35 -39.55
CA GLU C 42 -4.52 -29.59 -39.81
C GLU C 42 -4.28 -29.36 -41.29
N GLN C 43 -4.98 -30.12 -42.16
CA GLN C 43 -4.77 -30.15 -43.62
C GLN C 43 -3.37 -30.63 -43.99
N THR C 44 -2.84 -31.57 -43.18
CA THR C 44 -1.41 -31.94 -43.15
C THR C 44 -0.50 -30.71 -43.28
N LYS C 45 -0.75 -29.72 -42.43
CA LYS C 45 -0.01 -28.46 -42.46
C LYS C 45 0.76 -28.26 -41.17
N ASN C 46 0.13 -27.63 -40.17
CA ASN C 46 0.76 -27.42 -38.86
C ASN C 46 -0.26 -27.34 -37.73
N GLY C 47 -1.41 -28.00 -37.88
CA GLY C 47 -2.44 -27.96 -36.86
C GLY C 47 -3.31 -26.73 -36.99
N ARG C 48 -3.52 -26.31 -38.24
CA ARG C 48 -4.33 -25.12 -38.52
C ARG C 48 -5.70 -25.60 -38.96
N ILE C 49 -6.74 -25.13 -38.25
CA ILE C 49 -8.12 -25.47 -38.59
C ILE C 49 -9.00 -24.22 -38.51
N LEU C 50 -9.84 -24.02 -39.53
CA LEU C 50 -10.78 -22.90 -39.53
C LEU C 50 -12.21 -23.38 -39.33
N GLY C 51 -12.40 -24.58 -38.80
CA GLY C 51 -13.69 -25.22 -38.75
C GLY C 51 -14.26 -25.34 -37.36
N PRO C 52 -15.56 -25.58 -37.26
CA PRO C 52 -16.22 -25.62 -35.94
C PRO C 52 -15.99 -26.90 -35.17
N GLY C 53 -16.20 -26.83 -33.87
CA GLY C 53 -16.01 -27.97 -33.00
C GLY C 53 -17.26 -28.21 -32.19
N SER C 54 -17.45 -27.37 -31.19
CA SER C 54 -18.63 -27.48 -30.33
C SER C 54 -18.82 -26.18 -29.53
N VAL C 55 -20.00 -26.07 -28.92
CA VAL C 55 -20.38 -24.89 -28.16
C VAL C 55 -20.47 -25.26 -26.68
N ALA C 56 -19.58 -24.67 -25.87
CA ALA C 56 -19.60 -24.82 -24.42
C ALA C 56 -20.20 -23.56 -23.84
N ASP C 57 -21.52 -23.54 -23.70
CA ASP C 57 -22.24 -22.33 -23.32
C ASP C 57 -22.66 -22.47 -21.86
N SER C 58 -21.99 -21.73 -20.99
CA SER C 58 -22.22 -21.75 -19.56
C SER C 58 -22.21 -20.34 -19.01
N GLY C 59 -22.80 -20.18 -17.84
CA GLY C 59 -22.80 -18.90 -17.16
C GLY C 59 -22.76 -19.05 -15.66
N GLU C 60 -22.26 -18.04 -14.98
CA GLU C 60 -22.27 -18.01 -13.52
C GLU C 60 -22.88 -16.69 -13.08
N VAL C 61 -23.73 -16.74 -12.07
CA VAL C 61 -24.43 -15.55 -11.59
C VAL C 61 -24.19 -15.43 -10.09
N THR C 62 -23.67 -14.29 -9.67
CA THR C 62 -23.51 -14.04 -8.24
C THR C 62 -24.46 -12.94 -7.79
N TYR C 63 -25.01 -13.10 -6.59
CA TYR C 63 -25.88 -12.07 -6.00
C TYR C 63 -25.83 -12.20 -4.49
N TYR C 64 -26.31 -11.16 -3.80
CA TYR C 64 -26.44 -11.15 -2.35
C TYR C 64 -27.79 -11.74 -1.98
N GLY C 65 -27.83 -12.54 -0.91
CA GLY C 65 -29.04 -13.22 -0.51
C GLY C 65 -30.08 -12.35 0.16
N LYS C 66 -31.34 -12.54 -0.21
CA LYS C 66 -32.43 -11.84 0.45
C LYS C 66 -33.36 -12.87 1.11
N ARG C 67 -34.00 -12.45 2.21
CA ARG C 67 -34.79 -13.36 3.03
C ARG C 67 -35.94 -14.02 2.27
N GLY C 68 -36.61 -13.30 1.38
CA GLY C 68 -37.67 -13.87 0.56
C GLY C 68 -37.36 -13.66 -0.90
N ASP C 69 -38.32 -13.03 -1.60
CA ASP C 69 -38.17 -12.52 -2.97
C ASP C 69 -37.97 -13.66 -3.97
N ALA C 70 -38.72 -13.59 -5.06
CA ALA C 70 -39.11 -14.72 -5.91
C ALA C 70 -38.14 -15.13 -7.02
N GLY C 71 -37.08 -14.36 -7.27
CA GLY C 71 -36.01 -14.83 -8.13
C GLY C 71 -35.10 -15.84 -7.45
N GLN C 72 -34.69 -15.55 -6.21
CA GLN C 72 -33.99 -16.54 -5.41
C GLN C 72 -34.91 -17.67 -4.96
N LYS C 73 -36.18 -17.38 -4.68
CA LYS C 73 -37.14 -18.45 -4.44
C LYS C 73 -37.37 -19.29 -5.68
N ALA C 74 -37.50 -18.66 -6.85
CA ALA C 74 -37.47 -19.42 -8.09
C ALA C 74 -36.11 -20.05 -8.32
N ILE C 75 -35.05 -19.39 -7.84
CA ILE C 75 -33.72 -19.98 -7.88
C ILE C 75 -33.67 -21.26 -7.06
N GLU C 76 -34.15 -21.20 -5.82
CA GLU C 76 -34.11 -22.37 -4.94
C GLU C 76 -35.14 -23.42 -5.34
N ASP C 77 -36.36 -23.01 -5.69
CA ASP C 77 -37.30 -23.95 -6.29
C ASP C 77 -36.76 -24.56 -7.56
N ALA C 78 -36.16 -23.75 -8.43
CA ALA C 78 -35.52 -24.33 -9.60
C ALA C 78 -34.38 -25.26 -9.22
N TYR C 79 -33.51 -24.84 -8.30
CA TYR C 79 -32.33 -25.62 -7.97
C TYR C 79 -32.70 -26.95 -7.32
N GLN C 80 -33.52 -26.90 -6.26
CA GLN C 80 -33.72 -28.05 -5.39
C GLN C 80 -34.63 -29.10 -6.03
N ASN C 81 -35.61 -28.66 -6.84
CA ASN C 81 -36.39 -29.62 -7.60
C ASN C 81 -35.71 -29.95 -8.92
N GLY C 82 -34.63 -29.25 -9.24
CA GLY C 82 -33.88 -29.49 -10.45
C GLY C 82 -34.61 -29.06 -11.70
N LYS C 83 -35.49 -28.07 -11.54
CA LYS C 83 -36.30 -27.52 -12.62
C LYS C 83 -35.36 -26.78 -13.56
N GLN C 84 -35.66 -26.80 -14.84
CA GLN C 84 -35.01 -25.95 -15.83
C GLN C 84 -35.51 -24.52 -15.66
N ILE C 85 -34.61 -23.55 -15.78
CA ILE C 85 -34.99 -22.15 -15.66
C ILE C 85 -34.82 -21.44 -16.98
N LYS C 86 -35.82 -20.64 -17.35
CA LYS C 86 -35.76 -19.84 -18.55
C LYS C 86 -35.05 -18.53 -18.25
N PHE C 87 -34.02 -18.25 -19.05
CA PHE C 87 -33.02 -17.22 -18.78
C PHE C 87 -33.05 -16.16 -19.86
N TRP C 88 -33.20 -14.90 -19.43
CA TRP C 88 -33.27 -13.74 -20.31
C TRP C 88 -32.18 -12.75 -19.90
N ARG C 89 -31.23 -12.50 -20.79
CA ARG C 89 -30.23 -11.45 -20.57
C ARG C 89 -30.60 -10.27 -21.45
N VAL C 90 -31.17 -9.24 -20.84
CA VAL C 90 -31.69 -8.12 -21.61
C VAL C 90 -31.03 -6.84 -21.15
N ASP C 91 -30.93 -5.90 -22.08
CA ASP C 91 -30.34 -4.61 -21.80
C ASP C 91 -31.33 -3.71 -21.07
N THR C 92 -30.81 -2.59 -20.55
CA THR C 92 -31.57 -1.65 -19.77
C THR C 92 -31.83 -0.33 -20.50
N VAL C 93 -30.94 0.04 -21.42
CA VAL C 93 -31.16 1.24 -22.21
C VAL C 93 -32.26 1.00 -23.24
N LYS C 94 -32.76 2.09 -23.81
CA LYS C 94 -33.91 2.03 -24.72
C LYS C 94 -33.43 1.92 -26.15
N ASN C 95 -33.53 0.72 -26.72
CA ASN C 95 -33.27 0.52 -28.14
C ASN C 95 -34.34 1.21 -28.97
N GLU C 96 -34.04 1.43 -30.24
CA GLU C 96 -34.95 2.13 -31.14
C GLU C 96 -35.81 1.21 -32.00
N ASN C 97 -35.50 -0.08 -32.06
CA ASN C 97 -36.43 -1.02 -32.67
C ASN C 97 -37.31 -1.68 -31.62
N ASP C 98 -36.81 -2.70 -30.95
CA ASP C 98 -37.43 -3.25 -29.75
C ASP C 98 -37.23 -2.24 -28.61
N LYS C 99 -38.08 -2.34 -27.60
CA LYS C 99 -37.89 -1.55 -26.39
C LYS C 99 -36.47 -1.75 -25.85
N TYR C 100 -36.04 -3.00 -25.76
CA TYR C 100 -34.72 -3.37 -25.29
C TYR C 100 -34.19 -4.45 -26.23
N ASP C 101 -33.05 -5.05 -25.86
CA ASP C 101 -32.48 -6.12 -26.66
C ASP C 101 -31.89 -7.17 -25.73
N ALA C 102 -32.05 -8.43 -26.12
CA ALA C 102 -31.85 -9.54 -25.20
C ALA C 102 -31.03 -10.63 -25.87
N GLN C 103 -30.19 -11.27 -25.06
CA GLN C 103 -29.68 -12.60 -25.33
C GLN C 103 -30.38 -13.54 -24.35
N PHE C 104 -30.94 -14.62 -24.89
CA PHE C 104 -31.92 -15.44 -24.19
C PHE C 104 -31.58 -16.90 -24.31
N GLY C 105 -32.04 -17.70 -23.35
CA GLY C 105 -31.93 -19.14 -23.49
C GLY C 105 -32.68 -19.88 -22.40
N PHE C 106 -32.79 -21.19 -22.59
CA PHE C 106 -33.24 -22.10 -21.55
C PHE C 106 -32.01 -22.61 -20.83
N ALA C 107 -32.04 -22.57 -19.50
CA ALA C 107 -30.87 -22.82 -18.69
C ALA C 107 -31.18 -23.78 -17.55
N TYR C 108 -30.11 -24.35 -17.01
CA TYR C 108 -30.20 -25.40 -15.99
C TYR C 108 -29.15 -25.10 -14.93
N ILE C 109 -29.56 -25.14 -13.66
CA ILE C 109 -28.64 -24.88 -12.55
C ILE C 109 -27.63 -26.01 -12.46
N GLU C 110 -26.35 -25.68 -12.62
CA GLU C 110 -25.31 -26.69 -12.50
C GLU C 110 -24.66 -26.76 -11.12
N SER C 111 -24.57 -25.64 -10.41
CA SER C 111 -24.07 -25.67 -9.04
C SER C 111 -24.51 -24.41 -8.32
N ARG C 112 -24.75 -24.55 -7.02
CA ARG C 112 -25.12 -23.44 -6.14
C ARG C 112 -24.02 -23.41 -5.09
N GLU C 113 -23.64 -22.20 -4.70
CA GLU C 113 -22.59 -21.95 -3.73
C GLU C 113 -23.10 -20.91 -2.76
N TYR C 114 -23.14 -21.25 -1.48
CA TYR C 114 -23.56 -20.29 -0.46
C TYR C 114 -22.37 -19.84 0.37
N SER C 115 -22.12 -18.53 0.33
CA SER C 115 -21.05 -17.92 1.10
C SER C 115 -21.64 -17.25 2.33
N ASP C 116 -21.08 -17.61 3.48
CA ASP C 116 -21.30 -16.94 4.75
C ASP C 116 -19.92 -16.55 5.26
N GLY C 117 -19.65 -15.24 5.30
CA GLY C 117 -18.42 -14.73 5.86
C GLY C 117 -18.65 -14.04 7.18
N VAL C 118 -17.58 -13.45 7.72
CA VAL C 118 -17.66 -12.69 8.96
C VAL C 118 -18.20 -11.29 8.70
N GLU C 119 -17.71 -10.62 7.65
CA GLU C 119 -18.33 -9.38 7.21
C GLU C 119 -19.17 -9.57 5.96
N GLY C 120 -20.11 -8.67 5.70
CA GLY C 120 -20.76 -8.61 4.41
C GLY C 120 -21.96 -9.51 4.43
N ALA C 121 -23.03 -9.12 3.74
CA ALA C 121 -24.26 -9.89 3.73
C ALA C 121 -24.10 -11.17 2.91
N VAL C 122 -25.05 -12.09 3.10
CA VAL C 122 -24.94 -13.42 2.53
C VAL C 122 -24.65 -13.35 1.05
N GLU C 123 -23.87 -14.30 0.54
CA GLU C 123 -23.47 -14.27 -0.86
C GLU C 123 -23.86 -15.57 -1.54
N ILE C 124 -24.49 -15.45 -2.70
CA ILE C 124 -24.94 -16.60 -3.46
C ILE C 124 -24.31 -16.56 -4.83
N SER C 125 -23.49 -17.56 -5.12
CA SER C 125 -22.97 -17.82 -6.46
C SER C 125 -23.71 -19.03 -7.02
N ILE C 126 -24.32 -18.87 -8.18
CA ILE C 126 -25.01 -19.97 -8.85
C ILE C 126 -24.35 -20.20 -10.20
N SER C 127 -23.88 -21.42 -10.40
CA SER C 127 -23.19 -21.82 -11.62
C SER C 127 -24.13 -22.66 -12.49
N LEU C 128 -24.28 -22.23 -13.74
CA LEU C 128 -25.24 -22.82 -14.66
C LEU C 128 -24.62 -22.98 -16.03
N GLN C 129 -25.26 -23.79 -16.87
CA GLN C 129 -24.95 -23.84 -18.29
C GLN C 129 -26.20 -23.45 -19.04
N VAL C 130 -26.05 -23.08 -20.31
CA VAL C 130 -27.20 -22.78 -21.15
C VAL C 130 -27.14 -23.70 -22.37
N ILE C 131 -28.26 -24.34 -22.67
CA ILE C 131 -28.29 -25.35 -23.73
C ILE C 131 -28.09 -24.69 -25.10
N GLY C 132 -28.90 -23.67 -25.38
CA GLY C 132 -28.77 -22.95 -26.63
C GLY C 132 -28.75 -21.46 -26.41
N GLU C 133 -27.68 -20.81 -26.86
CA GLU C 133 -27.61 -19.36 -26.82
C GLU C 133 -28.52 -18.74 -27.88
N LEU C 134 -29.45 -17.91 -27.41
CA LEU C 134 -30.46 -17.34 -28.29
C LEU C 134 -30.36 -15.83 -28.19
N LYS C 135 -30.70 -15.14 -29.27
CA LYS C 135 -30.62 -13.69 -29.35
C LYS C 135 -31.89 -13.14 -29.98
N ASN C 136 -32.51 -12.15 -29.31
CA ASN C 136 -33.70 -11.50 -29.84
C ASN C 136 -33.83 -10.13 -29.21
N GLY C 137 -34.56 -9.24 -29.88
CA GLY C 137 -34.92 -7.98 -29.26
C GLY C 137 -35.95 -8.18 -28.16
N GLU C 138 -35.94 -7.26 -27.20
CA GLU C 138 -36.79 -7.39 -26.03
C GLU C 138 -37.86 -6.29 -26.07
N ILE C 139 -39.08 -6.67 -25.72
CA ILE C 139 -40.21 -5.74 -25.78
C ILE C 139 -40.56 -5.22 -24.40
N ASP C 140 -41.01 -6.11 -23.51
CA ASP C 140 -41.44 -5.67 -22.19
C ASP C 140 -40.69 -6.43 -21.10
N THR C 141 -39.93 -5.68 -20.29
CA THR C 141 -39.24 -6.26 -19.14
C THR C 141 -39.81 -5.77 -17.82
N LEU C 142 -41.15 -5.64 -17.71
CA LEU C 142 -41.88 -5.05 -16.59
C LEU C 142 -41.20 -3.76 -16.15
N PRO C 143 -41.04 -2.78 -17.07
CA PRO C 143 -40.04 -1.72 -16.89
C PRO C 143 -40.33 -0.74 -15.76
N GLU C 144 -41.53 -0.85 -15.21
CA GLU C 144 -41.92 -0.11 -14.01
C GLU C 144 -41.10 -0.53 -12.81
N GLU C 145 -40.57 -1.76 -12.82
CA GLU C 145 -39.89 -2.31 -11.67
C GLU C 145 -38.50 -2.85 -11.97
N ILE C 146 -38.30 -3.56 -13.07
CA ILE C 146 -37.02 -4.11 -13.45
C ILE C 146 -36.14 -3.06 -14.12
N VAL C 147 -36.71 -2.25 -15.01
CA VAL C 147 -35.96 -1.27 -15.76
C VAL C 147 -35.66 -0.09 -14.83
N ASN C 148 -36.66 0.26 -14.01
CA ASN C 148 -36.54 1.42 -13.12
C ASN C 148 -35.92 1.02 -11.79
N VAL C 149 -34.72 1.52 -11.49
CA VAL C 149 -34.16 1.34 -10.16
C VAL C 149 -34.46 2.60 -9.34
N SER C 150 -35.28 2.44 -8.30
CA SER C 150 -35.78 3.58 -7.55
C SER C 150 -35.30 3.59 -6.11
N LYS C 151 -35.03 4.77 -5.55
CA LYS C 151 -34.66 4.84 -4.13
C LYS C 151 -35.85 4.79 -3.19
N GLY C 152 -37.01 5.32 -3.56
CA GLY C 152 -38.15 5.35 -2.68
C GLY C 152 -38.16 6.56 -1.76
N GLY C 153 -37.28 7.51 -2.02
CA GLY C 153 -37.13 8.68 -1.18
C GLY C 153 -38.30 9.64 -1.34
N TYR C 154 -38.95 9.94 -0.22
CA TYR C 154 -40.07 10.87 -0.15
C TYR C 154 -39.55 12.21 0.39
N ASP C 155 -39.63 13.24 -0.46
CA ASP C 155 -38.78 14.42 -0.28
C ASP C 155 -39.17 15.34 0.87
N PHE C 156 -40.46 15.42 1.21
CA PHE C 156 -41.04 16.02 2.42
C PHE C 156 -42.22 15.16 2.89
N GLN C 157 -42.04 14.56 4.06
CA GLN C 157 -43.14 14.18 4.94
C GLN C 157 -42.65 14.43 6.37
N GLN C 158 -42.05 15.60 6.61
CA GLN C 158 -41.29 15.78 7.86
C GLN C 158 -42.13 15.51 9.12
N PRO C 159 -43.27 16.17 9.38
CA PRO C 159 -44.09 15.71 10.51
C PRO C 159 -44.99 14.53 10.19
N GLY C 160 -45.04 13.51 11.05
CA GLY C 160 -45.75 12.31 10.68
C GLY C 160 -45.20 11.46 9.56
N GLN C 161 -43.87 11.38 9.40
CA GLN C 161 -43.32 10.49 8.38
C GLN C 161 -43.65 9.04 8.68
N THR C 162 -43.51 8.64 9.96
CA THR C 162 -43.86 7.32 10.49
C THR C 162 -43.28 6.19 9.63
N THR C 163 -41.95 6.10 9.61
CA THR C 163 -41.31 5.25 8.62
C THR C 163 -40.45 4.21 9.34
N GLY C 164 -40.36 3.02 8.73
CA GLY C 164 -39.45 2.00 9.20
C GLY C 164 -38.05 2.17 8.66
N GLU C 165 -37.17 1.19 8.91
CA GLU C 165 -35.78 1.29 8.49
C GLU C 165 -35.67 1.42 6.97
N ALA C 166 -36.65 0.86 6.25
CA ALA C 166 -36.67 0.87 4.79
C ALA C 166 -37.25 2.19 4.30
N PRO C 167 -36.96 2.58 3.07
CA PRO C 167 -37.01 3.99 2.68
C PRO C 167 -38.43 4.48 2.41
N GLY C 168 -39.07 4.90 3.49
CA GLY C 168 -40.29 5.69 3.41
C GLY C 168 -41.60 4.94 3.35
N THR C 169 -42.23 4.69 4.49
CA THR C 169 -43.58 4.15 4.50
C THR C 169 -44.54 5.17 5.10
N VAL C 170 -45.81 4.99 4.76
CA VAL C 170 -46.90 5.84 5.25
C VAL C 170 -47.06 5.59 6.75
N PRO C 171 -47.67 6.52 7.51
CA PRO C 171 -47.83 6.28 8.95
C PRO C 171 -48.79 5.14 9.24
N ALA C 172 -48.45 4.34 10.25
CA ALA C 172 -49.12 3.09 10.59
C ALA C 172 -49.15 2.10 9.42
N PRO D 1 9.75 3.76 -30.02
CA PRO D 1 9.30 2.64 -30.85
C PRO D 1 7.79 2.52 -30.98
N ILE D 2 7.32 1.54 -31.75
CA ILE D 2 5.89 1.29 -31.92
C ILE D 2 5.30 1.02 -30.55
N MET D 3 4.27 1.77 -30.20
CA MET D 3 3.63 1.67 -28.89
C MET D 3 2.53 0.63 -28.92
N GLY D 4 1.90 0.43 -27.75
CA GLY D 4 0.75 -0.46 -27.64
C GLY D 4 -0.46 -0.02 -28.43
N GLN D 5 -0.68 1.28 -28.57
CA GLN D 5 -1.71 1.82 -29.44
C GLN D 5 -1.33 1.74 -30.90
N ASP D 6 -0.06 1.48 -31.21
CA ASP D 6 0.44 1.55 -32.57
C ASP D 6 -0.11 0.48 -33.49
N VAL D 7 -0.39 -0.73 -33.00
CA VAL D 7 -0.89 -1.82 -33.83
C VAL D 7 -2.37 -2.01 -33.53
N LYS D 8 -3.21 -1.90 -34.55
CA LYS D 8 -4.64 -2.15 -34.35
C LYS D 8 -5.11 -3.26 -35.28
N TYR D 9 -6.17 -3.95 -34.84
CA TYR D 9 -6.58 -5.23 -35.40
C TYR D 9 -7.88 -5.05 -36.17
N LEU D 10 -7.77 -4.97 -37.49
CA LEU D 10 -8.96 -4.88 -38.34
C LEU D 10 -9.53 -6.28 -38.54
N PHE D 11 -10.86 -6.38 -38.61
CA PHE D 11 -11.54 -7.63 -38.88
C PHE D 11 -12.57 -7.44 -39.97
N GLN D 12 -12.63 -8.39 -40.90
CA GLN D 12 -13.71 -8.42 -41.87
C GLN D 12 -14.16 -9.86 -42.07
N SER D 13 -15.47 -10.04 -42.20
CA SER D 13 -16.04 -11.36 -42.41
C SER D 13 -15.84 -11.83 -43.85
N ILE D 14 -15.83 -13.14 -44.03
CA ILE D 14 -15.65 -13.70 -45.37
C ILE D 14 -16.81 -13.38 -46.29
N ASP D 15 -18.05 -13.54 -45.84
CA ASP D 15 -19.21 -13.42 -46.69
C ASP D 15 -19.70 -11.98 -46.84
N ALA D 16 -19.11 -11.04 -46.09
CA ALA D 16 -19.61 -9.67 -46.13
C ALA D 16 -19.45 -9.05 -47.52
N ALA D 17 -18.33 -9.37 -48.18
CA ALA D 17 -17.92 -8.77 -49.47
C ALA D 17 -18.10 -7.26 -49.48
N THR D 18 -17.68 -6.61 -48.40
CA THR D 18 -17.77 -5.16 -48.23
C THR D 18 -16.46 -4.53 -48.63
N GLY D 19 -16.49 -3.22 -48.89
CA GLY D 19 -15.29 -2.50 -49.30
C GLY D 19 -14.55 -1.85 -48.15
N SER D 20 -15.00 -2.10 -46.92
CA SER D 20 -14.38 -1.48 -45.76
C SER D 20 -14.45 -2.38 -44.53
N ALA D 21 -13.34 -2.48 -43.78
CA ALA D 21 -13.13 -3.37 -42.64
C ALA D 21 -13.52 -2.72 -41.32
N PRO D 22 -14.43 -3.32 -40.53
CA PRO D 22 -14.79 -2.71 -39.25
C PRO D 22 -13.71 -2.89 -38.20
N LEU D 23 -13.32 -1.80 -37.56
CA LEU D 23 -12.47 -1.87 -36.39
C LEU D 23 -13.27 -1.41 -35.18
N PHE D 24 -13.24 -2.21 -34.13
CA PHE D 24 -14.21 -1.94 -33.10
C PHE D 24 -13.62 -0.99 -32.04
N PRO D 25 -14.40 -0.06 -31.50
CA PRO D 25 -13.86 0.84 -30.48
C PRO D 25 -13.75 0.18 -29.12
N ALA D 26 -13.14 0.93 -28.20
CA ALA D 26 -12.91 0.55 -26.80
C ALA D 26 -12.11 -0.75 -26.71
N TYR D 27 -11.04 -0.82 -27.50
CA TYR D 27 -10.11 -1.94 -27.43
C TYR D 27 -9.32 -1.89 -26.12
N GLN D 28 -9.21 -3.07 -25.51
CA GLN D 28 -8.48 -3.25 -24.27
C GLN D 28 -7.12 -3.83 -24.69
N THR D 29 -6.88 -5.10 -24.40
CA THR D 29 -5.62 -5.72 -24.75
C THR D 29 -5.83 -6.92 -25.66
N ASP D 30 -4.71 -7.48 -26.11
CA ASP D 30 -4.68 -8.40 -27.23
C ASP D 30 -3.36 -9.14 -27.18
N GLY D 31 -3.45 -10.46 -27.24
CA GLY D 31 -2.27 -11.27 -27.42
C GLY D 31 -2.34 -12.09 -28.67
N SER D 32 -1.26 -12.11 -29.44
CA SER D 32 -1.13 -12.96 -30.61
C SER D 32 -0.05 -13.97 -30.24
N VAL D 33 -0.48 -15.17 -29.86
CA VAL D 33 0.42 -16.19 -29.35
C VAL D 33 0.63 -17.24 -30.44
N SER D 34 1.88 -17.42 -30.85
CA SER D 34 2.25 -18.15 -32.05
C SER D 34 3.39 -19.08 -31.70
N GLY D 35 3.05 -20.27 -31.19
CA GLY D 35 4.08 -21.21 -30.80
C GLY D 35 4.59 -22.05 -31.95
N GLU D 36 5.91 -22.06 -32.13
CA GLU D 36 6.55 -22.81 -33.22
C GLU D 36 7.23 -24.02 -32.60
N ARG D 37 6.48 -25.11 -32.49
CA ARG D 37 6.96 -26.31 -31.81
C ARG D 37 8.19 -26.87 -32.54
N GLU D 38 8.68 -28.01 -32.06
CA GLU D 38 9.97 -28.54 -32.45
C GLU D 38 9.96 -30.06 -32.26
N LEU D 39 10.64 -30.76 -33.17
CA LEU D 39 10.72 -32.21 -33.16
C LEU D 39 11.69 -32.68 -32.09
N PHE D 40 11.60 -33.97 -31.77
CA PHE D 40 12.57 -34.63 -30.90
C PHE D 40 13.45 -35.60 -31.69
N ASP D 41 14.47 -35.05 -32.34
CA ASP D 41 15.68 -35.77 -32.69
C ASP D 41 16.81 -35.31 -31.77
N GLU D 42 17.05 -36.08 -30.71
CA GLU D 42 18.14 -35.80 -29.79
C GLU D 42 19.51 -36.01 -30.42
N GLN D 43 19.56 -36.71 -31.57
CA GLN D 43 20.78 -37.16 -32.24
C GLN D 43 21.61 -38.10 -31.36
N THR D 44 20.91 -38.94 -30.57
CA THR D 44 21.45 -39.69 -29.43
C THR D 44 22.46 -38.87 -28.64
N LYS D 45 22.03 -37.66 -28.23
CA LYS D 45 22.90 -36.73 -27.52
C LYS D 45 22.34 -36.46 -26.12
N ASN D 46 21.48 -35.45 -25.99
CA ASN D 46 20.85 -35.13 -24.72
C ASN D 46 19.48 -34.48 -24.89
N GLY D 47 18.77 -34.77 -25.98
CA GLY D 47 17.46 -34.19 -26.22
C GLY D 47 17.59 -32.82 -26.87
N ARG D 48 18.60 -32.67 -27.71
CA ARG D 48 18.86 -31.42 -28.39
C ARG D 48 18.34 -31.54 -29.82
N ILE D 49 17.44 -30.64 -30.21
CA ILE D 49 16.88 -30.62 -31.55
C ILE D 49 16.84 -29.20 -32.08
N LEU D 50 17.29 -29.00 -33.32
CA LEU D 50 17.23 -27.70 -33.96
C LEU D 50 16.18 -27.64 -35.07
N GLY D 51 15.23 -28.59 -35.05
CA GLY D 51 14.30 -28.78 -36.14
C GLY D 51 12.87 -28.39 -35.81
N PRO D 52 12.06 -28.18 -36.85
CA PRO D 52 10.69 -27.70 -36.62
C PRO D 52 9.74 -28.78 -36.14
N GLY D 53 8.63 -28.34 -35.55
CA GLY D 53 7.62 -29.24 -35.03
C GLY D 53 6.28 -28.89 -35.62
N SER D 54 5.70 -27.81 -35.09
CA SER D 54 4.40 -27.36 -35.58
C SER D 54 4.14 -25.91 -35.13
N VAL D 55 3.12 -25.31 -35.72
CA VAL D 55 2.76 -23.93 -35.45
C VAL D 55 1.42 -23.89 -34.72
N ALA D 56 1.46 -23.41 -33.48
CA ALA D 56 0.26 -23.19 -32.68
C ALA D 56 -0.04 -21.71 -32.68
N ASP D 57 -0.80 -21.26 -33.68
CA ASP D 57 -1.02 -19.84 -33.91
C ASP D 57 -2.43 -19.50 -33.44
N SER D 58 -2.50 -18.81 -32.30
CA SER D 58 -3.74 -18.41 -31.67
C SER D 58 -3.64 -16.97 -31.19
N GLY D 59 -4.81 -16.36 -30.99
CA GLY D 59 -4.87 -15.02 -30.46
C GLY D 59 -6.08 -14.81 -29.58
N GLU D 60 -5.99 -13.85 -28.67
CA GLU D 60 -7.14 -13.48 -27.83
C GLU D 60 -7.29 -11.96 -27.93
N VAL D 61 -8.52 -11.51 -28.06
CA VAL D 61 -8.83 -10.09 -28.21
C VAL D 61 -9.82 -9.69 -27.15
N THR D 62 -9.49 -8.69 -26.35
CA THR D 62 -10.43 -8.17 -25.37
C THR D 62 -10.86 -6.76 -25.77
N TYR D 63 -12.14 -6.45 -25.55
CA TYR D 63 -12.64 -5.11 -25.79
C TYR D 63 -13.87 -4.87 -24.90
N TYR D 64 -14.26 -3.60 -24.79
CA TYR D 64 -15.46 -3.20 -24.06
C TYR D 64 -16.65 -3.25 -25.01
N GLY D 65 -17.78 -3.73 -24.51
CA GLY D 65 -18.96 -3.90 -25.35
C GLY D 65 -19.68 -2.62 -25.71
N LYS D 66 -20.11 -2.51 -26.96
CA LYS D 66 -20.91 -1.38 -27.40
C LYS D 66 -22.27 -1.89 -27.89
N ARG D 67 -23.30 -1.06 -27.72
CA ARG D 67 -24.67 -1.47 -28.00
C ARG D 67 -24.89 -1.92 -29.45
N GLY D 68 -24.28 -1.26 -30.42
CA GLY D 68 -24.38 -1.68 -31.80
C GLY D 68 -22.99 -1.93 -32.38
N ASP D 69 -22.70 -1.23 -33.48
CA ASP D 69 -21.37 -1.13 -34.09
C ASP D 69 -20.91 -2.49 -34.63
N ALA D 70 -20.40 -2.45 -35.86
CA ALA D 70 -20.35 -3.59 -36.77
C ALA D 70 -19.15 -4.52 -36.68
N GLY D 71 -18.13 -4.18 -35.87
CA GLY D 71 -17.09 -5.15 -35.55
C GLY D 71 -17.54 -6.19 -34.53
N GLN D 72 -18.20 -5.74 -33.46
CA GLN D 72 -18.83 -6.67 -32.55
C GLN D 72 -20.05 -7.34 -33.16
N LYS D 73 -20.82 -6.62 -34.00
CA LYS D 73 -21.88 -7.27 -34.75
C LYS D 73 -21.33 -8.28 -35.75
N ALA D 74 -20.24 -7.94 -36.45
CA ALA D 74 -19.54 -8.95 -37.23
C ALA D 74 -18.91 -9.99 -36.32
N ILE D 75 -18.50 -9.58 -35.12
CA ILE D 75 -18.01 -10.52 -34.11
C ILE D 75 -19.10 -11.53 -33.76
N GLU D 76 -20.30 -11.03 -33.42
CA GLU D 76 -21.38 -11.92 -33.02
C GLU D 76 -21.98 -12.67 -34.20
N ASP D 77 -22.18 -12.01 -35.34
CA ASP D 77 -22.52 -12.74 -36.56
C ASP D 77 -21.48 -13.78 -36.91
N ALA D 78 -20.19 -13.42 -36.84
CA ALA D 78 -19.16 -14.43 -37.05
C ALA D 78 -19.24 -15.54 -36.02
N TYR D 79 -19.36 -15.17 -34.74
CA TYR D 79 -19.32 -16.18 -33.67
C TYR D 79 -20.50 -17.14 -33.75
N GLN D 80 -21.72 -16.59 -33.80
CA GLN D 80 -22.92 -17.39 -33.60
C GLN D 80 -23.27 -18.23 -34.82
N ASN D 81 -22.97 -17.74 -36.02
CA ASN D 81 -23.11 -18.57 -37.21
C ASN D 81 -21.85 -19.40 -37.45
N GLY D 82 -20.81 -19.16 -36.67
CA GLY D 82 -19.57 -19.89 -36.78
C GLY D 82 -18.81 -19.57 -38.05
N LYS D 83 -19.01 -18.37 -38.56
CA LYS D 83 -18.37 -17.86 -39.78
C LYS D 83 -16.89 -17.69 -39.46
N GLN D 84 -16.04 -17.93 -40.45
CA GLN D 84 -14.63 -17.58 -40.39
C GLN D 84 -14.49 -16.07 -40.54
N ILE D 85 -13.59 -15.47 -39.78
CA ILE D 85 -13.36 -14.03 -39.85
C ILE D 85 -11.98 -13.74 -40.39
N LYS D 86 -11.91 -12.80 -41.32
CA LYS D 86 -10.64 -12.37 -41.89
C LYS D 86 -10.03 -11.30 -40.98
N PHE D 87 -8.79 -11.53 -40.57
CA PHE D 87 -8.12 -10.82 -39.49
C PHE D 87 -6.91 -10.09 -40.02
N TRP D 88 -6.85 -8.78 -39.75
CA TRP D 88 -5.77 -7.89 -40.18
C TRP D 88 -5.19 -7.21 -38.95
N ARG D 89 -3.91 -7.47 -38.66
CA ARG D 89 -3.20 -6.75 -37.61
C ARG D 89 -2.26 -5.77 -38.28
N VAL D 90 -2.65 -4.50 -38.28
CA VAL D 90 -1.90 -3.50 -39.02
C VAL D 90 -1.46 -2.39 -38.07
N ASP D 91 -0.34 -1.78 -38.42
CA ASP D 91 0.22 -0.69 -37.64
C ASP D 91 -0.53 0.61 -37.92
N THR D 92 -0.26 1.61 -37.08
CA THR D 92 -0.92 2.91 -37.15
C THR D 92 0.01 4.00 -37.63
N VAL D 93 1.32 3.88 -37.39
CA VAL D 93 2.27 4.86 -37.89
C VAL D 93 2.43 4.72 -39.40
N LYS D 94 3.02 5.73 -40.01
CA LYS D 94 3.13 5.80 -41.46
C LYS D 94 4.46 5.20 -41.91
N ASN D 95 4.42 3.99 -42.46
CA ASN D 95 5.58 3.39 -43.08
C ASN D 95 5.94 4.14 -44.36
N GLU D 96 7.18 3.94 -44.81
CA GLU D 96 7.67 4.65 -45.98
C GLU D 96 7.58 3.86 -47.27
N ASN D 97 7.31 2.55 -47.21
CA ASN D 97 6.97 1.81 -48.42
C ASN D 97 5.46 1.72 -48.60
N ASP D 98 4.82 0.78 -47.92
CA ASP D 98 3.37 0.76 -47.80
C ASP D 98 2.95 1.89 -46.89
N LYS D 99 1.69 2.30 -47.00
CA LYS D 99 1.13 3.27 -46.05
C LYS D 99 1.34 2.80 -44.62
N TYR D 100 1.03 1.52 -44.36
CA TYR D 100 1.21 0.91 -43.06
C TYR D 100 1.80 -0.47 -43.28
N ASP D 101 1.87 -1.27 -42.22
CA ASP D 101 2.38 -2.63 -42.33
C ASP D 101 1.57 -3.55 -41.44
N ALA D 102 1.34 -4.76 -41.93
CA ALA D 102 0.31 -5.62 -41.37
C ALA D 102 0.85 -7.03 -41.21
N GLN D 103 0.40 -7.68 -40.12
CA GLN D 103 0.38 -9.13 -40.02
C GLN D 103 -1.07 -9.55 -40.14
N PHE D 104 -1.35 -10.51 -41.01
CA PHE D 104 -2.69 -10.80 -41.51
C PHE D 104 -2.95 -12.30 -41.45
N GLY D 105 -4.24 -12.65 -41.38
CA GLY D 105 -4.59 -14.05 -41.52
C GLY D 105 -6.08 -14.25 -41.58
N PHE D 106 -6.47 -15.48 -41.93
CA PHE D 106 -7.85 -15.93 -41.81
C PHE D 106 -7.98 -16.60 -40.44
N ALA D 107 -9.02 -16.23 -39.71
CA ALA D 107 -9.16 -16.61 -38.32
C ALA D 107 -10.56 -17.12 -38.02
N TYR D 108 -10.66 -17.86 -36.91
CA TYR D 108 -11.88 -18.54 -36.51
C TYR D 108 -12.09 -18.33 -35.02
N ILE D 109 -13.29 -17.92 -34.63
CA ILE D 109 -13.60 -17.70 -33.22
C ILE D 109 -13.57 -19.01 -32.48
N GLU D 110 -12.69 -19.12 -31.49
CA GLU D 110 -12.63 -20.34 -30.69
C GLU D 110 -13.41 -20.26 -29.39
N SER D 111 -13.51 -19.09 -28.76
CA SER D 111 -14.34 -18.94 -27.58
C SER D 111 -14.67 -17.47 -27.39
N ARG D 112 -15.86 -17.21 -26.86
CA ARG D 112 -16.33 -15.87 -26.52
C ARG D 112 -16.59 -15.91 -25.03
N GLU D 113 -16.26 -14.80 -24.37
CA GLU D 113 -16.39 -14.66 -22.92
C GLU D 113 -17.03 -13.30 -22.67
N TYR D 114 -18.18 -13.29 -22.00
CA TYR D 114 -18.84 -12.05 -21.65
C TYR D 114 -18.72 -11.78 -20.16
N SER D 115 -18.08 -10.66 -19.83
CA SER D 115 -17.93 -10.21 -18.47
C SER D 115 -18.94 -9.13 -18.15
N ASP D 116 -19.70 -9.36 -17.10
CA ASP D 116 -20.55 -8.36 -16.46
C ASP D 116 -20.11 -8.28 -15.00
N GLY D 117 -19.53 -7.16 -14.61
CA GLY D 117 -19.16 -6.91 -13.24
C GLY D 117 -20.06 -5.88 -12.59
N VAL D 118 -19.74 -5.53 -11.35
CA VAL D 118 -20.47 -4.50 -10.62
C VAL D 118 -20.02 -3.11 -11.04
N GLU D 119 -18.71 -2.89 -11.18
CA GLU D 119 -18.22 -1.67 -11.80
C GLU D 119 -17.73 -1.89 -13.22
N GLY D 120 -17.67 -0.84 -14.03
CA GLY D 120 -16.97 -0.91 -15.29
C GLY D 120 -17.91 -1.38 -16.37
N ALA D 121 -17.76 -0.86 -17.58
CA ALA D 121 -18.67 -1.22 -18.67
C ALA D 121 -18.41 -2.64 -19.14
N VAL D 122 -19.36 -3.16 -19.92
CA VAL D 122 -19.36 -4.57 -20.29
C VAL D 122 -18.02 -4.95 -20.90
N GLU D 123 -17.59 -6.18 -20.67
CA GLU D 123 -16.28 -6.61 -21.14
C GLU D 123 -16.41 -7.87 -21.99
N ILE D 124 -15.78 -7.84 -23.16
CA ILE D 124 -15.84 -8.95 -24.09
C ILE D 124 -14.42 -9.44 -24.36
N SER D 125 -14.16 -10.67 -23.97
CA SER D 125 -12.94 -11.38 -24.34
C SER D 125 -13.31 -12.41 -25.39
N ILE D 126 -12.65 -12.37 -26.54
CA ILE D 126 -12.87 -13.34 -27.61
C ILE D 126 -11.57 -14.08 -27.86
N SER D 127 -11.62 -15.40 -27.74
CA SER D 127 -10.47 -16.27 -27.93
C SER D 127 -10.57 -16.97 -29.27
N LEU D 128 -9.51 -16.83 -30.06
CA LEU D 128 -9.49 -17.30 -31.44
C LEU D 128 -8.16 -17.97 -31.74
N GLN D 129 -8.12 -18.73 -32.83
CA GLN D 129 -6.87 -19.21 -33.40
C GLN D 129 -6.76 -18.66 -34.80
N VAL D 130 -5.57 -18.67 -35.36
CA VAL D 130 -5.38 -18.26 -36.75
C VAL D 130 -4.72 -19.41 -37.50
N ILE D 131 -5.29 -19.75 -38.66
CA ILE D 131 -4.84 -20.93 -39.40
C ILE D 131 -3.43 -20.70 -39.95
N GLY D 132 -3.25 -19.60 -40.65
CA GLY D 132 -1.94 -19.26 -41.18
C GLY D 132 -1.56 -17.84 -40.87
N GLU D 133 -0.43 -17.66 -40.19
CA GLU D 133 0.11 -16.34 -39.95
C GLU D 133 0.71 -15.76 -41.22
N LEU D 134 0.18 -14.60 -41.62
CA LEU D 134 0.57 -13.99 -42.88
C LEU D 134 1.10 -12.59 -42.57
N LYS D 135 2.03 -12.12 -43.40
CA LYS D 135 2.66 -10.82 -43.20
C LYS D 135 2.71 -10.09 -44.53
N ASN D 136 2.24 -8.83 -44.55
CA ASN D 136 2.30 -8.01 -45.75
C ASN D 136 2.24 -6.55 -45.34
N GLY D 137 2.72 -5.67 -46.21
CA GLY D 137 2.52 -4.24 -46.01
C GLY D 137 1.07 -3.86 -46.24
N GLU D 138 0.66 -2.79 -45.59
CA GLU D 138 -0.73 -2.36 -45.62
C GLU D 138 -0.84 -1.05 -46.38
N ILE D 139 -1.87 -0.95 -47.21
CA ILE D 139 -2.04 0.23 -48.06
C ILE D 139 -3.12 1.15 -47.50
N ASP D 140 -4.36 0.68 -47.45
CA ASP D 140 -5.45 1.52 -46.99
C ASP D 140 -6.21 0.87 -45.85
N THR D 141 -6.18 1.53 -44.68
CA THR D 141 -6.95 1.08 -43.53
C THR D 141 -8.09 2.02 -43.18
N LEU D 142 -8.79 2.56 -44.19
CA LEU D 142 -9.83 3.57 -44.07
C LEU D 142 -9.36 4.68 -43.13
N PRO D 143 -8.21 5.31 -43.42
CA PRO D 143 -7.45 6.04 -42.38
C PRO D 143 -8.12 7.30 -41.86
N GLU D 144 -9.20 7.70 -42.53
CA GLU D 144 -10.06 8.78 -42.08
C GLU D 144 -10.75 8.43 -40.77
N GLU D 145 -10.92 7.15 -40.49
CA GLU D 145 -11.68 6.71 -39.33
C GLU D 145 -10.95 5.72 -38.43
N ILE D 146 -10.23 4.75 -38.99
CA ILE D 146 -9.49 3.77 -38.22
C ILE D 146 -8.15 4.31 -37.77
N VAL D 147 -7.45 5.01 -38.66
CA VAL D 147 -6.12 5.52 -38.37
C VAL D 147 -6.27 6.74 -37.47
N ASN D 148 -7.28 7.57 -37.77
CA ASN D 148 -7.49 8.81 -37.03
C ASN D 148 -8.37 8.58 -35.80
N VAL D 149 -7.82 8.76 -34.61
CA VAL D 149 -8.65 8.75 -33.41
C VAL D 149 -8.98 10.19 -33.04
N SER D 150 -10.25 10.55 -33.14
CA SER D 150 -10.68 11.93 -32.98
C SER D 150 -11.57 12.14 -31.76
N LYS D 151 -11.44 13.29 -31.09
CA LYS D 151 -12.33 13.59 -29.98
C LYS D 151 -13.69 14.12 -30.40
N GLY D 152 -13.79 14.86 -31.50
CA GLY D 152 -15.04 15.46 -31.92
C GLY D 152 -15.33 16.79 -31.25
N GLY D 153 -14.33 17.34 -30.59
CA GLY D 153 -14.48 18.58 -29.86
C GLY D 153 -14.60 19.78 -30.79
N TYR D 154 -15.69 20.51 -30.65
CA TYR D 154 -15.97 21.72 -31.40
C TYR D 154 -15.64 22.93 -30.54
N ASP D 155 -14.62 23.71 -30.96
CA ASP D 155 -13.90 24.60 -30.04
C ASP D 155 -14.67 25.83 -29.59
N PHE D 156 -15.56 26.37 -30.44
CA PHE D 156 -16.58 27.39 -30.15
C PHE D 156 -17.85 27.06 -30.94
N GLN D 157 -18.90 26.74 -30.18
CA GLN D 157 -20.28 26.92 -30.61
C GLN D 157 -21.06 27.35 -29.37
N GLN D 158 -20.52 28.31 -28.60
CA GLN D 158 -21.05 28.56 -27.27
C GLN D 158 -22.56 28.86 -27.25
N PRO D 159 -23.10 29.87 -27.95
CA PRO D 159 -24.56 29.97 -28.01
C PRO D 159 -25.19 29.07 -29.07
N GLY D 160 -26.26 28.35 -28.73
CA GLY D 160 -26.78 27.36 -29.65
C GLY D 160 -25.94 26.13 -29.94
N GLN D 161 -25.17 25.63 -28.97
CA GLN D 161 -24.42 24.40 -29.20
C GLN D 161 -25.36 23.23 -29.45
N THR D 162 -26.43 23.14 -28.65
CA THR D 162 -27.50 22.14 -28.77
C THR D 162 -26.96 20.71 -28.93
N THR D 163 -26.30 20.23 -27.88
CA THR D 163 -25.51 19.01 -28.01
C THR D 163 -26.02 17.98 -27.03
N GLY D 164 -25.95 16.70 -27.43
CA GLY D 164 -26.23 15.59 -26.54
C GLY D 164 -25.04 15.22 -25.69
N GLU D 165 -25.15 14.12 -24.94
CA GLU D 165 -24.08 13.68 -24.05
C GLU D 165 -22.79 13.40 -24.81
N ALA D 166 -22.92 13.02 -26.08
CA ALA D 166 -21.79 12.67 -26.93
C ALA D 166 -21.21 13.94 -27.54
N PRO D 167 -19.96 13.91 -27.97
CA PRO D 167 -19.16 15.14 -28.07
C PRO D 167 -19.48 15.95 -29.31
N GLY D 168 -20.50 16.80 -29.17
CA GLY D 168 -20.76 17.87 -30.13
C GLY D 168 -21.65 17.54 -31.31
N THR D 169 -22.95 17.77 -31.19
CA THR D 169 -23.83 17.69 -32.35
C THR D 169 -24.40 19.05 -32.67
N VAL D 170 -24.85 19.19 -33.92
CA VAL D 170 -25.47 20.40 -34.42
C VAL D 170 -26.82 20.58 -33.71
N PRO D 171 -27.38 21.81 -33.68
CA PRO D 171 -28.67 21.99 -33.01
C PRO D 171 -29.80 21.29 -33.75
N ALA D 172 -30.71 20.68 -32.98
CA ALA D 172 -31.78 19.81 -33.47
C ALA D 172 -31.24 18.63 -34.27
N PRO E 1 29.73 -6.59 -8.88
CA PRO E 1 29.77 -7.70 -9.84
C PRO E 1 29.05 -7.40 -11.15
N ILE E 2 29.06 -8.36 -12.08
CA ILE E 2 28.40 -8.23 -13.36
C ILE E 2 26.92 -7.97 -13.09
N MET E 3 26.41 -6.89 -13.65
CA MET E 3 25.03 -6.47 -13.44
C MET E 3 24.10 -7.13 -14.46
N GLY E 4 22.80 -6.85 -14.34
CA GLY E 4 21.82 -7.31 -15.29
C GLY E 4 21.99 -6.75 -16.69
N GLN E 5 22.46 -5.51 -16.81
CA GLN E 5 22.82 -4.92 -18.08
C GLN E 5 24.14 -5.46 -18.62
N ASP E 6 24.92 -6.15 -17.79
CA ASP E 6 26.26 -6.56 -18.15
C ASP E 6 26.31 -7.62 -19.23
N VAL E 7 25.35 -8.53 -19.32
CA VAL E 7 25.36 -9.60 -20.31
C VAL E 7 24.31 -9.28 -21.35
N LYS E 8 24.72 -9.18 -22.62
CA LYS E 8 23.76 -8.95 -23.70
C LYS E 8 23.85 -10.07 -24.72
N TYR E 9 22.74 -10.29 -25.40
CA TYR E 9 22.49 -11.49 -26.19
C TYR E 9 22.51 -11.12 -27.67
N LEU E 10 23.63 -11.40 -28.33
CA LEU E 10 23.72 -11.20 -29.77
C LEU E 10 23.09 -12.38 -30.50
N PHE E 11 22.44 -12.10 -31.63
CA PHE E 11 21.86 -13.13 -32.47
C PHE E 11 22.27 -12.91 -33.92
N GLN E 12 22.62 -14.00 -34.59
CA GLN E 12 22.83 -13.94 -36.03
C GLN E 12 22.24 -15.20 -36.66
N SER E 13 21.61 -15.02 -37.82
CA SER E 13 21.00 -16.13 -38.55
C SER E 13 22.08 -16.96 -39.25
N ILE E 14 21.75 -18.23 -39.49
CA ILE E 14 22.68 -19.13 -40.16
C ILE E 14 22.95 -18.72 -41.60
N ASP E 15 21.90 -18.40 -42.36
CA ASP E 15 22.04 -18.16 -43.79
C ASP E 15 22.43 -16.72 -44.10
N ALA E 16 22.49 -15.84 -43.12
CA ALA E 16 22.75 -14.43 -43.40
C ALA E 16 24.14 -14.25 -43.99
N ALA E 17 25.12 -15.02 -43.49
CA ALA E 17 26.56 -14.91 -43.83
C ALA E 17 27.02 -13.45 -43.83
N THR E 18 26.62 -12.71 -42.80
CA THR E 18 26.97 -11.30 -42.63
C THR E 18 28.17 -11.20 -41.72
N GLY E 19 28.83 -10.04 -41.74
CA GLY E 19 30.01 -9.82 -40.93
C GLY E 19 29.72 -9.15 -39.61
N SER E 20 28.44 -8.96 -39.29
CA SER E 20 28.06 -8.28 -38.05
C SER E 20 26.74 -8.80 -37.52
N ALA E 21 26.68 -9.03 -36.20
CA ALA E 21 25.56 -9.63 -35.46
C ALA E 21 24.57 -8.59 -34.96
N PRO E 22 23.27 -8.70 -35.32
CA PRO E 22 22.31 -7.72 -34.82
C PRO E 22 21.96 -7.94 -33.35
N LEU E 23 22.06 -6.89 -32.55
CA LEU E 23 21.53 -6.91 -31.21
C LEU E 23 20.34 -5.96 -31.12
N PHE E 24 19.25 -6.45 -30.58
CA PHE E 24 18.05 -5.67 -30.75
C PHE E 24 17.86 -4.71 -29.57
N PRO E 25 17.37 -3.50 -29.81
CA PRO E 25 17.18 -2.56 -28.69
C PRO E 25 15.93 -2.87 -27.88
N ALA E 26 15.79 -2.13 -26.79
CA ALA E 26 14.67 -2.22 -25.84
C ALA E 26 14.53 -3.63 -25.27
N TYR E 27 15.66 -4.20 -24.87
CA TYR E 27 15.66 -5.48 -24.18
C TYR E 27 15.05 -5.36 -22.79
N GLN E 28 14.20 -6.32 -22.46
CA GLN E 28 13.53 -6.39 -21.19
C GLN E 28 14.33 -7.43 -20.40
N THR E 29 13.75 -8.60 -20.16
CA THR E 29 14.44 -9.64 -19.39
C THR E 29 14.61 -10.91 -20.22
N ASP E 30 15.33 -11.85 -19.62
CA ASP E 30 15.88 -12.98 -20.32
C ASP E 30 16.23 -14.04 -19.29
N GLY E 31 15.77 -15.26 -19.54
CA GLY E 31 16.20 -16.38 -18.77
C GLY E 31 16.85 -17.43 -19.64
N SER E 32 17.98 -17.95 -19.18
CA SER E 32 18.66 -19.06 -19.82
C SER E 32 18.54 -20.22 -18.84
N VAL E 33 17.60 -21.11 -19.12
CA VAL E 33 17.27 -22.19 -18.20
C VAL E 33 17.85 -23.49 -18.76
N SER E 34 18.73 -24.11 -17.99
CA SER E 34 19.60 -25.18 -18.45
C SER E 34 19.56 -26.30 -17.42
N GLY E 35 18.57 -27.18 -17.53
CA GLY E 35 18.42 -28.25 -16.57
C GLY E 35 19.28 -29.45 -16.89
N GLU E 36 20.08 -29.89 -15.93
CA GLU E 36 20.98 -31.03 -16.10
C GLU E 36 20.40 -32.21 -15.33
N ARG E 37 19.54 -32.97 -15.98
CA ARG E 37 18.82 -34.06 -15.33
C ARG E 37 19.79 -35.11 -14.80
N GLU E 38 19.25 -36.18 -14.26
CA GLU E 38 20.01 -37.15 -13.48
C GLU E 38 19.31 -38.50 -13.54
N LEU E 39 20.11 -39.56 -13.58
CA LEU E 39 19.61 -40.93 -13.66
C LEU E 39 19.09 -41.38 -12.31
N PHE E 40 18.33 -42.48 -12.33
CA PHE E 40 17.90 -43.16 -11.12
C PHE E 40 18.61 -44.50 -10.96
N ASP E 41 19.83 -44.45 -10.44
CA ASP E 41 20.45 -45.56 -9.72
C ASP E 41 20.46 -45.22 -8.23
N GLU E 42 19.46 -45.75 -7.52
CA GLU E 42 19.40 -45.59 -6.07
C GLU E 42 20.49 -46.32 -5.33
N GLN E 43 21.16 -47.27 -6.02
CA GLN E 43 22.15 -48.20 -5.45
C GLN E 43 21.52 -49.10 -4.39
N THR E 44 20.26 -49.48 -4.60
CA THR E 44 19.37 -50.06 -3.58
C THR E 44 19.55 -49.40 -2.22
N LYS E 45 19.46 -48.06 -2.21
CA LYS E 45 19.66 -47.27 -1.00
C LYS E 45 18.39 -46.52 -0.63
N ASN E 46 18.23 -45.31 -1.16
CA ASN E 46 17.02 -44.51 -0.90
C ASN E 46 16.70 -43.56 -2.05
N GLY E 47 17.09 -43.89 -3.27
CA GLY E 47 16.84 -43.03 -4.42
C GLY E 47 17.90 -41.96 -4.53
N ARG E 48 19.14 -42.32 -4.18
CA ARG E 48 20.25 -41.39 -4.22
C ARG E 48 21.06 -41.71 -5.47
N ILE E 49 21.24 -40.70 -6.33
CA ILE E 49 22.03 -40.85 -7.56
C ILE E 49 22.93 -39.64 -7.73
N LEU E 50 24.20 -39.90 -8.06
CA LEU E 50 25.16 -38.83 -8.33
C LEU E 50 25.51 -38.75 -9.81
N GLY E 51 24.68 -39.34 -10.69
CA GLY E 51 25.00 -39.51 -12.07
C GLY E 51 24.17 -38.65 -13.02
N PRO E 52 24.65 -38.49 -14.25
CA PRO E 52 23.96 -37.59 -15.18
C PRO E 52 22.71 -38.20 -15.81
N GLY E 53 21.85 -37.32 -16.32
CA GLY E 53 20.61 -37.73 -16.94
C GLY E 53 20.53 -37.17 -18.33
N SER E 54 20.21 -35.88 -18.39
CA SER E 54 20.11 -35.19 -19.67
C SER E 54 20.15 -33.68 -19.48
N VAL E 55 20.32 -32.97 -20.59
CA VAL E 55 20.43 -31.52 -20.58
C VAL E 55 19.20 -30.91 -21.25
N ALA E 56 18.42 -30.18 -20.47
CA ALA E 56 17.26 -29.44 -20.97
C ALA E 56 17.66 -27.97 -21.05
N ASP E 57 18.22 -27.59 -22.19
CA ASP E 57 18.81 -26.26 -22.35
C ASP E 57 17.85 -25.42 -23.20
N SER E 58 17.18 -24.48 -22.53
CA SER E 58 16.21 -23.61 -23.14
C SER E 58 16.40 -22.18 -22.64
N GLY E 59 15.88 -21.24 -23.41
CA GLY E 59 15.92 -19.85 -23.01
C GLY E 59 14.70 -19.09 -23.48
N GLU E 60 14.37 -18.00 -22.78
CA GLU E 60 13.28 -17.12 -23.20
C GLU E 60 13.83 -15.70 -23.23
N VAL E 61 13.47 -14.95 -24.26
CA VAL E 61 13.96 -13.59 -24.43
C VAL E 61 12.76 -12.68 -24.61
N THR E 62 12.67 -11.65 -23.77
CA THR E 62 11.63 -10.65 -23.93
C THR E 62 12.23 -9.32 -24.35
N TYR E 63 11.53 -8.62 -25.23
CA TYR E 63 11.95 -7.28 -25.65
C TYR E 63 10.73 -6.49 -26.11
N TYR E 64 10.89 -5.17 -26.23
CA TYR E 64 9.86 -4.28 -26.76
C TYR E 64 10.00 -4.21 -28.27
N GLY E 65 8.86 -4.20 -28.96
CA GLY E 65 8.87 -4.23 -30.41
C GLY E 65 9.26 -2.92 -31.07
N LYS E 66 10.06 -3.00 -32.13
CA LYS E 66 10.41 -1.82 -32.91
C LYS E 66 9.93 -2.03 -34.35
N ARG E 67 9.59 -0.91 -35.01
CA ARG E 67 8.97 -0.96 -36.32
C ARG E 67 9.83 -1.66 -37.37
N GLY E 68 11.14 -1.48 -37.36
CA GLY E 68 12.03 -2.17 -38.27
C GLY E 68 13.07 -2.94 -37.50
N ASP E 69 14.35 -2.65 -37.82
CA ASP E 69 15.53 -3.09 -37.07
C ASP E 69 15.69 -4.61 -37.14
N ALA E 70 16.92 -5.02 -37.43
CA ALA E 70 17.26 -6.31 -38.03
C ALA E 70 17.44 -7.51 -37.08
N GLY E 71 17.44 -7.29 -35.76
CA GLY E 71 17.36 -8.41 -34.84
C GLY E 71 15.97 -8.99 -34.73
N GLN E 72 14.95 -8.13 -34.61
CA GLN E 72 13.57 -8.58 -34.70
C GLN E 72 13.20 -8.99 -36.12
N LYS E 73 13.74 -8.32 -37.14
CA LYS E 73 13.56 -8.78 -38.50
C LYS E 73 14.26 -10.12 -38.73
N ALA E 74 15.47 -10.29 -38.21
CA ALA E 74 16.07 -11.62 -38.19
C ALA E 74 15.30 -12.55 -37.27
N ILE E 75 14.70 -11.99 -36.21
CA ILE E 75 13.82 -12.76 -35.34
C ILE E 75 12.63 -13.29 -36.13
N GLU E 76 11.94 -12.40 -36.85
CA GLU E 76 10.76 -12.81 -37.61
C GLU E 76 11.12 -13.63 -38.84
N ASP E 77 12.16 -13.23 -39.58
CA ASP E 77 12.67 -14.11 -40.64
C ASP E 77 13.09 -15.45 -40.09
N ALA E 78 13.80 -15.48 -38.97
CA ALA E 78 14.13 -16.76 -38.37
C ALA E 78 12.87 -17.51 -37.94
N TYR E 79 11.93 -16.83 -37.28
CA TYR E 79 10.76 -17.51 -36.75
C TYR E 79 9.88 -18.07 -37.85
N GLN E 80 9.51 -17.23 -38.82
CA GLN E 80 8.45 -17.57 -39.77
C GLN E 80 8.93 -18.55 -40.82
N ASN E 81 10.20 -18.47 -41.21
CA ASN E 81 10.76 -19.49 -42.09
C ASN E 81 11.28 -20.68 -41.30
N GLY E 82 11.28 -20.56 -39.98
CA GLY E 82 11.72 -21.63 -39.10
C GLY E 82 13.22 -21.86 -39.18
N LYS E 83 13.96 -20.81 -39.51
CA LYS E 83 15.41 -20.83 -39.63
C LYS E 83 15.97 -21.03 -38.22
N GLN E 84 17.10 -21.73 -38.11
CA GLN E 84 17.87 -21.81 -36.90
C GLN E 84 18.61 -20.48 -36.72
N ILE E 85 18.68 -20.00 -35.47
CA ILE E 85 19.38 -18.75 -35.19
C ILE E 85 20.60 -19.03 -34.33
N LYS E 86 21.71 -18.39 -34.71
CA LYS E 86 22.95 -18.50 -33.95
C LYS E 86 22.94 -17.47 -32.83
N PHE E 87 23.15 -17.95 -31.60
CA PHE E 87 22.89 -17.21 -30.37
C PHE E 87 24.20 -17.00 -29.61
N TRP E 88 24.48 -15.76 -29.27
CA TRP E 88 25.68 -15.35 -28.55
C TRP E 88 25.26 -14.59 -27.30
N ARG E 89 25.57 -15.14 -26.12
CA ARG E 89 25.37 -14.41 -24.86
C ARG E 89 26.72 -13.93 -24.38
N VAL E 90 26.99 -12.65 -24.56
CA VAL E 90 28.31 -12.12 -24.27
C VAL E 90 28.19 -11.00 -23.25
N ASP E 91 29.26 -10.84 -22.47
CA ASP E 91 29.31 -9.80 -21.46
C ASP E 91 29.63 -8.45 -22.09
N THR E 92 29.47 -7.40 -21.29
CA THR E 92 29.66 -6.02 -21.73
C THR E 92 30.91 -5.39 -21.12
N VAL E 93 31.33 -5.84 -19.94
CA VAL E 93 32.56 -5.32 -19.34
C VAL E 93 33.77 -5.87 -20.09
N LYS E 94 34.91 -5.25 -19.85
CA LYS E 94 36.14 -5.57 -20.58
C LYS E 94 36.94 -6.62 -19.82
N ASN E 95 36.90 -7.85 -20.29
CA ASN E 95 37.76 -8.90 -19.76
C ASN E 95 39.21 -8.62 -20.12
N GLU E 96 40.12 -9.28 -19.39
CA GLU E 96 41.55 -9.05 -19.58
C GLU E 96 42.22 -10.07 -20.48
N ASN E 97 41.56 -11.18 -20.79
CA ASN E 97 42.08 -12.06 -21.84
C ASN E 97 41.42 -11.76 -23.18
N ASP E 98 40.22 -12.28 -23.41
CA ASP E 98 39.40 -11.86 -24.53
C ASP E 98 38.88 -10.45 -24.23
N LYS E 99 38.48 -9.74 -25.27
CA LYS E 99 37.81 -8.45 -25.09
C LYS E 99 36.62 -8.60 -24.15
N TYR E 100 35.80 -9.62 -24.39
CA TYR E 100 34.64 -9.92 -23.57
C TYR E 100 34.61 -11.43 -23.36
N ASP E 101 33.53 -11.93 -22.79
CA ASP E 101 33.38 -13.36 -22.58
C ASP E 101 31.93 -13.76 -22.82
N ALA E 102 31.77 -14.94 -23.41
CA ALA E 102 30.49 -15.30 -24.03
C ALA E 102 30.12 -16.72 -23.64
N GLN E 103 28.82 -16.92 -23.46
CA GLN E 103 28.20 -18.23 -23.57
C GLN E 103 27.40 -18.24 -24.87
N PHE E 104 27.61 -19.27 -25.68
CA PHE E 104 27.22 -19.26 -27.09
C PHE E 104 26.50 -20.55 -27.44
N GLY E 105 25.66 -20.49 -28.46
CA GLY E 105 25.09 -21.72 -29.00
C GLY E 105 24.32 -21.49 -30.27
N PHE E 106 23.96 -22.60 -30.91
CA PHE E 106 23.00 -22.58 -32.01
C PHE E 106 21.61 -22.83 -31.41
N ALA E 107 20.65 -22.00 -31.80
CA ALA E 107 19.34 -21.98 -31.15
C ALA E 107 18.23 -21.99 -32.18
N TYR E 108 17.04 -22.36 -31.70
CA TYR E 108 15.86 -22.55 -32.54
C TYR E 108 14.67 -21.92 -31.84
N ILE E 109 13.91 -21.11 -32.56
CA ILE E 109 12.73 -20.47 -31.99
C ILE E 109 11.68 -21.51 -31.69
N GLU E 110 11.31 -21.63 -30.41
CA GLU E 110 10.26 -22.58 -30.03
C GLU E 110 8.88 -21.96 -29.92
N SER E 111 8.77 -20.70 -29.53
CA SER E 111 7.48 -20.03 -29.51
C SER E 111 7.70 -18.53 -29.51
N ARG E 112 6.77 -17.81 -30.14
CA ARG E 112 6.77 -16.35 -30.20
C ARG E 112 5.45 -15.95 -29.56
N GLU E 113 5.49 -14.86 -28.80
CA GLU E 113 4.35 -14.33 -28.07
C GLU E 113 4.32 -12.84 -28.29
N TYR E 114 3.23 -12.34 -28.86
CA TYR E 114 3.07 -10.91 -29.06
C TYR E 114 2.05 -10.32 -28.09
N SER E 115 2.53 -9.40 -27.27
CA SER E 115 1.69 -8.70 -26.31
C SER E 115 1.34 -7.32 -26.84
N ASP E 116 0.03 -7.05 -26.88
CA ASP E 116 -0.53 -5.73 -27.11
C ASP E 116 -1.42 -5.44 -25.92
N GLY E 117 -1.02 -4.46 -25.10
CA GLY E 117 -1.83 -4.01 -23.98
C GLY E 117 -2.42 -2.64 -24.24
N VAL E 118 -3.09 -2.10 -23.24
CA VAL E 118 -3.66 -0.76 -23.30
C VAL E 118 -2.60 0.30 -23.04
N GLU E 119 -1.76 0.08 -22.02
CA GLU E 119 -0.58 0.92 -21.85
C GLU E 119 0.70 0.23 -22.28
N GLY E 120 1.75 0.99 -22.59
CA GLY E 120 3.06 0.42 -22.73
C GLY E 120 3.26 -0.01 -24.17
N ALA E 121 4.48 0.12 -24.69
CA ALA E 121 4.75 -0.20 -26.08
C ALA E 121 4.74 -1.71 -26.29
N VAL E 122 4.67 -2.11 -27.56
CA VAL E 122 4.46 -3.50 -27.93
C VAL E 122 5.48 -4.39 -27.23
N GLU E 123 5.06 -5.59 -26.87
CA GLU E 123 5.93 -6.49 -26.11
C GLU E 123 6.07 -7.81 -26.84
N ILE E 124 7.31 -8.25 -26.98
CA ILE E 124 7.61 -9.50 -27.68
C ILE E 124 8.36 -10.42 -26.73
N SER E 125 7.73 -11.55 -26.42
CA SER E 125 8.38 -12.65 -25.72
C SER E 125 8.65 -13.75 -26.73
N ILE E 126 9.90 -14.18 -26.84
CA ILE E 126 10.27 -15.27 -27.73
C ILE E 126 10.85 -16.40 -26.90
N SER E 127 10.25 -17.57 -27.00
CA SER E 127 10.66 -18.76 -26.26
C SER E 127 11.42 -19.70 -27.19
N LEU E 128 12.62 -20.08 -26.77
CA LEU E 128 13.53 -20.86 -27.58
C LEU E 128 14.20 -21.94 -26.73
N GLN E 129 14.80 -22.92 -27.40
CA GLN E 129 15.69 -23.86 -26.76
C GLN E 129 17.05 -23.72 -27.42
N VAL E 130 18.09 -24.22 -26.77
CA VAL E 130 19.42 -24.23 -27.36
C VAL E 130 19.91 -25.67 -27.37
N ILE E 131 20.42 -26.10 -28.53
CA ILE E 131 20.80 -27.49 -28.70
C ILE E 131 22.02 -27.83 -27.86
N GLY E 132 23.07 -27.03 -27.99
CA GLY E 132 24.25 -27.23 -27.19
C GLY E 132 24.72 -25.95 -26.54
N GLU E 133 24.82 -25.95 -25.22
CA GLU E 133 25.39 -24.82 -24.51
C GLU E 133 26.90 -24.77 -24.68
N LEU E 134 27.36 -23.64 -25.22
CA LEU E 134 28.77 -23.49 -25.55
C LEU E 134 29.30 -22.28 -24.79
N LYS E 135 30.59 -22.31 -24.47
CA LYS E 135 31.22 -21.23 -23.71
C LYS E 135 32.55 -20.90 -24.35
N ASN E 136 32.79 -19.61 -24.61
CA ASN E 136 34.06 -19.15 -25.15
C ASN E 136 34.24 -17.67 -24.82
N GLY E 137 35.49 -17.22 -24.83
CA GLY E 137 35.75 -15.80 -24.73
C GLY E 137 35.33 -15.08 -26.00
N GLU E 138 35.01 -13.80 -25.85
CA GLU E 138 34.49 -13.02 -26.96
C GLU E 138 35.51 -11.95 -27.33
N ILE E 139 35.68 -11.77 -28.65
CA ILE E 139 36.69 -10.83 -29.14
C ILE E 139 36.04 -9.53 -29.60
N ASP E 140 35.21 -9.59 -30.64
CA ASP E 140 34.61 -8.38 -31.18
C ASP E 140 33.10 -8.49 -31.21
N THR E 141 32.43 -7.61 -30.46
CA THR E 141 30.98 -7.53 -30.46
C THR E 141 30.48 -6.23 -31.10
N LEU E 142 31.11 -5.78 -32.19
CA LEU E 142 30.87 -4.50 -32.86
C LEU E 142 30.77 -3.39 -31.82
N PRO E 143 31.80 -3.21 -30.99
CA PRO E 143 31.63 -2.50 -29.70
C PRO E 143 31.34 -1.01 -29.82
N GLU E 144 31.48 -0.49 -31.03
CA GLU E 144 31.08 0.86 -31.37
C GLU E 144 29.58 1.06 -31.22
N GLU E 145 28.80 -0.01 -31.33
CA GLU E 145 27.35 0.09 -31.35
C GLU E 145 26.66 -0.82 -30.33
N ILE E 146 27.10 -2.06 -30.18
CA ILE E 146 26.51 -3.00 -29.23
C ILE E 146 27.03 -2.77 -27.82
N VAL E 147 28.34 -2.55 -27.69
CA VAL E 147 28.96 -2.39 -26.38
C VAL E 147 28.61 -1.00 -25.87
N ASN E 148 28.65 -0.02 -26.76
CA ASN E 148 28.41 1.38 -26.39
C ASN E 148 26.92 1.72 -26.43
N VAL E 149 26.33 2.01 -25.28
CA VAL E 149 24.97 2.54 -25.27
C VAL E 149 25.05 4.07 -25.18
N SER E 150 24.60 4.73 -26.24
CA SER E 150 24.77 6.17 -26.35
C SER E 150 23.44 6.93 -26.35
N LYS E 151 23.39 8.11 -25.75
CA LYS E 151 22.19 8.91 -25.81
C LYS E 151 22.03 9.70 -27.10
N GLY E 152 23.11 10.15 -27.74
CA GLY E 152 23.03 10.95 -28.94
C GLY E 152 22.85 12.43 -28.64
N GLY E 153 23.03 12.82 -27.38
CA GLY E 153 22.82 14.19 -26.96
C GLY E 153 23.94 15.10 -27.46
N TYR E 154 23.54 16.14 -28.20
CA TYR E 154 24.44 17.15 -28.74
C TYR E 154 24.36 18.39 -27.83
N ASP E 155 25.48 18.71 -27.18
CA ASP E 155 25.45 19.54 -25.98
C ASP E 155 25.15 21.02 -26.22
N PHE E 156 25.58 21.57 -27.36
CA PHE E 156 25.20 22.88 -27.92
C PHE E 156 25.06 22.75 -29.44
N GLN E 157 23.83 22.95 -29.89
CA GLN E 157 23.54 23.41 -31.25
C GLN E 157 22.33 24.33 -31.13
N GLN E 158 22.35 25.25 -30.16
CA GLN E 158 21.13 25.96 -29.80
C GLN E 158 20.46 26.68 -30.98
N PRO E 159 21.11 27.60 -31.71
CA PRO E 159 20.45 28.10 -32.94
C PRO E 159 20.64 27.20 -34.14
N GLY E 160 19.58 26.92 -34.90
CA GLY E 160 19.68 25.93 -35.94
C GLY E 160 19.89 24.48 -35.56
N GLN E 161 19.32 24.03 -34.43
CA GLN E 161 19.44 22.61 -34.08
C GLN E 161 18.74 21.74 -35.11
N THR E 162 17.54 22.16 -35.53
CA THR E 162 16.73 21.51 -36.59
C THR E 162 16.62 20.01 -36.37
N THR E 163 15.94 19.62 -35.30
CA THR E 163 16.00 18.23 -34.87
C THR E 163 14.59 17.66 -34.82
N GLY E 164 14.48 16.36 -35.12
CA GLY E 164 13.24 15.63 -34.97
C GLY E 164 13.04 15.14 -33.54
N GLU E 165 11.99 14.34 -33.33
CA GLU E 165 11.67 13.85 -31.99
C GLU E 165 12.81 13.03 -31.42
N ALA E 166 13.61 12.39 -32.28
CA ALA E 166 14.72 11.55 -31.87
C ALA E 166 15.94 12.41 -31.61
N PRO E 167 16.90 11.91 -30.84
CA PRO E 167 17.82 12.80 -30.13
C PRO E 167 18.94 13.33 -31.02
N GLY E 168 18.62 14.45 -31.67
CA GLY E 168 19.62 15.28 -32.32
C GLY E 168 19.99 14.95 -33.75
N THR E 169 19.32 15.57 -34.71
CA THR E 169 19.75 15.46 -36.10
C THR E 169 20.22 16.82 -36.61
N VAL E 170 21.03 16.77 -37.66
CA VAL E 170 21.56 17.95 -38.33
C VAL E 170 20.39 18.69 -39.01
N PRO E 171 20.52 19.99 -39.31
CA PRO E 171 19.41 20.69 -39.97
C PRO E 171 19.17 20.19 -41.38
N ALA E 172 17.90 20.08 -41.75
CA ALA E 172 17.42 19.46 -42.99
C ALA E 172 17.90 18.02 -43.13
N PRO F 1 19.26 -17.16 18.49
CA PRO F 1 19.64 -18.42 17.84
C PRO F 1 20.42 -18.24 16.54
N ILE F 2 20.82 -19.33 15.91
CA ILE F 2 21.55 -19.31 14.65
C ILE F 2 20.69 -18.57 13.64
N MET F 3 21.26 -17.55 13.03
CA MET F 3 20.55 -16.71 12.08
C MET F 3 20.67 -17.27 10.67
N GLY F 4 20.02 -16.59 9.72
CA GLY F 4 20.12 -16.95 8.31
C GLY F 4 21.49 -16.81 7.72
N GLN F 5 22.27 -15.83 8.20
CA GLN F 5 23.67 -15.68 7.83
C GLN F 5 24.56 -16.69 8.52
N ASP F 6 24.05 -17.37 9.55
CA ASP F 6 24.85 -18.25 10.40
C ASP F 6 25.36 -19.49 9.69
N VAL F 7 24.62 -20.06 8.75
CA VAL F 7 25.03 -21.29 8.07
C VAL F 7 25.44 -20.92 6.66
N LYS F 8 26.68 -21.24 6.29
CA LYS F 8 27.13 -21.00 4.92
C LYS F 8 27.59 -22.29 4.27
N TYR F 9 27.48 -22.32 2.94
CA TYR F 9 27.56 -23.54 2.16
C TYR F 9 28.87 -23.55 1.37
N LEU F 10 29.85 -24.29 1.87
CA LEU F 10 31.11 -24.47 1.16
C LEU F 10 30.94 -25.53 0.08
N PHE F 11 31.60 -25.34 -1.05
CA PHE F 11 31.61 -26.31 -2.13
C PHE F 11 33.03 -26.57 -2.60
N GLN F 12 33.35 -27.84 -2.82
CA GLN F 12 34.61 -28.18 -3.46
C GLN F 12 34.36 -29.32 -4.45
N SER F 13 35.03 -29.23 -5.61
CA SER F 13 34.90 -30.24 -6.64
C SER F 13 35.70 -31.50 -6.28
N ILE F 14 35.27 -32.63 -6.83
CA ILE F 14 35.94 -33.90 -6.56
C ILE F 14 37.36 -33.92 -7.12
N ASP F 15 37.55 -33.49 -8.36
CA ASP F 15 38.84 -33.64 -9.03
C ASP F 15 39.80 -32.51 -8.72
N ALA F 16 39.35 -31.47 -8.01
CA ALA F 16 40.21 -30.31 -7.78
C ALA F 16 41.45 -30.69 -6.96
N ALA F 17 41.26 -31.59 -5.98
CA ALA F 17 42.28 -31.98 -4.99
C ALA F 17 43.03 -30.77 -4.43
N THR F 18 42.28 -29.73 -4.09
CA THR F 18 42.83 -28.49 -3.54
C THR F 18 42.75 -28.54 -2.02
N GLY F 19 43.52 -27.68 -1.36
CA GLY F 19 43.54 -27.64 0.08
C GLY F 19 42.59 -26.62 0.68
N SER F 20 41.77 -25.99 -0.16
CA SER F 20 40.85 -24.96 0.32
C SER F 20 39.58 -24.92 -0.52
N ALA F 21 38.43 -24.81 0.16
CA ALA F 21 37.06 -24.87 -0.40
C ALA F 21 36.55 -23.50 -0.80
N PRO F 22 36.15 -23.29 -2.07
CA PRO F 22 35.61 -21.98 -2.45
C PRO F 22 34.22 -21.74 -1.93
N LEU F 23 34.00 -20.61 -1.27
CA LEU F 23 32.67 -20.17 -0.94
C LEU F 23 32.35 -18.92 -1.73
N PHE F 24 31.20 -18.92 -2.38
CA PHE F 24 31.01 -17.88 -3.35
C PHE F 24 30.34 -16.66 -2.71
N PRO F 25 30.72 -15.44 -3.10
CA PRO F 25 30.06 -14.27 -2.51
C PRO F 25 28.69 -13.99 -3.11
N ALA F 26 28.02 -13.01 -2.51
CA ALA F 26 26.69 -12.53 -2.89
C ALA F 26 25.66 -13.67 -2.86
N TYR F 27 25.70 -14.44 -1.77
CA TYR F 27 24.70 -15.47 -1.53
C TYR F 27 23.35 -14.85 -1.22
N GLN F 28 22.33 -15.42 -1.85
CA GLN F 28 20.95 -14.99 -1.67
C GLN F 28 20.35 -16.01 -0.69
N THR F 29 19.46 -16.87 -1.17
CA THR F 29 18.83 -17.85 -0.30
C THR F 29 19.11 -19.27 -0.78
N ASP F 30 18.66 -20.22 0.03
CA ASP F 30 19.09 -21.59 -0.05
C ASP F 30 18.08 -22.45 0.69
N GLY F 31 17.60 -23.48 0.02
CA GLY F 31 16.81 -24.49 0.68
C GLY F 31 17.44 -25.85 0.59
N SER F 32 17.47 -26.56 1.70
CA SER F 32 17.91 -27.94 1.76
C SER F 32 16.67 -28.75 2.08
N VAL F 33 16.09 -29.36 1.05
CA VAL F 33 14.82 -30.06 1.18
C VAL F 33 15.08 -31.55 1.18
N SER F 34 14.70 -32.21 2.26
CA SER F 34 15.11 -33.58 2.57
C SER F 34 13.87 -34.36 2.99
N GLY F 35 13.16 -34.90 2.02
CA GLY F 35 11.94 -35.63 2.31
C GLY F 35 12.19 -37.07 2.69
N GLU F 36 11.68 -37.49 3.84
CA GLU F 36 11.86 -38.86 4.33
C GLU F 36 10.53 -39.60 4.15
N ARG F 37 10.35 -40.21 2.99
CA ARG F 37 9.09 -40.84 2.65
C ARG F 37 8.78 -41.98 3.61
N GLU F 38 7.70 -42.69 3.36
CA GLU F 38 7.12 -43.64 4.30
C GLU F 38 6.34 -44.69 3.53
N LEU F 39 6.38 -45.92 4.04
CA LEU F 39 5.71 -47.06 3.42
C LEU F 39 4.22 -47.02 3.71
N PHE F 40 3.47 -47.80 2.95
CA PHE F 40 2.05 -48.03 3.21
C PHE F 40 1.80 -49.44 3.72
N ASP F 41 2.01 -49.63 5.01
CA ASP F 41 1.37 -50.69 5.79
C ASP F 41 0.32 -50.04 6.68
N GLU F 42 -0.93 -50.06 6.21
CA GLU F 42 -2.05 -49.55 7.00
C GLU F 42 -2.35 -50.40 8.23
N GLN F 43 -1.81 -51.63 8.27
CA GLN F 43 -2.10 -52.65 9.29
C GLN F 43 -3.58 -53.05 9.28
N THR F 44 -4.18 -53.08 8.09
CA THR F 44 -5.63 -53.11 7.86
C THR F 44 -6.38 -52.23 8.87
N LYS F 45 -5.96 -50.97 8.95
CA LYS F 45 -6.52 -50.02 9.90
C LYS F 45 -7.19 -48.86 9.18
N ASN F 46 -6.41 -47.80 8.89
CA ASN F 46 -6.93 -46.66 8.14
C ASN F 46 -5.85 -45.95 7.34
N GLY F 47 -4.80 -46.65 6.93
CA GLY F 47 -3.72 -46.04 6.17
C GLY F 47 -2.71 -45.39 7.10
N ARG F 48 -2.51 -46.02 8.27
CA ARG F 48 -1.58 -45.49 9.26
C ARG F 48 -0.30 -46.32 9.16
N ILE F 49 0.82 -45.64 8.94
CA ILE F 49 2.12 -46.30 8.86
C ILE F 49 3.16 -45.50 9.65
N LEU F 50 3.95 -46.18 10.46
CA LEU F 50 5.03 -45.54 11.21
C LEU F 50 6.40 -45.91 10.67
N GLY F 51 6.46 -46.40 9.43
CA GLY F 51 7.65 -46.99 8.86
C GLY F 51 8.29 -46.16 7.76
N PRO F 52 9.56 -46.44 7.47
CA PRO F 52 10.28 -45.62 6.48
C PRO F 52 9.92 -45.94 5.04
N GLY F 53 10.21 -45.00 4.16
CA GLY F 53 9.93 -45.15 2.74
C GLY F 53 11.19 -44.92 1.95
N SER F 54 11.55 -43.65 1.82
CA SER F 54 12.75 -43.27 1.08
C SER F 54 13.16 -41.85 1.41
N VAL F 55 14.37 -41.48 1.00
CA VAL F 55 14.94 -40.18 1.27
C VAL F 55 15.07 -39.40 -0.04
N ALA F 56 14.33 -38.31 -0.14
CA ALA F 56 14.41 -37.39 -1.27
C ALA F 56 15.20 -36.18 -0.83
N ASP F 57 16.52 -36.25 -0.97
CA ASP F 57 17.41 -35.23 -0.43
C ASP F 57 17.90 -34.37 -1.58
N SER F 58 17.37 -33.15 -1.64
CA SER F 58 17.68 -32.18 -2.67
C SER F 58 17.88 -30.81 -2.06
N GLY F 59 18.57 -29.95 -2.81
CA GLY F 59 18.78 -28.58 -2.38
C GLY F 59 18.80 -27.63 -3.55
N GLU F 60 18.49 -26.36 -3.29
CA GLU F 60 18.57 -25.31 -4.31
C GLU F 60 19.38 -24.18 -3.70
N VAL F 61 20.28 -23.61 -4.50
CA VAL F 61 21.16 -22.54 -4.04
C VAL F 61 21.02 -21.37 -5.00
N THR F 62 20.68 -20.20 -4.47
CA THR F 62 20.64 -19.00 -5.30
C THR F 62 21.75 -18.05 -4.88
N TYR F 63 22.35 -17.38 -5.87
CA TYR F 63 23.37 -16.37 -5.60
C TYR F 63 23.40 -15.38 -6.76
N TYR F 64 24.06 -14.24 -6.54
CA TYR F 64 24.27 -13.23 -7.56
C TYR F 64 25.55 -13.55 -8.31
N GLY F 65 25.54 -13.36 -9.63
CA GLY F 65 26.67 -13.72 -10.45
C GLY F 65 27.86 -12.79 -10.36
N LYS F 66 29.06 -13.34 -10.31
CA LYS F 66 30.28 -12.54 -10.34
C LYS F 66 31.10 -12.90 -11.56
N ARG F 67 31.84 -11.93 -12.09
CA ARG F 67 32.56 -12.09 -13.35
C ARG F 67 33.56 -13.24 -13.34
N GLY F 68 34.27 -13.45 -12.23
CA GLY F 68 35.20 -14.57 -12.11
C GLY F 68 34.83 -15.42 -10.91
N ASP F 69 35.82 -15.60 -10.02
CA ASP F 69 35.66 -16.19 -8.69
C ASP F 69 35.25 -17.66 -8.79
N ALA F 70 35.95 -18.48 -8.00
CA ALA F 70 36.13 -19.91 -8.22
C ALA F 70 35.05 -20.86 -7.68
N GLY F 71 34.10 -20.35 -6.89
CA GLY F 71 32.91 -21.15 -6.57
C GLY F 71 31.93 -21.25 -7.72
N GLN F 72 31.63 -20.11 -8.36
CA GLN F 72 30.86 -20.15 -9.59
C GLN F 72 31.65 -20.75 -10.75
N LYS F 73 32.95 -20.52 -10.82
CA LYS F 73 33.77 -21.21 -11.80
C LYS F 73 33.83 -22.70 -11.52
N ALA F 74 33.96 -23.11 -10.25
CA ALA F 74 33.77 -24.51 -9.91
C ALA F 74 32.33 -24.93 -10.12
N ILE F 75 31.39 -23.99 -9.93
CA ILE F 75 29.99 -24.25 -10.25
C ILE F 75 29.83 -24.55 -11.74
N GLU F 76 30.37 -23.70 -12.60
CA GLU F 76 30.23 -23.90 -14.03
C GLU F 76 31.10 -25.04 -14.56
N ASP F 77 32.34 -25.16 -14.08
CA ASP F 77 33.11 -26.37 -14.37
C ASP F 77 32.40 -27.62 -13.88
N ALA F 78 31.88 -27.59 -12.67
CA ALA F 78 31.10 -28.73 -12.21
C ALA F 78 29.86 -28.95 -13.07
N TYR F 79 29.12 -27.90 -13.38
CA TYR F 79 27.87 -28.05 -14.11
C TYR F 79 28.11 -28.57 -15.52
N GLN F 80 28.97 -27.90 -16.28
CA GLN F 80 29.07 -28.12 -17.72
C GLN F 80 29.81 -29.41 -18.05
N ASN F 81 30.78 -29.81 -17.23
CA ASN F 81 31.39 -31.13 -17.40
C ASN F 81 30.60 -32.20 -16.66
N GLY F 82 29.59 -31.78 -15.90
CA GLY F 82 28.74 -32.70 -15.17
C GLY F 82 29.46 -33.38 -14.02
N LYS F 83 30.47 -32.71 -13.48
CA LYS F 83 31.28 -33.18 -12.37
C LYS F 83 30.38 -33.20 -11.14
N GLN F 84 30.61 -34.17 -10.26
CA GLN F 84 30.01 -34.19 -8.93
C GLN F 84 30.71 -33.14 -8.06
N ILE F 85 29.94 -32.43 -7.24
CA ILE F 85 30.51 -31.42 -6.37
C ILE F 85 30.34 -31.83 -4.92
N LYS F 86 31.42 -31.67 -4.16
CA LYS F 86 31.40 -31.96 -2.73
C LYS F 86 30.87 -30.74 -1.98
N PHE F 87 29.85 -30.96 -1.16
CA PHE F 87 29.02 -29.92 -0.58
C PHE F 87 29.13 -29.94 0.94
N TRP F 88 29.45 -28.80 1.51
CA TRP F 88 29.63 -28.61 2.95
C TRP F 88 28.71 -27.49 3.40
N ARG F 89 27.74 -27.82 4.26
CA ARG F 89 26.89 -26.80 4.90
C ARG F 89 27.37 -26.64 6.34
N VAL F 90 28.10 -25.58 6.60
CA VAL F 90 28.72 -25.41 7.91
C VAL F 90 28.26 -24.11 8.53
N ASP F 91 28.23 -24.09 9.85
CA ASP F 91 27.84 -22.91 10.60
C ASP F 91 28.97 -21.91 10.66
N THR F 92 28.64 -20.70 11.11
CA THR F 92 29.56 -19.58 11.18
C THR F 92 29.95 -19.23 12.62
N VAL F 93 29.06 -19.49 13.58
CA VAL F 93 29.39 -19.25 14.98
C VAL F 93 30.39 -20.28 15.48
N LYS F 94 30.99 -20.00 16.63
CA LYS F 94 32.06 -20.83 17.16
C LYS F 94 31.49 -21.86 18.12
N ASN F 95 31.40 -23.11 17.67
CA ASN F 95 31.03 -24.21 18.55
C ASN F 95 32.13 -24.46 19.57
N GLU F 96 31.78 -25.17 20.64
CA GLU F 96 32.73 -25.43 21.71
C GLU F 96 33.42 -26.79 21.63
N ASN F 97 32.94 -27.69 20.78
CA ASN F 97 33.70 -28.90 20.50
C ASN F 97 34.54 -28.73 19.24
N ASP F 98 33.94 -28.91 18.07
CA ASP F 98 34.56 -28.54 16.82
C ASP F 98 34.57 -27.01 16.72
N LYS F 99 35.45 -26.47 15.90
CA LYS F 99 35.43 -25.04 15.60
C LYS F 99 34.04 -24.60 15.16
N TYR F 100 33.45 -25.36 14.24
CA TYR F 100 32.12 -25.10 13.72
C TYR F 100 31.40 -26.44 13.63
N ASP F 101 30.23 -26.44 13.02
CA ASP F 101 29.47 -27.68 12.85
C ASP F 101 28.80 -27.68 11.49
N ALA F 102 28.77 -28.86 10.86
CA ALA F 102 28.48 -28.96 9.44
C ALA F 102 27.49 -30.07 9.18
N GLN F 103 26.62 -29.83 8.20
CA GLN F 103 25.93 -30.88 7.48
C GLN F 103 26.55 -30.94 6.09
N PHE F 104 26.93 -32.14 5.67
CA PHE F 104 27.85 -32.35 4.56
C PHE F 104 27.30 -33.41 3.62
N GLY F 105 27.72 -33.35 2.35
CA GLY F 105 27.40 -34.44 1.44
C GLY F 105 28.12 -34.28 0.12
N PHE F 106 28.05 -35.35 -0.67
CA PHE F 106 28.43 -35.30 -2.08
C PHE F 106 27.18 -34.98 -2.89
N ALA F 107 27.30 -34.02 -3.79
CA ALA F 107 26.15 -33.47 -4.48
C ALA F 107 26.40 -33.37 -5.99
N TYR F 108 25.30 -33.25 -6.72
CA TYR F 108 25.31 -33.27 -8.18
C TYR F 108 24.38 -32.17 -8.67
N ILE F 109 24.86 -31.36 -9.61
CA ILE F 109 24.05 -30.27 -10.16
C ILE F 109 22.90 -30.86 -10.97
N GLU F 110 21.67 -30.57 -10.56
CA GLU F 110 20.51 -31.05 -11.30
C GLU F 110 19.95 -30.04 -12.29
N SER F 111 20.04 -28.75 -12.01
CA SER F 111 19.62 -27.73 -12.97
C SER F 111 20.26 -26.41 -12.60
N ARG F 112 20.57 -25.62 -13.63
CA ARG F 112 21.13 -24.28 -13.50
C ARG F 112 20.11 -23.36 -14.16
N GLU F 113 19.92 -22.20 -13.56
CA GLU F 113 18.96 -21.20 -14.01
C GLU F 113 19.65 -19.85 -13.99
N TYR F 114 19.73 -19.20 -15.13
CA TYR F 114 20.32 -17.87 -15.20
C TYR F 114 19.26 -16.81 -15.41
N SER F 115 19.18 -15.90 -14.44
CA SER F 115 18.26 -14.78 -14.49
C SER F 115 19.00 -13.52 -14.93
N ASP F 116 18.47 -12.89 -15.96
CA ASP F 116 18.84 -11.55 -16.40
C ASP F 116 17.55 -10.74 -16.41
N GLY F 117 17.46 -9.77 -15.51
CA GLY F 117 16.34 -8.85 -15.47
C GLY F 117 16.74 -7.46 -15.93
N VAL F 118 15.79 -6.54 -15.85
CA VAL F 118 16.04 -5.13 -16.18
C VAL F 118 16.75 -4.42 -15.03
N GLU F 119 16.29 -4.63 -13.81
CA GLU F 119 17.04 -4.17 -12.64
C GLU F 119 17.77 -5.29 -11.93
N GLY F 120 18.80 -4.96 -11.17
CA GLY F 120 19.38 -5.92 -10.25
C GLY F 120 20.45 -6.71 -10.96
N ALA F 121 21.52 -7.06 -10.24
CA ALA F 121 22.64 -7.77 -10.85
C ALA F 121 22.26 -9.21 -11.17
N VAL F 122 23.10 -9.85 -12.00
CA VAL F 122 22.77 -11.16 -12.54
C VAL F 122 22.41 -12.12 -11.42
N GLU F 123 21.48 -13.03 -11.71
CA GLU F 123 21.00 -13.95 -10.67
C GLU F 123 21.18 -15.38 -11.13
N ILE F 124 21.76 -16.20 -10.25
CA ILE F 124 22.01 -17.60 -10.55
C ILE F 124 21.31 -18.46 -9.52
N SER F 125 20.34 -19.25 -9.98
CA SER F 125 19.72 -20.30 -9.20
C SER F 125 20.25 -21.63 -9.68
N ILE F 126 20.82 -22.43 -8.78
CA ILE F 126 21.31 -23.75 -9.12
C ILE F 126 20.55 -24.78 -8.29
N SER F 127 19.91 -25.71 -8.99
CA SER F 127 19.11 -26.76 -8.37
C SER F 127 19.87 -28.08 -8.40
N LEU F 128 20.01 -28.68 -7.23
CA LEU F 128 20.82 -29.87 -7.05
C LEU F 128 20.11 -30.87 -6.15
N GLN F 129 20.58 -32.11 -6.16
CA GLN F 129 20.19 -33.10 -5.19
C GLN F 129 21.44 -33.53 -4.43
N VAL F 130 21.26 -34.14 -3.28
CA VAL F 130 22.39 -34.68 -2.54
C VAL F 130 22.13 -36.17 -2.31
N ILE F 131 23.15 -36.99 -2.62
CA ILE F 131 22.97 -38.44 -2.57
C ILE F 131 22.79 -38.91 -1.14
N GLY F 132 23.70 -38.52 -0.26
CA GLY F 132 23.59 -38.88 1.14
C GLY F 132 23.78 -37.68 2.03
N GLU F 133 22.78 -37.40 2.87
CA GLU F 133 22.91 -36.35 3.87
C GLU F 133 23.82 -36.80 5.01
N LEU F 134 24.88 -36.02 5.22
CA LEU F 134 25.90 -36.37 6.19
C LEU F 134 26.00 -35.24 7.20
N LYS F 135 26.38 -35.57 8.42
CA LYS F 135 26.47 -34.59 9.51
C LYS F 135 27.77 -34.83 10.26
N ASN F 136 28.55 -33.76 10.46
CA ASN F 136 29.78 -33.84 11.24
C ASN F 136 30.13 -32.45 11.75
N GLY F 137 30.93 -32.41 12.81
CA GLY F 137 31.49 -31.15 13.25
C GLY F 137 32.54 -30.64 12.28
N GLU F 138 32.71 -29.32 12.25
CA GLU F 138 33.62 -28.70 11.29
C GLU F 138 34.80 -28.11 12.04
N ILE F 139 35.99 -28.29 11.45
CA ILE F 139 37.21 -27.84 12.11
C ILE F 139 37.71 -26.55 11.47
N ASP F 140 38.10 -26.60 10.19
CA ASP F 140 38.65 -25.42 9.54
C ASP F 140 37.87 -25.07 8.28
N THR F 141 37.27 -23.89 8.27
CA THR F 141 36.59 -23.38 7.10
C THR F 141 37.29 -22.18 6.49
N LEU F 142 38.64 -22.20 6.43
CA LEU F 142 39.50 -21.10 6.01
C LEU F 142 39.03 -19.81 6.65
N PRO F 143 38.95 -19.74 7.99
CA PRO F 143 38.10 -18.74 8.66
C PRO F 143 38.58 -17.31 8.55
N GLU F 144 39.79 -17.15 8.03
CA GLU F 144 40.34 -15.85 7.68
C GLU F 144 39.55 -15.19 6.56
N GLU F 145 38.86 -15.97 5.75
CA GLU F 145 38.18 -15.45 4.56
C GLU F 145 36.72 -15.85 4.47
N ILE F 146 36.38 -17.10 4.77
CA ILE F 146 35.00 -17.57 4.72
C ILE F 146 34.22 -17.20 5.97
N VAL F 147 34.86 -17.34 7.13
CA VAL F 147 34.19 -17.09 8.40
C VAL F 147 34.11 -15.57 8.58
N ASN F 148 35.19 -14.88 8.21
CA ASN F 148 35.27 -13.44 8.40
C ASN F 148 34.68 -12.68 7.21
N VAL F 149 33.59 -11.97 7.41
CA VAL F 149 33.08 -11.07 6.38
C VAL F 149 33.59 -9.67 6.67
N SER F 150 34.44 -9.16 5.79
CA SER F 150 35.13 -7.89 6.04
C SER F 150 34.74 -6.80 5.05
N LYS F 151 34.66 -5.55 5.49
CA LYS F 151 34.39 -4.46 4.57
C LYS F 151 35.62 -3.99 3.80
N GLY F 152 36.81 -4.03 4.38
CA GLY F 152 38.01 -3.54 3.72
C GLY F 152 38.21 -2.06 3.92
N GLY F 153 37.45 -1.45 4.83
CA GLY F 153 37.52 -0.03 5.07
C GLY F 153 38.79 0.37 5.80
N TYR F 154 39.53 1.27 5.19
CA TYR F 154 40.78 1.82 5.72
C TYR F 154 40.47 3.19 6.33
N ASP F 155 40.62 3.32 7.66
CA ASP F 155 39.95 4.38 8.41
C ASP F 155 40.52 5.78 8.21
N PHE F 156 41.84 5.90 7.96
CA PHE F 156 42.56 7.09 7.50
C PHE F 156 43.64 6.67 6.51
N GLN F 157 43.45 7.11 5.26
CA GLN F 157 44.55 7.30 4.31
C GLN F 157 44.17 8.55 3.51
N GLN F 158 43.74 9.61 4.19
CA GLN F 158 43.10 10.73 3.49
C GLN F 158 43.96 11.32 2.35
N PRO F 159 45.19 11.81 2.58
CA PRO F 159 46.01 12.18 1.41
C PRO F 159 46.72 11.01 0.76
N GLY F 160 46.70 10.89 -0.56
CA GLY F 160 47.22 9.71 -1.20
C GLY F 160 46.50 8.39 -0.98
N GLN F 161 45.17 8.41 -0.85
CA GLN F 161 44.45 7.14 -0.73
C GLN F 161 44.59 6.30 -1.99
N THR F 162 44.49 6.94 -3.15
CA THR F 162 44.68 6.35 -4.49
C THR F 162 43.91 5.04 -4.64
N THR F 163 42.58 5.13 -4.63
CA THR F 163 41.78 3.93 -4.49
C THR F 163 40.84 3.82 -5.68
N GLY F 164 40.56 2.59 -6.11
CA GLY F 164 39.55 2.32 -7.11
C GLY F 164 38.15 2.25 -6.53
N GLU F 165 37.17 1.87 -7.35
CA GLU F 165 35.79 1.82 -6.91
C GLU F 165 35.61 0.86 -5.74
N ALA F 166 36.46 -0.17 -5.67
CA ALA F 166 36.40 -1.20 -4.63
C ALA F 166 37.10 -0.70 -3.39
N PRO F 167 36.80 -1.27 -2.23
CA PRO F 167 37.01 -0.57 -0.96
C PRO F 167 38.46 -0.60 -0.51
N GLY F 168 39.22 0.38 -0.99
CA GLY F 168 40.52 0.70 -0.45
C GLY F 168 41.71 -0.05 -1.01
N THR F 169 42.38 0.51 -2.02
CA THR F 169 43.63 -0.04 -2.48
C THR F 169 44.75 0.95 -2.23
N VAL F 170 45.97 0.42 -2.18
CA VAL F 170 47.18 1.21 -1.99
C VAL F 170 47.40 2.08 -3.23
N PRO F 171 48.18 3.17 -3.14
CA PRO F 171 48.39 4.01 -4.33
C PRO F 171 49.21 3.29 -5.39
N ALA F 172 48.82 3.48 -6.65
CA ALA F 172 49.34 2.77 -7.81
C ALA F 172 49.18 1.25 -7.69
N PRO G 1 3.57 17.15 40.33
CA PRO G 1 3.92 15.77 39.99
C PRO G 1 5.31 15.61 39.38
N ILE G 2 5.70 14.38 39.07
CA ILE G 2 6.98 14.08 38.46
C ILE G 2 7.07 14.85 37.15
N MET G 3 8.12 15.65 37.01
CA MET G 3 8.31 16.49 35.83
C MET G 3 9.05 15.73 34.74
N GLY G 4 9.24 16.41 33.61
CA GLY G 4 10.01 15.87 32.50
C GLY G 4 11.47 15.63 32.82
N GLN G 5 12.07 16.47 33.67
CA GLN G 5 13.41 16.26 34.18
C GLN G 5 13.46 15.17 35.24
N ASP G 6 12.31 14.76 35.77
CA ASP G 6 12.25 13.84 36.91
C ASP G 6 12.73 12.44 36.60
N VAL G 7 12.53 11.93 35.39
CA VAL G 7 12.93 10.57 35.03
C VAL G 7 14.14 10.66 34.12
N LYS G 8 15.24 10.02 34.53
CA LYS G 8 16.42 9.99 33.68
C LYS G 8 16.83 8.55 33.39
N TYR G 9 17.49 8.38 32.24
CA TYR G 9 17.67 7.08 31.61
C TYR G 9 19.14 6.68 31.72
N LEU G 10 19.45 5.81 32.68
CA LEU G 10 20.80 5.28 32.82
C LEU G 10 21.00 4.14 31.82
N PHE G 11 22.21 4.04 31.28
CA PHE G 11 22.57 2.96 30.37
C PHE G 11 23.89 2.34 30.80
N GLN G 12 23.95 1.02 30.77
CA GLN G 12 25.21 0.32 30.97
C GLN G 12 25.28 -0.84 29.99
N SER G 13 26.48 -1.05 29.44
CA SER G 13 26.71 -2.14 28.50
C SER G 13 26.82 -3.48 29.23
N ILE G 14 26.50 -4.56 28.49
CA ILE G 14 26.56 -5.89 29.08
C ILE G 14 27.98 -6.30 29.44
N ASP G 15 28.94 -6.08 28.55
CA ASP G 15 30.28 -6.59 28.73
C ASP G 15 31.16 -5.66 29.56
N ALA G 16 30.68 -4.48 29.91
CA ALA G 16 31.51 -3.52 30.62
C ALA G 16 31.93 -4.04 32.00
N ALA G 17 31.01 -4.75 32.67
CA ALA G 17 31.16 -5.22 34.05
C ALA G 17 31.75 -4.15 34.96
N THR G 18 31.22 -2.93 34.85
CA THR G 18 31.66 -1.79 35.63
C THR G 18 30.73 -1.62 36.82
N GLY G 19 31.18 -0.87 37.82
CA GLY G 19 30.39 -0.65 39.02
C GLY G 19 29.57 0.62 38.99
N SER G 20 29.55 1.30 37.85
CA SER G 20 28.83 2.56 37.72
C SER G 20 28.29 2.77 36.31
N ALA G 21 27.03 3.22 36.20
CA ALA G 21 26.26 3.38 34.97
C ALA G 21 26.43 4.77 34.36
N PRO G 22 26.88 4.90 33.10
CA PRO G 22 27.01 6.24 32.51
C PRO G 22 25.67 6.83 32.14
N LEU G 23 25.41 8.06 32.58
CA LEU G 23 24.28 8.82 32.10
C LEU G 23 24.80 10.01 31.29
N PHE G 24 24.25 10.17 30.11
CA PHE G 24 24.92 11.10 29.22
C PHE G 24 24.34 12.50 29.38
N PRO G 25 25.16 13.55 29.30
CA PRO G 25 24.61 14.91 29.44
C PRO G 25 23.94 15.39 28.17
N ALA G 26 23.32 16.57 28.29
CA ALA G 26 22.60 17.26 27.22
C ALA G 26 21.48 16.40 26.64
N TYR G 27 20.72 15.79 27.54
CA TYR G 27 19.53 15.04 27.13
C TYR G 27 18.45 15.97 26.61
N GLN G 28 17.85 15.57 25.50
CA GLN G 28 16.78 16.31 24.87
C GLN G 28 15.50 15.58 25.30
N THR G 29 14.85 14.87 24.38
CA THR G 29 13.61 14.18 24.70
C THR G 29 13.75 12.68 24.44
N ASP G 30 12.69 11.97 24.82
CA ASP G 30 12.73 10.53 24.97
C ASP G 30 11.30 10.02 24.97
N GLY G 31 11.05 9.03 24.13
CA GLY G 31 9.79 8.33 24.19
C GLY G 31 10.00 6.86 24.45
N SER G 32 9.21 6.31 25.37
CA SER G 32 9.18 4.88 25.63
C SER G 32 7.82 4.41 25.16
N VAL G 33 7.79 3.82 23.98
CA VAL G 33 6.54 3.45 23.33
C VAL G 33 6.37 1.93 23.45
N SER G 34 5.29 1.52 24.09
CA SER G 34 5.11 0.15 24.56
C SER G 34 3.69 -0.29 24.18
N GLY G 35 3.54 -0.77 22.95
CA GLY G 35 2.23 -1.18 22.48
C GLY G 35 1.85 -2.59 22.89
N GLU G 36 0.70 -2.73 23.54
CA GLU G 36 0.22 -4.02 24.01
C GLU G 36 -0.92 -4.47 23.09
N ARG G 37 -0.57 -5.17 22.02
CA ARG G 37 -1.52 -5.55 20.99
C ARG G 37 -2.59 -6.46 21.58
N GLU G 38 -3.49 -6.95 20.73
CA GLU G 38 -4.71 -7.61 21.15
C GLU G 38 -5.16 -8.56 20.05
N LEU G 39 -5.72 -9.69 20.45
CA LEU G 39 -6.19 -10.73 19.55
C LEU G 39 -7.52 -10.32 18.93
N PHE G 40 -7.87 -11.02 17.85
CA PHE G 40 -9.20 -10.89 17.24
C PHE G 40 -10.04 -12.13 17.48
N ASP G 41 -10.64 -12.21 18.66
CA ASP G 41 -11.85 -12.98 18.90
C ASP G 41 -13.03 -12.01 19.04
N GLU G 42 -13.75 -11.81 17.94
CA GLU G 42 -14.95 -10.98 17.95
C GLU G 42 -16.08 -11.58 18.77
N GLN G 43 -15.99 -12.88 19.08
CA GLN G 43 -17.05 -13.68 19.72
C GLN G 43 -18.31 -13.75 18.86
N THR G 44 -18.12 -13.79 17.53
CA THR G 44 -19.15 -13.54 16.51
C THR G 44 -20.08 -12.39 16.92
N LYS G 45 -19.48 -11.25 17.27
CA LYS G 45 -20.22 -10.09 17.74
C LYS G 45 -20.04 -8.92 16.78
N ASN G 46 -19.01 -8.09 17.01
CA ASN G 46 -18.70 -6.97 16.13
C ASN G 46 -17.22 -6.62 16.12
N GLY G 47 -16.34 -7.58 16.37
CA GLY G 47 -14.91 -7.33 16.39
C GLY G 47 -14.47 -6.81 17.74
N ARG G 48 -15.13 -7.30 18.79
CA ARG G 48 -14.82 -6.88 20.15
C ARG G 48 -13.96 -7.96 20.79
N ILE G 49 -12.79 -7.58 21.28
CA ILE G 49 -11.88 -8.51 21.94
C ILE G 49 -11.30 -7.86 23.20
N LEU G 50 -11.31 -8.60 24.31
CA LEU G 50 -10.72 -8.12 25.56
C LEU G 50 -9.42 -8.84 25.89
N GLY G 51 -8.81 -9.49 24.90
CA GLY G 51 -7.70 -10.39 25.12
C GLY G 51 -6.37 -9.87 24.60
N PRO G 52 -5.28 -10.45 25.08
CA PRO G 52 -3.95 -9.94 24.71
C PRO G 52 -3.49 -10.36 23.32
N GLY G 53 -2.54 -9.62 22.79
CA GLY G 53 -2.00 -9.89 21.47
C GLY G 53 -0.50 -10.04 21.55
N SER G 54 0.17 -8.90 21.67
CA SER G 54 1.62 -8.91 21.77
C SER G 54 2.13 -7.57 22.30
N VAL G 55 3.40 -7.54 22.68
CA VAL G 55 4.03 -6.36 23.26
C VAL G 55 5.06 -5.82 22.27
N ALA G 56 4.81 -4.61 21.78
CA ALA G 56 5.74 -3.89 20.93
C ALA G 56 6.42 -2.82 21.78
N ASP G 57 7.52 -3.20 22.41
CA ASP G 57 8.18 -2.35 23.39
C ASP G 57 9.43 -1.76 22.75
N SER G 58 9.36 -0.47 22.43
CA SER G 58 10.42 0.27 21.79
C SER G 58 10.59 1.63 22.43
N GLY G 59 11.76 2.21 22.24
CA GLY G 59 12.04 3.54 22.73
C GLY G 59 12.95 4.31 21.81
N GLU G 60 12.87 5.63 21.87
CA GLU G 60 13.78 6.50 21.12
C GLU G 60 14.36 7.51 22.09
N VAL G 61 15.66 7.75 21.99
CA VAL G 61 16.36 8.66 22.89
C VAL G 61 17.09 9.70 22.05
N THR G 62 16.83 10.97 22.31
CA THR G 62 17.55 12.03 21.63
C THR G 62 18.44 12.76 22.63
N TYR G 63 19.63 13.14 22.19
CA TYR G 63 20.55 13.94 23.02
C TYR G 63 21.47 14.74 22.11
N TYR G 64 22.14 15.73 22.69
CA TYR G 64 23.15 16.53 22.00
C TYR G 64 24.50 15.83 22.12
N GLY G 65 25.27 15.86 21.04
CA GLY G 65 26.54 15.16 21.01
C GLY G 65 27.66 15.82 21.79
N LYS G 66 28.43 15.02 22.51
CA LYS G 66 29.60 15.53 23.20
C LYS G 66 30.86 14.83 22.66
N ARG G 67 31.98 15.55 22.69
CA ARG G 67 33.22 15.08 22.07
C ARG G 67 33.71 13.74 22.63
N GLY G 68 33.60 13.52 23.94
CA GLY G 68 33.97 12.26 24.54
C GLY G 68 32.79 11.67 25.30
N ASP G 69 33.03 11.38 26.58
CA ASP G 69 32.01 11.02 27.57
C ASP G 69 31.36 9.68 27.22
N ALA G 70 31.26 8.83 28.25
CA ALA G 70 31.17 7.38 28.14
C ALA G 70 29.78 6.78 27.94
N GLY G 71 28.71 7.58 28.04
CA GLY G 71 27.40 7.09 27.62
C GLY G 71 27.24 7.08 26.10
N GLN G 72 27.67 8.15 25.43
CA GLN G 72 27.72 8.14 23.98
C GLN G 72 28.84 7.23 23.47
N LYS G 73 29.98 7.17 24.18
CA LYS G 73 30.99 6.18 23.83
C LYS G 73 30.50 4.77 24.06
N ALA G 74 29.79 4.50 25.16
CA ALA G 74 29.11 3.24 25.30
C ALA G 74 27.97 3.12 24.28
N ILE G 75 27.36 4.26 23.92
CA ILE G 75 26.38 4.28 22.85
C ILE G 75 27.01 3.82 21.54
N GLU G 76 28.15 4.42 21.16
CA GLU G 76 28.79 4.08 19.91
C GLU G 76 29.46 2.71 19.94
N ASP G 77 30.15 2.39 21.04
CA ASP G 77 30.63 1.01 21.23
C ASP G 77 29.48 0.02 21.20
N ALA G 78 28.38 0.32 21.89
CA ALA G 78 27.22 -0.56 21.79
C ALA G 78 26.68 -0.61 20.36
N TYR G 79 26.54 0.53 19.71
CA TYR G 79 25.92 0.56 18.38
C TYR G 79 26.77 -0.16 17.35
N GLN G 80 28.05 0.20 17.26
CA GLN G 80 28.88 -0.22 16.13
C GLN G 80 29.32 -1.68 16.26
N ASN G 81 29.52 -2.17 17.48
CA ASN G 81 29.76 -3.59 17.66
C ASN G 81 28.46 -4.37 17.78
N GLY G 82 27.33 -3.66 17.84
CA GLY G 82 26.03 -4.26 17.92
C GLY G 82 25.77 -4.92 19.26
N LYS G 83 26.44 -4.42 20.29
CA LYS G 83 26.33 -4.92 21.66
C LYS G 83 24.92 -4.59 22.15
N GLN G 84 24.36 -5.46 22.98
CA GLN G 84 23.14 -5.17 23.72
C GLN G 84 23.48 -4.20 24.85
N ILE G 85 22.58 -3.25 25.10
CA ILE G 85 22.80 -2.27 26.16
C ILE G 85 21.75 -2.46 27.25
N LYS G 86 22.21 -2.44 28.49
CA LYS G 86 21.32 -2.54 29.65
C LYS G 86 20.79 -1.14 29.97
N PHE G 87 19.47 -1.03 30.05
CA PHE G 87 18.75 0.24 30.07
C PHE G 87 17.98 0.38 31.36
N TRP G 88 18.20 1.50 32.05
CA TRP G 88 17.58 1.82 33.33
C TRP G 88 16.88 3.16 33.21
N ARG G 89 15.55 3.17 33.34
CA ARG G 89 14.79 4.42 33.39
C ARG G 89 14.39 4.65 34.85
N VAL G 90 15.09 5.56 35.52
CA VAL G 90 14.89 5.75 36.94
C VAL G 90 14.51 7.19 37.21
N ASP G 91 13.74 7.38 38.27
CA ASP G 91 13.30 8.71 38.68
C ASP G 91 14.42 9.44 39.42
N THR G 92 14.21 10.73 39.61
CA THR G 92 15.19 11.62 40.23
C THR G 92 14.77 12.07 41.63
N VAL G 93 13.47 12.12 41.90
CA VAL G 93 13.00 12.47 43.24
C VAL G 93 13.24 11.32 44.20
N LYS G 94 13.15 11.60 45.48
CA LYS G 94 13.48 10.63 46.53
C LYS G 94 12.22 9.88 46.96
N ASN G 95 12.10 8.64 46.51
CA ASN G 95 11.04 7.76 46.99
C ASN G 95 11.27 7.40 48.45
N GLU G 96 10.22 6.93 49.11
CA GLU G 96 10.28 6.61 50.53
C GLU G 96 10.53 5.14 50.82
N ASN G 97 10.40 4.27 49.84
CA ASN G 97 10.85 2.89 50.01
C ASN G 97 12.27 2.71 49.48
N ASP G 98 12.41 2.52 48.17
CA ASP G 98 13.70 2.59 47.51
C ASP G 98 14.14 4.05 47.47
N LYS G 99 15.44 4.28 47.32
CA LYS G 99 15.95 5.62 47.09
C LYS G 99 15.21 6.29 45.95
N TYR G 100 15.07 5.57 44.83
CA TYR G 100 14.38 6.04 43.65
C TYR G 100 13.52 4.89 43.14
N ASP G 101 12.94 5.07 41.96
CA ASP G 101 12.14 4.01 41.35
C ASP G 101 12.36 3.99 39.85
N ALA G 102 12.40 2.78 39.30
CA ALA G 102 12.94 2.57 37.98
C ALA G 102 12.02 1.68 37.16
N GLN G 103 11.95 1.97 35.88
CA GLN G 103 11.54 1.02 34.86
C GLN G 103 12.80 0.64 34.09
N PHE G 104 13.03 -0.66 33.93
CA PHE G 104 14.33 -1.20 33.55
C PHE G 104 14.16 -2.22 32.43
N GLY G 105 15.21 -2.43 31.65
CA GLY G 105 15.20 -3.52 30.70
C GLY G 105 16.54 -3.70 30.03
N PHE G 106 16.67 -4.81 29.31
CA PHE G 106 17.77 -5.04 28.39
C PHE G 106 17.33 -4.55 27.02
N ALA G 107 18.17 -3.77 26.36
CA ALA G 107 17.79 -3.07 25.15
C ALA G 107 18.85 -3.22 24.07
N TYR G 108 18.43 -2.95 22.84
CA TYR G 108 19.25 -3.16 21.65
C TYR G 108 19.07 -1.96 20.74
N ILE G 109 20.18 -1.39 20.26
CA ILE G 109 20.13 -0.24 19.37
C ILE G 109 19.53 -0.66 18.04
N GLU G 110 18.40 -0.06 17.67
CA GLU G 110 17.79 -0.37 16.39
C GLU G 110 18.15 0.61 15.28
N SER G 111 18.39 1.88 15.58
CA SER G 111 18.86 2.82 14.58
C SER G 111 19.49 4.01 15.28
N ARG G 112 20.51 4.58 14.64
CA ARG G 112 21.20 5.77 15.09
C ARG G 112 21.01 6.80 13.98
N GLU G 113 20.81 8.04 14.40
CA GLU G 113 20.57 9.16 13.50
C GLU G 113 21.45 10.31 13.95
N TYR G 114 22.32 10.78 13.07
CA TYR G 114 23.15 11.93 13.38
C TYR G 114 22.70 13.16 12.63
N SER G 115 22.33 14.18 13.39
CA SER G 115 21.91 15.46 12.84
C SER G 115 23.05 16.46 12.94
N ASP G 116 23.38 17.05 11.80
CA ASP G 116 24.25 18.21 11.69
C ASP G 116 23.45 19.28 10.95
N GLY G 117 23.12 20.35 11.66
CA GLY G 117 22.44 21.48 11.07
C GLY G 117 23.36 22.68 10.96
N VAL G 118 22.82 23.80 10.50
CA VAL G 118 23.55 25.06 10.40
C VAL G 118 23.64 25.74 11.75
N GLU G 119 22.54 25.80 12.50
CA GLU G 119 22.60 26.23 13.88
C GLU G 119 22.49 25.07 14.86
N GLY G 120 22.96 25.26 16.09
CA GLY G 120 22.64 24.33 17.15
C GLY G 120 23.69 23.24 17.17
N ALA G 121 24.05 22.75 18.36
CA ALA G 121 25.08 21.75 18.50
C ALA G 121 24.60 20.40 17.99
N VAL G 122 25.56 19.49 17.78
CA VAL G 122 25.28 18.21 17.12
C VAL G 122 24.12 17.51 17.80
N GLU G 123 23.33 16.80 17.02
CA GLU G 123 22.14 16.15 17.56
C GLU G 123 22.16 14.67 17.27
N ILE G 124 21.93 13.85 18.29
CA ILE G 124 21.93 12.41 18.16
C ILE G 124 20.58 11.87 18.58
N SER G 125 19.89 11.25 17.62
CA SER G 125 18.69 10.48 17.89
C SER G 125 19.04 9.01 17.77
N ILE G 126 18.79 8.23 18.82
CA ILE G 126 19.03 6.79 18.79
C ILE G 126 17.71 6.08 19.01
N SER G 127 17.36 5.22 18.05
CA SER G 127 16.12 4.46 18.07
C SER G 127 16.40 3.02 18.45
N LEU G 128 15.70 2.55 19.48
CA LEU G 128 15.94 1.26 20.07
C LEU G 128 14.62 0.56 20.37
N GLN G 129 14.69 -0.74 20.61
CA GLN G 129 13.57 -1.50 21.16
C GLN G 129 14.03 -2.09 22.48
N VAL G 130 13.09 -2.50 23.30
CA VAL G 130 13.43 -3.18 24.55
C VAL G 130 12.72 -4.52 24.55
N ILE G 131 13.48 -5.58 24.87
CA ILE G 131 12.96 -6.93 24.77
C ILE G 131 11.88 -7.17 25.83
N GLY G 132 12.21 -6.87 27.08
CA GLY G 132 11.25 -7.02 28.16
C GLY G 132 11.19 -5.79 29.02
N GLU G 133 10.01 -5.20 29.14
CA GLU G 133 9.81 -4.08 30.05
C GLU G 133 9.78 -4.57 31.50
N LEU G 134 10.69 -4.02 32.29
CA LEU G 134 10.86 -4.46 33.67
C LEU G 134 10.67 -3.25 34.57
N LYS G 135 10.19 -3.50 35.78
CA LYS G 135 9.91 -2.44 36.74
C LYS G 135 10.43 -2.85 38.11
N ASN G 136 11.20 -1.97 38.74
CA ASN G 136 11.73 -2.21 40.08
C ASN G 136 12.05 -0.88 40.74
N GLY G 137 12.10 -0.88 42.07
CA GLY G 137 12.62 0.29 42.77
C GLY G 137 14.12 0.40 42.60
N GLU G 138 14.61 1.64 42.70
CA GLU G 138 16.01 1.93 42.45
C GLU G 138 16.67 2.33 43.75
N ILE G 139 17.90 1.82 43.95
CA ILE G 139 18.61 2.07 45.20
C ILE G 139 19.69 3.14 45.00
N ASP G 140 20.69 2.83 44.18
CA ASP G 140 21.80 3.77 43.99
C ASP G 140 21.97 4.11 42.53
N THR G 141 21.80 5.40 42.20
CA THR G 141 22.05 5.88 40.85
C THR G 141 23.25 6.81 40.78
N LEU G 142 24.34 6.49 41.51
CA LEU G 142 25.54 7.31 41.69
C LEU G 142 25.14 8.75 41.96
N PRO G 143 24.32 9.00 43.02
CA PRO G 143 23.54 10.24 43.11
C PRO G 143 24.35 11.51 43.32
N GLU G 144 25.63 11.33 43.59
CA GLU G 144 26.59 12.43 43.65
C GLU G 144 26.76 13.10 42.30
N GLU G 145 26.48 12.38 41.22
CA GLU G 145 26.74 12.88 39.88
C GLU G 145 25.53 12.80 38.95
N ILE G 146 24.78 11.71 38.97
CA ILE G 146 23.61 11.54 38.11
C ILE G 146 22.39 12.24 38.70
N VAL G 147 22.19 12.11 40.01
CA VAL G 147 21.02 12.66 40.67
C VAL G 147 21.24 14.17 40.81
N ASN G 148 22.47 14.56 41.14
CA ASN G 148 22.80 15.97 41.37
C ASN G 148 23.19 16.67 40.08
N VAL G 149 22.39 17.62 39.64
CA VAL G 149 22.80 18.47 38.52
C VAL G 149 23.39 19.76 39.09
N SER G 150 24.69 19.95 38.86
CA SER G 150 25.41 21.05 39.49
C SER G 150 25.94 22.06 38.48
N LYS G 151 25.94 23.35 38.83
CA LYS G 151 26.52 24.34 37.94
C LYS G 151 28.04 24.44 38.02
N GLY G 152 28.65 24.20 39.19
CA GLY G 152 30.08 24.34 39.35
C GLY G 152 30.51 25.76 39.67
N GLY G 153 29.55 26.61 39.97
CA GLY G 153 29.82 28.02 40.24
C GLY G 153 30.51 28.21 41.59
N TYR G 154 31.68 28.85 41.53
CA TYR G 154 32.49 29.18 42.70
C TYR G 154 32.26 30.65 43.04
N ASP G 155 31.66 30.90 44.21
CA ASP G 155 30.98 32.17 44.47
C ASP G 155 31.90 33.37 44.67
N PHE G 156 33.09 33.16 45.23
CA PHE G 156 34.23 34.10 45.29
C PHE G 156 35.52 33.32 45.09
N GLN G 157 36.19 33.64 43.98
CA GLN G 157 37.63 33.47 43.84
C GLN G 157 38.11 34.65 42.99
N GLN G 158 37.66 35.87 43.33
CA GLN G 158 37.83 36.99 42.41
C GLN G 158 39.29 37.23 41.99
N PRO G 159 40.26 37.46 42.89
CA PRO G 159 41.65 37.49 42.41
C PRO G 159 42.29 36.13 42.28
N GLY G 160 42.98 35.85 41.17
CA GLY G 160 43.45 34.50 40.93
C GLY G 160 42.42 33.42 40.66
N GLN G 161 41.30 33.74 40.00
CA GLN G 161 40.34 32.69 39.66
C GLN G 161 40.97 31.68 38.69
N THR G 162 41.69 32.18 37.69
CA THR G 162 42.44 31.39 36.70
C THR G 162 41.59 30.28 36.10
N THR G 163 40.56 30.65 35.35
CA THR G 163 39.55 29.68 34.96
C THR G 163 39.45 29.64 33.44
N GLY G 164 39.16 28.45 32.92
CA GLY G 164 38.86 28.28 31.51
C GLY G 164 37.41 28.60 31.18
N GLU G 165 37.01 28.34 29.94
CA GLU G 165 35.65 28.65 29.50
C GLU G 165 34.61 27.91 30.33
N ALA G 166 34.98 26.74 30.86
CA ALA G 166 34.09 25.89 31.64
C ALA G 166 34.08 26.37 33.08
N PRO G 167 33.04 26.04 33.84
CA PRO G 167 32.67 26.84 35.00
C PRO G 167 33.55 26.54 36.22
N GLY G 168 34.67 27.26 36.28
CA GLY G 168 35.47 27.36 37.48
C GLY G 168 36.53 26.30 37.69
N THR G 169 37.77 26.56 37.25
CA THR G 169 38.88 25.68 37.60
C THR G 169 39.88 26.44 38.47
N VAL G 170 40.67 25.67 39.20
CA VAL G 170 41.72 26.19 40.07
C VAL G 170 42.80 26.83 39.20
N PRO G 171 43.64 27.73 39.74
CA PRO G 171 44.70 28.34 38.91
C PRO G 171 45.74 27.33 38.50
N ALA G 172 46.19 27.44 37.25
CA ALA G 172 47.08 26.48 36.57
C ALA G 172 46.49 25.07 36.55
N PRO H 1 -23.57 24.65 27.74
CA PRO H 1 -23.62 23.19 27.67
C PRO H 1 -22.52 22.49 28.45
N ILE H 2 -22.53 21.16 28.46
CA ILE H 2 -21.51 20.36 29.13
C ILE H 2 -20.16 20.73 28.53
N MET H 3 -19.23 21.13 29.39
CA MET H 3 -17.91 21.57 28.96
C MET H 3 -16.95 20.40 28.86
N GLY H 4 -15.71 20.70 28.45
CA GLY H 4 -14.67 19.69 28.39
C GLY H 4 -14.26 19.13 29.74
N GLN H 5 -14.34 19.93 30.80
CA GLN H 5 -14.15 19.47 32.16
C GLN H 5 -15.34 18.70 32.70
N ASP H 6 -16.48 18.78 32.01
CA ASP H 6 -17.73 18.24 32.50
C ASP H 6 -17.76 16.72 32.57
N VAL H 7 -17.10 16.02 31.66
CA VAL H 7 -17.11 14.55 31.63
C VAL H 7 -15.76 14.06 32.12
N LYS H 8 -15.76 13.25 33.18
CA LYS H 8 -14.51 12.67 33.65
C LYS H 8 -14.59 11.15 33.66
N TYR H 9 -13.43 10.52 33.53
CA TYR H 9 -13.32 9.10 33.18
C TYR H 9 -12.81 8.34 34.40
N LEU H 10 -13.73 7.68 35.10
CA LEU H 10 -13.35 6.82 36.22
C LEU H 10 -12.88 5.48 35.69
N PHE H 11 -11.88 4.90 36.36
CA PHE H 11 -11.38 3.57 36.03
C PHE H 11 -11.28 2.72 37.29
N GLN H 12 -11.71 1.47 37.17
CA GLN H 12 -11.49 0.50 38.23
C GLN H 12 -11.10 -0.83 37.62
N SER H 13 -10.14 -1.50 38.25
CA SER H 13 -9.68 -2.81 37.78
C SER H 13 -10.69 -3.90 38.14
N ILE H 14 -10.66 -4.98 37.35
CA ILE H 14 -11.58 -6.09 37.58
C ILE H 14 -11.31 -6.79 38.90
N ASP H 15 -10.04 -7.09 39.20
CA ASP H 15 -9.69 -7.91 40.35
C ASP H 15 -9.57 -7.11 41.63
N ALA H 16 -9.66 -5.78 41.56
CA ALA H 16 -9.45 -4.97 42.76
C ALA H 16 -10.51 -5.25 43.82
N ALA H 17 -11.76 -5.47 43.37
CA ALA H 17 -12.95 -5.61 44.24
C ALA H 17 -12.98 -4.57 45.35
N THR H 18 -12.71 -3.32 44.97
CA THR H 18 -12.69 -2.20 45.91
C THR H 18 -14.03 -1.49 45.85
N GLY H 19 -14.32 -0.68 46.86
CA GLY H 19 -15.57 0.04 46.93
C GLY H 19 -15.50 1.45 46.37
N SER H 20 -14.36 1.81 45.79
CA SER H 20 -14.18 3.15 45.25
C SER H 20 -13.25 3.17 44.05
N ALA H 21 -13.64 3.91 43.01
CA ALA H 21 -12.99 3.99 41.69
C ALA H 21 -11.94 5.10 41.64
N PRO H 22 -10.66 4.77 41.30
CA PRO H 22 -9.66 5.84 41.21
C PRO H 22 -9.82 6.69 39.97
N LEU H 23 -9.85 8.00 40.16
CA LEU H 23 -9.75 8.92 39.03
C LEU H 23 -8.43 9.67 39.12
N PHE H 24 -7.71 9.69 38.02
CA PHE H 24 -6.35 10.15 38.17
C PHE H 24 -6.26 11.65 37.93
N PRO H 25 -5.40 12.36 38.67
CA PRO H 25 -5.29 13.81 38.45
C PRO H 25 -4.45 14.15 37.24
N ALA H 26 -4.43 15.45 36.92
CA ALA H 26 -3.70 16.05 35.80
C ALA H 26 -4.12 15.43 34.46
N TYR H 27 -5.42 15.31 34.28
CA TYR H 27 -5.98 14.86 33.01
C TYR H 27 -5.77 15.91 31.94
N GLN H 28 -5.35 15.45 30.77
CA GLN H 28 -5.12 16.29 29.61
C GLN H 28 -6.35 16.09 28.74
N THR H 29 -6.22 15.41 27.60
CA THR H 29 -7.34 15.20 26.71
C THR H 29 -7.61 13.71 26.50
N ASP H 30 -8.70 13.45 25.79
CA ASP H 30 -9.32 12.14 25.75
C ASP H 30 -10.22 12.09 24.53
N GLY H 31 -10.05 11.04 23.74
CA GLY H 31 -10.98 10.77 22.67
C GLY H 31 -11.60 9.41 22.83
N SER H 32 -12.91 9.36 22.65
CA SER H 32 -13.66 8.10 22.62
C SER H 32 -14.15 7.96 21.20
N VAL H 33 -13.45 7.13 20.43
CA VAL H 33 -13.70 6.99 19.00
C VAL H 33 -14.42 5.67 18.77
N SER H 34 -15.62 5.75 18.22
CA SER H 34 -16.57 4.66 18.17
C SER H 34 -17.14 4.57 16.76
N GLY H 35 -16.43 3.87 15.88
CA GLY H 35 -16.85 3.76 14.50
C GLY H 35 -17.88 2.67 14.28
N GLU H 36 -19.01 3.02 13.69
CA GLU H 36 -20.10 2.09 13.42
C GLU H 36 -20.11 1.78 11.93
N ARG H 37 -19.34 0.77 11.53
CA ARG H 37 -19.15 0.45 10.12
C ARG H 37 -20.48 0.06 9.49
N GLU H 38 -20.43 -0.34 8.23
CA GLU H 38 -21.62 -0.49 7.39
C GLU H 38 -21.32 -1.51 6.29
N LEU H 39 -22.33 -2.30 5.95
CA LEU H 39 -22.23 -3.33 4.93
C LEU H 39 -22.26 -2.71 3.54
N PHE H 40 -21.85 -3.52 2.56
CA PHE H 40 -21.98 -3.17 1.15
C PHE H 40 -23.04 -4.01 0.47
N ASP H 41 -24.30 -3.62 0.64
CA ASP H 41 -25.38 -3.92 -0.28
C ASP H 41 -25.71 -2.65 -1.06
N GLU H 42 -25.14 -2.53 -2.26
CA GLU H 42 -25.45 -1.40 -3.14
C GLU H 42 -26.87 -1.43 -3.67
N GLN H 43 -27.55 -2.58 -3.55
CA GLN H 43 -28.87 -2.87 -4.14
C GLN H 43 -28.84 -2.76 -5.66
N THR H 44 -27.72 -3.17 -6.27
CA THR H 44 -27.34 -2.88 -7.66
C THR H 44 -27.72 -1.46 -8.06
N LYS H 45 -27.28 -0.50 -7.25
CA LYS H 45 -27.60 0.92 -7.46
C LYS H 45 -26.33 1.71 -7.73
N ASN H 46 -25.70 2.22 -6.67
CA ASN H 46 -24.44 2.97 -6.80
C ASN H 46 -23.57 2.86 -5.56
N GLY H 47 -23.67 1.77 -4.81
CA GLY H 47 -22.88 1.60 -3.60
C GLY H 47 -23.53 2.27 -2.42
N ARG H 48 -24.87 2.26 -2.40
CA ARG H 48 -25.62 2.90 -1.33
C ARG H 48 -26.10 1.79 -0.40
N ILE H 49 -25.74 1.92 0.89
CA ILE H 49 -26.15 0.96 1.90
C ILE H 49 -26.62 1.69 3.15
N LEU H 50 -27.77 1.29 3.71
CA LEU H 50 -28.27 1.85 4.95
C LEU H 50 -28.15 0.89 6.11
N GLY H 51 -27.29 -0.13 5.99
CA GLY H 51 -27.25 -1.24 6.92
C GLY H 51 -25.98 -1.26 7.75
N PRO H 52 -26.02 -2.01 8.86
CA PRO H 52 -24.88 -2.01 9.79
C PRO H 52 -23.72 -2.87 9.32
N GLY H 53 -22.55 -2.59 9.88
CA GLY H 53 -21.34 -3.31 9.53
C GLY H 53 -20.71 -3.87 10.79
N SER H 54 -20.06 -2.99 11.53
CA SER H 54 -19.41 -3.39 12.77
C SER H 54 -19.09 -2.17 13.63
N VAL H 55 -18.73 -2.43 14.88
CA VAL H 55 -18.45 -1.37 15.85
C VAL H 55 -16.97 -1.40 16.19
N ALA H 56 -16.26 -0.33 15.84
CA ALA H 56 -14.86 -0.14 16.19
C ALA H 56 -14.81 0.85 17.33
N ASP H 57 -14.89 0.34 18.56
CA ASP H 57 -15.02 1.17 19.74
C ASP H 57 -13.68 1.20 20.47
N SER H 58 -13.00 2.33 20.37
CA SER H 58 -11.69 2.55 20.94
C SER H 58 -11.62 3.91 21.60
N GLY H 59 -10.67 4.06 22.51
CA GLY H 59 -10.44 5.33 23.14
C GLY H 59 -8.98 5.56 23.46
N GLU H 60 -8.58 6.82 23.57
CA GLU H 60 -7.22 7.18 23.98
C GLU H 60 -7.34 8.17 25.12
N VAL H 61 -6.51 8.00 26.14
CA VAL H 61 -6.53 8.85 27.32
C VAL H 61 -5.13 9.39 27.55
N THR H 62 -5.01 10.71 27.61
CA THR H 62 -3.73 11.32 27.95
C THR H 62 -3.82 11.98 29.32
N TYR H 63 -2.73 11.88 30.07
CA TYR H 63 -2.63 12.55 31.37
C TYR H 63 -1.16 12.80 31.70
N TYR H 64 -0.93 13.67 32.69
CA TYR H 64 0.41 13.94 33.19
C TYR H 64 0.74 12.94 34.29
N GLY H 65 1.98 12.48 34.31
CA GLY H 65 2.39 11.45 35.26
C GLY H 65 2.57 11.92 36.68
N LYS H 66 2.11 11.14 37.64
CA LYS H 66 2.33 11.43 39.04
C LYS H 66 3.13 10.28 39.68
N ARG H 67 3.94 10.63 40.69
CA ARG H 67 4.87 9.68 41.29
C ARG H 67 4.18 8.44 41.87
N GLY H 68 3.02 8.58 42.49
CA GLY H 68 2.28 7.45 43.00
C GLY H 68 0.89 7.44 42.41
N ASP H 69 -0.11 7.41 43.31
CA ASP H 69 -1.53 7.62 43.00
C ASP H 69 -2.07 6.47 42.12
N ALA H 70 -3.23 5.97 42.54
CA ALA H 70 -3.72 4.62 42.24
C ALA H 70 -4.49 4.42 40.94
N GLY H 71 -4.80 5.49 40.20
CA GLY H 71 -5.30 5.33 38.84
C GLY H 71 -4.19 4.99 37.85
N GLN H 72 -3.07 5.70 37.93
CA GLN H 72 -1.90 5.31 37.15
C GLN H 72 -1.27 4.03 37.68
N LYS H 73 -1.28 3.81 38.99
CA LYS H 73 -0.86 2.53 39.52
C LYS H 73 -1.80 1.40 39.09
N ALA H 74 -3.10 1.64 39.11
CA ALA H 74 -4.03 0.69 38.49
C ALA H 74 -3.83 0.68 36.98
N ILE H 75 -3.44 1.81 36.41
CA ILE H 75 -3.08 1.86 34.99
C ILE H 75 -1.89 0.95 34.71
N GLU H 76 -0.83 1.08 35.48
CA GLU H 76 0.37 0.27 35.25
C GLU H 76 0.18 -1.18 35.68
N ASP H 77 -0.47 -1.42 36.84
CA ASP H 77 -0.87 -2.78 37.18
C ASP H 77 -1.78 -3.37 36.12
N ALA H 78 -2.77 -2.62 35.65
CA ALA H 78 -3.58 -3.11 34.56
C ALA H 78 -2.75 -3.35 33.30
N TYR H 79 -1.90 -2.40 32.93
CA TYR H 79 -1.16 -2.51 31.68
C TYR H 79 -0.18 -3.69 31.70
N GLN H 80 0.66 -3.75 32.73
CA GLN H 80 1.81 -4.65 32.72
C GLN H 80 1.41 -6.09 32.99
N ASN H 81 0.37 -6.31 33.79
CA ASN H 81 -0.17 -7.66 33.95
C ASN H 81 -1.19 -7.96 32.86
N GLY H 82 -1.54 -6.96 32.06
CA GLY H 82 -2.48 -7.12 30.98
C GLY H 82 -3.90 -7.34 31.46
N LYS H 83 -4.20 -6.82 32.64
CA LYS H 83 -5.51 -6.92 33.28
C LYS H 83 -6.48 -6.08 32.45
N GLN H 84 -7.73 -6.52 32.38
CA GLN H 84 -8.82 -5.73 31.83
C GLN H 84 -9.19 -4.65 32.85
N ILE H 85 -9.48 -3.45 32.35
CA ILE H 85 -9.85 -2.35 33.24
C ILE H 85 -11.30 -1.96 32.99
N LYS H 86 -12.04 -1.77 34.08
CA LYS H 86 -13.43 -1.32 34.00
C LYS H 86 -13.45 0.20 33.91
N PHE H 87 -14.13 0.71 32.88
CA PHE H 87 -14.04 2.09 32.44
C PHE H 87 -15.40 2.77 32.57
N TRP H 88 -15.43 3.90 33.27
CA TRP H 88 -16.62 4.69 33.52
C TRP H 88 -16.38 6.10 33.02
N ARG H 89 -17.15 6.54 32.01
CA ARG H 89 -17.12 7.93 31.56
C ARG H 89 -18.38 8.61 32.08
N VAL H 90 -18.23 9.40 33.14
CA VAL H 90 -19.38 9.97 33.80
C VAL H 90 -19.26 11.49 33.80
N ASP H 91 -20.41 12.15 33.80
CA ASP H 91 -20.46 13.59 33.82
C ASP H 91 -20.22 14.12 35.23
N THR H 92 -20.01 15.44 35.30
CA THR H 92 -19.69 16.13 36.55
C THR H 92 -20.84 17.00 37.05
N VAL H 93 -21.68 17.49 36.15
CA VAL H 93 -22.84 18.28 36.56
C VAL H 93 -23.89 17.36 37.19
N LYS H 94 -24.85 17.96 37.88
CA LYS H 94 -25.85 17.22 38.63
C LYS H 94 -27.09 17.00 37.77
N ASN H 95 -27.26 15.78 37.28
CA ASN H 95 -28.47 15.39 36.60
C ASN H 95 -29.63 15.35 37.58
N GLU H 96 -30.85 15.38 37.04
CA GLU H 96 -32.05 15.40 37.87
C GLU H 96 -32.69 14.04 38.08
N ASN H 97 -32.30 13.03 37.31
CA ASN H 97 -32.71 11.66 37.64
C ASN H 97 -31.65 10.96 38.47
N ASP H 98 -30.62 10.42 37.82
CA ASP H 98 -29.43 9.95 38.50
C ASP H 98 -28.66 11.17 38.99
N LYS H 99 -27.79 10.96 39.98
CA LYS H 99 -26.88 12.00 40.43
C LYS H 99 -26.10 12.56 39.25
N TYR H 100 -25.56 11.67 38.42
CA TYR H 100 -24.80 12.02 37.23
C TYR H 100 -25.25 11.08 36.12
N ASP H 101 -24.54 11.13 35.00
CA ASP H 101 -24.86 10.25 33.88
C ASP H 101 -23.57 9.79 33.21
N ALA H 102 -23.56 8.53 32.79
CA ALA H 102 -22.32 7.86 32.46
C ALA H 102 -22.46 7.10 31.15
N GLN H 103 -21.38 7.08 30.39
CA GLN H 103 -21.13 6.08 29.37
C GLN H 103 -20.03 5.17 29.92
N PHE H 104 -20.27 3.86 29.88
CA PHE H 104 -19.51 2.89 30.66
C PHE H 104 -19.10 1.72 29.78
N GLY H 105 -18.02 1.05 30.17
CA GLY H 105 -17.68 -0.19 29.50
C GLY H 105 -16.54 -0.91 30.19
N PHE H 106 -16.33 -2.16 29.77
CA PHE H 106 -15.12 -2.90 30.12
C PHE H 106 -14.09 -2.66 29.02
N ALA H 107 -12.87 -2.34 29.42
CA ALA H 107 -11.85 -1.87 28.50
C ALA H 107 -10.53 -2.58 28.74
N TYR H 108 -9.68 -2.51 27.73
CA TYR H 108 -8.41 -3.23 27.69
C TYR H 108 -7.35 -2.29 27.16
N ILE H 109 -6.21 -2.20 27.86
CA ILE H 109 -5.12 -1.34 27.43
C ILE H 109 -4.53 -1.88 26.13
N GLU H 110 -4.58 -1.08 25.07
CA GLU H 110 -3.99 -1.49 23.80
C GLU H 110 -2.58 -0.96 23.58
N SER H 111 -2.24 0.22 24.08
CA SER H 111 -0.88 0.72 24.00
C SER H 111 -0.67 1.80 25.05
N ARG H 112 0.55 1.87 25.56
CA ARG H 112 0.97 2.88 26.53
C ARG H 112 2.11 3.62 25.84
N GLU H 113 2.14 4.93 26.05
CA GLU H 113 3.13 5.82 25.45
C GLU H 113 3.63 6.74 26.56
N TYR H 114 4.93 6.71 26.82
CA TYR H 114 5.52 7.61 27.81
C TYR H 114 6.34 8.70 27.14
N SER H 115 5.92 9.93 27.37
CA SER H 115 6.60 11.10 26.86
C SER H 115 7.46 11.72 27.96
N ASP H 116 8.73 11.90 27.64
CA ASP H 116 9.68 12.68 28.42
C ASP H 116 10.24 13.73 27.46
N GLY H 117 9.90 14.99 27.70
CA GLY H 117 10.45 16.10 26.94
C GLY H 117 11.43 16.90 27.75
N VAL H 118 11.91 17.99 27.17
CA VAL H 118 12.82 18.91 27.85
C VAL H 118 12.06 19.86 28.77
N GLU H 119 10.94 20.40 28.29
CA GLU H 119 10.03 21.12 29.18
C GLU H 119 8.79 20.33 29.53
N GLY H 120 8.12 20.65 30.62
CA GLY H 120 6.79 20.13 30.87
C GLY H 120 6.91 18.83 31.62
N ALA H 121 5.98 18.56 32.53
CA ALA H 121 6.03 17.37 33.35
C ALA H 121 5.69 16.13 32.52
N VAL H 122 6.01 14.96 33.08
CA VAL H 122 5.93 13.71 32.35
C VAL H 122 4.55 13.56 31.71
N GLU H 123 4.52 12.93 30.54
CA GLU H 123 3.25 12.82 29.81
C GLU H 123 2.97 11.36 29.50
N ILE H 124 1.75 10.94 29.80
CA ILE H 124 1.33 9.55 29.59
C ILE H 124 0.13 9.55 28.66
N SER H 125 0.30 8.96 27.48
CA SER H 125 -0.79 8.65 26.58
C SER H 125 -1.05 7.15 26.64
N ILE H 126 -2.28 6.76 26.94
CA ILE H 126 -2.66 5.36 26.97
C ILE H 126 -3.74 5.13 25.93
N SER H 127 -3.48 4.21 25.01
CA SER H 127 -4.39 3.88 23.93
C SER H 127 -5.08 2.55 24.22
N LEU H 128 -6.40 2.57 24.18
CA LEU H 128 -7.23 1.44 24.58
C LEU H 128 -8.36 1.25 23.59
N GLN H 129 -8.99 0.08 23.64
CA GLN H 129 -10.26 -0.16 22.96
C GLN H 129 -11.28 -0.52 24.02
N VAL H 130 -12.56 -0.42 23.68
CA VAL H 130 -13.60 -0.85 24.59
C VAL H 130 -14.45 -1.89 23.88
N ILE H 131 -14.70 -3.01 24.56
CA ILE H 131 -15.38 -4.14 23.92
C ILE H 131 -16.84 -3.79 23.63
N GLY H 132 -17.55 -3.31 24.65
CA GLY H 132 -18.92 -2.90 24.45
C GLY H 132 -19.18 -1.54 25.03
N GLU H 133 -19.66 -0.61 24.20
CA GLU H 133 -20.07 0.69 24.67
C GLU H 133 -21.39 0.61 25.42
N LEU H 134 -21.37 1.04 26.67
CA LEU H 134 -22.52 0.92 27.54
C LEU H 134 -22.90 2.31 28.04
N LYS H 135 -24.18 2.51 28.30
CA LYS H 135 -24.69 3.80 28.74
C LYS H 135 -25.64 3.60 29.90
N ASN H 136 -25.44 4.35 30.99
CA ASN H 136 -26.32 4.29 32.15
C ASN H 136 -26.18 5.59 32.93
N GLY H 137 -27.21 5.90 33.73
CA GLY H 137 -27.08 6.99 34.67
C GLY H 137 -26.15 6.62 35.82
N GLU H 138 -25.54 7.65 36.40
CA GLU H 138 -24.53 7.45 37.43
C GLU H 138 -25.08 7.93 38.76
N ILE H 139 -24.81 7.16 39.82
CA ILE H 139 -25.34 7.49 41.14
C ILE H 139 -24.27 8.11 42.02
N ASP H 140 -23.22 7.34 42.33
CA ASP H 140 -22.19 7.84 43.22
C ASP H 140 -20.81 7.75 42.58
N THR H 141 -20.18 8.91 42.39
CA THR H 141 -18.82 8.96 41.87
C THR H 141 -17.83 9.46 42.92
N LEU H 142 -17.97 9.02 44.19
CA LEU H 142 -17.21 9.47 45.35
C LEU H 142 -17.11 11.00 45.33
N PRO H 143 -18.25 11.71 45.31
CA PRO H 143 -18.27 13.10 44.85
C PRO H 143 -17.57 14.10 45.76
N GLU H 144 -17.21 13.63 46.94
CA GLU H 144 -16.38 14.37 47.88
C GLU H 144 -14.99 14.62 47.31
N GLU H 145 -14.54 13.77 46.40
CA GLU H 145 -13.17 13.84 45.90
C GLU H 145 -13.07 13.89 44.39
N ILE H 146 -13.85 13.11 43.65
CA ILE H 146 -13.84 13.09 42.20
C ILE H 146 -14.66 14.23 41.62
N VAL H 147 -15.83 14.48 42.20
CA VAL H 147 -16.74 15.49 41.67
C VAL H 147 -16.19 16.86 42.08
N ASN H 148 -15.70 16.94 43.33
CA ASN H 148 -15.21 18.20 43.87
C ASN H 148 -13.73 18.43 43.54
N VAL H 149 -13.44 19.44 42.73
CA VAL H 149 -12.04 19.83 42.52
C VAL H 149 -11.73 20.98 43.47
N SER H 150 -10.83 20.73 44.42
CA SER H 150 -10.56 21.69 45.48
C SER H 150 -9.14 22.24 45.45
N LYS H 151 -8.95 23.51 45.78
CA LYS H 151 -7.60 24.05 45.86
C LYS H 151 -6.88 23.71 47.16
N GLY H 152 -7.57 23.59 48.29
CA GLY H 152 -6.92 23.34 49.56
C GLY H 152 -6.44 24.60 50.25
N GLY H 153 -6.86 25.76 49.74
CA GLY H 153 -6.43 27.04 50.25
C GLY H 153 -7.06 27.34 51.61
N TYR H 154 -6.21 27.57 52.60
CA TYR H 154 -6.60 27.93 53.95
C TYR H 154 -6.45 29.44 54.13
N ASP H 155 -7.58 30.12 54.34
CA ASP H 155 -7.66 31.57 54.06
C ASP H 155 -6.93 32.47 55.04
N PHE H 156 -6.84 32.05 56.32
CA PHE H 156 -5.98 32.61 57.38
C PHE H 156 -5.46 31.47 58.25
N GLN H 157 -4.14 31.28 58.19
CA GLN H 157 -3.36 30.69 59.27
C GLN H 157 -2.04 31.43 59.30
N GLN H 158 -2.08 32.77 59.25
CA GLN H 158 -0.86 33.54 58.99
C GLN H 158 0.28 33.23 59.97
N PRO H 159 0.14 33.38 61.30
CA PRO H 159 1.22 32.89 62.16
C PRO H 159 1.16 31.40 62.45
N GLY H 160 2.26 30.68 62.37
CA GLY H 160 2.21 29.24 62.46
C GLY H 160 1.51 28.47 61.35
N GLN H 161 1.59 28.93 60.10
CA GLN H 161 1.00 28.16 59.01
C GLN H 161 1.70 26.82 58.86
N THR H 162 3.03 26.82 58.94
CA THR H 162 3.90 25.63 58.90
C THR H 162 3.54 24.69 57.74
N THR H 163 3.75 25.16 56.52
CA THR H 163 3.20 24.47 55.37
C THR H 163 4.32 24.09 54.42
N GLY H 164 4.16 22.95 53.74
CA GLY H 164 5.06 22.55 52.69
C GLY H 164 4.71 23.18 51.36
N GLU H 165 5.39 22.75 50.29
CA GLU H 165 5.17 23.33 48.97
C GLU H 165 3.73 23.14 48.51
N ALA H 166 3.07 22.08 48.99
CA ALA H 166 1.71 21.74 48.62
C ALA H 166 0.74 22.55 49.48
N PRO H 167 -0.49 22.72 49.02
CA PRO H 167 -1.31 23.85 49.48
C PRO H 167 -1.93 23.61 50.85
N GLY H 168 -1.16 23.97 51.88
CA GLY H 168 -1.66 24.11 53.22
C GLY H 168 -1.69 22.87 54.10
N THR H 169 -0.63 22.66 54.88
CA THR H 169 -0.67 21.61 55.89
C THR H 169 -0.57 22.23 57.28
N VAL H 170 -1.03 21.46 58.26
CA VAL H 170 -1.00 21.85 59.66
C VAL H 170 0.46 21.91 60.12
N PRO H 171 0.78 22.62 61.21
CA PRO H 171 2.18 22.68 61.66
C PRO H 171 2.66 21.34 62.18
N ALA H 172 3.91 21.01 61.85
CA ALA H 172 4.53 19.70 62.08
C ALA H 172 3.75 18.56 61.44
N PRO I 1 -24.69 36.49 -0.71
CA PRO I 1 -25.19 35.15 -0.94
C PRO I 1 -25.49 34.36 0.32
N ILE I 2 -25.99 33.14 0.18
CA ILE I 2 -26.28 32.26 1.30
C ILE I 2 -25.00 32.07 2.10
N MET I 3 -25.05 32.37 3.38
CA MET I 3 -23.90 32.29 4.26
C MET I 3 -23.76 30.89 4.86
N GLY I 4 -22.71 30.72 5.65
CA GLY I 4 -22.49 29.47 6.37
C GLY I 4 -23.55 29.15 7.40
N GLN I 5 -24.13 30.17 8.04
CA GLN I 5 -25.26 30.01 8.93
C GLN I 5 -26.56 29.78 8.18
N ASP I 6 -26.57 30.02 6.87
CA ASP I 6 -27.80 30.00 6.08
C ASP I 6 -28.41 28.61 5.93
N VAL I 7 -27.61 27.55 5.87
CA VAL I 7 -28.13 26.20 5.69
C VAL I 7 -28.00 25.47 7.01
N LYS I 8 -29.12 24.97 7.54
CA LYS I 8 -29.08 24.18 8.76
C LYS I 8 -29.68 22.80 8.53
N TYR I 9 -29.21 21.84 9.34
CA TYR I 9 -29.40 20.42 9.08
C TYR I 9 -30.38 19.86 10.11
N LEU I 10 -31.63 19.68 9.69
CA LEU I 10 -32.62 19.05 10.55
C LEU I 10 -32.46 17.54 10.49
N PHE I 11 -32.69 16.87 11.61
CA PHE I 11 -32.66 15.42 11.68
C PHE I 11 -33.90 14.90 12.39
N GLN I 12 -34.48 13.84 11.84
CA GLN I 12 -35.55 13.14 12.54
C GLN I 12 -35.36 11.64 12.35
N SER I 13 -35.61 10.89 13.42
CA SER I 13 -35.48 9.44 13.38
C SER I 13 -36.66 8.81 12.65
N ILE I 14 -36.43 7.61 12.12
CA ILE I 14 -37.48 6.90 11.39
C ILE I 14 -38.62 6.49 12.29
N ASP I 15 -38.32 5.91 13.46
CA ASP I 15 -39.34 5.33 14.31
C ASP I 15 -40.01 6.35 15.23
N ALA I 16 -39.51 7.59 15.26
CA ALA I 16 -40.05 8.56 16.20
C ALA I 16 -41.51 8.87 15.91
N ALA I 17 -41.88 8.92 14.62
CA ALA I 17 -43.21 9.33 14.13
C ALA I 17 -43.71 10.58 14.86
N THR I 18 -42.83 11.57 15.00
CA THR I 18 -43.15 12.83 15.67
C THR I 18 -43.52 13.87 14.62
N GLY I 19 -44.16 14.94 15.06
CA GLY I 19 -44.60 15.99 14.16
C GLY I 19 -43.61 17.13 14.05
N SER I 20 -42.45 16.99 14.68
CA SER I 20 -41.45 18.06 14.66
C SER I 20 -40.03 17.51 14.72
N ALA I 21 -39.14 18.07 13.89
CA ALA I 21 -37.76 17.65 13.67
C ALA I 21 -36.77 18.34 14.61
N PRO I 22 -35.99 17.59 15.43
CA PRO I 22 -35.02 18.25 16.30
C PRO I 22 -33.82 18.79 15.56
N LEU I 23 -33.51 20.06 15.77
CA LEU I 23 -32.25 20.61 15.30
C LEU I 23 -31.38 20.94 16.52
N PHE I 24 -30.15 20.49 16.47
CA PHE I 24 -29.40 20.55 17.70
C PHE I 24 -28.63 21.86 17.81
N PRO I 25 -28.52 22.44 18.99
CA PRO I 25 -27.77 23.71 19.12
C PRO I 25 -26.26 23.48 19.13
N ALA I 26 -25.54 24.60 19.12
CA ALA I 26 -24.08 24.68 19.13
C ALA I 26 -23.47 23.90 17.96
N TYR I 27 -24.03 24.12 16.78
CA TYR I 27 -23.47 23.56 15.57
C TYR I 27 -22.14 24.22 15.22
N GLN I 28 -21.19 23.39 14.85
CA GLN I 28 -19.86 23.82 14.46
C GLN I 28 -19.87 23.79 12.94
N THR I 29 -19.16 22.85 12.32
CA THR I 29 -19.11 22.77 10.87
C THR I 29 -19.63 21.42 10.38
N ASP I 30 -19.70 21.32 9.06
CA ASP I 30 -20.46 20.28 8.39
C ASP I 30 -19.98 20.20 6.95
N GLY I 31 -19.65 19.00 6.53
CA GLY I 31 -19.38 18.76 5.13
C GLY I 31 -20.31 17.72 4.56
N SER I 32 -20.86 18.01 3.39
CA SER I 32 -21.67 17.05 2.64
C SER I 32 -20.84 16.72 1.40
N VAL I 33 -20.19 15.57 1.44
CA VAL I 33 -19.25 15.17 0.40
C VAL I 33 -19.91 14.10 -0.45
N SER I 34 -20.05 14.40 -1.74
CA SER I 34 -20.90 13.64 -2.65
C SER I 34 -20.11 13.39 -3.94
N GLY I 35 -19.32 12.33 -3.93
CA GLY I 35 -18.49 12.02 -5.09
C GLY I 35 -19.23 11.25 -6.16
N GLU I 36 -19.21 11.77 -7.39
CA GLU I 36 -19.90 11.16 -8.52
C GLU I 36 -18.84 10.51 -9.41
N ARG I 37 -18.50 9.26 -9.12
CA ARG I 37 -17.43 8.57 -9.81
C ARG I 37 -17.74 8.45 -11.30
N GLU I 38 -16.87 7.76 -12.03
CA GLU I 38 -16.87 7.77 -13.48
C GLU I 38 -16.23 6.47 -13.98
N LEU I 39 -16.76 5.95 -15.08
CA LEU I 39 -16.29 4.72 -15.69
C LEU I 39 -15.00 4.96 -16.45
N PHE I 40 -14.31 3.86 -16.76
CA PHE I 40 -13.14 3.90 -17.64
C PHE I 40 -13.45 3.26 -18.98
N ASP I 41 -14.07 4.03 -19.86
CA ASP I 41 -14.00 3.84 -21.31
C ASP I 41 -13.10 4.93 -21.90
N GLU I 42 -11.83 4.60 -22.10
CA GLU I 42 -10.89 5.51 -22.73
C GLU I 42 -11.21 5.78 -24.19
N GLN I 43 -12.05 4.93 -24.80
CA GLN I 43 -12.37 4.91 -26.24
C GLN I 43 -11.13 4.63 -27.09
N THR I 44 -10.24 3.78 -26.56
CA THR I 44 -8.85 3.60 -27.02
C THR I 44 -8.21 4.94 -27.41
N LYS I 45 -8.27 5.90 -26.48
CA LYS I 45 -7.75 7.25 -26.71
C LYS I 45 -6.61 7.55 -25.75
N ASN I 46 -6.94 8.09 -24.58
CA ASN I 46 -5.94 8.39 -23.55
C ASN I 46 -6.50 8.32 -22.13
N GLY I 47 -7.54 7.52 -21.91
CA GLY I 47 -8.15 7.42 -20.59
C GLY I 47 -9.15 8.54 -20.37
N ARG I 48 -9.84 8.91 -21.44
CA ARG I 48 -10.84 9.98 -21.38
C ARG I 48 -12.22 9.32 -21.34
N ILE I 49 -12.99 9.64 -20.32
CA ILE I 49 -14.34 9.11 -20.17
C ILE I 49 -15.29 10.23 -19.74
N LEU I 50 -16.44 10.32 -20.40
CA LEU I 50 -17.47 11.29 -20.04
C LEU I 50 -18.67 10.63 -19.37
N GLY I 51 -18.51 9.42 -18.87
CA GLY I 51 -19.61 8.60 -18.41
C GLY I 51 -19.64 8.41 -16.90
N PRO I 52 -20.80 8.00 -16.38
CA PRO I 52 -20.95 7.89 -14.93
C PRO I 52 -20.31 6.65 -14.35
N GLY I 53 -20.05 6.68 -13.04
CA GLY I 53 -19.43 5.58 -12.33
C GLY I 53 -20.30 5.19 -11.16
N SER I 54 -20.23 5.98 -10.11
CA SER I 54 -21.02 5.73 -8.92
C SER I 54 -21.08 6.97 -8.04
N VAL I 55 -21.98 6.93 -7.06
CA VAL I 55 -22.21 8.06 -6.16
C VAL I 55 -21.74 7.68 -4.76
N ALA I 56 -20.73 8.38 -4.28
CA ALA I 56 -20.23 8.24 -2.92
C ALA I 56 -20.74 9.41 -2.10
N ASP I 57 -21.91 9.25 -1.53
CA ASP I 57 -22.61 10.35 -0.86
C ASP I 57 -22.49 10.16 0.64
N SER I 58 -21.65 10.98 1.25
CA SER I 58 -21.36 10.93 2.68
C SER I 58 -21.35 12.34 3.25
N GLY I 59 -21.52 12.42 4.57
CA GLY I 59 -21.46 13.68 5.26
C GLY I 59 -20.87 13.54 6.64
N GLU I 60 -20.31 14.62 7.17
CA GLU I 60 -19.81 14.64 8.53
C GLU I 60 -20.40 15.88 9.20
N VAL I 61 -20.84 15.71 10.45
CA VAL I 61 -21.47 16.79 11.19
C VAL I 61 -20.75 16.95 12.51
N THR I 62 -20.26 18.15 12.81
CA THR I 62 -19.65 18.42 14.09
C THR I 62 -20.52 19.38 14.89
N TYR I 63 -20.60 19.15 16.20
CA TYR I 63 -21.34 20.06 17.08
C TYR I 63 -20.76 19.94 18.49
N TYR I 64 -21.10 20.91 19.35
CA TYR I 64 -20.72 20.90 20.75
C TYR I 64 -21.77 20.14 21.54
N GLY I 65 -21.33 19.34 22.51
CA GLY I 65 -22.24 18.50 23.27
C GLY I 65 -23.09 19.23 24.28
N LYS I 66 -24.37 18.87 24.37
CA LYS I 66 -25.24 19.41 25.40
C LYS I 66 -25.75 18.28 26.29
N ARG I 67 -26.01 18.60 27.56
CA ARG I 67 -26.35 17.60 28.55
C ARG I 67 -27.60 16.78 28.20
N GLY I 68 -28.62 17.41 27.63
CA GLY I 68 -29.81 16.70 27.20
C GLY I 68 -30.06 16.94 25.72
N ASP I 69 -31.27 17.43 25.43
CA ASP I 69 -31.67 17.95 24.11
C ASP I 69 -31.68 16.85 23.06
N ALA I 70 -32.77 16.82 22.30
CA ALA I 70 -33.27 15.65 21.59
C ALA I 70 -32.71 15.36 20.19
N GLY I 71 -31.91 16.28 19.63
CA GLY I 71 -31.15 15.94 18.43
C GLY I 71 -29.94 15.07 18.71
N GLN I 72 -29.17 15.42 19.76
CA GLN I 72 -28.11 14.53 20.22
C GLN I 72 -28.67 13.29 20.90
N LYS I 73 -29.79 13.41 21.62
CA LYS I 73 -30.45 12.21 22.13
C LYS I 73 -31.00 11.36 21.00
N ALA I 74 -31.59 11.95 19.97
CA ALA I 74 -31.91 11.20 18.77
C ALA I 74 -30.63 10.76 18.06
N ILE I 75 -29.57 11.57 18.16
CA ILE I 75 -28.26 11.16 17.65
C ILE I 75 -27.78 9.89 18.35
N GLU I 76 -27.79 9.90 19.68
CA GLU I 76 -27.31 8.75 20.44
C GLU I 76 -28.27 7.57 20.37
N ASP I 77 -29.59 7.80 20.48
CA ASP I 77 -30.55 6.74 20.20
C ASP I 77 -30.39 6.20 18.79
N ALA I 78 -30.24 7.09 17.80
CA ALA I 78 -29.98 6.60 16.46
C ALA I 78 -28.67 5.83 16.38
N TYR I 79 -27.60 6.38 16.97
CA TYR I 79 -26.28 5.75 16.85
C TYR I 79 -26.24 4.39 17.52
N GLN I 80 -26.64 4.33 18.80
CA GLN I 80 -26.38 3.16 19.63
C GLN I 80 -27.31 2.00 19.29
N ASN I 81 -28.55 2.30 18.89
CA ASN I 81 -29.42 1.24 18.40
C ASN I 81 -29.21 1.01 16.91
N GLY I 82 -28.39 1.84 16.27
CA GLY I 82 -28.08 1.71 14.87
C GLY I 82 -29.25 2.04 13.97
N LYS I 83 -30.14 2.89 14.46
CA LYS I 83 -31.34 3.34 13.75
C LYS I 83 -30.88 4.19 12.58
N GLN I 84 -31.60 4.12 11.47
CA GLN I 84 -31.44 5.05 10.36
C GLN I 84 -32.03 6.40 10.77
N ILE I 85 -31.37 7.48 10.37
CA ILE I 85 -31.86 8.82 10.70
C ILE I 85 -32.24 9.54 9.41
N LYS I 86 -33.40 10.19 9.46
CA LYS I 86 -33.87 10.99 8.33
C LYS I 86 -33.26 12.39 8.43
N PHE I 87 -32.62 12.81 7.34
CA PHE I 87 -31.73 13.96 7.31
C PHE I 87 -32.27 15.01 6.35
N TRP I 88 -32.41 16.24 6.86
CA TRP I 88 -32.93 17.37 6.10
C TRP I 88 -31.91 18.49 6.17
N ARG I 89 -31.35 18.88 5.02
CA ARG I 89 -30.48 20.05 4.92
C ARG I 89 -31.28 21.17 4.28
N VAL I 90 -31.74 22.11 5.09
CA VAL I 90 -32.64 23.15 4.60
C VAL I 90 -32.02 24.51 4.87
N ASP I 91 -32.37 25.46 4.00
CA ASP I 91 -31.88 26.82 4.11
C ASP I 91 -32.67 27.57 5.19
N THR I 92 -32.15 28.74 5.54
CA THR I 92 -32.71 29.59 6.58
C THR I 92 -33.38 30.84 6.03
N VAL I 93 -32.91 31.34 4.88
CA VAL I 93 -33.54 32.51 4.26
C VAL I 93 -34.89 32.12 3.67
N LYS I 94 -35.70 33.12 3.36
CA LYS I 94 -37.06 32.90 2.89
C LYS I 94 -37.09 32.85 1.37
N ASN I 95 -37.23 31.65 0.82
CA ASN I 95 -37.46 31.49 -0.60
C ASN I 95 -38.83 32.02 -0.98
N GLU I 96 -39.01 32.27 -2.28
CA GLU I 96 -40.26 32.85 -2.77
C GLU I 96 -41.24 31.82 -3.33
N ASN I 97 -40.81 30.58 -3.55
CA ASN I 97 -41.76 29.53 -3.85
C ASN I 97 -42.14 28.75 -2.58
N ASP I 98 -41.30 27.80 -2.18
CA ASP I 98 -41.41 27.19 -0.87
C ASP I 98 -40.96 28.20 0.18
N LYS I 99 -41.37 28.00 1.42
CA LYS I 99 -40.87 28.81 2.52
C LYS I 99 -39.36 28.81 2.54
N TYR I 100 -38.75 27.63 2.41
CA TYR I 100 -37.32 27.44 2.38
C TYR I 100 -37.01 26.45 1.29
N ASP I 101 -35.75 26.01 1.21
CA ASP I 101 -35.37 25.01 0.22
C ASP I 101 -34.35 24.06 0.84
N ALA I 102 -34.48 22.79 0.47
CA ALA I 102 -33.84 21.72 1.22
C ALA I 102 -33.16 20.74 0.26
N GLN I 103 -32.02 20.23 0.71
CA GLN I 103 -31.46 18.97 0.21
C GLN I 103 -31.66 17.96 1.33
N PHE I 104 -32.23 16.80 0.98
CA PHE I 104 -32.81 15.87 1.93
C PHE I 104 -32.34 14.45 1.64
N GLY I 105 -32.34 13.60 2.66
CA GLY I 105 -32.09 12.19 2.43
C GLY I 105 -32.32 11.37 3.66
N PHE I 106 -32.32 10.05 3.46
CA PHE I 106 -32.26 9.09 4.56
C PHE I 106 -30.80 8.76 4.80
N ALA I 107 -30.38 8.79 6.06
CA ALA I 107 -28.97 8.71 6.41
C ALA I 107 -28.74 7.71 7.54
N TYR I 108 -27.49 7.29 7.66
CA TYR I 108 -27.09 6.25 8.59
C TYR I 108 -25.79 6.68 9.25
N ILE I 109 -25.73 6.60 10.58
CA ILE I 109 -24.53 6.98 11.31
C ILE I 109 -23.41 6.00 11.00
N GLU I 110 -22.32 6.50 10.42
CA GLU I 110 -21.18 5.64 10.14
C GLU I 110 -20.10 5.66 11.21
N SER I 111 -19.90 6.77 11.90
CA SER I 111 -18.96 6.82 13.01
C SER I 111 -19.28 8.01 13.88
N ARG I 112 -19.04 7.84 15.19
CA ARG I 112 -19.22 8.90 16.19
C ARG I 112 -17.84 9.08 16.81
N GLU I 113 -17.52 10.33 17.10
CA GLU I 113 -16.24 10.72 17.65
C GLU I 113 -16.50 11.69 18.78
N TYR I 114 -16.06 11.35 19.99
CA TYR I 114 -16.21 12.24 21.13
C TYR I 114 -14.89 12.85 21.53
N SER I 115 -14.83 14.18 21.45
CA SER I 115 -13.66 14.94 21.85
C SER I 115 -13.86 15.53 23.23
N ASP I 116 -12.91 15.24 24.10
CA ASP I 116 -12.76 15.88 25.41
C ASP I 116 -11.34 16.46 25.42
N GLY I 117 -11.25 17.78 25.43
CA GLY I 117 -9.97 18.46 25.55
C GLY I 117 -9.82 19.11 26.91
N VAL I 118 -8.72 19.84 27.08
CA VAL I 118 -8.47 20.60 28.29
C VAL I 118 -9.23 21.91 28.31
N GLU I 119 -9.23 22.64 27.19
CA GLU I 119 -10.12 23.77 27.03
C GLU I 119 -11.31 23.48 26.13
N GLY I 120 -12.39 24.24 26.26
CA GLY I 120 -13.43 24.21 25.27
C GLY I 120 -14.44 23.15 25.66
N ALA I 121 -15.72 23.40 25.39
CA ALA I 121 -16.76 22.46 25.77
C ALA I 121 -16.73 21.22 24.89
N VAL I 122 -17.43 20.18 25.34
CA VAL I 122 -17.35 18.87 24.72
C VAL I 122 -17.61 18.97 23.22
N GLU I 123 -16.93 18.14 22.45
CA GLU I 123 -17.04 18.21 21.00
C GLU I 123 -17.48 16.87 20.44
N ILE I 124 -18.48 16.91 19.56
CA ILE I 124 -19.01 15.70 18.96
C ILE I 124 -18.91 15.83 17.44
N SER I 125 -18.11 14.94 16.85
CA SER I 125 -18.07 14.76 15.41
C SER I 125 -18.78 13.46 15.08
N ILE I 126 -19.78 13.53 14.21
CA ILE I 126 -20.50 12.35 13.77
C ILE I 126 -20.33 12.20 12.26
N SER I 127 -19.80 11.05 11.86
CA SER I 127 -19.54 10.75 10.46
C SER I 127 -20.59 9.80 9.93
N LEU I 128 -21.22 10.19 8.82
CA LEU I 128 -22.36 9.48 8.27
C LEU I 128 -22.23 9.40 6.76
N GLN I 129 -23.02 8.51 6.15
CA GLN I 129 -23.20 8.50 4.71
C GLN I 129 -24.68 8.71 4.45
N VAL I 130 -25.03 9.09 3.22
CA VAL I 130 -26.42 9.23 2.84
C VAL I 130 -26.67 8.34 1.64
N ILE I 131 -27.73 7.54 1.70
CA ILE I 131 -27.99 6.54 0.67
C ILE I 131 -28.37 7.21 -0.64
N GLY I 132 -29.34 8.11 -0.58
CA GLY I 132 -29.75 8.84 -1.77
C GLY I 132 -29.84 10.32 -1.50
N GLU I 133 -29.09 11.11 -2.27
CA GLU I 133 -29.19 12.56 -2.19
C GLU I 133 -30.48 13.04 -2.84
N LEU I 134 -31.29 13.74 -2.06
CA LEU I 134 -32.61 14.17 -2.51
C LEU I 134 -32.67 15.68 -2.38
N LYS I 135 -33.46 16.31 -3.25
CA LYS I 135 -33.59 17.77 -3.28
C LYS I 135 -35.05 18.13 -3.41
N ASN I 136 -35.53 19.03 -2.53
CA ASN I 136 -36.90 19.51 -2.60
C ASN I 136 -36.98 20.85 -1.89
N GLY I 137 -38.01 21.63 -2.23
CA GLY I 137 -38.28 22.83 -1.47
C GLY I 137 -38.84 22.50 -0.10
N GLU I 138 -38.62 23.42 0.84
CA GLU I 138 -39.00 23.17 2.22
C GLU I 138 -40.14 24.11 2.60
N ILE I 139 -41.10 23.58 3.34
CA ILE I 139 -42.29 24.35 3.69
C ILE I 139 -42.21 24.81 5.15
N ASP I 140 -42.21 23.87 6.09
CA ASP I 140 -42.20 24.25 7.49
C ASP I 140 -41.03 23.61 8.23
N THR I 141 -40.15 24.45 8.77
CA THR I 141 -39.04 23.98 9.58
C THR I 141 -39.18 24.40 11.04
N LEU I 142 -40.40 24.34 11.60
CA LEU I 142 -40.77 24.81 12.93
C LEU I 142 -40.15 26.19 13.17
N PRO I 143 -40.45 27.18 12.30
CA PRO I 143 -39.59 28.37 12.16
C PRO I 143 -39.59 29.30 13.37
N GLU I 144 -40.51 29.05 14.29
CA GLU I 144 -40.55 29.71 15.58
C GLU I 144 -39.32 29.42 16.42
N GLU I 145 -38.68 28.27 16.16
CA GLU I 145 -37.57 27.81 17.00
C GLU I 145 -36.32 27.46 16.21
N ILE I 146 -36.42 26.80 15.08
CA ILE I 146 -35.28 26.42 14.26
C ILE I 146 -34.82 27.58 13.37
N VAL I 147 -35.78 28.30 12.78
CA VAL I 147 -35.46 29.38 11.86
C VAL I 147 -35.01 30.57 12.68
N ASN I 148 -35.71 30.80 13.80
CA ASN I 148 -35.42 31.97 14.65
C ASN I 148 -34.34 31.66 15.67
N VAL I 149 -33.19 32.32 15.57
CA VAL I 149 -32.19 32.22 16.62
C VAL I 149 -32.36 33.43 17.54
N SER I 150 -32.74 33.16 18.79
CA SER I 150 -33.09 34.22 19.72
C SER I 150 -32.14 34.30 20.90
N LYS I 151 -31.84 35.51 21.39
CA LYS I 151 -31.03 35.64 22.60
C LYS I 151 -31.79 35.42 23.89
N GLY I 152 -33.08 35.78 23.96
CA GLY I 152 -33.84 35.67 25.19
C GLY I 152 -33.69 36.86 26.10
N GLY I 153 -33.07 37.93 25.60
CA GLY I 153 -32.79 39.11 26.39
C GLY I 153 -34.07 39.90 26.68
N TYR I 154 -34.32 40.11 27.97
CA TYR I 154 -35.45 40.87 28.46
C TYR I 154 -34.97 42.28 28.84
N ASP I 155 -35.45 43.29 28.11
CA ASP I 155 -34.76 44.58 28.05
C ASP I 155 -34.83 45.43 29.31
N PHE I 156 -35.93 45.34 30.07
CA PHE I 156 -36.14 45.85 31.43
C PHE I 156 -36.96 44.85 32.23
N GLN I 157 -36.31 44.28 33.25
CA GLN I 157 -36.98 43.75 34.43
C GLN I 157 -36.07 44.07 35.61
N GLN I 158 -35.56 45.31 35.69
CA GLN I 158 -34.47 45.60 36.61
C GLN I 158 -34.76 45.23 38.07
N PRO I 159 -35.82 45.72 38.73
CA PRO I 159 -36.13 45.15 40.06
C PRO I 159 -36.93 43.87 40.00
N GLY I 160 -36.56 42.86 40.78
CA GLY I 160 -37.20 41.56 40.63
C GLY I 160 -36.95 40.79 39.35
N GLN I 161 -35.77 40.89 38.74
CA GLN I 161 -35.49 40.09 37.56
C GLN I 161 -35.50 38.61 37.89
N THR I 162 -34.89 38.23 39.02
CA THR I 162 -34.86 36.87 39.58
C THR I 162 -34.47 35.84 38.53
N THR I 163 -33.23 35.92 38.05
CA THR I 163 -32.87 35.16 36.87
C THR I 163 -31.69 34.25 37.19
N GLY I 164 -31.66 33.08 36.54
CA GLY I 164 -30.52 32.18 36.62
C GLY I 164 -29.43 32.56 35.65
N GLU I 165 -28.41 31.71 35.55
CA GLU I 165 -27.27 31.99 34.67
C GLU I 165 -27.70 32.13 33.22
N ALA I 166 -28.79 31.45 32.85
CA ALA I 166 -29.32 31.45 31.48
C ALA I 166 -30.19 32.67 31.28
N PRO I 167 -30.40 33.09 30.04
CA PRO I 167 -30.75 34.48 29.75
C PRO I 167 -32.23 34.78 30.01
N GLY I 168 -32.51 35.12 31.26
CA GLY I 168 -33.77 35.73 31.64
C GLY I 168 -34.91 34.80 31.99
N THR I 169 -35.07 34.47 33.27
CA THR I 169 -36.25 33.76 33.72
C THR I 169 -37.07 34.64 34.65
N VAL I 170 -38.36 34.29 34.76
CA VAL I 170 -39.30 34.98 35.63
C VAL I 170 -38.90 34.72 37.08
N PRO I 171 -39.34 35.55 38.05
CA PRO I 171 -38.95 35.30 39.45
C PRO I 171 -39.60 34.05 39.99
N ALA I 172 -38.83 33.30 40.78
CA ALA I 172 -39.17 31.96 41.29
C ALA I 172 -39.48 30.98 40.15
N PRO J 1 1.36 40.74 -16.61
CA PRO J 1 0.80 39.58 -17.30
C PRO J 1 -0.64 39.24 -16.90
N ILE J 2 -1.21 38.21 -17.51
CA ILE J 2 -2.56 37.77 -17.21
C ILE J 2 -2.61 37.40 -15.73
N MET J 3 -3.54 38.02 -15.00
CA MET J 3 -3.67 37.82 -13.57
C MET J 3 -4.58 36.63 -13.26
N GLY J 4 -4.73 36.34 -11.97
CA GLY J 4 -5.64 35.31 -11.53
C GLY J 4 -7.09 35.57 -11.82
N GLN J 5 -7.51 36.83 -11.82
CA GLN J 5 -8.84 37.23 -12.25
C GLN J 5 -8.99 37.22 -13.76
N ASP J 6 -7.88 37.13 -14.49
CA ASP J 6 -7.89 37.27 -15.94
C ASP J 6 -8.58 36.13 -16.67
N VAL J 7 -8.52 34.90 -16.17
CA VAL J 7 -9.13 33.75 -16.84
C VAL J 7 -10.37 33.36 -16.06
N LYS J 8 -11.52 33.35 -16.72
CA LYS J 8 -12.74 32.90 -16.07
C LYS J 8 -13.37 31.75 -16.83
N TYR J 9 -14.11 30.92 -16.10
CA TYR J 9 -14.52 29.59 -16.55
C TYR J 9 -16.02 29.60 -16.81
N LEU J 10 -16.39 29.70 -18.09
CA LEU J 10 -17.79 29.61 -18.47
C LEU J 10 -18.21 28.14 -18.54
N PHE J 11 -19.45 27.87 -18.15
CA PHE J 11 -20.02 26.54 -18.24
C PHE J 11 -21.39 26.59 -18.90
N GLN J 12 -21.64 25.65 -19.80
CA GLN J 12 -22.98 25.47 -20.35
C GLN J 12 -23.27 23.99 -20.45
N SER J 13 -24.51 23.62 -20.13
CA SER J 13 -24.95 22.23 -20.20
C SER J 13 -25.20 21.81 -21.64
N ILE J 14 -25.09 20.50 -21.89
CA ILE J 14 -25.30 19.98 -23.24
C ILE J 14 -26.74 20.15 -23.69
N ASP J 15 -27.72 19.81 -22.85
CA ASP J 15 -29.10 19.78 -23.25
C ASP J 15 -29.79 21.13 -23.15
N ALA J 16 -29.11 22.15 -22.60
CA ALA J 16 -29.77 23.43 -22.40
C ALA J 16 -30.18 24.07 -23.71
N ALA J 17 -29.33 23.91 -24.75
CA ALA J 17 -29.46 24.56 -26.06
C ALA J 17 -29.83 26.04 -25.93
N THR J 18 -29.14 26.74 -25.03
CA THR J 18 -29.37 28.16 -24.77
C THR J 18 -28.36 28.97 -25.56
N GLY J 19 -28.64 30.25 -25.72
CA GLY J 19 -27.76 31.14 -26.48
C GLY J 19 -26.77 31.88 -25.61
N SER J 20 -26.72 31.57 -24.33
CA SER J 20 -25.83 32.26 -23.41
C SER J 20 -25.36 31.35 -22.28
N ALA J 21 -24.05 31.41 -21.97
CA ALA J 21 -23.34 30.56 -21.02
C ALA J 21 -23.34 31.15 -19.60
N PRO J 22 -23.84 30.41 -18.58
CA PRO J 22 -23.81 30.97 -17.22
C PRO J 22 -22.42 30.94 -16.62
N LEU J 23 -21.97 32.07 -16.10
CA LEU J 23 -20.77 32.11 -15.28
C LEU J 23 -21.16 32.45 -13.85
N PHE J 24 -20.66 31.66 -12.93
CA PHE J 24 -21.24 31.79 -11.60
C PHE J 24 -20.46 32.81 -10.79
N PRO J 25 -21.11 33.62 -9.95
CA PRO J 25 -20.38 34.58 -9.13
C PRO J 25 -19.72 33.94 -7.92
N ALA J 26 -18.92 34.77 -7.23
CA ALA J 26 -18.18 34.41 -6.02
C ALA J 26 -17.24 33.24 -6.27
N TYR J 27 -16.52 33.32 -7.39
CA TYR J 27 -15.48 32.35 -7.69
C TYR J 27 -14.30 32.48 -6.73
N GLN J 28 -13.83 31.34 -6.25
CA GLN J 28 -12.70 31.27 -5.35
C GLN J 28 -11.52 30.87 -6.24
N THR J 29 -11.03 29.64 -6.10
CA THR J 29 -9.89 29.20 -6.90
C THR J 29 -10.25 27.99 -7.75
N ASP J 30 -9.29 27.60 -8.58
CA ASP J 30 -9.53 26.69 -9.68
C ASP J 30 -8.19 26.14 -10.12
N GLY J 31 -8.12 24.82 -10.22
CA GLY J 31 -6.98 24.18 -10.83
C GLY J 31 -7.39 23.36 -12.03
N SER J 32 -6.63 23.50 -13.11
CA SER J 32 -6.80 22.67 -14.30
C SER J 32 -5.54 21.82 -14.37
N VAL J 33 -5.66 20.57 -13.94
CA VAL J 33 -4.52 19.69 -13.81
C VAL J 33 -4.57 18.67 -14.95
N SER J 34 -3.52 18.68 -15.77
CA SER J 34 -3.50 18.02 -17.06
C SER J 34 -2.19 17.24 -17.18
N GLY J 35 -2.18 16.02 -16.64
CA GLY J 35 -0.97 15.22 -16.66
C GLY J 35 -0.77 14.46 -17.96
N GLU J 36 0.38 14.64 -18.59
CA GLU J 36 0.70 13.99 -19.86
C GLU J 36 1.70 12.88 -19.58
N ARG J 37 1.19 11.70 -19.28
CA ARG J 37 2.03 10.58 -18.87
C ARG J 37 2.99 10.19 -19.99
N GLU J 38 3.75 9.12 -19.76
CA GLU J 38 4.89 8.78 -20.60
C GLU J 38 5.14 7.28 -20.50
N LEU J 39 5.55 6.69 -21.61
CA LEU J 39 5.81 5.26 -21.70
C LEU J 39 7.14 4.92 -21.06
N PHE J 40 7.33 3.62 -20.79
CA PHE J 40 8.63 3.10 -20.35
C PHE J 40 9.29 2.28 -21.43
N ASP J 41 9.94 2.96 -22.36
CA ASP J 41 11.04 2.41 -23.15
C ASP J 41 12.35 3.02 -22.64
N GLU J 42 13.03 2.30 -21.76
CA GLU J 42 14.33 2.72 -21.26
C GLU J 42 15.41 2.70 -22.32
N GLN J 43 15.15 2.02 -23.45
CA GLN J 43 16.12 1.75 -24.53
C GLN J 43 17.31 0.92 -24.03
N THR J 44 17.04 0.00 -23.10
CA THR J 44 18.03 -0.68 -22.25
C THR J 44 19.14 0.28 -21.80
N LYS J 45 18.73 1.41 -21.23
CA LYS J 45 19.65 2.45 -20.79
C LYS J 45 19.59 2.63 -19.28
N ASN J 46 18.70 3.51 -18.82
CA ASN J 46 18.51 3.74 -17.39
C ASN J 46 17.09 4.19 -17.05
N GLY J 47 16.11 3.81 -17.85
CA GLY J 47 14.73 4.21 -17.60
C GLY J 47 14.45 5.58 -18.17
N ARG J 48 15.07 5.87 -19.31
CA ARG J 48 14.92 7.16 -19.97
C ARG J 48 13.96 6.95 -21.14
N ILE J 49 12.87 7.73 -21.14
CA ILE J 49 11.89 7.67 -22.22
C ILE J 49 11.49 9.09 -22.62
N LEU J 50 11.45 9.35 -23.93
CA LEU J 50 11.00 10.63 -24.46
C LEU J 50 9.64 10.53 -25.13
N GLY J 51 8.88 9.48 -24.84
CA GLY J 51 7.67 9.16 -25.55
C GLY J 51 6.41 9.36 -24.73
N PRO J 52 5.26 9.43 -25.42
CA PRO J 52 4.01 9.72 -24.73
C PRO J 52 3.42 8.53 -24.00
N GLY J 53 2.54 8.81 -23.04
CA GLY J 53 1.90 7.78 -22.25
C GLY J 53 0.40 7.94 -22.33
N SER J 54 -0.10 8.92 -21.59
CA SER J 54 -1.53 9.20 -21.58
C SER J 54 -1.80 10.59 -21.00
N VAL J 55 -3.03 11.04 -21.17
CA VAL J 55 -3.45 12.37 -20.73
C VAL J 55 -4.44 12.22 -19.58
N ALA J 56 -4.05 12.69 -18.40
CA ALA J 56 -4.91 12.74 -17.23
C ALA J 56 -5.38 14.18 -17.06
N ASP J 57 -6.49 14.51 -17.70
CA ASP J 57 -6.97 15.88 -17.78
C ASP J 57 -8.15 16.04 -16.85
N SER J 58 -7.91 16.70 -15.72
CA SER J 58 -8.90 16.93 -14.68
C SER J 58 -8.83 18.37 -14.19
N GLY J 59 -9.92 18.80 -13.57
CA GLY J 59 -9.97 20.12 -12.98
C GLY J 59 -10.82 20.15 -11.74
N GLU J 60 -10.54 21.11 -10.86
CA GLU J 60 -11.37 21.33 -9.67
C GLU J 60 -11.73 22.80 -9.63
N VAL J 61 -12.99 23.08 -9.30
CA VAL J 61 -13.50 24.45 -9.28
C VAL J 61 -14.12 24.70 -7.91
N THR J 62 -13.66 25.74 -7.23
CA THR J 62 -14.27 26.12 -5.96
C THR J 62 -14.98 27.45 -6.12
N TYR J 63 -16.13 27.58 -5.46
CA TYR J 63 -16.86 28.85 -5.45
C TYR J 63 -17.72 28.91 -4.19
N TYR J 64 -18.21 30.11 -3.87
CA TYR J 64 -19.13 30.33 -2.76
C TYR J 64 -20.56 30.12 -3.25
N GLY J 65 -21.38 29.50 -2.42
CA GLY J 65 -22.73 29.17 -2.82
C GLY J 65 -23.70 30.33 -2.85
N LYS J 66 -24.54 30.39 -3.87
CA LYS J 66 -25.59 31.39 -3.95
C LYS J 66 -26.95 30.71 -3.97
N ARG J 67 -27.96 31.39 -3.42
CA ARG J 67 -29.28 30.80 -3.23
C ARG J 67 -29.93 30.32 -4.54
N GLY J 68 -29.76 31.06 -5.62
CA GLY J 68 -30.28 30.65 -6.92
C GLY J 68 -29.17 30.59 -7.94
N ASP J 69 -29.37 31.32 -9.04
CA ASP J 69 -28.35 31.61 -10.05
C ASP J 69 -27.93 30.33 -10.79
N ALA J 70 -27.89 30.44 -12.12
CA ALA J 70 -28.01 29.32 -13.05
C ALA J 70 -26.74 28.56 -13.42
N GLY J 71 -25.55 29.03 -12.99
CA GLY J 71 -24.36 28.22 -13.10
C GLY J 71 -24.29 27.12 -12.04
N GLN J 72 -24.59 27.48 -10.78
CA GLN J 72 -24.74 26.46 -9.76
C GLN J 72 -26.01 25.63 -9.95
N LYS J 73 -27.09 26.24 -10.44
CA LYS J 73 -28.25 25.45 -10.81
C LYS J 73 -27.96 24.55 -12.00
N ALA J 74 -27.24 25.03 -13.00
CA ALA J 74 -26.72 24.12 -14.03
C ALA J 74 -25.69 23.18 -13.45
N ILE J 75 -24.95 23.64 -12.44
CA ILE J 75 -24.02 22.77 -11.71
C ILE J 75 -24.79 21.62 -11.04
N GLU J 76 -25.85 21.94 -10.30
CA GLU J 76 -26.61 20.92 -9.60
C GLU J 76 -27.47 20.09 -10.54
N ASP J 77 -28.13 20.72 -11.52
CA ASP J 77 -28.78 19.96 -12.57
C ASP J 77 -27.79 19.06 -13.31
N ALA J 78 -26.63 19.60 -13.67
CA ALA J 78 -25.61 18.75 -14.27
C ALA J 78 -25.18 17.64 -13.32
N TYR J 79 -24.90 17.98 -12.06
CA TYR J 79 -24.36 16.99 -11.14
C TYR J 79 -25.37 15.87 -10.85
N GLN J 80 -26.58 16.25 -10.45
CA GLN J 80 -27.54 15.29 -9.89
C GLN J 80 -28.16 14.41 -10.96
N ASN J 81 -28.36 14.94 -12.17
CA ASN J 81 -28.80 14.10 -13.27
C ASN J 81 -27.61 13.45 -13.97
N GLY J 82 -26.40 13.84 -13.58
CA GLY J 82 -25.18 13.28 -14.14
C GLY J 82 -24.96 13.71 -15.58
N LYS J 83 -25.48 14.88 -15.93
CA LYS J 83 -25.37 15.47 -17.27
C LYS J 83 -23.90 15.84 -17.47
N GLN J 84 -23.43 15.73 -18.70
CA GLN J 84 -22.14 16.26 -19.10
C GLN J 84 -22.26 17.78 -19.21
N ILE J 85 -21.22 18.49 -18.78
CA ILE J 85 -21.23 19.96 -18.85
C ILE J 85 -20.16 20.43 -19.81
N LYS J 86 -20.54 21.38 -20.67
CA LYS J 86 -19.61 21.99 -21.60
C LYS J 86 -18.87 23.12 -20.91
N PHE J 87 -17.54 23.07 -20.96
CA PHE J 87 -16.65 23.86 -20.13
C PHE J 87 -15.79 24.76 -21.02
N TRP J 88 -15.81 26.06 -20.71
CA TRP J 88 -15.07 27.07 -21.44
C TRP J 88 -14.21 27.83 -20.46
N ARG J 89 -12.88 27.74 -20.62
CA ARG J 89 -11.95 28.56 -19.84
C ARG J 89 -11.43 29.68 -20.75
N VAL J 90 -11.96 30.88 -20.55
CA VAL J 90 -11.65 31.97 -21.45
C VAL J 90 -11.05 33.12 -20.66
N ASP J 91 -10.20 33.88 -21.33
CA ASP J 91 -9.56 35.04 -20.73
C ASP J 91 -10.51 36.22 -20.68
N THR J 92 -10.10 37.24 -19.93
CA THR J 92 -10.91 38.43 -19.71
C THR J 92 -10.35 39.66 -20.42
N VAL J 93 -9.03 39.71 -20.65
CA VAL J 93 -8.45 40.81 -21.39
C VAL J 93 -8.80 40.70 -22.87
N LYS J 94 -8.60 41.79 -23.60
CA LYS J 94 -9.00 41.87 -24.99
C LYS J 94 -7.84 41.47 -25.90
N ASN J 95 -7.92 40.27 -26.45
CA ASN J 95 -6.97 39.83 -27.47
C ASN J 95 -7.17 40.63 -28.74
N GLU J 96 -6.16 40.61 -29.61
CA GLU J 96 -6.19 41.38 -30.84
C GLU J 96 -6.62 40.58 -32.06
N ASN J 97 -6.68 39.26 -31.97
CA ASN J 97 -7.31 38.48 -33.03
C ASN J 97 -8.77 38.19 -32.69
N ASP J 98 -9.01 37.17 -31.88
CA ASP J 98 -10.31 36.94 -31.29
C ASP J 98 -10.54 38.00 -30.21
N LYS J 99 -11.80 38.24 -29.86
CA LYS J 99 -12.12 39.10 -28.74
C LYS J 99 -11.36 38.67 -27.49
N TYR J 100 -11.40 37.37 -27.21
CA TYR J 100 -10.72 36.77 -26.07
C TYR J 100 -10.05 35.49 -26.56
N ASP J 101 -9.53 34.71 -25.62
CA ASP J 101 -8.92 33.43 -25.98
C ASP J 101 -9.24 32.40 -24.90
N ALA J 102 -9.47 31.17 -25.35
CA ALA J 102 -10.12 30.18 -24.52
C ALA J 102 -9.39 28.86 -24.61
N GLN J 103 -9.35 28.15 -23.48
CA GLN J 103 -9.14 26.71 -23.45
C GLN J 103 -10.48 26.09 -23.09
N PHE J 104 -10.91 25.10 -23.87
CA PHE J 104 -12.28 24.64 -23.89
C PHE J 104 -12.33 23.12 -23.82
N GLY J 105 -13.44 22.58 -23.33
CA GLY J 105 -13.64 21.15 -23.41
C GLY J 105 -15.03 20.75 -22.97
N PHE J 106 -15.36 19.48 -23.23
CA PHE J 106 -16.54 18.84 -22.67
C PHE J 106 -16.10 18.17 -21.37
N ALA J 107 -16.86 18.38 -20.31
CA ALA J 107 -16.46 17.98 -18.97
C ALA J 107 -17.60 17.27 -18.24
N TYR J 108 -17.21 16.53 -17.20
CA TYR J 108 -18.12 15.69 -16.45
C TYR J 108 -17.82 15.87 -14.97
N ILE J 109 -18.86 16.09 -14.17
CA ILE J 109 -18.70 16.27 -12.73
C ILE J 109 -18.24 14.96 -12.11
N GLU J 110 -17.07 14.97 -11.49
CA GLU J 110 -16.58 13.78 -10.83
C GLU J 110 -16.87 13.74 -9.33
N SER J 111 -16.90 14.89 -8.66
CA SER J 111 -17.29 14.92 -7.25
C SER J 111 -17.70 16.33 -6.88
N ARG J 112 -18.66 16.43 -5.97
CA ARG J 112 -19.16 17.69 -5.43
C ARG J 112 -18.88 17.60 -3.93
N GLU J 113 -18.48 18.74 -3.37
CA GLU J 113 -18.13 18.87 -1.96
C GLU J 113 -18.80 20.12 -1.43
N TYR J 114 -19.65 19.96 -0.42
CA TYR J 114 -20.29 21.10 0.20
C TYR J 114 -19.71 21.38 1.57
N SER J 115 -19.15 22.57 1.71
CA SER J 115 -18.59 23.03 2.97
C SER J 115 -19.57 23.97 3.66
N ASP J 116 -19.88 23.63 4.91
CA ASP J 116 -20.58 24.50 5.84
C ASP J 116 -19.67 24.63 7.07
N GLY J 117 -19.15 25.83 7.28
CA GLY J 117 -18.36 26.12 8.47
C GLY J 117 -19.10 27.01 9.43
N VAL J 118 -18.43 27.40 10.50
CA VAL J 118 -18.98 28.32 11.50
C VAL J 118 -18.89 29.76 11.01
N GLU J 119 -17.75 30.15 10.45
CA GLU J 119 -17.66 31.43 9.76
C GLU J 119 -17.67 31.29 8.25
N GLY J 120 -18.03 32.34 7.53
CA GLY J 120 -17.79 32.37 6.10
C GLY J 120 -18.99 31.77 5.39
N ALA J 121 -19.33 32.32 4.22
CA ALA J 121 -20.50 31.85 3.49
C ALA J 121 -20.25 30.47 2.88
N VAL J 122 -21.33 29.83 2.46
CA VAL J 122 -21.28 28.43 2.03
C VAL J 122 -20.20 28.25 0.98
N GLU J 123 -19.55 27.09 1.00
CA GLU J 123 -18.44 26.83 0.09
C GLU J 123 -18.70 25.59 -0.73
N ILE J 124 -18.52 25.70 -2.04
CA ILE J 124 -18.75 24.60 -2.95
C ILE J 124 -17.46 24.31 -3.72
N SER J 125 -16.92 23.12 -3.50
CA SER J 125 -15.83 22.58 -4.30
C SER J 125 -16.40 21.51 -5.21
N ILE J 126 -16.19 21.66 -6.52
CA ILE J 126 -16.64 20.66 -7.49
C ILE J 126 -15.43 20.12 -8.21
N SER J 127 -15.26 18.80 -8.15
CA SER J 127 -14.14 18.11 -8.75
C SER J 127 -14.60 17.40 -10.03
N LEU J 128 -13.92 17.68 -11.12
CA LEU J 128 -14.31 17.22 -12.45
C LEU J 128 -13.09 16.74 -13.21
N GLN J 129 -13.33 16.00 -14.29
CA GLN J 129 -12.31 15.70 -15.27
C GLN J 129 -12.76 16.27 -16.60
N VAL J 130 -11.84 16.42 -17.53
CA VAL J 130 -12.19 16.86 -18.88
C VAL J 130 -11.70 15.81 -19.86
N ILE J 131 -12.58 15.40 -20.78
CA ILE J 131 -12.26 14.30 -21.68
C ILE J 131 -11.18 14.72 -22.67
N GLY J 132 -11.38 15.84 -23.33
CA GLY J 132 -10.40 16.35 -24.26
C GLY J 132 -10.11 17.81 -24.03
N GLU J 133 -8.85 18.14 -23.77
CA GLU J 133 -8.44 19.53 -23.65
C GLU J 133 -8.40 20.19 -25.02
N LEU J 134 -9.17 21.27 -25.16
CA LEU J 134 -9.32 21.94 -26.45
C LEU J 134 -8.90 23.39 -26.26
N LYS J 135 -8.39 23.99 -27.33
CA LYS J 135 -7.90 25.35 -27.30
C LYS J 135 -8.41 26.10 -28.53
N ASN J 136 -9.01 27.27 -28.33
CA ASN J 136 -9.48 28.11 -29.43
C ASN J 136 -9.58 29.54 -28.94
N GLY J 137 -9.54 30.48 -29.88
CA GLY J 137 -9.84 31.86 -29.56
C GLY J 137 -11.32 32.04 -29.26
N GLU J 138 -11.62 33.05 -28.45
CA GLU J 138 -12.98 33.27 -27.98
C GLU J 138 -13.51 34.57 -28.60
N ILE J 139 -14.77 34.52 -29.02
CA ILE J 139 -15.37 35.68 -29.70
C ILE J 139 -16.30 36.43 -28.75
N ASP J 140 -17.38 35.79 -28.31
CA ASP J 140 -18.34 36.47 -27.46
C ASP J 140 -18.56 35.72 -26.16
N THR J 141 -18.23 36.37 -25.04
CA THR J 141 -18.48 35.81 -23.73
C THR J 141 -19.54 36.58 -22.96
N LEU J 142 -20.62 37.03 -23.64
CA LEU J 142 -21.68 37.90 -23.13
C LEU J 142 -21.04 39.05 -22.35
N PRO J 143 -20.16 39.84 -22.98
CA PRO J 143 -19.19 40.66 -22.23
C PRO J 143 -19.79 41.82 -21.45
N GLU J 144 -21.08 42.06 -21.69
CA GLU J 144 -21.86 43.01 -20.92
C GLU J 144 -22.01 42.57 -19.46
N GLU J 145 -21.90 41.27 -19.21
CA GLU J 145 -22.16 40.73 -17.89
C GLU J 145 -21.04 39.85 -17.35
N ILE J 146 -20.45 38.98 -18.16
CA ILE J 146 -19.36 38.11 -17.74
C ILE J 146 -18.02 38.84 -17.75
N VAL J 147 -17.78 39.63 -18.78
CA VAL J 147 -16.50 40.31 -18.94
C VAL J 147 -16.48 41.50 -17.98
N ASN J 148 -17.63 42.18 -17.88
CA ASN J 148 -17.74 43.38 -17.05
C ASN J 148 -18.10 43.02 -15.61
N VAL J 149 -17.20 43.28 -14.66
CA VAL J 149 -17.55 43.15 -13.26
C VAL J 149 -17.92 44.54 -12.73
N SER J 150 -19.19 44.70 -12.36
CA SER J 150 -19.70 46.01 -12.01
C SER J 150 -20.14 46.10 -10.55
N LYS J 151 -19.93 47.24 -9.89
CA LYS J 151 -20.41 47.42 -8.53
C LYS J 151 -21.90 47.76 -8.44
N GLY J 152 -22.46 48.48 -9.40
CA GLY J 152 -23.85 48.89 -9.34
C GLY J 152 -24.05 50.18 -8.55
N GLY J 153 -22.97 50.86 -8.24
CA GLY J 153 -23.02 52.07 -7.43
C GLY J 153 -23.60 53.24 -8.22
N TYR J 154 -24.65 53.82 -7.67
CA TYR J 154 -25.34 54.97 -8.22
C TYR J 154 -24.88 56.22 -7.46
N ASP J 155 -24.19 57.12 -8.16
CA ASP J 155 -23.33 58.10 -7.51
C ASP J 155 -24.03 59.22 -6.75
N PHE J 156 -25.22 59.64 -7.23
CA PHE J 156 -26.20 60.49 -6.55
C PHE J 156 -27.61 60.00 -6.87
N GLN J 157 -28.29 59.54 -5.82
CA GLN J 157 -29.75 59.52 -5.75
C GLN J 157 -30.10 59.84 -4.30
N GLN J 158 -29.46 60.86 -3.71
CA GLN J 158 -29.52 61.03 -2.26
C GLN J 158 -30.95 61.12 -1.71
N PRO J 159 -31.83 62.05 -2.14
CA PRO J 159 -33.22 61.94 -1.69
C PRO J 159 -34.06 60.97 -2.51
N GLY J 160 -34.84 60.11 -1.87
CA GLY J 160 -35.51 59.05 -2.61
C GLY J 160 -34.67 57.97 -3.23
N GLN J 161 -33.56 57.57 -2.60
CA GLN J 161 -32.78 56.45 -3.13
C GLN J 161 -33.59 55.17 -3.12
N THR J 162 -34.30 54.92 -2.01
CA THR J 162 -35.22 53.79 -1.81
C THR J 162 -34.57 52.46 -2.20
N THR J 163 -33.54 52.06 -1.46
CA THR J 163 -32.70 50.96 -1.92
C THR J 163 -32.69 49.86 -0.87
N GLY J 164 -32.60 48.62 -1.34
CA GLY J 164 -32.42 47.47 -0.46
C GLY J 164 -30.96 47.25 -0.09
N GLU J 165 -30.67 46.15 0.59
CA GLU J 165 -29.31 45.87 1.05
C GLU J 165 -28.35 45.77 -0.13
N ALA J 166 -28.85 45.38 -1.30
CA ALA J 166 -28.05 45.19 -2.50
C ALA J 166 -27.88 46.53 -3.20
N PRO J 167 -26.86 46.68 -4.03
CA PRO J 167 -26.31 48.00 -4.34
C PRO J 167 -27.15 48.76 -5.36
N GLY J 168 -28.15 49.47 -4.84
CA GLY J 168 -28.86 50.49 -5.59
C GLY J 168 -30.05 50.05 -6.41
N THR J 169 -31.25 50.10 -5.84
CA THR J 169 -32.45 49.89 -6.63
C THR J 169 -33.28 51.17 -6.67
N VAL J 170 -34.14 51.25 -7.68
CA VAL J 170 -35.04 52.37 -7.88
C VAL J 170 -36.07 52.36 -6.75
N PRO J 171 -36.74 53.50 -6.46
CA PRO J 171 -37.75 53.50 -5.38
C PRO J 171 -38.95 52.65 -5.73
N ALA J 172 -39.45 51.92 -4.73
CA ALA J 172 -40.50 50.91 -4.86
C ALA J 172 -40.13 49.81 -5.87
N PRO K 1 28.43 33.31 -3.92
CA PRO K 1 28.27 32.23 -4.90
C PRO K 1 27.12 32.44 -5.88
N ILE K 2 26.95 31.51 -6.81
CA ILE K 2 25.86 31.56 -7.79
C ILE K 2 24.55 31.59 -7.03
N MET K 3 23.74 32.61 -7.30
CA MET K 3 22.47 32.80 -6.62
C MET K 3 21.36 32.04 -7.32
N GLY K 4 20.15 32.13 -6.74
CA GLY K 4 18.97 31.54 -7.35
C GLY K 4 18.58 32.14 -8.67
N GLN K 5 18.82 33.43 -8.87
CA GLN K 5 18.64 34.09 -10.15
C GLN K 5 19.75 33.75 -11.14
N ASP K 6 20.85 33.17 -10.66
CA ASP K 6 22.03 32.96 -11.46
C ASP K 6 21.85 31.93 -12.58
N VAL K 7 21.05 30.90 -12.38
CA VAL K 7 20.86 29.85 -13.38
C VAL K 7 19.48 30.04 -13.99
N LYS K 8 19.42 30.21 -15.32
CA LYS K 8 18.14 30.30 -15.99
C LYS K 8 18.01 29.23 -17.06
N TYR K 9 16.77 28.86 -17.34
CA TYR K 9 16.43 27.64 -18.08
C TYR K 9 15.90 28.03 -19.45
N LEU K 10 16.75 27.93 -20.46
CA LEU K 10 16.33 28.16 -21.83
C LEU K 10 15.64 26.92 -22.38
N PHE K 11 14.61 27.11 -23.20
CA PHE K 11 13.92 26.01 -23.87
C PHE K 11 13.78 26.31 -25.35
N GLN K 12 14.01 25.29 -26.17
CA GLN K 12 13.72 25.39 -27.59
C GLN K 12 13.12 24.07 -28.06
N SER K 13 12.12 24.18 -28.92
CA SER K 13 11.45 23.01 -29.48
C SER K 13 12.31 22.35 -30.55
N ILE K 14 12.09 21.05 -30.74
CA ILE K 14 12.86 20.29 -31.74
C ILE K 14 12.55 20.76 -33.16
N ASP K 15 11.28 20.94 -33.50
CA ASP K 15 10.89 21.22 -34.87
C ASP K 15 10.97 22.70 -35.22
N ALA K 16 11.23 23.57 -34.25
CA ALA K 16 11.20 24.99 -34.52
C ALA K 16 12.28 25.39 -35.53
N ALA K 17 13.45 24.76 -35.44
CA ALA K 17 14.66 25.09 -36.23
C ALA K 17 14.90 26.60 -36.28
N THR K 18 14.78 27.25 -35.13
CA THR K 18 14.98 28.69 -35.01
C THR K 18 16.40 28.96 -34.54
N GLY K 19 16.85 30.19 -34.73
CA GLY K 19 18.20 30.58 -34.34
C GLY K 19 18.28 31.18 -32.96
N SER K 20 17.17 31.19 -32.23
CA SER K 20 17.15 31.78 -30.90
C SER K 20 16.17 31.07 -29.97
N ALA K 21 16.59 30.82 -28.73
CA ALA K 21 15.90 30.05 -27.70
C ALA K 21 15.00 30.92 -26.83
N PRO K 22 13.68 30.65 -26.75
CA PRO K 22 12.82 31.47 -25.88
C PRO K 22 13.03 31.18 -24.41
N LEU K 23 13.26 32.22 -23.63
CA LEU K 23 13.22 32.11 -22.18
C LEU K 23 12.03 32.87 -21.64
N PHE K 24 11.26 32.21 -20.80
CA PHE K 24 9.97 32.83 -20.52
C PHE K 24 10.08 33.73 -19.29
N PRO K 25 9.39 34.87 -19.26
CA PRO K 25 9.46 35.74 -18.09
C PRO K 25 8.62 35.25 -16.94
N ALA K 26 8.76 35.95 -15.80
CA ALA K 26 8.05 35.69 -14.55
C ALA K 26 8.30 34.26 -14.05
N TYR K 27 9.57 33.86 -14.09
CA TYR K 27 9.96 32.59 -13.52
C TYR K 27 9.86 32.60 -12.00
N GLN K 28 9.30 31.52 -11.47
CA GLN K 28 9.12 31.33 -10.05
C GLN K 28 10.27 30.41 -9.63
N THR K 29 9.97 29.16 -9.29
CA THR K 29 11.01 28.24 -8.87
C THR K 29 11.05 27.01 -9.78
N ASP K 30 12.05 26.17 -9.50
CA ASP K 30 12.48 25.14 -10.43
C ASP K 30 13.29 24.13 -9.65
N GLY K 31 12.93 22.87 -9.80
CA GLY K 31 13.74 21.79 -9.28
C GLY K 31 14.19 20.86 -10.38
N SER K 32 15.47 20.52 -10.37
CA SER K 32 16.02 19.52 -11.27
C SER K 32 16.40 18.34 -10.37
N VAL K 33 15.55 17.33 -10.37
CA VAL K 33 15.71 16.20 -9.46
C VAL K 33 16.22 15.01 -10.27
N SER K 34 17.38 14.51 -9.87
CA SER K 34 18.17 13.58 -10.67
C SER K 34 18.63 12.45 -9.75
N GLY K 35 17.78 11.44 -9.58
CA GLY K 35 18.11 10.35 -8.70
C GLY K 35 18.96 9.28 -9.35
N GLU K 36 20.10 8.96 -8.74
CA GLU K 36 21.03 7.96 -9.28
C GLU K 36 20.90 6.71 -8.42
N ARG K 37 19.98 5.83 -8.80
CA ARG K 37 19.67 4.65 -8.01
C ARG K 37 20.89 3.75 -7.91
N GLU K 38 20.72 2.59 -7.28
CA GLU K 38 21.82 1.73 -6.86
C GLU K 38 21.32 0.29 -6.77
N LEU K 39 22.19 -0.64 -7.14
CA LEU K 39 21.88 -2.06 -7.14
C LEU K 39 21.91 -2.61 -5.72
N PHE K 40 21.34 -3.80 -5.56
CA PHE K 40 21.44 -4.55 -4.30
C PHE K 40 22.33 -5.77 -4.47
N ASP K 41 23.63 -5.55 -4.39
CA ASP K 41 24.61 -6.57 -3.99
C ASP K 41 25.08 -6.27 -2.58
N GLU K 42 24.46 -6.93 -1.61
CA GLU K 42 24.87 -6.80 -0.21
C GLU K 42 26.24 -7.39 0.07
N GLN K 43 26.76 -8.21 -0.86
CA GLN K 43 27.99 -9.00 -0.72
C GLN K 43 27.89 -9.99 0.44
N THR K 44 26.69 -10.55 0.65
CA THR K 44 26.28 -11.27 1.87
C THR K 44 26.82 -10.60 3.13
N LYS K 45 26.56 -9.30 3.25
CA LYS K 45 27.06 -8.50 4.37
C LYS K 45 25.91 -7.95 5.19
N ASN K 46 25.42 -6.76 4.83
CA ASN K 46 24.28 -6.16 5.51
C ASN K 46 23.46 -5.24 4.60
N GLY K 47 23.46 -5.49 3.29
CA GLY K 47 22.73 -4.67 2.36
C GLY K 47 23.53 -3.44 1.96
N ARG K 48 24.84 -3.63 1.86
CA ARG K 48 25.74 -2.55 1.50
C ARG K 48 26.12 -2.74 0.03
N ILE K 49 25.86 -1.70 -0.78
CA ILE K 49 26.19 -1.72 -2.20
C ILE K 49 26.82 -0.40 -2.60
N LEU K 50 27.93 -0.46 -3.35
CA LEU K 50 28.57 0.74 -3.86
C LEU K 50 28.39 0.89 -5.36
N GLY K 51 27.40 0.21 -5.94
CA GLY K 51 27.25 0.09 -7.37
C GLY K 51 26.05 0.83 -7.91
N PRO K 52 26.04 1.08 -9.22
CA PRO K 52 24.97 1.88 -9.82
C PRO K 52 23.68 1.12 -10.02
N GLY K 53 22.59 1.87 -10.16
CA GLY K 53 21.27 1.29 -10.35
C GLY K 53 20.65 1.85 -11.60
N SER K 54 20.16 3.09 -11.47
CA SER K 54 19.53 3.76 -12.60
C SER K 54 19.45 5.26 -12.34
N VAL K 55 19.13 6.01 -13.39
CA VAL K 55 19.05 7.46 -13.33
C VAL K 55 17.59 7.89 -13.52
N ALA K 56 17.03 8.50 -12.47
CA ALA K 56 15.70 9.06 -12.51
C ALA K 56 15.84 10.57 -12.63
N ASP K 57 15.92 11.05 -13.87
CA ASP K 57 16.23 12.45 -14.13
C ASP K 57 14.96 13.16 -14.55
N SER K 58 14.44 13.97 -13.65
CA SER K 58 13.20 14.71 -13.84
C SER K 58 13.37 16.14 -13.35
N GLY K 59 12.51 17.01 -13.83
CA GLY K 59 12.49 18.39 -13.39
C GLY K 59 11.10 18.97 -13.37
N GLU K 60 10.88 19.99 -12.55
CA GLU K 60 9.61 20.71 -12.52
C GLU K 60 9.93 22.19 -12.64
N VAL K 61 9.14 22.89 -13.45
CA VAL K 61 9.36 24.32 -13.69
C VAL K 61 8.07 25.05 -13.39
N THR K 62 8.14 26.04 -12.52
CA THR K 62 6.97 26.88 -12.25
C THR K 62 7.22 28.28 -12.77
N TYR K 63 6.17 28.90 -13.32
CA TYR K 63 6.26 30.29 -13.78
C TYR K 63 4.85 30.90 -13.75
N TYR K 64 4.79 32.23 -13.83
CA TYR K 64 3.54 32.97 -13.93
C TYR K 64 3.14 33.07 -15.39
N GLY K 65 1.84 32.94 -15.66
CA GLY K 65 1.36 32.93 -17.03
C GLY K 65 1.32 34.29 -17.70
N LYS K 66 1.72 34.34 -18.96
CA LYS K 66 1.63 35.55 -19.74
C LYS K 66 0.72 35.31 -20.95
N ARG K 67 0.03 36.37 -21.39
CA ARG K 67 -0.99 36.25 -22.42
C ARG K 67 -0.46 35.69 -23.74
N GLY K 68 0.74 36.07 -24.16
CA GLY K 68 1.35 35.53 -25.35
C GLY K 68 2.69 34.90 -25.02
N ASP K 69 3.73 35.37 -25.73
CA ASP K 69 5.14 35.10 -25.45
C ASP K 69 5.46 33.61 -25.66
N ALA K 70 6.57 33.39 -26.37
CA ALA K 70 6.85 32.16 -27.12
C ALA K 70 7.50 31.00 -26.38
N GLY K 71 7.92 31.20 -25.13
CA GLY K 71 8.31 30.06 -24.29
C GLY K 71 7.12 29.29 -23.76
N GLN K 72 6.11 30.00 -23.26
CA GLN K 72 4.85 29.34 -22.91
C GLN K 72 4.07 28.91 -24.14
N LYS K 73 4.14 29.67 -25.24
CA LYS K 73 3.57 29.19 -26.49
C LYS K 73 4.31 27.98 -27.01
N ALA K 74 5.65 27.97 -26.94
CA ALA K 74 6.38 26.75 -27.21
C ALA K 74 6.11 25.71 -26.14
N ILE K 75 5.84 26.16 -24.91
CA ILE K 75 5.41 25.26 -23.84
C ILE K 75 4.10 24.58 -24.22
N GLU K 76 3.10 25.36 -24.62
CA GLU K 76 1.80 24.79 -24.95
C GLU K 76 1.81 24.06 -26.28
N ASP K 77 2.48 24.61 -27.30
CA ASP K 77 2.70 23.83 -28.52
C ASP K 77 3.46 22.55 -28.23
N ALA K 78 4.52 22.62 -27.42
CA ALA K 78 5.19 21.38 -27.04
C ALA K 78 4.27 20.46 -26.26
N TYR K 79 3.52 20.99 -25.29
CA TYR K 79 2.71 20.13 -24.43
C TYR K 79 1.59 19.47 -25.22
N GLN K 80 0.80 20.26 -25.93
CA GLN K 80 -0.47 19.79 -26.49
C GLN K 80 -0.25 18.90 -27.72
N ASN K 81 0.79 19.17 -28.51
CA ASN K 81 1.13 18.25 -29.58
C ASN K 81 2.05 17.13 -29.08
N GLY K 82 2.49 17.23 -27.83
CA GLY K 82 3.33 16.23 -27.23
C GLY K 82 4.74 16.22 -27.80
N LYS K 83 5.18 17.36 -28.30
CA LYS K 83 6.49 17.56 -28.90
C LYS K 83 7.52 17.42 -27.78
N GLN K 84 8.69 16.89 -28.10
CA GLN K 84 9.85 16.92 -27.23
C GLN K 84 10.41 18.33 -27.22
N ILE K 85 10.84 18.80 -26.04
CA ILE K 85 11.42 20.12 -25.93
C ILE K 85 12.89 20.03 -25.56
N LYS K 86 13.71 20.82 -26.24
CA LYS K 86 15.13 20.88 -25.95
C LYS K 86 15.36 21.88 -24.83
N PHE K 87 16.05 21.43 -23.78
CA PHE K 87 16.14 22.10 -22.49
C PHE K 87 17.57 22.47 -22.19
N TRP K 88 17.79 23.76 -21.90
CA TRP K 88 19.10 24.31 -21.59
C TRP K 88 19.03 25.00 -20.24
N ARG K 89 19.80 24.49 -19.26
CA ARG K 89 19.94 25.14 -17.96
C ARG K 89 21.32 25.82 -17.93
N VAL K 90 21.33 27.13 -18.12
CA VAL K 90 22.59 27.84 -18.26
C VAL K 90 22.67 28.92 -17.19
N ASP K 91 23.90 29.22 -16.80
CA ASP K 91 24.17 30.24 -15.81
C ASP K 91 24.08 31.63 -16.42
N THR K 92 24.06 32.63 -15.55
CA THR K 92 23.91 34.03 -15.94
C THR K 92 25.19 34.83 -15.76
N VAL K 93 26.05 34.43 -14.81
CA VAL K 93 27.33 35.11 -14.62
C VAL K 93 28.27 34.76 -15.77
N LYS K 94 29.34 35.53 -15.90
CA LYS K 94 30.27 35.40 -17.00
C LYS K 94 31.42 34.47 -16.62
N ASN K 95 31.38 33.24 -17.13
CA ASN K 95 32.50 32.32 -16.99
C ASN K 95 33.69 32.82 -17.78
N GLU K 96 34.87 32.29 -17.45
CA GLU K 96 36.10 32.72 -18.09
C GLU K 96 36.56 31.82 -19.23
N ASN K 97 35.98 30.63 -19.37
CA ASN K 97 36.23 29.85 -20.57
C ASN K 97 35.12 30.08 -21.60
N ASP K 98 34.00 29.39 -21.45
CA ASP K 98 32.79 29.70 -22.20
C ASP K 98 32.22 31.01 -21.66
N LYS K 99 31.40 31.68 -22.46
CA LYS K 99 30.67 32.84 -21.99
C LYS K 99 29.91 32.51 -20.71
N TYR K 100 29.19 31.39 -20.71
CA TYR K 100 28.43 30.92 -19.58
C TYR K 100 28.67 29.42 -19.46
N ASP K 101 27.92 28.76 -18.59
CA ASP K 101 28.05 27.32 -18.44
C ASP K 101 26.67 26.72 -18.20
N ALA K 102 26.46 25.53 -18.79
CA ALA K 102 25.12 25.00 -18.95
C ALA K 102 25.09 23.54 -18.56
N GLN K 103 23.97 23.15 -17.95
CA GLN K 103 23.52 21.76 -17.93
C GLN K 103 22.34 21.66 -18.88
N PHE K 104 22.38 20.69 -19.79
CA PHE K 104 21.54 20.65 -20.98
C PHE K 104 20.93 19.28 -21.15
N GLY K 105 19.79 19.22 -21.83
CA GLY K 105 19.23 17.93 -22.20
C GLY K 105 18.05 18.07 -23.14
N PHE K 106 17.64 16.93 -23.68
CA PHE K 106 16.38 16.82 -24.38
C PHE K 106 15.33 16.37 -23.38
N ALA K 107 14.18 17.05 -23.37
CA ALA K 107 13.19 16.88 -22.33
C ALA K 107 11.79 16.73 -22.92
N TYR K 108 10.91 16.18 -22.09
CA TYR K 108 9.55 15.84 -22.50
C TYR K 108 8.60 16.27 -21.41
N ILE K 109 7.52 16.97 -21.78
CA ILE K 109 6.54 17.44 -20.80
C ILE K 109 5.81 16.24 -20.22
N GLU K 110 5.91 16.05 -18.91
CA GLU K 110 5.20 14.96 -18.26
C GLU K 110 3.86 15.37 -17.65
N SER K 111 3.72 16.60 -17.18
CA SER K 111 2.44 17.08 -16.69
C SER K 111 2.45 18.59 -16.66
N ARG K 112 1.28 19.18 -16.90
CA ARG K 112 1.07 20.62 -16.86
C ARG K 112 0.00 20.82 -15.80
N GLU K 113 0.16 21.89 -15.04
CA GLU K 113 -0.72 22.24 -13.93
C GLU K 113 -1.03 23.72 -14.05
N TYR K 114 -2.30 24.07 -14.17
CA TYR K 114 -2.70 25.46 -14.23
C TYR K 114 -3.40 25.88 -12.93
N SER K 115 -2.79 26.85 -12.27
CA SER K 115 -3.34 27.41 -11.04
C SER K 115 -4.04 28.73 -11.34
N ASP K 116 -5.30 28.81 -10.92
CA ASP K 116 -6.07 30.04 -10.87
C ASP K 116 -6.53 30.18 -9.42
N GLY K 117 -6.01 31.20 -8.74
CA GLY K 117 -6.44 31.52 -7.39
C GLY K 117 -7.26 32.79 -7.36
N VAL K 118 -7.61 33.21 -6.15
CA VAL K 118 -8.34 34.45 -5.93
C VAL K 118 -7.40 35.65 -5.98
N GLU K 119 -6.24 35.55 -5.32
CA GLU K 119 -5.19 36.54 -5.50
C GLU K 119 -4.06 36.05 -6.37
N GLY K 120 -3.29 36.95 -6.97
CA GLY K 120 -2.04 36.58 -7.58
C GLY K 120 -2.30 36.20 -9.02
N ALA K 121 -1.36 36.52 -9.91
CA ALA K 121 -1.52 36.26 -11.33
C ALA K 121 -1.41 34.76 -11.62
N VAL K 122 -1.85 34.38 -12.81
CA VAL K 122 -2.00 32.97 -13.17
C VAL K 122 -0.69 32.24 -12.91
N GLU K 123 -0.81 30.97 -12.50
CA GLU K 123 0.38 30.20 -12.13
C GLU K 123 0.44 28.93 -12.95
N ILE K 124 1.60 28.67 -13.53
CA ILE K 124 1.81 27.49 -14.36
C ILE K 124 2.95 26.68 -13.77
N SER K 125 2.63 25.46 -13.35
CA SER K 125 3.61 24.46 -12.98
C SER K 125 3.65 23.41 -14.07
N ILE K 126 4.84 23.18 -14.63
CA ILE K 126 5.02 22.16 -15.65
C ILE K 126 6.00 21.12 -15.14
N SER K 127 5.56 19.87 -15.11
CA SER K 127 6.35 18.75 -14.62
C SER K 127 6.86 17.93 -15.79
N LEU K 128 8.17 17.73 -15.83
CA LEU K 128 8.85 17.10 -16.95
C LEU K 128 9.90 16.12 -16.44
N GLN K 129 10.35 15.25 -17.33
CA GLN K 129 11.53 14.43 -17.09
C GLN K 129 12.55 14.77 -18.16
N VAL K 130 13.81 14.42 -17.91
CA VAL K 130 14.84 14.62 -18.92
C VAL K 130 15.49 13.27 -19.20
N ILE K 131 15.62 12.93 -20.48
CA ILE K 131 16.10 11.60 -20.85
C ILE K 131 17.56 11.44 -20.48
N GLY K 132 18.39 12.37 -20.90
CA GLY K 132 19.80 12.33 -20.57
C GLY K 132 20.28 13.66 -20.04
N GLU K 133 20.83 13.66 -18.83
CA GLU K 133 21.45 14.85 -18.28
C GLU K 133 22.79 15.13 -18.94
N LEU K 134 22.89 16.31 -19.54
CA LEU K 134 24.07 16.68 -20.31
C LEU K 134 24.66 17.94 -19.70
N LYS K 135 25.98 18.09 -19.83
CA LYS K 135 26.69 19.23 -19.26
C LYS K 135 27.67 19.77 -20.29
N ASN K 136 27.63 21.07 -20.53
CA ASN K 136 28.56 21.73 -21.44
C ASN K 136 28.66 23.20 -21.09
N GLY K 137 29.75 23.84 -21.50
CA GLY K 137 29.83 25.28 -21.41
C GLY K 137 28.93 25.95 -22.42
N GLU K 138 28.50 27.16 -22.09
CA GLU K 138 27.54 27.88 -22.91
C GLU K 138 28.22 29.08 -23.55
N ILE K 139 27.91 29.31 -24.82
CA ILE K 139 28.55 30.38 -25.57
C ILE K 139 27.62 31.58 -25.70
N ASP K 140 26.50 31.41 -26.39
CA ASP K 140 25.60 32.53 -26.62
C ASP K 140 24.20 32.21 -26.15
N THR K 141 23.72 32.98 -25.18
CA THR K 141 22.35 32.85 -24.69
C THR K 141 21.50 34.06 -25.03
N LEU K 142 21.66 34.62 -26.25
CA LEU K 142 21.04 35.86 -26.72
C LEU K 142 21.15 36.92 -25.64
N PRO K 143 22.38 37.24 -25.19
CA PRO K 143 22.56 37.91 -23.88
C PRO K 143 22.06 39.34 -23.80
N GLU K 144 21.70 39.88 -24.95
CA GLU K 144 21.04 41.17 -25.05
C GLU K 144 19.68 41.15 -24.41
N GLU K 145 19.05 39.98 -24.31
CA GLU K 145 17.68 39.88 -23.84
C GLU K 145 17.51 38.86 -22.71
N ILE K 146 18.13 37.69 -22.79
CA ILE K 146 18.02 36.67 -21.75
C ILE K 146 18.96 36.95 -20.59
N VAL K 147 20.19 37.36 -20.89
CA VAL K 147 21.20 37.58 -19.86
C VAL K 147 20.87 38.90 -19.18
N ASN K 148 20.47 39.89 -19.98
CA ASN K 148 20.19 41.23 -19.45
C ASN K 148 18.75 41.35 -18.97
N VAL K 149 18.55 41.55 -17.67
CA VAL K 149 17.21 41.87 -17.18
C VAL K 149 17.12 43.39 -17.03
N SER K 150 16.25 44.01 -17.83
CA SER K 150 16.18 45.45 -17.90
C SER K 150 14.85 46.01 -17.42
N LYS K 151 14.85 47.16 -16.75
CA LYS K 151 13.60 47.79 -16.35
C LYS K 151 12.91 48.56 -17.48
N GLY K 152 13.64 49.17 -18.40
CA GLY K 152 13.05 49.97 -19.45
C GLY K 152 12.80 51.40 -19.03
N GLY K 153 13.33 51.79 -17.89
CA GLY K 153 13.11 53.11 -17.33
C GLY K 153 13.86 54.18 -18.13
N TYR K 154 13.11 55.16 -18.62
CA TYR K 154 13.62 56.30 -19.35
C TYR K 154 13.70 57.50 -18.42
N ASP K 155 14.92 57.97 -18.15
CA ASP K 155 15.19 58.78 -16.95
C ASP K 155 14.64 60.20 -16.98
N PHE K 156 14.57 60.82 -18.18
CA PHE K 156 13.86 62.06 -18.50
C PHE K 156 13.23 61.94 -19.89
N GLN K 157 11.89 61.96 -19.89
CA GLN K 157 11.11 62.40 -21.03
C GLN K 157 9.91 63.13 -20.46
N GLN K 158 10.13 64.03 -19.49
CA GLN K 158 9.02 64.56 -18.71
C GLN K 158 7.90 65.18 -19.55
N PRO K 159 8.14 66.20 -20.40
CA PRO K 159 7.05 66.61 -21.29
C PRO K 159 6.92 65.76 -22.55
N GLY K 160 5.72 65.35 -22.92
CA GLY K 160 5.58 64.40 -24.01
C GLY K 160 6.10 62.98 -23.79
N GLN K 161 6.02 62.45 -22.57
CA GLN K 161 6.42 61.06 -22.37
C GLN K 161 5.55 60.11 -23.17
N THR K 162 4.23 60.35 -23.13
CA THR K 162 3.20 59.62 -23.89
C THR K 162 3.36 58.10 -23.74
N THR K 163 3.15 57.61 -22.53
CA THR K 163 3.54 56.24 -22.23
C THR K 163 2.32 55.46 -21.74
N GLY K 164 2.28 54.18 -22.07
CA GLY K 164 1.27 53.27 -21.55
C GLY K 164 1.63 52.73 -20.18
N GLU K 165 0.83 51.79 -19.68
CA GLU K 165 1.05 51.24 -18.34
C GLU K 165 2.42 50.58 -18.23
N ALA K 166 2.95 50.09 -19.36
CA ALA K 166 4.24 49.40 -19.40
C ALA K 166 5.36 50.42 -19.51
N PRO K 167 6.57 50.05 -19.13
CA PRO K 167 7.56 51.05 -18.71
C PRO K 167 8.22 51.75 -19.90
N GLY K 168 7.57 52.83 -20.33
CA GLY K 168 8.17 53.80 -21.22
C GLY K 168 8.06 53.54 -22.71
N THR K 169 7.04 54.08 -23.36
CA THR K 169 6.98 54.04 -24.82
C THR K 169 7.06 55.47 -25.37
N VAL K 170 7.45 55.54 -26.63
CA VAL K 170 7.56 56.81 -27.36
C VAL K 170 6.16 57.37 -27.56
N PRO K 171 6.00 58.68 -27.82
CA PRO K 171 4.64 59.23 -28.02
C PRO K 171 4.02 58.71 -29.30
N ALA K 172 2.72 58.43 -29.22
CA ALA K 172 1.94 57.76 -30.26
C ALA K 172 2.51 56.40 -30.65
N PRO L 1 29.57 21.45 24.42
CA PRO L 1 29.87 20.27 23.62
C PRO L 1 30.12 20.56 22.15
N ILE L 2 30.43 19.52 21.37
CA ILE L 2 30.66 19.65 19.94
C ILE L 2 29.41 20.25 19.31
N MET L 3 29.60 21.36 18.60
CA MET L 3 28.49 22.08 17.98
C MET L 3 28.19 21.53 16.59
N GLY L 4 27.17 22.11 15.95
CA GLY L 4 26.83 21.76 14.58
C GLY L 4 27.89 22.11 13.56
N GLN L 5 28.63 23.19 13.79
CA GLN L 5 29.78 23.54 12.98
C GLN L 5 30.99 22.66 13.28
N ASP L 6 30.96 21.92 14.39
CA ASP L 6 32.13 21.18 14.86
C ASP L 6 32.53 20.02 13.97
N VAL L 7 31.59 19.34 13.31
CA VAL L 7 31.90 18.19 12.47
C VAL L 7 31.74 18.61 11.02
N LYS L 8 32.81 18.48 10.23
CA LYS L 8 32.73 18.78 8.81
C LYS L 8 33.11 17.57 7.98
N TYR L 9 32.55 17.52 6.77
CA TYR L 9 32.52 16.31 5.95
C TYR L 9 33.47 16.49 4.77
N LEU L 10 34.66 15.90 4.87
CA LEU L 10 35.60 15.91 3.76
C LEU L 10 35.23 14.83 2.75
N PHE L 11 35.42 15.12 1.47
CA PHE L 11 35.19 14.15 0.41
C PHE L 11 36.39 14.11 -0.53
N GLN L 12 36.78 12.89 -0.91
CA GLN L 12 37.77 12.74 -1.96
C GLN L 12 37.36 11.58 -2.86
N SER L 13 37.57 11.76 -4.16
CA SER L 13 37.24 10.73 -5.14
C SER L 13 38.28 9.61 -5.13
N ILE L 14 37.83 8.42 -5.57
CA ILE L 14 38.73 7.27 -5.59
C ILE L 14 39.86 7.45 -6.60
N ASP L 15 39.55 7.90 -7.81
CA ASP L 15 40.53 7.94 -8.88
C ASP L 15 41.38 9.21 -8.87
N ALA L 16 41.07 10.17 -8.00
CA ALA L 16 41.79 11.44 -8.02
C ALA L 16 43.27 11.24 -7.69
N ALA L 17 43.55 10.33 -6.75
CA ALA L 17 44.90 10.08 -6.19
C ALA L 17 45.62 11.40 -5.87
N THR L 18 44.90 12.31 -5.23
CA THR L 18 45.43 13.61 -4.84
C THR L 18 45.88 13.57 -3.40
N GLY L 19 46.70 14.54 -3.00
CA GLY L 19 47.21 14.58 -1.64
C GLY L 19 46.40 15.45 -0.71
N SER L 20 45.26 15.95 -1.19
CA SER L 20 44.44 16.83 -0.38
C SER L 20 42.96 16.69 -0.72
N ALA L 21 42.10 16.63 0.31
CA ALA L 21 40.67 16.38 0.25
C ALA L 21 39.85 17.66 0.10
N PRO L 22 39.02 17.81 -0.94
CA PRO L 22 38.21 19.02 -1.06
C PRO L 22 37.06 19.05 -0.07
N LEU L 23 36.93 20.14 0.68
CA LEU L 23 35.74 20.38 1.47
C LEU L 23 35.00 21.59 0.89
N PHE L 24 33.72 21.41 0.68
CA PHE L 24 33.07 22.41 -0.13
C PHE L 24 32.49 23.52 0.75
N PRO L 25 32.54 24.77 0.33
CA PRO L 25 31.98 25.85 1.16
C PRO L 25 30.46 25.92 1.07
N ALA L 26 29.90 26.80 1.92
CA ALA L 26 28.47 27.07 2.03
C ALA L 26 27.68 25.79 2.36
N TYR L 27 28.21 25.05 3.33
CA TYR L 27 27.50 23.88 3.85
C TYR L 27 26.26 24.30 4.63
N GLN L 28 25.18 23.59 4.37
CA GLN L 28 23.90 23.81 5.02
C GLN L 28 23.82 22.73 6.10
N THR L 29 22.95 21.74 5.91
CA THR L 29 22.80 20.68 6.89
C THR L 29 23.08 19.31 6.28
N ASP L 30 23.07 18.31 7.15
CA ASP L 30 23.63 17.01 6.85
C ASP L 30 23.07 16.02 7.85
N GLY L 31 22.54 14.92 7.33
CA GLY L 31 22.16 13.82 8.18
C GLY L 31 22.90 12.57 7.81
N SER L 32 23.41 11.87 8.82
CA SER L 32 24.03 10.55 8.65
C SER L 32 23.09 9.58 9.33
N VAL L 33 22.29 8.89 8.54
CA VAL L 33 21.24 8.02 9.06
C VAL L 33 21.69 6.58 8.89
N SER L 34 21.80 5.87 10.01
CA SER L 34 22.48 4.58 10.09
C SER L 34 21.59 3.62 10.87
N GLY L 35 20.65 2.98 10.18
CA GLY L 35 19.72 2.09 10.83
C GLY L 35 20.28 0.69 11.02
N GLU L 36 20.26 0.21 12.26
CA GLU L 36 20.79 -1.12 12.60
C GLU L 36 19.60 -2.03 12.85
N ARG L 37 19.11 -2.67 11.79
CA ARG L 37 17.90 -3.48 11.87
C ARG L 37 18.11 -4.64 12.82
N GLU L 38 17.10 -5.51 12.92
CA GLU L 38 17.03 -6.53 13.96
C GLU L 38 16.18 -7.69 13.45
N LEU L 39 16.56 -8.90 13.84
CA LEU L 39 15.88 -10.12 13.44
C LEU L 39 14.59 -10.29 14.23
N PHE L 40 13.73 -11.18 13.72
CA PHE L 40 12.54 -11.61 14.44
C PHE L 40 12.67 -13.04 14.94
N ASP L 41 13.34 -13.20 16.07
CA ASP L 41 13.16 -14.33 16.97
C ASP L 41 12.40 -13.85 18.20
N GLU L 42 11.08 -14.04 18.18
CA GLU L 42 10.25 -13.71 19.33
C GLU L 42 10.50 -14.58 20.54
N GLN L 43 11.19 -15.72 20.33
CA GLN L 43 11.41 -16.78 21.34
C GLN L 43 10.10 -17.39 21.82
N THR L 44 9.12 -17.50 20.90
CA THR L 44 7.70 -17.75 21.18
C THR L 44 7.23 -16.98 22.42
N LYS L 45 7.48 -15.67 22.42
CA LYS L 45 7.16 -14.81 23.56
C LYS L 45 6.12 -13.76 23.15
N ASN L 46 6.60 -12.61 22.67
CA ASN L 46 5.71 -11.55 22.20
C ASN L 46 6.34 -10.69 21.11
N GLY L 47 7.27 -11.23 20.34
CA GLY L 47 7.93 -10.48 19.30
C GLY L 47 9.10 -9.69 19.85
N ARG L 48 9.77 -10.27 20.84
CA ARG L 48 10.91 -9.63 21.48
C ARG L 48 12.18 -10.25 20.92
N ILE L 49 13.05 -9.42 20.36
CA ILE L 49 14.31 -9.88 19.82
C ILE L 49 15.44 -8.93 20.24
N LEU L 50 16.56 -9.50 20.71
CA LEU L 50 17.72 -8.70 21.06
C LEU L 50 18.86 -8.88 20.06
N GLY L 51 18.55 -9.35 18.85
CA GLY L 51 19.56 -9.76 17.90
C GLY L 51 19.65 -8.85 16.69
N PRO L 52 20.76 -8.94 15.96
CA PRO L 52 20.98 -8.03 14.84
C PRO L 52 20.20 -8.40 13.59
N GLY L 53 20.04 -7.43 12.70
CA GLY L 53 19.31 -7.62 11.46
C GLY L 53 20.18 -7.21 10.29
N SER L 54 20.29 -5.90 10.12
CA SER L 54 21.10 -5.36 9.04
C SER L 54 21.40 -3.89 9.27
N VAL L 55 22.34 -3.36 8.49
CA VAL L 55 22.77 -1.97 8.62
C VAL L 55 22.34 -1.20 7.37
N ALA L 56 21.46 -0.22 7.59
CA ALA L 56 21.03 0.69 6.54
C ALA L 56 21.74 2.01 6.75
N ASP L 57 22.93 2.14 6.16
CA ASP L 57 23.81 3.27 6.41
C ASP L 57 23.74 4.20 5.21
N SER L 58 23.07 5.33 5.39
CA SER L 58 22.87 6.33 4.37
C SER L 58 23.08 7.73 4.93
N GLY L 59 23.35 8.67 4.04
CA GLY L 59 23.50 10.04 4.43
C GLY L 59 22.99 11.00 3.38
N GLU L 60 22.60 12.20 3.78
CA GLU L 60 22.20 13.24 2.85
C GLU L 60 23.00 14.50 3.20
N VAL L 61 23.49 15.18 2.17
CA VAL L 61 24.31 16.37 2.36
C VAL L 61 23.69 17.51 1.56
N THR L 62 23.41 18.62 2.22
CA THR L 62 22.91 19.79 1.53
C THR L 62 23.96 20.89 1.58
N TYR L 63 24.08 21.64 0.48
CA TYR L 63 24.98 22.78 0.43
C TYR L 63 24.48 23.77 -0.62
N TYR L 64 25.01 24.99 -0.57
CA TYR L 64 24.71 26.02 -1.56
C TYR L 64 25.69 25.89 -2.72
N GLY L 65 25.20 26.07 -3.94
CA GLY L 65 26.02 25.89 -5.12
C GLY L 65 27.03 26.98 -5.38
N LYS L 66 28.24 26.61 -5.78
CA LYS L 66 29.24 27.57 -6.17
C LYS L 66 29.64 27.33 -7.63
N ARG L 67 30.02 28.40 -8.33
CA ARG L 67 30.27 28.34 -9.77
C ARG L 67 31.36 27.35 -10.15
N GLY L 68 32.43 27.25 -9.37
CA GLY L 68 33.48 26.27 -9.62
C GLY L 68 33.67 25.38 -8.41
N ASP L 69 34.92 25.34 -7.92
CA ASP L 69 35.31 24.74 -6.64
C ASP L 69 35.10 23.23 -6.66
N ALA L 70 36.13 22.51 -6.19
CA ALA L 70 36.42 21.12 -6.54
C ALA L 70 35.74 20.04 -5.71
N GLY L 71 35.04 20.40 -4.62
CA GLY L 71 34.18 19.44 -3.96
C GLY L 71 32.87 19.20 -4.70
N GLN L 72 32.23 20.28 -5.15
CA GLN L 72 31.08 20.13 -6.04
C GLN L 72 31.50 19.64 -7.42
N LYS L 73 32.66 20.07 -7.92
CA LYS L 73 33.18 19.49 -9.16
C LYS L 73 33.53 18.03 -8.99
N ALA L 74 34.14 17.65 -7.87
CA ALA L 74 34.27 16.24 -7.55
C ALA L 74 32.91 15.61 -7.27
N ILE L 75 31.99 16.40 -6.73
CA ILE L 75 30.60 15.95 -6.57
C ILE L 75 29.99 15.62 -7.93
N GLU L 76 30.08 16.54 -8.87
CA GLU L 76 29.48 16.32 -10.18
C GLU L 76 30.26 15.32 -11.02
N ASP L 77 31.60 15.38 -11.01
CA ASP L 77 32.38 14.30 -11.60
C ASP L 77 32.07 12.96 -10.96
N ALA L 78 32.00 12.91 -9.64
CA ALA L 78 31.58 11.67 -9.00
C ALA L 78 30.17 11.26 -9.40
N TYR L 79 29.23 12.20 -9.39
CA TYR L 79 27.83 11.87 -9.65
C TYR L 79 27.63 11.39 -11.09
N GLN L 80 28.10 12.18 -12.06
CA GLN L 80 27.73 11.98 -13.45
C GLN L 80 28.46 10.80 -14.07
N ASN L 81 29.70 10.55 -13.66
CA ASN L 81 30.39 9.34 -14.08
C ASN L 81 30.05 8.16 -13.18
N GLY L 82 29.32 8.42 -12.09
CA GLY L 82 28.92 7.39 -11.17
C GLY L 82 30.07 6.83 -10.36
N LYS L 83 31.10 7.64 -10.17
CA LYS L 83 32.30 7.29 -9.42
C LYS L 83 31.90 7.14 -7.96
N GLN L 84 32.55 6.22 -7.26
CA GLN L 84 32.45 6.12 -5.81
C GLN L 84 33.24 7.26 -5.19
N ILE L 85 32.71 7.84 -4.11
CA ILE L 85 33.41 8.94 -3.44
C ILE L 85 33.81 8.50 -2.05
N LYS L 86 35.05 8.82 -1.68
CA LYS L 86 35.56 8.54 -0.35
C LYS L 86 35.17 9.67 0.58
N PHE L 87 34.53 9.30 1.70
CA PHE L 87 33.80 10.21 2.57
C PHE L 87 34.44 10.20 3.95
N TRP L 88 34.78 11.40 4.44
CA TRP L 88 35.41 11.60 5.74
C TRP L 88 34.56 12.58 6.54
N ARG L 89 34.00 12.11 7.66
CA ARG L 89 33.30 13.01 8.59
C ARG L 89 34.21 13.23 9.79
N VAL L 90 34.84 14.39 9.84
CA VAL L 90 35.84 14.64 10.87
C VAL L 90 35.45 15.88 11.66
N ASP L 91 35.88 15.89 12.92
CA ASP L 91 35.60 16.99 13.82
C ASP L 91 36.54 18.15 13.53
N THR L 92 36.22 19.30 14.13
CA THR L 92 36.96 20.54 13.94
C THR L 92 37.75 20.94 15.16
N VAL L 93 37.30 20.55 16.36
CA VAL L 93 38.04 20.85 17.58
C VAL L 93 39.29 19.97 17.65
N LYS L 94 40.21 20.34 18.53
CA LYS L 94 41.50 19.68 18.63
C LYS L 94 41.44 18.58 19.68
N ASN L 95 41.37 17.32 19.23
CA ASN L 95 41.49 16.19 20.12
C ASN L 95 42.89 16.10 20.68
N GLU L 96 43.03 15.35 21.77
CA GLU L 96 44.32 15.23 22.46
C GLU L 96 45.11 13.99 22.08
N ASN L 97 44.49 13.02 21.40
CA ASN L 97 45.27 11.93 20.82
C ASN L 97 45.60 12.23 19.35
N ASP L 98 44.67 11.96 18.46
CA ASP L 98 44.76 12.42 17.08
C ASP L 98 44.52 13.93 17.07
N LYS L 99 44.99 14.59 16.02
CA LYS L 99 44.66 15.99 15.81
C LYS L 99 43.17 16.23 15.89
N TYR L 100 42.40 15.40 15.20
CA TYR L 100 40.95 15.45 15.17
C TYR L 100 40.44 14.02 15.28
N ASP L 101 39.14 13.84 15.10
CA ASP L 101 38.55 12.51 15.13
C ASP L 101 37.45 12.42 14.09
N ALA L 102 37.37 11.24 13.45
CA ALA L 102 36.64 11.11 12.21
C ALA L 102 35.77 9.86 12.25
N GLN L 103 34.59 9.97 11.64
CA GLN L 103 33.84 8.83 11.15
C GLN L 103 33.96 8.86 9.63
N PHE L 104 34.34 7.72 9.05
CA PHE L 104 34.83 7.64 7.68
C PHE L 104 34.14 6.51 6.93
N GLY L 105 34.09 6.64 5.61
CA GLY L 105 33.63 5.51 4.81
C GLY L 105 33.81 5.76 3.33
N PHE L 106 33.62 4.70 2.55
CA PHE L 106 33.49 4.79 1.11
C PHE L 106 32.01 4.93 0.79
N ALA L 107 31.67 5.90 -0.06
CA ALA L 107 30.28 6.28 -0.28
C ALA L 107 29.99 6.41 -1.77
N TYR L 108 28.70 6.36 -2.08
CA TYR L 108 28.21 6.34 -3.46
C TYR L 108 27.02 7.30 -3.55
N ILE L 109 27.04 8.17 -4.56
CA ILE L 109 25.94 9.12 -4.74
C ILE L 109 24.68 8.38 -5.14
N GLU L 110 23.64 8.48 -4.33
CA GLU L 110 22.38 7.84 -4.65
C GLU L 110 21.37 8.75 -5.34
N SER L 111 21.37 10.05 -5.04
CA SER L 111 20.52 10.99 -5.75
C SER L 111 21.06 12.40 -5.57
N ARG L 112 20.88 13.21 -6.59
CA ARG L 112 21.27 14.62 -6.59
C ARG L 112 19.97 15.38 -6.83
N GLU L 113 19.83 16.51 -6.13
CA GLU L 113 18.65 17.36 -6.18
C GLU L 113 19.13 18.79 -6.34
N TYR L 114 18.72 19.45 -7.41
CA TYR L 114 19.05 20.85 -7.61
C TYR L 114 17.86 21.75 -7.39
N SER L 115 17.98 22.64 -6.42
CA SER L 115 16.96 23.60 -6.09
C SER L 115 17.33 24.95 -6.68
N ASP L 116 16.39 25.50 -7.45
CA ASP L 116 16.40 26.88 -7.93
C ASP L 116 15.09 27.50 -7.46
N GLY L 117 15.18 28.44 -6.53
CA GLY L 117 14.02 29.19 -6.08
C GLY L 117 14.05 30.62 -6.57
N VAL L 118 13.08 31.40 -6.13
CA VAL L 118 13.01 32.82 -6.46
C VAL L 118 13.95 33.64 -5.59
N GLU L 119 13.98 33.37 -4.29
CA GLU L 119 15.01 33.93 -3.43
C GLU L 119 16.09 32.93 -3.07
N GLY L 120 17.27 33.40 -2.69
CA GLY L 120 18.25 32.54 -2.06
C GLY L 120 19.11 31.92 -3.13
N ALA L 121 20.40 31.72 -2.85
CA ALA L 121 21.32 31.18 -3.83
C ALA L 121 21.06 29.70 -4.06
N VAL L 122 21.63 29.19 -5.16
CA VAL L 122 21.33 27.84 -5.62
C VAL L 122 21.50 26.84 -4.49
N GLU L 123 20.67 25.80 -4.49
CA GLU L 123 20.70 24.83 -3.40
C GLU L 123 20.92 23.44 -3.95
N ILE L 124 21.86 22.72 -3.37
CA ILE L 124 22.18 21.36 -3.81
C ILE L 124 22.00 20.42 -2.63
N SER L 125 21.05 19.49 -2.78
CA SER L 125 20.90 18.37 -1.88
C SER L 125 21.41 17.12 -2.59
N ILE L 126 22.35 16.42 -1.97
CA ILE L 126 22.87 15.18 -2.53
C ILE L 126 22.58 14.05 -1.54
N SER L 127 21.88 13.04 -2.02
CA SER L 127 21.50 11.88 -1.21
C SER L 127 22.37 10.69 -1.56
N LEU L 128 22.98 10.11 -0.54
CA LEU L 128 23.98 9.07 -0.70
C LEU L 128 23.75 7.97 0.33
N GLN L 129 24.36 6.82 0.10
CA GLN L 129 24.46 5.78 1.10
C GLN L 129 25.94 5.53 1.37
N VAL L 130 26.26 4.89 2.48
CA VAL L 130 27.63 4.53 2.76
C VAL L 130 27.68 3.02 2.99
N ILE L 131 28.62 2.36 2.32
CA ILE L 131 28.68 0.90 2.35
C ILE L 131 29.06 0.41 3.73
N GLY L 132 30.16 0.93 4.26
CA GLY L 132 30.59 0.56 5.60
C GLY L 132 30.91 1.78 6.44
N GLU L 133 30.23 1.91 7.58
CA GLU L 133 30.55 2.97 8.52
C GLU L 133 31.85 2.66 9.26
N LEU L 134 32.79 3.59 9.13
CA LEU L 134 34.13 3.39 9.69
C LEU L 134 34.41 4.53 10.64
N LYS L 135 35.23 4.25 11.65
CA LYS L 135 35.56 5.23 12.68
C LYS L 135 37.06 5.19 12.95
N ASN L 136 37.70 6.36 12.92
CA ASN L 136 39.12 6.46 13.22
C ASN L 136 39.44 7.88 13.65
N GLY L 137 40.54 8.05 14.38
CA GLY L 137 41.03 9.38 14.66
C GLY L 137 41.61 10.03 13.42
N GLU L 138 41.59 11.36 13.39
CA GLU L 138 42.00 12.11 12.22
C GLU L 138 43.28 12.85 12.53
N ILE L 139 44.20 12.85 11.58
CA ILE L 139 45.51 13.48 11.79
C ILE L 139 45.58 14.82 11.09
N ASP L 140 45.50 14.83 9.76
CA ASP L 140 45.63 16.08 9.02
C ASP L 140 44.43 16.31 8.11
N THR L 141 43.71 17.39 8.37
CA THR L 141 42.58 17.79 7.52
C THR L 141 42.87 19.08 6.76
N LEU L 142 44.10 19.26 6.25
CA LEU L 142 44.61 20.46 5.61
C LEU L 142 44.22 21.68 6.44
N PRO L 143 44.60 21.73 7.73
CA PRO L 143 43.91 22.61 8.70
C PRO L 143 44.11 24.09 8.49
N GLU L 144 45.03 24.43 7.60
CA GLU L 144 45.25 25.79 7.14
C GLU L 144 44.04 26.33 6.41
N GLU L 145 43.22 25.45 5.83
CA GLU L 145 42.12 25.86 4.97
C GLU L 145 40.79 25.25 5.37
N ILE L 146 40.73 23.97 5.71
CA ILE L 146 39.50 23.30 6.10
C ILE L 146 39.16 23.57 7.56
N VAL L 147 40.16 23.51 8.43
CA VAL L 147 39.95 23.67 9.86
C VAL L 147 39.73 25.16 10.13
N ASN L 148 40.51 26.00 9.45
CA ASN L 148 40.45 27.45 9.67
C ASN L 148 39.40 28.09 8.79
N VAL L 149 38.35 28.65 9.39
CA VAL L 149 37.40 29.46 8.63
C VAL L 149 37.79 30.93 8.80
N SER L 150 38.20 31.56 7.71
CA SER L 150 38.76 32.90 7.77
C SER L 150 37.90 33.93 7.02
N LYS L 151 37.81 35.15 7.53
CA LYS L 151 37.09 36.19 6.81
C LYS L 151 37.91 36.84 5.69
N GLY L 152 39.22 36.96 5.82
CA GLY L 152 40.04 37.62 4.82
C GLY L 152 40.10 39.12 5.00
N GLY L 153 39.62 39.61 6.15
CA GLY L 153 39.56 41.03 6.42
C GLY L 153 40.94 41.60 6.69
N TYR L 154 41.30 42.61 5.90
CA TYR L 154 42.55 43.33 6.02
C TYR L 154 42.29 44.65 6.75
N ASP L 155 42.88 44.79 7.95
CA ASP L 155 42.37 45.75 8.94
C ASP L 155 42.64 47.22 8.63
N PHE L 156 43.76 47.52 7.96
CA PHE L 156 44.11 48.80 7.33
C PHE L 156 44.83 48.54 6.02
N GLN L 157 44.17 48.94 4.93
CA GLN L 157 44.83 49.31 3.67
C GLN L 157 44.04 50.47 3.11
N GLN L 158 43.72 51.48 3.95
CA GLN L 158 42.73 52.48 3.55
C GLN L 158 43.06 53.19 2.23
N PRO L 159 44.22 53.85 2.04
CA PRO L 159 44.52 54.34 0.68
C PRO L 159 45.13 53.28 -0.23
N GLY L 160 44.67 53.15 -1.46
CA GLY L 160 45.09 52.05 -2.30
C GLY L 160 44.68 50.65 -1.91
N GLN L 161 43.48 50.47 -1.33
CA GLN L 161 43.02 49.12 -1.03
C GLN L 161 42.85 48.31 -2.31
N THR L 162 42.25 48.92 -3.33
CA THR L 162 42.06 48.36 -4.68
C THR L 162 41.47 46.95 -4.63
N THR L 163 40.22 46.85 -4.16
CA THR L 163 39.69 45.55 -3.82
C THR L 163 38.42 45.30 -4.62
N GLY L 164 38.18 44.04 -4.97
CA GLY L 164 36.94 43.63 -5.59
C GLY L 164 35.85 43.36 -4.57
N GLU L 165 34.70 42.84 -5.04
CA GLU L 165 33.57 42.59 -4.15
C GLU L 165 33.94 41.61 -3.04
N ALA L 166 34.91 40.71 -3.30
CA ALA L 166 35.33 39.69 -2.37
C ALA L 166 36.36 40.29 -1.41
N PRO L 167 36.55 39.68 -0.24
CA PRO L 167 37.09 40.41 0.90
C PRO L 167 38.60 40.59 0.84
N GLY L 168 39.00 41.67 0.17
CA GLY L 168 40.36 42.18 0.26
C GLY L 168 41.37 41.61 -0.71
N THR L 169 41.55 42.24 -1.87
CA THR L 169 42.66 41.88 -2.74
C THR L 169 43.65 43.03 -2.85
N VAL L 170 44.86 42.69 -3.24
CA VAL L 170 45.94 43.64 -3.44
C VAL L 170 45.61 44.53 -4.63
N PRO L 171 46.21 45.73 -4.76
CA PRO L 171 45.88 46.59 -5.92
C PRO L 171 46.37 45.98 -7.22
N ALA L 172 45.54 46.12 -8.26
CA ALA L 172 45.73 45.48 -9.57
C ALA L 172 45.82 43.96 -9.46
N PRO A 1 -10.86 -17.66 24.15
CA PRO A 1 -10.83 -19.06 23.74
C PRO A 1 -9.36 -19.40 23.99
N ILE A 2 -8.83 -20.34 23.22
CA ILE A 2 -7.43 -20.74 23.32
C ILE A 2 -6.61 -19.82 22.43
N MET A 3 -5.54 -19.28 22.99
CA MET A 3 -4.69 -18.33 22.28
C MET A 3 -3.64 -19.06 21.44
N GLY A 4 -3.01 -18.31 20.54
CA GLY A 4 -1.92 -18.84 19.73
C GLY A 4 -0.74 -19.33 20.53
N GLN A 5 -0.39 -18.65 21.61
CA GLN A 5 0.62 -19.12 22.55
C GLN A 5 0.13 -20.27 23.41
N ASP A 6 -1.18 -20.39 23.61
CA ASP A 6 -1.75 -21.36 24.53
C ASP A 6 -1.44 -22.80 24.19
N VAL A 7 -1.59 -23.22 22.95
CA VAL A 7 -1.34 -24.61 22.55
C VAL A 7 0.13 -24.76 22.23
N LYS A 8 0.82 -25.61 22.97
CA LYS A 8 2.23 -25.88 22.68
C LYS A 8 2.47 -27.38 22.52
N TYR A 9 3.52 -27.69 21.78
CA TYR A 9 3.75 -29.03 21.23
C TYR A 9 5.08 -29.56 21.76
N LEU A 10 5.02 -30.70 22.45
CA LEU A 10 6.23 -31.36 22.91
C LEU A 10 6.30 -32.76 22.32
N PHE A 11 7.53 -33.27 22.13
CA PHE A 11 7.74 -34.62 21.65
C PHE A 11 8.65 -35.37 22.62
N GLN A 12 8.39 -36.66 22.75
CA GLN A 12 9.31 -37.53 23.48
C GLN A 12 9.78 -38.65 22.57
N SER A 13 11.10 -38.83 22.50
CA SER A 13 11.69 -39.87 21.68
C SER A 13 11.50 -41.25 22.31
N ILE A 14 11.23 -42.24 21.45
CA ILE A 14 11.00 -43.60 21.93
C ILE A 14 12.27 -44.20 22.52
N ASP A 15 13.44 -43.90 21.96
CA ASP A 15 14.68 -44.55 22.35
C ASP A 15 15.29 -43.96 23.61
N ALA A 16 14.82 -42.79 24.06
CA ALA A 16 15.45 -42.15 25.20
C ALA A 16 15.24 -42.95 26.48
N ALA A 17 13.99 -43.36 26.74
CA ALA A 17 13.56 -44.02 27.98
C ALA A 17 13.82 -43.14 29.21
N THR A 18 13.50 -41.86 29.09
CA THR A 18 13.69 -40.88 30.15
C THR A 18 12.32 -40.43 30.65
N GLY A 19 12.29 -39.86 31.85
CA GLY A 19 11.05 -39.41 32.45
C GLY A 19 10.72 -37.96 32.14
N SER A 20 10.83 -37.57 30.88
CA SER A 20 10.58 -36.18 30.50
C SER A 20 10.58 -36.01 28.98
N ALA A 21 9.80 -35.03 28.50
CA ALA A 21 9.52 -34.74 27.10
C ALA A 21 10.09 -33.39 26.66
N PRO A 22 11.14 -33.35 25.81
CA PRO A 22 11.66 -32.06 25.36
C PRO A 22 10.76 -31.38 24.35
N LEU A 23 10.68 -30.06 24.39
CA LEU A 23 10.06 -29.30 23.33
C LEU A 23 11.01 -28.20 22.89
N PHE A 24 10.81 -27.73 21.68
CA PHE A 24 11.87 -26.90 21.13
C PHE A 24 11.47 -25.43 21.18
N PRO A 25 12.40 -24.51 21.43
CA PRO A 25 12.04 -23.09 21.47
C PRO A 25 11.90 -22.50 20.07
N ALA A 26 11.45 -21.23 20.06
CA ALA A 26 11.23 -20.43 18.86
C ALA A 26 10.30 -21.14 17.87
N TYR A 27 9.05 -21.29 18.29
CA TYR A 27 8.02 -21.81 17.41
C TYR A 27 7.55 -20.76 16.41
N GLN A 28 7.34 -21.20 15.18
CA GLN A 28 6.88 -20.37 14.09
C GLN A 28 5.38 -20.63 14.01
N THR A 29 4.98 -21.84 13.64
CA THR A 29 3.58 -22.17 13.53
C THR A 29 3.37 -23.66 13.27
N ASP A 30 2.19 -24.12 13.65
CA ASP A 30 1.90 -25.52 13.80
C ASP A 30 0.57 -25.81 13.14
N GLY A 31 0.60 -26.61 12.09
CA GLY A 31 -0.61 -27.12 11.51
C GLY A 31 -0.69 -28.62 11.62
N SER A 32 -1.75 -29.10 12.26
CA SER A 32 -2.04 -30.53 12.33
C SER A 32 -3.31 -30.71 11.52
N VAL A 33 -3.24 -31.61 10.54
CA VAL A 33 -4.32 -31.80 9.59
C VAL A 33 -4.76 -33.26 9.65
N SER A 34 -6.07 -33.46 9.71
CA SER A 34 -6.66 -34.75 10.04
C SER A 34 -7.85 -34.99 9.11
N GLY A 35 -7.66 -35.87 8.13
CA GLY A 35 -8.71 -36.14 7.16
C GLY A 35 -9.45 -37.43 7.43
N GLU A 36 -10.77 -37.34 7.58
CA GLU A 36 -11.61 -38.50 7.87
C GLU A 36 -12.29 -38.91 6.57
N ARG A 37 -11.76 -39.94 5.92
CA ARG A 37 -12.24 -40.35 4.61
C ARG A 37 -13.65 -40.91 4.71
N GLU A 38 -14.45 -40.69 3.66
CA GLU A 38 -15.89 -40.92 3.69
C GLU A 38 -16.27 -41.80 2.51
N LEU A 39 -17.54 -42.19 2.47
CA LEU A 39 -18.09 -43.05 1.43
C LEU A 39 -18.08 -42.32 0.09
N PHE A 40 -17.63 -43.03 -0.94
CA PHE A 40 -17.72 -42.57 -2.32
C PHE A 40 -19.08 -42.89 -2.92
N ASP A 41 -19.70 -41.87 -3.52
CA ASP A 41 -20.69 -42.04 -4.56
C ASP A 41 -22.01 -42.46 -3.91
N GLU A 42 -23.01 -41.57 -4.01
CA GLU A 42 -24.34 -41.87 -3.50
C GLU A 42 -25.09 -42.88 -4.35
N GLN A 43 -24.95 -42.78 -5.69
CA GLN A 43 -25.71 -43.56 -6.69
C GLN A 43 -27.14 -43.03 -6.84
N THR A 44 -27.34 -41.76 -6.48
CA THR A 44 -28.66 -41.14 -6.24
C THR A 44 -29.59 -42.09 -5.48
N LYS A 45 -29.19 -42.45 -4.26
CA LYS A 45 -29.93 -43.39 -3.43
C LYS A 45 -30.48 -42.69 -2.19
N ASN A 46 -30.21 -43.26 -1.01
CA ASN A 46 -30.63 -42.66 0.25
C ASN A 46 -29.49 -41.99 0.99
N GLY A 47 -28.32 -41.84 0.37
CA GLY A 47 -27.18 -41.24 1.01
C GLY A 47 -26.08 -42.25 1.24
N ARG A 48 -25.28 -42.48 0.21
CA ARG A 48 -24.18 -43.45 0.28
C ARG A 48 -22.88 -42.66 0.30
N ILE A 49 -22.97 -41.37 0.62
CA ILE A 49 -21.81 -40.50 0.72
C ILE A 49 -21.64 -40.01 2.14
N LEU A 50 -22.46 -40.54 3.07
CA LEU A 50 -22.35 -40.20 4.47
C LEU A 50 -21.72 -41.34 5.28
N GLY A 51 -20.97 -42.23 4.63
CA GLY A 51 -20.50 -43.46 5.23
C GLY A 51 -19.12 -43.35 5.84
N PRO A 52 -18.80 -44.28 6.73
CA PRO A 52 -17.51 -44.20 7.43
C PRO A 52 -16.31 -44.60 6.59
N GLY A 53 -15.16 -44.03 6.92
CA GLY A 53 -13.93 -44.31 6.20
C GLY A 53 -12.76 -44.18 7.14
N SER A 54 -11.58 -44.48 6.62
CA SER A 54 -10.36 -44.39 7.40
C SER A 54 -10.00 -42.93 7.66
N VAL A 55 -9.03 -42.73 8.54
CA VAL A 55 -8.58 -41.40 8.93
C VAL A 55 -7.10 -41.24 8.58
N ALA A 56 -6.78 -40.14 7.90
CA ALA A 56 -5.41 -39.78 7.58
C ALA A 56 -4.98 -38.70 8.55
N ASP A 57 -3.85 -38.92 9.22
CA ASP A 57 -3.41 -38.06 10.31
C ASP A 57 -1.98 -37.62 10.02
N SER A 58 -1.82 -36.34 9.75
CA SER A 58 -0.54 -35.73 9.41
C SER A 58 -0.43 -34.36 10.06
N GLY A 59 0.79 -34.03 10.48
CA GLY A 59 1.06 -32.73 11.04
C GLY A 59 2.32 -32.12 10.48
N GLU A 60 2.35 -30.80 10.39
CA GLU A 60 3.54 -30.08 9.97
C GLU A 60 3.92 -29.11 11.09
N VAL A 61 5.22 -28.95 11.30
CA VAL A 61 5.72 -28.09 12.37
C VAL A 61 6.80 -27.20 11.81
N THR A 62 6.59 -25.89 11.84
CA THR A 62 7.61 -24.95 11.43
C THR A 62 8.23 -24.29 12.64
N TYR A 63 9.52 -23.97 12.56
CA TYR A 63 10.22 -23.25 13.61
C TYR A 63 11.53 -22.70 13.07
N TYR A 64 12.18 -21.85 13.86
CA TYR A 64 13.50 -21.32 13.54
C TYR A 64 14.55 -22.13 14.30
N GLY A 65 15.52 -22.69 13.56
CA GLY A 65 16.51 -23.54 14.17
C GLY A 65 17.48 -22.84 15.09
N LYS A 66 17.66 -23.37 16.29
CA LYS A 66 18.65 -22.85 17.22
C LYS A 66 19.96 -23.64 17.05
N ARG A 67 21.06 -23.03 17.50
CA ARG A 67 22.39 -23.60 17.27
C ARG A 67 22.54 -25.02 17.79
N GLY A 68 22.11 -25.31 19.01
CA GLY A 68 22.15 -26.67 19.55
C GLY A 68 21.26 -26.77 20.77
N ASP A 69 20.06 -27.32 20.55
CA ASP A 69 19.12 -27.73 21.60
C ASP A 69 18.40 -29.04 21.21
N ALA A 70 17.89 -29.70 22.24
CA ALA A 70 17.61 -31.14 22.26
C ALA A 70 16.40 -31.64 21.47
N GLY A 71 15.29 -30.90 21.45
CA GLY A 71 14.22 -31.20 20.51
C GLY A 71 14.68 -31.16 19.07
N GLN A 72 15.45 -30.12 18.71
CA GLN A 72 16.09 -30.11 17.40
C GLN A 72 17.01 -31.30 17.20
N LYS A 73 17.83 -31.63 18.19
CA LYS A 73 18.60 -32.87 18.12
C LYS A 73 17.71 -34.09 18.19
N ALA A 74 16.57 -34.00 18.87
CA ALA A 74 15.57 -35.05 18.76
C ALA A 74 15.03 -35.14 17.34
N ILE A 75 14.78 -33.98 16.72
CA ILE A 75 14.40 -33.96 15.30
C ILE A 75 15.53 -34.51 14.44
N GLU A 76 16.77 -34.10 14.72
CA GLU A 76 17.90 -34.55 13.92
C GLU A 76 18.09 -36.07 13.98
N ASP A 77 18.07 -36.66 15.18
CA ASP A 77 18.02 -38.12 15.28
C ASP A 77 16.76 -38.68 14.66
N ALA A 78 15.62 -38.00 14.87
CA ALA A 78 14.41 -38.46 14.20
C ALA A 78 14.62 -38.63 12.70
N TYR A 79 15.04 -37.57 12.00
CA TYR A 79 15.16 -37.64 10.55
C TYR A 79 16.44 -38.35 10.12
N GLN A 80 17.58 -37.90 10.61
CA GLN A 80 18.87 -38.30 10.07
C GLN A 80 19.24 -39.72 10.48
N ASN A 81 18.88 -40.13 11.71
CA ASN A 81 19.06 -41.52 12.09
C ASN A 81 17.90 -42.37 11.62
N GLY A 82 16.71 -41.77 11.49
CA GLY A 82 15.54 -42.46 11.01
C GLY A 82 14.81 -43.19 12.12
N LYS A 83 14.07 -42.44 12.93
CA LYS A 83 13.28 -42.97 14.05
C LYS A 83 11.95 -42.21 14.05
N GLN A 84 10.92 -42.85 14.57
CA GLN A 84 9.65 -42.20 14.87
C GLN A 84 9.75 -41.55 16.25
N ILE A 85 9.11 -40.39 16.41
CA ILE A 85 9.14 -39.69 17.69
C ILE A 85 7.74 -39.59 18.25
N LYS A 86 7.63 -39.72 19.57
CA LYS A 86 6.35 -39.56 20.26
C LYS A 86 6.00 -38.08 20.34
N PHE A 87 4.74 -37.77 20.08
CA PHE A 87 4.25 -36.43 19.81
C PHE A 87 3.14 -36.07 20.80
N TRP A 88 3.34 -34.97 21.52
CA TRP A 88 2.40 -34.47 22.52
C TRP A 88 2.09 -33.01 22.20
N ARG A 89 0.80 -32.66 22.16
CA ARG A 89 0.38 -31.26 22.02
C ARG A 89 -0.57 -30.95 23.17
N VAL A 90 -0.19 -29.98 24.00
CA VAL A 90 -0.95 -29.71 25.21
C VAL A 90 -1.16 -28.21 25.33
N ASP A 91 -2.20 -27.86 26.10
CA ASP A 91 -2.54 -26.48 26.34
C ASP A 91 -1.86 -25.97 27.61
N THR A 92 -1.35 -24.74 27.52
CA THR A 92 -0.61 -24.11 28.60
C THR A 92 -1.50 -23.70 29.77
N VAL A 93 -2.80 -23.52 29.52
CA VAL A 93 -3.74 -23.19 30.58
C VAL A 93 -4.02 -24.43 31.43
N LYS A 94 -4.04 -24.24 32.75
CA LYS A 94 -4.19 -25.35 33.67
C LYS A 94 -5.57 -25.98 33.53
N ASN A 95 -5.61 -27.29 33.40
CA ASN A 95 -6.85 -28.04 33.43
C ASN A 95 -7.35 -28.16 34.86
N GLU A 96 -8.67 -28.04 35.04
CA GLU A 96 -9.26 -28.08 36.36
C GLU A 96 -9.49 -29.48 36.90
N ASN A 97 -9.59 -30.49 36.04
CA ASN A 97 -9.56 -31.86 36.52
C ASN A 97 -8.41 -32.64 35.91
N ASP A 98 -7.29 -31.98 35.66
CA ASP A 98 -6.05 -32.64 35.31
C ASP A 98 -4.91 -31.63 35.43
N LYS A 99 -3.68 -32.09 35.21
CA LYS A 99 -2.54 -31.18 35.12
C LYS A 99 -2.74 -30.19 33.98
N TYR A 100 -2.77 -30.70 32.75
CA TYR A 100 -2.96 -29.91 31.55
C TYR A 100 -3.86 -30.71 30.62
N ASP A 101 -4.16 -30.14 29.46
CA ASP A 101 -4.98 -30.84 28.48
C ASP A 101 -4.18 -31.04 27.20
N ALA A 102 -4.26 -32.26 26.67
CA ALA A 102 -3.31 -32.70 25.68
C ALA A 102 -4.03 -33.44 24.55
N GLN A 103 -3.33 -33.57 23.43
CA GLN A 103 -3.59 -34.61 22.45
C GLN A 103 -2.25 -35.24 22.11
N PHE A 104 -2.24 -36.56 21.96
CA PHE A 104 -1.02 -37.36 21.98
C PHE A 104 -0.99 -38.30 20.78
N GLY A 105 0.21 -38.63 20.34
CA GLY A 105 0.34 -39.67 19.33
C GLY A 105 1.78 -40.11 19.15
N PHE A 106 1.94 -41.21 18.41
CA PHE A 106 3.24 -41.63 17.92
C PHE A 106 3.36 -41.15 16.48
N ALA A 107 4.46 -40.48 16.17
CA ALA A 107 4.59 -39.77 14.90
C ALA A 107 5.92 -40.12 14.23
N TYR A 108 5.97 -39.86 12.94
CA TYR A 108 7.09 -40.23 12.09
C TYR A 108 7.59 -38.98 11.39
N ILE A 109 8.78 -39.04 10.80
CA ILE A 109 9.34 -37.90 10.09
C ILE A 109 9.05 -38.03 8.61
N GLU A 110 7.94 -37.44 8.16
CA GLU A 110 7.61 -37.48 6.74
C GLU A 110 8.52 -36.63 5.87
N SER A 111 8.85 -35.41 6.29
CA SER A 111 9.81 -34.59 5.55
C SER A 111 10.29 -33.47 6.45
N ARG A 112 11.46 -32.94 6.11
CA ARG A 112 12.08 -31.80 6.80
C ARG A 112 12.64 -30.93 5.68
N GLU A 113 12.54 -29.63 5.90
CA GLU A 113 12.97 -28.62 4.94
C GLU A 113 13.77 -27.58 5.70
N TYR A 114 14.98 -27.29 5.24
CA TYR A 114 15.79 -26.26 5.86
C TYR A 114 15.98 -25.07 4.93
N SER A 115 15.61 -23.90 5.43
CA SER A 115 15.75 -22.65 4.70
C SER A 115 16.75 -21.75 5.43
N ASP A 116 17.77 -21.35 4.70
CA ASP A 116 18.70 -20.30 5.09
C ASP A 116 18.39 -19.11 4.19
N GLY A 117 18.13 -17.97 4.80
CA GLY A 117 17.92 -16.73 4.06
C GLY A 117 18.92 -15.66 4.47
N VAL A 118 19.13 -14.71 3.58
CA VAL A 118 20.01 -13.57 3.85
C VAL A 118 19.38 -12.63 4.89
N GLU A 119 18.06 -12.57 4.94
CA GLU A 119 17.39 -11.89 6.04
C GLU A 119 16.90 -12.84 7.11
N GLY A 120 16.74 -12.37 8.34
CA GLY A 120 16.02 -13.13 9.34
C GLY A 120 16.92 -14.24 9.86
N ALA A 121 16.34 -15.40 10.13
CA ALA A 121 17.10 -16.51 10.69
C ALA A 121 16.62 -17.84 10.12
N VAL A 122 17.47 -18.86 10.27
CA VAL A 122 17.25 -20.15 9.62
C VAL A 122 15.85 -20.66 9.94
N GLU A 123 15.19 -21.22 8.94
CA GLU A 123 13.81 -21.68 9.12
C GLU A 123 13.69 -23.15 8.77
N ILE A 124 13.13 -23.92 9.68
CA ILE A 124 12.96 -25.35 9.50
C ILE A 124 11.48 -25.68 9.47
N SER A 125 11.04 -26.30 8.38
CA SER A 125 9.72 -26.90 8.28
C SER A 125 9.87 -28.40 8.35
N ILE A 126 9.35 -29.00 9.42
CA ILE A 126 9.39 -30.45 9.58
C ILE A 126 7.96 -30.98 9.53
N SER A 127 7.70 -31.87 8.57
CA SER A 127 6.39 -32.45 8.37
C SER A 127 6.39 -33.90 8.83
N LEU A 128 5.27 -34.32 9.41
CA LEU A 128 5.15 -35.62 10.04
C LEU A 128 3.79 -36.22 9.73
N GLN A 129 3.77 -37.53 9.50
CA GLN A 129 2.53 -38.30 9.46
C GLN A 129 2.33 -38.91 10.84
N VAL A 130 1.10 -39.27 11.16
CA VAL A 130 0.83 -39.96 12.41
C VAL A 130 -0.25 -40.99 12.15
N ILE A 131 -0.30 -42.03 12.99
CA ILE A 131 -1.19 -43.16 12.75
C ILE A 131 -2.39 -43.09 13.68
N GLY A 132 -2.80 -41.88 14.04
CA GLY A 132 -3.96 -41.70 14.88
C GLY A 132 -3.61 -40.95 16.15
N GLU A 133 -3.73 -39.63 16.09
CA GLU A 133 -3.55 -38.81 17.29
C GLU A 133 -4.81 -38.81 18.13
N LEU A 134 -4.62 -39.03 19.43
CA LEU A 134 -5.74 -39.17 20.35
C LEU A 134 -5.67 -38.02 21.34
N LYS A 135 -6.84 -37.61 21.84
CA LYS A 135 -6.94 -36.49 22.77
C LYS A 135 -7.03 -37.02 24.19
N ASN A 136 -6.39 -36.33 25.13
CA ASN A 136 -6.45 -36.70 26.54
C ASN A 136 -6.09 -35.49 27.39
N GLY A 137 -5.78 -35.73 28.65
CA GLY A 137 -5.22 -34.67 29.48
C GLY A 137 -3.73 -34.86 29.68
N GLU A 138 -3.03 -33.74 29.84
CA GLU A 138 -1.58 -33.76 29.93
C GLU A 138 -1.16 -33.95 31.38
N ILE A 139 -0.22 -34.86 31.61
CA ILE A 139 0.20 -35.18 32.96
C ILE A 139 1.48 -34.44 33.32
N ASP A 140 2.43 -34.38 32.39
CA ASP A 140 3.71 -33.74 32.69
C ASP A 140 3.62 -32.23 32.52
N THR A 141 3.65 -31.51 33.63
CA THR A 141 3.68 -30.05 33.61
C THR A 141 4.94 -29.51 32.93
N LEU A 142 6.12 -30.05 33.28
CA LEU A 142 7.44 -29.59 32.86
C LEU A 142 7.52 -28.08 33.02
N PRO A 143 7.38 -27.55 34.26
CA PRO A 143 7.00 -26.15 34.46
C PRO A 143 8.05 -25.13 34.05
N GLU A 144 9.20 -25.63 33.61
CA GLU A 144 10.25 -24.82 33.02
C GLU A 144 9.79 -24.17 31.73
N GLU A 145 8.99 -24.88 30.93
CA GLU A 145 8.61 -24.40 29.61
C GLU A 145 7.13 -24.10 29.47
N ILE A 146 6.26 -25.09 29.63
CA ILE A 146 4.82 -24.89 29.51
C ILE A 146 4.28 -23.97 30.60
N VAL A 147 4.64 -24.25 31.85
CA VAL A 147 4.14 -23.48 32.98
C VAL A 147 4.79 -22.10 32.93
N ASN A 148 6.10 -22.08 32.66
CA ASN A 148 6.85 -20.83 32.65
C ASN A 148 7.29 -20.45 31.24
N VAL A 149 6.75 -19.36 30.70
CA VAL A 149 7.26 -18.83 29.44
C VAL A 149 7.50 -17.33 29.62
N SER A 150 8.73 -16.96 29.91
CA SER A 150 9.05 -15.58 30.27
C SER A 150 9.72 -14.82 29.14
N LYS A 151 9.75 -13.49 29.21
CA LYS A 151 10.46 -12.72 28.20
C LYS A 151 11.98 -12.65 28.42
N GLY A 152 12.50 -13.21 29.51
CA GLY A 152 13.92 -13.12 29.81
C GLY A 152 14.27 -11.96 30.71
N GLY A 153 13.26 -11.22 31.14
CA GLY A 153 13.46 -10.04 31.97
C GLY A 153 13.87 -10.41 33.38
N TYR A 154 14.85 -9.67 33.90
CA TYR A 154 15.36 -9.82 35.25
C TYR A 154 15.46 -8.43 35.89
N ASP A 155 15.22 -8.37 37.21
CA ASP A 155 14.83 -7.11 37.85
C ASP A 155 15.87 -5.99 37.78
N PHE A 156 17.13 -6.27 38.13
CA PHE A 156 18.33 -5.45 37.92
C PHE A 156 19.51 -6.37 37.62
N GLN A 157 20.49 -5.80 36.91
CA GLN A 157 21.89 -6.23 36.96
C GLN A 157 22.73 -4.97 36.98
N GLN A 158 23.00 -4.42 38.17
CA GLN A 158 23.54 -3.06 38.25
C GLN A 158 24.96 -2.99 38.84
N PRO A 159 25.39 -3.89 39.74
CA PRO A 159 26.82 -3.85 40.11
C PRO A 159 27.74 -4.49 39.08
N GLY A 160 27.24 -4.78 37.87
CA GLY A 160 28.03 -5.54 36.93
C GLY A 160 28.10 -7.04 37.12
N GLN A 161 27.19 -7.82 36.51
CA GLN A 161 27.31 -9.27 36.60
C GLN A 161 27.73 -9.88 35.27
N THR A 162 28.87 -9.41 34.74
CA THR A 162 29.51 -9.90 33.51
C THR A 162 28.48 -10.40 32.50
N THR A 163 27.77 -9.46 31.87
CA THR A 163 26.60 -9.83 31.10
C THR A 163 27.00 -10.05 29.65
N GLY A 164 26.08 -10.62 28.87
CA GLY A 164 26.25 -10.74 27.43
C GLY A 164 24.99 -10.36 26.67
N GLU A 165 24.87 -10.84 25.43
CA GLU A 165 23.72 -10.49 24.60
C GLU A 165 22.44 -11.14 25.10
N ALA A 166 22.57 -12.28 25.79
CA ALA A 166 21.44 -13.05 26.30
C ALA A 166 20.82 -12.31 27.48
N PRO A 167 19.60 -12.64 27.85
CA PRO A 167 18.75 -11.69 28.58
C PRO A 167 19.07 -11.65 30.08
N GLY A 168 19.91 -12.60 30.49
CA GLY A 168 20.57 -12.54 31.77
C GLY A 168 21.82 -13.38 31.95
N THR A 169 23.00 -12.78 31.80
CA THR A 169 24.24 -13.47 32.14
C THR A 169 24.74 -12.97 33.50
N VAL A 170 25.49 -13.83 34.15
CA VAL A 170 26.11 -13.55 35.45
C VAL A 170 27.59 -13.89 35.36
N PRO A 171 28.42 -13.49 36.36
CA PRO A 171 29.85 -13.82 36.28
C PRO A 171 30.10 -15.31 36.49
N ALA A 172 30.56 -15.97 35.44
CA ALA A 172 30.72 -17.42 35.35
C ALA A 172 29.39 -18.16 35.54
N PRO B 1 -30.75 -7.26 3.15
CA PRO B 1 -30.93 -8.67 2.78
C PRO B 1 -30.52 -9.35 4.07
N ILE B 2 -29.99 -10.57 3.97
CA ILE B 2 -29.52 -11.32 5.13
C ILE B 2 -28.07 -10.93 5.38
N MET B 3 -27.77 -10.61 6.64
CA MET B 3 -26.45 -10.15 7.03
C MET B 3 -25.53 -11.34 7.32
N GLY B 4 -24.23 -11.05 7.40
CA GLY B 4 -23.24 -12.06 7.77
C GLY B 4 -23.46 -12.67 9.13
N GLN B 5 -23.89 -11.88 10.11
CA GLN B 5 -24.29 -12.37 11.42
C GLN B 5 -25.62 -13.10 11.37
N ASP B 6 -26.48 -12.76 10.41
CA ASP B 6 -27.85 -13.27 10.38
C ASP B 6 -27.96 -14.78 10.28
N VAL B 7 -27.20 -15.42 9.40
CA VAL B 7 -27.28 -16.87 9.22
C VAL B 7 -26.34 -17.53 10.22
N LYS B 8 -26.89 -18.34 11.12
CA LYS B 8 -26.06 -19.07 12.07
C LYS B 8 -26.36 -20.56 12.01
N TYR B 9 -25.37 -21.34 12.42
CA TYR B 9 -25.31 -22.78 12.13
C TYR B 9 -25.26 -23.53 13.46
N LEU B 10 -26.25 -24.40 13.68
CA LEU B 10 -26.25 -25.26 14.86
C LEU B 10 -26.25 -26.71 14.43
N PHE B 11 -25.69 -27.58 15.26
CA PHE B 11 -25.69 -29.01 15.02
C PHE B 11 -26.28 -29.74 16.23
N GLN B 12 -26.98 -30.84 15.95
CA GLN B 12 -27.42 -31.72 17.03
C GLN B 12 -26.87 -33.12 16.77
N SER B 13 -26.24 -33.69 17.79
CA SER B 13 -25.67 -35.02 17.68
C SER B 13 -26.76 -36.09 17.73
N ILE B 14 -26.59 -37.13 16.92
CA ILE B 14 -27.58 -38.21 16.86
C ILE B 14 -27.63 -38.99 18.17
N ASP B 15 -26.49 -39.19 18.83
CA ASP B 15 -26.42 -40.07 19.99
C ASP B 15 -26.89 -39.39 21.27
N ALA B 16 -27.05 -38.07 21.27
CA ALA B 16 -27.39 -37.37 22.50
C ALA B 16 -28.78 -37.73 22.98
N ALA B 17 -29.76 -37.69 22.07
CA ALA B 17 -31.20 -37.87 22.35
C ALA B 17 -31.71 -36.84 23.34
N THR B 18 -31.30 -35.58 23.16
CA THR B 18 -31.69 -34.49 24.02
C THR B 18 -32.60 -33.54 23.25
N GLY B 19 -33.35 -32.71 23.97
CA GLY B 19 -34.27 -31.78 23.35
C GLY B 19 -33.66 -30.42 23.07
N SER B 20 -32.47 -30.40 22.47
CA SER B 20 -31.80 -29.14 22.20
C SER B 20 -30.54 -29.34 21.35
N ALA B 21 -30.19 -28.33 20.55
CA ALA B 21 -29.12 -28.33 19.56
C ALA B 21 -28.00 -27.34 19.92
N PRO B 22 -26.80 -27.83 20.29
CA PRO B 22 -25.72 -26.89 20.61
C PRO B 22 -25.11 -26.26 19.36
N LEU B 23 -24.72 -25.01 19.48
CA LEU B 23 -23.91 -24.37 18.45
C LEU B 23 -22.68 -23.75 19.09
N PHE B 24 -21.66 -23.55 18.28
CA PHE B 24 -20.40 -23.23 18.92
C PHE B 24 -20.10 -21.73 18.78
N PRO B 25 -19.50 -21.10 19.80
CA PRO B 25 -19.17 -19.68 19.67
C PRO B 25 -17.95 -19.43 18.82
N ALA B 26 -17.69 -18.13 18.59
CA ALA B 26 -16.56 -17.61 17.82
C ALA B 26 -16.52 -18.23 16.42
N TYR B 27 -17.52 -17.89 15.62
CA TYR B 27 -17.54 -18.30 14.22
C TYR B 27 -16.61 -17.43 13.38
N GLN B 28 -15.91 -18.08 12.47
CA GLN B 28 -14.97 -17.44 11.56
C GLN B 28 -15.76 -17.26 10.26
N THR B 29 -16.12 -18.35 9.60
CA THR B 29 -16.85 -18.26 8.34
C THR B 29 -17.29 -19.65 7.87
N ASP B 30 -18.35 -19.63 7.07
CA ASP B 30 -19.13 -20.82 6.77
C ASP B 30 -19.39 -20.84 5.28
N GLY B 31 -18.83 -21.85 4.62
CA GLY B 31 -19.18 -22.10 3.25
C GLY B 31 -19.85 -23.44 3.09
N SER B 32 -21.06 -23.41 2.54
CA SER B 32 -21.79 -24.63 2.19
C SER B 32 -21.84 -24.63 0.67
N VAL B 33 -21.38 -25.71 0.08
CA VAL B 33 -21.23 -25.80 -1.37
C VAL B 33 -22.03 -27.01 -1.86
N SER B 34 -22.81 -26.80 -2.91
CA SER B 34 -23.85 -27.74 -3.34
C SER B 34 -23.79 -27.84 -4.87
N GLY B 35 -23.25 -28.94 -5.37
CA GLY B 35 -23.12 -29.12 -6.79
C GLY B 35 -24.17 -30.03 -7.39
N GLU B 36 -24.91 -29.52 -8.37
CA GLU B 36 -25.98 -30.28 -9.02
C GLU B 36 -25.45 -30.77 -10.37
N ARG B 37 -25.07 -32.04 -10.42
CA ARG B 37 -24.42 -32.60 -11.60
C ARG B 37 -25.42 -32.67 -12.75
N GLU B 38 -24.91 -32.49 -13.97
CA GLU B 38 -25.74 -32.27 -15.15
C GLU B 38 -25.32 -33.25 -16.24
N LEU B 39 -26.08 -33.25 -17.33
CA LEU B 39 -25.84 -34.13 -18.46
C LEU B 39 -24.52 -33.80 -19.13
N PHE B 40 -23.75 -34.84 -19.44
CA PHE B 40 -22.54 -34.72 -20.25
C PHE B 40 -22.86 -34.76 -21.73
N ASP B 41 -22.33 -33.80 -22.47
CA ASP B 41 -22.07 -33.91 -23.89
C ASP B 41 -23.39 -33.74 -24.64
N GLU B 42 -23.50 -32.66 -25.40
CA GLU B 42 -24.67 -32.42 -26.24
C GLU B 42 -24.75 -33.34 -27.44
N GLN B 43 -23.60 -33.62 -28.07
CA GLN B 43 -23.47 -34.36 -29.34
C GLN B 43 -23.87 -33.48 -30.54
N THR B 44 -23.80 -32.15 -30.36
CA THR B 44 -24.42 -31.15 -31.23
C THR B 44 -25.82 -31.55 -31.66
N LYS B 45 -26.70 -31.71 -30.67
CA LYS B 45 -28.08 -32.16 -30.91
C LYS B 45 -29.06 -31.05 -30.57
N ASN B 46 -30.06 -31.37 -29.75
CA ASN B 46 -31.04 -30.38 -29.31
C ASN B 46 -30.81 -29.92 -27.87
N GLY B 47 -29.69 -30.28 -27.27
CA GLY B 47 -29.39 -29.90 -25.89
C GLY B 47 -29.40 -31.11 -24.98
N ARG B 48 -28.27 -31.80 -24.95
CA ARG B 48 -28.14 -33.00 -24.12
C ARG B 48 -27.20 -32.65 -22.97
N ILE B 49 -27.04 -31.35 -22.71
CA ILE B 49 -26.21 -30.87 -21.62
C ILE B 49 -27.07 -30.11 -20.61
N LEU B 50 -28.39 -30.13 -20.81
CA LEU B 50 -29.32 -29.51 -19.88
C LEU B 50 -30.06 -30.55 -19.04
N GLY B 51 -29.50 -31.76 -18.90
CA GLY B 51 -30.17 -32.87 -18.31
C GLY B 51 -29.92 -33.04 -16.82
N PRO B 52 -30.80 -33.78 -16.15
CA PRO B 52 -30.69 -33.91 -14.69
C PRO B 52 -29.58 -34.84 -14.24
N GLY B 53 -29.04 -34.57 -13.06
CA GLY B 53 -27.97 -35.36 -12.50
C GLY B 53 -28.07 -35.36 -10.98
N SER B 54 -27.17 -36.11 -10.36
CA SER B 54 -27.16 -36.20 -8.91
C SER B 54 -26.63 -34.90 -8.31
N VAL B 55 -26.76 -34.78 -6.99
CA VAL B 55 -26.37 -33.58 -6.26
C VAL B 55 -25.29 -33.95 -5.24
N ALA B 56 -24.20 -33.21 -5.25
CA ALA B 56 -23.12 -33.36 -4.27
C ALA B 56 -23.28 -32.24 -3.24
N ASP B 57 -23.32 -32.61 -1.98
CA ASP B 57 -23.63 -31.68 -0.90
C ASP B 57 -22.54 -31.77 0.15
N SER B 58 -21.77 -30.69 0.27
CA SER B 58 -20.65 -30.60 1.18
C SER B 58 -20.59 -29.20 1.78
N GLY B 59 -20.20 -29.15 3.05
CA GLY B 59 -20.03 -27.89 3.73
C GLY B 59 -18.73 -27.84 4.51
N GLU B 60 -18.15 -26.64 4.62
CA GLU B 60 -16.96 -26.43 5.44
C GLU B 60 -17.30 -25.39 6.48
N VAL B 61 -16.76 -25.56 7.68
CA VAL B 61 -17.05 -24.66 8.80
C VAL B 61 -15.73 -24.29 9.45
N THR B 62 -15.39 -23.00 9.44
CA THR B 62 -14.20 -22.55 10.14
C THR B 62 -14.60 -21.81 11.41
N TYR B 63 -13.77 -21.92 12.44
CA TYR B 63 -13.99 -21.19 13.69
C TYR B 63 -12.71 -21.21 14.51
N TYR B 64 -12.68 -20.42 15.59
CA TYR B 64 -11.58 -20.40 16.54
C TYR B 64 -11.94 -21.26 17.73
N GLY B 65 -11.10 -22.25 18.04
CA GLY B 65 -11.38 -23.18 19.11
C GLY B 65 -11.36 -22.59 20.49
N LYS B 66 -12.42 -22.84 21.26
CA LYS B 66 -12.46 -22.44 22.66
C LYS B 66 -11.96 -23.58 23.54
N ARG B 67 -11.54 -23.24 24.76
CA ARG B 67 -10.91 -24.20 25.65
C ARG B 67 -11.76 -25.44 25.92
N GLY B 68 -13.04 -25.28 26.22
CA GLY B 68 -13.92 -26.42 26.42
C GLY B 68 -15.37 -25.95 26.38
N ASP B 69 -16.00 -26.16 25.22
CA ASP B 69 -17.45 -26.01 25.00
C ASP B 69 -17.98 -27.09 24.06
N ALA B 70 -19.28 -27.31 24.15
CA ALA B 70 -19.97 -28.56 23.78
C ALA B 70 -20.13 -28.85 22.30
N GLY B 71 -20.41 -27.84 21.45
CA GLY B 71 -20.31 -28.03 20.02
C GLY B 71 -18.94 -28.48 19.57
N GLN B 72 -17.89 -27.84 20.11
CA GLN B 72 -16.54 -28.34 19.88
C GLN B 72 -16.36 -29.76 20.40
N LYS B 73 -16.84 -30.07 21.59
CA LYS B 73 -16.85 -31.45 22.05
C LYS B 73 -17.80 -32.30 21.22
N ALA B 74 -18.87 -31.72 20.68
CA ALA B 74 -19.67 -32.42 19.70
C ALA B 74 -18.87 -32.69 18.44
N ILE B 75 -18.07 -31.71 18.01
CA ILE B 75 -17.15 -31.91 16.90
C ILE B 75 -16.10 -32.96 17.26
N GLU B 76 -15.56 -32.89 18.48
CA GLU B 76 -14.53 -33.83 18.89
C GLU B 76 -15.03 -35.27 18.93
N ASP B 77 -16.20 -35.51 19.52
CA ASP B 77 -16.84 -36.82 19.38
C ASP B 77 -17.20 -37.12 17.94
N ALA B 78 -17.67 -36.11 17.20
CA ALA B 78 -17.91 -36.33 15.78
C ALA B 78 -16.70 -36.93 15.08
N TYR B 79 -15.56 -36.24 15.15
CA TYR B 79 -14.39 -36.70 14.41
C TYR B 79 -13.67 -37.84 15.11
N GLN B 80 -13.32 -37.63 16.39
CA GLN B 80 -12.39 -38.52 17.08
C GLN B 80 -13.05 -39.84 17.47
N ASN B 81 -14.34 -39.81 17.82
CA ASN B 81 -15.06 -41.05 18.05
C ASN B 81 -15.59 -41.62 16.73
N GLY B 82 -15.85 -40.74 15.76
CA GLY B 82 -16.33 -41.15 14.45
C GLY B 82 -17.83 -41.34 14.41
N LYS B 83 -18.56 -40.24 14.35
CA LYS B 83 -20.02 -40.21 14.30
C LYS B 83 -20.41 -39.12 13.30
N GLN B 84 -21.57 -39.29 12.67
CA GLN B 84 -22.21 -38.24 11.88
C GLN B 84 -22.99 -37.33 12.83
N ILE B 85 -23.01 -36.04 12.53
CA ILE B 85 -23.75 -35.09 13.35
C ILE B 85 -24.85 -34.44 12.53
N LYS B 86 -25.99 -34.19 13.18
CA LYS B 86 -27.11 -33.52 12.56
C LYS B 86 -26.81 -32.03 12.48
N PHE B 87 -27.13 -31.43 11.33
CA PHE B 87 -26.67 -30.10 10.94
C PHE B 87 -27.87 -29.21 10.63
N TRP B 88 -27.93 -28.07 11.32
CA TRP B 88 -28.99 -27.10 11.18
C TRP B 88 -28.36 -25.73 10.90
N ARG B 89 -28.85 -25.04 9.87
CA ARG B 89 -28.44 -23.66 9.61
C ARG B 89 -29.70 -22.81 9.52
N VAL B 90 -29.81 -21.83 10.41
CA VAL B 90 -31.04 -21.05 10.51
C VAL B 90 -30.70 -19.57 10.56
N ASP B 91 -31.69 -18.76 10.19
CA ASP B 91 -31.54 -17.32 10.20
C ASP B 91 -32.01 -16.75 11.53
N THR B 92 -31.23 -15.78 12.04
CA THR B 92 -31.49 -15.15 13.32
C THR B 92 -32.69 -14.22 13.30
N VAL B 93 -33.08 -13.74 12.12
CA VAL B 93 -34.27 -12.90 12.01
C VAL B 93 -35.53 -13.76 12.12
N LYS B 94 -36.50 -13.26 12.87
CA LYS B 94 -37.70 -14.02 13.17
C LYS B 94 -38.51 -14.21 11.90
N ASN B 95 -38.91 -15.45 11.65
CA ASN B 95 -39.83 -15.76 10.56
C ASN B 95 -41.26 -15.38 10.96
N GLU B 96 -41.99 -14.84 10.00
CA GLU B 96 -43.35 -14.38 10.27
C GLU B 96 -44.41 -15.48 10.24
N ASN B 97 -44.15 -16.59 9.55
CA ASN B 97 -45.02 -17.74 9.70
C ASN B 97 -44.24 -18.96 10.20
N ASP B 98 -43.25 -18.73 11.05
CA ASP B 98 -42.59 -19.80 11.80
C ASP B 98 -41.74 -19.17 12.89
N LYS B 99 -41.12 -20.00 13.72
CA LYS B 99 -40.16 -19.53 14.69
C LYS B 99 -38.99 -18.83 13.99
N TYR B 100 -38.23 -19.59 13.23
CA TYR B 100 -37.09 -19.10 12.46
C TYR B 100 -37.11 -19.79 11.11
N ASP B 101 -36.14 -19.47 10.26
CA ASP B 101 -36.03 -20.11 8.96
C ASP B 101 -34.71 -20.84 8.86
N ALA B 102 -34.77 -22.07 8.36
CA ALA B 102 -33.68 -23.01 8.52
C ALA B 102 -33.43 -23.76 7.22
N GLN B 103 -32.25 -24.35 7.13
CA GLN B 103 -31.98 -25.47 6.24
C GLN B 103 -31.28 -26.54 7.07
N PHE B 104 -31.65 -27.79 6.85
CA PHE B 104 -31.35 -28.89 7.77
C PHE B 104 -30.74 -30.06 7.02
N GLY B 105 -29.90 -30.83 7.70
CA GLY B 105 -29.43 -32.07 7.12
C GLY B 105 -28.73 -32.94 8.14
N PHE B 106 -28.48 -34.18 7.73
CA PHE B 106 -27.60 -35.08 8.47
C PHE B 106 -26.23 -35.03 7.79
N ALA B 107 -25.19 -34.80 8.58
CA ALA B 107 -23.86 -34.50 8.06
C ALA B 107 -22.81 -35.37 8.71
N TYR B 108 -21.67 -35.47 8.04
CA TYR B 108 -20.58 -36.34 8.43
C TYR B 108 -19.31 -35.50 8.56
N ILE B 109 -18.28 -36.06 9.20
CA ILE B 109 -17.03 -35.34 9.38
C ILE B 109 -16.06 -35.74 8.27
N GLU B 110 -16.05 -34.98 7.19
CA GLU B 110 -15.11 -35.25 6.10
C GLU B 110 -13.67 -34.94 6.44
N SER B 111 -13.38 -33.82 7.08
CA SER B 111 -12.03 -33.52 7.53
C SER B 111 -12.07 -32.41 8.56
N ARG B 112 -11.03 -32.35 9.38
CA ARG B 112 -10.84 -31.32 10.39
C ARG B 112 -9.38 -30.94 10.31
N GLU B 113 -9.11 -29.65 10.49
CA GLU B 113 -7.77 -29.08 10.40
C GLU B 113 -7.59 -28.17 11.61
N TYR B 114 -6.52 -28.37 12.35
CA TYR B 114 -6.21 -27.51 13.48
C TYR B 114 -4.96 -26.69 13.24
N SER B 115 -5.11 -25.38 13.35
CA SER B 115 -4.01 -24.45 13.19
C SER B 115 -3.76 -23.73 14.50
N ASP B 116 -2.52 -23.84 14.97
CA ASP B 116 -1.97 -23.05 16.06
C ASP B 116 -0.99 -22.07 15.43
N GLY B 117 -1.18 -20.79 15.69
CA GLY B 117 -0.25 -19.77 15.23
C GLY B 117 0.31 -18.98 16.39
N VAL B 118 1.47 -18.37 16.16
CA VAL B 118 2.11 -17.51 17.14
C VAL B 118 1.33 -16.21 17.33
N GLU B 119 0.64 -15.75 16.29
CA GLU B 119 -0.30 -14.66 16.45
C GLU B 119 -1.73 -15.13 16.56
N GLY B 120 -2.61 -14.35 17.19
CA GLY B 120 -4.03 -14.60 17.08
C GLY B 120 -4.39 -15.75 17.98
N ALA B 121 -5.32 -16.60 17.55
CA ALA B 121 -5.78 -17.71 18.37
C ALA B 121 -6.06 -18.94 17.50
N VAL B 122 -6.14 -20.09 18.16
CA VAL B 122 -6.21 -21.37 17.48
C VAL B 122 -7.34 -21.36 16.47
N GLU B 123 -7.10 -21.93 15.30
CA GLU B 123 -8.09 -21.90 14.23
C GLU B 123 -8.41 -23.31 13.77
N ILE B 124 -9.69 -23.63 13.75
CA ILE B 124 -10.16 -24.96 13.35
C ILE B 124 -10.99 -24.83 12.09
N SER B 125 -10.58 -25.54 11.05
CA SER B 125 -11.38 -25.72 9.85
C SER B 125 -11.92 -27.14 9.85
N ILE B 126 -13.23 -27.29 9.97
CA ILE B 126 -13.88 -28.59 9.93
C ILE B 126 -14.75 -28.67 8.69
N SER B 127 -14.45 -29.64 7.83
CA SER B 127 -15.15 -29.85 6.58
C SER B 127 -16.05 -31.08 6.69
N LEU B 128 -17.22 -31.00 6.06
CA LEU B 128 -18.25 -32.01 6.18
C LEU B 128 -18.91 -32.24 4.83
N GLN B 129 -19.23 -33.49 4.55
CA GLN B 129 -20.09 -33.85 3.43
C GLN B 129 -21.49 -34.02 3.99
N VAL B 130 -22.50 -33.92 3.13
CA VAL B 130 -23.86 -34.17 3.55
C VAL B 130 -24.58 -34.88 2.40
N ILE B 131 -25.63 -35.62 2.74
CA ILE B 131 -26.31 -36.45 1.75
C ILE B 131 -27.62 -35.80 1.31
N GLY B 132 -27.66 -34.49 1.30
CA GLY B 132 -28.84 -33.78 0.86
C GLY B 132 -29.39 -32.87 1.95
N GLU B 133 -28.91 -31.63 1.97
CA GLU B 133 -29.46 -30.64 2.88
C GLU B 133 -30.75 -30.06 2.34
N LEU B 134 -31.76 -29.99 3.21
CA LEU B 134 -33.09 -29.56 2.81
C LEU B 134 -33.41 -28.28 3.55
N LYS B 135 -34.24 -27.45 2.93
CA LYS B 135 -34.60 -26.15 3.49
C LYS B 135 -35.96 -26.27 4.18
N ASN B 136 -36.13 -25.59 5.31
CA ASN B 136 -37.39 -25.57 6.02
C ASN B 136 -37.44 -24.36 6.93
N GLY B 137 -38.36 -24.36 7.88
CA GLY B 137 -38.34 -23.35 8.92
C GLY B 137 -37.82 -23.91 10.23
N GLU B 138 -37.19 -23.04 11.02
CA GLU B 138 -36.54 -23.46 12.24
C GLU B 138 -37.54 -23.40 13.39
N ILE B 139 -37.58 -24.47 14.18
CA ILE B 139 -38.55 -24.56 15.26
C ILE B 139 -37.92 -24.16 16.59
N ASP B 140 -36.69 -24.61 16.85
CA ASP B 140 -36.06 -24.33 18.13
C ASP B 140 -35.41 -22.95 18.12
N THR B 141 -36.00 -22.02 18.86
CA THR B 141 -35.44 -20.69 19.03
C THR B 141 -34.09 -20.72 19.73
N LEU B 142 -33.96 -21.48 20.83
CA LEU B 142 -32.80 -21.55 21.72
C LEU B 142 -32.34 -20.13 22.04
N PRO B 143 -33.19 -19.30 22.67
CA PRO B 143 -33.01 -17.84 22.64
C PRO B 143 -31.79 -17.31 23.37
N GLU B 144 -31.07 -18.22 24.00
CA GLU B 144 -29.78 -17.93 24.61
C GLU B 144 -28.75 -17.50 23.57
N GLU B 145 -28.78 -18.12 22.38
CA GLU B 145 -27.76 -17.90 21.37
C GLU B 145 -28.29 -17.21 20.12
N ILE B 146 -29.20 -17.82 19.39
CA ILE B 146 -29.76 -17.25 18.17
C ILE B 146 -30.54 -15.97 18.47
N VAL B 147 -31.45 -16.03 19.44
CA VAL B 147 -32.31 -14.90 19.77
C VAL B 147 -31.44 -13.82 20.40
N ASN B 148 -30.56 -14.26 21.33
CA ASN B 148 -29.72 -13.32 22.07
C ASN B 148 -28.26 -13.44 21.66
N VAL B 149 -27.71 -12.41 21.03
CA VAL B 149 -26.27 -12.38 20.78
C VAL B 149 -25.74 -11.02 21.24
N SER B 150 -25.23 -10.97 22.46
CA SER B 150 -24.84 -9.70 23.07
C SER B 150 -23.33 -9.47 23.04
N LYS B 151 -22.88 -8.24 23.27
CA LYS B 151 -21.46 -7.97 23.35
C LYS B 151 -20.85 -8.31 24.71
N GLY B 152 -21.65 -8.70 25.70
CA GLY B 152 -21.13 -8.97 27.04
C GLY B 152 -21.24 -7.78 27.96
N GLY B 153 -21.82 -6.69 27.47
CA GLY B 153 -21.93 -5.47 28.22
C GLY B 153 -22.97 -5.58 29.33
N TYR B 154 -22.61 -5.06 30.50
CA TYR B 154 -23.48 -5.02 31.67
C TYR B 154 -23.42 -3.61 32.27
N ASP B 155 -24.55 -3.16 32.84
CA ASP B 155 -24.78 -1.73 33.03
C ASP B 155 -23.80 -1.01 33.95
N PHE B 156 -23.55 -1.57 35.14
CA PHE B 156 -22.48 -1.21 36.08
C PHE B 156 -21.98 -2.48 36.77
N GLN B 157 -20.73 -2.40 37.23
CA GLN B 157 -20.25 -3.21 38.35
C GLN B 157 -19.36 -2.28 39.18
N GLN B 158 -19.97 -1.56 40.15
CA GLN B 158 -19.25 -0.45 40.77
C GLN B 158 -18.99 -0.67 42.27
N PRO B 159 -19.80 -1.39 43.05
CA PRO B 159 -19.36 -1.69 44.43
C PRO B 159 -18.33 -2.80 44.51
N GLY B 160 -17.74 -3.21 43.40
CA GLY B 160 -16.89 -4.38 43.41
C GLY B 160 -17.54 -5.75 43.41
N GLN B 161 -17.80 -6.34 42.24
CA GLN B 161 -18.36 -7.70 42.23
C GLN B 161 -17.32 -8.70 41.75
N THR B 162 -16.16 -8.74 42.43
CA THR B 162 -15.06 -9.68 42.19
C THR B 162 -14.95 -10.09 40.72
N THR B 163 -14.49 -9.16 39.90
CA THR B 163 -14.60 -9.36 38.46
C THR B 163 -13.34 -10.02 37.93
N GLY B 164 -13.40 -10.47 36.67
CA GLY B 164 -12.24 -10.98 35.99
C GLY B 164 -12.12 -10.44 34.57
N GLU B 165 -11.39 -11.15 33.71
CA GLU B 165 -11.18 -10.70 32.34
C GLU B 165 -12.45 -10.81 31.51
N ALA B 166 -13.34 -11.73 31.88
CA ALA B 166 -14.59 -11.98 31.17
C ALA B 166 -15.55 -10.83 31.42
N PRO B 167 -16.58 -10.68 30.61
CA PRO B 167 -17.23 -9.38 30.43
C PRO B 167 -18.22 -9.07 31.54
N GLY B 168 -18.47 -10.09 32.36
CA GLY B 168 -19.14 -9.92 33.64
C GLY B 168 -18.95 -11.02 34.67
N THR B 169 -18.02 -10.85 35.60
CA THR B 169 -17.93 -11.76 36.74
C THR B 169 -18.56 -11.11 37.97
N VAL B 170 -19.01 -11.98 38.87
CA VAL B 170 -19.62 -11.58 40.13
C VAL B 170 -18.94 -12.36 41.26
N PRO B 171 -19.16 -11.99 42.54
CA PRO B 171 -18.50 -12.73 43.62
C PRO B 171 -19.08 -14.12 43.78
N ALA B 172 -18.27 -15.12 43.50
CA ALA B 172 -18.65 -16.54 43.41
C ALA B 172 -19.73 -16.78 42.36
N PRO C 1 -20.62 2.98 -24.07
CA PRO C 1 -20.93 1.64 -24.57
C PRO C 1 -21.99 1.20 -23.56
N ILE C 2 -22.07 -0.11 -23.32
CA ILE C 2 -23.01 -0.66 -22.36
C ILE C 2 -22.34 -0.65 -20.99
N MET C 3 -23.05 -0.14 -19.99
CA MET C 3 -22.53 0.00 -18.64
C MET C 3 -22.72 -1.29 -17.86
N GLY C 4 -22.03 -1.37 -16.72
CA GLY C 4 -22.18 -2.50 -15.82
C GLY C 4 -23.58 -2.68 -15.27
N GLN C 5 -24.28 -1.58 -14.97
CA GLN C 5 -25.68 -1.62 -14.60
C GLN C 5 -26.59 -1.91 -15.79
N ASP C 6 -26.14 -1.59 -17.00
CA ASP C 6 -26.98 -1.67 -18.19
C ASP C 6 -27.50 -3.06 -18.48
N VAL C 7 -26.67 -4.10 -18.44
CA VAL C 7 -27.09 -5.46 -18.76
C VAL C 7 -27.64 -6.08 -17.49
N LYS C 8 -28.91 -6.47 -17.51
CA LYS C 8 -29.50 -7.15 -16.36
C LYS C 8 -30.15 -8.46 -16.79
N TYR C 9 -30.24 -9.37 -15.83
CA TYR C 9 -30.52 -10.79 -16.09
C TYR C 9 -31.80 -11.18 -15.37
N LEU C 10 -32.78 -11.64 -16.14
CA LEU C 10 -34.02 -12.16 -15.55
C LEU C 10 -34.21 -13.62 -15.95
N PHE C 11 -34.89 -14.37 -15.10
CA PHE C 11 -35.23 -15.76 -15.39
C PHE C 11 -36.73 -15.98 -15.25
N GLN C 12 -37.27 -16.85 -16.10
CA GLN C 12 -38.64 -17.28 -15.92
C GLN C 12 -38.67 -18.81 -15.77
N SER C 13 -39.35 -19.26 -14.73
CA SER C 13 -39.47 -20.70 -14.46
C SER C 13 -40.44 -21.35 -15.43
N ILE C 14 -40.09 -22.56 -15.86
CA ILE C 14 -40.93 -23.30 -16.81
C ILE C 14 -42.27 -23.69 -16.19
N ASP C 15 -42.28 -24.04 -14.91
CA ASP C 15 -43.46 -24.60 -14.28
C ASP C 15 -44.47 -23.53 -13.85
N ALA C 16 -44.07 -22.25 -13.84
CA ALA C 16 -44.96 -21.21 -13.34
C ALA C 16 -46.17 -21.03 -14.25
N ALA C 17 -45.93 -20.93 -15.56
CA ALA C 17 -46.94 -20.61 -16.59
C ALA C 17 -47.61 -19.27 -16.32
N THR C 18 -46.80 -18.28 -15.97
CA THR C 18 -47.28 -16.93 -15.68
C THR C 18 -46.79 -15.98 -16.77
N GLY C 19 -47.44 -14.82 -16.88
CA GLY C 19 -47.07 -13.86 -17.89
C GLY C 19 -46.06 -12.83 -17.42
N SER C 20 -44.99 -13.30 -16.78
CA SER C 20 -43.98 -12.38 -16.26
C SER C 20 -42.75 -13.14 -15.75
N ALA C 21 -41.59 -12.50 -15.82
CA ALA C 21 -40.26 -13.04 -15.52
C ALA C 21 -39.63 -12.37 -14.29
N PRO C 22 -39.48 -13.08 -13.15
CA PRO C 22 -38.85 -12.44 -11.99
C PRO C 22 -37.34 -12.33 -12.16
N LEU C 23 -36.77 -11.25 -11.63
CA LEU C 23 -35.32 -11.14 -11.51
C LEU C 23 -34.99 -10.76 -10.08
N PHE C 24 -33.77 -11.06 -9.68
CA PHE C 24 -33.52 -10.97 -8.27
C PHE C 24 -32.72 -9.70 -7.94
N PRO C 25 -32.97 -9.05 -6.81
CA PRO C 25 -32.20 -7.85 -6.47
C PRO C 25 -30.82 -8.18 -5.93
N ALA C 26 -30.04 -7.10 -5.72
CA ALA C 26 -28.68 -7.14 -5.20
C ALA C 26 -27.78 -8.06 -6.02
N TYR C 27 -27.54 -7.66 -7.27
CA TYR C 27 -26.60 -8.36 -8.12
C TYR C 27 -25.17 -8.02 -7.74
N GLN C 28 -24.33 -9.05 -7.77
CA GLN C 28 -22.91 -8.94 -7.46
C GLN C 28 -22.23 -8.86 -8.82
N THR C 29 -22.28 -9.94 -9.61
CA THR C 29 -21.64 -9.95 -10.91
C THR C 29 -21.99 -11.22 -11.69
N ASP C 30 -21.89 -11.10 -13.01
CA ASP C 30 -22.48 -12.04 -13.93
C ASP C 30 -21.45 -12.36 -15.00
N GLY C 31 -21.01 -13.60 -15.02
CA GLY C 31 -20.20 -14.08 -16.11
C GLY C 31 -20.90 -15.16 -16.90
N SER C 32 -21.08 -14.92 -18.19
CA SER C 32 -21.61 -15.93 -19.10
C SER C 32 -20.45 -16.28 -20.02
N VAL C 33 -20.13 -17.56 -20.10
CA VAL C 33 -18.96 -18.03 -20.82
C VAL C 33 -19.42 -19.05 -21.86
N SER C 34 -18.92 -18.88 -23.08
CA SER C 34 -19.44 -19.56 -24.26
C SER C 34 -18.24 -20.03 -25.10
N GLY C 35 -17.99 -21.33 -25.06
CA GLY C 35 -16.86 -21.87 -25.78
C GLY C 35 -17.26 -22.56 -27.08
N GLU C 36 -16.68 -22.12 -28.19
CA GLU C 36 -16.98 -22.68 -29.51
C GLU C 36 -15.85 -23.60 -29.90
N ARG C 37 -16.07 -24.90 -29.75
CA ARG C 37 -15.02 -25.89 -29.96
C ARG C 37 -14.64 -25.95 -31.42
N GLU C 38 -13.36 -26.23 -31.69
CA GLU C 38 -12.78 -26.07 -33.02
C GLU C 38 -12.08 -27.36 -33.41
N LEU C 39 -11.59 -27.41 -34.64
CA LEU C 39 -10.91 -28.57 -35.19
C LEU C 39 -9.59 -28.80 -34.46
N PHE C 40 -9.35 -30.07 -34.12
CA PHE C 40 -8.06 -30.49 -33.59
C PHE C 40 -7.07 -30.79 -34.71
N ASP C 41 -5.88 -30.23 -34.59
CA ASP C 41 -4.67 -30.76 -35.21
C ASP C 41 -4.69 -30.40 -36.70
N GLU C 42 -3.75 -29.56 -37.11
CA GLU C 42 -3.60 -29.20 -38.51
C GLU C 42 -3.03 -30.32 -39.35
N GLN C 43 -2.05 -31.06 -38.81
CA GLN C 43 -1.26 -32.09 -39.52
C GLN C 43 -0.21 -31.45 -40.43
N THR C 44 0.17 -30.21 -40.14
CA THR C 44 0.90 -29.30 -41.03
C THR C 44 0.38 -29.38 -42.46
N LYS C 45 -0.90 -29.03 -42.64
CA LYS C 45 -1.57 -29.11 -43.93
C LYS C 45 -1.93 -27.71 -44.42
N ASN C 46 -3.20 -27.53 -44.80
CA ASN C 46 -3.68 -26.22 -45.24
C ASN C 46 -4.52 -25.52 -44.19
N GLY C 47 -4.56 -26.03 -42.97
CA GLY C 47 -5.34 -25.42 -41.90
C GLY C 47 -6.50 -26.32 -41.51
N ARG C 48 -6.21 -27.29 -40.64
CA ARG C 48 -7.22 -28.23 -40.18
C ARG C 48 -7.53 -27.89 -38.73
N ILE C 49 -7.18 -26.67 -38.31
CA ILE C 49 -7.45 -26.21 -36.97
C ILE C 49 -8.39 -25.01 -37.01
N LEU C 50 -8.91 -24.70 -38.20
CA LEU C 50 -9.89 -23.63 -38.36
C LEU C 50 -11.29 -24.17 -38.59
N GLY C 51 -11.55 -25.41 -38.17
CA GLY C 51 -12.76 -26.12 -38.50
C GLY C 51 -13.86 -25.98 -37.46
N PRO C 52 -15.10 -26.27 -37.87
CA PRO C 52 -16.23 -26.07 -36.96
C PRO C 52 -16.36 -27.13 -35.89
N GLY C 53 -16.91 -26.74 -34.75
CA GLY C 53 -17.10 -27.65 -33.64
C GLY C 53 -18.34 -27.26 -32.86
N SER C 54 -18.65 -28.06 -31.84
CA SER C 54 -19.81 -27.79 -31.02
C SER C 54 -19.54 -26.59 -30.11
N VAL C 55 -20.60 -26.12 -29.44
CA VAL C 55 -20.53 -24.95 -28.59
C VAL C 55 -20.93 -25.36 -27.17
N ALA C 56 -20.09 -24.98 -26.20
CA ALA C 56 -20.38 -25.19 -24.79
C ALA C 56 -20.85 -23.87 -24.21
N ASP C 57 -22.00 -23.89 -23.56
CA ASP C 57 -22.66 -22.69 -23.10
C ASP C 57 -22.97 -22.82 -21.62
N SER C 58 -22.28 -22.02 -20.81
CA SER C 58 -22.39 -22.03 -19.37
C SER C 58 -22.34 -20.61 -18.83
N GLY C 59 -23.12 -20.36 -17.79
CA GLY C 59 -23.11 -19.08 -17.12
C GLY C 59 -23.03 -19.22 -15.62
N GLU C 60 -22.41 -18.24 -14.96
CA GLU C 60 -22.37 -18.19 -13.51
C GLU C 60 -22.97 -16.87 -13.07
N VAL C 61 -23.71 -16.90 -11.97
CA VAL C 61 -24.39 -15.71 -11.47
C VAL C 61 -24.11 -15.59 -9.98
N THR C 62 -23.47 -14.50 -9.58
CA THR C 62 -23.25 -14.24 -8.16
C THR C 62 -24.18 -13.14 -7.69
N TYR C 63 -24.61 -13.24 -6.44
CA TYR C 63 -25.44 -12.19 -5.83
C TYR C 63 -25.44 -12.38 -4.32
N TYR C 64 -25.99 -11.40 -3.60
CA TYR C 64 -26.16 -11.46 -2.15
C TYR C 64 -27.60 -11.86 -1.85
N GLY C 65 -27.76 -12.94 -1.09
CA GLY C 65 -29.08 -13.47 -0.81
C GLY C 65 -29.95 -12.60 0.06
N LYS C 66 -31.17 -12.35 -0.38
CA LYS C 66 -32.14 -11.61 0.42
C LYS C 66 -33.00 -12.60 1.21
N ARG C 67 -33.61 -12.10 2.29
CA ARG C 67 -34.34 -12.97 3.22
C ARG C 67 -35.43 -13.82 2.56
N GLY C 68 -36.25 -13.22 1.70
CA GLY C 68 -37.27 -13.97 0.97
C GLY C 68 -37.80 -13.13 -0.17
N ASP C 69 -37.28 -13.43 -1.38
CA ASP C 69 -37.79 -12.93 -2.66
C ASP C 69 -37.71 -14.00 -3.75
N ALA C 70 -38.53 -13.81 -4.78
CA ALA C 70 -39.03 -14.86 -5.67
C ALA C 70 -38.05 -15.45 -6.69
N GLY C 71 -37.17 -14.64 -7.28
CA GLY C 71 -36.06 -15.19 -8.06
C GLY C 71 -35.17 -16.11 -7.23
N GLN C 72 -34.85 -15.68 -6.01
CA GLN C 72 -34.16 -16.59 -5.09
C GLN C 72 -34.98 -17.83 -4.79
N LYS C 73 -36.28 -17.69 -4.53
CA LYS C 73 -37.13 -18.86 -4.43
C LYS C 73 -37.28 -19.57 -5.76
N ALA C 74 -37.19 -18.85 -6.87
CA ALA C 74 -37.07 -19.52 -8.17
C ALA C 74 -35.77 -20.30 -8.26
N ILE C 75 -34.68 -19.72 -7.76
CA ILE C 75 -33.42 -20.44 -7.66
C ILE C 75 -33.56 -21.63 -6.71
N GLU C 76 -34.21 -21.42 -5.56
CA GLU C 76 -34.35 -22.49 -4.58
C GLU C 76 -35.15 -23.67 -5.12
N ASP C 77 -36.29 -23.42 -5.76
CA ASP C 77 -36.98 -24.49 -6.49
C ASP C 77 -36.13 -25.00 -7.63
N ALA C 78 -35.43 -24.12 -8.35
CA ALA C 78 -34.53 -24.60 -9.38
C ALA C 78 -33.58 -25.66 -8.85
N TYR C 79 -32.81 -25.34 -7.81
CA TYR C 79 -31.80 -26.28 -7.33
C TYR C 79 -32.41 -27.37 -6.45
N GLN C 80 -33.14 -26.97 -5.43
CA GLN C 80 -33.55 -27.89 -4.36
C GLN C 80 -34.66 -28.83 -4.81
N ASN C 81 -35.58 -28.35 -5.66
CA ASN C 81 -36.56 -29.24 -6.25
C ASN C 81 -36.00 -29.92 -7.48
N GLY C 82 -35.06 -29.28 -8.16
CA GLY C 82 -34.43 -29.84 -9.34
C GLY C 82 -35.22 -29.59 -10.60
N LYS C 83 -35.14 -28.37 -11.12
CA LYS C 83 -35.83 -27.95 -12.33
C LYS C 83 -34.85 -27.07 -13.12
N GLN C 84 -35.01 -27.03 -14.44
CA GLN C 84 -34.34 -26.07 -15.29
C GLN C 84 -35.14 -24.78 -15.30
N ILE C 85 -34.44 -23.64 -15.36
CA ILE C 85 -35.13 -22.35 -15.38
C ILE C 85 -34.81 -21.62 -16.69
N LYS C 86 -35.80 -20.93 -17.22
CA LYS C 86 -35.63 -20.13 -18.42
C LYS C 86 -34.88 -18.85 -18.06
N PHE C 87 -33.93 -18.49 -18.91
CA PHE C 87 -32.91 -17.48 -18.63
C PHE C 87 -32.95 -16.39 -19.69
N TRP C 88 -33.11 -15.15 -19.23
CA TRP C 88 -33.19 -13.96 -20.08
C TRP C 88 -32.17 -12.95 -19.59
N ARG C 89 -31.34 -12.43 -20.50
CA ARG C 89 -30.43 -11.32 -20.18
C ARG C 89 -30.70 -10.19 -21.17
N VAL C 90 -31.08 -9.04 -20.65
CA VAL C 90 -31.51 -7.94 -21.51
C VAL C 90 -30.85 -6.66 -21.05
N ASP C 91 -30.76 -5.71 -21.98
CA ASP C 91 -30.18 -4.42 -21.70
C ASP C 91 -31.25 -3.42 -21.27
N THR C 92 -30.91 -2.63 -20.25
CA THR C 92 -31.81 -1.66 -19.65
C THR C 92 -32.06 -0.46 -20.55
N VAL C 93 -31.17 -0.19 -21.50
CA VAL C 93 -31.38 0.91 -22.43
C VAL C 93 -32.41 0.51 -23.49
N LYS C 94 -33.30 1.43 -23.80
CA LYS C 94 -34.42 1.14 -24.69
C LYS C 94 -33.91 0.87 -26.10
N ASN C 95 -34.36 -0.22 -26.69
CA ASN C 95 -34.09 -0.51 -28.09
C ASN C 95 -34.99 0.36 -28.97
N GLU C 96 -34.42 0.84 -30.08
CA GLU C 96 -35.14 1.72 -30.98
C GLU C 96 -36.04 0.99 -31.96
N ASN C 97 -35.78 -0.28 -32.26
CA ASN C 97 -36.75 -1.06 -33.01
C ASN C 97 -37.18 -2.29 -32.21
N ASP C 98 -37.27 -2.15 -30.89
CA ASP C 98 -37.91 -3.15 -30.04
C ASP C 98 -38.11 -2.54 -28.66
N LYS C 99 -38.75 -3.30 -27.76
CA LYS C 99 -38.84 -2.90 -26.37
C LYS C 99 -37.45 -2.76 -25.76
N TYR C 100 -36.75 -3.87 -25.65
CA TYR C 100 -35.39 -3.91 -25.12
C TYR C 100 -34.59 -4.89 -25.97
N ASP C 101 -33.32 -5.07 -25.64
CA ASP C 101 -32.48 -6.02 -26.36
C ASP C 101 -32.00 -7.10 -25.41
N ALA C 102 -32.09 -8.34 -25.88
CA ALA C 102 -32.00 -9.48 -25.00
C ALA C 102 -31.12 -10.55 -25.61
N GLN C 103 -30.68 -11.47 -24.76
CA GLN C 103 -30.25 -12.80 -25.17
C GLN C 103 -30.92 -13.79 -24.22
N PHE C 104 -31.39 -14.90 -24.78
CA PHE C 104 -32.35 -15.77 -24.13
C PHE C 104 -31.88 -17.23 -24.18
N GLY C 105 -32.27 -18.01 -23.18
CA GLY C 105 -32.03 -19.44 -23.26
C GLY C 105 -32.79 -20.20 -22.20
N PHE C 106 -32.79 -21.52 -22.36
CA PHE C 106 -33.24 -22.43 -21.31
C PHE C 106 -31.99 -22.93 -20.59
N ALA C 107 -32.01 -22.82 -19.26
CA ALA C 107 -30.83 -23.06 -18.45
C ALA C 107 -31.12 -24.02 -17.31
N TYR C 108 -30.04 -24.59 -16.78
CA TYR C 108 -30.11 -25.62 -15.75
C TYR C 108 -29.28 -25.16 -14.56
N ILE C 109 -29.46 -25.82 -13.42
CA ILE C 109 -28.70 -25.48 -12.22
C ILE C 109 -27.49 -26.39 -12.09
N GLU C 110 -26.35 -25.95 -12.63
CA GLU C 110 -25.14 -26.74 -12.53
C GLU C 110 -24.56 -26.78 -11.12
N SER C 111 -24.51 -25.67 -10.40
CA SER C 111 -24.07 -25.68 -9.02
C SER C 111 -24.50 -24.38 -8.35
N ARG C 112 -24.59 -24.43 -7.03
CA ARG C 112 -24.92 -23.28 -6.20
C ARG C 112 -23.97 -23.37 -5.01
N GLU C 113 -23.51 -22.21 -4.55
CA GLU C 113 -22.57 -22.09 -3.45
C GLU C 113 -23.09 -21.00 -2.53
N TYR C 114 -23.20 -21.32 -1.25
CA TYR C 114 -23.63 -20.33 -0.26
C TYR C 114 -22.50 -19.99 0.70
N SER C 115 -22.19 -18.71 0.77
CA SER C 115 -21.18 -18.20 1.67
C SER C 115 -21.82 -17.29 2.70
N ASP C 116 -21.61 -17.63 3.96
CA ASP C 116 -21.89 -16.79 5.12
C ASP C 116 -20.54 -16.32 5.65
N GLY C 117 -20.38 -15.01 5.78
CA GLY C 117 -19.18 -14.45 6.38
C GLY C 117 -19.52 -13.59 7.58
N VAL C 118 -18.54 -13.41 8.45
CA VAL C 118 -18.68 -12.56 9.63
C VAL C 118 -18.75 -11.09 9.23
N GLU C 119 -18.11 -10.72 8.13
CA GLU C 119 -18.32 -9.40 7.56
C GLU C 119 -19.30 -9.40 6.40
N GLY C 120 -19.96 -8.27 6.14
CA GLY C 120 -20.68 -8.11 4.89
C GLY C 120 -21.98 -8.87 5.00
N ALA C 121 -22.42 -9.49 3.91
CA ALA C 121 -23.69 -10.19 3.88
C ALA C 121 -23.60 -11.46 3.03
N VAL C 122 -24.58 -12.35 3.24
CA VAL C 122 -24.54 -13.68 2.66
C VAL C 122 -24.32 -13.59 1.16
N GLU C 123 -23.47 -14.47 0.62
CA GLU C 123 -23.14 -14.40 -0.79
C GLU C 123 -23.45 -15.73 -1.46
N ILE C 124 -24.20 -15.67 -2.55
CA ILE C 124 -24.59 -16.86 -3.29
C ILE C 124 -23.99 -16.80 -4.67
N SER C 125 -23.21 -17.84 -5.01
CA SER C 125 -22.74 -18.07 -6.37
C SER C 125 -23.54 -19.23 -6.94
N ILE C 126 -24.35 -18.96 -7.96
CA ILE C 126 -25.10 -20.00 -8.64
C ILE C 126 -24.60 -20.12 -10.07
N SER C 127 -24.13 -21.32 -10.42
CA SER C 127 -23.59 -21.61 -11.73
C SER C 127 -24.56 -22.46 -12.52
N LEU C 128 -24.63 -22.20 -13.82
CA LEU C 128 -25.61 -22.82 -14.70
C LEU C 128 -24.98 -23.17 -16.03
N GLN C 129 -25.37 -24.31 -16.58
CA GLN C 129 -25.06 -24.66 -17.96
C GLN C 129 -26.26 -24.28 -18.80
N VAL C 130 -26.06 -24.11 -20.09
CA VAL C 130 -27.16 -23.83 -21.00
C VAL C 130 -26.89 -24.57 -22.31
N ILE C 131 -27.95 -24.87 -23.05
CA ILE C 131 -27.82 -25.69 -24.26
C ILE C 131 -27.90 -24.83 -25.50
N GLY C 132 -27.44 -23.59 -25.40
CA GLY C 132 -27.44 -22.70 -26.53
C GLY C 132 -28.23 -21.44 -26.27
N GLU C 133 -27.56 -20.42 -25.75
CA GLU C 133 -28.20 -19.13 -25.57
C GLU C 133 -28.21 -18.35 -26.88
N LEU C 134 -29.38 -17.79 -27.19
CA LEU C 134 -29.59 -17.11 -28.45
C LEU C 134 -29.87 -15.65 -28.17
N LYS C 135 -29.50 -14.79 -29.10
CA LYS C 135 -29.66 -13.34 -28.94
C LYS C 135 -30.93 -12.90 -29.67
N ASN C 136 -31.65 -11.95 -29.08
CA ASN C 136 -32.84 -11.39 -29.70
C ASN C 136 -33.13 -10.03 -29.10
N GLY C 137 -34.35 -9.54 -29.30
CA GLY C 137 -34.79 -8.35 -28.59
C GLY C 137 -35.75 -8.72 -27.48
N GLU C 138 -35.73 -7.90 -26.43
CA GLU C 138 -36.53 -8.18 -25.24
C GLU C 138 -37.90 -7.56 -25.39
N ILE C 139 -38.93 -8.34 -25.09
CA ILE C 139 -40.31 -7.88 -25.26
C ILE C 139 -40.88 -7.38 -23.94
N ASP C 140 -40.62 -8.08 -22.85
CA ASP C 140 -41.20 -7.70 -21.57
C ASP C 140 -40.36 -6.61 -20.90
N THR C 141 -40.91 -5.39 -20.87
CA THR C 141 -40.27 -4.28 -20.18
C THR C 141 -40.15 -4.52 -18.68
N LEU C 142 -41.23 -4.99 -18.02
CA LEU C 142 -41.36 -5.18 -16.58
C LEU C 142 -40.86 -3.92 -15.87
N PRO C 143 -41.50 -2.75 -16.11
CA PRO C 143 -40.85 -1.46 -15.85
C PRO C 143 -40.62 -1.14 -14.38
N GLU C 144 -41.08 -2.04 -13.52
CA GLU C 144 -40.79 -1.99 -12.10
C GLU C 144 -39.31 -2.15 -11.81
N GLU C 145 -38.62 -2.99 -12.57
CA GLU C 145 -37.23 -3.32 -12.30
C GLU C 145 -36.27 -2.84 -13.37
N ILE C 146 -36.38 -3.32 -14.61
CA ILE C 146 -35.49 -2.92 -15.69
C ILE C 146 -35.66 -1.45 -16.03
N VAL C 147 -36.91 -1.01 -16.21
CA VAL C 147 -37.18 0.37 -16.62
C VAL C 147 -36.86 1.27 -15.43
N ASN C 148 -37.29 0.84 -14.24
CA ASN C 148 -37.11 1.64 -13.03
C ASN C 148 -36.10 1.01 -12.09
N VAL C 149 -34.95 1.66 -11.89
CA VAL C 149 -34.02 1.21 -10.86
C VAL C 149 -33.62 2.43 -10.03
N SER C 150 -34.30 2.63 -8.91
CA SER C 150 -34.13 3.84 -8.11
C SER C 150 -33.26 3.61 -6.88
N LYS C 151 -32.76 4.68 -6.26
CA LYS C 151 -32.01 4.54 -5.02
C LYS C 151 -32.89 4.38 -3.78
N GLY C 152 -34.21 4.48 -3.90
CA GLY C 152 -35.09 4.41 -2.76
C GLY C 152 -35.45 5.78 -2.19
N GLY C 153 -34.96 6.83 -2.84
CA GLY C 153 -35.16 8.19 -2.36
C GLY C 153 -36.59 8.64 -2.59
N TYR C 154 -37.14 9.31 -1.58
CA TYR C 154 -38.48 9.87 -1.60
C TYR C 154 -38.42 11.31 -1.07
N ASP C 155 -39.27 12.18 -1.62
CA ASP C 155 -39.01 13.63 -1.56
C ASP C 155 -38.98 14.23 -0.16
N PHE C 156 -39.99 13.94 0.68
CA PHE C 156 -40.07 14.18 2.13
C PHE C 156 -40.81 13.04 2.79
N GLN C 157 -40.51 12.86 4.08
CA GLN C 157 -41.43 12.24 5.04
C GLN C 157 -41.30 13.05 6.32
N GLN C 158 -42.10 14.12 6.45
CA GLN C 158 -41.84 15.10 7.51
C GLN C 158 -42.95 15.19 8.57
N PRO C 159 -44.24 14.93 8.27
CA PRO C 159 -45.19 14.87 9.39
C PRO C 159 -45.14 13.56 10.15
N GLY C 160 -44.12 12.74 9.96
CA GLY C 160 -44.12 11.41 10.53
C GLY C 160 -44.95 10.33 9.87
N GLN C 161 -44.39 9.58 8.92
CA GLN C 161 -45.15 8.48 8.33
C GLN C 161 -44.61 7.13 8.80
N THR C 162 -44.56 6.93 10.13
CA THR C 162 -44.15 5.68 10.79
C THR C 162 -43.11 4.92 9.99
N THR C 163 -41.88 5.44 10.00
CA THR C 163 -40.88 4.95 9.06
C THR C 163 -40.08 3.84 9.72
N GLY C 164 -39.28 3.14 8.91
CA GLY C 164 -38.33 2.17 9.41
C GLY C 164 -36.98 2.29 8.74
N GLU C 165 -36.19 1.22 8.77
CA GLU C 165 -34.84 1.24 8.21
C GLU C 165 -34.88 1.31 6.68
N ALA C 166 -35.95 0.80 6.08
CA ALA C 166 -36.11 0.76 4.63
C ALA C 166 -36.38 2.15 4.11
N PRO C 167 -36.20 2.40 2.82
CA PRO C 167 -35.93 3.74 2.32
C PRO C 167 -37.19 4.58 2.18
N GLY C 168 -38.33 3.90 2.34
CA GLY C 168 -39.61 4.56 2.56
C GLY C 168 -40.71 3.74 3.18
N THR C 169 -40.91 3.86 4.49
CA THR C 169 -42.08 3.27 5.11
C THR C 169 -43.13 4.34 5.38
N VAL C 170 -44.38 3.88 5.43
CA VAL C 170 -45.53 4.73 5.71
C VAL C 170 -46.35 4.09 6.82
N PRO C 171 -47.33 4.80 7.41
CA PRO C 171 -48.12 4.20 8.49
C PRO C 171 -49.04 3.12 7.97
N ALA C 172 -48.77 1.87 8.36
CA ALA C 172 -49.40 0.65 7.86
C ALA C 172 -49.22 0.49 6.35
N PRO D 1 9.65 2.88 -30.21
CA PRO D 1 9.39 1.61 -30.89
C PRO D 1 7.92 1.77 -31.23
N ILE D 2 7.20 0.64 -31.30
CA ILE D 2 5.77 0.64 -31.57
C ILE D 2 5.04 0.78 -30.24
N MET D 3 4.09 1.71 -30.19
CA MET D 3 3.35 2.00 -28.98
C MET D 3 2.17 1.07 -28.83
N GLY D 4 1.59 1.05 -27.62
CA GLY D 4 0.40 0.27 -27.35
C GLY D 4 -0.80 0.66 -28.19
N GLN D 5 -0.98 1.95 -28.47
CA GLN D 5 -1.98 2.43 -29.40
C GLN D 5 -1.62 2.13 -30.85
N ASP D 6 -0.33 2.01 -31.15
CA ASP D 6 0.14 1.90 -32.52
C ASP D 6 -0.39 0.69 -33.27
N VAL D 7 -0.38 -0.50 -32.68
CA VAL D 7 -0.85 -1.71 -33.35
C VAL D 7 -2.35 -1.82 -33.15
N LYS D 8 -3.11 -1.80 -34.23
CA LYS D 8 -4.55 -1.98 -34.13
C LYS D 8 -5.02 -3.10 -35.04
N TYR D 9 -6.16 -3.68 -34.67
CA TYR D 9 -6.61 -4.97 -35.21
C TYR D 9 -7.97 -4.78 -35.88
N LEU D 10 -8.04 -5.10 -37.17
CA LEU D 10 -9.30 -5.06 -37.89
C LEU D 10 -9.62 -6.45 -38.44
N PHE D 11 -10.90 -6.75 -38.60
CA PHE D 11 -11.35 -8.00 -39.18
C PHE D 11 -12.30 -7.71 -40.34
N GLN D 12 -12.22 -8.57 -41.36
CA GLN D 12 -13.20 -8.52 -42.43
C GLN D 12 -13.89 -9.88 -42.53
N SER D 13 -15.22 -9.85 -42.54
CA SER D 13 -16.01 -11.07 -42.64
C SER D 13 -15.98 -11.62 -44.06
N ILE D 14 -15.92 -12.95 -44.16
CA ILE D 14 -15.87 -13.60 -45.47
C ILE D 14 -17.17 -13.42 -46.24
N ASP D 15 -18.31 -13.43 -45.55
CA ASP D 15 -19.60 -13.44 -46.21
C ASP D 15 -20.04 -12.05 -46.67
N ALA D 16 -19.39 -10.99 -46.19
CA ALA D 16 -19.85 -9.64 -46.51
C ALA D 16 -19.67 -9.34 -47.99
N ALA D 17 -18.49 -9.64 -48.55
CA ALA D 17 -18.08 -9.29 -49.92
C ALA D 17 -18.13 -7.79 -50.17
N THR D 18 -17.63 -7.02 -49.19
CA THR D 18 -17.61 -5.56 -49.26
C THR D 18 -16.16 -5.10 -49.39
N GLY D 19 -15.98 -3.87 -49.84
CA GLY D 19 -14.65 -3.31 -50.02
C GLY D 19 -14.13 -2.56 -48.81
N SER D 20 -14.26 -3.15 -47.63
CA SER D 20 -13.84 -2.49 -46.41
C SER D 20 -13.90 -3.42 -45.20
N ALA D 21 -13.00 -3.19 -44.23
CA ALA D 21 -12.78 -4.02 -43.03
C ALA D 21 -13.18 -3.30 -41.75
N PRO D 22 -14.26 -3.71 -41.05
CA PRO D 22 -14.61 -3.03 -39.79
C PRO D 22 -13.69 -3.41 -38.65
N LEU D 23 -13.41 -2.46 -37.77
CA LEU D 23 -12.74 -2.76 -36.52
C LEU D 23 -13.55 -2.16 -35.37
N PHE D 24 -13.36 -2.71 -34.20
CA PHE D 24 -14.32 -2.36 -33.17
C PHE D 24 -13.70 -1.35 -32.20
N PRO D 25 -14.48 -0.40 -31.68
CA PRO D 25 -13.92 0.57 -30.73
C PRO D 25 -13.76 -0.02 -29.33
N ALA D 26 -13.15 0.80 -28.47
CA ALA D 26 -12.88 0.49 -27.05
C ALA D 26 -12.12 -0.83 -26.91
N TYR D 27 -10.88 -0.83 -27.38
CA TYR D 27 -10.00 -1.97 -27.18
C TYR D 27 -9.45 -2.00 -25.76
N GLN D 28 -9.39 -3.20 -25.21
CA GLN D 28 -8.88 -3.44 -23.88
C GLN D 28 -7.43 -3.91 -24.09
N THR D 29 -7.24 -5.07 -24.70
CA THR D 29 -5.90 -5.59 -24.94
C THR D 29 -5.94 -6.85 -25.81
N ASP D 30 -4.81 -7.07 -26.47
CA ASP D 30 -4.73 -7.99 -27.57
C ASP D 30 -3.49 -8.85 -27.39
N GLY D 31 -3.71 -10.13 -27.19
CA GLY D 31 -2.62 -11.08 -27.21
C GLY D 31 -2.75 -12.06 -28.35
N SER D 32 -1.74 -12.10 -29.21
CA SER D 32 -1.66 -13.09 -30.27
C SER D 32 -0.48 -13.98 -29.89
N VAL D 33 -0.74 -15.28 -29.82
CA VAL D 33 0.25 -16.24 -29.34
C VAL D 33 0.46 -17.28 -30.43
N SER D 34 1.72 -17.58 -30.69
CA SER D 34 2.15 -18.33 -31.87
C SER D 34 3.22 -19.33 -31.44
N GLY D 35 2.85 -20.60 -31.35
CA GLY D 35 3.78 -21.62 -30.91
C GLY D 35 4.34 -22.44 -32.05
N GLU D 36 5.66 -22.47 -32.17
CA GLU D 36 6.34 -23.20 -33.23
C GLU D 36 6.89 -24.50 -32.63
N ARG D 37 6.17 -25.60 -32.86
CA ARG D 37 6.50 -26.88 -32.24
C ARG D 37 7.82 -27.41 -32.79
N GLU D 38 8.57 -28.10 -31.95
CA GLU D 38 9.96 -28.45 -32.21
C GLU D 38 10.15 -29.95 -32.00
N LEU D 39 11.34 -30.42 -32.33
CA LEU D 39 11.68 -31.83 -32.21
C LEU D 39 11.70 -32.26 -30.76
N PHE D 40 11.09 -33.42 -30.49
CA PHE D 40 11.17 -34.07 -29.19
C PHE D 40 12.42 -34.91 -29.07
N ASP D 41 13.14 -34.72 -27.97
CA ASP D 41 14.03 -35.72 -27.40
C ASP D 41 15.32 -35.74 -28.23
N GLU D 42 16.42 -35.34 -27.61
CA GLU D 42 17.73 -35.39 -28.26
C GLU D 42 18.26 -36.80 -28.40
N GLN D 43 18.06 -37.64 -27.37
CA GLN D 43 18.63 -38.99 -27.24
C GLN D 43 20.11 -38.94 -26.85
N THR D 44 20.53 -37.84 -26.23
CA THR D 44 21.93 -37.42 -26.05
C THR D 44 22.75 -37.69 -27.30
N LYS D 45 22.38 -37.04 -28.41
CA LYS D 45 23.02 -37.22 -29.70
C LYS D 45 23.74 -35.95 -30.12
N ASN D 46 23.47 -35.49 -31.35
CA ASN D 46 24.05 -34.24 -31.85
C ASN D 46 23.06 -33.08 -31.85
N GLY D 47 21.90 -33.25 -31.23
CA GLY D 47 20.90 -32.21 -31.20
C GLY D 47 19.68 -32.59 -32.00
N ARG D 48 18.78 -33.36 -31.38
CA ARG D 48 17.58 -33.82 -32.04
C ARG D 48 16.40 -33.07 -31.43
N ILE D 49 16.70 -31.95 -30.76
CA ILE D 49 15.68 -31.10 -30.15
C ILE D 49 15.68 -29.74 -30.81
N LEU D 50 16.46 -29.58 -31.88
CA LEU D 50 16.48 -28.35 -32.65
C LEU D 50 15.76 -28.48 -33.99
N GLY D 51 14.85 -29.45 -34.10
CA GLY D 51 14.25 -29.82 -35.35
C GLY D 51 12.93 -29.12 -35.62
N PRO D 52 12.52 -29.10 -36.90
CA PRO D 52 11.32 -28.36 -37.26
C PRO D 52 10.02 -29.06 -36.87
N GLY D 53 8.99 -28.26 -36.63
CA GLY D 53 7.69 -28.77 -36.25
C GLY D 53 6.60 -27.85 -36.75
N SER D 54 5.37 -28.26 -36.52
CA SER D 54 4.23 -27.46 -36.95
C SER D 54 4.09 -26.21 -36.09
N VAL D 55 3.22 -25.31 -36.52
CA VAL D 55 2.99 -24.04 -35.83
C VAL D 55 1.54 -23.96 -35.39
N ALA D 56 1.34 -23.62 -34.12
CA ALA D 56 0.02 -23.39 -33.56
C ALA D 56 -0.19 -21.89 -33.46
N ASP D 57 -1.29 -21.41 -34.03
CA ASP D 57 -1.54 -19.99 -34.17
C ASP D 57 -2.90 -19.67 -33.59
N SER D 58 -2.89 -18.93 -32.47
CA SER D 58 -4.08 -18.55 -31.74
C SER D 58 -3.95 -17.13 -31.23
N GLY D 59 -5.07 -16.42 -31.23
CA GLY D 59 -5.12 -15.09 -30.70
C GLY D 59 -6.30 -14.87 -29.80
N GLU D 60 -6.15 -14.00 -28.81
CA GLU D 60 -7.25 -13.61 -27.93
C GLU D 60 -7.41 -12.10 -28.03
N VAL D 61 -8.66 -11.64 -27.99
CA VAL D 61 -8.96 -10.22 -28.13
C VAL D 61 -9.94 -9.84 -27.03
N THR D 62 -9.53 -8.92 -26.16
CA THR D 62 -10.43 -8.41 -25.15
C THR D 62 -10.87 -7.00 -25.51
N TYR D 63 -12.10 -6.66 -25.15
CA TYR D 63 -12.61 -5.30 -25.35
C TYR D 63 -13.87 -5.12 -24.51
N TYR D 64 -14.34 -3.87 -24.44
CA TYR D 64 -15.59 -3.52 -23.75
C TYR D 64 -16.69 -3.40 -24.79
N GLY D 65 -17.76 -4.17 -24.61
CA GLY D 65 -18.84 -4.20 -25.58
C GLY D 65 -19.63 -2.91 -25.69
N LYS D 66 -19.81 -2.42 -26.91
CA LYS D 66 -20.66 -1.26 -27.15
C LYS D 66 -22.08 -1.73 -27.49
N ARG D 67 -23.05 -0.84 -27.33
CA ARG D 67 -24.46 -1.19 -27.48
C ARG D 67 -24.78 -1.81 -28.84
N GLY D 68 -24.32 -1.22 -29.93
CA GLY D 68 -24.54 -1.79 -31.26
C GLY D 68 -23.60 -1.14 -32.25
N ASP D 69 -22.51 -1.85 -32.56
CA ASP D 69 -21.57 -1.55 -33.65
C ASP D 69 -21.08 -2.83 -34.33
N ALA D 70 -20.60 -2.66 -35.56
CA ALA D 70 -20.54 -3.68 -36.59
C ALA D 70 -19.47 -4.76 -36.45
N GLY D 71 -18.26 -4.42 -35.98
CA GLY D 71 -17.31 -5.45 -35.60
C GLY D 71 -17.83 -6.36 -34.51
N GLN D 72 -18.47 -5.78 -33.48
CA GLN D 72 -19.18 -6.60 -32.50
C GLN D 72 -20.28 -7.42 -33.14
N LYS D 73 -21.08 -6.84 -34.03
CA LYS D 73 -22.03 -7.65 -34.79
C LYS D 73 -21.32 -8.58 -35.75
N ALA D 74 -20.13 -8.21 -36.23
CA ALA D 74 -19.31 -9.18 -36.96
C ALA D 74 -18.87 -10.31 -36.04
N ILE D 75 -18.50 -9.97 -34.80
CA ILE D 75 -18.21 -10.99 -33.80
C ILE D 75 -19.46 -11.82 -33.50
N GLU D 76 -20.61 -11.16 -33.34
CA GLU D 76 -21.84 -11.87 -33.03
C GLU D 76 -22.25 -12.85 -34.11
N ASP D 77 -22.23 -12.43 -35.39
CA ASP D 77 -22.40 -13.39 -36.47
C ASP D 77 -21.27 -14.40 -36.51
N ALA D 78 -20.04 -13.95 -36.25
CA ALA D 78 -18.94 -14.92 -36.15
C ALA D 78 -19.27 -16.05 -35.20
N TYR D 79 -19.58 -15.74 -33.94
CA TYR D 79 -19.79 -16.78 -32.94
C TYR D 79 -21.19 -17.40 -33.07
N GLN D 80 -22.22 -16.56 -33.03
CA GLN D 80 -23.58 -17.04 -32.85
C GLN D 80 -24.13 -17.69 -34.12
N ASN D 81 -23.76 -17.16 -35.28
CA ASN D 81 -24.12 -17.85 -36.53
C ASN D 81 -23.12 -18.95 -36.85
N GLY D 82 -21.87 -18.79 -36.40
CA GLY D 82 -20.84 -19.78 -36.63
C GLY D 82 -20.16 -19.62 -37.97
N LYS D 83 -19.27 -18.64 -38.07
CA LYS D 83 -18.51 -18.34 -39.27
C LYS D 83 -17.08 -18.00 -38.83
N GLN D 84 -16.12 -18.24 -39.72
CA GLN D 84 -14.75 -17.77 -39.54
C GLN D 84 -14.67 -16.33 -40.07
N ILE D 85 -13.87 -15.50 -39.41
CA ILE D 85 -13.71 -14.12 -39.83
C ILE D 85 -12.27 -13.86 -40.23
N LYS D 86 -12.10 -13.04 -41.26
CA LYS D 86 -10.78 -12.64 -41.73
C LYS D 86 -10.22 -11.60 -40.78
N PHE D 87 -8.94 -11.75 -40.45
CA PHE D 87 -8.27 -11.06 -39.35
C PHE D 87 -7.07 -10.29 -39.86
N TRP D 88 -7.05 -8.98 -39.59
CA TRP D 88 -5.99 -8.07 -40.01
C TRP D 88 -5.50 -7.32 -38.78
N ARG D 89 -4.18 -7.30 -38.59
CA ARG D 89 -3.57 -6.48 -37.54
C ARG D 89 -2.52 -5.59 -38.20
N VAL D 90 -2.69 -4.28 -38.08
CA VAL D 90 -1.83 -3.35 -38.80
C VAL D 90 -1.38 -2.25 -37.85
N ASP D 91 -0.27 -1.63 -38.21
CA ASP D 91 0.28 -0.54 -37.43
C ASP D 91 -0.23 0.80 -37.94
N THR D 92 -0.57 1.68 -37.00
CA THR D 92 -1.14 2.98 -37.29
C THR D 92 -0.11 3.96 -37.87
N VAL D 93 1.18 3.71 -37.65
CA VAL D 93 2.22 4.56 -38.23
C VAL D 93 2.37 4.23 -39.72
N LYS D 94 2.49 5.28 -40.52
CA LYS D 94 2.53 5.13 -41.97
C LYS D 94 3.79 4.40 -42.39
N ASN D 95 3.62 3.37 -43.21
CA ASN D 95 4.76 2.69 -43.83
C ASN D 95 5.31 3.54 -44.97
N GLU D 96 6.63 3.55 -45.09
CA GLU D 96 7.30 4.36 -46.09
C GLU D 96 7.36 3.73 -47.47
N ASN D 97 7.26 2.40 -47.57
CA ASN D 97 7.06 1.78 -48.87
C ASN D 97 5.77 0.97 -48.91
N ASP D 98 4.74 1.44 -48.20
CA ASP D 98 3.40 0.91 -48.35
C ASP D 98 2.43 1.86 -47.65
N LYS D 99 1.13 1.58 -47.75
CA LYS D 99 0.14 2.31 -46.97
C LYS D 99 0.42 2.18 -45.48
N TYR D 100 0.28 0.96 -44.97
CA TYR D 100 0.52 0.65 -43.57
C TYR D 100 1.24 -0.69 -43.52
N ASP D 101 1.54 -1.16 -42.32
CA ASP D 101 2.20 -2.45 -42.15
C ASP D 101 1.30 -3.37 -41.33
N ALA D 102 1.16 -4.60 -41.82
CA ALA D 102 0.10 -5.47 -41.36
C ALA D 102 0.63 -6.87 -41.12
N GLN D 103 -0.16 -7.65 -40.38
CA GLN D 103 -0.10 -9.10 -40.41
C GLN D 103 -1.55 -9.59 -40.53
N PHE D 104 -1.76 -10.61 -41.35
CA PHE D 104 -3.07 -10.97 -41.85
C PHE D 104 -3.32 -12.46 -41.66
N GLY D 105 -4.58 -12.83 -41.50
CA GLY D 105 -4.93 -14.25 -41.50
C GLY D 105 -6.41 -14.47 -41.60
N PHE D 106 -6.78 -15.73 -41.83
CA PHE D 106 -8.15 -16.18 -41.69
C PHE D 106 -8.28 -16.83 -40.33
N ALA D 107 -9.29 -16.41 -39.57
CA ALA D 107 -9.41 -16.79 -38.17
C ALA D 107 -10.81 -17.30 -37.86
N TYR D 108 -10.90 -18.02 -36.74
CA TYR D 108 -12.11 -18.72 -36.33
C TYR D 108 -12.45 -18.25 -34.92
N ILE D 109 -13.69 -18.53 -34.48
CA ILE D 109 -14.11 -18.15 -33.15
C ILE D 109 -13.94 -19.32 -32.20
N GLU D 110 -12.78 -19.38 -31.54
CA GLU D 110 -12.55 -20.45 -30.57
C GLU D 110 -13.37 -20.33 -29.29
N SER D 111 -13.50 -19.13 -28.72
CA SER D 111 -14.36 -18.93 -27.58
C SER D 111 -14.63 -17.45 -27.41
N ARG D 112 -15.72 -17.15 -26.72
CA ARG D 112 -16.13 -15.78 -26.38
C ARG D 112 -16.62 -15.86 -24.94
N GLU D 113 -16.32 -14.81 -24.18
CA GLU D 113 -16.65 -14.72 -22.77
C GLU D 113 -17.24 -13.35 -22.54
N TYR D 114 -18.42 -13.28 -21.93
CA TYR D 114 -19.03 -12.02 -21.61
C TYR D 114 -19.10 -11.80 -20.11
N SER D 115 -18.54 -10.69 -19.66
CA SER D 115 -18.54 -10.30 -18.26
C SER D 115 -19.34 -9.02 -18.09
N ASP D 116 -20.35 -9.10 -17.23
CA ASP D 116 -21.09 -7.95 -16.71
C ASP D 116 -20.66 -7.79 -15.26
N GLY D 117 -20.19 -6.61 -14.91
CA GLY D 117 -19.85 -6.29 -13.54
C GLY D 117 -20.65 -5.11 -13.02
N VAL D 118 -20.77 -5.03 -11.70
CA VAL D 118 -21.45 -3.92 -11.04
C VAL D 118 -20.65 -2.63 -11.17
N GLU D 119 -19.32 -2.75 -11.24
CA GLU D 119 -18.50 -1.60 -11.59
C GLU D 119 -18.09 -1.59 -13.05
N GLY D 120 -17.79 -0.42 -13.60
CA GLY D 120 -17.12 -0.36 -14.89
C GLY D 120 -18.14 -0.63 -15.98
N ALA D 121 -17.73 -1.35 -17.03
CA ALA D 121 -18.61 -1.63 -18.15
C ALA D 121 -18.36 -3.03 -18.70
N VAL D 122 -19.33 -3.51 -19.47
CA VAL D 122 -19.35 -4.89 -19.92
C VAL D 122 -18.03 -5.24 -20.60
N GLU D 123 -17.51 -6.43 -20.31
CA GLU D 123 -16.20 -6.81 -20.85
C GLU D 123 -16.33 -8.11 -21.63
N ILE D 124 -15.83 -8.10 -22.86
CA ILE D 124 -15.89 -9.25 -23.73
C ILE D 124 -14.47 -9.72 -24.03
N SER D 125 -14.20 -10.98 -23.71
CA SER D 125 -12.99 -11.66 -24.13
C SER D 125 -13.35 -12.64 -25.24
N ILE D 126 -12.86 -12.39 -26.45
CA ILE D 126 -13.10 -13.28 -27.57
C ILE D 126 -11.77 -13.90 -27.99
N SER D 127 -11.70 -15.22 -27.95
CA SER D 127 -10.50 -15.97 -28.28
C SER D 127 -10.69 -16.66 -29.62
N LEU D 128 -9.61 -16.71 -30.40
CA LEU D 128 -9.65 -17.20 -31.76
C LEU D 128 -8.41 -18.04 -32.04
N GLN D 129 -8.60 -19.11 -32.80
CA GLN D 129 -7.49 -19.86 -33.38
C GLN D 129 -7.29 -19.35 -34.80
N VAL D 130 -6.11 -19.56 -35.36
CA VAL D 130 -5.86 -19.21 -36.75
C VAL D 130 -4.97 -20.28 -37.35
N ILE D 131 -5.03 -20.43 -38.68
CA ILE D 131 -4.32 -21.52 -39.35
C ILE D 131 -3.08 -20.99 -40.03
N GLY D 132 -2.47 -19.95 -39.47
CA GLY D 132 -1.25 -19.41 -40.02
C GLY D 132 -1.39 -17.95 -40.37
N GLU D 133 -1.10 -17.08 -39.42
CA GLU D 133 -1.08 -15.65 -39.68
C GLU D 133 0.22 -15.24 -40.35
N LEU D 134 0.08 -14.46 -41.42
CA LEU D 134 1.22 -14.07 -42.24
C LEU D 134 1.39 -12.56 -42.14
N LYS D 135 2.62 -12.10 -42.28
CA LYS D 135 2.94 -10.69 -42.16
C LYS D 135 3.04 -10.07 -43.54
N ASN D 136 2.58 -8.84 -43.70
CA ASN D 136 2.66 -8.12 -44.97
C ASN D 136 2.54 -6.63 -44.70
N GLY D 137 2.27 -5.87 -45.75
CA GLY D 137 1.92 -4.47 -45.56
C GLY D 137 0.43 -4.25 -45.75
N GLU D 138 -0.08 -3.25 -45.04
CA GLU D 138 -1.52 -2.98 -45.03
C GLU D 138 -1.86 -2.04 -46.17
N ILE D 139 -2.90 -2.38 -46.91
CA ILE D 139 -3.29 -1.59 -48.08
C ILE D 139 -4.42 -0.63 -47.74
N ASP D 140 -5.41 -1.10 -46.98
CA ASP D 140 -6.56 -0.26 -46.67
C ASP D 140 -6.26 0.66 -45.49
N THR D 141 -6.12 1.95 -45.78
CA THR D 141 -5.94 2.95 -44.75
C THR D 141 -7.13 3.05 -43.82
N LEU D 142 -8.37 3.09 -44.36
CA LEU D 142 -9.62 3.32 -43.66
C LEU D 142 -9.47 4.50 -42.71
N PRO D 143 -9.18 5.71 -43.25
CA PRO D 143 -8.58 6.78 -42.42
C PRO D 143 -9.49 7.36 -41.35
N GLU D 144 -10.73 6.87 -41.32
CA GLU D 144 -11.69 7.17 -40.28
C GLU D 144 -11.22 6.66 -38.92
N GLU D 145 -10.58 5.49 -38.90
CA GLU D 145 -10.22 4.83 -37.65
C GLU D 145 -8.72 4.73 -37.43
N ILE D 146 -7.99 4.03 -38.27
CA ILE D 146 -6.54 3.87 -38.14
C ILE D 146 -5.83 5.20 -38.31
N VAL D 147 -6.14 5.93 -39.37
CA VAL D 147 -5.46 7.19 -39.68
C VAL D 147 -5.90 8.22 -38.63
N ASN D 148 -7.21 8.23 -38.35
CA ASN D 148 -7.78 9.21 -37.42
C ASN D 148 -8.23 8.55 -36.12
N VAL D 149 -7.57 8.86 -35.01
CA VAL D 149 -8.08 8.43 -33.71
C VAL D 149 -8.07 9.63 -32.77
N SER D 150 -9.23 10.29 -32.66
CA SER D 150 -9.31 11.54 -31.92
C SER D 150 -9.93 11.37 -30.54
N LYS D 151 -9.77 12.36 -29.67
CA LYS D 151 -10.42 12.31 -28.36
C LYS D 151 -11.89 12.72 -28.38
N GLY D 152 -12.42 13.17 -29.52
CA GLY D 152 -13.79 13.65 -29.58
C GLY D 152 -13.90 15.15 -29.39
N GLY D 153 -12.77 15.82 -29.24
CA GLY D 153 -12.75 17.25 -28.99
C GLY D 153 -13.13 18.05 -30.23
N TYR D 154 -13.94 19.06 -30.02
CA TYR D 154 -14.39 19.98 -31.07
C TYR D 154 -14.26 21.42 -30.54
N ASP D 155 -13.93 22.35 -31.45
CA ASP D 155 -13.33 23.62 -31.05
C ASP D 155 -14.18 24.50 -30.15
N PHE D 156 -15.45 24.74 -30.53
CA PHE D 156 -16.52 25.33 -29.73
C PHE D 156 -17.84 24.66 -30.08
N GLN D 157 -18.77 24.70 -29.12
CA GLN D 157 -20.20 24.64 -29.39
C GLN D 157 -20.85 25.66 -28.46
N GLN D 158 -20.96 26.92 -28.92
CA GLN D 158 -21.30 28.00 -27.98
C GLN D 158 -22.65 28.67 -28.27
N PRO D 159 -23.17 28.75 -29.51
CA PRO D 159 -24.54 29.24 -29.65
C PRO D 159 -25.60 28.21 -29.32
N GLY D 160 -25.23 27.09 -28.69
CA GLY D 160 -26.17 26.00 -28.51
C GLY D 160 -26.46 25.10 -29.69
N GLN D 161 -25.72 24.00 -29.85
CA GLN D 161 -26.03 23.07 -30.93
C GLN D 161 -26.62 21.78 -30.38
N THR D 162 -27.71 21.90 -29.61
CA THR D 162 -28.49 20.79 -29.04
C THR D 162 -27.61 19.58 -28.73
N THR D 163 -26.81 19.70 -27.67
CA THR D 163 -25.75 18.72 -27.45
C THR D 163 -26.26 17.61 -26.54
N GLY D 164 -25.49 16.54 -26.44
CA GLY D 164 -25.76 15.48 -25.49
C GLY D 164 -24.51 15.03 -24.76
N GLU D 165 -24.54 13.80 -24.22
CA GLU D 165 -23.41 13.29 -23.45
C GLU D 165 -22.21 13.00 -24.34
N ALA D 166 -22.46 12.70 -25.62
CA ALA D 166 -21.42 12.36 -26.59
C ALA D 166 -20.64 13.61 -26.94
N PRO D 167 -19.45 13.46 -27.51
CA PRO D 167 -18.43 14.51 -27.43
C PRO D 167 -18.65 15.62 -28.44
N GLY D 168 -19.59 15.37 -29.34
CA GLY D 168 -20.16 16.42 -30.18
C GLY D 168 -21.51 16.13 -30.81
N THR D 169 -22.59 16.62 -30.21
CA THR D 169 -23.88 16.56 -30.87
C THR D 169 -24.23 17.93 -31.46
N VAL D 170 -25.06 17.89 -32.49
CA VAL D 170 -25.54 19.09 -33.17
C VAL D 170 -27.06 19.01 -33.26
N PRO D 171 -27.76 20.10 -33.64
CA PRO D 171 -29.23 20.03 -33.74
C PRO D 171 -29.68 19.18 -34.91
N ALA D 172 -30.30 18.06 -34.59
CA ALA D 172 -30.67 16.99 -35.54
C ALA D 172 -29.46 16.43 -36.27
N PRO E 1 29.52 -7.43 -9.15
CA PRO E 1 29.47 -8.69 -9.89
C PRO E 1 29.04 -8.20 -11.27
N ILE E 2 28.33 -9.05 -12.01
CA ILE E 2 27.82 -8.71 -13.33
C ILE E 2 26.47 -8.04 -13.15
N MET E 3 26.28 -6.89 -13.80
CA MET E 3 25.07 -6.11 -13.68
C MET E 3 24.01 -6.60 -14.66
N GLY E 4 22.77 -6.15 -14.44
CA GLY E 4 21.67 -6.46 -15.34
C GLY E 4 21.88 -5.96 -16.76
N GLN E 5 22.47 -4.78 -16.93
CA GLN E 5 22.88 -4.28 -18.23
C GLN E 5 24.09 -5.00 -18.78
N ASP E 6 24.92 -5.57 -17.91
CA ASP E 6 26.20 -6.14 -18.32
C ASP E 6 26.08 -7.28 -19.32
N VAL E 7 25.19 -8.24 -19.09
CA VAL E 7 25.05 -9.39 -19.99
C VAL E 7 24.08 -9.02 -21.10
N LYS E 8 24.56 -9.03 -22.34
CA LYS E 8 23.69 -8.75 -23.48
C LYS E 8 23.76 -9.88 -24.50
N TYR E 9 22.69 -10.01 -25.28
CA TYR E 9 22.42 -11.19 -26.08
C TYR E 9 22.34 -10.78 -27.55
N LEU E 10 23.19 -11.38 -28.37
CA LEU E 10 23.14 -11.16 -29.82
C LEU E 10 22.91 -12.48 -30.53
N PHE E 11 22.27 -12.41 -31.70
CA PHE E 11 22.06 -13.59 -32.53
C PHE E 11 22.59 -13.33 -33.93
N GLN E 12 23.12 -14.40 -34.54
CA GLN E 12 23.49 -14.33 -35.95
C GLN E 12 22.72 -15.40 -36.71
N SER E 13 22.07 -15.00 -37.79
CA SER E 13 21.31 -15.91 -38.63
C SER E 13 22.24 -16.79 -39.46
N ILE E 14 21.87 -18.07 -39.60
CA ILE E 14 22.68 -19.00 -40.38
C ILE E 14 22.70 -18.64 -41.86
N ASP E 15 21.59 -18.15 -42.40
CA ASP E 15 21.45 -17.94 -43.83
C ASP E 15 22.09 -16.64 -44.31
N ALA E 16 22.43 -15.73 -43.39
CA ALA E 16 22.94 -14.44 -43.80
C ALA E 16 24.31 -14.56 -44.48
N ALA E 17 25.23 -15.31 -43.86
CA ALA E 17 26.63 -15.45 -44.27
C ALA E 17 27.35 -14.10 -44.29
N THR E 18 27.12 -13.29 -43.25
CA THR E 18 27.71 -11.97 -43.12
C THR E 18 28.71 -11.99 -41.97
N GLY E 19 29.60 -11.01 -41.94
CA GLY E 19 30.61 -10.94 -40.90
C GLY E 19 30.20 -10.09 -39.72
N SER E 20 28.98 -10.31 -39.21
CA SER E 20 28.48 -9.52 -38.09
C SER E 20 27.17 -10.08 -37.55
N ALA E 21 26.93 -9.89 -36.25
CA ALA E 21 25.81 -10.42 -35.48
C ALA E 21 24.86 -9.33 -34.98
N PRO E 22 23.63 -9.23 -35.52
CA PRO E 22 22.71 -8.20 -35.01
C PRO E 22 22.14 -8.54 -33.65
N LEU E 23 21.93 -7.53 -32.83
CA LEU E 23 21.17 -7.68 -31.60
C LEU E 23 20.09 -6.63 -31.55
N PHE E 24 19.06 -6.90 -30.77
CA PHE E 24 17.91 -6.04 -30.93
C PHE E 24 17.80 -5.06 -29.76
N PRO E 25 17.36 -3.83 -30.01
CA PRO E 25 17.25 -2.86 -28.90
C PRO E 25 16.01 -3.11 -28.04
N ALA E 26 15.94 -2.32 -26.96
CA ALA E 26 14.86 -2.34 -25.97
C ALA E 26 14.64 -3.75 -25.41
N TYR E 27 15.63 -4.22 -24.67
CA TYR E 27 15.52 -5.48 -23.95
C TYR E 27 14.66 -5.32 -22.70
N GLN E 28 13.82 -6.32 -22.47
CA GLN E 28 12.95 -6.36 -21.30
C GLN E 28 13.68 -7.27 -20.31
N THR E 29 13.83 -8.55 -20.62
CA THR E 29 14.49 -9.47 -19.71
C THR E 29 14.70 -10.83 -20.37
N ASP E 30 15.70 -11.53 -19.85
CA ASP E 30 16.28 -12.68 -20.52
C ASP E 30 16.45 -13.78 -19.49
N GLY E 31 15.71 -14.87 -19.69
CA GLY E 31 15.92 -16.06 -18.91
C GLY E 31 16.40 -17.20 -19.78
N SER E 32 17.56 -17.75 -19.44
CA SER E 32 18.09 -18.94 -20.08
C SER E 32 18.05 -20.02 -19.01
N VAL E 33 17.40 -21.13 -19.31
CA VAL E 33 17.16 -22.18 -18.34
C VAL E 33 17.74 -23.48 -18.89
N SER E 34 18.48 -24.18 -18.04
CA SER E 34 19.34 -25.29 -18.45
C SER E 34 19.18 -26.41 -17.44
N GLY E 35 18.46 -27.46 -17.82
CA GLY E 35 18.22 -28.56 -16.92
C GLY E 35 19.09 -29.77 -17.20
N GLU E 36 19.85 -30.21 -16.19
CA GLU E 36 20.75 -31.35 -16.32
C GLU E 36 20.07 -32.56 -15.68
N ARG E 37 19.50 -33.43 -16.50
CA ARG E 37 18.72 -34.55 -16.02
C ARG E 37 19.62 -35.56 -15.31
N GLU E 38 19.08 -36.21 -14.28
CA GLU E 38 19.86 -36.99 -13.33
C GLU E 38 19.24 -38.38 -13.23
N LEU E 39 19.92 -39.26 -12.50
CA LEU E 39 19.50 -40.63 -12.29
C LEU E 39 18.20 -40.68 -11.50
N PHE E 40 17.27 -41.51 -11.97
CA PHE E 40 16.05 -41.81 -11.23
C PHE E 40 16.28 -42.93 -10.22
N ASP E 41 15.85 -42.69 -9.00
CA ASP E 41 15.49 -43.74 -8.04
C ASP E 41 16.77 -44.33 -7.47
N GLU E 42 16.99 -44.12 -6.18
CA GLU E 42 18.13 -44.71 -5.49
C GLU E 42 18.00 -46.21 -5.28
N GLN E 43 16.79 -46.68 -4.95
CA GLN E 43 16.48 -48.07 -4.55
C GLN E 43 16.93 -48.36 -3.12
N THR E 44 17.06 -47.29 -2.32
CA THR E 44 17.77 -47.27 -1.02
C THR E 44 19.08 -48.07 -1.09
N LYS E 45 19.99 -47.62 -1.97
CA LYS E 45 21.25 -48.30 -2.19
C LYS E 45 22.41 -47.42 -1.71
N ASN E 46 23.41 -47.21 -2.58
CA ASN E 46 24.55 -46.36 -2.26
C ASN E 46 24.46 -45.00 -2.94
N GLY E 47 23.34 -44.66 -3.55
CA GLY E 47 23.18 -43.39 -4.25
C GLY E 47 23.07 -43.60 -5.74
N ARG E 48 21.85 -43.89 -6.20
CA ARG E 48 21.59 -44.13 -7.61
C ARG E 48 20.79 -42.95 -8.14
N ILE E 49 20.83 -41.84 -7.39
CA ILE E 49 20.15 -40.62 -7.79
C ILE E 49 21.17 -39.50 -8.03
N LEU E 50 22.45 -39.85 -7.97
CA LEU E 50 23.52 -38.90 -8.27
C LEU E 50 24.15 -39.14 -9.63
N GLY E 51 23.43 -39.80 -10.54
CA GLY E 51 23.97 -40.27 -11.78
C GLY E 51 23.79 -39.31 -12.94
N PRO E 52 24.58 -39.49 -13.99
CA PRO E 52 24.53 -38.54 -15.12
C PRO E 52 23.33 -38.71 -16.02
N GLY E 53 22.91 -37.62 -16.64
CA GLY E 53 21.76 -37.62 -17.53
C GLY E 53 21.96 -36.58 -18.61
N SER E 54 21.00 -36.54 -19.52
CA SER E 54 21.06 -35.58 -20.62
C SER E 54 20.77 -34.17 -20.11
N VAL E 55 20.99 -33.19 -20.96
CA VAL E 55 20.81 -31.78 -20.62
C VAL E 55 19.75 -31.17 -21.54
N ALA E 56 18.78 -30.50 -20.94
CA ALA E 56 17.76 -29.76 -21.68
C ALA E 56 18.13 -28.29 -21.64
N ASP E 57 18.19 -27.67 -22.81
CA ASP E 57 18.70 -26.31 -22.93
C ASP E 57 17.68 -25.47 -23.68
N SER E 58 17.07 -24.54 -22.96
CA SER E 58 16.03 -23.66 -23.47
C SER E 58 16.21 -22.25 -22.92
N GLY E 59 15.90 -21.27 -23.77
CA GLY E 59 15.96 -19.89 -23.36
C GLY E 59 14.73 -19.12 -23.79
N GLU E 60 14.35 -18.12 -23.01
CA GLU E 60 13.25 -17.23 -23.36
C GLU E 60 13.80 -15.82 -23.39
N VAL E 61 13.31 -15.02 -24.34
CA VAL E 61 13.78 -13.65 -24.52
C VAL E 61 12.57 -12.75 -24.64
N THR E 62 12.42 -11.81 -23.72
CA THR E 62 11.36 -10.82 -23.82
C THR E 62 11.94 -9.47 -24.24
N TYR E 63 11.16 -8.71 -25.00
CA TYR E 63 11.55 -7.36 -25.40
C TYR E 63 10.33 -6.62 -25.91
N TYR E 64 10.49 -5.31 -26.13
CA TYR E 64 9.46 -4.47 -26.72
C TYR E 64 9.76 -4.28 -28.20
N GLY E 65 8.80 -4.64 -29.05
CA GLY E 65 9.01 -4.59 -30.48
C GLY E 65 9.16 -3.20 -31.05
N LYS E 66 10.21 -2.99 -31.84
CA LYS E 66 10.38 -1.73 -32.55
C LYS E 66 9.79 -1.84 -33.94
N ARG E 67 9.48 -0.69 -34.55
CA ARG E 67 8.77 -0.65 -35.82
C ARG E 67 9.45 -1.45 -36.93
N GLY E 68 10.75 -1.31 -37.12
CA GLY E 68 11.48 -2.09 -38.10
C GLY E 68 12.97 -2.00 -37.84
N ASP E 69 13.49 -3.06 -37.19
CA ASP E 69 14.93 -3.31 -37.02
C ASP E 69 15.24 -4.80 -37.14
N ALA E 70 16.51 -5.08 -37.44
CA ALA E 70 16.98 -6.31 -38.09
C ALA E 70 17.01 -7.58 -37.25
N GLY E 71 17.37 -7.50 -35.96
CA GLY E 71 17.18 -8.63 -35.07
C GLY E 71 15.73 -9.05 -34.97
N GLN E 72 14.82 -8.08 -34.85
CA GLN E 72 13.40 -8.40 -34.95
C GLN E 72 13.04 -9.00 -36.30
N LYS E 73 13.55 -8.44 -37.40
CA LYS E 73 13.38 -9.10 -38.69
C LYS E 73 14.15 -10.41 -38.76
N ALA E 74 15.26 -10.52 -38.03
CA ALA E 74 15.89 -11.82 -37.87
C ALA E 74 14.98 -12.78 -37.11
N ILE E 75 14.31 -12.27 -36.07
CA ILE E 75 13.30 -13.06 -35.37
C ILE E 75 12.15 -13.40 -36.30
N GLU E 76 11.69 -12.42 -37.08
CA GLU E 76 10.55 -12.64 -37.97
C GLU E 76 10.84 -13.69 -39.03
N ASP E 77 12.00 -13.61 -39.70
CA ASP E 77 12.43 -14.72 -40.56
C ASP E 77 12.65 -15.99 -39.75
N ALA E 78 13.23 -15.88 -38.56
CA ALA E 78 13.36 -17.06 -37.72
C ALA E 78 12.02 -17.78 -37.56
N TYR E 79 11.00 -17.10 -37.06
CA TYR E 79 9.74 -17.76 -36.78
C TYR E 79 8.91 -17.96 -38.04
N GLN E 80 8.66 -16.87 -38.78
CA GLN E 80 7.66 -16.87 -39.83
C GLN E 80 8.14 -17.62 -41.07
N ASN E 81 9.44 -17.53 -41.38
CA ASN E 81 9.99 -18.36 -42.46
C ASN E 81 10.34 -19.75 -41.95
N GLY E 82 10.68 -19.85 -40.66
CA GLY E 82 11.01 -21.12 -40.04
C GLY E 82 12.47 -21.50 -40.24
N LYS E 83 13.33 -20.87 -39.46
CA LYS E 83 14.78 -21.10 -39.50
C LYS E 83 15.27 -21.11 -38.06
N GLN E 84 16.36 -21.82 -37.79
CA GLN E 84 17.09 -21.73 -36.53
C GLN E 84 18.05 -20.55 -36.62
N ILE E 85 18.24 -19.86 -35.49
CA ILE E 85 19.16 -18.72 -35.47
C ILE E 85 20.29 -19.00 -34.49
N LYS E 86 21.49 -18.55 -34.86
CA LYS E 86 22.65 -18.68 -34.00
C LYS E 86 22.57 -17.64 -32.89
N PHE E 87 22.91 -18.07 -31.68
CA PHE E 87 22.62 -17.35 -30.44
C PHE E 87 23.92 -17.12 -29.67
N TRP E 88 24.17 -15.84 -29.36
CA TRP E 88 25.37 -15.41 -28.65
C TRP E 88 24.93 -14.56 -27.46
N ARG E 89 25.45 -14.87 -26.26
CA ARG E 89 25.23 -14.04 -25.09
C ARG E 89 26.59 -13.68 -24.52
N VAL E 90 26.89 -12.39 -24.46
CA VAL E 90 28.23 -11.96 -24.06
C VAL E 90 28.11 -10.84 -23.05
N ASP E 91 29.18 -10.67 -22.28
CA ASP E 91 29.24 -9.63 -21.27
C ASP E 91 29.87 -8.36 -21.83
N THR E 92 29.27 -7.23 -21.48
CA THR E 92 29.68 -5.93 -21.97
C THR E 92 31.01 -5.46 -21.37
N VAL E 93 31.40 -6.00 -20.21
CA VAL E 93 32.68 -5.66 -19.62
C VAL E 93 33.80 -6.37 -20.37
N LYS E 94 34.89 -5.64 -20.62
CA LYS E 94 35.99 -6.13 -21.43
C LYS E 94 36.69 -7.28 -20.72
N ASN E 95 36.88 -8.39 -21.44
CA ASN E 95 37.68 -9.49 -20.93
C ASN E 95 39.17 -9.15 -21.04
N GLU E 96 39.93 -9.54 -20.02
CA GLU E 96 41.34 -9.23 -19.97
C GLU E 96 42.22 -10.18 -20.78
N ASN E 97 41.77 -11.39 -21.06
CA ASN E 97 42.47 -12.22 -22.03
C ASN E 97 41.54 -12.61 -23.19
N ASP E 98 40.65 -11.71 -23.56
CA ASP E 98 39.90 -11.85 -24.80
C ASP E 98 39.21 -10.51 -25.09
N LYS E 99 38.53 -10.43 -26.23
CA LYS E 99 37.69 -9.27 -26.53
C LYS E 99 36.60 -9.11 -25.47
N TYR E 100 35.70 -10.07 -25.40
CA TYR E 100 34.61 -10.09 -24.45
C TYR E 100 34.44 -11.53 -23.98
N ASP E 101 33.48 -11.76 -23.09
CA ASP E 101 33.21 -13.10 -22.61
C ASP E 101 31.78 -13.49 -22.96
N ALA E 102 31.65 -14.71 -23.48
CA ALA E 102 30.44 -15.10 -24.18
C ALA E 102 30.00 -16.49 -23.76
N GLN E 103 28.75 -16.80 -24.06
CA GLN E 103 28.27 -18.17 -24.19
C GLN E 103 27.46 -18.23 -25.47
N PHE E 104 27.63 -19.32 -26.22
CA PHE E 104 27.23 -19.39 -27.62
C PHE E 104 26.41 -20.65 -27.87
N GLY E 105 25.52 -20.59 -28.84
CA GLY E 105 24.83 -21.79 -29.27
C GLY E 105 24.09 -21.60 -30.57
N PHE E 106 23.63 -22.72 -31.13
CA PHE E 106 22.66 -22.70 -32.22
C PHE E 106 21.29 -22.94 -31.61
N ALA E 107 20.34 -22.08 -31.95
CA ALA E 107 19.05 -22.04 -31.30
C ALA E 107 17.91 -22.04 -32.31
N TYR E 108 16.73 -22.41 -31.82
CA TYR E 108 15.55 -22.59 -32.65
C TYR E 108 14.44 -21.72 -32.08
N ILE E 109 13.38 -21.52 -32.86
CA ILE E 109 12.24 -20.71 -32.41
C ILE E 109 11.16 -21.63 -31.85
N GLU E 110 11.20 -21.85 -30.53
CA GLU E 110 10.18 -22.67 -29.90
C GLU E 110 8.81 -22.01 -29.83
N SER E 111 8.74 -20.73 -29.49
CA SER E 111 7.46 -20.02 -29.52
C SER E 111 7.73 -18.52 -29.48
N ARG E 112 6.76 -17.76 -29.95
CA ARG E 112 6.79 -16.30 -29.94
C ARG E 112 5.38 -15.88 -29.53
N GLU E 113 5.31 -14.81 -28.74
CA GLU E 113 4.08 -14.29 -28.20
C GLU E 113 4.10 -12.78 -28.40
N TYR E 114 3.04 -12.24 -29.01
CA TYR E 114 2.94 -10.80 -29.19
C TYR E 114 1.81 -10.22 -28.37
N SER E 115 2.16 -9.25 -27.53
CA SER E 115 1.19 -8.55 -26.71
C SER E 115 1.13 -7.09 -27.12
N ASP E 116 -0.08 -6.66 -27.46
CA ASP E 116 -0.45 -5.27 -27.65
C ASP E 116 -1.32 -4.89 -26.46
N GLY E 117 -0.92 -3.84 -25.75
CA GLY E 117 -1.71 -3.31 -24.66
C GLY E 117 -2.09 -1.86 -24.89
N VAL E 118 -3.16 -1.43 -24.23
CA VAL E 118 -3.61 -0.04 -24.29
C VAL E 118 -2.64 0.88 -23.57
N GLU E 119 -1.96 0.38 -22.54
CA GLU E 119 -0.85 1.11 -21.95
C GLU E 119 0.50 0.65 -22.45
N GLY E 120 1.51 1.51 -22.40
CA GLY E 120 2.87 1.06 -22.58
C GLY E 120 3.12 0.84 -24.06
N ALA E 121 3.88 -0.20 -24.39
CA ALA E 121 4.23 -0.47 -25.78
C ALA E 121 4.27 -1.97 -26.04
N VAL E 122 4.22 -2.33 -27.33
CA VAL E 122 4.06 -3.72 -27.74
C VAL E 122 5.13 -4.58 -27.09
N GLU E 123 4.73 -5.76 -26.62
CA GLU E 123 5.66 -6.62 -25.91
C GLU E 123 5.75 -7.98 -26.60
N ILE E 124 6.97 -8.41 -26.88
CA ILE E 124 7.21 -9.68 -27.56
C ILE E 124 7.97 -10.59 -26.62
N SER E 125 7.40 -11.76 -26.34
CA SER E 125 8.10 -12.84 -25.67
C SER E 125 8.43 -13.91 -26.70
N ILE E 126 9.70 -14.12 -26.96
CA ILE E 126 10.14 -15.15 -27.89
C ILE E 126 10.92 -16.20 -27.11
N SER E 127 10.43 -17.44 -27.17
CA SER E 127 11.03 -18.56 -26.46
C SER E 127 11.74 -19.47 -27.45
N LEU E 128 12.86 -20.02 -27.02
CA LEU E 128 13.75 -20.80 -27.88
C LEU E 128 14.29 -22.00 -27.12
N GLN E 129 14.40 -23.13 -27.81
CA GLN E 129 15.14 -24.27 -27.33
C GLN E 129 16.53 -24.21 -27.93
N VAL E 130 17.49 -24.88 -27.30
CA VAL E 130 18.83 -24.96 -27.86
C VAL E 130 19.36 -26.37 -27.58
N ILE E 131 20.32 -26.80 -28.39
CA ILE E 131 20.80 -28.18 -28.31
C ILE E 131 22.16 -28.22 -27.64
N GLY E 132 22.39 -27.30 -26.71
CA GLY E 132 23.64 -27.29 -25.98
C GLY E 132 24.37 -25.98 -26.14
N GLU E 133 24.09 -25.02 -25.26
CA GLU E 133 24.82 -23.77 -25.25
C GLU E 133 26.16 -23.93 -24.53
N LEU E 134 27.21 -23.42 -25.17
CA LEU E 134 28.56 -23.59 -24.67
C LEU E 134 29.11 -22.22 -24.31
N LYS E 135 30.02 -22.19 -23.34
CA LYS E 135 30.60 -20.94 -22.86
C LYS E 135 31.96 -20.75 -23.51
N ASN E 136 32.28 -19.51 -23.86
CA ASN E 136 33.58 -19.17 -24.42
C ASN E 136 33.86 -17.69 -24.21
N GLY E 137 34.83 -17.16 -24.95
CA GLY E 137 35.01 -15.73 -24.99
C GLY E 137 34.49 -15.13 -26.28
N GLU E 138 34.04 -13.88 -26.19
CA GLU E 138 33.41 -13.22 -27.33
C GLU E 138 34.47 -12.52 -28.15
N ILE E 139 34.40 -12.72 -29.47
CA ILE E 139 35.41 -12.16 -30.36
C ILE E 139 34.93 -10.86 -30.98
N ASP E 140 33.67 -10.82 -31.41
CA ASP E 140 33.16 -9.64 -32.08
C ASP E 140 32.72 -8.59 -31.07
N THR E 141 33.48 -7.51 -30.98
CA THR E 141 33.13 -6.37 -30.14
C THR E 141 31.83 -5.71 -30.57
N LEU E 142 31.66 -5.45 -31.89
CA LEU E 142 30.55 -4.71 -32.48
C LEU E 142 30.31 -3.43 -31.70
N PRO E 143 31.31 -2.52 -31.63
CA PRO E 143 31.36 -1.51 -30.57
C PRO E 143 30.28 -0.44 -30.63
N GLU E 144 29.45 -0.53 -31.68
CA GLU E 144 28.26 0.29 -31.83
C GLU E 144 27.25 0.00 -30.74
N GLU E 145 27.13 -1.26 -30.32
CA GLU E 145 26.09 -1.66 -29.39
C GLU E 145 26.62 -2.14 -28.04
N ILE E 146 27.41 -3.21 -28.01
CA ILE E 146 27.97 -3.74 -26.77
C ILE E 146 28.94 -2.76 -26.14
N VAL E 147 29.89 -2.25 -26.93
CA VAL E 147 30.92 -1.35 -26.41
C VAL E 147 30.26 -0.03 -26.08
N ASN E 148 29.37 0.44 -26.98
CA ASN E 148 28.72 1.74 -26.80
C ASN E 148 27.23 1.58 -26.50
N VAL E 149 26.80 1.94 -25.30
CA VAL E 149 25.37 1.99 -25.01
C VAL E 149 25.08 3.34 -24.35
N SER E 150 24.65 4.30 -25.15
CA SER E 150 24.48 5.67 -24.68
C SER E 150 23.03 6.04 -24.41
N LYS E 151 22.78 7.11 -23.68
CA LYS E 151 21.41 7.56 -23.47
C LYS E 151 20.85 8.37 -24.63
N GLY E 152 21.63 8.68 -25.66
CA GLY E 152 21.17 9.49 -26.76
C GLY E 152 21.51 10.96 -26.60
N GLY E 153 22.20 11.29 -25.52
CA GLY E 153 22.54 12.67 -25.20
C GLY E 153 23.60 13.21 -26.14
N TYR E 154 23.41 14.44 -26.58
CA TYR E 154 24.33 15.17 -27.43
C TYR E 154 24.51 16.58 -26.87
N ASP E 155 25.72 17.13 -27.03
CA ASP E 155 26.18 18.23 -26.18
C ASP E 155 25.36 19.52 -26.27
N PHE E 156 25.11 20.01 -27.49
CA PHE E 156 24.16 21.06 -27.85
C PHE E 156 23.52 20.73 -29.20
N GLN E 157 22.33 21.28 -29.40
CA GLN E 157 21.79 21.58 -30.72
C GLN E 157 21.11 22.93 -30.61
N GLN E 158 21.86 24.02 -30.84
CA GLN E 158 21.35 25.35 -30.47
C GLN E 158 21.14 26.29 -31.66
N PRO E 159 21.90 26.21 -32.78
CA PRO E 159 21.49 27.02 -33.93
C PRO E 159 20.32 26.45 -34.71
N GLY E 160 19.61 25.47 -34.17
CA GLY E 160 18.60 24.78 -34.95
C GLY E 160 19.05 23.74 -35.94
N GLN E 161 19.15 22.46 -35.55
CA GLN E 161 19.51 21.43 -36.52
C GLN E 161 18.31 20.54 -36.82
N THR E 162 17.19 21.15 -37.25
CA THR E 162 15.95 20.49 -37.68
C THR E 162 15.70 19.19 -36.91
N THR E 163 15.33 19.33 -35.65
CA THR E 163 15.33 18.17 -34.76
C THR E 163 13.95 17.51 -34.78
N GLY E 164 13.88 16.32 -34.20
CA GLY E 164 12.61 15.65 -34.00
C GLY E 164 12.50 15.04 -32.61
N GLU E 165 11.62 14.05 -32.46
CA GLU E 165 11.39 13.44 -31.15
C GLU E 165 12.59 12.60 -30.70
N ALA E 166 13.35 12.09 -31.67
CA ALA E 166 14.51 11.24 -31.41
C ALA E 166 15.64 12.08 -30.85
N PRO E 167 16.62 11.47 -30.22
CA PRO E 167 17.45 12.15 -29.23
C PRO E 167 18.54 13.00 -29.87
N GLY E 168 18.69 12.83 -31.18
CA GLY E 168 19.44 13.75 -32.01
C GLY E 168 19.16 13.72 -33.50
N THR E 169 18.32 14.63 -33.99
CA THR E 169 18.16 14.80 -35.42
C THR E 169 18.95 16.02 -35.88
N VAL E 170 19.32 15.98 -37.16
CA VAL E 170 20.06 17.06 -37.82
C VAL E 170 19.34 17.40 -39.12
N PRO E 171 19.69 18.53 -39.79
CA PRO E 171 18.99 18.86 -41.04
C PRO E 171 19.38 17.92 -42.16
N ALA E 172 18.41 17.13 -42.61
CA ALA E 172 18.58 16.03 -43.56
C ALA E 172 19.55 14.97 -43.06
N PRO F 1 19.08 -17.94 18.06
CA PRO F 1 19.18 -19.26 17.45
C PRO F 1 20.23 -19.00 16.36
N ILE F 2 20.15 -19.74 15.27
CA ILE F 2 21.07 -19.58 14.15
C ILE F 2 20.48 -18.52 13.23
N MET F 3 21.32 -17.56 12.85
CA MET F 3 20.89 -16.43 12.02
C MET F 3 20.97 -16.80 10.54
N GLY F 4 20.33 -15.97 9.72
CA GLY F 4 20.39 -16.13 8.27
C GLY F 4 21.79 -16.06 7.69
N GLN F 5 22.64 -15.18 8.22
CA GLN F 5 24.05 -15.13 7.87
C GLN F 5 24.83 -16.30 8.45
N ASP F 6 24.36 -16.86 9.56
CA ASP F 6 25.11 -17.87 10.30
C ASP F 6 25.43 -19.12 9.50
N VAL F 7 24.47 -19.70 8.78
CA VAL F 7 24.69 -20.93 8.01
C VAL F 7 25.22 -20.54 6.65
N LYS F 8 26.44 -20.99 6.32
CA LYS F 8 26.99 -20.73 5.00
C LYS F 8 27.44 -22.04 4.35
N TYR F 9 27.47 -22.01 3.02
CA TYR F 9 27.54 -23.22 2.20
C TYR F 9 28.80 -23.15 1.34
N LEU F 10 29.67 -24.15 1.50
CA LEU F 10 30.86 -24.25 0.67
C LEU F 10 30.83 -25.58 -0.09
N PHE F 11 31.46 -25.60 -1.27
CA PHE F 11 31.59 -26.82 -2.05
C PHE F 11 33.05 -27.07 -2.39
N GLN F 12 33.42 -28.34 -2.43
CA GLN F 12 34.74 -28.71 -2.93
C GLN F 12 34.57 -29.66 -4.11
N SER F 13 35.25 -29.34 -5.21
CA SER F 13 35.19 -30.16 -6.41
C SER F 13 36.02 -31.44 -6.23
N ILE F 14 35.48 -32.53 -6.77
CA ILE F 14 36.16 -33.82 -6.67
C ILE F 14 37.48 -33.84 -7.45
N ASP F 15 37.52 -33.18 -8.60
CA ASP F 15 38.65 -33.28 -9.50
C ASP F 15 39.81 -32.37 -9.10
N ALA F 16 39.58 -31.43 -8.19
CA ALA F 16 40.63 -30.47 -7.85
C ALA F 16 41.80 -31.14 -7.14
N ALA F 17 41.49 -31.97 -6.13
CA ALA F 17 42.47 -32.61 -5.24
C ALA F 17 43.33 -31.58 -4.51
N THR F 18 42.69 -30.52 -4.01
CA THR F 18 43.34 -29.45 -3.29
C THR F 18 42.92 -29.50 -1.83
N GLY F 19 43.71 -28.85 -0.97
CA GLY F 19 43.42 -28.84 0.45
C GLY F 19 42.58 -27.66 0.89
N SER F 20 41.49 -27.40 0.17
CA SER F 20 40.64 -26.25 0.49
C SER F 20 39.37 -26.25 -0.34
N ALA F 21 38.28 -25.70 0.23
CA ALA F 21 36.92 -25.69 -0.30
C ALA F 21 36.45 -24.27 -0.66
N PRO F 22 36.29 -23.93 -1.95
CA PRO F 22 35.80 -22.59 -2.30
C PRO F 22 34.32 -22.43 -2.02
N LEU F 23 33.93 -21.23 -1.60
CA LEU F 23 32.52 -20.87 -1.54
C LEU F 23 32.31 -19.55 -2.26
N PHE F 24 31.09 -19.31 -2.69
CA PHE F 24 30.94 -18.21 -3.62
C PHE F 24 30.33 -17.01 -2.91
N PRO F 25 30.74 -15.78 -3.26
CA PRO F 25 30.15 -14.61 -2.62
C PRO F 25 28.78 -14.27 -3.15
N ALA F 26 28.17 -13.27 -2.51
CA ALA F 26 26.84 -12.74 -2.83
C ALA F 26 25.78 -13.85 -2.85
N TYR F 27 25.53 -14.41 -1.67
CA TYR F 27 24.45 -15.38 -1.52
C TYR F 27 23.09 -14.69 -1.48
N GLN F 28 22.13 -15.30 -2.15
CA GLN F 28 20.76 -14.82 -2.21
C GLN F 28 20.01 -15.64 -1.16
N THR F 29 19.88 -16.95 -1.36
CA THR F 29 19.17 -17.79 -0.42
C THR F 29 19.30 -19.26 -0.79
N ASP F 30 19.15 -20.09 0.24
CA ASP F 30 19.55 -21.48 0.19
C ASP F 30 18.43 -22.31 0.78
N GLY F 31 17.83 -23.15 -0.06
CA GLY F 31 16.90 -24.13 0.42
C GLY F 31 17.40 -25.53 0.17
N SER F 32 17.54 -26.31 1.24
CA SER F 32 17.87 -27.72 1.16
C SER F 32 16.62 -28.46 1.61
N VAL F 33 16.14 -29.36 0.77
CA VAL F 33 14.87 -30.04 1.01
C VAL F 33 15.13 -31.54 1.01
N SER F 34 14.59 -32.22 2.01
CA SER F 34 14.94 -33.59 2.35
C SER F 34 13.65 -34.35 2.67
N GLY F 35 13.23 -35.20 1.73
CA GLY F 35 12.00 -35.94 1.91
C GLY F 35 12.22 -37.38 2.32
N GLU F 36 11.65 -37.78 3.45
CA GLU F 36 11.80 -39.13 3.97
C GLU F 36 10.53 -39.90 3.65
N ARG F 37 10.58 -40.72 2.61
CA ARG F 37 9.40 -41.43 2.11
C ARG F 37 8.93 -42.46 3.14
N GLU F 38 7.62 -42.67 3.19
CA GLU F 38 6.99 -43.41 4.27
C GLU F 38 6.09 -44.49 3.66
N LEU F 39 5.54 -45.33 4.53
CA LEU F 39 4.68 -46.43 4.14
C LEU F 39 3.38 -45.91 3.53
N PHE F 40 3.00 -46.51 2.40
CA PHE F 40 1.69 -46.25 1.79
C PHE F 40 0.62 -47.12 2.42
N ASP F 41 -0.48 -46.49 2.80
CA ASP F 41 -1.79 -47.13 2.92
C ASP F 41 -1.81 -47.94 4.22
N GLU F 42 -2.65 -47.50 5.16
CA GLU F 42 -2.83 -48.23 6.41
C GLU F 42 -3.59 -49.53 6.25
N GLN F 43 -4.63 -49.53 5.39
CA GLN F 43 -5.59 -50.63 5.20
C GLN F 43 -6.59 -50.70 6.35
N THR F 44 -6.79 -49.57 7.04
CA THR F 44 -7.45 -49.47 8.36
C THR F 44 -7.02 -50.61 9.28
N LYS F 45 -5.73 -50.66 9.58
CA LYS F 45 -5.15 -51.72 10.40
C LYS F 45 -4.64 -51.15 11.72
N ASN F 46 -3.38 -51.45 12.06
CA ASN F 46 -2.76 -50.92 13.27
C ASN F 46 -1.77 -49.80 12.98
N GLY F 47 -1.73 -49.29 11.75
CA GLY F 47 -0.82 -48.23 11.38
C GLY F 47 0.23 -48.73 10.42
N ARG F 48 -0.12 -48.75 9.13
CA ARG F 48 0.78 -49.22 8.09
C ARG F 48 1.21 -48.00 7.29
N ILE F 49 1.04 -46.82 7.87
CA ILE F 49 1.45 -45.57 7.24
C ILE F 49 2.54 -44.90 8.06
N LEU F 50 3.03 -45.59 9.10
CA LEU F 50 4.13 -45.09 9.91
C LEU F 50 5.44 -45.82 9.61
N GLY F 51 5.55 -46.43 8.43
CA GLY F 51 6.64 -47.32 8.10
C GLY F 51 7.80 -46.63 7.41
N PRO F 52 8.97 -47.28 7.44
CA PRO F 52 10.17 -46.65 6.88
C PRO F 52 10.22 -46.66 5.36
N GLY F 53 10.89 -45.66 4.80
CA GLY F 53 11.02 -45.53 3.37
C GLY F 53 12.34 -44.87 3.03
N SER F 54 12.60 -44.76 1.74
CA SER F 54 13.83 -44.13 1.28
C SER F 54 13.78 -42.62 1.50
N VAL F 55 14.92 -41.98 1.30
CA VAL F 55 15.06 -40.54 1.53
C VAL F 55 15.49 -39.89 0.21
N ALA F 56 14.77 -38.83 -0.16
CA ALA F 56 15.10 -38.01 -1.32
C ALA F 56 15.78 -36.75 -0.81
N ASP F 57 16.95 -36.45 -1.36
CA ASP F 57 17.80 -35.39 -0.85
C ASP F 57 18.17 -34.47 -2.01
N SER F 58 17.63 -33.26 -1.98
CA SER F 58 17.84 -32.26 -3.01
C SER F 58 18.00 -30.88 -2.38
N GLY F 59 18.85 -30.08 -2.99
CA GLY F 59 19.05 -28.72 -2.55
C GLY F 59 19.05 -27.75 -3.71
N GLU F 60 18.60 -26.52 -3.45
CA GLU F 60 18.65 -25.45 -4.44
C GLU F 60 19.45 -24.31 -3.84
N VAL F 61 20.24 -23.64 -4.68
CA VAL F 61 21.11 -22.55 -4.24
C VAL F 61 20.92 -21.38 -5.18
N THR F 62 20.46 -20.25 -4.66
CA THR F 62 20.36 -19.06 -5.47
C THR F 62 21.46 -18.07 -5.08
N TYR F 63 21.94 -17.32 -6.05
CA TYR F 63 22.93 -16.27 -5.79
C TYR F 63 23.00 -15.34 -6.99
N TYR F 64 23.72 -14.22 -6.82
CA TYR F 64 23.97 -13.27 -7.90
C TYR F 64 25.35 -13.53 -8.47
N GLY F 65 25.42 -13.77 -9.78
CA GLY F 65 26.67 -14.11 -10.42
C GLY F 65 27.69 -13.00 -10.46
N LYS F 66 28.92 -13.30 -10.04
CA LYS F 66 30.01 -12.35 -10.14
C LYS F 66 30.77 -12.60 -11.44
N ARG F 67 31.52 -11.58 -11.88
CA ARG F 67 32.18 -11.62 -13.19
C ARG F 67 33.10 -12.82 -13.37
N GLY F 68 33.95 -13.13 -12.39
CA GLY F 68 34.81 -14.30 -12.45
C GLY F 68 35.38 -14.60 -11.08
N ASP F 69 34.76 -15.58 -10.41
CA ASP F 69 35.25 -16.20 -9.17
C ASP F 69 34.97 -17.71 -9.17
N ALA F 70 35.73 -18.41 -8.34
CA ALA F 70 36.04 -19.83 -8.48
C ALA F 70 34.94 -20.84 -8.13
N GLY F 71 34.14 -20.57 -7.09
CA GLY F 71 32.93 -21.35 -6.88
C GLY F 71 31.98 -21.30 -8.05
N GLN F 72 31.78 -20.10 -8.61
CA GLN F 72 31.03 -19.98 -9.86
C GLN F 72 31.70 -20.75 -10.99
N LYS F 73 33.02 -20.64 -11.14
CA LYS F 73 33.72 -21.49 -12.08
C LYS F 73 33.69 -22.95 -11.65
N ALA F 74 33.63 -23.22 -10.35
CA ALA F 74 33.35 -24.58 -9.91
C ALA F 74 31.96 -25.01 -10.33
N ILE F 75 30.98 -24.11 -10.22
CA ILE F 75 29.64 -24.38 -10.74
C ILE F 75 29.69 -24.55 -12.25
N GLU F 76 30.42 -23.69 -12.95
CA GLU F 76 30.47 -23.76 -14.39
C GLU F 76 31.08 -25.07 -14.89
N ASP F 77 32.21 -25.49 -14.32
CA ASP F 77 32.71 -26.84 -14.59
C ASP F 77 31.74 -27.90 -14.11
N ALA F 78 31.11 -27.70 -12.94
CA ALA F 78 30.10 -28.64 -12.50
C ALA F 78 29.06 -28.87 -13.59
N TYR F 79 28.39 -27.81 -14.05
CA TYR F 79 27.29 -27.99 -15.00
C TYR F 79 27.80 -28.21 -16.41
N GLN F 80 28.65 -27.30 -16.90
CA GLN F 80 28.98 -27.26 -18.32
C GLN F 80 29.94 -28.37 -18.72
N ASN F 81 30.87 -28.76 -17.83
CA ASN F 81 31.69 -29.92 -18.10
C ASN F 81 30.97 -31.20 -17.68
N GLY F 82 30.08 -31.10 -16.70
CA GLY F 82 29.31 -32.23 -16.22
C GLY F 82 30.05 -33.07 -15.20
N LYS F 83 30.11 -32.57 -13.97
CA LYS F 83 30.77 -33.22 -12.84
C LYS F 83 29.87 -33.03 -11.63
N GLN F 84 29.95 -33.95 -10.68
CA GLN F 84 29.36 -33.80 -9.36
C GLN F 84 30.33 -33.01 -8.48
N ILE F 85 29.79 -32.17 -7.60
CA ILE F 85 30.62 -31.39 -6.70
C ILE F 85 30.33 -31.75 -5.26
N LYS F 86 31.37 -31.78 -4.44
CA LYS F 86 31.23 -32.04 -3.02
C LYS F 86 30.69 -30.80 -2.34
N PHE F 87 29.74 -31.02 -1.42
CA PHE F 87 28.88 -29.98 -0.86
C PHE F 87 29.00 -29.98 0.66
N TRP F 88 29.35 -28.81 1.20
CA TRP F 88 29.53 -28.60 2.63
C TRP F 88 28.68 -27.41 3.05
N ARG F 89 27.88 -27.57 4.11
CA ARG F 89 27.14 -26.46 4.71
C ARG F 89 27.50 -26.41 6.19
N VAL F 90 28.07 -25.29 6.61
CA VAL F 90 28.57 -25.19 7.98
C VAL F 90 28.12 -23.88 8.59
N ASP F 91 28.10 -23.87 9.92
CA ASP F 91 27.70 -22.69 10.67
C ASP F 91 28.92 -21.84 11.01
N THR F 92 28.75 -20.53 10.87
CA THR F 92 29.81 -19.55 11.09
C THR F 92 30.17 -19.38 12.56
N VAL F 93 29.25 -19.73 13.47
CA VAL F 93 29.54 -19.67 14.89
C VAL F 93 30.45 -20.82 15.29
N LYS F 94 31.45 -20.53 16.11
CA LYS F 94 32.46 -21.50 16.48
C LYS F 94 31.84 -22.61 17.32
N ASN F 95 32.10 -23.85 16.94
CA ASN F 95 31.71 -25.00 17.74
C ASN F 95 32.66 -25.15 18.94
N GLU F 96 32.10 -25.51 20.08
CA GLU F 96 32.87 -25.64 21.30
C GLU F 96 33.61 -26.95 21.44
N ASN F 97 33.17 -28.01 20.77
CA ASN F 97 33.99 -29.22 20.69
C ASN F 97 34.30 -29.56 19.23
N ASP F 98 34.49 -28.55 18.40
CA ASP F 98 35.03 -28.73 17.06
C ASP F 98 35.40 -27.36 16.50
N LYS F 99 35.98 -27.34 15.31
CA LYS F 99 36.20 -26.09 14.59
C LYS F 99 34.89 -25.38 14.33
N TYR F 100 34.04 -25.98 13.51
CA TYR F 100 32.73 -25.45 13.17
C TYR F 100 31.77 -26.63 13.13
N ASP F 101 30.51 -26.35 12.83
CA ASP F 101 29.51 -27.40 12.73
C ASP F 101 28.94 -27.42 11.31
N ALA F 102 28.84 -28.63 10.75
CA ALA F 102 28.65 -28.78 9.32
C ALA F 102 27.61 -29.85 9.05
N GLN F 103 27.09 -29.83 7.82
CA GLN F 103 26.47 -30.99 7.20
C GLN F 103 27.06 -31.10 5.80
N PHE F 104 27.35 -32.32 5.38
CA PHE F 104 28.23 -32.60 4.25
C PHE F 104 27.56 -33.57 3.29
N GLY F 105 27.91 -33.48 2.01
CA GLY F 105 27.48 -34.50 1.07
C GLY F 105 28.19 -34.38 -0.25
N PHE F 106 28.01 -35.41 -1.07
CA PHE F 106 28.39 -35.36 -2.48
C PHE F 106 27.15 -35.03 -3.28
N ALA F 107 27.25 -34.03 -4.14
CA ALA F 107 26.09 -33.47 -4.82
C ALA F 107 26.33 -33.36 -6.32
N TYR F 108 25.21 -33.24 -7.04
CA TYR F 108 25.21 -33.24 -8.50
C TYR F 108 24.52 -31.97 -8.97
N ILE F 109 24.68 -31.65 -10.26
CA ILE F 109 24.05 -30.46 -10.82
C ILE F 109 22.74 -30.85 -11.49
N GLU F 110 21.64 -30.77 -10.74
CA GLU F 110 20.34 -31.08 -11.31
C GLU F 110 19.84 -30.04 -12.30
N SER F 111 19.98 -28.75 -12.02
CA SER F 111 19.62 -27.72 -12.99
C SER F 111 20.26 -26.41 -12.56
N ARG F 112 20.42 -25.52 -13.53
CA ARG F 112 20.95 -24.17 -13.33
C ARG F 112 20.07 -23.27 -14.18
N GLU F 113 19.80 -22.08 -13.66
CA GLU F 113 18.94 -21.10 -14.30
C GLU F 113 19.65 -19.76 -14.22
N TYR F 114 19.80 -19.08 -15.35
CA TYR F 114 20.40 -17.77 -15.37
C TYR F 114 19.40 -16.70 -15.76
N SER F 115 19.26 -15.71 -14.88
CA SER F 115 18.37 -14.58 -15.10
C SER F 115 19.18 -13.31 -15.22
N ASP F 116 19.00 -12.63 -16.34
CA ASP F 116 19.48 -11.27 -16.58
C ASP F 116 18.23 -10.39 -16.57
N GLY F 117 18.24 -9.36 -15.72
CA GLY F 117 17.17 -8.39 -15.67
C GLY F 117 17.69 -6.99 -15.94
N VAL F 118 16.79 -6.12 -16.39
CA VAL F 118 17.11 -4.72 -16.62
C VAL F 118 17.36 -3.98 -15.31
N GLU F 119 16.71 -4.42 -14.23
CA GLU F 119 17.05 -3.93 -12.90
C GLU F 119 17.95 -4.87 -12.14
N GLY F 120 18.73 -4.37 -11.19
CA GLY F 120 19.39 -5.24 -10.24
C GLY F 120 20.60 -5.86 -10.90
N ALA F 121 20.87 -7.12 -10.60
CA ALA F 121 22.05 -7.79 -11.14
C ALA F 121 21.74 -9.26 -11.43
N VAL F 122 22.60 -9.87 -12.26
CA VAL F 122 22.35 -11.20 -12.79
C VAL F 122 22.06 -12.16 -11.64
N GLU F 123 21.07 -13.04 -11.85
CA GLU F 123 20.66 -13.95 -10.79
C GLU F 123 20.76 -15.38 -11.27
N ILE F 124 21.44 -16.21 -10.50
CA ILE F 124 21.64 -17.61 -10.83
C ILE F 124 20.96 -18.47 -9.78
N SER F 125 20.05 -19.33 -10.24
CA SER F 125 19.47 -20.38 -9.42
C SER F 125 20.07 -21.70 -9.87
N ILE F 126 20.84 -22.34 -9.00
CA ILE F 126 21.42 -23.65 -9.30
C ILE F 126 20.81 -24.67 -8.35
N SER F 127 20.18 -25.68 -8.91
CA SER F 127 19.51 -26.74 -8.17
C SER F 127 20.33 -28.02 -8.26
N LEU F 128 20.35 -28.77 -7.16
CA LEU F 128 21.19 -29.95 -7.03
C LEU F 128 20.43 -31.04 -6.30
N GLN F 129 20.64 -32.27 -6.75
CA GLN F 129 20.21 -33.45 -6.00
C GLN F 129 21.40 -33.95 -5.21
N VAL F 130 21.14 -34.71 -4.15
CA VAL F 130 22.22 -35.31 -3.38
C VAL F 130 21.78 -36.70 -2.96
N ILE F 131 22.73 -37.58 -2.71
CA ILE F 131 22.43 -38.98 -2.42
C ILE F 131 22.55 -39.27 -0.94
N GLY F 132 22.27 -38.27 -0.11
CA GLY F 132 22.32 -38.46 1.32
C GLY F 132 23.28 -37.50 1.98
N GLU F 133 22.79 -36.33 2.37
CA GLU F 133 23.59 -35.39 3.12
C GLU F 133 23.63 -35.78 4.59
N LEU F 134 24.84 -35.76 5.14
CA LEU F 134 25.06 -36.21 6.51
C LEU F 134 25.55 -35.02 7.32
N LYS F 135 25.24 -35.03 8.62
CA LYS F 135 25.60 -33.94 9.51
C LYS F 135 26.87 -34.31 10.27
N ASN F 136 27.74 -33.34 10.49
CA ASN F 136 28.96 -33.55 11.27
C ASN F 136 29.46 -32.22 11.79
N GLY F 137 30.71 -32.18 12.21
CA GLY F 137 31.34 -30.91 12.52
C GLY F 137 32.32 -30.50 11.43
N GLU F 138 32.47 -29.19 11.27
CA GLU F 138 33.29 -28.65 10.19
C GLU F 138 34.73 -28.52 10.66
N ILE F 139 35.66 -28.99 9.84
CA ILE F 139 37.06 -28.98 10.21
C ILE F 139 37.78 -27.77 9.61
N ASP F 140 37.49 -27.45 8.36
CA ASP F 140 38.20 -26.36 7.70
C ASP F 140 37.55 -25.02 8.04
N THR F 141 38.25 -24.22 8.84
CA THR F 141 37.81 -22.88 9.17
C THR F 141 37.75 -21.98 7.95
N LEU F 142 38.79 -21.99 7.09
CA LEU F 142 38.98 -21.11 5.94
C LEU F 142 38.69 -19.67 6.35
N PRO F 143 39.46 -19.12 7.31
CA PRO F 143 39.00 -17.94 8.08
C PRO F 143 38.90 -16.65 7.28
N GLU F 144 39.28 -16.73 6.01
CA GLU F 144 39.10 -15.65 5.05
C GLU F 144 37.62 -15.36 4.82
N GLU F 145 36.79 -16.40 4.80
CA GLU F 145 35.39 -16.25 4.44
C GLU F 145 34.43 -16.54 5.59
N ILE F 146 34.41 -17.76 6.11
CA ILE F 146 33.52 -18.13 7.21
C ILE F 146 33.86 -17.36 8.48
N VAL F 147 35.14 -17.36 8.86
CA VAL F 147 35.57 -16.72 10.10
C VAL F 147 35.44 -15.21 9.91
N ASN F 148 35.87 -14.72 8.74
CA ASN F 148 35.87 -13.29 8.47
C ASN F 148 34.84 -12.93 7.41
N VAL F 149 33.81 -12.18 7.78
CA VAL F 149 32.89 -11.64 6.79
C VAL F 149 32.70 -10.15 7.09
N SER F 150 33.46 -9.31 6.39
CA SER F 150 33.49 -7.89 6.69
C SER F 150 32.69 -7.06 5.71
N LYS F 151 32.36 -5.82 6.06
CA LYS F 151 31.68 -4.94 5.12
C LYS F 151 32.60 -4.29 4.09
N GLY F 152 33.91 -4.48 4.18
CA GLY F 152 34.85 -3.84 3.27
C GLY F 152 35.40 -2.54 3.82
N GLY F 153 35.02 -2.20 5.04
CA GLY F 153 35.43 -0.95 5.65
C GLY F 153 36.89 -0.98 6.06
N TYR F 154 37.58 0.12 5.79
CA TYR F 154 38.98 0.32 6.14
C TYR F 154 39.13 1.70 6.78
N ASP F 155 40.07 1.81 7.74
CA ASP F 155 40.01 2.89 8.72
C ASP F 155 40.14 4.30 8.17
N PHE F 156 41.14 4.55 7.32
CA PHE F 156 41.33 5.73 6.47
C PHE F 156 41.96 5.31 5.15
N GLN F 157 41.72 6.13 4.13
CA GLN F 157 42.60 6.25 2.96
C GLN F 157 42.66 7.73 2.64
N GLN F 158 43.59 8.47 3.26
CA GLN F 158 43.53 9.93 3.22
C GLN F 158 44.70 10.59 2.48
N PRO F 159 45.92 10.03 2.44
CA PRO F 159 46.93 10.64 1.56
C PRO F 159 46.75 10.28 0.09
N GLY F 160 45.62 9.71 -0.30
CA GLY F 160 45.48 9.19 -1.64
C GLY F 160 46.12 7.86 -1.97
N GLN F 161 45.41 6.74 -1.81
CA GLN F 161 45.98 5.46 -2.21
C GLN F 161 45.30 4.93 -3.46
N THR F 162 45.30 5.72 -4.53
CA THR F 162 44.78 5.38 -5.87
C THR F 162 43.59 4.43 -5.78
N THR F 163 42.45 4.96 -5.36
CA THR F 163 41.34 4.09 -4.99
C THR F 163 40.44 3.89 -6.19
N GLY F 164 39.52 2.94 -6.07
CA GLY F 164 38.47 2.74 -7.07
C GLY F 164 37.11 2.54 -6.45
N GLU F 165 36.20 1.92 -7.18
CA GLU F 165 34.82 1.72 -6.70
C GLU F 165 34.78 0.69 -5.58
N ALA F 166 35.74 -0.25 -5.56
CA ALA F 166 35.81 -1.32 -4.58
C ALA F 166 36.23 -0.74 -3.24
N PRO F 167 36.01 -1.47 -2.15
CA PRO F 167 35.88 -0.83 -0.84
C PRO F 167 37.23 -0.53 -0.21
N GLY F 168 38.28 -1.03 -0.85
CA GLY F 168 39.65 -0.60 -0.61
C GLY F 168 40.66 -0.88 -1.68
N THR F 169 40.96 0.10 -2.54
CA THR F 169 42.08 -0.03 -3.46
C THR F 169 43.27 0.75 -2.94
N VAL F 170 44.45 0.32 -3.36
CA VAL F 170 45.71 0.95 -3.02
C VAL F 170 46.51 1.19 -4.30
N PRO F 171 47.61 1.97 -4.27
CA PRO F 171 48.38 2.19 -5.50
C PRO F 171 49.11 0.95 -5.94
N ALA F 172 48.70 0.40 -7.09
CA ALA F 172 49.14 -0.89 -7.62
C ALA F 172 48.85 -2.04 -6.66
N PRO G 1 3.47 16.39 39.85
CA PRO G 1 3.56 15.00 39.38
C PRO G 1 5.06 14.89 39.11
N ILE G 2 5.44 14.04 38.16
CA ILE G 2 6.82 13.86 37.76
C ILE G 2 7.15 14.89 36.70
N MET G 3 8.27 15.61 36.89
CA MET G 3 8.68 16.67 36.00
C MET G 3 9.47 16.11 34.82
N GLY G 4 9.64 16.96 33.80
CA GLY G 4 10.46 16.60 32.65
C GLY G 4 11.91 16.29 32.98
N GLN G 5 12.49 17.01 33.92
CA GLN G 5 13.82 16.71 34.44
C GLN G 5 13.82 15.49 35.34
N ASP G 6 12.68 15.18 35.96
CA ASP G 6 12.61 14.14 36.98
C ASP G 6 12.99 12.75 36.47
N VAL G 7 12.49 12.31 35.33
CA VAL G 7 12.78 10.98 34.81
C VAL G 7 14.07 11.06 34.00
N LYS G 8 15.09 10.32 34.43
CA LYS G 8 16.34 10.28 33.67
C LYS G 8 16.72 8.84 33.37
N TYR G 9 17.51 8.68 32.29
CA TYR G 9 17.72 7.40 31.64
C TYR G 9 19.21 7.07 31.67
N LEU G 10 19.55 5.94 32.27
CA LEU G 10 20.94 5.47 32.27
C LEU G 10 21.00 4.10 31.61
N PHE G 11 22.15 3.79 31.01
CA PHE G 11 22.39 2.49 30.41
C PHE G 11 23.66 1.88 30.99
N GLN G 12 23.66 0.56 31.13
CA GLN G 12 24.88 -0.15 31.47
C GLN G 12 25.18 -1.18 30.39
N SER G 13 26.40 -1.16 29.89
CA SER G 13 26.83 -2.10 28.85
C SER G 13 27.06 -3.48 29.44
N ILE G 14 26.66 -4.50 28.67
CA ILE G 14 26.81 -5.88 29.12
C ILE G 14 28.27 -6.28 29.23
N ASP G 15 29.13 -5.81 28.33
CA ASP G 15 30.50 -6.26 28.25
C ASP G 15 31.41 -5.59 29.26
N ALA G 16 30.96 -4.51 29.89
CA ALA G 16 31.84 -3.76 30.80
C ALA G 16 32.20 -4.59 32.03
N ALA G 17 31.18 -5.19 32.67
CA ALA G 17 31.28 -5.91 33.95
C ALA G 17 31.81 -5.01 35.07
N THR G 18 31.30 -3.78 35.12
CA THR G 18 31.68 -2.80 36.12
C THR G 18 30.52 -2.55 37.06
N GLY G 19 30.81 -2.00 38.23
CA GLY G 19 29.79 -1.74 39.23
C GLY G 19 29.17 -0.36 39.12
N SER G 20 28.80 0.05 37.92
CA SER G 20 28.24 1.37 37.72
C SER G 20 27.70 1.56 36.30
N ALA G 21 26.66 2.40 36.16
CA ALA G 21 25.89 2.64 34.93
C ALA G 21 26.08 4.06 34.41
N PRO G 22 26.76 4.25 33.26
CA PRO G 22 26.91 5.62 32.74
C PRO G 22 25.63 6.15 32.11
N LEU G 23 25.39 7.44 32.26
CA LEU G 23 24.34 8.10 31.50
C LEU G 23 24.91 9.33 30.82
N PHE G 24 24.25 9.77 29.77
CA PHE G 24 24.93 10.74 28.96
C PHE G 24 24.36 12.14 29.21
N PRO G 25 25.19 13.19 29.18
CA PRO G 25 24.65 14.54 29.41
C PRO G 25 23.96 15.09 28.17
N ALA G 26 23.36 16.28 28.37
CA ALA G 26 22.63 17.04 27.36
C ALA G 26 21.54 16.20 26.70
N TYR G 27 20.54 15.86 27.51
CA TYR G 27 19.35 15.18 26.99
C TYR G 27 18.43 16.16 26.27
N GLN G 28 17.90 15.69 25.15
CA GLN G 28 16.98 16.44 24.32
C GLN G 28 15.59 15.95 24.73
N THR G 29 15.27 14.69 24.46
CA THR G 29 13.96 14.15 24.80
C THR G 29 13.90 12.64 24.55
N ASP G 30 12.99 12.01 25.28
CA ASP G 30 12.99 10.57 25.44
C ASP G 30 11.56 10.09 25.26
N GLY G 31 11.35 9.30 24.21
CA GLY G 31 10.10 8.61 24.04
C GLY G 31 10.28 7.12 24.09
N SER G 32 9.59 6.48 25.03
CA SER G 32 9.55 5.03 25.11
C SER G 32 8.12 4.65 24.76
N VAL G 33 7.98 3.77 23.77
CA VAL G 33 6.69 3.42 23.23
C VAL G 33 6.51 1.91 23.35
N SER G 34 5.34 1.50 23.83
CA SER G 34 5.09 0.14 24.28
C SER G 34 3.71 -0.27 23.78
N GLY G 35 3.68 -1.11 22.75
CA GLY G 35 2.42 -1.54 22.18
C GLY G 35 2.00 -2.93 22.61
N GLU G 36 0.82 -3.05 23.20
CA GLU G 36 0.29 -4.33 23.67
C GLU G 36 -0.72 -4.83 22.66
N ARG G 37 -0.30 -5.77 21.83
CA ARG G 37 -1.12 -6.25 20.73
C ARG G 37 -2.33 -7.02 21.27
N GLU G 38 -3.45 -6.93 20.55
CA GLU G 38 -4.74 -7.37 21.05
C GLU G 38 -5.37 -8.29 20.02
N LEU G 39 -6.52 -8.88 20.39
CA LEU G 39 -7.25 -9.80 19.55
C LEU G 39 -7.79 -9.09 18.32
N PHE G 40 -7.62 -9.73 17.17
CA PHE G 40 -8.23 -9.28 15.92
C PHE G 40 -9.65 -9.80 15.79
N ASP G 41 -10.58 -8.90 15.48
CA ASP G 41 -11.83 -9.21 14.82
C ASP G 41 -12.79 -9.83 15.85
N GLU G 42 -13.87 -9.11 16.14
CA GLU G 42 -14.89 -9.61 17.05
C GLU G 42 -15.73 -10.72 16.45
N GLN G 43 -16.06 -10.60 15.15
CA GLN G 43 -16.99 -11.49 14.42
C GLN G 43 -18.45 -11.18 14.78
N THR G 44 -18.71 -9.95 15.25
CA THR G 44 -19.94 -9.55 15.95
C THR G 44 -20.42 -10.63 16.93
N LYS G 45 -19.57 -10.92 17.92
CA LYS G 45 -19.85 -11.96 18.90
C LYS G 45 -20.03 -11.36 20.29
N ASN G 46 -19.31 -11.88 21.27
CA ASN G 46 -19.37 -11.35 22.63
C ASN G 46 -18.14 -10.52 22.99
N GLY G 47 -17.30 -10.20 22.02
CA GLY G 47 -16.10 -9.42 22.28
C GLY G 47 -14.85 -10.26 22.07
N ARG G 48 -14.43 -10.35 20.82
CA ARG G 48 -13.25 -11.15 20.48
C ARG G 48 -12.14 -10.16 20.09
N ILE G 49 -12.31 -8.91 20.50
CA ILE G 49 -11.31 -7.87 20.25
C ILE G 49 -10.75 -7.35 21.57
N LEU G 50 -11.12 -8.00 22.67
CA LEU G 50 -10.59 -7.66 23.99
C LEU G 50 -9.57 -8.68 24.48
N GLY G 51 -8.97 -9.44 23.56
CA GLY G 51 -8.16 -10.59 23.91
C GLY G 51 -6.68 -10.27 24.02
N PRO G 52 -5.94 -11.13 24.70
CA PRO G 52 -4.52 -10.87 24.94
C PRO G 52 -3.63 -11.08 23.74
N GLY G 53 -2.54 -10.33 23.68
CA GLY G 53 -1.59 -10.42 22.58
C GLY G 53 -0.20 -10.11 23.09
N SER G 54 0.76 -10.23 22.18
CA SER G 54 2.15 -9.95 22.53
C SER G 54 2.37 -8.45 22.72
N VAL G 55 3.54 -8.10 23.23
CA VAL G 55 3.89 -6.72 23.53
C VAL G 55 5.13 -6.34 22.71
N ALA G 56 5.03 -5.20 22.02
CA ALA G 56 6.15 -4.63 21.28
C ALA G 56 6.73 -3.50 22.11
N ASP G 57 8.03 -3.54 22.35
CA ASP G 57 8.68 -2.62 23.27
C ASP G 57 9.85 -1.97 22.55
N SER G 58 9.72 -0.68 22.31
CA SER G 58 10.71 0.12 21.59
C SER G 58 10.84 1.49 22.24
N GLY G 59 12.06 2.00 22.24
CA GLY G 59 12.31 3.32 22.75
C GLY G 59 13.21 4.12 21.83
N GLU G 60 13.02 5.44 21.81
CA GLU G 60 13.88 6.34 21.05
C GLU G 60 14.46 7.34 22.03
N VAL G 61 15.72 7.70 21.81
CA VAL G 61 16.43 8.62 22.69
C VAL G 61 17.12 9.67 21.84
N THR G 62 16.74 10.93 22.02
CA THR G 62 17.42 12.02 21.34
C THR G 62 18.31 12.77 22.31
N TYR G 63 19.43 13.27 21.80
CA TYR G 63 20.33 14.10 22.61
C TYR G 63 21.29 14.84 21.69
N TYR G 64 22.05 15.78 22.25
CA TYR G 64 23.09 16.51 21.55
C TYR G 64 24.43 15.89 21.87
N GLY G 65 25.16 15.47 20.83
CA GLY G 65 26.41 14.78 21.02
C GLY G 65 27.53 15.62 21.60
N LYS G 66 28.17 15.13 22.65
CA LYS G 66 29.33 15.79 23.22
C LYS G 66 30.61 15.22 22.59
N ARG G 67 31.70 15.98 22.67
CA ARG G 67 32.94 15.63 21.99
C ARG G 67 33.46 14.25 22.35
N GLY G 68 33.51 13.89 23.62
CA GLY G 68 33.92 12.57 24.05
C GLY G 68 33.53 12.32 25.49
N ASP G 69 32.41 11.59 25.65
CA ASP G 69 31.95 11.04 26.93
C ASP G 69 31.35 9.64 26.73
N ALA G 70 31.31 8.91 27.85
CA ALA G 70 31.26 7.44 27.89
C ALA G 70 29.95 6.76 27.51
N GLY G 71 28.80 7.33 27.91
CA GLY G 71 27.53 6.86 27.36
C GLY G 71 27.46 6.98 25.85
N GLN G 72 27.91 8.12 25.31
CA GLN G 72 28.05 8.23 23.87
C GLN G 72 29.03 7.19 23.31
N LYS G 73 30.17 6.99 23.95
CA LYS G 73 31.04 5.89 23.56
C LYS G 73 30.41 4.54 23.86
N ALA G 74 29.56 4.46 24.88
CA ALA G 74 28.76 3.26 25.06
C ALA G 74 27.78 3.09 23.91
N ILE G 75 27.18 4.19 23.45
CA ILE G 75 26.35 4.17 22.25
C ILE G 75 27.18 3.79 21.03
N GLU G 76 28.37 4.38 20.91
CA GLU G 76 29.21 4.11 19.75
C GLU G 76 29.64 2.65 19.67
N ASP G 77 30.10 2.06 20.78
CA ASP G 77 30.30 0.62 20.80
C ASP G 77 28.99 -0.14 20.62
N ALA G 78 27.91 0.35 21.22
CA ALA G 78 26.62 -0.27 20.98
C ALA G 78 26.35 -0.42 19.48
N TYR G 79 26.35 0.70 18.75
CA TYR G 79 25.98 0.64 17.34
C TYR G 79 27.12 0.13 16.47
N GLN G 80 28.29 0.76 16.58
CA GLN G 80 29.36 0.56 15.61
C GLN G 80 30.06 -0.79 15.80
N ASN G 81 30.19 -1.25 17.06
CA ASN G 81 30.68 -2.59 17.28
C ASN G 81 29.56 -3.61 17.18
N GLY G 82 28.34 -3.19 17.48
CA GLY G 82 27.18 -4.07 17.39
C GLY G 82 26.98 -4.90 18.65
N LYS G 83 26.46 -4.28 19.69
CA LYS G 83 26.18 -4.90 20.98
C LYS G 83 24.84 -4.37 21.46
N GLN G 84 24.14 -5.16 22.27
CA GLN G 84 22.97 -4.71 23.01
C GLN G 84 23.44 -4.05 24.30
N ILE G 85 22.72 -3.01 24.72
CA ILE G 85 23.09 -2.31 25.96
C ILE G 85 21.94 -2.42 26.96
N LYS G 86 22.30 -2.57 28.23
CA LYS G 86 21.33 -2.61 29.30
C LYS G 86 20.83 -1.21 29.58
N PHE G 87 19.51 -1.09 29.78
CA PHE G 87 18.78 0.16 29.76
C PHE G 87 18.03 0.35 31.07
N TRP G 88 18.29 1.47 31.74
CA TRP G 88 17.69 1.81 33.02
C TRP G 88 17.08 3.20 32.90
N ARG G 89 15.82 3.35 33.30
CA ARG G 89 15.18 4.67 33.39
C ARG G 89 14.64 4.83 34.81
N VAL G 90 15.12 5.85 35.51
CA VAL G 90 14.79 6.00 36.91
C VAL G 90 14.41 7.45 37.19
N ASP G 91 13.66 7.63 38.27
CA ASP G 91 13.22 8.96 38.67
C ASP G 91 14.20 9.56 39.67
N THR G 92 14.48 10.85 39.48
CA THR G 92 15.44 11.58 40.29
C THR G 92 14.93 11.86 41.71
N VAL G 93 13.61 11.83 41.91
CA VAL G 93 13.07 12.02 43.24
C VAL G 93 13.26 10.75 44.07
N LYS G 94 13.66 10.93 45.32
CA LYS G 94 14.00 9.81 46.19
C LYS G 94 12.77 8.97 46.49
N ASN G 95 12.87 7.67 46.31
CA ASN G 95 11.83 6.75 46.71
C ASN G 95 11.87 6.55 48.22
N GLU G 96 10.68 6.46 48.83
CA GLU G 96 10.58 6.33 50.28
C GLU G 96 10.75 4.92 50.78
N ASN G 97 10.52 3.90 49.95
CA ASN G 97 10.90 2.54 50.33
C ASN G 97 11.87 1.96 49.31
N ASP G 98 12.75 2.79 48.75
CA ASP G 98 13.88 2.32 47.98
C ASP G 98 14.82 3.49 47.75
N LYS G 99 15.96 3.24 47.11
CA LYS G 99 16.86 4.30 46.70
C LYS G 99 16.14 5.25 45.74
N TYR G 100 15.79 4.75 44.57
CA TYR G 100 15.09 5.50 43.55
C TYR G 100 14.04 4.58 42.93
N ASP G 101 13.29 5.08 41.97
CA ASP G 101 12.30 4.27 41.28
C ASP G 101 12.64 4.19 39.80
N ALA G 102 12.57 2.98 39.26
CA ALA G 102 13.18 2.68 37.99
C ALA G 102 12.25 1.84 37.13
N GLN G 103 12.53 1.82 35.83
CA GLN G 103 12.11 0.76 34.93
C GLN G 103 13.33 0.34 34.13
N PHE G 104 13.48 -0.96 33.93
CA PHE G 104 14.73 -1.57 33.51
C PHE G 104 14.50 -2.49 32.32
N GLY G 105 15.52 -2.63 31.47
CA GLY G 105 15.45 -3.64 30.43
C GLY G 105 16.79 -3.86 29.77
N PHE G 106 16.85 -4.92 28.96
CA PHE G 106 17.95 -5.13 28.03
C PHE G 106 17.50 -4.64 26.67
N ALA G 107 18.32 -3.81 26.05
CA ALA G 107 17.93 -3.09 24.84
C ALA G 107 18.99 -3.23 23.75
N TYR G 108 18.55 -2.97 22.53
CA TYR G 108 19.36 -3.15 21.33
C TYR G 108 19.40 -1.84 20.57
N ILE G 109 20.34 -1.72 19.63
CA ILE G 109 20.45 -0.51 18.83
C ILE G 109 19.70 -0.69 17.52
N GLU G 110 18.43 -0.27 17.50
CA GLU G 110 17.65 -0.36 16.27
C GLU G 110 18.07 0.63 15.20
N SER G 111 18.35 1.88 15.54
CA SER G 111 18.87 2.83 14.58
C SER G 111 19.47 4.02 15.32
N ARG G 112 20.36 4.72 14.64
CA ARG G 112 21.01 5.94 15.13
C ARG G 112 21.02 6.89 13.95
N GLU G 113 20.81 8.16 14.24
CA GLU G 113 20.74 9.23 13.25
C GLU G 113 21.59 10.38 13.76
N TYR G 114 22.51 10.84 12.93
CA TYR G 114 23.33 11.99 13.29
C TYR G 114 23.02 13.19 12.42
N SER G 115 22.68 14.29 13.08
CA SER G 115 22.39 15.55 12.41
C SER G 115 23.42 16.58 12.82
N ASP G 116 24.08 17.14 11.80
CA ASP G 116 24.92 18.32 11.91
C ASP G 116 24.16 19.45 11.23
N GLY G 117 23.95 20.55 11.95
CA GLY G 117 23.34 21.73 11.39
C GLY G 117 24.24 22.93 11.50
N VAL G 118 24.00 23.92 10.64
CA VAL G 118 24.74 25.17 10.67
C VAL G 118 24.38 26.00 11.89
N GLU G 119 23.16 25.86 12.39
CA GLU G 119 22.80 26.43 13.69
C GLU G 119 22.85 25.41 14.81
N GLY G 120 23.05 25.85 16.04
CA GLY G 120 22.83 24.99 17.19
C GLY G 120 23.99 24.04 17.32
N ALA G 121 23.72 22.79 17.70
CA ALA G 121 24.78 21.82 17.92
C ALA G 121 24.33 20.43 17.46
N VAL G 122 25.32 19.54 17.27
CA VAL G 122 25.08 18.24 16.67
C VAL G 122 23.96 17.52 17.42
N GLU G 123 23.08 16.87 16.66
CA GLU G 123 21.93 16.20 17.27
C GLU G 123 21.92 14.74 16.90
N ILE G 124 21.81 13.89 17.91
CA ILE G 124 21.80 12.44 17.72
C ILE G 124 20.46 11.89 18.16
N SER G 125 19.78 11.21 17.25
CA SER G 125 18.60 10.42 17.57
C SER G 125 18.99 8.96 17.51
N ILE G 126 18.94 8.28 18.65
CA ILE G 126 19.24 6.86 18.72
C ILE G 126 17.97 6.12 19.12
N SER G 127 17.54 5.21 18.26
CA SER G 127 16.33 4.43 18.47
C SER G 127 16.70 3.00 18.83
N LEU G 128 15.91 2.40 19.73
CA LEU G 128 16.20 1.11 20.29
C LEU G 128 14.92 0.30 20.42
N GLN G 129 15.02 -1.00 20.16
CA GLN G 129 13.97 -1.94 20.49
C GLN G 129 14.33 -2.58 21.81
N VAL G 130 13.35 -3.13 22.52
CA VAL G 130 13.61 -3.85 23.75
C VAL G 130 12.66 -5.04 23.80
N ILE G 131 13.06 -6.07 24.55
CA ILE G 131 12.30 -7.32 24.56
C ILE G 131 11.50 -7.44 25.85
N GLY G 132 11.06 -6.31 26.39
CA GLY G 132 10.24 -6.31 27.58
C GLY G 132 10.88 -5.51 28.69
N GLU G 133 10.56 -4.23 28.74
CA GLU G 133 11.02 -3.40 29.84
C GLU G 133 10.13 -3.59 31.07
N LEU G 134 10.77 -3.77 32.22
CA LEU G 134 10.06 -4.08 33.45
C LEU G 134 10.29 -2.93 34.42
N LYS G 135 9.32 -2.71 35.30
CA LYS G 135 9.37 -1.62 36.26
C LYS G 135 9.85 -2.16 37.60
N ASN G 136 10.66 -1.38 38.31
CA ASN G 136 11.13 -1.75 39.64
C ASN G 136 11.57 -0.50 40.38
N GLY G 137 12.33 -0.69 41.45
CA GLY G 137 12.98 0.44 42.09
C GLY G 137 14.46 0.49 41.77
N GLU G 138 15.00 1.70 41.77
CA GLU G 138 16.38 1.90 41.35
C GLU G 138 17.28 1.78 42.58
N ILE G 139 18.37 1.02 42.42
CA ILE G 139 19.26 0.77 43.55
C ILE G 139 20.46 1.70 43.49
N ASP G 140 21.03 1.90 42.31
CA ASP G 140 22.23 2.74 42.20
C ASP G 140 21.87 4.21 42.14
N THR G 141 22.17 4.93 43.21
CA THR G 141 21.98 6.37 43.25
C THR G 141 22.84 7.10 42.24
N LEU G 142 24.14 6.75 42.14
CA LEU G 142 25.16 7.41 41.33
C LEU G 142 25.07 8.92 41.53
N PRO G 143 25.27 9.41 42.78
CA PRO G 143 24.78 10.74 43.16
C PRO G 143 25.47 11.92 42.48
N GLU G 144 26.47 11.58 41.66
CA GLU G 144 27.13 12.56 40.79
C GLU G 144 26.17 13.13 39.76
N GLU G 145 25.27 12.30 39.24
CA GLU G 145 24.40 12.71 38.14
C GLU G 145 22.93 12.79 38.52
N ILE G 146 22.31 11.68 38.92
CA ILE G 146 20.90 11.66 39.29
C ILE G 146 20.65 12.48 40.55
N VAL G 147 21.44 12.26 41.59
CA VAL G 147 21.25 12.94 42.86
C VAL G 147 21.63 14.40 42.67
N ASN G 148 22.75 14.62 41.98
CA ASN G 148 23.27 15.98 41.78
C ASN G 148 23.14 16.42 40.33
N VAL G 149 22.30 17.42 40.06
CA VAL G 149 22.28 18.01 38.73
C VAL G 149 22.33 19.54 38.90
N SER G 150 23.54 20.09 38.79
CA SER G 150 23.75 21.50 39.08
C SER G 150 23.87 22.36 37.84
N LYS G 151 23.75 23.67 37.96
CA LYS G 151 23.96 24.55 36.81
C LYS G 151 25.43 24.84 36.52
N GLY G 152 26.36 24.37 37.35
CA GLY G 152 27.76 24.68 37.15
C GLY G 152 28.23 25.88 37.94
N GLY G 153 27.32 26.45 38.73
CA GLY G 153 27.62 27.65 39.50
C GLY G 153 28.54 27.35 40.68
N TYR G 154 29.51 28.23 40.87
CA TYR G 154 30.47 28.17 41.97
C TYR G 154 30.57 29.55 42.61
N ASP G 155 30.79 29.57 43.94
CA ASP G 155 30.47 30.76 44.73
C ASP G 155 31.24 32.02 44.38
N PHE G 156 32.58 31.94 44.28
CA PHE G 156 33.50 32.93 43.71
C PHE G 156 34.62 32.21 42.99
N GLN G 157 35.22 32.93 42.03
CA GLN G 157 36.59 32.71 41.59
C GLN G 157 37.20 34.09 41.38
N GLN G 158 37.77 34.67 42.45
CA GLN G 158 38.11 36.09 42.41
C GLN G 158 39.61 36.38 42.50
N PRO G 159 40.46 35.57 43.16
CA PRO G 159 41.91 35.82 43.02
C PRO G 159 42.49 35.33 41.72
N GLY G 160 41.68 34.98 40.74
CA GLY G 160 42.20 34.33 39.55
C GLY G 160 42.55 32.86 39.62
N GLN G 161 41.61 31.96 39.31
CA GLN G 161 41.96 30.54 39.28
C GLN G 161 42.00 30.02 37.86
N THR G 162 42.80 30.64 37.01
CA THR G 162 43.06 30.25 35.61
C THR G 162 41.83 29.60 34.97
N THR G 163 40.82 30.43 34.67
CA THR G 163 39.53 29.87 34.32
C THR G 163 39.44 29.73 32.80
N GLY G 164 38.40 29.02 32.35
CA GLY G 164 38.09 28.92 30.93
C GLY G 164 36.62 29.11 30.66
N GLU G 165 36.15 28.61 29.50
CA GLU G 165 34.75 28.78 29.11
C GLU G 165 33.83 27.94 29.98
N ALA G 166 34.35 26.83 30.52
CA ALA G 166 33.58 25.91 31.35
C ALA G 166 33.29 26.55 32.70
N PRO G 167 32.33 26.03 33.44
CA PRO G 167 31.64 26.83 34.46
C PRO G 167 32.44 26.92 35.77
N GLY G 168 33.50 26.12 35.82
CA GLY G 168 34.54 26.27 36.81
C GLY G 168 35.88 25.64 36.51
N THR G 169 36.84 26.41 36.02
CA THR G 169 38.20 25.93 35.90
C THR G 169 39.06 26.49 37.03
N VAL G 170 40.11 25.76 37.35
CA VAL G 170 41.08 26.13 38.38
C VAL G 170 42.47 26.02 37.79
N PRO G 171 43.52 26.53 38.47
CA PRO G 171 44.87 26.43 37.90
C PRO G 171 45.39 25.01 37.94
N ALA G 172 45.56 24.43 36.76
CA ALA G 172 45.89 23.01 36.55
C ALA G 172 44.83 22.08 37.14
N PRO H 1 -23.52 23.85 27.30
CA PRO H 1 -23.61 22.43 26.95
C PRO H 1 -22.68 21.83 28.01
N ILE H 2 -22.06 20.71 27.68
CA ILE H 2 -21.12 20.03 28.57
C ILE H 2 -19.74 20.65 28.35
N MET H 3 -19.08 21.02 29.43
CA MET H 3 -17.79 21.68 29.38
C MET H 3 -16.66 20.64 29.29
N GLY H 4 -15.47 21.12 28.95
CA GLY H 4 -14.28 20.27 28.92
C GLY H 4 -13.93 19.64 30.25
N GLN H 5 -14.11 20.38 31.35
CA GLN H 5 -13.97 19.83 32.69
C GLN H 5 -15.12 18.92 33.07
N ASP H 6 -16.29 19.12 32.47
CA ASP H 6 -17.51 18.41 32.87
C ASP H 6 -17.42 16.91 32.75
N VAL H 7 -16.93 16.37 31.64
CA VAL H 7 -16.86 14.93 31.44
C VAL H 7 -15.56 14.43 32.03
N LYS H 8 -15.64 13.55 33.03
CA LYS H 8 -14.45 12.96 33.61
C LYS H 8 -14.52 11.44 33.60
N TYR H 9 -13.35 10.82 33.61
CA TYR H 9 -13.19 9.40 33.27
C TYR H 9 -12.59 8.68 34.46
N LEU H 10 -13.31 7.67 34.97
CA LEU H 10 -12.78 6.84 36.04
C LEU H 10 -12.73 5.39 35.57
N PHE H 11 -11.80 4.62 36.13
CA PHE H 11 -11.68 3.20 35.85
C PHE H 11 -11.70 2.41 37.15
N GLN H 12 -12.29 1.22 37.08
CA GLN H 12 -12.21 0.29 38.20
C GLN H 12 -11.60 -1.02 37.71
N SER H 13 -10.57 -1.48 38.43
CA SER H 13 -9.89 -2.71 38.09
C SER H 13 -10.74 -3.92 38.45
N ILE H 14 -10.70 -4.94 37.58
CA ILE H 14 -11.48 -6.15 37.82
C ILE H 14 -10.98 -6.92 39.04
N ASP H 15 -9.67 -6.95 39.26
CA ASP H 15 -9.09 -7.79 40.29
C ASP H 15 -9.19 -7.18 41.68
N ALA H 16 -9.52 -5.90 41.79
CA ALA H 16 -9.51 -5.26 43.10
C ALA H 16 -10.60 -5.81 44.00
N ALA H 17 -11.84 -5.92 43.47
CA ALA H 17 -13.04 -6.31 44.21
C ALA H 17 -13.33 -5.36 45.37
N THR H 18 -13.19 -4.06 45.11
CA THR H 18 -13.42 -3.02 46.10
C THR H 18 -14.66 -2.23 45.71
N GLY H 19 -15.23 -1.52 46.68
CA GLY H 19 -16.43 -0.74 46.44
C GLY H 19 -16.16 0.69 46.03
N SER H 20 -15.26 0.89 45.07
CA SER H 20 -14.90 2.24 44.65
C SER H 20 -13.99 2.21 43.42
N ALA H 21 -14.09 3.25 42.59
CA ALA H 21 -13.43 3.41 41.29
C ALA H 21 -12.40 4.55 41.30
N PRO H 22 -11.09 4.25 41.22
CA PRO H 22 -10.10 5.34 41.19
C PRO H 22 -10.06 6.05 39.85
N LEU H 23 -9.83 7.36 39.87
CA LEU H 23 -9.52 8.09 38.66
C LEU H 23 -8.25 8.90 38.88
N PHE H 24 -7.61 9.24 37.79
CA PHE H 24 -6.27 9.75 37.98
C PHE H 24 -6.24 11.27 37.82
N PRO H 25 -5.43 11.99 38.58
CA PRO H 25 -5.38 13.45 38.42
C PRO H 25 -4.56 13.87 37.22
N ALA H 26 -4.59 15.19 36.98
CA ALA H 26 -3.87 15.86 35.88
C ALA H 26 -4.21 15.24 34.52
N TYR H 27 -5.47 15.42 34.12
CA TYR H 27 -5.90 15.01 32.81
C TYR H 27 -5.44 16.00 31.75
N GLN H 28 -5.01 15.45 30.62
CA GLN H 28 -4.54 16.23 29.48
C GLN H 28 -5.73 16.27 28.53
N THR H 29 -6.14 15.13 27.97
CA THR H 29 -7.25 15.09 27.05
C THR H 29 -7.63 13.65 26.70
N ASP H 30 -8.88 13.51 26.29
CA ASP H 30 -9.54 12.22 26.23
C ASP H 30 -10.28 12.14 24.91
N GLY H 31 -9.85 11.23 24.07
CA GLY H 31 -10.59 10.92 22.87
C GLY H 31 -11.08 9.48 22.89
N SER H 32 -12.39 9.33 22.78
CA SER H 32 -13.02 8.02 22.64
C SER H 32 -13.59 8.00 21.23
N VAL H 33 -13.20 6.98 20.47
CA VAL H 33 -13.55 6.90 19.06
C VAL H 33 -14.27 5.58 18.82
N SER H 34 -15.39 5.66 18.10
CA SER H 34 -16.37 4.58 18.00
C SER H 34 -16.81 4.48 16.55
N GLY H 35 -16.32 3.47 15.85
CA GLY H 35 -16.66 3.30 14.45
C GLY H 35 -17.71 2.23 14.20
N GLU H 36 -18.81 2.61 13.56
CA GLU H 36 -19.91 1.70 13.27
C GLU H 36 -19.80 1.29 11.81
N ARG H 37 -19.28 0.09 11.57
CA ARG H 37 -19.00 -0.38 10.22
C ARG H 37 -20.30 -0.61 9.47
N GLU H 38 -20.27 -0.37 8.16
CA GLU H 38 -21.47 -0.29 7.34
C GLU H 38 -21.31 -1.20 6.14
N LEU H 39 -22.39 -1.32 5.36
CA LEU H 39 -22.42 -2.17 4.18
C LEU H 39 -21.47 -1.64 3.11
N PHE H 40 -20.71 -2.57 2.53
CA PHE H 40 -19.88 -2.27 1.36
C PHE H 40 -20.68 -2.37 0.07
N ASP H 41 -20.57 -1.34 -0.76
CA ASP H 41 -20.79 -1.43 -2.19
C ASP H 41 -22.29 -1.47 -2.44
N GLU H 42 -22.81 -0.42 -3.08
CA GLU H 42 -24.22 -0.36 -3.46
C GLU H 42 -24.56 -1.30 -4.60
N GLN H 43 -23.67 -1.41 -5.61
CA GLN H 43 -23.88 -2.13 -6.87
C GLN H 43 -24.78 -1.33 -7.82
N THR H 44 -24.84 -0.01 -7.63
CA THR H 44 -25.85 0.89 -8.19
C THR H 44 -27.25 0.27 -8.14
N LYS H 45 -27.72 -0.01 -6.92
CA LYS H 45 -29.00 -0.65 -6.70
C LYS H 45 -29.97 0.30 -6.01
N ASN H 46 -30.58 -0.16 -4.91
CA ASN H 46 -31.48 0.68 -4.12
C ASN H 46 -30.84 1.18 -2.82
N GLY H 47 -29.54 0.99 -2.65
CA GLY H 47 -28.86 1.43 -1.45
C GLY H 47 -28.38 0.24 -0.64
N ARG H 48 -27.21 -0.28 -1.01
CA ARG H 48 -26.64 -1.43 -0.33
C ARG H 48 -25.43 -0.95 0.45
N ILE H 49 -25.38 0.37 0.70
CA ILE H 49 -24.31 0.98 1.47
C ILE H 49 -24.87 1.60 2.73
N LEU H 50 -26.17 1.38 2.99
CA LEU H 50 -26.80 1.87 4.21
C LEU H 50 -27.05 0.74 5.21
N GLY H 51 -26.31 -0.36 5.09
CA GLY H 51 -26.58 -1.57 5.83
C GLY H 51 -25.82 -1.68 7.13
N PRO H 52 -26.30 -2.54 8.03
CA PRO H 52 -25.68 -2.64 9.36
C PRO H 52 -24.36 -3.39 9.37
N GLY H 53 -23.51 -3.03 10.32
CA GLY H 53 -22.21 -3.65 10.45
C GLY H 53 -21.79 -3.65 11.91
N SER H 54 -20.64 -4.26 12.16
CA SER H 54 -20.12 -4.32 13.52
C SER H 54 -19.61 -2.95 13.96
N VAL H 55 -19.31 -2.85 15.26
CA VAL H 55 -18.86 -1.60 15.86
C VAL H 55 -17.46 -1.80 16.44
N ALA H 56 -16.55 -0.89 16.09
CA ALA H 56 -15.21 -0.87 16.64
C ALA H 56 -15.16 0.22 17.70
N ASP H 57 -14.71 -0.15 18.90
CA ASP H 57 -14.77 0.74 20.06
C ASP H 57 -13.39 0.82 20.68
N SER H 58 -12.79 1.99 20.57
CA SER H 58 -11.45 2.28 21.05
C SER H 58 -11.39 3.67 21.68
N GLY H 59 -10.61 3.78 22.73
CA GLY H 59 -10.39 5.06 23.37
C GLY H 59 -8.93 5.32 23.65
N GLU H 60 -8.53 6.58 23.63
CA GLU H 60 -7.17 6.98 24.00
C GLU H 60 -7.28 7.97 25.15
N VAL H 61 -6.36 7.90 26.09
CA VAL H 61 -6.36 8.75 27.26
C VAL H 61 -4.97 9.32 27.45
N THR H 62 -4.85 10.64 27.38
CA THR H 62 -3.57 11.27 27.66
C THR H 62 -3.62 11.96 29.02
N TYR H 63 -2.48 11.97 29.71
CA TYR H 63 -2.36 12.66 30.99
C TYR H 63 -0.89 12.85 31.32
N TYR H 64 -0.62 13.64 32.37
CA TYR H 64 0.73 13.84 32.89
C TYR H 64 0.92 12.94 34.10
N GLY H 65 1.95 12.10 34.06
CA GLY H 65 2.18 11.14 35.11
C GLY H 65 2.59 11.73 36.45
N LYS H 66 1.90 11.33 37.52
CA LYS H 66 2.28 11.75 38.86
C LYS H 66 3.20 10.70 39.47
N ARG H 67 3.96 11.10 40.50
CA ARG H 67 4.99 10.26 41.08
C ARG H 67 4.47 8.91 41.56
N GLY H 68 3.36 8.87 42.29
CA GLY H 68 2.76 7.62 42.72
C GLY H 68 1.34 7.87 43.19
N ASP H 69 0.39 7.56 42.29
CA ASP H 69 -1.05 7.50 42.59
C ASP H 69 -1.71 6.33 41.84
N ALA H 70 -2.86 5.92 42.36
CA ALA H 70 -3.45 4.59 42.19
C ALA H 70 -4.06 4.26 40.82
N GLY H 71 -4.75 5.21 40.17
CA GLY H 71 -5.11 5.01 38.78
C GLY H 71 -3.92 4.78 37.87
N GLN H 72 -2.86 5.57 38.05
CA GLN H 72 -1.61 5.28 37.36
C GLN H 72 -1.07 3.91 37.73
N LYS H 73 -1.06 3.54 39.00
CA LYS H 73 -0.73 2.17 39.38
C LYS H 73 -1.77 1.18 38.88
N ALA H 74 -3.03 1.60 38.76
CA ALA H 74 -4.00 0.78 38.07
C ALA H 74 -3.64 0.62 36.61
N ILE H 75 -3.19 1.71 35.98
CA ILE H 75 -2.67 1.63 34.62
C ILE H 75 -1.43 0.74 34.56
N GLU H 76 -0.52 0.92 35.52
CA GLU H 76 0.71 0.14 35.53
C GLU H 76 0.45 -1.36 35.66
N ASP H 77 -0.39 -1.76 36.61
CA ASP H 77 -0.84 -3.16 36.64
C ASP H 77 -1.62 -3.52 35.38
N ALA H 78 -2.46 -2.61 34.90
CA ALA H 78 -3.14 -2.87 33.63
C ALA H 78 -2.16 -3.28 32.54
N TYR H 79 -1.17 -2.43 32.24
CA TYR H 79 -0.26 -2.72 31.14
C TYR H 79 0.80 -3.73 31.52
N GLN H 80 1.53 -3.46 32.60
CA GLN H 80 2.75 -4.20 32.91
C GLN H 80 2.46 -5.59 33.44
N ASN H 81 1.38 -5.75 34.20
CA ASN H 81 0.96 -7.09 34.59
C ASN H 81 0.10 -7.73 33.51
N GLY H 82 -0.59 -6.92 32.73
CA GLY H 82 -1.42 -7.41 31.64
C GLY H 82 -2.80 -7.82 32.10
N LYS H 83 -3.66 -6.83 32.33
CA LYS H 83 -5.04 -7.03 32.78
C LYS H 83 -5.90 -6.02 32.02
N GLN H 84 -7.17 -6.36 31.81
CA GLN H 84 -8.17 -5.42 31.33
C GLN H 84 -8.71 -4.64 32.52
N ILE H 85 -9.03 -3.36 32.30
CA ILE H 85 -9.57 -2.52 33.37
C ILE H 85 -10.96 -2.05 32.99
N LYS H 86 -11.83 -1.98 33.99
CA LYS H 86 -13.18 -1.48 33.81
C LYS H 86 -13.14 0.04 33.70
N PHE H 87 -13.91 0.57 32.75
CA PHE H 87 -13.81 1.94 32.28
C PHE H 87 -15.15 2.65 32.44
N TRP H 88 -15.13 3.77 33.15
CA TRP H 88 -16.32 4.57 33.42
C TRP H 88 -16.03 6.01 33.00
N ARG H 89 -16.92 6.61 32.23
CA ARG H 89 -16.83 8.04 31.90
C ARG H 89 -18.16 8.69 32.29
N VAL H 90 -18.10 9.66 33.19
CA VAL H 90 -19.31 10.23 33.73
C VAL H 90 -19.19 11.75 33.73
N ASP H 91 -20.35 12.41 33.75
CA ASP H 91 -20.41 13.85 33.78
C ASP H 91 -20.49 14.36 35.21
N THR H 92 -19.73 15.43 35.46
CA THR H 92 -19.62 16.02 36.79
C THR H 92 -20.88 16.77 37.20
N VAL H 93 -21.72 17.18 36.25
CA VAL H 93 -22.98 17.84 36.57
C VAL H 93 -23.99 16.80 37.07
N LYS H 94 -24.71 17.15 38.13
CA LYS H 94 -25.62 16.23 38.78
C LYS H 94 -26.77 15.89 37.85
N ASN H 95 -27.05 14.61 37.68
CA ASN H 95 -28.23 14.16 36.96
C ASN H 95 -29.47 14.33 37.84
N GLU H 96 -30.57 14.74 37.21
CA GLU H 96 -31.81 15.00 37.93
C GLU H 96 -32.63 13.76 38.21
N ASN H 97 -32.47 12.69 37.44
CA ASN H 97 -33.06 11.41 37.81
C ASN H 97 -31.99 10.34 37.97
N ASP H 98 -30.81 10.72 38.46
CA ASP H 98 -29.80 9.76 38.89
C ASP H 98 -28.73 10.53 39.66
N LYS H 99 -27.76 9.80 40.19
CA LYS H 99 -26.59 10.43 40.80
C LYS H 99 -25.85 11.28 39.78
N TYR H 100 -25.29 10.63 38.77
CA TYR H 100 -24.57 11.29 37.70
C TYR H 100 -24.94 10.59 36.39
N ASP H 101 -24.37 11.04 35.28
CA ASP H 101 -24.63 10.42 34.00
C ASP H 101 -23.32 9.89 33.43
N ALA H 102 -23.37 8.65 32.93
CA ALA H 102 -22.16 7.89 32.67
C ALA H 102 -22.27 7.18 31.33
N GLN H 103 -21.11 6.76 30.83
CA GLN H 103 -21.01 5.69 29.86
C GLN H 103 -19.91 4.75 30.35
N PHE H 104 -20.14 3.45 30.22
CA PHE H 104 -19.41 2.42 30.93
C PHE H 104 -18.92 1.35 29.96
N GLY H 105 -17.81 0.71 30.30
CA GLY H 105 -17.39 -0.45 29.53
C GLY H 105 -16.27 -1.20 30.23
N PHE H 106 -15.99 -2.39 29.71
CA PHE H 106 -14.79 -3.14 30.05
C PHE H 106 -13.76 -2.89 28.96
N ALA H 107 -12.56 -2.50 29.37
CA ALA H 107 -11.55 -2.01 28.44
C ALA H 107 -10.22 -2.71 28.66
N TYR H 108 -9.38 -2.64 27.64
CA TYR H 108 -8.10 -3.34 27.60
C TYR H 108 -7.01 -2.31 27.34
N ILE H 109 -5.75 -2.70 27.58
CA ILE H 109 -4.62 -1.81 27.36
C ILE H 109 -4.04 -2.07 25.97
N GLU H 110 -4.50 -1.32 24.98
CA GLU H 110 -3.96 -1.47 23.63
C GLU H 110 -2.54 -0.94 23.47
N SER H 111 -2.22 0.22 24.03
CA SER H 111 -0.86 0.71 24.01
C SER H 111 -0.71 1.81 25.04
N ARG H 112 0.52 2.05 25.46
CA ARG H 112 0.89 3.10 26.40
C ARG H 112 2.18 3.70 25.84
N GLU H 113 2.31 5.01 25.98
CA GLU H 113 3.44 5.77 25.47
C GLU H 113 3.88 6.71 26.58
N TYR H 114 5.16 6.68 26.91
CA TYR H 114 5.70 7.58 27.91
C TYR H 114 6.67 8.58 27.29
N SER H 115 6.38 9.85 27.50
CA SER H 115 7.21 10.94 27.03
C SER H 115 7.79 11.70 28.20
N ASP H 116 9.12 11.78 28.22
CA ASP H 116 9.88 12.65 29.10
C ASP H 116 10.44 13.75 28.21
N GLY H 117 10.17 14.99 28.58
CA GLY H 117 10.72 16.14 27.88
C GLY H 117 11.53 17.02 28.81
N VAL H 118 12.44 17.79 28.24
CA VAL H 118 13.26 18.75 28.99
C VAL H 118 12.40 19.91 29.48
N GLU H 119 11.35 20.25 28.75
CA GLU H 119 10.36 21.20 29.27
C GLU H 119 9.13 20.51 29.82
N GLY H 120 8.43 21.16 30.74
CA GLY H 120 7.10 20.71 31.11
C GLY H 120 7.23 19.52 32.03
N ALA H 121 6.35 18.54 31.90
CA ALA H 121 6.35 17.38 32.77
C ALA H 121 5.98 16.11 32.01
N VAL H 122 6.30 14.97 32.61
CA VAL H 122 6.19 13.68 31.93
C VAL H 122 4.79 13.52 31.36
N GLU H 123 4.69 12.98 30.15
CA GLU H 123 3.40 12.86 29.48
C GLU H 123 3.15 11.41 29.10
N ILE H 124 1.99 10.90 29.50
CA ILE H 124 1.62 9.51 29.22
C ILE H 124 0.40 9.51 28.33
N SER H 125 0.53 8.85 27.18
CA SER H 125 -0.59 8.55 26.30
C SER H 125 -0.89 7.06 26.43
N ILE H 126 -2.05 6.73 26.98
CA ILE H 126 -2.47 5.34 27.09
C ILE H 126 -3.69 5.12 26.22
N SER H 127 -3.56 4.20 25.27
CA SER H 127 -4.61 3.88 24.32
C SER H 127 -5.24 2.53 24.67
N LEU H 128 -6.54 2.44 24.48
CA LEU H 128 -7.31 1.28 24.90
C LEU H 128 -8.36 0.93 23.84
N GLN H 129 -8.57 -0.36 23.63
CA GLN H 129 -9.70 -0.84 22.85
C GLN H 129 -10.79 -1.22 23.84
N VAL H 130 -12.03 -1.27 23.37
CA VAL H 130 -13.13 -1.72 24.21
C VAL H 130 -14.07 -2.54 23.35
N ILE H 131 -14.84 -3.42 23.99
CA ILE H 131 -15.68 -4.35 23.24
C ILE H 131 -17.14 -3.92 23.30
N GLY H 132 -17.37 -2.61 23.37
CA GLY H 132 -18.71 -2.09 23.38
C GLY H 132 -18.98 -1.28 24.62
N GLU H 133 -18.72 0.03 24.53
CA GLU H 133 -19.05 0.93 25.62
C GLU H 133 -20.54 1.31 25.57
N LEU H 134 -21.17 1.23 26.73
CA LEU H 134 -22.61 1.45 26.82
C LEU H 134 -22.84 2.68 27.68
N LYS H 135 -23.94 3.38 27.41
CA LYS H 135 -24.28 4.60 28.12
C LYS H 135 -25.29 4.29 29.21
N ASN H 136 -25.16 4.95 30.36
CA ASN H 136 -26.10 4.79 31.46
C ASN H 136 -26.01 6.00 32.38
N GLY H 137 -26.54 5.86 33.59
CA GLY H 137 -26.31 6.86 34.60
C GLY H 137 -25.31 6.40 35.63
N GLU H 138 -24.58 7.36 36.20
CA GLU H 138 -23.49 7.04 37.11
C GLU H 138 -24.05 6.98 38.53
N ILE H 139 -23.66 5.91 39.24
CA ILE H 139 -24.18 5.69 40.59
C ILE H 139 -23.21 6.19 41.64
N ASP H 140 -21.91 5.93 41.44
CA ASP H 140 -20.93 6.33 42.45
C ASP H 140 -20.53 7.78 42.28
N THR H 141 -20.97 8.62 43.22
CA THR H 141 -20.57 10.01 43.24
C THR H 141 -19.08 10.19 43.45
N LEU H 142 -18.48 9.47 44.41
CA LEU H 142 -17.08 9.59 44.85
C LEU H 142 -16.75 11.06 45.05
N PRO H 143 -17.44 11.76 45.98
CA PRO H 143 -17.50 13.23 45.95
C PRO H 143 -16.20 13.94 46.25
N GLU H 144 -15.17 13.15 46.56
CA GLU H 144 -13.81 13.64 46.70
C GLU H 144 -13.28 14.20 45.41
N GLU H 145 -13.61 13.58 44.28
CA GLU H 145 -13.04 13.94 42.99
C GLU H 145 -14.05 14.53 42.01
N ILE H 146 -15.06 13.78 41.61
CA ILE H 146 -16.08 14.26 40.68
C ILE H 146 -16.88 15.41 41.27
N VAL H 147 -17.39 15.22 42.49
CA VAL H 147 -18.24 16.22 43.13
C VAL H 147 -17.37 17.41 43.49
N ASN H 148 -16.18 17.12 44.04
CA ASN H 148 -15.28 18.18 44.50
C ASN H 148 -14.04 18.27 43.62
N VAL H 149 -13.89 19.37 42.88
CA VAL H 149 -12.64 19.61 42.17
C VAL H 149 -12.19 21.04 42.47
N SER H 150 -11.30 21.18 43.46
CA SER H 150 -10.92 22.50 43.95
C SER H 150 -9.56 22.95 43.44
N LYS H 151 -9.25 24.24 43.54
CA LYS H 151 -7.92 24.71 43.15
C LYS H 151 -6.86 24.48 44.21
N GLY H 152 -7.20 23.97 45.39
CA GLY H 152 -6.24 23.80 46.46
C GLY H 152 -6.20 24.97 47.42
N GLY H 153 -7.06 25.96 47.20
CA GLY H 153 -7.07 27.16 48.00
C GLY H 153 -7.66 26.91 49.38
N TYR H 154 -7.00 27.49 50.39
CA TYR H 154 -7.41 27.40 51.79
C TYR H 154 -7.36 28.81 52.38
N ASP H 155 -8.28 29.09 53.32
CA ASP H 155 -8.64 30.48 53.64
C ASP H 155 -7.51 31.33 54.20
N PHE H 156 -6.80 30.84 55.22
CA PHE H 156 -5.53 31.36 55.76
C PHE H 156 -4.66 30.19 56.19
N GLN H 157 -3.35 30.44 56.21
CA GLN H 157 -2.40 29.73 57.06
C GLN H 157 -1.43 30.79 57.58
N GLN H 158 -1.77 31.41 58.72
CA GLN H 158 -1.05 32.63 59.13
C GLN H 158 -0.27 32.47 60.43
N PRO H 159 -0.65 31.64 61.41
CA PRO H 159 0.27 31.42 62.54
C PRO H 159 1.41 30.47 62.23
N GLY H 160 1.64 30.15 60.96
CA GLY H 160 2.60 29.11 60.64
C GLY H 160 2.19 27.67 60.81
N GLN H 161 1.64 27.02 59.77
CA GLN H 161 1.31 25.61 59.89
C GLN H 161 2.26 24.77 59.05
N THR H 162 3.57 24.91 59.29
CA THR H 162 4.65 24.14 58.65
C THR H 162 4.30 23.74 57.23
N THR H 163 4.33 24.72 56.32
CA THR H 163 3.76 24.50 55.00
C THR H 163 4.85 24.02 54.05
N GLY H 164 4.44 23.56 52.88
CA GLY H 164 5.36 23.22 51.81
C GLY H 164 4.91 23.76 50.47
N GLU H 165 5.40 23.16 49.37
CA GLU H 165 5.07 23.63 48.03
C GLU H 165 3.62 23.32 47.67
N ALA H 166 3.05 22.28 48.29
CA ALA H 166 1.68 21.85 48.02
C ALA H 166 0.71 22.84 48.64
N PRO H 167 -0.55 22.83 48.22
CA PRO H 167 -1.40 24.01 48.33
C PRO H 167 -2.00 24.17 49.73
N GLY H 168 -1.80 23.14 50.53
CA GLY H 168 -2.00 23.22 51.97
C GLY H 168 -1.33 22.17 52.82
N THR H 169 -0.18 22.49 53.40
CA THR H 169 0.43 21.62 54.39
C THR H 169 0.17 22.16 55.79
N VAL H 170 0.18 21.24 56.75
CA VAL H 170 -0.02 21.57 58.17
C VAL H 170 1.10 20.91 58.97
N PRO H 171 1.29 21.25 60.26
CA PRO H 171 2.37 20.62 61.03
C PRO H 171 2.08 19.16 61.32
N ALA H 172 2.89 18.28 60.72
CA ALA H 172 2.71 16.83 60.72
C ALA H 172 1.38 16.42 60.08
N PRO I 1 -24.60 35.64 -1.00
CA PRO I 1 -24.90 34.27 -1.42
C PRO I 1 -25.47 33.69 -0.14
N ILE I 2 -25.30 32.39 0.07
CA ILE I 2 -25.77 31.71 1.26
C ILE I 2 -24.68 31.82 2.32
N MET I 3 -25.06 32.24 3.52
CA MET I 3 -24.12 32.45 4.61
C MET I 3 -23.87 31.14 5.36
N GLY I 4 -22.82 31.16 6.18
CA GLY I 4 -22.51 30.02 7.04
C GLY I 4 -23.60 29.66 8.02
N GLN I 5 -24.29 30.64 8.58
CA GLN I 5 -25.46 30.43 9.41
C GLN I 5 -26.67 30.01 8.59
N ASP I 6 -26.72 30.39 7.32
CA ASP I 6 -27.90 30.20 6.49
C ASP I 6 -28.31 28.74 6.33
N VAL I 7 -27.38 27.82 6.03
CA VAL I 7 -27.71 26.42 5.82
C VAL I 7 -27.71 25.72 7.18
N LYS I 8 -28.85 25.18 7.58
CA LYS I 8 -28.91 24.42 8.82
C LYS I 8 -29.49 23.03 8.58
N TYR I 9 -29.13 22.12 9.47
CA TYR I 9 -29.30 20.68 9.26
C TYR I 9 -30.19 20.12 10.35
N LEU I 10 -31.31 19.52 9.96
CA LEU I 10 -32.19 18.85 10.90
C LEU I 10 -32.32 17.38 10.52
N PHE I 11 -32.56 16.53 11.52
CA PHE I 11 -32.81 15.12 11.30
C PHE I 11 -34.11 14.69 11.94
N GLN I 12 -34.80 13.76 11.29
CA GLN I 12 -35.96 13.14 11.91
C GLN I 12 -35.74 11.64 11.98
N SER I 13 -35.95 11.08 13.17
CA SER I 13 -35.79 9.66 13.41
C SER I 13 -36.95 8.87 12.79
N ILE I 14 -36.61 7.71 12.22
CA ILE I 14 -37.63 6.87 11.60
C ILE I 14 -38.61 6.31 12.61
N ASP I 15 -38.13 5.95 13.81
CA ASP I 15 -38.95 5.25 14.78
C ASP I 15 -39.87 6.18 15.56
N ALA I 16 -39.66 7.49 15.50
CA ALA I 16 -40.44 8.40 16.32
C ALA I 16 -41.91 8.42 15.89
N ALA I 17 -42.15 8.54 14.57
CA ALA I 17 -43.48 8.72 13.97
C ALA I 17 -44.20 9.96 14.51
N THR I 18 -43.45 11.06 14.60
CA THR I 18 -43.96 12.33 15.10
C THR I 18 -44.00 13.33 13.95
N GLY I 19 -44.79 14.39 14.12
CA GLY I 19 -44.93 15.40 13.09
C GLY I 19 -43.95 16.54 13.24
N SER I 20 -42.67 16.23 13.44
CA SER I 20 -41.67 17.27 13.63
C SER I 20 -40.25 16.69 13.66
N ALA I 21 -39.27 17.49 13.21
CA ALA I 21 -37.87 17.13 13.03
C ALA I 21 -36.94 17.88 13.98
N PRO I 22 -36.34 17.21 14.98
CA PRO I 22 -35.41 17.93 15.88
C PRO I 22 -34.09 18.25 15.22
N LEU I 23 -33.52 19.39 15.56
CA LEU I 23 -32.14 19.69 15.19
C LEU I 23 -31.38 20.12 16.44
N PHE I 24 -30.08 19.99 16.37
CA PHE I 24 -29.36 20.12 17.63
C PHE I 24 -28.66 21.47 17.71
N PRO I 25 -28.60 22.08 18.89
CA PRO I 25 -27.93 23.38 19.00
C PRO I 25 -26.41 23.25 19.02
N ALA I 26 -25.75 24.42 19.00
CA ALA I 26 -24.29 24.57 19.02
C ALA I 26 -23.63 23.78 17.91
N TYR I 27 -23.89 24.20 16.66
CA TYR I 27 -23.21 23.63 15.51
C TYR I 27 -21.79 24.15 15.39
N GLN I 28 -20.89 23.26 15.04
CA GLN I 28 -19.49 23.56 14.84
C GLN I 28 -19.33 23.72 13.34
N THR I 29 -19.52 22.65 12.57
CA THR I 29 -19.36 22.73 11.12
C THR I 29 -19.80 21.42 10.46
N ASP I 30 -20.17 21.55 9.20
CA ASP I 30 -20.92 20.54 8.49
C ASP I 30 -20.28 20.36 7.12
N GLY I 31 -19.73 19.18 6.89
CA GLY I 31 -19.29 18.82 5.57
C GLY I 31 -20.08 17.65 5.02
N SER I 32 -20.71 17.86 3.88
CA SER I 32 -21.40 16.79 3.16
C SER I 32 -20.58 16.61 1.89
N VAL I 33 -20.15 15.36 1.65
CA VAL I 33 -19.25 15.06 0.55
C VAL I 33 -19.91 13.99 -0.31
N SER I 34 -19.88 14.21 -1.63
CA SER I 34 -20.68 13.48 -2.59
C SER I 34 -19.81 13.17 -3.80
N GLY I 35 -19.39 11.91 -3.91
CA GLY I 35 -18.52 11.52 -5.01
C GLY I 35 -19.24 10.78 -6.11
N GLU I 36 -19.15 11.30 -7.33
CA GLU I 36 -19.81 10.71 -8.49
C GLU I 36 -18.77 9.95 -9.29
N ARG I 37 -18.76 8.62 -9.12
CA ARG I 37 -17.73 7.78 -9.72
C ARG I 37 -17.88 7.77 -11.25
N GLU I 38 -16.75 7.67 -11.94
CA GLU I 38 -16.68 7.90 -13.38
C GLU I 38 -15.99 6.71 -14.04
N LEU I 39 -15.97 6.73 -15.37
CA LEU I 39 -15.37 5.67 -16.16
C LEU I 39 -13.86 5.63 -15.94
N PHE I 40 -13.36 4.41 -15.76
CA PHE I 40 -11.92 4.16 -15.72
C PHE I 40 -11.35 4.00 -17.12
N ASP I 41 -10.27 4.71 -17.40
CA ASP I 41 -9.29 4.35 -18.41
C ASP I 41 -9.87 4.70 -19.78
N GLU I 42 -9.24 5.66 -20.46
CA GLU I 42 -9.64 6.04 -21.81
C GLU I 42 -9.26 5.00 -22.85
N GLN I 43 -8.06 4.40 -22.70
CA GLN I 43 -7.43 3.49 -23.68
C GLN I 43 -6.86 4.26 -24.87
N THR I 44 -6.56 5.55 -24.66
CA THR I 44 -6.31 6.54 -25.72
C THR I 44 -7.28 6.38 -26.88
N LYS I 45 -8.56 6.56 -26.60
CA LYS I 45 -9.62 6.39 -27.58
C LYS I 45 -10.32 7.71 -27.87
N ASN I 46 -11.65 7.73 -27.77
CA ASN I 46 -12.42 8.96 -27.97
C ASN I 46 -12.93 9.55 -26.66
N GLY I 47 -12.47 9.04 -25.52
CA GLY I 47 -12.91 9.53 -24.23
C GLY I 47 -13.73 8.49 -23.50
N ARG I 48 -13.04 7.57 -22.83
CA ARG I 48 -13.70 6.50 -22.10
C ARG I 48 -13.53 6.80 -20.61
N ILE I 49 -13.21 8.05 -20.29
CA ILE I 49 -13.05 8.49 -18.91
C ILE I 49 -14.11 9.53 -18.57
N LEU I 50 -15.04 9.77 -19.50
CA LEU I 50 -16.14 10.70 -19.27
C LEU I 50 -17.46 9.96 -19.03
N GLY I 51 -17.40 8.70 -18.60
CA GLY I 51 -18.55 7.84 -18.53
C GLY I 51 -19.23 7.83 -17.18
N PRO I 52 -20.48 7.39 -17.14
CA PRO I 52 -21.25 7.44 -15.89
C PRO I 52 -20.87 6.36 -14.89
N GLY I 53 -21.04 6.67 -13.61
CA GLY I 53 -20.70 5.75 -12.54
C GLY I 53 -21.64 5.98 -11.38
N SER I 54 -21.47 5.14 -10.35
CA SER I 54 -22.31 5.25 -9.17
C SER I 54 -21.90 6.48 -8.35
N VAL I 55 -22.71 6.80 -7.35
CA VAL I 55 -22.50 7.97 -6.51
C VAL I 55 -22.33 7.52 -5.06
N ALA I 56 -21.27 8.00 -4.42
CA ALA I 56 -21.02 7.77 -3.01
C ALA I 56 -21.43 9.01 -2.25
N ASP I 57 -22.27 8.84 -1.24
CA ASP I 57 -22.89 9.94 -0.53
C ASP I 57 -22.65 9.77 0.95
N SER I 58 -21.83 10.66 1.51
CA SER I 58 -21.44 10.64 2.90
C SER I 58 -21.39 12.06 3.45
N GLY I 59 -21.77 12.19 4.72
CA GLY I 59 -21.69 13.46 5.39
C GLY I 59 -21.09 13.34 6.76
N GLU I 60 -20.42 14.39 7.21
CA GLU I 60 -19.88 14.45 8.57
C GLU I 60 -20.47 15.68 9.24
N VAL I 61 -20.77 15.56 10.53
CA VAL I 61 -21.38 16.64 11.29
C VAL I 61 -20.62 16.81 12.59
N THR I 62 -20.03 17.98 12.79
CA THR I 62 -19.37 18.26 14.05
C THR I 62 -20.21 19.23 14.88
N TYR I 63 -20.17 19.08 16.19
CA TYR I 63 -20.86 20.00 17.09
C TYR I 63 -20.31 19.82 18.51
N TYR I 64 -20.70 20.72 19.41
CA TYR I 64 -20.36 20.64 20.83
C TYR I 64 -21.53 20.04 21.58
N GLY I 65 -21.29 18.95 22.30
CA GLY I 65 -22.35 18.25 22.99
C GLY I 65 -22.97 19.00 24.15
N LYS I 66 -24.30 19.08 24.16
CA LYS I 66 -25.01 19.68 25.28
C LYS I 66 -25.40 18.58 26.26
N ARG I 67 -25.67 18.99 27.51
CA ARG I 67 -25.91 18.04 28.60
C ARG I 67 -27.04 17.06 28.30
N GLY I 68 -28.19 17.52 27.81
CA GLY I 68 -29.29 16.65 27.44
C GLY I 68 -30.28 17.41 26.58
N ASP I 69 -30.18 17.18 25.26
CA ASP I 69 -31.15 17.60 24.26
C ASP I 69 -31.32 16.55 23.16
N ALA I 70 -32.46 16.62 22.48
CA ALA I 70 -33.10 15.52 21.77
C ALA I 70 -32.46 15.07 20.46
N GLY I 71 -31.96 15.98 19.63
CA GLY I 71 -31.13 15.58 18.51
C GLY I 71 -29.90 14.80 18.93
N GLN I 72 -29.22 15.27 19.99
CA GLN I 72 -28.15 14.47 20.57
C GLN I 72 -28.65 13.12 21.07
N LYS I 73 -29.79 13.09 21.77
CA LYS I 73 -30.40 11.81 22.12
C LYS I 73 -30.90 11.08 20.88
N ALA I 74 -31.30 11.81 19.84
CA ALA I 74 -31.54 11.16 18.55
C ALA I 74 -30.27 10.56 17.99
N ILE I 75 -29.16 11.28 18.10
CA ILE I 75 -27.85 10.74 17.74
C ILE I 75 -27.51 9.54 18.62
N GLU I 76 -27.73 9.66 19.93
CA GLU I 76 -27.39 8.59 20.84
C GLU I 76 -28.17 7.31 20.57
N ASP I 77 -29.50 7.41 20.37
CA ASP I 77 -30.24 6.26 19.87
C ASP I 77 -29.79 5.85 18.48
N ALA I 78 -29.49 6.82 17.62
CA ALA I 78 -28.95 6.47 16.32
C ALA I 78 -27.75 5.54 16.45
N TYR I 79 -26.71 5.97 17.16
CA TYR I 79 -25.49 5.18 17.24
C TYR I 79 -25.62 4.02 18.21
N GLN I 80 -25.99 4.32 19.45
CA GLN I 80 -25.88 3.35 20.54
C GLN I 80 -26.96 2.26 20.46
N ASN I 81 -28.16 2.62 20.00
CA ASN I 81 -29.16 1.60 19.74
C ASN I 81 -28.98 0.99 18.36
N GLY I 82 -28.42 1.76 17.43
CA GLY I 82 -28.17 1.29 16.08
C GLY I 82 -29.37 1.42 15.17
N LYS I 83 -29.63 2.65 14.73
CA LYS I 83 -30.75 2.98 13.84
C LYS I 83 -30.22 3.97 12.81
N GLN I 84 -30.83 3.98 11.62
CA GLN I 84 -30.61 5.02 10.64
C GLN I 84 -31.54 6.19 10.96
N ILE I 85 -31.05 7.42 10.72
CA ILE I 85 -31.86 8.61 10.98
C ILE I 85 -32.10 9.36 9.68
N LYS I 86 -33.30 9.91 9.55
CA LYS I 86 -33.65 10.73 8.40
C LYS I 86 -33.01 12.10 8.54
N PHE I 87 -32.45 12.59 7.43
CA PHE I 87 -31.54 13.72 7.39
C PHE I 87 -32.08 14.80 6.46
N TRP I 88 -32.22 16.01 7.01
CA TRP I 88 -32.75 17.16 6.28
C TRP I 88 -31.76 18.30 6.45
N ARG I 89 -31.38 18.94 5.34
CA ARG I 89 -30.56 20.16 5.37
C ARG I 89 -31.29 21.23 4.59
N VAL I 90 -31.62 22.33 5.25
CA VAL I 90 -32.45 23.35 4.64
C VAL I 90 -31.84 24.72 4.90
N ASP I 91 -32.20 25.66 4.04
CA ASP I 91 -31.73 27.02 4.16
C ASP I 91 -32.71 27.87 4.98
N THR I 92 -32.13 28.70 5.85
CA THR I 92 -32.89 29.54 6.77
C THR I 92 -33.60 30.69 6.06
N VAL I 93 -33.12 31.08 4.87
CA VAL I 93 -33.77 32.13 4.11
C VAL I 93 -35.04 31.60 3.46
N LYS I 94 -36.11 32.39 3.53
CA LYS I 94 -37.42 31.96 3.06
C LYS I 94 -37.39 31.76 1.55
N ASN I 95 -37.87 30.60 1.09
CA ASN I 95 -38.06 30.36 -0.33
C ASN I 95 -39.32 31.08 -0.81
N GLU I 96 -39.22 31.64 -2.02
CA GLU I 96 -40.32 32.42 -2.58
C GLU I 96 -41.41 31.57 -3.23
N ASN I 97 -41.11 30.34 -3.65
CA ASN I 97 -42.16 29.43 -4.05
C ASN I 97 -42.14 28.17 -3.21
N ASP I 98 -41.79 28.29 -1.93
CA ASP I 98 -41.96 27.21 -0.97
C ASP I 98 -41.74 27.79 0.43
N LYS I 99 -41.93 26.96 1.44
CA LYS I 99 -41.60 27.34 2.81
C LYS I 99 -40.11 27.68 2.92
N TYR I 100 -39.27 26.67 2.72
CA TYR I 100 -37.82 26.81 2.76
C TYR I 100 -37.25 25.95 1.64
N ASP I 101 -35.93 25.94 1.52
CA ASP I 101 -35.28 25.12 0.50
C ASP I 101 -34.36 24.12 1.18
N ALA I 102 -34.44 22.87 0.71
CA ALA I 102 -33.91 21.75 1.47
C ALA I 102 -33.16 20.81 0.54
N GLN I 103 -32.34 19.96 1.15
CA GLN I 103 -31.92 18.70 0.55
C GLN I 103 -32.10 17.63 1.62
N PHE I 104 -32.58 16.46 1.22
CA PHE I 104 -33.13 15.47 2.12
C PHE I 104 -32.52 14.10 1.84
N GLY I 105 -32.44 13.27 2.88
CA GLY I 105 -32.07 11.89 2.65
C GLY I 105 -32.31 11.03 3.88
N PHE I 106 -32.19 9.73 3.68
CA PHE I 106 -32.13 8.76 4.77
C PHE I 106 -30.66 8.44 5.01
N ALA I 107 -30.23 8.54 6.26
CA ALA I 107 -28.82 8.48 6.60
C ALA I 107 -28.58 7.49 7.74
N TYR I 108 -27.32 7.07 7.84
CA TYR I 108 -26.91 6.04 8.78
C TYR I 108 -25.77 6.61 9.63
N ILE I 109 -25.47 5.94 10.74
CA ILE I 109 -24.39 6.38 11.62
C ILE I 109 -23.11 5.64 11.28
N GLU I 110 -22.30 6.22 10.41
CA GLU I 110 -21.03 5.61 10.06
C GLU I 110 -19.99 5.64 11.18
N SER I 111 -19.84 6.77 11.88
CA SER I 111 -18.95 6.81 13.03
C SER I 111 -19.30 8.04 13.86
N ARG I 112 -18.92 8.00 15.13
CA ARG I 112 -19.09 9.08 16.08
C ARG I 112 -17.78 9.13 16.86
N GLU I 113 -17.34 10.33 17.19
CA GLU I 113 -16.11 10.59 17.89
C GLU I 113 -16.41 11.59 19.00
N TYR I 114 -16.04 11.27 20.23
CA TYR I 114 -16.22 12.20 21.34
C TYR I 114 -14.88 12.69 21.87
N SER I 115 -14.73 14.00 21.89
CA SER I 115 -13.54 14.65 22.41
C SER I 115 -13.90 15.47 23.64
N ASP I 116 -13.22 15.16 24.74
CA ASP I 116 -13.20 15.95 25.96
C ASP I 116 -11.82 16.60 26.02
N GLY I 117 -11.79 17.92 26.14
CA GLY I 117 -10.55 18.65 26.32
C GLY I 117 -10.55 19.44 27.60
N VAL I 118 -9.36 19.76 28.09
CA VAL I 118 -9.20 20.59 29.28
C VAL I 118 -9.59 22.03 29.00
N GLU I 119 -9.42 22.48 27.76
CA GLU I 119 -9.99 23.77 27.36
C GLU I 119 -11.29 23.63 26.60
N GLY I 120 -12.14 24.65 26.63
CA GLY I 120 -13.25 24.71 25.72
C GLY I 120 -14.34 23.79 26.23
N ALA I 121 -15.04 23.11 25.32
CA ALA I 121 -16.15 22.24 25.71
C ALA I 121 -16.19 21.00 24.82
N VAL I 122 -16.91 19.99 25.31
CA VAL I 122 -16.91 18.67 24.69
C VAL I 122 -17.23 18.79 23.20
N GLU I 123 -16.51 18.03 22.38
CA GLU I 123 -16.70 18.13 20.93
C GLU I 123 -17.04 16.77 20.36
N ILE I 124 -18.12 16.73 19.59
CA ILE I 124 -18.60 15.50 18.98
C ILE I 124 -18.52 15.63 17.47
N SER I 125 -17.79 14.71 16.85
CA SER I 125 -17.78 14.54 15.41
C SER I 125 -18.57 13.28 15.08
N ILE I 126 -19.72 13.44 14.41
CA ILE I 126 -20.51 12.31 13.99
C ILE I 126 -20.52 12.25 12.47
N SER I 127 -20.06 11.13 11.93
CA SER I 127 -19.97 10.91 10.50
C SER I 127 -21.03 9.94 10.05
N LEU I 128 -21.58 10.18 8.87
CA LEU I 128 -22.71 9.43 8.36
C LEU I 128 -22.54 9.17 6.87
N GLN I 129 -22.94 7.98 6.43
CA GLN I 129 -23.09 7.68 5.02
C GLN I 129 -24.55 7.88 4.67
N VAL I 130 -24.82 8.08 3.38
CA VAL I 130 -26.20 8.19 2.92
C VAL I 130 -26.29 7.50 1.57
N ILE I 131 -27.50 7.06 1.22
CA ILE I 131 -27.68 6.26 0.01
C ILE I 131 -28.31 7.10 -1.09
N GLY I 132 -28.01 8.39 -1.10
CA GLY I 132 -28.51 9.27 -2.13
C GLY I 132 -29.31 10.41 -1.54
N GLU I 133 -28.65 11.51 -1.25
CA GLU I 133 -29.34 12.71 -0.80
C GLU I 133 -29.91 13.48 -1.99
N LEU I 134 -31.17 13.88 -1.86
CA LEU I 134 -31.89 14.52 -2.95
C LEU I 134 -32.24 15.93 -2.51
N LYS I 135 -32.32 16.83 -3.48
CA LYS I 135 -32.60 18.23 -3.22
C LYS I 135 -34.09 18.51 -3.44
N ASN I 136 -34.68 19.35 -2.60
CA ASN I 136 -36.08 19.74 -2.76
C ASN I 136 -36.31 21.05 -2.02
N GLY I 137 -37.57 21.37 -1.77
CA GLY I 137 -37.89 22.48 -0.90
C GLY I 137 -38.35 22.00 0.45
N GLU I 138 -38.09 22.82 1.47
CA GLU I 138 -38.37 22.43 2.84
C GLU I 138 -39.78 22.86 3.20
N ILE I 139 -40.53 21.95 3.81
CA ILE I 139 -41.93 22.21 4.13
C ILE I 139 -42.08 22.64 5.59
N ASP I 140 -41.36 21.98 6.49
CA ASP I 140 -41.52 22.29 7.90
C ASP I 140 -40.65 23.48 8.30
N THR I 141 -41.30 24.61 8.57
CA THR I 141 -40.61 25.80 9.05
C THR I 141 -39.95 25.57 10.41
N LEU I 142 -40.66 24.96 11.36
CA LEU I 142 -40.26 24.77 12.76
C LEU I 142 -39.72 26.08 13.31
N PRO I 143 -40.54 27.15 13.35
CA PRO I 143 -40.01 28.52 13.43
C PRO I 143 -39.34 28.88 14.75
N GLU I 144 -39.35 27.92 15.68
CA GLU I 144 -38.60 28.01 16.91
C GLU I 144 -37.11 28.06 16.67
N GLU I 145 -36.62 27.32 15.68
CA GLU I 145 -35.19 27.18 15.44
C GLU I 145 -34.72 27.78 14.13
N ILE I 146 -35.19 27.28 12.99
CA ILE I 146 -34.80 27.80 11.68
C ILE I 146 -35.26 29.24 11.49
N VAL I 147 -36.53 29.51 11.76
CA VAL I 147 -37.10 30.83 11.54
C VAL I 147 -36.51 31.77 12.58
N ASN I 148 -36.45 31.28 13.84
CA ASN I 148 -35.96 32.11 14.95
C ASN I 148 -34.61 31.62 15.45
N VAL I 149 -33.57 32.42 15.27
CA VAL I 149 -32.29 32.11 15.91
C VAL I 149 -31.78 33.38 16.60
N SER I 150 -32.05 33.48 17.90
CA SER I 150 -31.77 34.70 18.64
C SER I 150 -30.52 34.60 19.49
N LYS I 151 -29.97 35.72 19.95
CA LYS I 151 -28.83 35.69 20.84
C LYS I 151 -29.20 35.42 22.30
N GLY I 152 -30.49 35.33 22.64
CA GLY I 152 -30.90 35.15 24.02
C GLY I 152 -31.20 36.46 24.73
N GLY I 153 -31.10 37.57 24.01
CA GLY I 153 -31.31 38.88 24.58
C GLY I 153 -32.78 39.14 24.88
N TYR I 154 -33.03 39.73 26.04
CA TYR I 154 -34.35 40.11 26.51
C TYR I 154 -34.29 41.54 27.05
N ASP I 155 -35.38 42.29 26.87
CA ASP I 155 -35.32 43.75 26.89
C ASP I 155 -34.87 44.36 28.22
N PHE I 156 -35.49 43.94 29.34
CA PHE I 156 -35.08 44.17 30.73
C PHE I 156 -35.41 42.93 31.57
N GLN I 157 -34.67 42.80 32.66
CA GLN I 157 -35.11 42.07 33.85
C GLN I 157 -34.65 42.89 35.04
N GLN I 158 -35.49 43.84 35.49
CA GLN I 158 -35.00 44.84 36.44
C GLN I 158 -35.68 44.79 37.81
N PRO I 159 -36.94 44.36 37.96
CA PRO I 159 -37.45 44.17 39.33
C PRO I 159 -36.97 42.88 39.99
N GLY I 160 -35.98 42.21 39.41
CA GLY I 160 -35.61 40.89 39.89
C GLY I 160 -36.47 39.71 39.50
N GLN I 161 -36.18 39.03 38.39
CA GLN I 161 -36.94 37.84 38.04
C GLN I 161 -36.11 36.59 38.24
N THR I 162 -35.59 36.40 39.46
CA THR I 162 -34.83 35.21 39.89
C THR I 162 -34.02 34.60 38.75
N THR I 163 -32.95 35.28 38.35
CA THR I 163 -32.28 34.93 37.12
C THR I 163 -31.16 33.94 37.41
N GLY I 164 -30.61 33.35 36.34
CA GLY I 164 -29.43 32.51 36.44
C GLY I 164 -28.41 32.82 35.35
N GLU I 165 -27.54 31.86 35.08
CA GLU I 165 -26.48 32.07 34.09
C GLU I 165 -27.04 32.13 32.67
N ALA I 166 -28.19 31.48 32.45
CA ALA I 166 -28.83 31.41 31.14
C ALA I 166 -29.44 32.76 30.80
N PRO I 167 -29.75 33.01 29.54
CA PRO I 167 -29.84 34.38 29.04
C PRO I 167 -31.17 35.04 29.37
N GLY I 168 -32.09 34.22 29.90
CA GLY I 168 -33.28 34.70 30.56
C GLY I 168 -33.99 33.74 31.48
N THR I 169 -33.74 33.83 32.78
CA THR I 169 -34.54 33.08 33.75
C THR I 169 -35.56 33.99 34.40
N VAL I 170 -36.65 33.39 34.86
CA VAL I 170 -37.73 34.08 35.54
C VAL I 170 -38.03 33.33 36.85
N PRO I 171 -38.82 33.91 37.77
CA PRO I 171 -39.11 33.19 39.02
C PRO I 171 -40.01 31.99 38.80
N ALA I 172 -39.46 30.80 39.02
CA ALA I 172 -40.07 29.51 38.71
C ALA I 172 -40.39 29.36 37.22
N PRO J 1 1.32 39.85 -16.80
CA PRO J 1 1.01 38.56 -17.42
C PRO J 1 -0.50 38.50 -17.22
N ILE J 2 -1.05 37.30 -17.10
CA ILE J 2 -2.47 37.10 -16.86
C ILE J 2 -2.71 37.14 -15.36
N MET J 3 -3.70 37.93 -14.94
CA MET J 3 -4.00 38.12 -13.53
C MET J 3 -4.93 37.01 -13.03
N GLY J 4 -5.04 36.91 -11.71
CA GLY J 4 -5.96 35.99 -11.09
C GLY J 4 -7.42 36.20 -11.45
N GLN J 5 -7.85 37.45 -11.59
CA GLN J 5 -9.16 37.79 -12.09
C GLN J 5 -9.28 37.56 -13.59
N ASP J 6 -8.18 37.61 -14.32
CA ASP J 6 -8.19 37.57 -15.77
C ASP J 6 -8.79 36.31 -16.35
N VAL J 7 -8.43 35.12 -15.86
CA VAL J 7 -8.94 33.87 -16.40
C VAL J 7 -10.25 33.55 -15.69
N LYS J 8 -11.34 33.47 -16.45
CA LYS J 8 -12.62 33.09 -15.87
C LYS J 8 -13.22 31.92 -16.63
N TYR J 9 -14.07 31.18 -15.93
CA TYR J 9 -14.52 29.84 -16.34
C TYR J 9 -16.03 29.86 -16.50
N LEU J 10 -16.50 29.52 -17.70
CA LEU J 10 -17.93 29.39 -17.94
C LEU J 10 -18.23 27.98 -18.42
N PHE J 11 -19.44 27.50 -18.14
CA PHE J 11 -19.90 26.20 -18.61
C PHE J 11 -21.21 26.36 -19.35
N GLN J 12 -21.40 25.53 -20.38
CA GLN J 12 -22.69 25.44 -21.05
C GLN J 12 -23.18 24.01 -20.97
N SER J 13 -24.42 23.84 -20.53
CA SER J 13 -25.04 22.53 -20.42
C SER J 13 -25.42 21.99 -21.79
N ILE J 14 -25.23 20.69 -21.97
CA ILE J 14 -25.55 20.06 -23.25
C ILE J 14 -27.04 20.06 -23.51
N ASP J 15 -27.87 19.88 -22.49
CA ASP J 15 -29.30 19.70 -22.67
C ASP J 15 -30.04 21.01 -22.86
N ALA J 16 -29.40 22.15 -22.59
CA ALA J 16 -30.12 23.42 -22.67
C ALA J 16 -30.52 23.75 -24.11
N ALA J 17 -29.56 23.63 -25.04
CA ALA J 17 -29.69 24.03 -26.45
C ALA J 17 -30.02 25.51 -26.59
N THR J 18 -29.32 26.35 -25.81
CA THR J 18 -29.51 27.78 -25.81
C THR J 18 -28.27 28.45 -26.39
N GLY J 19 -28.42 29.70 -26.82
CA GLY J 19 -27.32 30.42 -27.42
C GLY J 19 -26.51 31.24 -26.42
N SER J 20 -26.14 30.62 -25.30
CA SER J 20 -25.42 31.34 -24.26
C SER J 20 -24.94 30.40 -23.15
N ALA J 21 -23.81 30.75 -22.53
CA ALA J 21 -23.08 29.96 -21.53
C ALA J 21 -23.09 30.62 -20.15
N PRO J 22 -23.80 30.06 -19.15
CA PRO J 22 -23.79 30.67 -17.82
C PRO J 22 -22.48 30.42 -17.09
N LEU J 23 -22.05 31.40 -16.30
CA LEU J 23 -20.96 31.19 -15.36
C LEU J 23 -21.40 31.67 -13.98
N PHE J 24 -20.74 31.15 -12.97
CA PHE J 24 -21.32 31.37 -11.66
C PHE J 24 -20.54 32.44 -10.91
N PRO J 25 -21.20 33.28 -10.11
CA PRO J 25 -20.47 34.31 -9.36
C PRO J 25 -19.79 33.74 -8.13
N ALA J 26 -19.02 34.63 -7.49
CA ALA J 26 -18.24 34.35 -6.27
C ALA J 26 -17.31 33.15 -6.46
N TYR J 27 -16.32 33.32 -7.33
CA TYR J 27 -15.29 32.32 -7.50
C TYR J 27 -14.28 32.37 -6.35
N GLN J 28 -13.88 31.18 -5.92
CA GLN J 28 -12.91 31.01 -4.85
C GLN J 28 -11.58 30.75 -5.57
N THR J 29 -11.47 29.62 -6.28
CA THR J 29 -10.24 29.30 -6.96
C THR J 29 -10.40 28.06 -7.83
N ASP J 30 -9.56 27.98 -8.85
CA ASP J 30 -9.75 27.09 -9.97
C ASP J 30 -8.42 26.41 -10.26
N GLY J 31 -8.39 25.11 -10.07
CA GLY J 31 -7.26 24.32 -10.51
C GLY J 31 -7.65 23.34 -11.57
N SER J 32 -7.00 23.43 -12.73
CA SER J 32 -7.16 22.47 -13.81
C SER J 32 -5.83 21.75 -13.90
N VAL J 33 -5.87 20.43 -13.81
CA VAL J 33 -4.68 19.61 -13.74
C VAL J 33 -4.71 18.61 -14.88
N SER J 34 -3.59 18.49 -15.59
CA SER J 34 -3.51 17.81 -16.87
C SER J 34 -2.22 16.98 -16.88
N GLY J 35 -2.38 15.66 -16.73
CA GLY J 35 -1.23 14.79 -16.69
C GLY J 35 -0.99 14.04 -18.00
N GLU J 36 0.20 14.20 -18.56
CA GLU J 36 0.56 13.57 -19.82
C GLU J 36 1.43 12.36 -19.51
N ARG J 37 0.83 11.17 -19.55
CA ARG J 37 1.51 9.95 -19.14
C ARG J 37 2.63 9.62 -20.13
N GLU J 38 3.70 9.03 -19.63
CA GLU J 38 4.95 8.88 -20.36
C GLU J 38 5.38 7.42 -20.30
N LEU J 39 6.43 7.10 -21.05
CA LEU J 39 6.98 5.76 -21.13
C LEU J 39 7.55 5.33 -19.79
N PHE J 40 7.23 4.10 -19.39
CA PHE J 40 7.83 3.46 -18.23
C PHE J 40 9.14 2.80 -18.59
N ASP J 41 10.17 3.09 -17.79
CA ASP J 41 11.32 2.22 -17.60
C ASP J 41 12.24 2.38 -18.83
N GLU J 42 13.43 2.93 -18.60
CA GLU J 42 14.42 3.06 -19.66
C GLU J 42 15.05 1.74 -20.05
N GLN J 43 15.32 0.87 -19.06
CA GLN J 43 16.08 -0.39 -19.20
C GLN J 43 17.57 -0.14 -19.33
N THR J 44 18.04 1.03 -18.83
CA THR J 44 19.35 1.62 -19.12
C THR J 44 19.73 1.46 -20.60
N LYS J 45 18.90 2.08 -21.47
CA LYS J 45 19.08 1.98 -22.91
C LYS J 45 19.44 3.35 -23.49
N ASN J 46 18.70 3.77 -24.52
CA ASN J 46 18.92 5.09 -25.13
C ASN J 46 17.84 6.10 -24.73
N GLY J 47 17.00 5.76 -23.76
CA GLY J 47 15.95 6.66 -23.33
C GLY J 47 14.59 6.12 -23.70
N ARG J 48 14.07 5.23 -22.85
CA ARG J 48 12.77 4.61 -23.08
C ARG J 48 11.80 5.19 -22.06
N ILE J 49 12.16 6.33 -21.49
CA ILE J 49 11.32 7.02 -20.52
C ILE J 49 10.91 8.39 -21.07
N LEU J 50 11.25 8.65 -22.33
CA LEU J 50 10.85 9.88 -23.00
C LEU J 50 9.73 9.65 -24.00
N GLY J 51 8.97 8.56 -23.86
CA GLY J 51 8.02 8.11 -24.84
C GLY J 51 6.62 8.63 -24.62
N PRO J 52 5.79 8.59 -25.67
CA PRO J 52 4.44 9.16 -25.57
C PRO J 52 3.47 8.29 -24.80
N GLY J 53 2.49 8.94 -24.18
CA GLY J 53 1.48 8.25 -23.40
C GLY J 53 0.18 9.02 -23.46
N SER J 54 -0.84 8.44 -22.84
CA SER J 54 -2.15 9.07 -22.82
C SER J 54 -2.14 10.29 -21.89
N VAL J 55 -3.22 11.06 -21.94
CA VAL J 55 -3.35 12.29 -21.18
C VAL J 55 -4.56 12.16 -20.25
N ALA J 56 -4.35 12.47 -18.98
CA ALA J 56 -5.41 12.52 -17.99
C ALA J 56 -5.76 13.97 -17.75
N ASP J 57 -7.05 14.30 -17.88
CA ASP J 57 -7.51 15.67 -17.86
C ASP J 57 -8.62 15.80 -16.83
N SER J 58 -8.31 16.52 -15.75
CA SER J 58 -9.22 16.73 -14.63
C SER J 58 -9.10 18.16 -14.13
N GLY J 59 -10.24 18.70 -13.71
CA GLY J 59 -10.27 20.02 -13.13
C GLY J 59 -11.10 20.07 -11.86
N GLU J 60 -10.72 20.95 -10.94
CA GLU J 60 -11.49 21.17 -9.73
C GLU J 60 -11.87 22.64 -9.69
N VAL J 61 -13.07 22.93 -9.21
CA VAL J 61 -13.58 24.30 -9.16
C VAL J 61 -14.16 24.54 -7.78
N THR J 62 -13.60 25.50 -7.05
CA THR J 62 -14.16 25.88 -5.77
C THR J 62 -14.87 27.22 -5.89
N TYR J 63 -15.93 27.38 -5.11
CA TYR J 63 -16.66 28.66 -5.06
C TYR J 63 -17.56 28.67 -3.83
N TYR J 64 -18.13 29.84 -3.54
CA TYR J 64 -19.10 30.01 -2.45
C TYR J 64 -20.50 29.98 -3.04
N GLY J 65 -21.34 29.07 -2.54
CA GLY J 65 -22.67 28.89 -3.09
C GLY J 65 -23.61 30.05 -2.85
N LYS J 66 -24.26 30.52 -3.91
CA LYS J 66 -25.27 31.55 -3.79
C LYS J 66 -26.65 30.89 -3.67
N ARG J 67 -27.61 31.64 -3.12
CA ARG J 67 -28.93 31.10 -2.80
C ARG J 67 -29.62 30.45 -4.00
N GLY J 68 -29.65 31.09 -5.16
CA GLY J 68 -30.22 30.51 -6.35
C GLY J 68 -29.79 31.29 -7.57
N ASP J 69 -28.78 30.73 -8.27
CA ASP J 69 -28.33 31.17 -9.60
C ASP J 69 -27.94 29.97 -10.46
N ALA J 70 -27.95 30.21 -11.78
CA ALA J 70 -28.11 29.20 -12.82
C ALA J 70 -26.93 28.28 -13.11
N GLY J 71 -25.69 28.78 -13.07
CA GLY J 71 -24.54 27.90 -13.08
C GLY J 71 -24.54 26.92 -11.92
N GLN J 72 -24.85 27.39 -10.71
CA GLN J 72 -25.06 26.50 -9.59
C GLN J 72 -26.20 25.52 -9.85
N LYS J 73 -27.33 25.99 -10.38
CA LYS J 73 -28.36 25.06 -10.82
C LYS J 73 -27.92 24.23 -12.01
N ALA J 74 -27.03 24.77 -12.85
CA ALA J 74 -26.39 23.93 -13.86
C ALA J 74 -25.52 22.87 -13.21
N ILE J 75 -24.79 23.24 -12.15
CA ILE J 75 -24.05 22.27 -11.37
C ILE J 75 -24.99 21.28 -10.70
N GLU J 76 -26.09 21.78 -10.13
CA GLU J 76 -27.03 20.90 -9.44
C GLU J 76 -27.66 19.88 -10.38
N ASP J 77 -28.15 20.30 -11.55
CA ASP J 77 -28.55 19.33 -12.56
C ASP J 77 -27.38 18.49 -13.03
N ALA J 78 -26.20 19.09 -13.19
CA ALA J 78 -25.03 18.30 -13.53
C ALA J 78 -24.87 17.12 -12.57
N TYR J 79 -24.75 17.39 -11.27
CA TYR J 79 -24.48 16.32 -10.32
C TYR J 79 -25.72 15.51 -9.99
N GLN J 80 -26.79 16.21 -9.55
CA GLN J 80 -27.94 15.54 -8.95
C GLN J 80 -28.80 14.83 -9.98
N ASN J 81 -28.92 15.40 -11.18
CA ASN J 81 -29.59 14.68 -12.25
C ASN J 81 -28.64 13.73 -12.96
N GLY J 82 -27.35 14.05 -12.96
CA GLY J 82 -26.33 13.22 -13.57
C GLY J 82 -26.18 13.47 -15.05
N LYS J 83 -25.52 14.56 -15.39
CA LYS J 83 -25.26 14.98 -16.77
C LYS J 83 -23.83 15.50 -16.82
N GLN J 84 -23.21 15.40 -17.99
CA GLN J 84 -21.94 16.07 -18.28
C GLN J 84 -22.24 17.50 -18.71
N ILE J 85 -21.35 18.43 -18.34
CA ILE J 85 -21.54 19.83 -18.71
C ILE J 85 -20.37 20.27 -19.57
N LYS J 86 -20.68 21.12 -20.56
CA LYS J 86 -19.66 21.69 -21.42
C LYS J 86 -18.94 22.80 -20.66
N PHE J 87 -17.61 22.83 -20.80
CA PHE J 87 -16.71 23.60 -19.96
C PHE J 87 -15.86 24.53 -20.82
N TRP J 88 -15.92 25.82 -20.50
CA TRP J 88 -15.20 26.87 -21.21
C TRP J 88 -14.41 27.68 -20.20
N ARG J 89 -13.12 27.89 -20.45
CA ARG J 89 -12.30 28.78 -19.64
C ARG J 89 -11.66 29.81 -20.57
N VAL J 90 -11.95 31.08 -20.34
CA VAL J 90 -11.52 32.12 -21.25
C VAL J 90 -10.92 33.27 -20.46
N ASP J 91 -10.09 34.05 -21.16
CA ASP J 91 -9.45 35.20 -20.56
C ASP J 91 -10.26 36.45 -20.80
N THR J 92 -10.36 37.26 -19.74
CA THR J 92 -11.16 38.48 -19.75
C THR J 92 -10.54 39.59 -20.60
N VAL J 93 -9.23 39.53 -20.85
CA VAL J 93 -8.59 40.51 -21.70
C VAL J 93 -8.91 40.21 -23.16
N LYS J 94 -9.21 41.27 -23.91
CA LYS J 94 -9.65 41.14 -25.29
C LYS J 94 -8.53 40.58 -26.15
N ASN J 95 -8.84 39.55 -26.93
CA ASN J 95 -7.91 39.04 -27.92
C ASN J 95 -7.89 39.96 -29.14
N GLU J 96 -6.70 40.15 -29.70
CA GLU J 96 -6.53 41.05 -30.83
C GLU J 96 -6.88 40.44 -32.18
N ASN J 97 -6.84 39.10 -32.30
CA ASN J 97 -7.38 38.47 -33.49
C ASN J 97 -8.50 37.49 -33.12
N ASP J 98 -9.27 37.81 -32.09
CA ASP J 98 -10.51 37.10 -31.79
C ASP J 98 -11.28 37.91 -30.76
N LYS J 99 -12.47 37.44 -30.42
CA LYS J 99 -13.23 38.03 -29.32
C LYS J 99 -12.45 37.94 -28.02
N TYR J 100 -12.24 36.71 -27.55
CA TYR J 100 -11.50 36.43 -26.34
C TYR J 100 -10.63 35.19 -26.60
N ASP J 101 -9.87 34.77 -25.60
CA ASP J 101 -9.05 33.58 -25.73
C ASP J 101 -9.49 32.55 -24.71
N ALA J 102 -9.61 31.31 -25.17
CA ALA J 102 -10.35 30.30 -24.43
C ALA J 102 -9.58 28.98 -24.45
N GLN J 103 -9.95 28.10 -23.53
CA GLN J 103 -9.73 26.67 -23.65
C GLN J 103 -11.04 25.99 -23.29
N PHE J 104 -11.39 24.95 -24.04
CA PHE J 104 -12.75 24.40 -24.09
C PHE J 104 -12.71 22.90 -23.89
N GLY J 105 -13.79 22.36 -23.33
CA GLY J 105 -13.92 20.91 -23.29
C GLY J 105 -15.31 20.49 -22.88
N PHE J 106 -15.58 19.20 -23.04
CA PHE J 106 -16.75 18.55 -22.47
C PHE J 106 -16.32 17.88 -21.17
N ALA J 107 -17.04 18.16 -20.10
CA ALA J 107 -16.62 17.77 -18.76
C ALA J 107 -17.75 17.06 -18.02
N TYR J 108 -17.35 16.33 -16.99
CA TYR J 108 -18.25 15.48 -16.22
C TYR J 108 -18.14 15.88 -14.75
N ILE J 109 -19.10 15.44 -13.94
CA ILE J 109 -19.09 15.76 -12.51
C ILE J 109 -18.44 14.62 -11.75
N GLU J 110 -17.14 14.70 -11.52
CA GLU J 110 -16.44 13.69 -10.74
C GLU J 110 -16.78 13.68 -9.26
N SER J 111 -16.86 14.85 -8.63
CA SER J 111 -17.30 14.92 -7.24
C SER J 111 -17.68 16.35 -6.91
N ARG J 112 -18.49 16.50 -5.88
CA ARG J 112 -18.93 17.80 -5.35
C ARG J 112 -18.88 17.64 -3.84
N GLU J 113 -18.47 18.72 -3.18
CA GLU J 113 -18.31 18.76 -1.73
C GLU J 113 -18.96 20.04 -1.25
N TYR J 114 -19.85 19.93 -0.27
CA TYR J 114 -20.47 21.11 0.31
C TYR J 114 -20.04 21.31 1.76
N SER J 115 -19.51 22.48 2.03
CA SER J 115 -19.08 22.86 3.37
C SER J 115 -19.93 24.02 3.86
N ASP J 116 -20.56 23.80 5.01
CA ASP J 116 -21.21 24.83 5.81
C ASP J 116 -20.34 25.04 7.03
N GLY J 117 -19.93 26.28 7.26
CA GLY J 117 -19.19 26.64 8.46
C GLY J 117 -19.90 27.69 9.26
N VAL J 118 -19.57 27.75 10.55
CA VAL J 118 -20.13 28.76 11.46
C VAL J 118 -19.58 30.14 11.13
N GLU J 119 -18.36 30.22 10.60
CA GLU J 119 -17.86 31.47 10.05
C GLU J 119 -17.98 31.53 8.55
N GLY J 120 -18.05 32.73 7.98
CA GLY J 120 -17.88 32.89 6.56
C GLY J 120 -19.16 32.48 5.86
N ALA J 121 -19.04 31.83 4.70
CA ALA J 121 -20.22 31.45 3.93
C ALA J 121 -20.00 30.09 3.26
N VAL J 122 -21.11 29.49 2.85
CA VAL J 122 -21.10 28.10 2.36
C VAL J 122 -20.06 27.96 1.25
N GLU J 123 -19.33 26.85 1.29
CA GLU J 123 -18.25 26.65 0.32
C GLU J 123 -18.47 25.35 -0.44
N ILE J 124 -18.42 25.43 -1.76
CA ILE J 124 -18.63 24.29 -2.62
C ILE J 124 -17.36 24.02 -3.40
N SER J 125 -16.84 22.81 -3.26
CA SER J 125 -15.77 22.30 -4.10
C SER J 125 -16.36 21.29 -5.06
N ILE J 126 -16.36 21.60 -6.35
CA ILE J 126 -16.85 20.69 -7.37
C ILE J 126 -15.68 20.27 -8.26
N SER J 127 -15.43 18.96 -8.31
CA SER J 127 -14.33 18.39 -9.07
C SER J 127 -14.88 17.68 -10.29
N LEU J 128 -14.14 17.78 -11.39
CA LEU J 128 -14.58 17.30 -12.69
C LEU J 128 -13.42 16.64 -13.42
N GLN J 129 -13.71 15.56 -14.12
CA GLN J 129 -12.79 14.97 -15.09
C GLN J 129 -13.17 15.50 -16.45
N VAL J 130 -12.23 15.46 -17.39
CA VAL J 130 -12.52 15.85 -18.76
C VAL J 130 -11.76 14.91 -19.68
N ILE J 131 -12.25 14.77 -20.91
CA ILE J 131 -11.69 13.79 -21.84
C ILE J 131 -10.83 14.49 -22.89
N GLY J 132 -10.20 15.59 -22.51
CA GLY J 132 -9.33 16.30 -23.41
C GLY J 132 -9.78 17.72 -23.62
N GLU J 133 -9.28 18.64 -22.78
CA GLU J 133 -9.54 20.05 -22.96
C GLU J 133 -8.62 20.63 -24.02
N LEU J 134 -9.22 21.40 -24.92
CA LEU J 134 -8.49 21.94 -26.07
C LEU J 134 -8.49 23.45 -25.95
N LYS J 135 -7.45 24.08 -26.48
CA LYS J 135 -7.30 25.52 -26.41
C LYS J 135 -7.76 26.15 -27.73
N ASN J 136 -8.41 27.31 -27.64
CA ASN J 136 -8.85 28.03 -28.82
C ASN J 136 -9.07 29.49 -28.45
N GLY J 137 -9.78 30.22 -29.31
CA GLY J 137 -10.22 31.55 -28.94
C GLY J 137 -11.69 31.57 -28.59
N GLU J 138 -12.07 32.49 -27.71
CA GLU J 138 -13.42 32.55 -27.20
C GLU J 138 -14.25 33.45 -28.10
N ILE J 139 -15.44 32.96 -28.46
CA ILE J 139 -16.30 33.69 -29.38
C ILE J 139 -17.36 34.48 -28.63
N ASP J 140 -17.96 33.88 -27.60
CA ASP J 140 -19.03 34.56 -26.87
C ASP J 140 -18.46 35.50 -25.83
N THR J 141 -18.59 36.81 -26.08
CA THR J 141 -18.19 37.82 -25.11
C THR J 141 -19.00 37.75 -23.83
N LEU J 142 -20.35 37.62 -23.92
CA LEU J 142 -21.30 37.67 -22.83
C LEU J 142 -20.98 38.85 -21.93
N PRO J 143 -21.05 40.10 -22.46
CA PRO J 143 -20.35 41.23 -21.83
C PRO J 143 -20.90 41.67 -20.50
N GLU J 144 -21.98 41.02 -20.07
CA GLU J 144 -22.54 41.19 -18.75
C GLU J 144 -21.58 40.74 -17.67
N GLU J 145 -20.82 39.66 -17.92
CA GLU J 145 -19.98 39.07 -16.90
C GLU J 145 -18.49 39.17 -17.21
N ILE J 146 -18.01 38.58 -18.29
CA ILE J 146 -16.61 38.63 -18.67
C ILE J 146 -16.17 40.04 -19.01
N VAL J 147 -16.92 40.72 -19.86
CA VAL J 147 -16.55 42.06 -20.30
C VAL J 147 -16.74 43.01 -19.13
N ASN J 148 -17.86 42.84 -18.41
CA ASN J 148 -18.18 43.74 -17.29
C ASN J 148 -18.08 43.01 -15.95
N VAL J 149 -17.12 43.41 -15.12
CA VAL J 149 -17.09 42.90 -13.75
C VAL J 149 -16.92 44.10 -12.82
N SER J 150 -18.03 44.58 -12.28
CA SER J 150 -18.02 45.81 -11.50
C SER J 150 -18.09 45.56 -10.00
N LYS J 151 -17.78 46.56 -9.18
CA LYS J 151 -17.92 46.40 -7.74
C LYS J 151 -19.34 46.61 -7.23
N GLY J 152 -20.29 46.99 -8.09
CA GLY J 152 -21.65 47.28 -7.67
C GLY J 152 -21.88 48.74 -7.37
N GLY J 153 -20.86 49.56 -7.58
CA GLY J 153 -20.94 50.99 -7.28
C GLY J 153 -21.81 51.72 -8.28
N TYR J 154 -22.64 52.62 -7.76
CA TYR J 154 -23.53 53.48 -8.53
C TYR J 154 -23.41 54.90 -8.02
N ASP J 155 -23.54 55.88 -8.93
CA ASP J 155 -23.00 57.22 -8.70
C ASP J 155 -23.60 57.97 -7.52
N PHE J 156 -24.94 58.04 -7.43
CA PHE J 156 -25.74 58.47 -6.28
C PHE J 156 -27.01 57.62 -6.19
N GLN J 157 -27.54 57.53 -4.97
CA GLN J 157 -28.96 57.27 -4.74
C GLN J 157 -29.36 58.20 -3.59
N GLN J 158 -29.79 59.43 -3.92
CA GLN J 158 -29.92 60.45 -2.88
C GLN J 158 -31.36 60.93 -2.64
N PRO J 159 -32.28 60.93 -3.63
CA PRO J 159 -33.67 61.23 -3.28
C PRO J 159 -34.41 60.06 -2.65
N GLY J 160 -33.70 59.01 -2.25
CA GLY J 160 -34.38 57.81 -1.81
C GLY J 160 -34.94 56.86 -2.86
N GLN J 161 -34.16 55.88 -3.33
CA GLN J 161 -34.70 54.92 -4.28
C GLN J 161 -34.90 53.56 -3.63
N THR J 162 -35.66 53.52 -2.52
CA THR J 162 -36.04 52.31 -1.77
C THR J 162 -34.96 51.23 -1.85
N THR J 163 -33.87 51.46 -1.12
CA THR J 163 -32.68 50.64 -1.33
C THR J 163 -32.71 49.47 -0.35
N GLY J 164 -31.82 48.51 -0.58
CA GLY J 164 -31.60 47.42 0.35
C GLY J 164 -30.13 47.14 0.59
N GLU J 165 -29.81 45.93 1.04
CA GLU J 165 -28.43 45.57 1.36
C GLU J 165 -27.58 45.45 0.09
N ALA J 166 -28.22 45.13 -1.03
CA ALA J 166 -27.55 44.93 -2.31
C ALA J 166 -27.10 46.28 -2.85
N PRO J 167 -26.17 46.29 -3.80
CA PRO J 167 -25.33 47.47 -4.01
C PRO J 167 -26.02 48.55 -4.84
N GLY J 168 -27.18 48.18 -5.37
CA GLY J 168 -28.13 49.13 -5.91
C GLY J 168 -29.56 48.67 -6.06
N THR J 169 -30.43 49.01 -5.11
CA THR J 169 -31.85 48.78 -5.28
C THR J 169 -32.55 50.08 -5.65
N VAL J 170 -33.67 49.94 -6.33
CA VAL J 170 -34.51 51.05 -6.76
C VAL J 170 -35.95 50.77 -6.32
N PRO J 171 -36.87 51.75 -6.38
CA PRO J 171 -38.25 51.47 -5.97
C PRO J 171 -38.97 50.58 -6.97
N ALA J 172 -39.29 49.36 -6.51
CA ALA J 172 -39.83 48.27 -7.33
C ALA J 172 -38.88 47.88 -8.45
N PRO K 1 28.24 32.46 -4.16
CA PRO K 1 28.11 31.21 -4.91
C PRO K 1 27.18 31.65 -6.03
N ILE K 2 26.38 30.72 -6.55
CA ILE K 2 25.41 31.00 -7.60
C ILE K 2 24.12 31.47 -6.93
N MET K 3 23.58 32.58 -7.41
CA MET K 3 22.39 33.18 -6.84
C MET K 3 21.13 32.55 -7.43
N GLY K 4 20.00 32.81 -6.79
CA GLY K 4 18.71 32.37 -7.29
C GLY K 4 18.35 32.90 -8.66
N GLN K 5 18.69 34.16 -8.94
CA GLN K 5 18.55 34.74 -10.27
C GLN K 5 19.59 34.20 -11.24
N ASP K 6 20.74 33.75 -10.74
CA ASP K 6 21.86 33.37 -11.59
C ASP K 6 21.56 32.24 -12.55
N VAL K 7 20.93 31.16 -12.11
CA VAL K 7 20.65 30.01 -12.97
C VAL K 7 19.32 30.26 -13.67
N LYS K 8 19.34 30.32 -15.00
CA LYS K 8 18.11 30.49 -15.76
C LYS K 8 17.99 29.40 -16.81
N TYR K 9 16.74 29.13 -17.19
CA TYR K 9 16.37 27.93 -17.93
C TYR K 9 15.74 28.34 -19.25
N LEU K 10 16.33 27.89 -20.35
CA LEU K 10 15.75 28.12 -21.67
C LEU K 10 15.47 26.79 -22.35
N PHE K 11 14.47 26.77 -23.23
CA PHE K 11 14.14 25.59 -24.01
C PHE K 11 14.14 25.94 -25.49
N GLN K 12 14.56 24.98 -26.31
CA GLN K 12 14.41 25.12 -27.75
C GLN K 12 13.58 23.94 -28.28
N SER K 13 12.55 24.27 -29.05
CA SER K 13 11.68 23.25 -29.64
C SER K 13 12.37 22.54 -30.79
N ILE K 14 12.14 21.23 -30.88
CA ILE K 14 12.76 20.44 -31.94
C ILE K 14 12.23 20.81 -33.31
N ASP K 15 10.95 21.14 -33.42
CA ASP K 15 10.31 21.34 -34.71
C ASP K 15 10.57 22.73 -35.28
N ALA K 16 11.08 23.67 -34.48
CA ALA K 16 11.24 25.03 -34.96
C ALA K 16 12.29 25.11 -36.07
N ALA K 17 13.47 24.49 -35.83
CA ALA K 17 14.65 24.56 -36.70
C ALA K 17 15.14 26.00 -36.87
N THR K 18 15.16 26.76 -35.78
CA THR K 18 15.59 28.15 -35.77
C THR K 18 16.91 28.25 -35.01
N GLY K 19 17.62 29.35 -35.23
CA GLY K 19 18.91 29.56 -34.60
C GLY K 19 18.81 30.32 -33.28
N SER K 20 17.90 29.91 -32.41
CA SER K 20 17.70 30.61 -31.15
C SER K 20 16.73 29.86 -30.23
N ALA K 21 16.93 30.00 -28.92
CA ALA K 21 16.21 29.30 -27.84
C ALA K 21 15.36 30.25 -27.00
N PRO K 22 14.02 30.17 -27.08
CA PRO K 22 13.20 31.05 -26.23
C PRO K 22 13.18 30.61 -24.78
N LEU K 23 13.13 31.58 -23.88
CA LEU K 23 12.86 31.29 -22.48
C LEU K 23 11.73 32.18 -22.00
N PHE K 24 11.08 31.76 -20.94
CA PHE K 24 9.83 32.44 -20.65
C PHE K 24 10.01 33.39 -19.46
N PRO K 25 9.35 34.54 -19.47
CA PRO K 25 9.50 35.46 -18.33
C PRO K 25 8.67 35.04 -17.13
N ALA K 26 8.87 35.79 -16.04
CA ALA K 26 8.20 35.60 -14.74
C ALA K 26 8.37 34.17 -14.23
N TYR K 27 9.62 33.82 -13.90
CA TYR K 27 9.91 32.55 -13.26
C TYR K 27 9.52 32.57 -11.78
N GLN K 28 8.96 31.46 -11.34
CA GLN K 28 8.53 31.27 -9.97
C GLN K 28 9.67 30.48 -9.33
N THR K 29 9.88 29.24 -9.75
CA THR K 29 10.92 28.40 -9.17
C THR K 29 11.07 27.10 -9.95
N ASP K 30 12.27 26.54 -9.83
CA ASP K 30 12.74 25.50 -10.73
C ASP K 30 13.38 24.42 -9.89
N GLY K 31 12.77 23.25 -9.90
CA GLY K 31 13.40 22.08 -9.30
C GLY K 31 13.69 21.03 -10.35
N SER K 32 14.96 20.66 -10.46
CA SER K 32 15.39 19.56 -11.31
C SER K 32 15.86 18.47 -10.35
N VAL K 33 15.29 17.29 -10.49
CA VAL K 33 15.55 16.20 -9.56
C VAL K 33 16.06 15.01 -10.35
N SER K 34 17.13 14.41 -9.85
CA SER K 34 17.94 13.44 -10.59
C SER K 34 18.28 12.29 -9.64
N GLY K 35 17.63 11.16 -9.83
CA GLY K 35 17.85 10.01 -8.97
C GLY K 35 18.72 8.95 -9.59
N GLU K 36 19.83 8.61 -8.93
CA GLU K 36 20.77 7.62 -9.42
C GLU K 36 20.52 6.32 -8.67
N ARG K 37 19.83 5.39 -9.31
CA ARG K 37 19.41 4.16 -8.66
C ARG K 37 20.62 3.29 -8.35
N GLU K 38 20.55 2.54 -7.25
CA GLU K 38 21.70 1.86 -6.67
C GLU K 38 21.34 0.39 -6.45
N LEU K 39 22.34 -0.38 -6.04
CA LEU K 39 22.19 -1.80 -5.79
C LEU K 39 21.26 -2.05 -4.61
N PHE K 40 20.35 -3.00 -4.80
CA PHE K 40 19.51 -3.48 -3.71
C PHE K 40 20.21 -4.56 -2.91
N ASP K 41 20.19 -4.41 -1.59
CA ASP K 41 20.32 -5.50 -0.64
C ASP K 41 21.78 -5.92 -0.57
N GLU K 42 22.40 -5.70 0.59
CA GLU K 42 23.77 -6.12 0.82
C GLU K 42 23.93 -7.63 0.95
N GLN K 43 22.97 -8.28 1.64
CA GLN K 43 23.00 -9.70 2.03
C GLN K 43 23.95 -9.93 3.21
N THR K 44 24.20 -8.87 4.00
CA THR K 44 25.30 -8.77 4.97
C THR K 44 26.60 -9.37 4.43
N LYS K 45 27.09 -8.78 3.33
CA LYS K 45 28.29 -9.26 2.65
C LYS K 45 29.41 -8.25 2.76
N ASN K 46 30.01 -7.88 1.62
CA ASN K 46 31.06 -6.87 1.60
C ASN K 46 30.58 -5.52 1.07
N GLY K 47 29.27 -5.35 0.88
CA GLY K 47 28.73 -4.11 0.36
C GLY K 47 28.14 -4.31 -1.01
N ARG K 48 26.90 -4.77 -1.05
CA ARG K 48 26.20 -5.03 -2.30
C ARG K 48 25.13 -3.97 -2.46
N ILE K 49 25.27 -2.87 -1.71
CA ILE K 49 24.33 -1.75 -1.77
C ILE K 49 25.06 -0.51 -2.26
N LEU K 50 26.32 -0.66 -2.67
CA LEU K 50 27.08 0.44 -3.25
C LEU K 50 27.23 0.31 -4.75
N GLY K 51 26.34 -0.44 -5.40
CA GLY K 51 26.49 -0.82 -6.79
C GLY K 51 25.80 0.12 -7.75
N PRO K 52 26.20 0.08 -9.03
CA PRO K 52 25.65 1.03 -10.00
C PRO K 52 24.24 0.70 -10.45
N GLY K 53 23.50 1.73 -10.83
CA GLY K 53 22.13 1.58 -11.29
C GLY K 53 21.81 2.64 -12.30
N SER K 54 20.60 2.56 -12.84
CA SER K 54 20.15 3.54 -13.83
C SER K 54 19.87 4.87 -13.16
N VAL K 55 19.65 5.89 -13.99
CA VAL K 55 19.43 7.25 -13.51
C VAL K 55 18.05 7.71 -14.00
N ALA K 56 17.25 8.23 -13.07
CA ALA K 56 15.96 8.82 -13.36
C ALA K 56 16.13 10.34 -13.36
N ASP K 57 15.70 10.98 -14.44
CA ASP K 57 15.96 12.39 -14.65
C ASP K 57 14.63 13.08 -14.95
N SER K 58 14.20 13.92 -14.01
CA SER K 58 12.94 14.63 -14.10
C SER K 58 13.12 16.05 -13.56
N GLY K 59 12.41 16.98 -14.19
CA GLY K 59 12.41 18.36 -13.74
C GLY K 59 11.02 18.94 -13.68
N GLU K 60 10.80 19.86 -12.76
CA GLU K 60 9.54 20.59 -12.66
C GLU K 60 9.86 22.07 -12.79
N VAL K 61 8.97 22.80 -13.47
CA VAL K 61 9.17 24.23 -13.71
C VAL K 61 7.88 24.96 -13.37
N THR K 62 7.94 25.84 -12.39
CA THR K 62 6.78 26.67 -12.07
C THR K 62 7.01 28.09 -12.57
N TYR K 63 5.92 28.74 -12.98
CA TYR K 63 5.98 30.14 -13.40
C TYR K 63 4.57 30.71 -13.43
N TYR K 64 4.47 32.03 -13.61
CA TYR K 64 3.19 32.72 -13.76
C TYR K 64 2.95 32.96 -15.25
N GLY K 65 1.81 32.48 -15.74
CA GLY K 65 1.51 32.58 -17.16
C GLY K 65 1.27 33.99 -17.66
N LYS K 66 1.95 34.37 -18.75
CA LYS K 66 1.71 35.64 -19.39
C LYS K 66 0.69 35.46 -20.51
N ARG K 67 0.06 36.57 -20.91
CA ARG K 67 -1.05 36.53 -21.87
C ARG K 67 -0.69 35.84 -23.18
N GLY K 68 0.45 36.16 -23.78
CA GLY K 68 0.89 35.51 -24.99
C GLY K 68 2.35 35.81 -25.24
N ASP K 69 3.20 34.84 -24.88
CA ASP K 69 4.63 34.79 -25.22
C ASP K 69 5.07 33.36 -25.53
N ALA K 70 6.19 33.27 -26.25
CA ALA K 70 6.57 32.14 -27.09
C ALA K 70 7.05 30.87 -26.39
N GLY K 71 7.82 30.99 -25.30
CA GLY K 71 8.09 29.83 -24.46
C GLY K 71 6.82 29.20 -23.91
N GLN K 72 5.89 30.03 -23.44
CA GLN K 72 4.57 29.51 -23.07
C GLN K 72 3.86 28.88 -24.25
N LYS K 73 3.88 29.52 -25.43
CA LYS K 73 3.37 28.86 -26.62
C LYS K 73 4.24 27.68 -27.02
N ALA K 74 5.54 27.72 -26.72
CA ALA K 74 6.35 26.52 -26.86
C ALA K 74 5.88 25.43 -25.90
N ILE K 75 5.56 25.82 -24.67
CA ILE K 75 4.96 24.89 -23.72
C ILE K 75 3.60 24.40 -24.23
N GLU K 76 2.79 25.32 -24.74
CA GLU K 76 1.46 24.94 -25.21
C GLU K 76 1.50 23.96 -26.37
N ASP K 77 2.35 24.21 -27.38
CA ASP K 77 2.59 23.19 -28.40
C ASP K 77 3.24 21.96 -27.80
N ALA K 78 4.17 22.14 -26.86
CA ALA K 78 4.73 20.98 -26.19
C ALA K 78 3.64 20.06 -25.64
N TYR K 79 2.77 20.59 -24.79
CA TYR K 79 1.77 19.75 -24.14
C TYR K 79 0.59 19.44 -25.05
N GLN K 80 -0.02 20.50 -25.59
CA GLN K 80 -1.32 20.36 -26.26
C GLN K 80 -1.20 19.71 -27.63
N ASN K 81 -0.10 19.99 -28.35
CA ASN K 81 0.15 19.26 -29.59
C ASN K 81 0.85 17.93 -29.32
N GLY K 82 1.60 17.86 -28.23
CA GLY K 82 2.29 16.65 -27.84
C GLY K 82 3.62 16.48 -28.53
N LYS K 83 4.62 17.21 -28.06
CA LYS K 83 5.98 17.19 -28.59
C LYS K 83 6.93 17.25 -27.39
N GLN K 84 8.12 16.69 -27.56
CA GLN K 84 9.22 16.87 -26.62
C GLN K 84 9.93 18.18 -26.95
N ILE K 85 10.41 18.88 -25.91
CA ILE K 85 11.11 20.13 -26.11
C ILE K 85 12.54 20.00 -25.61
N LYS K 86 13.47 20.64 -26.31
CA LYS K 86 14.86 20.67 -25.91
C LYS K 86 15.03 21.66 -24.78
N PHE K 87 15.81 21.27 -23.77
CA PHE K 87 15.87 21.92 -22.47
C PHE K 87 17.31 22.33 -22.16
N TRP K 88 17.49 23.62 -21.89
CA TRP K 88 18.79 24.21 -21.58
C TRP K 88 18.67 24.97 -20.27
N ARG K 89 19.59 24.72 -19.35
CA ARG K 89 19.69 25.51 -18.11
C ARG K 89 21.11 26.05 -18.01
N VAL K 90 21.25 27.37 -17.97
CA VAL K 90 22.55 27.98 -18.03
C VAL K 90 22.65 29.06 -16.95
N ASP K 91 23.88 29.37 -16.58
CA ASP K 91 24.15 30.39 -15.59
C ASP K 91 24.38 31.74 -16.26
N THR K 92 23.80 32.78 -15.65
CA THR K 92 23.84 34.14 -16.17
C THR K 92 25.22 34.77 -16.02
N VAL K 93 26.04 34.28 -15.10
CA VAL K 93 27.40 34.79 -14.95
C VAL K 93 28.28 34.27 -16.08
N LYS K 94 29.10 35.15 -16.62
CA LYS K 94 29.92 34.84 -17.79
C LYS K 94 30.95 33.78 -17.42
N ASN K 95 31.04 32.73 -18.23
CA ASN K 95 32.11 31.75 -18.10
C ASN K 95 33.40 32.30 -18.67
N GLU K 96 34.51 32.00 -18.00
CA GLU K 96 35.80 32.51 -18.40
C GLU K 96 36.47 31.72 -19.52
N ASN K 97 36.11 30.45 -19.70
CA ASN K 97 36.55 29.74 -20.90
C ASN K 97 35.34 29.25 -21.70
N ASP K 98 34.26 30.01 -21.71
CA ASP K 98 33.16 29.79 -22.62
C ASP K 98 32.25 31.01 -22.58
N LYS K 99 31.21 31.01 -23.42
CA LYS K 99 30.18 32.03 -23.35
C LYS K 99 29.51 32.03 -21.98
N TYR K 100 28.81 30.94 -21.67
CA TYR K 100 28.12 30.75 -20.41
C TYR K 100 28.32 29.30 -20.00
N ASP K 101 27.75 28.92 -18.85
CA ASP K 101 27.84 27.55 -18.39
C ASP K 101 26.44 26.96 -18.28
N ALA K 102 26.30 25.74 -18.78
CA ALA K 102 24.98 25.20 -19.07
C ALA K 102 24.90 23.75 -18.61
N GLN K 103 23.68 23.27 -18.48
CA GLN K 103 23.37 21.84 -18.53
C GLN K 103 22.19 21.68 -19.47
N PHE K 104 22.23 20.64 -20.31
CA PHE K 104 21.39 20.52 -21.49
C PHE K 104 20.71 19.17 -21.52
N GLY K 105 19.54 19.12 -22.14
CA GLY K 105 18.91 17.83 -22.38
C GLY K 105 17.75 17.93 -23.33
N PHE K 106 17.28 16.78 -23.78
CA PHE K 106 16.01 16.65 -24.48
C PHE K 106 14.96 16.22 -23.48
N ALA K 107 13.85 16.94 -23.42
CA ALA K 107 12.87 16.78 -22.37
C ALA K 107 11.46 16.62 -22.94
N TYR K 108 10.59 16.09 -22.11
CA TYR K 108 9.22 15.75 -22.50
C TYR K 108 8.27 16.44 -21.53
N ILE K 109 6.99 16.50 -21.91
CA ILE K 109 5.98 17.13 -21.05
C ILE K 109 5.29 16.07 -20.22
N GLU K 110 5.80 15.82 -19.01
CA GLU K 110 5.17 14.86 -18.12
C GLU K 110 3.84 15.31 -17.56
N SER K 111 3.71 16.56 -17.13
CA SER K 111 2.42 17.08 -16.69
C SER K 111 2.49 18.60 -16.65
N ARG K 112 1.32 19.23 -16.72
CA ARG K 112 1.16 20.68 -16.62
C ARG K 112 -0.07 20.88 -15.74
N GLU K 113 0.00 21.92 -14.91
CA GLU K 113 -1.04 22.26 -13.95
C GLU K 113 -1.27 23.74 -14.07
N TYR K 114 -2.54 24.14 -14.25
CA TYR K 114 -2.88 25.55 -14.30
C TYR K 114 -3.74 25.95 -13.11
N SER K 115 -3.26 26.95 -12.38
CA SER K 115 -3.95 27.49 -11.23
C SER K 115 -4.35 28.93 -11.51
N ASP K 116 -5.66 29.18 -11.40
CA ASP K 116 -6.23 30.52 -11.37
C ASP K 116 -6.69 30.75 -9.94
N GLY K 117 -6.22 31.84 -9.34
CA GLY K 117 -6.66 32.24 -8.01
C GLY K 117 -7.28 33.61 -8.01
N VAL K 118 -8.10 33.88 -7.01
CA VAL K 118 -8.73 35.18 -6.84
C VAL K 118 -7.70 36.23 -6.42
N GLU K 119 -6.65 35.82 -5.72
CA GLU K 119 -5.51 36.70 -5.49
C GLU K 119 -4.36 36.43 -6.43
N GLY K 120 -3.51 37.44 -6.67
CA GLY K 120 -2.25 37.18 -7.33
C GLY K 120 -2.50 37.02 -8.81
N ALA K 121 -1.76 36.11 -9.45
CA ALA K 121 -1.88 35.91 -10.88
C ALA K 121 -1.73 34.43 -11.25
N VAL K 122 -2.17 34.09 -12.46
CA VAL K 122 -2.28 32.70 -12.88
C VAL K 122 -0.94 31.99 -12.67
N GLU K 123 -1.01 30.76 -12.18
CA GLU K 123 0.22 30.03 -11.86
C GLU K 123 0.24 28.71 -12.62
N ILE K 124 1.33 28.46 -13.32
CA ILE K 124 1.49 27.25 -14.11
C ILE K 124 2.65 26.45 -13.55
N SER K 125 2.36 25.20 -13.18
CA SER K 125 3.39 24.23 -12.84
C SER K 125 3.48 23.23 -13.98
N ILE K 126 4.61 23.21 -14.68
CA ILE K 126 4.84 22.27 -15.76
C ILE K 126 5.96 21.33 -15.34
N SER K 127 5.65 20.03 -15.31
CA SER K 127 6.60 19.00 -14.92
C SER K 127 7.03 18.21 -16.14
N LEU K 128 8.31 17.82 -16.15
CA LEU K 128 8.93 17.19 -17.30
C LEU K 128 9.85 16.08 -16.84
N GLN K 129 9.87 14.99 -17.60
CA GLN K 129 10.87 13.95 -17.46
C GLN K 129 11.96 14.22 -18.49
N VAL K 130 13.15 13.69 -18.26
CA VAL K 130 14.22 13.80 -19.23
C VAL K 130 14.99 12.49 -19.24
N ILE K 131 15.66 12.21 -20.36
CA ILE K 131 16.32 10.92 -20.52
C ILE K 131 17.83 11.07 -20.35
N GLY K 132 18.24 11.99 -19.49
CA GLY K 132 19.64 12.17 -19.22
C GLY K 132 20.09 13.58 -19.54
N GLU K 133 20.01 14.48 -18.56
CA GLU K 133 20.54 15.82 -18.72
C GLU K 133 22.04 15.84 -18.50
N LEU K 134 22.73 16.51 -19.43
CA LEU K 134 24.19 16.52 -19.42
C LEU K 134 24.64 17.96 -19.18
N LYS K 135 25.81 18.10 -18.57
CA LYS K 135 26.35 19.42 -18.24
C LYS K 135 27.38 19.82 -19.30
N ASN K 136 27.40 21.10 -19.65
CA ASN K 136 28.37 21.62 -20.60
C ASN K 136 28.50 23.12 -20.40
N GLY K 137 29.08 23.80 -21.39
CA GLY K 137 29.05 25.24 -21.39
C GLY K 137 28.05 25.77 -22.40
N GLU K 138 27.51 26.95 -22.09
CA GLU K 138 26.44 27.53 -22.90
C GLU K 138 27.05 28.38 -23.99
N ILE K 139 26.57 28.20 -25.22
CA ILE K 139 27.13 28.89 -26.36
C ILE K 139 26.29 30.13 -26.71
N ASP K 140 24.97 29.99 -26.68
CA ASP K 140 24.11 31.10 -27.07
C ASP K 140 23.90 32.06 -25.90
N THR K 141 24.51 33.25 -26.01
CA THR K 141 24.31 34.30 -25.03
C THR K 141 22.87 34.78 -24.97
N LEU K 142 22.23 35.01 -26.12
CA LEU K 142 20.90 35.60 -26.27
C LEU K 142 20.78 36.83 -25.38
N PRO K 143 21.62 37.86 -25.59
CA PRO K 143 21.89 38.86 -24.54
C PRO K 143 20.71 39.76 -24.18
N GLU K 144 19.61 39.57 -24.89
CA GLU K 144 18.34 40.20 -24.59
C GLU K 144 17.80 39.77 -23.23
N GLU K 145 18.00 38.49 -22.88
CA GLU K 145 17.40 37.93 -21.68
C GLU K 145 18.42 37.52 -20.62
N ILE K 146 19.30 36.56 -20.92
CA ILE K 146 20.32 36.11 -19.98
C ILE K 146 21.31 37.22 -19.65
N VAL K 147 21.85 37.86 -20.67
CA VAL K 147 22.87 38.89 -20.48
C VAL K 147 22.19 40.10 -19.86
N ASN K 148 21.01 40.45 -20.38
CA ASN K 148 20.30 41.63 -19.92
C ASN K 148 19.03 41.26 -19.15
N VAL K 149 18.99 41.54 -17.85
CA VAL K 149 17.75 41.39 -17.11
C VAL K 149 17.52 42.67 -16.29
N SER K 150 16.71 43.57 -16.85
CA SER K 150 16.54 44.90 -16.27
C SER K 150 15.24 45.04 -15.50
N LYS K 151 15.12 46.06 -14.66
CA LYS K 151 13.86 46.31 -13.98
C LYS K 151 12.83 47.05 -14.84
N GLY K 152 13.17 47.46 -16.05
CA GLY K 152 12.25 48.22 -16.88
C GLY K 152 12.43 49.72 -16.74
N GLY K 153 13.40 50.13 -15.95
CA GLY K 153 13.64 51.54 -15.68
C GLY K 153 14.26 52.24 -16.87
N TYR K 154 13.75 53.44 -17.15
CA TYR K 154 14.22 54.31 -18.22
C TYR K 154 14.40 55.72 -17.66
N ASP K 155 15.40 56.45 -18.19
CA ASP K 155 15.97 57.58 -17.47
C ASP K 155 15.02 58.73 -17.20
N PHE K 156 14.29 59.21 -18.23
CA PHE K 156 13.15 60.12 -18.19
C PHE K 156 12.15 59.71 -19.26
N GLN K 157 10.88 60.09 -19.02
CA GLN K 157 9.90 60.32 -20.07
C GLN K 157 9.12 61.57 -19.65
N GLN K 158 9.60 62.75 -20.05
CA GLN K 158 9.09 63.99 -19.45
C GLN K 158 8.36 64.90 -20.44
N PRO K 159 8.69 64.94 -21.75
CA PRO K 159 7.81 65.71 -22.65
C PRO K 159 6.54 64.98 -23.02
N GLY K 160 6.18 63.90 -22.33
CA GLY K 160 5.07 63.09 -22.78
C GLY K 160 5.29 62.13 -23.93
N GLN K 161 5.68 60.88 -23.67
CA GLN K 161 5.81 59.92 -24.76
C GLN K 161 4.71 58.87 -24.69
N THR K 162 3.45 59.33 -24.70
CA THR K 162 2.24 58.50 -24.72
C THR K 162 2.44 57.16 -23.99
N THR K 163 2.50 57.23 -22.67
CA THR K 163 2.95 56.08 -21.91
C THR K 163 1.76 55.23 -21.50
N GLY K 164 2.04 54.02 -21.01
CA GLY K 164 1.01 53.18 -20.43
C GLY K 164 1.46 52.55 -19.12
N GLU K 165 0.83 51.44 -18.75
CA GLU K 165 1.13 50.77 -17.48
C GLU K 165 2.51 50.12 -17.52
N ALA K 166 2.97 49.73 -18.71
CA ALA K 166 4.24 49.05 -18.92
C ALA K 166 5.38 50.04 -18.70
N PRO K 167 6.59 49.56 -18.49
CA PRO K 167 7.60 50.35 -17.79
C PRO K 167 8.30 51.37 -18.70
N GLY K 168 8.00 51.23 -19.99
CA GLY K 168 8.30 52.26 -20.97
C GLY K 168 7.54 52.21 -22.27
N THR K 169 6.47 53.00 -22.40
CA THR K 169 5.81 53.16 -23.68
C THR K 169 6.23 54.49 -24.31
N VAL K 170 6.15 54.52 -25.63
CA VAL K 170 6.46 55.70 -26.44
C VAL K 170 5.31 55.95 -27.40
N PRO K 171 5.25 57.12 -28.07
CA PRO K 171 4.13 57.37 -29.00
C PRO K 171 4.24 56.51 -30.24
N ALA K 172 3.28 55.60 -30.39
CA ALA K 172 3.26 54.54 -31.40
C ALA K 172 4.48 53.63 -31.31
N PRO L 1 29.35 20.66 24.04
CA PRO L 1 29.42 19.36 23.36
C PRO L 1 29.98 19.77 22.01
N ILE L 2 29.64 19.02 20.96
CA ILE L 2 30.08 19.32 19.61
C ILE L 2 29.08 20.28 19.00
N MET L 3 29.59 21.36 18.40
CA MET L 3 28.75 22.40 17.83
C MET L 3 28.36 22.04 16.39
N GLY L 4 27.38 22.78 15.87
CA GLY L 4 26.96 22.62 14.50
C GLY L 4 28.04 22.89 13.48
N GLN L 5 28.89 23.88 13.72
CA GLN L 5 30.08 24.14 12.91
C GLN L 5 31.16 23.10 13.14
N ASP L 6 31.19 22.46 14.30
CA ASP L 6 32.28 21.58 14.69
C ASP L 6 32.47 20.39 13.77
N VAL L 7 31.40 19.68 13.40
CA VAL L 7 31.52 18.49 12.55
C VAL L 7 31.49 18.95 11.11
N LYS L 8 32.57 18.68 10.36
CA LYS L 8 32.59 19.01 8.95
C LYS L 8 32.96 17.79 8.12
N TYR L 9 32.53 17.81 6.86
CA TYR L 9 32.48 16.63 6.00
C TYR L 9 33.35 16.88 4.78
N LEU L 10 34.34 16.02 4.58
CA LEU L 10 35.18 16.08 3.38
C LEU L 10 35.07 14.77 2.63
N PHE L 11 35.25 14.83 1.31
CA PHE L 11 35.27 13.65 0.46
C PHE L 11 36.55 13.62 -0.36
N GLN L 12 37.06 12.41 -0.59
CA GLN L 12 38.15 12.24 -1.53
C GLN L 12 37.72 11.27 -2.62
N SER L 13 37.92 11.68 -3.87
CA SER L 13 37.58 10.85 -5.01
C SER L 13 38.57 9.72 -5.20
N ILE L 14 38.05 8.55 -5.57
CA ILE L 14 38.89 7.37 -5.77
C ILE L 14 39.84 7.55 -6.95
N ASP L 15 39.39 8.20 -8.02
CA ASP L 15 40.15 8.26 -9.25
C ASP L 15 41.24 9.34 -9.22
N ALA L 16 41.22 10.24 -8.24
CA ALA L 16 42.17 11.34 -8.24
C ALA L 16 43.59 10.84 -8.01
N ALA L 17 43.78 9.99 -6.99
CA ALA L 17 45.08 9.49 -6.51
C ALA L 17 45.99 10.63 -6.07
N THR L 18 45.41 11.58 -5.33
CA THR L 18 46.13 12.75 -4.84
C THR L 18 46.24 12.65 -3.32
N GLY L 19 47.17 13.40 -2.74
CA GLY L 19 47.39 13.38 -1.32
C GLY L 19 46.60 14.42 -0.56
N SER L 20 45.31 14.52 -0.85
CA SER L 20 44.48 15.53 -0.21
C SER L 20 43.01 15.35 -0.55
N ALA L 21 42.12 15.73 0.38
CA ALA L 21 40.67 15.55 0.34
C ALA L 21 39.92 16.88 0.24
N PRO L 22 39.27 17.18 -0.91
CA PRO L 22 38.52 18.44 -1.00
C PRO L 22 37.21 18.39 -0.22
N LEU L 23 36.84 19.52 0.36
CA LEU L 23 35.50 19.67 0.91
C LEU L 23 34.87 20.95 0.36
N PHE L 24 33.56 20.99 0.39
CA PHE L 24 32.96 22.06 -0.37
C PHE L 24 32.46 23.18 0.56
N PRO L 25 32.56 24.44 0.15
CA PRO L 25 32.08 25.52 1.01
C PRO L 25 30.57 25.66 0.99
N ALA L 26 30.08 26.56 1.86
CA ALA L 26 28.67 26.89 2.03
C ALA L 26 27.83 25.64 2.32
N TYR L 27 28.07 25.04 3.48
CA TYR L 27 27.25 23.93 3.95
C TYR L 27 25.91 24.42 4.48
N GLN L 28 24.87 23.67 4.15
CA GLN L 28 23.52 23.95 4.59
C GLN L 28 23.30 23.04 5.79
N THR L 29 23.28 21.72 5.57
CA THR L 29 23.06 20.79 6.66
C THR L 29 23.26 19.35 6.20
N ASP L 30 23.58 18.51 7.18
CA ASP L 30 24.13 17.19 6.93
C ASP L 30 23.40 16.20 7.83
N GLY L 31 22.67 15.29 7.20
CA GLY L 31 22.11 14.19 7.91
C GLY L 31 22.68 12.87 7.44
N SER L 32 23.28 12.12 8.36
CA SER L 32 23.76 10.78 8.10
C SER L 32 22.85 9.87 8.92
N VAL L 33 22.24 8.90 8.26
CA VAL L 33 21.24 8.04 8.88
C VAL L 33 21.69 6.59 8.71
N SER L 34 21.61 5.85 9.81
CA SER L 34 22.25 4.54 9.94
C SER L 34 21.26 3.61 10.64
N GLY L 35 20.66 2.70 9.87
CA GLY L 35 19.68 1.79 10.43
C GLY L 35 20.23 0.40 10.66
N GLU L 36 20.14 -0.08 11.90
CA GLU L 36 20.64 -1.39 12.27
C GLU L 36 19.45 -2.34 12.37
N ARG L 37 19.27 -3.15 11.32
CA ARG L 37 18.09 -4.01 11.23
C ARG L 37 18.15 -5.10 12.30
N GLU L 38 16.98 -5.50 12.79
CA GLU L 38 16.85 -6.33 13.98
C GLU L 38 15.97 -7.52 13.67
N LEU L 39 15.87 -8.44 14.63
CA LEU L 39 15.09 -9.65 14.49
C LEU L 39 13.60 -9.32 14.39
N PHE L 40 12.93 -9.97 13.45
CA PHE L 40 11.48 -9.91 13.32
C PHE L 40 10.81 -10.93 14.24
N ASP L 41 9.83 -10.46 15.00
CA ASP L 41 8.76 -11.28 15.53
C ASP L 41 9.30 -12.07 16.71
N GLU L 42 8.78 -11.77 17.90
CA GLU L 42 9.14 -12.51 19.10
C GLU L 42 8.55 -13.91 19.15
N GLN L 43 7.29 -14.06 18.70
CA GLN L 43 6.49 -15.29 18.80
C GLN L 43 5.96 -15.50 20.22
N THR L 44 5.86 -14.41 20.98
CA THR L 44 5.68 -14.41 22.44
C THR L 44 6.55 -15.48 23.11
N LYS L 45 7.86 -15.34 22.95
CA LYS L 45 8.83 -16.30 23.48
C LYS L 45 9.69 -15.66 24.57
N ASN L 46 11.01 -15.77 24.44
CA ASN L 46 11.93 -15.15 25.39
C ASN L 46 12.60 -13.89 24.83
N GLY L 47 12.14 -13.39 23.69
CA GLY L 47 12.73 -12.21 23.09
C GLY L 47 13.43 -12.55 21.80
N ARG L 48 12.66 -12.63 20.72
CA ARG L 48 13.20 -12.97 19.40
C ARG L 48 13.16 -11.70 18.56
N ILE L 49 13.05 -10.55 19.22
CA ILE L 49 13.04 -9.26 18.55
C ILE L 49 14.24 -8.43 18.99
N LEU L 50 15.15 -9.05 19.76
CA LEU L 50 16.38 -8.39 20.17
C LEU L 50 17.59 -8.93 19.42
N GLY L 51 17.37 -9.51 18.23
CA GLY L 51 18.40 -10.23 17.52
C GLY L 51 19.14 -9.39 16.50
N PRO L 52 20.32 -9.86 16.10
CA PRO L 52 21.16 -9.06 15.19
C PRO L 52 20.69 -9.07 13.76
N GLY L 53 20.98 -7.98 13.04
CA GLY L 53 20.59 -7.84 11.65
C GLY L 53 21.61 -7.00 10.93
N SER L 54 21.39 -6.85 9.63
CA SER L 54 22.29 -6.05 8.80
C SER L 54 22.11 -4.57 9.10
N VAL L 55 23.02 -3.76 8.56
CA VAL L 55 23.04 -2.33 8.79
C VAL L 55 22.87 -1.61 7.45
N ALA L 56 21.94 -0.66 7.39
CA ALA L 56 21.74 0.19 6.23
C ALA L 56 22.37 1.53 6.53
N ASP L 57 23.24 2.00 5.65
CA ASP L 57 24.04 3.18 5.88
C ASP L 57 23.86 4.13 4.70
N SER L 58 23.22 5.26 4.98
CA SER L 58 22.90 6.27 3.99
C SER L 58 23.09 7.66 4.59
N GLY L 59 23.56 8.58 3.76
CA GLY L 59 23.72 9.95 4.17
C GLY L 59 23.19 10.92 3.14
N GLU L 60 22.68 12.06 3.58
CA GLU L 60 22.24 13.12 2.70
C GLU L 60 23.04 14.36 3.04
N VAL L 61 23.39 15.14 2.02
CA VAL L 61 24.20 16.35 2.20
C VAL L 61 23.55 17.48 1.42
N THR L 62 23.14 18.52 2.12
CA THR L 62 22.60 19.69 1.46
C THR L 62 23.62 20.82 1.50
N TYR L 63 23.63 21.64 0.45
CA TYR L 63 24.50 22.82 0.41
C TYR L 63 24.02 23.75 -0.70
N TYR L 64 24.58 24.96 -0.72
CA TYR L 64 24.32 25.94 -1.78
C TYR L 64 25.44 25.88 -2.80
N GLY L 65 25.09 25.65 -4.06
CA GLY L 65 26.08 25.49 -5.11
C GLY L 65 26.86 26.74 -5.44
N LYS L 66 28.19 26.63 -5.47
CA LYS L 66 29.04 27.71 -5.89
C LYS L 66 29.34 27.58 -7.39
N ARG L 67 29.74 28.70 -8.01
CA ARG L 67 29.91 28.75 -9.45
C ARG L 67 30.86 27.69 -9.99
N GLY L 68 32.03 27.52 -9.39
CA GLY L 68 32.97 26.48 -9.79
C GLY L 68 34.00 26.27 -8.72
N ASP L 69 33.80 25.21 -7.92
CA ASP L 69 34.75 24.67 -6.96
C ASP L 69 34.70 23.14 -6.94
N ALA L 70 35.81 22.56 -6.45
CA ALA L 70 36.25 21.19 -6.75
C ALA L 70 35.47 20.04 -6.09
N GLY L 71 35.05 20.19 -4.83
CA GLY L 71 34.11 19.24 -4.26
C GLY L 71 32.81 19.17 -5.03
N GLN L 72 32.26 20.32 -5.43
CA GLN L 72 31.13 20.33 -6.34
C GLN L 72 31.47 19.66 -7.67
N LYS L 73 32.63 19.95 -8.26
CA LYS L 73 33.06 19.21 -9.43
C LYS L 73 33.38 17.77 -9.09
N ALA L 74 33.81 17.49 -7.85
CA ALA L 74 33.90 16.11 -7.40
C ALA L 74 32.52 15.47 -7.34
N ILE L 75 31.53 16.23 -6.86
CA ILE L 75 30.14 15.77 -6.91
C ILE L 75 29.68 15.60 -8.35
N GLU L 76 30.01 16.56 -9.22
CA GLU L 76 29.57 16.49 -10.60
C GLU L 76 30.14 15.29 -11.33
N ASP L 77 31.45 15.03 -11.21
CA ASP L 77 32.00 13.77 -11.69
C ASP L 77 31.40 12.58 -10.96
N ALA L 78 31.20 12.70 -9.65
CA ALA L 78 30.53 11.62 -8.93
C ALA L 78 29.22 11.23 -9.60
N TYR L 79 28.30 12.19 -9.76
CA TYR L 79 26.99 11.84 -10.29
C TYR L 79 27.00 11.70 -11.81
N GLN L 80 27.50 12.72 -12.51
CA GLN L 80 27.31 12.81 -13.95
C GLN L 80 28.21 11.84 -14.70
N ASN L 81 29.43 11.60 -14.20
CA ASN L 81 30.26 10.56 -14.79
C ASN L 81 29.92 9.19 -14.21
N GLY L 82 29.42 9.17 -12.97
CA GLY L 82 29.01 7.93 -12.32
C GLY L 82 30.18 7.22 -11.66
N LYS L 83 30.57 7.73 -10.50
CA LYS L 83 31.67 7.18 -9.70
C LYS L 83 31.24 7.23 -8.24
N GLN L 84 31.76 6.34 -7.42
CA GLN L 84 31.64 6.41 -5.98
C GLN L 84 32.73 7.32 -5.44
N ILE L 85 32.42 8.08 -4.39
CA ILE L 85 33.40 8.98 -3.79
C ILE L 85 33.67 8.58 -2.36
N LYS L 86 34.92 8.71 -1.95
CA LYS L 86 35.32 8.43 -0.58
C LYS L 86 34.88 9.58 0.32
N PHE L 87 34.34 9.22 1.48
CA PHE L 87 33.60 10.12 2.36
C PHE L 87 34.23 10.16 3.74
N TRP L 88 34.58 11.35 4.19
CA TRP L 88 35.21 11.60 5.47
C TRP L 88 34.40 12.65 6.21
N ARG L 89 34.05 12.38 7.47
CA ARG L 89 33.42 13.37 8.34
C ARG L 89 34.25 13.48 9.62
N VAL L 90 34.77 14.67 9.88
CA VAL L 90 35.70 14.84 10.99
C VAL L 90 35.31 16.07 11.79
N ASP L 91 35.75 16.09 13.04
CA ASP L 91 35.48 17.20 13.93
C ASP L 91 36.61 18.21 13.88
N THR L 92 36.22 19.48 13.87
CA THR L 92 37.14 20.60 13.75
C THR L 92 37.96 20.82 15.02
N VAL L 93 37.47 20.35 16.17
CA VAL L 93 38.22 20.46 17.41
C VAL L 93 39.36 19.44 17.42
N LYS L 94 40.52 19.89 17.87
CA LYS L 94 41.73 19.07 17.83
C LYS L 94 41.59 17.88 18.77
N ASN L 95 41.88 16.69 18.27
CA ASN L 95 41.95 15.51 19.10
C ASN L 95 43.25 15.50 19.88
N GLU L 96 43.18 15.05 21.13
CA GLU L 96 44.33 15.05 22.01
C GLU L 96 45.26 13.86 21.82
N ASN L 97 44.75 12.74 21.30
CA ASN L 97 45.65 11.66 20.88
C ASN L 97 45.49 11.37 19.39
N ASP L 98 45.23 12.39 18.59
CA ASP L 98 45.31 12.29 17.15
C ASP L 98 45.25 13.70 16.56
N LYS L 99 45.39 13.79 15.24
CA LYS L 99 45.19 15.07 14.56
C LYS L 99 43.77 15.58 14.79
N TYR L 100 42.79 14.86 14.29
CA TYR L 100 41.38 15.20 14.43
C TYR L 100 40.63 13.89 14.67
N ASP L 101 39.31 13.98 14.83
CA ASP L 101 38.49 12.79 15.02
C ASP L 101 37.49 12.69 13.89
N ALA L 102 37.37 11.48 13.35
CA ALA L 102 36.72 11.30 12.05
C ALA L 102 35.80 10.09 12.10
N GLN L 103 34.91 10.04 11.12
CA GLN L 103 34.27 8.81 10.69
C GLN L 103 34.36 8.77 9.17
N PHE L 104 34.65 7.60 8.62
CA PHE L 104 35.10 7.45 7.25
C PHE L 104 34.29 6.38 6.53
N GLY L 105 34.16 6.53 5.21
CA GLY L 105 33.57 5.46 4.43
C GLY L 105 33.76 5.68 2.95
N PHE L 106 33.45 4.63 2.18
CA PHE L 106 33.33 4.73 0.74
C PHE L 106 31.84 4.87 0.43
N ALA L 107 31.50 5.88 -0.37
CA ALA L 107 30.12 6.28 -0.58
C ALA L 107 29.81 6.41 -2.06
N TYR L 108 28.51 6.36 -2.36
CA TYR L 108 28.01 6.36 -3.73
C TYR L 108 27.02 7.51 -3.87
N ILE L 109 26.69 7.85 -5.12
CA ILE L 109 25.74 8.94 -5.38
C ILE L 109 24.36 8.35 -5.57
N GLU L 110 23.58 8.28 -4.50
CA GLU L 110 22.22 7.78 -4.60
C GLU L 110 21.26 8.73 -5.32
N SER L 111 21.32 10.03 -5.03
CA SER L 111 20.52 11.00 -5.77
C SER L 111 21.08 12.39 -5.53
N ARG L 112 20.77 13.30 -6.45
CA ARG L 112 21.14 14.71 -6.37
C ARG L 112 19.91 15.46 -6.83
N GLU L 113 19.67 16.60 -6.19
CA GLU L 113 18.52 17.46 -6.45
C GLU L 113 19.03 18.89 -6.55
N TYR L 114 18.68 19.57 -7.64
CA TYR L 114 19.06 20.96 -7.79
C TYR L 114 17.85 21.87 -7.75
N SER L 115 17.88 22.82 -6.84
CA SER L 115 16.83 23.81 -6.70
C SER L 115 17.37 25.20 -7.03
N ASP L 116 16.72 25.84 -7.98
CA ASP L 116 16.89 27.25 -8.30
C ASP L 116 15.62 27.94 -7.82
N GLY L 117 15.78 28.96 -6.98
CA GLY L 117 14.67 29.77 -6.52
C GLY L 117 14.87 31.22 -6.89
N VAL L 118 13.76 31.96 -6.95
CA VAL L 118 13.78 33.39 -7.21
C VAL L 118 14.37 34.16 -6.03
N GLU L 119 14.19 33.64 -4.81
CA GLU L 119 14.90 34.17 -3.67
C GLU L 119 16.13 33.36 -3.30
N GLY L 120 17.11 33.99 -2.65
CA GLY L 120 18.17 33.23 -2.03
C GLY L 120 19.14 32.78 -3.10
N ALA L 121 19.68 31.57 -2.96
CA ALA L 121 20.67 31.07 -3.90
C ALA L 121 20.48 29.58 -4.14
N VAL L 122 21.08 29.10 -5.23
CA VAL L 122 20.86 27.74 -5.71
C VAL L 122 21.12 26.75 -4.59
N GLU L 123 20.25 25.74 -4.48
CA GLU L 123 20.35 24.78 -3.39
C GLU L 123 20.47 23.38 -3.95
N ILE L 124 21.49 22.66 -3.50
CA ILE L 124 21.75 21.29 -3.95
C ILE L 124 21.60 20.35 -2.77
N SER L 125 20.70 19.38 -2.93
CA SER L 125 20.60 18.25 -2.02
C SER L 125 21.18 17.02 -2.70
N ILE L 126 22.28 16.51 -2.18
CA ILE L 126 22.90 15.30 -2.71
C ILE L 126 22.81 14.20 -1.67
N SER L 127 22.15 13.11 -2.03
CA SER L 127 21.94 11.97 -1.15
C SER L 127 22.83 10.82 -1.58
N LEU L 128 23.34 10.09 -0.60
CA LEU L 128 24.33 9.04 -0.82
C LEU L 128 24.03 7.85 0.06
N GLN L 129 24.23 6.65 -0.47
CA GLN L 129 24.24 5.43 0.32
C GLN L 129 25.69 5.12 0.63
N VAL L 130 25.93 4.32 1.67
CA VAL L 130 27.28 3.89 2.00
C VAL L 130 27.18 2.44 2.48
N ILE L 131 28.30 1.71 2.35
CA ILE L 131 28.30 0.28 2.64
C ILE L 131 28.97 0.02 3.99
N GLY L 132 28.85 0.96 4.91
CA GLY L 132 29.41 0.79 6.22
C GLY L 132 30.39 1.88 6.56
N GLU L 133 29.92 2.97 7.15
CA GLU L 133 30.79 4.02 7.63
C GLU L 133 31.39 3.65 8.98
N LEU L 134 32.70 3.84 9.09
CA LEU L 134 33.44 3.42 10.27
C LEU L 134 34.01 4.67 10.93
N LYS L 135 34.17 4.62 12.24
CA LYS L 135 34.66 5.76 13.01
C LYS L 135 36.15 5.56 13.29
N ASN L 136 36.90 6.66 13.24
CA ASN L 136 38.33 6.63 13.54
C ASN L 136 38.79 8.03 13.92
N GLY L 137 40.10 8.25 13.90
CA GLY L 137 40.62 9.59 14.03
C GLY L 137 41.09 10.13 12.70
N GLU L 138 41.00 11.45 12.56
CA GLU L 138 41.31 12.10 11.29
C GLU L 138 42.79 12.44 11.26
N ILE L 139 43.43 12.12 10.14
CA ILE L 139 44.87 12.33 10.02
C ILE L 139 45.16 13.62 9.27
N ASP L 140 44.42 13.90 8.20
CA ASP L 140 44.69 15.08 7.39
C ASP L 140 44.04 16.31 7.99
N THR L 141 44.86 17.20 8.56
CA THR L 141 44.37 18.48 9.07
C THR L 141 43.76 19.35 7.99
N LEU L 142 44.44 19.49 6.84
CA LEU L 142 44.10 20.38 5.73
C LEU L 142 43.78 21.77 6.28
N PRO L 143 44.75 22.43 6.95
CA PRO L 143 44.43 23.53 7.88
C PRO L 143 43.88 24.78 7.23
N GLU L 144 43.82 24.76 5.90
CA GLU L 144 43.16 25.80 5.11
C GLU L 144 41.67 25.87 5.41
N GLU L 145 41.03 24.73 5.63
CA GLU L 145 39.58 24.67 5.78
C GLU L 145 39.13 24.24 7.17
N ILE L 146 39.46 23.04 7.62
CA ILE L 146 39.07 22.54 8.92
C ILE L 146 39.71 23.36 10.03
N VAL L 147 41.02 23.55 9.96
CA VAL L 147 41.76 24.24 11.00
C VAL L 147 41.38 25.72 10.94
N ASN L 148 41.31 26.26 9.72
CA ASN L 148 41.02 27.67 9.53
C ASN L 148 39.64 27.88 8.91
N VAL L 149 38.71 28.47 9.66
CA VAL L 149 37.45 28.88 9.06
C VAL L 149 37.17 30.32 9.47
N SER L 150 37.52 31.26 8.60
CA SER L 150 37.46 32.67 8.94
C SER L 150 36.25 33.38 8.33
N LYS L 151 35.91 34.56 8.83
CA LYS L 151 34.82 35.33 8.22
C LYS L 151 35.24 36.10 6.97
N GLY L 152 36.52 36.09 6.60
CA GLY L 152 36.98 36.86 5.46
C GLY L 152 37.51 38.23 5.85
N GLY L 153 37.53 38.52 7.14
CA GLY L 153 37.95 39.82 7.64
C GLY L 153 39.45 40.00 7.52
N TYR L 154 39.85 41.19 7.08
CA TYR L 154 41.24 41.59 6.94
C TYR L 154 41.41 42.98 7.56
N ASP L 155 42.60 43.22 8.15
CA ASP L 155 42.74 44.28 9.15
C ASP L 155 42.47 45.70 8.65
N PHE L 156 43.08 46.10 7.53
CA PHE L 156 42.80 47.29 6.72
C PHE L 156 42.99 46.95 5.25
N GLN L 157 42.29 47.73 4.40
CA GLN L 157 42.70 47.98 3.02
C GLN L 157 42.43 49.45 2.77
N GLN L 158 43.42 50.32 3.07
CA GLN L 158 43.14 51.75 3.12
C GLN L 158 43.89 52.57 2.06
N PRO L 159 45.09 52.20 1.58
CA PRO L 159 45.64 52.95 0.43
C PRO L 159 45.02 52.56 -0.90
N GLY L 160 43.90 51.83 -0.90
CA GLY L 160 43.39 51.30 -2.14
C GLY L 160 44.05 50.07 -2.74
N GLN L 161 43.60 48.86 -2.40
CA GLN L 161 44.17 47.67 -3.02
C GLN L 161 43.18 47.04 -3.99
N THR L 162 42.71 47.83 -4.97
CA THR L 162 41.80 47.41 -6.06
C THR L 162 40.86 46.30 -5.63
N THR L 163 39.88 46.66 -4.81
CA THR L 163 39.09 45.64 -4.13
C THR L 163 37.86 45.31 -4.96
N GLY L 164 37.17 44.23 -4.58
CA GLY L 164 35.90 43.89 -5.16
C GLY L 164 34.87 43.48 -4.12
N GLU L 165 33.84 42.74 -4.55
CA GLU L 165 32.78 42.34 -3.63
C GLU L 165 33.25 41.32 -2.60
N ALA L 166 34.28 40.54 -2.97
CA ALA L 166 34.83 39.49 -2.12
C ALA L 166 35.60 40.12 -0.97
N PRO L 167 35.87 39.38 0.08
CA PRO L 167 36.13 39.98 1.40
C PRO L 167 37.56 40.49 1.54
N GLY L 168 38.37 40.14 0.55
CA GLY L 168 39.66 40.77 0.35
C GLY L 168 40.27 40.63 -1.03
N THR L 169 40.13 41.65 -1.89
CA THR L 169 40.86 41.68 -3.14
C THR L 169 42.05 42.63 -3.02
N VAL L 170 43.06 42.36 -3.84
CA VAL L 170 44.27 43.17 -3.92
C VAL L 170 44.53 43.52 -5.38
N PRO L 171 45.45 44.45 -5.69
CA PRO L 171 45.70 44.78 -7.09
C PRO L 171 46.41 43.66 -7.82
N ALA L 172 45.72 43.06 -8.78
CA ALA L 172 46.11 41.84 -9.49
C ALA L 172 46.33 40.66 -8.55
N PRO A 1 -10.57 -17.17 24.88
CA PRO A 1 -10.66 -18.53 24.38
C PRO A 1 -9.35 -19.30 24.36
N ILE A 2 -8.58 -19.14 23.28
CA ILE A 2 -7.27 -19.78 23.14
C ILE A 2 -6.29 -18.74 22.62
N MET A 3 -5.02 -18.96 22.89
CA MET A 3 -3.97 -18.02 22.52
C MET A 3 -2.92 -18.70 21.64
N GLY A 4 -2.17 -17.88 20.90
CA GLY A 4 -1.07 -18.37 20.09
C GLY A 4 0.06 -19.00 20.89
N GLN A 5 0.13 -18.75 22.19
CA GLN A 5 1.06 -19.41 23.09
C GLN A 5 0.43 -20.58 23.81
N ASP A 6 -0.87 -20.81 23.61
CA ASP A 6 -1.62 -21.80 24.37
C ASP A 6 -1.27 -23.24 24.02
N VAL A 7 -1.32 -23.64 22.75
CA VAL A 7 -1.04 -25.02 22.36
C VAL A 7 0.46 -25.14 22.12
N LYS A 8 1.14 -25.90 22.98
CA LYS A 8 2.56 -26.14 22.79
C LYS A 8 2.83 -27.62 22.56
N TYR A 9 3.83 -27.89 21.72
CA TYR A 9 4.04 -29.21 21.11
C TYR A 9 5.31 -29.80 21.69
N LEU A 10 5.15 -30.83 22.52
CA LEU A 10 6.31 -31.56 23.03
C LEU A 10 6.56 -32.79 22.17
N PHE A 11 7.83 -33.05 21.89
CA PHE A 11 8.23 -34.25 21.15
C PHE A 11 9.27 -35.02 21.95
N GLN A 12 8.89 -36.23 22.37
CA GLN A 12 9.85 -37.14 22.96
C GLN A 12 10.10 -38.29 21.99
N SER A 13 11.37 -38.55 21.73
CA SER A 13 11.77 -39.63 20.84
C SER A 13 11.62 -40.99 21.51
N ILE A 14 11.27 -41.99 20.70
CA ILE A 14 11.09 -43.34 21.23
C ILE A 14 12.38 -43.93 21.78
N ASP A 15 13.50 -43.73 21.08
CA ASP A 15 14.75 -44.38 21.43
C ASP A 15 15.29 -43.94 22.78
N ALA A 16 14.88 -42.76 23.28
CA ALA A 16 15.47 -42.26 24.52
C ALA A 16 15.05 -43.11 25.72
N ALA A 17 13.75 -43.47 25.78
CA ALA A 17 13.12 -44.17 26.91
C ALA A 17 13.35 -43.43 28.23
N THR A 18 12.94 -42.16 28.26
CA THR A 18 13.08 -41.31 29.43
C THR A 18 11.84 -40.45 29.58
N GLY A 19 11.79 -39.65 30.64
CA GLY A 19 10.63 -38.81 30.91
C GLY A 19 10.96 -37.34 30.92
N SER A 20 12.03 -36.94 30.24
CA SER A 20 12.44 -35.54 30.24
C SER A 20 11.41 -34.63 29.59
N ALA A 21 10.78 -35.11 28.51
CA ALA A 21 9.84 -34.40 27.65
C ALA A 21 10.44 -33.11 27.06
N PRO A 22 11.29 -33.19 26.02
CA PRO A 22 11.84 -31.96 25.44
C PRO A 22 10.81 -31.19 24.64
N LEU A 23 10.90 -29.87 24.69
CA LEU A 23 10.14 -29.02 23.77
C LEU A 23 11.06 -27.99 23.17
N PHE A 24 10.80 -27.66 21.91
CA PHE A 24 11.83 -26.90 21.24
C PHE A 24 11.43 -25.43 21.15
N PRO A 25 12.34 -24.50 21.40
CA PRO A 25 11.98 -23.08 21.30
C PRO A 25 11.90 -22.60 19.86
N ALA A 26 11.61 -21.31 19.73
CA ALA A 26 11.48 -20.59 18.45
C ALA A 26 10.40 -21.22 17.57
N TYR A 27 9.30 -21.62 18.20
CA TYR A 27 8.14 -22.11 17.47
C TYR A 27 7.45 -20.98 16.73
N GLN A 28 7.10 -21.25 15.48
CA GLN A 28 6.41 -20.31 14.62
C GLN A 28 4.97 -20.81 14.58
N THR A 29 4.62 -21.62 13.58
CA THR A 29 3.26 -22.13 13.46
C THR A 29 3.25 -23.63 13.19
N ASP A 30 2.05 -24.19 13.28
CA ASP A 30 1.87 -25.62 13.39
C ASP A 30 0.45 -25.94 12.95
N GLY A 31 0.33 -26.43 11.73
CA GLY A 31 -0.92 -26.97 11.26
C GLY A 31 -0.98 -28.47 11.43
N SER A 32 -2.09 -28.96 11.96
CA SER A 32 -2.35 -30.39 12.06
C SER A 32 -3.72 -30.57 11.43
N VAL A 33 -3.78 -31.45 10.42
CA VAL A 33 -4.99 -31.62 9.63
C VAL A 33 -5.32 -33.11 9.60
N SER A 34 -6.61 -33.42 9.59
CA SER A 34 -7.12 -34.76 9.84
C SER A 34 -8.08 -35.13 8.71
N GLY A 35 -7.78 -36.21 8.02
CA GLY A 35 -8.61 -36.62 6.89
C GLY A 35 -9.29 -37.96 7.10
N GLU A 36 -10.61 -37.96 7.18
CA GLU A 36 -11.39 -39.17 7.41
C GLU A 36 -11.97 -39.61 6.06
N ARG A 37 -11.72 -40.85 5.69
CA ARG A 37 -12.10 -41.36 4.38
C ARG A 37 -13.62 -41.35 4.23
N GLU A 38 -14.09 -40.83 3.11
CA GLU A 38 -15.50 -40.50 2.91
C GLU A 38 -15.95 -41.07 1.58
N LEU A 39 -16.99 -41.89 1.63
CA LEU A 39 -17.56 -42.54 0.46
C LEU A 39 -18.72 -41.72 -0.11
N PHE A 40 -18.57 -41.31 -1.37
CA PHE A 40 -19.64 -40.69 -2.12
C PHE A 40 -19.76 -41.28 -3.51
N ASP A 41 -20.56 -42.33 -3.62
CA ASP A 41 -21.23 -42.73 -4.85
C ASP A 41 -22.73 -42.47 -4.70
N GLU A 42 -23.44 -42.45 -5.83
CA GLU A 42 -24.88 -42.30 -5.81
C GLU A 42 -25.60 -43.48 -5.18
N GLN A 43 -25.29 -44.70 -5.65
CA GLN A 43 -25.98 -45.95 -5.29
C GLN A 43 -27.46 -45.92 -5.70
N THR A 44 -27.74 -45.28 -6.84
CA THR A 44 -29.08 -44.85 -7.27
C THR A 44 -29.88 -44.26 -6.11
N LYS A 45 -29.24 -43.34 -5.38
CA LYS A 45 -29.84 -42.72 -4.19
C LYS A 45 -29.41 -41.26 -4.09
N ASN A 46 -29.59 -40.67 -2.90
CA ASN A 46 -29.18 -39.29 -2.66
C ASN A 46 -27.68 -39.17 -2.39
N GLY A 47 -26.88 -40.17 -2.77
CA GLY A 47 -25.45 -40.14 -2.53
C GLY A 47 -25.12 -40.63 -1.14
N ARG A 48 -23.83 -40.80 -0.88
CA ARG A 48 -23.37 -41.29 0.42
C ARG A 48 -22.47 -40.21 1.01
N ILE A 49 -22.80 -39.78 2.23
CA ILE A 49 -22.01 -38.79 2.94
C ILE A 49 -21.71 -39.27 4.36
N LEU A 50 -22.62 -40.05 4.94
CA LEU A 50 -22.42 -40.64 6.25
C LEU A 50 -21.29 -41.67 6.24
N GLY A 51 -20.93 -42.17 5.07
CA GLY A 51 -20.02 -43.29 4.93
C GLY A 51 -18.66 -43.07 5.56
N PRO A 52 -18.43 -43.69 6.72
CA PRO A 52 -17.19 -43.45 7.46
C PRO A 52 -15.97 -44.11 6.83
N GLY A 53 -14.80 -43.70 7.29
CA GLY A 53 -13.54 -44.23 6.79
C GLY A 53 -12.46 -44.03 7.83
N SER A 54 -11.22 -44.25 7.40
CA SER A 54 -10.08 -44.09 8.29
C SER A 54 -9.62 -42.64 8.31
N VAL A 55 -8.98 -42.25 9.40
CA VAL A 55 -8.52 -40.89 9.61
C VAL A 55 -7.01 -40.84 9.38
N ALA A 56 -6.58 -39.90 8.54
CA ALA A 56 -5.16 -39.64 8.30
C ALA A 56 -4.82 -38.31 8.95
N ASP A 57 -3.98 -38.36 9.96
CA ASP A 57 -3.69 -37.19 10.79
C ASP A 57 -2.32 -36.64 10.40
N SER A 58 -2.35 -35.59 9.59
CA SER A 58 -1.15 -34.94 9.07
C SER A 58 -0.78 -33.77 9.95
N GLY A 59 0.53 -33.58 10.11
CA GLY A 59 1.04 -32.45 10.86
C GLY A 59 2.29 -31.88 10.25
N GLU A 60 2.52 -30.59 10.44
CA GLU A 60 3.74 -29.94 9.99
C GLU A 60 4.12 -28.89 11.03
N VAL A 61 5.32 -29.00 11.57
CA VAL A 61 5.79 -28.09 12.61
C VAL A 61 6.86 -27.19 12.02
N THR A 62 6.63 -25.89 12.06
CA THR A 62 7.64 -24.94 11.63
C THR A 62 8.21 -24.20 12.82
N TYR A 63 9.53 -23.99 12.81
CA TYR A 63 10.19 -23.21 13.86
C TYR A 63 11.51 -22.68 13.32
N TYR A 64 12.02 -21.63 13.95
CA TYR A 64 13.33 -21.04 13.64
C TYR A 64 14.40 -21.89 14.29
N GLY A 65 15.50 -22.10 13.58
CA GLY A 65 16.57 -22.97 14.08
C GLY A 65 17.39 -22.40 15.21
N LYS A 66 17.82 -23.26 16.12
CA LYS A 66 18.71 -22.85 17.20
C LYS A 66 20.02 -23.65 17.10
N ARG A 67 21.11 -23.01 17.52
CA ARG A 67 22.45 -23.59 17.34
C ARG A 67 22.54 -25.05 17.75
N GLY A 68 22.09 -25.40 18.96
CA GLY A 68 22.07 -26.78 19.40
C GLY A 68 20.65 -27.23 19.65
N ASP A 69 20.35 -27.47 20.94
CA ASP A 69 19.00 -27.69 21.47
C ASP A 69 18.49 -29.09 21.09
N ALA A 70 18.16 -29.85 22.13
CA ALA A 70 18.14 -31.32 22.13
C ALA A 70 16.84 -32.00 21.69
N GLY A 71 15.68 -31.36 21.90
CA GLY A 71 14.45 -31.85 21.28
C GLY A 71 14.52 -31.83 19.77
N GLN A 72 14.84 -30.68 19.19
CA GLN A 72 15.11 -30.62 17.75
C GLN A 72 16.28 -31.51 17.37
N LYS A 73 17.36 -31.51 18.15
CA LYS A 73 18.43 -32.47 17.91
C LYS A 73 17.91 -33.90 17.96
N ALA A 74 16.97 -34.20 18.85
CA ALA A 74 16.28 -35.48 18.77
C ALA A 74 15.49 -35.59 17.47
N ILE A 75 14.82 -34.51 17.08
CA ILE A 75 14.16 -34.46 15.77
C ILE A 75 15.15 -34.82 14.66
N GLU A 76 16.33 -34.19 14.68
CA GLU A 76 17.31 -34.44 13.63
C GLU A 76 17.87 -35.86 13.69
N ASP A 77 18.22 -36.35 14.88
CA ASP A 77 18.54 -37.77 15.01
C ASP A 77 17.35 -38.65 14.66
N ALA A 78 16.14 -38.19 14.95
CA ALA A 78 14.97 -38.95 14.54
C ALA A 78 14.87 -39.03 13.02
N TYR A 79 15.00 -37.90 12.33
CA TYR A 79 14.80 -37.90 10.88
C TYR A 79 15.94 -38.60 10.15
N GLN A 80 17.18 -38.27 10.51
CA GLN A 80 18.34 -38.67 9.70
C GLN A 80 18.54 -40.18 9.68
N ASN A 81 18.60 -40.81 10.86
CA ASN A 81 18.62 -42.26 10.89
C ASN A 81 17.21 -42.84 10.75
N GLY A 82 16.24 -42.23 11.43
CA GLY A 82 14.86 -42.65 11.36
C GLY A 82 14.37 -43.28 12.65
N LYS A 83 13.69 -42.47 13.46
CA LYS A 83 13.13 -42.88 14.75
C LYS A 83 11.67 -42.42 14.77
N GLN A 84 10.82 -43.19 15.45
CA GLN A 84 9.46 -42.76 15.77
C GLN A 84 9.53 -41.70 16.85
N ILE A 85 8.66 -40.69 16.76
CA ILE A 85 8.63 -39.64 17.76
C ILE A 85 7.30 -39.65 18.49
N LYS A 86 7.37 -39.63 19.82
CA LYS A 86 6.19 -39.57 20.66
C LYS A 86 5.77 -38.11 20.81
N PHE A 87 4.62 -37.78 20.23
CA PHE A 87 4.17 -36.41 20.00
C PHE A 87 3.04 -36.06 20.95
N TRP A 88 3.21 -34.96 21.68
CA TRP A 88 2.26 -34.46 22.66
C TRP A 88 1.88 -33.04 22.28
N ARG A 89 0.60 -32.82 21.94
CA ARG A 89 0.08 -31.47 21.72
C ARG A 89 -0.72 -31.08 22.96
N VAL A 90 -0.12 -30.24 23.80
CA VAL A 90 -0.74 -29.92 25.07
C VAL A 90 -0.97 -28.42 25.16
N ASP A 91 -1.97 -28.06 25.94
CA ASP A 91 -2.32 -26.66 26.14
C ASP A 91 -1.74 -26.15 27.45
N THR A 92 -1.53 -24.83 27.50
CA THR A 92 -0.92 -24.15 28.63
C THR A 92 -1.95 -23.70 29.67
N VAL A 93 -3.23 -23.97 29.43
CA VAL A 93 -4.27 -23.62 30.40
C VAL A 93 -4.55 -24.82 31.30
N LYS A 94 -4.57 -24.58 32.60
CA LYS A 94 -4.70 -25.65 33.59
C LYS A 94 -6.08 -26.27 33.47
N ASN A 95 -6.11 -27.58 33.19
CA ASN A 95 -7.35 -28.33 33.22
C ASN A 95 -7.79 -28.54 34.66
N GLU A 96 -9.06 -28.93 34.83
CA GLU A 96 -9.63 -29.10 36.15
C GLU A 96 -9.55 -30.53 36.69
N ASN A 97 -8.96 -31.45 35.93
CA ASN A 97 -8.65 -32.76 36.50
C ASN A 97 -7.19 -33.15 36.21
N ASP A 98 -6.73 -32.92 35.00
CA ASP A 98 -5.32 -33.00 34.68
C ASP A 98 -4.68 -31.64 34.97
N LYS A 99 -3.36 -31.58 34.93
CA LYS A 99 -2.65 -30.32 35.01
C LYS A 99 -2.93 -29.46 33.80
N TYR A 100 -2.98 -30.09 32.62
CA TYR A 100 -3.25 -29.43 31.37
C TYR A 100 -4.08 -30.38 30.52
N ASP A 101 -4.38 -29.98 29.29
CA ASP A 101 -5.12 -30.85 28.38
C ASP A 101 -4.29 -31.10 27.13
N ALA A 102 -4.48 -32.29 26.56
CA ALA A 102 -3.53 -32.82 25.60
C ALA A 102 -4.26 -33.52 24.47
N GLN A 103 -3.64 -33.51 23.30
CA GLN A 103 -3.90 -34.48 22.24
C GLN A 103 -2.57 -35.14 21.92
N PHE A 104 -2.56 -36.46 21.88
CA PHE A 104 -1.34 -37.26 21.94
C PHE A 104 -1.29 -38.23 20.76
N GLY A 105 -0.08 -38.50 20.28
CA GLY A 105 0.07 -39.56 19.29
C GLY A 105 1.52 -39.95 19.10
N PHE A 106 1.72 -41.11 18.50
CA PHE A 106 3.01 -41.52 17.99
C PHE A 106 3.16 -40.93 16.59
N ALA A 107 4.26 -40.21 16.37
CA ALA A 107 4.43 -39.41 15.17
C ALA A 107 5.77 -39.69 14.51
N TYR A 108 5.77 -39.60 13.19
CA TYR A 108 6.91 -39.96 12.36
C TYR A 108 7.20 -38.79 11.43
N ILE A 109 8.41 -38.24 11.49
CA ILE A 109 8.80 -37.12 10.64
C ILE A 109 9.18 -37.65 9.26
N GLU A 110 8.26 -37.54 8.30
CA GLU A 110 8.58 -37.96 6.95
C GLU A 110 9.09 -36.85 6.03
N SER A 111 9.00 -35.59 6.45
CA SER A 111 9.57 -34.50 5.68
C SER A 111 10.28 -33.55 6.62
N ARG A 112 11.41 -33.03 6.18
CA ARG A 112 12.20 -32.04 6.90
C ARG A 112 12.73 -31.09 5.83
N GLU A 113 12.18 -29.89 5.81
CA GLU A 113 12.51 -28.85 4.84
C GLU A 113 13.04 -27.66 5.62
N TYR A 114 14.29 -27.29 5.36
CA TYR A 114 14.87 -26.12 6.00
C TYR A 114 15.27 -25.08 4.97
N SER A 115 14.91 -23.83 5.26
CA SER A 115 15.26 -22.70 4.42
C SER A 115 16.36 -21.89 5.06
N ASP A 116 17.20 -21.30 4.22
CA ASP A 116 18.16 -20.28 4.59
C ASP A 116 17.85 -19.06 3.73
N GLY A 117 17.44 -17.98 4.37
CA GLY A 117 17.21 -16.72 3.69
C GLY A 117 18.41 -15.81 3.79
N VAL A 118 18.30 -14.65 3.16
CA VAL A 118 19.34 -13.62 3.21
C VAL A 118 19.58 -13.16 4.64
N GLU A 119 18.51 -12.97 5.41
CA GLU A 119 18.67 -12.76 6.85
C GLU A 119 17.71 -13.60 7.66
N GLY A 120 18.16 -14.13 8.80
CA GLY A 120 17.25 -14.70 9.76
C GLY A 120 17.66 -16.13 10.04
N ALA A 121 17.16 -16.71 11.13
CA ALA A 121 17.53 -18.06 11.52
C ALA A 121 16.92 -19.08 10.56
N VAL A 122 17.57 -20.24 10.49
CA VAL A 122 17.24 -21.26 9.49
C VAL A 122 15.78 -21.69 9.65
N GLU A 123 15.02 -21.60 8.59
CA GLU A 123 13.60 -21.91 8.66
C GLU A 123 13.39 -23.41 8.65
N ILE A 124 13.00 -23.96 9.79
CA ILE A 124 12.79 -25.39 9.94
C ILE A 124 11.29 -25.67 9.85
N SER A 125 10.90 -26.36 8.79
CA SER A 125 9.56 -26.91 8.66
C SER A 125 9.69 -28.42 8.57
N ILE A 126 9.05 -29.13 9.51
CA ILE A 126 9.05 -30.59 9.49
C ILE A 126 7.62 -31.07 9.35
N SER A 127 7.42 -32.05 8.47
CA SER A 127 6.11 -32.61 8.18
C SER A 127 6.06 -34.05 8.64
N LEU A 128 4.93 -34.44 9.22
CA LEU A 128 4.76 -35.74 9.85
C LEU A 128 3.37 -36.27 9.57
N GLN A 129 3.24 -37.59 9.54
CA GLN A 129 1.95 -38.26 9.56
C GLN A 129 1.81 -38.93 10.91
N VAL A 130 0.57 -39.05 11.38
CA VAL A 130 0.32 -39.76 12.63
C VAL A 130 -0.99 -40.52 12.47
N ILE A 131 -0.97 -41.80 12.85
CA ILE A 131 -2.13 -42.67 12.61
C ILE A 131 -3.39 -42.04 13.19
N GLY A 132 -3.30 -41.56 14.42
CA GLY A 132 -4.42 -40.90 15.04
C GLY A 132 -4.00 -40.07 16.23
N GLU A 133 -4.69 -38.95 16.45
CA GLU A 133 -4.45 -38.15 17.63
C GLU A 133 -5.56 -38.34 18.65
N LEU A 134 -5.16 -38.73 19.86
CA LEU A 134 -6.09 -39.06 20.92
C LEU A 134 -6.22 -37.87 21.83
N LYS A 135 -7.46 -37.54 22.21
CA LYS A 135 -7.74 -36.38 23.05
C LYS A 135 -7.70 -36.81 24.50
N ASN A 136 -7.09 -35.99 25.36
CA ASN A 136 -7.03 -36.25 26.79
C ASN A 136 -6.56 -34.99 27.50
N GLY A 137 -6.00 -35.18 28.70
CA GLY A 137 -5.33 -34.07 29.35
C GLY A 137 -3.93 -34.45 29.78
N GLU A 138 -3.07 -33.45 29.90
CA GLU A 138 -1.67 -33.68 30.20
C GLU A 138 -1.40 -33.34 31.65
N ILE A 139 -0.41 -34.02 32.22
CA ILE A 139 -0.11 -33.85 33.64
C ILE A 139 1.19 -33.07 33.83
N ASP A 140 2.33 -33.73 33.67
CA ASP A 140 3.61 -33.07 33.89
C ASP A 140 4.21 -32.58 32.59
N THR A 141 4.04 -31.28 32.31
CA THR A 141 4.65 -30.66 31.15
C THR A 141 5.89 -29.84 31.51
N LEU A 142 6.54 -30.17 32.64
CA LEU A 142 7.66 -29.43 33.23
C LEU A 142 7.33 -27.94 33.25
N PRO A 143 6.22 -27.55 33.93
CA PRO A 143 5.59 -26.25 33.65
C PRO A 143 6.41 -25.02 34.03
N GLU A 144 7.48 -25.26 34.78
CA GLU A 144 8.47 -24.25 35.09
C GLU A 144 8.96 -23.54 33.84
N GLU A 145 9.42 -24.28 32.84
CA GLU A 145 10.04 -23.70 31.67
C GLU A 145 9.19 -23.81 30.41
N ILE A 146 8.42 -24.87 30.23
CA ILE A 146 7.57 -25.06 29.07
C ILE A 146 6.31 -24.22 29.16
N VAL A 147 5.61 -24.30 30.30
CA VAL A 147 4.35 -23.60 30.47
C VAL A 147 4.65 -22.12 30.59
N ASN A 148 5.80 -21.80 31.18
CA ASN A 148 6.18 -20.41 31.43
C ASN A 148 7.37 -20.00 30.57
N VAL A 149 7.16 -19.08 29.62
CA VAL A 149 8.28 -18.50 28.89
C VAL A 149 8.39 -17.02 29.29
N SER A 150 9.58 -16.65 29.77
CA SER A 150 9.77 -15.32 30.34
C SER A 150 11.06 -14.66 29.87
N LYS A 151 10.99 -13.43 29.36
CA LYS A 151 12.20 -12.71 29.00
C LYS A 151 13.23 -12.61 30.13
N GLY A 152 12.82 -12.25 31.35
CA GLY A 152 13.75 -12.06 32.44
C GLY A 152 13.41 -10.87 33.32
N GLY A 153 13.47 -11.06 34.63
CA GLY A 153 13.10 -10.03 35.58
C GLY A 153 14.20 -9.81 36.61
N TYR A 154 15.23 -9.09 36.19
CA TYR A 154 16.37 -8.72 37.03
C TYR A 154 16.39 -7.19 37.18
N ASP A 155 15.75 -6.70 38.24
CA ASP A 155 15.28 -5.31 38.28
C ASP A 155 16.37 -4.26 38.55
N PHE A 156 17.29 -4.54 39.48
CA PHE A 156 18.54 -3.83 39.73
C PHE A 156 19.68 -4.84 39.85
N GLN A 157 20.63 -4.72 38.92
CA GLN A 157 22.01 -5.16 39.12
C GLN A 157 22.88 -3.92 38.89
N GLN A 158 22.52 -2.79 39.50
CA GLN A 158 23.12 -1.51 39.10
C GLN A 158 24.59 -1.37 39.53
N PRO A 159 25.06 -1.91 40.67
CA PRO A 159 26.52 -1.88 40.89
C PRO A 159 27.27 -3.00 40.21
N GLY A 160 26.58 -3.89 39.51
CA GLY A 160 27.24 -5.08 38.99
C GLY A 160 26.39 -6.12 38.28
N GLN A 161 25.86 -5.82 37.09
CA GLN A 161 25.12 -6.84 36.36
C GLN A 161 26.03 -7.96 35.90
N THR A 162 27.25 -7.59 35.44
CA THR A 162 28.33 -8.50 35.03
C THR A 162 27.84 -9.53 34.01
N THR A 163 26.99 -9.09 33.08
CA THR A 163 26.28 -10.03 32.24
C THR A 163 26.68 -9.82 30.79
N GLY A 164 26.50 -10.86 29.98
CA GLY A 164 26.69 -10.78 28.55
C GLY A 164 25.45 -10.27 27.84
N GLU A 165 25.24 -10.71 26.60
CA GLU A 165 24.12 -10.24 25.80
C GLU A 165 22.79 -10.69 26.40
N ALA A 166 22.73 -11.93 26.90
CA ALA A 166 21.52 -12.52 27.47
C ALA A 166 21.49 -12.25 28.96
N PRO A 167 20.37 -11.79 29.49
CA PRO A 167 20.38 -11.02 30.75
C PRO A 167 20.46 -11.92 31.97
N GLY A 168 21.13 -11.39 33.00
CA GLY A 168 21.07 -11.94 34.34
C GLY A 168 21.95 -13.13 34.65
N THR A 169 22.90 -13.44 33.77
CA THR A 169 23.91 -14.44 34.09
C THR A 169 25.21 -13.75 34.46
N VAL A 170 25.70 -14.08 35.65
CA VAL A 170 26.95 -13.57 36.18
C VAL A 170 28.02 -14.65 36.04
N PRO A 171 29.13 -14.41 35.31
CA PRO A 171 30.16 -15.45 35.18
C PRO A 171 30.93 -15.63 36.46
N ALA A 172 31.75 -16.68 36.50
CA ALA A 172 32.47 -17.16 37.68
C ALA A 172 31.56 -17.88 38.67
N PRO B 1 -31.00 -6.71 3.84
CA PRO B 1 -31.15 -8.07 3.33
C PRO B 1 -30.75 -9.18 4.31
N ILE B 2 -29.47 -9.52 4.33
CA ILE B 2 -28.94 -10.53 5.24
C ILE B 2 -27.67 -9.97 5.86
N MET B 3 -27.31 -10.49 7.03
CA MET B 3 -26.15 -10.02 7.78
C MET B 3 -25.19 -11.17 8.06
N GLY B 4 -23.94 -10.81 8.34
CA GLY B 4 -22.93 -11.79 8.72
C GLY B 4 -23.21 -12.50 10.03
N GLN B 5 -24.12 -11.97 10.86
CA GLN B 5 -24.59 -12.64 12.05
C GLN B 5 -25.91 -13.37 11.81
N ASP B 6 -26.48 -13.24 10.62
CA ASP B 6 -27.82 -13.75 10.34
C ASP B 6 -27.90 -15.28 10.27
N VAL B 7 -27.07 -15.94 9.46
CA VAL B 7 -27.13 -17.39 9.31
C VAL B 7 -26.24 -18.00 10.39
N LYS B 8 -26.85 -18.70 11.35
CA LYS B 8 -26.08 -19.38 12.37
C LYS B 8 -26.30 -20.89 12.29
N TYR B 9 -25.24 -21.62 12.60
CA TYR B 9 -25.14 -23.05 12.28
C TYR B 9 -25.18 -23.84 13.58
N LEU B 10 -26.28 -24.54 13.82
CA LEU B 10 -26.38 -25.43 14.97
C LEU B 10 -26.03 -26.85 14.55
N PHE B 11 -25.27 -27.54 15.40
CA PHE B 11 -24.93 -28.94 15.18
C PHE B 11 -25.31 -29.77 16.39
N GLN B 12 -26.27 -30.66 16.19
CA GLN B 12 -26.60 -31.65 17.21
C GLN B 12 -26.13 -33.01 16.74
N SER B 13 -25.39 -33.70 17.61
CA SER B 13 -24.88 -35.03 17.30
C SER B 13 -25.98 -36.07 17.41
N ILE B 14 -25.90 -37.11 16.55
CA ILE B 14 -26.89 -38.16 16.56
C ILE B 14 -26.88 -38.95 17.86
N ASP B 15 -25.71 -39.26 18.40
CA ASP B 15 -25.60 -40.15 19.54
C ASP B 15 -26.22 -39.56 20.80
N ALA B 16 -26.39 -38.25 20.88
CA ALA B 16 -26.89 -37.65 22.11
C ALA B 16 -28.34 -38.00 22.36
N ALA B 17 -29.17 -37.96 21.30
CA ALA B 17 -30.63 -38.13 21.36
C ALA B 17 -31.27 -37.19 22.37
N THR B 18 -31.03 -35.90 22.21
CA THR B 18 -31.58 -34.86 23.07
C THR B 18 -32.00 -33.67 22.24
N GLY B 19 -32.58 -32.66 22.89
CA GLY B 19 -33.05 -31.48 22.19
C GLY B 19 -32.36 -30.20 22.64
N SER B 20 -31.13 -30.32 23.15
CA SER B 20 -30.42 -29.16 23.65
C SER B 20 -30.10 -28.17 22.53
N ALA B 21 -29.73 -28.70 21.35
CA ALA B 21 -29.27 -27.96 20.18
C ALA B 21 -28.05 -27.10 20.46
N PRO B 22 -26.84 -27.68 20.57
CA PRO B 22 -25.65 -26.84 20.81
C PRO B 22 -25.26 -26.02 19.60
N LEU B 23 -24.76 -24.81 19.84
CA LEU B 23 -24.12 -24.03 18.78
C LEU B 23 -22.80 -23.49 19.31
N PHE B 24 -21.82 -23.43 18.42
CA PHE B 24 -20.51 -23.19 18.95
C PHE B 24 -20.09 -21.73 18.73
N PRO B 25 -19.49 -21.07 19.72
CA PRO B 25 -19.08 -19.68 19.52
C PRO B 25 -17.82 -19.57 18.69
N ALA B 26 -17.39 -18.32 18.52
CA ALA B 26 -16.19 -17.93 17.76
C ALA B 26 -16.25 -18.41 16.31
N TYR B 27 -17.45 -18.30 15.73
CA TYR B 27 -17.64 -18.59 14.32
C TYR B 27 -16.98 -17.52 13.45
N GLN B 28 -16.28 -17.97 12.44
CA GLN B 28 -15.61 -17.12 11.48
C GLN B 28 -16.49 -17.17 10.23
N THR B 29 -16.17 -18.05 9.28
CA THR B 29 -16.95 -18.15 8.06
C THR B 29 -17.28 -19.60 7.73
N ASP B 30 -18.16 -19.74 6.76
CA ASP B 30 -18.86 -20.99 6.51
C ASP B 30 -19.34 -20.97 5.06
N GLY B 31 -18.62 -21.70 4.22
CA GLY B 31 -19.08 -21.93 2.87
C GLY B 31 -19.79 -23.25 2.76
N SER B 32 -20.93 -23.26 2.11
CA SER B 32 -21.67 -24.47 1.78
C SER B 32 -21.93 -24.40 0.29
N VAL B 33 -21.49 -25.43 -0.42
CA VAL B 33 -21.54 -25.44 -1.87
C VAL B 33 -22.23 -26.73 -2.32
N SER B 34 -22.97 -26.62 -3.42
CA SER B 34 -23.92 -27.65 -3.83
C SER B 34 -23.64 -27.98 -5.30
N GLY B 35 -23.35 -29.25 -5.57
CA GLY B 35 -23.04 -29.66 -6.93
C GLY B 35 -24.02 -30.65 -7.50
N GLU B 36 -24.75 -30.24 -8.54
CA GLU B 36 -25.76 -31.07 -9.18
C GLU B 36 -25.16 -31.63 -10.46
N ARG B 37 -25.20 -32.95 -10.61
CA ARG B 37 -24.54 -33.62 -11.72
C ARG B 37 -25.18 -33.20 -13.03
N GLU B 38 -24.34 -32.86 -14.01
CA GLU B 38 -24.78 -32.19 -15.23
C GLU B 38 -24.16 -32.90 -16.42
N LEU B 39 -25.03 -33.34 -17.33
CA LEU B 39 -24.63 -34.07 -18.53
C LEU B 39 -24.46 -33.11 -19.71
N PHE B 40 -23.25 -33.09 -20.25
CA PHE B 40 -22.97 -32.36 -21.49
C PHE B 40 -22.16 -33.22 -22.45
N ASP B 41 -22.86 -33.98 -23.27
CA ASP B 41 -22.36 -34.46 -24.56
C ASP B 41 -23.14 -33.74 -25.67
N GLU B 42 -22.60 -33.79 -26.88
CA GLU B 42 -23.28 -33.22 -28.04
C GLU B 42 -24.57 -33.94 -28.40
N GLN B 43 -24.50 -35.28 -28.54
CA GLN B 43 -25.58 -36.14 -29.04
C GLN B 43 -25.98 -35.78 -30.46
N THR B 44 -25.00 -35.39 -31.29
CA THR B 44 -25.17 -34.70 -32.56
C THR B 44 -26.28 -33.64 -32.49
N LYS B 45 -26.19 -32.80 -31.46
CA LYS B 45 -27.19 -31.76 -31.19
C LYS B 45 -26.52 -30.52 -30.63
N ASN B 46 -27.33 -29.62 -30.03
CA ASN B 46 -26.79 -28.41 -29.42
C ASN B 46 -26.22 -28.68 -28.02
N GLY B 47 -25.89 -29.92 -27.70
CA GLY B 47 -25.36 -30.25 -26.39
C GLY B 47 -26.46 -30.46 -25.39
N ARG B 48 -26.08 -30.95 -24.20
CA ARG B 48 -27.04 -31.22 -23.15
C ARG B 48 -26.67 -30.34 -21.95
N ILE B 49 -27.64 -29.55 -21.48
CA ILE B 49 -27.43 -28.68 -20.33
C ILE B 49 -28.57 -28.87 -19.33
N LEU B 50 -29.76 -29.18 -19.83
CA LEU B 50 -30.91 -29.47 -18.97
C LEU B 50 -30.71 -30.75 -18.17
N GLY B 51 -29.79 -31.61 -18.60
CA GLY B 51 -29.65 -32.94 -18.06
C GLY B 51 -29.39 -32.98 -16.57
N PRO B 52 -30.40 -33.35 -15.80
CA PRO B 52 -30.26 -33.31 -14.34
C PRO B 52 -29.40 -34.43 -13.77
N GLY B 53 -29.04 -34.28 -12.50
CA GLY B 53 -28.21 -35.26 -11.82
C GLY B 53 -28.40 -35.14 -10.33
N SER B 54 -27.54 -35.82 -9.60
CA SER B 54 -27.60 -35.78 -8.14
C SER B 54 -26.85 -34.57 -7.60
N VAL B 55 -27.25 -34.14 -6.42
CA VAL B 55 -26.68 -32.97 -5.77
C VAL B 55 -25.73 -33.42 -4.66
N ALA B 56 -24.51 -32.88 -4.68
CA ALA B 56 -23.53 -33.12 -3.64
C ALA B 56 -23.36 -31.83 -2.85
N ASP B 57 -23.76 -31.88 -1.59
CA ASP B 57 -23.84 -30.68 -0.76
C ASP B 57 -22.65 -30.67 0.18
N SER B 58 -21.64 -29.88 -0.17
CA SER B 58 -20.39 -29.77 0.57
C SER B 58 -20.46 -28.58 1.51
N GLY B 59 -19.87 -28.75 2.68
CA GLY B 59 -19.79 -27.67 3.64
C GLY B 59 -18.47 -27.66 4.38
N GLU B 60 -18.03 -26.49 4.81
CA GLU B 60 -16.83 -26.36 5.62
C GLU B 60 -17.08 -25.25 6.63
N VAL B 61 -16.93 -25.57 7.91
CA VAL B 61 -17.19 -24.61 8.98
C VAL B 61 -15.87 -24.24 9.62
N THR B 62 -15.53 -22.96 9.60
CA THR B 62 -14.33 -22.49 10.28
C THR B 62 -14.72 -21.68 11.50
N TYR B 63 -13.97 -21.88 12.59
CA TYR B 63 -14.19 -21.09 13.81
C TYR B 63 -12.90 -21.12 14.64
N TYR B 64 -12.76 -20.14 15.53
CA TYR B 64 -11.66 -20.07 16.48
C TYR B 64 -11.93 -21.01 17.63
N GLY B 65 -10.90 -21.70 18.11
CA GLY B 65 -11.07 -22.69 19.16
C GLY B 65 -11.34 -22.12 20.53
N LYS B 66 -12.16 -22.83 21.31
CA LYS B 66 -12.40 -22.45 22.69
C LYS B 66 -11.96 -23.60 23.61
N ARG B 67 -11.52 -23.23 24.82
CA ARG B 67 -10.92 -24.19 25.74
C ARG B 67 -11.74 -25.48 25.89
N GLY B 68 -13.03 -25.37 26.17
CA GLY B 68 -13.89 -26.54 26.26
C GLY B 68 -14.98 -26.47 25.20
N ASP B 69 -16.21 -26.28 25.66
CA ASP B 69 -17.38 -25.97 24.83
C ASP B 69 -17.86 -27.20 24.05
N ALA B 70 -19.11 -27.56 24.30
CA ALA B 70 -19.66 -28.90 24.12
C ALA B 70 -20.22 -29.25 22.73
N GLY B 71 -20.73 -28.28 21.98
CA GLY B 71 -21.04 -28.51 20.58
C GLY B 71 -19.82 -28.89 19.76
N GLN B 72 -18.77 -28.05 19.82
CA GLN B 72 -17.49 -28.44 19.23
C GLN B 72 -16.92 -29.70 19.87
N LYS B 73 -16.99 -29.83 21.20
CA LYS B 73 -16.64 -31.08 21.82
C LYS B 73 -17.45 -32.24 21.27
N ALA B 74 -18.73 -32.02 20.98
CA ALA B 74 -19.48 -33.02 20.24
C ALA B 74 -18.90 -33.21 18.85
N ILE B 75 -18.54 -32.12 18.19
CA ILE B 75 -17.81 -32.20 16.91
C ILE B 75 -16.58 -33.08 17.04
N GLU B 76 -15.78 -32.84 18.09
CA GLU B 76 -14.56 -33.63 18.26
C GLU B 76 -14.83 -35.09 18.60
N ASP B 77 -15.78 -35.36 19.50
CA ASP B 77 -16.24 -36.73 19.69
C ASP B 77 -16.89 -37.27 18.43
N ALA B 78 -17.55 -36.42 17.65
CA ALA B 78 -18.08 -36.88 16.39
C ALA B 78 -16.97 -37.30 15.43
N TYR B 79 -15.95 -36.46 15.27
CA TYR B 79 -14.91 -36.74 14.28
C TYR B 79 -14.03 -37.91 14.70
N GLN B 80 -13.57 -37.89 15.96
CA GLN B 80 -12.50 -38.78 16.40
C GLN B 80 -12.95 -40.25 16.39
N ASN B 81 -14.07 -40.56 17.04
CA ASN B 81 -14.62 -41.91 16.91
C ASN B 81 -15.42 -42.06 15.63
N GLY B 82 -16.22 -41.04 15.29
CA GLY B 82 -17.01 -41.04 14.07
C GLY B 82 -18.50 -41.16 14.35
N LYS B 83 -19.17 -40.03 14.34
CA LYS B 83 -20.62 -39.92 14.57
C LYS B 83 -21.19 -39.06 13.45
N GLN B 84 -22.42 -39.35 13.06
CA GLN B 84 -23.20 -38.48 12.18
C GLN B 84 -23.64 -37.25 12.98
N ILE B 85 -23.63 -36.09 12.32
CA ILE B 85 -24.04 -34.86 12.99
C ILE B 85 -25.29 -34.30 12.32
N LYS B 86 -26.28 -33.99 13.14
CA LYS B 86 -27.51 -33.38 12.64
C LYS B 86 -27.31 -31.87 12.55
N PHE B 87 -27.31 -31.37 11.32
CA PHE B 87 -26.84 -30.03 10.97
C PHE B 87 -28.03 -29.14 10.64
N TRP B 88 -28.11 -27.99 11.31
CA TRP B 88 -29.17 -27.01 11.14
C TRP B 88 -28.55 -25.68 10.77
N ARG B 89 -28.84 -25.19 9.56
CA ARG B 89 -28.44 -23.84 9.16
C ARG B 89 -29.65 -22.94 9.27
N VAL B 90 -29.72 -22.14 10.32
CA VAL B 90 -30.90 -21.34 10.58
C VAL B 90 -30.54 -19.87 10.60
N ASP B 91 -31.52 -19.04 10.27
CA ASP B 91 -31.34 -17.60 10.25
C ASP B 91 -31.89 -16.98 11.53
N THR B 92 -31.33 -15.81 11.86
CA THR B 92 -31.67 -15.09 13.08
C THR B 92 -32.83 -14.12 12.88
N VAL B 93 -33.38 -14.04 11.67
CA VAL B 93 -34.54 -13.19 11.43
C VAL B 93 -35.83 -13.99 11.57
N LYS B 94 -36.76 -13.45 12.33
CA LYS B 94 -38.00 -14.15 12.66
C LYS B 94 -38.83 -14.35 11.41
N ASN B 95 -39.10 -15.61 11.07
CA ASN B 95 -40.02 -15.94 10.01
C ASN B 95 -41.45 -15.65 10.45
N GLU B 96 -42.36 -15.60 9.47
CA GLU B 96 -43.75 -15.27 9.74
C GLU B 96 -44.64 -16.48 9.96
N ASN B 97 -44.09 -17.70 9.90
CA ASN B 97 -44.87 -18.86 10.33
C ASN B 97 -44.06 -19.71 11.31
N ASP B 98 -42.78 -19.93 11.02
CA ASP B 98 -41.86 -20.50 11.98
C ASP B 98 -41.28 -19.37 12.82
N LYS B 99 -40.55 -19.71 13.88
CA LYS B 99 -39.81 -18.72 14.64
C LYS B 99 -38.67 -18.14 13.81
N TYR B 100 -38.02 -19.00 13.03
CA TYR B 100 -36.92 -18.61 12.16
C TYR B 100 -37.02 -19.47 10.91
N ASP B 101 -36.06 -19.30 10.00
CA ASP B 101 -36.03 -20.11 8.78
C ASP B 101 -34.73 -20.89 8.73
N ALA B 102 -34.81 -22.08 8.12
CA ALA B 102 -33.77 -23.07 8.29
C ALA B 102 -33.51 -23.78 6.96
N GLN B 103 -32.28 -24.24 6.80
CA GLN B 103 -31.94 -25.31 5.89
C GLN B 103 -31.26 -26.39 6.72
N PHE B 104 -31.70 -27.63 6.56
CA PHE B 104 -31.43 -28.72 7.49
C PHE B 104 -30.83 -29.92 6.76
N GLY B 105 -29.96 -30.64 7.44
CA GLY B 105 -29.50 -31.90 6.90
C GLY B 105 -28.75 -32.73 7.92
N PHE B 106 -28.61 -34.01 7.60
CA PHE B 106 -27.71 -34.90 8.33
C PHE B 106 -26.32 -34.74 7.73
N ALA B 107 -25.34 -34.45 8.57
CA ALA B 107 -24.03 -34.05 8.11
C ALA B 107 -22.94 -34.87 8.80
N TYR B 108 -21.87 -35.11 8.05
CA TYR B 108 -20.78 -35.97 8.47
C TYR B 108 -19.48 -35.20 8.30
N ILE B 109 -18.72 -35.03 9.38
CA ILE B 109 -17.44 -34.33 9.32
C ILE B 109 -16.37 -35.26 8.81
N GLU B 110 -16.03 -35.12 7.52
CA GLU B 110 -14.97 -35.94 6.95
C GLU B 110 -13.60 -35.29 6.97
N SER B 111 -13.51 -33.99 7.27
CA SER B 111 -12.21 -33.34 7.42
C SER B 111 -12.25 -32.44 8.63
N ARG B 112 -11.14 -32.40 9.37
CA ARG B 112 -10.94 -31.54 10.52
C ARG B 112 -9.50 -31.09 10.44
N GLU B 113 -9.32 -29.81 10.13
CA GLU B 113 -8.02 -29.20 9.94
C GLU B 113 -7.92 -28.05 10.94
N TYR B 114 -6.96 -28.15 11.87
CA TYR B 114 -6.74 -27.08 12.83
C TYR B 114 -5.35 -26.48 12.68
N SER B 115 -5.30 -25.16 12.70
CA SER B 115 -4.05 -24.42 12.61
C SER B 115 -3.71 -23.83 13.97
N ASP B 116 -2.42 -23.74 14.24
CA ASP B 116 -1.84 -23.00 15.35
C ASP B 116 -0.88 -21.99 14.73
N GLY B 117 -1.20 -20.71 14.89
CA GLY B 117 -0.31 -19.64 14.44
C GLY B 117 0.55 -19.13 15.57
N VAL B 118 1.42 -18.17 15.25
CA VAL B 118 2.27 -17.52 16.24
C VAL B 118 1.44 -16.81 17.30
N GLU B 119 0.36 -16.13 16.89
CA GLU B 119 -0.61 -15.63 17.85
C GLU B 119 -2.04 -15.93 17.45
N GLY B 120 -2.89 -16.29 18.41
CA GLY B 120 -4.32 -16.31 18.16
C GLY B 120 -4.85 -17.68 18.50
N ALA B 121 -6.17 -17.80 18.64
CA ALA B 121 -6.78 -19.06 19.02
C ALA B 121 -6.72 -20.07 17.86
N VAL B 122 -6.75 -21.35 18.22
CA VAL B 122 -6.51 -22.43 17.27
C VAL B 122 -7.53 -22.36 16.14
N GLU B 123 -7.04 -22.31 14.92
CA GLU B 123 -7.92 -22.16 13.76
C GLU B 123 -8.57 -23.50 13.42
N ILE B 124 -9.85 -23.61 13.71
CA ILE B 124 -10.60 -24.83 13.46
C ILE B 124 -11.38 -24.67 12.16
N SER B 125 -11.01 -25.45 11.16
CA SER B 125 -11.77 -25.60 9.94
C SER B 125 -12.20 -27.06 9.83
N ILE B 126 -13.50 -27.30 9.76
CA ILE B 126 -14.02 -28.65 9.59
C ILE B 126 -14.81 -28.70 8.29
N SER B 127 -14.57 -29.76 7.52
CA SER B 127 -15.21 -29.96 6.23
C SER B 127 -16.13 -31.17 6.30
N LEU B 128 -17.28 -31.06 5.66
CA LEU B 128 -18.33 -32.05 5.74
C LEU B 128 -19.02 -32.20 4.39
N GLN B 129 -19.53 -33.39 4.13
CA GLN B 129 -20.44 -33.63 3.02
C GLN B 129 -21.82 -33.87 3.60
N VAL B 130 -22.85 -33.50 2.85
CA VAL B 130 -24.21 -33.79 3.27
C VAL B 130 -25.03 -34.14 2.03
N ILE B 131 -25.78 -35.23 2.12
CA ILE B 131 -26.49 -35.75 0.95
C ILE B 131 -27.34 -34.66 0.32
N GLY B 132 -28.09 -33.94 1.15
CA GLY B 132 -28.91 -32.86 0.66
C GLY B 132 -29.32 -31.92 1.78
N GLU B 133 -29.42 -30.64 1.46
CA GLU B 133 -29.93 -29.66 2.42
C GLU B 133 -31.36 -29.28 2.07
N LEU B 134 -32.25 -29.46 3.05
CA LEU B 134 -33.67 -29.24 2.85
C LEU B 134 -34.02 -27.86 3.40
N LYS B 135 -34.81 -27.11 2.64
CA LYS B 135 -35.18 -25.75 3.01
C LYS B 135 -36.47 -25.80 3.83
N ASN B 136 -36.52 -25.01 4.91
CA ASN B 136 -37.72 -24.93 5.74
C ASN B 136 -37.58 -23.73 6.66
N GLY B 137 -38.30 -23.77 7.78
CA GLY B 137 -38.08 -22.78 8.83
C GLY B 137 -37.86 -23.45 10.17
N GLU B 138 -37.15 -22.74 11.04
CA GLU B 138 -36.76 -23.30 12.33
C GLU B 138 -37.65 -22.71 13.42
N ILE B 139 -37.85 -23.50 14.47
CA ILE B 139 -38.76 -23.08 15.54
C ILE B 139 -37.96 -22.69 16.79
N ASP B 140 -37.50 -23.68 17.56
CA ASP B 140 -36.80 -23.38 18.80
C ASP B 140 -35.30 -23.42 18.60
N THR B 141 -34.69 -22.25 18.45
CA THR B 141 -33.24 -22.13 18.35
C THR B 141 -32.62 -21.65 19.65
N LEU B 142 -33.29 -21.86 20.79
CA LEU B 142 -32.92 -21.37 22.12
C LEU B 142 -32.57 -19.89 22.03
N PRO B 143 -33.50 -19.04 21.56
CA PRO B 143 -33.12 -17.72 21.02
C PRO B 143 -32.56 -16.74 22.03
N GLU B 144 -32.70 -17.09 23.31
CA GLU B 144 -32.07 -16.37 24.40
C GLU B 144 -30.59 -16.16 24.16
N GLU B 145 -29.85 -17.22 23.89
CA GLU B 145 -28.41 -17.16 23.79
C GLU B 145 -27.88 -17.31 22.36
N ILE B 146 -28.52 -18.11 21.53
CA ILE B 146 -28.09 -18.32 20.15
C ILE B 146 -28.51 -17.15 19.26
N VAL B 147 -29.77 -16.75 19.33
CA VAL B 147 -30.28 -15.69 18.48
C VAL B 147 -29.67 -14.37 18.96
N ASN B 148 -29.45 -14.28 20.27
CA ASN B 148 -28.95 -13.03 20.86
C ASN B 148 -27.52 -13.22 21.39
N VAL B 149 -26.56 -12.54 20.78
CA VAL B 149 -25.21 -12.51 21.34
C VAL B 149 -24.93 -11.09 21.82
N SER B 150 -24.56 -10.96 23.10
CA SER B 150 -24.43 -9.66 23.72
C SER B 150 -23.17 -9.54 24.57
N LYS B 151 -22.36 -8.51 24.36
CA LYS B 151 -21.21 -8.29 25.23
C LYS B 151 -21.54 -8.21 26.70
N GLY B 152 -22.56 -7.46 27.11
CA GLY B 152 -22.89 -7.30 28.51
C GLY B 152 -23.32 -5.89 28.87
N GLY B 153 -24.39 -5.77 29.64
CA GLY B 153 -24.93 -4.47 30.00
C GLY B 153 -25.12 -4.34 31.51
N TYR B 154 -24.01 -4.07 32.18
CA TYR B 154 -23.96 -3.86 33.62
C TYR B 154 -23.52 -2.43 33.88
N ASP B 155 -24.48 -1.52 34.03
CA ASP B 155 -24.23 -0.09 33.82
C ASP B 155 -23.52 0.62 34.98
N PHE B 156 -23.89 0.33 36.23
CA PHE B 156 -23.21 0.68 37.48
C PHE B 156 -23.10 -0.57 38.35
N GLN B 157 -21.85 -0.96 38.61
CA GLN B 157 -21.47 -1.72 39.81
C GLN B 157 -20.41 -0.90 40.51
N GLN B 158 -20.66 0.41 40.68
CA GLN B 158 -19.58 1.31 41.09
C GLN B 158 -19.12 1.12 42.54
N PRO B 159 -19.97 0.76 43.52
CA PRO B 159 -19.41 0.42 44.84
C PRO B 159 -18.91 -1.01 44.94
N GLY B 160 -19.03 -1.81 43.88
CA GLY B 160 -18.73 -3.21 43.99
C GLY B 160 -18.98 -4.11 42.78
N GLN B 161 -18.21 -3.96 41.71
CA GLN B 161 -18.36 -4.87 40.57
C GLN B 161 -17.96 -6.28 40.95
N THR B 162 -16.86 -6.41 41.71
CA THR B 162 -16.33 -7.67 42.25
C THR B 162 -16.15 -8.72 41.15
N THR B 163 -15.69 -8.29 39.98
CA THR B 163 -15.73 -9.16 38.82
C THR B 163 -14.31 -9.44 38.35
N GLY B 164 -14.16 -10.55 37.63
CA GLY B 164 -12.90 -10.87 36.97
C GLY B 164 -12.77 -10.21 35.61
N GLU B 165 -12.07 -10.86 34.69
CA GLU B 165 -11.83 -10.29 33.37
C GLU B 165 -13.14 -10.17 32.58
N ALA B 166 -14.01 -11.17 32.68
CA ALA B 166 -15.27 -11.22 31.96
C ALA B 166 -16.36 -10.60 32.82
N PRO B 167 -17.16 -9.71 32.26
CA PRO B 167 -17.87 -8.71 33.05
C PRO B 167 -19.12 -9.26 33.74
N GLY B 168 -19.39 -8.72 34.92
CA GLY B 168 -20.68 -8.87 35.57
C GLY B 168 -20.91 -10.17 36.34
N THR B 169 -19.87 -10.95 36.57
CA THR B 169 -19.98 -12.09 37.46
C THR B 169 -19.36 -11.74 38.82
N VAL B 170 -20.18 -11.90 39.85
CA VAL B 170 -19.77 -11.66 41.24
C VAL B 170 -19.54 -13.01 41.91
N PRO B 171 -18.31 -13.29 42.42
CA PRO B 171 -18.08 -14.60 43.07
C PRO B 171 -18.77 -14.67 44.42
N ALA B 172 -18.77 -15.88 44.99
CA ALA B 172 -19.51 -16.25 46.20
C ALA B 172 -21.00 -16.39 45.94
N PRO C 1 -21.08 3.73 -23.82
CA PRO C 1 -21.26 2.39 -24.37
C PRO C 1 -22.22 1.48 -23.60
N ILE C 2 -21.72 0.81 -22.58
CA ILE C 2 -22.53 -0.06 -21.73
C ILE C 2 -22.17 0.24 -20.29
N MET C 3 -23.09 -0.06 -19.38
CA MET C 3 -22.92 0.22 -17.96
C MET C 3 -23.06 -1.06 -17.14
N GLY C 4 -22.53 -1.01 -15.92
CA GLY C 4 -22.67 -2.11 -14.98
C GLY C 4 -24.10 -2.38 -14.53
N GLN C 5 -25.00 -1.43 -14.75
CA GLN C 5 -26.42 -1.62 -14.52
C GLN C 5 -27.16 -1.97 -15.80
N ASP C 6 -26.48 -1.99 -16.94
CA ASP C 6 -27.11 -2.15 -18.23
C ASP C 6 -27.65 -3.54 -18.50
N VAL C 7 -26.84 -4.58 -18.35
CA VAL C 7 -27.28 -5.95 -18.63
C VAL C 7 -27.88 -6.52 -17.36
N LYS C 8 -29.20 -6.76 -17.37
CA LYS C 8 -29.86 -7.37 -16.23
C LYS C 8 -30.46 -8.71 -16.61
N TYR C 9 -30.42 -9.63 -15.66
CA TYR C 9 -30.65 -11.06 -15.90
C TYR C 9 -31.96 -11.47 -15.26
N LEU C 10 -32.96 -11.74 -16.10
CA LEU C 10 -34.24 -12.25 -15.61
C LEU C 10 -34.25 -13.77 -15.71
N PHE C 11 -34.77 -14.43 -14.68
CA PHE C 11 -34.93 -15.87 -14.67
C PHE C 11 -36.37 -16.24 -14.37
N GLN C 12 -37.03 -16.84 -15.37
CA GLN C 12 -38.34 -17.41 -15.14
C GLN C 12 -38.23 -18.93 -15.17
N SER C 13 -38.78 -19.57 -14.15
CA SER C 13 -38.76 -21.02 -14.04
C SER C 13 -39.78 -21.65 -14.98
N ILE C 14 -39.44 -22.83 -15.51
CA ILE C 14 -40.34 -23.53 -16.43
C ILE C 14 -41.63 -23.94 -15.75
N ASP C 15 -41.57 -24.44 -14.52
CA ASP C 15 -42.74 -25.01 -13.86
C ASP C 15 -43.83 -23.99 -13.59
N ALA C 16 -43.50 -22.70 -13.55
CA ALA C 16 -44.50 -21.70 -13.18
C ALA C 16 -45.56 -21.56 -14.27
N ALA C 17 -45.13 -21.54 -15.55
CA ALA C 17 -45.97 -21.26 -16.72
C ALA C 17 -46.77 -19.97 -16.57
N THR C 18 -46.03 -18.88 -16.34
CA THR C 18 -46.62 -17.55 -16.17
C THR C 18 -45.74 -16.52 -16.87
N GLY C 19 -46.18 -15.27 -16.87
CA GLY C 19 -45.45 -14.20 -17.52
C GLY C 19 -44.99 -13.11 -16.59
N SER C 20 -44.82 -13.45 -15.30
CA SER C 20 -44.42 -12.45 -14.31
C SER C 20 -43.03 -11.90 -14.60
N ALA C 21 -42.11 -12.77 -15.02
CA ALA C 21 -40.68 -12.52 -15.25
C ALA C 21 -39.98 -11.98 -14.00
N PRO C 22 -39.65 -12.85 -13.01
CA PRO C 22 -38.95 -12.35 -11.82
C PRO C 22 -37.50 -11.99 -12.11
N LEU C 23 -37.00 -10.97 -11.44
CA LEU C 23 -35.57 -10.69 -11.45
C LEU C 23 -35.12 -10.44 -10.02
N PHE C 24 -33.91 -10.87 -9.72
CA PHE C 24 -33.58 -10.90 -8.32
C PHE C 24 -32.67 -9.72 -7.96
N PRO C 25 -32.91 -9.04 -6.85
CA PRO C 25 -32.04 -7.91 -6.48
C PRO C 25 -30.70 -8.38 -5.92
N ALA C 26 -29.89 -7.38 -5.53
CA ALA C 26 -28.56 -7.55 -4.95
C ALA C 26 -27.64 -8.33 -5.88
N TYR C 27 -27.74 -8.02 -7.18
CA TYR C 27 -26.84 -8.58 -8.17
C TYR C 27 -25.44 -7.98 -8.03
N GLN C 28 -24.45 -8.86 -8.08
CA GLN C 28 -23.06 -8.49 -7.99
C GLN C 28 -22.54 -8.59 -9.43
N THR C 29 -21.95 -9.72 -9.80
CA THR C 29 -21.42 -9.89 -11.13
C THR C 29 -21.86 -11.21 -11.75
N ASP C 30 -21.58 -11.34 -13.04
CA ASP C 30 -22.19 -12.34 -13.88
C ASP C 30 -21.30 -12.55 -15.09
N GLY C 31 -20.53 -13.62 -15.06
CA GLY C 31 -19.80 -14.04 -16.23
C GLY C 31 -20.55 -15.09 -17.01
N SER C 32 -20.62 -14.91 -18.32
CA SER C 32 -21.18 -15.91 -19.23
C SER C 32 -20.11 -16.13 -20.28
N VAL C 33 -19.70 -17.39 -20.44
CA VAL C 33 -18.59 -17.73 -21.31
C VAL C 33 -19.05 -18.84 -22.26
N SER C 34 -18.54 -18.79 -23.48
CA SER C 34 -19.06 -19.57 -24.60
C SER C 34 -17.89 -20.31 -25.25
N GLY C 35 -17.99 -21.64 -25.29
CA GLY C 35 -16.91 -22.44 -25.85
C GLY C 35 -17.32 -23.21 -27.09
N GLU C 36 -16.72 -22.87 -28.23
CA GLU C 36 -17.03 -23.50 -29.50
C GLU C 36 -15.92 -24.51 -29.80
N ARG C 37 -16.31 -25.75 -30.05
CA ARG C 37 -15.35 -26.84 -30.22
C ARG C 37 -14.50 -26.58 -31.46
N GLU C 38 -13.18 -26.73 -31.30
CA GLU C 38 -12.20 -26.29 -32.27
C GLU C 38 -11.22 -27.41 -32.54
N LEU C 39 -11.10 -27.80 -33.80
CA LEU C 39 -10.22 -28.87 -34.24
C LEU C 39 -8.87 -28.32 -34.68
N PHE C 40 -7.81 -28.78 -34.01
CA PHE C 40 -6.44 -28.49 -34.41
C PHE C 40 -5.60 -29.75 -34.38
N ASP C 41 -5.58 -30.46 -35.51
CA ASP C 41 -4.49 -31.35 -35.89
C ASP C 41 -3.76 -30.73 -37.08
N GLU C 42 -2.55 -31.22 -37.34
CA GLU C 42 -1.78 -30.78 -38.49
C GLU C 42 -2.41 -31.17 -39.82
N GLN C 43 -2.74 -32.46 -39.99
CA GLN C 43 -3.21 -33.07 -41.24
C GLN C 43 -2.17 -32.96 -42.35
N THR C 44 -0.88 -33.08 -41.98
CA THR C 44 0.28 -32.70 -42.78
C THR C 44 0.05 -31.38 -43.52
N LYS C 45 -0.42 -30.38 -42.77
CA LYS C 45 -0.75 -29.07 -43.33
C LYS C 45 -0.41 -27.96 -42.34
N ASN C 46 -0.95 -26.77 -42.56
CA ASN C 46 -0.74 -25.64 -41.65
C ASN C 46 -1.63 -25.71 -40.41
N GLY C 47 -2.17 -26.88 -40.09
CA GLY C 47 -3.04 -27.03 -38.94
C GLY C 47 -4.47 -26.67 -39.28
N ARG C 48 -5.37 -26.93 -38.35
CA ARG C 48 -6.79 -26.65 -38.55
C ARG C 48 -7.21 -25.66 -37.48
N ILE C 49 -7.79 -24.53 -37.90
CA ILE C 49 -8.27 -23.51 -37.00
C ILE C 49 -9.71 -23.12 -37.37
N LEU C 50 -10.02 -23.19 -38.66
CA LEU C 50 -11.38 -22.92 -39.14
C LEU C 50 -12.37 -23.97 -38.65
N GLY C 51 -11.89 -25.13 -38.23
CA GLY C 51 -12.71 -26.28 -37.94
C GLY C 51 -13.77 -26.03 -36.87
N PRO C 52 -15.02 -25.89 -37.30
CA PRO C 52 -16.08 -25.54 -36.35
C PRO C 52 -16.49 -26.68 -35.44
N GLY C 53 -17.24 -26.35 -34.40
CA GLY C 53 -17.71 -27.33 -33.44
C GLY C 53 -18.94 -26.80 -32.73
N SER C 54 -19.32 -27.50 -31.67
CA SER C 54 -20.48 -27.10 -30.90
C SER C 54 -20.09 -26.07 -29.85
N VAL C 55 -21.06 -25.25 -29.45
CA VAL C 55 -20.85 -24.17 -28.49
C VAL C 55 -21.41 -24.60 -27.13
N ALA C 56 -20.58 -24.46 -26.11
CA ALA C 56 -20.98 -24.71 -24.72
C ALA C 56 -21.06 -23.37 -24.01
N ASP C 57 -22.26 -22.99 -23.62
CA ASP C 57 -22.51 -21.65 -23.08
C ASP C 57 -22.65 -21.76 -21.57
N SER C 58 -21.58 -21.41 -20.88
CA SER C 58 -21.49 -21.47 -19.43
C SER C 58 -21.84 -20.12 -18.82
N GLY C 59 -22.52 -20.17 -17.68
CA GLY C 59 -22.84 -18.97 -16.96
C GLY C 59 -22.74 -19.16 -15.46
N GLU C 60 -22.44 -18.10 -14.73
CA GLU C 60 -22.42 -18.12 -13.28
C GLU C 60 -22.94 -16.78 -12.80
N VAL C 61 -23.98 -16.80 -11.97
CA VAL C 61 -24.61 -15.59 -11.47
C VAL C 61 -24.30 -15.46 -9.99
N THR C 62 -23.65 -14.37 -9.60
CA THR C 62 -23.41 -14.13 -8.20
C THR C 62 -24.27 -12.97 -7.72
N TYR C 63 -24.82 -13.09 -6.51
CA TYR C 63 -25.59 -12.02 -5.91
C TYR C 63 -25.61 -12.20 -4.39
N TYR C 64 -25.87 -11.12 -3.67
CA TYR C 64 -26.03 -11.15 -2.22
C TYR C 64 -27.42 -11.66 -1.88
N GLY C 65 -27.52 -12.47 -0.83
CA GLY C 65 -28.79 -13.10 -0.48
C GLY C 65 -29.80 -12.17 0.14
N LYS C 66 -31.07 -12.40 -0.15
CA LYS C 66 -32.14 -11.63 0.49
C LYS C 66 -33.06 -12.60 1.25
N ARG C 67 -33.64 -12.09 2.34
CA ARG C 67 -34.42 -12.93 3.25
C ARG C 67 -35.41 -13.85 2.54
N GLY C 68 -36.24 -13.33 1.66
CA GLY C 68 -37.17 -14.13 0.89
C GLY C 68 -36.85 -14.02 -0.59
N ASP C 69 -37.78 -13.37 -1.31
CA ASP C 69 -37.61 -12.94 -2.70
C ASP C 69 -37.68 -14.14 -3.66
N ALA C 70 -38.65 -14.06 -4.59
CA ALA C 70 -39.26 -15.19 -5.26
C ALA C 70 -38.59 -15.69 -6.55
N GLY C 71 -37.91 -14.82 -7.29
CA GLY C 71 -37.04 -15.29 -8.38
C GLY C 71 -35.92 -16.19 -7.88
N GLN C 72 -35.14 -15.70 -6.91
CA GLN C 72 -34.17 -16.56 -6.25
C GLN C 72 -34.84 -17.74 -5.55
N LYS C 73 -35.96 -17.51 -4.86
CA LYS C 73 -36.72 -18.64 -4.34
C LYS C 73 -37.12 -19.61 -5.44
N ALA C 74 -37.47 -19.11 -6.63
CA ALA C 74 -37.61 -20.00 -7.76
C ALA C 74 -36.30 -20.68 -8.11
N ILE C 75 -35.20 -19.93 -8.07
CA ILE C 75 -33.87 -20.51 -8.23
C ILE C 75 -33.68 -21.66 -7.23
N GLU C 76 -33.99 -21.42 -5.96
CA GLU C 76 -33.79 -22.45 -4.94
C GLU C 76 -34.73 -23.63 -5.13
N ASP C 77 -36.01 -23.39 -5.40
CA ASP C 77 -36.89 -24.49 -5.81
C ASP C 77 -36.42 -25.12 -7.11
N ALA C 78 -35.84 -24.32 -8.01
CA ALA C 78 -35.28 -24.91 -9.23
C ALA C 78 -34.13 -25.84 -8.91
N TYR C 79 -33.17 -25.40 -8.08
CA TYR C 79 -31.99 -26.20 -7.84
C TYR C 79 -32.29 -27.43 -6.99
N GLN C 80 -33.04 -27.24 -5.90
CA GLN C 80 -33.16 -28.27 -4.88
C GLN C 80 -33.90 -29.50 -5.38
N ASN C 81 -35.09 -29.31 -5.96
CA ASN C 81 -35.77 -30.43 -6.62
C ASN C 81 -35.22 -30.65 -8.02
N GLY C 82 -34.98 -29.56 -8.76
CA GLY C 82 -34.44 -29.63 -10.10
C GLY C 82 -35.43 -29.25 -11.17
N LYS C 83 -35.37 -28.00 -11.61
CA LYS C 83 -36.24 -27.43 -12.63
C LYS C 83 -35.35 -26.75 -13.65
N GLN C 84 -35.76 -26.75 -14.91
CA GLN C 84 -35.16 -25.94 -15.95
C GLN C 84 -35.56 -24.48 -15.73
N ILE C 85 -34.62 -23.57 -15.97
CA ILE C 85 -34.91 -22.14 -15.80
C ILE C 85 -34.81 -21.44 -17.14
N LYS C 86 -35.84 -20.65 -17.46
CA LYS C 86 -35.85 -19.85 -18.68
C LYS C 86 -35.14 -18.54 -18.41
N PHE C 87 -33.98 -18.38 -19.06
CA PHE C 87 -33.00 -17.35 -18.74
C PHE C 87 -33.01 -16.26 -19.81
N TRP C 88 -33.17 -15.02 -19.38
CA TRP C 88 -33.22 -13.85 -20.24
C TRP C 88 -32.13 -12.87 -19.80
N ARG C 89 -31.16 -12.63 -20.68
CA ARG C 89 -30.15 -11.60 -20.44
C ARG C 89 -30.52 -10.38 -21.29
N VAL C 90 -31.08 -9.37 -20.65
CA VAL C 90 -31.61 -8.23 -21.38
C VAL C 90 -30.90 -6.97 -20.92
N ASP C 91 -30.85 -6.00 -21.83
CA ASP C 91 -30.22 -4.72 -21.55
C ASP C 91 -31.27 -3.68 -21.20
N THR C 92 -30.83 -2.67 -20.44
CA THR C 92 -31.70 -1.61 -19.94
C THR C 92 -31.78 -0.43 -20.90
N VAL C 93 -31.07 -0.49 -22.03
CA VAL C 93 -31.17 0.58 -23.03
C VAL C 93 -32.22 0.23 -24.07
N LYS C 94 -33.09 1.19 -24.35
CA LYS C 94 -34.23 0.98 -25.23
C LYS C 94 -33.74 0.72 -26.65
N ASN C 95 -34.07 -0.46 -27.19
CA ASN C 95 -33.82 -0.75 -28.58
C ASN C 95 -34.78 0.03 -29.46
N GLU C 96 -34.45 0.11 -30.75
CA GLU C 96 -35.25 0.88 -31.69
C GLU C 96 -36.30 0.07 -32.43
N ASN C 97 -36.43 -1.23 -32.14
CA ASN C 97 -37.58 -1.98 -32.64
C ASN C 97 -38.24 -2.77 -31.51
N ASP C 98 -37.45 -3.40 -30.66
CA ASP C 98 -37.93 -3.97 -29.41
C ASP C 98 -37.88 -2.88 -28.34
N LYS C 99 -38.47 -3.16 -27.19
CA LYS C 99 -38.35 -2.26 -26.04
C LYS C 99 -36.91 -2.25 -25.53
N TYR C 100 -36.28 -3.42 -25.52
CA TYR C 100 -34.90 -3.59 -25.10
C TYR C 100 -34.27 -4.66 -25.98
N ASP C 101 -33.02 -5.01 -25.70
CA ASP C 101 -32.35 -6.05 -26.46
C ASP C 101 -31.93 -7.16 -25.51
N ALA C 102 -31.92 -8.38 -26.05
CA ALA C 102 -31.88 -9.57 -25.21
C ALA C 102 -30.98 -10.62 -25.83
N GLN C 103 -30.38 -11.43 -24.96
CA GLN C 103 -29.89 -12.75 -25.31
C GLN C 103 -30.59 -13.74 -24.40
N PHE C 104 -31.13 -14.81 -24.98
CA PHE C 104 -32.11 -15.66 -24.35
C PHE C 104 -31.68 -17.12 -24.40
N GLY C 105 -32.03 -17.88 -23.37
CA GLY C 105 -31.82 -19.32 -23.43
C GLY C 105 -32.54 -20.04 -22.32
N PHE C 106 -32.69 -21.35 -22.52
CA PHE C 106 -33.12 -22.26 -21.46
C PHE C 106 -31.89 -22.65 -20.66
N ALA C 107 -31.95 -22.45 -19.35
CA ALA C 107 -30.78 -22.58 -18.50
C ALA C 107 -31.07 -23.48 -17.31
N TYR C 108 -30.03 -24.19 -16.90
CA TYR C 108 -30.12 -25.20 -15.84
C TYR C 108 -29.04 -24.91 -14.81
N ILE C 109 -29.45 -24.71 -13.56
CA ILE C 109 -28.50 -24.43 -12.48
C ILE C 109 -27.89 -25.74 -12.00
N GLU C 110 -26.66 -26.01 -12.44
CA GLU C 110 -25.98 -27.22 -11.99
C GLU C 110 -25.06 -27.00 -10.79
N SER C 111 -24.79 -25.75 -10.41
CA SER C 111 -24.01 -25.49 -9.21
C SER C 111 -24.65 -24.33 -8.46
N ARG C 112 -24.65 -24.45 -7.13
CA ARG C 112 -25.16 -23.42 -6.22
C ARG C 112 -24.19 -23.44 -5.04
N GLU C 113 -23.39 -22.38 -4.95
CA GLU C 113 -22.37 -22.23 -3.93
C GLU C 113 -22.69 -20.96 -3.16
N TYR C 114 -22.96 -21.09 -1.86
CA TYR C 114 -23.22 -19.93 -1.03
C TYR C 114 -22.19 -19.82 0.08
N SER C 115 -21.69 -18.60 0.27
CA SER C 115 -20.73 -18.29 1.31
C SER C 115 -21.42 -17.52 2.42
N ASP C 116 -20.93 -17.75 3.64
CA ASP C 116 -21.25 -16.95 4.81
C ASP C 116 -19.92 -16.43 5.35
N GLY C 117 -19.73 -15.12 5.32
CA GLY C 117 -18.56 -14.49 5.89
C GLY C 117 -18.81 -13.99 7.29
N VAL C 118 -17.78 -13.44 7.91
CA VAL C 118 -17.89 -12.84 9.24
C VAL C 118 -18.89 -11.68 9.23
N GLU C 119 -18.87 -10.85 8.20
CA GLU C 119 -19.93 -9.87 8.02
C GLU C 119 -20.44 -9.84 6.59
N GLY C 120 -21.75 -9.69 6.41
CA GLY C 120 -22.28 -9.36 5.10
C GLY C 120 -23.31 -10.40 4.72
N ALA C 121 -24.14 -10.10 3.71
CA ALA C 121 -25.20 -11.00 3.31
C ALA C 121 -24.62 -12.22 2.60
N VAL C 122 -25.39 -13.31 2.65
CA VAL C 122 -24.91 -14.61 2.18
C VAL C 122 -24.51 -14.53 0.71
N GLU C 123 -23.28 -14.93 0.41
CA GLU C 123 -22.78 -14.81 -0.96
C GLU C 123 -23.32 -15.95 -1.80
N ILE C 124 -24.24 -15.61 -2.70
CA ILE C 124 -24.85 -16.59 -3.58
C ILE C 124 -24.18 -16.53 -4.93
N SER C 125 -23.48 -17.60 -5.28
CA SER C 125 -22.96 -17.83 -6.62
C SER C 125 -23.62 -19.08 -7.18
N ILE C 126 -24.32 -18.94 -8.30
CA ILE C 126 -24.94 -20.08 -8.96
C ILE C 126 -24.34 -20.22 -10.35
N SER C 127 -23.99 -21.46 -10.71
CA SER C 127 -23.38 -21.78 -11.99
C SER C 127 -24.33 -22.62 -12.82
N LEU C 128 -24.37 -22.34 -14.12
CA LEU C 128 -25.33 -22.94 -15.02
C LEU C 128 -24.67 -23.21 -16.36
N GLN C 129 -25.16 -24.23 -17.06
CA GLN C 129 -24.82 -24.45 -18.45
C GLN C 129 -26.06 -24.14 -19.27
N VAL C 130 -25.87 -23.69 -20.50
CA VAL C 130 -26.99 -23.45 -21.40
C VAL C 130 -26.55 -23.85 -22.80
N ILE C 131 -27.40 -24.63 -23.48
CA ILE C 131 -27.03 -25.19 -24.78
C ILE C 131 -26.59 -24.08 -25.72
N GLY C 132 -27.35 -23.00 -25.78
CA GLY C 132 -26.99 -21.88 -26.62
C GLY C 132 -27.72 -20.63 -26.22
N GLU C 133 -27.07 -19.48 -26.34
CA GLU C 133 -27.73 -18.20 -26.11
C GLU C 133 -28.04 -17.51 -27.44
N LEU C 134 -29.32 -17.19 -27.61
CA LEU C 134 -29.79 -16.63 -28.87
C LEU C 134 -29.91 -15.12 -28.70
N LYS C 135 -29.43 -14.37 -29.70
CA LYS C 135 -29.43 -12.92 -29.65
C LYS C 135 -30.74 -12.40 -30.23
N ASN C 136 -31.33 -11.40 -29.58
CA ASN C 136 -32.55 -10.77 -30.07
C ASN C 136 -32.77 -9.48 -29.31
N GLY C 137 -34.03 -9.03 -29.26
CA GLY C 137 -34.38 -7.93 -28.38
C GLY C 137 -35.56 -8.29 -27.50
N GLU C 138 -35.63 -7.62 -26.35
CA GLU C 138 -36.64 -7.94 -25.35
C GLU C 138 -37.73 -6.87 -25.40
N ILE C 139 -38.95 -7.29 -25.03
CA ILE C 139 -40.09 -6.38 -25.11
C ILE C 139 -40.53 -5.95 -23.72
N ASP C 140 -41.26 -6.81 -23.00
CA ASP C 140 -41.76 -6.44 -21.69
C ASP C 140 -40.86 -6.96 -20.59
N THR C 141 -40.02 -6.08 -20.07
CA THR C 141 -39.16 -6.41 -18.92
C THR C 141 -39.69 -5.83 -17.62
N LEU C 142 -41.00 -5.56 -17.54
CA LEU C 142 -41.68 -4.89 -16.43
C LEU C 142 -40.90 -3.64 -16.03
N PRO C 143 -40.69 -2.69 -16.98
CA PRO C 143 -39.60 -1.71 -16.85
C PRO C 143 -39.75 -0.72 -15.70
N GLU C 144 -40.96 -0.70 -15.13
CA GLU C 144 -41.24 0.06 -13.92
C GLU C 144 -40.22 -0.22 -12.82
N GLU C 145 -40.01 -1.49 -12.49
CA GLU C 145 -39.18 -1.88 -11.37
C GLU C 145 -37.86 -2.50 -11.78
N ILE C 146 -37.81 -3.28 -12.86
CA ILE C 146 -36.59 -3.92 -13.32
C ILE C 146 -35.68 -2.94 -14.03
N VAL C 147 -36.23 -2.18 -14.98
CA VAL C 147 -35.44 -1.25 -15.78
C VAL C 147 -35.03 -0.09 -14.88
N ASN C 148 -35.91 0.26 -13.94
CA ASN C 148 -35.68 1.39 -13.05
C ASN C 148 -35.43 0.94 -11.62
N VAL C 149 -34.22 1.15 -11.10
CA VAL C 149 -33.96 0.93 -9.70
C VAL C 149 -33.69 2.28 -9.04
N SER C 150 -34.46 2.60 -8.00
CA SER C 150 -34.41 3.92 -7.40
C SER C 150 -34.40 3.88 -5.88
N LYS C 151 -33.46 4.55 -5.24
CA LYS C 151 -33.46 4.64 -3.78
C LYS C 151 -34.77 5.16 -3.20
N GLY C 152 -35.33 6.24 -3.71
CA GLY C 152 -36.54 6.82 -3.16
C GLY C 152 -36.53 8.34 -3.17
N GLY C 153 -37.62 8.95 -3.58
CA GLY C 153 -37.72 10.39 -3.69
C GLY C 153 -38.93 10.93 -2.97
N TYR C 154 -38.81 11.02 -1.64
CA TYR C 154 -39.84 11.56 -0.77
C TYR C 154 -39.30 12.82 -0.10
N ASP C 155 -39.57 13.99 -0.72
CA ASP C 155 -38.77 15.19 -0.48
C ASP C 155 -39.06 15.91 0.83
N PHE C 156 -40.33 16.05 1.21
CA PHE C 156 -40.84 16.48 2.53
C PHE C 156 -41.92 15.51 2.98
N GLN C 157 -41.63 14.86 4.11
CA GLN C 157 -42.65 14.32 5.01
C GLN C 157 -42.37 14.96 6.37
N GLN C 158 -42.16 16.28 6.41
CA GLN C 158 -41.60 16.90 7.61
C GLN C 158 -42.59 16.94 8.80
N PRO C 159 -43.91 17.09 8.62
CA PRO C 159 -44.79 16.93 9.80
C PRO C 159 -45.12 15.49 10.12
N GLY C 160 -44.64 14.53 9.32
CA GLY C 160 -45.09 13.16 9.49
C GLY C 160 -44.59 12.12 8.51
N GLN C 161 -43.30 11.77 8.54
CA GLN C 161 -42.82 10.70 7.66
C GLN C 161 -43.42 9.36 8.06
N THR C 162 -43.50 9.11 9.38
CA THR C 162 -44.12 7.93 9.99
C THR C 162 -43.54 6.63 9.41
N THR C 163 -42.24 6.62 9.16
CA THR C 163 -41.66 5.55 8.36
C THR C 163 -40.68 4.77 9.22
N GLY C 164 -40.44 3.51 8.83
CA GLY C 164 -39.40 2.70 9.43
C GLY C 164 -38.04 2.95 8.83
N GLU C 165 -37.19 1.92 8.81
CA GLU C 165 -35.84 2.05 8.30
C GLU C 165 -35.83 2.35 6.81
N ALA C 166 -36.71 1.70 6.06
CA ALA C 166 -36.80 1.84 4.61
C ALA C 166 -37.79 2.94 4.27
N PRO C 167 -37.45 3.85 3.39
CA PRO C 167 -38.07 5.18 3.37
C PRO C 167 -39.43 5.19 2.69
N GLY C 168 -40.30 6.06 3.20
CA GLY C 168 -41.51 6.44 2.51
C GLY C 168 -42.70 5.51 2.62
N THR C 169 -42.64 4.53 3.53
CA THR C 169 -43.81 3.72 3.84
C THR C 169 -44.43 4.20 5.15
N VAL C 170 -45.72 4.53 5.05
CA VAL C 170 -46.51 4.97 6.20
C VAL C 170 -47.40 3.81 6.64
N PRO C 171 -47.29 3.33 7.90
CA PRO C 171 -48.15 2.22 8.33
C PRO C 171 -49.57 2.65 8.54
N ALA C 172 -50.46 1.68 8.74
CA ALA C 172 -51.91 1.85 8.79
C ALA C 172 -52.53 2.07 7.40
N PRO D 1 9.50 3.77 -30.36
CA PRO D 1 9.35 2.45 -30.97
C PRO D 1 7.94 2.09 -31.41
N ILE D 2 7.13 1.56 -30.48
CA ILE D 2 5.75 1.20 -30.75
C ILE D 2 4.91 1.72 -29.59
N MET D 3 3.62 1.94 -29.86
CA MET D 3 2.70 2.48 -28.88
C MET D 3 1.52 1.56 -28.67
N GLY D 4 0.85 1.73 -27.53
CA GLY D 4 -0.37 0.98 -27.23
C GLY D 4 -1.53 1.26 -28.17
N GLN D 5 -1.47 2.37 -28.91
CA GLN D 5 -2.43 2.66 -29.96
C GLN D 5 -1.93 2.24 -31.34
N ASP D 6 -0.70 1.75 -31.43
CA ASP D 6 -0.05 1.48 -32.71
C ASP D 6 -0.64 0.29 -33.45
N VAL D 7 -0.72 -0.88 -32.83
CA VAL D 7 -1.23 -2.09 -33.49
C VAL D 7 -2.74 -2.11 -33.32
N LYS D 8 -3.47 -1.94 -34.42
CA LYS D 8 -4.92 -2.04 -34.37
C LYS D 8 -5.41 -3.19 -35.22
N TYR D 9 -6.49 -3.83 -34.75
CA TYR D 9 -6.92 -5.14 -35.22
C TYR D 9 -8.23 -4.97 -35.98
N LEU D 10 -8.19 -5.12 -37.30
CA LEU D 10 -9.39 -5.10 -38.11
C LEU D 10 -9.88 -6.53 -38.34
N PHE D 11 -11.19 -6.72 -38.26
CA PHE D 11 -11.81 -8.01 -38.53
C PHE D 11 -12.90 -7.86 -39.58
N GLN D 12 -12.66 -8.45 -40.75
CA GLN D 12 -13.71 -8.53 -41.75
C GLN D 12 -14.19 -9.98 -41.85
N SER D 13 -15.51 -10.16 -41.78
CA SER D 13 -16.10 -11.48 -41.86
C SER D 13 -16.12 -11.98 -43.30
N ILE D 14 -15.97 -13.30 -43.46
CA ILE D 14 -15.95 -13.90 -44.78
C ILE D 14 -17.28 -13.73 -45.50
N ASP D 15 -18.40 -13.92 -44.80
CA ASP D 15 -19.71 -13.95 -45.43
C ASP D 15 -20.10 -12.61 -46.05
N ALA D 16 -19.49 -11.50 -45.62
CA ALA D 16 -19.91 -10.20 -46.11
C ALA D 16 -19.55 -10.01 -47.58
N ALA D 17 -18.33 -10.42 -47.96
CA ALA D 17 -17.73 -10.21 -49.29
C ALA D 17 -17.77 -8.73 -49.69
N THR D 18 -17.18 -7.88 -48.85
CA THR D 18 -17.12 -6.45 -49.07
C THR D 18 -15.75 -5.93 -48.66
N GLY D 19 -15.52 -4.64 -48.87
CA GLY D 19 -14.25 -4.03 -48.53
C GLY D 19 -14.35 -2.93 -47.49
N SER D 20 -15.39 -2.99 -46.65
CA SER D 20 -15.60 -1.95 -45.65
C SER D 20 -14.48 -1.92 -44.63
N ALA D 21 -14.00 -3.10 -44.22
CA ALA D 21 -13.01 -3.34 -43.16
C ALA D 21 -13.46 -2.77 -41.82
N PRO D 22 -14.37 -3.41 -41.09
CA PRO D 22 -14.77 -2.88 -39.78
C PRO D 22 -13.69 -3.05 -38.73
N LEU D 23 -13.57 -2.09 -37.83
CA LEU D 23 -12.75 -2.26 -36.64
C LEU D 23 -13.55 -1.81 -35.42
N PHE D 24 -13.33 -2.50 -34.32
CA PHE D 24 -14.27 -2.28 -33.24
C PHE D 24 -13.67 -1.39 -32.18
N PRO D 25 -14.41 -0.41 -31.65
CA PRO D 25 -13.86 0.46 -30.61
C PRO D 25 -13.79 -0.23 -29.26
N ALA D 26 -13.32 0.54 -28.27
CA ALA D 26 -13.16 0.13 -26.87
C ALA D 26 -12.25 -1.09 -26.73
N TYR D 27 -11.19 -1.08 -27.54
CA TYR D 27 -10.16 -2.11 -27.43
C TYR D 27 -9.36 -1.94 -26.16
N GLN D 28 -9.14 -3.05 -25.48
CA GLN D 28 -8.37 -3.10 -24.24
C GLN D 28 -7.01 -3.70 -24.66
N THR D 29 -6.84 -5.02 -24.53
CA THR D 29 -5.59 -5.65 -24.88
C THR D 29 -5.82 -6.89 -25.74
N ASP D 30 -4.71 -7.39 -26.26
CA ASP D 30 -4.73 -8.35 -27.35
C ASP D 30 -3.41 -9.10 -27.34
N GLY D 31 -3.44 -10.31 -26.82
CA GLY D 31 -2.30 -11.19 -26.94
C GLY D 31 -2.46 -12.13 -28.12
N SER D 32 -1.40 -12.26 -28.90
CA SER D 32 -1.34 -13.24 -29.99
C SER D 32 -0.06 -14.01 -29.75
N VAL D 33 -0.19 -15.33 -29.65
CA VAL D 33 0.92 -16.20 -29.29
C VAL D 33 1.04 -17.31 -30.33
N SER D 34 2.27 -17.71 -30.61
CA SER D 34 2.59 -18.54 -31.76
C SER D 34 3.41 -19.73 -31.26
N GLY D 35 2.91 -20.94 -31.51
CA GLY D 35 3.60 -22.13 -31.05
C GLY D 35 4.08 -23.01 -32.18
N GLU D 36 5.39 -23.16 -32.31
CA GLU D 36 6.01 -23.96 -33.36
C GLU D 36 6.44 -25.29 -32.74
N ARG D 37 5.98 -26.39 -33.33
CA ARG D 37 6.20 -27.72 -32.78
C ARG D 37 7.69 -28.04 -32.76
N GLU D 38 8.16 -28.53 -31.62
CA GLU D 38 9.59 -28.64 -31.34
C GLU D 38 9.88 -30.05 -30.81
N LEU D 39 10.79 -30.74 -31.48
CA LEU D 39 11.18 -32.09 -31.14
C LEU D 39 12.40 -32.08 -30.24
N PHE D 40 12.23 -32.66 -29.04
CA PHE D 40 13.35 -32.90 -28.13
C PHE D 40 13.30 -34.31 -27.56
N ASP D 41 13.92 -35.24 -28.27
CA ASP D 41 14.44 -36.48 -27.71
C ASP D 41 15.97 -36.41 -27.73
N GLU D 42 16.60 -37.29 -26.95
CA GLU D 42 18.05 -37.39 -26.94
C GLU D 42 18.63 -37.88 -28.26
N GLN D 43 18.12 -39.01 -28.76
CA GLN D 43 18.64 -39.74 -29.94
C GLN D 43 20.08 -40.22 -29.71
N THR D 44 20.38 -40.61 -28.46
CA THR D 44 21.74 -40.81 -27.94
C THR D 44 22.68 -39.70 -28.40
N LYS D 45 22.23 -38.46 -28.25
CA LYS D 45 22.99 -37.28 -28.68
C LYS D 45 22.78 -36.12 -27.71
N ASN D 46 23.12 -34.91 -28.15
CA ASN D 46 22.92 -33.71 -27.33
C ASN D 46 21.48 -33.22 -27.35
N GLY D 47 20.53 -34.05 -27.74
CA GLY D 47 19.14 -33.66 -27.80
C GLY D 47 18.83 -32.98 -29.12
N ARG D 48 17.53 -32.73 -29.35
CA ARG D 48 17.09 -32.10 -30.58
C ARG D 48 16.40 -30.79 -30.19
N ILE D 49 16.85 -29.69 -30.79
CA ILE D 49 16.27 -28.38 -30.54
C ILE D 49 15.99 -27.69 -31.87
N LEU D 50 16.82 -27.96 -32.88
CA LEU D 50 16.61 -27.43 -34.23
C LEU D 50 15.35 -27.98 -34.86
N GLY D 51 14.83 -29.11 -34.36
CA GLY D 51 13.77 -29.85 -35.00
C GLY D 51 12.51 -29.05 -35.21
N PRO D 52 12.26 -28.64 -36.46
CA PRO D 52 11.11 -27.78 -36.74
C PRO D 52 9.77 -28.49 -36.67
N GLY D 53 8.69 -27.71 -36.66
CA GLY D 53 7.35 -28.25 -36.59
C GLY D 53 6.38 -27.22 -37.13
N SER D 54 5.10 -27.50 -36.91
CA SER D 54 4.05 -26.59 -37.36
C SER D 54 3.80 -25.50 -36.32
N VAL D 55 3.31 -24.36 -36.80
CA VAL D 55 3.06 -23.20 -35.96
C VAL D 55 1.56 -23.10 -35.67
N ALA D 56 1.21 -22.97 -34.40
CA ALA D 56 -0.15 -22.75 -33.96
C ALA D 56 -0.26 -21.32 -33.47
N ASP D 57 -1.04 -20.51 -34.17
CA ASP D 57 -1.10 -19.07 -33.92
C ASP D 57 -2.39 -18.77 -33.18
N SER D 58 -2.27 -18.59 -31.87
CA SER D 58 -3.38 -18.33 -30.98
C SER D 58 -3.53 -16.84 -30.76
N GLY D 59 -4.78 -16.40 -30.66
CA GLY D 59 -5.07 -15.02 -30.38
C GLY D 59 -6.27 -14.87 -29.47
N GLU D 60 -6.29 -13.80 -28.69
CA GLU D 60 -7.44 -13.47 -27.84
C GLU D 60 -7.58 -11.96 -27.83
N VAL D 61 -8.75 -11.47 -28.21
CA VAL D 61 -9.01 -10.04 -28.29
C VAL D 61 -9.97 -9.67 -27.18
N THR D 62 -9.56 -8.76 -26.31
CA THR D 62 -10.44 -8.26 -25.27
C THR D 62 -10.82 -6.81 -25.58
N TYR D 63 -12.09 -6.49 -25.34
CA TYR D 63 -12.56 -5.11 -25.51
C TYR D 63 -13.83 -4.92 -24.68
N TYR D 64 -14.13 -3.66 -24.36
CA TYR D 64 -15.36 -3.29 -23.65
C TYR D 64 -16.51 -3.26 -24.64
N GLY D 65 -17.67 -3.74 -24.21
CA GLY D 65 -18.81 -3.85 -25.11
C GLY D 65 -19.47 -2.54 -25.47
N LYS D 66 -19.97 -2.44 -26.70
CA LYS D 66 -20.72 -1.27 -27.12
C LYS D 66 -22.13 -1.70 -27.53
N ARG D 67 -23.10 -0.80 -27.32
CA ARG D 67 -24.51 -1.12 -27.52
C ARG D 67 -24.79 -1.85 -28.83
N GLY D 68 -24.32 -1.32 -29.96
CA GLY D 68 -24.48 -1.98 -31.24
C GLY D 68 -23.13 -2.33 -31.82
N ASP D 69 -22.78 -1.64 -32.91
CA ASP D 69 -21.44 -1.63 -33.54
C ASP D 69 -21.18 -2.94 -34.28
N ALA D 70 -20.90 -2.80 -35.57
CA ALA D 70 -21.09 -3.83 -36.59
C ALA D 70 -19.94 -4.79 -36.83
N GLY D 71 -18.69 -4.37 -36.61
CA GLY D 71 -17.59 -5.33 -36.58
C GLY D 71 -17.74 -6.37 -35.49
N GLN D 72 -17.93 -5.92 -34.24
CA GLN D 72 -18.27 -6.84 -33.17
C GLN D 72 -19.58 -7.56 -33.44
N LYS D 73 -20.60 -6.86 -33.94
CA LYS D 73 -21.81 -7.54 -34.38
C LYS D 73 -21.51 -8.58 -35.45
N ALA D 74 -20.56 -8.31 -36.34
CA ALA D 74 -20.07 -9.36 -37.22
C ALA D 74 -19.40 -10.46 -36.42
N ILE D 75 -18.59 -10.09 -35.42
CA ILE D 75 -18.02 -11.06 -34.50
C ILE D 75 -19.12 -11.93 -33.90
N GLU D 76 -20.19 -11.31 -33.40
CA GLU D 76 -21.26 -12.07 -32.78
C GLU D 76 -22.01 -12.94 -33.77
N ASP D 77 -22.36 -12.41 -34.94
CA ASP D 77 -22.88 -13.26 -36.02
C ASP D 77 -21.85 -14.29 -36.45
N ALA D 78 -20.57 -13.94 -36.41
CA ALA D 78 -19.56 -14.94 -36.71
C ALA D 78 -19.56 -16.07 -35.69
N TYR D 79 -19.57 -15.75 -34.40
CA TYR D 79 -19.46 -16.78 -33.39
C TYR D 79 -20.72 -17.62 -33.29
N GLN D 80 -21.88 -16.96 -33.25
CA GLN D 80 -23.13 -17.62 -32.87
C GLN D 80 -23.55 -18.67 -33.90
N ASN D 81 -23.63 -18.28 -35.18
CA ASN D 81 -23.86 -19.27 -36.22
C ASN D 81 -22.56 -19.97 -36.61
N GLY D 82 -21.48 -19.22 -36.72
CA GLY D 82 -20.18 -19.78 -37.05
C GLY D 82 -19.71 -19.37 -38.43
N LYS D 83 -18.87 -18.35 -38.49
CA LYS D 83 -18.29 -17.81 -39.72
C LYS D 83 -16.79 -17.69 -39.51
N GLN D 84 -16.02 -17.88 -40.57
CA GLN D 84 -14.60 -17.56 -40.58
C GLN D 84 -14.44 -16.04 -40.61
N ILE D 85 -13.44 -15.52 -39.89
CA ILE D 85 -13.20 -14.09 -39.87
C ILE D 85 -11.84 -13.78 -40.47
N LYS D 86 -11.83 -12.84 -41.40
CA LYS D 86 -10.59 -12.38 -42.03
C LYS D 86 -9.96 -11.33 -41.14
N PHE D 87 -8.81 -11.66 -40.56
CA PHE D 87 -8.18 -10.93 -39.47
C PHE D 87 -6.96 -10.19 -39.98
N TRP D 88 -6.92 -8.89 -39.71
CA TRP D 88 -5.84 -8.00 -40.12
C TRP D 88 -5.28 -7.32 -38.88
N ARG D 89 -4.01 -7.59 -38.56
CA ARG D 89 -3.31 -6.88 -37.49
C ARG D 89 -2.39 -5.86 -38.13
N VAL D 90 -2.81 -4.59 -38.12
CA VAL D 90 -2.08 -3.56 -38.83
C VAL D 90 -1.62 -2.49 -37.86
N ASP D 91 -0.52 -1.84 -38.23
CA ASP D 91 0.03 -0.77 -37.42
C ASP D 91 -0.39 0.59 -37.95
N THR D 92 -0.39 1.57 -37.05
CA THR D 92 -0.83 2.93 -37.35
C THR D 92 0.32 3.82 -37.83
N VAL D 93 1.54 3.27 -37.92
CA VAL D 93 2.65 4.05 -38.43
C VAL D 93 2.82 3.79 -39.93
N LYS D 94 2.95 4.88 -40.69
CA LYS D 94 2.99 4.79 -42.14
C LYS D 94 4.25 4.07 -42.59
N ASN D 95 4.08 2.95 -43.29
CA ASN D 95 5.19 2.26 -43.92
C ASN D 95 5.68 3.07 -45.12
N GLU D 96 6.89 2.72 -45.59
CA GLU D 96 7.51 3.45 -46.69
C GLU D 96 7.24 2.83 -48.06
N ASN D 97 6.48 1.75 -48.14
CA ASN D 97 6.02 1.26 -49.43
C ASN D 97 4.52 1.01 -49.41
N ASP D 98 4.01 0.39 -48.35
CA ASP D 98 2.59 0.31 -48.09
C ASP D 98 2.18 1.56 -47.33
N LYS D 99 0.87 1.76 -47.17
CA LYS D 99 0.37 2.83 -46.31
C LYS D 99 0.70 2.54 -44.85
N TYR D 100 0.58 1.27 -44.46
CA TYR D 100 0.88 0.81 -43.12
C TYR D 100 1.49 -0.58 -43.23
N ASP D 101 1.77 -1.20 -42.09
CA ASP D 101 2.32 -2.55 -42.10
C ASP D 101 1.39 -3.49 -41.34
N ALA D 102 1.36 -4.74 -41.78
CA ALA D 102 0.29 -5.64 -41.41
C ALA D 102 0.85 -7.03 -41.13
N GLN D 103 0.16 -7.75 -40.25
CA GLN D 103 0.21 -9.20 -40.20
C GLN D 103 -1.22 -9.69 -40.35
N PHE D 104 -1.43 -10.65 -41.25
CA PHE D 104 -2.74 -10.99 -41.77
C PHE D 104 -3.01 -12.48 -41.60
N GLY D 105 -4.27 -12.83 -41.39
CA GLY D 105 -4.64 -14.23 -41.42
C GLY D 105 -6.14 -14.42 -41.45
N PHE D 106 -6.54 -15.64 -41.83
CA PHE D 106 -7.91 -16.09 -41.68
C PHE D 106 -8.07 -16.62 -40.26
N ALA D 107 -9.04 -16.11 -39.53
CA ALA D 107 -9.17 -16.37 -38.11
C ALA D 107 -10.59 -16.83 -37.76
N TYR D 108 -10.65 -17.69 -36.75
CA TYR D 108 -11.88 -18.35 -36.35
C TYR D 108 -12.04 -18.15 -34.85
N ILE D 109 -13.16 -17.54 -34.44
CA ILE D 109 -13.43 -17.30 -33.02
C ILE D 109 -13.97 -18.57 -32.39
N GLU D 110 -13.12 -19.30 -31.67
CA GLU D 110 -13.56 -20.50 -30.99
C GLU D 110 -13.96 -20.28 -29.54
N SER D 111 -13.66 -19.13 -28.97
CA SER D 111 -14.12 -18.81 -27.62
C SER D 111 -14.61 -17.38 -27.58
N ARG D 112 -15.69 -17.17 -26.83
CA ARG D 112 -16.28 -15.85 -26.60
C ARG D 112 -16.72 -15.87 -25.14
N GLU D 113 -16.01 -15.12 -24.33
CA GLU D 113 -16.24 -15.02 -22.89
C GLU D 113 -16.54 -13.57 -22.58
N TYR D 114 -17.74 -13.29 -22.06
CA TYR D 114 -18.10 -11.95 -21.67
C TYR D 114 -18.40 -11.89 -20.18
N SER D 115 -17.85 -10.86 -19.54
CA SER D 115 -18.08 -10.61 -18.13
C SER D 115 -19.01 -9.43 -17.96
N ASP D 116 -19.80 -9.49 -16.89
CA ASP D 116 -20.58 -8.37 -16.38
C ASP D 116 -20.14 -8.16 -14.94
N GLY D 117 -19.54 -7.02 -14.67
CA GLY D 117 -19.17 -6.65 -13.31
C GLY D 117 -20.22 -5.76 -12.66
N VAL D 118 -19.97 -5.41 -11.40
CA VAL D 118 -20.85 -4.50 -10.67
C VAL D 118 -20.93 -3.14 -11.35
N GLU D 119 -19.81 -2.63 -11.83
CA GLU D 119 -19.83 -1.46 -12.69
C GLU D 119 -18.96 -1.61 -13.92
N GLY D 120 -19.42 -1.13 -15.07
CA GLY D 120 -18.54 -0.99 -16.21
C GLY D 120 -19.15 -1.72 -17.39
N ALA D 121 -18.66 -1.44 -18.60
CA ALA D 121 -19.21 -2.07 -19.79
C ALA D 121 -18.81 -3.54 -19.87
N VAL D 122 -19.63 -4.30 -20.59
CA VAL D 122 -19.51 -5.76 -20.60
C VAL D 122 -18.12 -6.16 -21.12
N GLU D 123 -17.42 -6.96 -20.33
CA GLU D 123 -16.06 -7.33 -20.69
C GLU D 123 -16.07 -8.43 -21.74
N ILE D 124 -15.70 -8.07 -22.96
CA ILE D 124 -15.69 -8.99 -24.09
C ILE D 124 -14.27 -9.47 -24.31
N SER D 125 -14.03 -10.75 -24.06
CA SER D 125 -12.81 -11.43 -24.44
C SER D 125 -13.16 -12.52 -25.42
N ILE D 126 -12.58 -12.46 -26.61
CA ILE D 126 -12.80 -13.49 -27.62
C ILE D 126 -11.46 -14.14 -27.95
N SER D 127 -11.46 -15.47 -28.01
CA SER D 127 -10.26 -16.25 -28.27
C SER D 127 -10.40 -16.95 -29.62
N LEU D 128 -9.30 -16.98 -30.37
CA LEU D 128 -9.29 -17.47 -31.73
C LEU D 128 -8.01 -18.24 -32.00
N GLN D 129 -8.08 -19.21 -32.90
CA GLN D 129 -6.90 -19.86 -33.46
C GLN D 129 -6.78 -19.40 -34.90
N VAL D 130 -5.55 -19.34 -35.40
CA VAL D 130 -5.32 -19.00 -36.80
C VAL D 130 -4.15 -19.84 -37.29
N ILE D 131 -4.33 -20.46 -38.45
CA ILE D 131 -3.33 -21.40 -38.95
C ILE D 131 -1.96 -20.75 -39.01
N GLY D 132 -1.91 -19.53 -39.55
CA GLY D 132 -0.66 -18.81 -39.60
C GLY D 132 -0.88 -17.33 -39.84
N GLU D 133 -0.03 -16.50 -39.24
CA GLU D 133 -0.07 -15.07 -39.50
C GLU D 133 1.05 -14.66 -40.45
N LEU D 134 0.67 -14.02 -41.55
CA LEU D 134 1.63 -13.66 -42.59
C LEU D 134 1.98 -12.20 -42.41
N LYS D 135 3.27 -11.89 -42.52
CA LYS D 135 3.77 -10.54 -42.33
C LYS D 135 3.76 -9.80 -43.67
N ASN D 136 3.32 -8.55 -43.66
CA ASN D 136 3.32 -7.73 -44.86
C ASN D 136 3.08 -6.27 -44.47
N GLY D 137 2.58 -5.48 -45.40
CA GLY D 137 2.12 -4.16 -45.06
C GLY D 137 0.70 -3.92 -45.56
N GLU D 138 0.01 -3.00 -44.87
CA GLU D 138 -1.40 -2.75 -45.16
C GLU D 138 -1.52 -1.46 -45.96
N ILE D 139 -2.56 -1.39 -46.79
CA ILE D 139 -2.74 -0.24 -47.65
C ILE D 139 -3.90 0.64 -47.16
N ASP D 140 -5.13 0.22 -47.44
CA ASP D 140 -6.29 1.04 -47.06
C ASP D 140 -6.89 0.55 -45.75
N THR D 141 -6.55 1.24 -44.67
CA THR D 141 -7.13 0.96 -43.36
C THR D 141 -8.21 1.97 -42.98
N LEU D 142 -8.84 2.63 -43.96
CA LEU D 142 -9.80 3.72 -43.80
C LEU D 142 -9.25 4.72 -42.80
N PRO D 143 -8.07 5.31 -43.07
CA PRO D 143 -7.26 5.93 -41.99
C PRO D 143 -7.86 7.17 -41.36
N GLU D 144 -8.92 7.69 -42.00
CA GLU D 144 -9.73 8.76 -41.46
C GLU D 144 -10.17 8.45 -40.04
N GLU D 145 -10.80 7.30 -39.82
CA GLU D 145 -11.40 6.98 -38.54
C GLU D 145 -10.65 5.90 -37.77
N ILE D 146 -10.07 4.92 -38.43
CA ILE D 146 -9.33 3.84 -37.79
C ILE D 146 -7.94 4.31 -37.34
N VAL D 147 -7.21 4.95 -38.25
CA VAL D 147 -5.83 5.38 -37.97
C VAL D 147 -5.91 6.54 -36.98
N ASN D 148 -6.97 7.35 -37.12
CA ASN D 148 -7.13 8.55 -36.29
C ASN D 148 -8.29 8.40 -35.32
N VAL D 149 -8.00 8.35 -34.02
CA VAL D 149 -9.07 8.42 -33.03
C VAL D 149 -8.94 9.74 -32.28
N SER D 150 -10.02 10.52 -32.28
CA SER D 150 -9.99 11.87 -31.74
C SER D 150 -11.19 12.20 -30.87
N LYS D 151 -10.97 12.69 -29.66
CA LYS D 151 -12.09 13.12 -28.82
C LYS D 151 -13.01 14.13 -29.49
N GLY D 152 -12.49 15.17 -30.12
CA GLY D 152 -13.31 16.21 -30.72
C GLY D 152 -12.75 17.60 -30.54
N GLY D 153 -12.75 18.40 -31.61
CA GLY D 153 -12.18 19.73 -31.58
C GLY D 153 -13.17 20.77 -32.10
N TYR D 154 -14.11 21.13 -31.22
CA TYR D 154 -15.12 22.14 -31.49
C TYR D 154 -14.91 23.31 -30.53
N ASP D 155 -14.13 24.31 -30.99
CA ASP D 155 -13.48 25.24 -30.07
C ASP D 155 -14.38 26.32 -29.46
N PHE D 156 -15.26 26.91 -30.27
CA PHE D 156 -16.39 27.78 -29.87
C PHE D 156 -17.65 27.31 -30.59
N GLN D 157 -18.63 26.89 -29.79
CA GLN D 157 -20.04 26.93 -30.16
C GLN D 157 -20.74 27.76 -29.08
N GLN D 158 -20.17 28.93 -28.74
CA GLN D 158 -20.61 29.63 -27.53
C GLN D 158 -22.01 30.24 -27.65
N PRO D 159 -22.48 30.73 -28.80
CA PRO D 159 -23.91 31.13 -28.86
C PRO D 159 -24.85 29.97 -29.12
N GLY D 160 -24.35 28.75 -29.29
CA GLY D 160 -25.19 27.66 -29.71
C GLY D 160 -24.56 26.31 -29.98
N GLN D 161 -24.06 25.61 -28.95
CA GLN D 161 -23.52 24.28 -29.18
C GLN D 161 -24.63 23.31 -29.58
N THR D 162 -25.79 23.42 -28.94
CA THR D 162 -27.01 22.65 -29.22
C THR D 162 -26.75 21.14 -29.23
N THR D 163 -25.90 20.70 -28.31
CA THR D 163 -25.39 19.34 -28.42
C THR D 163 -25.85 18.52 -27.21
N GLY D 164 -25.88 17.21 -27.38
CA GLY D 164 -26.13 16.29 -26.29
C GLY D 164 -24.89 15.97 -25.50
N GLU D 165 -24.82 14.76 -24.94
CA GLU D 165 -23.68 14.36 -24.10
C GLU D 165 -22.40 14.28 -24.93
N ALA D 166 -22.50 13.75 -26.15
CA ALA D 166 -21.35 13.56 -27.03
C ALA D 166 -21.19 14.79 -27.92
N PRO D 167 -19.99 15.31 -28.03
CA PRO D 167 -19.80 16.73 -28.40
C PRO D 167 -19.95 16.97 -29.90
N GLY D 168 -20.46 18.16 -30.22
CA GLY D 168 -20.40 18.70 -31.55
C GLY D 168 -21.42 18.21 -32.55
N THR D 169 -22.46 17.52 -32.09
CA THR D 169 -23.58 17.20 -32.96
C THR D 169 -24.75 18.13 -32.66
N VAL D 170 -25.20 18.80 -33.71
CA VAL D 170 -26.34 19.72 -33.65
C VAL D 170 -27.55 19.02 -34.25
N PRO D 171 -28.66 18.84 -33.49
CA PRO D 171 -29.83 18.17 -34.08
C PRO D 171 -30.55 19.06 -35.06
N ALA D 172 -31.51 18.47 -35.77
CA ALA D 172 -32.22 19.07 -36.91
C ALA D 172 -31.36 19.13 -38.17
N PRO E 1 29.88 -6.58 -9.27
CA PRO E 1 29.81 -7.92 -9.88
C PRO E 1 29.31 -7.95 -11.32
N ILE E 2 27.99 -7.98 -11.50
CA ILE E 2 27.37 -7.98 -12.82
C ILE E 2 26.23 -6.97 -12.79
N MET E 3 25.88 -6.46 -13.97
CA MET E 3 24.84 -5.45 -14.11
C MET E 3 23.75 -5.92 -15.05
N GLY E 4 22.57 -5.28 -14.93
CA GLY E 4 21.46 -5.55 -15.82
C GLY E 4 21.71 -5.18 -17.27
N GLN E 5 22.73 -4.37 -17.53
CA GLN E 5 23.17 -4.06 -18.88
C GLN E 5 24.35 -4.93 -19.30
N ASP E 6 24.87 -5.76 -18.39
CA ASP E 6 26.10 -6.51 -18.64
C ASP E 6 25.95 -7.62 -19.66
N VAL E 7 24.99 -8.54 -19.50
CA VAL E 7 24.82 -9.67 -20.41
C VAL E 7 23.93 -9.21 -21.55
N LYS E 8 24.48 -9.12 -22.76
CA LYS E 8 23.67 -8.77 -23.92
C LYS E 8 23.68 -9.90 -24.93
N TYR E 9 22.54 -10.06 -25.61
CA TYR E 9 22.22 -11.26 -26.37
C TYR E 9 22.21 -10.91 -27.85
N LEU E 10 23.22 -11.39 -28.58
CA LEU E 10 23.25 -11.21 -30.02
C LEU E 10 22.67 -12.44 -30.70
N PHE E 11 21.88 -12.23 -31.73
CA PHE E 11 21.31 -13.31 -32.53
C PHE E 11 21.65 -13.10 -34.00
N GLN E 12 22.47 -14.00 -34.54
CA GLN E 12 22.69 -14.03 -35.97
C GLN E 12 22.00 -15.25 -36.57
N SER E 13 21.22 -15.02 -37.62
CA SER E 13 20.51 -16.09 -38.30
C SER E 13 21.46 -16.90 -39.18
N ILE E 14 21.17 -18.20 -39.29
CA ILE E 14 22.00 -19.08 -40.09
C ILE E 14 21.95 -18.72 -41.57
N ASP E 15 20.78 -18.39 -42.10
CA ASP E 15 20.60 -18.20 -43.53
C ASP E 15 21.38 -17.00 -44.06
N ALA E 16 21.75 -16.04 -43.20
CA ALA E 16 22.39 -14.83 -43.69
C ALA E 16 23.80 -15.12 -44.21
N ALA E 17 24.55 -15.95 -43.47
CA ALA E 17 25.98 -16.25 -43.72
C ALA E 17 26.81 -14.96 -43.83
N THR E 18 26.75 -14.15 -42.77
CA THR E 18 27.49 -12.89 -42.71
C THR E 18 28.03 -12.71 -41.30
N GLY E 19 28.78 -11.63 -41.10
CA GLY E 19 29.38 -11.35 -39.80
C GLY E 19 28.91 -10.06 -39.18
N SER E 20 27.72 -9.60 -39.55
CA SER E 20 27.20 -8.33 -39.04
C SER E 20 26.97 -8.37 -37.54
N ALA E 21 26.46 -9.52 -37.05
CA ALA E 21 26.04 -9.77 -35.67
C ALA E 21 24.98 -8.77 -35.20
N PRO E 22 23.70 -8.93 -35.60
CA PRO E 22 22.67 -8.01 -35.12
C PRO E 22 22.33 -8.22 -33.65
N LEU E 23 22.03 -7.14 -32.95
CA LEU E 23 21.45 -7.24 -31.62
C LEU E 23 20.25 -6.31 -31.53
N PHE E 24 19.24 -6.74 -30.79
CA PHE E 24 18.00 -6.01 -30.93
C PHE E 24 17.80 -5.09 -29.73
N PRO E 25 17.36 -3.85 -29.93
CA PRO E 25 17.14 -2.95 -28.79
C PRO E 25 15.86 -3.28 -28.04
N ALA E 26 15.61 -2.47 -27.02
CA ALA E 26 14.44 -2.54 -26.13
C ALA E 26 14.36 -3.90 -25.45
N TYR E 27 15.52 -4.41 -25.03
CA TYR E 27 15.57 -5.63 -24.24
C TYR E 27 15.04 -5.39 -22.84
N GLN E 28 14.22 -6.32 -22.39
CA GLN E 28 13.62 -6.29 -21.07
C GLN E 28 14.39 -7.33 -20.27
N THR E 29 13.91 -8.57 -20.19
CA THR E 29 14.58 -9.60 -19.44
C THR E 29 14.68 -10.90 -20.24
N ASP E 30 15.48 -11.81 -19.69
CA ASP E 30 15.97 -12.96 -20.43
C ASP E 30 16.36 -14.02 -19.42
N GLY E 31 15.50 -15.01 -19.28
CA GLY E 31 15.84 -16.19 -18.52
C GLY E 31 16.34 -17.30 -19.42
N SER E 32 17.44 -17.91 -19.02
CA SER E 32 17.96 -19.10 -19.69
C SER E 32 18.15 -20.14 -18.58
N VAL E 33 17.52 -21.30 -18.77
CA VAL E 33 17.48 -22.32 -17.75
C VAL E 33 17.95 -23.63 -18.37
N SER E 34 18.64 -24.44 -17.58
CA SER E 34 19.40 -25.58 -18.05
C SER E 34 18.99 -26.80 -17.22
N GLY E 35 18.50 -27.83 -17.90
CA GLY E 35 18.05 -29.03 -17.20
C GLY E 35 18.86 -30.25 -17.54
N GLU E 36 19.56 -30.80 -16.55
CA GLU E 36 20.41 -31.98 -16.75
C GLU E 36 19.65 -33.18 -16.19
N ARG E 37 19.49 -34.21 -17.02
CA ARG E 37 18.68 -35.37 -16.65
C ARG E 37 19.30 -36.09 -15.46
N GLU E 38 18.46 -36.40 -14.48
CA GLU E 38 18.92 -36.85 -13.17
C GLU E 38 18.14 -38.11 -12.78
N LEU E 39 18.87 -39.17 -12.50
CA LEU E 39 18.31 -40.46 -12.12
C LEU E 39 18.21 -40.59 -10.61
N PHE E 40 16.98 -40.79 -10.13
CA PHE E 40 16.74 -41.10 -8.73
C PHE E 40 15.75 -42.26 -8.59
N ASP E 41 16.28 -43.48 -8.59
CA ASP E 41 15.65 -44.63 -7.97
C ASP E 41 16.46 -45.01 -6.72
N GLU E 42 15.86 -45.83 -5.87
CA GLU E 42 16.54 -46.34 -4.68
C GLU E 42 17.68 -47.28 -5.01
N GLN E 43 17.41 -48.30 -5.84
CA GLN E 43 18.32 -49.41 -6.16
C GLN E 43 18.70 -50.21 -4.91
N THR E 44 17.73 -50.38 -4.00
CA THR E 44 17.93 -50.81 -2.61
C THR E 44 19.17 -50.17 -1.99
N LYS E 45 19.27 -48.84 -2.13
CA LYS E 45 20.42 -48.09 -1.65
C LYS E 45 19.97 -46.72 -1.14
N ASN E 46 20.94 -45.80 -0.99
CA ASN E 46 20.63 -44.44 -0.55
C ASN E 46 20.10 -43.57 -1.68
N GLY E 47 19.62 -44.16 -2.77
CA GLY E 47 19.11 -43.41 -3.90
C GLY E 47 20.23 -43.01 -4.83
N ARG E 48 19.86 -42.46 -5.99
CA ARG E 48 20.83 -42.05 -6.99
C ARG E 48 20.66 -40.55 -7.20
N ILE E 49 21.76 -39.81 -7.04
CA ILE E 49 21.75 -38.35 -7.25
C ILE E 49 22.89 -37.96 -8.16
N LEU E 50 24.01 -38.69 -8.09
CA LEU E 50 25.15 -38.47 -8.97
C LEU E 50 24.82 -38.77 -10.43
N GLY E 51 23.75 -39.54 -10.67
CA GLY E 51 23.45 -40.07 -11.98
C GLY E 51 23.27 -39.01 -13.04
N PRO E 52 24.27 -38.88 -13.91
CA PRO E 52 24.23 -37.81 -14.92
C PRO E 52 23.24 -38.08 -16.05
N GLY E 53 22.98 -37.03 -16.83
CA GLY E 53 22.06 -37.12 -17.95
C GLY E 53 22.36 -36.02 -18.94
N SER E 54 21.44 -35.85 -19.88
CA SER E 54 21.60 -34.82 -20.89
C SER E 54 21.07 -33.48 -20.40
N VAL E 55 21.60 -32.41 -20.96
CA VAL E 55 21.23 -31.05 -20.56
C VAL E 55 20.30 -30.46 -21.60
N ALA E 56 19.17 -29.92 -21.14
CA ALA E 56 18.22 -29.21 -21.98
C ALA E 56 18.30 -27.74 -21.64
N ASP E 57 18.76 -26.94 -22.59
CA ASP E 57 19.06 -25.53 -22.34
C ASP E 57 17.93 -24.69 -22.94
N SER E 58 17.03 -24.26 -22.07
CA SER E 58 15.87 -23.47 -22.45
C SER E 58 16.16 -21.99 -22.29
N GLY E 59 15.62 -21.20 -23.21
CA GLY E 59 15.75 -19.76 -23.13
C GLY E 59 14.49 -19.06 -23.57
N GLU E 60 14.26 -17.87 -23.03
CA GLU E 60 13.13 -17.03 -23.44
C GLU E 60 13.61 -15.59 -23.40
N VAL E 61 13.49 -14.89 -24.52
CA VAL E 61 13.94 -13.51 -24.63
C VAL E 61 12.72 -12.62 -24.75
N THR E 62 12.57 -11.68 -23.81
CA THR E 62 11.50 -10.71 -23.89
C THR E 62 12.07 -9.34 -24.22
N TYR E 63 11.38 -8.61 -25.09
CA TYR E 63 11.76 -7.24 -25.42
C TYR E 63 10.55 -6.49 -25.95
N TYR E 64 10.60 -5.16 -25.89
CA TYR E 64 9.57 -4.29 -26.44
C TYR E 64 9.78 -4.18 -27.95
N GLY E 65 8.69 -4.18 -28.70
CA GLY E 65 8.78 -4.16 -30.15
C GLY E 65 9.21 -2.84 -30.75
N LYS E 66 9.95 -2.91 -31.85
CA LYS E 66 10.33 -1.71 -32.58
C LYS E 66 9.79 -1.81 -34.01
N ARG E 67 9.47 -0.64 -34.59
CA ARG E 67 8.79 -0.58 -35.87
C ARG E 67 9.42 -1.48 -36.93
N GLY E 68 10.73 -1.41 -37.14
CA GLY E 68 11.42 -2.28 -38.07
C GLY E 68 12.43 -3.14 -37.34
N ASP E 69 13.71 -2.87 -37.60
CA ASP E 69 14.87 -3.39 -36.87
C ASP E 69 15.11 -4.86 -37.21
N ALA E 70 16.32 -5.12 -37.72
CA ALA E 70 16.65 -6.27 -38.55
C ALA E 70 17.06 -7.56 -37.85
N GLY E 71 17.68 -7.48 -36.67
CA GLY E 71 17.86 -8.68 -35.85
C GLY E 71 16.55 -9.34 -35.46
N GLN E 72 15.64 -8.55 -34.85
CA GLN E 72 14.28 -9.05 -34.62
C GLN E 72 13.58 -9.40 -35.92
N LYS E 73 13.71 -8.57 -36.96
CA LYS E 73 13.20 -8.97 -38.26
C LYS E 73 13.81 -10.28 -38.74
N ALA E 74 15.10 -10.52 -38.45
CA ALA E 74 15.65 -11.85 -38.66
C ALA E 74 14.96 -12.87 -37.78
N ILE E 75 14.72 -12.51 -36.51
CA ILE E 75 13.92 -13.35 -35.62
C ILE E 75 12.58 -13.70 -36.26
N GLU E 76 11.88 -12.70 -36.78
CA GLU E 76 10.58 -12.94 -37.38
C GLU E 76 10.66 -13.77 -38.65
N ASP E 77 11.60 -13.45 -39.55
CA ASP E 77 11.87 -14.34 -40.67
C ASP E 77 12.36 -15.71 -40.20
N ALA E 78 13.10 -15.75 -39.09
CA ALA E 78 13.48 -17.04 -38.54
C ALA E 78 12.27 -17.84 -38.08
N TYR E 79 11.37 -17.22 -37.32
CA TYR E 79 10.24 -17.96 -36.76
C TYR E 79 9.23 -18.34 -37.82
N GLN E 80 8.85 -17.39 -38.67
CA GLN E 80 7.69 -17.55 -39.54
C GLN E 80 7.91 -18.65 -40.58
N ASN E 81 9.01 -18.57 -41.34
CA ASN E 81 9.36 -19.68 -42.22
C ASN E 81 10.05 -20.80 -41.46
N GLY E 82 10.96 -20.44 -40.55
CA GLY E 82 11.67 -21.42 -39.75
C GLY E 82 13.14 -21.52 -40.10
N LYS E 83 13.98 -20.83 -39.35
CA LYS E 83 15.43 -20.80 -39.53
C LYS E 83 16.06 -21.07 -38.17
N GLN E 84 17.21 -21.72 -38.16
CA GLN E 84 18.05 -21.83 -36.98
C GLN E 84 18.71 -20.49 -36.71
N ILE E 85 18.83 -20.13 -35.43
CA ILE E 85 19.45 -18.86 -35.07
C ILE E 85 20.73 -19.11 -34.28
N LYS E 86 21.80 -18.47 -34.69
CA LYS E 86 23.07 -18.56 -34.00
C LYS E 86 23.09 -17.54 -32.87
N PHE E 87 23.09 -18.06 -31.63
CA PHE E 87 22.80 -17.30 -30.42
C PHE E 87 24.09 -17.08 -29.63
N TRP E 88 24.38 -15.83 -29.31
CA TRP E 88 25.56 -15.41 -28.58
C TRP E 88 25.11 -14.64 -27.34
N ARG E 89 25.40 -15.18 -26.16
CA ARG E 89 25.17 -14.47 -24.90
C ARG E 89 26.51 -13.95 -24.41
N VAL E 90 26.75 -12.65 -24.60
CA VAL E 90 28.05 -12.08 -24.31
C VAL E 90 27.91 -10.99 -23.27
N ASP E 91 28.98 -10.79 -22.52
CA ASP E 91 29.01 -9.76 -21.49
C ASP E 91 29.72 -8.51 -21.99
N THR E 92 29.36 -7.39 -21.38
CA THR E 92 29.87 -6.08 -21.76
C THR E 92 31.15 -5.71 -21.01
N VAL E 93 31.63 -6.58 -20.13
CA VAL E 93 32.88 -6.31 -19.43
C VAL E 93 34.05 -6.96 -20.17
N LYS E 94 35.09 -6.19 -20.38
CA LYS E 94 36.23 -6.62 -21.19
C LYS E 94 36.95 -7.77 -20.49
N ASN E 95 37.01 -8.92 -21.15
CA ASN E 95 37.81 -10.04 -20.68
C ASN E 95 39.29 -9.72 -20.88
N GLU E 96 40.14 -10.51 -20.20
CA GLU E 96 41.57 -10.29 -20.24
C GLU E 96 42.29 -11.11 -21.30
N ASN E 97 41.58 -11.92 -22.08
CA ASN E 97 42.20 -12.54 -23.25
C ASN E 97 41.33 -12.34 -24.49
N ASP E 98 40.02 -12.50 -24.35
CA ASP E 98 39.07 -12.09 -25.38
C ASP E 98 38.71 -10.63 -25.15
N LYS E 99 38.01 -10.04 -26.10
CA LYS E 99 37.47 -8.69 -25.91
C LYS E 99 36.39 -8.71 -24.84
N TYR E 100 35.56 -9.75 -24.85
CA TYR E 100 34.49 -9.94 -23.89
C TYR E 100 34.38 -11.43 -23.60
N ASP E 101 33.41 -11.81 -22.79
CA ASP E 101 33.19 -13.22 -22.48
C ASP E 101 31.79 -13.63 -22.91
N ALA E 102 31.66 -14.88 -23.31
CA ALA E 102 30.50 -15.32 -24.06
C ALA E 102 30.07 -16.70 -23.60
N GLN E 103 28.77 -16.96 -23.73
CA GLN E 103 28.22 -18.29 -23.82
C GLN E 103 27.45 -18.37 -25.13
N PHE E 104 27.70 -19.42 -25.90
CA PHE E 104 27.33 -19.49 -27.31
C PHE E 104 26.52 -20.74 -27.59
N GLY E 105 25.58 -20.65 -28.53
CA GLY E 105 24.92 -21.85 -29.00
C GLY E 105 24.13 -21.60 -30.25
N PHE E 106 23.78 -22.69 -30.93
CA PHE E 106 22.81 -22.68 -32.00
C PHE E 106 21.42 -22.79 -31.38
N ALA E 107 20.54 -21.86 -31.71
CA ALA E 107 19.27 -21.71 -31.03
C ALA E 107 18.12 -21.64 -32.02
N TYR E 108 16.99 -22.17 -31.60
CA TYR E 108 15.80 -22.33 -32.43
C TYR E 108 14.62 -21.73 -31.69
N ILE E 109 13.96 -20.75 -32.30
CA ILE E 109 12.80 -20.10 -31.69
C ILE E 109 11.57 -20.96 -31.91
N GLU E 110 11.18 -21.71 -30.88
CA GLU E 110 9.98 -22.53 -30.98
C GLU E 110 8.72 -21.86 -30.46
N SER E 111 8.83 -20.74 -29.76
CA SER E 111 7.66 -20.00 -29.33
C SER E 111 7.91 -18.51 -29.56
N ARG E 112 6.85 -17.82 -29.98
CA ARG E 112 6.87 -16.37 -30.20
C ARG E 112 5.49 -15.91 -29.73
N GLU E 113 5.48 -15.21 -28.60
CA GLU E 113 4.27 -14.71 -27.97
C GLU E 113 4.40 -13.20 -27.88
N TYR E 114 3.50 -12.49 -28.53
CA TYR E 114 3.49 -11.03 -28.46
C TYR E 114 2.20 -10.52 -27.85
N SER E 115 2.34 -9.58 -26.93
CA SER E 115 1.21 -8.94 -26.28
C SER E 115 1.04 -7.53 -26.82
N ASP E 116 -0.22 -7.09 -26.87
CA ASP E 116 -0.60 -5.71 -27.09
C ASP E 116 -1.44 -5.30 -25.89
N GLY E 117 -0.95 -4.34 -25.13
CA GLY E 117 -1.68 -3.78 -24.00
C GLY E 117 -2.39 -2.50 -24.39
N VAL E 118 -3.13 -1.94 -23.45
CA VAL E 118 -3.82 -0.67 -23.65
C VAL E 118 -2.83 0.45 -23.96
N GLU E 119 -1.70 0.49 -23.26
CA GLU E 119 -0.61 1.37 -23.65
C GLU E 119 0.74 0.68 -23.65
N GLY E 120 1.58 0.97 -24.64
CA GLY E 120 2.96 0.58 -24.56
C GLY E 120 3.32 -0.22 -25.79
N ALA E 121 4.62 -0.40 -26.06
CA ALA E 121 5.06 -1.11 -27.25
C ALA E 121 4.78 -2.60 -27.12
N VAL E 122 4.65 -3.25 -28.29
CA VAL E 122 4.19 -4.63 -28.34
C VAL E 122 5.15 -5.52 -27.56
N GLU E 123 4.60 -6.29 -26.61
CA GLU E 123 5.43 -7.12 -25.75
C GLU E 123 5.84 -8.38 -26.48
N ILE E 124 7.12 -8.45 -26.84
CA ILE E 124 7.67 -9.58 -27.57
C ILE E 124 8.39 -10.48 -26.58
N SER E 125 7.83 -11.68 -26.38
CA SER E 125 8.50 -12.76 -25.67
C SER E 125 8.71 -13.91 -26.64
N ILE E 126 9.96 -14.31 -26.84
CA ILE E 126 10.27 -15.45 -27.69
C ILE E 126 10.95 -16.51 -26.86
N SER E 127 10.53 -17.76 -27.04
CA SER E 127 11.04 -18.90 -26.30
C SER E 127 11.78 -19.83 -27.25
N LEU E 128 12.90 -20.35 -26.79
CA LEU E 128 13.80 -21.15 -27.60
C LEU E 128 14.38 -22.30 -26.79
N GLN E 129 14.69 -23.39 -27.47
CA GLN E 129 15.49 -24.46 -26.90
C GLN E 129 16.85 -24.43 -27.56
N VAL E 130 17.88 -24.85 -26.83
CA VAL E 130 19.21 -24.94 -27.41
C VAL E 130 19.89 -26.18 -26.84
N ILE E 131 20.48 -26.99 -27.71
CA ILE E 131 21.04 -28.26 -27.28
C ILE E 131 22.01 -28.06 -26.12
N GLY E 132 22.89 -27.10 -26.26
CA GLY E 132 23.83 -26.80 -25.20
C GLY E 132 24.44 -25.42 -25.35
N GLU E 133 24.70 -24.75 -24.24
CA GLU E 133 25.41 -23.49 -24.27
C GLU E 133 26.86 -23.66 -23.84
N LEU E 134 27.76 -23.22 -24.71
CA LEU E 134 29.19 -23.42 -24.50
C LEU E 134 29.76 -22.13 -23.95
N LYS E 135 30.61 -22.25 -22.93
CA LYS E 135 31.20 -21.09 -22.27
C LYS E 135 32.51 -20.74 -22.97
N ASN E 136 32.74 -19.44 -23.19
CA ASN E 136 33.98 -18.96 -23.78
C ASN E 136 34.07 -17.46 -23.60
N GLY E 137 34.85 -16.81 -24.46
CA GLY E 137 34.83 -15.37 -24.50
C GLY E 137 34.59 -14.86 -25.91
N GLU E 138 34.05 -13.65 -26.00
CA GLU E 138 33.66 -13.07 -27.28
C GLU E 138 34.69 -12.04 -27.70
N ILE E 139 34.84 -11.87 -29.01
CA ILE E 139 35.85 -10.95 -29.53
C ILE E 139 35.19 -9.70 -30.10
N ASP E 140 34.65 -9.79 -31.31
CA ASP E 140 34.07 -8.61 -31.94
C ASP E 140 32.57 -8.57 -31.74
N THR E 141 32.12 -7.76 -30.77
CA THR E 141 30.71 -7.54 -30.53
C THR E 141 30.23 -6.21 -31.09
N LEU E 142 30.94 -5.65 -32.09
CA LEU E 142 30.72 -4.32 -32.67
C LEU E 142 30.57 -3.30 -31.54
N PRO E 143 31.59 -3.17 -30.67
CA PRO E 143 31.38 -2.57 -29.34
C PRO E 143 31.03 -1.08 -29.34
N GLU E 144 31.19 -0.46 -30.50
CA GLU E 144 30.75 0.90 -30.74
C GLU E 144 29.29 1.10 -30.33
N GLU E 145 28.40 0.26 -30.84
CA GLU E 145 26.97 0.44 -30.63
C GLU E 145 26.35 -0.58 -29.69
N ILE E 146 26.81 -1.83 -29.69
CA ILE E 146 26.28 -2.87 -28.84
C ILE E 146 26.80 -2.73 -27.41
N VAL E 147 28.11 -2.58 -27.25
CA VAL E 147 28.72 -2.51 -25.93
C VAL E 147 28.35 -1.17 -25.32
N ASN E 148 28.22 -0.15 -26.17
CA ASN E 148 27.92 1.20 -25.70
C ASN E 148 26.53 1.65 -26.10
N VAL E 149 25.63 1.84 -25.13
CA VAL E 149 24.35 2.44 -25.44
C VAL E 149 24.30 3.81 -24.76
N SER E 150 24.03 4.85 -25.57
CA SER E 150 24.13 6.22 -25.09
C SER E 150 22.95 7.08 -25.54
N LYS E 151 22.29 7.78 -24.62
CA LYS E 151 21.23 8.69 -25.00
C LYS E 151 21.66 9.73 -26.03
N GLY E 152 22.80 10.40 -25.85
CA GLY E 152 23.23 11.44 -26.76
C GLY E 152 23.88 12.62 -26.04
N GLY E 153 25.00 13.09 -26.57
CA GLY E 153 25.75 14.17 -25.96
C GLY E 153 26.04 15.29 -26.94
N TYR E 154 25.02 16.11 -27.18
CA TYR E 154 25.09 17.28 -28.05
C TYR E 154 24.87 18.52 -27.21
N ASP E 155 25.97 19.12 -26.73
CA ASP E 155 25.92 20.01 -25.56
C ASP E 155 25.38 21.42 -25.84
N PHE E 156 25.79 22.03 -26.96
CA PHE E 156 25.23 23.25 -27.57
C PHE E 156 24.99 23.01 -29.05
N GLN E 157 23.72 23.10 -29.43
CA GLN E 157 23.30 23.46 -30.79
C GLN E 157 22.41 24.68 -30.66
N GLN E 158 22.86 25.68 -29.88
CA GLN E 158 21.94 26.75 -29.47
C GLN E 158 21.55 27.70 -30.62
N PRO E 159 22.40 28.01 -31.61
CA PRO E 159 21.87 28.77 -32.76
C PRO E 159 21.18 27.91 -33.80
N GLY E 160 21.13 26.60 -33.61
CA GLY E 160 20.63 25.73 -34.65
C GLY E 160 20.67 24.23 -34.43
N GLN E 161 19.85 23.69 -33.52
CA GLN E 161 19.82 22.25 -33.35
C GLN E 161 19.24 21.57 -34.58
N THR E 162 18.18 22.17 -35.15
CA THR E 162 17.51 21.74 -36.39
C THR E 162 17.10 20.27 -36.34
N THR E 163 16.64 19.83 -35.17
CA THR E 163 16.50 18.40 -34.95
C THR E 163 15.03 18.07 -34.73
N GLY E 164 14.66 16.82 -34.99
CA GLY E 164 13.35 16.31 -34.66
C GLY E 164 13.24 15.85 -33.24
N GLU E 165 12.38 14.84 -32.99
CA GLU E 165 12.16 14.35 -31.62
C GLU E 165 13.42 13.70 -31.06
N ALA E 166 14.14 12.94 -31.90
CA ALA E 166 15.34 12.21 -31.48
C ALA E 166 16.56 13.10 -31.73
N PRO E 167 17.45 13.21 -30.76
CA PRO E 167 18.34 14.37 -30.67
C PRO E 167 19.53 14.27 -31.62
N GLY E 168 19.95 15.44 -32.09
CA GLY E 168 21.23 15.60 -32.75
C GLY E 168 21.32 15.20 -34.20
N THR E 169 20.19 14.97 -34.86
CA THR E 169 20.19 14.79 -36.29
C THR E 169 19.70 16.06 -36.98
N VAL E 170 20.55 16.56 -37.88
CA VAL E 170 20.27 17.76 -38.67
C VAL E 170 19.87 17.32 -40.08
N PRO E 171 18.66 17.65 -40.56
CA PRO E 171 18.28 17.24 -41.92
C PRO E 171 19.02 18.02 -42.99
N ALA E 172 18.88 17.58 -44.23
CA ALA E 172 19.63 18.07 -45.39
C ALA E 172 21.07 17.56 -45.41
N PRO F 1 19.65 -17.30 18.38
CA PRO F 1 19.62 -18.65 17.82
C PRO F 1 20.49 -18.86 16.59
N ILE F 2 19.97 -18.53 15.41
CA ILE F 2 20.70 -18.66 14.16
C ILE F 2 20.47 -17.38 13.36
N MET F 3 21.40 -17.07 12.47
CA MET F 3 21.35 -15.85 11.68
C MET F 3 21.38 -16.18 10.18
N GLY F 4 20.93 -15.22 9.38
CA GLY F 4 20.98 -15.34 7.93
C GLY F 4 22.38 -15.40 7.36
N GLN F 5 23.38 -15.01 8.13
CA GLN F 5 24.78 -15.18 7.77
C GLN F 5 25.40 -16.43 8.38
N ASP F 6 24.64 -17.14 9.21
CA ASP F 6 25.18 -18.26 9.98
C ASP F 6 25.50 -19.49 9.16
N VAL F 7 24.58 -20.00 8.35
CA VAL F 7 24.81 -21.21 7.56
C VAL F 7 25.42 -20.78 6.24
N LYS F 8 26.68 -21.14 6.01
CA LYS F 8 27.33 -20.84 4.74
C LYS F 8 27.72 -22.13 4.03
N TYR F 9 27.63 -22.09 2.71
CA TYR F 9 27.64 -23.29 1.86
C TYR F 9 28.93 -23.30 1.05
N LEU F 10 29.84 -24.21 1.41
CA LEU F 10 31.06 -24.39 0.63
C LEU F 10 30.87 -25.52 -0.37
N PHE F 11 31.35 -25.32 -1.59
CA PHE F 11 31.32 -26.34 -2.63
C PHE F 11 32.72 -26.59 -3.17
N GLN F 12 33.23 -27.79 -2.92
CA GLN F 12 34.47 -28.21 -3.55
C GLN F 12 34.16 -29.27 -4.60
N SER F 13 34.68 -29.07 -5.81
CA SER F 13 34.48 -30.00 -6.90
C SER F 13 35.35 -31.24 -6.73
N ILE F 14 34.83 -32.37 -7.18
CA ILE F 14 35.57 -33.63 -7.07
C ILE F 14 36.84 -33.62 -7.90
N ASP F 15 36.78 -33.09 -9.12
CA ASP F 15 37.90 -33.18 -10.05
C ASP F 15 39.13 -32.43 -9.58
N ALA F 16 38.98 -31.45 -8.68
CA ALA F 16 40.11 -30.64 -8.28
C ALA F 16 41.12 -31.45 -7.48
N ALA F 17 40.63 -32.27 -6.54
CA ALA F 17 41.43 -33.02 -5.56
C ALA F 17 42.38 -32.12 -4.78
N THR F 18 41.82 -31.10 -4.13
CA THR F 18 42.58 -30.14 -3.35
C THR F 18 41.81 -29.81 -2.08
N GLY F 19 42.40 -28.98 -1.23
CA GLY F 19 41.79 -28.60 0.03
C GLY F 19 41.53 -27.12 0.15
N SER F 20 41.39 -26.43 -0.98
CA SER F 20 41.18 -24.98 -0.95
C SER F 20 39.87 -24.61 -0.29
N ALA F 21 38.82 -25.40 -0.55
CA ALA F 21 37.42 -25.19 -0.15
C ALA F 21 36.88 -23.85 -0.62
N PRO F 22 36.50 -23.70 -1.91
CA PRO F 22 35.93 -22.42 -2.36
C PRO F 22 34.53 -22.19 -1.83
N LEU F 23 34.21 -20.93 -1.55
CA LEU F 23 32.83 -20.54 -1.28
C LEU F 23 32.50 -19.31 -2.08
N PHE F 24 31.27 -19.24 -2.54
CA PHE F 24 31.01 -18.21 -3.53
C PHE F 24 30.29 -17.03 -2.91
N PRO F 25 30.68 -15.80 -3.23
CA PRO F 25 29.99 -14.64 -2.65
C PRO F 25 28.64 -14.39 -3.30
N ALA F 26 28.00 -13.31 -2.83
CA ALA F 26 26.69 -12.84 -3.29
C ALA F 26 25.62 -13.91 -3.13
N TYR F 27 25.69 -14.63 -2.01
CA TYR F 27 24.65 -15.60 -1.66
C TYR F 27 23.36 -14.89 -1.26
N GLN F 28 22.27 -15.41 -1.79
CA GLN F 28 20.94 -14.90 -1.53
C GLN F 28 20.32 -15.91 -0.56
N THR F 29 19.58 -16.89 -1.06
CA THR F 29 18.94 -17.88 -0.20
C THR F 29 19.17 -19.29 -0.73
N ASP F 30 18.81 -20.25 0.11
CA ASP F 30 19.23 -21.62 -0.04
C ASP F 30 18.25 -22.49 0.72
N GLY F 31 17.35 -23.13 -0.02
CA GLY F 31 16.50 -24.14 0.55
C GLY F 31 17.06 -25.52 0.31
N SER F 32 17.07 -26.33 1.36
CA SER F 32 17.44 -27.73 1.27
C SER F 32 16.29 -28.50 1.91
N VAL F 33 15.72 -29.42 1.16
CA VAL F 33 14.51 -30.13 1.59
C VAL F 33 14.78 -31.63 1.46
N SER F 34 14.20 -32.39 2.37
CA SER F 34 14.54 -33.80 2.59
C SER F 34 13.25 -34.61 2.58
N GLY F 35 13.18 -35.57 1.68
CA GLY F 35 11.98 -36.38 1.56
C GLY F 35 12.20 -37.84 1.88
N GLU F 36 11.59 -38.33 2.94
CA GLU F 36 11.73 -39.72 3.38
C GLU F 36 10.50 -40.47 2.94
N ARG F 37 10.69 -41.57 2.22
CA ARG F 37 9.59 -42.32 1.63
C ARG F 37 8.70 -42.89 2.71
N GLU F 38 7.39 -42.72 2.56
CA GLU F 38 6.42 -42.96 3.63
C GLU F 38 5.29 -43.79 3.05
N LEU F 39 5.05 -44.94 3.69
CA LEU F 39 4.01 -45.87 3.29
C LEU F 39 2.72 -45.62 4.06
N PHE F 40 1.65 -45.32 3.31
CA PHE F 40 0.32 -45.22 3.87
C PHE F 40 -0.69 -45.96 3.01
N ASP F 41 -0.87 -47.25 3.30
CA ASP F 41 -2.09 -48.00 3.00
C ASP F 41 -2.80 -48.30 4.31
N GLU F 42 -4.07 -48.67 4.21
CA GLU F 42 -4.84 -49.08 5.38
C GLU F 42 -4.35 -50.36 6.01
N GLN F 43 -4.20 -51.42 5.19
CA GLN F 43 -3.88 -52.80 5.63
C GLN F 43 -4.96 -53.37 6.54
N THR F 44 -6.23 -53.01 6.26
CA THR F 44 -7.38 -53.16 7.16
C THR F 44 -7.03 -52.79 8.59
N LYS F 45 -6.39 -51.63 8.75
CA LYS F 45 -5.92 -51.15 10.05
C LYS F 45 -6.06 -49.64 10.15
N ASN F 46 -5.37 -49.04 11.13
CA ASN F 46 -5.38 -47.59 11.29
C ASN F 46 -4.44 -46.88 10.32
N GLY F 47 -4.04 -47.54 9.24
CA GLY F 47 -3.13 -46.95 8.27
C GLY F 47 -1.69 -47.13 8.70
N ARG F 48 -0.77 -46.78 7.81
CA ARG F 48 0.65 -46.91 8.07
C ARG F 48 1.26 -45.52 8.00
N ILE F 49 1.96 -45.12 9.06
CA ILE F 49 2.63 -43.83 9.12
C ILE F 49 4.07 -44.02 9.58
N LEU F 50 4.30 -45.02 10.43
CA LEU F 50 5.65 -45.34 10.89
C LEU F 50 6.53 -45.86 9.75
N GLY F 51 5.91 -46.31 8.66
CA GLY F 51 6.61 -47.02 7.60
C GLY F 51 7.74 -46.23 6.98
N PRO F 52 8.97 -46.60 7.30
CA PRO F 52 10.13 -45.83 6.82
C PRO F 52 10.43 -46.04 5.35
N GLY F 53 11.28 -45.18 4.81
CA GLY F 53 11.68 -45.24 3.42
C GLY F 53 13.00 -44.55 3.24
N SER F 54 13.35 -44.33 1.98
CA SER F 54 14.60 -43.66 1.64
C SER F 54 14.41 -42.14 1.65
N VAL F 55 15.50 -41.44 1.90
CA VAL F 55 15.49 -39.98 2.00
C VAL F 55 16.06 -39.39 0.71
N ALA F 56 15.32 -38.46 0.12
CA ALA F 56 15.77 -37.71 -1.04
C ALA F 56 16.06 -36.29 -0.61
N ASP F 57 17.33 -35.90 -0.69
CA ASP F 57 17.78 -34.64 -0.13
C ASP F 57 17.99 -33.66 -1.29
N SER F 58 17.02 -32.78 -1.48
CA SER F 58 17.01 -31.80 -2.53
C SER F 58 17.56 -30.48 -2.03
N GLY F 59 18.30 -29.79 -2.90
CA GLY F 59 18.82 -28.49 -2.57
C GLY F 59 18.79 -27.56 -3.76
N GLU F 60 18.67 -26.26 -3.50
CA GLU F 60 18.73 -25.25 -4.55
C GLU F 60 19.45 -24.04 -3.97
N VAL F 61 20.52 -23.61 -4.62
CA VAL F 61 21.33 -22.50 -4.15
C VAL F 61 21.13 -21.33 -5.10
N THR F 62 20.65 -20.21 -4.57
CA THR F 62 20.53 -19.01 -5.38
C THR F 62 21.56 -17.99 -4.94
N TYR F 63 22.16 -17.30 -5.90
CA TYR F 63 23.11 -16.23 -5.62
C TYR F 63 23.18 -15.29 -6.82
N TYR F 64 23.64 -14.06 -6.59
CA TYR F 64 23.87 -13.08 -7.64
C TYR F 64 25.20 -13.38 -8.30
N GLY F 65 25.25 -13.23 -9.62
CA GLY F 65 26.44 -13.58 -10.37
C GLY F 65 27.60 -12.62 -10.21
N LYS F 66 28.82 -13.16 -10.23
CA LYS F 66 30.01 -12.33 -10.20
C LYS F 66 30.83 -12.59 -11.46
N ARG F 67 31.55 -11.54 -11.91
CA ARG F 67 32.25 -11.59 -13.19
C ARG F 67 33.08 -12.85 -13.39
N GLY F 68 33.92 -13.22 -12.43
CA GLY F 68 34.69 -14.45 -12.51
C GLY F 68 34.30 -15.38 -11.36
N ASP F 69 35.26 -15.56 -10.45
CA ASP F 69 35.06 -16.22 -9.14
C ASP F 69 34.92 -17.74 -9.32
N ALA F 70 35.84 -18.46 -8.66
CA ALA F 70 36.26 -19.81 -9.02
C ALA F 70 35.45 -20.98 -8.42
N GLY F 71 34.84 -20.81 -7.24
CA GLY F 71 33.86 -21.78 -6.77
C GLY F 71 32.67 -21.90 -7.70
N GLN F 72 32.01 -20.77 -7.99
CA GLN F 72 30.97 -20.78 -9.02
C GLN F 72 31.53 -21.19 -10.38
N LYS F 73 32.70 -20.71 -10.77
CA LYS F 73 33.34 -21.22 -11.96
C LYS F 73 33.54 -22.72 -11.90
N ALA F 74 33.88 -23.26 -10.73
CA ALA F 74 33.85 -24.70 -10.55
C ALA F 74 32.44 -25.24 -10.73
N ILE F 75 31.45 -24.54 -10.16
CA ILE F 75 30.05 -24.89 -10.40
C ILE F 75 29.76 -24.95 -11.90
N GLU F 76 30.18 -23.93 -12.65
CA GLU F 76 29.92 -23.90 -14.08
C GLU F 76 30.67 -24.99 -14.83
N ASP F 77 31.96 -25.19 -14.54
CA ASP F 77 32.65 -26.36 -15.07
C ASP F 77 32.03 -27.65 -14.57
N ALA F 78 31.51 -27.65 -13.34
CA ALA F 78 30.82 -28.84 -12.87
C ALA F 78 29.56 -29.11 -13.69
N TYR F 79 28.73 -28.09 -13.91
CA TYR F 79 27.46 -28.32 -14.59
C TYR F 79 27.65 -28.62 -16.08
N GLN F 80 28.48 -27.81 -16.75
CA GLN F 80 28.52 -27.83 -18.21
C GLN F 80 29.08 -29.14 -18.75
N ASN F 81 30.24 -29.58 -18.28
CA ASN F 81 30.71 -30.91 -18.63
C ASN F 81 30.06 -31.98 -17.77
N GLY F 82 29.93 -31.71 -16.47
CA GLY F 82 29.31 -32.63 -15.55
C GLY F 82 30.28 -33.24 -14.57
N LYS F 83 30.35 -32.68 -13.38
CA LYS F 83 31.23 -33.13 -12.30
C LYS F 83 30.36 -33.25 -11.04
N GLN F 84 30.71 -34.20 -10.18
CA GLN F 84 30.15 -34.29 -8.83
C GLN F 84 30.75 -33.17 -7.99
N ILE F 85 29.94 -32.58 -7.12
CA ILE F 85 30.41 -31.51 -6.25
C ILE F 85 30.33 -31.94 -4.80
N LYS F 86 31.43 -31.77 -4.08
CA LYS F 86 31.48 -32.06 -2.65
C LYS F 86 30.95 -30.87 -1.88
N PHE F 87 29.80 -31.05 -1.25
CA PHE F 87 28.98 -29.98 -0.70
C PHE F 87 29.07 -29.99 0.83
N TRP F 88 29.42 -28.83 1.39
CA TRP F 88 29.56 -28.64 2.82
C TRP F 88 28.65 -27.51 3.26
N ARG F 89 27.66 -27.82 4.10
CA ARG F 89 26.81 -26.80 4.71
C ARG F 89 27.28 -26.60 6.15
N VAL F 90 28.02 -25.52 6.39
CA VAL F 90 28.64 -25.32 7.68
C VAL F 90 28.13 -24.01 8.28
N ASP F 91 28.16 -23.97 9.61
CA ASP F 91 27.71 -22.80 10.34
C ASP F 91 28.91 -21.97 10.78
N THR F 92 28.66 -20.68 10.98
CA THR F 92 29.68 -19.71 11.33
C THR F 92 29.86 -19.56 12.84
N VAL F 93 29.09 -20.31 13.64
CA VAL F 93 29.26 -20.28 15.08
C VAL F 93 30.19 -21.40 15.52
N LYS F 94 31.16 -21.05 16.34
CA LYS F 94 32.21 -21.97 16.76
C LYS F 94 31.61 -23.09 17.61
N ASN F 95 31.75 -24.32 17.15
CA ASN F 95 31.38 -25.48 17.94
C ASN F 95 32.39 -25.69 19.06
N GLU F 96 31.99 -26.51 20.03
CA GLU F 96 32.83 -26.74 21.21
C GLU F 96 33.73 -27.97 21.09
N ASN F 97 33.69 -28.67 19.97
CA ASN F 97 34.70 -29.70 19.73
C ASN F 97 35.32 -29.54 18.34
N ASP F 98 34.50 -29.28 17.34
CA ASP F 98 34.99 -28.86 16.03
C ASP F 98 35.15 -27.34 16.05
N LYS F 99 35.76 -26.80 15.00
CA LYS F 99 35.81 -25.35 14.83
C LYS F 99 34.43 -24.79 14.56
N TYR F 100 33.64 -25.51 13.76
CA TYR F 100 32.29 -25.14 13.41
C TYR F 100 31.48 -26.43 13.31
N ASP F 101 30.21 -26.31 12.93
CA ASP F 101 29.36 -27.48 12.76
C ASP F 101 28.85 -27.53 11.33
N ALA F 102 28.66 -28.75 10.85
CA ALA F 102 28.51 -28.98 9.42
C ALA F 102 27.44 -30.02 9.17
N GLN F 103 26.80 -29.90 8.01
CA GLN F 103 26.11 -31.01 7.35
C GLN F 103 26.73 -31.14 5.96
N PHE F 104 27.09 -32.37 5.60
CA PHE F 104 27.99 -32.64 4.50
C PHE F 104 27.37 -33.63 3.53
N GLY F 105 27.68 -33.49 2.24
CA GLY F 105 27.28 -34.51 1.29
C GLY F 105 27.96 -34.33 -0.04
N PHE F 106 27.93 -35.39 -0.83
CA PHE F 106 28.29 -35.34 -2.25
C PHE F 106 27.08 -34.89 -3.02
N ALA F 107 27.24 -33.84 -3.82
CA ALA F 107 26.12 -33.16 -4.44
C ALA F 107 26.35 -32.98 -5.94
N TYR F 108 25.25 -33.04 -6.68
CA TYR F 108 25.27 -33.02 -8.14
C TYR F 108 24.31 -31.95 -8.60
N ILE F 109 24.81 -30.98 -9.38
CA ILE F 109 23.98 -29.89 -9.88
C ILE F 109 23.22 -30.38 -11.11
N GLU F 110 21.95 -30.72 -10.93
CA GLU F 110 21.14 -31.15 -12.07
C GLU F 110 20.34 -30.02 -12.71
N SER F 111 20.24 -28.85 -12.09
CA SER F 111 19.59 -27.72 -12.71
C SER F 111 20.42 -26.47 -12.47
N ARG F 112 20.47 -25.61 -13.48
CA ARG F 112 21.16 -24.33 -13.42
C ARG F 112 20.28 -23.37 -14.21
N GLU F 113 19.62 -22.47 -13.50
CA GLU F 113 18.70 -21.50 -14.06
C GLU F 113 19.23 -20.12 -13.72
N TYR F 114 19.56 -19.34 -14.74
CA TYR F 114 20.01 -17.97 -14.53
C TYR F 114 19.07 -16.97 -15.18
N SER F 115 18.75 -15.93 -14.43
CA SER F 115 17.90 -14.85 -14.90
C SER F 115 18.75 -13.62 -15.17
N ASP F 116 18.31 -12.85 -16.16
CA ASP F 116 18.79 -11.51 -16.44
C ASP F 116 17.58 -10.60 -16.39
N GLY F 117 17.55 -9.68 -15.44
CA GLY F 117 16.51 -8.69 -15.34
C GLY F 117 16.92 -7.38 -15.98
N VAL F 118 16.00 -6.42 -15.97
CA VAL F 118 16.27 -5.08 -16.49
C VAL F 118 17.41 -4.41 -15.73
N GLU F 119 17.43 -4.56 -14.41
CA GLU F 119 18.60 -4.15 -13.64
C GLU F 119 19.03 -5.20 -12.63
N GLY F 120 20.33 -5.41 -12.47
CA GLY F 120 20.83 -6.17 -11.35
C GLY F 120 21.69 -7.29 -11.86
N ALA F 121 22.48 -7.90 -10.98
CA ALA F 121 23.39 -8.97 -11.39
C ALA F 121 22.62 -10.24 -11.72
N VAL F 122 23.24 -11.07 -12.57
CA VAL F 122 22.57 -12.24 -13.13
C VAL F 122 22.10 -13.15 -12.01
N GLU F 123 20.81 -13.49 -12.02
CA GLU F 123 20.25 -14.30 -10.95
C GLU F 123 20.58 -15.76 -11.17
N ILE F 124 21.48 -16.28 -10.34
CA ILE F 124 21.91 -17.66 -10.45
C ILE F 124 21.17 -18.49 -9.42
N SER F 125 20.32 -19.39 -9.90
CA SER F 125 19.70 -20.42 -9.07
C SER F 125 20.15 -21.78 -9.60
N ILE F 126 20.79 -22.56 -8.74
CA ILE F 126 21.22 -23.90 -9.11
C ILE F 126 20.52 -24.91 -8.21
N SER F 127 20.00 -25.97 -8.81
CA SER F 127 19.28 -27.00 -8.10
C SER F 127 20.06 -28.32 -8.16
N LEU F 128 20.06 -29.03 -7.04
CA LEU F 128 20.87 -30.21 -6.87
C LEU F 128 20.11 -31.26 -6.08
N GLN F 129 20.42 -32.53 -6.34
CA GLN F 129 19.97 -33.63 -5.50
C GLN F 129 21.20 -34.16 -4.76
N VAL F 130 20.99 -34.69 -3.56
CA VAL F 130 22.08 -35.30 -2.82
C VAL F 130 21.51 -36.51 -2.08
N ILE F 131 22.21 -37.64 -2.20
CA ILE F 131 21.69 -38.90 -1.66
C ILE F 131 21.34 -38.73 -0.18
N GLY F 132 22.23 -38.13 0.58
CA GLY F 132 21.96 -37.88 1.98
C GLY F 132 22.89 -36.83 2.55
N GLU F 133 22.38 -36.04 3.48
CA GLU F 133 23.21 -35.07 4.18
C GLU F 133 23.53 -35.57 5.59
N LEU F 134 24.83 -35.64 5.87
CA LEU F 134 25.30 -36.20 7.14
C LEU F 134 25.62 -35.03 8.07
N LYS F 135 25.20 -35.16 9.32
CA LYS F 135 25.39 -34.12 10.32
C LYS F 135 26.72 -34.34 11.03
N ASN F 136 27.46 -33.27 11.25
CA ASN F 136 28.73 -33.34 11.97
C ASN F 136 29.16 -31.93 12.34
N GLY F 137 30.47 -31.75 12.55
CA GLY F 137 31.01 -30.41 12.69
C GLY F 137 32.19 -30.19 11.76
N GLU F 138 32.40 -28.93 11.41
CA GLU F 138 33.43 -28.58 10.43
C GLU F 138 34.64 -28.03 11.15
N ILE F 139 35.82 -28.22 10.55
CA ILE F 139 37.06 -27.79 11.18
C ILE F 139 37.63 -26.57 10.48
N ASP F 140 38.27 -26.77 9.33
CA ASP F 140 38.91 -25.65 8.65
C ASP F 140 38.01 -25.11 7.54
N THR F 141 37.32 -24.02 7.84
CA THR F 141 36.51 -23.33 6.85
C THR F 141 37.17 -22.08 6.30
N LEU F 142 38.51 -22.00 6.37
CA LEU F 142 39.33 -20.84 6.02
C LEU F 142 38.75 -19.60 6.67
N PRO F 143 38.61 -19.57 8.01
CA PRO F 143 37.67 -18.64 8.67
C PRO F 143 38.02 -17.18 8.56
N GLU F 144 39.24 -16.91 8.11
CA GLU F 144 39.69 -15.58 7.77
C GLU F 144 38.72 -14.86 6.84
N GLU F 145 38.37 -15.49 5.72
CA GLU F 145 37.56 -14.84 4.71
C GLU F 145 36.14 -15.39 4.61
N ILE F 146 35.93 -16.68 4.83
CA ILE F 146 34.62 -17.29 4.77
C ILE F 146 33.80 -16.99 6.02
N VAL F 147 34.39 -17.20 7.19
CA VAL F 147 33.68 -17.02 8.45
C VAL F 147 33.48 -15.53 8.66
N ASN F 148 34.46 -14.74 8.19
CA ASN F 148 34.42 -13.29 8.38
C ASN F 148 34.20 -12.56 7.06
N VAL F 149 33.06 -11.89 6.92
CA VAL F 149 32.86 -11.01 5.77
C VAL F 149 32.80 -9.57 6.28
N SER F 150 33.67 -8.72 5.72
CA SER F 150 33.83 -7.37 6.24
C SER F 150 33.91 -6.32 5.13
N LYS F 151 33.10 -5.27 5.21
CA LYS F 151 33.21 -4.19 4.23
C LYS F 151 34.60 -3.60 4.12
N GLY F 152 35.26 -3.28 5.23
CA GLY F 152 36.57 -2.64 5.19
C GLY F 152 36.75 -1.59 6.26
N GLY F 153 37.90 -1.61 6.93
CA GLY F 153 38.17 -0.69 8.02
C GLY F 153 39.49 0.04 7.83
N TYR F 154 39.46 1.05 6.96
CA TYR F 154 40.60 1.90 6.67
C TYR F 154 40.27 3.32 7.12
N ASP F 155 40.65 3.66 8.36
CA ASP F 155 40.04 4.77 9.08
C ASP F 155 40.49 6.16 8.65
N PHE F 156 41.80 6.35 8.42
CA PHE F 156 42.43 7.51 7.76
C PHE F 156 43.39 7.01 6.69
N GLN F 157 43.09 7.39 5.46
CA GLN F 157 44.09 7.53 4.39
C GLN F 157 43.98 8.96 3.89
N GLN F 158 43.93 9.94 4.82
CA GLN F 158 43.54 11.29 4.43
C GLN F 158 44.59 12.02 3.57
N PRO F 159 45.91 11.82 3.74
CA PRO F 159 46.82 12.42 2.75
C PRO F 159 46.99 11.60 1.49
N GLY F 160 46.34 10.44 1.38
CA GLY F 160 46.61 9.54 0.28
C GLY F 160 45.91 8.20 0.27
N GLN F 161 44.59 8.15 0.06
CA GLN F 161 43.93 6.85 -0.04
C GLN F 161 44.37 6.11 -1.30
N THR F 162 44.50 6.86 -2.41
CA THR F 162 44.99 6.38 -3.71
C THR F 162 44.22 5.14 -4.19
N THR F 163 42.92 5.14 -3.95
CA THR F 163 42.16 3.91 -4.12
C THR F 163 41.13 4.10 -5.23
N GLY F 164 40.70 2.99 -5.82
CA GLY F 164 39.61 2.99 -6.77
C GLY F 164 38.26 2.91 -6.10
N GLU F 165 37.28 2.30 -6.78
CA GLU F 165 35.92 2.22 -6.24
C GLU F 165 35.87 1.38 -4.97
N ALA F 166 36.61 0.26 -4.95
CA ALA F 166 36.63 -0.67 -3.83
C ALA F 166 37.74 -0.28 -2.87
N PRO F 167 37.47 -0.21 -1.58
CA PRO F 167 38.25 0.62 -0.67
C PRO F 167 39.56 -0.04 -0.26
N GLY F 168 40.57 0.80 -0.04
CA GLY F 168 41.78 0.42 0.66
C GLY F 168 42.83 -0.31 -0.15
N THR F 169 42.70 -0.34 -1.47
CA THR F 169 43.77 -0.84 -2.32
C THR F 169 44.53 0.32 -2.95
N VAL F 170 45.83 0.32 -2.72
CA VAL F 170 46.74 1.33 -3.25
C VAL F 170 47.50 0.72 -4.43
N PRO F 171 47.39 1.28 -5.65
CA PRO F 171 48.13 0.69 -6.78
C PRO F 171 49.61 0.96 -6.69
N ALA F 172 50.38 0.30 -7.56
CA ALA F 172 51.84 0.26 -7.56
C ALA F 172 52.39 -0.64 -6.45
N PRO G 1 3.91 16.92 40.47
CA PRO G 1 3.85 15.56 39.95
C PRO G 1 5.19 15.00 39.45
N ILE G 2 5.51 15.27 38.18
CA ILE G 2 6.77 14.84 37.58
C ILE G 2 7.35 16.02 36.83
N MET G 3 8.67 16.00 36.64
CA MET G 3 9.38 17.09 35.99
C MET G 3 10.15 16.58 34.78
N GLY G 4 10.49 17.51 33.88
CA GLY G 4 11.31 17.19 32.73
C GLY G 4 12.72 16.75 33.06
N GLN G 5 13.19 17.01 34.28
CA GLN G 5 14.45 16.49 34.78
C GLN G 5 14.27 15.23 35.62
N ASP G 6 13.03 14.80 35.84
CA ASP G 6 12.73 13.71 36.75
C ASP G 6 13.16 12.35 36.24
N VAL G 7 12.74 11.94 35.04
CA VAL G 7 13.07 10.63 34.51
C VAL G 7 14.39 10.74 33.78
N LYS G 8 15.43 10.09 34.32
CA LYS G 8 16.72 10.07 33.65
C LYS G 8 17.10 8.64 33.27
N TYR G 9 17.78 8.53 32.13
CA TYR G 9 17.97 7.27 31.42
C TYR G 9 19.44 6.87 31.50
N LEU G 10 19.72 5.83 32.28
CA LEU G 10 21.07 5.29 32.35
C LEU G 10 21.20 4.12 31.40
N PHE G 11 22.32 4.04 30.69
CA PHE G 11 22.61 2.94 29.80
C PHE G 11 23.97 2.32 30.16
N GLN G 12 23.92 1.08 30.62
CA GLN G 12 25.15 0.32 30.82
C GLN G 12 25.22 -0.77 29.76
N SER G 13 26.37 -0.85 29.07
CA SER G 13 26.58 -1.84 28.05
C SER G 13 26.87 -3.21 28.66
N ILE G 14 26.42 -4.26 27.97
CA ILE G 14 26.61 -5.61 28.46
C ILE G 14 28.09 -5.99 28.50
N ASP G 15 28.87 -5.63 27.49
CA ASP G 15 30.25 -6.07 27.36
C ASP G 15 31.14 -5.56 28.48
N ALA G 16 30.76 -4.46 29.15
CA ALA G 16 31.64 -3.87 30.14
C ALA G 16 31.78 -4.77 31.37
N ALA G 17 30.65 -5.34 31.83
CA ALA G 17 30.54 -6.12 33.08
C ALA G 17 31.09 -5.36 34.29
N THR G 18 30.54 -4.16 34.51
CA THR G 18 30.94 -3.29 35.61
C THR G 18 29.71 -2.64 36.21
N GLY G 19 29.91 -1.87 37.27
CA GLY G 19 28.80 -1.21 37.94
C GLY G 19 28.90 0.30 37.94
N SER G 20 29.60 0.86 36.94
CA SER G 20 29.79 2.30 36.88
C SER G 20 28.47 3.03 36.67
N ALA G 21 27.59 2.47 35.83
CA ALA G 21 26.32 3.03 35.37
C ALA G 21 26.50 4.39 34.70
N PRO G 22 26.96 4.44 33.42
CA PRO G 22 27.09 5.74 32.76
C PRO G 22 25.75 6.36 32.39
N LEU G 23 25.65 7.67 32.46
CA LEU G 23 24.51 8.38 31.90
C LEU G 23 25.01 9.55 31.08
N PHE G 24 24.31 9.82 30.00
CA PHE G 24 24.93 10.74 29.07
C PHE G 24 24.32 12.13 29.18
N PRO G 25 25.11 13.20 29.18
CA PRO G 25 24.53 14.54 29.27
C PRO G 25 23.91 15.00 27.97
N ALA G 26 23.40 16.24 28.01
CA ALA G 26 22.75 16.93 26.89
C ALA G 26 21.54 16.14 26.38
N TYR G 27 20.79 15.57 27.33
CA TYR G 27 19.54 14.92 26.99
C TYR G 27 18.47 15.92 26.59
N GLN G 28 17.78 15.60 25.52
CA GLN G 28 16.70 16.42 24.99
C GLN G 28 15.42 15.70 25.40
N THR G 29 14.88 14.85 24.53
CA THR G 29 13.64 14.14 24.85
C THR G 29 13.77 12.65 24.52
N ASP G 30 12.76 11.92 24.98
CA ASP G 30 12.83 10.47 25.06
C ASP G 30 11.41 9.94 25.10
N GLY G 31 10.96 9.44 23.96
CA GLY G 31 9.72 8.72 23.91
C GLY G 31 9.93 7.22 24.01
N SER G 32 9.16 6.58 24.86
CA SER G 32 9.14 5.12 24.97
C SER G 32 7.68 4.72 24.82
N VAL G 33 7.42 3.85 23.85
CA VAL G 33 6.05 3.49 23.50
C VAL G 33 5.95 1.96 23.50
N SER G 34 4.79 1.46 23.90
CA SER G 34 4.59 0.06 24.24
C SER G 34 3.37 -0.44 23.48
N GLY G 35 3.57 -1.47 22.67
CA GLY G 35 2.49 -2.02 21.87
C GLY G 35 2.13 -3.43 22.23
N GLU G 36 0.92 -3.64 22.73
CA GLU G 36 0.44 -4.94 23.14
C GLU G 36 -0.49 -5.47 22.05
N ARG G 37 -0.19 -6.66 21.55
CA ARG G 37 -0.92 -7.22 20.42
C ARG G 37 -2.39 -7.44 20.79
N GLU G 38 -3.29 -7.01 19.91
CA GLU G 38 -4.70 -6.89 20.21
C GLU G 38 -5.50 -7.53 19.08
N LEU G 39 -6.33 -8.50 19.43
CA LEU G 39 -7.16 -9.23 18.48
C LEU G 39 -8.53 -8.60 18.38
N PHE G 40 -8.88 -8.18 17.16
CA PHE G 40 -10.23 -7.71 16.84
C PHE G 40 -10.72 -8.32 15.55
N ASP G 41 -11.35 -9.49 15.65
CA ASP G 41 -12.33 -9.98 14.69
C ASP G 41 -13.71 -9.96 15.35
N GLU G 42 -14.75 -10.05 14.52
CA GLU G 42 -16.11 -10.12 15.03
C GLU G 42 -16.40 -11.40 15.80
N GLN G 43 -16.10 -12.55 15.19
CA GLN G 43 -16.43 -13.90 15.69
C GLN G 43 -17.95 -14.09 15.81
N THR G 44 -18.69 -13.51 14.86
CA THR G 44 -20.15 -13.29 14.92
C THR G 44 -20.58 -12.83 16.32
N LYS G 45 -19.88 -11.82 16.84
CA LYS G 45 -20.11 -11.30 18.18
C LYS G 45 -19.89 -9.79 18.22
N ASN G 46 -19.75 -9.23 19.42
CA ASN G 46 -19.48 -7.81 19.58
C ASN G 46 -18.02 -7.46 19.35
N GLY G 47 -17.26 -8.32 18.68
CA GLY G 47 -15.85 -8.07 18.43
C GLY G 47 -15.00 -8.50 19.60
N ARG G 48 -13.69 -8.48 19.40
CA ARG G 48 -12.75 -8.89 20.44
C ARG G 48 -11.87 -7.68 20.76
N ILE G 49 -11.83 -7.31 22.04
CA ILE G 49 -11.00 -6.21 22.50
C ILE G 49 -10.17 -6.63 23.71
N LEU G 50 -10.72 -7.55 24.51
CA LEU G 50 -9.99 -8.10 25.65
C LEU G 50 -8.80 -8.94 25.22
N GLY G 51 -8.78 -9.38 23.96
CA GLY G 51 -7.83 -10.35 23.48
C GLY G 51 -6.39 -9.92 23.63
N PRO G 52 -5.69 -10.51 24.61
CA PRO G 52 -4.32 -10.07 24.89
C PRO G 52 -3.31 -10.53 23.87
N GLY G 53 -2.11 -9.95 23.93
CA GLY G 53 -1.04 -10.28 23.02
C GLY G 53 0.29 -9.92 23.65
N SER G 54 1.33 -9.95 22.82
CA SER G 54 2.67 -9.61 23.29
C SER G 54 2.90 -8.10 23.22
N VAL G 55 3.79 -7.63 24.06
CA VAL G 55 4.11 -6.20 24.17
C VAL G 55 5.42 -5.92 23.46
N ALA G 56 5.41 -4.93 22.57
CA ALA G 56 6.61 -4.46 21.89
C ALA G 56 6.95 -3.09 22.45
N ASP G 57 8.09 -3.00 23.12
CA ASP G 57 8.46 -1.81 23.87
C ASP G 57 9.52 -1.06 23.07
N SER G 58 9.07 -0.02 22.37
CA SER G 58 9.91 0.80 21.52
C SER G 58 10.39 2.02 22.28
N GLY G 59 11.64 2.41 22.01
CA GLY G 59 12.19 3.60 22.60
C GLY G 59 13.08 4.36 21.63
N GLU G 60 13.16 5.67 21.80
CA GLU G 60 14.06 6.50 21.00
C GLU G 60 14.60 7.59 21.92
N VAL G 61 15.92 7.67 22.02
CA VAL G 61 16.57 8.64 22.89
C VAL G 61 17.24 9.69 22.03
N THR G 62 16.86 10.95 22.21
CA THR G 62 17.51 12.03 21.50
C THR G 62 18.34 12.86 22.49
N TYR G 63 19.52 13.26 22.05
CA TYR G 63 20.38 14.14 22.86
C TYR G 63 21.36 14.87 21.93
N TYR G 64 21.88 15.99 22.42
CA TYR G 64 22.91 16.75 21.72
C TYR G 64 24.26 16.08 21.93
N GLY G 65 25.08 16.05 20.89
CA GLY G 65 26.34 15.36 20.95
C GLY G 65 27.41 16.04 21.77
N LYS G 66 28.24 15.26 22.44
CA LYS G 66 29.37 15.80 23.17
C LYS G 66 30.68 15.21 22.61
N ARG G 67 31.75 16.01 22.67
CA ARG G 67 33.01 15.65 22.03
C ARG G 67 33.44 14.22 22.32
N GLY G 68 33.48 13.81 23.58
CA GLY G 68 33.82 12.43 23.93
C GLY G 68 32.65 11.77 24.62
N ASP G 69 32.84 11.50 25.92
CA ASP G 69 31.79 11.06 26.85
C ASP G 69 31.38 9.60 26.60
N ALA G 70 31.56 8.79 27.65
CA ALA G 70 31.74 7.35 27.57
C ALA G 70 30.48 6.47 27.56
N GLY G 71 29.38 6.92 28.17
CA GLY G 71 28.10 6.25 27.98
C GLY G 71 27.65 6.28 26.53
N GLN G 72 27.59 7.48 25.93
CA GLN G 72 27.34 7.57 24.50
C GLN G 72 28.43 6.88 23.69
N LYS G 73 29.71 7.04 24.07
CA LYS G 73 30.75 6.25 23.45
C LYS G 73 30.50 4.76 23.59
N ALA G 74 29.96 4.32 24.72
CA ALA G 74 29.47 2.95 24.82
C ALA G 74 28.33 2.72 23.84
N ILE G 75 27.40 3.68 23.76
CA ILE G 75 26.35 3.63 22.74
C ILE G 75 26.95 3.44 21.35
N GLU G 76 27.96 4.23 21.01
CA GLU G 76 28.56 4.14 19.68
C GLU G 76 29.30 2.82 19.48
N ASP G 77 30.10 2.38 20.46
CA ASP G 77 30.65 1.03 20.40
C ASP G 77 29.55 -0.02 20.42
N ALA G 78 28.45 0.26 21.12
CA ALA G 78 27.34 -0.68 21.08
C ALA G 78 26.75 -0.77 19.68
N TYR G 79 26.47 0.36 19.05
CA TYR G 79 25.80 0.34 17.75
C TYR G 79 26.70 -0.19 16.65
N GLN G 80 27.94 0.32 16.58
CA GLN G 80 28.79 0.12 15.43
C GLN G 80 29.20 -1.35 15.26
N ASN G 81 29.73 -1.97 16.31
CA ASN G 81 29.98 -3.40 16.27
C ASN G 81 28.70 -4.18 16.58
N GLY G 82 27.95 -3.73 17.57
CA GLY G 82 26.70 -4.37 17.94
C GLY G 82 26.77 -5.05 19.28
N LYS G 83 26.28 -4.36 20.31
CA LYS G 83 26.27 -4.85 21.69
C LYS G 83 24.85 -4.62 22.22
N GLN G 84 24.40 -5.50 23.10
CA GLN G 84 23.18 -5.30 23.88
C GLN G 84 23.46 -4.24 24.94
N ILE G 85 22.47 -3.37 25.20
CA ILE G 85 22.63 -2.33 26.20
C ILE G 85 21.64 -2.55 27.33
N LYS G 86 22.15 -2.52 28.56
CA LYS G 86 21.32 -2.64 29.74
C LYS G 86 20.76 -1.27 30.10
N PHE G 87 19.45 -1.11 29.95
CA PHE G 87 18.77 0.17 29.95
C PHE G 87 17.98 0.34 31.25
N TRP G 88 18.23 1.45 31.93
CA TRP G 88 17.60 1.80 33.20
C TRP G 88 16.91 3.14 33.05
N ARG G 89 15.58 3.17 33.17
CA ARG G 89 14.83 4.42 33.20
C ARG G 89 14.44 4.69 34.65
N VAL G 90 15.16 5.61 35.28
CA VAL G 90 14.97 5.83 36.71
C VAL G 90 14.56 7.28 36.94
N ASP G 91 13.85 7.48 38.04
CA ASP G 91 13.39 8.80 38.41
C ASP G 91 14.30 9.40 39.47
N THR G 92 14.31 10.73 39.52
CA THR G 92 15.16 11.49 40.42
C THR G 92 14.49 11.78 41.76
N VAL G 93 13.25 11.33 41.94
CA VAL G 93 12.58 11.51 43.23
C VAL G 93 12.78 10.28 44.10
N LYS G 94 13.18 10.51 45.35
CA LYS G 94 13.53 9.45 46.26
C LYS G 94 12.30 8.61 46.58
N ASN G 95 12.36 7.32 46.25
CA ASN G 95 11.33 6.38 46.67
C ASN G 95 11.44 6.10 48.16
N GLU G 96 10.38 5.53 48.72
CA GLU G 96 10.32 5.26 50.14
C GLU G 96 10.78 3.87 50.54
N ASN G 97 11.21 3.04 49.59
CA ASN G 97 11.87 1.79 49.95
C ASN G 97 13.18 1.64 49.18
N ASP G 98 13.17 1.94 47.89
CA ASP G 98 14.39 2.08 47.11
C ASP G 98 14.88 3.51 47.25
N LYS G 99 16.10 3.77 46.76
CA LYS G 99 16.60 5.14 46.68
C LYS G 99 15.80 5.95 45.68
N TYR G 100 15.45 5.32 44.55
CA TYR G 100 14.68 5.93 43.49
C TYR G 100 13.77 4.85 42.93
N ASP G 101 13.01 5.19 41.88
CA ASP G 101 12.14 4.24 41.23
C ASP G 101 12.53 4.11 39.76
N ALA G 102 12.34 2.90 39.23
CA ALA G 102 12.97 2.53 37.98
C ALA G 102 12.01 1.72 37.13
N GLN G 103 12.18 1.84 35.82
CA GLN G 103 11.74 0.84 34.86
C GLN G 103 12.96 0.39 34.08
N PHE G 104 13.14 -0.92 33.96
CA PHE G 104 14.40 -1.53 33.57
C PHE G 104 14.20 -2.47 32.39
N GLY G 105 15.21 -2.56 31.53
CA GLY G 105 15.17 -3.58 30.50
C GLY G 105 16.51 -3.73 29.81
N PHE G 106 16.65 -4.86 29.12
CA PHE G 106 17.75 -5.06 28.18
C PHE G 106 17.34 -4.45 26.84
N ALA G 107 18.17 -3.57 26.31
CA ALA G 107 17.82 -2.75 25.16
C ALA G 107 18.88 -2.82 24.09
N TYR G 108 18.42 -2.74 22.84
CA TYR G 108 19.25 -2.91 21.67
C TYR G 108 19.03 -1.71 20.75
N ILE G 109 20.11 -0.98 20.44
CA ILE G 109 20.00 0.18 19.56
C ILE G 109 19.98 -0.29 18.11
N GLU G 110 18.80 -0.31 17.52
CA GLU G 110 18.68 -0.69 16.11
C GLU G 110 18.70 0.49 15.15
N SER G 111 18.56 1.72 15.63
CA SER G 111 18.69 2.89 14.77
C SER G 111 19.51 3.94 15.48
N ARG G 112 20.35 4.63 14.71
CA ARG G 112 21.19 5.73 15.17
C ARG G 112 21.17 6.74 14.04
N GLU G 113 20.49 7.85 14.27
CA GLU G 113 20.31 8.92 13.30
C GLU G 113 20.89 10.18 13.91
N TYR G 114 21.92 10.74 13.29
CA TYR G 114 22.50 11.98 13.75
C TYR G 114 22.38 13.07 12.70
N SER G 115 21.97 14.25 13.15
CA SER G 115 21.84 15.41 12.31
C SER G 115 22.96 16.39 12.59
N ASP G 116 23.37 17.10 11.54
CA ASP G 116 24.26 18.26 11.62
C ASP G 116 23.49 19.41 10.98
N GLY G 117 23.17 20.42 11.78
CA GLY G 117 22.54 21.63 11.28
C GLY G 117 23.56 22.72 11.01
N VAL G 118 23.08 23.85 10.52
CA VAL G 118 23.91 25.02 10.28
C VAL G 118 24.56 25.51 11.57
N GLU G 119 23.79 25.54 12.66
CA GLU G 119 24.39 25.77 13.97
C GLU G 119 23.89 24.79 15.01
N GLY G 120 24.78 24.33 15.90
CA GLY G 120 24.34 23.63 17.08
C GLY G 120 25.03 22.28 17.14
N ALA G 121 25.00 21.63 18.30
CA ALA G 121 25.68 20.36 18.47
C ALA G 121 24.94 19.25 17.72
N VAL G 122 25.69 18.21 17.37
CA VAL G 122 25.18 17.15 16.50
C VAL G 122 23.95 16.50 17.12
N GLU G 123 22.86 16.48 16.36
CA GLU G 123 21.61 15.95 16.90
C GLU G 123 21.63 14.43 16.87
N ILE G 124 21.74 13.83 18.05
CA ILE G 124 21.79 12.38 18.19
C ILE G 124 20.41 11.88 18.59
N SER G 125 19.79 11.14 17.68
CA SER G 125 18.58 10.38 17.98
C SER G 125 18.89 8.90 17.78
N ILE G 126 18.71 8.11 18.82
CA ILE G 126 18.92 6.67 18.74
C ILE G 126 17.61 5.98 19.06
N SER G 127 17.26 4.99 18.24
CA SER G 127 16.03 4.23 18.38
C SER G 127 16.35 2.79 18.75
N LEU G 128 15.55 2.23 19.66
CA LEU G 128 15.79 0.92 20.23
C LEU G 128 14.48 0.18 20.42
N GLN G 129 14.54 -1.14 20.35
CA GLN G 129 13.45 -2.00 20.77
C GLN G 129 13.87 -2.68 22.06
N VAL G 130 12.90 -2.99 22.90
CA VAL G 130 13.18 -3.74 24.12
C VAL G 130 12.02 -4.70 24.37
N ILE G 131 12.35 -5.95 24.66
CA ILE G 131 11.32 -6.98 24.77
C ILE G 131 10.25 -6.56 25.77
N GLY G 132 10.68 -6.06 26.93
CA GLY G 132 9.74 -5.59 27.93
C GLY G 132 10.42 -4.71 28.94
N GLU G 133 9.70 -3.71 29.43
CA GLU G 133 10.20 -2.87 30.50
C GLU G 133 9.54 -3.24 31.82
N LEU G 134 10.38 -3.55 32.81
CA LEU G 134 9.91 -4.03 34.10
C LEU G 134 9.93 -2.87 35.07
N LYS G 135 8.85 -2.74 35.85
CA LYS G 135 8.71 -1.64 36.79
C LYS G 135 9.30 -2.05 38.14
N ASN G 136 10.04 -1.14 38.77
CA ASN G 136 10.60 -1.40 40.09
C ASN G 136 11.10 -0.09 40.67
N GLY G 137 12.05 -0.17 41.60
CA GLY G 137 12.74 1.02 42.05
C GLY G 137 14.25 0.86 41.97
N GLU G 138 14.94 1.98 41.84
CA GLU G 138 16.38 1.97 41.64
C GLU G 138 17.07 2.34 42.94
N ILE G 139 18.29 1.82 43.12
CA ILE G 139 19.02 2.04 44.36
C ILE G 139 20.17 3.00 44.14
N ASP G 140 21.28 2.52 43.57
CA ASP G 140 22.44 3.38 43.40
C ASP G 140 22.49 3.96 41.99
N THR G 141 22.05 5.21 41.85
CA THR G 141 22.14 5.92 40.59
C THR G 141 23.29 6.92 40.56
N LEU G 142 24.33 6.70 41.39
CA LEU G 142 25.47 7.60 41.61
C LEU G 142 24.95 9.03 41.82
N PRO G 143 24.09 9.24 42.84
CA PRO G 143 23.22 10.42 42.86
C PRO G 143 23.93 11.76 43.00
N GLU G 144 25.22 11.69 43.35
CA GLU G 144 26.10 12.85 43.36
C GLU G 144 26.02 13.63 42.06
N GLU G 145 26.22 12.96 40.93
CA GLU G 145 26.32 13.63 39.65
C GLU G 145 25.12 13.40 38.74
N ILE G 146 24.50 12.23 38.77
CA ILE G 146 23.35 11.91 37.94
C ILE G 146 22.08 12.54 38.50
N VAL G 147 21.82 12.35 39.80
CA VAL G 147 20.61 12.84 40.43
C VAL G 147 20.71 14.36 40.51
N ASN G 148 21.95 14.86 40.71
CA ASN G 148 22.17 16.29 40.88
C ASN G 148 22.93 16.88 39.68
N VAL G 149 22.28 17.75 38.92
CA VAL G 149 22.99 18.49 37.89
C VAL G 149 23.02 19.97 38.31
N SER G 150 24.23 20.53 38.38
CA SER G 150 24.41 21.87 38.92
C SER G 150 25.35 22.72 38.09
N LYS G 151 24.94 23.92 37.70
CA LYS G 151 25.84 24.82 36.98
C LYS G 151 27.16 25.08 37.71
N GLY G 152 27.14 25.38 39.01
CA GLY G 152 28.35 25.71 39.74
C GLY G 152 28.15 26.82 40.74
N GLY G 153 28.68 26.64 41.94
CA GLY G 153 28.51 27.61 43.02
C GLY G 153 29.84 27.99 43.64
N TYR G 154 30.57 28.86 42.94
CA TYR G 154 31.85 29.40 43.36
C TYR G 154 31.69 30.91 43.58
N ASP G 155 31.38 31.31 44.82
CA ASP G 155 30.77 32.61 45.08
C ASP G 155 31.71 33.81 45.02
N PHE G 156 32.93 33.67 45.58
CA PHE G 156 34.08 34.57 45.45
C PHE G 156 35.32 33.74 45.12
N GLN G 157 35.87 34.02 43.93
CA GLN G 157 37.29 33.79 43.64
C GLN G 157 37.84 35.14 43.20
N GLN G 158 37.53 36.21 43.95
CA GLN G 158 37.79 37.56 43.44
C GLN G 158 39.27 37.93 43.35
N PRO G 159 40.17 37.47 44.25
CA PRO G 159 41.60 37.72 43.97
C PRO G 159 42.23 36.73 43.02
N GLY G 160 41.49 35.74 42.55
CA GLY G 160 42.09 34.67 41.77
C GLY G 160 41.22 33.51 41.34
N GLN G 161 40.28 33.72 40.41
CA GLN G 161 39.49 32.61 39.91
C GLN G 161 40.35 31.65 39.12
N THR G 162 41.27 32.19 38.30
CA THR G 162 42.26 31.45 37.51
C THR G 162 41.61 30.36 36.65
N THR G 163 40.45 30.67 36.09
CA THR G 163 39.63 29.63 35.49
C THR G 163 39.49 29.90 33.99
N GLY G 164 39.21 28.84 33.24
CA GLY G 164 38.89 28.95 31.84
C GLY G 164 37.43 29.27 31.60
N GLU G 165 36.87 28.80 30.48
CA GLU G 165 35.48 29.09 30.13
C GLU G 165 34.52 28.45 31.12
N ALA G 166 34.81 27.21 31.54
CA ALA G 166 33.97 26.44 32.44
C ALA G 166 34.40 26.71 33.87
N PRO G 167 33.47 26.99 34.77
CA PRO G 167 33.79 27.74 35.99
C PRO G 167 34.42 26.87 37.07
N GLY G 168 35.31 27.50 37.83
CA GLY G 168 35.78 26.95 39.10
C GLY G 168 36.87 25.91 39.03
N THR G 169 37.50 25.74 37.87
CA THR G 169 38.69 24.92 37.79
C THR G 169 39.93 25.80 37.74
N VAL G 170 40.84 25.54 38.68
CA VAL G 170 42.11 26.24 38.78
C VAL G 170 43.21 25.34 38.24
N PRO G 171 43.96 25.75 37.20
CA PRO G 171 45.02 24.87 36.68
C PRO G 171 46.21 24.82 37.62
N ALA G 172 47.13 23.90 37.33
CA ALA G 172 48.27 23.54 38.17
C ALA G 172 47.86 22.69 39.37
N PRO H 1 -23.59 24.37 28.06
CA PRO H 1 -23.71 23.00 27.58
C PRO H 1 -22.85 21.97 28.31
N ILE H 2 -21.60 21.83 27.90
CA ILE H 2 -20.65 20.91 28.53
C ILE H 2 -19.33 21.66 28.70
N MET H 3 -18.54 21.21 29.66
CA MET H 3 -17.28 21.85 29.99
C MET H 3 -16.12 20.86 29.88
N GLY H 4 -14.91 21.41 29.75
CA GLY H 4 -13.70 20.60 29.73
C GLY H 4 -13.42 19.86 31.02
N GLN H 5 -14.06 20.25 32.12
CA GLN H 5 -14.01 19.53 33.38
C GLN H 5 -15.20 18.61 33.57
N ASP H 6 -16.16 18.63 32.64
CA ASP H 6 -17.43 17.94 32.80
C ASP H 6 -17.30 16.42 32.69
N VAL H 7 -16.72 15.88 31.64
CA VAL H 7 -16.60 14.44 31.45
C VAL H 7 -15.33 13.98 32.14
N LYS H 8 -15.47 13.21 33.22
CA LYS H 8 -14.31 12.65 33.89
C LYS H 8 -14.33 11.13 33.83
N TYR H 9 -13.13 10.55 33.73
CA TYR H 9 -12.95 9.16 33.33
C TYR H 9 -12.42 8.38 34.53
N LEU H 10 -13.27 7.53 35.11
CA LEU H 10 -12.85 6.64 36.19
C LEU H 10 -12.45 5.28 35.61
N PHE H 11 -11.37 4.72 36.12
CA PHE H 11 -10.92 3.40 35.74
C PHE H 11 -10.75 2.52 36.97
N GLN H 12 -11.59 1.50 37.07
CA GLN H 12 -11.40 0.49 38.10
C GLN H 12 -10.93 -0.80 37.43
N SER H 13 -9.84 -1.36 37.97
CA SER H 13 -9.29 -2.60 37.45
C SER H 13 -10.13 -3.81 37.88
N ILE H 14 -10.19 -4.81 37.01
CA ILE H 14 -10.96 -6.00 37.30
C ILE H 14 -10.40 -6.77 38.50
N ASP H 15 -9.08 -6.90 38.59
CA ASP H 15 -8.45 -7.75 39.59
C ASP H 15 -8.69 -7.26 41.01
N ALA H 16 -9.01 -5.98 41.20
CA ALA H 16 -9.15 -5.45 42.55
C ALA H 16 -10.37 -6.03 43.26
N ALA H 17 -11.49 -6.11 42.54
CA ALA H 17 -12.81 -6.50 43.08
C ALA H 17 -13.21 -5.66 44.30
N THR H 18 -13.23 -4.34 44.10
CA THR H 18 -13.58 -3.40 45.15
C THR H 18 -14.43 -2.29 44.55
N GLY H 19 -14.89 -1.37 45.41
CA GLY H 19 -15.73 -0.27 44.96
C GLY H 19 -15.12 1.10 45.21
N SER H 20 -13.79 1.16 45.27
CA SER H 20 -13.12 2.44 45.54
C SER H 20 -13.35 3.44 44.43
N ALA H 21 -13.33 2.97 43.17
CA ALA H 21 -13.41 3.75 41.94
C ALA H 21 -12.29 4.80 41.84
N PRO H 22 -11.05 4.41 41.49
CA PRO H 22 -9.98 5.41 41.37
C PRO H 22 -10.15 6.28 40.14
N LEU H 23 -9.78 7.55 40.24
CA LEU H 23 -9.65 8.40 39.07
C LEU H 23 -8.33 9.13 39.14
N PHE H 24 -7.73 9.33 37.98
CA PHE H 24 -6.35 9.77 38.05
C PHE H 24 -6.25 11.27 37.76
N PRO H 25 -5.45 12.01 38.53
CA PRO H 25 -5.33 13.46 38.25
C PRO H 25 -4.46 13.75 37.05
N ALA H 26 -4.30 15.05 36.80
CA ALA H 26 -3.50 15.61 35.70
C ALA H 26 -3.98 15.11 34.34
N TYR H 27 -5.31 15.03 34.21
CA TYR H 27 -5.91 14.70 32.92
C TYR H 27 -5.76 15.85 31.93
N GLN H 28 -5.38 15.50 30.72
CA GLN H 28 -5.19 16.44 29.63
C GLN H 28 -6.43 16.25 28.74
N THR H 29 -6.34 15.41 27.72
CA THR H 29 -7.45 15.19 26.81
C THR H 29 -7.67 13.70 26.56
N ASP H 30 -8.80 13.42 25.93
CA ASP H 30 -9.35 12.09 25.87
C ASP H 30 -10.28 12.01 24.67
N GLY H 31 -9.81 11.40 23.61
CA GLY H 31 -10.66 11.09 22.49
C GLY H 31 -11.16 9.67 22.57
N SER H 32 -12.45 9.49 22.34
CA SER H 32 -13.07 8.18 22.23
C SER H 32 -13.83 8.20 20.92
N VAL H 33 -13.52 7.24 20.06
CA VAL H 33 -14.05 7.21 18.70
C VAL H 33 -14.66 5.83 18.46
N SER H 34 -15.73 5.81 17.68
CA SER H 34 -16.61 4.65 17.56
C SER H 34 -16.80 4.35 16.08
N GLY H 35 -16.44 3.15 15.68
CA GLY H 35 -16.55 2.76 14.28
C GLY H 35 -17.52 1.65 14.03
N GLU H 36 -18.61 1.94 13.31
CA GLU H 36 -19.64 0.96 13.02
C GLU H 36 -19.43 0.47 11.58
N ARG H 37 -19.34 -0.83 11.40
CA ARG H 37 -19.00 -1.41 10.11
C ARG H 37 -20.10 -1.11 9.10
N GLU H 38 -19.71 -0.64 7.92
CA GLU H 38 -20.62 -0.05 6.94
C GLU H 38 -20.35 -0.69 5.58
N LEU H 39 -21.40 -1.26 5.00
CA LEU H 39 -21.33 -1.92 3.70
C LEU H 39 -21.71 -0.96 2.59
N PHE H 40 -20.77 -0.76 1.67
CA PHE H 40 -21.03 -0.02 0.43
C PHE H 40 -20.48 -0.76 -0.78
N ASP H 41 -21.30 -1.62 -1.35
CA ASP H 41 -21.21 -2.02 -2.75
C ASP H 41 -22.41 -1.44 -3.49
N GLU H 42 -22.31 -1.42 -4.82
CA GLU H 42 -23.42 -0.97 -5.66
C GLU H 42 -24.63 -1.88 -5.60
N GLN H 43 -24.43 -3.19 -5.81
CA GLN H 43 -25.48 -4.21 -5.95
C GLN H 43 -26.39 -3.93 -7.14
N THR H 44 -25.81 -3.40 -8.23
CA THR H 44 -26.51 -2.75 -9.34
C THR H 44 -27.66 -1.87 -8.86
N LYS H 45 -27.34 -1.00 -7.88
CA LYS H 45 -28.33 -0.14 -7.25
C LYS H 45 -27.70 1.20 -6.89
N ASN H 46 -28.37 1.98 -6.02
CA ASN H 46 -27.84 3.25 -5.56
C ASN H 46 -26.80 3.10 -4.46
N GLY H 47 -26.20 1.92 -4.32
CA GLY H 47 -25.22 1.68 -3.29
C GLY H 47 -25.87 1.31 -1.98
N ARG H 48 -25.05 0.90 -1.02
CA ARG H 48 -25.54 0.50 0.29
C ARG H 48 -24.92 1.44 1.32
N ILE H 49 -25.77 2.07 2.13
CA ILE H 49 -25.32 2.98 3.18
C ILE H 49 -26.01 2.62 4.51
N LEU H 50 -27.24 2.13 4.42
CA LEU H 50 -27.98 1.68 5.59
C LEU H 50 -27.34 0.46 6.23
N GLY H 51 -26.50 -0.26 5.48
CA GLY H 51 -26.00 -1.56 5.88
C GLY H 51 -25.24 -1.54 7.19
N PRO H 52 -25.88 -2.05 8.25
CA PRO H 52 -25.26 -1.98 9.58
C PRO H 52 -24.10 -2.95 9.77
N GLY H 53 -23.36 -2.75 10.84
CA GLY H 53 -22.22 -3.57 11.17
C GLY H 53 -21.92 -3.48 12.64
N SER H 54 -20.76 -4.01 13.01
CA SER H 54 -20.33 -3.98 14.40
C SER H 54 -19.62 -2.66 14.72
N VAL H 55 -19.65 -2.28 15.98
CA VAL H 55 -19.07 -1.02 16.45
C VAL H 55 -17.74 -1.33 17.15
N ALA H 56 -16.70 -0.62 16.74
CA ALA H 56 -15.39 -0.69 17.38
C ALA H 56 -15.17 0.61 18.12
N ASP H 57 -15.09 0.53 19.45
CA ASP H 57 -15.05 1.70 20.30
C ASP H 57 -13.63 1.89 20.79
N SER H 58 -12.93 2.82 20.15
CA SER H 58 -11.54 3.13 20.43
C SER H 58 -11.46 4.30 21.39
N GLY H 59 -10.48 4.22 22.29
CA GLY H 59 -10.23 5.31 23.22
C GLY H 59 -8.75 5.53 23.46
N GLU H 60 -8.37 6.75 23.77
CA GLU H 60 -6.99 7.07 24.14
C GLU H 60 -7.05 8.14 25.22
N VAL H 61 -6.43 7.86 26.36
CA VAL H 61 -6.44 8.77 27.50
C VAL H 61 -5.05 9.34 27.66
N THR H 62 -4.93 10.66 27.59
CA THR H 62 -3.66 11.31 27.84
C THR H 62 -3.71 12.06 29.16
N TYR H 63 -2.62 11.99 29.92
CA TYR H 63 -2.51 12.74 31.17
C TYR H 63 -1.04 12.91 31.53
N TYR H 64 -0.75 13.91 32.35
CA TYR H 64 0.59 14.16 32.87
C TYR H 64 0.86 13.19 34.01
N GLY H 65 2.08 12.67 34.08
CA GLY H 65 2.42 11.67 35.08
C GLY H 65 2.55 12.20 36.49
N LYS H 66 2.16 11.39 37.47
CA LYS H 66 2.34 11.74 38.86
C LYS H 66 3.23 10.68 39.54
N ARG H 67 4.00 11.13 40.54
CA ARG H 67 5.00 10.26 41.16
C ARG H 67 4.47 8.88 41.53
N GLY H 68 3.35 8.78 42.23
CA GLY H 68 2.75 7.51 42.55
C GLY H 68 1.38 7.40 41.91
N ASP H 69 0.35 7.41 42.78
CA ASP H 69 -1.06 7.54 42.41
C ASP H 69 -1.59 6.24 41.79
N ALA H 70 -2.62 5.70 42.43
CA ALA H 70 -3.00 4.29 42.38
C ALA H 70 -3.94 3.85 41.25
N GLY H 71 -4.81 4.73 40.76
CA GLY H 71 -5.53 4.43 39.52
C GLY H 71 -4.62 4.25 38.33
N GLN H 72 -3.74 5.22 38.08
CA GLN H 72 -2.71 5.03 37.07
C GLN H 72 -1.78 3.87 37.43
N LYS H 73 -1.38 3.76 38.69
CA LYS H 73 -0.65 2.56 39.10
C LYS H 73 -1.43 1.29 38.82
N ALA H 74 -2.75 1.31 38.98
CA ALA H 74 -3.57 0.21 38.49
C ALA H 74 -3.46 0.09 36.98
N ILE H 75 -3.50 1.23 36.28
CA ILE H 75 -3.25 1.25 34.84
C ILE H 75 -1.94 0.55 34.52
N GLU H 76 -0.86 0.92 35.23
CA GLU H 76 0.44 0.33 34.95
C GLU H 76 0.50 -1.15 35.30
N ASP H 77 -0.03 -1.55 36.46
CA ASP H 77 -0.20 -2.97 36.73
C ASP H 77 -1.15 -3.62 35.74
N ALA H 78 -2.15 -2.88 35.27
CA ALA H 78 -3.01 -3.43 34.24
C ALA H 78 -2.25 -3.69 32.94
N TYR H 79 -1.46 -2.71 32.48
CA TYR H 79 -0.80 -2.84 31.19
C TYR H 79 0.34 -3.86 31.24
N GLN H 80 1.19 -3.76 32.28
CA GLN H 80 2.45 -4.48 32.29
C GLN H 80 2.25 -5.99 32.36
N ASN H 81 1.47 -6.46 33.33
CA ASN H 81 1.11 -7.87 33.35
C ASN H 81 -0.05 -8.16 32.41
N GLY H 82 -1.05 -7.28 32.40
CA GLY H 82 -2.20 -7.41 31.52
C GLY H 82 -3.47 -7.74 32.27
N LYS H 83 -4.26 -6.71 32.54
CA LYS H 83 -5.55 -6.83 33.24
C LYS H 83 -6.58 -6.08 32.43
N GLN H 84 -7.82 -6.55 32.46
CA GLN H 84 -8.97 -5.81 31.94
C GLN H 84 -9.28 -4.65 32.87
N ILE H 85 -9.65 -3.51 32.31
CA ILE H 85 -9.98 -2.35 33.13
C ILE H 85 -11.45 -1.99 32.94
N LYS H 86 -12.16 -1.82 34.05
CA LYS H 86 -13.55 -1.40 34.04
C LYS H 86 -13.61 0.12 33.94
N PHE H 87 -14.09 0.61 32.80
CA PHE H 87 -13.97 1.99 32.38
C PHE H 87 -15.32 2.70 32.50
N TRP H 88 -15.32 3.82 33.20
CA TRP H 88 -16.52 4.62 33.45
C TRP H 88 -16.25 6.04 32.95
N ARG H 89 -17.00 6.47 31.94
CA ARG H 89 -16.95 7.86 31.47
C ARG H 89 -18.18 8.57 32.02
N VAL H 90 -17.99 9.37 33.07
CA VAL H 90 -19.12 9.97 33.75
C VAL H 90 -18.99 11.49 33.70
N ASP H 91 -20.13 12.15 33.75
CA ASP H 91 -20.18 13.60 33.74
C ASP H 91 -20.34 14.14 35.15
N THR H 92 -19.89 15.39 35.33
CA THR H 92 -19.89 16.06 36.62
C THR H 92 -21.17 16.85 36.87
N VAL H 93 -22.11 16.83 35.91
CA VAL H 93 -23.39 17.50 36.11
C VAL H 93 -24.42 16.51 36.65
N LYS H 94 -25.11 16.92 37.70
CA LYS H 94 -26.05 16.04 38.40
C LYS H 94 -27.22 15.70 37.49
N ASN H 95 -27.39 14.42 37.21
CA ASN H 95 -28.57 13.95 36.50
C ASN H 95 -29.79 14.02 37.41
N GLU H 96 -30.98 13.93 36.79
CA GLU H 96 -32.22 14.05 37.53
C GLU H 96 -32.80 12.72 37.99
N ASN H 97 -32.15 11.60 37.70
CA ASN H 97 -32.54 10.34 38.32
C ASN H 97 -31.35 9.63 38.92
N ASP H 98 -30.23 9.61 38.22
CA ASP H 98 -28.96 9.18 38.78
C ASP H 98 -28.29 10.40 39.42
N LYS H 99 -27.22 10.18 40.16
CA LYS H 99 -26.40 11.26 40.67
C LYS H 99 -25.72 12.01 39.53
N TYR H 100 -25.24 11.26 38.55
CA TYR H 100 -24.57 11.79 37.37
C TYR H 100 -24.97 10.92 36.19
N ASP H 101 -24.41 11.21 35.02
CA ASP H 101 -24.68 10.41 33.83
C ASP H 101 -23.37 9.83 33.31
N ALA H 102 -23.48 8.65 32.71
CA ALA H 102 -22.32 7.81 32.47
C ALA H 102 -22.43 7.14 31.11
N GLN H 103 -21.27 6.87 30.52
CA GLN H 103 -21.10 5.84 29.51
C GLN H 103 -20.03 4.89 30.03
N PHE H 104 -20.33 3.60 29.96
CA PHE H 104 -19.61 2.57 30.70
C PHE H 104 -19.13 1.47 29.76
N GLY H 105 -17.97 0.89 30.08
CA GLY H 105 -17.55 -0.30 29.35
C GLY H 105 -16.40 -0.99 30.04
N PHE H 106 -16.19 -2.24 29.64
CA PHE H 106 -14.98 -2.97 29.98
C PHE H 106 -13.92 -2.61 28.95
N ALA H 107 -12.76 -2.17 29.43
CA ALA H 107 -11.74 -1.59 28.57
C ALA H 107 -10.38 -2.23 28.81
N TYR H 108 -9.61 -2.31 27.74
CA TYR H 108 -8.32 -2.99 27.74
C TYR H 108 -7.29 -2.04 27.16
N ILE H 109 -6.24 -1.76 27.94
CA ILE H 109 -5.18 -0.87 27.49
C ILE H 109 -4.21 -1.64 26.59
N GLU H 110 -4.35 -1.45 25.28
CA GLU H 110 -3.45 -2.11 24.34
C GLU H 110 -2.25 -1.27 23.94
N SER H 111 -2.25 0.03 24.24
CA SER H 111 -1.09 0.86 23.97
C SER H 111 -0.85 1.77 25.17
N ARG H 112 0.43 1.98 25.48
CA ARG H 112 0.87 2.87 26.55
C ARG H 112 2.13 3.53 26.00
N GLU H 113 2.01 4.81 25.70
CA GLU H 113 3.07 5.62 25.12
C GLU H 113 3.34 6.77 26.07
N TYR H 114 4.55 6.83 26.62
CA TYR H 114 4.93 7.93 27.49
C TYR H 114 6.08 8.72 26.91
N SER H 115 5.95 10.04 26.97
CA SER H 115 6.97 10.95 26.50
C SER H 115 7.67 11.59 27.69
N ASP H 116 8.95 11.88 27.50
CA ASP H 116 9.75 12.71 28.39
C ASP H 116 10.29 13.85 27.53
N GLY H 117 9.87 15.07 27.83
CA GLY H 117 10.38 16.25 27.16
C GLY H 117 11.49 16.90 27.96
N VAL H 118 12.05 17.97 27.40
CA VAL H 118 13.09 18.74 28.07
C VAL H 118 12.57 19.32 29.38
N GLU H 119 11.34 19.84 29.39
CA GLU H 119 10.69 20.20 30.64
C GLU H 119 9.27 19.69 30.73
N GLY H 120 8.85 19.22 31.90
CA GLY H 120 7.45 18.98 32.14
C GLY H 120 7.26 17.55 32.58
N ALA H 121 6.10 17.23 33.16
CA ALA H 121 5.85 15.90 33.66
C ALA H 121 5.65 14.91 32.52
N VAL H 122 5.92 13.63 32.82
CA VAL H 122 5.98 12.60 31.79
C VAL H 122 4.64 12.51 31.07
N GLU H 123 4.68 12.61 29.76
CA GLU H 123 3.43 12.62 28.97
C GLU H 123 2.92 11.20 28.81
N ILE H 124 1.83 10.90 29.51
CA ILE H 124 1.23 9.58 29.47
C ILE H 124 0.04 9.61 28.53
N SER H 125 0.16 8.89 27.42
CA SER H 125 -0.95 8.61 26.52
C SER H 125 -1.16 7.11 26.50
N ILE H 126 -2.36 6.67 26.86
CA ILE H 126 -2.71 5.26 26.83
C ILE H 126 -3.88 5.07 25.87
N SER H 127 -3.77 4.06 25.02
CA SER H 127 -4.76 3.76 24.01
C SER H 127 -5.42 2.42 24.33
N LEU H 128 -6.73 2.36 24.13
CA LEU H 128 -7.54 1.22 24.51
C LEU H 128 -8.61 0.96 23.46
N GLN H 129 -9.00 -0.30 23.34
CA GLN H 129 -10.19 -0.68 22.59
C GLN H 129 -11.25 -1.12 23.58
N VAL H 130 -12.51 -0.92 23.25
CA VAL H 130 -13.60 -1.40 24.09
C VAL H 130 -14.72 -1.88 23.18
N ILE H 131 -15.24 -3.08 23.48
CA ILE H 131 -16.22 -3.70 22.58
C ILE H 131 -17.38 -2.75 22.34
N GLY H 132 -17.90 -2.14 23.39
CA GLY H 132 -18.98 -1.20 23.25
C GLY H 132 -19.12 -0.33 24.48
N GLU H 133 -19.51 0.93 24.27
CA GLU H 133 -19.79 1.82 25.39
C GLU H 133 -21.29 1.98 25.56
N LEU H 134 -21.76 1.69 26.77
CA LEU H 134 -23.19 1.69 27.06
C LEU H 134 -23.52 3.00 27.76
N LYS H 135 -24.62 3.62 27.34
CA LYS H 135 -25.03 4.91 27.88
C LYS H 135 -25.94 4.68 29.08
N ASN H 136 -25.75 5.45 30.13
CA ASN H 136 -26.58 5.37 31.33
C ASN H 136 -26.32 6.58 32.21
N GLY H 137 -26.60 6.45 33.50
CA GLY H 137 -26.18 7.46 34.44
C GLY H 137 -25.43 6.85 35.61
N GLU H 138 -24.57 7.67 36.22
CA GLU H 138 -23.70 7.18 37.27
C GLU H 138 -24.24 7.64 38.62
N ILE H 139 -23.97 6.84 39.65
CA ILE H 139 -24.49 7.13 40.98
C ILE H 139 -23.39 7.64 41.91
N ASP H 140 -22.57 6.74 42.43
CA ASP H 140 -21.54 7.15 43.37
C ASP H 140 -20.20 7.33 42.68
N THR H 141 -19.85 8.58 42.38
CA THR H 141 -18.56 8.91 41.81
C THR H 141 -17.59 9.49 42.84
N LEU H 142 -17.81 9.19 44.13
CA LEU H 142 -17.09 9.75 45.28
C LEU H 142 -17.00 11.25 45.13
N PRO H 143 -18.14 11.96 45.04
CA PRO H 143 -18.17 13.32 44.46
C PRO H 143 -17.44 14.38 45.27
N GLU H 144 -17.09 14.02 46.50
CA GLU H 144 -16.24 14.83 47.36
C GLU H 144 -14.97 15.26 46.64
N GLU H 145 -14.22 14.31 46.09
CA GLU H 145 -12.92 14.60 45.50
C GLU H 145 -12.90 14.52 43.99
N ILE H 146 -13.66 13.61 43.38
CA ILE H 146 -13.71 13.46 41.93
C ILE H 146 -14.55 14.55 41.28
N VAL H 147 -15.75 14.76 41.79
CA VAL H 147 -16.68 15.72 41.21
C VAL H 147 -16.15 17.12 41.51
N ASN H 148 -15.50 17.26 42.68
CA ASN H 148 -15.01 18.57 43.12
C ASN H 148 -13.48 18.60 43.12
N VAL H 149 -12.89 19.42 42.25
CA VAL H 149 -11.44 19.65 42.32
C VAL H 149 -11.23 21.10 42.74
N SER H 150 -10.47 21.28 43.83
CA SER H 150 -10.33 22.61 44.43
C SER H 150 -8.88 22.92 44.82
N LYS H 151 -8.35 24.06 44.39
CA LYS H 151 -7.02 24.45 44.81
C LYS H 151 -6.83 24.49 46.34
N GLY H 152 -7.75 25.08 47.09
CA GLY H 152 -7.60 25.20 48.53
C GLY H 152 -8.09 26.54 49.06
N GLY H 153 -8.84 26.51 50.15
CA GLY H 153 -9.41 27.71 50.72
C GLY H 153 -9.09 27.83 52.21
N TYR H 154 -7.87 28.26 52.49
CA TYR H 154 -7.36 28.49 53.83
C TYR H 154 -7.07 29.98 53.99
N ASP H 155 -8.05 30.74 54.50
CA ASP H 155 -8.08 32.19 54.28
C ASP H 155 -7.14 33.00 55.14
N PHE H 156 -7.02 32.66 56.44
CA PHE H 156 -6.01 33.12 57.40
C PHE H 156 -5.43 31.91 58.13
N GLN H 157 -4.12 31.73 57.94
CA GLN H 157 -3.26 31.03 58.90
C GLN H 157 -2.15 32.01 59.25
N GLN H 158 -2.51 33.27 59.55
CA GLN H 158 -1.49 34.32 59.60
C GLN H 158 -0.55 34.21 60.81
N PRO H 159 -0.96 33.74 62.00
CA PRO H 159 0.05 33.50 63.03
C PRO H 159 0.76 32.16 62.90
N GLY H 160 0.40 31.35 61.92
CA GLY H 160 0.92 29.99 61.86
C GLY H 160 0.41 29.08 60.76
N GLN H 161 0.75 29.32 59.49
CA GLN H 161 0.33 28.40 58.44
C GLN H 161 1.04 27.06 58.60
N THR H 162 2.34 27.10 58.94
CA THR H 162 3.20 25.94 59.22
C THR H 162 3.15 24.91 58.09
N THR H 163 3.12 25.40 56.85
CA THR H 163 2.81 24.53 55.74
C THR H 163 4.01 24.46 54.80
N GLY H 164 4.08 23.38 54.02
CA GLY H 164 5.06 23.24 52.97
C GLY H 164 4.63 23.90 51.68
N GLU H 165 5.06 23.35 50.54
CA GLU H 165 4.75 23.94 49.24
C GLU H 165 3.26 23.86 48.94
N ALA H 166 2.62 22.73 49.29
CA ALA H 166 1.20 22.50 49.03
C ALA H 166 0.39 22.96 50.23
N PRO H 167 -0.67 23.71 50.01
CA PRO H 167 -1.20 24.61 51.04
C PRO H 167 -2.05 23.87 52.08
N GLY H 168 -1.98 24.38 53.31
CA GLY H 168 -2.93 24.04 54.34
C GLY H 168 -2.71 22.74 55.09
N THR H 169 -1.55 22.12 54.92
CA THR H 169 -1.18 20.99 55.76
C THR H 169 -0.20 21.43 56.83
N VAL H 170 -0.58 21.17 58.08
CA VAL H 170 0.23 21.47 59.25
C VAL H 170 0.87 20.18 59.75
N PRO H 171 2.22 20.08 59.81
CA PRO H 171 2.84 18.84 60.29
C PRO H 171 2.68 18.67 61.78
N ALA H 172 3.04 17.48 62.27
CA ALA H 172 2.81 17.03 63.64
C ALA H 172 1.35 16.65 63.89
N PRO I 1 -25.04 36.32 -0.57
CA PRO I 1 -25.23 34.97 -1.09
C PRO I 1 -25.74 33.95 -0.08
N ILE I 2 -24.83 33.35 0.68
CA ILE I 2 -25.17 32.38 1.71
C ILE I 2 -24.38 32.72 2.97
N MET I 3 -24.90 32.31 4.11
CA MET I 3 -24.28 32.61 5.40
C MET I 3 -23.97 31.33 6.16
N GLY I 4 -23.06 31.45 7.13
CA GLY I 4 -22.73 30.35 8.01
C GLY I 4 -23.87 29.88 8.90
N GLN I 5 -24.90 30.71 9.05
CA GLN I 5 -26.12 30.32 9.74
C GLN I 5 -27.20 29.87 8.79
N ASP I 6 -26.96 29.95 7.48
CA ASP I 6 -27.97 29.70 6.47
C ASP I 6 -28.39 28.24 6.34
N VAL I 7 -27.45 27.31 6.16
CA VAL I 7 -27.77 25.90 5.98
C VAL I 7 -27.84 25.27 7.36
N LYS I 8 -29.03 24.85 7.78
CA LYS I 8 -29.17 24.17 9.05
C LYS I 8 -29.69 22.75 8.85
N TYR I 9 -29.21 21.84 9.69
CA TYR I 9 -29.32 20.40 9.47
C TYR I 9 -30.27 19.81 10.50
N LEU I 10 -31.45 19.41 10.05
CA LEU I 10 -32.40 18.72 10.92
C LEU I 10 -32.25 17.22 10.76
N PHE I 11 -32.30 16.51 11.88
CA PHE I 11 -32.26 15.05 11.88
C PHE I 11 -33.45 14.48 12.63
N GLN I 12 -34.33 13.81 11.90
CA GLN I 12 -35.40 13.06 12.53
C GLN I 12 -35.11 11.57 12.39
N SER I 13 -35.19 10.86 13.52
CA SER I 13 -34.95 9.44 13.54
C SER I 13 -36.15 8.67 12.98
N ILE I 14 -35.86 7.54 12.32
CA ILE I 14 -36.91 6.73 11.73
C ILE I 14 -37.84 6.14 12.79
N ASP I 15 -37.30 5.66 13.90
CA ASP I 15 -38.07 4.94 14.90
C ASP I 15 -39.13 5.80 15.57
N ALA I 16 -38.98 7.12 15.55
CA ALA I 16 -39.91 7.97 16.28
C ALA I 16 -41.28 7.97 15.63
N ALA I 17 -41.33 8.06 14.29
CA ALA I 17 -42.55 8.20 13.49
C ALA I 17 -43.39 9.39 13.96
N THR I 18 -42.78 10.57 13.97
CA THR I 18 -43.44 11.80 14.39
C THR I 18 -42.99 12.93 13.47
N GLY I 19 -43.55 14.11 13.68
CA GLY I 19 -43.24 15.27 12.87
C GLY I 19 -42.63 16.42 13.64
N SER I 20 -41.98 16.11 14.77
CA SER I 20 -41.40 17.15 15.60
C SER I 20 -40.27 17.89 14.89
N ALA I 21 -39.45 17.14 14.14
CA ALA I 21 -38.24 17.59 13.45
C ALA I 21 -37.22 18.21 14.41
N PRO I 22 -36.47 17.40 15.18
CA PRO I 22 -35.47 18.00 16.08
C PRO I 22 -34.27 18.54 15.33
N LEU I 23 -33.71 19.63 15.83
CA LEU I 23 -32.41 20.11 15.35
C LEU I 23 -31.53 20.42 16.55
N PHE I 24 -30.25 20.15 16.39
CA PHE I 24 -29.45 20.17 17.59
C PHE I 24 -28.63 21.46 17.67
N PRO I 25 -28.56 22.11 18.84
CA PRO I 25 -27.77 23.34 18.93
C PRO I 25 -26.28 23.07 18.99
N ALA I 26 -25.52 24.16 19.11
CA ALA I 26 -24.05 24.18 19.19
C ALA I 26 -23.41 23.54 17.97
N TYR I 27 -24.00 23.81 16.81
CA TYR I 27 -23.43 23.38 15.55
C TYR I 27 -22.16 24.16 15.23
N GLN I 28 -21.14 23.43 14.80
CA GLN I 28 -19.85 23.98 14.42
C GLN I 28 -19.86 23.95 12.88
N THR I 29 -19.31 22.90 12.29
CA THR I 29 -19.25 22.81 10.84
C THR I 29 -19.70 21.43 10.36
N ASP I 30 -19.86 21.36 9.05
CA ASP I 30 -20.59 20.27 8.42
C ASP I 30 -20.16 20.19 6.97
N GLY I 31 -19.30 19.22 6.68
CA GLY I 31 -18.97 18.91 5.32
C GLY I 31 -19.80 17.76 4.80
N SER I 32 -20.34 17.93 3.60
CA SER I 32 -21.04 16.86 2.89
C SER I 32 -20.38 16.79 1.53
N VAL I 33 -19.89 15.60 1.18
CA VAL I 33 -19.12 15.40 -0.03
C VAL I 33 -19.73 14.25 -0.81
N SER I 34 -19.68 14.35 -2.13
CA SER I 34 -20.45 13.51 -3.04
C SER I 34 -19.49 12.93 -4.07
N GLY I 35 -19.43 11.61 -4.14
CA GLY I 35 -18.52 10.96 -5.07
C GLY I 35 -19.23 10.14 -6.13
N GLU I 36 -19.10 10.56 -7.38
CA GLU I 36 -19.75 9.87 -8.51
C GLU I 36 -18.69 9.03 -9.21
N ARG I 37 -18.98 7.74 -9.37
CA ARG I 37 -18.01 6.81 -9.90
C ARG I 37 -17.67 7.17 -11.34
N GLU I 38 -16.37 7.19 -11.65
CA GLU I 38 -15.86 7.77 -12.89
C GLU I 38 -14.89 6.79 -13.52
N LEU I 39 -15.16 6.42 -14.76
CA LEU I 39 -14.36 5.47 -15.52
C LEU I 39 -13.32 6.21 -16.37
N PHE I 40 -12.06 5.89 -16.11
CA PHE I 40 -10.95 6.36 -16.95
C PHE I 40 -10.00 5.23 -17.27
N ASP I 41 -10.28 4.53 -18.37
CA ASP I 41 -9.28 3.79 -19.14
C ASP I 41 -9.09 4.51 -20.47
N GLU I 42 -7.99 4.18 -21.16
CA GLU I 42 -7.73 4.72 -22.49
C GLU I 42 -8.73 4.24 -23.52
N GLN I 43 -8.93 2.92 -23.63
CA GLN I 43 -9.72 2.24 -24.68
C GLN I 43 -9.15 2.49 -26.07
N THR I 44 -7.81 2.55 -26.15
CA THR I 44 -7.05 3.08 -27.30
C THR I 44 -7.69 4.36 -27.85
N LYS I 45 -7.99 5.29 -26.94
CA LYS I 45 -8.66 6.54 -27.30
C LYS I 45 -8.15 7.68 -26.44
N ASN I 46 -8.89 8.79 -26.41
CA ASN I 46 -8.52 9.94 -25.57
C ASN I 46 -8.91 9.75 -24.10
N GLY I 47 -9.15 8.52 -23.67
CA GLY I 47 -9.54 8.26 -22.30
C GLY I 47 -11.03 8.42 -22.12
N ARG I 48 -11.52 8.03 -20.95
CA ARG I 48 -12.94 8.13 -20.64
C ARG I 48 -13.09 9.05 -19.44
N ILE I 49 -13.92 10.08 -19.60
CA ILE I 49 -14.19 11.04 -18.53
C ILE I 49 -15.69 11.23 -18.38
N LEU I 50 -16.43 11.13 -19.48
CA LEU I 50 -17.89 11.21 -19.45
C LEU I 50 -18.51 10.03 -18.70
N GLY I 51 -17.76 8.94 -18.52
CA GLY I 51 -18.29 7.69 -18.02
C GLY I 51 -18.93 7.81 -16.66
N PRO I 52 -20.26 7.77 -16.62
CA PRO I 52 -20.96 7.97 -15.35
C PRO I 52 -20.89 6.79 -14.41
N GLY I 53 -21.28 7.02 -13.15
CA GLY I 53 -21.24 5.98 -12.14
C GLY I 53 -22.22 6.34 -11.04
N SER I 54 -22.12 5.61 -9.93
CA SER I 54 -22.98 5.84 -8.80
C SER I 54 -22.38 6.93 -7.89
N VAL I 55 -23.26 7.60 -7.15
CA VAL I 55 -22.87 8.70 -6.28
C VAL I 55 -22.86 8.21 -4.84
N ALA I 56 -21.75 8.46 -4.15
CA ALA I 56 -21.62 8.16 -2.73
C ALA I 56 -21.62 9.48 -1.98
N ASP I 57 -22.65 9.70 -1.16
CA ASP I 57 -22.87 10.98 -0.52
C ASP I 57 -22.46 10.87 0.94
N SER I 58 -21.27 11.35 1.24
CA SER I 58 -20.69 11.30 2.57
C SER I 58 -20.97 12.60 3.31
N GLY I 59 -21.21 12.46 4.61
CA GLY I 59 -21.41 13.61 5.46
C GLY I 59 -20.78 13.43 6.82
N GLU I 60 -20.39 14.53 7.44
CA GLU I 60 -19.86 14.52 8.80
C GLU I 60 -20.35 15.78 9.49
N VAL I 61 -21.03 15.62 10.62
CA VAL I 61 -21.60 16.74 11.36
C VAL I 61 -20.81 16.90 12.65
N THR I 62 -20.21 18.07 12.85
CA THR I 62 -19.53 18.35 14.10
C THR I 62 -20.32 19.39 14.88
N TYR I 63 -20.40 19.19 16.20
CA TYR I 63 -21.05 20.15 17.08
C TYR I 63 -20.52 19.97 18.51
N TYR I 64 -20.66 21.01 19.33
CA TYR I 64 -20.30 20.96 20.74
C TYR I 64 -21.41 20.26 21.50
N GLY I 65 -21.04 19.45 22.48
CA GLY I 65 -22.01 18.67 23.22
C GLY I 65 -22.85 19.45 24.20
N LYS I 66 -24.11 19.06 24.35
CA LYS I 66 -24.99 19.66 25.33
C LYS I 66 -25.45 18.58 26.33
N ARG I 67 -25.68 19.00 27.57
CA ARG I 67 -25.97 18.06 28.66
C ARG I 67 -27.03 17.02 28.29
N GLY I 68 -28.18 17.43 27.77
CA GLY I 68 -29.20 16.51 27.32
C GLY I 68 -29.44 16.65 25.84
N ASP I 69 -30.63 17.17 25.50
CA ASP I 69 -31.01 17.61 24.15
C ASP I 69 -31.25 16.42 23.23
N ALA I 70 -32.47 16.37 22.70
CA ALA I 70 -33.13 15.16 22.21
C ALA I 70 -32.89 14.75 20.76
N GLY I 71 -32.62 15.71 19.86
CA GLY I 71 -32.13 15.35 18.53
C GLY I 71 -30.80 14.61 18.58
N GLN I 72 -29.80 15.21 19.24
CA GLN I 72 -28.56 14.49 19.49
C GLN I 72 -28.79 13.24 20.32
N LYS I 73 -29.63 13.31 21.36
CA LYS I 73 -30.01 12.10 22.06
C LYS I 73 -30.64 11.07 21.12
N ALA I 74 -31.43 11.52 20.15
CA ALA I 74 -31.85 10.61 19.09
C ALA I 74 -30.66 10.12 18.29
N ILE I 75 -29.72 11.01 17.99
CA ILE I 75 -28.46 10.61 17.35
C ILE I 75 -27.79 9.50 18.17
N GLU I 76 -27.67 9.70 19.48
CA GLU I 76 -27.01 8.71 20.32
C GLU I 76 -27.79 7.41 20.41
N ASP I 77 -29.11 7.46 20.61
CA ASP I 77 -29.93 6.27 20.47
C ASP I 77 -29.86 5.70 19.06
N ALA I 78 -29.74 6.57 18.05
CA ALA I 78 -29.56 6.06 16.70
C ALA I 78 -28.25 5.29 16.55
N TYR I 79 -27.14 5.86 17.04
CA TYR I 79 -25.85 5.23 16.82
C TYR I 79 -25.68 3.97 17.66
N GLN I 80 -26.02 4.06 18.96
CA GLN I 80 -25.66 3.03 19.92
C GLN I 80 -26.36 1.71 19.64
N ASN I 81 -27.70 1.73 19.51
CA ASN I 81 -28.40 0.53 19.07
C ASN I 81 -28.34 0.39 17.55
N GLY I 82 -28.52 1.49 16.83
CA GLY I 82 -28.47 1.49 15.38
C GLY I 82 -29.81 1.74 14.74
N LYS I 83 -30.06 2.98 14.36
CA LYS I 83 -31.29 3.42 13.72
C LYS I 83 -30.91 4.22 12.48
N GLN I 84 -31.73 4.15 11.45
CA GLN I 84 -31.62 5.04 10.30
C GLN I 84 -32.11 6.43 10.71
N ILE I 85 -31.44 7.46 10.20
CA ILE I 85 -31.82 8.84 10.52
C ILE I 85 -32.29 9.54 9.26
N LYS I 86 -33.45 10.18 9.35
CA LYS I 86 -33.98 10.97 8.25
C LYS I 86 -33.39 12.37 8.32
N PHE I 87 -32.57 12.69 7.32
CA PHE I 87 -31.68 13.83 7.33
C PHE I 87 -32.20 14.91 6.38
N TRP I 88 -32.35 16.12 6.89
CA TRP I 88 -32.85 17.27 6.15
C TRP I 88 -31.81 18.38 6.23
N ARG I 89 -31.23 18.76 5.09
CA ARG I 89 -30.35 19.92 5.01
C ARG I 89 -31.14 21.07 4.40
N VAL I 90 -31.58 22.00 5.24
CA VAL I 90 -32.46 23.06 4.78
C VAL I 90 -31.81 24.41 5.03
N ASP I 91 -32.19 25.37 4.19
CA ASP I 91 -31.67 26.72 4.31
C ASP I 91 -32.67 27.61 5.04
N THR I 92 -32.13 28.67 5.65
CA THR I 92 -32.89 29.60 6.46
C THR I 92 -33.45 30.76 5.64
N VAL I 93 -33.18 30.80 4.33
CA VAL I 93 -33.74 31.84 3.48
C VAL I 93 -35.03 31.35 2.85
N LYS I 94 -36.07 32.19 2.93
CA LYS I 94 -37.39 31.82 2.47
C LYS I 94 -37.40 31.62 0.96
N ASN I 95 -37.74 30.41 0.52
CA ASN I 95 -37.95 30.15 -0.90
C ASN I 95 -39.25 30.79 -1.36
N GLU I 96 -39.41 30.91 -2.68
CA GLU I 96 -40.57 31.56 -3.25
C GLU I 96 -41.70 30.60 -3.61
N ASN I 97 -41.55 29.32 -3.35
CA ASN I 97 -42.69 28.41 -3.47
C ASN I 97 -42.82 27.55 -2.22
N ASP I 98 -41.70 27.03 -1.71
CA ASP I 98 -41.65 26.40 -0.41
C ASP I 98 -41.39 27.49 0.63
N LYS I 99 -41.50 27.14 1.91
CA LYS I 99 -41.10 28.04 2.98
C LYS I 99 -39.58 28.24 2.96
N TYR I 100 -38.84 27.18 2.70
CA TYR I 100 -37.39 27.20 2.63
C TYR I 100 -36.99 26.22 1.53
N ASP I 101 -35.68 26.04 1.35
CA ASP I 101 -35.18 25.10 0.37
C ASP I 101 -34.31 24.05 1.06
N ALA I 102 -34.33 22.85 0.50
CA ALA I 102 -33.86 21.68 1.22
C ALA I 102 -33.10 20.76 0.29
N GLN I 103 -32.14 20.03 0.86
CA GLN I 103 -31.64 18.80 0.30
C GLN I 103 -31.85 17.72 1.35
N PHE I 104 -32.42 16.60 0.94
CA PHE I 104 -33.00 15.62 1.84
C PHE I 104 -32.42 14.23 1.58
N GLY I 105 -32.30 13.43 2.64
CA GLY I 105 -31.95 12.04 2.44
C GLY I 105 -32.15 11.22 3.68
N PHE I 106 -32.19 9.91 3.49
CA PHE I 106 -32.11 8.95 4.60
C PHE I 106 -30.64 8.73 4.90
N ALA I 107 -30.26 8.92 6.17
CA ALA I 107 -28.86 8.95 6.56
C ALA I 107 -28.60 8.03 7.74
N TYR I 108 -27.40 7.46 7.74
CA TYR I 108 -26.99 6.46 8.71
C TYR I 108 -25.68 6.89 9.33
N ILE I 109 -25.65 7.04 10.65
CA ILE I 109 -24.44 7.44 11.35
C ILE I 109 -23.53 6.24 11.53
N GLU I 110 -22.51 6.13 10.69
CA GLU I 110 -21.56 5.04 10.82
C GLU I 110 -20.32 5.37 11.65
N SER I 111 -20.09 6.64 11.96
CA SER I 111 -19.00 7.01 12.84
C SER I 111 -19.48 8.06 13.82
N ARG I 112 -19.00 7.96 15.06
CA ARG I 112 -19.29 8.91 16.13
C ARG I 112 -17.99 9.03 16.90
N GLU I 113 -17.35 10.18 16.77
CA GLU I 113 -16.07 10.47 17.39
C GLU I 113 -16.26 11.69 18.27
N TYR I 114 -16.05 11.53 19.58
CA TYR I 114 -16.15 12.64 20.50
C TYR I 114 -14.82 12.90 21.19
N SER I 115 -14.45 14.17 21.26
CA SER I 115 -13.24 14.60 21.92
C SER I 115 -13.59 15.28 23.23
N ASP I 116 -12.70 15.13 24.19
CA ASP I 116 -12.69 15.88 25.45
C ASP I 116 -11.32 16.57 25.52
N GLY I 117 -11.33 17.90 25.48
CA GLY I 117 -10.12 18.67 25.64
C GLY I 117 -9.95 19.14 27.07
N VAL I 118 -8.84 19.84 27.32
CA VAL I 118 -8.56 20.41 28.62
C VAL I 118 -9.64 21.42 29.02
N GLU I 119 -10.08 22.25 28.08
CA GLU I 119 -11.26 23.08 28.30
C GLU I 119 -12.24 23.04 27.14
N GLY I 120 -13.53 23.01 27.43
CA GLY I 120 -14.52 23.26 26.40
C GLY I 120 -15.48 22.09 26.35
N ALA I 121 -16.63 22.27 25.70
CA ALA I 121 -17.64 21.23 25.64
C ALA I 121 -17.20 20.10 24.72
N VAL I 122 -17.75 18.91 24.99
CA VAL I 122 -17.29 17.69 24.33
C VAL I 122 -17.44 17.82 22.82
N GLU I 123 -16.35 17.59 22.09
CA GLU I 123 -16.37 17.78 20.65
C GLU I 123 -17.02 16.58 19.98
N ILE I 124 -18.22 16.78 19.47
CA ILE I 124 -18.98 15.73 18.82
C ILE I 124 -18.82 15.88 17.31
N SER I 125 -18.15 14.90 16.70
CA SER I 125 -18.11 14.75 15.25
C SER I 125 -18.75 13.42 14.90
N ILE I 126 -19.80 13.46 14.08
CA ILE I 126 -20.46 12.25 13.63
C ILE I 126 -20.36 12.18 12.11
N SER I 127 -20.01 11.00 11.60
CA SER I 127 -19.84 10.77 10.18
C SER I 127 -20.89 9.80 9.69
N LEU I 128 -21.43 10.07 8.51
CA LEU I 128 -22.55 9.35 7.95
C LEU I 128 -22.37 9.17 6.45
N GLN I 129 -22.92 8.09 5.92
CA GLN I 129 -23.07 7.91 4.49
C GLN I 129 -24.54 8.05 4.15
N VAL I 130 -24.85 8.52 2.95
CA VAL I 130 -26.23 8.60 2.51
C VAL I 130 -26.26 8.26 1.03
N ILE I 131 -27.18 7.38 0.65
CA ILE I 131 -27.21 6.87 -0.73
C ILE I 131 -27.26 8.02 -1.72
N GLY I 132 -28.13 8.99 -1.46
CA GLY I 132 -28.22 10.15 -2.32
C GLY I 132 -28.93 11.29 -1.64
N GLU I 133 -28.51 12.52 -1.93
CA GLU I 133 -29.20 13.69 -1.44
C GLU I 133 -30.04 14.33 -2.54
N LEU I 134 -31.34 14.48 -2.25
CA LEU I 134 -32.28 14.96 -3.24
C LEU I 134 -32.52 16.44 -2.97
N LYS I 135 -32.52 17.23 -4.04
CA LYS I 135 -32.69 18.68 -3.93
C LYS I 135 -34.17 19.02 -4.01
N ASN I 136 -34.62 19.93 -3.16
CA ASN I 136 -36.00 20.39 -3.16
C ASN I 136 -36.12 21.65 -2.32
N GLY I 137 -37.32 21.91 -1.82
CA GLY I 137 -37.48 22.96 -0.83
C GLY I 137 -38.23 22.45 0.39
N GLU I 138 -37.98 23.10 1.52
CA GLU I 138 -38.54 22.65 2.79
C GLU I 138 -39.71 23.55 3.16
N ILE I 139 -40.67 22.99 3.89
CA ILE I 139 -41.87 23.73 4.26
C ILE I 139 -41.86 24.10 5.74
N ASP I 140 -42.17 23.15 6.61
CA ASP I 140 -42.24 23.46 8.04
C ASP I 140 -40.96 23.06 8.74
N THR I 141 -40.10 24.05 8.98
CA THR I 141 -38.87 23.83 9.74
C THR I 141 -38.99 24.34 11.18
N LEU I 142 -40.21 24.44 11.72
CA LEU I 142 -40.54 25.02 13.02
C LEU I 142 -39.84 26.36 13.17
N PRO I 143 -40.09 27.32 12.26
CA PRO I 143 -39.16 28.44 12.06
C PRO I 143 -39.04 29.41 13.23
N GLU I 144 -39.96 29.27 14.17
CA GLU I 144 -39.91 29.98 15.45
C GLU I 144 -38.54 29.84 16.10
N GLU I 145 -38.08 28.61 16.30
CA GLU I 145 -36.86 28.35 17.05
C GLU I 145 -35.70 27.90 16.19
N ILE I 146 -35.92 27.14 15.12
CA ILE I 146 -34.87 26.67 14.24
C ILE I 146 -34.40 27.77 13.31
N VAL I 147 -35.33 28.44 12.64
CA VAL I 147 -34.99 29.46 11.66
C VAL I 147 -34.44 30.66 12.42
N ASN I 148 -34.99 30.89 13.62
CA ASN I 148 -34.60 32.06 14.42
C ASN I 148 -33.82 31.65 15.66
N VAL I 149 -32.55 32.01 15.73
CA VAL I 149 -31.80 31.83 16.97
C VAL I 149 -31.49 33.22 17.54
N SER I 150 -31.89 33.42 18.79
CA SER I 150 -31.80 34.75 19.40
C SER I 150 -31.27 34.71 20.83
N LYS I 151 -30.26 35.51 21.14
CA LYS I 151 -29.77 35.59 22.51
C LYS I 151 -30.85 35.93 23.53
N GLY I 152 -31.69 36.93 23.28
CA GLY I 152 -32.69 37.34 24.23
C GLY I 152 -32.87 38.85 24.30
N GLY I 153 -34.11 39.30 24.30
CA GLY I 153 -34.42 40.72 24.30
C GLY I 153 -35.38 41.09 25.43
N TYR I 154 -34.82 41.20 26.62
CA TYR I 154 -35.54 41.59 27.83
C TYR I 154 -34.97 42.92 28.33
N ASP I 155 -35.59 44.03 27.89
CA ASP I 155 -34.92 45.33 27.90
C ASP I 155 -34.82 46.01 29.25
N PHE I 156 -35.90 45.98 30.05
CA PHE I 156 -35.97 46.33 31.48
C PHE I 156 -36.69 45.23 32.24
N GLN I 157 -35.94 44.63 33.17
CA GLN I 157 -36.52 43.97 34.34
C GLN I 157 -35.87 44.63 35.55
N GLN I 158 -35.83 45.98 35.56
CA GLN I 158 -34.98 46.66 36.54
C GLN I 158 -35.49 46.57 37.98
N PRO I 159 -36.81 46.54 38.28
CA PRO I 159 -37.19 46.27 39.67
C PRO I 159 -37.20 44.79 40.03
N GLY I 160 -36.91 43.91 39.08
CA GLY I 160 -37.10 42.49 39.32
C GLY I 160 -36.83 41.53 38.19
N GLN I 161 -35.58 41.36 37.76
CA GLN I 161 -35.30 40.36 36.72
C GLN I 161 -35.55 38.96 37.23
N THR I 162 -35.14 38.70 38.49
CA THR I 162 -35.35 37.44 39.23
C THR I 162 -34.85 36.23 38.42
N THR I 163 -33.73 36.40 37.75
CA THR I 163 -33.33 35.41 36.76
C THR I 163 -32.01 34.77 37.19
N GLY I 164 -31.76 33.57 36.68
CA GLY I 164 -30.49 32.90 36.86
C GLY I 164 -29.46 33.33 35.84
N GLU I 165 -28.55 32.42 35.49
CA GLU I 165 -27.48 32.74 34.54
C GLU I 165 -28.03 33.04 33.16
N ALA I 166 -29.03 32.26 32.72
CA ALA I 166 -29.62 32.39 31.40
C ALA I 166 -30.80 33.34 31.48
N PRO I 167 -30.91 34.29 30.57
CA PRO I 167 -31.65 35.52 30.83
C PRO I 167 -33.15 35.34 30.65
N GLY I 168 -33.90 36.09 31.46
CA GLY I 168 -35.32 36.30 31.25
C GLY I 168 -36.25 35.21 31.72
N THR I 169 -35.76 34.26 32.50
CA THR I 169 -36.64 33.31 33.15
C THR I 169 -36.83 33.69 34.62
N VAL I 170 -38.10 33.85 34.99
CA VAL I 170 -38.50 34.18 36.36
C VAL I 170 -39.03 32.91 37.02
N PRO I 171 -38.43 32.45 38.14
CA PRO I 171 -38.94 31.23 38.79
C PRO I 171 -40.25 31.48 39.50
N ALA I 172 -40.89 30.39 39.94
CA ALA I 172 -42.23 30.36 40.49
C ALA I 172 -43.31 30.49 39.41
N PRO J 1 1.00 40.71 -16.84
CA PRO J 1 0.83 39.39 -17.43
C PRO J 1 -0.58 38.84 -17.37
N ILE J 2 -0.94 38.20 -16.26
CA ILE J 2 -2.28 37.65 -16.06
C ILE J 2 -2.73 38.05 -14.67
N MET J 3 -4.05 38.09 -14.46
CA MET J 3 -4.64 38.50 -13.19
C MET J 3 -5.54 37.40 -12.64
N GLY J 4 -5.79 37.48 -11.33
CA GLY J 4 -6.72 36.58 -10.68
C GLY J 4 -8.16 36.70 -11.15
N GLN J 5 -8.51 37.79 -11.81
CA GLN J 5 -9.80 37.96 -12.45
C GLN J 5 -9.76 37.62 -13.94
N ASP J 6 -8.57 37.32 -14.46
CA ASP J 6 -8.39 37.14 -15.89
C ASP J 6 -9.03 35.87 -16.45
N VAL J 7 -8.75 34.70 -15.90
CA VAL J 7 -9.29 33.44 -16.42
C VAL J 7 -10.63 33.20 -15.75
N LYS J 8 -11.71 33.28 -16.52
CA LYS J 8 -13.03 32.98 -15.97
C LYS J 8 -13.63 31.77 -16.67
N TYR J 9 -14.39 31.00 -15.90
CA TYR J 9 -14.79 29.64 -16.26
C TYR J 9 -16.30 29.62 -16.51
N LEU J 10 -16.68 29.48 -17.77
CA LEU J 10 -18.09 29.34 -18.12
C LEU J 10 -18.43 27.86 -18.25
N PHE J 11 -19.60 27.49 -17.73
CA PHE J 11 -20.10 26.12 -17.85
C PHE J 11 -21.50 26.13 -18.44
N GLN J 12 -21.61 25.59 -19.65
CA GLN J 12 -22.92 25.35 -20.24
C GLN J 12 -23.20 23.86 -20.23
N SER J 13 -24.39 23.50 -19.73
CA SER J 13 -24.81 22.11 -19.68
C SER J 13 -25.24 21.61 -21.05
N ILE J 14 -24.99 20.33 -21.31
CA ILE J 14 -25.35 19.74 -22.59
C ILE J 14 -26.86 19.73 -22.81
N ASP J 15 -27.64 19.39 -21.77
CA ASP J 15 -29.06 19.19 -21.92
C ASP J 15 -29.82 20.45 -22.30
N ALA J 16 -29.25 21.63 -22.05
CA ALA J 16 -29.98 22.87 -22.30
C ALA J 16 -30.16 23.10 -23.79
N ALA J 17 -29.11 22.86 -24.58
CA ALA J 17 -29.04 23.17 -26.02
C ALA J 17 -29.40 24.62 -26.32
N THR J 18 -28.67 25.54 -25.68
CA THR J 18 -28.88 26.98 -25.85
C THR J 18 -27.54 27.67 -25.89
N GLY J 19 -27.56 28.98 -26.10
CA GLY J 19 -26.34 29.76 -26.19
C GLY J 19 -26.21 30.83 -25.13
N SER J 20 -26.88 30.64 -23.99
CA SER J 20 -26.86 31.63 -22.92
C SER J 20 -25.47 31.82 -22.35
N ALA J 21 -24.73 30.70 -22.18
CA ALA J 21 -23.43 30.61 -21.54
C ALA J 21 -23.44 31.11 -20.10
N PRO J 22 -23.97 30.33 -19.13
CA PRO J 22 -23.95 30.80 -17.74
C PRO J 22 -22.56 30.78 -17.14
N LEU J 23 -22.27 31.75 -16.27
CA LEU J 23 -21.08 31.70 -15.45
C LEU J 23 -21.45 32.02 -14.01
N PHE J 24 -20.78 31.36 -13.08
CA PHE J 24 -21.31 31.43 -11.74
C PHE J 24 -20.50 32.41 -10.89
N PRO J 25 -21.13 33.27 -10.10
CA PRO J 25 -20.36 34.21 -9.27
C PRO J 25 -19.75 33.53 -8.06
N ALA J 26 -19.07 34.35 -7.26
CA ALA J 26 -18.40 33.96 -6.01
C ALA J 26 -17.35 32.88 -6.27
N TYR J 27 -16.63 33.03 -7.38
CA TYR J 27 -15.50 32.16 -7.68
C TYR J 27 -14.33 32.44 -6.75
N GLN J 28 -13.75 31.36 -6.25
CA GLN J 28 -12.60 31.41 -5.36
C GLN J 28 -11.41 31.01 -6.23
N THR J 29 -11.05 29.74 -6.24
CA THR J 29 -9.92 29.28 -7.03
C THR J 29 -10.26 28.02 -7.81
N ASP J 30 -9.35 27.68 -8.71
CA ASP J 30 -9.63 26.73 -9.78
C ASP J 30 -8.30 26.18 -10.26
N GLY J 31 -7.99 24.97 -9.82
CA GLY J 31 -6.87 24.25 -10.37
C GLY J 31 -7.30 23.31 -11.46
N SER J 32 -6.57 23.32 -12.57
CA SER J 32 -6.76 22.37 -13.65
C SER J 32 -5.38 21.78 -13.92
N VAL J 33 -5.30 20.46 -13.84
CA VAL J 33 -4.02 19.75 -13.92
C VAL J 33 -4.15 18.67 -14.99
N SER J 34 -3.04 18.43 -15.69
CA SER J 34 -3.02 17.66 -16.93
C SER J 34 -1.94 16.60 -16.80
N GLY J 35 -2.33 15.34 -16.93
CA GLY J 35 -1.38 14.25 -16.79
C GLY J 35 -1.21 13.45 -18.05
N GLU J 36 -0.02 13.48 -18.63
CA GLU J 36 0.29 12.77 -19.87
C GLU J 36 1.07 11.52 -19.51
N ARG J 37 0.59 10.37 -19.96
CA ARG J 37 1.16 9.09 -19.58
C ARG J 37 2.59 8.98 -20.08
N GLU J 38 3.49 8.54 -19.21
CA GLU J 38 4.93 8.63 -19.43
C GLU J 38 5.55 7.28 -19.10
N LEU J 39 6.26 6.72 -20.08
CA LEU J 39 6.92 5.43 -19.96
C LEU J 39 8.37 5.61 -19.53
N PHE J 40 8.69 5.01 -18.38
CA PHE J 40 10.07 4.92 -17.92
C PHE J 40 10.40 3.51 -17.44
N ASP J 41 10.86 2.68 -18.36
CA ASP J 41 11.70 1.53 -18.07
C ASP J 41 13.10 1.81 -18.61
N GLU J 42 14.07 1.02 -18.15
CA GLU J 42 15.43 1.12 -18.63
C GLU J 42 15.58 0.72 -20.09
N GLN J 43 15.08 -0.48 -20.45
CA GLN J 43 15.25 -1.11 -21.76
C GLN J 43 16.73 -1.39 -22.07
N THR J 44 17.49 -1.75 -21.02
CA THR J 44 18.96 -1.75 -21.01
C THR J 44 19.54 -0.52 -21.70
N LYS J 45 19.01 0.65 -21.33
CA LYS J 45 19.41 1.92 -21.95
C LYS J 45 19.41 3.03 -20.91
N ASN J 46 19.41 4.29 -21.38
CA ASN J 46 19.36 5.44 -20.48
C ASN J 46 17.95 5.73 -19.98
N GLY J 47 17.04 4.77 -20.06
CA GLY J 47 15.67 4.97 -19.63
C GLY J 47 14.84 5.60 -20.71
N ARG J 48 13.53 5.67 -20.48
CA ARG J 48 12.60 6.24 -21.45
C ARG J 48 11.92 7.44 -20.79
N ILE J 49 12.01 8.59 -21.45
CA ILE J 49 11.38 9.81 -20.96
C ILE J 49 10.57 10.46 -22.07
N LEU J 50 11.03 10.31 -23.32
CA LEU J 50 10.30 10.82 -24.47
C LEU J 50 8.97 10.09 -24.67
N GLY J 51 8.82 8.90 -24.08
CA GLY J 51 7.70 8.03 -24.36
C GLY J 51 6.35 8.65 -24.08
N PRO J 52 5.64 9.01 -25.15
CA PRO J 52 4.36 9.71 -24.97
C PRO J 52 3.23 8.82 -24.50
N GLY J 53 2.14 9.44 -24.07
CA GLY J 53 0.98 8.73 -23.58
C GLY J 53 -0.24 9.61 -23.69
N SER J 54 -1.32 9.16 -23.06
CA SER J 54 -2.56 9.91 -23.08
C SER J 54 -2.58 10.96 -21.98
N VAL J 55 -3.36 12.01 -22.20
CA VAL J 55 -3.44 13.13 -21.26
C VAL J 55 -4.75 13.02 -20.48
N ALA J 56 -4.65 13.10 -19.16
CA ALA J 56 -5.80 13.12 -18.27
C ALA J 56 -5.91 14.53 -17.70
N ASP J 57 -6.98 15.23 -18.05
CA ASP J 57 -7.13 16.64 -17.72
C ASP J 57 -8.11 16.76 -16.57
N SER J 58 -7.57 16.94 -15.38
CA SER J 58 -8.34 17.05 -14.15
C SER J 58 -8.59 18.50 -13.81
N GLY J 59 -9.78 18.76 -13.28
CA GLY J 59 -10.12 20.09 -12.84
C GLY J 59 -10.95 20.07 -11.56
N GLU J 60 -10.83 21.13 -10.77
CA GLU J 60 -11.64 21.29 -9.58
C GLU J 60 -11.97 22.77 -9.44
N VAL J 61 -13.26 23.09 -9.37
CA VAL J 61 -13.72 24.47 -9.29
C VAL J 61 -14.27 24.70 -7.89
N THR J 62 -13.70 25.66 -7.17
CA THR J 62 -14.23 26.03 -5.87
C THR J 62 -14.88 27.41 -5.95
N TYR J 63 -16.02 27.56 -5.28
CA TYR J 63 -16.69 28.85 -5.21
C TYR J 63 -17.60 28.87 -3.98
N TYR J 64 -17.94 30.07 -3.51
CA TYR J 64 -18.88 30.27 -2.42
C TYR J 64 -20.29 30.13 -2.96
N GLY J 65 -21.17 29.50 -2.19
CA GLY J 65 -22.52 29.24 -2.64
C GLY J 65 -23.43 30.45 -2.68
N LYS J 66 -24.32 30.48 -3.66
CA LYS J 66 -25.32 31.53 -3.74
C LYS J 66 -26.72 30.91 -3.67
N ARG J 67 -27.66 31.67 -3.10
CA ARG J 67 -29.00 31.15 -2.82
C ARG J 67 -29.62 30.40 -4.00
N GLY J 68 -29.64 30.99 -5.19
CA GLY J 68 -30.15 30.33 -6.37
C GLY J 68 -29.04 30.16 -7.39
N ASP J 69 -29.19 30.90 -8.50
CA ASP J 69 -28.16 31.10 -9.53
C ASP J 69 -28.00 29.84 -10.39
N ALA J 70 -28.22 30.03 -11.69
CA ALA J 70 -28.61 28.98 -12.64
C ALA J 70 -27.49 28.18 -13.31
N GLY J 71 -26.31 28.77 -13.50
CA GLY J 71 -25.15 27.98 -13.91
C GLY J 71 -24.78 26.92 -12.88
N GLN J 72 -24.58 27.34 -11.62
CA GLN J 72 -24.41 26.38 -10.55
C GLN J 72 -25.64 25.49 -10.39
N LYS J 73 -26.85 26.03 -10.47
CA LYS J 73 -28.03 25.20 -10.51
C LYS J 73 -27.99 24.21 -11.66
N ALA J 74 -27.45 24.61 -12.82
CA ALA J 74 -27.17 23.65 -13.86
C ALA J 74 -26.12 22.64 -13.39
N ILE J 75 -25.08 23.13 -12.72
CA ILE J 75 -24.10 22.24 -12.09
C ILE J 75 -24.80 21.21 -11.20
N GLU J 76 -25.70 21.68 -10.33
CA GLU J 76 -26.39 20.78 -9.42
C GLU J 76 -27.31 19.81 -10.14
N ASP J 77 -28.12 20.31 -11.09
CA ASP J 77 -28.86 19.39 -11.97
C ASP J 77 -27.92 18.51 -12.78
N ALA J 78 -26.75 19.03 -13.16
CA ALA J 78 -25.79 18.19 -13.84
C ALA J 78 -25.29 17.06 -12.94
N TYR J 79 -24.90 17.38 -11.71
CA TYR J 79 -24.32 16.36 -10.84
C TYR J 79 -25.35 15.35 -10.36
N GLN J 80 -26.50 15.85 -9.89
CA GLN J 80 -27.44 15.03 -9.15
C GLN J 80 -28.05 13.94 -10.03
N ASN J 81 -28.62 14.31 -11.18
CA ASN J 81 -29.06 13.30 -12.14
C ASN J 81 -27.90 12.78 -12.97
N GLY J 82 -27.03 13.68 -13.41
CA GLY J 82 -25.86 13.31 -14.19
C GLY J 82 -25.95 13.78 -15.63
N LYS J 83 -25.32 14.91 -15.91
CA LYS J 83 -25.28 15.53 -17.24
C LYS J 83 -23.83 15.85 -17.54
N GLN J 84 -23.46 15.78 -18.82
CA GLN J 84 -22.18 16.29 -19.30
C GLN J 84 -22.24 17.82 -19.31
N ILE J 85 -21.13 18.46 -18.94
CA ILE J 85 -21.08 19.92 -18.93
C ILE J 85 -20.06 20.41 -19.95
N LYS J 86 -20.50 21.35 -20.78
CA LYS J 86 -19.61 21.98 -21.76
C LYS J 86 -18.86 23.11 -21.09
N PHE J 87 -17.54 22.93 -20.95
CA PHE J 87 -16.68 23.73 -20.10
C PHE J 87 -15.81 24.64 -20.96
N TRP J 88 -15.85 25.94 -20.65
CA TRP J 88 -15.10 26.97 -21.37
C TRP J 88 -14.25 27.72 -20.35
N ARG J 89 -12.92 27.62 -20.50
CA ARG J 89 -11.99 28.42 -19.70
C ARG J 89 -11.49 29.57 -20.58
N VAL J 90 -12.03 30.76 -20.35
CA VAL J 90 -11.74 31.88 -21.22
C VAL J 90 -11.11 33.00 -20.40
N ASP J 91 -10.31 33.80 -21.09
CA ASP J 91 -9.64 34.93 -20.47
C ASP J 91 -10.39 36.22 -20.75
N THR J 92 -10.21 37.19 -19.86
CA THR J 92 -10.89 38.47 -19.91
C THR J 92 -10.11 39.51 -20.71
N VAL J 93 -8.94 39.15 -21.24
CA VAL J 93 -8.17 40.07 -22.07
C VAL J 93 -8.51 39.84 -23.54
N LYS J 94 -8.79 40.93 -24.25
CA LYS J 94 -9.23 40.86 -25.63
C LYS J 94 -8.13 40.32 -26.52
N ASN J 95 -8.38 39.20 -27.16
CA ASN J 95 -7.48 38.67 -28.17
C ASN J 95 -7.54 39.54 -29.43
N GLU J 96 -6.54 39.36 -30.30
CA GLU J 96 -6.43 40.17 -31.50
C GLU J 96 -7.07 39.53 -32.73
N ASN J 97 -7.66 38.35 -32.60
CA ASN J 97 -8.48 37.82 -33.68
C ASN J 97 -9.85 37.35 -33.16
N ASP J 98 -9.86 36.67 -32.03
CA ASP J 98 -11.09 36.39 -31.31
C ASP J 98 -11.37 37.58 -30.38
N LYS J 99 -12.55 37.59 -29.77
CA LYS J 99 -12.87 38.56 -28.75
C LYS J 99 -12.01 38.32 -27.50
N TYR J 100 -11.83 37.05 -27.16
CA TYR J 100 -11.03 36.63 -26.02
C TYR J 100 -10.32 35.34 -26.42
N ASP J 101 -9.58 34.76 -25.47
CA ASP J 101 -8.90 33.50 -25.74
C ASP J 101 -9.39 32.45 -24.75
N ALA J 102 -9.40 31.20 -25.21
CA ALA J 102 -10.15 30.16 -24.54
C ALA J 102 -9.36 28.86 -24.54
N GLN J 103 -9.61 28.05 -23.52
CA GLN J 103 -9.36 26.61 -23.56
C GLN J 103 -10.68 25.93 -23.24
N PHE J 104 -11.05 24.96 -24.06
CA PHE J 104 -12.41 24.44 -24.13
C PHE J 104 -12.41 22.92 -23.95
N GLY J 105 -13.47 22.40 -23.34
CA GLY J 105 -13.64 20.96 -23.31
C GLY J 105 -15.02 20.56 -22.84
N PHE J 106 -15.36 19.32 -23.12
CA PHE J 106 -16.53 18.68 -22.53
C PHE J 106 -16.12 18.12 -21.18
N ALA J 107 -16.84 18.49 -20.13
CA ALA J 107 -16.43 18.21 -18.77
C ALA J 107 -17.56 17.56 -17.98
N TYR J 108 -17.16 16.69 -17.06
CA TYR J 108 -18.08 15.87 -16.28
C TYR J 108 -17.75 16.05 -14.81
N ILE J 109 -18.73 16.49 -14.01
CA ILE J 109 -18.51 16.68 -12.59
C ILE J 109 -18.64 15.35 -11.88
N GLU J 110 -17.50 14.74 -11.53
CA GLU J 110 -17.52 13.49 -10.80
C GLU J 110 -17.43 13.64 -9.29
N SER J 111 -17.10 14.83 -8.79
CA SER J 111 -17.09 15.07 -7.36
C SER J 111 -17.73 16.42 -7.08
N ARG J 112 -18.50 16.48 -6.00
CA ARG J 112 -19.14 17.70 -5.52
C ARG J 112 -19.05 17.62 -4.00
N GLU J 113 -18.19 18.47 -3.43
CA GLU J 113 -17.93 18.52 -2.00
C GLU J 113 -18.28 19.92 -1.53
N TYR J 114 -19.26 20.02 -0.63
CA TYR J 114 -19.62 21.31 -0.06
C TYR J 114 -19.41 21.32 1.44
N SER J 115 -18.80 22.41 1.91
CA SER J 115 -18.56 22.62 3.33
C SER J 115 -19.52 23.66 3.86
N ASP J 116 -19.88 23.50 5.12
CA ASP J 116 -20.58 24.49 5.92
C ASP J 116 -19.70 24.75 7.15
N GLY J 117 -19.20 25.97 7.26
CA GLY J 117 -18.43 26.38 8.42
C GLY J 117 -19.29 27.11 9.42
N VAL J 118 -18.68 27.49 10.54
CA VAL J 118 -19.35 28.27 11.58
C VAL J 118 -19.84 29.59 11.04
N GLU J 119 -19.02 30.27 10.22
CA GLU J 119 -19.49 31.43 9.48
C GLU J 119 -19.09 31.40 8.03
N GLY J 120 -19.97 31.82 7.13
CA GLY J 120 -19.57 32.08 5.76
C GLY J 120 -20.45 31.27 4.83
N ALA J 121 -20.45 31.62 3.54
CA ALA J 121 -21.29 30.94 2.58
C ALA J 121 -20.76 29.53 2.29
N VAL J 122 -21.67 28.66 1.86
CA VAL J 122 -21.37 27.23 1.73
C VAL J 122 -20.21 27.03 0.76
N GLU J 123 -19.17 26.33 1.21
CA GLU J 123 -17.99 26.15 0.39
C GLU J 123 -18.22 25.07 -0.64
N ILE J 124 -18.36 25.49 -1.90
CA ILE J 124 -18.61 24.57 -3.00
C ILE J 124 -17.30 24.30 -3.72
N SER J 125 -16.83 23.06 -3.63
CA SER J 125 -15.73 22.56 -4.44
C SER J 125 -16.26 21.42 -5.30
N ILE J 126 -16.14 21.57 -6.62
CA ILE J 126 -16.55 20.53 -7.54
C ILE J 126 -15.34 20.07 -8.34
N SER J 127 -15.19 18.76 -8.46
CA SER J 127 -14.08 18.15 -9.16
C SER J 127 -14.57 17.44 -10.41
N LEU J 128 -13.81 17.56 -11.48
CA LEU J 128 -14.20 17.08 -12.79
C LEU J 128 -13.00 16.50 -13.52
N GLN J 129 -13.26 15.53 -14.39
CA GLN J 129 -12.27 15.05 -15.35
C GLN J 129 -12.70 15.53 -16.73
N VAL J 130 -11.74 15.77 -17.60
CA VAL J 130 -12.06 16.13 -18.98
C VAL J 130 -11.04 15.47 -19.88
N ILE J 131 -11.53 14.83 -20.95
CA ILE J 131 -10.65 14.04 -21.81
C ILE J 131 -9.48 14.87 -22.29
N GLY J 132 -9.77 16.09 -22.76
CA GLY J 132 -8.72 16.98 -23.19
C GLY J 132 -9.20 18.41 -23.26
N GLU J 133 -8.31 19.36 -22.96
CA GLU J 133 -8.63 20.76 -23.11
C GLU J 133 -7.95 21.33 -24.36
N LEU J 134 -8.76 21.91 -25.23
CA LEU J 134 -8.29 22.40 -26.52
C LEU J 134 -8.09 23.90 -26.39
N LYS J 135 -6.96 24.38 -26.93
CA LYS J 135 -6.60 25.79 -26.85
C LYS J 135 -7.17 26.52 -28.06
N ASN J 136 -7.74 27.70 -27.84
CA ASN J 136 -8.26 28.52 -28.92
C ASN J 136 -8.52 29.92 -28.39
N GLY J 137 -9.42 30.65 -29.07
CA GLY J 137 -9.91 31.89 -28.52
C GLY J 137 -11.42 31.94 -28.49
N GLU J 138 -11.95 32.74 -27.57
CA GLU J 138 -13.38 32.80 -27.35
C GLU J 138 -13.94 34.06 -27.99
N ILE J 139 -15.20 33.99 -28.40
CA ILE J 139 -15.83 35.11 -29.10
C ILE J 139 -16.84 35.81 -28.20
N ASP J 140 -18.04 35.23 -28.06
CA ASP J 140 -19.07 35.88 -27.27
C ASP J 140 -19.12 35.31 -25.86
N THR J 141 -18.52 36.03 -24.92
CA THR J 141 -18.57 35.67 -23.51
C THR J 141 -19.57 36.51 -22.73
N LEU J 142 -20.58 37.09 -23.42
CA LEU J 142 -21.56 38.03 -22.88
C LEU J 142 -20.84 39.11 -22.07
N PRO J 143 -19.89 39.86 -22.70
CA PRO J 143 -18.86 40.57 -21.94
C PRO J 143 -19.37 41.71 -21.07
N GLU J 144 -20.62 42.08 -21.29
CA GLU J 144 -21.34 43.03 -20.44
C GLU J 144 -21.22 42.67 -18.98
N GLU J 145 -21.59 41.44 -18.62
CA GLU J 145 -21.66 41.03 -17.23
C GLU J 145 -20.55 40.06 -16.81
N ILE J 146 -20.11 39.17 -17.69
CA ILE J 146 -19.06 38.21 -17.39
C ILE J 146 -17.69 38.87 -17.42
N VAL J 147 -17.39 39.59 -18.48
CA VAL J 147 -16.08 40.21 -18.67
C VAL J 147 -15.96 41.34 -17.66
N ASN J 148 -17.09 42.01 -17.38
CA ASN J 148 -17.10 43.17 -16.50
C ASN J 148 -17.83 42.86 -15.19
N VAL J 149 -17.12 42.85 -14.08
CA VAL J 149 -17.77 42.76 -12.78
C VAL J 149 -17.57 44.09 -12.05
N SER J 150 -18.67 44.71 -11.63
CA SER J 150 -18.63 46.05 -11.08
C SER J 150 -19.48 46.21 -9.84
N LYS J 151 -18.93 46.72 -8.74
CA LYS J 151 -19.73 46.98 -7.56
C LYS J 151 -20.96 47.87 -7.81
N GLY J 152 -20.81 48.98 -8.54
CA GLY J 152 -21.93 49.88 -8.76
C GLY J 152 -21.51 51.34 -8.72
N GLY J 153 -21.99 52.12 -9.68
CA GLY J 153 -21.62 53.53 -9.78
C GLY J 153 -22.85 54.41 -9.87
N TYR J 154 -23.47 54.65 -8.73
CA TYR J 154 -24.63 55.51 -8.58
C TYR J 154 -24.26 56.70 -7.69
N ASP J 155 -23.83 57.80 -8.33
CA ASP J 155 -23.01 58.80 -7.63
C ASP J 155 -23.78 59.74 -6.71
N PHE J 156 -24.96 60.22 -7.13
CA PHE J 156 -25.99 60.91 -6.34
C PHE J 156 -27.35 60.28 -6.61
N GLN J 157 -27.92 59.73 -5.54
CA GLN J 157 -29.37 59.57 -5.40
C GLN J 157 -29.75 60.29 -4.12
N GLN J 158 -29.25 61.52 -3.93
CA GLN J 158 -29.34 62.15 -2.61
C GLN J 158 -30.76 62.56 -2.21
N PRO J 159 -31.66 62.99 -3.11
CA PRO J 159 -33.04 63.19 -2.65
C PRO J 159 -33.87 61.91 -2.63
N GLY J 160 -33.30 60.78 -3.02
CA GLY J 160 -34.09 59.58 -3.18
C GLY J 160 -33.43 58.33 -3.72
N GLN J 161 -32.52 57.70 -2.96
CA GLN J 161 -31.93 56.45 -3.43
C GLN J 161 -32.97 55.34 -3.48
N THR J 162 -33.84 55.29 -2.46
CA THR J 162 -34.98 54.36 -2.35
C THR J 162 -34.54 52.91 -2.53
N THR J 163 -33.38 52.57 -1.98
CA THR J 163 -32.76 51.31 -2.33
C THR J 163 -32.67 50.43 -1.08
N GLY J 164 -32.58 49.12 -1.30
CA GLY J 164 -32.33 48.17 -0.23
C GLY J 164 -30.85 48.03 0.07
N GLU J 165 -30.44 46.84 0.52
CA GLU J 165 -29.05 46.60 0.89
C GLU J 165 -28.13 46.69 -0.33
N ALA J 166 -28.57 46.16 -1.47
CA ALA J 166 -27.79 46.13 -2.71
C ALA J 166 -28.10 47.37 -3.52
N PRO J 167 -27.08 48.06 -4.01
CA PRO J 167 -27.23 49.48 -4.35
C PRO J 167 -27.91 49.71 -5.69
N GLY J 168 -28.65 50.82 -5.75
CA GLY J 168 -29.12 51.38 -7.01
C GLY J 168 -30.35 50.75 -7.62
N THR J 169 -31.08 49.92 -6.87
CA THR J 169 -32.37 49.45 -7.31
C THR J 169 -33.47 50.21 -6.59
N VAL J 170 -34.34 50.82 -7.38
CA VAL J 170 -35.49 51.56 -6.90
C VAL J 170 -36.74 50.70 -7.08
N PRO J 171 -37.49 50.38 -6.00
CA PRO J 171 -38.69 49.56 -6.17
C PRO J 171 -39.82 50.34 -6.82
N ALA J 172 -40.88 49.62 -7.19
CA ALA J 172 -42.01 50.12 -7.98
C ALA J 172 -41.65 50.30 -9.45
N PRO K 1 28.43 33.34 -4.34
CA PRO K 1 28.33 32.02 -4.97
C PRO K 1 27.37 31.94 -6.16
N ILE K 2 26.09 31.72 -5.89
CA ILE K 2 25.07 31.65 -6.91
C ILE K 2 23.88 32.48 -6.46
N MET K 3 23.08 32.95 -7.41
CA MET K 3 21.94 33.80 -7.12
C MET K 3 20.66 33.20 -7.67
N GLY K 4 19.53 33.65 -7.12
CA GLY K 4 18.23 33.24 -7.61
C GLY K 4 17.91 33.66 -9.03
N GLN K 5 18.66 34.61 -9.57
CA GLN K 5 18.58 35.00 -10.97
C GLN K 5 19.65 34.31 -11.82
N ASP K 6 20.54 33.56 -11.19
CA ASP K 6 21.70 33.00 -11.87
C ASP K 6 21.37 31.88 -12.85
N VAL K 7 20.66 30.84 -12.44
CA VAL K 7 20.33 29.72 -13.31
C VAL K 7 19.05 30.04 -14.05
N LYS K 8 19.15 30.24 -15.36
CA LYS K 8 17.95 30.49 -16.16
C LYS K 8 17.75 29.37 -17.18
N TYR K 9 16.49 29.07 -17.45
CA TYR K 9 16.09 27.84 -18.12
C TYR K 9 15.52 28.20 -19.50
N LEU K 10 16.28 27.89 -20.55
CA LEU K 10 15.80 28.08 -21.92
C LEU K 10 15.20 26.78 -22.43
N PHE K 11 14.06 26.90 -23.12
CA PHE K 11 13.41 25.76 -23.75
C PHE K 11 13.19 26.03 -25.24
N GLN K 12 13.89 25.26 -26.07
CA GLN K 12 13.62 25.30 -27.50
C GLN K 12 12.93 23.99 -27.89
N SER K 13 11.82 24.13 -28.61
CA SER K 13 11.07 22.97 -29.07
C SER K 13 11.75 22.31 -30.27
N ILE K 14 11.62 20.99 -30.35
CA ILE K 14 12.23 20.25 -31.44
C ILE K 14 11.65 20.62 -32.79
N ASP K 15 10.33 20.78 -32.87
CA ASP K 15 9.65 20.97 -34.15
C ASP K 15 10.03 22.28 -34.84
N ALA K 16 10.54 23.26 -34.09
CA ALA K 16 10.82 24.55 -34.69
C ALA K 16 11.99 24.48 -35.67
N ALA K 17 13.05 23.76 -35.29
CA ALA K 17 14.33 23.68 -36.01
C ALA K 17 14.91 25.06 -36.32
N THR K 18 15.10 25.85 -35.25
CA THR K 18 15.64 27.20 -35.37
C THR K 18 16.60 27.44 -34.21
N GLY K 19 17.23 28.61 -34.20
CA GLY K 19 18.19 28.95 -33.17
C GLY K 19 17.80 30.16 -32.34
N SER K 20 16.50 30.45 -32.27
CA SER K 20 16.02 31.62 -31.54
C SER K 20 16.33 31.52 -30.06
N ALA K 21 16.18 30.32 -29.49
CA ALA K 21 16.28 29.99 -28.07
C ALA K 21 15.32 30.81 -27.20
N PRO K 22 14.02 30.47 -27.17
CA PRO K 22 13.10 31.24 -26.31
C PRO K 22 13.31 30.95 -24.83
N LEU K 23 13.13 31.97 -24.00
CA LEU K 23 13.05 31.77 -22.56
C LEU K 23 11.85 32.51 -22.02
N PHE K 24 11.22 31.94 -21.02
CA PHE K 24 9.92 32.49 -20.69
C PHE K 24 10.02 33.34 -19.43
N PRO K 25 9.39 34.51 -19.40
CA PRO K 25 9.45 35.36 -18.20
C PRO K 25 8.55 34.84 -17.08
N ALA K 26 8.56 35.60 -15.98
CA ALA K 26 7.78 35.34 -14.77
C ALA K 26 8.11 33.97 -14.18
N TYR K 27 9.40 33.63 -14.21
CA TYR K 27 9.88 32.43 -13.56
C TYR K 27 9.83 32.56 -12.04
N GLN K 28 9.33 31.51 -11.40
CA GLN K 28 9.23 31.44 -9.96
C GLN K 28 10.37 30.51 -9.53
N THR K 29 10.10 29.22 -9.37
CA THR K 29 11.12 28.28 -8.96
C THR K 29 11.11 27.03 -9.82
N ASP K 30 12.15 26.23 -9.63
CA ASP K 30 12.51 25.18 -10.56
C ASP K 30 13.36 24.17 -9.80
N GLY K 31 12.73 23.05 -9.45
CA GLY K 31 13.46 21.94 -8.92
C GLY K 31 13.77 20.92 -9.99
N SER K 32 15.01 20.46 -10.03
CA SER K 32 15.43 19.38 -10.90
C SER K 32 16.11 18.37 -9.99
N VAL K 33 15.61 17.14 -10.03
CA VAL K 33 16.06 16.10 -9.12
C VAL K 33 16.46 14.87 -9.95
N SER K 34 17.47 14.17 -9.47
CA SER K 34 18.18 13.14 -10.24
C SER K 34 18.24 11.87 -9.41
N GLY K 35 17.68 10.78 -9.94
CA GLY K 35 17.66 9.54 -9.21
C GLY K 35 18.45 8.44 -9.87
N GLU K 36 19.52 7.99 -9.22
CA GLU K 36 20.39 6.95 -9.75
C GLU K 36 20.04 5.64 -9.05
N ARG K 37 19.74 4.61 -9.84
CA ARG K 37 19.26 3.35 -9.30
C ARG K 37 20.34 2.71 -8.42
N GLU K 38 19.94 2.26 -7.24
CA GLU K 38 20.86 1.86 -6.18
C GLU K 38 20.43 0.50 -5.63
N LEU K 39 21.36 -0.45 -5.68
CA LEU K 39 21.12 -1.80 -5.22
C LEU K 39 21.57 -1.96 -3.77
N PHE K 40 20.62 -2.34 -2.92
CA PHE K 40 20.90 -2.71 -1.54
C PHE K 40 20.19 -4.00 -1.16
N ASP K 41 20.84 -5.13 -1.40
CA ASP K 41 20.62 -6.37 -0.68
C ASP K 41 21.84 -6.65 0.19
N GLU K 42 21.68 -7.55 1.16
CA GLU K 42 22.78 -7.97 2.01
C GLU K 42 23.85 -8.73 1.26
N GLN K 43 23.45 -9.78 0.50
CA GLN K 43 24.34 -10.74 -0.17
C GLN K 43 25.23 -11.49 0.82
N THR K 44 24.65 -11.80 2.01
CA THR K 44 25.37 -12.23 3.22
C THR K 44 26.66 -11.42 3.42
N LYS K 45 26.52 -10.10 3.34
CA LYS K 45 27.66 -9.19 3.44
C LYS K 45 27.24 -7.91 4.16
N ASN K 46 28.06 -6.86 4.04
CA ASN K 46 27.74 -5.56 4.63
C ASN K 46 26.76 -4.76 3.80
N GLY K 47 26.02 -5.40 2.91
CA GLY K 47 25.06 -4.71 2.06
C GLY K 47 25.74 -4.15 0.84
N ARG K 48 24.92 -3.64 -0.09
CA ARG K 48 25.42 -3.09 -1.34
C ARG K 48 25.01 -1.61 -1.38
N ILE K 49 25.97 -0.72 -1.55
CA ILE K 49 25.71 0.71 -1.66
C ILE K 49 26.42 1.28 -2.88
N LEU K 50 27.58 0.71 -3.23
CA LEU K 50 28.30 1.11 -4.42
C LEU K 50 27.54 0.78 -5.70
N GLY K 51 26.57 -0.13 -5.63
CA GLY K 51 25.91 -0.69 -6.78
C GLY K 51 25.24 0.35 -7.66
N PRO K 52 25.86 0.64 -8.81
CA PRO K 52 25.33 1.70 -9.67
C PRO K 52 24.08 1.32 -10.42
N GLY K 53 23.43 2.33 -11.00
CA GLY K 53 22.19 2.12 -11.75
C GLY K 53 22.00 3.26 -12.71
N SER K 54 20.80 3.31 -13.28
CA SER K 54 20.46 4.36 -14.23
C SER K 54 19.96 5.60 -13.50
N VAL K 55 20.13 6.76 -14.13
CA VAL K 55 19.74 8.04 -13.55
C VAL K 55 18.44 8.51 -14.19
N ALA K 56 17.48 8.86 -13.34
CA ALA K 56 16.21 9.44 -13.77
C ALA K 56 16.21 10.90 -13.38
N ASP K 57 16.21 11.78 -14.38
CA ASP K 57 16.38 13.21 -14.17
C ASP K 57 15.03 13.89 -14.30
N SER K 58 14.42 14.17 -13.16
CA SER K 58 13.11 14.79 -13.07
C SER K 58 13.24 16.29 -12.92
N GLY K 59 12.33 17.00 -13.56
CA GLY K 59 12.28 18.45 -13.45
C GLY K 59 10.87 18.98 -13.39
N GLU K 60 10.67 20.11 -12.73
CA GLU K 60 9.39 20.78 -12.69
C GLU K 60 9.64 22.28 -12.72
N VAL K 61 9.07 22.96 -13.69
CA VAL K 61 9.27 24.40 -13.87
C VAL K 61 7.97 25.10 -13.50
N THR K 62 8.04 26.00 -12.52
CA THR K 62 6.88 26.80 -12.18
C THR K 62 7.12 28.24 -12.59
N TYR K 63 6.08 28.88 -13.13
CA TYR K 63 6.15 30.30 -13.49
C TYR K 63 4.74 30.86 -13.54
N TYR K 64 4.63 32.19 -13.41
CA TYR K 64 3.37 32.91 -13.54
C TYR K 64 3.04 33.07 -15.02
N GLY K 65 1.76 32.93 -15.35
CA GLY K 65 1.35 32.97 -16.74
C GLY K 65 1.38 34.34 -17.37
N LYS K 66 1.71 34.41 -18.66
CA LYS K 66 1.65 35.65 -19.40
C LYS K 66 0.67 35.51 -20.57
N ARG K 67 0.03 36.61 -20.93
CA ARG K 67 -1.05 36.59 -21.92
C ARG K 67 -0.71 35.80 -23.18
N GLY K 68 0.44 36.07 -23.81
CA GLY K 68 0.87 35.31 -24.97
C GLY K 68 2.18 34.60 -24.66
N ASP K 69 3.24 35.07 -25.33
CA ASP K 69 4.64 34.70 -25.06
C ASP K 69 4.95 33.28 -25.54
N ALA K 70 5.92 33.21 -26.44
CA ALA K 70 6.10 32.13 -27.41
C ALA K 70 6.90 30.90 -26.98
N GLY K 71 7.86 31.05 -26.05
CA GLY K 71 8.46 29.89 -25.43
C GLY K 71 7.46 29.05 -24.66
N GLN K 72 6.72 29.68 -23.73
CA GLN K 72 5.60 28.99 -23.09
C GLN K 72 4.55 28.55 -24.10
N LYS K 73 4.21 29.40 -25.07
CA LYS K 73 3.34 28.97 -26.16
C LYS K 73 3.92 27.76 -26.88
N ALA K 74 5.24 27.70 -27.06
CA ALA K 74 5.86 26.47 -27.52
C ALA K 74 5.66 25.35 -26.52
N ILE K 75 5.81 25.65 -25.23
CA ILE K 75 5.48 24.69 -24.18
C ILE K 75 4.07 24.16 -24.35
N GLU K 76 3.11 25.07 -24.54
CA GLU K 76 1.72 24.65 -24.69
C GLU K 76 1.48 23.86 -25.96
N ASP K 77 1.99 24.32 -27.10
CA ASP K 77 1.98 23.48 -28.30
C ASP K 77 2.78 22.20 -28.09
N ALA K 78 3.85 22.25 -27.30
CA ALA K 78 4.56 21.02 -27.00
C ALA K 78 3.69 20.04 -26.21
N TYR K 79 3.03 20.52 -25.15
CA TYR K 79 2.28 19.61 -24.29
C TYR K 79 1.02 19.10 -24.97
N GLN K 80 0.26 20.01 -25.59
CA GLN K 80 -1.10 19.69 -26.04
C GLN K 80 -1.11 18.65 -27.16
N ASN K 81 -0.34 18.90 -28.23
CA ASN K 81 -0.18 17.86 -29.25
C ASN K 81 0.88 16.85 -28.83
N GLY K 82 1.98 17.31 -28.27
CA GLY K 82 3.04 16.45 -27.80
C GLY K 82 4.30 16.56 -28.64
N LYS K 83 5.25 17.36 -28.16
CA LYS K 83 6.53 17.59 -28.81
C LYS K 83 7.62 17.41 -27.76
N GLN K 84 8.78 16.93 -28.19
CA GLN K 84 9.98 16.91 -27.37
C GLN K 84 10.51 18.33 -27.24
N ILE K 85 11.00 18.70 -26.06
CA ILE K 85 11.55 20.04 -25.85
C ILE K 85 13.03 19.95 -25.55
N LYS K 86 13.82 20.75 -26.27
CA LYS K 86 15.25 20.84 -26.03
C LYS K 86 15.52 21.83 -24.92
N PHE K 87 15.99 21.30 -23.79
CA PHE K 87 16.05 22.00 -22.52
C PHE K 87 17.47 22.38 -22.18
N TRP K 88 17.68 23.67 -21.90
CA TRP K 88 18.99 24.24 -21.58
C TRP K 88 18.90 24.91 -20.22
N ARG K 89 19.64 24.40 -19.24
CA ARG K 89 19.76 25.07 -17.93
C ARG K 89 21.11 25.78 -17.90
N VAL K 90 21.09 27.09 -18.08
CA VAL K 90 22.33 27.84 -18.20
C VAL K 90 22.40 28.89 -17.11
N ASP K 91 23.63 29.23 -16.75
CA ASP K 91 23.88 30.23 -15.72
C ASP K 91 24.20 31.57 -16.37
N THR K 92 23.92 32.63 -15.60
CA THR K 92 24.10 34.00 -16.05
C THR K 92 25.49 34.55 -15.75
N VAL K 93 26.36 33.74 -15.13
CA VAL K 93 27.73 34.17 -14.87
C VAL K 93 28.64 33.71 -16.00
N LYS K 94 29.45 34.63 -16.51
CA LYS K 94 30.29 34.38 -17.67
C LYS K 94 31.35 33.33 -17.33
N ASN K 95 31.33 32.22 -18.04
CA ASN K 95 32.38 31.23 -17.93
C ASN K 95 33.65 31.74 -18.60
N GLU K 96 34.77 31.08 -18.29
CA GLU K 96 36.07 31.51 -18.81
C GLU K 96 36.49 30.81 -20.08
N ASN K 97 35.66 29.92 -20.63
CA ASN K 97 35.91 29.41 -21.97
C ASN K 97 34.66 29.50 -22.84
N ASP K 98 33.51 29.14 -22.28
CA ASP K 98 32.23 29.42 -22.91
C ASP K 98 31.78 30.82 -22.47
N LYS K 99 30.73 31.32 -23.09
CA LYS K 99 30.10 32.56 -22.65
C LYS K 99 29.46 32.39 -21.28
N TYR K 100 28.83 31.24 -21.08
CA TYR K 100 28.17 30.88 -19.83
C TYR K 100 28.38 29.39 -19.62
N ASP K 101 27.79 28.86 -18.55
CA ASP K 101 27.88 27.43 -18.28
C ASP K 101 26.49 26.83 -18.24
N ALA K 102 26.39 25.58 -18.64
CA ALA K 102 25.12 24.98 -18.99
C ALA K 102 25.05 23.55 -18.50
N GLN K 103 23.82 23.11 -18.20
CA GLN K 103 23.46 21.70 -18.18
C GLN K 103 22.30 21.54 -19.15
N PHE K 104 22.42 20.54 -20.03
CA PHE K 104 21.60 20.45 -21.23
C PHE K 104 20.92 19.09 -21.30
N GLY K 105 19.72 19.06 -21.88
CA GLY K 105 19.09 17.79 -22.16
C GLY K 105 17.90 17.93 -23.06
N PHE K 106 17.49 16.81 -23.64
CA PHE K 106 16.21 16.69 -24.33
C PHE K 106 15.15 16.39 -23.28
N ALA K 107 14.10 17.18 -23.24
CA ALA K 107 13.12 17.13 -22.17
C ALA K 107 11.70 17.05 -22.71
N TYR K 108 10.86 16.35 -21.96
CA TYR K 108 9.50 16.05 -22.36
C TYR K 108 8.57 16.45 -21.23
N ILE K 109 7.62 17.34 -21.53
CA ILE K 109 6.67 17.80 -20.52
C ILE K 109 5.56 16.77 -20.36
N GLU K 110 5.64 15.96 -19.31
CA GLU K 110 4.61 14.98 -19.06
C GLU K 110 3.52 15.46 -18.10
N SER K 111 3.72 16.58 -17.41
CA SER K 111 2.67 17.14 -16.57
C SER K 111 2.62 18.64 -16.78
N ARG K 112 1.41 19.18 -16.78
CA ARG K 112 1.16 20.62 -16.89
C ARG K 112 -0.03 20.87 -15.98
N GLU K 113 0.25 21.54 -14.86
CA GLU K 113 -0.72 21.85 -13.83
C GLU K 113 -0.76 23.36 -13.69
N TYR K 114 -1.92 23.95 -13.97
CA TYR K 114 -2.09 25.39 -13.80
C TYR K 114 -3.15 25.70 -12.77
N SER K 115 -2.83 26.65 -11.89
CA SER K 115 -3.74 27.11 -10.86
C SER K 115 -4.28 28.48 -11.22
N ASP K 116 -5.51 28.74 -10.82
CA ASP K 116 -6.14 30.05 -10.82
C ASP K 116 -6.56 30.32 -9.39
N GLY K 117 -5.96 31.33 -8.77
CA GLY K 117 -6.34 31.76 -7.44
C GLY K 117 -7.31 32.93 -7.49
N VAL K 118 -7.74 33.37 -6.32
CA VAL K 118 -8.62 34.53 -6.19
C VAL K 118 -7.95 35.78 -6.75
N GLU K 119 -6.67 35.97 -6.47
CA GLU K 119 -5.90 37.01 -7.14
C GLU K 119 -4.56 36.51 -7.65
N GLY K 120 -4.14 36.93 -8.83
CA GLY K 120 -2.77 36.75 -9.25
C GLY K 120 -2.77 36.02 -10.58
N ALA K 121 -1.63 36.04 -11.28
CA ALA K 121 -1.53 35.42 -12.59
C ALA K 121 -1.54 33.90 -12.47
N VAL K 122 -1.98 33.26 -13.56
CA VAL K 122 -2.23 31.82 -13.54
C VAL K 122 -0.96 31.06 -13.18
N GLU K 123 -1.05 30.22 -12.16
CA GLU K 123 0.12 29.51 -11.67
C GLU K 123 0.43 28.33 -12.57
N ILE K 124 1.50 28.46 -13.34
CA ILE K 124 1.91 27.42 -14.28
C ILE K 124 3.03 26.61 -13.64
N SER K 125 2.75 25.35 -13.36
CA SER K 125 3.75 24.37 -12.97
C SER K 125 3.76 23.27 -14.02
N ILE K 126 4.91 23.05 -14.65
CA ILE K 126 5.06 21.99 -15.62
C ILE K 126 6.12 21.02 -15.14
N SER K 127 5.82 19.73 -15.23
CA SER K 127 6.71 18.67 -14.79
C SER K 127 7.20 17.86 -15.98
N LEU K 128 8.46 17.50 -15.96
CA LEU K 128 9.13 16.86 -17.08
C LEU K 128 10.09 15.79 -16.57
N GLN K 129 10.29 14.77 -17.39
CA GLN K 129 11.38 13.81 -17.18
C GLN K 129 12.41 14.06 -18.26
N VAL K 130 13.67 13.78 -17.95
CA VAL K 130 14.72 13.88 -18.95
C VAL K 130 15.71 12.75 -18.71
N ILE K 131 16.08 12.04 -19.77
CA ILE K 131 16.90 10.85 -19.64
C ILE K 131 18.17 11.17 -18.86
N GLY K 132 18.83 12.27 -19.22
CA GLY K 132 20.02 12.68 -18.53
C GLY K 132 20.35 14.13 -18.79
N GLU K 133 20.89 14.82 -17.79
CA GLU K 133 21.37 16.18 -17.98
C GLU K 133 22.89 16.21 -18.08
N LEU K 134 23.38 16.78 -19.17
CA LEU K 134 24.80 16.79 -19.46
C LEU K 134 25.36 18.14 -19.05
N LYS K 135 26.50 18.13 -18.39
CA LYS K 135 27.13 19.35 -17.90
C LYS K 135 28.07 19.91 -18.97
N ASN K 136 28.04 21.22 -19.17
CA ASN K 136 28.93 21.88 -20.11
C ASN K 136 28.88 23.37 -19.88
N GLY K 137 29.22 24.14 -20.92
CA GLY K 137 29.00 25.57 -20.86
C GLY K 137 28.23 26.06 -22.08
N GLU K 138 27.54 27.18 -21.89
CA GLU K 138 26.67 27.71 -22.93
C GLU K 138 27.35 28.88 -23.61
N ILE K 139 27.02 29.09 -24.88
CA ILE K 139 27.66 30.15 -25.65
C ILE K 139 26.69 31.30 -25.89
N ASP K 140 25.78 31.15 -26.85
CA ASP K 140 24.88 32.24 -27.18
C ASP K 140 23.54 32.07 -26.48
N THR K 141 23.36 32.79 -25.37
CA THR K 141 22.09 32.80 -24.67
C THR K 141 21.28 34.06 -24.95
N LEU K 142 21.52 34.72 -26.08
CA LEU K 142 20.95 36.01 -26.47
C LEU K 142 21.06 36.99 -25.30
N PRO K 143 22.29 37.25 -24.82
CA PRO K 143 22.46 37.80 -23.45
C PRO K 143 21.94 39.21 -23.26
N GLU K 144 21.62 39.87 -24.36
CA GLU K 144 20.94 41.15 -24.35
C GLU K 144 19.71 41.14 -23.47
N GLU K 145 18.80 40.19 -23.69
CA GLU K 145 17.53 40.16 -23.01
C GLU K 145 17.40 39.04 -21.98
N ILE K 146 17.99 37.88 -22.22
CA ILE K 146 17.93 36.76 -21.30
C ILE K 146 18.87 36.96 -20.12
N VAL K 147 20.14 37.29 -20.40
CA VAL K 147 21.14 37.43 -19.37
C VAL K 147 20.83 38.69 -18.57
N ASN K 148 20.28 39.70 -19.27
CA ASN K 148 19.99 40.99 -18.65
C ASN K 148 18.50 41.23 -18.54
N VAL K 149 17.97 41.27 -17.31
CA VAL K 149 16.58 41.69 -17.12
C VAL K 149 16.60 43.04 -16.40
N SER K 150 15.94 44.02 -16.99
CA SER K 150 16.00 45.39 -16.50
C SER K 150 14.65 46.08 -16.48
N LYS K 151 14.26 46.65 -15.34
CA LYS K 151 13.02 47.41 -15.29
C LYS K 151 12.93 48.52 -16.34
N GLY K 152 13.97 49.34 -16.52
CA GLY K 152 13.92 50.45 -17.44
C GLY K 152 14.61 51.70 -16.92
N GLY K 153 15.42 52.33 -17.76
CA GLY K 153 16.18 53.49 -17.37
C GLY K 153 15.96 54.66 -18.32
N TYR K 154 14.83 55.33 -18.15
CA TYR K 154 14.44 56.50 -18.92
C TYR K 154 14.37 57.71 -17.98
N ASP K 155 15.47 58.44 -17.87
CA ASP K 155 15.70 59.30 -16.70
C ASP K 155 14.93 60.61 -16.70
N PHE K 156 14.83 61.30 -17.85
CA PHE K 156 13.95 62.43 -18.15
C PHE K 156 13.26 62.18 -19.48
N GLN K 157 11.93 62.09 -19.41
CA GLN K 157 11.04 62.40 -20.53
C GLN K 157 10.10 63.49 -20.03
N GLN K 158 10.64 64.53 -19.38
CA GLN K 158 9.78 65.45 -18.63
C GLN K 158 8.91 66.35 -19.51
N PRO K 159 9.32 66.79 -20.72
CA PRO K 159 8.34 67.48 -21.57
C PRO K 159 7.45 66.55 -22.36
N GLY K 160 7.63 65.23 -22.25
CA GLY K 160 6.93 64.32 -23.12
C GLY K 160 7.25 62.84 -23.02
N GLN K 161 6.87 62.18 -21.92
CA GLN K 161 7.09 60.73 -21.85
C GLN K 161 6.20 60.00 -22.84
N THR K 162 4.95 60.45 -22.98
CA THR K 162 3.96 59.94 -23.95
C THR K 162 3.80 58.43 -23.85
N THR K 163 3.82 57.91 -22.64
CA THR K 163 3.95 56.47 -22.47
C THR K 163 2.70 55.94 -21.77
N GLY K 164 2.44 54.64 -21.98
CA GLY K 164 1.38 53.95 -21.27
C GLY K 164 1.83 53.46 -19.91
N GLU K 165 1.25 52.33 -19.46
CA GLU K 165 1.57 51.80 -18.14
C GLU K 165 3.03 51.32 -18.06
N ALA K 166 3.51 50.68 -19.14
CA ALA K 166 4.86 50.14 -19.20
C ALA K 166 5.79 51.19 -19.78
N PRO K 167 6.95 51.42 -19.16
CA PRO K 167 7.65 52.69 -19.30
C PRO K 167 8.44 52.78 -20.59
N GLY K 168 8.52 54.01 -21.12
CA GLY K 168 9.47 54.36 -22.14
C GLY K 168 9.12 54.00 -23.57
N THR K 169 7.87 53.61 -23.82
CA THR K 169 7.40 53.45 -25.19
C THR K 169 6.55 54.65 -25.59
N VAL K 170 6.96 55.28 -26.69
CA VAL K 170 6.27 56.42 -27.26
C VAL K 170 5.48 55.95 -28.48
N PRO K 171 4.15 56.12 -28.51
CA PRO K 171 3.39 55.67 -29.68
C PRO K 171 3.61 56.56 -30.88
N ALA K 172 3.11 56.13 -32.03
CA ALA K 172 3.35 56.73 -33.35
C ALA K 172 4.76 56.44 -33.87
N PRO L 1 29.91 21.38 24.18
CA PRO L 1 29.86 20.03 23.60
C PRO L 1 30.29 19.94 22.13
N ILE L 2 29.35 20.19 21.23
CA ILE L 2 29.62 20.17 19.79
C ILE L 2 28.95 21.40 19.18
N MET L 3 29.47 21.85 18.04
CA MET L 3 28.99 23.04 17.37
C MET L 3 28.54 22.72 15.95
N GLY L 4 27.72 23.61 15.39
CA GLY L 4 27.28 23.48 14.01
C GLY L 4 28.39 23.62 12.99
N GLN L 5 29.54 24.16 13.39
CA GLN L 5 30.73 24.19 12.56
C GLN L 5 31.68 23.06 12.87
N ASP L 6 31.37 22.24 13.87
CA ASP L 6 32.28 21.22 14.36
C ASP L 6 32.47 20.04 13.41
N VAL L 7 31.41 19.40 12.95
CA VAL L 7 31.52 18.23 12.07
C VAL L 7 31.57 18.74 10.64
N LYS L 8 32.72 18.58 9.98
CA LYS L 8 32.83 18.96 8.58
C LYS L 8 33.13 17.74 7.72
N TYR L 9 32.57 17.76 6.51
CA TYR L 9 32.46 16.58 5.66
C TYR L 9 33.39 16.75 4.45
N LEU L 10 34.47 15.98 4.43
CA LEU L 10 35.37 15.98 3.28
C LEU L 10 34.99 14.83 2.35
N PHE L 11 35.01 15.10 1.05
CA PHE L 11 34.75 14.09 0.04
C PHE L 11 35.90 14.05 -0.96
N GLN L 12 36.63 12.92 -0.96
CA GLN L 12 37.62 12.69 -2.00
C GLN L 12 37.11 11.60 -2.92
N SER L 13 37.16 11.87 -4.23
CA SER L 13 36.72 10.92 -5.22
C SER L 13 37.76 9.81 -5.42
N ILE L 14 37.28 8.61 -5.72
CA ILE L 14 38.16 7.47 -5.93
C ILE L 14 39.06 7.67 -7.14
N ASP L 15 38.52 8.19 -8.24
CA ASP L 15 39.25 8.25 -9.50
C ASP L 15 40.45 9.18 -9.45
N ALA L 16 40.48 10.12 -8.50
CA ALA L 16 41.57 11.09 -8.48
C ALA L 16 42.90 10.44 -8.10
N ALA L 17 42.87 9.56 -7.09
CA ALA L 17 44.06 8.93 -6.48
C ALA L 17 45.08 9.97 -6.04
N THR L 18 44.65 10.90 -5.19
CA THR L 18 45.49 11.96 -4.66
C THR L 18 45.16 12.18 -3.20
N GLY L 19 45.90 13.08 -2.56
CA GLY L 19 45.70 13.36 -1.14
C GLY L 19 45.31 14.80 -0.86
N SER L 20 44.69 15.46 -1.84
CA SER L 20 44.31 16.86 -1.68
C SER L 20 43.26 17.03 -0.60
N ALA L 21 42.30 16.10 -0.53
CA ALA L 21 41.13 16.11 0.35
C ALA L 21 40.27 17.36 0.15
N PRO L 22 39.45 17.44 -0.93
CA PRO L 22 38.60 18.63 -1.10
C PRO L 22 37.45 18.66 -0.10
N LEU L 23 37.07 19.85 0.33
CA LEU L 23 35.84 20.04 1.07
C LEU L 23 35.08 21.22 0.48
N PHE L 24 33.76 21.10 0.49
CA PHE L 24 33.05 22.08 -0.32
C PHE L 24 32.43 23.15 0.58
N PRO L 25 32.52 24.42 0.20
CA PRO L 25 31.91 25.47 1.03
C PRO L 25 30.40 25.52 0.90
N ALA L 26 29.81 26.49 1.60
CA ALA L 26 28.37 26.77 1.65
C ALA L 26 27.58 25.55 2.11
N TYR L 27 28.13 24.86 3.10
CA TYR L 27 27.43 23.75 3.74
C TYR L 27 26.27 24.25 4.59
N GLN L 28 25.14 23.59 4.44
CA GLN L 28 23.92 23.90 5.16
C GLN L 28 23.83 22.82 6.24
N THR L 29 23.10 21.73 5.97
CA THR L 29 22.94 20.67 6.93
C THR L 29 23.16 19.30 6.30
N ASP L 30 23.25 18.30 7.17
CA ASP L 30 23.77 17.00 6.82
C ASP L 30 23.23 16.00 7.82
N GLY L 31 22.24 15.24 7.40
CA GLY L 31 21.78 14.12 8.18
C GLY L 31 22.40 12.83 7.70
N SER L 32 22.89 12.03 8.64
CA SER L 32 23.40 10.69 8.36
C SER L 32 22.65 9.78 9.32
N VAL L 33 21.98 8.78 8.76
CA VAL L 33 21.12 7.91 9.55
C VAL L 33 21.52 6.46 9.26
N SER L 34 21.40 5.62 10.27
CA SER L 34 21.99 4.28 10.29
C SER L 34 20.90 3.29 10.68
N GLY L 35 20.64 2.32 9.81
CA GLY L 35 19.61 1.35 10.07
C GLY L 35 20.12 -0.06 10.22
N GLU L 36 19.98 -0.63 11.42
CA GLU L 36 20.46 -1.98 11.70
C GLU L 36 19.26 -2.91 11.68
N ARG L 37 19.35 -3.97 10.87
CA ARG L 37 18.23 -4.87 10.66
C ARG L 37 17.85 -5.56 11.97
N GLU L 38 16.55 -5.57 12.27
CA GLU L 38 16.05 -5.96 13.58
C GLU L 38 14.91 -6.95 13.40
N LEU L 39 15.07 -8.12 14.02
CA LEU L 39 14.09 -9.20 13.95
C LEU L 39 13.13 -9.12 15.13
N PHE L 40 11.84 -8.99 14.80
CA PHE L 40 10.77 -9.09 15.79
C PHE L 40 9.64 -9.97 15.29
N ASP L 41 9.75 -11.26 15.56
CA ASP L 41 8.62 -12.18 15.66
C ASP L 41 8.46 -12.58 17.12
N GLU L 42 7.29 -13.13 17.44
CA GLU L 42 7.03 -13.64 18.78
C GLU L 42 7.88 -14.85 19.14
N GLN L 43 7.88 -15.88 18.27
CA GLN L 43 8.51 -17.19 18.50
C GLN L 43 7.90 -17.90 19.70
N THR L 44 6.58 -17.73 19.89
CA THR L 44 5.83 -18.05 21.12
C THR L 44 6.62 -17.63 22.37
N LYS L 45 7.10 -16.38 22.35
CA LYS L 45 7.92 -15.85 23.44
C LYS L 45 7.62 -14.37 23.65
N ASN L 46 8.51 -13.67 24.36
CA ASN L 46 8.36 -12.23 24.58
C ASN L 46 8.80 -11.40 23.39
N GLY L 47 8.89 -12.00 22.20
CA GLY L 47 9.33 -11.28 21.01
C GLY L 47 10.84 -11.26 20.92
N ARG L 48 11.33 -10.78 19.78
CA ARG L 48 12.77 -10.70 19.54
C ARG L 48 13.11 -9.23 19.33
N ILE L 49 14.07 -8.74 20.11
CA ILE L 49 14.54 -7.36 20.00
C ILE L 49 16.07 -7.34 19.93
N LEU L 50 16.71 -8.29 20.61
CA LEU L 50 18.16 -8.41 20.55
C LEU L 50 18.65 -8.80 19.17
N GLY L 51 17.77 -9.34 18.32
CA GLY L 51 18.15 -9.94 17.07
C GLY L 51 18.87 -9.00 16.13
N PRO L 52 20.19 -9.19 16.00
CA PRO L 52 20.99 -8.26 15.20
C PRO L 52 20.79 -8.43 13.71
N GLY L 53 21.28 -7.45 12.94
CA GLY L 53 21.17 -7.45 11.50
C GLY L 53 22.25 -6.58 10.91
N SER L 54 22.11 -6.32 9.62
CA SER L 54 23.06 -5.47 8.92
C SER L 54 22.68 -4.00 9.06
N VAL L 55 23.69 -3.14 8.95
CA VAL L 55 23.51 -1.70 9.12
C VAL L 55 23.52 -1.03 7.74
N ALA L 56 22.50 -0.22 7.48
CA ALA L 56 22.40 0.57 6.27
C ALA L 56 22.64 2.02 6.65
N ASP L 57 23.73 2.60 6.17
CA ASP L 57 24.17 3.91 6.59
C ASP L 57 23.84 4.90 5.49
N SER L 58 22.75 5.63 5.69
CA SER L 58 22.24 6.61 4.73
C SER L 58 22.74 8.00 5.09
N GLY L 59 23.04 8.77 4.06
CA GLY L 59 23.45 10.14 4.25
C GLY L 59 22.89 11.06 3.19
N GLU L 60 22.68 12.33 3.53
CA GLU L 60 22.26 13.33 2.57
C GLU L 60 22.95 14.63 2.94
N VAL L 61 23.67 15.20 1.97
CA VAL L 61 24.43 16.42 2.19
C VAL L 61 23.76 17.55 1.43
N THR L 62 23.34 18.60 2.15
CA THR L 62 22.78 19.76 1.48
C THR L 62 23.75 20.93 1.60
N TYR L 63 23.89 21.70 0.51
CA TYR L 63 24.72 22.89 0.52
C TYR L 63 24.25 23.82 -0.60
N TYR L 64 24.58 25.11 -0.47
CA TYR L 64 24.30 26.11 -1.48
C TYR L 64 25.35 26.01 -2.58
N GLY L 65 24.92 26.17 -3.83
CA GLY L 65 25.81 25.99 -4.95
C GLY L 65 26.82 27.10 -5.15
N LYS L 66 28.02 26.75 -5.61
CA LYS L 66 29.03 27.74 -5.95
C LYS L 66 29.38 27.61 -7.43
N ARG L 67 29.75 28.74 -8.04
CA ARG L 67 29.97 28.80 -9.49
C ARG L 67 30.84 27.66 -10.01
N GLY L 68 32.00 27.42 -9.42
CA GLY L 68 32.86 26.32 -9.81
C GLY L 68 33.02 25.35 -8.65
N ASP L 69 34.25 25.30 -8.12
CA ASP L 69 34.61 24.63 -6.87
C ASP L 69 34.62 23.09 -7.06
N ALA L 70 35.80 22.52 -6.78
CA ALA L 70 36.25 21.24 -7.32
C ALA L 70 35.86 19.97 -6.55
N GLY L 71 35.68 20.06 -5.22
CA GLY L 71 35.07 18.95 -4.51
C GLY L 71 33.66 18.65 -4.97
N GLN L 72 32.79 19.68 -4.96
CA GLN L 72 31.48 19.52 -5.58
C GLN L 72 31.58 19.19 -7.06
N LYS L 73 32.48 19.84 -7.80
CA LYS L 73 32.72 19.42 -9.18
C LYS L 73 33.14 17.97 -9.25
N ALA L 74 33.93 17.49 -8.29
CA ALA L 74 34.15 16.05 -8.18
C ALA L 74 32.86 15.32 -7.90
N ILE L 75 32.04 15.87 -7.00
CA ILE L 75 30.70 15.33 -6.76
C ILE L 75 29.94 15.21 -8.07
N GLU L 76 29.92 16.28 -8.87
CA GLU L 76 29.18 16.27 -10.12
C GLU L 76 29.77 15.29 -11.13
N ASP L 77 31.09 15.30 -11.30
CA ASP L 77 31.71 14.23 -12.10
C ASP L 77 31.49 12.87 -11.48
N ALA L 78 31.43 12.80 -10.15
CA ALA L 78 31.11 11.52 -9.53
C ALA L 78 29.69 11.07 -9.88
N TYR L 79 28.70 11.95 -9.77
CA TYR L 79 27.32 11.55 -9.98
C TYR L 79 27.04 11.28 -11.45
N GLN L 80 27.45 12.19 -12.33
CA GLN L 80 27.01 12.19 -13.71
C GLN L 80 27.50 10.96 -14.47
N ASN L 81 28.81 10.70 -14.45
CA ASN L 81 29.31 9.45 -15.00
C ASN L 81 29.15 8.29 -14.02
N GLY L 82 29.44 8.54 -12.74
CA GLY L 82 29.30 7.54 -11.71
C GLY L 82 30.63 7.08 -11.16
N LYS L 83 31.02 7.65 -10.03
CA LYS L 83 32.27 7.34 -9.34
C LYS L 83 31.92 7.09 -7.87
N GLN L 84 32.67 6.21 -7.22
CA GLN L 84 32.62 6.04 -5.78
C GLN L 84 33.32 7.23 -5.13
N ILE L 85 32.78 7.71 -4.01
CA ILE L 85 33.38 8.83 -3.31
C ILE L 85 33.85 8.39 -1.93
N LYS L 86 35.10 8.73 -1.62
CA LYS L 86 35.68 8.44 -0.33
C LYS L 86 35.29 9.56 0.65
N PHE L 87 34.46 9.20 1.63
CA PHE L 87 33.75 10.14 2.48
C PHE L 87 34.35 10.16 3.88
N TRP L 88 34.71 11.35 4.34
CA TRP L 88 35.32 11.57 5.65
C TRP L 88 34.45 12.55 6.42
N ARG L 89 33.87 12.10 7.53
CA ARG L 89 33.16 12.99 8.45
C ARG L 89 34.06 13.26 9.64
N VAL L 90 34.68 14.43 9.66
CA VAL L 90 35.68 14.73 10.68
C VAL L 90 35.23 15.94 11.48
N ASP L 91 35.70 15.98 12.73
CA ASP L 91 35.39 17.08 13.62
C ASP L 91 36.54 18.09 13.66
N THR L 92 36.19 19.32 14.00
CA THR L 92 37.13 20.43 14.03
C THR L 92 37.80 20.60 15.38
N VAL L 93 37.46 19.75 16.35
CA VAL L 93 38.11 19.81 17.66
C VAL L 93 39.28 18.84 17.69
N LYS L 94 40.41 19.33 18.16
CA LYS L 94 41.65 18.57 18.15
C LYS L 94 41.55 17.38 19.10
N ASN L 95 41.68 16.18 18.56
CA ASN L 95 41.76 14.98 19.37
C ASN L 95 43.11 14.92 20.07
N GLU L 96 43.20 14.05 21.08
CA GLU L 96 44.41 13.95 21.89
C GLU L 96 45.37 12.86 21.41
N ASN L 97 45.06 12.15 20.33
CA ASN L 97 46.05 11.29 19.72
C ASN L 97 46.13 11.52 18.21
N ASP L 98 44.98 11.67 17.56
CA ASP L 98 44.93 12.15 16.19
C ASP L 98 44.87 13.68 16.23
N LYS L 99 45.01 14.31 15.06
CA LYS L 99 44.80 15.74 14.95
C LYS L 99 43.35 16.09 15.19
N TYR L 100 42.44 15.26 14.68
CA TYR L 100 41.01 15.43 14.83
C TYR L 100 40.40 14.05 14.95
N ASP L 101 39.07 13.98 15.04
CA ASP L 101 38.38 12.70 15.11
C ASP L 101 37.43 12.57 13.93
N ALA L 102 37.24 11.33 13.48
CA ALA L 102 36.65 11.08 12.18
C ALA L 102 35.71 9.89 12.26
N GLN L 103 34.71 9.92 11.39
CA GLN L 103 33.99 8.73 10.95
C GLN L 103 34.11 8.68 9.44
N PHE L 104 34.49 7.52 8.92
CA PHE L 104 34.98 7.38 7.56
C PHE L 104 34.19 6.31 6.82
N GLY L 105 34.03 6.50 5.52
CA GLY L 105 33.47 5.42 4.70
C GLY L 105 33.62 5.70 3.22
N PHE L 106 33.46 4.63 2.44
CA PHE L 106 33.32 4.74 0.99
C PHE L 106 31.84 5.02 0.70
N ALA L 107 31.57 6.07 -0.04
CA ALA L 107 30.23 6.57 -0.22
C ALA L 107 29.90 6.79 -1.70
N TYR L 108 28.64 6.56 -2.02
CA TYR L 108 28.15 6.58 -3.40
C TYR L 108 26.94 7.51 -3.46
N ILE L 109 27.03 8.54 -4.30
CA ILE L 109 25.92 9.49 -4.44
C ILE L 109 24.87 8.90 -5.37
N GLU L 110 23.79 8.38 -4.78
CA GLU L 110 22.70 7.84 -5.59
C GLU L 110 21.58 8.83 -5.86
N SER L 111 21.55 9.97 -5.19
CA SER L 111 20.58 11.00 -5.50
C SER L 111 21.26 12.36 -5.49
N ARG L 112 20.85 13.21 -6.42
CA ARG L 112 21.33 14.58 -6.54
C ARG L 112 20.11 15.39 -6.94
N GLU L 113 19.63 16.20 -6.00
CA GLU L 113 18.44 17.02 -6.17
C GLU L 113 18.85 18.46 -5.96
N TYR L 114 18.70 19.29 -6.99
CA TYR L 114 19.01 20.70 -6.88
C TYR L 114 17.78 21.55 -7.12
N SER L 115 17.59 22.54 -6.25
CA SER L 115 16.50 23.48 -6.36
C SER L 115 17.01 24.83 -6.84
N ASP L 116 16.17 25.52 -7.59
CA ASP L 116 16.34 26.92 -7.96
C ASP L 116 15.09 27.64 -7.45
N GLY L 117 15.28 28.54 -6.50
CA GLY L 117 14.21 29.38 -5.99
C GLY L 117 14.19 30.73 -6.68
N VAL L 118 13.21 31.55 -6.31
CA VAL L 118 13.09 32.91 -6.83
C VAL L 118 14.33 33.73 -6.47
N GLU L 119 14.82 33.60 -5.25
CA GLU L 119 16.11 34.17 -4.90
C GLU L 119 17.01 33.20 -4.15
N GLY L 120 18.30 33.18 -4.45
CA GLY L 120 19.25 32.50 -3.60
C GLY L 120 20.02 31.51 -4.43
N ALA L 121 21.15 31.03 -3.90
CA ALA L 121 22.00 30.11 -4.64
C ALA L 121 21.34 28.74 -4.76
N VAL L 122 21.74 28.00 -5.80
CA VAL L 122 21.08 26.76 -6.16
C VAL L 122 21.16 25.77 -4.99
N GLU L 123 20.01 25.27 -4.58
CA GLU L 123 19.96 24.38 -3.42
C GLU L 123 20.40 22.98 -3.81
N ILE L 124 21.59 22.59 -3.37
CA ILE L 124 22.14 21.28 -3.69
C ILE L 124 21.92 20.37 -2.49
N SER L 125 21.08 19.35 -2.70
CA SER L 125 20.94 18.24 -1.77
C SER L 125 21.36 16.97 -2.48
N ILE L 126 22.36 16.28 -1.93
CA ILE L 126 22.80 15.02 -2.50
C ILE L 126 22.61 13.93 -1.46
N SER L 127 22.06 12.80 -1.89
CA SER L 127 21.78 11.66 -1.02
C SER L 127 22.66 10.49 -1.41
N LEU L 128 23.14 9.78 -0.40
CA LEU L 128 24.13 8.72 -0.57
C LEU L 128 23.83 7.58 0.38
N GLN L 129 24.20 6.37 -0.03
CA GLN L 129 24.23 5.22 0.86
C GLN L 129 25.68 4.88 1.11
N VAL L 130 25.98 4.33 2.28
CA VAL L 130 27.34 3.87 2.57
C VAL L 130 27.23 2.60 3.40
N ILE L 131 27.98 1.58 3.00
CA ILE L 131 27.86 0.26 3.62
C ILE L 131 28.02 0.38 5.13
N GLY L 132 29.03 1.11 5.57
CA GLY L 132 29.23 1.31 6.99
C GLY L 132 30.14 2.49 7.26
N GLU L 133 29.88 3.20 8.35
CA GLU L 133 30.76 4.28 8.77
C GLU L 133 31.61 3.84 9.96
N LEU L 134 32.92 3.96 9.78
CA LEU L 134 33.87 3.48 10.78
C LEU L 134 34.33 4.67 11.60
N LYS L 135 34.39 4.49 12.92
CA LYS L 135 34.76 5.55 13.84
C LYS L 135 36.27 5.52 14.04
N ASN L 136 36.90 6.69 14.04
CA ASN L 136 38.32 6.82 14.29
C ASN L 136 38.67 8.27 14.55
N GLY L 137 39.92 8.63 14.32
CA GLY L 137 40.29 10.04 14.33
C GLY L 137 41.04 10.42 13.06
N GLU L 138 40.95 11.71 12.72
CA GLU L 138 41.51 12.19 11.48
C GLU L 138 42.81 12.92 11.76
N ILE L 139 43.72 12.90 10.79
CA ILE L 139 45.04 13.50 10.98
C ILE L 139 45.16 14.79 10.19
N ASP L 140 45.39 14.69 8.88
CA ASP L 140 45.59 15.89 8.08
C ASP L 140 44.30 16.29 7.36
N THR L 141 43.61 17.28 7.93
CA THR L 141 42.42 17.83 7.31
C THR L 141 42.68 19.17 6.64
N LEU L 142 43.94 19.44 6.24
CA LEU L 142 44.43 20.70 5.70
C LEU L 142 43.93 21.85 6.57
N PRO L 143 44.26 21.85 7.87
CA PRO L 143 43.49 22.63 8.86
C PRO L 143 43.58 24.14 8.70
N GLU L 144 44.52 24.58 7.87
CA GLU L 144 44.64 25.97 7.47
C GLU L 144 43.31 26.52 6.97
N GLU L 145 42.69 25.86 6.00
CA GLU L 145 41.50 26.38 5.35
C GLU L 145 40.23 25.63 5.73
N ILE L 146 40.29 24.32 5.94
CA ILE L 146 39.13 23.52 6.30
C ILE L 146 38.75 23.71 7.77
N VAL L 147 39.74 23.58 8.65
CA VAL L 147 39.48 23.66 10.08
C VAL L 147 39.17 25.11 10.42
N ASN L 148 39.80 26.04 9.68
CA ASN L 148 39.64 27.47 9.95
C ASN L 148 38.88 28.16 8.82
N VAL L 149 37.68 28.65 9.10
CA VAL L 149 36.98 29.48 8.13
C VAL L 149 36.91 30.90 8.70
N SER L 150 37.41 31.87 7.93
CA SER L 150 37.54 33.23 8.42
C SER L 150 37.10 34.28 7.41
N LYS L 151 36.22 35.20 7.80
CA LYS L 151 35.83 36.28 6.90
C LYS L 151 37.01 37.07 6.36
N GLY L 152 37.97 37.49 7.18
CA GLY L 152 39.08 38.30 6.73
C GLY L 152 39.47 39.37 7.72
N GLY L 153 40.77 39.52 7.96
CA GLY L 153 41.27 40.47 8.94
C GLY L 153 42.33 41.38 8.34
N TYR L 154 41.87 42.38 7.59
CA TYR L 154 42.71 43.39 6.96
C TYR L 154 42.36 44.74 7.57
N ASP L 155 43.11 45.14 8.62
CA ASP L 155 42.63 46.14 9.56
C ASP L 155 42.71 47.59 9.07
N PHE L 156 43.81 47.96 8.42
CA PHE L 156 44.02 49.20 7.64
C PHE L 156 44.62 48.85 6.29
N GLN L 157 43.86 49.18 5.24
CA GLN L 157 44.39 49.45 3.91
C GLN L 157 43.92 50.86 3.55
N GLN L 158 44.07 51.82 4.48
CA GLN L 158 43.39 53.10 4.31
C GLN L 158 43.96 53.97 3.19
N PRO L 159 45.28 53.97 2.88
CA PRO L 159 45.70 54.69 1.68
C PRO L 159 45.53 53.90 0.40
N GLY L 160 45.05 52.66 0.47
CA GLY L 160 45.05 51.81 -0.70
C GLY L 160 44.58 50.37 -0.55
N GLN L 161 43.30 50.14 -0.30
CA GLN L 161 42.82 48.75 -0.23
C GLN L 161 42.89 48.09 -1.60
N THR L 162 42.53 48.85 -2.65
CA THR L 162 42.61 48.43 -4.06
C THR L 162 41.90 47.10 -4.30
N THR L 163 40.76 46.91 -3.64
CA THR L 163 40.17 45.59 -3.59
C THR L 163 38.80 45.62 -4.28
N GLY L 164 38.36 44.46 -4.74
CA GLY L 164 37.02 44.30 -5.26
C GLY L 164 36.00 44.03 -4.17
N GLU L 165 34.95 43.27 -4.50
CA GLU L 165 33.88 43.00 -3.54
C GLU L 165 34.38 42.16 -2.38
N ALA L 166 35.23 41.17 -2.66
CA ALA L 166 35.76 40.25 -1.66
C ALA L 166 37.08 40.80 -1.12
N PRO L 167 37.25 40.82 0.19
CA PRO L 167 38.19 41.76 0.82
C PRO L 167 39.63 41.30 0.73
N GLY L 168 40.52 42.29 0.62
CA GLY L 168 41.94 42.08 0.85
C GLY L 168 42.74 41.51 -0.30
N THR L 169 42.17 41.47 -1.50
CA THR L 169 42.94 41.11 -2.68
C THR L 169 43.27 42.38 -3.47
N VAL L 170 44.56 42.58 -3.70
CA VAL L 170 45.08 43.70 -4.46
C VAL L 170 45.46 43.20 -5.85
N PRO L 171 44.87 43.74 -6.94
CA PRO L 171 45.24 43.26 -8.29
C PRO L 171 46.62 43.73 -8.69
N ALA L 172 47.11 43.20 -9.81
CA ALA L 172 48.48 43.37 -10.30
C ALA L 172 49.50 42.56 -9.49
N PRO A 1 -10.95 -16.96 24.62
CA PRO A 1 -10.78 -18.39 24.36
C PRO A 1 -9.29 -18.73 24.32
N ILE A 2 -8.97 -20.01 24.15
CA ILE A 2 -7.59 -20.47 24.07
C ILE A 2 -6.96 -19.81 22.86
N MET A 3 -5.80 -19.18 23.07
CA MET A 3 -5.10 -18.47 22.03
C MET A 3 -4.15 -19.39 21.28
N GLY A 4 -3.42 -18.82 20.32
CA GLY A 4 -2.40 -19.55 19.58
C GLY A 4 -1.21 -19.96 20.41
N GLN A 5 -0.85 -19.17 21.43
CA GLN A 5 0.16 -19.53 22.39
C GLN A 5 -0.30 -20.62 23.35
N ASP A 6 -1.62 -20.83 23.44
CA ASP A 6 -2.19 -21.73 24.44
C ASP A 6 -1.83 -23.19 24.24
N VAL A 7 -1.76 -23.69 23.01
CA VAL A 7 -1.44 -25.09 22.75
C VAL A 7 0.01 -25.19 22.35
N LYS A 8 0.82 -25.90 23.13
CA LYS A 8 2.20 -26.11 22.78
C LYS A 8 2.49 -27.60 22.57
N TYR A 9 3.55 -27.87 21.81
CA TYR A 9 3.80 -29.18 21.23
C TYR A 9 5.06 -29.77 21.86
N LEU A 10 4.88 -30.64 22.84
CA LEU A 10 6.00 -31.34 23.45
C LEU A 10 6.30 -32.61 22.65
N PHE A 11 7.58 -32.92 22.49
CA PHE A 11 8.00 -34.15 21.83
C PHE A 11 8.95 -34.92 22.72
N GLN A 12 8.76 -36.24 22.76
CA GLN A 12 9.72 -37.10 23.44
C GLN A 12 10.05 -38.27 22.51
N SER A 13 11.34 -38.59 22.43
CA SER A 13 11.81 -39.70 21.60
C SER A 13 11.40 -41.04 22.20
N ILE A 14 11.15 -42.02 21.33
CA ILE A 14 10.75 -43.34 21.78
C ILE A 14 11.85 -44.03 22.56
N ASP A 15 13.09 -44.01 22.06
CA ASP A 15 14.17 -44.78 22.64
C ASP A 15 14.87 -44.05 23.78
N ALA A 16 14.61 -42.75 23.95
CA ALA A 16 15.35 -41.98 24.96
C ALA A 16 15.12 -42.55 26.35
N ALA A 17 13.88 -43.00 26.62
CA ALA A 17 13.43 -43.45 27.96
C ALA A 17 13.75 -42.43 29.04
N THR A 18 13.59 -41.15 28.72
CA THR A 18 13.86 -40.05 29.63
C THR A 18 12.58 -39.68 30.36
N GLY A 19 12.70 -38.94 31.45
CA GLY A 19 11.55 -38.53 32.24
C GLY A 19 11.03 -37.16 31.88
N SER A 20 11.59 -36.55 30.86
CA SER A 20 11.17 -35.20 30.46
C SER A 20 11.25 -34.99 28.96
N ALA A 21 10.29 -34.25 28.40
CA ALA A 21 10.08 -34.00 26.97
C ALA A 21 10.63 -32.65 26.53
N PRO A 22 11.55 -32.59 25.54
CA PRO A 22 12.04 -31.29 25.09
C PRO A 22 11.00 -30.50 24.34
N LEU A 23 10.76 -29.27 24.74
CA LEU A 23 9.97 -28.34 23.95
C LEU A 23 10.90 -27.30 23.33
N PHE A 24 10.80 -27.15 22.03
CA PHE A 24 11.85 -26.39 21.41
C PHE A 24 11.50 -24.91 21.36
N PRO A 25 12.44 -24.00 21.60
CA PRO A 25 12.12 -22.57 21.54
C PRO A 25 11.97 -22.07 20.11
N ALA A 26 11.47 -20.83 20.02
CA ALA A 26 11.23 -20.10 18.77
C ALA A 26 10.29 -20.87 17.85
N TYR A 27 9.17 -21.32 18.42
CA TYR A 27 8.12 -21.94 17.63
C TYR A 27 7.38 -20.91 16.78
N GLN A 28 7.19 -21.25 15.52
CA GLN A 28 6.50 -20.43 14.56
C GLN A 28 5.06 -20.94 14.58
N THR A 29 4.62 -21.58 13.49
CA THR A 29 3.25 -22.08 13.43
C THR A 29 3.24 -23.59 13.18
N ASP A 30 2.03 -24.13 13.23
CA ASP A 30 1.81 -25.56 13.35
C ASP A 30 0.42 -25.87 12.86
N GLY A 31 0.33 -26.84 11.97
CA GLY A 31 -0.96 -27.37 11.58
C GLY A 31 -1.02 -28.86 11.76
N SER A 32 -2.08 -29.33 12.40
CA SER A 32 -2.36 -30.76 12.52
C SER A 32 -3.62 -30.99 11.71
N VAL A 33 -3.47 -31.65 10.57
CA VAL A 33 -4.55 -31.83 9.62
C VAL A 33 -5.01 -33.29 9.69
N SER A 34 -6.31 -33.47 9.91
CA SER A 34 -6.89 -34.75 10.29
C SER A 34 -8.09 -35.02 9.37
N GLY A 35 -7.81 -35.49 8.17
CA GLY A 35 -8.87 -35.74 7.21
C GLY A 35 -9.52 -37.09 7.38
N GLU A 36 -10.82 -37.10 7.67
CA GLU A 36 -11.57 -38.32 7.88
C GLU A 36 -12.43 -38.57 6.64
N ARG A 37 -11.89 -39.30 5.67
CA ARG A 37 -12.54 -39.50 4.39
C ARG A 37 -13.83 -40.29 4.58
N GLU A 38 -14.53 -40.55 3.48
CA GLU A 38 -15.90 -41.06 3.50
C GLU A 38 -16.09 -41.98 2.30
N LEU A 39 -16.83 -43.06 2.53
CA LEU A 39 -17.11 -44.06 1.51
C LEU A 39 -18.11 -43.54 0.50
N PHE A 40 -18.21 -44.25 -0.62
CA PHE A 40 -19.25 -43.99 -1.62
C PHE A 40 -20.29 -45.10 -1.63
N ASP A 41 -21.28 -44.98 -0.75
CA ASP A 41 -22.59 -45.57 -0.90
C ASP A 41 -23.60 -44.46 -1.14
N GLU A 42 -23.97 -44.26 -2.40
CA GLU A 42 -24.98 -43.27 -2.76
C GLU A 42 -26.38 -43.67 -2.30
N GLN A 43 -26.60 -44.97 -2.05
CA GLN A 43 -27.90 -45.58 -1.75
C GLN A 43 -28.82 -45.59 -2.98
N THR A 44 -28.21 -45.58 -4.17
CA THR A 44 -28.84 -45.27 -5.46
C THR A 44 -29.62 -43.95 -5.39
N LYS A 45 -28.96 -42.92 -4.87
CA LYS A 45 -29.57 -41.60 -4.68
C LYS A 45 -28.86 -40.56 -5.54
N ASN A 46 -27.85 -39.89 -4.97
CA ASN A 46 -27.06 -38.91 -5.71
C ASN A 46 -25.64 -38.77 -5.18
N GLY A 47 -25.04 -39.86 -4.69
CA GLY A 47 -23.69 -39.81 -4.15
C GLY A 47 -23.70 -39.28 -2.74
N ARG A 48 -24.74 -39.64 -1.99
CA ARG A 48 -24.88 -39.19 -0.61
C ARG A 48 -24.48 -40.35 0.29
N ILE A 49 -23.40 -40.16 1.06
CA ILE A 49 -22.93 -41.17 1.99
C ILE A 49 -22.65 -40.53 3.36
N LEU A 50 -23.07 -41.20 4.43
CA LEU A 50 -22.79 -40.72 5.78
C LEU A 50 -21.78 -41.61 6.50
N GLY A 51 -20.94 -42.32 5.74
CA GLY A 51 -20.07 -43.35 6.28
C GLY A 51 -18.60 -43.03 6.18
N PRO A 52 -17.78 -43.72 6.97
CA PRO A 52 -16.35 -43.41 7.00
C PRO A 52 -15.57 -44.01 5.84
N GLY A 53 -14.39 -43.44 5.60
CA GLY A 53 -13.53 -43.89 4.52
C GLY A 53 -12.17 -44.23 5.08
N SER A 54 -11.44 -43.18 5.47
CA SER A 54 -10.12 -43.36 6.03
C SER A 54 -9.69 -42.13 6.83
N VAL A 55 -8.59 -42.26 7.55
CA VAL A 55 -8.07 -41.20 8.40
C VAL A 55 -6.73 -40.74 7.87
N ALA A 56 -6.71 -39.51 7.35
CA ALA A 56 -5.49 -38.87 6.89
C ALA A 56 -5.03 -37.91 7.98
N ASP A 57 -4.33 -38.43 8.97
CA ASP A 57 -3.99 -37.67 10.16
C ASP A 57 -2.51 -37.36 10.13
N SER A 58 -2.20 -36.10 9.80
CA SER A 58 -0.84 -35.61 9.67
C SER A 58 -0.74 -34.19 10.21
N GLY A 59 0.48 -33.76 10.46
CA GLY A 59 0.73 -32.40 10.89
C GLY A 59 2.04 -31.88 10.38
N GLU A 60 2.17 -30.56 10.27
CA GLU A 60 3.41 -29.91 9.91
C GLU A 60 3.78 -28.94 11.02
N VAL A 61 5.06 -28.85 11.33
CA VAL A 61 5.55 -28.01 12.41
C VAL A 61 6.68 -27.15 11.87
N THR A 62 6.56 -25.83 12.02
CA THR A 62 7.64 -24.94 11.64
C THR A 62 8.22 -24.27 12.87
N TYR A 63 9.55 -24.19 12.91
CA TYR A 63 10.23 -23.48 14.00
C TYR A 63 11.52 -22.87 13.46
N TYR A 64 12.12 -21.99 14.26
CA TYR A 64 13.42 -21.39 13.96
C TYR A 64 14.52 -22.24 14.56
N GLY A 65 15.63 -22.36 13.85
CA GLY A 65 16.72 -23.21 14.28
C GLY A 65 17.62 -22.63 15.35
N LYS A 66 18.04 -23.46 16.29
CA LYS A 66 19.00 -23.03 17.29
C LYS A 66 20.23 -23.95 17.25
N ARG A 67 21.39 -23.41 17.63
CA ARG A 67 22.66 -24.12 17.49
C ARG A 67 22.67 -25.47 18.19
N GLY A 68 22.05 -25.59 19.37
CA GLY A 68 21.96 -26.85 20.07
C GLY A 68 20.51 -27.23 20.30
N ASP A 69 20.17 -27.42 21.58
CA ASP A 69 18.80 -27.56 22.08
C ASP A 69 18.17 -28.86 21.58
N ALA A 70 17.66 -29.64 22.54
CA ALA A 70 17.45 -31.09 22.44
C ALA A 70 16.15 -31.57 21.80
N GLY A 71 15.17 -30.68 21.59
CA GLY A 71 14.02 -31.04 20.76
C GLY A 71 14.36 -31.07 19.27
N GLN A 72 15.04 -30.03 18.79
CA GLN A 72 15.57 -30.07 17.43
C GLN A 72 16.66 -31.11 17.28
N LYS A 73 17.52 -31.28 18.29
CA LYS A 73 18.46 -32.39 18.26
C LYS A 73 17.76 -33.74 18.34
N ALA A 74 16.70 -33.86 19.15
CA ALA A 74 15.85 -35.03 19.07
C ALA A 74 15.15 -35.11 17.73
N ILE A 75 14.78 -33.96 17.17
CA ILE A 75 14.25 -33.91 15.81
C ILE A 75 15.25 -34.48 14.81
N GLU A 76 16.50 -34.02 14.89
CA GLU A 76 17.52 -34.47 13.95
C GLU A 76 17.96 -35.90 14.21
N ASP A 77 18.14 -36.28 15.48
CA ASP A 77 18.34 -37.69 15.80
C ASP A 77 17.16 -38.54 15.34
N ALA A 78 15.94 -38.11 15.61
CA ALA A 78 14.79 -38.83 15.08
C ALA A 78 14.75 -38.79 13.57
N TYR A 79 14.96 -37.61 12.97
CA TYR A 79 14.82 -37.48 11.53
C TYR A 79 15.82 -38.36 10.77
N GLN A 80 17.09 -38.26 11.15
CA GLN A 80 18.16 -38.83 10.33
C GLN A 80 18.34 -40.32 10.57
N ASN A 81 17.95 -40.82 11.75
CA ASN A 81 17.93 -42.26 11.97
C ASN A 81 16.54 -42.84 11.69
N GLY A 82 15.60 -41.98 11.32
CA GLY A 82 14.25 -42.40 11.01
C GLY A 82 13.50 -42.94 12.21
N LYS A 83 13.85 -42.43 13.39
CA LYS A 83 13.25 -42.81 14.66
C LYS A 83 11.82 -42.26 14.67
N GLN A 84 10.89 -43.02 15.25
CA GLN A 84 9.56 -42.54 15.55
C GLN A 84 9.64 -41.61 16.75
N ILE A 85 8.84 -40.54 16.73
CA ILE A 85 8.83 -39.58 17.83
C ILE A 85 7.46 -39.55 18.47
N LYS A 86 7.44 -39.47 19.80
CA LYS A 86 6.19 -39.35 20.54
C LYS A 86 5.81 -37.88 20.63
N PHE A 87 4.55 -37.60 20.32
CA PHE A 87 4.05 -36.26 20.05
C PHE A 87 2.94 -35.90 21.03
N TRP A 88 3.14 -34.81 21.77
CA TRP A 88 2.21 -34.32 22.77
C TRP A 88 1.84 -32.88 22.42
N ARG A 89 0.57 -32.64 22.10
CA ARG A 89 0.06 -31.28 21.92
C ARG A 89 -0.76 -30.91 23.14
N VAL A 90 -0.22 -30.04 23.98
CA VAL A 90 -0.85 -29.74 25.25
C VAL A 90 -1.14 -28.25 25.33
N ASP A 91 -2.16 -27.92 26.10
CA ASP A 91 -2.55 -26.54 26.30
C ASP A 91 -1.78 -25.93 27.45
N THR A 92 -1.80 -24.60 27.50
CA THR A 92 -1.06 -23.82 28.49
C THR A 92 -1.94 -23.35 29.64
N VAL A 93 -3.25 -23.22 29.42
CA VAL A 93 -4.16 -22.85 30.48
C VAL A 93 -4.28 -23.98 31.50
N LYS A 94 -4.82 -23.67 32.66
CA LYS A 94 -4.89 -24.61 33.77
C LYS A 94 -6.27 -25.22 33.85
N ASN A 95 -6.38 -26.50 33.48
CA ASN A 95 -7.62 -27.25 33.67
C ASN A 95 -7.80 -27.58 35.15
N GLU A 96 -9.05 -27.83 35.54
CA GLU A 96 -9.37 -28.11 36.93
C GLU A 96 -9.34 -29.57 37.29
N ASN A 97 -9.41 -30.48 36.32
CA ASN A 97 -9.13 -31.89 36.61
C ASN A 97 -7.64 -32.20 36.42
N ASP A 98 -7.24 -32.48 35.19
CA ASP A 98 -5.83 -32.54 34.83
C ASP A 98 -5.24 -31.14 34.97
N LYS A 99 -3.95 -31.06 35.24
CA LYS A 99 -3.24 -29.79 35.22
C LYS A 99 -3.50 -29.05 33.91
N TYR A 100 -3.39 -29.78 32.80
CA TYR A 100 -3.62 -29.25 31.47
C TYR A 100 -4.40 -30.30 30.70
N ASP A 101 -4.55 -30.09 29.39
CA ASP A 101 -5.24 -31.06 28.55
C ASP A 101 -4.52 -31.17 27.21
N ALA A 102 -4.49 -32.39 26.70
CA ALA A 102 -3.56 -32.72 25.63
C ALA A 102 -4.28 -33.54 24.56
N GLN A 103 -3.93 -33.25 23.31
CA GLN A 103 -4.09 -34.16 22.19
C GLN A 103 -2.72 -34.76 21.92
N PHE A 104 -2.66 -36.08 21.81
CA PHE A 104 -1.42 -36.84 21.89
C PHE A 104 -1.34 -37.86 20.77
N GLY A 105 -0.13 -38.25 20.41
CA GLY A 105 0.03 -39.36 19.49
C GLY A 105 1.47 -39.76 19.31
N PHE A 106 1.66 -40.90 18.65
CA PHE A 106 2.97 -41.30 18.15
C PHE A 106 3.10 -40.79 16.72
N ALA A 107 4.26 -40.26 16.38
CA ALA A 107 4.45 -39.54 15.13
C ALA A 107 5.74 -39.97 14.44
N TYR A 108 5.78 -39.72 13.14
CA TYR A 108 6.85 -40.16 12.27
C TYR A 108 7.26 -38.99 11.39
N ILE A 109 8.58 -38.79 11.22
CA ILE A 109 9.08 -37.71 10.39
C ILE A 109 8.81 -38.02 8.93
N GLU A 110 7.90 -37.26 8.31
CA GLU A 110 7.62 -37.47 6.90
C GLU A 110 8.47 -36.62 5.97
N SER A 111 8.89 -35.44 6.38
CA SER A 111 9.80 -34.63 5.58
C SER A 111 10.43 -33.56 6.45
N ARG A 112 11.65 -33.19 6.11
CA ARG A 112 12.40 -32.12 6.79
C ARG A 112 12.71 -31.12 5.68
N GLU A 113 12.58 -29.83 6.02
CA GLU A 113 12.78 -28.73 5.11
C GLU A 113 13.61 -27.69 5.84
N TYR A 114 14.78 -27.37 5.30
CA TYR A 114 15.62 -26.33 5.89
C TYR A 114 15.62 -25.08 5.03
N SER A 115 15.18 -23.98 5.65
CA SER A 115 15.15 -22.69 5.01
C SER A 115 16.32 -21.85 5.49
N ASP A 116 17.09 -21.35 4.53
CA ASP A 116 18.11 -20.33 4.73
C ASP A 116 17.74 -19.19 3.79
N GLY A 117 17.40 -18.04 4.38
CA GLY A 117 17.13 -16.84 3.61
C GLY A 117 18.23 -15.82 3.76
N VAL A 118 18.03 -14.65 3.17
CA VAL A 118 18.96 -13.53 3.29
C VAL A 118 18.82 -12.85 4.63
N GLU A 119 17.62 -12.39 4.97
CA GLU A 119 17.36 -11.92 6.33
C GLU A 119 16.75 -13.00 7.20
N GLY A 120 16.83 -12.85 8.52
CA GLY A 120 16.04 -13.66 9.41
C GLY A 120 16.82 -14.91 9.76
N ALA A 121 16.54 -15.51 10.92
CA ALA A 121 17.28 -16.68 11.37
C ALA A 121 16.75 -17.93 10.69
N VAL A 122 17.54 -19.01 10.76
CA VAL A 122 17.27 -20.23 10.01
C VAL A 122 15.87 -20.73 10.32
N GLU A 123 15.22 -21.32 9.32
CA GLU A 123 13.85 -21.77 9.48
C GLU A 123 13.72 -23.22 9.09
N ILE A 124 13.11 -24.01 9.97
CA ILE A 124 12.93 -25.43 9.75
C ILE A 124 11.45 -25.73 9.62
N SER A 125 11.07 -26.36 8.51
CA SER A 125 9.75 -26.92 8.33
C SER A 125 9.86 -28.43 8.40
N ILE A 126 9.14 -29.04 9.34
CA ILE A 126 9.12 -30.49 9.47
C ILE A 126 7.70 -30.98 9.27
N SER A 127 7.53 -31.87 8.30
CA SER A 127 6.23 -32.42 7.94
C SER A 127 6.14 -33.86 8.42
N LEU A 128 5.05 -34.17 9.11
CA LEU A 128 4.87 -35.46 9.77
C LEU A 128 3.42 -35.88 9.67
N GLN A 129 3.18 -37.17 9.91
CA GLN A 129 1.83 -37.69 10.11
C GLN A 129 1.79 -38.32 11.49
N VAL A 130 0.60 -38.55 12.01
CA VAL A 130 0.45 -39.24 13.29
C VAL A 130 -0.41 -40.47 13.05
N ILE A 131 0.09 -41.63 13.49
CA ILE A 131 -0.58 -42.89 13.19
C ILE A 131 -1.92 -42.96 13.91
N GLY A 132 -1.93 -42.71 15.21
CA GLY A 132 -3.15 -42.71 15.97
C GLY A 132 -3.34 -41.40 16.71
N GLU A 133 -4.40 -40.67 16.37
CA GLU A 133 -4.75 -39.47 17.11
C GLU A 133 -5.35 -39.82 18.47
N LEU A 134 -4.73 -39.29 19.52
CA LEU A 134 -5.12 -39.63 20.88
C LEU A 134 -5.37 -38.33 21.63
N LYS A 135 -6.24 -38.39 22.63
CA LYS A 135 -6.61 -37.22 23.41
C LYS A 135 -6.62 -37.58 24.89
N ASN A 136 -5.97 -36.78 25.72
CA ASN A 136 -5.97 -36.99 27.16
C ASN A 136 -5.59 -35.68 27.84
N GLY A 137 -6.08 -35.48 29.07
CA GLY A 137 -5.60 -34.39 29.87
C GLY A 137 -4.17 -34.60 30.30
N GLU A 138 -3.47 -33.49 30.51
CA GLU A 138 -2.04 -33.54 30.81
C GLU A 138 -1.82 -33.11 32.25
N ILE A 139 -0.85 -33.76 32.90
CA ILE A 139 -0.59 -33.50 34.31
C ILE A 139 0.66 -32.66 34.48
N ASP A 140 1.82 -33.18 34.10
CA ASP A 140 3.07 -32.46 34.30
C ASP A 140 3.78 -32.23 32.98
N THR A 141 3.88 -30.96 32.59
CA THR A 141 4.62 -30.57 31.39
C THR A 141 5.91 -29.83 31.73
N LEU A 142 6.54 -30.14 32.87
CA LEU A 142 7.71 -29.47 33.43
C LEU A 142 7.47 -27.95 33.42
N PRO A 143 6.37 -27.48 34.04
CA PRO A 143 5.83 -26.15 33.71
C PRO A 143 6.68 -24.97 34.13
N GLU A 144 7.74 -25.27 34.89
CA GLU A 144 8.77 -24.30 35.24
C GLU A 144 9.41 -23.69 34.01
N GLU A 145 9.52 -24.46 32.92
CA GLU A 145 10.23 -24.02 31.74
C GLU A 145 9.42 -24.11 30.46
N ILE A 146 8.72 -25.20 30.21
CA ILE A 146 7.91 -25.38 29.01
C ILE A 146 6.67 -24.50 29.05
N VAL A 147 5.98 -24.47 30.19
CA VAL A 147 4.73 -23.72 30.32
C VAL A 147 5.08 -22.26 30.51
N ASN A 148 6.14 -22.01 31.30
CA ASN A 148 6.54 -20.64 31.63
C ASN A 148 7.47 -20.07 30.56
N VAL A 149 7.08 -18.95 29.93
CA VAL A 149 8.00 -18.25 29.05
C VAL A 149 8.50 -17.01 29.79
N SER A 150 9.78 -17.02 30.16
CA SER A 150 10.33 -15.97 31.01
C SER A 150 11.29 -15.07 30.26
N LYS A 151 11.32 -13.77 30.59
CA LYS A 151 12.29 -12.87 29.98
C LYS A 151 13.71 -13.04 30.52
N GLY A 152 13.89 -13.37 31.80
CA GLY A 152 15.21 -13.48 32.38
C GLY A 152 15.76 -12.14 32.86
N GLY A 153 14.91 -11.13 32.90
CA GLY A 153 15.33 -9.79 33.27
C GLY A 153 15.49 -9.65 34.77
N TYR A 154 16.72 -9.35 35.18
CA TYR A 154 17.09 -9.13 36.57
C TYR A 154 17.03 -7.63 36.86
N ASP A 155 16.06 -7.24 37.71
CA ASP A 155 15.58 -5.85 37.72
C ASP A 155 16.56 -4.83 38.27
N PHE A 156 17.39 -5.22 39.25
CA PHE A 156 18.57 -4.49 39.76
C PHE A 156 19.73 -5.47 39.89
N GLN A 157 20.74 -5.25 39.04
CA GLN A 157 22.12 -5.66 39.31
C GLN A 157 23.00 -4.54 38.77
N GLN A 158 22.63 -3.27 39.06
CA GLN A 158 23.25 -2.17 38.34
C GLN A 158 24.78 -2.11 38.47
N PRO A 159 25.39 -2.11 39.68
CA PRO A 159 26.86 -2.23 39.71
C PRO A 159 27.34 -3.67 39.62
N GLY A 160 28.31 -3.96 38.74
CA GLY A 160 28.67 -5.34 38.49
C GLY A 160 27.63 -6.28 37.93
N GLN A 161 26.83 -5.84 36.95
CA GLN A 161 25.87 -6.75 36.33
C GLN A 161 26.59 -7.93 35.69
N THR A 162 27.70 -7.66 35.01
CA THR A 162 28.59 -8.65 34.37
C THR A 162 27.81 -9.67 33.55
N THR A 163 27.27 -9.23 32.43
CA THR A 163 26.29 -10.04 31.72
C THR A 163 26.66 -10.08 30.23
N GLY A 164 26.35 -11.21 29.60
CA GLY A 164 26.48 -11.35 28.16
C GLY A 164 25.27 -10.82 27.42
N GLU A 165 25.18 -11.13 26.13
CA GLU A 165 24.07 -10.63 25.30
C GLU A 165 22.73 -11.14 25.80
N ALA A 166 22.73 -12.34 26.42
CA ALA A 166 21.52 -12.98 26.91
C ALA A 166 21.20 -12.46 28.30
N PRO A 167 19.95 -12.53 28.73
CA PRO A 167 19.46 -11.64 29.78
C PRO A 167 19.85 -12.11 31.18
N GLY A 168 20.93 -11.51 31.69
CA GLY A 168 21.27 -11.58 33.10
C GLY A 168 22.09 -12.76 33.55
N THR A 169 23.41 -12.70 33.39
CA THR A 169 24.28 -13.70 33.98
C THR A 169 25.06 -13.10 35.14
N VAL A 170 25.43 -13.96 36.09
CA VAL A 170 26.20 -13.59 37.26
C VAL A 170 27.65 -13.36 36.83
N PRO A 171 28.46 -12.58 37.58
CA PRO A 171 29.84 -12.35 37.17
C PRO A 171 30.64 -13.63 37.16
N ALA A 172 31.46 -13.80 36.11
CA ALA A 172 32.20 -15.03 35.79
C ALA A 172 31.28 -16.24 35.69
N PRO B 1 -30.90 -6.48 3.41
CA PRO B 1 -31.14 -7.91 3.24
C PRO B 1 -30.49 -8.67 4.40
N ILE B 2 -30.67 -9.98 4.43
CA ILE B 2 -30.09 -10.84 5.45
C ILE B 2 -28.57 -10.72 5.35
N MET B 3 -27.94 -10.43 6.48
CA MET B 3 -26.50 -10.22 6.52
C MET B 3 -25.77 -11.54 6.77
N GLY B 4 -24.45 -11.45 6.89
CA GLY B 4 -23.63 -12.61 7.21
C GLY B 4 -23.84 -13.14 8.62
N GLN B 5 -24.16 -12.27 9.57
CA GLN B 5 -24.55 -12.67 10.91
C GLN B 5 -25.92 -13.31 10.95
N ASP B 6 -26.74 -13.08 9.92
CA ASP B 6 -28.13 -13.50 9.93
C ASP B 6 -28.33 -15.01 9.94
N VAL B 7 -27.51 -15.79 9.25
CA VAL B 7 -27.67 -17.24 9.19
C VAL B 7 -26.65 -17.86 10.14
N LYS B 8 -27.13 -18.56 11.17
CA LYS B 8 -26.24 -19.25 12.08
C LYS B 8 -26.47 -20.76 12.02
N TYR B 9 -25.45 -21.50 12.42
CA TYR B 9 -25.34 -22.94 12.15
C TYR B 9 -25.43 -23.70 13.48
N LEU B 10 -26.61 -24.20 13.80
CA LEU B 10 -26.77 -25.04 14.98
C LEU B 10 -26.48 -26.50 14.63
N PHE B 11 -25.82 -27.20 15.54
CA PHE B 11 -25.53 -28.61 15.39
C PHE B 11 -26.05 -29.39 16.59
N GLN B 12 -26.65 -30.53 16.32
CA GLN B 12 -27.01 -31.46 17.37
C GLN B 12 -26.55 -32.86 16.99
N SER B 13 -25.97 -33.56 17.96
CA SER B 13 -25.49 -34.92 17.74
C SER B 13 -26.65 -35.90 17.62
N ILE B 14 -26.44 -36.92 16.81
CA ILE B 14 -27.49 -37.93 16.59
C ILE B 14 -27.81 -38.70 17.86
N ASP B 15 -26.78 -39.17 18.58
CA ASP B 15 -26.99 -40.06 19.71
C ASP B 15 -27.25 -39.30 21.02
N ALA B 16 -27.04 -37.99 21.04
CA ALA B 16 -27.19 -37.25 22.30
C ALA B 16 -28.60 -37.37 22.84
N ALA B 17 -29.60 -37.35 21.95
CA ALA B 17 -31.03 -37.31 22.28
C ALA B 17 -31.36 -36.19 23.28
N THR B 18 -30.71 -35.05 23.10
CA THR B 18 -30.89 -33.89 23.96
C THR B 18 -31.96 -32.99 23.36
N GLY B 19 -32.48 -32.08 24.18
CA GLY B 19 -33.53 -31.17 23.74
C GLY B 19 -33.02 -29.84 23.25
N SER B 20 -31.70 -29.68 23.19
CA SER B 20 -31.11 -28.40 22.78
C SER B 20 -29.81 -28.61 22.01
N ALA B 21 -29.58 -27.78 20.99
CA ALA B 21 -28.48 -27.84 20.03
C ALA B 21 -27.36 -26.86 20.36
N PRO B 22 -26.11 -27.32 20.56
CA PRO B 22 -25.03 -26.36 20.85
C PRO B 22 -24.66 -25.51 19.65
N LEU B 23 -24.66 -24.20 19.83
CA LEU B 23 -24.09 -23.31 18.83
C LEU B 23 -22.76 -22.77 19.35
N PHE B 24 -21.74 -22.92 18.55
CA PHE B 24 -20.43 -22.68 19.13
C PHE B 24 -20.04 -21.21 18.96
N PRO B 25 -19.41 -20.60 19.97
CA PRO B 25 -19.01 -19.19 19.82
C PRO B 25 -17.79 -19.03 18.96
N ALA B 26 -17.51 -17.76 18.62
CA ALA B 26 -16.38 -17.33 17.80
C ALA B 26 -16.41 -17.98 16.42
N TYR B 27 -17.58 -17.93 15.78
CA TYR B 27 -17.71 -18.39 14.41
C TYR B 27 -17.05 -17.42 13.45
N GLN B 28 -16.27 -17.99 12.54
CA GLN B 28 -15.56 -17.26 11.51
C GLN B 28 -16.48 -17.31 10.29
N THR B 29 -16.08 -18.03 9.24
CA THR B 29 -16.89 -18.12 8.03
C THR B 29 -17.27 -19.57 7.72
N ASP B 30 -18.10 -19.70 6.70
CA ASP B 30 -18.83 -20.92 6.45
C ASP B 30 -19.25 -20.92 4.99
N GLY B 31 -18.97 -22.01 4.31
CA GLY B 31 -19.50 -22.21 2.98
C GLY B 31 -20.21 -23.53 2.87
N SER B 32 -21.41 -23.50 2.32
CA SER B 32 -22.17 -24.70 2.01
C SER B 32 -22.26 -24.75 0.50
N VAL B 33 -21.53 -25.69 -0.10
CA VAL B 33 -21.39 -25.76 -1.54
C VAL B 33 -22.21 -26.95 -2.03
N SER B 34 -23.10 -26.68 -2.99
CA SER B 34 -24.15 -27.61 -3.39
C SER B 34 -24.13 -27.72 -4.91
N GLY B 35 -23.22 -28.54 -5.43
CA GLY B 35 -23.08 -28.69 -6.86
C GLY B 35 -24.04 -29.70 -7.44
N GLU B 36 -24.92 -29.26 -8.34
CA GLU B 36 -25.91 -30.12 -8.97
C GLU B 36 -25.46 -30.39 -10.39
N ARG B 37 -24.70 -31.46 -10.58
CA ARG B 37 -24.10 -31.76 -11.87
C ARG B 37 -25.18 -32.07 -12.90
N GLU B 38 -24.75 -32.38 -14.12
CA GLU B 38 -25.63 -32.44 -15.28
C GLU B 38 -25.14 -33.53 -16.22
N LEU B 39 -26.08 -34.26 -16.81
CA LEU B 39 -25.80 -35.35 -17.72
C LEU B 39 -25.30 -34.81 -19.06
N PHE B 40 -24.74 -35.71 -19.86
CA PHE B 40 -24.38 -35.41 -21.25
C PHE B 40 -25.30 -36.14 -22.22
N ASP B 41 -26.44 -35.51 -22.50
CA ASP B 41 -27.19 -35.73 -23.73
C ASP B 41 -27.10 -34.45 -24.56
N GLU B 42 -26.22 -34.47 -25.56
CA GLU B 42 -26.09 -33.35 -26.48
C GLU B 42 -27.28 -33.19 -27.40
N GLN B 43 -28.07 -34.26 -27.58
CA GLN B 43 -29.18 -34.37 -28.53
C GLN B 43 -28.68 -34.41 -29.98
N THR B 44 -27.44 -34.88 -30.17
CA THR B 44 -26.64 -34.72 -31.39
C THR B 44 -26.59 -33.25 -31.84
N LYS B 45 -26.29 -32.37 -30.88
CA LYS B 45 -26.26 -30.93 -31.14
C LYS B 45 -24.84 -30.38 -30.93
N ASN B 46 -24.55 -29.93 -29.71
CA ASN B 46 -23.21 -29.42 -29.39
C ASN B 46 -22.87 -29.58 -27.92
N GLY B 47 -23.34 -30.64 -27.26
CA GLY B 47 -23.08 -30.87 -25.85
C GLY B 47 -24.00 -30.03 -24.99
N ARG B 48 -25.24 -29.87 -25.45
CA ARG B 48 -26.23 -29.07 -24.73
C ARG B 48 -27.16 -30.05 -24.01
N ILE B 49 -27.16 -30.00 -22.68
CA ILE B 49 -28.03 -30.84 -21.87
C ILE B 49 -28.71 -30.01 -20.81
N LEU B 50 -30.01 -30.23 -20.60
CA LEU B 50 -30.76 -29.55 -19.55
C LEU B 50 -31.15 -30.50 -18.43
N GLY B 51 -30.38 -31.58 -18.24
CA GLY B 51 -30.75 -32.65 -17.35
C GLY B 51 -29.81 -32.81 -16.17
N PRO B 52 -30.28 -33.51 -15.13
CA PRO B 52 -29.48 -33.63 -13.90
C PRO B 52 -28.39 -34.69 -13.99
N GLY B 53 -27.41 -34.57 -13.12
CA GLY B 53 -26.29 -35.51 -13.07
C GLY B 53 -26.17 -36.09 -11.68
N SER B 54 -25.73 -35.24 -10.76
CA SER B 54 -25.58 -35.66 -9.37
C SER B 54 -25.54 -34.45 -8.44
N VAL B 55 -25.60 -34.72 -7.15
CA VAL B 55 -25.63 -33.68 -6.12
C VAL B 55 -24.37 -33.77 -5.29
N ALA B 56 -23.50 -32.78 -5.44
CA ALA B 56 -22.29 -32.66 -4.63
C ALA B 56 -22.57 -31.63 -3.53
N ASP B 57 -23.18 -32.08 -2.46
CA ASP B 57 -23.67 -31.19 -1.41
C ASP B 57 -22.78 -31.34 -0.19
N SER B 58 -21.92 -30.35 0.02
CA SER B 58 -20.95 -30.33 1.09
C SER B 58 -20.80 -28.92 1.63
N GLY B 59 -20.23 -28.82 2.82
CA GLY B 59 -19.95 -27.53 3.41
C GLY B 59 -18.69 -27.55 4.26
N GLU B 60 -18.07 -26.40 4.43
CA GLU B 60 -16.92 -26.26 5.32
C GLU B 60 -17.27 -25.20 6.36
N VAL B 61 -16.83 -25.42 7.58
CA VAL B 61 -17.11 -24.52 8.69
C VAL B 61 -15.81 -24.18 9.39
N THR B 62 -15.51 -22.90 9.52
CA THR B 62 -14.34 -22.48 10.28
C THR B 62 -14.78 -21.74 11.53
N TYR B 63 -14.12 -22.03 12.65
CA TYR B 63 -14.38 -21.32 13.90
C TYR B 63 -13.09 -21.26 14.71
N TYR B 64 -13.08 -20.43 15.75
CA TYR B 64 -11.98 -20.33 16.69
C TYR B 64 -12.21 -21.30 17.85
N GLY B 65 -11.14 -21.91 18.34
CA GLY B 65 -11.25 -22.91 19.37
C GLY B 65 -11.42 -22.38 20.77
N LYS B 66 -12.25 -23.04 21.57
CA LYS B 66 -12.40 -22.68 22.97
C LYS B 66 -12.10 -23.91 23.84
N ARG B 67 -11.61 -23.65 25.06
CA ARG B 67 -11.12 -24.72 25.93
C ARG B 67 -12.17 -25.79 26.20
N GLY B 68 -13.44 -25.44 26.35
CA GLY B 68 -14.50 -26.40 26.54
C GLY B 68 -15.54 -26.26 25.45
N ASP B 69 -16.78 -26.04 25.89
CA ASP B 69 -17.93 -25.64 25.04
C ASP B 69 -18.32 -26.77 24.09
N ALA B 70 -19.61 -27.11 24.15
CA ALA B 70 -20.16 -28.41 23.76
C ALA B 70 -20.49 -28.63 22.29
N GLY B 71 -20.49 -27.58 21.46
CA GLY B 71 -20.54 -27.78 20.02
C GLY B 71 -19.23 -28.26 19.44
N GLN B 72 -18.12 -27.61 19.83
CA GLN B 72 -16.80 -28.14 19.48
C GLN B 72 -16.52 -29.46 20.18
N LYS B 73 -16.96 -29.63 21.42
CA LYS B 73 -16.87 -30.94 22.06
C LYS B 73 -17.77 -31.96 21.39
N ALA B 74 -18.97 -31.55 20.97
CA ALA B 74 -19.77 -32.41 20.11
C ALA B 74 -19.10 -32.61 18.76
N ILE B 75 -18.41 -31.57 18.27
CA ILE B 75 -17.61 -31.70 17.07
C ILE B 75 -16.53 -32.76 17.25
N GLU B 76 -15.79 -32.69 18.37
CA GLU B 76 -14.71 -33.64 18.61
C GLU B 76 -15.23 -35.02 18.97
N ASP B 77 -16.27 -35.12 19.79
CA ASP B 77 -16.93 -36.41 19.98
C ASP B 77 -17.47 -36.95 18.67
N ALA B 78 -18.13 -36.12 17.87
CA ALA B 78 -18.57 -36.59 16.56
C ALA B 78 -17.38 -36.91 15.66
N TYR B 79 -16.37 -36.02 15.63
CA TYR B 79 -15.27 -36.21 14.70
C TYR B 79 -14.50 -37.50 14.99
N GLN B 80 -14.12 -37.70 16.25
CA GLN B 80 -13.15 -38.73 16.61
C GLN B 80 -13.80 -40.11 16.71
N ASN B 81 -15.10 -40.16 17.02
CA ASN B 81 -15.80 -41.43 16.96
C ASN B 81 -16.49 -41.63 15.62
N GLY B 82 -16.37 -40.64 14.73
CA GLY B 82 -16.95 -40.72 13.41
C GLY B 82 -18.46 -40.71 13.43
N LYS B 83 -19.02 -40.04 14.43
CA LYS B 83 -20.47 -39.91 14.63
C LYS B 83 -20.98 -38.98 13.53
N GLN B 84 -22.17 -39.27 13.03
CA GLN B 84 -22.91 -38.36 12.17
C GLN B 84 -23.46 -37.23 13.01
N ILE B 85 -23.46 -36.01 12.47
CA ILE B 85 -23.98 -34.86 13.19
C ILE B 85 -25.15 -34.25 12.44
N LYS B 86 -26.18 -33.87 13.19
CA LYS B 86 -27.34 -33.20 12.61
C LYS B 86 -27.06 -31.71 12.51
N PHE B 87 -27.34 -31.15 11.33
CA PHE B 87 -26.88 -29.83 10.92
C PHE B 87 -28.08 -28.94 10.62
N TRP B 88 -28.16 -27.81 11.32
CA TRP B 88 -29.24 -26.84 11.18
C TRP B 88 -28.62 -25.48 10.85
N ARG B 89 -28.91 -24.97 9.65
CA ARG B 89 -28.53 -23.61 9.28
C ARG B 89 -29.77 -22.73 9.35
N VAL B 90 -29.83 -21.88 10.36
CA VAL B 90 -31.03 -21.11 10.60
C VAL B 90 -30.70 -19.62 10.58
N ASP B 91 -31.69 -18.83 10.22
CA ASP B 91 -31.54 -17.38 10.16
C ASP B 91 -31.84 -16.77 11.52
N THR B 92 -31.38 -15.52 11.67
CA THR B 92 -31.51 -14.78 12.92
C THR B 92 -32.68 -13.81 12.91
N VAL B 93 -33.11 -13.36 11.73
CA VAL B 93 -34.27 -12.48 11.64
C VAL B 93 -35.53 -13.25 12.00
N LYS B 94 -36.61 -12.52 12.25
CA LYS B 94 -37.86 -13.10 12.73
C LYS B 94 -38.84 -13.23 11.58
N ASN B 95 -39.07 -14.47 11.14
CA ASN B 95 -40.11 -14.75 10.17
C ASN B 95 -41.48 -14.65 10.82
N GLU B 96 -42.50 -14.42 9.99
CA GLU B 96 -43.86 -14.23 10.49
C GLU B 96 -44.67 -15.52 10.58
N ASN B 97 -44.27 -16.58 9.87
CA ASN B 97 -44.87 -17.88 10.11
C ASN B 97 -44.10 -18.65 11.17
N ASP B 98 -43.03 -19.33 10.77
CA ASP B 98 -42.08 -19.88 11.71
C ASP B 98 -41.38 -18.73 12.42
N LYS B 99 -40.90 -18.98 13.64
CA LYS B 99 -40.07 -18.01 14.34
C LYS B 99 -38.91 -17.58 13.46
N TYR B 100 -38.24 -18.55 12.84
CA TYR B 100 -37.12 -18.32 11.96
C TYR B 100 -37.29 -19.25 10.75
N ASP B 101 -36.26 -19.33 9.92
CA ASP B 101 -36.30 -20.22 8.76
C ASP B 101 -34.93 -20.86 8.58
N ALA B 102 -34.96 -22.13 8.18
CA ALA B 102 -33.77 -22.97 8.29
C ALA B 102 -33.59 -23.78 7.01
N GLN B 103 -32.33 -23.91 6.61
CA GLN B 103 -31.87 -24.99 5.74
C GLN B 103 -31.18 -26.01 6.64
N PHE B 104 -31.56 -27.27 6.49
CA PHE B 104 -31.29 -28.31 7.46
C PHE B 104 -30.74 -29.56 6.77
N GLY B 105 -29.99 -30.36 7.51
CA GLY B 105 -29.61 -31.66 7.00
C GLY B 105 -28.88 -32.49 8.03
N PHE B 106 -28.68 -33.76 7.67
CA PHE B 106 -27.79 -34.64 8.42
C PHE B 106 -26.42 -34.56 7.75
N ALA B 107 -25.38 -34.48 8.58
CA ALA B 107 -24.04 -34.19 8.09
C ALA B 107 -23.01 -35.13 8.69
N TYR B 108 -21.87 -35.22 8.01
CA TYR B 108 -20.81 -36.17 8.35
C TYR B 108 -19.49 -35.42 8.30
N ILE B 109 -18.63 -35.66 9.30
CA ILE B 109 -17.32 -35.00 9.35
C ILE B 109 -16.43 -35.57 8.26
N GLU B 110 -16.12 -34.76 7.26
CA GLU B 110 -15.23 -35.21 6.20
C GLU B 110 -13.76 -34.91 6.45
N SER B 111 -13.44 -33.83 7.16
CA SER B 111 -12.06 -33.55 7.54
C SER B 111 -12.04 -32.53 8.66
N ARG B 112 -11.03 -32.63 9.50
CA ARG B 112 -10.79 -31.69 10.61
C ARG B 112 -9.40 -31.13 10.34
N GLU B 113 -9.26 -29.84 10.57
CA GLU B 113 -8.04 -29.09 10.33
C GLU B 113 -7.82 -28.20 11.54
N TYR B 114 -6.70 -28.38 12.22
CA TYR B 114 -6.35 -27.53 13.35
C TYR B 114 -5.23 -26.57 13.00
N SER B 115 -5.53 -25.28 13.12
CA SER B 115 -4.57 -24.23 12.86
C SER B 115 -4.05 -23.69 14.18
N ASP B 116 -2.73 -23.68 14.32
CA ASP B 116 -2.00 -22.99 15.37
C ASP B 116 -1.03 -22.05 14.66
N GLY B 117 -1.24 -20.75 14.84
CA GLY B 117 -0.33 -19.75 14.31
C GLY B 117 0.48 -19.09 15.41
N VAL B 118 1.27 -18.09 15.03
CA VAL B 118 2.05 -17.31 15.98
C VAL B 118 1.18 -16.30 16.72
N GLU B 119 0.48 -15.44 15.98
CA GLU B 119 -0.55 -14.61 16.58
C GLU B 119 -1.94 -15.21 16.47
N GLY B 120 -2.88 -14.78 17.31
CA GLY B 120 -4.27 -15.08 17.08
C GLY B 120 -4.61 -16.37 17.77
N ALA B 121 -5.88 -16.56 18.14
CA ALA B 121 -6.29 -17.75 18.87
C ALA B 121 -6.49 -18.93 17.91
N VAL B 122 -6.54 -20.12 18.49
CA VAL B 122 -6.52 -21.36 17.71
C VAL B 122 -7.65 -21.33 16.69
N GLU B 123 -7.41 -21.94 15.53
CA GLU B 123 -8.38 -21.90 14.46
C GLU B 123 -8.68 -23.31 13.97
N ILE B 124 -9.97 -23.63 13.89
CA ILE B 124 -10.40 -24.96 13.45
C ILE B 124 -11.15 -24.82 12.14
N SER B 125 -10.70 -25.57 11.14
CA SER B 125 -11.42 -25.74 9.89
C SER B 125 -11.98 -27.16 9.87
N ILE B 126 -13.29 -27.28 9.74
CA ILE B 126 -13.94 -28.58 9.65
C ILE B 126 -14.68 -28.66 8.32
N SER B 127 -14.32 -29.67 7.53
CA SER B 127 -14.89 -29.89 6.22
C SER B 127 -15.84 -31.08 6.25
N LEU B 128 -17.05 -30.87 5.73
CA LEU B 128 -18.12 -31.83 5.82
C LEU B 128 -18.93 -31.84 4.53
N GLN B 129 -19.71 -32.90 4.33
CA GLN B 129 -20.73 -32.93 3.30
C GLN B 129 -22.06 -33.17 3.98
N VAL B 130 -23.15 -32.90 3.28
CA VAL B 130 -24.47 -33.18 3.81
C VAL B 130 -25.18 -34.13 2.84
N ILE B 131 -25.69 -35.23 3.38
CA ILE B 131 -26.26 -36.28 2.52
C ILE B 131 -27.51 -35.76 1.82
N GLY B 132 -28.44 -35.22 2.60
CA GLY B 132 -29.65 -34.67 2.03
C GLY B 132 -29.86 -33.23 2.45
N GLU B 133 -29.84 -32.33 1.46
CA GLU B 133 -30.17 -30.93 1.73
C GLU B 133 -31.66 -30.76 1.98
N LEU B 134 -31.98 -30.18 3.13
CA LEU B 134 -33.36 -30.05 3.56
C LEU B 134 -33.60 -28.59 3.93
N LYS B 135 -34.84 -28.14 3.78
CA LYS B 135 -35.21 -26.77 4.05
C LYS B 135 -36.51 -26.74 4.84
N ASN B 136 -36.54 -25.98 5.93
CA ASN B 136 -37.74 -25.83 6.74
C ASN B 136 -37.61 -24.57 7.58
N GLY B 137 -38.74 -23.94 7.89
CA GLY B 137 -38.74 -22.87 8.87
C GLY B 137 -38.43 -23.38 10.26
N GLU B 138 -37.85 -22.52 11.06
CA GLU B 138 -37.37 -22.91 12.39
C GLU B 138 -38.25 -22.23 13.45
N ILE B 139 -38.51 -22.95 14.52
CA ILE B 139 -39.39 -22.44 15.57
C ILE B 139 -38.58 -21.99 16.78
N ASP B 140 -37.90 -22.91 17.45
CA ASP B 140 -37.16 -22.56 18.66
C ASP B 140 -35.69 -22.88 18.51
N THR B 141 -34.86 -21.83 18.51
CA THR B 141 -33.42 -21.98 18.47
C THR B 141 -32.77 -21.59 19.79
N LEU B 142 -33.46 -21.79 20.92
CA LEU B 142 -33.07 -21.37 22.26
C LEU B 142 -32.63 -19.91 22.23
N PRO B 143 -33.48 -18.99 21.74
CA PRO B 143 -33.01 -17.68 21.25
C PRO B 143 -32.48 -16.74 22.33
N GLU B 144 -32.66 -17.15 23.58
CA GLU B 144 -32.07 -16.47 24.72
C GLU B 144 -30.56 -16.39 24.61
N GLU B 145 -29.93 -17.39 23.99
CA GLU B 145 -28.49 -17.49 23.96
C GLU B 145 -27.92 -17.64 22.55
N ILE B 146 -28.48 -18.51 21.71
CA ILE B 146 -28.00 -18.73 20.35
C ILE B 146 -28.34 -17.54 19.46
N VAL B 147 -29.57 -17.03 19.55
CA VAL B 147 -30.01 -15.94 18.69
C VAL B 147 -29.45 -14.65 19.25
N ASN B 148 -29.45 -14.53 20.58
CA ASN B 148 -29.00 -13.31 21.25
C ASN B 148 -27.49 -13.31 21.46
N VAL B 149 -26.80 -12.32 20.90
CA VAL B 149 -25.38 -12.16 21.23
C VAL B 149 -25.26 -10.98 22.19
N SER B 150 -24.91 -11.28 23.44
CA SER B 150 -24.91 -10.27 24.49
C SER B 150 -23.51 -9.88 24.94
N LYS B 151 -23.29 -8.62 25.29
CA LYS B 151 -22.00 -8.22 25.84
C LYS B 151 -21.77 -8.67 27.28
N GLY B 152 -22.81 -8.71 28.11
CA GLY B 152 -22.63 -9.06 29.51
C GLY B 152 -22.24 -7.87 30.38
N GLY B 153 -22.33 -6.67 29.82
CA GLY B 153 -21.92 -5.46 30.52
C GLY B 153 -22.97 -5.02 31.53
N TYR B 154 -22.56 -5.01 32.79
CA TYR B 154 -23.39 -4.58 33.91
C TYR B 154 -23.10 -3.10 34.19
N ASP B 155 -24.10 -2.24 33.93
CA ASP B 155 -23.85 -0.82 33.69
C ASP B 155 -23.41 -0.02 34.91
N PHE B 156 -23.90 -0.38 36.11
CA PHE B 156 -23.45 0.05 37.44
C PHE B 156 -23.33 -1.16 38.35
N GLN B 157 -22.08 -1.46 38.72
CA GLN B 157 -21.76 -2.17 39.95
C GLN B 157 -20.48 -1.53 40.48
N GLN B 158 -20.43 -0.19 40.48
CA GLN B 158 -19.15 0.48 40.70
C GLN B 158 -18.47 0.12 42.02
N PRO B 159 -19.10 0.24 43.20
CA PRO B 159 -18.44 -0.30 44.39
C PRO B 159 -18.65 -1.79 44.58
N GLY B 160 -17.59 -2.56 44.84
CA GLY B 160 -17.72 -4.00 44.85
C GLY B 160 -18.14 -4.70 43.57
N GLN B 161 -17.61 -4.30 42.41
CA GLN B 161 -17.93 -5.01 41.18
C GLN B 161 -17.52 -6.47 41.27
N THR B 162 -16.31 -6.72 41.82
CA THR B 162 -15.74 -8.04 42.07
C THR B 162 -15.85 -8.96 40.86
N THR B 163 -15.07 -8.66 39.82
CA THR B 163 -15.31 -9.30 38.54
C THR B 163 -13.98 -9.81 37.98
N GLY B 164 -14.05 -10.92 37.25
CA GLY B 164 -12.91 -11.43 36.53
C GLY B 164 -12.74 -10.77 35.17
N GLU B 165 -11.88 -11.35 34.32
CA GLU B 165 -11.61 -10.75 33.01
C GLU B 165 -12.86 -10.72 32.15
N ALA B 166 -13.78 -11.67 32.36
CA ALA B 166 -15.01 -11.79 31.59
C ALA B 166 -16.07 -10.88 32.18
N PRO B 167 -17.06 -10.48 31.41
CA PRO B 167 -17.80 -9.24 31.70
C PRO B 167 -18.88 -9.45 32.76
N GLY B 168 -18.51 -9.08 33.99
CA GLY B 168 -19.47 -8.91 35.07
C GLY B 168 -19.84 -10.13 35.87
N THR B 169 -19.04 -10.51 36.85
CA THR B 169 -19.45 -11.54 37.79
C THR B 169 -19.74 -10.92 39.15
N VAL B 170 -20.60 -11.61 39.89
CA VAL B 170 -21.01 -11.20 41.23
C VAL B 170 -19.86 -11.51 42.19
N PRO B 171 -19.77 -10.85 43.36
CA PRO B 171 -18.66 -11.15 44.28
C PRO B 171 -18.72 -12.58 44.79
N ALA B 172 -17.55 -13.22 44.84
CA ALA B 172 -17.39 -14.64 45.13
C ALA B 172 -18.21 -15.53 44.19
N PRO C 1 -20.62 3.81 -23.96
CA PRO C 1 -21.12 2.51 -24.40
C PRO C 1 -21.97 1.90 -23.30
N ILE C 2 -22.56 0.74 -23.55
CA ILE C 2 -23.38 0.03 -22.58
C ILE C 2 -22.50 -0.32 -21.40
N MET C 3 -22.95 0.04 -20.20
CA MET C 3 -22.18 -0.17 -18.98
C MET C 3 -22.50 -1.54 -18.38
N GLY C 4 -21.87 -1.81 -17.23
CA GLY C 4 -22.14 -3.04 -16.50
C GLY C 4 -23.53 -3.14 -15.92
N GLN C 5 -24.13 -2.00 -15.55
CA GLN C 5 -25.51 -1.93 -15.13
C GLN C 5 -26.48 -2.12 -16.30
N ASP C 6 -26.00 -1.94 -17.53
CA ASP C 6 -26.85 -1.92 -18.71
C ASP C 6 -27.52 -3.25 -19.01
N VAL C 7 -26.84 -4.38 -18.81
CA VAL C 7 -27.41 -5.70 -19.12
C VAL C 7 -27.86 -6.33 -17.82
N LYS C 8 -29.16 -6.60 -17.70
CA LYS C 8 -29.66 -7.28 -16.52
C LYS C 8 -30.29 -8.61 -16.90
N TYR C 9 -30.35 -9.50 -15.90
CA TYR C 9 -30.61 -10.92 -16.13
C TYR C 9 -31.96 -11.28 -15.51
N LEU C 10 -32.99 -11.34 -16.34
CA LEU C 10 -34.30 -11.78 -15.90
C LEU C 10 -34.40 -13.29 -15.99
N PHE C 11 -35.04 -13.91 -15.01
CA PHE C 11 -35.28 -15.34 -15.01
C PHE C 11 -36.76 -15.63 -14.83
N GLN C 12 -37.27 -16.58 -15.59
CA GLN C 12 -38.62 -17.08 -15.37
C GLN C 12 -38.59 -18.61 -15.35
N SER C 13 -39.30 -19.19 -14.40
CA SER C 13 -39.38 -20.63 -14.27
C SER C 13 -40.23 -21.23 -15.39
N ILE C 14 -39.85 -22.45 -15.80
CA ILE C 14 -40.58 -23.13 -16.87
C ILE C 14 -42.01 -23.44 -16.47
N ASP C 15 -42.23 -23.99 -15.29
CA ASP C 15 -43.54 -24.49 -14.88
C ASP C 15 -44.43 -23.40 -14.29
N ALA C 16 -43.87 -22.24 -13.96
CA ALA C 16 -44.65 -21.21 -13.29
C ALA C 16 -45.84 -20.78 -14.13
N ALA C 17 -45.64 -20.69 -15.47
CA ALA C 17 -46.60 -20.15 -16.43
C ALA C 17 -47.15 -18.80 -16.01
N THR C 18 -46.26 -17.96 -15.47
CA THR C 18 -46.61 -16.62 -15.00
C THR C 18 -46.37 -15.63 -16.13
N GLY C 19 -46.94 -14.43 -15.99
CA GLY C 19 -46.79 -13.41 -17.01
C GLY C 19 -45.67 -12.43 -16.73
N SER C 20 -44.89 -12.68 -15.67
CA SER C 20 -43.82 -11.77 -15.30
C SER C 20 -42.63 -12.52 -14.70
N ALA C 21 -41.42 -12.05 -15.01
CA ALA C 21 -40.13 -12.66 -14.68
C ALA C 21 -39.47 -11.98 -13.47
N PRO C 22 -39.16 -12.73 -12.38
CA PRO C 22 -38.49 -12.08 -11.24
C PRO C 22 -37.06 -11.69 -11.54
N LEU C 23 -36.73 -10.44 -11.30
CA LEU C 23 -35.34 -10.01 -11.32
C LEU C 23 -34.88 -9.77 -9.89
N PHE C 24 -33.78 -10.40 -9.54
CA PHE C 24 -33.50 -10.40 -8.11
C PHE C 24 -32.63 -9.20 -7.73
N PRO C 25 -32.89 -8.57 -6.59
CA PRO C 25 -32.07 -7.42 -6.20
C PRO C 25 -30.70 -7.82 -5.68
N ALA C 26 -29.85 -6.82 -5.51
CA ALA C 26 -28.47 -6.93 -5.03
C ALA C 26 -27.64 -7.86 -5.90
N TYR C 27 -27.71 -7.63 -7.21
CA TYR C 27 -26.88 -8.35 -8.16
C TYR C 27 -25.43 -7.89 -8.07
N GLN C 28 -24.53 -8.85 -8.02
CA GLN C 28 -23.10 -8.62 -7.95
C GLN C 28 -22.63 -8.71 -9.41
N THR C 29 -21.87 -9.75 -9.75
CA THR C 29 -21.37 -9.88 -11.11
C THR C 29 -21.83 -11.19 -11.73
N ASP C 30 -21.50 -11.32 -13.02
CA ASP C 30 -22.12 -12.30 -13.88
C ASP C 30 -21.18 -12.53 -15.06
N GLY C 31 -20.89 -13.80 -15.33
CA GLY C 31 -20.20 -14.15 -16.54
C GLY C 31 -20.95 -15.20 -17.32
N SER C 32 -21.12 -14.95 -18.62
CA SER C 32 -21.69 -15.93 -19.53
C SER C 32 -20.55 -16.31 -20.47
N VAL C 33 -20.07 -17.53 -20.31
CA VAL C 33 -18.89 -17.99 -21.03
C VAL C 33 -19.35 -18.99 -22.10
N SER C 34 -18.95 -18.71 -23.34
CA SER C 34 -19.51 -19.35 -24.53
C SER C 34 -18.34 -19.84 -25.39
N GLY C 35 -17.77 -20.98 -25.03
CA GLY C 35 -16.65 -21.51 -25.76
C GLY C 35 -17.04 -22.32 -26.96
N GLU C 36 -16.62 -21.87 -28.15
CA GLU C 36 -16.94 -22.54 -29.41
C GLU C 36 -15.69 -23.26 -29.89
N ARG C 37 -15.54 -24.51 -29.48
CA ARG C 37 -14.33 -25.28 -29.76
C ARG C 37 -14.18 -25.51 -31.26
N GLU C 38 -13.12 -26.21 -31.64
CA GLU C 38 -12.69 -26.29 -33.03
C GLU C 38 -12.09 -27.67 -33.28
N LEU C 39 -12.37 -28.21 -34.46
CA LEU C 39 -11.90 -29.54 -34.85
C LEU C 39 -10.41 -29.50 -35.17
N PHE C 40 -9.82 -30.70 -35.26
CA PHE C 40 -8.45 -30.86 -35.73
C PHE C 40 -8.41 -31.49 -37.10
N ASP C 41 -8.55 -30.66 -38.13
CA ASP C 41 -8.03 -30.93 -39.46
C ASP C 41 -6.88 -29.98 -39.74
N GLU C 42 -5.66 -30.49 -39.59
CA GLU C 42 -4.46 -29.71 -39.91
C GLU C 42 -4.30 -29.44 -41.39
N GLN C 43 -4.94 -30.26 -42.23
CA GLN C 43 -4.78 -30.27 -43.70
C GLN C 43 -3.41 -30.79 -44.12
N THR C 44 -2.81 -31.64 -43.27
CA THR C 44 -1.39 -32.01 -43.29
C THR C 44 -0.48 -30.78 -43.37
N LYS C 45 -0.76 -29.80 -42.48
CA LYS C 45 -0.03 -28.55 -42.45
C LYS C 45 0.72 -28.39 -41.13
N ASN C 46 0.08 -27.76 -40.15
CA ASN C 46 0.69 -27.60 -38.82
C ASN C 46 -0.35 -27.49 -37.71
N GLY C 47 -1.48 -28.18 -37.84
CA GLY C 47 -2.53 -28.12 -36.84
C GLY C 47 -3.38 -26.87 -37.01
N ARG C 48 -3.59 -26.48 -38.27
CA ARG C 48 -4.36 -25.29 -38.58
C ARG C 48 -5.75 -25.75 -39.03
N ILE C 49 -6.77 -25.39 -38.25
CA ILE C 49 -8.15 -25.72 -38.58
C ILE C 49 -9.03 -24.49 -38.45
N LEU C 50 -9.93 -24.27 -39.41
CA LEU C 50 -10.88 -23.18 -39.35
C LEU C 50 -12.30 -23.66 -39.11
N GLY C 51 -12.45 -24.84 -38.50
CA GLY C 51 -13.72 -25.52 -38.39
C GLY C 51 -14.24 -25.65 -36.98
N PRO C 52 -15.54 -25.91 -36.83
CA PRO C 52 -16.14 -25.96 -35.50
C PRO C 52 -15.90 -27.27 -34.77
N GLY C 53 -16.05 -27.23 -33.45
CA GLY C 53 -15.86 -28.40 -32.62
C GLY C 53 -17.09 -28.64 -31.78
N SER C 54 -17.28 -27.75 -30.81
CA SER C 54 -18.45 -27.86 -29.93
C SER C 54 -18.71 -26.52 -29.25
N VAL C 55 -19.86 -26.44 -28.59
CA VAL C 55 -20.31 -25.22 -27.92
C VAL C 55 -20.35 -25.47 -26.41
N ALA C 56 -19.44 -24.83 -25.69
CA ALA C 56 -19.42 -24.87 -24.24
C ALA C 56 -20.04 -23.58 -23.73
N ASP C 57 -21.36 -23.55 -23.67
CA ASP C 57 -22.10 -22.33 -23.38
C ASP C 57 -22.67 -22.43 -21.97
N SER C 58 -22.03 -21.72 -21.05
CA SER C 58 -22.39 -21.71 -19.64
C SER C 58 -22.22 -20.31 -19.07
N GLY C 59 -22.84 -20.10 -17.91
CA GLY C 59 -22.69 -18.85 -17.21
C GLY C 59 -22.72 -19.03 -15.71
N GLU C 60 -22.14 -18.09 -14.98
CA GLU C 60 -22.18 -18.07 -13.53
C GLU C 60 -22.78 -16.74 -13.10
N VAL C 61 -23.62 -16.77 -12.06
CA VAL C 61 -24.30 -15.59 -11.58
C VAL C 61 -24.08 -15.48 -10.08
N THR C 62 -23.56 -14.35 -9.62
CA THR C 62 -23.41 -14.11 -8.20
C THR C 62 -24.34 -13.00 -7.76
N TYR C 63 -24.99 -13.19 -6.61
CA TYR C 63 -25.84 -12.15 -6.03
C TYR C 63 -25.80 -12.27 -4.51
N TYR C 64 -26.33 -11.25 -3.84
CA TYR C 64 -26.46 -11.24 -2.38
C TYR C 64 -27.84 -11.80 -2.01
N GLY C 65 -27.90 -12.55 -0.91
CA GLY C 65 -29.13 -13.20 -0.53
C GLY C 65 -30.11 -12.32 0.20
N LYS C 66 -31.40 -12.50 -0.09
CA LYS C 66 -32.45 -11.78 0.62
C LYS C 66 -33.41 -12.79 1.25
N ARG C 67 -34.03 -12.40 2.36
CA ARG C 67 -34.86 -13.32 3.15
C ARG C 67 -35.99 -13.95 2.34
N GLY C 68 -36.61 -13.22 1.43
CA GLY C 68 -37.65 -13.77 0.58
C GLY C 68 -37.27 -13.60 -0.89
N ASP C 69 -38.16 -12.93 -1.62
CA ASP C 69 -37.93 -12.44 -2.99
C ASP C 69 -37.80 -13.61 -3.98
N ALA C 70 -38.61 -13.53 -5.03
CA ALA C 70 -39.05 -14.67 -5.82
C ALA C 70 -38.14 -15.14 -6.96
N GLY C 71 -37.11 -14.36 -7.33
CA GLY C 71 -36.09 -14.88 -8.22
C GLY C 71 -35.14 -15.85 -7.52
N GLN C 72 -34.66 -15.48 -6.33
CA GLN C 72 -33.90 -16.42 -5.51
C GLN C 72 -34.78 -17.56 -5.02
N LYS C 73 -36.04 -17.29 -4.67
CA LYS C 73 -36.97 -18.38 -4.37
C LYS C 73 -37.26 -19.22 -5.60
N ALA C 74 -37.40 -18.60 -6.77
CA ALA C 74 -37.44 -19.38 -8.00
C ALA C 74 -36.12 -20.08 -8.25
N ILE C 75 -35.02 -19.43 -7.87
CA ILE C 75 -33.71 -20.07 -7.92
C ILE C 75 -33.69 -21.32 -7.04
N GLU C 76 -34.16 -21.20 -5.80
CA GLU C 76 -34.14 -22.33 -4.87
C GLU C 76 -35.19 -23.38 -5.23
N ASP C 77 -36.40 -22.97 -5.62
CA ASP C 77 -37.35 -23.92 -6.18
C ASP C 77 -36.79 -24.60 -7.42
N ALA C 78 -36.20 -23.83 -8.34
CA ALA C 78 -35.57 -24.45 -9.48
C ALA C 78 -34.37 -25.30 -9.07
N TYR C 79 -33.51 -24.79 -8.18
CA TYR C 79 -32.30 -25.51 -7.83
C TYR C 79 -32.60 -26.85 -7.17
N GLN C 80 -33.47 -26.84 -6.15
CA GLN C 80 -33.63 -27.99 -5.27
C GLN C 80 -34.54 -29.05 -5.88
N ASN C 81 -35.44 -28.65 -6.77
CA ASN C 81 -36.22 -29.65 -7.51
C ASN C 81 -35.59 -29.95 -8.85
N GLY C 82 -34.48 -29.29 -9.15
CA GLY C 82 -33.76 -29.51 -10.40
C GLY C 82 -34.54 -29.06 -11.61
N LYS C 83 -35.37 -28.04 -11.43
CA LYS C 83 -36.21 -27.45 -12.48
C LYS C 83 -35.27 -26.71 -13.43
N GLN C 84 -35.58 -26.76 -14.71
CA GLN C 84 -34.95 -25.91 -15.72
C GLN C 84 -35.49 -24.50 -15.57
N ILE C 85 -34.61 -23.50 -15.75
CA ILE C 85 -35.04 -22.11 -15.64
C ILE C 85 -34.82 -21.40 -16.97
N LYS C 86 -35.78 -20.56 -17.33
CA LYS C 86 -35.68 -19.75 -18.53
C LYS C 86 -34.92 -18.47 -18.22
N PHE C 87 -33.93 -18.17 -19.05
CA PHE C 87 -32.91 -17.17 -18.80
C PHE C 87 -32.95 -16.08 -19.85
N TRP C 88 -33.13 -14.83 -19.39
CA TRP C 88 -33.22 -13.66 -20.25
C TRP C 88 -32.15 -12.66 -19.81
N ARG C 89 -31.18 -12.39 -20.67
CA ARG C 89 -30.19 -11.33 -20.43
C ARG C 89 -30.57 -10.14 -21.31
N VAL C 90 -31.09 -9.09 -20.69
CA VAL C 90 -31.60 -7.97 -21.46
C VAL C 90 -30.88 -6.69 -21.03
N ASP C 91 -30.81 -5.76 -21.97
CA ASP C 91 -30.17 -4.48 -21.73
C ASP C 91 -31.16 -3.50 -21.13
N THR C 92 -30.60 -2.43 -20.55
CA THR C 92 -31.38 -1.41 -19.87
C THR C 92 -31.62 -0.18 -20.72
N VAL C 93 -30.74 0.09 -21.70
CA VAL C 93 -30.94 1.20 -22.61
C VAL C 93 -32.14 0.94 -23.52
N LYS C 94 -32.61 1.99 -24.16
CA LYS C 94 -33.82 1.92 -24.97
C LYS C 94 -33.47 1.80 -26.44
N ASN C 95 -33.69 0.62 -27.00
CA ASN C 95 -33.56 0.42 -28.44
C ASN C 95 -34.73 1.07 -29.17
N GLU C 96 -34.51 1.37 -30.45
CA GLU C 96 -35.52 2.05 -31.24
C GLU C 96 -36.45 1.12 -31.99
N ASN C 97 -36.08 -0.15 -32.18
CA ASN C 97 -37.05 -1.12 -32.68
C ASN C 97 -37.76 -1.81 -31.51
N ASP C 98 -37.16 -2.84 -30.94
CA ASP C 98 -37.61 -3.40 -29.68
C ASP C 98 -37.40 -2.36 -28.58
N LYS C 99 -38.20 -2.42 -27.53
CA LYS C 99 -37.98 -1.60 -26.35
C LYS C 99 -36.55 -1.74 -25.86
N TYR C 100 -36.08 -2.99 -25.78
CA TYR C 100 -34.73 -3.31 -25.35
C TYR C 100 -34.21 -4.41 -26.26
N ASP C 101 -33.07 -4.99 -25.92
CA ASP C 101 -32.51 -6.08 -26.70
C ASP C 101 -31.89 -7.12 -25.76
N ALA C 102 -32.05 -8.38 -26.14
CA ALA C 102 -31.85 -9.47 -25.21
C ALA C 102 -31.04 -10.58 -25.87
N GLN C 103 -30.14 -11.16 -25.08
CA GLN C 103 -29.62 -12.50 -25.32
C GLN C 103 -30.34 -13.43 -24.35
N PHE C 104 -30.86 -14.53 -24.87
CA PHE C 104 -31.87 -15.34 -24.20
C PHE C 104 -31.51 -16.81 -24.28
N GLY C 105 -32.00 -17.60 -23.32
CA GLY C 105 -31.86 -19.04 -23.44
C GLY C 105 -32.61 -19.77 -22.35
N PHE C 106 -32.69 -21.08 -22.51
CA PHE C 106 -33.14 -21.97 -21.44
C PHE C 106 -31.90 -22.46 -20.70
N ALA C 107 -31.98 -22.48 -19.38
CA ALA C 107 -30.82 -22.71 -18.54
C ALA C 107 -31.12 -23.74 -17.45
N TYR C 108 -30.05 -24.31 -16.92
CA TYR C 108 -30.11 -25.40 -15.97
C TYR C 108 -29.14 -25.10 -14.84
N ILE C 109 -29.56 -25.33 -13.60
CA ILE C 109 -28.71 -25.09 -12.43
C ILE C 109 -27.61 -26.14 -12.39
N GLU C 110 -26.37 -25.71 -12.63
CA GLU C 110 -25.26 -26.64 -12.55
C GLU C 110 -24.60 -26.72 -11.19
N SER C 111 -24.61 -25.64 -10.41
CA SER C 111 -24.11 -25.69 -9.05
C SER C 111 -24.61 -24.47 -8.29
N ARG C 112 -24.80 -24.66 -6.98
CA ARG C 112 -25.20 -23.59 -6.07
C ARG C 112 -24.09 -23.53 -5.02
N GLU C 113 -23.72 -22.31 -4.65
CA GLU C 113 -22.66 -22.04 -3.72
C GLU C 113 -23.16 -20.97 -2.75
N TYR C 114 -23.19 -21.30 -1.47
CA TYR C 114 -23.60 -20.34 -0.46
C TYR C 114 -22.41 -19.85 0.36
N SER C 115 -22.18 -18.55 0.30
CA SER C 115 -21.12 -17.91 1.06
C SER C 115 -21.70 -17.23 2.28
N ASP C 116 -21.14 -17.58 3.44
CA ASP C 116 -21.34 -16.89 4.70
C ASP C 116 -19.96 -16.47 5.18
N GLY C 117 -19.73 -15.16 5.25
CA GLY C 117 -18.50 -14.62 5.79
C GLY C 117 -18.71 -13.98 7.15
N VAL C 118 -17.66 -13.37 7.67
CA VAL C 118 -17.72 -12.65 8.93
C VAL C 118 -18.38 -11.28 8.75
N GLU C 119 -17.84 -10.47 7.84
CA GLU C 119 -18.54 -9.24 7.44
C GLU C 119 -19.36 -9.43 6.18
N GLY C 120 -20.34 -8.56 5.94
CA GLY C 120 -20.98 -8.50 4.65
C GLY C 120 -22.15 -9.43 4.64
N ALA C 121 -23.15 -9.15 3.81
CA ALA C 121 -24.37 -9.95 3.75
C ALA C 121 -24.13 -11.22 2.93
N VAL C 122 -25.05 -12.18 3.09
CA VAL C 122 -24.87 -13.51 2.53
C VAL C 122 -24.63 -13.41 1.03
N GLU C 123 -23.82 -14.33 0.50
CA GLU C 123 -23.46 -14.27 -0.91
C GLU C 123 -23.74 -15.61 -1.56
N ILE C 124 -24.44 -15.56 -2.69
CA ILE C 124 -24.80 -16.77 -3.42
C ILE C 124 -24.10 -16.74 -4.77
N SER C 125 -23.35 -17.81 -5.05
CA SER C 125 -22.80 -18.07 -6.37
C SER C 125 -23.59 -19.22 -6.98
N ILE C 126 -24.19 -18.98 -8.14
CA ILE C 126 -24.91 -20.03 -8.86
C ILE C 126 -24.28 -20.21 -10.22
N SER C 127 -23.84 -21.44 -10.49
CA SER C 127 -23.17 -21.80 -11.73
C SER C 127 -24.11 -22.62 -12.60
N LEU C 128 -24.24 -22.22 -13.86
CA LEU C 128 -25.21 -22.78 -14.78
C LEU C 128 -24.60 -22.86 -16.18
N GLN C 129 -25.22 -23.66 -17.03
CA GLN C 129 -24.94 -23.65 -18.45
C GLN C 129 -26.23 -23.32 -19.17
N VAL C 130 -26.14 -22.93 -20.44
CA VAL C 130 -27.33 -22.68 -21.24
C VAL C 130 -27.25 -23.60 -22.46
N ILE C 131 -28.34 -24.34 -22.69
CA ILE C 131 -28.34 -25.35 -23.74
C ILE C 131 -28.25 -24.70 -25.12
N GLY C 132 -29.12 -23.73 -25.37
CA GLY C 132 -29.09 -23.01 -26.62
C GLY C 132 -28.99 -21.52 -26.41
N GLU C 133 -27.90 -20.92 -26.86
CA GLU C 133 -27.76 -19.47 -26.83
C GLU C 133 -28.64 -18.82 -27.89
N LEU C 134 -29.50 -17.92 -27.43
CA LEU C 134 -30.49 -17.29 -28.30
C LEU C 134 -30.38 -15.80 -28.13
N LYS C 135 -30.73 -15.05 -29.17
CA LYS C 135 -30.62 -13.60 -29.18
C LYS C 135 -31.89 -13.01 -29.78
N ASN C 136 -32.49 -12.04 -29.10
CA ASN C 136 -33.66 -11.35 -29.61
C ASN C 136 -33.81 -10.02 -28.88
N GLY C 137 -34.40 -9.05 -29.57
CA GLY C 137 -34.78 -7.81 -28.90
C GLY C 137 -35.89 -8.04 -27.91
N GLU C 138 -35.92 -7.21 -26.88
CA GLU C 138 -36.86 -7.39 -25.78
C GLU C 138 -37.87 -6.26 -25.82
N ILE C 139 -39.12 -6.58 -25.48
CA ILE C 139 -40.20 -5.60 -25.54
C ILE C 139 -40.58 -5.13 -24.15
N ASP C 140 -41.09 -6.02 -23.31
CA ASP C 140 -41.54 -5.61 -21.99
C ASP C 140 -40.79 -6.37 -20.90
N THR C 141 -40.00 -5.62 -20.13
CA THR C 141 -39.29 -6.19 -18.98
C THR C 141 -39.86 -5.70 -17.66
N LEU C 142 -41.17 -5.40 -17.60
CA LEU C 142 -41.87 -4.80 -16.46
C LEU C 142 -41.08 -3.58 -15.97
N PRO C 143 -40.81 -2.61 -16.85
CA PRO C 143 -39.71 -1.65 -16.62
C PRO C 143 -39.94 -0.68 -15.47
N GLU C 144 -41.17 -0.69 -14.95
CA GLU C 144 -41.51 0.05 -13.74
C GLU C 144 -40.63 -0.35 -12.57
N GLU C 145 -40.19 -1.60 -12.52
CA GLU C 145 -39.47 -2.12 -11.37
C GLU C 145 -38.13 -2.76 -11.73
N ILE C 146 -38.08 -3.60 -12.75
CA ILE C 146 -36.85 -4.27 -13.16
C ILE C 146 -35.89 -3.28 -13.82
N VAL C 147 -36.40 -2.45 -14.72
CA VAL C 147 -35.57 -1.52 -15.47
C VAL C 147 -35.24 -0.35 -14.56
N ASN C 148 -36.25 0.09 -13.79
CA ASN C 148 -36.10 1.25 -12.92
C ASN C 148 -35.50 0.87 -11.56
N VAL C 149 -34.36 1.44 -11.21
CA VAL C 149 -33.84 1.28 -9.86
C VAL C 149 -34.10 2.57 -9.09
N SER C 150 -35.01 2.49 -8.12
CA SER C 150 -35.47 3.68 -7.41
C SER C 150 -34.99 3.75 -5.97
N LYS C 151 -34.69 4.94 -5.47
CA LYS C 151 -34.32 5.06 -4.06
C LYS C 151 -35.50 4.94 -3.10
N GLY C 152 -36.69 5.40 -3.47
CA GLY C 152 -37.83 5.37 -2.57
C GLY C 152 -37.88 6.56 -1.63
N GLY C 153 -37.05 7.57 -1.90
CA GLY C 153 -36.96 8.73 -1.04
C GLY C 153 -38.11 9.70 -1.27
N TYR C 154 -38.90 9.89 -0.21
CA TYR C 154 -40.03 10.81 -0.20
C TYR C 154 -39.57 12.15 0.34
N ASP C 155 -39.56 13.17 -0.54
CA ASP C 155 -38.74 14.36 -0.32
C ASP C 155 -39.19 15.28 0.82
N PHE C 156 -40.51 15.36 1.06
CA PHE C 156 -41.16 15.97 2.23
C PHE C 156 -42.25 15.03 2.73
N GLN C 157 -42.01 14.48 3.92
CA GLN C 157 -43.06 14.02 4.82
C GLN C 157 -42.61 14.38 6.23
N GLN C 158 -42.09 15.61 6.41
CA GLN C 158 -41.37 15.92 7.65
C GLN C 158 -42.20 15.71 8.92
N PRO C 159 -43.41 16.29 9.10
CA PRO C 159 -44.20 15.88 10.27
C PRO C 159 -44.99 14.60 10.04
N GLY C 160 -44.94 13.65 10.98
CA GLY C 160 -45.54 12.35 10.73
C GLY C 160 -45.00 11.52 9.58
N GLN C 161 -43.68 11.46 9.39
CA GLN C 161 -43.13 10.59 8.35
C GLN C 161 -43.51 9.14 8.60
N THR C 162 -43.43 8.70 9.86
CA THR C 162 -43.82 7.37 10.34
C THR C 162 -43.26 6.25 9.45
N THR C 163 -41.95 6.06 9.52
CA THR C 163 -41.29 5.22 8.53
C THR C 163 -40.36 4.25 9.24
N GLY C 164 -40.22 3.05 8.66
CA GLY C 164 -39.26 2.07 9.12
C GLY C 164 -37.87 2.31 8.55
N GLU C 165 -36.98 1.33 8.70
CA GLU C 165 -35.60 1.47 8.23
C GLU C 165 -35.55 1.66 6.72
N ALA C 166 -36.52 1.10 6.00
CA ALA C 166 -36.58 1.14 4.55
C ALA C 166 -37.25 2.44 4.12
N PRO C 167 -37.00 2.92 2.91
CA PRO C 167 -37.16 4.34 2.60
C PRO C 167 -38.61 4.71 2.32
N GLY C 168 -39.26 5.24 3.35
CA GLY C 168 -40.52 5.94 3.20
C GLY C 168 -41.79 5.10 3.23
N THR C 169 -42.29 4.77 4.41
CA THR C 169 -43.59 4.15 4.52
C THR C 169 -44.59 5.15 5.11
N VAL C 170 -45.85 4.93 4.76
CA VAL C 170 -46.97 5.75 5.25
C VAL C 170 -47.24 5.36 6.70
N PRO C 171 -47.88 6.23 7.51
CA PRO C 171 -48.15 5.86 8.90
C PRO C 171 -49.09 4.68 9.00
N ALA C 172 -48.78 3.76 9.91
CA ALA C 172 -49.43 2.46 10.06
C ALA C 172 -49.43 1.65 8.77
N PRO D 1 9.87 3.67 -30.05
CA PRO D 1 9.49 2.51 -30.86
C PRO D 1 7.97 2.47 -30.98
N ILE D 2 7.45 1.52 -31.74
CA ILE D 2 6.02 1.33 -31.92
C ILE D 2 5.41 1.03 -30.56
N MET D 3 4.37 1.79 -30.20
CA MET D 3 3.72 1.66 -28.91
C MET D 3 2.60 0.63 -28.97
N GLY D 4 1.92 0.47 -27.83
CA GLY D 4 0.76 -0.40 -27.76
C GLY D 4 -0.44 0.07 -28.57
N GLN D 5 -0.61 1.38 -28.73
CA GLN D 5 -1.60 1.95 -29.61
C GLN D 5 -1.24 1.78 -31.08
N ASP D 6 0.02 1.52 -31.37
CA ASP D 6 0.52 1.50 -32.74
C ASP D 6 -0.06 0.40 -33.60
N VAL D 7 -0.29 -0.80 -33.06
CA VAL D 7 -0.81 -1.92 -33.84
C VAL D 7 -2.29 -2.06 -33.54
N LYS D 8 -3.13 -1.89 -34.55
CA LYS D 8 -4.56 -2.08 -34.36
C LYS D 8 -5.07 -3.22 -35.23
N TYR D 9 -6.20 -3.79 -34.82
CA TYR D 9 -6.68 -5.08 -35.31
C TYR D 9 -7.97 -4.85 -36.09
N LEU D 10 -7.86 -4.80 -37.42
CA LEU D 10 -9.04 -4.71 -38.27
C LEU D 10 -9.56 -6.11 -38.57
N PHE D 11 -10.89 -6.25 -38.60
CA PHE D 11 -11.52 -7.50 -38.96
C PHE D 11 -12.52 -7.28 -40.09
N GLN D 12 -12.52 -8.20 -41.04
CA GLN D 12 -13.56 -8.20 -42.07
C GLN D 12 -14.11 -9.61 -42.20
N SER D 13 -15.43 -9.71 -42.30
CA SER D 13 -16.10 -10.99 -42.45
C SER D 13 -15.87 -11.56 -43.85
N ILE D 14 -15.80 -12.90 -43.91
CA ILE D 14 -15.58 -13.56 -45.19
C ILE D 14 -16.73 -13.34 -46.16
N ASP D 15 -17.98 -13.50 -45.72
CA ASP D 15 -19.12 -13.47 -46.61
C ASP D 15 -19.63 -12.05 -46.86
N ALA D 16 -19.18 -11.06 -46.10
CA ALA D 16 -19.73 -9.72 -46.24
C ALA D 16 -19.50 -9.17 -47.63
N ALA D 17 -18.33 -9.47 -48.22
CA ALA D 17 -17.87 -8.93 -49.50
C ALA D 17 -17.97 -7.40 -49.55
N THR D 18 -17.64 -6.76 -48.43
CA THR D 18 -17.69 -5.32 -48.30
C THR D 18 -16.32 -4.74 -48.63
N GLY D 19 -16.27 -3.43 -48.88
CA GLY D 19 -15.03 -2.78 -49.23
C GLY D 19 -14.33 -2.14 -48.05
N SER D 20 -14.86 -2.34 -46.85
CA SER D 20 -14.28 -1.74 -45.66
C SER D 20 -14.42 -2.63 -44.43
N ALA D 21 -13.40 -2.64 -43.58
CA ALA D 21 -13.24 -3.50 -42.40
C ALA D 21 -13.61 -2.78 -41.10
N PRO D 22 -14.57 -3.29 -40.31
CA PRO D 22 -14.89 -2.63 -39.04
C PRO D 22 -13.79 -2.76 -38.01
N LEU D 23 -13.35 -1.65 -37.46
CA LEU D 23 -12.49 -1.67 -36.29
C LEU D 23 -13.28 -1.24 -35.07
N PHE D 24 -13.24 -2.06 -34.05
CA PHE D 24 -14.21 -1.81 -33.01
C PHE D 24 -13.64 -0.86 -31.96
N PRO D 25 -14.43 0.08 -31.43
CA PRO D 25 -13.90 0.99 -30.41
C PRO D 25 -13.77 0.33 -29.06
N ALA D 26 -13.10 1.06 -28.16
CA ALA D 26 -12.84 0.66 -26.77
C ALA D 26 -12.07 -0.67 -26.70
N TYR D 27 -11.00 -0.74 -27.49
CA TYR D 27 -10.11 -1.88 -27.43
C TYR D 27 -9.28 -1.86 -26.15
N GLN D 28 -9.23 -3.02 -25.50
CA GLN D 28 -8.47 -3.21 -24.28
C GLN D 28 -7.12 -3.78 -24.73
N THR D 29 -6.85 -5.04 -24.43
CA THR D 29 -5.58 -5.64 -24.82
C THR D 29 -5.80 -6.88 -25.71
N ASP D 30 -4.69 -7.40 -26.19
CA ASP D 30 -4.67 -8.34 -27.28
C ASP D 30 -3.37 -9.11 -27.23
N GLY D 31 -3.47 -10.42 -27.29
CA GLY D 31 -2.31 -11.25 -27.45
C GLY D 31 -2.46 -12.18 -28.64
N SER D 32 -1.44 -12.23 -29.48
CA SER D 32 -1.36 -13.17 -30.58
C SER D 32 -0.21 -14.09 -30.24
N VAL D 33 -0.53 -15.33 -29.89
CA VAL D 33 0.46 -16.28 -29.40
C VAL D 33 0.70 -17.31 -30.49
N SER D 34 1.97 -17.47 -30.86
CA SER D 34 2.38 -18.19 -32.05
C SER D 34 3.47 -19.19 -31.66
N GLY D 35 3.05 -20.33 -31.12
CA GLY D 35 4.00 -21.34 -30.67
C GLY D 35 4.46 -22.25 -31.77
N GLU D 36 5.75 -22.25 -32.06
CA GLU D 36 6.34 -23.07 -33.11
C GLU D 36 7.08 -24.23 -32.46
N ARG D 37 6.37 -25.33 -32.25
CA ARG D 37 6.91 -26.47 -31.51
C ARG D 37 8.08 -27.08 -32.28
N GLU D 38 8.66 -28.14 -31.71
CA GLU D 38 9.93 -28.68 -32.16
C GLU D 38 9.91 -30.20 -31.97
N LEU D 39 10.51 -30.89 -32.94
CA LEU D 39 10.57 -32.35 -32.94
C LEU D 39 11.58 -32.83 -31.90
N PHE D 40 11.51 -34.14 -31.60
CA PHE D 40 12.51 -34.80 -30.78
C PHE D 40 13.37 -35.74 -31.61
N ASP D 41 14.41 -35.18 -32.21
CA ASP D 41 15.61 -35.91 -32.60
C ASP D 41 16.76 -35.44 -31.70
N GLU D 42 17.07 -36.23 -30.69
CA GLU D 42 18.19 -35.95 -29.81
C GLU D 42 19.54 -36.11 -30.49
N GLN D 43 19.59 -36.88 -31.59
CA GLN D 43 20.80 -37.28 -32.31
C GLN D 43 21.63 -38.28 -31.49
N THR D 44 20.96 -39.03 -30.61
CA THR D 44 21.56 -39.80 -29.51
C THR D 44 22.52 -38.94 -28.68
N LYS D 45 22.05 -37.76 -28.29
CA LYS D 45 22.85 -36.80 -27.54
C LYS D 45 22.25 -36.57 -26.16
N ASN D 46 21.38 -35.55 -26.04
CA ASN D 46 20.71 -35.26 -24.78
C ASN D 46 19.36 -34.59 -24.97
N GLY D 47 18.64 -34.91 -26.03
CA GLY D 47 17.35 -34.31 -26.31
C GLY D 47 17.52 -32.94 -26.95
N ARG D 48 18.54 -32.83 -27.80
CA ARG D 48 18.83 -31.56 -28.47
C ARG D 48 18.31 -31.69 -29.90
N ILE D 49 17.34 -30.87 -30.25
CA ILE D 49 16.78 -30.84 -31.60
C ILE D 49 16.67 -29.40 -32.09
N LEU D 50 17.06 -29.18 -33.35
CA LEU D 50 16.93 -27.86 -33.97
C LEU D 50 15.85 -27.84 -35.05
N GLY D 51 14.86 -28.73 -34.95
CA GLY D 51 13.90 -28.95 -36.00
C GLY D 51 12.48 -28.59 -35.62
N PRO D 52 11.63 -28.39 -36.61
CA PRO D 52 10.25 -27.95 -36.34
C PRO D 52 9.32 -29.05 -35.89
N GLY D 53 8.23 -28.66 -35.24
CA GLY D 53 7.24 -29.59 -34.74
C GLY D 53 5.89 -29.24 -35.29
N SER D 54 5.35 -28.13 -34.79
CA SER D 54 4.04 -27.67 -35.24
C SER D 54 3.86 -26.19 -34.92
N VAL D 55 2.79 -25.62 -35.46
CA VAL D 55 2.50 -24.20 -35.30
C VAL D 55 1.20 -24.05 -34.51
N ALA D 56 1.32 -23.56 -33.28
CA ALA D 56 0.19 -23.25 -32.43
C ALA D 56 -0.05 -21.74 -32.50
N ASP D 57 -0.75 -21.31 -33.54
CA ASP D 57 -0.91 -19.90 -33.83
C ASP D 57 -2.34 -19.48 -33.49
N SER D 58 -2.47 -18.78 -32.37
CA SER D 58 -3.75 -18.33 -31.86
C SER D 58 -3.60 -16.95 -31.24
N GLY D 59 -4.74 -16.29 -31.04
CA GLY D 59 -4.76 -15.01 -30.38
C GLY D 59 -6.02 -14.80 -29.57
N GLU D 60 -5.94 -13.94 -28.57
CA GLU D 60 -7.10 -13.56 -27.78
C GLU D 60 -7.25 -12.04 -27.87
N VAL D 61 -8.49 -11.58 -27.96
CA VAL D 61 -8.78 -10.16 -28.11
C VAL D 61 -9.80 -9.77 -27.05
N THR D 62 -9.48 -8.77 -26.24
CA THR D 62 -10.44 -8.25 -25.28
C THR D 62 -10.84 -6.83 -25.66
N TYR D 63 -12.13 -6.55 -25.55
CA TYR D 63 -12.64 -5.19 -25.80
C TYR D 63 -13.85 -4.94 -24.90
N TYR D 64 -14.28 -3.68 -24.82
CA TYR D 64 -15.48 -3.29 -24.11
C TYR D 64 -16.65 -3.30 -25.07
N GLY D 65 -17.82 -3.72 -24.58
CA GLY D 65 -18.99 -3.86 -25.43
C GLY D 65 -19.72 -2.57 -25.72
N LYS D 66 -20.22 -2.42 -26.95
CA LYS D 66 -21.03 -1.28 -27.31
C LYS D 66 -22.38 -1.78 -27.85
N ARG D 67 -23.42 -0.97 -27.66
CA ARG D 67 -24.79 -1.37 -27.98
C ARG D 67 -24.96 -1.82 -29.43
N GLY D 68 -24.29 -1.18 -30.38
CA GLY D 68 -24.34 -1.58 -31.78
C GLY D 68 -22.95 -1.90 -32.28
N ASP D 69 -22.57 -1.18 -33.36
CA ASP D 69 -21.20 -1.13 -33.90
C ASP D 69 -20.80 -2.49 -34.48
N ALA D 70 -20.35 -2.43 -35.74
CA ALA D 70 -20.37 -3.55 -36.69
C ALA D 70 -19.19 -4.52 -36.64
N GLY D 71 -18.10 -4.20 -35.94
CA GLY D 71 -17.07 -5.19 -35.67
C GLY D 71 -17.50 -6.21 -34.61
N GLN D 72 -18.06 -5.72 -33.49
CA GLN D 72 -18.66 -6.62 -32.53
C GLN D 72 -19.91 -7.29 -33.08
N LYS D 73 -20.71 -6.58 -33.88
CA LYS D 73 -21.81 -7.23 -34.57
C LYS D 73 -21.31 -8.23 -35.61
N ALA D 74 -20.23 -7.89 -36.32
CA ALA D 74 -19.58 -8.89 -37.15
C ALA D 74 -18.98 -10.00 -36.30
N ILE D 75 -18.47 -9.63 -35.10
CA ILE D 75 -18.01 -10.63 -34.14
C ILE D 75 -19.16 -11.58 -33.76
N GLU D 76 -20.31 -11.02 -33.42
CA GLU D 76 -21.45 -11.84 -33.00
C GLU D 76 -22.07 -12.59 -34.17
N ASP D 77 -22.23 -11.95 -35.33
CA ASP D 77 -22.62 -12.68 -36.53
C ASP D 77 -21.62 -13.77 -36.86
N ALA D 78 -20.32 -13.45 -36.83
CA ALA D 78 -19.33 -14.50 -37.03
C ALA D 78 -19.37 -15.54 -35.92
N TYR D 79 -19.44 -15.11 -34.67
CA TYR D 79 -19.38 -16.04 -33.56
C TYR D 79 -20.53 -17.03 -33.58
N GLN D 80 -21.75 -16.51 -33.69
CA GLN D 80 -22.95 -17.33 -33.44
C GLN D 80 -23.32 -18.17 -34.65
N ASN D 81 -22.94 -17.76 -35.86
CA ASN D 81 -23.11 -18.62 -37.02
C ASN D 81 -21.85 -19.41 -37.31
N GLY D 82 -20.81 -19.21 -36.51
CA GLY D 82 -19.56 -19.93 -36.66
C GLY D 82 -18.83 -19.57 -37.94
N LYS D 83 -19.02 -18.34 -38.39
CA LYS D 83 -18.41 -17.81 -39.61
C LYS D 83 -16.92 -17.62 -39.32
N GLN D 84 -16.08 -17.89 -40.31
CA GLN D 84 -14.67 -17.54 -40.27
C GLN D 84 -14.54 -16.03 -40.46
N ILE D 85 -13.59 -15.41 -39.76
CA ILE D 85 -13.38 -13.98 -39.88
C ILE D 85 -11.97 -13.70 -40.38
N LYS D 86 -11.86 -12.74 -41.28
CA LYS D 86 -10.57 -12.31 -41.79
C LYS D 86 -9.98 -11.27 -40.85
N PHE D 87 -8.71 -11.49 -40.50
CA PHE D 87 -8.03 -10.81 -39.40
C PHE D 87 -6.83 -10.04 -39.92
N TRP D 88 -6.82 -8.73 -39.67
CA TRP D 88 -5.76 -7.82 -40.10
C TRP D 88 -5.22 -7.11 -38.87
N ARG D 89 -3.94 -7.35 -38.55
CA ARG D 89 -3.26 -6.61 -37.49
C ARG D 89 -2.31 -5.62 -38.15
N VAL D 90 -2.67 -4.35 -38.11
CA VAL D 90 -1.93 -3.34 -38.84
C VAL D 90 -1.43 -2.28 -37.88
N ASP D 91 -0.31 -1.66 -38.25
CA ASP D 91 0.29 -0.61 -37.45
C ASP D 91 -0.32 0.74 -37.81
N THR D 92 -0.10 1.69 -36.90
CA THR D 92 -0.65 3.05 -37.02
C THR D 92 0.36 4.04 -37.56
N VAL D 93 1.65 3.78 -37.39
CA VAL D 93 2.68 4.66 -37.94
C VAL D 93 2.68 4.56 -39.47
N LYS D 94 3.34 5.52 -40.11
CA LYS D 94 3.33 5.61 -41.56
C LYS D 94 4.62 5.03 -42.13
N ASN D 95 4.52 3.88 -42.76
CA ASN D 95 5.64 3.31 -43.50
C ASN D 95 5.86 4.08 -44.79
N GLU D 96 7.08 3.98 -45.31
CA GLU D 96 7.44 4.72 -46.52
C GLU D 96 7.22 3.95 -47.81
N ASN D 97 7.08 2.63 -47.76
CA ASN D 97 6.63 1.89 -48.93
C ASN D 97 5.11 1.75 -48.93
N ASP D 98 4.59 0.77 -48.21
CA ASP D 98 3.17 0.68 -47.92
C ASP D 98 2.80 1.85 -47.01
N LYS D 99 1.55 2.27 -47.07
CA LYS D 99 1.04 3.26 -46.12
C LYS D 99 1.32 2.81 -44.70
N TYR D 100 1.04 1.55 -44.40
CA TYR D 100 1.26 0.95 -43.09
C TYR D 100 1.83 -0.44 -43.33
N ASP D 101 1.93 -1.22 -42.26
CA ASP D 101 2.41 -2.60 -42.37
C ASP D 101 1.61 -3.50 -41.46
N ALA D 102 1.36 -4.71 -41.94
CA ALA D 102 0.34 -5.56 -41.36
C ALA D 102 0.85 -6.99 -41.21
N GLN D 103 0.48 -7.60 -40.09
CA GLN D 103 0.44 -9.05 -39.96
C GLN D 103 -1.02 -9.46 -40.09
N PHE D 104 -1.28 -10.44 -40.94
CA PHE D 104 -2.61 -10.73 -41.45
C PHE D 104 -2.91 -12.22 -41.37
N GLY D 105 -4.19 -12.57 -41.31
CA GLY D 105 -4.55 -13.96 -41.43
C GLY D 105 -6.05 -14.15 -41.49
N PHE D 106 -6.45 -15.39 -41.79
CA PHE D 106 -7.83 -15.82 -41.65
C PHE D 106 -7.97 -16.46 -40.27
N ALA D 107 -9.06 -16.14 -39.58
CA ALA D 107 -9.21 -16.49 -38.18
C ALA D 107 -10.59 -17.09 -37.92
N TYR D 108 -10.67 -17.80 -36.80
CA TYR D 108 -11.86 -18.56 -36.44
C TYR D 108 -12.14 -18.30 -34.95
N ILE D 109 -13.42 -18.08 -34.62
CA ILE D 109 -13.81 -17.83 -33.24
C ILE D 109 -13.67 -19.12 -32.44
N GLU D 110 -12.71 -19.16 -31.52
CA GLU D 110 -12.54 -20.33 -30.67
C GLU D 110 -13.31 -20.26 -29.36
N SER D 111 -13.53 -19.08 -28.81
CA SER D 111 -14.37 -18.95 -27.62
C SER D 111 -14.77 -17.49 -27.46
N ARG D 112 -15.95 -17.28 -26.88
CA ARG D 112 -16.49 -15.96 -26.57
C ARG D 112 -16.72 -15.98 -25.06
N GLU D 113 -16.37 -14.88 -24.41
CA GLU D 113 -16.48 -14.71 -22.98
C GLU D 113 -17.09 -13.35 -22.72
N TYR D 114 -18.23 -13.32 -22.05
CA TYR D 114 -18.88 -12.07 -21.70
C TYR D 114 -18.74 -11.79 -20.21
N SER D 115 -18.11 -10.66 -19.91
CA SER D 115 -17.93 -10.20 -18.54
C SER D 115 -18.93 -9.11 -18.23
N ASP D 116 -19.68 -9.32 -17.16
CA ASP D 116 -20.52 -8.32 -16.52
C ASP D 116 -20.05 -8.23 -15.07
N GLY D 117 -19.51 -7.07 -14.71
CA GLY D 117 -19.11 -6.80 -13.33
C GLY D 117 -20.05 -5.82 -12.66
N VAL D 118 -19.70 -5.44 -11.44
CA VAL D 118 -20.46 -4.45 -10.69
C VAL D 118 -20.14 -3.04 -11.17
N GLU D 119 -18.87 -2.66 -11.16
CA GLU D 119 -18.45 -1.42 -11.82
C GLU D 119 -17.95 -1.66 -13.24
N GLY D 120 -17.94 -0.61 -14.06
CA GLY D 120 -17.22 -0.68 -15.31
C GLY D 120 -18.15 -1.20 -16.39
N ALA D 121 -17.89 -0.84 -17.64
CA ALA D 121 -18.76 -1.24 -18.75
C ALA D 121 -18.46 -2.68 -19.17
N VAL D 122 -19.40 -3.25 -19.92
CA VAL D 122 -19.36 -4.67 -20.25
C VAL D 122 -18.03 -5.01 -20.91
N GLU D 123 -17.54 -6.22 -20.65
CA GLU D 123 -16.24 -6.63 -21.16
C GLU D 123 -16.35 -7.93 -21.91
N ILE D 124 -15.80 -7.96 -23.12
CA ILE D 124 -15.85 -9.14 -23.97
C ILE D 124 -14.43 -9.65 -24.17
N SER D 125 -14.23 -10.92 -23.84
CA SER D 125 -13.02 -11.65 -24.18
C SER D 125 -13.35 -12.62 -25.30
N ILE D 126 -12.66 -12.50 -26.42
CA ILE D 126 -12.85 -13.42 -27.54
C ILE D 126 -11.53 -14.12 -27.82
N SER D 127 -11.55 -15.44 -27.76
CA SER D 127 -10.37 -16.28 -27.98
C SER D 127 -10.46 -16.96 -29.33
N LEU D 128 -9.39 -16.85 -30.10
CA LEU D 128 -9.35 -17.31 -31.48
C LEU D 128 -8.00 -17.91 -31.79
N GLN D 129 -7.94 -18.67 -32.88
CA GLN D 129 -6.67 -19.08 -33.46
C GLN D 129 -6.64 -18.57 -34.89
N VAL D 130 -5.45 -18.54 -35.49
CA VAL D 130 -5.34 -18.16 -36.89
C VAL D 130 -4.69 -19.31 -37.64
N ILE D 131 -5.32 -19.73 -38.73
CA ILE D 131 -4.86 -20.92 -39.44
C ILE D 131 -3.50 -20.67 -40.08
N GLY D 132 -3.38 -19.58 -40.83
CA GLY D 132 -2.13 -19.23 -41.44
C GLY D 132 -1.70 -17.83 -41.07
N GLU D 133 -0.57 -17.71 -40.38
CA GLU D 133 -0.01 -16.41 -40.09
C GLU D 133 0.62 -15.80 -41.33
N LEU D 134 0.15 -14.60 -41.67
CA LEU D 134 0.58 -13.94 -42.90
C LEU D 134 1.05 -12.54 -42.54
N LYS D 135 1.96 -12.02 -43.35
CA LYS D 135 2.56 -10.70 -43.10
C LYS D 135 2.60 -9.93 -44.42
N ASN D 136 2.14 -8.68 -44.40
CA ASN D 136 2.18 -7.81 -45.57
C ASN D 136 2.04 -6.38 -45.13
N GLY D 137 2.63 -5.45 -45.89
CA GLY D 137 2.37 -4.06 -45.67
C GLY D 137 0.94 -3.69 -46.03
N GLU D 138 0.43 -2.66 -45.37
CA GLU D 138 -0.97 -2.28 -45.53
C GLU D 138 -1.03 -0.94 -46.24
N ILE D 139 -2.05 -0.79 -47.10
CA ILE D 139 -2.18 0.42 -47.91
C ILE D 139 -3.28 1.31 -47.36
N ASP D 140 -4.53 0.83 -47.39
CA ASP D 140 -5.64 1.67 -46.96
C ASP D 140 -6.39 1.01 -45.81
N THR D 141 -6.32 1.64 -44.64
CA THR D 141 -7.07 1.18 -43.48
C THR D 141 -8.21 2.13 -43.12
N LEU D 142 -8.81 2.80 -44.12
CA LEU D 142 -9.83 3.85 -43.97
C LEU D 142 -9.38 4.85 -42.91
N PRO D 143 -8.18 5.46 -43.09
CA PRO D 143 -7.48 6.08 -41.96
C PRO D 143 -8.12 7.32 -41.38
N GLU D 144 -9.16 7.80 -42.07
CA GLU D 144 -10.01 8.88 -41.58
C GLU D 144 -10.63 8.53 -40.24
N GLU D 145 -10.91 7.26 -39.99
CA GLU D 145 -11.63 6.83 -38.80
C GLU D 145 -10.92 5.76 -38.00
N ILE D 146 -10.40 4.72 -38.63
CA ILE D 146 -9.69 3.64 -37.95
C ILE D 146 -8.34 4.10 -37.43
N VAL D 147 -7.59 4.81 -38.26
CA VAL D 147 -6.24 5.23 -37.91
C VAL D 147 -6.36 6.46 -37.00
N ASN D 148 -7.32 7.33 -37.32
CA ASN D 148 -7.50 8.58 -36.57
C ASN D 148 -8.39 8.37 -35.36
N VAL D 149 -7.89 8.65 -34.17
CA VAL D 149 -8.75 8.66 -32.98
C VAL D 149 -9.01 10.13 -32.61
N SER D 150 -10.25 10.55 -32.81
CA SER D 150 -10.60 11.96 -32.65
C SER D 150 -11.45 12.22 -31.42
N LYS D 151 -11.28 13.36 -30.75
CA LYS D 151 -12.14 13.70 -29.63
C LYS D 151 -13.53 14.18 -30.05
N GLY D 152 -13.68 14.87 -31.17
CA GLY D 152 -14.96 15.39 -31.59
C GLY D 152 -15.29 16.73 -30.96
N GLY D 153 -14.29 17.35 -30.33
CA GLY D 153 -14.48 18.61 -29.63
C GLY D 153 -14.53 19.78 -30.60
N TYR D 154 -15.68 20.46 -30.60
CA TYR D 154 -15.93 21.64 -31.41
C TYR D 154 -15.63 22.88 -30.58
N ASP D 155 -14.56 23.60 -30.97
CA ASP D 155 -13.88 24.51 -30.04
C ASP D 155 -14.67 25.76 -29.65
N PHE D 156 -15.49 26.30 -30.56
CA PHE D 156 -16.51 27.33 -30.35
C PHE D 156 -17.79 26.91 -31.06
N GLN D 157 -18.81 26.62 -30.25
CA GLN D 157 -20.21 26.73 -30.64
C GLN D 157 -20.95 27.27 -29.42
N GLN D 158 -20.38 28.28 -28.76
CA GLN D 158 -20.88 28.66 -27.44
C GLN D 158 -22.37 29.02 -27.40
N PRO D 159 -22.90 29.95 -28.22
CA PRO D 159 -24.36 30.09 -28.24
C PRO D 159 -25.06 29.10 -29.15
N GLY D 160 -26.10 28.42 -28.68
CA GLY D 160 -26.69 27.34 -29.44
C GLY D 160 -25.82 26.14 -29.76
N GLN D 161 -25.03 25.64 -28.81
CA GLN D 161 -24.26 24.43 -29.06
C GLN D 161 -25.18 23.26 -29.39
N THR D 162 -26.28 23.13 -28.64
CA THR D 162 -27.34 22.13 -28.83
C THR D 162 -26.78 20.73 -29.01
N THR D 163 -26.24 20.17 -27.92
CA THR D 163 -25.45 18.96 -28.04
C THR D 163 -25.89 17.95 -27.00
N GLY D 164 -25.80 16.67 -27.36
CA GLY D 164 -26.03 15.59 -26.41
C GLY D 164 -24.81 15.26 -25.60
N GLU D 165 -24.84 14.13 -24.90
CA GLU D 165 -23.73 13.74 -24.02
C GLU D 165 -22.44 13.53 -24.82
N ALA D 166 -22.58 13.12 -26.10
CA ALA D 166 -21.45 12.84 -26.96
C ALA D 166 -20.98 14.13 -27.62
N PRO D 167 -19.73 14.20 -28.05
CA PRO D 167 -19.05 15.49 -28.20
C PRO D 167 -19.41 16.19 -29.50
N GLY D 168 -20.36 17.13 -29.37
CA GLY D 168 -20.62 18.12 -30.40
C GLY D 168 -21.58 17.72 -31.51
N THR D 169 -22.88 17.85 -31.28
CA THR D 169 -23.85 17.69 -32.35
C THR D 169 -24.46 19.04 -32.70
N VAL D 170 -24.89 19.14 -33.96
CA VAL D 170 -25.53 20.35 -34.48
C VAL D 170 -26.95 20.41 -33.93
N PRO D 171 -27.58 21.61 -33.87
CA PRO D 171 -28.95 21.69 -33.34
C PRO D 171 -29.93 20.89 -34.18
N ALA D 172 -30.82 20.17 -33.50
CA ALA D 172 -31.75 19.20 -34.09
C ALA D 172 -31.03 18.14 -34.92
N PRO E 1 29.79 -6.72 -8.80
CA PRO E 1 29.81 -7.87 -9.70
C PRO E 1 29.13 -7.50 -11.01
N ILE E 2 29.12 -8.42 -11.97
CA ILE E 2 28.48 -8.22 -13.26
C ILE E 2 27.00 -7.99 -13.01
N MET E 3 26.46 -6.90 -13.57
CA MET E 3 25.08 -6.51 -13.38
C MET E 3 24.19 -7.16 -14.43
N GLY E 4 22.90 -6.82 -14.37
CA GLY E 4 21.94 -7.29 -15.35
C GLY E 4 22.15 -6.70 -16.74
N GLN E 5 22.66 -5.48 -16.83
CA GLN E 5 23.06 -4.87 -18.09
C GLN E 5 24.33 -5.49 -18.65
N ASP E 6 25.10 -6.18 -17.81
CA ASP E 6 26.42 -6.67 -18.19
C ASP E 6 26.39 -7.73 -19.27
N VAL E 7 25.43 -8.65 -19.27
CA VAL E 7 25.37 -9.72 -20.25
C VAL E 7 24.34 -9.34 -21.30
N LYS E 8 24.77 -9.19 -22.55
CA LYS E 8 23.84 -8.91 -23.63
C LYS E 8 23.85 -10.03 -24.66
N TYR E 9 22.76 -10.12 -25.41
CA TYR E 9 22.43 -11.30 -26.21
C TYR E 9 22.47 -10.91 -27.69
N LEU E 10 23.59 -11.21 -28.34
CA LEU E 10 23.70 -10.99 -29.77
C LEU E 10 23.17 -12.21 -30.53
N PHE E 11 22.47 -11.97 -31.63
CA PHE E 11 21.98 -13.03 -32.49
C PHE E 11 22.44 -12.80 -33.93
N GLN E 12 22.86 -13.88 -34.57
CA GLN E 12 23.14 -13.84 -35.99
C GLN E 12 22.46 -15.03 -36.67
N SER E 13 21.83 -14.75 -37.81
CA SER E 13 21.15 -15.78 -38.58
C SER E 13 22.16 -16.72 -39.25
N ILE E 14 21.76 -17.99 -39.38
CA ILE E 14 22.63 -18.98 -39.99
C ILE E 14 22.90 -18.67 -41.45
N ASP E 15 21.87 -18.35 -42.23
CA ASP E 15 22.00 -18.21 -43.67
C ASP E 15 22.45 -16.82 -44.09
N ALA E 16 22.43 -15.84 -43.17
CA ALA E 16 22.76 -14.48 -43.56
C ALA E 16 24.17 -14.37 -44.11
N ALA E 17 25.11 -15.13 -43.53
CA ALA E 17 26.55 -15.08 -43.82
C ALA E 17 27.09 -13.64 -43.77
N THR E 18 26.60 -12.87 -42.80
CA THR E 18 27.01 -11.49 -42.61
C THR E 18 28.16 -11.43 -41.63
N GLY E 19 28.86 -10.30 -41.60
CA GLY E 19 30.00 -10.13 -40.71
C GLY E 19 29.66 -9.46 -39.40
N SER E 20 28.36 -9.20 -39.17
CA SER E 20 27.95 -8.52 -37.95
C SER E 20 26.59 -9.01 -37.46
N ALA E 21 26.43 -9.11 -36.13
CA ALA E 21 25.27 -9.66 -35.43
C ALA E 21 24.33 -8.58 -34.92
N PRO E 22 23.03 -8.58 -35.30
CA PRO E 22 22.13 -7.56 -34.78
C PRO E 22 21.81 -7.76 -33.30
N LEU E 23 22.01 -6.71 -32.51
CA LEU E 23 21.52 -6.70 -31.14
C LEU E 23 20.32 -5.77 -31.06
N PHE E 24 19.24 -6.29 -30.52
CA PHE E 24 18.02 -5.53 -30.69
C PHE E 24 17.83 -4.56 -29.53
N PRO E 25 17.37 -3.34 -29.78
CA PRO E 25 17.17 -2.40 -28.67
C PRO E 25 15.92 -2.71 -27.85
N ALA E 26 15.82 -2.02 -26.72
CA ALA E 26 14.72 -2.13 -25.75
C ALA E 26 14.57 -3.56 -25.23
N TYR E 27 15.69 -4.13 -24.82
CA TYR E 27 15.68 -5.43 -24.17
C TYR E 27 15.10 -5.34 -22.76
N GLN E 28 14.20 -6.27 -22.48
CA GLN E 28 13.55 -6.37 -21.18
C GLN E 28 14.38 -7.40 -20.40
N THR E 29 13.82 -8.57 -20.14
CA THR E 29 14.53 -9.59 -19.39
C THR E 29 14.67 -10.88 -20.20
N ASP E 30 15.42 -11.81 -19.63
CA ASP E 30 15.95 -12.95 -20.35
C ASP E 30 16.29 -14.02 -19.33
N GLY E 31 15.80 -15.22 -19.58
CA GLY E 31 16.22 -16.37 -18.82
C GLY E 31 16.73 -17.47 -19.71
N SER E 32 17.88 -18.01 -19.37
CA SER E 32 18.45 -19.18 -20.03
C SER E 32 18.42 -20.29 -18.99
N VAL E 33 17.54 -21.25 -19.19
CA VAL E 33 17.30 -22.29 -18.20
C VAL E 33 17.91 -23.59 -18.73
N SER E 34 18.77 -24.19 -17.92
CA SER E 34 19.66 -25.27 -18.35
C SER E 34 19.53 -26.42 -17.34
N GLY E 35 18.48 -27.22 -17.49
CA GLY E 35 18.24 -28.31 -16.58
C GLY E 35 19.01 -29.57 -16.92
N GLU E 36 19.88 -30.01 -16.04
CA GLU E 36 20.71 -31.20 -16.25
C GLU E 36 20.14 -32.31 -15.39
N ARG E 37 19.22 -33.08 -15.96
CA ARG E 37 18.50 -34.12 -15.22
C ARG E 37 19.46 -35.21 -14.77
N GLU E 38 18.93 -36.22 -14.08
CA GLU E 38 19.72 -37.20 -13.37
C GLU E 38 19.01 -38.54 -13.42
N LEU E 39 19.81 -39.60 -13.57
CA LEU E 39 19.31 -40.96 -13.67
C LEU E 39 18.83 -41.46 -12.32
N PHE E 40 18.09 -42.57 -12.34
CA PHE E 40 17.70 -43.27 -11.13
C PHE E 40 18.44 -44.58 -10.99
N ASP E 41 19.64 -44.52 -10.42
CA ASP E 41 20.29 -45.63 -9.75
C ASP E 41 20.33 -45.31 -8.25
N GLU E 42 19.40 -45.89 -7.49
CA GLU E 42 19.38 -45.74 -6.05
C GLU E 42 20.53 -46.44 -5.36
N GLN E 43 21.14 -47.43 -6.03
CA GLN E 43 22.17 -48.34 -5.49
C GLN E 43 21.59 -49.30 -4.46
N THR E 44 20.28 -49.58 -4.58
CA THR E 44 19.43 -50.21 -3.55
C THR E 44 19.58 -49.49 -2.20
N LYS E 45 19.46 -48.17 -2.24
CA LYS E 45 19.63 -47.32 -1.06
C LYS E 45 18.33 -46.61 -0.73
N ASN E 46 18.17 -45.38 -1.26
CA ASN E 46 16.94 -44.61 -1.05
C ASN E 46 16.67 -43.64 -2.20
N GLY E 47 17.02 -44.00 -3.43
CA GLY E 47 16.81 -43.13 -4.57
C GLY E 47 17.88 -42.07 -4.66
N ARG E 48 19.11 -42.46 -4.30
CA ARG E 48 20.24 -41.54 -4.32
C ARG E 48 21.06 -41.86 -5.56
N ILE E 49 21.14 -40.89 -6.47
CA ILE E 49 21.93 -41.04 -7.70
C ILE E 49 22.79 -39.81 -7.91
N LEU E 50 24.05 -40.01 -8.29
CA LEU E 50 24.95 -38.90 -8.61
C LEU E 50 25.26 -38.83 -10.09
N GLY E 51 24.37 -39.35 -10.94
CA GLY E 51 24.62 -39.52 -12.35
C GLY E 51 23.74 -38.68 -13.25
N PRO E 52 24.16 -38.50 -14.50
CA PRO E 52 23.42 -37.62 -15.41
C PRO E 52 22.20 -38.26 -16.02
N GLY E 53 21.29 -37.42 -16.50
CA GLY E 53 20.07 -37.89 -17.12
C GLY E 53 19.94 -37.30 -18.50
N SER E 54 19.68 -36.00 -18.54
CA SER E 54 19.55 -35.30 -19.81
C SER E 54 19.74 -33.80 -19.62
N VAL E 55 19.84 -33.10 -20.73
CA VAL E 55 20.08 -31.65 -20.74
C VAL E 55 18.86 -30.95 -21.33
N ALA E 56 18.14 -30.23 -20.47
CA ALA E 56 17.02 -29.40 -20.89
C ALA E 56 17.50 -27.97 -20.96
N ASP E 57 18.11 -27.61 -22.08
CA ASP E 57 18.78 -26.33 -22.22
C ASP E 57 17.95 -25.45 -23.14
N SER E 58 17.25 -24.49 -22.55
CA SER E 58 16.37 -23.58 -23.24
C SER E 58 16.46 -22.19 -22.63
N GLY E 59 15.97 -21.21 -23.37
CA GLY E 59 15.92 -19.85 -22.88
C GLY E 59 14.73 -19.09 -23.42
N GLU E 60 14.29 -18.07 -22.70
CA GLU E 60 13.22 -17.19 -23.15
C GLU E 60 13.77 -15.77 -23.17
N VAL E 61 13.39 -15.00 -24.18
CA VAL E 61 13.87 -13.64 -24.35
C VAL E 61 12.67 -12.73 -24.54
N THR E 62 12.56 -11.69 -23.72
CA THR E 62 11.51 -10.71 -23.89
C THR E 62 12.13 -9.37 -24.29
N TYR E 63 11.50 -8.70 -25.24
CA TYR E 63 11.92 -7.36 -25.66
C TYR E 63 10.71 -6.57 -26.11
N TYR E 64 10.89 -5.26 -26.28
CA TYR E 64 9.87 -4.37 -26.80
C TYR E 64 10.02 -4.27 -28.32
N GLY E 65 8.90 -4.20 -29.02
CA GLY E 65 8.93 -4.19 -30.47
C GLY E 65 9.26 -2.86 -31.10
N LYS E 66 10.03 -2.88 -32.19
CA LYS E 66 10.32 -1.68 -32.94
C LYS E 66 9.89 -1.88 -34.40
N ARG E 67 9.52 -0.78 -35.05
CA ARG E 67 8.93 -0.84 -36.39
C ARG E 67 9.82 -1.55 -37.41
N GLY E 68 11.14 -1.39 -37.33
CA GLY E 68 12.05 -2.08 -38.21
C GLY E 68 13.04 -2.90 -37.40
N ASP E 69 14.32 -2.61 -37.63
CA ASP E 69 15.46 -3.09 -36.82
C ASP E 69 15.63 -4.61 -36.97
N ALA E 70 16.86 -4.99 -37.31
CA ALA E 70 17.20 -6.25 -37.98
C ALA E 70 17.39 -7.48 -37.11
N GLY E 71 17.50 -7.32 -35.78
CA GLY E 71 17.44 -8.48 -34.90
C GLY E 71 16.03 -9.03 -34.75
N GLN E 72 15.06 -8.16 -34.51
CA GLN E 72 13.66 -8.58 -34.54
C GLN E 72 13.23 -8.97 -35.95
N LYS E 73 13.70 -8.27 -36.99
CA LYS E 73 13.46 -8.73 -38.34
C LYS E 73 14.17 -10.04 -38.63
N ALA E 74 15.39 -10.22 -38.13
CA ALA E 74 16.00 -11.54 -38.16
C ALA E 74 15.24 -12.53 -37.31
N ILE E 75 14.69 -12.05 -36.18
CA ILE E 75 13.80 -12.87 -35.36
C ILE E 75 12.58 -13.32 -36.18
N GLU E 76 11.94 -12.39 -36.87
CA GLU E 76 10.75 -12.73 -37.64
C GLU E 76 11.08 -13.52 -38.89
N ASP E 77 12.14 -13.15 -39.62
CA ASP E 77 12.62 -14.02 -40.70
C ASP E 77 12.99 -15.40 -40.18
N ALA E 78 13.72 -15.47 -39.07
CA ALA E 78 14.00 -16.78 -38.49
C ALA E 78 12.73 -17.45 -38.00
N TYR E 79 11.87 -16.73 -37.29
CA TYR E 79 10.70 -17.35 -36.71
C TYR E 79 9.76 -17.93 -37.76
N GLN E 80 9.43 -17.12 -38.78
CA GLN E 80 8.34 -17.47 -39.69
C GLN E 80 8.79 -18.44 -40.77
N ASN E 81 10.08 -18.46 -41.10
CA ASN E 81 10.60 -19.49 -42.00
C ASN E 81 11.17 -20.66 -41.22
N GLY E 82 11.13 -20.58 -39.89
CA GLY E 82 11.62 -21.64 -39.03
C GLY E 82 13.12 -21.83 -39.14
N LYS E 83 13.83 -20.75 -39.42
CA LYS E 83 15.28 -20.73 -39.56
C LYS E 83 15.87 -20.92 -38.16
N GLN E 84 16.97 -21.65 -38.07
CA GLN E 84 17.78 -21.73 -36.86
C GLN E 84 18.55 -20.41 -36.71
N ILE E 85 18.68 -19.95 -35.46
CA ILE E 85 19.41 -18.70 -35.21
C ILE E 85 20.61 -18.99 -34.33
N LYS E 86 21.72 -18.33 -34.64
CA LYS E 86 22.93 -18.44 -33.84
C LYS E 86 22.87 -17.43 -32.71
N PHE E 87 23.15 -17.90 -31.50
CA PHE E 87 22.87 -17.20 -30.25
C PHE E 87 24.17 -16.97 -29.48
N TRP E 88 24.45 -15.70 -29.19
CA TRP E 88 25.65 -15.27 -28.48
C TRP E 88 25.22 -14.47 -27.25
N ARG E 89 25.51 -14.98 -26.07
CA ARG E 89 25.30 -14.24 -24.82
C ARG E 89 26.66 -13.75 -24.33
N VAL E 90 26.91 -12.46 -24.47
CA VAL E 90 28.22 -11.92 -24.17
C VAL E 90 28.10 -10.85 -23.10
N ASP E 91 29.18 -10.70 -22.34
CA ASP E 91 29.23 -9.70 -21.29
C ASP E 91 29.70 -8.36 -21.83
N THR E 92 29.44 -7.32 -21.04
CA THR E 92 29.74 -5.94 -21.42
C THR E 92 31.04 -5.44 -20.80
N VAL E 93 31.47 -6.01 -19.67
CA VAL E 93 32.73 -5.63 -19.07
C VAL E 93 33.89 -6.10 -19.94
N LYS E 94 35.07 -5.56 -19.67
CA LYS E 94 36.25 -5.82 -20.50
C LYS E 94 37.12 -6.87 -19.83
N ASN E 95 37.15 -8.07 -20.39
CA ASN E 95 38.08 -9.10 -19.96
C ASN E 95 39.49 -8.76 -20.43
N GLU E 96 40.48 -9.34 -19.75
CA GLU E 96 41.88 -9.04 -20.06
C GLU E 96 42.50 -10.01 -21.07
N ASN E 97 41.90 -11.18 -21.28
CA ASN E 97 42.33 -12.02 -22.39
C ASN E 97 41.52 -11.70 -23.65
N ASP E 98 40.33 -12.29 -23.77
CA ASP E 98 39.36 -11.89 -24.77
C ASP E 98 38.88 -10.48 -24.43
N LYS E 99 38.46 -9.73 -25.43
CA LYS E 99 37.82 -8.45 -25.21
C LYS E 99 36.67 -8.60 -24.21
N TYR E 100 35.84 -9.61 -24.40
CA TYR E 100 34.71 -9.91 -23.54
C TYR E 100 34.68 -11.42 -23.35
N ASP E 101 33.60 -11.91 -22.76
CA ASP E 101 33.44 -13.35 -22.56
C ASP E 101 31.98 -13.73 -22.80
N ALA E 102 31.80 -14.90 -23.40
CA ALA E 102 30.53 -15.24 -23.99
C ALA E 102 30.14 -16.68 -23.64
N GLN E 103 28.85 -16.86 -23.37
CA GLN E 103 28.20 -18.16 -23.47
C GLN E 103 27.43 -18.14 -24.79
N PHE E 104 27.60 -19.19 -25.59
CA PHE E 104 27.23 -19.21 -26.99
C PHE E 104 26.48 -20.47 -27.34
N GLY E 105 25.67 -20.41 -28.39
CA GLY E 105 25.06 -21.63 -28.90
C GLY E 105 24.30 -21.38 -30.18
N PHE E 106 23.89 -22.48 -30.80
CA PHE E 106 22.92 -22.45 -31.89
C PHE E 106 21.54 -22.66 -31.29
N ALA E 107 20.57 -21.88 -31.75
CA ALA E 107 19.26 -21.82 -31.12
C ALA E 107 18.14 -21.92 -32.15
N TYR E 108 16.97 -22.28 -31.65
CA TYR E 108 15.80 -22.55 -32.48
C TYR E 108 14.60 -21.86 -31.85
N ILE E 109 13.78 -21.22 -32.67
CA ILE E 109 12.59 -20.54 -32.18
C ILE E 109 11.56 -21.57 -31.75
N GLU E 110 11.31 -21.66 -30.44
CA GLU E 110 10.30 -22.59 -29.95
C GLU E 110 8.91 -21.98 -29.83
N SER E 111 8.79 -20.69 -29.57
CA SER E 111 7.50 -20.04 -29.55
C SER E 111 7.69 -18.53 -29.63
N ARG E 112 6.72 -17.86 -30.24
CA ARG E 112 6.69 -16.40 -30.36
C ARG E 112 5.38 -15.99 -29.69
N GLU E 113 5.46 -14.91 -28.93
CA GLU E 113 4.33 -14.37 -28.17
C GLU E 113 4.32 -12.88 -28.38
N TYR E 114 3.22 -12.36 -28.93
CA TYR E 114 3.07 -10.93 -29.12
C TYR E 114 2.08 -10.34 -28.13
N SER E 115 2.57 -9.40 -27.32
CA SER E 115 1.75 -8.70 -26.35
C SER E 115 1.41 -7.32 -26.88
N ASP E 116 0.11 -7.04 -26.90
CA ASP E 116 -0.45 -5.72 -27.11
C ASP E 116 -1.31 -5.42 -25.89
N GLY E 117 -0.91 -4.41 -25.12
CA GLY E 117 -1.69 -3.94 -23.99
C GLY E 117 -2.32 -2.60 -24.27
N VAL E 118 -2.98 -2.06 -23.25
CA VAL E 118 -3.59 -0.73 -23.33
C VAL E 118 -2.54 0.36 -23.20
N GLU E 119 -1.77 0.35 -22.12
CA GLU E 119 -0.59 1.21 -22.03
C GLU E 119 0.68 0.51 -22.45
N GLY E 120 1.72 1.26 -22.80
CA GLY E 120 3.04 0.70 -22.93
C GLY E 120 3.23 0.22 -24.36
N ALA E 121 4.47 0.17 -24.83
CA ALA E 121 4.75 -0.21 -26.20
C ALA E 121 4.71 -1.73 -26.35
N VAL E 122 4.63 -2.17 -27.60
CA VAL E 122 4.39 -3.58 -27.91
C VAL E 122 5.45 -4.44 -27.24
N GLU E 123 5.05 -5.64 -26.82
CA GLU E 123 5.96 -6.52 -26.09
C GLU E 123 6.02 -7.88 -26.75
N ILE E 124 7.23 -8.36 -27.00
CA ILE E 124 7.45 -9.64 -27.64
C ILE E 124 8.13 -10.57 -26.66
N SER E 125 7.52 -11.73 -26.44
CA SER E 125 8.13 -12.83 -25.72
C SER E 125 8.48 -13.91 -26.72
N ILE E 126 9.75 -14.28 -26.80
CA ILE E 126 10.20 -15.35 -27.69
C ILE E 126 10.83 -16.44 -26.85
N SER E 127 10.29 -17.65 -26.97
CA SER E 127 10.74 -18.81 -26.22
C SER E 127 11.51 -19.74 -27.13
N LEU E 128 12.69 -20.14 -26.68
CA LEU E 128 13.63 -20.91 -27.50
C LEU E 128 14.35 -21.93 -26.63
N GLN E 129 14.96 -22.92 -27.28
CA GLN E 129 15.89 -23.82 -26.62
C GLN E 129 17.22 -23.70 -27.36
N VAL E 130 18.29 -24.15 -26.73
CA VAL E 130 19.59 -24.18 -27.39
C VAL E 130 20.09 -25.62 -27.40
N ILE E 131 20.47 -26.09 -28.59
CA ILE E 131 20.83 -27.50 -28.75
C ILE E 131 22.10 -27.82 -27.97
N GLY E 132 23.14 -27.02 -28.20
CA GLY E 132 24.38 -27.21 -27.48
C GLY E 132 24.82 -25.94 -26.77
N GLU E 133 24.88 -25.99 -25.45
CA GLU E 133 25.41 -24.88 -24.69
C GLU E 133 26.92 -24.80 -24.82
N LEU E 134 27.39 -23.64 -25.27
CA LEU E 134 28.80 -23.44 -25.56
C LEU E 134 29.27 -22.20 -24.82
N LYS E 135 30.56 -22.17 -24.47
CA LYS E 135 31.14 -21.08 -23.72
C LYS E 135 32.47 -20.69 -24.34
N ASN E 136 32.67 -19.40 -24.60
CA ASN E 136 33.94 -18.90 -25.13
C ASN E 136 34.03 -17.41 -24.84
N GLY E 137 35.26 -16.92 -24.69
CA GLY E 137 35.47 -15.49 -24.63
C GLY E 137 35.17 -14.83 -25.97
N GLU E 138 34.77 -13.56 -25.90
CA GLU E 138 34.33 -12.85 -27.08
C GLU E 138 35.34 -11.77 -27.41
N ILE E 139 35.56 -11.55 -28.70
CA ILE E 139 36.56 -10.59 -29.14
C ILE E 139 35.91 -9.30 -29.64
N ASP E 140 35.14 -9.39 -30.72
CA ASP E 140 34.54 -8.19 -31.30
C ASP E 140 33.02 -8.30 -31.32
N THR E 141 32.36 -7.45 -30.53
CA THR E 141 30.91 -7.37 -30.53
C THR E 141 30.40 -6.08 -31.16
N LEU E 142 31.13 -5.53 -32.14
CA LEU E 142 30.88 -4.24 -32.78
C LEU E 142 30.64 -3.17 -31.70
N PRO E 143 31.60 -3.00 -30.76
CA PRO E 143 31.29 -2.35 -29.47
C PRO E 143 30.96 -0.87 -29.54
N GLU E 144 31.16 -0.31 -30.73
CA GLU E 144 30.74 1.06 -31.03
C GLU E 144 29.26 1.25 -30.81
N GLU E 145 28.45 0.21 -31.02
CA GLU E 145 27.01 0.32 -30.98
C GLU E 145 26.34 -0.69 -30.05
N ILE E 146 26.73 -1.96 -30.11
CA ILE E 146 26.15 -3.00 -29.25
C ILE E 146 26.59 -2.84 -27.81
N VAL E 147 27.88 -2.59 -27.59
CA VAL E 147 28.43 -2.51 -26.25
C VAL E 147 28.10 -1.12 -25.70
N ASN E 148 28.19 -0.11 -26.57
CA ASN E 148 27.97 1.27 -26.16
C ASN E 148 26.50 1.63 -26.22
N VAL E 149 25.91 2.05 -25.09
CA VAL E 149 24.56 2.59 -25.12
C VAL E 149 24.66 4.11 -24.96
N SER E 150 24.35 4.82 -26.05
CA SER E 150 24.56 6.26 -26.09
C SER E 150 23.26 7.05 -26.07
N LYS E 151 23.24 8.21 -25.41
CA LYS E 151 22.06 9.06 -25.44
C LYS E 151 21.86 9.79 -26.77
N GLY E 152 22.91 10.20 -27.45
CA GLY E 152 22.79 10.96 -28.68
C GLY E 152 22.62 12.45 -28.45
N GLY E 153 22.85 12.88 -27.21
CA GLY E 153 22.66 14.27 -26.84
C GLY E 153 23.82 15.14 -27.31
N TYR E 154 23.49 16.09 -28.18
CA TYR E 154 24.44 17.06 -28.72
C TYR E 154 24.39 18.32 -27.86
N ASP E 155 25.48 18.59 -27.14
CA ASP E 155 25.42 19.46 -25.96
C ASP E 155 25.18 20.94 -26.25
N PHE E 156 25.69 21.45 -27.37
CA PHE E 156 25.38 22.76 -27.99
C PHE E 156 25.14 22.56 -29.48
N GLN E 157 23.89 22.78 -29.87
CA GLN E 157 23.53 23.19 -31.23
C GLN E 157 22.39 24.21 -31.08
N GLN E 158 22.53 25.15 -30.14
CA GLN E 158 21.38 25.96 -29.74
C GLN E 158 20.73 26.73 -30.90
N PRO E 159 21.45 27.55 -31.69
CA PRO E 159 20.78 28.10 -32.89
C PRO E 159 20.78 27.16 -34.08
N GLY E 160 19.64 26.95 -34.73
CA GLY E 160 19.56 25.94 -35.75
C GLY E 160 19.80 24.50 -35.36
N GLN E 161 19.27 24.04 -34.22
CA GLN E 161 19.41 22.63 -33.86
C GLN E 161 18.79 21.73 -34.92
N THR E 162 17.60 22.12 -35.41
CA THR E 162 16.86 21.45 -36.49
C THR E 162 16.76 19.95 -36.28
N THR E 163 15.99 19.54 -35.28
CA THR E 163 16.04 18.16 -34.83
C THR E 163 14.63 17.61 -34.71
N GLY E 164 14.48 16.31 -34.97
CA GLY E 164 13.24 15.61 -34.74
C GLY E 164 13.09 15.15 -33.30
N GLU E 165 12.11 14.27 -33.05
CA GLU E 165 11.85 13.80 -31.69
C GLU E 165 13.04 13.04 -31.12
N ALA E 166 13.82 12.40 -32.00
CA ALA E 166 14.98 11.60 -31.61
C ALA E 166 16.19 12.50 -31.46
N PRO E 167 17.18 12.09 -30.67
CA PRO E 167 18.10 13.05 -30.07
C PRO E 167 19.20 13.50 -31.04
N GLY E 168 18.97 14.67 -31.64
CA GLY E 168 20.01 15.40 -32.33
C GLY E 168 20.25 15.06 -33.78
N THR E 169 19.46 15.60 -34.70
CA THR E 169 19.75 15.47 -36.11
C THR E 169 20.22 16.82 -36.66
N VAL E 170 21.01 16.73 -37.73
CA VAL E 170 21.55 17.90 -38.43
C VAL E 170 20.43 18.51 -39.25
N PRO E 171 20.50 19.81 -39.61
CA PRO E 171 19.42 20.40 -40.41
C PRO E 171 19.31 19.75 -41.77
N ALA E 172 18.06 19.50 -42.20
CA ALA E 172 17.70 18.73 -43.39
C ALA E 172 18.33 17.35 -43.39
N PRO F 1 19.19 -17.27 18.57
CA PRO F 1 19.50 -18.57 17.93
C PRO F 1 20.32 -18.32 16.68
N ILE F 2 20.74 -19.39 16.01
CA ILE F 2 21.51 -19.31 14.78
C ILE F 2 20.66 -18.59 13.75
N MET F 3 21.22 -17.56 13.13
CA MET F 3 20.51 -16.75 12.16
C MET F 3 20.67 -17.32 10.75
N GLY F 4 20.09 -16.61 9.78
CA GLY F 4 20.24 -16.98 8.38
C GLY F 4 21.64 -16.82 7.83
N GLN F 5 22.40 -15.86 8.34
CA GLN F 5 23.81 -15.71 8.03
C GLN F 5 24.66 -16.78 8.66
N ASP F 6 24.14 -17.46 9.69
CA ASP F 6 24.93 -18.39 10.49
C ASP F 6 25.39 -19.63 9.73
N VAL F 7 24.58 -20.18 8.83
CA VAL F 7 24.95 -21.39 8.09
C VAL F 7 25.38 -20.97 6.70
N LYS F 8 26.65 -21.24 6.36
CA LYS F 8 27.13 -20.96 5.01
C LYS F 8 27.55 -22.23 4.31
N TYR F 9 27.56 -22.17 2.99
CA TYR F 9 27.61 -23.35 2.12
C TYR F 9 28.94 -23.34 1.36
N LEU F 10 29.90 -24.10 1.85
CA LEU F 10 31.17 -24.26 1.16
C LEU F 10 31.06 -25.40 0.15
N PHE F 11 31.67 -25.23 -1.01
CA PHE F 11 31.72 -26.26 -2.04
C PHE F 11 33.16 -26.52 -2.44
N GLN F 12 33.49 -27.80 -2.60
CA GLN F 12 34.77 -28.17 -3.18
C GLN F 12 34.55 -29.22 -4.25
N SER F 13 35.23 -29.04 -5.38
CA SER F 13 35.13 -29.97 -6.50
C SER F 13 35.82 -31.29 -6.18
N ILE F 14 35.27 -32.37 -6.73
CA ILE F 14 35.83 -33.70 -6.48
C ILE F 14 37.24 -33.83 -7.06
N ASP F 15 37.45 -33.41 -8.31
CA ASP F 15 38.70 -33.64 -9.00
C ASP F 15 39.75 -32.58 -8.71
N ALA F 16 39.37 -31.47 -8.08
CA ALA F 16 40.33 -30.39 -7.88
C ALA F 16 41.51 -30.84 -7.02
N ALA F 17 41.24 -31.69 -6.02
CA ALA F 17 42.21 -32.13 -5.01
C ALA F 17 42.95 -30.96 -4.37
N THR F 18 42.22 -29.88 -4.12
CA THR F 18 42.77 -28.67 -3.52
C THR F 18 42.59 -28.73 -2.01
N GLY F 19 43.32 -27.89 -1.29
CA GLY F 19 43.25 -27.87 0.15
C GLY F 19 42.28 -26.84 0.71
N SER F 20 41.55 -26.17 -0.17
CA SER F 20 40.62 -25.12 0.25
C SER F 20 39.39 -25.07 -0.63
N ALA F 21 38.23 -24.80 -0.02
CA ALA F 21 36.89 -24.80 -0.62
C ALA F 21 36.40 -23.40 -0.96
N PRO F 22 36.06 -23.11 -2.24
CA PRO F 22 35.55 -21.77 -2.56
C PRO F 22 34.16 -21.52 -1.99
N LEU F 23 34.01 -20.42 -1.26
CA LEU F 23 32.69 -19.96 -0.88
C LEU F 23 32.36 -18.72 -1.69
N PHE F 24 31.21 -18.76 -2.33
CA PHE F 24 31.00 -17.72 -3.33
C PHE F 24 30.33 -16.50 -2.70
N PRO F 25 30.74 -15.29 -3.07
CA PRO F 25 30.10 -14.09 -2.50
C PRO F 25 28.72 -13.84 -3.07
N ALA F 26 28.02 -12.90 -2.43
CA ALA F 26 26.67 -12.45 -2.79
C ALA F 26 25.67 -13.61 -2.79
N TYR F 27 25.71 -14.38 -1.71
CA TYR F 27 24.73 -15.43 -1.50
C TYR F 27 23.35 -14.85 -1.17
N GLN F 28 22.34 -15.37 -1.84
CA GLN F 28 20.96 -14.97 -1.64
C GLN F 28 20.41 -15.99 -0.66
N THR F 29 19.49 -16.86 -1.10
CA THR F 29 18.89 -17.84 -0.21
C THR F 29 19.14 -19.26 -0.72
N ASP F 30 18.73 -20.21 0.11
CA ASP F 30 19.15 -21.59 0.00
C ASP F 30 18.13 -22.45 0.71
N GLY F 31 17.66 -23.48 0.03
CA GLY F 31 16.86 -24.48 0.66
C GLY F 31 17.42 -25.86 0.44
N SER F 32 17.54 -26.63 1.52
CA SER F 32 17.93 -28.04 1.45
C SER F 32 16.70 -28.81 1.90
N VAL F 33 16.06 -29.48 0.95
CA VAL F 33 14.80 -30.16 1.20
C VAL F 33 15.05 -31.66 1.23
N SER F 34 14.63 -32.29 2.32
CA SER F 34 15.02 -33.64 2.67
C SER F 34 13.76 -34.44 3.00
N GLY F 35 13.06 -34.90 1.96
CA GLY F 35 11.83 -35.63 2.16
C GLY F 35 12.04 -37.11 2.43
N GLU F 36 11.62 -37.56 3.60
CA GLU F 36 11.78 -38.96 4.00
C GLU F 36 10.41 -39.63 3.90
N ARG F 37 10.14 -40.20 2.72
CA ARG F 37 8.82 -40.78 2.45
C ARG F 37 8.55 -41.97 3.35
N GLU F 38 7.39 -42.58 3.19
CA GLU F 38 6.86 -43.57 4.13
C GLU F 38 6.08 -44.61 3.35
N LEU F 39 6.22 -45.86 3.79
CA LEU F 39 5.56 -46.99 3.16
C LEU F 39 4.06 -47.00 3.49
N PHE F 40 3.32 -47.81 2.74
CA PHE F 40 1.91 -48.07 3.03
C PHE F 40 1.71 -49.48 3.55
N ASP F 41 1.89 -49.64 4.86
CA ASP F 41 1.27 -50.70 5.64
C ASP F 41 0.23 -50.09 6.57
N GLU F 42 -1.03 -50.17 6.16
CA GLU F 42 -2.13 -49.69 6.99
C GLU F 42 -2.35 -50.53 8.23
N GLN F 43 -1.87 -51.78 8.23
CA GLN F 43 -2.10 -52.80 9.26
C GLN F 43 -3.56 -53.27 9.26
N THR F 44 -4.21 -53.17 8.09
CA THR F 44 -5.68 -53.26 7.92
C THR F 44 -6.41 -52.34 8.89
N LYS F 45 -5.96 -51.08 8.93
CA LYS F 45 -6.52 -50.07 9.84
C LYS F 45 -7.16 -48.95 9.06
N ASN F 46 -6.39 -47.89 8.77
CA ASN F 46 -6.88 -46.76 7.98
C ASN F 46 -5.78 -46.05 7.23
N GLY F 47 -4.75 -46.77 6.76
CA GLY F 47 -3.65 -46.16 6.05
C GLY F 47 -2.66 -45.52 7.01
N ARG F 48 -2.47 -46.17 8.15
CA ARG F 48 -1.57 -45.66 9.18
C ARG F 48 -0.29 -46.48 9.10
N ILE F 49 0.82 -45.82 8.76
CA ILE F 49 2.12 -46.48 8.69
C ILE F 49 3.16 -45.64 9.41
N LEU F 50 4.01 -46.29 10.21
CA LEU F 50 5.12 -45.61 10.89
C LEU F 50 6.47 -45.97 10.30
N GLY F 51 6.50 -46.38 9.02
CA GLY F 51 7.68 -46.94 8.41
C GLY F 51 8.25 -46.11 7.29
N PRO F 52 9.51 -46.36 6.94
CA PRO F 52 10.17 -45.53 5.92
C PRO F 52 9.82 -45.90 4.50
N GLY F 53 10.04 -44.97 3.58
CA GLY F 53 9.74 -45.17 2.19
C GLY F 53 10.99 -44.91 1.36
N SER F 54 11.36 -43.63 1.29
CA SER F 54 12.54 -43.24 0.54
C SER F 54 13.02 -41.87 0.98
N VAL F 55 14.21 -41.50 0.52
CA VAL F 55 14.85 -40.24 0.88
C VAL F 55 14.95 -39.36 -0.36
N ALA F 56 14.17 -38.27 -0.38
CA ALA F 56 14.23 -37.27 -1.42
C ALA F 56 15.05 -36.10 -0.91
N ASP F 57 16.36 -36.21 -1.00
CA ASP F 57 17.28 -35.26 -0.38
C ASP F 57 17.90 -34.41 -1.47
N SER F 58 17.42 -33.17 -1.59
CA SER F 58 17.86 -32.22 -2.59
C SER F 58 17.91 -30.83 -2.00
N GLY F 59 18.61 -29.94 -2.71
CA GLY F 59 18.67 -28.56 -2.30
C GLY F 59 18.77 -27.63 -3.49
N GLU F 60 18.35 -26.38 -3.32
CA GLU F 60 18.49 -25.36 -4.34
C GLU F 60 19.28 -24.21 -3.73
N VAL F 61 20.16 -23.61 -4.53
CA VAL F 61 21.02 -22.53 -4.07
C VAL F 61 20.90 -21.37 -5.04
N THR F 62 20.56 -20.19 -4.53
CA THR F 62 20.53 -19.00 -5.37
C THR F 62 21.63 -18.04 -4.94
N TYR F 63 22.31 -17.46 -5.91
CA TYR F 63 23.33 -16.44 -5.63
C TYR F 63 23.36 -15.45 -6.79
N TYR F 64 24.05 -14.33 -6.58
CA TYR F 64 24.27 -13.32 -7.60
C TYR F 64 25.58 -13.63 -8.32
N GLY F 65 25.61 -13.39 -9.63
CA GLY F 65 26.76 -13.73 -10.43
C GLY F 65 27.90 -12.73 -10.37
N LYS F 66 29.13 -13.23 -10.36
CA LYS F 66 30.31 -12.38 -10.41
C LYS F 66 31.17 -12.77 -11.61
N ARG F 67 31.89 -11.79 -12.16
CA ARG F 67 32.64 -11.99 -13.41
C ARG F 67 33.62 -13.15 -13.34
N GLY F 68 34.29 -13.36 -12.22
CA GLY F 68 35.19 -14.49 -12.06
C GLY F 68 34.75 -15.35 -10.88
N ASP F 69 35.67 -15.52 -9.93
CA ASP F 69 35.43 -16.11 -8.61
C ASP F 69 35.09 -17.61 -8.74
N ALA F 70 35.83 -18.40 -7.98
CA ALA F 70 36.08 -19.83 -8.24
C ALA F 70 35.06 -20.83 -7.72
N GLY F 71 34.12 -20.41 -6.86
CA GLY F 71 32.98 -21.25 -6.54
C GLY F 71 31.97 -21.31 -7.67
N GLN F 72 31.60 -20.15 -8.23
CA GLN F 72 30.78 -20.13 -9.42
C GLN F 72 31.53 -20.70 -10.63
N LYS F 73 32.84 -20.43 -10.75
CA LYS F 73 33.62 -21.10 -11.78
C LYS F 73 33.73 -22.58 -11.51
N ALA F 74 33.87 -23.00 -10.26
CA ALA F 74 33.75 -24.42 -9.94
C ALA F 74 32.33 -24.90 -10.19
N ILE F 75 31.34 -24.03 -9.95
CA ILE F 75 29.96 -24.34 -10.30
C ILE F 75 29.83 -24.59 -11.80
N GLU F 76 30.39 -23.68 -12.61
CA GLU F 76 30.29 -23.83 -14.06
C GLU F 76 31.15 -24.94 -14.60
N ASP F 77 32.39 -25.09 -14.11
CA ASP F 77 33.17 -26.28 -14.44
C ASP F 77 32.45 -27.56 -14.01
N ALA F 78 31.92 -27.58 -12.78
CA ALA F 78 31.13 -28.74 -12.38
C ALA F 78 29.87 -28.88 -13.21
N TYR F 79 29.14 -27.78 -13.43
CA TYR F 79 27.87 -27.87 -14.12
C TYR F 79 28.03 -28.38 -15.56
N GLN F 80 28.94 -27.77 -16.30
CA GLN F 80 29.01 -27.97 -17.75
C GLN F 80 29.73 -29.26 -18.12
N ASN F 81 30.63 -29.73 -17.26
CA ASN F 81 31.22 -31.05 -17.48
C ASN F 81 30.48 -32.12 -16.71
N GLY F 82 29.44 -31.73 -15.97
CA GLY F 82 28.63 -32.67 -15.21
C GLY F 82 29.39 -33.31 -14.08
N LYS F 83 30.36 -32.58 -13.53
CA LYS F 83 31.19 -33.02 -12.42
C LYS F 83 30.32 -33.06 -11.18
N GLN F 84 30.54 -34.04 -10.31
CA GLN F 84 29.97 -34.07 -8.98
C GLN F 84 30.69 -33.05 -8.11
N ILE F 85 29.94 -32.37 -7.24
CA ILE F 85 30.55 -31.39 -6.35
C ILE F 85 30.35 -31.79 -4.90
N LYS F 86 31.39 -31.60 -4.11
CA LYS F 86 31.33 -31.88 -2.68
C LYS F 86 30.77 -30.65 -1.96
N PHE F 87 29.78 -30.90 -1.10
CA PHE F 87 28.91 -29.89 -0.53
C PHE F 87 29.04 -29.87 0.99
N TRP F 88 29.40 -28.71 1.53
CA TRP F 88 29.59 -28.50 2.96
C TRP F 88 28.69 -27.35 3.41
N ARG F 89 27.71 -27.64 4.27
CA ARG F 89 26.90 -26.60 4.89
C ARG F 89 27.37 -26.45 6.33
N VAL F 90 28.05 -25.36 6.61
CA VAL F 90 28.66 -25.18 7.92
C VAL F 90 28.14 -23.90 8.55
N ASP F 91 28.14 -23.90 9.88
CA ASP F 91 27.69 -22.76 10.65
C ASP F 91 28.84 -21.78 10.87
N THR F 92 28.46 -20.56 11.24
CA THR F 92 29.39 -19.46 11.43
C THR F 92 29.74 -19.24 12.91
N VAL F 93 28.85 -19.64 13.82
CA VAL F 93 29.14 -19.52 15.25
C VAL F 93 30.25 -20.50 15.63
N LYS F 94 30.82 -20.30 16.81
CA LYS F 94 31.96 -21.07 17.27
C LYS F 94 31.50 -22.15 18.24
N ASN F 95 31.53 -23.40 17.80
CA ASN F 95 31.28 -24.53 18.68
C ASN F 95 32.48 -24.76 19.59
N GLU F 96 32.24 -25.42 20.71
CA GLU F 96 33.27 -25.64 21.70
C GLU F 96 34.03 -26.94 21.52
N ASN F 97 33.49 -27.91 20.79
CA ASN F 97 34.28 -29.06 20.40
C ASN F 97 34.98 -28.82 19.05
N ASP F 98 34.27 -29.04 17.95
CA ASP F 98 34.73 -28.61 16.64
C ASP F 98 34.71 -27.09 16.61
N LYS F 99 35.57 -26.49 15.78
CA LYS F 99 35.52 -25.06 15.54
C LYS F 99 34.11 -24.62 15.17
N TYR F 100 33.49 -25.37 14.26
CA TYR F 100 32.14 -25.11 13.80
C TYR F 100 31.43 -26.45 13.69
N ASP F 101 30.24 -26.45 13.09
CA ASP F 101 29.50 -27.69 12.91
C ASP F 101 28.82 -27.66 11.55
N ALA F 102 28.78 -28.83 10.91
CA ALA F 102 28.49 -28.90 9.49
C ALA F 102 27.51 -30.04 9.22
N GLN F 103 26.59 -29.77 8.30
CA GLN F 103 25.89 -30.80 7.55
C GLN F 103 26.53 -30.85 6.17
N PHE F 104 26.88 -32.06 5.74
CA PHE F 104 27.80 -32.28 4.64
C PHE F 104 27.24 -33.31 3.67
N GLY F 105 27.69 -33.25 2.41
CA GLY F 105 27.35 -34.32 1.49
C GLY F 105 28.07 -34.15 0.16
N PHE F 106 27.96 -35.20 -0.65
CA PHE F 106 28.35 -35.13 -2.06
C PHE F 106 27.11 -34.77 -2.85
N ALA F 107 27.26 -33.87 -3.82
CA ALA F 107 26.14 -33.28 -4.51
C ALA F 107 26.36 -33.27 -6.01
N TYR F 108 25.25 -33.15 -6.74
CA TYR F 108 25.23 -33.24 -8.19
C TYR F 108 24.37 -32.10 -8.73
N ILE F 109 24.84 -31.45 -9.79
CA ILE F 109 24.10 -30.35 -10.39
C ILE F 109 22.88 -30.90 -11.11
N GLU F 110 21.69 -30.61 -10.57
CA GLU F 110 20.47 -31.05 -11.22
C GLU F 110 19.89 -30.05 -12.22
N SER F 111 20.09 -28.75 -12.01
CA SER F 111 19.66 -27.76 -12.98
C SER F 111 20.35 -26.44 -12.68
N ARG F 112 20.60 -25.68 -13.74
CA ARG F 112 21.19 -24.34 -13.66
C ARG F 112 20.15 -23.42 -14.29
N GLU F 113 19.98 -22.26 -13.67
CA GLU F 113 19.01 -21.26 -14.08
C GLU F 113 19.71 -19.91 -14.04
N TYR F 114 19.78 -19.23 -15.19
CA TYR F 114 20.37 -17.90 -15.23
C TYR F 114 19.30 -16.83 -15.40
N SER F 115 19.24 -15.93 -14.44
CA SER F 115 18.32 -14.81 -14.47
C SER F 115 19.05 -13.55 -14.88
N ASP F 116 18.52 -12.91 -15.91
CA ASP F 116 18.89 -11.56 -16.33
C ASP F 116 17.60 -10.75 -16.30
N GLY F 117 17.55 -9.76 -15.42
CA GLY F 117 16.43 -8.83 -15.36
C GLY F 117 16.82 -7.46 -15.87
N VAL F 118 15.88 -6.53 -15.75
CA VAL F 118 16.11 -5.13 -16.14
C VAL F 118 16.93 -4.40 -15.08
N GLU F 119 16.45 -4.41 -13.83
CA GLU F 119 17.27 -3.94 -12.72
C GLU F 119 17.99 -5.06 -12.00
N GLY F 120 19.06 -4.75 -11.28
CA GLY F 120 19.63 -5.71 -10.35
C GLY F 120 20.67 -6.52 -11.06
N ALA F 121 21.64 -7.05 -10.33
CA ALA F 121 22.73 -7.81 -10.93
C ALA F 121 22.29 -9.24 -11.22
N VAL F 122 23.08 -9.91 -12.05
CA VAL F 122 22.70 -11.21 -12.59
C VAL F 122 22.39 -12.17 -11.45
N GLU F 123 21.43 -13.07 -11.68
CA GLU F 123 20.99 -13.98 -10.63
C GLU F 123 21.06 -15.41 -11.12
N ILE F 124 21.69 -16.27 -10.34
CA ILE F 124 21.85 -17.67 -10.68
C ILE F 124 21.08 -18.52 -9.68
N SER F 125 20.18 -19.36 -10.19
CA SER F 125 19.53 -20.39 -9.41
C SER F 125 20.11 -21.73 -9.83
N ILE F 126 20.68 -22.46 -8.88
CA ILE F 126 21.22 -23.79 -9.15
C ILE F 126 20.47 -24.79 -8.29
N SER F 127 19.86 -25.78 -8.94
CA SER F 127 19.09 -26.82 -8.29
C SER F 127 19.86 -28.13 -8.30
N LEU F 128 19.96 -28.75 -7.13
CA LEU F 128 20.79 -29.92 -6.93
C LEU F 128 20.10 -30.89 -5.97
N GLN F 129 20.56 -32.13 -5.97
CA GLN F 129 20.19 -33.09 -4.93
C GLN F 129 21.48 -33.54 -4.26
N VAL F 130 21.36 -34.14 -3.09
CA VAL F 130 22.52 -34.70 -2.40
C VAL F 130 22.26 -36.18 -2.18
N ILE F 131 23.21 -37.02 -2.60
CA ILE F 131 23.02 -38.47 -2.57
C ILE F 131 22.93 -38.95 -1.13
N GLY F 132 23.91 -38.58 -0.32
CA GLY F 132 23.90 -38.95 1.07
C GLY F 132 24.01 -37.76 1.99
N GLU F 133 22.98 -37.52 2.78
CA GLU F 133 23.04 -36.46 3.78
C GLU F 133 23.93 -36.87 4.95
N LEU F 134 24.94 -36.04 5.21
CA LEU F 134 25.93 -36.35 6.22
C LEU F 134 26.04 -35.17 7.17
N LYS F 135 26.42 -35.45 8.41
CA LYS F 135 26.51 -34.42 9.45
C LYS F 135 27.80 -34.61 10.22
N ASN F 136 28.56 -33.53 10.40
CA ASN F 136 29.78 -33.57 11.18
C ASN F 136 30.14 -32.16 11.61
N GLY F 137 30.82 -32.03 12.75
CA GLY F 137 31.39 -30.75 13.13
C GLY F 137 32.53 -30.36 12.20
N GLU F 138 32.72 -29.06 12.06
CA GLU F 138 33.69 -28.53 11.12
C GLU F 138 34.84 -27.90 11.89
N ILE F 139 36.05 -28.07 11.35
CA ILE F 139 37.25 -27.58 12.03
C ILE F 139 37.76 -26.31 11.37
N ASP F 140 38.21 -26.41 10.11
CA ASP F 140 38.78 -25.25 9.45
C ASP F 140 38.00 -24.91 8.19
N THR F 141 37.36 -23.74 8.20
CA THR F 141 36.65 -23.23 7.03
C THR F 141 37.36 -22.03 6.41
N LEU F 142 38.70 -21.96 6.50
CA LEU F 142 39.53 -20.84 6.10
C LEU F 142 38.94 -19.54 6.65
N PRO F 143 38.75 -19.44 7.98
CA PRO F 143 37.80 -18.46 8.54
C PRO F 143 38.23 -17.01 8.42
N GLU F 144 39.47 -16.81 7.96
CA GLU F 144 39.98 -15.49 7.62
C GLU F 144 39.12 -14.82 6.56
N GLU F 145 38.53 -15.61 5.66
CA GLU F 145 37.82 -15.05 4.52
C GLU F 145 36.39 -15.57 4.39
N ILE F 146 36.17 -16.88 4.52
CA ILE F 146 34.84 -17.47 4.41
C ILE F 146 33.97 -17.12 5.61
N VAL F 147 34.53 -17.23 6.81
CA VAL F 147 33.78 -17.00 8.03
C VAL F 147 33.68 -15.50 8.24
N ASN F 148 34.77 -14.79 7.94
CA ASN F 148 34.83 -13.35 8.16
C ASN F 148 34.27 -12.58 6.97
N VAL F 149 33.23 -11.77 7.19
CA VAL F 149 32.77 -10.87 6.13
C VAL F 149 33.25 -9.45 6.49
N SER F 150 34.20 -8.95 5.70
CA SER F 150 34.85 -7.69 6.02
C SER F 150 34.46 -6.56 5.08
N LYS F 151 34.36 -5.33 5.57
CA LYS F 151 34.09 -4.20 4.70
C LYS F 151 35.29 -3.77 3.87
N GLY F 152 36.52 -3.87 4.38
CA GLY F 152 37.69 -3.41 3.67
C GLY F 152 37.94 -1.93 3.85
N GLY F 153 37.25 -1.31 4.79
CA GLY F 153 37.36 0.12 5.02
C GLY F 153 38.62 0.47 5.79
N TYR F 154 39.48 1.25 5.16
CA TYR F 154 40.73 1.75 5.72
C TYR F 154 40.48 3.13 6.32
N ASP F 155 40.55 3.22 7.66
CA ASP F 155 39.90 4.31 8.38
C ASP F 155 40.53 5.68 8.21
N PHE F 156 41.86 5.75 8.03
CA PHE F 156 42.65 6.90 7.59
C PHE F 156 43.65 6.45 6.53
N GLN F 157 43.41 6.94 5.30
CA GLN F 157 44.44 7.13 4.29
C GLN F 157 44.12 8.42 3.58
N GLN F 158 43.78 9.47 4.34
CA GLN F 158 43.18 10.66 3.72
C GLN F 158 44.05 11.30 2.63
N PRO F 159 45.33 11.67 2.85
CA PRO F 159 46.14 12.09 1.70
C PRO F 159 46.74 10.94 0.91
N GLY F 160 46.61 10.95 -0.41
CA GLY F 160 47.01 9.80 -1.18
C GLY F 160 46.31 8.47 -0.93
N GLN F 161 44.98 8.48 -0.78
CA GLN F 161 44.27 7.21 -0.62
C GLN F 161 44.47 6.33 -1.84
N THR F 162 44.39 6.92 -3.04
CA THR F 162 44.64 6.27 -4.34
C THR F 162 43.88 4.95 -4.47
N THR F 163 42.57 5.05 -4.59
CA THR F 163 41.74 3.86 -4.45
C THR F 163 40.74 3.80 -5.60
N GLY F 164 40.42 2.58 -6.02
CA GLY F 164 39.36 2.35 -6.98
C GLY F 164 37.98 2.29 -6.35
N GLU F 165 36.99 1.84 -7.09
CA GLU F 165 35.61 1.79 -6.59
C GLU F 165 35.50 0.86 -5.39
N ALA F 166 36.34 -0.17 -5.33
CA ALA F 166 36.32 -1.17 -4.27
C ALA F 166 37.14 -0.66 -3.09
N PRO F 167 36.87 -1.15 -1.90
CA PRO F 167 37.19 -0.40 -0.67
C PRO F 167 38.67 -0.53 -0.28
N GLY F 168 39.44 0.48 -0.67
CA GLY F 168 40.77 0.69 -0.14
C GLY F 168 41.91 -0.04 -0.81
N THR F 169 42.44 0.50 -1.91
CA THR F 169 43.65 -0.04 -2.49
C THR F 169 44.80 0.94 -2.25
N VAL F 170 46.01 0.38 -2.23
CA VAL F 170 47.25 1.13 -2.05
C VAL F 170 47.56 1.85 -3.37
N PRO F 171 48.34 2.95 -3.35
CA PRO F 171 48.64 3.64 -4.61
C PRO F 171 49.43 2.76 -5.56
N ALA F 172 49.05 2.80 -6.84
CA ALA F 172 49.53 1.92 -7.90
C ALA F 172 49.35 0.44 -7.56
N PRO G 1 3.45 17.06 40.35
CA PRO G 1 3.72 15.68 39.98
C PRO G 1 5.14 15.57 39.43
N ILE G 2 5.56 14.36 39.10
CA ILE G 2 6.89 14.11 38.54
C ILE G 2 6.98 14.85 37.22
N MET G 3 8.03 15.65 37.06
CA MET G 3 8.23 16.47 35.88
C MET G 3 8.99 15.71 34.81
N GLY G 4 9.26 16.38 33.69
CA GLY G 4 10.06 15.82 32.63
C GLY G 4 11.52 15.59 32.99
N GLN G 5 12.07 16.43 33.86
CA GLN G 5 13.40 16.23 34.42
C GLN G 5 13.45 15.08 35.42
N ASP G 6 12.29 14.66 35.93
CA ASP G 6 12.22 13.69 37.02
C ASP G 6 12.70 12.31 36.64
N VAL G 7 12.43 11.84 35.42
CA VAL G 7 12.83 10.49 35.00
C VAL G 7 14.06 10.62 34.13
N LYS G 8 15.18 10.03 34.57
CA LYS G 8 16.39 10.03 33.76
C LYS G 8 16.79 8.62 33.40
N TYR G 9 17.56 8.51 32.31
CA TYR G 9 17.78 7.25 31.61
C TYR G 9 19.26 6.87 31.75
N LEU G 10 19.55 5.98 32.70
CA LEU G 10 20.90 5.45 32.85
C LEU G 10 21.08 4.25 31.94
N PHE G 11 22.27 4.13 31.35
CA PHE G 11 22.62 2.99 30.52
C PHE G 11 23.92 2.37 31.01
N GLN G 12 23.94 1.05 31.04
CA GLN G 12 25.19 0.33 31.30
C GLN G 12 25.35 -0.76 30.27
N SER G 13 26.56 -0.89 29.74
CA SER G 13 26.88 -1.91 28.75
C SER G 13 26.91 -3.30 29.38
N ILE G 14 26.50 -4.29 28.59
CA ILE G 14 26.49 -5.66 29.08
C ILE G 14 27.88 -6.17 29.42
N ASP G 15 28.85 -5.97 28.52
CA ASP G 15 30.17 -6.56 28.68
C ASP G 15 31.10 -5.73 29.55
N ALA G 16 30.73 -4.48 29.86
CA ALA G 16 31.64 -3.62 30.61
C ALA G 16 31.98 -4.21 31.97
N ALA G 17 30.99 -4.85 32.62
CA ALA G 17 31.07 -5.37 34.00
C ALA G 17 31.60 -4.30 34.97
N THR G 18 31.16 -3.07 34.78
CA THR G 18 31.55 -1.94 35.61
C THR G 18 30.55 -1.77 36.73
N GLY G 19 30.93 -1.01 37.76
CA GLY G 19 30.07 -0.80 38.91
C GLY G 19 29.25 0.47 38.83
N SER G 20 29.34 1.18 37.69
CA SER G 20 28.64 2.44 37.54
C SER G 20 28.17 2.66 36.11
N ALA G 21 26.99 3.24 35.94
CA ALA G 21 26.27 3.45 34.67
C ALA G 21 26.43 4.88 34.15
N PRO G 22 26.95 5.07 32.91
CA PRO G 22 27.07 6.44 32.39
C PRO G 22 25.72 7.06 32.06
N LEU G 23 25.47 8.24 32.60
CA LEU G 23 24.33 9.03 32.16
C LEU G 23 24.83 10.20 31.33
N PHE G 24 24.28 10.33 30.14
CA PHE G 24 24.93 11.25 29.24
C PHE G 24 24.37 12.66 29.40
N PRO G 25 25.20 13.70 29.34
CA PRO G 25 24.67 15.06 29.48
C PRO G 25 23.98 15.54 28.22
N ALA G 26 23.31 16.68 28.36
CA ALA G 26 22.56 17.37 27.29
C ALA G 26 21.48 16.47 26.70
N TYR G 27 20.70 15.85 27.59
CA TYR G 27 19.54 15.07 27.17
C TYR G 27 18.43 15.98 26.67
N GLN G 28 17.87 15.61 25.53
CA GLN G 28 16.78 16.32 24.89
C GLN G 28 15.52 15.59 25.35
N THR G 29 14.84 14.89 24.45
CA THR G 29 13.62 14.18 24.81
C THR G 29 13.75 12.69 24.51
N ASP G 30 12.71 11.97 24.93
CA ASP G 30 12.76 10.53 25.05
C ASP G 30 11.33 10.01 25.02
N GLY G 31 11.10 9.03 24.17
CA GLY G 31 9.84 8.31 24.21
C GLY G 31 10.07 6.83 24.32
N SER G 32 9.36 6.20 25.25
CA SER G 32 9.35 4.75 25.38
C SER G 32 7.93 4.32 25.02
N VAL G 33 7.79 3.69 23.87
CA VAL G 33 6.49 3.34 23.33
C VAL G 33 6.29 1.84 23.48
N SER G 34 5.19 1.47 24.10
CA SER G 34 4.95 0.11 24.59
C SER G 34 3.58 -0.34 24.11
N GLY G 35 3.50 -0.76 22.86
CA GLY G 35 2.23 -1.17 22.29
C GLY G 35 1.87 -2.61 22.60
N GLU G 36 0.76 -2.81 23.30
CA GLU G 36 0.30 -4.15 23.69
C GLU G 36 -0.87 -4.52 22.80
N ARG G 37 -0.59 -5.15 21.67
CA ARG G 37 -1.60 -5.45 20.68
C ARG G 37 -2.62 -6.44 21.24
N GLU G 38 -3.61 -6.80 20.42
CA GLU G 38 -4.79 -7.51 20.87
C GLU G 38 -5.25 -8.46 19.75
N LEU G 39 -5.70 -9.64 20.16
CA LEU G 39 -6.16 -10.68 19.25
C LEU G 39 -7.51 -10.30 18.65
N PHE G 40 -7.88 -11.02 17.59
CA PHE G 40 -9.21 -10.93 17.01
C PHE G 40 -10.03 -12.18 17.30
N ASP G 41 -10.65 -12.20 18.47
CA ASP G 41 -11.85 -13.00 18.72
C ASP G 41 -13.04 -12.05 18.89
N GLU G 42 -13.82 -11.91 17.83
CA GLU G 42 -15.04 -11.10 17.89
C GLU G 42 -16.12 -11.70 18.76
N GLN G 43 -16.05 -13.02 19.01
CA GLN G 43 -17.07 -13.83 19.69
C GLN G 43 -18.34 -13.97 18.84
N THR G 44 -18.18 -13.88 17.51
CA THR G 44 -19.25 -13.67 16.54
C THR G 44 -20.14 -12.48 16.92
N LYS G 45 -19.50 -11.35 17.24
CA LYS G 45 -20.19 -10.15 17.69
C LYS G 45 -19.97 -9.01 16.70
N ASN G 46 -18.94 -8.20 16.93
CA ASN G 46 -18.60 -7.11 16.03
C ASN G 46 -17.12 -6.75 16.07
N GLY G 47 -16.24 -7.73 16.26
CA GLY G 47 -14.81 -7.48 16.33
C GLY G 47 -14.41 -6.95 17.69
N ARG G 48 -15.07 -7.46 18.72
CA ARG G 48 -14.80 -7.04 20.09
C ARG G 48 -13.96 -8.13 20.74
N ILE G 49 -12.73 -7.78 21.12
CA ILE G 49 -11.83 -8.71 21.79
C ILE G 49 -11.20 -8.02 23.01
N LEU G 50 -11.13 -8.74 24.13
CA LEU G 50 -10.49 -8.24 25.33
C LEU G 50 -9.17 -8.96 25.63
N GLY G 51 -8.54 -9.52 24.60
CA GLY G 51 -7.41 -10.41 24.76
C GLY G 51 -6.12 -9.87 24.18
N PRO G 52 -4.99 -10.44 24.63
CA PRO G 52 -3.70 -9.90 24.19
C PRO G 52 -3.27 -10.37 22.82
N GLY G 53 -2.34 -9.63 22.22
CA GLY G 53 -1.84 -9.94 20.90
C GLY G 53 -0.33 -10.07 20.94
N SER G 54 0.32 -8.92 21.13
CA SER G 54 1.77 -8.90 21.21
C SER G 54 2.26 -7.62 21.88
N VAL G 55 3.54 -7.58 22.18
CA VAL G 55 4.15 -6.45 22.88
C VAL G 55 5.16 -5.78 21.94
N ALA G 56 4.83 -4.57 21.51
CA ALA G 56 5.71 -3.74 20.71
C ALA G 56 6.36 -2.73 21.63
N ASP G 57 7.42 -3.13 22.30
CA ASP G 57 8.04 -2.33 23.35
C ASP G 57 9.36 -1.79 22.84
N SER G 58 9.35 -0.51 22.49
CA SER G 58 10.51 0.20 21.94
C SER G 58 10.57 1.61 22.49
N GLY G 59 11.73 2.22 22.33
CA GLY G 59 11.91 3.60 22.73
C GLY G 59 12.89 4.33 21.85
N GLU G 60 12.77 5.64 21.78
CA GLU G 60 13.72 6.47 21.04
C GLU G 60 14.30 7.49 22.02
N VAL G 61 15.58 7.77 21.88
CA VAL G 61 16.28 8.68 22.79
C VAL G 61 17.01 9.71 21.95
N THR G 62 16.76 10.99 22.19
CA THR G 62 17.51 12.04 21.52
C THR G 62 18.37 12.79 22.52
N TYR G 63 19.61 13.08 22.13
CA TYR G 63 20.51 13.88 22.96
C TYR G 63 21.44 14.68 22.06
N TYR G 64 22.14 15.64 22.65
CA TYR G 64 23.15 16.44 21.96
C TYR G 64 24.50 15.76 22.12
N GLY G 65 25.32 15.82 21.07
CA GLY G 65 26.60 15.13 21.08
C GLY G 65 27.71 15.85 21.81
N LYS G 66 28.55 15.10 22.51
CA LYS G 66 29.71 15.66 23.16
C LYS G 66 30.97 14.95 22.67
N ARG G 67 32.10 15.66 22.67
CA ARG G 67 33.33 15.15 22.07
C ARG G 67 33.78 13.82 22.66
N GLY G 68 33.62 13.60 23.96
CA GLY G 68 33.95 12.34 24.58
C GLY G 68 32.73 11.77 25.27
N ASP G 69 32.88 11.51 26.59
CA ASP G 69 31.80 11.15 27.51
C ASP G 69 31.22 9.78 27.17
N ALA G 70 31.19 8.93 28.21
CA ALA G 70 31.17 7.47 28.10
C ALA G 70 29.81 6.80 27.91
N GLY G 71 28.70 7.51 28.09
CA GLY G 71 27.41 6.98 27.67
C GLY G 71 27.23 7.01 26.16
N GLN G 72 27.55 8.15 25.52
CA GLN G 72 27.58 8.19 24.07
C GLN G 72 28.71 7.32 23.51
N LYS G 73 29.86 7.28 24.16
CA LYS G 73 30.89 6.33 23.77
C LYS G 73 30.46 4.90 24.00
N ALA G 74 29.76 4.62 25.11
CA ALA G 74 29.12 3.33 25.26
C ALA G 74 28.02 3.14 24.23
N ILE G 75 27.33 4.22 23.88
CA ILE G 75 26.36 4.19 22.79
C ILE G 75 27.04 3.79 21.48
N GLU G 76 28.17 4.43 21.16
CA GLU G 76 28.85 4.14 19.91
C GLU G 76 29.57 2.79 19.95
N ASP G 77 30.22 2.44 21.06
CA ASP G 77 30.71 1.08 21.22
C ASP G 77 29.59 0.06 21.12
N ALA G 78 28.48 0.31 21.81
CA ALA G 78 27.34 -0.59 21.67
C ALA G 78 26.78 -0.55 20.25
N TYR G 79 26.61 0.64 19.68
CA TYR G 79 25.96 0.74 18.38
C TYR G 79 26.77 0.03 17.29
N GLN G 80 28.07 0.32 17.21
CA GLN G 80 28.88 -0.07 16.07
C GLN G 80 29.33 -1.52 16.16
N ASN G 81 29.43 -2.07 17.36
CA ASN G 81 29.70 -3.49 17.51
C ASN G 81 28.40 -4.28 17.68
N GLY G 82 27.27 -3.58 17.69
CA GLY G 82 25.97 -4.21 17.83
C GLY G 82 25.77 -4.85 19.18
N LYS G 83 26.40 -4.29 20.19
CA LYS G 83 26.33 -4.76 21.58
C LYS G 83 24.94 -4.44 22.09
N GLN G 84 24.37 -5.33 22.89
CA GLN G 84 23.16 -5.06 23.66
C GLN G 84 23.51 -4.12 24.80
N ILE G 85 22.60 -3.19 25.11
CA ILE G 85 22.83 -2.25 26.20
C ILE G 85 21.75 -2.42 27.27
N LYS G 86 22.17 -2.35 28.52
CA LYS G 86 21.26 -2.42 29.65
C LYS G 86 20.71 -1.03 29.94
N PHE G 87 19.39 -0.95 30.07
CA PHE G 87 18.65 0.30 30.05
C PHE G 87 17.89 0.48 31.37
N TRP G 88 18.17 1.59 32.05
CA TRP G 88 17.57 1.93 33.32
C TRP G 88 16.90 3.30 33.20
N ARG G 89 15.58 3.34 33.33
CA ARG G 89 14.84 4.61 33.40
C ARG G 89 14.44 4.84 34.85
N VAL G 90 15.11 5.79 35.49
CA VAL G 90 14.90 5.99 36.92
C VAL G 90 14.45 7.41 37.16
N ASP G 91 13.70 7.58 38.26
CA ASP G 91 13.21 8.88 38.64
C ASP G 91 14.22 9.61 39.50
N THR G 92 14.04 10.93 39.61
CA THR G 92 14.94 11.81 40.35
C THR G 92 14.44 12.13 41.75
N VAL G 93 13.13 12.06 41.98
CA VAL G 93 12.59 12.29 43.31
C VAL G 93 12.99 11.15 44.24
N LYS G 94 12.83 11.38 45.54
CA LYS G 94 13.27 10.43 46.55
C LYS G 94 12.10 9.61 47.06
N ASN G 95 12.05 8.34 46.68
CA ASN G 95 11.08 7.41 47.23
C ASN G 95 11.46 7.05 48.66
N GLU G 96 10.46 6.61 49.42
CA GLU G 96 10.67 6.29 50.83
C GLU G 96 11.05 4.84 51.09
N ASN G 97 10.78 3.94 50.15
CA ASN G 97 11.34 2.59 50.26
C ASN G 97 12.69 2.51 49.57
N ASP G 98 12.71 2.30 48.27
CA ASP G 98 13.90 2.46 47.46
C ASP G 98 14.30 3.93 47.46
N LYS G 99 15.58 4.20 47.29
CA LYS G 99 16.04 5.57 47.10
C LYS G 99 15.25 6.25 45.99
N TYR G 100 15.09 5.55 44.88
CA TYR G 100 14.35 6.05 43.72
C TYR G 100 13.51 4.89 43.20
N ASP G 101 12.91 5.07 42.04
CA ASP G 101 12.12 4.01 41.41
C ASP G 101 12.35 4.01 39.91
N ALA G 102 12.38 2.81 39.34
CA ALA G 102 12.94 2.62 38.02
C ALA G 102 12.03 1.71 37.21
N GLN G 103 11.89 2.05 35.93
CA GLN G 103 11.50 1.11 34.90
C GLN G 103 12.77 0.74 34.14
N PHE G 104 12.97 -0.56 33.95
CA PHE G 104 14.27 -1.11 33.58
C PHE G 104 14.11 -2.12 32.44
N GLY G 105 15.18 -2.31 31.67
CA GLY G 105 15.16 -3.39 30.70
C GLY G 105 16.51 -3.56 30.04
N PHE G 106 16.63 -4.65 29.29
CA PHE G 106 17.74 -4.85 28.36
C PHE G 106 17.30 -4.33 27.00
N ALA G 107 18.19 -3.62 26.32
CA ALA G 107 17.84 -2.89 25.12
C ALA G 107 18.86 -3.12 24.02
N TYR G 108 18.43 -2.85 22.79
CA TYR G 108 19.20 -3.12 21.59
C TYR G 108 19.11 -1.90 20.69
N ILE G 109 20.24 -1.51 20.10
CA ILE G 109 20.27 -0.35 19.21
C ILE G 109 19.58 -0.71 17.91
N GLU G 110 18.41 -0.10 17.66
CA GLU G 110 17.71 -0.35 16.42
C GLU G 110 18.06 0.62 15.30
N SER G 111 18.42 1.86 15.61
CA SER G 111 18.88 2.79 14.60
C SER G 111 19.59 3.95 15.27
N ARG G 112 20.57 4.51 14.56
CA ARG G 112 21.34 5.68 15.00
C ARG G 112 21.11 6.71 13.91
N GLU G 113 20.92 7.95 14.34
CA GLU G 113 20.64 9.08 13.47
C GLU G 113 21.51 10.24 13.93
N TYR G 114 22.37 10.73 13.05
CA TYR G 114 23.20 11.88 13.37
C TYR G 114 22.73 13.12 12.64
N SER G 115 22.37 14.13 13.42
CA SER G 115 21.94 15.42 12.90
C SER G 115 23.07 16.42 13.01
N ASP G 116 23.39 17.03 11.87
CA ASP G 116 24.25 18.20 11.77
C ASP G 116 23.43 19.27 11.07
N GLY G 117 23.14 20.36 11.80
CA GLY G 117 22.46 21.49 11.22
C GLY G 117 23.39 22.68 11.05
N VAL G 118 22.83 23.80 10.62
CA VAL G 118 23.57 25.04 10.48
C VAL G 118 23.80 25.71 11.83
N GLU G 119 22.73 25.97 12.57
CA GLU G 119 22.88 26.39 13.96
C GLU G 119 22.76 25.24 14.93
N GLY G 120 23.26 25.40 16.16
CA GLY G 120 22.94 24.47 17.22
C GLY G 120 23.96 23.35 17.22
N ALA G 121 24.18 22.73 18.37
CA ALA G 121 25.19 21.68 18.49
C ALA G 121 24.64 20.35 17.96
N VAL G 122 25.57 19.42 17.71
CA VAL G 122 25.24 18.18 17.03
C VAL G 122 24.12 17.46 17.76
N GLU G 123 23.27 16.78 17.00
CA GLU G 123 22.10 16.13 17.59
C GLU G 123 22.06 14.66 17.19
N ILE G 124 21.90 13.79 18.18
CA ILE G 124 21.87 12.36 17.96
C ILE G 124 20.48 11.84 18.32
N SER G 125 19.86 11.17 17.36
CA SER G 125 18.64 10.40 17.60
C SER G 125 19.00 8.93 17.56
N ILE G 126 18.72 8.21 18.65
CA ILE G 126 18.97 6.78 18.71
C ILE G 126 17.64 6.08 18.96
N SER G 127 17.28 5.17 18.06
CA SER G 127 16.04 4.43 18.13
C SER G 127 16.32 2.99 18.53
N LEU G 128 15.59 2.52 19.53
CA LEU G 128 15.83 1.23 20.15
C LEU G 128 14.50 0.56 20.51
N GLN G 129 14.55 -0.74 20.76
CA GLN G 129 13.45 -1.46 21.37
C GLN G 129 13.97 -2.09 22.64
N VAL G 130 13.05 -2.49 23.52
CA VAL G 130 13.44 -3.20 24.73
C VAL G 130 12.75 -4.55 24.73
N ILE G 131 13.52 -5.61 24.92
CA ILE G 131 12.98 -6.97 24.80
C ILE G 131 11.99 -7.24 25.91
N GLY G 132 12.39 -6.99 27.16
CA GLY G 132 11.51 -7.17 28.27
C GLY G 132 11.39 -5.93 29.11
N GLU G 133 10.19 -5.36 29.17
CA GLU G 133 9.93 -4.22 30.05
C GLU G 133 9.89 -4.67 31.51
N LEU G 134 10.73 -4.05 32.32
CA LEU G 134 10.89 -4.43 33.71
C LEU G 134 10.72 -3.20 34.57
N LYS G 135 10.25 -3.39 35.79
CA LYS G 135 10.00 -2.29 36.72
C LYS G 135 10.53 -2.66 38.09
N ASN G 136 11.31 -1.76 38.70
CA ASN G 136 11.83 -1.95 40.04
C ASN G 136 12.22 -0.61 40.62
N GLY G 137 12.15 -0.50 41.95
CA GLY G 137 12.71 0.66 42.62
C GLY G 137 14.22 0.67 42.52
N GLU G 138 14.79 1.88 42.54
CA GLU G 138 16.22 2.05 42.35
C GLU G 138 16.85 2.50 43.66
N ILE G 139 18.06 2.02 43.91
CA ILE G 139 18.74 2.31 45.17
C ILE G 139 19.84 3.34 44.95
N ASP G 140 20.87 2.99 44.18
CA ASP G 140 21.99 3.90 43.99
C ASP G 140 22.17 4.24 42.52
N THR G 141 21.95 5.51 42.19
CA THR G 141 22.18 6.00 40.83
C THR G 141 23.38 6.94 40.76
N LEU G 142 24.41 6.72 41.61
CA LEU G 142 25.58 7.57 41.79
C LEU G 142 25.14 9.03 41.93
N PRO G 143 24.25 9.33 42.91
CA PRO G 143 23.44 10.57 42.84
C PRO G 143 24.22 11.86 43.02
N GLU G 144 25.49 11.73 43.36
CA GLU G 144 26.43 12.84 43.40
C GLU G 144 26.52 13.54 42.06
N GLU G 145 26.36 12.80 40.97
CA GLU G 145 26.57 13.34 39.63
C GLU G 145 25.39 13.14 38.69
N ILE G 146 24.81 11.94 38.64
CA ILE G 146 23.68 11.64 37.77
C ILE G 146 22.41 12.33 38.27
N VAL G 147 22.14 12.24 39.57
CA VAL G 147 20.93 12.79 40.14
C VAL G 147 21.11 14.29 40.28
N ASN G 148 22.32 14.70 40.69
CA ASN G 148 22.61 16.12 40.93
C ASN G 148 23.03 16.83 39.65
N VAL G 149 22.29 17.87 39.25
CA VAL G 149 22.75 18.70 38.14
C VAL G 149 23.28 20.01 38.74
N SER G 150 24.60 20.19 38.66
CA SER G 150 25.25 21.30 39.32
C SER G 150 25.76 22.35 38.35
N LYS G 151 25.71 23.64 38.72
CA LYS G 151 26.28 24.67 37.88
C LYS G 151 27.81 24.73 37.90
N GLY G 152 28.45 24.43 39.02
CA GLY G 152 29.89 24.52 39.12
C GLY G 152 30.37 25.93 39.45
N GLY G 153 29.44 26.80 39.83
CA GLY G 153 29.76 28.18 40.11
C GLY G 153 30.41 28.35 41.48
N TYR G 154 31.65 28.83 41.47
CA TYR G 154 32.43 29.11 42.67
C TYR G 154 32.25 30.58 43.04
N ASP G 155 31.58 30.82 44.18
CA ASP G 155 30.94 32.11 44.43
C ASP G 155 31.88 33.28 44.67
N PHE G 156 33.04 33.03 45.29
CA PHE G 156 34.20 33.92 45.42
C PHE G 156 35.47 33.13 45.11
N GLN G 157 36.09 33.49 43.98
CA GLN G 157 37.53 33.31 43.76
C GLN G 157 37.99 34.55 43.02
N GLN G 158 37.57 35.74 43.46
CA GLN G 158 37.74 36.94 42.64
C GLN G 158 39.20 37.23 42.27
N PRO G 159 40.18 37.33 43.19
CA PRO G 159 41.57 37.42 42.73
C PRO G 159 42.20 36.08 42.40
N GLY G 160 42.84 35.94 41.25
CA GLY G 160 43.30 34.63 40.82
C GLY G 160 42.26 33.55 40.59
N GLN G 161 41.13 33.86 39.95
CA GLN G 161 40.17 32.81 39.64
C GLN G 161 40.79 31.75 38.74
N THR G 162 41.55 32.19 37.73
CA THR G 162 42.31 31.35 36.79
C THR G 162 41.46 30.23 36.22
N THR G 163 40.50 30.58 35.36
CA THR G 163 39.48 29.62 34.98
C THR G 163 39.33 29.64 33.47
N GLY G 164 38.99 28.48 32.91
CA GLY G 164 38.64 28.36 31.50
C GLY G 164 37.19 28.70 31.24
N GLU G 165 36.71 28.38 30.04
CA GLU G 165 35.34 28.70 29.66
C GLU G 165 34.33 27.98 30.54
N ALA G 166 34.70 26.81 31.06
CA ALA G 166 33.84 25.98 31.90
C ALA G 166 33.95 26.44 33.34
N PRO G 167 32.94 26.18 34.16
CA PRO G 167 32.70 26.99 35.36
C PRO G 167 33.60 26.59 36.52
N GLY G 168 34.69 27.35 36.67
CA GLY G 168 35.50 27.34 37.87
C GLY G 168 36.58 26.29 37.97
N THR G 169 37.75 26.55 37.38
CA THR G 169 38.90 25.69 37.60
C THR G 169 39.93 26.42 38.47
N VAL G 170 40.71 25.61 39.18
CA VAL G 170 41.78 26.10 40.05
C VAL G 170 42.94 26.56 39.17
N PRO G 171 43.83 27.45 39.66
CA PRO G 171 44.96 27.88 38.82
C PRO G 171 45.88 26.74 38.47
N ALA G 172 46.31 26.70 37.21
CA ALA G 172 47.07 25.61 36.60
C ALA G 172 46.35 24.26 36.75
N PRO H 1 -23.68 24.61 27.63
CA PRO H 1 -23.76 23.16 27.49
C PRO H 1 -22.66 22.51 28.32
N ILE H 2 -22.62 21.18 28.36
CA ILE H 2 -21.61 20.44 29.09
C ILE H 2 -20.25 20.77 28.49
N MET H 3 -19.31 21.18 29.35
CA MET H 3 -18.00 21.59 28.92
C MET H 3 -17.04 20.39 28.86
N GLY H 4 -15.79 20.69 28.52
CA GLY H 4 -14.75 19.67 28.51
C GLY H 4 -14.39 19.12 29.87
N GLN H 5 -14.49 19.94 30.91
CA GLN H 5 -14.34 19.50 32.29
C GLN H 5 -15.52 18.67 32.76
N ASP H 6 -16.66 18.75 32.07
CA ASP H 6 -17.89 18.13 32.53
C ASP H 6 -17.86 16.62 32.55
N VAL H 7 -17.21 15.96 31.59
CA VAL H 7 -17.17 14.50 31.53
C VAL H 7 -15.82 14.05 32.06
N LYS H 8 -15.82 13.29 33.15
CA LYS H 8 -14.57 12.75 33.67
C LYS H 8 -14.60 11.22 33.64
N TYR H 9 -13.41 10.64 33.64
CA TYR H 9 -13.20 9.24 33.29
C TYR H 9 -12.70 8.49 34.54
N LEU H 10 -13.64 7.81 35.21
CA LEU H 10 -13.26 6.97 36.34
C LEU H 10 -12.89 5.57 35.85
N PHE H 11 -11.88 4.98 36.46
CA PHE H 11 -11.46 3.63 36.15
C PHE H 11 -11.42 2.79 37.42
N GLN H 12 -11.91 1.56 37.32
CA GLN H 12 -11.75 0.61 38.41
C GLN H 12 -11.26 -0.70 37.82
N SER H 13 -10.28 -1.31 38.51
CA SER H 13 -9.71 -2.58 38.08
C SER H 13 -10.70 -3.72 38.32
N ILE H 14 -10.64 -4.72 37.44
CA ILE H 14 -11.54 -5.86 37.55
C ILE H 14 -11.28 -6.66 38.82
N ASP H 15 -10.02 -6.96 39.13
CA ASP H 15 -9.70 -7.86 40.23
C ASP H 15 -9.62 -7.15 41.57
N ALA H 16 -9.60 -5.82 41.58
CA ALA H 16 -9.42 -5.10 42.84
C ALA H 16 -10.53 -5.42 43.83
N ALA H 17 -11.77 -5.57 43.32
CA ALA H 17 -12.99 -5.73 44.12
C ALA H 17 -13.11 -4.67 45.21
N THR H 18 -12.74 -3.44 44.87
CA THR H 18 -12.78 -2.31 45.80
C THR H 18 -14.11 -1.59 45.64
N GLY H 19 -14.45 -0.75 46.61
CA GLY H 19 -15.71 -0.03 46.59
C GLY H 19 -15.58 1.37 46.01
N SER H 20 -14.40 1.72 45.52
CA SER H 20 -14.17 3.06 44.99
C SER H 20 -13.19 3.05 43.82
N ALA H 21 -13.45 3.90 42.82
CA ALA H 21 -12.73 4.00 41.54
C ALA H 21 -11.72 5.13 41.53
N PRO H 22 -10.42 4.87 41.27
CA PRO H 22 -9.46 5.97 41.21
C PRO H 22 -9.65 6.85 40.00
N LEU H 23 -9.77 8.15 40.22
CA LEU H 23 -9.71 9.12 39.14
C LEU H 23 -8.38 9.85 39.20
N PHE H 24 -7.68 9.85 38.09
CA PHE H 24 -6.30 10.28 38.21
C PHE H 24 -6.20 11.79 37.99
N PRO H 25 -5.36 12.50 38.75
CA PRO H 25 -5.24 13.95 38.54
C PRO H 25 -4.42 14.29 37.31
N ALA H 26 -4.45 15.58 36.95
CA ALA H 26 -3.74 16.17 35.82
C ALA H 26 -4.14 15.51 34.50
N TYR H 27 -5.46 15.37 34.31
CA TYR H 27 -5.98 14.89 33.05
C TYR H 27 -5.82 15.94 31.95
N GLN H 28 -5.33 15.48 30.80
CA GLN H 28 -5.13 16.30 29.63
C GLN H 28 -6.39 16.11 28.79
N THR H 29 -6.28 15.44 27.64
CA THR H 29 -7.42 15.23 26.77
C THR H 29 -7.67 13.74 26.55
N ASP H 30 -8.76 13.48 25.86
CA ASP H 30 -9.36 12.15 25.81
C ASP H 30 -10.25 12.09 24.59
N GLY H 31 -10.05 11.04 23.80
CA GLY H 31 -10.97 10.75 22.72
C GLY H 31 -11.48 9.33 22.81
N SER H 32 -12.79 9.18 22.69
CA SER H 32 -13.43 7.87 22.60
C SER H 32 -14.01 7.81 21.19
N VAL H 33 -13.40 6.98 20.36
CA VAL H 33 -13.75 6.92 18.95
C VAL H 33 -14.51 5.61 18.72
N SER H 34 -15.70 5.74 18.12
CA SER H 34 -16.68 4.67 18.06
C SER H 34 -17.15 4.54 16.62
N GLY H 35 -16.37 3.86 15.80
CA GLY H 35 -16.71 3.72 14.39
C GLY H 35 -17.65 2.56 14.13
N GLU H 36 -18.84 2.87 13.60
CA GLU H 36 -19.85 1.86 13.30
C GLU H 36 -19.88 1.66 11.79
N ARG H 37 -19.07 0.70 11.32
CA ARG H 37 -18.90 0.49 9.89
C ARG H 37 -20.22 0.02 9.27
N GLU H 38 -20.19 -0.24 7.97
CA GLU H 38 -21.40 -0.44 7.17
C GLU H 38 -21.09 -1.45 6.08
N LEU H 39 -22.07 -2.32 5.81
CA LEU H 39 -21.95 -3.37 4.80
C LEU H 39 -22.03 -2.77 3.40
N PHE H 40 -21.64 -3.59 2.42
CA PHE H 40 -21.82 -3.24 1.01
C PHE H 40 -22.90 -4.10 0.37
N ASP H 41 -24.15 -3.66 0.52
CA ASP H 41 -25.23 -3.99 -0.39
C ASP H 41 -25.62 -2.72 -1.15
N GLU H 42 -25.13 -2.61 -2.39
CA GLU H 42 -25.49 -1.50 -3.25
C GLU H 42 -26.94 -1.53 -3.71
N GLN H 43 -27.57 -2.71 -3.65
CA GLN H 43 -28.91 -2.99 -4.19
C GLN H 43 -28.93 -2.96 -5.72
N THR H 44 -27.77 -3.24 -6.33
CA THR H 44 -27.46 -2.97 -7.74
C THR H 44 -27.78 -1.52 -8.11
N LYS H 45 -27.30 -0.59 -7.29
CA LYS H 45 -27.57 0.83 -7.47
C LYS H 45 -26.27 1.59 -7.73
N ASN H 46 -25.64 2.09 -6.67
CA ASN H 46 -24.36 2.79 -6.78
C ASN H 46 -23.52 2.69 -5.52
N GLY H 47 -23.58 1.58 -4.80
CA GLY H 47 -22.83 1.42 -3.57
C GLY H 47 -23.51 2.11 -2.41
N ARG H 48 -24.84 2.08 -2.42
CA ARG H 48 -25.63 2.72 -1.38
C ARG H 48 -26.12 1.62 -0.43
N ILE H 49 -25.67 1.69 0.82
CA ILE H 49 -26.08 0.73 1.84
C ILE H 49 -26.47 1.47 3.11
N LEU H 50 -27.59 1.05 3.73
CA LEU H 50 -28.02 1.62 4.99
C LEU H 50 -27.86 0.64 6.15
N GLY H 51 -26.94 -0.32 6.02
CA GLY H 51 -26.82 -1.42 6.95
C GLY H 51 -25.53 -1.44 7.73
N PRO H 52 -25.52 -2.18 8.83
CA PRO H 52 -24.34 -2.17 9.70
C PRO H 52 -23.21 -3.07 9.21
N GLY H 53 -22.00 -2.79 9.71
CA GLY H 53 -20.82 -3.55 9.33
C GLY H 53 -20.15 -4.09 10.58
N SER H 54 -19.55 -3.18 11.34
CA SER H 54 -18.88 -3.56 12.57
C SER H 54 -18.71 -2.35 13.48
N VAL H 55 -18.29 -2.61 14.72
CA VAL H 55 -18.12 -1.58 15.73
C VAL H 55 -16.63 -1.47 16.09
N ALA H 56 -16.02 -0.37 15.70
CA ALA H 56 -14.65 -0.06 16.06
C ALA H 56 -14.68 0.92 17.22
N ASP H 57 -14.82 0.40 18.43
CA ASP H 57 -15.05 1.22 19.61
C ASP H 57 -13.79 1.21 20.45
N SER H 58 -13.06 2.32 20.40
CA SER H 58 -11.80 2.49 21.09
C SER H 58 -11.68 3.91 21.61
N GLY H 59 -10.76 4.10 22.53
CA GLY H 59 -10.49 5.43 23.06
C GLY H 59 -9.03 5.60 23.43
N GLU H 60 -8.56 6.83 23.44
CA GLU H 60 -7.21 7.15 23.88
C GLU H 60 -7.32 8.16 25.02
N VAL H 61 -6.47 8.01 26.02
CA VAL H 61 -6.49 8.87 27.19
C VAL H 61 -5.09 9.40 27.43
N THR H 62 -4.94 10.72 27.50
CA THR H 62 -3.67 11.31 27.85
C THR H 62 -3.75 11.99 29.19
N TYR H 63 -2.72 11.81 30.02
CA TYR H 63 -2.63 12.49 31.31
C TYR H 63 -1.16 12.74 31.64
N TYR H 64 -0.93 13.57 32.66
CA TYR H 64 0.40 13.85 33.18
C TYR H 64 0.71 12.87 34.29
N GLY H 65 1.97 12.43 34.37
CA GLY H 65 2.36 11.42 35.34
C GLY H 65 2.59 11.94 36.74
N LYS H 66 2.19 11.17 37.74
CA LYS H 66 2.47 11.51 39.12
C LYS H 66 3.23 10.36 39.79
N ARG H 67 4.05 10.70 40.78
CA ARG H 67 4.95 9.72 41.39
C ARG H 67 4.23 8.50 41.96
N GLY H 68 3.05 8.67 42.53
CA GLY H 68 2.26 7.55 43.03
C GLY H 68 0.91 7.53 42.36
N ASP H 69 -0.14 7.57 43.20
CA ASP H 69 -1.53 7.78 42.81
C ASP H 69 -2.07 6.59 42.00
N ALA H 70 -3.20 6.07 42.46
CA ALA H 70 -3.66 4.70 42.23
C ALA H 70 -4.43 4.42 40.94
N GLY H 71 -4.86 5.46 40.21
CA GLY H 71 -5.38 5.24 38.87
C GLY H 71 -4.27 4.95 37.86
N GLN H 72 -3.21 5.75 37.88
CA GLN H 72 -2.02 5.43 37.09
C GLN H 72 -1.33 4.17 37.59
N LYS H 73 -1.29 3.95 38.91
CA LYS H 73 -0.80 2.68 39.41
C LYS H 73 -1.73 1.54 39.04
N ALA H 74 -3.04 1.75 39.07
CA ALA H 74 -3.95 0.77 38.50
C ALA H 74 -3.76 0.67 37.00
N ILE H 75 -3.44 1.79 36.35
CA ILE H 75 -3.08 1.77 34.93
C ILE H 75 -1.86 0.89 34.70
N GLU H 76 -0.81 1.08 35.50
CA GLU H 76 0.41 0.31 35.33
C GLU H 76 0.26 -1.14 35.78
N ASP H 77 -0.42 -1.38 36.91
CA ASP H 77 -0.79 -2.75 37.25
C ASP H 77 -1.65 -3.38 36.17
N ALA H 78 -2.66 -2.67 35.68
CA ALA H 78 -3.44 -3.20 34.58
C ALA H 78 -2.59 -3.36 33.32
N TYR H 79 -1.80 -2.33 32.98
CA TYR H 79 -1.06 -2.37 31.73
C TYR H 79 -0.06 -3.52 31.69
N GLN H 80 0.75 -3.64 32.74
CA GLN H 80 1.92 -4.52 32.70
C GLN H 80 1.55 -5.97 32.96
N ASN H 81 0.45 -6.22 33.68
CA ASN H 81 -0.04 -7.59 33.82
C ASN H 81 -1.11 -7.89 32.77
N GLY H 82 -1.43 -6.91 31.94
CA GLY H 82 -2.41 -7.08 30.89
C GLY H 82 -3.81 -7.30 31.41
N LYS H 83 -4.09 -6.71 32.58
CA LYS H 83 -5.38 -6.80 33.25
C LYS H 83 -6.37 -5.96 32.44
N GLN H 84 -7.61 -6.43 32.34
CA GLN H 84 -8.72 -5.64 31.82
C GLN H 84 -9.10 -4.60 32.86
N ILE H 85 -9.46 -3.40 32.40
CA ILE H 85 -9.86 -2.34 33.30
C ILE H 85 -11.29 -1.92 33.01
N LYS H 86 -12.05 -1.68 34.07
CA LYS H 86 -13.42 -1.21 33.96
C LYS H 86 -13.41 0.31 33.83
N PHE H 87 -14.14 0.81 32.84
CA PHE H 87 -14.06 2.19 32.35
C PHE H 87 -15.40 2.87 32.51
N TRP H 88 -15.40 4.00 33.23
CA TRP H 88 -16.58 4.80 33.52
C TRP H 88 -16.32 6.22 33.05
N ARG H 89 -17.07 6.68 32.04
CA ARG H 89 -17.03 8.08 31.62
C ARG H 89 -18.29 8.76 32.14
N VAL H 90 -18.12 9.60 33.16
CA VAL H 90 -19.27 10.19 33.81
C VAL H 90 -19.17 11.70 33.74
N ASP H 91 -20.34 12.34 33.78
CA ASP H 91 -20.42 13.79 33.73
C ASP H 91 -20.32 14.36 35.14
N THR H 92 -20.03 15.67 35.18
CA THR H 92 -19.83 16.39 36.43
C THR H 92 -21.07 17.18 36.86
N VAL H 93 -21.93 17.56 35.91
CA VAL H 93 -23.16 18.25 36.26
C VAL H 93 -24.11 17.30 36.99
N LYS H 94 -25.12 17.87 37.62
CA LYS H 94 -26.04 17.10 38.45
C LYS H 94 -27.33 16.82 37.69
N ASN H 95 -27.52 15.56 37.31
CA ASN H 95 -28.77 15.11 36.73
C ASN H 95 -29.84 15.02 37.81
N GLU H 96 -31.10 15.09 37.39
CA GLU H 96 -32.21 15.07 38.32
C GLU H 96 -32.75 13.68 38.62
N ASN H 97 -32.48 12.69 37.77
CA ASN H 97 -32.77 11.31 38.14
C ASN H 97 -31.58 10.67 38.85
N ASP H 98 -30.62 10.16 38.09
CA ASP H 98 -29.34 9.77 38.62
C ASP H 98 -28.61 11.01 39.10
N LYS H 99 -27.73 10.85 40.08
CA LYS H 99 -26.85 11.93 40.51
C LYS H 99 -26.12 12.53 39.31
N TYR H 100 -25.59 11.66 38.45
CA TYR H 100 -24.87 12.05 37.25
C TYR H 100 -25.31 11.10 36.15
N ASP H 101 -24.62 11.16 35.01
CA ASP H 101 -24.92 10.26 33.91
C ASP H 101 -23.61 9.83 33.23
N ALA H 102 -23.59 8.57 32.81
CA ALA H 102 -22.34 7.92 32.48
C ALA H 102 -22.48 7.14 31.19
N GLN H 103 -21.42 7.19 30.38
CA GLN H 103 -21.15 6.19 29.36
C GLN H 103 -20.06 5.29 29.93
N PHE H 104 -20.27 3.98 29.86
CA PHE H 104 -19.54 3.00 30.64
C PHE H 104 -19.09 1.84 29.75
N GLY H 105 -18.02 1.17 30.16
CA GLY H 105 -17.65 -0.06 29.49
C GLY H 105 -16.52 -0.77 30.19
N PHE H 106 -16.26 -2.00 29.74
CA PHE H 106 -15.05 -2.73 30.10
C PHE H 106 -14.01 -2.46 29.02
N ALA H 107 -12.78 -2.22 29.44
CA ALA H 107 -11.74 -1.73 28.54
C ALA H 107 -10.45 -2.50 28.73
N TYR H 108 -9.61 -2.42 27.70
CA TYR H 108 -8.37 -3.19 27.62
C TYR H 108 -7.26 -2.26 27.16
N ILE H 109 -6.09 -2.37 27.81
CA ILE H 109 -4.96 -1.52 27.44
C ILE H 109 -4.41 -1.96 26.09
N GLU H 110 -4.58 -1.12 25.08
CA GLU H 110 -4.04 -1.44 23.76
C GLU H 110 -2.64 -0.92 23.52
N SER H 111 -2.26 0.21 24.13
CA SER H 111 -0.88 0.68 24.03
C SER H 111 -0.64 1.71 25.11
N ARG H 112 0.61 1.76 25.57
CA ARG H 112 1.07 2.74 26.57
C ARG H 112 2.19 3.50 25.88
N GLU H 113 2.20 4.81 26.10
CA GLU H 113 3.16 5.72 25.49
C GLU H 113 3.65 6.65 26.59
N TYR H 114 4.95 6.65 26.86
CA TYR H 114 5.53 7.55 27.84
C TYR H 114 6.31 8.66 27.17
N SER H 115 5.90 9.89 27.43
CA SER H 115 6.56 11.07 26.91
C SER H 115 7.40 11.70 28.01
N ASP H 116 8.68 11.90 27.68
CA ASP H 116 9.61 12.69 28.46
C ASP H 116 10.13 13.76 27.51
N GLY H 117 9.82 15.03 27.80
CA GLY H 117 10.34 16.14 27.04
C GLY H 117 11.37 16.92 27.83
N VAL H 118 11.83 18.02 27.25
CA VAL H 118 12.77 18.91 27.92
C VAL H 118 12.06 19.79 28.94
N GLU H 119 11.04 20.53 28.52
CA GLU H 119 10.17 21.21 29.47
C GLU H 119 8.92 20.42 29.81
N GLY H 120 8.28 20.71 30.93
CA GLY H 120 6.95 20.20 31.18
C GLY H 120 7.06 18.87 31.88
N ALA H 121 6.04 18.51 32.65
CA ALA H 121 6.06 17.27 33.42
C ALA H 121 5.72 16.08 32.53
N VAL H 122 6.04 14.88 33.05
CA VAL H 122 5.96 13.66 32.26
C VAL H 122 4.57 13.51 31.67
N GLU H 123 4.49 12.93 30.47
CA GLU H 123 3.21 12.81 29.79
C GLU H 123 2.97 11.38 29.38
N ILE H 124 1.80 10.85 29.71
CA ILE H 124 1.43 9.48 29.40
C ILE H 124 0.28 9.49 28.42
N SER H 125 0.46 8.82 27.30
CA SER H 125 -0.60 8.52 26.36
C SER H 125 -0.94 7.05 26.47
N ILE H 126 -2.18 6.72 26.78
CA ILE H 126 -2.63 5.34 26.86
C ILE H 126 -3.75 5.13 25.85
N SER H 127 -3.54 4.19 24.95
CA SER H 127 -4.49 3.88 23.89
C SER H 127 -5.19 2.56 24.20
N LEU H 128 -6.51 2.58 24.12
CA LEU H 128 -7.35 1.47 24.52
C LEU H 128 -8.53 1.33 23.58
N GLN H 129 -9.17 0.16 23.62
CA GLN H 129 -10.47 -0.03 22.98
C GLN H 129 -11.44 -0.46 24.07
N VAL H 130 -12.73 -0.36 23.78
CA VAL H 130 -13.74 -0.83 24.71
C VAL H 130 -14.59 -1.88 23.99
N ILE H 131 -14.73 -3.05 24.62
CA ILE H 131 -15.39 -4.17 23.97
C ILE H 131 -16.87 -3.86 23.76
N GLY H 132 -17.55 -3.44 24.82
CA GLY H 132 -18.94 -3.09 24.71
C GLY H 132 -19.20 -1.69 25.23
N GLU H 133 -19.65 -0.81 24.35
CA GLU H 133 -20.06 0.52 24.77
C GLU H 133 -21.39 0.48 25.50
N LEU H 134 -21.37 1.00 26.72
CA LEU H 134 -22.54 0.94 27.60
C LEU H 134 -22.84 2.34 28.08
N LYS H 135 -24.11 2.59 28.38
CA LYS H 135 -24.56 3.92 28.82
C LYS H 135 -25.51 3.75 30.00
N ASN H 136 -25.27 4.51 31.07
CA ASN H 136 -26.15 4.49 32.24
C ASN H 136 -25.92 5.76 33.04
N GLY H 137 -26.95 6.21 33.74
CA GLY H 137 -26.78 7.28 34.70
C GLY H 137 -25.94 6.83 35.88
N GLU H 138 -25.25 7.78 36.48
CA GLU H 138 -24.31 7.48 37.55
C GLU H 138 -24.85 8.03 38.86
N ILE H 139 -24.63 7.28 39.95
CA ILE H 139 -25.17 7.67 41.25
C ILE H 139 -24.07 8.24 42.13
N ASP H 140 -23.08 7.43 42.49
CA ASP H 140 -22.03 7.90 43.40
C ASP H 140 -20.67 7.81 42.75
N THR H 141 -20.06 8.97 42.51
CA THR H 141 -18.70 9.03 41.99
C THR H 141 -17.70 9.53 43.03
N LEU H 142 -17.93 9.24 44.32
CA LEU H 142 -17.18 9.73 45.47
C LEU H 142 -16.98 11.23 45.35
N PRO H 143 -18.08 12.01 45.22
CA PRO H 143 -17.99 13.37 44.65
C PRO H 143 -17.26 14.39 45.52
N GLU H 144 -16.95 13.97 46.74
CA GLU H 144 -16.12 14.74 47.65
C GLU H 144 -14.76 15.04 47.04
N GLU H 145 -14.24 14.14 46.20
CA GLU H 145 -12.90 14.26 45.68
C GLU H 145 -12.82 14.18 44.16
N ILE H 146 -13.50 13.23 43.52
CA ILE H 146 -13.50 13.08 42.08
C ILE H 146 -14.28 14.20 41.40
N VAL H 147 -15.45 14.51 41.92
CA VAL H 147 -16.32 15.51 41.30
C VAL H 147 -15.79 16.89 41.70
N ASN H 148 -15.36 17.00 42.96
CA ASN H 148 -14.89 18.29 43.48
C ASN H 148 -13.42 18.52 43.17
N VAL H 149 -13.09 19.60 42.46
CA VAL H 149 -11.70 19.97 42.29
C VAL H 149 -11.42 21.16 43.21
N SER H 150 -10.63 20.94 44.25
CA SER H 150 -10.42 21.94 45.29
C SER H 150 -9.03 22.53 45.27
N LYS H 151 -8.88 23.81 45.57
CA LYS H 151 -7.55 24.40 45.66
C LYS H 151 -6.78 24.01 46.92
N GLY H 152 -7.46 23.82 48.05
CA GLY H 152 -6.78 23.52 49.30
C GLY H 152 -6.29 24.75 50.03
N GLY H 153 -6.73 25.93 49.59
CA GLY H 153 -6.30 27.19 50.16
C GLY H 153 -6.99 27.47 51.48
N TYR H 154 -6.18 27.55 52.54
CA TYR H 154 -6.63 27.87 53.88
C TYR H 154 -6.48 29.38 54.10
N ASP H 155 -7.62 30.07 54.23
CA ASP H 155 -7.67 31.52 53.99
C ASP H 155 -6.97 32.38 55.03
N PHE H 156 -6.97 31.97 56.30
CA PHE H 156 -6.17 32.48 57.42
C PHE H 156 -5.57 31.30 58.19
N GLN H 157 -4.24 31.19 58.09
CA GLN H 157 -3.42 30.55 59.11
C GLN H 157 -2.14 31.37 59.21
N GLN H 158 -2.28 32.72 59.24
CA GLN H 158 -1.11 33.57 59.05
C GLN H 158 0.02 33.33 60.06
N PRO H 159 -0.19 33.35 61.38
CA PRO H 159 0.92 32.93 62.27
C PRO H 159 1.00 31.43 62.45
N GLY H 160 2.17 30.82 62.30
CA GLY H 160 2.26 29.38 62.29
C GLY H 160 1.53 28.62 61.20
N GLN H 161 1.58 29.09 59.94
CA GLN H 161 0.96 28.32 58.88
C GLN H 161 1.60 26.94 58.74
N THR H 162 2.94 26.88 58.85
CA THR H 162 3.75 25.65 58.84
C THR H 162 3.35 24.71 57.70
N THR H 163 3.69 25.12 56.47
CA THR H 163 3.12 24.44 55.32
C THR H 163 4.24 24.14 54.33
N GLY H 164 4.10 23.02 53.61
CA GLY H 164 4.99 22.68 52.52
C GLY H 164 4.58 23.35 51.22
N GLU H 165 5.17 22.91 50.11
CA GLU H 165 4.90 23.51 48.81
C GLU H 165 3.43 23.35 48.41
N ALA H 166 2.80 22.28 48.89
CA ALA H 166 1.41 21.98 48.56
C ALA H 166 0.49 22.72 49.53
N PRO H 167 -0.74 22.96 49.15
CA PRO H 167 -1.51 24.07 49.72
C PRO H 167 -2.12 23.72 51.07
N GLY H 168 -1.42 24.14 52.12
CA GLY H 168 -1.98 24.19 53.46
C GLY H 168 -1.88 22.93 54.29
N THR H 169 -0.75 22.68 54.94
CA THR H 169 -0.65 21.61 55.91
C THR H 169 -0.56 22.18 57.31
N VAL H 170 -1.01 21.39 58.27
CA VAL H 170 -0.98 21.73 59.69
C VAL H 170 0.45 21.61 60.19
N PRO H 171 0.83 22.29 61.28
CA PRO H 171 2.22 22.16 61.77
C PRO H 171 2.54 20.75 62.20
N ALA H 172 3.74 20.28 61.84
CA ALA H 172 4.19 18.90 61.99
C ALA H 172 3.24 17.90 61.35
N PRO I 1 -24.67 36.47 -0.86
CA PRO I 1 -25.12 35.11 -1.16
C PRO I 1 -25.46 34.40 0.15
N ILE I 2 -25.94 33.16 0.05
CA ILE I 2 -26.28 32.35 1.21
C ILE I 2 -25.00 32.13 2.00
N MET I 3 -25.06 32.43 3.30
CA MET I 3 -23.90 32.33 4.17
C MET I 3 -23.81 30.93 4.78
N GLY I 4 -22.80 30.74 5.64
CA GLY I 4 -22.63 29.49 6.37
C GLY I 4 -23.72 29.21 7.38
N GLN I 5 -24.29 30.25 7.98
CA GLN I 5 -25.45 30.13 8.84
C GLN I 5 -26.72 29.82 8.07
N ASP I 6 -26.72 30.06 6.76
CA ASP I 6 -27.93 29.96 5.95
C ASP I 6 -28.48 28.54 5.84
N VAL I 7 -27.64 27.53 5.73
CA VAL I 7 -28.10 26.14 5.57
C VAL I 7 -27.99 25.46 6.93
N LYS I 8 -29.12 25.02 7.47
CA LYS I 8 -29.10 24.28 8.72
C LYS I 8 -29.64 22.87 8.52
N TYR I 9 -29.25 21.98 9.43
CA TYR I 9 -29.38 20.54 9.25
C TYR I 9 -30.37 20.00 10.28
N LEU I 10 -31.62 19.80 9.84
CA LEU I 10 -32.62 19.19 10.70
C LEU I 10 -32.55 17.67 10.57
N PHE I 11 -32.73 16.97 11.68
CA PHE I 11 -32.77 15.53 11.70
C PHE I 11 -34.04 15.05 12.37
N GLN I 12 -34.66 14.03 11.78
CA GLN I 12 -35.77 13.35 12.43
C GLN I 12 -35.55 11.85 12.36
N SER I 13 -35.81 11.17 13.47
CA SER I 13 -35.66 9.73 13.56
C SER I 13 -36.74 9.02 12.77
N ILE I 14 -36.39 7.86 12.21
CA ILE I 14 -37.34 7.09 11.42
C ILE I 14 -38.51 6.58 12.27
N ASP I 15 -38.22 6.01 13.44
CA ASP I 15 -39.24 5.34 14.23
C ASP I 15 -39.99 6.30 15.14
N ALA I 16 -39.51 7.53 15.31
CA ALA I 16 -40.15 8.45 16.26
C ALA I 16 -41.59 8.71 15.89
N ALA I 17 -41.87 8.82 14.58
CA ALA I 17 -43.18 9.21 14.02
C ALA I 17 -43.71 10.49 14.66
N THR I 18 -42.81 11.44 14.91
CA THR I 18 -43.15 12.73 15.52
C THR I 18 -43.42 13.74 14.42
N GLY I 19 -44.06 14.85 14.80
CA GLY I 19 -44.42 15.88 13.85
C GLY I 19 -43.40 17.01 13.77
N SER I 20 -42.29 16.87 14.48
CA SER I 20 -41.27 17.91 14.51
C SER I 20 -39.87 17.33 14.62
N ALA I 21 -38.90 17.95 13.93
CA ALA I 21 -37.50 17.53 13.80
C ALA I 21 -36.57 18.28 14.73
N PRO I 22 -35.81 17.60 15.61
CA PRO I 22 -34.88 18.33 16.48
C PRO I 22 -33.70 18.91 15.73
N LEU I 23 -33.46 20.19 15.89
CA LEU I 23 -32.24 20.81 15.42
C LEU I 23 -31.34 21.11 16.62
N PHE I 24 -30.12 20.64 16.55
CA PHE I 24 -29.36 20.67 17.78
C PHE I 24 -28.59 21.99 17.90
N PRO I 25 -28.51 22.58 19.08
CA PRO I 25 -27.76 23.83 19.23
C PRO I 25 -26.26 23.61 19.22
N ALA I 26 -25.53 24.74 19.13
CA ALA I 26 -24.07 24.80 19.12
C ALA I 26 -23.48 23.99 17.96
N TYR I 27 -24.04 24.21 16.78
CA TYR I 27 -23.49 23.61 15.57
C TYR I 27 -22.17 24.26 15.18
N GLN I 28 -21.20 23.42 14.88
CA GLN I 28 -19.88 23.85 14.46
C GLN I 28 -19.92 23.83 12.94
N THR I 29 -19.21 22.90 12.30
CA THR I 29 -19.18 22.84 10.85
C THR I 29 -19.66 21.47 10.36
N ASP I 30 -19.78 21.39 9.04
CA ASP I 30 -20.53 20.31 8.39
C ASP I 30 -20.04 20.22 6.96
N GLY I 31 -19.70 19.00 6.56
CA GLY I 31 -19.42 18.75 5.17
C GLY I 31 -20.26 17.61 4.64
N SER I 32 -20.89 17.82 3.49
CA SER I 32 -21.62 16.78 2.79
C SER I 32 -20.84 16.55 1.50
N VAL I 33 -20.17 15.40 1.43
CA VAL I 33 -19.27 15.11 0.32
C VAL I 33 -19.94 14.06 -0.57
N SER I 34 -20.02 14.39 -1.85
CA SER I 34 -20.87 13.67 -2.80
C SER I 34 -20.02 13.34 -4.03
N GLY I 35 -19.22 12.29 -3.94
CA GLY I 35 -18.35 11.92 -5.03
C GLY I 35 -19.04 11.06 -6.07
N GLU I 36 -19.11 11.56 -7.30
CA GLU I 36 -19.75 10.85 -8.41
C GLU I 36 -18.67 10.30 -9.31
N ARG I 37 -18.23 9.07 -9.04
CA ARG I 37 -17.10 8.48 -9.74
C ARG I 37 -17.46 8.27 -11.21
N GLU I 38 -16.51 7.72 -11.97
CA GLU I 38 -16.58 7.70 -13.43
C GLU I 38 -15.92 6.40 -13.92
N LEU I 39 -16.52 5.83 -14.96
CA LEU I 39 -16.05 4.59 -15.55
C LEU I 39 -14.78 4.82 -16.35
N PHE I 40 -14.11 3.72 -16.69
CA PHE I 40 -12.97 3.74 -17.61
C PHE I 40 -13.33 3.11 -18.94
N ASP I 41 -13.92 3.91 -19.82
CA ASP I 41 -13.88 3.71 -21.26
C ASP I 41 -13.01 4.81 -21.88
N GLU I 42 -11.75 4.48 -22.18
CA GLU I 42 -10.84 5.40 -22.84
C GLU I 42 -11.24 5.69 -24.28
N GLN I 43 -12.03 4.79 -24.89
CA GLN I 43 -12.39 4.80 -26.33
C GLN I 43 -11.19 4.46 -27.21
N THR I 44 -10.23 3.72 -26.65
CA THR I 44 -8.87 3.54 -27.18
C THR I 44 -8.21 4.89 -27.50
N LYS I 45 -8.28 5.80 -26.54
CA LYS I 45 -7.76 7.15 -26.69
C LYS I 45 -6.62 7.41 -25.71
N ASN I 46 -6.96 7.96 -24.53
CA ASN I 46 -5.96 8.19 -23.50
C ASN I 46 -6.56 8.17 -22.09
N GLY I 47 -7.57 7.33 -21.86
CA GLY I 47 -8.20 7.25 -20.55
C GLY I 47 -9.20 8.38 -20.36
N ARG I 48 -9.89 8.73 -21.46
CA ARG I 48 -10.87 9.80 -21.43
C ARG I 48 -12.25 9.16 -21.41
N ILE I 49 -12.98 9.38 -20.31
CA ILE I 49 -14.34 8.87 -20.17
C ILE I 49 -15.27 9.97 -19.68
N LEU I 50 -16.46 10.06 -20.27
CA LEU I 50 -17.47 11.02 -19.84
C LEU I 50 -18.64 10.33 -19.15
N GLY I 51 -18.43 9.16 -18.58
CA GLY I 51 -19.48 8.31 -18.07
C GLY I 51 -19.45 8.11 -16.57
N PRO I 52 -20.59 7.68 -16.01
CA PRO I 52 -20.66 7.55 -14.55
C PRO I 52 -20.04 6.28 -14.01
N GLY I 53 -19.72 6.31 -12.71
CA GLY I 53 -19.11 5.17 -12.06
C GLY I 53 -19.94 4.77 -10.86
N SER I 54 -19.90 5.63 -9.83
CA SER I 54 -20.66 5.37 -8.62
C SER I 54 -20.84 6.65 -7.83
N VAL I 55 -21.70 6.59 -6.81
CA VAL I 55 -22.03 7.73 -5.98
C VAL I 55 -21.53 7.48 -4.56
N ALA I 56 -20.51 8.24 -4.16
CA ALA I 56 -19.98 8.21 -2.80
C ALA I 56 -20.55 9.41 -2.06
N ASP I 57 -21.76 9.26 -1.55
CA ASP I 57 -22.50 10.36 -0.96
C ASP I 57 -22.53 10.19 0.54
N SER I 58 -21.71 10.99 1.22
CA SER I 58 -21.56 10.95 2.67
C SER I 58 -21.39 12.36 3.21
N GLY I 59 -21.58 12.49 4.52
CA GLY I 59 -21.37 13.76 5.18
C GLY I 59 -20.86 13.58 6.60
N GLU I 60 -20.18 14.59 7.11
CA GLU I 60 -19.74 14.60 8.50
C GLU I 60 -20.31 15.83 9.15
N VAL I 61 -20.72 15.70 10.41
CA VAL I 61 -21.34 16.78 11.16
C VAL I 61 -20.63 16.92 12.49
N THR I 62 -20.13 18.12 12.79
CA THR I 62 -19.54 18.37 14.09
C THR I 62 -20.40 19.34 14.87
N TYR I 63 -20.58 19.07 16.16
CA TYR I 63 -21.30 19.98 17.04
C TYR I 63 -20.73 19.88 18.45
N TYR I 64 -21.12 20.81 19.32
CA TYR I 64 -20.75 20.81 20.72
C TYR I 64 -21.82 20.08 21.51
N GLY I 65 -21.40 19.32 22.53
CA GLY I 65 -22.33 18.51 23.29
C GLY I 65 -23.12 19.26 24.35
N LYS I 66 -24.39 18.91 24.51
CA LYS I 66 -25.21 19.47 25.56
C LYS I 66 -25.76 18.34 26.43
N ARG I 67 -25.99 18.65 27.71
CA ARG I 67 -26.38 17.63 28.68
C ARG I 67 -27.62 16.85 28.29
N GLY I 68 -28.61 17.48 27.69
CA GLY I 68 -29.81 16.80 27.20
C GLY I 68 -29.97 17.01 25.72
N ASP I 69 -31.14 17.56 25.35
CA ASP I 69 -31.46 18.07 24.02
C ASP I 69 -31.53 16.93 23.00
N ALA I 70 -32.66 16.89 22.29
CA ALA I 70 -33.20 15.70 21.64
C ALA I 70 -32.68 15.35 20.24
N GLY I 71 -31.96 16.26 19.58
CA GLY I 71 -31.23 15.89 18.37
C GLY I 71 -30.00 15.06 18.66
N GLN I 72 -29.19 15.50 19.63
CA GLN I 72 -28.08 14.66 20.09
C GLN I 72 -28.59 13.41 20.81
N LYS I 73 -29.67 13.51 21.58
CA LYS I 73 -30.29 12.31 22.13
C LYS I 73 -30.87 11.44 21.04
N ALA I 74 -31.49 12.02 20.01
CA ALA I 74 -31.86 11.25 18.83
C ALA I 74 -30.62 10.73 18.12
N ILE I 75 -29.54 11.52 18.12
CA ILE I 75 -28.25 11.06 17.61
C ILE I 75 -27.77 9.84 18.38
N GLU I 76 -27.80 9.90 19.70
CA GLU I 76 -27.33 8.78 20.51
C GLU I 76 -28.29 7.60 20.49
N ASP I 77 -29.59 7.84 20.56
CA ASP I 77 -30.56 6.77 20.31
C ASP I 77 -30.38 6.17 18.93
N ALA I 78 -30.24 7.01 17.90
CA ALA I 78 -29.97 6.47 16.58
C ALA I 78 -28.60 5.79 16.53
N TYR I 79 -27.57 6.43 17.08
CA TYR I 79 -26.22 5.87 16.96
C TYR I 79 -26.11 4.50 17.63
N GLN I 80 -26.57 4.41 18.88
CA GLN I 80 -26.26 3.24 19.71
C GLN I 80 -27.19 2.06 19.41
N ASN I 81 -28.39 2.33 18.90
CA ASN I 81 -29.23 1.24 18.43
C ASN I 81 -29.07 1.03 16.94
N GLY I 82 -28.22 1.83 16.30
CA GLY I 82 -27.96 1.70 14.88
C GLY I 82 -29.15 2.04 14.02
N LYS I 83 -30.00 2.94 14.52
CA LYS I 83 -31.21 3.40 13.85
C LYS I 83 -30.76 4.26 12.67
N GLN I 84 -31.49 4.17 11.57
CA GLN I 84 -31.35 5.09 10.45
C GLN I 84 -31.98 6.43 10.84
N ILE I 85 -31.36 7.53 10.42
CA ILE I 85 -31.89 8.85 10.72
C ILE I 85 -32.23 9.58 9.43
N LYS I 86 -33.37 10.28 9.46
CA LYS I 86 -33.79 11.09 8.33
C LYS I 86 -33.15 12.47 8.43
N PHE I 87 -32.56 12.90 7.32
CA PHE I 87 -31.63 14.03 7.26
C PHE I 87 -32.18 15.10 6.33
N TRP I 88 -32.34 16.31 6.87
CA TRP I 88 -32.88 17.47 6.15
C TRP I 88 -31.86 18.60 6.25
N ARG I 89 -31.29 18.99 5.11
CA ARG I 89 -30.42 20.18 5.06
C ARG I 89 -31.22 21.30 4.41
N VAL I 90 -31.63 22.27 5.21
CA VAL I 90 -32.51 23.32 4.72
C VAL I 90 -31.86 24.67 4.93
N ASP I 91 -32.24 25.60 4.06
CA ASP I 91 -31.72 26.96 4.12
C ASP I 91 -32.56 27.81 5.07
N THR I 92 -31.98 28.94 5.47
CA THR I 92 -32.60 29.85 6.43
C THR I 92 -33.27 31.04 5.76
N VAL I 93 -32.83 31.41 4.55
CA VAL I 93 -33.47 32.50 3.82
C VAL I 93 -34.86 32.06 3.37
N LYS I 94 -35.66 33.05 2.97
CA LYS I 94 -37.06 32.81 2.63
C LYS I 94 -37.22 32.73 1.11
N ASN I 95 -37.46 31.53 0.60
CA ASN I 95 -37.81 31.35 -0.79
C ASN I 95 -39.23 31.83 -1.05
N GLU I 96 -39.51 32.15 -2.31
CA GLU I 96 -40.81 32.69 -2.69
C GLU I 96 -41.82 31.63 -3.11
N ASN I 97 -41.38 30.43 -3.47
CA ASN I 97 -42.31 29.33 -3.65
C ASN I 97 -42.51 28.56 -2.34
N ASP I 98 -41.60 27.62 -2.05
CA ASP I 98 -41.52 27.00 -0.74
C ASP I 98 -41.08 28.07 0.26
N LYS I 99 -41.45 27.90 1.52
CA LYS I 99 -40.95 28.74 2.58
C LYS I 99 -39.43 28.80 2.56
N TYR I 100 -38.80 27.63 2.41
CA TYR I 100 -37.36 27.50 2.34
C TYR I 100 -37.06 26.47 1.25
N ASP I 101 -35.80 26.06 1.17
CA ASP I 101 -35.40 25.04 0.19
C ASP I 101 -34.38 24.11 0.82
N ALA I 102 -34.50 22.84 0.46
CA ALA I 102 -33.84 21.78 1.22
C ALA I 102 -33.18 20.80 0.27
N GLN I 103 -32.00 20.34 0.68
CA GLN I 103 -31.42 19.09 0.22
C GLN I 103 -31.65 18.07 1.33
N PHE I 104 -32.17 16.91 0.97
CA PHE I 104 -32.77 15.97 1.92
C PHE I 104 -32.27 14.56 1.65
N GLY I 105 -32.30 13.72 2.68
CA GLY I 105 -32.02 12.31 2.46
C GLY I 105 -32.25 11.49 3.70
N PHE I 106 -32.21 10.18 3.51
CA PHE I 106 -32.14 9.23 4.63
C PHE I 106 -30.68 8.92 4.88
N ALA I 107 -30.29 8.88 6.15
CA ALA I 107 -28.90 8.82 6.54
C ALA I 107 -28.67 7.77 7.61
N TYR I 108 -27.41 7.34 7.72
CA TYR I 108 -27.01 6.26 8.59
C TYR I 108 -25.75 6.69 9.33
N ILE I 109 -25.70 6.41 10.63
CA ILE I 109 -24.53 6.76 11.43
C ILE I 109 -23.36 5.88 11.05
N GLU I 110 -22.34 6.46 10.43
CA GLU I 110 -21.15 5.69 10.07
C GLU I 110 -20.07 5.70 11.13
N SER I 111 -19.94 6.77 11.91
CA SER I 111 -19.01 6.80 13.02
C SER I 111 -19.36 7.93 13.95
N ARG I 112 -19.06 7.74 15.24
CA ARG I 112 -19.26 8.73 16.29
C ARG I 112 -17.87 8.96 16.88
N GLU I 113 -17.57 10.21 17.16
CA GLU I 113 -16.27 10.63 17.69
C GLU I 113 -16.55 11.61 18.82
N TYR I 114 -16.10 11.29 20.02
CA TYR I 114 -16.26 12.19 21.15
C TYR I 114 -14.93 12.83 21.53
N SER I 115 -14.91 14.16 21.47
CA SER I 115 -13.73 14.94 21.83
C SER I 115 -13.94 15.53 23.21
N ASP I 116 -12.97 15.26 24.09
CA ASP I 116 -12.81 15.92 25.38
C ASP I 116 -11.42 16.53 25.37
N GLY I 117 -11.35 17.85 25.41
CA GLY I 117 -10.09 18.55 25.52
C GLY I 117 -9.90 19.17 26.89
N VAL I 118 -8.82 19.91 27.05
CA VAL I 118 -8.53 20.63 28.29
C VAL I 118 -9.39 21.89 28.40
N GLU I 119 -9.31 22.78 27.41
CA GLU I 119 -10.25 23.88 27.32
C GLU I 119 -11.42 23.60 26.41
N GLY I 120 -12.52 24.32 26.57
CA GLY I 120 -13.57 24.30 25.57
C GLY I 120 -14.55 23.20 25.92
N ALA I 121 -15.80 23.35 25.49
CA ALA I 121 -16.84 22.38 25.83
C ALA I 121 -16.74 21.16 24.91
N VAL I 122 -17.42 20.08 25.33
CA VAL I 122 -17.29 18.79 24.69
C VAL I 122 -17.59 18.91 23.21
N GLU I 123 -16.90 18.12 22.40
CA GLU I 123 -17.05 18.22 20.95
C GLU I 123 -17.37 16.85 20.36
N ILE I 124 -18.42 16.80 19.55
CA ILE I 124 -18.86 15.56 18.93
C ILE I 124 -18.67 15.67 17.43
N SER I 125 -17.94 14.72 16.86
CA SER I 125 -17.84 14.54 15.43
C SER I 125 -18.63 13.28 15.06
N ILE I 126 -19.63 13.43 14.19
CA ILE I 126 -20.41 12.30 13.73
C ILE I 126 -20.27 12.20 12.21
N SER I 127 -19.79 11.04 11.76
CA SER I 127 -19.56 10.77 10.36
C SER I 127 -20.63 9.84 9.82
N LEU I 128 -21.22 10.22 8.70
CA LEU I 128 -22.37 9.53 8.14
C LEU I 128 -22.28 9.51 6.62
N GLN I 129 -23.05 8.64 6.00
CA GLN I 129 -23.28 8.69 4.56
C GLN I 129 -24.77 8.83 4.35
N VAL I 130 -25.17 9.24 3.15
CA VAL I 130 -26.58 9.31 2.81
C VAL I 130 -26.83 8.42 1.60
N ILE I 131 -27.82 7.52 1.71
CA ILE I 131 -28.04 6.52 0.68
C ILE I 131 -28.51 7.19 -0.61
N GLY I 132 -29.53 8.03 -0.50
CA GLY I 132 -30.03 8.74 -1.66
C GLY I 132 -30.06 10.23 -1.43
N GLU I 133 -29.28 10.97 -2.20
CA GLU I 133 -29.32 12.43 -2.15
C GLU I 133 -30.59 12.95 -2.81
N LEU I 134 -31.35 13.72 -2.05
CA LEU I 134 -32.64 14.21 -2.49
C LEU I 134 -32.68 15.72 -2.31
N LYS I 135 -33.45 16.39 -3.14
CA LYS I 135 -33.55 17.85 -3.11
C LYS I 135 -35.01 18.26 -3.23
N ASN I 136 -35.46 19.14 -2.34
CA ASN I 136 -36.82 19.66 -2.37
C ASN I 136 -36.87 20.97 -1.59
N GLY I 137 -37.78 21.85 -1.99
CA GLY I 137 -38.06 23.03 -1.18
C GLY I 137 -38.72 22.64 0.13
N GLU I 138 -38.50 23.46 1.14
CA GLU I 138 -38.97 23.17 2.48
C GLU I 138 -40.07 24.15 2.85
N ILE I 139 -41.07 23.66 3.57
CA ILE I 139 -42.22 24.48 3.92
C ILE I 139 -42.16 24.91 5.38
N ASP I 140 -42.23 23.96 6.31
CA ASP I 140 -42.25 24.30 7.73
C ASP I 140 -41.08 23.66 8.46
N THR I 141 -40.16 24.50 8.94
CA THR I 141 -39.05 24.04 9.75
C THR I 141 -39.17 24.45 11.21
N LEU I 142 -40.41 24.56 11.73
CA LEU I 142 -40.75 25.08 13.05
C LEU I 142 -40.01 26.38 13.31
N PRO I 143 -40.18 27.39 12.43
CA PRO I 143 -39.20 28.49 12.31
C PRO I 143 -39.14 29.43 13.51
N GLU I 144 -40.09 29.25 14.42
CA GLU I 144 -40.10 29.93 15.70
C GLU I 144 -38.83 29.66 16.49
N GLU I 145 -38.24 28.48 16.33
CA GLU I 145 -37.11 28.06 17.14
C GLU I 145 -35.90 27.60 16.32
N ILE I 146 -36.09 26.78 15.30
CA ILE I 146 -35.01 26.29 14.46
C ILE I 146 -34.47 27.39 13.56
N VAL I 147 -35.36 28.15 12.93
CA VAL I 147 -34.96 29.18 11.98
C VAL I 147 -34.50 30.39 12.78
N ASN I 148 -35.22 30.69 13.87
CA ASN I 148 -34.93 31.86 14.68
C ASN I 148 -33.86 31.56 15.73
N VAL I 149 -32.76 32.30 15.70
CA VAL I 149 -31.78 32.20 16.78
C VAL I 149 -31.92 33.44 17.67
N SER I 150 -32.43 33.24 18.87
CA SER I 150 -32.77 34.37 19.74
C SER I 150 -31.83 34.50 20.93
N LYS I 151 -31.53 35.72 21.36
CA LYS I 151 -30.71 35.90 22.55
C LYS I 151 -31.46 35.62 23.86
N GLY I 152 -32.76 35.91 23.95
CA GLY I 152 -33.50 35.73 25.18
C GLY I 152 -33.38 36.90 26.13
N GLY I 153 -32.84 38.01 25.64
CA GLY I 153 -32.59 39.19 26.45
C GLY I 153 -33.88 39.97 26.68
N TYR I 154 -34.26 40.07 27.94
CA TYR I 154 -35.43 40.82 28.39
C TYR I 154 -34.98 42.22 28.80
N ASP I 155 -35.41 43.23 28.03
CA ASP I 155 -34.72 44.52 27.99
C ASP I 155 -34.87 45.37 29.25
N PHE I 156 -36.02 45.28 29.93
CA PHE I 156 -36.30 45.79 31.29
C PHE I 156 -37.02 44.71 32.09
N GLN I 157 -36.32 44.20 33.10
CA GLN I 157 -36.93 43.60 34.29
C GLN I 157 -36.07 44.03 35.46
N GLN I 158 -35.68 45.31 35.52
CA GLN I 158 -34.62 45.72 36.45
C GLN I 158 -34.93 45.40 37.92
N PRO I 159 -36.07 45.82 38.51
CA PRO I 159 -36.36 45.31 39.86
C PRO I 159 -37.01 43.93 39.87
N GLY I 160 -36.50 43.00 40.68
CA GLY I 160 -36.98 41.63 40.59
C GLY I 160 -36.76 40.88 39.30
N GLN I 161 -35.59 40.99 38.67
CA GLN I 161 -35.34 40.21 37.46
C GLN I 161 -35.43 38.72 37.76
N THR I 162 -34.85 38.30 38.89
CA THR I 162 -34.88 36.93 39.42
C THR I 162 -34.52 35.90 38.36
N THR I 163 -33.25 35.88 37.96
CA THR I 163 -32.87 35.14 36.77
C THR I 163 -31.65 34.29 37.08
N GLY I 164 -31.56 33.13 36.43
CA GLY I 164 -30.38 32.29 36.48
C GLY I 164 -29.33 32.71 35.49
N GLU I 165 -28.31 31.86 35.28
CA GLU I 165 -27.21 32.19 34.38
C GLU I 165 -27.70 32.38 32.95
N ALA I 166 -28.78 31.69 32.58
CA ALA I 166 -29.35 31.73 31.24
C ALA I 166 -30.29 32.91 31.13
N PRO I 167 -30.53 33.42 29.92
CA PRO I 167 -30.97 34.81 29.75
C PRO I 167 -32.46 34.99 29.99
N GLY I 168 -32.78 35.42 31.22
CA GLY I 168 -34.09 35.94 31.54
C GLY I 168 -35.15 34.95 31.95
N THR I 169 -35.16 34.55 33.22
CA THR I 169 -36.27 33.76 33.74
C THR I 169 -37.11 34.61 34.68
N VAL I 170 -38.38 34.23 34.78
CA VAL I 170 -39.36 34.88 35.65
C VAL I 170 -39.06 34.46 37.09
N PRO I 171 -39.48 35.25 38.11
CA PRO I 171 -39.20 34.84 39.49
C PRO I 171 -39.91 33.55 39.85
N ALA I 172 -39.18 32.67 40.56
CA ALA I 172 -39.56 31.30 40.86
C ALA I 172 -39.90 30.50 39.62
N PRO J 1 1.47 40.67 -16.68
CA PRO J 1 0.99 39.47 -17.37
C PRO J 1 -0.46 39.22 -16.96
N ILE J 2 -1.08 38.20 -17.55
CA ILE J 2 -2.45 37.83 -17.24
C ILE J 2 -2.51 37.44 -15.77
N MET J 3 -3.44 38.05 -15.05
CA MET J 3 -3.59 37.82 -13.62
C MET J 3 -4.51 36.65 -13.34
N GLY J 4 -4.74 36.40 -12.05
CA GLY J 4 -5.69 35.36 -11.63
C GLY J 4 -7.13 35.67 -11.97
N GLN J 5 -7.52 36.94 -11.98
CA GLN J 5 -8.83 37.37 -12.44
C GLN J 5 -8.97 37.27 -13.95
N ASP J 6 -7.85 37.18 -14.67
CA ASP J 6 -7.86 37.23 -16.13
C ASP J 6 -8.56 36.06 -16.79
N VAL J 7 -8.44 34.85 -16.27
CA VAL J 7 -9.05 33.66 -16.88
C VAL J 7 -10.30 33.32 -16.10
N LYS J 8 -11.45 33.37 -16.75
CA LYS J 8 -12.70 32.98 -16.10
C LYS J 8 -13.32 31.80 -16.80
N TYR J 9 -14.15 31.08 -16.06
CA TYR J 9 -14.60 29.73 -16.42
C TYR J 9 -16.10 29.77 -16.70
N LEU J 10 -16.46 29.85 -17.98
CA LEU J 10 -17.86 29.78 -18.37
C LEU J 10 -18.28 28.32 -18.55
N PHE J 11 -19.50 28.00 -18.13
CA PHE J 11 -20.05 26.67 -18.31
C PHE J 11 -21.40 26.76 -19.02
N GLN J 12 -21.61 25.85 -19.96
CA GLN J 12 -22.93 25.71 -20.57
C GLN J 12 -23.30 24.24 -20.59
N SER J 13 -24.55 23.96 -20.23
CA SER J 13 -25.07 22.60 -20.21
C SER J 13 -25.25 22.06 -21.62
N ILE J 14 -25.06 20.76 -21.78
CA ILE J 14 -25.20 20.13 -23.09
C ILE J 14 -26.62 20.20 -23.60
N ASP J 15 -27.61 19.86 -22.77
CA ASP J 15 -28.99 19.74 -23.21
C ASP J 15 -29.74 21.06 -23.19
N ALA J 16 -29.18 22.11 -22.58
CA ALA J 16 -29.90 23.36 -22.45
C ALA J 16 -30.25 23.95 -23.82
N ALA J 17 -29.33 23.81 -24.78
CA ALA J 17 -29.40 24.42 -26.12
C ALA J 17 -29.71 25.91 -26.05
N THR J 18 -29.10 26.59 -25.07
CA THR J 18 -29.28 28.02 -24.86
C THR J 18 -28.20 28.77 -25.61
N GLY J 19 -28.42 30.07 -25.80
CA GLY J 19 -27.47 30.91 -26.52
C GLY J 19 -26.49 31.63 -25.62
N SER J 20 -26.54 31.34 -24.32
CA SER J 20 -25.67 32.03 -23.37
C SER J 20 -25.26 31.12 -22.21
N ALA J 21 -24.01 31.25 -21.76
CA ALA J 21 -23.35 30.41 -20.75
C ALA J 21 -23.33 31.06 -19.37
N PRO J 22 -23.89 30.42 -18.32
CA PRO J 22 -23.84 31.03 -16.99
C PRO J 22 -22.45 31.04 -16.41
N LEU J 23 -21.99 32.21 -15.98
CA LEU J 23 -20.78 32.31 -15.18
C LEU J 23 -21.15 32.62 -13.75
N PHE J 24 -20.66 31.82 -12.84
CA PHE J 24 -21.23 31.92 -11.52
C PHE J 24 -20.46 32.94 -10.68
N PRO J 25 -21.13 33.75 -9.87
CA PRO J 25 -20.41 34.73 -9.05
C PRO J 25 -19.74 34.09 -7.85
N ALA J 26 -18.89 34.89 -7.20
CA ALA J 26 -18.12 34.53 -6.01
C ALA J 26 -17.21 33.32 -6.27
N TYR J 27 -16.48 33.40 -7.38
CA TYR J 27 -15.47 32.39 -7.69
C TYR J 27 -14.27 32.53 -6.76
N GLN J 28 -13.85 31.39 -6.24
CA GLN J 28 -12.70 31.29 -5.36
C GLN J 28 -11.53 30.92 -6.27
N THR J 29 -11.01 29.71 -6.15
CA THR J 29 -9.89 29.28 -6.97
C THR J 29 -10.24 28.05 -7.79
N ASP J 30 -9.30 27.68 -8.64
CA ASP J 30 -9.55 26.75 -9.73
C ASP J 30 -8.22 26.17 -10.17
N GLY J 31 -8.17 24.85 -10.26
CA GLY J 31 -7.03 24.19 -10.84
C GLY J 31 -7.46 23.26 -11.94
N SER J 32 -6.80 23.36 -13.09
CA SER J 32 -6.99 22.43 -14.20
C SER J 32 -5.67 21.68 -14.32
N VAL J 33 -5.69 20.42 -13.95
CA VAL J 33 -4.49 19.61 -13.87
C VAL J 33 -4.50 18.61 -15.04
N SER J 34 -3.42 18.64 -15.81
CA SER J 34 -3.36 17.98 -17.11
C SER J 34 -2.09 17.14 -17.17
N GLY J 35 -2.15 15.95 -16.57
CA GLY J 35 -0.98 15.09 -16.53
C GLY J 35 -0.82 14.25 -17.77
N GLU J 36 0.29 14.44 -18.48
CA GLU J 36 0.57 13.70 -19.71
C GLU J 36 1.63 12.66 -19.40
N ARG J 37 1.19 11.46 -19.02
CA ARG J 37 2.09 10.42 -18.57
C ARG J 37 3.00 9.97 -19.72
N GLU J 38 3.87 8.99 -19.44
CA GLU J 38 4.97 8.64 -20.33
C GLU J 38 5.21 7.14 -20.22
N LEU J 39 5.51 6.53 -21.36
CA LEU J 39 5.76 5.09 -21.46
C LEU J 39 7.12 4.75 -20.85
N PHE J 40 7.32 3.46 -20.62
CA PHE J 40 8.62 2.93 -20.21
C PHE J 40 9.26 2.12 -21.33
N ASP J 41 9.94 2.82 -22.23
CA ASP J 41 11.03 2.28 -23.04
C ASP J 41 12.34 2.90 -22.57
N GLU J 42 13.08 2.14 -21.75
CA GLU J 42 14.40 2.58 -21.30
C GLU J 42 15.43 2.61 -22.41
N GLN J 43 15.19 1.86 -23.49
CA GLN J 43 16.13 1.62 -24.61
C GLN J 43 17.31 0.76 -24.18
N THR J 44 17.08 -0.09 -23.16
CA THR J 44 18.12 -0.77 -22.36
C THR J 44 19.19 0.20 -21.88
N LYS J 45 18.73 1.31 -21.28
CA LYS J 45 19.61 2.37 -20.80
C LYS J 45 19.51 2.51 -19.29
N ASN J 46 18.61 3.39 -18.83
CA ASN J 46 18.39 3.58 -17.40
C ASN J 46 16.97 4.08 -17.09
N GLY J 47 15.97 3.65 -17.86
CA GLY J 47 14.60 4.07 -17.65
C GLY J 47 14.37 5.45 -18.23
N ARG J 48 15.00 5.72 -19.38
CA ARG J 48 14.88 7.00 -20.04
C ARG J 48 13.93 6.81 -21.22
N ILE J 49 12.79 7.50 -21.16
CA ILE J 49 11.80 7.44 -22.24
C ILE J 49 11.35 8.85 -22.60
N LEU J 50 11.25 9.14 -23.90
CA LEU J 50 10.74 10.42 -24.37
C LEU J 50 9.37 10.30 -25.01
N GLY J 51 8.60 9.28 -24.63
CA GLY J 51 7.37 8.93 -25.30
C GLY J 51 6.14 9.09 -24.43
N PRO J 52 4.97 9.17 -25.06
CA PRO J 52 3.73 9.43 -24.32
C PRO J 52 3.16 8.20 -23.62
N GLY J 53 2.32 8.44 -22.63
CA GLY J 53 1.70 7.37 -21.87
C GLY J 53 0.20 7.53 -21.91
N SER J 54 -0.28 8.56 -21.20
CA SER J 54 -1.70 8.83 -21.15
C SER J 54 -1.96 10.27 -20.71
N VAL J 55 -3.21 10.70 -20.83
CA VAL J 55 -3.61 12.07 -20.51
C VAL J 55 -4.56 12.03 -19.31
N ALA J 56 -4.08 12.53 -18.18
CA ALA J 56 -4.89 12.68 -16.97
C ALA J 56 -5.33 14.13 -16.89
N ASP J 57 -6.39 14.47 -17.59
CA ASP J 57 -6.83 15.85 -17.74
C ASP J 57 -8.08 16.05 -16.92
N SER J 58 -7.91 16.73 -15.79
CA SER J 58 -8.98 17.00 -14.84
C SER J 58 -8.81 18.38 -14.25
N GLY J 59 -9.89 18.87 -13.64
CA GLY J 59 -9.84 20.15 -12.95
C GLY J 59 -10.76 20.18 -11.75
N GLU J 60 -10.45 21.04 -10.80
CA GLU J 60 -11.31 21.25 -9.64
C GLU J 60 -11.67 22.73 -9.59
N VAL J 61 -12.92 23.02 -9.23
CA VAL J 61 -13.42 24.38 -9.19
C VAL J 61 -14.06 24.63 -7.83
N THR J 62 -13.61 25.66 -7.13
CA THR J 62 -14.23 26.03 -5.88
C THR J 62 -14.91 27.39 -6.03
N TYR J 63 -16.12 27.49 -5.47
CA TYR J 63 -16.85 28.76 -5.46
C TYR J 63 -17.70 28.83 -4.19
N TYR J 64 -18.23 30.02 -3.92
CA TYR J 64 -19.15 30.25 -2.81
C TYR J 64 -20.57 30.07 -3.31
N GLY J 65 -21.43 29.51 -2.47
CA GLY J 65 -22.79 29.21 -2.88
C GLY J 65 -23.74 30.38 -2.83
N LYS J 66 -24.64 30.46 -3.81
CA LYS J 66 -25.68 31.49 -3.81
C LYS J 66 -27.05 30.81 -3.89
N ARG J 67 -28.06 31.47 -3.32
CA ARG J 67 -29.38 30.88 -3.17
C ARG J 67 -29.99 30.41 -4.49
N GLY J 68 -29.78 31.14 -5.58
CA GLY J 68 -30.26 30.74 -6.90
C GLY J 68 -29.09 30.63 -7.86
N ASP J 69 -29.20 31.39 -8.96
CA ASP J 69 -28.13 31.63 -9.93
C ASP J 69 -27.78 30.34 -10.69
N ALA J 70 -27.80 30.46 -12.02
CA ALA J 70 -27.99 29.36 -12.96
C ALA J 70 -26.77 28.56 -13.38
N GLY J 71 -25.55 29.02 -13.07
CA GLY J 71 -24.38 28.17 -13.21
C GLY J 71 -24.28 27.11 -12.12
N GLN J 72 -24.47 27.52 -10.86
CA GLN J 72 -24.58 26.54 -9.79
C GLN J 72 -25.85 25.70 -9.92
N LYS J 73 -26.96 26.29 -10.36
CA LYS J 73 -28.14 25.50 -10.67
C LYS J 73 -27.90 24.60 -11.86
N ALA J 74 -27.19 25.07 -12.89
CA ALA J 74 -26.74 24.17 -13.93
C ALA J 74 -25.74 23.16 -13.39
N ILE J 75 -24.91 23.58 -12.43
CA ILE J 75 -24.02 22.66 -11.73
C ILE J 75 -24.84 21.56 -11.03
N GLU J 76 -25.87 21.95 -10.29
CA GLU J 76 -26.67 20.98 -9.56
C GLU J 76 -27.56 20.16 -10.48
N ASP J 77 -28.19 20.77 -11.48
CA ASP J 77 -28.87 20.00 -12.51
C ASP J 77 -27.90 19.06 -13.23
N ALA J 78 -26.73 19.55 -13.61
CA ALA J 78 -25.74 18.66 -14.20
C ALA J 78 -25.27 17.62 -13.19
N TYR J 79 -24.96 18.04 -11.97
CA TYR J 79 -24.38 17.10 -10.99
C TYR J 79 -25.34 15.97 -10.67
N GLN J 80 -26.59 16.30 -10.33
CA GLN J 80 -27.51 15.35 -9.74
C GLN J 80 -28.16 14.46 -10.78
N ASN J 81 -28.27 14.93 -12.03
CA ASN J 81 -28.73 14.06 -13.10
C ASN J 81 -27.55 13.44 -13.84
N GLY J 82 -26.34 13.78 -13.44
CA GLY J 82 -25.14 13.25 -14.04
C GLY J 82 -24.94 13.70 -15.47
N LYS J 83 -25.43 14.90 -15.77
CA LYS J 83 -25.35 15.52 -17.09
C LYS J 83 -23.89 15.90 -17.32
N GLN J 84 -23.42 15.75 -18.54
CA GLN J 84 -22.14 16.30 -18.98
C GLN J 84 -22.28 17.81 -19.13
N ILE J 85 -21.23 18.55 -18.75
CA ILE J 85 -21.26 20.00 -18.86
C ILE J 85 -20.17 20.47 -19.80
N LYS J 86 -20.50 21.45 -20.63
CA LYS J 86 -19.54 22.05 -21.54
C LYS J 86 -18.79 23.15 -20.81
N PHE J 87 -17.46 23.12 -20.92
CA PHE J 87 -16.54 23.88 -20.09
C PHE J 87 -15.70 24.81 -20.95
N TRP J 88 -15.77 26.10 -20.64
CA TRP J 88 -15.05 27.16 -21.36
C TRP J 88 -14.21 27.93 -20.36
N ARG J 89 -12.88 27.86 -20.50
CA ARG J 89 -11.97 28.69 -19.71
C ARG J 89 -11.46 29.81 -20.61
N VAL J 90 -11.94 31.02 -20.38
CA VAL J 90 -11.63 32.12 -21.27
C VAL J 90 -10.96 33.23 -20.48
N ASP J 91 -10.14 34.00 -21.17
CA ASP J 91 -9.43 35.12 -20.58
C ASP J 91 -10.29 36.38 -20.63
N THR J 92 -9.90 37.36 -19.81
CA THR J 92 -10.63 38.61 -19.66
C THR J 92 -10.01 39.74 -20.47
N VAL J 93 -8.72 39.67 -20.76
CA VAL J 93 -8.07 40.68 -21.59
C VAL J 93 -8.57 40.58 -23.02
N LYS J 94 -8.30 41.62 -23.80
CA LYS J 94 -8.83 41.72 -25.16
C LYS J 94 -7.75 41.33 -26.15
N ASN J 95 -7.91 40.17 -26.77
CA ASN J 95 -7.05 39.76 -27.88
C ASN J 95 -7.39 40.56 -29.13
N GLU J 96 -6.43 40.64 -30.05
CA GLU J 96 -6.60 41.42 -31.26
C GLU J 96 -7.16 40.64 -32.43
N ASN J 97 -7.09 39.30 -32.41
CA ASN J 97 -7.82 38.52 -33.39
C ASN J 97 -9.21 38.17 -32.88
N ASP J 98 -9.33 37.11 -32.08
CA ASP J 98 -10.54 36.83 -31.33
C ASP J 98 -10.72 37.93 -30.28
N LYS J 99 -11.96 38.19 -29.89
CA LYS J 99 -12.23 39.08 -28.78
C LYS J 99 -11.41 38.68 -27.55
N TYR J 100 -11.41 37.39 -27.25
CA TYR J 100 -10.68 36.82 -26.13
C TYR J 100 -10.05 35.53 -26.61
N ASP J 101 -9.49 34.76 -25.68
CA ASP J 101 -8.90 33.47 -26.02
C ASP J 101 -9.21 32.46 -24.93
N ALA J 102 -9.45 31.22 -25.37
CA ALA J 102 -10.10 30.24 -24.51
C ALA J 102 -9.38 28.90 -24.62
N GLN J 103 -9.27 28.24 -23.48
CA GLN J 103 -9.08 26.80 -23.41
C GLN J 103 -10.43 26.19 -23.05
N PHE J 104 -10.83 25.18 -23.81
CA PHE J 104 -12.22 24.72 -23.85
C PHE J 104 -12.27 23.20 -23.75
N GLY J 105 -13.39 22.68 -23.28
CA GLY J 105 -13.60 21.24 -23.33
C GLY J 105 -14.98 20.85 -22.89
N PHE J 106 -15.30 19.58 -23.10
CA PHE J 106 -16.48 18.95 -22.51
C PHE J 106 -16.05 18.30 -21.21
N ALA J 107 -16.87 18.46 -20.17
CA ALA J 107 -16.48 18.09 -18.82
C ALA J 107 -17.59 17.31 -18.14
N TYR J 108 -17.19 16.58 -17.10
CA TYR J 108 -18.07 15.67 -16.38
C TYR J 108 -17.86 15.88 -14.89
N ILE J 109 -18.96 15.91 -14.13
CA ILE J 109 -18.87 16.10 -12.69
C ILE J 109 -18.30 14.85 -12.05
N GLU J 110 -17.09 14.94 -11.52
CA GLU J 110 -16.49 13.80 -10.83
C GLU J 110 -16.77 13.76 -9.34
N SER J 111 -16.94 14.90 -8.68
CA SER J 111 -17.32 14.91 -7.28
C SER J 111 -17.81 16.30 -6.91
N ARG J 112 -18.74 16.33 -5.97
CA ARG J 112 -19.30 17.57 -5.42
C ARG J 112 -19.00 17.51 -3.93
N GLU J 113 -18.60 18.65 -3.38
CA GLU J 113 -18.21 18.80 -1.98
C GLU J 113 -18.88 20.06 -1.47
N TYR J 114 -19.71 19.92 -0.44
CA TYR J 114 -20.35 21.07 0.17
C TYR J 114 -19.75 21.37 1.54
N SER J 115 -19.20 22.58 1.66
CA SER J 115 -18.62 23.05 2.90
C SER J 115 -19.59 23.99 3.59
N ASP J 116 -19.89 23.67 4.85
CA ASP J 116 -20.57 24.55 5.79
C ASP J 116 -19.64 24.70 6.98
N GLY J 117 -19.17 25.93 7.21
CA GLY J 117 -18.36 26.24 8.36
C GLY J 117 -19.13 27.07 9.36
N VAL J 118 -18.43 27.49 10.42
CA VAL J 118 -19.00 28.37 11.43
C VAL J 118 -19.05 29.82 10.94
N GLU J 119 -17.91 30.36 10.53
CA GLU J 119 -17.92 31.64 9.84
C GLU J 119 -17.90 31.49 8.33
N GLY J 120 -18.32 32.53 7.59
CA GLY J 120 -18.08 32.57 6.17
C GLY J 120 -19.24 31.92 5.46
N ALA J 121 -19.47 32.32 4.21
CA ALA J 121 -20.61 31.81 3.45
C ALA J 121 -20.30 30.43 2.88
N VAL J 122 -21.35 29.73 2.46
CA VAL J 122 -21.25 28.34 2.06
C VAL J 122 -20.19 28.18 0.98
N GLU J 123 -19.50 27.05 1.00
CA GLU J 123 -18.41 26.84 0.05
C GLU J 123 -18.60 25.52 -0.69
N ILE J 124 -18.51 25.57 -2.00
CA ILE J 124 -18.69 24.41 -2.85
C ILE J 124 -17.39 24.09 -3.54
N SER J 125 -16.92 22.87 -3.38
CA SER J 125 -15.81 22.32 -4.14
C SER J 125 -16.38 21.31 -5.12
N ILE J 126 -16.14 21.51 -6.41
CA ILE J 126 -16.59 20.59 -7.44
C ILE J 126 -15.36 20.08 -8.19
N SER J 127 -15.19 18.77 -8.19
CA SER J 127 -14.07 18.11 -8.84
C SER J 127 -14.53 17.42 -10.12
N LEU J 128 -13.81 17.68 -11.20
CA LEU J 128 -14.20 17.23 -12.53
C LEU J 128 -12.96 16.83 -13.32
N GLN J 129 -13.18 16.09 -14.40
CA GLN J 129 -12.15 15.85 -15.40
C GLN J 129 -12.68 16.37 -16.72
N VAL J 130 -11.79 16.58 -17.69
CA VAL J 130 -12.21 16.97 -19.02
C VAL J 130 -11.71 15.92 -20.01
N ILE J 131 -12.63 15.41 -20.83
CA ILE J 131 -12.30 14.30 -21.72
C ILE J 131 -11.29 14.74 -22.77
N GLY J 132 -11.58 15.84 -23.46
CA GLY J 132 -10.66 16.36 -24.44
C GLY J 132 -10.32 17.81 -24.17
N GLU J 133 -9.05 18.08 -23.90
CA GLU J 133 -8.59 19.46 -23.75
C GLU J 133 -8.51 20.14 -25.10
N LEU J 134 -9.21 21.27 -25.21
CA LEU J 134 -9.33 21.99 -26.46
C LEU J 134 -8.95 23.43 -26.22
N LYS J 135 -8.44 24.08 -27.26
CA LYS J 135 -7.99 25.46 -27.17
C LYS J 135 -8.48 26.24 -28.38
N ASN J 136 -9.09 27.41 -28.14
CA ASN J 136 -9.55 28.27 -29.21
C ASN J 136 -9.72 29.68 -28.67
N GLY J 137 -9.54 30.68 -29.54
CA GLY J 137 -9.89 32.03 -29.18
C GLY J 137 -11.39 32.19 -29.01
N GLU J 138 -11.77 33.13 -28.16
CA GLU J 138 -13.17 33.33 -27.82
C GLU J 138 -13.66 34.64 -28.40
N ILE J 139 -14.92 34.65 -28.85
CA ILE J 139 -15.47 35.83 -29.50
C ILE J 139 -16.42 36.56 -28.56
N ASP J 140 -17.53 35.93 -28.20
CA ASP J 140 -18.52 36.59 -27.36
C ASP J 140 -18.73 35.84 -26.06
N THR J 141 -18.35 36.46 -24.95
CA THR J 141 -18.59 35.91 -23.63
C THR J 141 -19.65 36.68 -22.86
N LEU J 142 -20.64 37.27 -23.55
CA LEU J 142 -21.66 38.15 -23.02
C LEU J 142 -21.01 39.21 -22.13
N PRO J 143 -20.04 39.99 -22.67
CA PRO J 143 -19.07 40.69 -21.81
C PRO J 143 -19.63 41.83 -20.98
N GLU J 144 -20.90 42.16 -21.26
CA GLU J 144 -21.66 43.11 -20.45
C GLU J 144 -21.72 42.68 -19.00
N GLU J 145 -21.73 41.37 -18.74
CA GLU J 145 -21.95 40.86 -17.39
C GLU J 145 -20.86 39.89 -16.94
N ILE J 146 -20.47 38.93 -17.76
CA ILE J 146 -19.44 37.95 -17.42
C ILE J 146 -18.05 38.60 -17.38
N VAL J 147 -17.74 39.40 -18.38
CA VAL J 147 -16.42 40.02 -18.48
C VAL J 147 -16.38 41.20 -17.52
N ASN J 148 -17.49 41.95 -17.46
CA ASN J 148 -17.56 43.15 -16.63
C ASN J 148 -17.94 42.81 -15.20
N VAL J 149 -17.09 43.16 -14.23
CA VAL J 149 -17.49 43.05 -12.83
C VAL J 149 -17.79 44.45 -12.31
N SER J 150 -19.07 44.72 -12.05
CA SER J 150 -19.52 46.06 -11.71
C SER J 150 -19.93 46.19 -10.26
N LYS J 151 -19.67 47.34 -9.64
CA LYS J 151 -20.14 47.56 -8.27
C LYS J 151 -21.63 47.84 -8.16
N GLY J 152 -22.25 48.50 -9.13
CA GLY J 152 -23.65 48.85 -9.06
C GLY J 152 -23.90 50.14 -8.29
N GLY J 153 -22.85 50.87 -8.01
CA GLY J 153 -22.94 52.10 -7.22
C GLY J 153 -23.48 53.26 -8.05
N TYR J 154 -24.63 53.76 -7.64
CA TYR J 154 -25.30 54.90 -8.25
C TYR J 154 -24.89 56.17 -7.51
N ASP J 155 -24.12 57.03 -8.20
CA ASP J 155 -23.28 58.02 -7.51
C ASP J 155 -24.04 59.15 -6.81
N PHE J 156 -25.19 59.57 -7.37
CA PHE J 156 -26.21 60.46 -6.77
C PHE J 156 -27.58 59.86 -7.02
N GLN J 157 -28.21 59.43 -5.93
CA GLN J 157 -29.66 59.35 -5.80
C GLN J 157 -30.00 59.76 -4.38
N GLN J 158 -29.38 60.86 -3.90
CA GLN J 158 -29.42 61.15 -2.47
C GLN J 158 -30.84 61.31 -1.91
N PRO J 159 -31.74 62.16 -2.46
CA PRO J 159 -33.13 62.09 -1.97
C PRO J 159 -33.96 61.01 -2.63
N GLY J 160 -34.68 60.21 -1.87
CA GLY J 160 -35.35 59.06 -2.45
C GLY J 160 -34.50 57.98 -3.09
N GLN J 161 -33.37 57.60 -2.49
CA GLN J 161 -32.59 56.50 -3.05
C GLN J 161 -33.40 55.22 -3.12
N THR J 162 -34.15 54.94 -2.03
CA THR J 162 -35.08 53.80 -1.90
C THR J 162 -34.43 52.49 -2.34
N THR J 163 -33.49 52.01 -1.53
CA THR J 163 -32.64 50.93 -1.98
C THR J 163 -32.57 49.85 -0.89
N GLY J 164 -32.43 48.60 -1.32
CA GLY J 164 -32.19 47.50 -0.41
C GLY J 164 -30.72 47.34 -0.09
N GLU J 165 -30.37 46.21 0.53
CA GLU J 165 -28.98 45.97 0.94
C GLU J 165 -28.04 45.95 -0.25
N ALA J 166 -28.55 45.53 -1.42
CA ALA J 166 -27.76 45.40 -2.65
C ALA J 166 -27.72 46.75 -3.35
N PRO J 167 -26.71 46.99 -4.17
CA PRO J 167 -26.30 48.36 -4.48
C PRO J 167 -27.18 49.02 -5.54
N GLY J 168 -28.13 49.82 -5.05
CA GLY J 168 -28.86 50.76 -5.88
C GLY J 168 -30.07 50.24 -6.60
N THR J 169 -31.22 50.19 -5.94
CA THR J 169 -32.47 49.90 -6.63
C THR J 169 -33.33 51.15 -6.69
N VAL J 170 -34.18 51.20 -7.70
CA VAL J 170 -35.12 52.30 -7.92
C VAL J 170 -36.25 52.17 -6.91
N PRO J 171 -36.97 53.26 -6.58
CA PRO J 171 -38.08 53.15 -5.61
C PRO J 171 -39.17 52.23 -6.10
N ALA J 172 -39.67 51.39 -5.20
CA ALA J 172 -40.62 50.31 -5.49
C ALA J 172 -40.10 49.36 -6.57
N PRO K 1 28.52 33.20 -3.88
CA PRO K 1 28.38 32.07 -4.80
C PRO K 1 27.26 32.35 -5.78
N ILE K 2 27.04 31.45 -6.73
CA ILE K 2 25.98 31.58 -7.71
C ILE K 2 24.65 31.59 -6.97
N MET K 3 23.82 32.59 -7.25
CA MET K 3 22.56 32.77 -6.58
C MET K 3 21.45 32.03 -7.31
N GLY K 4 20.23 32.16 -6.80
CA GLY K 4 19.05 31.59 -7.44
C GLY K 4 18.70 32.20 -8.78
N GLN K 5 18.98 33.50 -8.96
CA GLN K 5 18.85 34.17 -10.23
C GLN K 5 19.92 33.75 -11.22
N ASP K 6 21.02 33.17 -10.74
CA ASP K 6 22.19 32.88 -11.57
C ASP K 6 21.93 31.83 -12.64
N VAL K 7 21.15 30.79 -12.38
CA VAL K 7 20.90 29.74 -13.34
C VAL K 7 19.54 29.98 -13.96
N LYS K 8 19.49 30.21 -15.27
CA LYS K 8 18.21 30.37 -15.95
C LYS K 8 18.03 29.27 -17.00
N TYR K 9 16.76 29.03 -17.34
CA TYR K 9 16.34 27.83 -18.05
C TYR K 9 15.83 28.24 -19.44
N LEU K 10 16.68 28.10 -20.45
CA LEU K 10 16.28 28.35 -21.82
C LEU K 10 15.68 27.09 -22.42
N PHE K 11 14.62 27.25 -23.21
CA PHE K 11 14.01 26.13 -23.91
C PHE K 11 13.93 26.44 -25.40
N GLN K 12 14.23 25.44 -26.22
CA GLN K 12 14.01 25.54 -27.65
C GLN K 12 13.30 24.28 -28.13
N SER K 13 12.29 24.48 -28.98
CA SER K 13 11.52 23.37 -29.53
C SER K 13 12.36 22.59 -30.56
N ILE K 14 12.11 21.29 -30.62
CA ILE K 14 12.84 20.44 -31.55
C ILE K 14 12.56 20.80 -33.00
N ASP K 15 11.28 20.98 -33.37
CA ASP K 15 10.91 21.16 -34.75
C ASP K 15 11.00 22.61 -35.21
N ALA K 16 11.17 23.56 -34.29
CA ALA K 16 11.16 24.96 -34.67
C ALA K 16 12.27 25.28 -35.67
N ALA K 17 13.44 24.65 -35.47
CA ALA K 17 14.69 24.92 -36.22
C ALA K 17 15.00 26.41 -36.27
N THR K 18 14.79 27.09 -35.14
CA THR K 18 15.04 28.52 -35.02
C THR K 18 16.45 28.73 -34.48
N GLY K 19 16.95 29.95 -34.61
CA GLY K 19 18.29 30.27 -34.15
C GLY K 19 18.34 30.86 -32.76
N SER K 20 17.19 30.93 -32.10
CA SER K 20 17.12 31.53 -30.77
C SER K 20 16.08 30.84 -29.89
N ALA K 21 16.39 30.70 -28.59
CA ALA K 21 15.63 29.98 -27.57
C ALA K 21 14.79 30.92 -26.71
N PRO K 22 13.46 30.73 -26.64
CA PRO K 22 12.65 31.59 -25.78
C PRO K 22 12.89 31.33 -24.30
N LEU K 23 13.20 32.39 -23.56
CA LEU K 23 13.22 32.31 -22.11
C LEU K 23 12.01 33.06 -21.56
N PHE K 24 11.24 32.37 -20.73
CA PHE K 24 9.95 32.96 -20.44
C PHE K 24 10.04 33.88 -19.22
N PRO K 25 9.37 35.02 -19.22
CA PRO K 25 9.44 35.91 -18.06
C PRO K 25 8.60 35.40 -16.89
N ALA K 26 8.80 36.06 -15.74
CA ALA K 26 8.12 35.78 -14.47
C ALA K 26 8.34 34.34 -14.02
N TYR K 27 9.61 33.93 -14.05
CA TYR K 27 9.99 32.63 -13.52
C TYR K 27 9.91 32.62 -11.99
N GLN K 28 9.30 31.57 -11.48
CA GLN K 28 9.14 31.36 -10.04
C GLN K 28 10.31 30.45 -9.66
N THR K 29 10.04 29.20 -9.30
CA THR K 29 11.09 28.29 -8.90
C THR K 29 11.11 27.05 -9.78
N ASP K 30 12.13 26.23 -9.55
CA ASP K 30 12.52 25.19 -10.47
C ASP K 30 13.32 24.16 -9.69
N GLY K 31 12.94 22.90 -9.85
CA GLY K 31 13.73 21.82 -9.34
C GLY K 31 14.05 20.81 -10.42
N SER K 32 15.32 20.44 -10.51
CA SER K 32 15.76 19.38 -11.40
C SER K 32 16.25 18.26 -10.48
N VAL K 33 15.49 17.18 -10.42
CA VAL K 33 15.74 16.10 -9.48
C VAL K 33 16.30 14.92 -10.26
N SER K 34 17.45 14.42 -9.83
CA SER K 34 18.27 13.50 -10.59
C SER K 34 18.65 12.34 -9.67
N GLY K 35 17.72 11.39 -9.52
CA GLY K 35 17.95 10.27 -8.64
C GLY K 35 18.71 9.13 -9.30
N GLU K 36 19.89 8.82 -8.78
CA GLU K 36 20.74 7.77 -9.33
C GLU K 36 20.65 6.56 -8.41
N ARG K 37 19.70 5.67 -8.68
CA ARG K 37 19.42 4.54 -7.81
C ARG K 37 20.61 3.60 -7.78
N GLU K 38 20.48 2.51 -7.02
CA GLU K 38 21.59 1.64 -6.66
C GLU K 38 21.09 0.21 -6.56
N LEU K 39 21.92 -0.72 -7.03
CA LEU K 39 21.60 -2.14 -7.04
C LEU K 39 21.67 -2.71 -5.64
N PHE K 40 21.13 -3.91 -5.48
CA PHE K 40 21.27 -4.69 -4.25
C PHE K 40 22.18 -5.89 -4.46
N ASP K 41 23.48 -5.65 -4.33
CA ASP K 41 24.46 -6.66 -3.96
C ASP K 41 24.97 -6.36 -2.56
N GLU K 42 24.43 -7.08 -1.57
CA GLU K 42 24.89 -6.96 -0.19
C GLU K 42 26.29 -7.49 0.03
N GLN K 43 26.75 -8.38 -0.88
CA GLN K 43 28.01 -9.14 -0.77
C GLN K 43 27.94 -10.19 0.35
N THR K 44 26.72 -10.65 0.65
CA THR K 44 26.38 -11.40 1.86
C THR K 44 26.87 -10.69 3.13
N LYS K 45 26.57 -9.39 3.21
CA LYS K 45 27.03 -8.55 4.32
C LYS K 45 25.83 -8.04 5.11
N ASN K 46 25.35 -6.84 4.74
CA ASN K 46 24.17 -6.26 5.38
C ASN K 46 23.40 -5.32 4.46
N GLY K 47 23.35 -5.60 3.17
CA GLY K 47 22.65 -4.76 2.21
C GLY K 47 23.49 -3.56 1.83
N ARG K 48 24.80 -3.78 1.74
CA ARG K 48 25.72 -2.70 1.40
C ARG K 48 26.12 -2.88 -0.06
N ILE K 49 25.75 -1.90 -0.88
CA ILE K 49 26.08 -1.92 -2.31
C ILE K 49 26.65 -0.57 -2.72
N LEU K 50 27.72 -0.58 -3.51
CA LEU K 50 28.30 0.64 -4.04
C LEU K 50 28.07 0.78 -5.55
N GLY K 51 27.03 0.15 -6.07
CA GLY K 51 26.80 0.03 -7.50
C GLY K 51 25.57 0.75 -7.99
N PRO K 52 25.52 1.01 -9.29
CA PRO K 52 24.40 1.79 -9.84
C PRO K 52 23.13 0.97 -10.05
N GLY K 53 22.01 1.68 -10.15
CA GLY K 53 20.72 1.06 -10.35
C GLY K 53 20.06 1.64 -11.57
N SER K 54 19.63 2.89 -11.44
CA SER K 54 18.99 3.58 -12.54
C SER K 54 19.03 5.09 -12.35
N VAL K 55 18.65 5.81 -13.38
CA VAL K 55 18.69 7.27 -13.38
C VAL K 55 17.26 7.81 -13.48
N ALA K 56 16.79 8.41 -12.38
CA ALA K 56 15.49 9.06 -12.34
C ALA K 56 15.72 10.56 -12.49
N ASP K 57 15.87 11.01 -13.73
CA ASP K 57 16.27 12.38 -14.01
C ASP K 57 15.07 13.14 -14.55
N SER K 58 14.50 13.97 -13.69
CA SER K 58 13.32 14.77 -14.00
C SER K 58 13.43 16.14 -13.36
N GLY K 59 12.60 17.06 -13.83
CA GLY K 59 12.53 18.38 -13.27
C GLY K 59 11.15 18.96 -13.33
N GLU K 60 10.85 19.90 -12.45
CA GLU K 60 9.58 20.63 -12.46
C GLU K 60 9.91 22.11 -12.57
N VAL K 61 9.10 22.83 -13.34
CA VAL K 61 9.32 24.25 -13.58
C VAL K 61 8.01 24.99 -13.30
N THR K 62 8.06 25.98 -12.43
CA THR K 62 6.89 26.81 -12.18
C THR K 62 7.15 28.22 -12.68
N TYR K 63 6.15 28.81 -13.32
CA TYR K 63 6.24 30.20 -13.77
C TYR K 63 4.85 30.82 -13.75
N TYR K 64 4.79 32.14 -13.88
CA TYR K 64 3.54 32.88 -13.98
C TYR K 64 3.15 33.02 -15.44
N GLY K 65 1.86 32.94 -15.73
CA GLY K 65 1.39 32.96 -17.10
C GLY K 65 1.30 34.34 -17.73
N LYS K 66 1.66 34.45 -19.01
CA LYS K 66 1.51 35.69 -19.73
C LYS K 66 0.64 35.45 -20.96
N ARG K 67 -0.07 36.49 -21.40
CA ARG K 67 -1.06 36.36 -22.46
C ARG K 67 -0.49 35.80 -23.76
N GLY K 68 0.74 36.15 -24.12
CA GLY K 68 1.39 35.60 -25.31
C GLY K 68 2.69 34.93 -24.92
N ASP K 69 3.77 35.40 -25.55
CA ASP K 69 5.16 35.08 -25.19
C ASP K 69 5.47 33.60 -25.48
N ALA K 70 6.55 33.41 -26.24
CA ALA K 70 6.79 32.22 -27.06
C ALA K 70 7.44 31.02 -26.38
N GLY K 71 7.98 31.18 -25.17
CA GLY K 71 8.37 30.01 -24.38
C GLY K 71 7.19 29.26 -23.80
N GLN K 72 6.24 29.98 -23.19
CA GLN K 72 4.99 29.37 -22.79
C GLN K 72 4.16 28.93 -23.98
N LYS K 73 4.15 29.70 -25.07
CA LYS K 73 3.53 29.24 -26.30
C LYS K 73 4.26 28.04 -26.89
N ALA K 74 5.59 28.03 -26.83
CA ALA K 74 6.32 26.81 -27.16
C ALA K 74 6.03 25.72 -26.15
N ILE K 75 5.83 26.11 -24.89
CA ILE K 75 5.39 25.15 -23.86
C ILE K 75 4.05 24.54 -24.25
N GLU K 76 3.08 25.38 -24.63
CA GLU K 76 1.76 24.89 -24.98
C GLU K 76 1.74 24.16 -26.31
N ASP K 77 2.44 24.69 -27.33
CA ASP K 77 2.63 23.92 -28.55
C ASP K 77 3.33 22.59 -28.28
N ALA K 78 4.41 22.62 -27.48
CA ALA K 78 5.03 21.36 -27.11
C ALA K 78 4.11 20.50 -26.27
N TYR K 79 3.45 21.09 -25.27
CA TYR K 79 2.63 20.30 -24.36
C TYR K 79 1.49 19.59 -25.08
N GLN K 80 0.73 20.35 -25.87
CA GLN K 80 -0.56 19.87 -26.39
C GLN K 80 -0.38 18.98 -27.62
N ASN K 81 0.71 19.16 -28.35
CA ASN K 81 1.02 18.23 -29.44
C ASN K 81 1.97 17.14 -28.96
N GLY K 82 2.38 17.20 -27.70
CA GLY K 82 3.26 16.21 -27.13
C GLY K 82 4.65 16.23 -27.73
N LYS K 83 5.08 17.41 -28.18
CA LYS K 83 6.38 17.64 -28.79
C LYS K 83 7.43 17.52 -27.68
N GLN K 84 8.58 16.96 -28.01
CA GLN K 84 9.75 16.98 -27.15
C GLN K 84 10.34 18.39 -27.18
N ILE K 85 10.84 18.85 -26.04
CA ILE K 85 11.43 20.18 -25.96
C ILE K 85 12.89 20.07 -25.54
N LYS K 86 13.74 20.87 -26.18
CA LYS K 86 15.15 20.94 -25.83
C LYS K 86 15.34 21.92 -24.69
N PHE K 87 16.08 21.47 -23.67
CA PHE K 87 16.16 22.10 -22.36
C PHE K 87 17.60 22.51 -22.07
N TRP K 88 17.79 23.80 -21.80
CA TRP K 88 19.08 24.39 -21.52
C TRP K 88 18.99 25.10 -20.17
N ARG K 89 19.75 24.62 -19.18
CA ARG K 89 19.87 25.31 -17.90
C ARG K 89 21.24 25.98 -17.86
N VAL K 90 21.25 27.30 -17.99
CA VAL K 90 22.50 28.01 -18.11
C VAL K 90 22.61 29.04 -17.00
N ASP K 91 23.86 29.34 -16.65
CA ASP K 91 24.14 30.32 -15.60
C ASP K 91 24.21 31.72 -16.20
N THR K 92 24.10 32.71 -15.30
CA THR K 92 24.08 34.12 -15.68
C THR K 92 25.43 34.79 -15.50
N VAL K 93 26.28 34.27 -14.61
CA VAL K 93 27.63 34.82 -14.45
C VAL K 93 28.46 34.54 -15.68
N LYS K 94 29.59 35.24 -15.79
CA LYS K 94 30.43 35.16 -16.98
C LYS K 94 31.62 34.25 -16.71
N ASN K 95 31.61 33.07 -17.32
CA ASN K 95 32.75 32.18 -17.29
C ASN K 95 33.85 32.72 -18.19
N GLU K 96 35.09 32.29 -17.92
CA GLU K 96 36.25 32.78 -18.65
C GLU K 96 36.60 31.93 -19.87
N ASN K 97 36.14 30.69 -19.94
CA ASN K 97 36.26 29.93 -21.19
C ASN K 97 35.03 30.15 -22.07
N ASP K 98 33.98 29.39 -21.83
CA ASP K 98 32.67 29.67 -22.42
C ASP K 98 32.16 30.98 -21.85
N LYS K 99 31.32 31.67 -22.61
CA LYS K 99 30.64 32.85 -22.10
C LYS K 99 29.93 32.53 -20.79
N TYR K 100 29.22 31.41 -20.75
CA TYR K 100 28.51 30.93 -19.59
C TYR K 100 28.74 29.43 -19.49
N ASP K 101 28.00 28.78 -18.59
CA ASP K 101 28.11 27.33 -18.44
C ASP K 101 26.72 26.75 -18.20
N ALA K 102 26.50 25.58 -18.77
CA ALA K 102 25.14 25.06 -18.93
C ALA K 102 25.11 23.59 -18.55
N GLN K 103 24.02 23.21 -17.88
CA GLN K 103 23.55 21.84 -17.84
C GLN K 103 22.37 21.75 -18.81
N PHE K 104 22.41 20.75 -19.68
CA PHE K 104 21.59 20.71 -20.89
C PHE K 104 20.93 19.34 -21.04
N GLY K 105 19.80 19.30 -21.74
CA GLY K 105 19.23 18.02 -22.10
C GLY K 105 18.05 18.17 -23.03
N PHE K 106 17.60 17.03 -23.54
CA PHE K 106 16.33 16.94 -24.25
C PHE K 106 15.27 16.52 -23.22
N ALA K 107 14.11 17.16 -23.28
CA ALA K 107 13.10 17.02 -22.25
C ALA K 107 11.72 16.78 -22.85
N TYR K 108 10.84 16.24 -22.01
CA TYR K 108 9.51 15.82 -22.42
C TYR K 108 8.52 16.31 -21.38
N ILE K 109 7.38 16.85 -21.85
CA ILE K 109 6.36 17.34 -20.93
C ILE K 109 5.68 16.17 -20.25
N GLU K 110 5.91 16.02 -18.95
CA GLU K 110 5.26 14.96 -18.19
C GLU K 110 3.93 15.35 -17.58
N SER K 111 3.74 16.61 -17.21
CA SER K 111 2.44 17.07 -16.73
C SER K 111 2.41 18.59 -16.78
N ARG K 112 1.21 19.12 -16.98
CA ARG K 112 0.94 20.56 -16.99
C ARG K 112 -0.10 20.77 -15.90
N GLU K 113 0.08 21.85 -15.14
CA GLU K 113 -0.77 22.20 -14.02
C GLU K 113 -1.06 23.68 -14.13
N TYR K 114 -2.33 24.05 -14.24
CA TYR K 114 -2.72 25.45 -14.28
C TYR K 114 -3.38 25.86 -12.98
N SER K 115 -2.77 26.86 -12.33
CA SER K 115 -3.30 27.42 -11.10
C SER K 115 -3.99 28.74 -11.39
N ASP K 116 -5.23 28.83 -10.96
CA ASP K 116 -6.00 30.07 -10.90
C ASP K 116 -6.43 30.22 -9.44
N GLY K 117 -5.92 31.26 -8.79
CA GLY K 117 -6.32 31.59 -7.43
C GLY K 117 -7.19 32.84 -7.40
N VAL K 118 -7.52 33.27 -6.18
CA VAL K 118 -8.29 34.49 -5.98
C VAL K 118 -7.41 35.73 -6.14
N GLU K 119 -6.32 35.81 -5.38
CA GLU K 119 -5.31 36.83 -5.64
C GLU K 119 -4.17 36.33 -6.50
N GLY K 120 -3.43 37.23 -7.14
CA GLY K 120 -2.17 36.85 -7.75
C GLY K 120 -2.42 36.43 -9.17
N ALA K 121 -1.41 36.57 -10.03
CA ALA K 121 -1.56 36.24 -11.44
C ALA K 121 -1.45 34.74 -11.66
N VAL K 122 -1.90 34.30 -12.85
CA VAL K 122 -2.04 32.88 -13.14
C VAL K 122 -0.72 32.18 -12.91
N GLU K 123 -0.79 30.93 -12.46
CA GLU K 123 0.42 30.19 -12.13
C GLU K 123 0.44 28.85 -12.86
N ILE K 124 1.54 28.56 -13.52
CA ILE K 124 1.69 27.33 -14.28
C ILE K 124 2.78 26.50 -13.64
N SER K 125 2.44 25.26 -13.30
CA SER K 125 3.40 24.24 -12.90
C SER K 125 3.52 23.23 -14.03
N ILE K 126 4.73 23.06 -14.54
CA ILE K 126 4.98 22.08 -15.59
C ILE K 126 6.00 21.07 -15.08
N SER K 127 5.62 19.81 -15.08
CA SER K 127 6.45 18.71 -14.60
C SER K 127 6.97 17.91 -15.78
N LEU K 128 8.27 17.68 -15.79
CA LEU K 128 8.97 17.06 -16.90
C LEU K 128 10.07 16.15 -16.39
N GLN K 129 10.55 15.26 -17.27
CA GLN K 129 11.76 14.50 -17.02
C GLN K 129 12.72 14.82 -18.15
N VAL K 130 13.99 14.52 -17.94
CA VAL K 130 14.98 14.70 -19.01
C VAL K 130 15.63 13.34 -19.27
N ILE K 131 15.65 12.94 -20.54
CA ILE K 131 16.11 11.60 -20.90
C ILE K 131 17.60 11.46 -20.62
N GLY K 132 18.39 12.40 -21.13
CA GLY K 132 19.81 12.39 -20.88
C GLY K 132 20.29 13.69 -20.29
N GLU K 133 20.81 13.63 -19.07
CA GLU K 133 21.41 14.80 -18.46
C GLU K 133 22.77 15.09 -19.09
N LEU K 134 22.91 16.32 -19.60
CA LEU K 134 24.09 16.72 -20.32
C LEU K 134 24.61 18.00 -19.72
N LYS K 135 25.93 18.21 -19.81
CA LYS K 135 26.58 19.37 -19.23
C LYS K 135 27.56 19.96 -20.25
N ASN K 136 27.49 21.26 -20.46
CA ASN K 136 28.42 21.95 -21.36
C ASN K 136 28.41 23.44 -21.04
N GLY K 137 29.54 24.09 -21.28
CA GLY K 137 29.58 25.54 -21.21
C GLY K 137 28.75 26.17 -22.32
N GLU K 138 28.23 27.36 -22.04
CA GLU K 138 27.32 28.02 -22.96
C GLU K 138 28.02 29.24 -23.54
N ILE K 139 27.75 29.51 -24.82
CA ILE K 139 28.41 30.61 -25.51
C ILE K 139 27.46 31.79 -25.68
N ASP K 140 26.39 31.61 -26.44
CA ASP K 140 25.48 32.72 -26.70
C ASP K 140 24.07 32.38 -26.23
N THR K 141 23.62 33.12 -25.21
CA THR K 141 22.25 32.99 -24.72
C THR K 141 21.39 34.20 -25.06
N LEU K 142 21.66 34.87 -26.19
CA LEU K 142 21.05 36.13 -26.63
C LEU K 142 21.06 37.13 -25.47
N PRO K 143 22.24 37.42 -24.90
CA PRO K 143 22.31 37.99 -23.54
C PRO K 143 21.79 39.42 -23.41
N GLU K 144 21.49 40.03 -24.56
CA GLU K 144 20.82 41.31 -24.61
C GLU K 144 19.49 41.28 -23.89
N GLU K 145 18.81 40.14 -23.90
CA GLU K 145 17.46 40.05 -23.36
C GLU K 145 17.28 38.94 -22.33
N ILE K 146 17.79 37.73 -22.58
CA ILE K 146 17.68 36.62 -21.65
C ILE K 146 18.56 36.82 -20.44
N VAL K 147 19.81 37.24 -20.65
CA VAL K 147 20.77 37.39 -19.57
C VAL K 147 20.46 38.71 -18.85
N ASN K 148 20.12 39.73 -19.64
CA ASN K 148 19.87 41.06 -19.10
C ASN K 148 18.43 41.21 -18.63
N VAL K 149 18.21 41.52 -17.36
CA VAL K 149 16.88 41.86 -16.89
C VAL K 149 16.82 43.37 -16.69
N SER K 150 16.07 44.05 -17.56
CA SER K 150 16.06 45.51 -17.58
C SER K 150 14.76 46.10 -17.07
N LYS K 151 14.82 47.23 -16.38
CA LYS K 151 13.59 47.90 -15.96
C LYS K 151 12.85 48.62 -17.09
N GLY K 152 13.55 49.18 -18.07
CA GLY K 152 12.91 49.93 -19.13
C GLY K 152 12.64 51.38 -18.76
N GLY K 153 13.22 51.83 -17.66
CA GLY K 153 12.99 53.17 -17.15
C GLY K 153 13.80 54.20 -17.93
N TYR K 154 13.07 55.11 -18.58
CA TYR K 154 13.64 56.21 -19.35
C TYR K 154 13.71 57.44 -18.44
N ASP K 155 14.94 57.85 -18.11
CA ASP K 155 15.18 58.69 -16.93
C ASP K 155 14.66 60.12 -17.03
N PHE K 156 14.68 60.72 -18.23
CA PHE K 156 14.02 61.97 -18.63
C PHE K 156 13.31 61.77 -19.96
N GLN K 157 11.98 61.81 -19.89
CA GLN K 157 11.13 62.18 -21.02
C GLN K 157 10.00 63.02 -20.44
N GLN K 158 10.32 63.96 -19.55
CA GLN K 158 9.27 64.58 -18.73
C GLN K 158 8.18 65.27 -19.56
N PRO K 159 8.46 66.20 -20.50
CA PRO K 159 7.37 66.66 -21.36
C PRO K 159 7.08 65.75 -22.54
N GLY K 160 5.83 65.39 -22.78
CA GLY K 160 5.54 64.38 -23.78
C GLY K 160 6.08 62.98 -23.58
N GLN K 161 6.04 62.44 -22.36
CA GLN K 161 6.48 61.07 -22.16
C GLN K 161 5.65 60.10 -23.00
N THR K 162 4.33 60.32 -23.03
CA THR K 162 3.35 59.56 -23.85
C THR K 162 3.55 58.06 -23.70
N THR K 163 3.20 57.53 -22.53
CA THR K 163 3.59 56.17 -22.21
C THR K 163 2.39 55.41 -21.65
N GLY K 164 2.34 54.11 -21.94
CA GLY K 164 1.36 53.24 -21.34
C GLY K 164 1.77 52.74 -19.98
N GLU K 165 1.05 51.73 -19.46
CA GLU K 165 1.33 51.21 -18.12
C GLU K 165 2.74 50.62 -18.03
N ALA K 166 3.25 50.11 -19.15
CA ALA K 166 4.56 49.48 -19.23
C ALA K 166 5.63 50.54 -19.44
N PRO K 167 6.86 50.28 -19.06
CA PRO K 167 7.80 51.35 -18.75
C PRO K 167 8.45 51.96 -19.99
N GLY K 168 7.87 53.09 -20.40
CA GLY K 168 8.50 53.98 -21.36
C GLY K 168 8.28 53.68 -22.82
N THR K 169 7.15 54.13 -23.39
CA THR K 169 6.97 54.06 -24.83
C THR K 169 7.04 55.46 -25.42
N VAL K 170 7.43 55.51 -26.69
CA VAL K 170 7.54 56.75 -27.45
C VAL K 170 6.12 57.21 -27.82
N PRO K 171 5.90 58.51 -28.11
CA PRO K 171 4.54 58.95 -28.46
C PRO K 171 4.06 58.30 -29.73
N ALA K 172 2.79 57.89 -29.73
CA ALA K 172 2.15 57.09 -30.78
C ALA K 172 2.92 55.80 -31.07
N PRO L 1 29.55 21.33 24.51
CA PRO L 1 29.78 20.11 23.74
C PRO L 1 30.08 20.46 22.30
N ILE L 2 30.38 19.46 21.48
CA ILE L 2 30.67 19.65 20.07
C ILE L 2 29.42 20.23 19.42
N MET L 3 29.60 21.34 18.70
CA MET L 3 28.49 22.04 18.07
C MET L 3 28.23 21.49 16.66
N GLY L 4 27.27 22.10 15.98
CA GLY L 4 26.97 21.76 14.60
C GLY L 4 28.06 22.11 13.62
N GLN L 5 28.81 23.18 13.88
CA GLN L 5 29.98 23.53 13.11
C GLN L 5 31.15 22.59 13.37
N ASP L 6 31.11 21.85 14.48
CA ASP L 6 32.24 21.04 14.91
C ASP L 6 32.58 19.89 13.98
N VAL L 7 31.60 19.22 13.38
CA VAL L 7 31.85 18.08 12.51
C VAL L 7 31.72 18.55 11.08
N LYS L 8 32.81 18.47 10.32
CA LYS L 8 32.76 18.81 8.90
C LYS L 8 33.09 17.61 8.03
N TYR L 9 32.62 17.68 6.79
CA TYR L 9 32.53 16.52 5.90
C TYR L 9 33.51 16.72 4.74
N LEU L 10 34.67 16.10 4.84
CA LEU L 10 35.63 16.12 3.75
C LEU L 10 35.34 14.98 2.78
N PHE L 11 35.48 15.24 1.49
CA PHE L 11 35.32 14.22 0.46
C PHE L 11 36.55 14.16 -0.42
N GLN L 12 36.98 12.95 -0.74
CA GLN L 12 38.03 12.77 -1.74
C GLN L 12 37.59 11.70 -2.72
N SER L 13 37.82 11.97 -4.01
CA SER L 13 37.45 11.04 -5.07
C SER L 13 38.40 9.83 -5.07
N ILE L 14 37.85 8.68 -5.45
CA ILE L 14 38.62 7.45 -5.47
C ILE L 14 39.75 7.52 -6.50
N ASP L 15 39.46 7.97 -7.72
CA ASP L 15 40.41 7.91 -8.81
C ASP L 15 41.35 9.12 -8.84
N ALA L 16 41.06 10.16 -8.07
CA ALA L 16 41.87 11.37 -8.15
C ALA L 16 43.33 11.10 -7.78
N ALA L 17 43.53 10.23 -6.78
CA ALA L 17 44.84 9.92 -6.18
C ALA L 17 45.60 11.19 -5.79
N THR L 18 44.86 12.16 -5.25
CA THR L 18 45.41 13.44 -4.80
C THR L 18 45.76 13.35 -3.34
N GLY L 19 46.57 14.29 -2.87
CA GLY L 19 47.00 14.31 -1.49
C GLY L 19 46.15 15.19 -0.59
N SER L 20 45.08 15.74 -1.13
CA SER L 20 44.22 16.64 -0.36
C SER L 20 42.76 16.52 -0.77
N ALA L 21 41.85 16.62 0.21
CA ALA L 21 40.41 16.41 0.09
C ALA L 21 39.65 17.73 0.01
N PRO L 22 38.84 17.97 -1.05
CA PRO L 22 38.09 19.22 -1.12
C PRO L 22 36.96 19.27 -0.10
N LEU L 23 36.92 20.32 0.69
CA LEU L 23 35.76 20.60 1.53
C LEU L 23 34.99 21.78 0.93
N PHE L 24 33.71 21.57 0.72
CA PHE L 24 33.04 22.56 -0.10
C PHE L 24 32.48 23.68 0.78
N PRO L 25 32.55 24.94 0.35
CA PRO L 25 31.99 26.02 1.17
C PRO L 25 30.47 26.07 1.10
N ALA L 26 29.92 26.90 1.99
CA ALA L 26 28.48 27.15 2.14
C ALA L 26 27.71 25.86 2.43
N TYR L 27 28.23 25.11 3.40
CA TYR L 27 27.52 23.92 3.86
C TYR L 27 26.29 24.30 4.68
N GLN L 28 25.19 23.63 4.36
CA GLN L 28 23.91 23.83 5.04
C GLN L 28 23.87 22.75 6.11
N THR L 29 23.00 21.75 5.96
CA THR L 29 22.88 20.70 6.95
C THR L 29 23.13 19.33 6.32
N ASP L 30 23.16 18.33 7.19
CA ASP L 30 23.70 17.03 6.87
C ASP L 30 23.13 16.02 7.85
N GLY L 31 22.59 14.94 7.32
CA GLY L 31 22.21 13.82 8.15
C GLY L 31 22.84 12.54 7.68
N SER L 32 23.42 11.80 8.61
CA SER L 32 23.95 10.47 8.34
C SER L 32 23.07 9.53 9.15
N VAL L 33 22.25 8.76 8.44
CA VAL L 33 21.25 7.92 9.07
C VAL L 33 21.70 6.47 8.94
N SER L 34 21.77 5.79 10.08
CA SER L 34 22.44 4.50 10.21
C SER L 34 21.49 3.53 10.91
N GLY L 35 20.55 2.97 10.15
CA GLY L 35 19.57 2.07 10.72
C GLY L 35 20.06 0.65 10.84
N GLU L 36 20.14 0.13 12.05
CA GLU L 36 20.61 -1.22 12.32
C GLU L 36 19.40 -2.09 12.64
N ARG L 37 18.81 -2.70 11.61
CA ARG L 37 17.58 -3.45 11.77
C ARG L 37 17.81 -4.67 12.66
N GLU L 38 16.75 -5.45 12.87
CA GLU L 38 16.72 -6.49 13.88
C GLU L 38 15.87 -7.65 13.37
N LEU L 39 16.31 -8.86 13.67
CA LEU L 39 15.64 -10.08 13.26
C LEU L 39 14.37 -10.30 14.07
N PHE L 40 13.53 -11.21 13.58
CA PHE L 40 12.36 -11.68 14.32
C PHE L 40 12.55 -13.10 14.81
N ASP L 41 13.18 -13.23 15.97
CA ASP L 41 13.02 -14.37 16.86
C ASP L 41 12.28 -13.90 18.11
N GLU L 42 10.99 -14.17 18.16
CA GLU L 42 10.18 -13.85 19.33
C GLU L 42 10.52 -14.71 20.54
N GLN L 43 11.15 -15.88 20.31
CA GLN L 43 11.41 -16.92 21.31
C GLN L 43 10.13 -17.60 21.78
N THR L 44 9.10 -17.61 20.91
CA THR L 44 7.70 -17.90 21.25
C THR L 44 7.22 -17.09 22.46
N LYS L 45 7.48 -15.78 22.40
CA LYS L 45 7.14 -14.87 23.49
C LYS L 45 6.12 -13.84 23.03
N ASN L 46 6.59 -12.69 22.54
CA ASN L 46 5.71 -11.65 22.03
C ASN L 46 6.38 -10.78 20.97
N GLY L 47 7.28 -11.34 20.16
CA GLY L 47 7.97 -10.58 19.15
C GLY L 47 9.13 -9.81 19.74
N ARG L 48 9.78 -10.41 20.73
CA ARG L 48 10.91 -9.78 21.40
C ARG L 48 12.18 -10.41 20.85
N ILE L 49 13.00 -9.60 20.19
CA ILE L 49 14.28 -10.06 19.64
C ILE L 49 15.38 -9.06 20.00
N LEU L 50 16.54 -9.59 20.43
CA LEU L 50 17.69 -8.75 20.72
C LEU L 50 18.80 -8.93 19.69
N GLY L 51 18.45 -9.33 18.47
CA GLY L 51 19.41 -9.71 17.46
C GLY L 51 19.44 -8.81 16.25
N PRO L 52 20.52 -8.87 15.48
CA PRO L 52 20.68 -7.95 14.35
C PRO L 52 19.91 -8.38 13.11
N GLY L 53 19.68 -7.42 12.22
CA GLY L 53 18.94 -7.66 11.00
C GLY L 53 19.78 -7.23 9.82
N SER L 54 19.92 -5.92 9.68
CA SER L 54 20.71 -5.35 8.59
C SER L 54 21.12 -3.92 8.91
N VAL L 55 22.01 -3.39 8.09
CA VAL L 55 22.56 -2.05 8.27
C VAL L 55 22.11 -1.16 7.12
N ALA L 56 21.24 -0.21 7.42
CA ALA L 56 20.79 0.80 6.46
C ALA L 56 21.57 2.06 6.73
N ASP L 57 22.77 2.15 6.19
CA ASP L 57 23.69 3.22 6.50
C ASP L 57 23.78 4.15 5.30
N SER L 58 23.14 5.30 5.41
CA SER L 58 23.07 6.31 4.38
C SER L 58 23.13 7.69 4.98
N GLY L 59 23.41 8.67 4.12
CA GLY L 59 23.42 10.06 4.54
C GLY L 59 22.98 10.98 3.44
N GLU L 60 22.48 12.15 3.81
CA GLU L 60 22.12 13.20 2.85
C GLU L 60 22.90 14.45 3.21
N VAL L 61 23.36 15.16 2.19
CA VAL L 61 24.18 16.36 2.39
C VAL L 61 23.57 17.48 1.57
N THR L 62 23.27 18.60 2.21
CA THR L 62 22.79 19.77 1.50
C THR L 62 23.82 20.89 1.57
N TYR L 63 24.05 21.56 0.45
CA TYR L 63 24.95 22.71 0.41
C TYR L 63 24.45 23.70 -0.63
N TYR L 64 25.00 24.90 -0.62
CA TYR L 64 24.71 25.93 -1.61
C TYR L 64 25.73 25.82 -2.75
N GLY L 65 25.26 26.06 -3.97
CA GLY L 65 26.12 25.88 -5.13
C GLY L 65 27.06 27.03 -5.41
N LYS L 66 28.28 26.72 -5.84
CA LYS L 66 29.23 27.74 -6.26
C LYS L 66 29.66 27.47 -7.69
N ARG L 67 30.02 28.54 -8.41
CA ARG L 67 30.30 28.46 -9.84
C ARG L 67 31.40 27.45 -10.17
N GLY L 68 32.44 27.34 -9.35
CA GLY L 68 33.49 26.35 -9.55
C GLY L 68 33.59 25.44 -8.35
N ASP L 69 34.81 25.41 -7.78
CA ASP L 69 35.12 24.78 -6.49
C ASP L 69 34.97 23.26 -6.55
N ALA L 70 36.02 22.58 -6.14
CA ALA L 70 36.36 21.21 -6.53
C ALA L 70 35.72 20.07 -5.75
N GLY L 71 35.09 20.35 -4.60
CA GLY L 71 34.26 19.35 -3.96
C GLY L 71 32.92 19.14 -4.67
N GLN L 72 32.24 20.24 -5.02
CA GLN L 72 31.07 20.13 -5.86
C GLN L 72 31.42 19.69 -7.28
N LYS L 73 32.56 20.13 -7.81
CA LYS L 73 33.02 19.58 -9.08
C LYS L 73 33.42 18.13 -8.95
N ALA L 74 34.05 17.74 -7.84
CA ALA L 74 34.24 16.32 -7.56
C ALA L 74 32.89 15.64 -7.34
N ILE L 75 31.94 16.36 -6.73
CA ILE L 75 30.57 15.85 -6.61
C ILE L 75 29.98 15.59 -7.98
N GLU L 76 30.10 16.56 -8.89
CA GLU L 76 29.51 16.41 -10.22
C GLU L 76 30.29 15.42 -11.09
N ASP L 77 31.62 15.46 -11.04
CA ASP L 77 32.40 14.39 -11.66
C ASP L 77 32.05 13.03 -11.08
N ALA L 78 31.99 12.92 -9.76
CA ALA L 78 31.55 11.67 -9.17
C ALA L 78 30.11 11.34 -9.53
N TYR L 79 29.21 12.32 -9.44
CA TYR L 79 27.80 12.05 -9.66
C TYR L 79 27.52 11.57 -11.07
N GLN L 80 28.04 12.30 -12.07
CA GLN L 80 27.63 12.10 -13.46
C GLN L 80 28.35 10.95 -14.11
N ASN L 81 29.55 10.60 -13.63
CA ASN L 81 30.20 9.39 -14.10
C ASN L 81 29.92 8.21 -13.17
N GLY L 82 29.15 8.45 -12.11
CA GLY L 82 28.80 7.41 -11.17
C GLY L 82 29.98 6.88 -10.39
N LYS L 83 30.96 7.75 -10.17
CA LYS L 83 32.18 7.43 -9.43
C LYS L 83 31.80 7.28 -7.97
N GLN L 84 32.44 6.34 -7.29
CA GLN L 84 32.37 6.22 -5.83
C GLN L 84 33.21 7.34 -5.22
N ILE L 85 32.72 7.90 -4.11
CA ILE L 85 33.45 8.98 -3.44
C ILE L 85 33.82 8.54 -2.03
N LYS L 86 35.03 8.89 -1.62
CA LYS L 86 35.51 8.61 -0.27
C LYS L 86 35.07 9.73 0.65
N PHE L 87 34.47 9.35 1.78
CA PHE L 87 33.73 10.23 2.66
C PHE L 87 34.36 10.26 4.04
N TRP L 88 34.73 11.47 4.49
CA TRP L 88 35.37 11.70 5.77
C TRP L 88 34.53 12.71 6.55
N ARG L 89 33.96 12.27 7.68
CA ARG L 89 33.27 13.19 8.59
C ARG L 89 34.18 13.41 9.79
N VAL L 90 34.76 14.60 9.87
CA VAL L 90 35.76 14.86 10.90
C VAL L 90 35.32 16.05 11.74
N ASP L 91 35.77 16.05 12.98
CA ASP L 91 35.46 17.12 13.91
C ASP L 91 36.46 18.26 13.78
N THR L 92 36.08 19.42 14.31
CA THR L 92 36.87 20.63 14.23
C THR L 92 37.66 20.91 15.50
N VAL L 93 37.21 20.39 16.65
CA VAL L 93 37.95 20.54 17.89
C VAL L 93 39.24 19.73 17.83
N LYS L 94 40.14 20.02 18.76
CA LYS L 94 41.47 19.42 18.75
C LYS L 94 41.53 18.29 19.77
N ASN L 95 41.57 17.06 19.29
CA ASN L 95 41.80 15.91 20.14
C ASN L 95 43.27 15.86 20.58
N GLU L 96 43.51 15.17 21.68
CA GLU L 96 44.85 15.10 22.25
C GLU L 96 45.67 13.92 21.76
N ASN L 97 45.04 12.89 21.21
CA ASN L 97 45.80 11.86 20.51
C ASN L 97 45.95 12.20 19.03
N ASP L 98 44.95 11.87 18.22
CA ASP L 98 44.86 12.36 16.86
C ASP L 98 44.63 13.87 16.91
N LYS L 99 45.06 14.57 15.86
CA LYS L 99 44.73 15.99 15.73
C LYS L 99 43.24 16.22 15.88
N TYR L 100 42.44 15.39 15.20
CA TYR L 100 41.00 15.45 15.24
C TYR L 100 40.49 14.02 15.31
N ASP L 101 39.18 13.85 15.17
CA ASP L 101 38.59 12.51 15.18
C ASP L 101 37.48 12.44 14.14
N ALA L 102 37.40 11.28 13.50
CA ALA L 102 36.65 11.16 12.26
C ALA L 102 35.80 9.90 12.28
N GLN L 103 34.59 10.03 11.74
CA GLN L 103 33.82 8.90 11.23
C GLN L 103 33.96 8.94 9.72
N PHE L 104 34.29 7.80 9.12
CA PHE L 104 34.79 7.71 7.76
C PHE L 104 34.09 6.61 7.00
N GLY L 105 34.06 6.73 5.68
CA GLY L 105 33.58 5.62 4.87
C GLY L 105 33.76 5.88 3.40
N PHE L 106 33.53 4.84 2.61
CA PHE L 106 33.40 4.96 1.16
C PHE L 106 31.92 5.13 0.85
N ALA L 107 31.61 6.04 -0.06
CA ALA L 107 30.24 6.46 -0.30
C ALA L 107 29.93 6.50 -1.79
N TYR L 108 28.63 6.46 -2.08
CA TYR L 108 28.13 6.35 -3.45
C TYR L 108 26.99 7.36 -3.60
N ILE L 109 26.97 8.08 -4.73
CA ILE L 109 25.93 9.06 -4.98
C ILE L 109 24.62 8.34 -5.27
N GLU L 110 23.66 8.45 -4.35
CA GLU L 110 22.35 7.83 -4.57
C GLU L 110 21.34 8.74 -5.25
N SER L 111 21.42 10.05 -5.05
CA SER L 111 20.56 10.97 -5.78
C SER L 111 21.13 12.37 -5.67
N ARG L 112 20.88 13.16 -6.71
CA ARG L 112 21.27 14.57 -6.77
C ARG L 112 19.97 15.34 -6.96
N GLU L 113 19.87 16.46 -6.27
CA GLU L 113 18.69 17.31 -6.28
C GLU L 113 19.17 18.74 -6.41
N TYR L 114 18.74 19.42 -7.48
CA TYR L 114 19.09 20.82 -7.66
C TYR L 114 17.89 21.72 -7.41
N SER L 115 18.05 22.61 -6.44
CA SER L 115 17.03 23.59 -6.09
C SER L 115 17.40 24.93 -6.68
N ASP L 116 16.46 25.50 -7.43
CA ASP L 116 16.46 26.88 -7.88
C ASP L 116 15.17 27.50 -7.38
N GLY L 117 15.30 28.47 -6.48
CA GLY L 117 14.16 29.22 -6.00
C GLY L 117 14.15 30.63 -6.54
N VAL L 118 13.19 31.42 -6.07
CA VAL L 118 13.08 32.83 -6.44
C VAL L 118 14.10 33.67 -5.69
N GLU L 119 14.09 33.61 -4.36
CA GLU L 119 15.17 34.20 -3.58
C GLU L 119 16.23 33.19 -3.20
N GLY L 120 17.44 33.65 -2.86
CA GLY L 120 18.41 32.79 -2.23
C GLY L 120 19.25 32.13 -3.29
N ALA L 121 20.48 31.75 -2.96
CA ALA L 121 21.39 31.15 -3.93
C ALA L 121 21.07 29.68 -4.13
N VAL L 122 21.61 29.12 -5.22
CA VAL L 122 21.25 27.78 -5.65
C VAL L 122 21.48 26.79 -4.52
N GLU L 123 20.64 25.76 -4.45
CA GLU L 123 20.72 24.80 -3.36
C GLU L 123 20.80 23.39 -3.91
N ILE L 124 21.78 22.64 -3.43
CA ILE L 124 22.00 21.27 -3.88
C ILE L 124 21.75 20.33 -2.72
N SER L 125 20.85 19.37 -2.93
CA SER L 125 20.66 18.24 -2.03
C SER L 125 21.23 17.00 -2.69
N ILE L 126 22.19 16.36 -2.02
CA ILE L 126 22.77 15.13 -2.53
C ILE L 126 22.52 14.02 -1.51
N SER L 127 21.87 12.96 -1.96
CA SER L 127 21.51 11.83 -1.13
C SER L 127 22.40 10.64 -1.46
N LEU L 128 22.99 10.05 -0.43
CA LEU L 128 23.98 9.00 -0.58
C LEU L 128 23.80 7.95 0.51
N GLN L 129 24.41 6.79 0.29
CA GLN L 129 24.56 5.79 1.34
C GLN L 129 26.04 5.53 1.51
N VAL L 130 26.41 4.92 2.63
CA VAL L 130 27.80 4.54 2.84
C VAL L 130 27.84 3.03 3.07
N ILE L 131 28.70 2.35 2.31
CA ILE L 131 28.72 0.88 2.34
C ILE L 131 29.21 0.39 3.69
N GLY L 132 30.34 0.90 4.14
CA GLY L 132 30.86 0.53 5.44
C GLY L 132 31.11 1.73 6.31
N GLU L 133 30.40 1.83 7.42
CA GLU L 133 30.65 2.88 8.39
C GLU L 133 31.95 2.61 9.16
N LEU L 134 32.85 3.57 9.10
CA LEU L 134 34.17 3.41 9.70
C LEU L 134 34.42 4.60 10.61
N LYS L 135 35.24 4.38 11.64
CA LYS L 135 35.54 5.41 12.62
C LYS L 135 37.04 5.41 12.91
N ASN L 136 37.66 6.59 12.87
CA ASN L 136 39.07 6.74 13.17
C ASN L 136 39.35 8.18 13.52
N GLY L 137 40.35 8.41 14.37
CA GLY L 137 40.84 9.75 14.59
C GLY L 137 41.53 10.30 13.36
N GLU L 138 41.48 11.63 13.23
CA GLU L 138 41.98 12.28 12.03
C GLU L 138 43.24 13.07 12.39
N ILE L 139 44.20 13.09 11.47
CA ILE L 139 45.47 13.75 11.73
C ILE L 139 45.55 15.07 10.98
N ASP L 140 45.55 15.04 9.65
CA ASP L 140 45.69 16.26 8.88
C ASP L 140 44.49 16.48 7.98
N THR L 141 43.73 17.55 8.27
CA THR L 141 42.61 17.95 7.44
C THR L 141 42.89 19.24 6.68
N LEU L 142 44.15 19.50 6.31
CA LEU L 142 44.64 20.74 5.70
C LEU L 142 44.11 21.93 6.47
N PRO L 143 44.37 22.00 7.80
CA PRO L 143 43.55 22.84 8.70
C PRO L 143 43.69 24.34 8.50
N GLU L 144 44.66 24.71 7.67
CA GLU L 144 44.84 26.09 7.23
C GLU L 144 43.59 26.63 6.56
N GLU L 145 42.84 25.77 5.88
CA GLU L 145 41.70 26.20 5.08
C GLU L 145 40.40 25.48 5.41
N ILE L 146 40.41 24.16 5.56
CA ILE L 146 39.22 23.39 5.87
C ILE L 146 38.79 23.61 7.32
N VAL L 147 39.74 23.57 8.24
CA VAL L 147 39.44 23.70 9.67
C VAL L 147 39.20 25.17 9.96
N ASN L 148 40.03 26.04 9.34
CA ASN L 148 39.95 27.47 9.60
C ASN L 148 38.91 28.14 8.71
N VAL L 149 37.92 28.79 9.31
CA VAL L 149 37.01 29.61 8.52
C VAL L 149 37.37 31.08 8.75
N SER L 150 37.92 31.72 7.71
CA SER L 150 38.46 33.07 7.86
C SER L 150 37.63 34.12 7.16
N LYS L 151 37.53 35.32 7.72
CA LYS L 151 36.82 36.40 7.04
C LYS L 151 37.60 37.00 5.87
N GLY L 152 38.92 37.08 5.94
CA GLY L 152 39.70 37.71 4.89
C GLY L 152 39.80 39.21 5.04
N GLY L 153 39.40 39.73 6.19
CA GLY L 153 39.38 41.16 6.44
C GLY L 153 40.77 41.69 6.75
N TYR L 154 41.24 42.58 5.89
CA TYR L 154 42.53 43.25 6.03
C TYR L 154 42.31 44.58 6.74
N ASP L 155 42.82 44.68 7.98
CA ASP L 155 42.32 45.68 8.94
C ASP L 155 42.66 47.13 8.61
N PHE L 156 43.82 47.38 8.00
CA PHE L 156 44.26 48.64 7.38
C PHE L 156 44.87 48.33 6.01
N GLN L 157 44.16 48.79 4.97
CA GLN L 157 44.75 49.11 3.68
C GLN L 157 44.03 50.35 3.19
N GLN L 158 43.83 51.35 4.06
CA GLN L 158 42.90 52.42 3.75
C GLN L 158 43.24 53.18 2.46
N PRO L 159 44.46 53.73 2.25
CA PRO L 159 44.75 54.27 0.91
C PRO L 159 45.20 53.22 -0.09
N GLY L 160 44.62 53.20 -1.29
CA GLY L 160 44.89 52.11 -2.20
C GLY L 160 44.50 50.71 -1.79
N GLN L 161 43.32 50.52 -1.20
CA GLN L 161 42.88 49.16 -0.87
C GLN L 161 42.77 48.31 -2.13
N THR L 162 42.22 48.89 -3.19
CA THR L 162 42.08 48.28 -4.54
C THR L 162 41.51 46.87 -4.46
N THR L 163 40.24 46.76 -4.12
CA THR L 163 39.69 45.46 -3.77
C THR L 163 38.36 45.26 -4.51
N GLY L 164 38.08 44.00 -4.85
CA GLY L 164 36.80 43.63 -5.40
C GLY L 164 35.75 43.38 -4.34
N GLU L 165 34.63 42.78 -4.73
CA GLU L 165 33.54 42.53 -3.80
C GLU L 165 33.96 41.61 -2.67
N ALA L 166 34.91 40.70 -2.95
CA ALA L 166 35.40 39.71 -1.99
C ALA L 166 36.49 40.34 -1.14
N PRO L 167 36.71 39.82 0.05
CA PRO L 167 37.34 40.61 1.12
C PRO L 167 38.86 40.68 0.99
N GLY L 168 39.30 41.80 0.41
CA GLY L 168 40.69 42.21 0.46
C GLY L 168 41.63 41.65 -0.59
N THR L 169 41.65 42.25 -1.77
CA THR L 169 42.67 41.90 -2.76
C THR L 169 43.68 43.03 -2.89
N VAL L 170 44.89 42.65 -3.30
CA VAL L 170 45.99 43.58 -3.52
C VAL L 170 45.73 44.33 -4.82
N PRO L 171 46.31 45.53 -5.02
CA PRO L 171 46.06 46.25 -6.28
C PRO L 171 46.59 45.49 -7.49
N ALA L 172 45.78 45.49 -8.55
CA ALA L 172 45.99 44.67 -9.76
C ALA L 172 46.15 43.19 -9.44
N PRO A 1 -10.78 -17.50 24.90
CA PRO A 1 -10.85 -18.88 24.42
C PRO A 1 -9.52 -19.62 24.39
N ILE A 2 -8.77 -19.46 23.30
CA ILE A 2 -7.46 -20.07 23.14
C ILE A 2 -6.50 -18.99 22.67
N MET A 3 -5.22 -19.18 22.95
CA MET A 3 -4.18 -18.22 22.62
C MET A 3 -3.18 -18.82 21.64
N GLY A 4 -2.47 -17.93 20.94
CA GLY A 4 -1.40 -18.35 20.05
C GLY A 4 -0.19 -18.95 20.74
N GLN A 5 -0.08 -18.77 22.05
CA GLN A 5 0.93 -19.43 22.85
C GLN A 5 0.38 -20.64 23.60
N ASP A 6 -0.93 -20.85 23.53
CA ASP A 6 -1.59 -21.88 24.35
C ASP A 6 -1.20 -23.30 23.99
N VAL A 7 -1.28 -23.70 22.72
CA VAL A 7 -0.95 -25.06 22.30
C VAL A 7 0.56 -25.15 22.12
N LYS A 8 1.20 -26.04 22.87
CA LYS A 8 2.63 -26.26 22.71
C LYS A 8 2.92 -27.73 22.44
N TYR A 9 3.92 -27.96 21.61
CA TYR A 9 4.16 -29.26 20.96
C TYR A 9 5.38 -29.91 21.61
N LEU A 10 5.13 -30.91 22.45
CA LEU A 10 6.22 -31.68 23.04
C LEU A 10 6.49 -32.91 22.19
N PHE A 11 7.76 -33.13 21.86
CA PHE A 11 8.19 -34.31 21.12
C PHE A 11 9.23 -35.08 21.92
N GLN A 12 8.86 -36.30 22.32
CA GLN A 12 9.83 -37.20 22.91
C GLN A 12 10.04 -38.39 21.98
N SER A 13 11.30 -38.65 21.66
CA SER A 13 11.66 -39.76 20.78
C SER A 13 11.60 -41.09 21.54
N ILE A 14 11.21 -42.14 20.81
CA ILE A 14 11.11 -43.46 21.42
C ILE A 14 12.45 -43.96 21.94
N ASP A 15 13.54 -43.64 21.24
CA ASP A 15 14.85 -44.21 21.56
C ASP A 15 15.37 -43.78 22.92
N ALA A 16 14.90 -42.65 23.45
CA ALA A 16 15.45 -42.15 24.70
C ALA A 16 15.02 -43.00 25.88
N ALA A 17 13.74 -43.41 25.89
CA ALA A 17 13.09 -44.13 27.00
C ALA A 17 13.29 -43.40 28.34
N THR A 18 12.93 -42.13 28.37
CA THR A 18 13.06 -41.29 29.56
C THR A 18 11.81 -40.46 29.73
N GLY A 19 11.77 -39.66 30.78
CA GLY A 19 10.61 -38.83 31.07
C GLY A 19 10.91 -37.35 31.07
N SER A 20 11.92 -36.94 30.31
CA SER A 20 12.32 -35.52 30.27
C SER A 20 11.30 -34.68 29.52
N ALA A 21 10.74 -35.22 28.44
CA ALA A 21 9.83 -34.57 27.49
C ALA A 21 10.38 -33.23 27.00
N PRO A 22 11.35 -33.22 26.07
CA PRO A 22 11.85 -31.92 25.57
C PRO A 22 10.85 -31.22 24.67
N LEU A 23 10.81 -29.91 24.75
CA LEU A 23 10.07 -29.11 23.78
C LEU A 23 11.00 -28.06 23.19
N PHE A 24 10.78 -27.75 21.93
CA PHE A 24 11.82 -26.97 21.28
C PHE A 24 11.40 -25.51 21.18
N PRO A 25 12.28 -24.57 21.54
CA PRO A 25 11.91 -23.15 21.42
C PRO A 25 11.88 -22.67 19.98
N ALA A 26 11.58 -21.37 19.84
CA ALA A 26 11.49 -20.66 18.57
C ALA A 26 10.42 -21.26 17.65
N TYR A 27 9.32 -21.66 18.26
CA TYR A 27 8.16 -22.13 17.50
C TYR A 27 7.49 -20.97 16.77
N GLN A 28 7.15 -21.23 15.52
CA GLN A 28 6.47 -20.26 14.66
C GLN A 28 5.04 -20.78 14.57
N THR A 29 4.73 -21.57 13.53
CA THR A 29 3.38 -22.08 13.35
C THR A 29 3.39 -23.59 13.13
N ASP A 30 2.20 -24.16 13.16
CA ASP A 30 2.00 -25.58 13.28
C ASP A 30 0.59 -25.90 12.86
N GLY A 31 0.47 -26.43 11.65
CA GLY A 31 -0.79 -26.97 11.20
C GLY A 31 -0.88 -28.44 11.48
N SER A 32 -2.06 -28.89 11.89
CA SER A 32 -2.36 -30.30 12.07
C SER A 32 -3.71 -30.50 11.41
N VAL A 33 -3.74 -31.38 10.41
CA VAL A 33 -4.94 -31.59 9.60
C VAL A 33 -5.26 -33.08 9.59
N SER A 34 -6.56 -33.39 9.55
CA SER A 34 -7.07 -34.72 9.82
C SER A 34 -8.09 -35.06 8.73
N GLY A 35 -7.87 -36.17 8.03
CA GLY A 35 -8.77 -36.55 6.96
C GLY A 35 -9.42 -37.89 7.18
N GLU A 36 -10.76 -37.90 7.28
CA GLU A 36 -11.52 -39.11 7.51
C GLU A 36 -12.08 -39.58 6.18
N ARG A 37 -11.79 -40.82 5.80
CA ARG A 37 -12.16 -41.33 4.49
C ARG A 37 -13.67 -41.33 4.33
N GLU A 38 -14.14 -40.89 3.17
CA GLU A 38 -15.54 -40.57 2.94
C GLU A 38 -15.95 -41.11 1.58
N LEU A 39 -17.01 -41.92 1.58
CA LEU A 39 -17.53 -42.54 0.37
C LEU A 39 -18.71 -41.75 -0.17
N PHE A 40 -18.57 -41.28 -1.41
CA PHE A 40 -19.67 -40.67 -2.15
C PHE A 40 -19.80 -41.26 -3.54
N ASP A 41 -20.57 -42.34 -3.63
CA ASP A 41 -21.25 -42.74 -4.86
C ASP A 41 -22.74 -42.46 -4.70
N GLU A 42 -23.48 -42.56 -5.81
CA GLU A 42 -24.93 -42.40 -5.78
C GLU A 42 -25.64 -43.58 -5.13
N GLN A 43 -25.27 -44.81 -5.52
CA GLN A 43 -25.94 -46.06 -5.14
C GLN A 43 -27.43 -46.06 -5.53
N THR A 44 -27.73 -45.43 -6.68
CA THR A 44 -29.08 -45.02 -7.09
C THR A 44 -29.86 -44.40 -5.94
N LYS A 45 -29.21 -43.46 -5.25
CA LYS A 45 -29.80 -42.80 -4.08
C LYS A 45 -29.32 -41.35 -3.99
N ASN A 46 -29.52 -40.73 -2.83
CA ASN A 46 -29.06 -39.36 -2.60
C ASN A 46 -27.57 -39.27 -2.32
N GLY A 47 -26.80 -40.28 -2.73
CA GLY A 47 -25.37 -40.29 -2.50
C GLY A 47 -25.04 -40.78 -1.10
N ARG A 48 -23.75 -40.94 -0.83
CA ARG A 48 -23.30 -41.42 0.46
C ARG A 48 -22.44 -40.33 1.09
N ILE A 49 -22.84 -39.89 2.28
CA ILE A 49 -22.09 -38.87 3.02
C ILE A 49 -21.83 -39.33 4.45
N LEU A 50 -22.77 -40.11 5.00
CA LEU A 50 -22.60 -40.69 6.32
C LEU A 50 -21.46 -41.70 6.35
N GLY A 51 -21.11 -42.28 5.21
CA GLY A 51 -20.20 -43.40 5.13
C GLY A 51 -18.82 -43.11 5.70
N PRO A 52 -18.51 -43.72 6.85
CA PRO A 52 -17.24 -43.41 7.52
C PRO A 52 -16.04 -44.10 6.90
N GLY A 53 -14.87 -43.79 7.44
CA GLY A 53 -13.62 -44.38 6.96
C GLY A 53 -12.52 -44.10 7.95
N SER A 54 -11.29 -44.37 7.52
CA SER A 54 -10.14 -44.15 8.38
C SER A 54 -9.66 -42.71 8.26
N VAL A 55 -9.02 -42.23 9.33
CA VAL A 55 -8.54 -40.86 9.40
C VAL A 55 -7.03 -40.84 9.21
N ALA A 56 -6.56 -39.95 8.35
CA ALA A 56 -5.14 -39.74 8.13
C ALA A 56 -4.77 -38.40 8.77
N ASP A 57 -4.01 -38.47 9.85
CA ASP A 57 -3.72 -37.30 10.66
C ASP A 57 -2.36 -36.74 10.27
N SER A 58 -2.38 -35.66 9.53
CA SER A 58 -1.19 -35.00 9.01
C SER A 58 -0.87 -33.77 9.85
N GLY A 59 0.43 -33.54 10.03
CA GLY A 59 0.88 -32.37 10.74
C GLY A 59 2.15 -31.79 10.14
N GLU A 60 2.37 -30.51 10.34
CA GLU A 60 3.61 -29.85 9.91
C GLU A 60 4.01 -28.88 11.01
N VAL A 61 5.27 -28.94 11.42
CA VAL A 61 5.78 -28.10 12.49
C VAL A 61 6.79 -27.13 11.89
N THR A 62 6.54 -25.84 12.07
CA THR A 62 7.50 -24.83 11.64
C THR A 62 8.10 -24.14 12.85
N TYR A 63 9.42 -23.91 12.80
CA TYR A 63 10.11 -23.17 13.86
C TYR A 63 11.42 -22.65 13.32
N TYR A 64 12.00 -21.67 14.02
CA TYR A 64 13.31 -21.12 13.70
C TYR A 64 14.38 -21.94 14.43
N GLY A 65 15.44 -22.29 13.72
CA GLY A 65 16.47 -23.15 14.29
C GLY A 65 17.34 -22.50 15.33
N LYS A 66 17.73 -23.25 16.35
CA LYS A 66 18.67 -22.77 17.35
C LYS A 66 19.97 -23.55 17.25
N ARG A 67 21.07 -22.90 17.63
CA ARG A 67 22.41 -23.47 17.44
C ARG A 67 22.52 -24.93 17.89
N GLY A 68 22.10 -25.26 19.10
CA GLY A 68 22.10 -26.63 19.58
C GLY A 68 20.68 -27.11 19.79
N ASP A 69 20.35 -27.35 21.07
CA ASP A 69 18.98 -27.61 21.55
C ASP A 69 18.49 -29.00 21.12
N ALA A 70 18.16 -29.80 22.12
CA ALA A 70 18.14 -31.26 22.07
C ALA A 70 16.84 -31.94 21.62
N GLY A 71 15.68 -31.30 21.82
CA GLY A 71 14.47 -31.78 21.18
C GLY A 71 14.53 -31.74 19.67
N GLN A 72 14.87 -30.57 19.11
CA GLN A 72 15.14 -30.48 17.68
C GLN A 72 16.31 -31.37 17.27
N LYS A 73 17.38 -31.42 18.09
CA LYS A 73 18.43 -32.39 17.83
C LYS A 73 17.92 -33.82 17.90
N ALA A 74 17.01 -34.11 18.83
CA ALA A 74 16.32 -35.39 18.77
C ALA A 74 15.49 -35.51 17.51
N ILE A 75 14.77 -34.44 17.16
CA ILE A 75 14.07 -34.38 15.88
C ILE A 75 15.02 -34.73 14.73
N GLU A 76 16.19 -34.10 14.71
CA GLU A 76 17.14 -34.34 13.63
C GLU A 76 17.70 -35.76 13.64
N ASP A 77 18.14 -36.25 14.80
CA ASP A 77 18.46 -37.67 14.91
C ASP A 77 17.27 -38.55 14.58
N ALA A 78 16.06 -38.12 14.96
CA ALA A 78 14.90 -38.88 14.57
C ALA A 78 14.78 -39.00 13.05
N TYR A 79 14.88 -37.87 12.33
CA TYR A 79 14.66 -37.89 10.89
C TYR A 79 15.84 -38.53 10.16
N GLN A 80 17.05 -38.09 10.48
CA GLN A 80 18.23 -38.41 9.67
C GLN A 80 18.51 -39.90 9.63
N ASN A 81 18.59 -40.55 10.79
CA ASN A 81 18.69 -42.01 10.81
C ASN A 81 17.32 -42.65 10.69
N GLY A 82 16.31 -42.02 11.32
CA GLY A 82 14.95 -42.53 11.27
C GLY A 82 14.52 -43.19 12.56
N LYS A 83 13.73 -42.46 13.34
CA LYS A 83 13.20 -42.91 14.63
C LYS A 83 11.74 -42.49 14.69
N GLN A 84 10.92 -43.28 15.38
CA GLN A 84 9.56 -42.89 15.73
C GLN A 84 9.63 -41.79 16.78
N ILE A 85 8.72 -40.81 16.67
CA ILE A 85 8.70 -39.71 17.64
C ILE A 85 7.39 -39.73 18.41
N LYS A 86 7.51 -39.68 19.73
CA LYS A 86 6.35 -39.62 20.61
C LYS A 86 5.87 -38.18 20.71
N PHE A 87 4.70 -37.92 20.13
CA PHE A 87 4.20 -36.58 19.85
C PHE A 87 3.10 -36.22 20.82
N TRP A 88 3.27 -35.10 21.51
CA TRP A 88 2.34 -34.58 22.51
C TRP A 88 1.93 -33.18 22.11
N ARG A 89 0.63 -32.96 21.92
CA ARG A 89 0.10 -31.62 21.69
C ARG A 89 -0.68 -31.21 22.95
N VAL A 90 -0.12 -30.29 23.71
CA VAL A 90 -0.71 -29.94 25.00
C VAL A 90 -0.87 -28.43 25.08
N ASP A 91 -1.88 -28.03 25.85
CA ASP A 91 -2.16 -26.62 26.06
C ASP A 91 -1.47 -26.10 27.31
N THR A 92 -1.27 -24.79 27.34
CA THR A 92 -0.57 -24.11 28.42
C THR A 92 -1.50 -23.64 29.53
N VAL A 93 -2.82 -23.81 29.35
CA VAL A 93 -3.76 -23.44 30.40
C VAL A 93 -4.13 -24.68 31.21
N LYS A 94 -4.17 -24.50 32.54
CA LYS A 94 -4.38 -25.62 33.45
C LYS A 94 -5.79 -26.16 33.29
N ASN A 95 -5.90 -27.46 33.05
CA ASN A 95 -7.19 -28.14 33.04
C ASN A 95 -7.77 -28.16 34.45
N GLU A 96 -9.05 -28.53 34.55
CA GLU A 96 -9.74 -28.53 35.82
C GLU A 96 -9.70 -29.87 36.54
N ASN A 97 -9.16 -30.91 35.93
CA ASN A 97 -8.88 -32.14 36.67
C ASN A 97 -7.46 -32.63 36.42
N ASP A 98 -7.01 -32.57 35.17
CA ASP A 98 -5.61 -32.76 34.84
C ASP A 98 -4.87 -31.45 35.12
N LYS A 99 -3.55 -31.50 35.12
CA LYS A 99 -2.75 -30.27 35.20
C LYS A 99 -2.92 -29.44 33.94
N TYR A 100 -3.01 -30.11 32.80
CA TYR A 100 -3.20 -29.49 31.50
C TYR A 100 -4.01 -30.44 30.64
N ASP A 101 -4.35 -30.00 29.43
CA ASP A 101 -5.10 -30.86 28.51
C ASP A 101 -4.25 -31.12 27.27
N ALA A 102 -4.49 -32.28 26.66
CA ALA A 102 -3.55 -32.82 25.70
C ALA A 102 -4.30 -33.51 24.57
N GLN A 103 -3.69 -33.47 23.38
CA GLN A 103 -3.95 -34.43 22.32
C GLN A 103 -2.64 -35.13 22.02
N PHE A 104 -2.67 -36.46 21.96
CA PHE A 104 -1.48 -37.29 22.04
C PHE A 104 -1.38 -38.19 20.81
N GLY A 105 -0.17 -38.50 20.40
CA GLY A 105 0.01 -39.52 19.38
C GLY A 105 1.46 -39.91 19.21
N PHE A 106 1.65 -41.10 18.63
CA PHE A 106 2.94 -41.53 18.14
C PHE A 106 3.11 -41.01 16.73
N ALA A 107 4.17 -40.26 16.49
CA ALA A 107 4.34 -39.53 15.25
C ALA A 107 5.71 -39.78 14.64
N TYR A 108 5.72 -39.79 13.30
CA TYR A 108 6.91 -40.14 12.53
C TYR A 108 7.22 -38.97 11.59
N ILE A 109 8.44 -38.46 11.65
CA ILE A 109 8.86 -37.36 10.80
C ILE A 109 9.17 -37.89 9.42
N GLU A 110 8.24 -37.69 8.47
CA GLU A 110 8.48 -38.13 7.10
C GLU A 110 8.99 -37.02 6.19
N SER A 111 8.87 -35.75 6.57
CA SER A 111 9.43 -34.67 5.79
C SER A 111 10.12 -33.69 6.73
N ARG A 112 11.26 -33.17 6.28
CA ARG A 112 12.04 -32.16 6.99
C ARG A 112 12.56 -31.24 5.90
N GLU A 113 11.99 -30.05 5.85
CA GLU A 113 12.31 -29.03 4.85
C GLU A 113 12.78 -27.80 5.60
N TYR A 114 14.02 -27.38 5.35
CA TYR A 114 14.53 -26.17 5.96
C TYR A 114 14.95 -25.16 4.92
N SER A 115 14.63 -23.90 5.19
CA SER A 115 14.98 -22.78 4.33
C SER A 115 16.06 -21.94 4.99
N ASP A 116 17.00 -21.49 4.18
CA ASP A 116 17.98 -20.46 4.52
C ASP A 116 17.66 -19.26 3.65
N GLY A 117 17.30 -18.15 4.29
CA GLY A 117 17.06 -16.90 3.58
C GLY A 117 18.25 -15.96 3.72
N VAL A 118 18.11 -14.78 3.13
CA VAL A 118 19.12 -13.73 3.23
C VAL A 118 19.32 -13.30 4.69
N GLU A 119 18.23 -13.08 5.41
CA GLU A 119 18.33 -12.90 6.86
C GLU A 119 17.36 -13.77 7.63
N GLY A 120 17.78 -14.29 8.78
CA GLY A 120 16.83 -14.89 9.70
C GLY A 120 17.28 -16.29 10.01
N ALA A 121 16.86 -16.83 11.17
CA ALA A 121 17.27 -18.15 11.59
C ALA A 121 16.70 -19.22 10.66
N VAL A 122 17.46 -20.32 10.53
CA VAL A 122 17.15 -21.35 9.54
C VAL A 122 15.70 -21.80 9.69
N GLU A 123 14.91 -21.63 8.63
CA GLU A 123 13.49 -21.95 8.71
C GLU A 123 13.29 -23.45 8.64
N ILE A 124 13.04 -24.05 9.80
CA ILE A 124 12.85 -25.50 9.90
C ILE A 124 11.36 -25.78 9.97
N SER A 125 10.85 -26.41 8.92
CA SER A 125 9.50 -26.96 8.91
C SER A 125 9.63 -28.47 8.76
N ILE A 126 9.01 -29.21 9.68
CA ILE A 126 9.01 -30.67 9.61
C ILE A 126 7.57 -31.15 9.47
N SER A 127 7.36 -32.02 8.49
CA SER A 127 6.04 -32.55 8.20
C SER A 127 5.98 -34.02 8.59
N LEU A 128 4.86 -34.42 9.16
CA LEU A 128 4.69 -35.75 9.73
C LEU A 128 3.27 -36.25 9.48
N GLN A 129 3.13 -37.56 9.40
CA GLN A 129 1.83 -38.21 9.42
C GLN A 129 1.72 -38.97 10.73
N VAL A 130 0.53 -39.04 11.29
CA VAL A 130 0.30 -39.83 12.49
C VAL A 130 -1.03 -40.56 12.34
N ILE A 131 -1.07 -41.81 12.80
CA ILE A 131 -2.24 -42.65 12.58
C ILE A 131 -3.48 -42.00 13.18
N GLY A 132 -3.39 -41.56 14.43
CA GLY A 132 -4.49 -40.90 15.07
C GLY A 132 -4.04 -40.09 16.26
N GLU A 133 -4.69 -38.96 16.50
CA GLU A 133 -4.43 -38.17 17.69
C GLU A 133 -5.51 -38.40 18.74
N LEU A 134 -5.07 -38.84 19.92
CA LEU A 134 -5.99 -39.21 20.98
C LEU A 134 -6.12 -38.02 21.92
N LYS A 135 -7.36 -37.67 22.25
CA LYS A 135 -7.64 -36.53 23.11
C LYS A 135 -7.58 -36.97 24.56
N ASN A 136 -6.92 -36.18 25.40
CA ASN A 136 -6.84 -36.45 26.83
C ASN A 136 -6.42 -35.18 27.56
N GLY A 137 -5.97 -35.33 28.80
CA GLY A 137 -5.35 -34.22 29.49
C GLY A 137 -3.92 -34.53 29.87
N GLU A 138 -3.12 -33.48 30.00
CA GLU A 138 -1.70 -33.64 30.26
C GLU A 138 -1.41 -33.27 31.71
N ILE A 139 -0.36 -33.88 32.25
CA ILE A 139 -0.02 -33.67 33.67
C ILE A 139 1.26 -32.85 33.80
N ASP A 140 2.42 -33.50 33.70
CA ASP A 140 3.67 -32.79 33.89
C ASP A 140 4.27 -32.36 32.55
N THR A 141 4.00 -31.11 32.18
CA THR A 141 4.58 -30.52 30.98
C THR A 141 5.86 -29.75 31.27
N LEU A 142 6.52 -30.03 32.41
CA LEU A 142 7.69 -29.31 32.93
C LEU A 142 7.34 -27.83 33.07
N PRO A 143 6.24 -27.49 33.77
CA PRO A 143 5.60 -26.18 33.58
C PRO A 143 6.41 -24.98 34.04
N GLU A 144 7.46 -25.26 34.81
CA GLU A 144 8.45 -24.28 35.20
C GLU A 144 8.97 -23.50 34.00
N GLU A 145 9.40 -24.19 32.95
CA GLU A 145 10.04 -23.56 31.82
C GLU A 145 9.21 -23.59 30.54
N ILE A 146 8.41 -24.64 30.32
CA ILE A 146 7.59 -24.76 29.13
C ILE A 146 6.35 -23.87 29.22
N VAL A 147 5.73 -23.82 30.39
CA VAL A 147 4.50 -23.06 30.58
C VAL A 147 4.86 -21.59 30.58
N ASN A 148 6.02 -21.26 31.16
CA ASN A 148 6.45 -19.87 31.29
C ASN A 148 7.62 -19.56 30.36
N VAL A 149 7.43 -18.66 29.41
CA VAL A 149 8.56 -18.17 28.63
C VAL A 149 8.72 -16.67 28.89
N SER A 150 9.87 -16.29 29.42
CA SER A 150 10.08 -14.92 29.86
C SER A 150 11.47 -14.39 29.54
N LYS A 151 11.58 -13.17 29.03
CA LYS A 151 12.90 -12.59 28.80
C LYS A 151 13.78 -12.55 30.03
N GLY A 152 13.27 -12.16 31.20
CA GLY A 152 14.08 -12.05 32.40
C GLY A 152 13.74 -10.82 33.22
N GLY A 153 13.68 -10.98 34.53
CA GLY A 153 13.31 -9.90 35.43
C GLY A 153 14.34 -9.72 36.54
N TYR A 154 15.42 -9.03 36.20
CA TYR A 154 16.50 -8.70 37.12
C TYR A 154 16.50 -7.19 37.35
N ASP A 155 15.77 -6.75 38.40
CA ASP A 155 15.30 -5.38 38.48
C ASP A 155 16.38 -4.33 38.73
N PHE A 156 17.30 -4.58 39.67
CA PHE A 156 18.55 -3.87 39.93
C PHE A 156 19.69 -4.87 40.05
N GLN A 157 20.64 -4.76 39.12
CA GLN A 157 22.02 -5.19 39.34
C GLN A 157 22.89 -3.96 39.10
N GLN A 158 22.53 -2.83 39.71
CA GLN A 158 23.13 -1.55 39.30
C GLN A 158 24.61 -1.41 39.70
N PRO A 159 25.11 -1.98 40.81
CA PRO A 159 26.56 -1.94 41.02
C PRO A 159 27.31 -3.08 40.32
N GLY A 160 26.60 -4.00 39.67
CA GLY A 160 27.26 -5.18 39.16
C GLY A 160 26.42 -6.19 38.40
N GLN A 161 25.92 -5.85 37.21
CA GLN A 161 25.19 -6.85 36.43
C GLN A 161 26.13 -7.92 35.88
N THR A 162 27.31 -7.48 35.40
CA THR A 162 28.40 -8.34 34.90
C THR A 162 27.89 -9.41 33.94
N THR A 163 27.14 -8.98 32.93
CA THR A 163 26.38 -9.94 32.14
C THR A 163 26.76 -9.77 30.67
N GLY A 164 26.56 -10.83 29.89
CA GLY A 164 26.71 -10.78 28.45
C GLY A 164 25.42 -10.41 27.75
N GLU A 165 25.26 -10.86 26.51
CA GLU A 165 24.07 -10.52 25.72
C GLU A 165 22.81 -11.06 26.37
N ALA A 166 22.86 -12.30 26.87
CA ALA A 166 21.71 -12.97 27.48
C ALA A 166 21.66 -12.63 28.95
N PRO A 167 20.52 -12.18 29.44
CA PRO A 167 20.48 -11.36 30.66
C PRO A 167 20.61 -12.19 31.93
N GLY A 168 21.19 -11.54 32.95
CA GLY A 168 21.13 -12.03 34.31
C GLY A 168 22.09 -13.13 34.70
N THR A 169 23.09 -13.40 33.87
CA THR A 169 24.17 -14.29 34.27
C THR A 169 25.36 -13.48 34.77
N VAL A 170 25.73 -13.74 36.01
CA VAL A 170 26.85 -13.10 36.67
C VAL A 170 27.98 -14.12 36.80
N PRO A 171 29.13 -13.92 36.12
CA PRO A 171 30.22 -14.90 36.24
C PRO A 171 30.86 -14.87 37.60
N ALA A 172 31.65 -15.91 37.91
CA ALA A 172 32.23 -16.18 39.22
C ALA A 172 31.21 -16.72 40.21
N PRO B 1 -31.25 -6.95 3.65
CA PRO B 1 -31.42 -8.33 3.17
C PRO B 1 -30.98 -9.41 4.15
N ILE B 2 -29.70 -9.75 4.16
CA ILE B 2 -29.15 -10.73 5.07
C ILE B 2 -27.90 -10.13 5.70
N MET B 3 -27.55 -10.62 6.89
CA MET B 3 -26.41 -10.11 7.64
C MET B 3 -25.37 -11.20 7.84
N GLY B 4 -24.14 -10.77 8.12
CA GLY B 4 -23.05 -11.68 8.43
C GLY B 4 -23.21 -12.42 9.74
N GLN B 5 -24.12 -11.97 10.60
CA GLN B 5 -24.49 -12.69 11.81
C GLN B 5 -25.79 -13.46 11.65
N ASP B 6 -26.47 -13.28 10.52
CA ASP B 6 -27.81 -13.84 10.34
C ASP B 6 -27.86 -15.36 10.30
N VAL B 7 -27.04 -16.01 9.48
CA VAL B 7 -27.05 -17.47 9.35
C VAL B 7 -26.20 -18.04 10.46
N LYS B 8 -26.79 -18.87 11.31
CA LYS B 8 -26.03 -19.53 12.37
C LYS B 8 -26.21 -21.04 12.30
N TYR B 9 -25.13 -21.75 12.60
CA TYR B 9 -24.98 -23.17 12.30
C TYR B 9 -25.13 -23.97 13.59
N LEU B 10 -26.27 -24.62 13.75
CA LEU B 10 -26.48 -25.52 14.89
C LEU B 10 -26.12 -26.94 14.49
N PHE B 11 -25.31 -27.59 15.31
CA PHE B 11 -24.94 -28.99 15.11
C PHE B 11 -25.34 -29.81 16.33
N GLN B 12 -26.27 -30.73 16.13
CA GLN B 12 -26.59 -31.71 17.16
C GLN B 12 -26.19 -33.09 16.67
N SER B 13 -25.39 -33.79 17.48
CA SER B 13 -24.95 -35.13 17.16
C SER B 13 -26.05 -36.16 17.39
N ILE B 14 -26.07 -37.19 16.55
CA ILE B 14 -27.08 -38.24 16.67
C ILE B 14 -26.99 -38.96 18.00
N ASP B 15 -25.78 -39.16 18.53
CA ASP B 15 -25.59 -39.99 19.71
C ASP B 15 -26.24 -39.42 20.95
N ALA B 16 -26.47 -38.10 20.99
CA ALA B 16 -27.00 -37.50 22.22
C ALA B 16 -28.45 -37.86 22.44
N ALA B 17 -29.25 -37.86 21.37
CA ALA B 17 -30.71 -38.06 21.39
C ALA B 17 -31.39 -37.14 22.40
N THR B 18 -31.13 -35.84 22.26
CA THR B 18 -31.69 -34.81 23.13
C THR B 18 -32.15 -33.64 22.29
N GLY B 19 -32.70 -32.63 22.96
CA GLY B 19 -33.20 -31.44 22.27
C GLY B 19 -32.49 -30.16 22.67
N SER B 20 -31.25 -30.28 23.11
CA SER B 20 -30.50 -29.09 23.56
C SER B 20 -30.11 -28.19 22.40
N ALA B 21 -29.75 -28.80 21.26
CA ALA B 21 -29.22 -28.17 20.06
C ALA B 21 -28.07 -27.21 20.36
N PRO B 22 -26.84 -27.70 20.63
CA PRO B 22 -25.73 -26.78 20.89
C PRO B 22 -25.28 -26.05 19.64
N LEU B 23 -24.87 -24.81 19.79
CA LEU B 23 -24.19 -24.09 18.72
C LEU B 23 -22.87 -23.53 19.26
N PHE B 24 -21.88 -23.49 18.40
CA PHE B 24 -20.57 -23.25 18.96
C PHE B 24 -20.16 -21.79 18.73
N PRO B 25 -19.66 -21.09 19.74
CA PRO B 25 -19.24 -19.70 19.53
C PRO B 25 -17.95 -19.60 18.74
N ALA B 26 -17.51 -18.34 18.55
CA ALA B 26 -16.29 -17.97 17.83
C ALA B 26 -16.32 -18.43 16.39
N TYR B 27 -17.50 -18.32 15.78
CA TYR B 27 -17.66 -18.60 14.36
C TYR B 27 -17.00 -17.51 13.52
N GLN B 28 -16.28 -17.96 12.50
CA GLN B 28 -15.60 -17.08 11.57
C GLN B 28 -16.42 -17.15 10.28
N THR B 29 -16.05 -18.04 9.36
CA THR B 29 -16.78 -18.17 8.10
C THR B 29 -17.14 -19.63 7.82
N ASP B 30 -17.97 -19.79 6.80
CA ASP B 30 -18.70 -21.02 6.57
C ASP B 30 -19.18 -21.00 5.13
N GLY B 31 -18.48 -21.75 4.29
CA GLY B 31 -18.96 -21.99 2.94
C GLY B 31 -19.77 -23.26 2.87
N SER B 32 -20.85 -23.22 2.10
CA SER B 32 -21.65 -24.39 1.81
C SER B 32 -21.89 -24.35 0.30
N VAL B 33 -21.45 -25.39 -0.39
CA VAL B 33 -21.47 -25.43 -1.84
C VAL B 33 -22.18 -26.71 -2.28
N SER B 34 -22.90 -26.62 -3.38
CA SER B 34 -23.85 -27.65 -3.80
C SER B 34 -23.64 -27.92 -5.28
N GLY B 35 -23.39 -29.17 -5.63
CA GLY B 35 -23.14 -29.53 -7.01
C GLY B 35 -24.13 -30.52 -7.56
N GLU B 36 -24.87 -30.12 -8.59
CA GLU B 36 -25.89 -30.95 -9.22
C GLU B 36 -25.29 -31.54 -10.49
N ARG B 37 -25.30 -32.86 -10.59
CA ARG B 37 -24.65 -33.56 -11.69
C ARG B 37 -25.28 -33.14 -13.01
N GLU B 38 -24.44 -32.88 -14.01
CA GLU B 38 -24.84 -32.23 -15.25
C GLU B 38 -24.17 -32.95 -16.42
N LEU B 39 -25.00 -33.38 -17.37
CA LEU B 39 -24.56 -34.10 -18.56
C LEU B 39 -24.43 -33.14 -19.74
N PHE B 40 -23.22 -33.06 -20.28
CA PHE B 40 -22.96 -32.35 -21.52
C PHE B 40 -22.15 -33.20 -22.49
N ASP B 41 -22.86 -33.99 -23.29
CA ASP B 41 -22.38 -34.46 -24.59
C ASP B 41 -23.15 -33.73 -25.68
N GLU B 42 -22.68 -33.87 -26.92
CA GLU B 42 -23.37 -33.30 -28.06
C GLU B 42 -24.67 -34.01 -28.41
N GLN B 43 -24.63 -35.36 -28.46
CA GLN B 43 -25.73 -36.22 -28.93
C GLN B 43 -26.15 -35.88 -30.36
N THR B 44 -25.18 -35.49 -31.19
CA THR B 44 -25.37 -34.82 -32.48
C THR B 44 -26.44 -33.73 -32.39
N LYS B 45 -26.31 -32.88 -31.37
CA LYS B 45 -27.28 -31.82 -31.11
C LYS B 45 -26.59 -30.60 -30.52
N ASN B 46 -27.37 -29.68 -29.94
CA ASN B 46 -26.82 -28.49 -29.30
C ASN B 46 -26.25 -28.79 -27.91
N GLY B 47 -25.91 -30.04 -27.62
CA GLY B 47 -25.39 -30.41 -26.33
C GLY B 47 -26.50 -30.62 -25.32
N ARG B 48 -26.13 -31.09 -24.13
CA ARG B 48 -27.09 -31.35 -23.07
C ARG B 48 -26.76 -30.43 -21.90
N ILE B 49 -27.72 -29.61 -21.50
CA ILE B 49 -27.55 -28.70 -20.37
C ILE B 49 -28.71 -28.88 -19.39
N LEU B 50 -29.90 -29.18 -19.91
CA LEU B 50 -31.07 -29.44 -19.08
C LEU B 50 -30.90 -30.70 -18.24
N GLY B 51 -30.04 -31.63 -18.68
CA GLY B 51 -29.93 -32.95 -18.10
C GLY B 51 -29.58 -32.94 -16.63
N PRO B 52 -30.55 -33.31 -15.79
CA PRO B 52 -30.33 -33.24 -14.34
C PRO B 52 -29.50 -34.38 -13.79
N GLY B 53 -29.22 -34.31 -12.49
CA GLY B 53 -28.43 -35.33 -11.82
C GLY B 53 -28.56 -35.16 -10.33
N SER B 54 -27.70 -35.88 -9.60
CA SER B 54 -27.71 -35.81 -8.14
C SER B 54 -26.86 -34.65 -7.66
N VAL B 55 -27.20 -34.12 -6.49
CA VAL B 55 -26.53 -32.98 -5.90
C VAL B 55 -25.61 -33.47 -4.77
N ALA B 56 -24.37 -32.99 -4.79
CA ALA B 56 -23.41 -33.26 -3.74
C ALA B 56 -23.24 -31.98 -2.93
N ASP B 57 -23.72 -32.00 -1.69
CA ASP B 57 -23.80 -30.80 -0.87
C ASP B 57 -22.60 -30.79 0.07
N SER B 58 -21.62 -29.95 -0.25
CA SER B 58 -20.39 -29.82 0.50
C SER B 58 -20.43 -28.58 1.37
N GLY B 59 -19.85 -28.70 2.55
CA GLY B 59 -19.74 -27.58 3.45
C GLY B 59 -18.44 -27.58 4.21
N GLU B 60 -18.00 -26.39 4.64
CA GLU B 60 -16.81 -26.26 5.48
C GLU B 60 -17.11 -25.21 6.54
N VAL B 61 -16.82 -25.54 7.79
CA VAL B 61 -17.11 -24.65 8.91
C VAL B 61 -15.78 -24.19 9.49
N THR B 62 -15.57 -22.88 9.54
CA THR B 62 -14.38 -22.34 10.19
C THR B 62 -14.77 -21.58 11.43
N TYR B 63 -14.01 -21.78 12.50
CA TYR B 63 -14.22 -21.03 13.75
C TYR B 63 -12.94 -21.07 14.58
N TYR B 64 -12.84 -20.16 15.55
CA TYR B 64 -11.74 -20.12 16.50
C TYR B 64 -12.08 -21.01 17.68
N GLY B 65 -11.11 -21.82 18.11
CA GLY B 65 -11.35 -22.78 19.17
C GLY B 65 -11.50 -22.17 20.55
N LYS B 66 -12.38 -22.74 21.37
CA LYS B 66 -12.52 -22.32 22.76
C LYS B 66 -12.07 -23.46 23.67
N ARG B 67 -11.59 -23.09 24.86
CA ARG B 67 -10.98 -24.06 25.77
C ARG B 67 -11.81 -25.33 25.96
N GLY B 68 -13.09 -25.21 26.28
CA GLY B 68 -13.97 -26.36 26.40
C GLY B 68 -15.02 -26.33 25.31
N ASP B 69 -16.27 -26.15 25.74
CA ASP B 69 -17.43 -25.86 24.88
C ASP B 69 -17.84 -27.12 24.08
N ALA B 70 -19.10 -27.51 24.29
CA ALA B 70 -19.60 -28.87 24.09
C ALA B 70 -20.14 -29.23 22.70
N GLY B 71 -20.64 -28.24 21.94
CA GLY B 71 -20.92 -28.49 20.54
C GLY B 71 -19.69 -28.83 19.72
N GLN B 72 -18.65 -27.98 19.81
CA GLN B 72 -17.37 -28.34 19.23
C GLN B 72 -16.79 -29.60 19.86
N LYS B 73 -16.91 -29.76 21.18
CA LYS B 73 -16.53 -31.03 21.80
C LYS B 73 -17.37 -32.18 21.26
N ALA B 74 -18.66 -31.97 21.02
CA ALA B 74 -19.44 -32.96 20.29
C ALA B 74 -18.90 -33.13 18.87
N ILE B 75 -18.59 -32.01 18.20
CA ILE B 75 -17.91 -32.07 16.91
C ILE B 75 -16.67 -32.94 16.99
N GLU B 76 -15.84 -32.72 18.01
CA GLU B 76 -14.60 -33.47 18.13
C GLU B 76 -14.84 -34.94 18.44
N ASP B 77 -15.72 -35.24 19.40
CA ASP B 77 -16.16 -36.63 19.58
C ASP B 77 -16.82 -37.17 18.33
N ALA B 78 -17.57 -36.33 17.61
CA ALA B 78 -18.12 -36.78 16.34
C ALA B 78 -17.04 -37.23 15.37
N TYR B 79 -16.01 -36.39 15.17
CA TYR B 79 -15.00 -36.70 14.17
C TYR B 79 -14.06 -37.81 14.64
N GLN B 80 -13.55 -37.69 15.87
CA GLN B 80 -12.44 -38.52 16.31
C GLN B 80 -12.82 -40.00 16.36
N ASN B 81 -13.92 -40.34 17.02
CA ASN B 81 -14.42 -41.71 16.96
C ASN B 81 -15.26 -41.92 15.70
N GLY B 82 -16.02 -40.91 15.31
CA GLY B 82 -16.85 -40.98 14.12
C GLY B 82 -18.31 -41.13 14.43
N LYS B 83 -19.07 -40.04 14.31
CA LYS B 83 -20.50 -40.00 14.56
C LYS B 83 -21.12 -39.16 13.45
N GLN B 84 -22.36 -39.48 13.09
CA GLN B 84 -23.17 -38.64 12.23
C GLN B 84 -23.56 -37.38 13.00
N ILE B 85 -23.57 -36.24 12.32
CA ILE B 85 -23.94 -34.98 12.96
C ILE B 85 -25.21 -34.43 12.33
N LYS B 86 -26.16 -34.09 13.18
CA LYS B 86 -27.41 -33.48 12.74
C LYS B 86 -27.20 -31.99 12.57
N PHE B 87 -27.23 -31.55 11.32
CA PHE B 87 -26.77 -30.23 10.89
C PHE B 87 -27.96 -29.33 10.59
N TRP B 88 -28.00 -28.18 11.26
CA TRP B 88 -29.07 -27.19 11.12
C TRP B 88 -28.44 -25.87 10.71
N ARG B 89 -28.86 -25.33 9.56
CA ARG B 89 -28.46 -23.98 9.15
C ARG B 89 -29.68 -23.07 9.27
N VAL B 90 -29.66 -22.19 10.26
CA VAL B 90 -30.84 -21.39 10.55
C VAL B 90 -30.43 -19.93 10.63
N ASP B 91 -31.39 -19.07 10.30
CA ASP B 91 -31.18 -17.64 10.33
C ASP B 91 -31.63 -17.05 11.67
N THR B 92 -31.07 -15.89 11.99
CA THR B 92 -31.32 -15.21 13.25
C THR B 92 -32.48 -14.22 13.17
N VAL B 93 -33.06 -14.04 11.98
CA VAL B 93 -34.22 -13.17 11.85
C VAL B 93 -35.51 -14.00 11.88
N LYS B 94 -36.49 -13.52 12.63
CA LYS B 94 -37.72 -14.25 12.85
C LYS B 94 -38.50 -14.39 11.55
N ASN B 95 -38.84 -15.61 11.19
CA ASN B 95 -39.73 -15.86 10.05
C ASN B 95 -41.13 -15.36 10.38
N GLU B 96 -41.98 -15.30 9.36
CA GLU B 96 -43.34 -14.80 9.51
C GLU B 96 -44.37 -15.86 9.82
N ASN B 97 -44.00 -17.14 9.80
CA ASN B 97 -44.89 -18.17 10.31
C ASN B 97 -44.16 -19.10 11.27
N ASP B 98 -42.93 -19.48 10.93
CA ASP B 98 -42.04 -20.15 11.87
C ASP B 98 -41.42 -19.08 12.76
N LYS B 99 -40.77 -19.52 13.84
CA LYS B 99 -39.99 -18.61 14.67
C LYS B 99 -38.77 -18.10 13.90
N TYR B 100 -38.16 -18.97 13.10
CA TYR B 100 -37.01 -18.65 12.29
C TYR B 100 -37.10 -19.50 11.03
N ASP B 101 -36.16 -19.30 10.11
CA ASP B 101 -36.12 -20.09 8.89
C ASP B 101 -34.82 -20.87 8.84
N ALA B 102 -34.89 -22.03 8.17
CA ALA B 102 -33.86 -23.05 8.33
C ALA B 102 -33.60 -23.74 7.00
N GLN B 103 -32.36 -24.17 6.82
CA GLN B 103 -32.01 -25.24 5.89
C GLN B 103 -31.36 -26.34 6.72
N PHE B 104 -31.83 -27.58 6.52
CA PHE B 104 -31.59 -28.68 7.44
C PHE B 104 -30.92 -29.84 6.72
N GLY B 105 -30.10 -30.59 7.45
CA GLY B 105 -29.57 -31.82 6.89
C GLY B 105 -28.87 -32.65 7.93
N PHE B 106 -28.75 -33.94 7.63
CA PHE B 106 -27.88 -34.84 8.37
C PHE B 106 -26.50 -34.76 7.75
N ALA B 107 -25.50 -34.43 8.56
CA ALA B 107 -24.17 -34.10 8.07
C ALA B 107 -23.10 -34.90 8.81
N TYR B 108 -22.05 -35.24 8.06
CA TYR B 108 -20.98 -36.10 8.54
C TYR B 108 -19.67 -35.34 8.38
N ILE B 109 -18.91 -35.22 9.48
CA ILE B 109 -17.63 -34.52 9.44
C ILE B 109 -16.58 -35.44 8.85
N GLU B 110 -16.24 -35.22 7.58
CA GLU B 110 -15.19 -36.02 6.96
C GLU B 110 -13.82 -35.37 6.96
N SER B 111 -13.72 -34.07 7.22
CA SER B 111 -12.43 -33.42 7.35
C SER B 111 -12.46 -32.49 8.55
N ARG B 112 -11.35 -32.47 9.28
CA ARG B 112 -11.15 -31.59 10.43
C ARG B 112 -9.69 -31.15 10.34
N GLU B 113 -9.50 -29.89 9.97
CA GLU B 113 -8.18 -29.29 9.77
C GLU B 113 -8.08 -28.11 10.72
N TYR B 114 -7.11 -28.14 11.63
CA TYR B 114 -6.89 -27.04 12.53
C TYR B 114 -5.49 -26.48 12.38
N SER B 115 -5.41 -25.15 12.42
CA SER B 115 -4.15 -24.43 12.33
C SER B 115 -3.83 -23.81 13.67
N ASP B 116 -2.55 -23.87 14.03
CA ASP B 116 -1.96 -23.13 15.13
C ASP B 116 -0.99 -22.12 14.50
N GLY B 117 -1.26 -20.85 14.69
CA GLY B 117 -0.37 -19.79 14.24
C GLY B 117 0.46 -19.24 15.38
N VAL B 118 1.28 -18.25 15.06
CA VAL B 118 2.10 -17.55 16.06
C VAL B 118 1.21 -16.86 17.10
N GLU B 119 0.18 -16.16 16.65
CA GLU B 119 -0.84 -15.67 17.57
C GLU B 119 -2.25 -16.00 17.13
N GLY B 120 -3.14 -16.32 18.06
CA GLY B 120 -4.55 -16.37 17.76
C GLY B 120 -5.09 -17.73 18.14
N ALA B 121 -6.39 -17.81 18.40
CA ALA B 121 -7.00 -19.06 18.84
C ALA B 121 -6.95 -20.10 17.72
N VAL B 122 -6.87 -21.37 18.14
CA VAL B 122 -6.63 -22.46 17.21
C VAL B 122 -7.64 -22.42 16.08
N GLU B 123 -7.14 -22.29 14.86
CA GLU B 123 -8.02 -22.16 13.70
C GLU B 123 -8.62 -23.50 13.34
N ILE B 124 -9.87 -23.70 13.72
CA ILE B 124 -10.57 -24.95 13.47
C ILE B 124 -11.48 -24.77 12.26
N SER B 125 -11.15 -25.44 11.18
CA SER B 125 -12.01 -25.57 10.02
C SER B 125 -12.39 -27.04 9.87
N ILE B 126 -13.69 -27.32 9.82
CA ILE B 126 -14.17 -28.67 9.62
C ILE B 126 -14.95 -28.73 8.32
N SER B 127 -14.62 -29.71 7.49
CA SER B 127 -15.24 -29.90 6.18
C SER B 127 -16.11 -31.13 6.21
N LEU B 128 -17.27 -31.03 5.57
CA LEU B 128 -18.29 -32.07 5.61
C LEU B 128 -18.98 -32.17 4.26
N GLN B 129 -19.47 -33.37 3.96
CA GLN B 129 -20.38 -33.57 2.85
C GLN B 129 -21.74 -33.93 3.42
N VAL B 130 -22.80 -33.50 2.75
CA VAL B 130 -24.14 -33.87 3.17
C VAL B 130 -24.95 -34.20 1.92
N ILE B 131 -25.79 -35.22 2.02
CA ILE B 131 -26.52 -35.71 0.85
C ILE B 131 -27.37 -34.61 0.25
N GLY B 132 -28.14 -33.93 1.08
CA GLY B 132 -28.95 -32.83 0.62
C GLY B 132 -29.37 -31.93 1.76
N GLU B 133 -29.47 -30.63 1.49
CA GLU B 133 -29.98 -29.69 2.46
C GLU B 133 -31.42 -29.33 2.16
N LEU B 134 -32.29 -29.57 3.13
CA LEU B 134 -33.73 -29.39 2.96
C LEU B 134 -34.09 -28.02 3.51
N LYS B 135 -34.84 -27.26 2.73
CA LYS B 135 -35.24 -25.90 3.11
C LYS B 135 -36.50 -25.97 3.95
N ASN B 136 -36.54 -25.23 5.05
CA ASN B 136 -37.72 -25.16 5.90
C ASN B 136 -37.62 -23.92 6.79
N GLY B 137 -38.42 -23.90 7.85
CA GLY B 137 -38.24 -22.88 8.87
C GLY B 137 -37.95 -23.50 10.22
N GLU B 138 -37.27 -22.73 11.06
CA GLU B 138 -36.82 -23.23 12.35
C GLU B 138 -37.67 -22.62 13.45
N ILE B 139 -37.80 -23.36 14.55
CA ILE B 139 -38.66 -22.92 15.64
C ILE B 139 -37.83 -22.51 16.85
N ASP B 140 -37.40 -23.48 17.67
CA ASP B 140 -36.66 -23.14 18.88
C ASP B 140 -35.17 -23.25 18.64
N THR B 141 -34.55 -22.10 18.36
CA THR B 141 -33.10 -22.03 18.21
C THR B 141 -32.41 -21.61 19.50
N LEU B 142 -33.06 -21.79 20.65
CA LEU B 142 -32.64 -21.34 21.98
C LEU B 142 -32.37 -19.84 21.94
N PRO B 143 -33.35 -19.03 21.48
CA PRO B 143 -33.04 -17.67 20.99
C PRO B 143 -32.56 -16.69 22.05
N GLU B 144 -32.74 -17.08 23.31
CA GLU B 144 -32.18 -16.36 24.44
C GLU B 144 -30.70 -16.08 24.26
N GLU B 145 -29.92 -17.11 23.94
CA GLU B 145 -28.47 -16.99 23.89
C GLU B 145 -27.90 -17.09 22.49
N ILE B 146 -28.50 -17.87 21.59
CA ILE B 146 -28.03 -18.03 20.23
C ILE B 146 -28.40 -16.83 19.37
N VAL B 147 -29.61 -16.31 19.54
CA VAL B 147 -30.09 -15.21 18.72
C VAL B 147 -29.37 -13.94 19.17
N ASN B 148 -29.13 -13.84 20.49
CA ASN B 148 -28.50 -12.65 21.06
C ASN B 148 -27.08 -12.93 21.53
N VAL B 149 -26.09 -12.28 20.92
CA VAL B 149 -24.73 -12.36 21.45
C VAL B 149 -24.32 -10.95 21.89
N SER B 150 -24.01 -10.80 23.17
CA SER B 150 -23.75 -9.49 23.75
C SER B 150 -22.62 -9.50 24.75
N LYS B 151 -21.71 -8.53 24.68
CA LYS B 151 -20.66 -8.42 25.69
C LYS B 151 -21.17 -8.35 27.12
N GLY B 152 -22.20 -7.56 27.40
CA GLY B 152 -22.69 -7.40 28.76
C GLY B 152 -23.05 -5.97 29.10
N GLY B 153 -24.18 -5.78 29.76
CA GLY B 153 -24.67 -4.45 30.09
C GLY B 153 -24.96 -4.31 31.58
N TYR B 154 -23.90 -4.07 32.35
CA TYR B 154 -23.95 -3.87 33.78
C TYR B 154 -23.59 -2.42 34.08
N ASP B 155 -24.61 -1.54 34.14
CA ASP B 155 -24.41 -0.11 33.95
C ASP B 155 -23.68 0.61 35.08
N PHE B 156 -24.05 0.33 36.34
CA PHE B 156 -23.36 0.69 37.58
C PHE B 156 -23.26 -0.55 38.47
N GLN B 157 -22.02 -0.95 38.73
CA GLN B 157 -21.65 -1.70 39.94
C GLN B 157 -20.58 -0.89 40.63
N GLN B 158 -20.83 0.43 40.81
CA GLN B 158 -19.74 1.32 41.21
C GLN B 158 -19.26 1.12 42.66
N PRO B 159 -20.09 0.71 43.63
CA PRO B 159 -19.51 0.37 44.94
C PRO B 159 -19.01 -1.06 45.03
N GLY B 160 -19.19 -1.86 43.98
CA GLY B 160 -18.89 -3.28 44.10
C GLY B 160 -19.08 -4.16 42.87
N GLN B 161 -18.27 -3.99 41.83
CA GLN B 161 -18.39 -4.88 40.67
C GLN B 161 -17.88 -6.27 41.01
N THR B 162 -16.76 -6.33 41.74
CA THR B 162 -16.13 -7.57 42.25
C THR B 162 -16.02 -8.64 41.17
N THR B 163 -15.46 -8.28 40.03
CA THR B 163 -15.56 -9.13 38.86
C THR B 163 -14.16 -9.44 38.34
N GLY B 164 -14.04 -10.56 37.63
CA GLY B 164 -12.81 -10.90 36.94
C GLY B 164 -12.78 -10.35 35.52
N GLU B 165 -12.04 -11.03 34.63
CA GLU B 165 -11.89 -10.55 33.26
C GLU B 165 -13.23 -10.53 32.53
N ALA B 166 -14.05 -11.56 32.73
CA ALA B 166 -15.35 -11.70 32.07
C ALA B 166 -16.41 -11.00 32.91
N PRO B 167 -17.21 -10.14 32.31
CA PRO B 167 -17.88 -9.07 33.06
C PRO B 167 -19.12 -9.56 33.80
N GLY B 168 -19.39 -8.89 34.92
CA GLY B 168 -20.67 -8.99 35.59
C GLY B 168 -20.88 -10.20 36.49
N THR B 169 -19.83 -10.94 36.79
CA THR B 169 -19.93 -11.99 37.80
C THR B 169 -19.43 -11.47 39.14
N VAL B 170 -20.32 -11.50 40.12
CA VAL B 170 -20.05 -11.09 41.49
C VAL B 170 -19.95 -12.33 42.36
N PRO B 171 -18.77 -12.65 42.93
CA PRO B 171 -18.67 -13.85 43.79
C PRO B 171 -19.42 -13.67 45.09
N ALA B 172 -19.64 -14.78 45.78
CA ALA B 172 -20.48 -14.89 46.98
C ALA B 172 -21.96 -14.85 46.65
N PRO C 1 -21.14 3.53 -24.15
CA PRO C 1 -21.36 2.18 -24.71
C PRO C 1 -22.30 1.30 -23.91
N ILE C 2 -21.78 0.61 -22.90
CA ILE C 2 -22.57 -0.24 -22.02
C ILE C 2 -22.22 0.11 -20.59
N MET C 3 -23.14 -0.15 -19.67
CA MET C 3 -22.98 0.18 -18.26
C MET C 3 -23.00 -1.08 -17.41
N GLY C 4 -22.43 -0.96 -16.20
CA GLY C 4 -22.45 -2.05 -15.23
C GLY C 4 -23.83 -2.37 -14.70
N GLN C 5 -24.80 -1.48 -14.89
CA GLN C 5 -26.20 -1.75 -14.57
C GLN C 5 -27.01 -2.13 -15.79
N ASP C 6 -26.41 -2.05 -16.98
CA ASP C 6 -27.14 -2.22 -18.23
C ASP C 6 -27.68 -3.63 -18.45
N VAL C 7 -26.86 -4.67 -18.33
CA VAL C 7 -27.30 -6.04 -18.56
C VAL C 7 -27.95 -6.55 -17.28
N LYS C 8 -29.22 -6.94 -17.37
CA LYS C 8 -29.88 -7.52 -16.20
C LYS C 8 -30.46 -8.88 -16.56
N TYR C 9 -30.42 -9.78 -15.57
CA TYR C 9 -30.62 -11.21 -15.78
C TYR C 9 -31.99 -11.61 -15.23
N LEU C 10 -32.93 -11.84 -16.14
CA LEU C 10 -34.25 -12.33 -15.75
C LEU C 10 -34.27 -13.85 -15.82
N PHE C 11 -34.75 -14.48 -14.77
CA PHE C 11 -34.91 -15.93 -14.72
C PHE C 11 -36.36 -16.28 -14.43
N GLN C 12 -37.00 -16.92 -15.40
CA GLN C 12 -38.33 -17.49 -15.17
C GLN C 12 -38.23 -19.00 -15.27
N SER C 13 -38.72 -19.68 -14.23
CA SER C 13 -38.72 -21.13 -14.18
C SER C 13 -39.84 -21.70 -15.06
N ILE C 14 -39.56 -22.87 -15.66
CA ILE C 14 -40.54 -23.52 -16.51
C ILE C 14 -41.80 -23.89 -15.76
N ASP C 15 -41.68 -24.29 -14.49
CA ASP C 15 -42.80 -24.84 -13.75
C ASP C 15 -43.90 -23.80 -13.50
N ALA C 16 -43.58 -22.52 -13.54
CA ALA C 16 -44.57 -21.50 -13.20
C ALA C 16 -45.63 -21.38 -14.30
N ALA C 17 -45.18 -21.42 -15.56
CA ALA C 17 -46.02 -21.17 -16.75
C ALA C 17 -46.82 -19.87 -16.64
N THR C 18 -46.10 -18.77 -16.37
CA THR C 18 -46.70 -17.46 -16.22
C THR C 18 -45.86 -16.44 -16.96
N GLY C 19 -46.28 -15.18 -16.92
CA GLY C 19 -45.57 -14.11 -17.60
C GLY C 19 -45.07 -13.02 -16.67
N SER C 20 -44.82 -13.37 -15.41
CA SER C 20 -44.38 -12.39 -14.44
C SER C 20 -42.94 -11.95 -14.68
N ALA C 21 -42.09 -12.89 -15.09
CA ALA C 21 -40.64 -12.74 -15.29
C ALA C 21 -39.96 -12.11 -14.08
N PRO C 22 -39.73 -12.86 -12.98
CA PRO C 22 -39.03 -12.26 -11.84
C PRO C 22 -37.56 -12.03 -12.11
N LEU C 23 -37.02 -10.94 -11.56
CA LEU C 23 -35.59 -10.74 -11.54
C LEU C 23 -35.14 -10.47 -10.11
N PHE C 24 -33.95 -10.92 -9.80
CA PHE C 24 -33.63 -10.93 -8.38
C PHE C 24 -32.72 -9.76 -8.03
N PRO C 25 -33.01 -9.01 -6.96
CA PRO C 25 -32.13 -7.90 -6.60
C PRO C 25 -30.82 -8.36 -5.99
N ALA C 26 -30.00 -7.36 -5.62
CA ALA C 26 -28.68 -7.54 -5.00
C ALA C 26 -27.73 -8.31 -5.90
N TYR C 27 -27.81 -8.02 -7.20
CA TYR C 27 -26.88 -8.57 -8.16
C TYR C 27 -25.49 -7.96 -8.00
N GLN C 28 -24.49 -8.82 -8.03
CA GLN C 28 -23.09 -8.43 -7.93
C GLN C 28 -22.54 -8.58 -9.34
N THR C 29 -21.95 -9.73 -9.66
CA THR C 29 -21.38 -9.94 -10.98
C THR C 29 -21.86 -11.25 -11.59
N ASP C 30 -21.55 -11.41 -12.86
CA ASP C 30 -22.16 -12.40 -13.72
C ASP C 30 -21.28 -12.60 -14.93
N GLY C 31 -20.54 -13.69 -14.93
CA GLY C 31 -19.81 -14.10 -16.10
C GLY C 31 -20.62 -15.07 -16.93
N SER C 32 -20.55 -14.91 -18.24
CA SER C 32 -21.15 -15.84 -19.19
C SER C 32 -20.08 -16.09 -20.24
N VAL C 33 -19.69 -17.36 -20.38
CA VAL C 33 -18.57 -17.73 -21.24
C VAL C 33 -19.06 -18.82 -22.19
N SER C 34 -18.53 -18.80 -23.41
CA SER C 34 -19.05 -19.58 -24.53
C SER C 34 -17.87 -20.25 -25.23
N GLY C 35 -17.93 -21.57 -25.35
CA GLY C 35 -16.85 -22.31 -25.96
C GLY C 35 -17.28 -23.07 -27.19
N GLU C 36 -16.70 -22.73 -28.34
CA GLU C 36 -17.03 -23.37 -29.62
C GLU C 36 -15.94 -24.39 -29.93
N ARG C 37 -16.34 -25.65 -30.12
CA ARG C 37 -15.40 -26.74 -30.29
C ARG C 37 -14.53 -26.50 -31.51
N GLU C 38 -13.23 -26.73 -31.37
CA GLU C 38 -12.24 -26.32 -32.35
C GLU C 38 -11.24 -27.45 -32.55
N LEU C 39 -11.06 -27.84 -33.81
CA LEU C 39 -10.17 -28.93 -34.19
C LEU C 39 -8.84 -28.36 -34.67
N PHE C 40 -7.77 -28.77 -33.98
CA PHE C 40 -6.40 -28.48 -34.41
C PHE C 40 -5.55 -29.73 -34.40
N ASP C 41 -5.56 -30.46 -35.51
CA ASP C 41 -4.48 -31.35 -35.91
C ASP C 41 -3.75 -30.71 -37.09
N GLU C 42 -2.59 -31.28 -37.44
CA GLU C 42 -1.83 -30.82 -38.59
C GLU C 42 -2.48 -31.20 -39.92
N GLN C 43 -2.90 -32.46 -40.05
CA GLN C 43 -3.40 -33.07 -41.30
C GLN C 43 -2.37 -32.98 -42.42
N THR C 44 -1.09 -33.10 -42.08
CA THR C 44 0.07 -32.73 -42.90
C THR C 44 -0.15 -31.39 -43.61
N LYS C 45 -0.58 -30.39 -42.83
CA LYS C 45 -0.89 -29.07 -43.37
C LYS C 45 -0.56 -28.00 -42.33
N ASN C 46 -1.07 -26.78 -42.55
CA ASN C 46 -0.87 -25.69 -41.60
C ASN C 46 -1.78 -25.78 -40.39
N GLY C 47 -2.29 -26.96 -40.08
CA GLY C 47 -3.18 -27.15 -38.94
C GLY C 47 -4.60 -26.78 -39.30
N ARG C 48 -5.51 -27.02 -38.36
CA ARG C 48 -6.92 -26.74 -38.57
C ARG C 48 -7.34 -25.71 -37.53
N ILE C 49 -7.84 -24.58 -38.00
CA ILE C 49 -8.32 -23.51 -37.12
C ILE C 49 -9.73 -23.09 -37.52
N LEU C 50 -10.03 -23.16 -38.82
CA LEU C 50 -11.37 -22.87 -39.32
C LEU C 50 -12.39 -23.89 -38.83
N GLY C 51 -11.95 -25.09 -38.48
CA GLY C 51 -12.83 -26.21 -38.19
C GLY C 51 -13.81 -25.95 -37.07
N PRO C 52 -15.08 -25.80 -37.41
CA PRO C 52 -16.08 -25.45 -36.39
C PRO C 52 -16.51 -26.62 -35.52
N GLY C 53 -17.36 -26.32 -34.54
CA GLY C 53 -17.85 -27.33 -33.62
C GLY C 53 -19.03 -26.77 -32.86
N SER C 54 -19.42 -27.50 -31.82
CA SER C 54 -20.54 -27.09 -30.99
C SER C 54 -20.07 -26.13 -29.90
N VAL C 55 -20.98 -25.28 -29.45
CA VAL C 55 -20.68 -24.26 -28.44
C VAL C 55 -21.27 -24.70 -27.10
N ALA C 56 -20.46 -24.62 -26.06
CA ALA C 56 -20.90 -24.89 -24.70
C ALA C 56 -20.99 -23.56 -23.97
N ASP C 57 -22.21 -23.14 -23.65
CA ASP C 57 -22.46 -21.81 -23.12
C ASP C 57 -22.58 -21.91 -21.61
N SER C 58 -21.53 -21.49 -20.91
CA SER C 58 -21.45 -21.55 -19.47
C SER C 58 -21.71 -20.18 -18.88
N GLY C 59 -22.38 -20.17 -17.73
CA GLY C 59 -22.64 -18.94 -17.02
C GLY C 59 -22.56 -19.13 -15.52
N GLU C 60 -22.26 -18.05 -14.80
CA GLU C 60 -22.26 -18.06 -13.34
C GLU C 60 -22.86 -16.75 -12.87
N VAL C 61 -23.81 -16.84 -11.95
CA VAL C 61 -24.52 -15.66 -11.45
C VAL C 61 -24.14 -15.47 -9.99
N THR C 62 -23.60 -14.31 -9.66
CA THR C 62 -23.31 -14.00 -8.27
C THR C 62 -24.21 -12.88 -7.80
N TYR C 63 -24.72 -13.01 -6.57
CA TYR C 63 -25.54 -11.97 -5.96
C TYR C 63 -25.55 -12.17 -4.45
N TYR C 64 -25.94 -11.12 -3.72
CA TYR C 64 -26.12 -11.16 -2.28
C TYR C 64 -27.54 -11.60 -1.97
N GLY C 65 -27.68 -12.53 -1.02
CA GLY C 65 -28.98 -13.09 -0.71
C GLY C 65 -29.91 -12.16 0.03
N LYS C 66 -31.20 -12.23 -0.28
CA LYS C 66 -32.21 -11.47 0.44
C LYS C 66 -33.11 -12.43 1.21
N ARG C 67 -33.66 -11.94 2.33
CA ARG C 67 -34.42 -12.79 3.25
C ARG C 67 -35.44 -13.68 2.55
N GLY C 68 -36.30 -13.13 1.69
CA GLY C 68 -37.25 -13.92 0.93
C GLY C 68 -36.92 -13.85 -0.54
N ASP C 69 -37.83 -13.21 -1.30
CA ASP C 69 -37.64 -12.82 -2.70
C ASP C 69 -37.67 -14.06 -3.62
N ALA C 70 -38.62 -14.02 -4.56
CA ALA C 70 -39.19 -15.19 -5.23
C ALA C 70 -38.51 -15.69 -6.49
N GLY C 71 -37.82 -14.83 -7.24
CA GLY C 71 -36.95 -15.31 -8.30
C GLY C 71 -35.81 -16.17 -7.79
N GLN C 72 -35.05 -15.67 -6.82
CA GLN C 72 -34.07 -16.51 -6.14
C GLN C 72 -34.72 -17.69 -5.43
N LYS C 73 -35.88 -17.48 -4.79
CA LYS C 73 -36.63 -18.62 -4.27
C LYS C 73 -37.05 -19.58 -5.37
N ALA C 74 -37.43 -19.06 -6.54
CA ALA C 74 -37.61 -19.93 -7.69
C ALA C 74 -36.29 -20.59 -8.08
N ILE C 75 -35.21 -19.81 -8.09
CA ILE C 75 -33.87 -20.37 -8.30
C ILE C 75 -33.62 -21.52 -7.32
N GLU C 76 -33.92 -21.30 -6.05
CA GLU C 76 -33.66 -22.32 -5.04
C GLU C 76 -34.56 -23.54 -5.22
N ASP C 77 -35.87 -23.34 -5.41
CA ASP C 77 -36.72 -24.46 -5.81
C ASP C 77 -36.28 -25.07 -7.12
N ALA C 78 -35.79 -24.25 -8.05
CA ALA C 78 -35.23 -24.82 -9.27
C ALA C 78 -34.09 -25.77 -8.99
N TYR C 79 -33.11 -25.34 -8.19
CA TYR C 79 -31.92 -26.16 -7.96
C TYR C 79 -32.21 -27.35 -7.04
N GLN C 80 -32.87 -27.08 -5.92
CA GLN C 80 -32.97 -28.06 -4.84
C GLN C 80 -33.73 -29.31 -5.27
N ASN C 81 -34.92 -29.15 -5.82
CA ASN C 81 -35.62 -30.30 -6.41
C ASN C 81 -35.14 -30.55 -7.83
N GLY C 82 -34.85 -29.49 -8.57
CA GLY C 82 -34.36 -29.60 -9.93
C GLY C 82 -35.40 -29.26 -10.97
N LYS C 83 -35.29 -28.06 -11.53
CA LYS C 83 -36.20 -27.55 -12.55
C LYS C 83 -35.34 -26.85 -13.61
N GLN C 84 -35.80 -26.89 -14.85
CA GLN C 84 -35.24 -26.08 -15.93
C GLN C 84 -35.58 -24.61 -15.66
N ILE C 85 -34.64 -23.72 -15.95
CA ILE C 85 -34.87 -22.30 -15.75
C ILE C 85 -34.82 -21.57 -17.08
N LYS C 86 -35.86 -20.78 -17.34
CA LYS C 86 -35.92 -19.96 -18.54
C LYS C 86 -35.14 -18.68 -18.32
N PHE C 87 -34.01 -18.56 -19.02
CA PHE C 87 -32.97 -17.57 -18.75
C PHE C 87 -33.01 -16.48 -19.80
N TRP C 88 -33.13 -15.23 -19.34
CA TRP C 88 -33.20 -14.05 -20.18
C TRP C 88 -32.09 -13.09 -19.77
N ARG C 89 -31.22 -12.75 -20.71
CA ARG C 89 -30.20 -11.72 -20.48
C ARG C 89 -30.58 -10.50 -21.31
N VAL C 90 -31.04 -9.45 -20.64
CA VAL C 90 -31.56 -8.30 -21.34
C VAL C 90 -30.89 -7.04 -20.83
N ASP C 91 -30.81 -6.05 -21.71
CA ASP C 91 -30.21 -4.77 -21.37
C ASP C 91 -31.28 -3.78 -20.91
N THR C 92 -30.82 -2.79 -20.15
CA THR C 92 -31.70 -1.78 -19.57
C THR C 92 -31.87 -0.56 -20.45
N VAL C 93 -31.16 -0.51 -21.59
CA VAL C 93 -31.33 0.60 -22.52
C VAL C 93 -32.30 0.21 -23.63
N LYS C 94 -33.21 1.13 -23.96
CA LYS C 94 -34.27 0.85 -24.91
C LYS C 94 -33.68 0.64 -26.31
N ASN C 95 -34.02 -0.49 -26.92
CA ASN C 95 -33.67 -0.74 -28.30
C ASN C 95 -34.47 0.20 -29.21
N GLU C 96 -34.07 0.25 -30.48
CA GLU C 96 -34.68 1.15 -31.44
C GLU C 96 -35.84 0.53 -32.21
N ASN C 97 -36.09 -0.77 -32.06
CA ASN C 97 -37.32 -1.35 -32.60
C ASN C 97 -38.04 -2.18 -31.54
N ASP C 98 -37.29 -2.98 -30.78
CA ASP C 98 -37.81 -3.62 -29.59
C ASP C 98 -37.81 -2.60 -28.45
N LYS C 99 -38.48 -2.92 -27.36
CA LYS C 99 -38.41 -2.10 -26.15
C LYS C 99 -37.01 -2.16 -25.56
N TYR C 100 -36.40 -3.33 -25.61
CA TYR C 100 -35.05 -3.57 -25.11
C TYR C 100 -34.42 -4.64 -25.99
N ASP C 101 -33.15 -4.94 -25.72
CA ASP C 101 -32.46 -5.98 -26.47
C ASP C 101 -32.05 -7.10 -25.52
N ALA C 102 -31.97 -8.30 -26.07
CA ALA C 102 -31.94 -9.51 -25.26
C ALA C 102 -31.02 -10.55 -25.88
N GLN C 103 -30.41 -11.35 -25.01
CA GLN C 103 -29.90 -12.66 -25.37
C GLN C 103 -30.62 -13.67 -24.48
N PHE C 104 -31.14 -14.72 -25.10
CA PHE C 104 -32.14 -15.59 -24.49
C PHE C 104 -31.66 -17.03 -24.48
N GLY C 105 -32.07 -17.79 -23.46
CA GLY C 105 -31.82 -19.22 -23.49
C GLY C 105 -32.57 -19.94 -22.40
N PHE C 106 -32.76 -21.24 -22.61
CA PHE C 106 -33.22 -22.15 -21.57
C PHE C 106 -32.00 -22.62 -20.79
N ALA C 107 -32.02 -22.40 -19.49
CA ALA C 107 -30.85 -22.60 -18.65
C ALA C 107 -31.17 -23.46 -17.44
N TYR C 108 -30.17 -24.26 -17.05
CA TYR C 108 -30.32 -25.25 -15.99
C TYR C 108 -29.27 -24.97 -14.93
N ILE C 109 -29.69 -24.79 -13.68
CA ILE C 109 -28.76 -24.53 -12.59
C ILE C 109 -28.10 -25.82 -12.16
N GLU C 110 -26.85 -26.03 -12.58
CA GLU C 110 -26.12 -27.22 -12.18
C GLU C 110 -25.20 -27.01 -10.99
N SER C 111 -24.88 -25.77 -10.64
CA SER C 111 -24.09 -25.51 -9.44
C SER C 111 -24.73 -24.35 -8.69
N ARG C 112 -24.71 -24.47 -7.36
CA ARG C 112 -25.20 -23.43 -6.45
C ARG C 112 -24.23 -23.47 -5.27
N GLU C 113 -23.38 -22.44 -5.19
CA GLU C 113 -22.36 -22.32 -4.18
C GLU C 113 -22.63 -21.02 -3.43
N TYR C 114 -22.85 -21.11 -2.13
CA TYR C 114 -23.05 -19.92 -1.31
C TYR C 114 -22.02 -19.84 -0.21
N SER C 115 -21.53 -18.63 0.01
CA SER C 115 -20.57 -18.35 1.07
C SER C 115 -21.23 -17.54 2.16
N ASP C 116 -20.88 -17.87 3.40
CA ASP C 116 -21.18 -17.09 4.59
C ASP C 116 -19.84 -16.60 5.12
N GLY C 117 -19.66 -15.27 5.14
CA GLY C 117 -18.47 -14.67 5.72
C GLY C 117 -18.75 -14.12 7.10
N VAL C 118 -17.73 -13.52 7.69
CA VAL C 118 -17.85 -12.85 8.98
C VAL C 118 -18.86 -11.72 8.94
N GLU C 119 -18.78 -10.87 7.91
CA GLU C 119 -19.84 -9.90 7.66
C GLU C 119 -20.32 -9.91 6.22
N GLY C 120 -21.62 -9.74 6.00
CA GLY C 120 -22.10 -9.45 4.67
C GLY C 120 -23.17 -10.45 4.32
N ALA C 121 -24.07 -10.10 3.40
CA ALA C 121 -25.17 -10.97 3.03
C ALA C 121 -24.65 -12.22 2.32
N VAL C 122 -25.39 -13.33 2.49
CA VAL C 122 -24.94 -14.64 2.05
C VAL C 122 -24.54 -14.58 0.58
N GLU C 123 -23.29 -14.89 0.30
CA GLU C 123 -22.78 -14.80 -1.07
C GLU C 123 -23.28 -15.96 -1.89
N ILE C 124 -24.29 -15.69 -2.72
CA ILE C 124 -24.90 -16.71 -3.56
C ILE C 124 -24.35 -16.57 -4.97
N SER C 125 -23.56 -17.56 -5.39
CA SER C 125 -23.15 -17.71 -6.76
C SER C 125 -23.75 -18.99 -7.31
N ILE C 126 -24.46 -18.89 -8.42
CA ILE C 126 -25.05 -20.06 -9.07
C ILE C 126 -24.44 -20.20 -10.45
N SER C 127 -23.97 -21.41 -10.75
CA SER C 127 -23.33 -21.71 -12.02
C SER C 127 -24.23 -22.61 -12.85
N LEU C 128 -24.28 -22.34 -14.15
CA LEU C 128 -25.21 -22.99 -15.06
C LEU C 128 -24.54 -23.22 -16.41
N GLN C 129 -24.98 -24.26 -17.10
CA GLN C 129 -24.64 -24.46 -18.50
C GLN C 129 -25.90 -24.27 -19.31
N VAL C 130 -25.77 -23.72 -20.51
CA VAL C 130 -26.91 -23.58 -21.41
C VAL C 130 -26.45 -23.96 -22.81
N ILE C 131 -27.32 -24.64 -23.55
CA ILE C 131 -26.95 -25.17 -24.86
C ILE C 131 -26.51 -24.04 -25.78
N GLY C 132 -27.31 -22.99 -25.86
CA GLY C 132 -26.96 -21.85 -26.67
C GLY C 132 -27.74 -20.61 -26.27
N GLU C 133 -27.10 -19.46 -26.37
CA GLU C 133 -27.80 -18.19 -26.13
C GLU C 133 -28.15 -17.52 -27.45
N LEU C 134 -29.45 -17.27 -27.61
CA LEU C 134 -29.96 -16.72 -28.87
C LEU C 134 -30.09 -15.22 -28.70
N LYS C 135 -29.58 -14.47 -29.69
CA LYS C 135 -29.59 -13.03 -29.65
C LYS C 135 -30.91 -12.52 -30.22
N ASN C 136 -31.52 -11.55 -29.53
CA ASN C 136 -32.77 -10.94 -30.00
C ASN C 136 -32.96 -9.62 -29.29
N GLY C 137 -34.19 -9.11 -29.33
CA GLY C 137 -34.53 -7.97 -28.50
C GLY C 137 -35.66 -8.29 -27.55
N GLU C 138 -35.70 -7.58 -26.44
CA GLU C 138 -36.66 -7.85 -25.38
C GLU C 138 -37.74 -6.78 -25.38
N ILE C 139 -38.93 -7.16 -24.93
CA ILE C 139 -40.07 -6.25 -24.96
C ILE C 139 -40.44 -5.81 -23.54
N ASP C 140 -41.22 -6.63 -22.84
CA ASP C 140 -41.67 -6.24 -21.51
C ASP C 140 -40.76 -6.82 -20.43
N THR C 141 -39.82 -6.01 -19.98
CA THR C 141 -38.95 -6.39 -18.88
C THR C 141 -39.45 -5.89 -17.53
N LEU C 142 -40.76 -5.58 -17.43
CA LEU C 142 -41.41 -4.97 -16.27
C LEU C 142 -40.71 -3.67 -15.92
N PRO C 143 -40.54 -2.75 -16.90
CA PRO C 143 -39.52 -1.69 -16.79
C PRO C 143 -39.75 -0.67 -15.69
N GLU C 144 -40.96 -0.67 -15.16
CA GLU C 144 -41.32 0.11 -13.98
C GLU C 144 -40.33 -0.10 -12.85
N GLU C 145 -40.05 -1.36 -12.50
CA GLU C 145 -39.23 -1.67 -11.34
C GLU C 145 -37.88 -2.27 -11.69
N ILE C 146 -37.77 -3.04 -12.77
CA ILE C 146 -36.52 -3.66 -13.18
C ILE C 146 -35.60 -2.64 -13.85
N VAL C 147 -36.15 -1.77 -14.69
CA VAL C 147 -35.35 -0.80 -15.44
C VAL C 147 -34.89 0.26 -14.46
N ASN C 148 -35.76 0.61 -13.51
CA ASN C 148 -35.46 1.67 -12.54
C ASN C 148 -35.21 1.11 -11.15
N VAL C 149 -34.00 1.29 -10.63
CA VAL C 149 -33.76 0.96 -9.23
C VAL C 149 -33.38 2.25 -8.50
N SER C 150 -34.18 2.61 -7.49
CA SER C 150 -34.03 3.89 -6.83
C SER C 150 -34.24 3.81 -5.32
N LYS C 151 -33.38 4.42 -4.52
CA LYS C 151 -33.59 4.46 -3.08
C LYS C 151 -34.95 5.02 -2.68
N GLY C 152 -35.41 6.12 -3.27
CA GLY C 152 -36.66 6.74 -2.87
C GLY C 152 -36.59 8.25 -2.83
N GLY C 153 -37.62 8.91 -3.34
CA GLY C 153 -37.64 10.36 -3.42
C GLY C 153 -38.90 10.94 -2.78
N TYR C 154 -38.88 11.03 -1.47
CA TYR C 154 -39.97 11.59 -0.66
C TYR C 154 -39.49 12.90 -0.05
N ASP C 155 -39.73 14.02 -0.76
CA ASP C 155 -38.96 15.24 -0.55
C ASP C 155 -39.22 15.97 0.76
N PHE C 156 -40.50 16.13 1.14
CA PHE C 156 -41.00 16.56 2.46
C PHE C 156 -42.09 15.60 2.92
N GLN C 157 -41.81 14.94 4.04
CA GLN C 157 -42.84 14.42 4.95
C GLN C 157 -42.54 15.04 6.31
N GLN C 158 -42.34 16.37 6.35
CA GLN C 158 -41.77 16.99 7.55
C GLN C 158 -42.75 17.01 8.74
N PRO C 159 -44.08 17.11 8.58
CA PRO C 159 -44.93 16.94 9.77
C PRO C 159 -45.26 15.49 10.08
N GLY C 160 -44.83 14.54 9.26
CA GLY C 160 -45.27 13.18 9.42
C GLY C 160 -44.73 12.13 8.47
N GLN C 161 -43.44 11.79 8.55
CA GLN C 161 -42.92 10.72 7.69
C GLN C 161 -43.43 9.36 8.17
N THR C 162 -43.46 9.16 9.49
CA THR C 162 -43.98 7.96 10.17
C THR C 162 -43.47 6.67 9.53
N THR C 163 -42.15 6.58 9.37
CA THR C 163 -41.60 5.53 8.54
C THR C 163 -40.60 4.72 9.35
N GLY C 164 -40.38 3.48 8.92
CA GLY C 164 -39.34 2.64 9.49
C GLY C 164 -38.02 2.80 8.77
N GLU C 165 -37.20 1.75 8.78
CA GLU C 165 -35.87 1.81 8.17
C GLU C 165 -35.97 2.04 6.66
N ALA C 166 -36.91 1.37 6.00
CA ALA C 166 -37.10 1.45 4.56
C ALA C 166 -38.04 2.60 4.24
N PRO C 167 -37.66 3.49 3.34
CA PRO C 167 -38.20 4.84 3.32
C PRO C 167 -39.59 4.92 2.71
N GLY C 168 -40.36 5.90 3.19
CA GLY C 168 -41.56 6.34 2.53
C GLY C 168 -42.81 5.50 2.73
N THR C 169 -42.79 4.58 3.69
CA THR C 169 -44.01 3.88 4.08
C THR C 169 -44.62 4.55 5.30
N VAL C 170 -45.86 5.00 5.14
CA VAL C 170 -46.63 5.64 6.19
C VAL C 170 -47.72 4.68 6.64
N PRO C 171 -47.69 4.18 7.89
CA PRO C 171 -48.73 3.24 8.33
C PRO C 171 -50.07 3.94 8.50
N ALA C 172 -51.13 3.13 8.60
CA ALA C 172 -52.53 3.57 8.59
C ALA C 172 -53.01 3.96 7.20
N PRO D 1 9.66 3.52 -30.63
CA PRO D 1 9.49 2.21 -31.25
C PRO D 1 8.06 1.87 -31.67
N ILE D 2 7.28 1.33 -30.73
CA ILE D 2 5.89 0.98 -30.98
C ILE D 2 5.06 1.54 -29.82
N MET D 3 3.79 1.80 -30.08
CA MET D 3 2.89 2.39 -29.11
C MET D 3 1.76 1.43 -28.77
N GLY D 4 1.14 1.67 -27.61
CA GLY D 4 -0.03 0.91 -27.20
C GLY D 4 -1.27 1.15 -28.04
N GLN D 5 -1.28 2.21 -28.84
CA GLN D 5 -2.32 2.47 -29.82
C GLN D 5 -1.91 2.06 -31.22
N ASP D 6 -0.65 1.66 -31.41
CA ASP D 6 -0.10 1.43 -32.74
C ASP D 6 -0.71 0.23 -33.45
N VAL D 7 -0.78 -0.94 -32.83
CA VAL D 7 -1.32 -2.14 -33.48
C VAL D 7 -2.83 -2.10 -33.32
N LYS D 8 -3.55 -2.11 -34.44
CA LYS D 8 -5.01 -2.17 -34.39
C LYS D 8 -5.52 -3.34 -35.21
N TYR D 9 -6.61 -3.94 -34.71
CA TYR D 9 -7.06 -5.25 -35.15
C TYR D 9 -8.32 -5.08 -36.00
N LEU D 10 -8.18 -5.23 -37.31
CA LEU D 10 -9.32 -5.20 -38.21
C LEU D 10 -9.83 -6.61 -38.44
N PHE D 11 -11.13 -6.81 -38.29
CA PHE D 11 -11.77 -8.09 -38.56
C PHE D 11 -12.86 -7.91 -39.61
N GLN D 12 -12.65 -8.54 -40.76
CA GLN D 12 -13.71 -8.62 -41.76
C GLN D 12 -14.15 -10.07 -41.91
N SER D 13 -15.45 -10.29 -41.79
CA SER D 13 -16.01 -11.63 -41.92
C SER D 13 -16.10 -12.04 -43.39
N ILE D 14 -15.92 -13.34 -43.64
CA ILE D 14 -15.98 -13.85 -45.00
C ILE D 14 -17.35 -13.64 -45.64
N ASP D 15 -18.42 -13.75 -44.86
CA ASP D 15 -19.77 -13.73 -45.40
C ASP D 15 -20.13 -12.40 -46.03
N ALA D 16 -19.48 -11.31 -45.65
CA ALA D 16 -19.87 -9.99 -46.16
C ALA D 16 -19.49 -9.83 -47.62
N ALA D 17 -18.29 -10.30 -47.99
CA ALA D 17 -17.68 -10.11 -49.32
C ALA D 17 -17.70 -8.65 -49.76
N THR D 18 -17.15 -7.78 -48.91
CA THR D 18 -17.09 -6.34 -49.17
C THR D 18 -15.71 -5.83 -48.78
N GLY D 19 -15.49 -4.54 -48.96
CA GLY D 19 -14.22 -3.93 -48.66
C GLY D 19 -14.30 -2.85 -47.60
N SER D 20 -15.28 -2.95 -46.71
CA SER D 20 -15.47 -1.93 -45.68
C SER D 20 -14.39 -2.01 -44.61
N ALA D 21 -13.98 -3.24 -44.27
CA ALA D 21 -13.04 -3.58 -43.18
C ALA D 21 -13.42 -2.90 -41.86
N PRO D 22 -14.43 -3.40 -41.13
CA PRO D 22 -14.77 -2.77 -39.84
C PRO D 22 -13.73 -3.05 -38.78
N LEU D 23 -13.49 -2.08 -37.91
CA LEU D 23 -12.71 -2.32 -36.71
C LEU D 23 -13.51 -1.86 -35.50
N PHE D 24 -13.33 -2.56 -34.39
CA PHE D 24 -14.28 -2.31 -33.33
C PHE D 24 -13.66 -1.42 -32.25
N PRO D 25 -14.36 -0.39 -31.79
CA PRO D 25 -13.79 0.48 -30.75
C PRO D 25 -13.79 -0.20 -29.38
N ALA D 26 -13.30 0.56 -28.40
CA ALA D 26 -13.19 0.16 -26.99
C ALA D 26 -12.28 -1.06 -26.83
N TYR D 27 -11.20 -1.07 -27.61
CA TYR D 27 -10.18 -2.10 -27.46
C TYR D 27 -9.38 -1.90 -26.17
N GLN D 28 -9.17 -3.00 -25.48
CA GLN D 28 -8.42 -3.03 -24.23
C GLN D 28 -7.08 -3.67 -24.61
N THR D 29 -6.96 -4.99 -24.44
CA THR D 29 -5.72 -5.68 -24.76
C THR D 29 -5.96 -6.89 -25.65
N ASP D 30 -4.85 -7.44 -26.14
CA ASP D 30 -4.86 -8.37 -27.25
C ASP D 30 -3.54 -9.11 -27.24
N GLY D 31 -3.58 -10.34 -26.76
CA GLY D 31 -2.45 -11.21 -26.89
C GLY D 31 -2.55 -12.07 -28.13
N SER D 32 -1.42 -12.26 -28.81
CA SER D 32 -1.33 -13.18 -29.94
C SER D 32 -0.06 -13.97 -29.70
N VAL D 33 -0.22 -15.29 -29.60
CA VAL D 33 0.88 -16.17 -29.24
C VAL D 33 0.98 -17.28 -30.29
N SER D 34 2.21 -17.71 -30.55
CA SER D 34 2.54 -18.53 -31.71
C SER D 34 3.43 -19.67 -31.23
N GLY D 35 3.01 -20.90 -31.50
CA GLY D 35 3.76 -22.06 -31.06
C GLY D 35 4.24 -22.93 -32.19
N GLU D 36 5.55 -23.07 -32.34
CA GLU D 36 6.15 -23.87 -33.40
C GLU D 36 6.56 -25.21 -32.81
N ARG D 37 6.05 -26.29 -33.39
CA ARG D 37 6.26 -27.62 -32.84
C ARG D 37 7.75 -27.95 -32.81
N GLU D 38 8.20 -28.54 -31.71
CA GLU D 38 9.62 -28.67 -31.40
C GLU D 38 9.86 -30.06 -30.84
N LEU D 39 10.79 -30.78 -31.47
CA LEU D 39 11.15 -32.14 -31.08
C LEU D 39 12.39 -32.14 -30.21
N PHE D 40 12.24 -32.66 -28.99
CA PHE D 40 13.37 -32.91 -28.10
C PHE D 40 13.33 -34.32 -27.54
N ASP D 41 13.94 -35.24 -28.27
CA ASP D 41 14.47 -36.49 -27.71
C ASP D 41 15.99 -36.40 -27.72
N GLU D 42 16.63 -37.35 -27.04
CA GLU D 42 18.09 -37.44 -27.04
C GLU D 42 18.66 -37.92 -28.36
N GLN D 43 18.10 -38.99 -28.93
CA GLN D 43 18.60 -39.71 -30.12
C GLN D 43 20.03 -40.19 -29.92
N THR D 44 20.35 -40.60 -28.68
CA THR D 44 21.72 -40.80 -28.18
C THR D 44 22.65 -39.67 -28.62
N LYS D 45 22.20 -38.44 -28.40
CA LYS D 45 22.94 -37.25 -28.82
C LYS D 45 22.69 -36.10 -27.84
N ASN D 46 23.05 -34.88 -28.24
CA ASN D 46 22.81 -33.69 -27.42
C ASN D 46 21.37 -33.22 -27.47
N GLY D 47 20.43 -34.10 -27.84
CA GLY D 47 19.03 -33.73 -27.92
C GLY D 47 18.73 -33.05 -29.25
N ARG D 48 17.44 -32.78 -29.47
CA ARG D 48 17.00 -32.15 -30.71
C ARG D 48 16.36 -30.82 -30.34
N ILE D 49 16.89 -29.73 -30.89
CA ILE D 49 16.35 -28.40 -30.66
C ILE D 49 16.11 -27.69 -31.98
N LEU D 50 16.96 -27.98 -32.98
CA LEU D 50 16.78 -27.43 -34.32
C LEU D 50 15.50 -27.94 -34.98
N GLY D 51 15.00 -29.11 -34.56
CA GLY D 51 13.94 -29.80 -35.23
C GLY D 51 12.66 -29.00 -35.35
N PRO D 52 12.33 -28.57 -36.57
CA PRO D 52 11.16 -27.71 -36.76
C PRO D 52 9.84 -28.45 -36.73
N GLY D 53 8.76 -27.68 -36.83
CA GLY D 53 7.42 -28.25 -36.81
C GLY D 53 6.44 -27.19 -37.27
N SER D 54 5.16 -27.51 -37.08
CA SER D 54 4.10 -26.59 -37.46
C SER D 54 3.83 -25.58 -36.34
N VAL D 55 3.33 -24.42 -36.72
CA VAL D 55 3.07 -23.32 -35.80
C VAL D 55 1.57 -23.23 -35.56
N ALA D 56 1.18 -23.14 -34.30
CA ALA D 56 -0.21 -22.93 -33.90
C ALA D 56 -0.33 -21.50 -33.41
N ASP D 57 -1.03 -20.67 -34.16
CA ASP D 57 -1.09 -19.24 -33.91
C ASP D 57 -2.38 -18.94 -33.16
N SER D 58 -2.25 -18.69 -31.87
CA SER D 58 -3.36 -18.42 -30.97
C SER D 58 -3.44 -16.94 -30.70
N GLY D 59 -4.67 -16.45 -30.58
CA GLY D 59 -4.91 -15.07 -30.24
C GLY D 59 -6.11 -14.90 -29.34
N GLU D 60 -6.13 -13.83 -28.57
CA GLU D 60 -7.29 -13.48 -27.74
C GLU D 60 -7.47 -11.98 -27.81
N VAL D 61 -8.70 -11.56 -28.07
CA VAL D 61 -9.02 -10.14 -28.21
C VAL D 61 -9.90 -9.73 -27.05
N THR D 62 -9.46 -8.73 -26.29
CA THR D 62 -10.29 -8.19 -25.22
C THR D 62 -10.71 -6.76 -25.56
N TYR D 63 -11.96 -6.45 -25.29
CA TYR D 63 -12.47 -5.09 -25.49
C TYR D 63 -13.74 -4.91 -24.66
N TYR D 64 -14.12 -3.65 -24.44
CA TYR D 64 -15.36 -3.29 -23.75
C TYR D 64 -16.48 -3.21 -24.78
N GLY D 65 -17.63 -3.79 -24.46
CA GLY D 65 -18.73 -3.84 -25.39
C GLY D 65 -19.43 -2.52 -25.62
N LYS D 66 -19.86 -2.28 -26.86
CA LYS D 66 -20.66 -1.11 -27.17
C LYS D 66 -22.07 -1.54 -27.58
N ARG D 67 -23.04 -0.65 -27.33
CA ARG D 67 -24.45 -0.99 -27.52
C ARG D 67 -24.74 -1.68 -28.85
N GLY D 68 -24.31 -1.12 -29.96
CA GLY D 68 -24.47 -1.75 -31.26
C GLY D 68 -23.13 -2.14 -31.83
N ASP D 69 -22.76 -1.47 -32.93
CA ASP D 69 -21.42 -1.51 -33.54
C ASP D 69 -21.17 -2.85 -34.22
N ALA D 70 -20.89 -2.77 -35.53
CA ALA D 70 -21.09 -3.83 -36.51
C ALA D 70 -19.94 -4.81 -36.74
N GLY D 71 -18.69 -4.39 -36.51
CA GLY D 71 -17.59 -5.35 -36.46
C GLY D 71 -17.75 -6.38 -35.34
N GLN D 72 -17.94 -5.89 -34.11
CA GLN D 72 -18.29 -6.79 -33.02
C GLN D 72 -19.60 -7.52 -33.28
N LYS D 73 -20.60 -6.84 -33.83
CA LYS D 73 -21.81 -7.53 -34.26
C LYS D 73 -21.50 -8.56 -35.34
N ALA D 74 -20.60 -8.26 -36.27
CA ALA D 74 -20.10 -9.28 -37.17
C ALA D 74 -19.38 -10.37 -36.40
N ILE D 75 -18.54 -9.98 -35.43
CA ILE D 75 -17.91 -10.94 -34.53
C ILE D 75 -18.97 -11.84 -33.89
N GLU D 76 -20.04 -11.25 -33.37
CA GLU D 76 -21.07 -12.03 -32.71
C GLU D 76 -21.83 -12.92 -33.67
N ASP D 77 -22.27 -12.39 -34.82
CA ASP D 77 -22.80 -13.26 -35.87
C ASP D 77 -21.76 -14.29 -36.33
N ALA D 78 -20.48 -13.90 -36.37
CA ALA D 78 -19.46 -14.88 -36.69
C ALA D 78 -19.46 -16.04 -35.70
N TYR D 79 -19.44 -15.74 -34.40
CA TYR D 79 -19.32 -16.79 -33.40
C TYR D 79 -20.62 -17.58 -33.24
N GLN D 80 -21.73 -16.86 -33.11
CA GLN D 80 -22.99 -17.49 -32.68
C GLN D 80 -23.49 -18.52 -33.68
N ASN D 81 -23.59 -18.15 -34.95
CA ASN D 81 -23.91 -19.13 -35.97
C ASN D 81 -22.65 -19.87 -36.43
N GLY D 82 -21.53 -19.14 -36.49
CA GLY D 82 -20.26 -19.73 -36.89
C GLY D 82 -19.84 -19.34 -38.29
N LYS D 83 -18.91 -18.41 -38.40
CA LYS D 83 -18.38 -17.90 -39.67
C LYS D 83 -16.87 -17.78 -39.50
N GLN D 84 -16.13 -17.98 -40.58
CA GLN D 84 -14.72 -17.65 -40.64
C GLN D 84 -14.56 -16.14 -40.61
N ILE D 85 -13.53 -15.66 -39.91
CA ILE D 85 -13.28 -14.23 -39.82
C ILE D 85 -11.95 -13.90 -40.47
N LYS D 86 -11.98 -12.91 -41.37
CA LYS D 86 -10.76 -12.44 -42.02
C LYS D 86 -10.08 -11.43 -41.10
N PHE D 87 -8.92 -11.82 -40.59
CA PHE D 87 -8.25 -11.16 -39.48
C PHE D 87 -7.04 -10.38 -39.99
N TRP D 88 -7.01 -9.09 -39.68
CA TRP D 88 -5.95 -8.17 -40.09
C TRP D 88 -5.36 -7.52 -38.85
N ARG D 89 -4.06 -7.70 -38.64
CA ARG D 89 -3.35 -6.98 -37.57
C ARG D 89 -2.45 -5.95 -38.22
N VAL D 90 -2.82 -4.69 -38.09
CA VAL D 90 -2.11 -3.63 -38.79
C VAL D 90 -1.72 -2.54 -37.81
N ASP D 91 -0.63 -1.87 -38.13
CA ASP D 91 -0.12 -0.78 -37.31
C ASP D 91 -0.65 0.56 -37.80
N THR D 92 -0.66 1.53 -36.89
CA THR D 92 -1.19 2.86 -37.15
C THR D 92 -0.12 3.83 -37.66
N VAL D 93 1.13 3.39 -37.73
CA VAL D 93 2.19 4.23 -38.28
C VAL D 93 2.42 3.89 -39.75
N LYS D 94 2.57 4.93 -40.57
CA LYS D 94 2.67 4.77 -42.01
C LYS D 94 3.97 4.06 -42.36
N ASN D 95 3.88 2.97 -43.10
CA ASN D 95 5.05 2.30 -43.65
C ASN D 95 5.70 3.19 -44.70
N GLU D 96 6.91 2.80 -45.10
CA GLU D 96 7.68 3.59 -46.06
C GLU D 96 7.49 3.17 -47.50
N ASN D 97 6.76 2.09 -47.76
CA ASN D 97 6.36 1.79 -49.13
C ASN D 97 4.86 1.49 -49.20
N ASP D 98 4.35 0.72 -48.25
CA ASP D 98 2.91 0.56 -48.06
C ASP D 98 2.41 1.78 -47.30
N LYS D 99 1.09 1.94 -47.25
CA LYS D 99 0.48 2.97 -46.41
C LYS D 99 0.70 2.64 -44.94
N TYR D 100 0.62 1.36 -44.60
CA TYR D 100 0.81 0.87 -43.25
C TYR D 100 1.43 -0.52 -43.35
N ASP D 101 1.75 -1.11 -42.21
CA ASP D 101 2.30 -2.47 -42.19
C ASP D 101 1.35 -3.39 -41.44
N ALA D 102 1.38 -4.66 -41.83
CA ALA D 102 0.32 -5.57 -41.47
C ALA D 102 0.88 -6.95 -41.20
N GLN D 103 0.22 -7.67 -40.30
CA GLN D 103 0.28 -9.12 -40.23
C GLN D 103 -1.15 -9.62 -40.42
N PHE D 104 -1.31 -10.60 -41.31
CA PHE D 104 -2.61 -10.95 -41.87
C PHE D 104 -2.90 -12.42 -41.63
N GLY D 105 -4.19 -12.76 -41.47
CA GLY D 105 -4.57 -14.16 -41.44
C GLY D 105 -6.06 -14.34 -41.51
N PHE D 106 -6.46 -15.53 -41.93
CA PHE D 106 -7.84 -15.98 -41.81
C PHE D 106 -8.01 -16.59 -40.42
N ALA D 107 -8.96 -16.08 -39.66
CA ALA D 107 -9.10 -16.41 -38.25
C ALA D 107 -10.53 -16.81 -37.91
N TYR D 108 -10.62 -17.74 -36.98
CA TYR D 108 -11.89 -18.37 -36.59
C TYR D 108 -12.08 -18.16 -35.10
N ILE D 109 -13.21 -17.57 -34.71
CA ILE D 109 -13.51 -17.34 -33.31
C ILE D 109 -13.98 -18.64 -32.67
N GLU D 110 -13.10 -19.29 -31.92
CA GLU D 110 -13.49 -20.51 -31.22
C GLU D 110 -13.88 -20.31 -29.77
N SER D 111 -13.54 -19.17 -29.17
CA SER D 111 -13.99 -18.87 -27.82
C SER D 111 -14.48 -17.44 -27.76
N ARG D 112 -15.55 -17.22 -27.01
CA ARG D 112 -16.12 -15.90 -26.77
C ARG D 112 -16.57 -15.93 -25.31
N GLU D 113 -15.83 -15.23 -24.48
CA GLU D 113 -16.06 -15.17 -23.04
C GLU D 113 -16.31 -13.71 -22.68
N TYR D 114 -17.48 -13.41 -22.13
CA TYR D 114 -17.78 -12.07 -21.69
C TYR D 114 -18.10 -12.02 -20.20
N SER D 115 -17.58 -11.00 -19.55
CA SER D 115 -17.82 -10.78 -18.13
C SER D 115 -18.71 -9.56 -17.96
N ASP D 116 -19.63 -9.67 -17.00
CA ASP D 116 -20.42 -8.57 -16.48
C ASP D 116 -19.98 -8.39 -15.03
N GLY D 117 -19.43 -7.22 -14.72
CA GLY D 117 -19.07 -6.88 -13.36
C GLY D 117 -20.08 -5.94 -12.73
N VAL D 118 -19.80 -5.55 -11.49
CA VAL D 118 -20.64 -4.59 -10.77
C VAL D 118 -20.69 -3.25 -11.50
N GLU D 119 -19.54 -2.75 -11.93
CA GLU D 119 -19.52 -1.59 -12.82
C GLU D 119 -18.65 -1.81 -14.04
N GLY D 120 -19.06 -1.31 -15.20
CA GLY D 120 -18.16 -1.21 -16.33
C GLY D 120 -18.79 -1.92 -17.51
N ALA D 121 -18.38 -1.55 -18.72
CA ALA D 121 -18.96 -2.12 -19.92
C ALA D 121 -18.61 -3.59 -20.05
N VAL D 122 -19.52 -4.35 -20.68
CA VAL D 122 -19.43 -5.80 -20.70
C VAL D 122 -18.06 -6.23 -21.22
N GLU D 123 -17.32 -6.96 -20.39
CA GLU D 123 -15.96 -7.35 -20.76
C GLU D 123 -15.98 -8.47 -21.77
N ILE D 124 -15.76 -8.12 -23.03
CA ILE D 124 -15.77 -9.08 -24.12
C ILE D 124 -14.34 -9.46 -24.46
N SER D 125 -13.98 -10.70 -24.18
CA SER D 125 -12.75 -11.31 -24.64
C SER D 125 -13.10 -12.44 -25.59
N ILE D 126 -12.54 -12.40 -26.79
CA ILE D 126 -12.76 -13.47 -27.77
C ILE D 126 -11.43 -14.11 -28.09
N SER D 127 -11.39 -15.44 -28.01
CA SER D 127 -10.19 -16.22 -28.26
C SER D 127 -10.33 -16.97 -29.57
N LEU D 128 -9.23 -17.03 -30.32
CA LEU D 128 -9.22 -17.57 -31.66
C LEU D 128 -7.91 -18.31 -31.92
N GLN D 129 -7.97 -19.31 -32.79
CA GLN D 129 -6.78 -19.94 -33.34
C GLN D 129 -6.71 -19.57 -34.80
N VAL D 130 -5.50 -19.40 -35.32
CA VAL D 130 -5.32 -19.15 -36.75
C VAL D 130 -4.13 -19.96 -37.23
N ILE D 131 -4.24 -20.51 -38.44
CA ILE D 131 -3.22 -21.43 -38.93
C ILE D 131 -1.87 -20.74 -38.98
N GLY D 132 -1.82 -19.55 -39.55
CA GLY D 132 -0.59 -18.80 -39.62
C GLY D 132 -0.85 -17.33 -39.88
N GLU D 133 -0.02 -16.47 -39.29
CA GLU D 133 -0.09 -15.05 -39.57
C GLU D 133 1.00 -14.64 -40.55
N LEU D 134 0.58 -14.05 -41.66
CA LEU D 134 1.49 -13.70 -42.73
C LEU D 134 1.86 -12.23 -42.58
N LYS D 135 3.16 -11.94 -42.65
CA LYS D 135 3.65 -10.59 -42.47
C LYS D 135 3.62 -9.86 -43.81
N ASN D 136 3.13 -8.63 -43.81
CA ASN D 136 3.09 -7.80 -45.02
C ASN D 136 2.92 -6.35 -44.62
N GLY D 137 2.52 -5.52 -45.58
CA GLY D 137 2.13 -4.16 -45.26
C GLY D 137 0.68 -3.90 -45.66
N GLU D 138 0.06 -2.96 -44.99
CA GLU D 138 -1.35 -2.68 -45.19
C GLU D 138 -1.50 -1.37 -45.94
N ILE D 139 -2.59 -1.25 -46.70
CA ILE D 139 -2.81 -0.07 -47.53
C ILE D 139 -3.94 0.77 -46.98
N ASP D 140 -5.19 0.42 -47.29
CA ASP D 140 -6.31 1.24 -46.85
C ASP D 140 -6.91 0.70 -45.57
N THR D 141 -6.49 1.27 -44.45
CA THR D 141 -7.05 0.92 -43.15
C THR D 141 -8.19 1.86 -42.74
N LEU D 142 -8.81 2.55 -43.70
CA LEU D 142 -9.82 3.60 -43.50
C LEU D 142 -9.25 4.68 -42.59
N PRO D 143 -8.07 5.25 -42.91
CA PRO D 143 -7.26 5.93 -41.90
C PRO D 143 -7.85 7.22 -41.34
N GLU D 144 -8.89 7.70 -42.02
CA GLU D 144 -9.70 8.82 -41.55
C GLU D 144 -10.16 8.59 -40.12
N GLU D 145 -10.76 7.44 -39.83
CA GLU D 145 -11.37 7.19 -38.54
C GLU D 145 -10.63 6.15 -37.71
N ILE D 146 -10.02 5.14 -38.33
CA ILE D 146 -9.28 4.11 -37.61
C ILE D 146 -7.93 4.61 -37.14
N VAL D 147 -7.24 5.38 -37.97
CA VAL D 147 -5.90 5.85 -37.65
C VAL D 147 -6.04 6.93 -36.59
N ASN D 148 -7.11 7.74 -36.71
CA ASN D 148 -7.31 8.86 -35.80
C ASN D 148 -8.48 8.61 -34.86
N VAL D 149 -8.23 8.55 -33.55
CA VAL D 149 -9.31 8.51 -32.59
C VAL D 149 -9.22 9.76 -31.72
N SER D 150 -10.28 10.57 -31.76
CA SER D 150 -10.26 11.87 -31.11
C SER D 150 -11.58 12.22 -30.43
N LYS D 151 -11.54 12.73 -29.20
CA LYS D 151 -12.76 13.17 -28.55
C LYS D 151 -13.56 14.19 -29.35
N GLY D 152 -12.92 15.20 -29.94
CA GLY D 152 -13.63 16.24 -30.67
C GLY D 152 -13.08 17.63 -30.41
N GLY D 153 -12.96 18.42 -31.46
CA GLY D 153 -12.37 19.74 -31.37
C GLY D 153 -13.29 20.80 -31.97
N TYR D 154 -14.28 21.20 -31.18
CA TYR D 154 -15.25 22.24 -31.54
C TYR D 154 -15.01 23.46 -30.65
N ASP D 155 -14.16 24.38 -31.13
CA ASP D 155 -13.49 25.33 -30.25
C ASP D 155 -14.38 26.40 -29.63
N PHE D 156 -15.27 27.02 -30.43
CA PHE D 156 -16.39 27.88 -30.03
C PHE D 156 -17.65 27.44 -30.76
N GLN D 157 -18.64 27.01 -29.97
CA GLN D 157 -20.05 27.06 -30.34
C GLN D 157 -20.74 27.87 -29.25
N GLN D 158 -20.18 29.04 -28.92
CA GLN D 158 -20.61 29.74 -27.70
C GLN D 158 -22.02 30.34 -27.81
N PRO D 159 -22.53 30.79 -28.97
CA PRO D 159 -23.95 31.16 -28.99
C PRO D 159 -24.89 30.00 -29.25
N GLY D 160 -24.37 28.80 -29.47
CA GLY D 160 -25.22 27.71 -29.89
C GLY D 160 -24.59 26.35 -30.11
N GLN D 161 -24.13 25.67 -29.05
CA GLN D 161 -23.60 24.33 -29.24
C GLN D 161 -24.72 23.34 -29.53
N THR D 162 -25.84 23.48 -28.82
CA THR D 162 -27.08 22.69 -29.00
C THR D 162 -26.79 21.19 -29.10
N THR D 163 -26.04 20.67 -28.13
CA THR D 163 -25.49 19.34 -28.27
C THR D 163 -25.92 18.49 -27.08
N GLY D 164 -25.93 17.17 -27.29
CA GLY D 164 -26.16 16.22 -26.21
C GLY D 164 -24.88 15.80 -25.53
N GLU D 165 -24.86 14.59 -24.98
CA GLU D 165 -23.69 14.11 -24.25
C GLU D 165 -22.47 13.99 -25.16
N ALA D 166 -22.68 13.48 -26.37
CA ALA D 166 -21.61 13.27 -27.35
C ALA D 166 -21.42 14.55 -28.17
N PRO D 167 -20.18 15.03 -28.28
CA PRO D 167 -19.95 16.44 -28.57
C PRO D 167 -20.13 16.78 -30.04
N GLY D 168 -20.54 18.02 -30.29
CA GLY D 168 -20.47 18.63 -31.60
C GLY D 168 -21.56 18.27 -32.58
N THR D 169 -22.65 17.64 -32.12
CA THR D 169 -23.81 17.46 -32.97
C THR D 169 -24.84 18.55 -32.69
N VAL D 170 -25.16 19.30 -33.73
CA VAL D 170 -26.14 20.37 -33.68
C VAL D 170 -27.40 19.91 -34.42
N PRO D 171 -28.54 19.74 -33.73
CA PRO D 171 -29.76 19.30 -34.43
C PRO D 171 -30.30 20.38 -35.35
N ALA D 172 -31.21 19.98 -36.24
CA ALA D 172 -31.74 20.79 -37.33
C ALA D 172 -30.75 20.96 -38.48
N PRO E 1 30.07 -6.94 -9.32
CA PRO E 1 30.02 -8.25 -9.96
C PRO E 1 29.49 -8.25 -11.39
N ILE E 2 28.18 -8.30 -11.55
CA ILE E 2 27.53 -8.27 -12.86
C ILE E 2 26.43 -7.24 -12.82
N MET E 3 26.08 -6.69 -13.97
CA MET E 3 25.08 -5.65 -14.08
C MET E 3 23.90 -6.12 -14.92
N GLY E 4 22.76 -5.44 -14.74
CA GLY E 4 21.57 -5.71 -15.54
C GLY E 4 21.70 -5.34 -17.00
N GLN E 5 22.71 -4.54 -17.35
CA GLN E 5 23.05 -4.25 -18.73
C GLN E 5 24.21 -5.08 -19.24
N ASP E 6 24.85 -5.85 -18.37
CA ASP E 6 26.07 -6.56 -18.69
C ASP E 6 25.90 -7.66 -19.73
N VAL E 7 24.95 -8.58 -19.55
CA VAL E 7 24.74 -9.68 -20.49
C VAL E 7 23.88 -9.18 -21.63
N LYS E 8 24.39 -9.25 -22.86
CA LYS E 8 23.60 -8.87 -24.02
C LYS E 8 23.56 -10.00 -25.03
N TYR E 9 22.41 -10.12 -25.69
CA TYR E 9 22.04 -11.32 -26.45
C TYR E 9 22.14 -10.99 -27.95
N LEU E 10 23.19 -11.49 -28.58
CA LEU E 10 23.33 -11.35 -30.03
C LEU E 10 22.74 -12.57 -30.72
N PHE E 11 21.90 -12.34 -31.72
CA PHE E 11 21.33 -13.40 -32.53
C PHE E 11 21.66 -13.17 -33.99
N GLN E 12 22.45 -14.10 -34.55
CA GLN E 12 22.67 -14.10 -35.98
C GLN E 12 22.05 -15.35 -36.58
N SER E 13 21.22 -15.16 -37.60
CA SER E 13 20.55 -16.26 -38.27
C SER E 13 21.50 -16.98 -39.22
N ILE E 14 21.32 -18.29 -39.36
CA ILE E 14 22.18 -19.08 -40.23
C ILE E 14 22.06 -18.65 -41.68
N ASP E 15 20.87 -18.24 -42.13
CA ASP E 15 20.63 -17.97 -43.54
C ASP E 15 21.42 -16.78 -44.06
N ALA E 16 21.85 -15.87 -43.18
CA ALA E 16 22.52 -14.67 -43.65
C ALA E 16 23.93 -14.98 -44.17
N ALA E 17 24.65 -15.86 -43.45
CA ALA E 17 26.07 -16.18 -43.69
C ALA E 17 26.93 -14.93 -43.81
N THR E 18 26.86 -14.07 -42.78
CA THR E 18 27.61 -12.83 -42.72
C THR E 18 28.19 -12.66 -41.33
N GLY E 19 28.91 -11.57 -41.12
CA GLY E 19 29.54 -11.30 -39.84
C GLY E 19 29.06 -10.02 -39.19
N SER E 20 27.83 -9.61 -39.49
CA SER E 20 27.30 -8.36 -38.96
C SER E 20 26.97 -8.49 -37.47
N ALA E 21 26.46 -9.65 -37.07
CA ALA E 21 25.96 -9.98 -35.73
C ALA E 21 24.97 -8.93 -35.20
N PRO E 22 23.71 -8.91 -35.67
CA PRO E 22 22.76 -7.93 -35.14
C PRO E 22 22.34 -8.23 -33.72
N LEU E 23 22.13 -7.18 -32.92
CA LEU E 23 21.50 -7.33 -31.63
C LEU E 23 20.32 -6.39 -31.54
N PHE E 24 19.29 -6.81 -30.83
CA PHE E 24 18.07 -6.06 -30.97
C PHE E 24 17.85 -5.15 -29.77
N PRO E 25 17.51 -3.88 -29.97
CA PRO E 25 17.29 -2.98 -28.82
C PRO E 25 15.98 -3.28 -28.11
N ALA E 26 15.73 -2.47 -27.07
CA ALA E 26 14.54 -2.54 -26.23
C ALA E 26 14.42 -3.89 -25.52
N TYR E 27 15.57 -4.40 -25.08
CA TYR E 27 15.59 -5.61 -24.27
C TYR E 27 15.05 -5.35 -22.87
N GLN E 28 14.21 -6.26 -22.42
CA GLN E 28 13.62 -6.20 -21.10
C GLN E 28 14.34 -7.28 -20.29
N THR E 29 13.79 -8.49 -20.23
CA THR E 29 14.42 -9.56 -19.47
C THR E 29 14.55 -10.83 -20.31
N ASP E 30 15.29 -11.78 -19.75
CA ASP E 30 15.81 -12.91 -20.49
C ASP E 30 16.21 -13.97 -19.48
N GLY E 31 15.36 -14.98 -19.36
CA GLY E 31 15.71 -16.16 -18.61
C GLY E 31 16.33 -17.22 -19.48
N SER E 32 17.35 -17.89 -18.98
CA SER E 32 17.96 -19.04 -19.64
C SER E 32 18.11 -20.08 -18.55
N VAL E 33 17.48 -21.23 -18.76
CA VAL E 33 17.42 -22.28 -17.75
C VAL E 33 17.91 -23.58 -18.39
N SER E 34 18.57 -24.40 -17.59
CA SER E 34 19.33 -25.55 -18.06
C SER E 34 18.99 -26.74 -17.18
N GLY E 35 18.55 -27.82 -17.80
CA GLY E 35 18.16 -29.01 -17.06
C GLY E 35 18.98 -30.23 -17.41
N GLU E 36 19.70 -30.77 -16.44
CA GLU E 36 20.54 -31.95 -16.65
C GLU E 36 19.80 -33.16 -16.11
N ARG E 37 19.60 -34.15 -16.97
CA ARG E 37 18.80 -35.32 -16.63
C ARG E 37 19.40 -36.05 -15.44
N GLU E 38 18.55 -36.44 -14.49
CA GLU E 38 18.97 -36.91 -13.19
C GLU E 38 18.14 -38.14 -12.81
N LEU E 39 18.84 -39.22 -12.49
CA LEU E 39 18.22 -40.49 -12.12
C LEU E 39 18.17 -40.64 -10.61
N PHE E 40 16.95 -40.78 -10.09
CA PHE E 40 16.72 -41.12 -8.69
C PHE E 40 15.75 -42.27 -8.55
N ASP E 41 16.28 -43.48 -8.57
CA ASP E 41 15.67 -44.66 -7.96
C ASP E 41 16.47 -45.02 -6.72
N GLU E 42 15.92 -45.91 -5.90
CA GLU E 42 16.61 -46.42 -4.72
C GLU E 42 17.77 -47.34 -5.06
N GLN E 43 17.53 -48.32 -5.96
CA GLN E 43 18.46 -49.41 -6.30
C GLN E 43 18.85 -50.23 -5.07
N THR E 44 17.89 -50.41 -4.14
CA THR E 44 18.12 -50.86 -2.77
C THR E 44 19.33 -50.19 -2.13
N LYS E 45 19.39 -48.87 -2.26
CA LYS E 45 20.51 -48.07 -1.76
C LYS E 45 20.04 -46.71 -1.28
N ASN E 46 20.98 -45.78 -1.10
CA ASN E 46 20.64 -44.41 -0.69
C ASN E 46 20.13 -43.57 -1.85
N GLY E 47 19.62 -44.19 -2.91
CA GLY E 47 19.13 -43.47 -4.06
C GLY E 47 20.26 -43.08 -4.99
N ARG E 48 19.89 -42.51 -6.14
CA ARG E 48 20.87 -42.10 -7.14
C ARG E 48 20.74 -40.59 -7.31
N ILE E 49 21.83 -39.87 -7.09
CA ILE E 49 21.86 -38.42 -7.24
C ILE E 49 23.04 -38.02 -8.13
N LEU E 50 24.14 -38.78 -8.03
CA LEU E 50 25.30 -38.55 -8.88
C LEU E 50 25.01 -38.81 -10.35
N GLY E 51 23.99 -39.64 -10.64
CA GLY E 51 23.73 -40.14 -11.96
C GLY E 51 23.48 -39.06 -12.99
N PRO E 52 24.42 -38.86 -13.90
CA PRO E 52 24.29 -37.77 -14.88
C PRO E 52 23.34 -38.07 -16.01
N GLY E 53 23.16 -37.07 -16.88
CA GLY E 53 22.27 -37.20 -18.02
C GLY E 53 22.51 -36.05 -18.97
N SER E 54 21.60 -35.92 -19.94
CA SER E 54 21.71 -34.85 -20.91
C SER E 54 21.06 -33.58 -20.39
N VAL E 55 21.55 -32.44 -20.89
CA VAL E 55 21.07 -31.13 -20.47
C VAL E 55 20.17 -30.55 -21.54
N ALA E 56 19.01 -30.05 -21.13
CA ALA E 56 18.08 -29.35 -22.01
C ALA E 56 18.15 -27.88 -21.68
N ASP E 57 18.69 -27.09 -22.60
CA ASP E 57 18.98 -25.69 -22.35
C ASP E 57 17.87 -24.85 -22.95
N SER E 58 17.01 -24.35 -22.07
CA SER E 58 15.84 -23.55 -22.43
C SER E 58 16.12 -22.08 -22.19
N GLY E 59 15.60 -21.26 -23.08
CA GLY E 59 15.71 -19.82 -22.93
C GLY E 59 14.46 -19.10 -23.38
N GLU E 60 14.23 -17.91 -22.84
CA GLU E 60 13.12 -17.07 -23.27
C GLU E 60 13.63 -15.63 -23.30
N VAL E 61 13.38 -14.94 -24.41
CA VAL E 61 13.85 -13.58 -24.60
C VAL E 61 12.64 -12.65 -24.61
N THR E 62 12.62 -11.68 -23.72
CA THR E 62 11.56 -10.68 -23.73
C THR E 62 12.14 -9.33 -24.11
N TYR E 63 11.42 -8.60 -24.96
CA TYR E 63 11.80 -7.25 -25.33
C TYR E 63 10.58 -6.51 -25.87
N TYR E 64 10.67 -5.18 -25.92
CA TYR E 64 9.65 -4.33 -26.50
C TYR E 64 9.92 -4.16 -27.99
N GLY E 65 8.88 -4.29 -28.80
CA GLY E 65 9.04 -4.25 -30.24
C GLY E 65 9.35 -2.88 -30.80
N LYS E 66 10.19 -2.84 -31.84
CA LYS E 66 10.46 -1.60 -32.55
C LYS E 66 9.91 -1.68 -33.97
N ARG E 67 9.56 -0.52 -34.53
CA ARG E 67 8.88 -0.47 -35.81
C ARG E 67 9.52 -1.35 -36.89
N GLY E 68 10.82 -1.23 -37.11
CA GLY E 68 11.53 -2.07 -38.05
C GLY E 68 12.51 -2.97 -37.32
N ASP E 69 13.79 -2.72 -37.57
CA ASP E 69 14.93 -3.29 -36.84
C ASP E 69 15.10 -4.78 -37.16
N ALA E 70 16.30 -5.09 -37.67
CA ALA E 70 16.58 -6.26 -38.50
C ALA E 70 16.99 -7.55 -37.80
N GLY E 71 17.59 -7.48 -36.60
CA GLY E 71 17.75 -8.67 -35.79
C GLY E 71 16.43 -9.29 -35.38
N GLN E 72 15.54 -8.50 -34.78
CA GLN E 72 14.18 -8.97 -34.55
C GLN E 72 13.46 -9.33 -35.84
N LYS E 73 13.63 -8.53 -36.89
CA LYS E 73 13.11 -8.94 -38.20
C LYS E 73 13.74 -10.24 -38.68
N ALA E 74 15.03 -10.44 -38.43
CA ALA E 74 15.61 -11.75 -38.65
C ALA E 74 14.98 -12.78 -37.73
N ILE E 75 14.79 -12.43 -36.46
CA ILE E 75 14.04 -13.28 -35.53
C ILE E 75 12.69 -13.65 -36.13
N GLU E 76 11.96 -12.67 -36.64
CA GLU E 76 10.63 -12.92 -37.19
C GLU E 76 10.69 -13.78 -38.45
N ASP E 77 11.56 -13.44 -39.41
CA ASP E 77 11.80 -14.34 -40.52
C ASP E 77 12.31 -15.70 -40.04
N ALA E 78 13.12 -15.72 -38.99
CA ALA E 78 13.53 -17.01 -38.44
C ALA E 78 12.33 -17.83 -38.00
N TYR E 79 11.44 -17.25 -37.20
CA TYR E 79 10.33 -18.01 -36.65
C TYR E 79 9.27 -18.33 -37.71
N GLN E 80 8.85 -17.30 -38.46
CA GLN E 80 7.66 -17.41 -39.30
C GLN E 80 7.81 -18.47 -40.38
N ASN E 81 8.90 -18.41 -41.16
CA ASN E 81 9.18 -19.48 -42.10
C ASN E 81 9.92 -20.63 -41.41
N GLY E 82 10.79 -20.31 -40.46
CA GLY E 82 11.52 -21.31 -39.71
C GLY E 82 12.98 -21.41 -40.14
N LYS E 83 13.86 -20.84 -39.34
CA LYS E 83 15.30 -20.85 -39.57
C LYS E 83 15.97 -21.13 -38.24
N GLN E 84 17.12 -21.78 -38.27
CA GLN E 84 18.01 -21.91 -37.12
C GLN E 84 18.60 -20.55 -36.81
N ILE E 85 18.75 -20.23 -35.52
CA ILE E 85 19.32 -18.95 -35.13
C ILE E 85 20.62 -19.19 -34.37
N LYS E 86 21.67 -18.49 -34.80
CA LYS E 86 22.96 -18.56 -34.14
C LYS E 86 22.97 -17.60 -32.96
N PHE E 87 22.99 -18.18 -31.76
CA PHE E 87 22.70 -17.48 -30.50
C PHE E 87 23.99 -17.24 -29.73
N TRP E 88 24.23 -15.97 -29.40
CA TRP E 88 25.43 -15.54 -28.68
C TRP E 88 24.98 -14.80 -27.42
N ARG E 89 25.40 -15.29 -26.25
CA ARG E 89 25.17 -14.58 -24.99
C ARG E 89 26.51 -14.03 -24.51
N VAL E 90 26.68 -12.73 -24.61
CA VAL E 90 27.98 -12.13 -24.31
C VAL E 90 27.80 -10.99 -23.32
N ASP E 91 28.85 -10.76 -22.55
CA ASP E 91 28.85 -9.70 -21.56
C ASP E 91 29.46 -8.43 -22.13
N THR E 92 29.10 -7.31 -21.51
CA THR E 92 29.51 -5.99 -21.94
C THR E 92 30.80 -5.53 -21.27
N VAL E 93 31.33 -6.31 -20.33
CA VAL E 93 32.59 -5.97 -19.70
C VAL E 93 33.74 -6.71 -20.38
N LYS E 94 34.83 -5.99 -20.62
CA LYS E 94 35.96 -6.52 -21.38
C LYS E 94 36.63 -7.64 -20.59
N ASN E 95 36.77 -8.81 -21.21
CA ASN E 95 37.54 -9.89 -20.63
C ASN E 95 39.02 -9.52 -20.61
N GLU E 96 39.80 -10.32 -19.88
CA GLU E 96 41.22 -10.05 -19.72
C GLU E 96 42.10 -10.73 -20.75
N ASN E 97 41.55 -11.59 -21.61
CA ASN E 97 42.32 -12.08 -22.74
C ASN E 97 41.51 -11.95 -24.03
N ASP E 98 40.22 -12.28 -23.99
CA ASP E 98 39.30 -11.96 -25.06
C ASP E 98 38.89 -10.50 -24.92
N LYS E 99 38.25 -9.95 -25.95
CA LYS E 99 37.66 -8.62 -25.86
C LYS E 99 36.50 -8.63 -24.89
N TYR E 100 35.72 -9.71 -24.89
CA TYR E 100 34.58 -9.89 -24.01
C TYR E 100 34.47 -11.39 -23.71
N ASP E 101 33.51 -11.74 -22.86
CA ASP E 101 33.29 -13.15 -22.55
C ASP E 101 31.89 -13.55 -22.98
N ALA E 102 31.75 -14.83 -23.32
CA ALA E 102 30.59 -15.28 -24.08
C ALA E 102 30.17 -16.66 -23.60
N GLN E 103 28.86 -16.91 -23.71
CA GLN E 103 28.31 -18.26 -23.77
C GLN E 103 27.56 -18.35 -25.10
N PHE E 104 27.82 -19.43 -25.84
CA PHE E 104 27.48 -19.51 -27.26
C PHE E 104 26.61 -20.73 -27.51
N GLY E 105 25.73 -20.63 -28.50
CA GLY E 105 25.00 -21.81 -28.94
C GLY E 105 24.24 -21.55 -30.22
N PHE E 106 23.93 -22.65 -30.90
CA PHE E 106 22.98 -22.64 -32.01
C PHE E 106 21.58 -22.81 -31.42
N ALA E 107 20.70 -21.88 -31.71
CA ALA E 107 19.40 -21.80 -31.05
C ALA E 107 18.28 -21.68 -32.07
N TYR E 108 17.15 -22.29 -31.70
CA TYR E 108 16.00 -22.40 -32.59
C TYR E 108 14.79 -21.79 -31.87
N ILE E 109 14.14 -20.83 -32.51
CA ILE E 109 12.97 -20.18 -31.92
C ILE E 109 11.76 -21.09 -32.08
N GLU E 110 11.37 -21.77 -31.00
CA GLU E 110 10.20 -22.62 -31.05
C GLU E 110 8.93 -21.96 -30.51
N SER E 111 9.04 -20.86 -29.78
CA SER E 111 7.86 -20.13 -29.35
C SER E 111 8.10 -18.64 -29.55
N ARG E 112 7.04 -17.95 -29.98
CA ARG E 112 7.05 -16.51 -30.17
C ARG E 112 5.67 -16.05 -29.71
N GLU E 113 5.64 -15.41 -28.55
CA GLU E 113 4.41 -14.93 -27.92
C GLU E 113 4.55 -13.44 -27.76
N TYR E 114 3.63 -12.68 -28.37
CA TYR E 114 3.63 -11.24 -28.22
C TYR E 114 2.32 -10.75 -27.63
N SER E 115 2.43 -9.78 -26.73
CA SER E 115 1.28 -9.17 -26.09
C SER E 115 1.13 -7.74 -26.59
N ASP E 116 -0.11 -7.34 -26.81
CA ASP E 116 -0.53 -5.97 -27.03
C ASP E 116 -1.37 -5.57 -25.84
N GLY E 117 -0.91 -4.58 -25.08
CA GLY E 117 -1.67 -4.03 -23.98
C GLY E 117 -2.33 -2.73 -24.34
N VAL E 118 -3.02 -2.14 -23.38
CA VAL E 118 -3.66 -0.84 -23.55
C VAL E 118 -2.63 0.24 -23.87
N GLU E 119 -1.53 0.27 -23.11
CA GLU E 119 -0.40 1.12 -23.49
C GLU E 119 0.91 0.37 -23.49
N GLY E 120 1.80 0.67 -24.43
CA GLY E 120 3.17 0.22 -24.33
C GLY E 120 3.53 -0.53 -25.59
N ALA E 121 4.82 -0.61 -25.91
CA ALA E 121 5.26 -1.26 -27.13
C ALA E 121 5.00 -2.76 -27.07
N VAL E 122 4.75 -3.34 -28.25
CA VAL E 122 4.30 -4.73 -28.34
C VAL E 122 5.24 -5.63 -27.57
N GLU E 123 4.69 -6.33 -26.58
CA GLU E 123 5.52 -7.17 -25.71
C GLU E 123 5.90 -8.44 -26.44
N ILE E 124 7.13 -8.50 -26.93
CA ILE E 124 7.62 -9.65 -27.66
C ILE E 124 8.47 -10.49 -26.72
N SER E 125 7.98 -11.68 -26.40
CA SER E 125 8.75 -12.70 -25.72
C SER E 125 8.90 -13.89 -26.67
N ILE E 126 10.14 -14.31 -26.91
CA ILE E 126 10.41 -15.47 -27.75
C ILE E 126 11.09 -16.53 -26.90
N SER E 127 10.58 -17.75 -26.98
CA SER E 127 11.09 -18.88 -26.21
C SER E 127 11.76 -19.86 -27.16
N LEU E 128 12.89 -20.41 -26.70
CA LEU E 128 13.75 -21.24 -27.52
C LEU E 128 14.33 -22.36 -26.67
N GLN E 129 14.63 -23.48 -27.32
CA GLN E 129 15.43 -24.54 -26.73
C GLN E 129 16.75 -24.58 -27.46
N VAL E 130 17.83 -24.90 -26.76
CA VAL E 130 19.12 -25.06 -27.40
C VAL E 130 19.80 -26.28 -26.78
N ILE E 131 20.50 -27.05 -27.62
CA ILE E 131 21.06 -28.32 -27.17
C ILE E 131 22.03 -28.08 -26.03
N GLY E 132 22.94 -27.14 -26.20
CA GLY E 132 23.87 -26.81 -25.15
C GLY E 132 24.49 -25.44 -25.35
N GLU E 133 24.75 -24.74 -24.25
CA GLU E 133 25.45 -23.47 -24.33
C GLU E 133 26.91 -23.64 -23.94
N LEU E 134 27.79 -23.25 -24.86
CA LEU E 134 29.23 -23.46 -24.68
C LEU E 134 29.82 -22.17 -24.15
N LYS E 135 30.62 -22.29 -23.10
CA LYS E 135 31.23 -21.13 -22.45
C LYS E 135 32.53 -20.77 -23.17
N ASN E 136 32.74 -19.49 -23.44
CA ASN E 136 33.96 -19.02 -24.07
C ASN E 136 34.09 -17.52 -23.83
N GLY E 137 34.94 -16.87 -24.62
CA GLY E 137 34.99 -15.42 -24.62
C GLY E 137 34.68 -14.86 -25.99
N GLU E 138 34.17 -13.64 -26.01
CA GLU E 138 33.72 -13.02 -27.25
C GLU E 138 34.72 -11.96 -27.66
N ILE E 139 34.80 -11.71 -28.97
CA ILE E 139 35.79 -10.76 -29.50
C ILE E 139 35.09 -9.51 -30.02
N ASP E 140 34.58 -9.55 -31.25
CA ASP E 140 33.97 -8.37 -31.83
C ASP E 140 32.46 -8.38 -31.64
N THR E 141 32.00 -7.70 -30.60
CA THR E 141 30.57 -7.54 -30.35
C THR E 141 30.02 -6.25 -30.94
N LEU E 142 30.71 -5.66 -31.92
CA LEU E 142 30.43 -4.35 -32.53
C LEU E 142 30.38 -3.29 -31.44
N PRO E 143 31.44 -3.19 -30.59
CA PRO E 143 31.31 -2.54 -29.27
C PRO E 143 31.04 -1.05 -29.32
N GLU E 144 31.23 -0.46 -30.49
CA GLU E 144 30.85 0.92 -30.76
C GLU E 144 29.42 1.21 -30.36
N GLU E 145 28.48 0.37 -30.79
CA GLU E 145 27.06 0.62 -30.59
C GLU E 145 26.40 -0.34 -29.62
N ILE E 146 26.83 -1.60 -29.58
CA ILE E 146 26.26 -2.60 -28.69
C ILE E 146 26.75 -2.41 -27.25
N VAL E 147 28.03 -2.11 -27.09
CA VAL E 147 28.62 -1.98 -25.76
C VAL E 147 28.12 -0.68 -25.15
N ASN E 148 27.97 0.34 -26.00
CA ASN E 148 27.56 1.67 -25.54
C ASN E 148 26.15 2.01 -25.98
N VAL E 149 25.23 2.19 -25.04
CA VAL E 149 23.91 2.70 -25.38
C VAL E 149 23.72 4.05 -24.67
N SER E 150 23.52 5.10 -25.47
CA SER E 150 23.49 6.44 -24.95
C SER E 150 22.42 7.31 -25.60
N LYS E 151 21.67 8.08 -24.82
CA LYS E 151 20.70 9.00 -25.39
C LYS E 151 21.30 9.98 -26.40
N GLY E 152 22.45 10.59 -26.10
CA GLY E 152 23.03 11.58 -26.98
C GLY E 152 23.62 12.77 -26.24
N GLY E 153 24.80 13.20 -26.65
CA GLY E 153 25.49 14.29 -25.99
C GLY E 153 25.88 15.39 -26.97
N TYR E 154 24.92 16.24 -27.29
CA TYR E 154 25.09 17.39 -28.16
C TYR E 154 24.96 18.66 -27.33
N ASP E 155 26.09 19.16 -26.82
CA ASP E 155 26.09 20.05 -25.67
C ASP E 155 25.54 21.46 -25.94
N PHE E 156 25.95 22.09 -27.05
CA PHE E 156 25.38 23.31 -27.64
C PHE E 156 25.16 23.08 -29.13
N GLN E 157 23.89 23.17 -29.53
CA GLN E 157 23.49 23.53 -30.89
C GLN E 157 22.59 24.76 -30.74
N GLN E 158 23.04 25.76 -29.97
CA GLN E 158 22.11 26.82 -29.56
C GLN E 158 21.70 27.76 -30.70
N PRO E 159 22.53 28.04 -31.73
CA PRO E 159 21.97 28.80 -32.87
C PRO E 159 21.27 27.93 -33.90
N GLY E 160 21.27 26.61 -33.73
CA GLY E 160 20.78 25.75 -34.78
C GLY E 160 20.77 24.25 -34.53
N GLN E 161 19.93 23.75 -33.63
CA GLN E 161 19.85 22.30 -33.43
C GLN E 161 19.17 21.63 -34.62
N THR E 162 18.09 22.27 -35.12
CA THR E 162 17.33 21.86 -36.31
C THR E 162 17.00 20.36 -36.29
N THR E 163 16.43 19.91 -35.18
CA THR E 163 16.33 18.47 -34.95
C THR E 163 14.87 18.09 -34.72
N GLY E 164 14.54 16.83 -34.98
CA GLY E 164 13.25 16.28 -34.66
C GLY E 164 13.20 15.68 -33.26
N GLU E 165 12.34 14.69 -33.06
CA GLU E 165 12.18 14.09 -31.74
C GLU E 165 13.45 13.40 -31.28
N ALA E 166 14.13 12.70 -32.20
CA ALA E 166 15.35 11.95 -31.90
C ALA E 166 16.55 12.87 -32.07
N PRO E 167 17.43 12.93 -31.09
CA PRO E 167 18.29 14.11 -30.91
C PRO E 167 19.49 14.11 -31.87
N GLY E 168 19.92 15.32 -32.22
CA GLY E 168 21.20 15.54 -32.84
C GLY E 168 21.30 15.29 -34.33
N THR E 169 20.17 15.13 -35.01
CA THR E 169 20.17 15.10 -36.46
C THR E 169 19.83 16.48 -37.02
N VAL E 170 20.77 17.00 -37.80
CA VAL E 170 20.63 18.29 -38.47
C VAL E 170 20.40 18.06 -39.95
N PRO E 171 19.22 18.40 -40.51
CA PRO E 171 19.01 18.17 -41.94
C PRO E 171 19.84 19.10 -42.80
N ALA E 172 19.94 18.77 -44.08
CA ALA E 172 20.83 19.41 -45.06
C ALA E 172 22.29 19.00 -44.89
N PRO F 1 19.66 -17.68 18.47
CA PRO F 1 19.67 -19.04 17.91
C PRO F 1 20.53 -19.21 16.67
N ILE F 2 19.98 -18.91 15.50
CA ILE F 2 20.71 -18.99 14.23
C ILE F 2 20.49 -17.69 13.48
N MET F 3 21.43 -17.35 12.60
CA MET F 3 21.38 -16.11 11.86
C MET F 3 21.29 -16.39 10.36
N GLY F 4 20.82 -15.37 9.62
CA GLY F 4 20.76 -15.45 8.17
C GLY F 4 22.11 -15.48 7.49
N GLN F 5 23.17 -15.13 8.20
CA GLN F 5 24.54 -15.27 7.72
C GLN F 5 25.22 -16.51 8.28
N ASP F 6 24.57 -17.22 9.21
CA ASP F 6 25.19 -18.31 9.93
C ASP F 6 25.53 -19.51 9.06
N VAL F 7 24.59 -20.04 8.28
CA VAL F 7 24.83 -21.22 7.45
C VAL F 7 25.48 -20.76 6.16
N LYS F 8 26.67 -21.26 5.88
CA LYS F 8 27.33 -20.94 4.61
C LYS F 8 27.71 -22.21 3.86
N TYR F 9 27.61 -22.13 2.54
CA TYR F 9 27.60 -23.30 1.66
C TYR F 9 28.94 -23.38 0.94
N LEU F 10 29.79 -24.31 1.36
CA LEU F 10 31.05 -24.54 0.67
C LEU F 10 30.88 -25.66 -0.35
N PHE F 11 31.32 -25.42 -1.58
CA PHE F 11 31.29 -26.42 -2.62
C PHE F 11 32.69 -26.65 -3.16
N GLN F 12 33.19 -27.87 -2.95
CA GLN F 12 34.44 -28.28 -3.58
C GLN F 12 34.15 -29.38 -4.58
N SER F 13 34.61 -29.19 -5.82
CA SER F 13 34.42 -30.17 -6.87
C SER F 13 35.39 -31.33 -6.72
N ILE F 14 34.93 -32.52 -7.11
CA ILE F 14 35.76 -33.71 -7.01
C ILE F 14 37.01 -33.61 -7.87
N ASP F 15 36.91 -32.99 -9.04
CA ASP F 15 38.00 -32.99 -10.01
C ASP F 15 39.23 -32.25 -9.52
N ALA F 16 39.08 -31.33 -8.56
CA ALA F 16 40.22 -30.52 -8.14
C ALA F 16 41.21 -31.34 -7.33
N ALA F 17 40.70 -32.21 -6.44
CA ALA F 17 41.48 -32.99 -5.47
C ALA F 17 42.45 -32.11 -4.67
N THR F 18 41.90 -31.07 -4.05
CA THR F 18 42.69 -30.13 -3.25
C THR F 18 41.93 -29.81 -1.97
N GLY F 19 42.52 -28.97 -1.13
CA GLY F 19 41.92 -28.61 0.14
C GLY F 19 41.62 -27.14 0.28
N SER F 20 41.39 -26.46 -0.85
CA SER F 20 41.15 -25.02 -0.82
C SER F 20 39.77 -24.70 -0.26
N ALA F 21 38.77 -25.53 -0.59
CA ALA F 21 37.35 -25.37 -0.28
C ALA F 21 36.83 -23.98 -0.65
N PRO F 22 36.56 -23.70 -1.94
CA PRO F 22 36.03 -22.38 -2.29
C PRO F 22 34.58 -22.21 -1.86
N LEU F 23 34.23 -20.99 -1.45
CA LEU F 23 32.84 -20.64 -1.24
C LEU F 23 32.52 -19.40 -2.04
N PHE F 24 31.29 -19.32 -2.53
CA PHE F 24 31.06 -18.29 -3.52
C PHE F 24 30.32 -17.11 -2.89
N PRO F 25 30.77 -15.88 -3.13
CA PRO F 25 30.07 -14.72 -2.55
C PRO F 25 28.75 -14.44 -3.24
N ALA F 26 28.10 -13.38 -2.77
CA ALA F 26 26.81 -12.88 -3.26
C ALA F 26 25.70 -13.93 -3.11
N TYR F 27 25.76 -14.65 -1.99
CA TYR F 27 24.69 -15.59 -1.65
C TYR F 27 23.41 -14.86 -1.27
N GLN F 28 22.30 -15.35 -1.80
CA GLN F 28 20.99 -14.81 -1.54
C GLN F 28 20.33 -15.85 -0.61
N THR F 29 19.58 -16.80 -1.17
CA THR F 29 18.91 -17.79 -0.35
C THR F 29 19.19 -19.21 -0.87
N ASP F 30 18.77 -20.17 -0.07
CA ASP F 30 19.20 -21.53 -0.20
C ASP F 30 18.24 -22.42 0.57
N GLY F 31 17.36 -23.08 -0.17
CA GLY F 31 16.52 -24.09 0.41
C GLY F 31 17.13 -25.46 0.27
N SER F 32 17.01 -26.26 1.31
CA SER F 32 17.42 -27.67 1.29
C SER F 32 16.27 -28.43 1.92
N VAL F 33 15.71 -29.36 1.14
CA VAL F 33 14.51 -30.07 1.55
C VAL F 33 14.79 -31.57 1.42
N SER F 34 14.19 -32.34 2.32
CA SER F 34 14.54 -33.74 2.53
C SER F 34 13.25 -34.54 2.62
N GLY F 35 13.13 -35.56 1.77
CA GLY F 35 11.93 -36.36 1.74
C GLY F 35 12.17 -37.82 2.05
N GLU F 36 11.58 -38.32 3.12
CA GLU F 36 11.75 -39.70 3.55
C GLU F 36 10.52 -40.47 3.10
N ARG F 37 10.73 -41.55 2.34
CA ARG F 37 9.65 -42.30 1.73
C ARG F 37 8.76 -42.89 2.82
N GLU F 38 7.44 -42.78 2.61
CA GLU F 38 6.45 -43.03 3.65
C GLU F 38 5.30 -43.83 3.04
N LEU F 39 5.01 -44.97 3.67
CA LEU F 39 3.96 -45.87 3.21
C LEU F 39 2.68 -45.65 4.02
N PHE F 40 1.62 -45.30 3.30
CA PHE F 40 0.28 -45.22 3.88
C PHE F 40 -0.73 -45.97 3.03
N ASP F 41 -0.89 -47.26 3.31
CA ASP F 41 -2.10 -48.01 3.01
C ASP F 41 -2.81 -48.30 4.33
N GLU F 42 -4.05 -48.78 4.23
CA GLU F 42 -4.80 -49.18 5.41
C GLU F 42 -4.30 -50.46 6.05
N GLN F 43 -4.05 -51.50 5.23
CA GLN F 43 -3.71 -52.87 5.66
C GLN F 43 -4.78 -53.45 6.57
N THR F 44 -6.05 -53.12 6.30
CA THR F 44 -7.18 -53.29 7.21
C THR F 44 -6.84 -52.89 8.65
N LYS F 45 -6.24 -51.71 8.78
CA LYS F 45 -5.79 -51.20 10.07
C LYS F 45 -5.91 -49.68 10.12
N ASN F 46 -5.25 -49.05 11.11
CA ASN F 46 -5.26 -47.60 11.22
C ASN F 46 -4.30 -46.93 10.24
N GLY F 47 -3.93 -47.61 9.16
CA GLY F 47 -3.01 -47.05 8.19
C GLY F 47 -1.58 -47.24 8.62
N ARG F 48 -0.65 -46.87 7.74
CA ARG F 48 0.77 -47.01 8.01
C ARG F 48 1.38 -45.61 7.99
N ILE F 49 2.00 -45.22 9.09
CA ILE F 49 2.67 -43.93 9.20
C ILE F 49 4.10 -44.11 9.70
N LEU F 50 4.30 -45.11 10.57
CA LEU F 50 5.64 -45.44 11.05
C LEU F 50 6.55 -45.94 9.94
N GLY F 51 5.97 -46.47 8.86
CA GLY F 51 6.71 -47.16 7.83
C GLY F 51 7.78 -46.31 7.17
N PRO F 52 9.05 -46.63 7.43
CA PRO F 52 10.14 -45.81 6.92
C PRO F 52 10.46 -46.06 5.46
N GLY F 53 11.40 -45.28 4.93
CA GLY F 53 11.81 -45.39 3.55
C GLY F 53 13.08 -44.62 3.34
N SER F 54 13.44 -44.45 2.07
CA SER F 54 14.65 -43.73 1.72
C SER F 54 14.37 -42.23 1.65
N VAL F 55 15.41 -41.44 1.89
CA VAL F 55 15.30 -39.98 1.90
C VAL F 55 15.92 -39.42 0.63
N ALA F 56 15.19 -38.52 -0.02
CA ALA F 56 15.67 -37.81 -1.19
C ALA F 56 15.98 -36.38 -0.77
N ASP F 57 17.25 -36.03 -0.75
CA ASP F 57 17.70 -34.76 -0.21
C ASP F 57 17.91 -33.79 -1.36
N SER F 58 16.96 -32.87 -1.50
CA SER F 58 16.96 -31.87 -2.55
C SER F 58 17.43 -30.53 -2.01
N GLY F 59 18.17 -29.81 -2.85
CA GLY F 59 18.61 -28.49 -2.50
C GLY F 59 18.61 -27.54 -3.69
N GLU F 60 18.49 -26.25 -3.42
CA GLU F 60 18.57 -25.24 -4.46
C GLU F 60 19.37 -24.07 -3.90
N VAL F 61 20.36 -23.61 -4.66
CA VAL F 61 21.23 -22.53 -4.22
C VAL F 61 20.97 -21.31 -5.09
N THR F 62 20.60 -20.20 -4.48
CA THR F 62 20.44 -18.97 -5.23
C THR F 62 21.52 -17.97 -4.82
N TYR F 63 22.07 -17.28 -5.80
CA TYR F 63 23.06 -16.22 -5.53
C TYR F 63 23.13 -15.30 -6.75
N TYR F 64 23.70 -14.11 -6.54
CA TYR F 64 23.95 -13.15 -7.61
C TYR F 64 25.31 -13.42 -8.21
N GLY F 65 25.39 -13.42 -9.54
CA GLY F 65 26.62 -13.76 -10.22
C GLY F 65 27.71 -12.72 -10.13
N LYS F 66 28.96 -13.16 -10.03
CA LYS F 66 30.10 -12.26 -10.05
C LYS F 66 30.91 -12.50 -11.32
N ARG F 67 31.59 -11.44 -11.79
CA ARG F 67 32.29 -11.49 -13.07
C ARG F 67 33.14 -12.74 -13.26
N GLY F 68 34.00 -13.07 -12.31
CA GLY F 68 34.80 -14.28 -12.38
C GLY F 68 34.39 -15.23 -11.28
N ASP F 69 35.33 -15.45 -10.34
CA ASP F 69 35.11 -16.15 -9.07
C ASP F 69 34.92 -17.66 -9.29
N ALA F 70 35.80 -18.41 -8.64
CA ALA F 70 36.19 -19.77 -9.03
C ALA F 70 35.37 -20.93 -8.46
N GLY F 71 34.75 -20.75 -7.29
CA GLY F 71 33.77 -21.73 -6.83
C GLY F 71 32.56 -21.82 -7.75
N GLN F 72 31.93 -20.67 -8.04
CA GLN F 72 30.90 -20.65 -9.06
C GLN F 72 31.43 -21.07 -10.42
N LYS F 73 32.63 -20.63 -10.80
CA LYS F 73 33.26 -21.14 -12.00
C LYS F 73 33.48 -22.65 -11.92
N ALA F 74 33.86 -23.16 -10.75
CA ALA F 74 33.86 -24.60 -10.56
C ALA F 74 32.45 -25.16 -10.68
N ILE F 75 31.47 -24.47 -10.07
CA ILE F 75 30.07 -24.83 -10.25
C ILE F 75 29.73 -24.91 -11.73
N GLU F 76 30.11 -23.90 -12.50
CA GLU F 76 29.79 -23.87 -13.92
C GLU F 76 30.51 -24.96 -14.70
N ASP F 77 31.82 -25.14 -14.49
CA ASP F 77 32.50 -26.30 -15.04
C ASP F 77 31.89 -27.59 -14.52
N ALA F 78 31.46 -27.61 -13.26
CA ALA F 78 30.78 -28.81 -12.77
C ALA F 78 29.53 -29.11 -13.59
N TYR F 79 28.67 -28.11 -13.80
CA TYR F 79 27.40 -28.37 -14.47
C TYR F 79 27.59 -28.59 -15.97
N GLN F 80 28.34 -27.69 -16.62
CA GLN F 80 28.37 -27.63 -18.08
C GLN F 80 28.92 -28.91 -18.69
N ASN F 81 30.10 -29.34 -18.25
CA ASN F 81 30.60 -30.65 -18.68
C ASN F 81 30.01 -31.76 -17.83
N GLY F 82 29.82 -31.51 -16.54
CA GLY F 82 29.24 -32.48 -15.64
C GLY F 82 30.26 -33.11 -14.71
N LYS F 83 30.27 -32.67 -13.47
CA LYS F 83 31.18 -33.15 -12.43
C LYS F 83 30.36 -33.30 -11.16
N GLN F 84 30.73 -34.26 -10.32
CA GLN F 84 30.21 -34.37 -8.96
C GLN F 84 30.76 -33.22 -8.14
N ILE F 85 29.93 -32.68 -7.25
CA ILE F 85 30.36 -31.57 -6.40
C ILE F 85 30.33 -32.00 -4.94
N LYS F 86 31.43 -31.77 -4.25
CA LYS F 86 31.53 -32.06 -2.83
C LYS F 86 30.94 -30.90 -2.04
N PHE F 87 29.81 -31.16 -1.41
CA PHE F 87 28.92 -30.14 -0.85
C PHE F 87 29.04 -30.13 0.67
N TRP F 88 29.35 -28.96 1.21
CA TRP F 88 29.54 -28.74 2.64
C TRP F 88 28.58 -27.63 3.08
N ARG F 89 27.70 -27.93 4.03
CA ARG F 89 26.84 -26.92 4.65
C ARG F 89 27.34 -26.71 6.08
N VAL F 90 27.96 -25.57 6.32
CA VAL F 90 28.60 -25.33 7.61
C VAL F 90 28.12 -24.00 8.17
N ASP F 91 28.12 -23.92 9.48
CA ASP F 91 27.71 -22.71 10.18
C ASP F 91 28.92 -21.85 10.50
N THR F 92 28.66 -20.56 10.69
CA THR F 92 29.69 -19.56 10.94
C THR F 92 29.96 -19.35 12.42
N VAL F 93 29.20 -20.02 13.31
CA VAL F 93 29.45 -19.93 14.73
C VAL F 93 30.30 -21.12 15.20
N LYS F 94 31.29 -20.84 16.02
CA LYS F 94 32.26 -21.84 16.44
C LYS F 94 31.57 -22.90 17.30
N ASN F 95 31.71 -24.15 16.93
CA ASN F 95 31.26 -25.26 17.75
C ASN F 95 32.11 -25.35 19.02
N GLU F 96 31.65 -26.17 19.97
CA GLU F 96 32.32 -26.29 21.24
C GLU F 96 33.33 -27.43 21.30
N ASN F 97 33.43 -28.25 20.26
CA ASN F 97 34.53 -29.20 20.17
C ASN F 97 35.20 -29.13 18.80
N ASP F 98 34.40 -29.04 17.74
CA ASP F 98 34.90 -28.73 16.41
C ASP F 98 35.10 -27.21 16.34
N LYS F 99 35.79 -26.76 15.29
CA LYS F 99 35.90 -25.33 15.02
C LYS F 99 34.54 -24.76 14.63
N TYR F 100 33.77 -25.54 13.87
CA TYR F 100 32.45 -25.16 13.42
C TYR F 100 31.63 -26.44 13.32
N ASP F 101 30.34 -26.29 12.99
CA ASP F 101 29.48 -27.46 12.82
C ASP F 101 28.98 -27.51 11.38
N ALA F 102 28.72 -28.73 10.92
CA ALA F 102 28.58 -28.98 9.50
C ALA F 102 27.49 -30.02 9.25
N GLN F 103 26.84 -29.88 8.10
CA GLN F 103 26.13 -30.98 7.46
C GLN F 103 26.77 -31.15 6.08
N PHE F 104 27.11 -32.39 5.74
CA PHE F 104 28.02 -32.70 4.65
C PHE F 104 27.35 -33.63 3.65
N GLY F 105 27.73 -33.49 2.38
CA GLY F 105 27.29 -34.48 1.40
C GLY F 105 28.01 -34.31 0.08
N PHE F 106 28.00 -35.39 -0.70
CA PHE F 106 28.40 -35.36 -2.10
C PHE F 106 27.18 -34.96 -2.92
N ALA F 107 27.30 -33.89 -3.69
CA ALA F 107 26.17 -33.29 -4.35
C ALA F 107 26.44 -33.08 -5.84
N TYR F 108 25.38 -33.22 -6.62
CA TYR F 108 25.46 -33.18 -8.08
C TYR F 108 24.51 -32.09 -8.57
N ILE F 109 25.04 -31.15 -9.35
CA ILE F 109 24.21 -30.07 -9.89
C ILE F 109 23.41 -30.59 -11.08
N GLU F 110 22.13 -30.85 -10.85
CA GLU F 110 21.26 -31.31 -11.95
C GLU F 110 20.46 -30.19 -12.59
N SER F 111 20.32 -29.03 -11.95
CA SER F 111 19.66 -27.91 -12.57
C SER F 111 20.47 -26.65 -12.32
N ARG F 112 20.52 -25.79 -13.33
CA ARG F 112 21.19 -24.50 -13.27
C ARG F 112 20.30 -23.56 -14.08
N GLU F 113 19.60 -22.68 -13.37
CA GLU F 113 18.66 -21.74 -13.95
C GLU F 113 19.14 -20.35 -13.57
N TYR F 114 19.43 -19.52 -14.56
CA TYR F 114 19.83 -18.14 -14.31
C TYR F 114 18.89 -17.17 -14.98
N SER F 115 18.57 -16.10 -14.26
CA SER F 115 17.71 -15.05 -14.76
C SER F 115 18.54 -13.79 -14.98
N ASP F 116 18.23 -13.10 -16.09
CA ASP F 116 18.69 -11.75 -16.38
C ASP F 116 17.46 -10.86 -16.34
N GLY F 117 17.46 -9.91 -15.41
CA GLY F 117 16.41 -8.92 -15.34
C GLY F 117 16.83 -7.59 -15.93
N VAL F 118 15.94 -6.62 -15.87
CA VAL F 118 16.21 -5.27 -16.33
C VAL F 118 17.36 -4.64 -15.54
N GLU F 119 17.33 -4.77 -14.22
CA GLU F 119 18.49 -4.41 -13.41
C GLU F 119 18.88 -5.49 -12.43
N GLY F 120 20.18 -5.70 -12.21
CA GLY F 120 20.62 -6.50 -11.10
C GLY F 120 21.52 -7.60 -11.61
N ALA F 121 22.40 -8.12 -10.75
CA ALA F 121 23.35 -9.14 -11.17
C ALA F 121 22.63 -10.44 -11.53
N VAL F 122 23.23 -11.18 -12.46
CA VAL F 122 22.58 -12.34 -13.05
C VAL F 122 22.11 -13.29 -11.95
N GLU F 123 20.81 -13.54 -11.91
CA GLU F 123 20.25 -14.36 -10.85
C GLU F 123 20.54 -15.83 -11.12
N ILE F 124 21.52 -16.36 -10.40
CA ILE F 124 21.95 -17.74 -10.55
C ILE F 124 21.33 -18.56 -9.43
N SER F 125 20.41 -19.43 -9.79
CA SER F 125 19.88 -20.46 -8.90
C SER F 125 20.29 -21.82 -9.45
N ILE F 126 20.94 -22.63 -8.64
CA ILE F 126 21.32 -23.97 -9.03
C ILE F 126 20.62 -24.97 -8.12
N SER F 127 19.98 -25.97 -8.73
CA SER F 127 19.24 -26.99 -8.03
C SER F 127 19.97 -28.31 -8.11
N LEU F 128 19.97 -29.05 -7.01
CA LEU F 128 20.75 -30.27 -6.88
C LEU F 128 19.98 -31.29 -6.05
N GLN F 129 20.23 -32.57 -6.32
CA GLN F 129 19.79 -33.64 -5.45
C GLN F 129 21.02 -34.25 -4.81
N VAL F 130 20.88 -34.70 -3.57
CA VAL F 130 21.98 -35.38 -2.90
C VAL F 130 21.40 -36.57 -2.14
N ILE F 131 22.12 -37.68 -2.15
CA ILE F 131 21.61 -38.92 -1.58
C ILE F 131 21.27 -38.73 -0.11
N GLY F 132 22.19 -38.17 0.65
CA GLY F 132 21.95 -37.90 2.05
C GLY F 132 22.90 -36.86 2.58
N GLU F 133 22.41 -36.03 3.51
CA GLU F 133 23.28 -35.09 4.20
C GLU F 133 23.65 -35.59 5.58
N LEU F 134 24.95 -35.71 5.81
CA LEU F 134 25.46 -36.28 7.06
C LEU F 134 25.79 -35.14 8.00
N LYS F 135 25.32 -35.25 9.23
CA LYS F 135 25.53 -34.21 10.24
C LYS F 135 26.87 -34.44 10.92
N ASN F 136 27.64 -33.37 11.09
CA ASN F 136 28.92 -33.44 11.79
C ASN F 136 29.33 -32.03 12.21
N GLY F 137 30.61 -31.87 12.54
CA GLY F 137 31.15 -30.54 12.74
C GLY F 137 32.28 -30.25 11.78
N GLU F 138 32.48 -28.97 11.50
CA GLU F 138 33.46 -28.55 10.51
C GLU F 138 34.66 -27.96 11.21
N ILE F 139 35.82 -28.05 10.57
CA ILE F 139 37.06 -27.59 11.17
C ILE F 139 37.57 -26.35 10.46
N ASP F 140 38.28 -26.51 9.35
CA ASP F 140 38.85 -25.37 8.65
C ASP F 140 37.95 -24.89 7.53
N THR F 141 37.13 -23.87 7.83
CA THR F 141 36.29 -23.25 6.83
C THR F 141 36.94 -22.03 6.20
N LEU F 142 38.28 -21.91 6.28
CA LEU F 142 39.07 -20.76 5.86
C LEU F 142 38.56 -19.51 6.58
N PRO F 143 38.46 -19.53 7.92
CA PRO F 143 37.60 -18.59 8.65
C PRO F 143 38.03 -17.13 8.58
N GLU F 144 39.26 -16.92 8.14
CA GLU F 144 39.78 -15.59 7.84
C GLU F 144 38.83 -14.80 6.95
N GLU F 145 38.42 -15.39 5.83
CA GLU F 145 37.64 -14.69 4.82
C GLU F 145 36.20 -15.17 4.72
N ILE F 146 35.93 -16.45 4.95
CA ILE F 146 34.58 -17.00 4.87
C ILE F 146 33.76 -16.64 6.11
N VAL F 147 34.38 -16.71 7.28
CA VAL F 147 33.68 -16.46 8.53
C VAL F 147 33.41 -14.96 8.63
N ASN F 148 34.37 -14.17 8.14
CA ASN F 148 34.28 -12.71 8.23
C ASN F 148 34.04 -12.07 6.86
N VAL F 149 32.90 -11.42 6.68
CA VAL F 149 32.69 -10.63 5.48
C VAL F 149 32.53 -9.17 5.88
N SER F 150 33.43 -8.32 5.38
CA SER F 150 33.49 -6.94 5.83
C SER F 150 33.78 -5.96 4.69
N LYS F 151 33.05 -4.85 4.61
CA LYS F 151 33.36 -3.84 3.61
C LYS F 151 34.79 -3.34 3.64
N GLY F 152 35.35 -3.06 4.82
CA GLY F 152 36.70 -2.52 4.92
C GLY F 152 36.83 -1.43 5.95
N GLY F 153 37.90 -1.46 6.73
CA GLY F 153 38.11 -0.51 7.81
C GLY F 153 39.47 0.16 7.70
N TYR F 154 39.54 1.17 6.83
CA TYR F 154 40.73 1.98 6.61
C TYR F 154 40.47 3.38 7.13
N ASP F 155 40.81 3.62 8.40
CA ASP F 155 40.22 4.73 9.16
C ASP F 155 40.65 6.13 8.73
N PHE F 156 41.97 6.33 8.51
CA PHE F 156 42.59 7.50 7.86
C PHE F 156 43.58 7.02 6.80
N GLN F 157 43.27 7.38 5.55
CA GLN F 157 44.28 7.51 4.50
C GLN F 157 44.16 8.94 4.00
N GLN F 158 44.12 9.92 4.91
CA GLN F 158 43.72 11.28 4.52
C GLN F 158 44.75 12.01 3.64
N PRO F 159 46.07 11.79 3.77
CA PRO F 159 46.97 12.39 2.76
C PRO F 159 47.11 11.56 1.50
N GLY F 160 46.51 10.38 1.44
CA GLY F 160 46.79 9.48 0.34
C GLY F 160 46.05 8.16 0.29
N GLN F 161 44.73 8.14 0.07
CA GLN F 161 44.03 6.87 -0.06
C GLN F 161 44.39 6.19 -1.38
N THR F 162 44.47 6.98 -2.46
CA THR F 162 44.87 6.55 -3.81
C THR F 162 44.16 5.27 -4.24
N THR F 163 42.84 5.27 -4.13
CA THR F 163 42.10 4.03 -4.25
C THR F 163 41.05 4.17 -5.35
N GLY F 164 40.65 3.03 -5.91
CA GLY F 164 39.54 2.98 -6.85
C GLY F 164 38.21 2.77 -6.16
N GLU F 165 37.26 2.16 -6.88
CA GLU F 165 35.92 1.94 -6.33
C GLU F 165 35.95 1.03 -5.10
N ALA F 166 36.77 -0.03 -5.16
CA ALA F 166 36.88 -1.02 -4.09
C ALA F 166 37.94 -0.56 -3.10
N PRO F 167 37.62 -0.54 -1.82
CA PRO F 167 38.34 0.34 -0.87
C PRO F 167 39.68 -0.23 -0.45
N GLY F 168 40.60 0.68 -0.15
CA GLY F 168 41.82 0.35 0.56
C GLY F 168 42.95 -0.25 -0.24
N THR F 169 42.87 -0.22 -1.56
CA THR F 169 44.00 -0.59 -2.38
C THR F 169 44.77 0.66 -2.81
N VAL F 170 46.03 0.69 -2.43
CA VAL F 170 46.95 1.78 -2.77
C VAL F 170 47.93 1.27 -3.83
N PRO F 171 47.90 1.82 -5.07
CA PRO F 171 48.84 1.33 -6.09
C PRO F 171 50.27 1.75 -5.78
N ALA F 172 51.22 1.12 -6.47
CA ALA F 172 52.66 1.24 -6.23
C ALA F 172 53.11 0.45 -5.00
N PRO G 1 3.77 16.56 40.53
CA PRO G 1 3.75 15.17 40.04
C PRO G 1 5.08 14.66 39.52
N ILE G 2 5.39 14.93 38.26
CA ILE G 2 6.64 14.52 37.64
C ILE G 2 7.22 15.74 36.93
N MET G 3 8.54 15.74 36.76
CA MET G 3 9.24 16.86 36.15
C MET G 3 9.94 16.42 34.87
N GLY G 4 10.23 17.41 34.01
CA GLY G 4 10.98 17.16 32.79
C GLY G 4 12.42 16.75 33.01
N GLN G 5 12.95 16.95 34.22
CA GLN G 5 14.25 16.45 34.61
C GLN G 5 14.17 15.17 35.42
N ASP G 6 12.96 14.75 35.80
CA ASP G 6 12.77 13.65 36.72
C ASP G 6 13.21 12.30 36.18
N VAL G 7 12.78 11.90 34.98
CA VAL G 7 13.14 10.60 34.42
C VAL G 7 14.49 10.73 33.74
N LYS G 8 15.47 9.95 34.19
CA LYS G 8 16.77 9.96 33.55
C LYS G 8 17.18 8.55 33.13
N TYR G 9 17.85 8.48 31.98
CA TYR G 9 18.04 7.24 31.24
C TYR G 9 19.49 6.77 31.41
N LEU G 10 19.69 5.75 32.23
CA LEU G 10 21.01 5.15 32.38
C LEU G 10 21.16 3.98 31.42
N PHE G 11 22.26 3.96 30.69
CA PHE G 11 22.58 2.86 29.78
C PHE G 11 23.92 2.26 30.15
N GLN G 12 23.90 1.00 30.58
CA GLN G 12 25.13 0.25 30.77
C GLN G 12 25.17 -0.88 29.77
N SER G 13 26.28 -0.95 29.02
CA SER G 13 26.48 -1.99 28.03
C SER G 13 26.87 -3.31 28.68
N ILE G 14 26.41 -4.41 28.08
CA ILE G 14 26.71 -5.73 28.62
C ILE G 14 28.22 -6.02 28.63
N ASP G 15 28.95 -5.54 27.62
CA ASP G 15 30.34 -5.90 27.46
C ASP G 15 31.23 -5.39 28.59
N ALA G 16 30.81 -4.35 29.31
CA ALA G 16 31.67 -3.77 30.33
C ALA G 16 31.79 -4.68 31.54
N ALA G 17 30.66 -5.28 31.96
CA ALA G 17 30.54 -6.08 33.18
C ALA G 17 31.07 -5.35 34.41
N THR G 18 30.56 -4.14 34.62
CA THR G 18 30.97 -3.29 35.75
C THR G 18 29.73 -2.67 36.36
N GLY G 19 29.94 -1.87 37.42
CA GLY G 19 28.84 -1.23 38.11
C GLY G 19 28.90 0.28 38.08
N SER G 20 29.52 0.85 37.04
CA SER G 20 29.68 2.29 36.96
C SER G 20 28.36 2.98 36.63
N ALA G 21 27.55 2.35 35.78
CA ALA G 21 26.30 2.85 35.22
C ALA G 21 26.44 4.26 34.64
N PRO G 22 27.03 4.43 33.44
CA PRO G 22 27.14 5.78 32.87
C PRO G 22 25.80 6.32 32.40
N LEU G 23 25.59 7.61 32.56
CA LEU G 23 24.47 8.28 31.93
C LEU G 23 24.99 9.47 31.12
N PHE G 24 24.32 9.74 30.02
CA PHE G 24 24.94 10.66 29.11
C PHE G 24 24.32 12.05 29.22
N PRO G 25 25.11 13.11 29.31
CA PRO G 25 24.52 14.46 29.40
C PRO G 25 23.95 14.93 28.08
N ALA G 26 23.42 16.16 28.12
CA ALA G 26 22.81 16.86 26.99
C ALA G 26 21.60 16.10 26.45
N TYR G 27 20.83 15.54 27.38
CA TYR G 27 19.57 14.90 27.02
C TYR G 27 18.52 15.94 26.62
N GLN G 28 17.82 15.64 25.54
CA GLN G 28 16.77 16.48 25.01
C GLN G 28 15.47 15.75 25.36
N THR G 29 14.96 14.92 24.46
CA THR G 29 13.72 14.21 24.71
C THR G 29 13.87 12.72 24.41
N ASP G 30 12.85 11.98 24.81
CA ASP G 30 12.92 10.54 24.93
C ASP G 30 11.50 10.00 24.97
N GLY G 31 11.06 9.47 23.84
CA GLY G 31 9.82 8.74 23.82
C GLY G 31 10.04 7.26 24.03
N SER G 32 9.14 6.65 24.79
CA SER G 32 9.13 5.21 24.98
C SER G 32 7.68 4.79 24.81
N VAL G 33 7.44 3.92 23.84
CA VAL G 33 6.08 3.53 23.45
C VAL G 33 6.00 2.01 23.48
N SER G 34 4.83 1.51 23.85
CA SER G 34 4.63 0.11 24.20
C SER G 34 3.36 -0.38 23.51
N GLY G 35 3.49 -1.44 22.72
CA GLY G 35 2.35 -1.95 21.99
C GLY G 35 2.01 -3.38 22.34
N GLU G 36 0.81 -3.60 22.87
CA GLU G 36 0.34 -4.91 23.30
C GLU G 36 -0.56 -5.46 22.20
N ARG G 37 -0.23 -6.63 21.68
CA ARG G 37 -0.93 -7.20 20.53
C ARG G 37 -2.41 -7.43 20.90
N GLU G 38 -3.29 -7.06 19.97
CA GLU G 38 -4.72 -6.97 20.25
C GLU G 38 -5.48 -7.57 19.07
N LEU G 39 -6.36 -8.52 19.39
CA LEU G 39 -7.16 -9.22 18.39
C LEU G 39 -8.55 -8.62 18.32
N PHE G 40 -8.91 -8.15 17.13
CA PHE G 40 -10.27 -7.71 16.84
C PHE G 40 -10.77 -8.31 15.54
N ASP G 41 -11.37 -9.49 15.65
CA ASP G 41 -12.35 -10.00 14.70
C ASP G 41 -13.73 -9.95 15.36
N GLU G 42 -14.77 -10.16 14.55
CA GLU G 42 -16.13 -10.22 15.07
C GLU G 42 -16.41 -11.49 15.85
N GLN G 43 -16.02 -12.66 15.31
CA GLN G 43 -16.33 -14.00 15.83
C GLN G 43 -17.83 -14.22 15.95
N THR G 44 -18.60 -13.65 15.00
CA THR G 44 -20.06 -13.45 15.07
C THR G 44 -20.49 -12.96 16.46
N LYS G 45 -19.79 -11.92 16.94
CA LYS G 45 -20.03 -11.37 18.27
C LYS G 45 -19.77 -9.87 18.28
N ASN G 46 -19.65 -9.28 19.47
CA ASN G 46 -19.35 -7.86 19.60
C ASN G 46 -17.87 -7.54 19.36
N GLY G 47 -17.15 -8.41 18.67
CA GLY G 47 -15.73 -8.20 18.42
C GLY G 47 -14.90 -8.64 19.60
N ARG G 48 -13.58 -8.60 19.42
CA ARG G 48 -12.65 -9.01 20.46
C ARG G 48 -11.80 -7.79 20.82
N ILE G 49 -11.84 -7.41 22.10
CA ILE G 49 -11.05 -6.30 22.59
C ILE G 49 -10.25 -6.72 23.82
N LEU G 50 -10.82 -7.62 24.62
CA LEU G 50 -10.13 -8.17 25.78
C LEU G 50 -8.91 -9.00 25.37
N GLY G 51 -8.89 -9.52 24.15
CA GLY G 51 -7.90 -10.49 23.72
C GLY G 51 -6.47 -9.98 23.81
N PRO G 52 -5.71 -10.54 24.76
CA PRO G 52 -4.35 -10.04 24.98
C PRO G 52 -3.34 -10.54 23.97
N GLY G 53 -2.11 -10.06 24.09
CA GLY G 53 -1.04 -10.43 23.19
C GLY G 53 0.28 -10.00 23.78
N SER G 54 1.32 -10.08 22.95
CA SER G 54 2.65 -9.69 23.38
C SER G 54 2.85 -8.18 23.19
N VAL G 55 3.74 -7.61 24.00
CA VAL G 55 4.01 -6.18 23.99
C VAL G 55 5.35 -5.94 23.30
N ALA G 56 5.37 -4.99 22.38
CA ALA G 56 6.58 -4.55 21.72
C ALA G 56 6.95 -3.18 22.26
N ASP G 57 8.04 -3.11 23.02
CA ASP G 57 8.40 -1.92 23.76
C ASP G 57 9.46 -1.17 22.95
N SER G 58 9.03 -0.09 22.32
CA SER G 58 9.86 0.74 21.47
C SER G 58 10.27 2.00 22.22
N GLY G 59 11.50 2.43 21.97
CA GLY G 59 12.00 3.66 22.54
C GLY G 59 12.89 4.41 21.58
N GLU G 60 12.98 5.73 21.77
CA GLU G 60 13.88 6.56 20.99
C GLU G 60 14.49 7.58 21.93
N VAL G 61 15.81 7.71 21.89
CA VAL G 61 16.53 8.62 22.78
C VAL G 61 17.12 9.74 21.94
N THR G 62 16.77 10.99 22.25
CA THR G 62 17.37 12.12 21.58
C THR G 62 18.24 12.90 22.55
N TYR G 63 19.41 13.32 22.09
CA TYR G 63 20.29 14.16 22.90
C TYR G 63 21.28 14.88 21.97
N TYR G 64 21.90 15.94 22.49
CA TYR G 64 22.93 16.67 21.78
C TYR G 64 24.28 16.03 22.07
N GLY G 65 25.09 15.85 21.02
CA GLY G 65 26.36 15.16 21.17
C GLY G 65 27.43 15.95 21.89
N LYS G 66 28.24 15.25 22.68
CA LYS G 66 29.38 15.88 23.35
C LYS G 66 30.68 15.30 22.77
N ARG G 67 31.74 16.11 22.79
CA ARG G 67 32.99 15.76 22.15
C ARG G 67 33.45 14.33 22.46
N GLY G 68 33.52 13.94 23.72
CA GLY G 68 33.88 12.58 24.09
C GLY G 68 32.70 11.90 24.75
N ASP G 69 32.86 11.60 26.04
CA ASP G 69 31.80 11.15 26.94
C ASP G 69 31.39 9.69 26.63
N ALA G 70 31.53 8.85 27.64
CA ALA G 70 31.71 7.39 27.51
C ALA G 70 30.45 6.54 27.49
N GLY G 71 29.35 6.99 28.09
CA GLY G 71 28.07 6.32 27.87
C GLY G 71 27.61 6.38 26.43
N GLN G 72 27.57 7.58 25.86
CA GLN G 72 27.33 7.70 24.43
C GLN G 72 28.41 7.01 23.61
N LYS G 73 29.68 7.13 24.01
CA LYS G 73 30.72 6.34 23.38
C LYS G 73 30.47 4.85 23.54
N ALA G 74 29.99 4.42 24.70
CA ALA G 74 29.51 3.04 24.81
C ALA G 74 28.32 2.80 23.90
N ILE G 75 27.39 3.75 23.84
CA ILE G 75 26.29 3.69 22.88
C ILE G 75 26.83 3.50 21.48
N GLU G 76 27.83 4.30 21.09
CA GLU G 76 28.38 4.21 19.74
C GLU G 76 29.11 2.90 19.50
N ASP G 77 29.98 2.48 20.42
CA ASP G 77 30.53 1.13 20.34
C ASP G 77 29.43 0.08 20.38
N ALA G 78 28.38 0.30 21.16
CA ALA G 78 27.27 -0.63 21.14
C ALA G 78 26.66 -0.75 19.75
N TYR G 79 26.35 0.37 19.10
CA TYR G 79 25.67 0.31 17.81
C TYR G 79 26.61 -0.13 16.69
N GLN G 80 27.78 0.49 16.62
CA GLN G 80 28.64 0.36 15.44
C GLN G 80 29.11 -1.08 15.23
N ASN G 81 29.67 -1.70 16.27
CA ASN G 81 29.98 -3.13 16.17
C ASN G 81 28.76 -3.98 16.50
N GLY G 82 27.95 -3.52 17.45
CA GLY G 82 26.73 -4.22 17.83
C GLY G 82 26.86 -4.93 19.16
N LYS G 83 26.29 -4.34 20.19
CA LYS G 83 26.29 -4.88 21.56
C LYS G 83 24.90 -4.68 22.13
N GLN G 84 24.47 -5.58 23.00
CA GLN G 84 23.27 -5.40 23.81
C GLN G 84 23.54 -4.30 24.83
N ILE G 85 22.52 -3.47 25.08
CA ILE G 85 22.66 -2.40 26.05
C ILE G 85 21.71 -2.62 27.21
N LYS G 86 22.26 -2.55 28.42
CA LYS G 86 21.46 -2.68 29.64
C LYS G 86 20.85 -1.31 29.96
N PHE G 87 19.52 -1.24 29.82
CA PHE G 87 18.76 0.01 29.79
C PHE G 87 18.02 0.19 31.10
N TRP G 88 18.26 1.33 31.75
CA TRP G 88 17.65 1.69 33.03
C TRP G 88 16.93 3.01 32.86
N ARG G 89 15.62 3.04 33.13
CA ARG G 89 14.86 4.28 33.17
C ARG G 89 14.49 4.56 34.62
N VAL G 90 15.14 5.56 35.20
CA VAL G 90 14.97 5.81 36.62
C VAL G 90 14.62 7.28 36.84
N ASP G 91 13.90 7.53 37.92
CA ASP G 91 13.50 8.87 38.28
C ASP G 91 14.49 9.49 39.25
N THR G 92 14.50 10.82 39.29
CA THR G 92 15.42 11.60 40.10
C THR G 92 14.85 11.92 41.48
N VAL G 93 13.60 11.54 41.75
CA VAL G 93 13.02 11.76 43.06
C VAL G 93 13.12 10.49 43.90
N LYS G 94 13.52 10.65 45.15
CA LYS G 94 13.79 9.52 46.03
C LYS G 94 12.49 8.76 46.32
N ASN G 95 12.50 7.46 46.06
CA ASN G 95 11.40 6.60 46.46
C ASN G 95 11.33 6.48 47.97
N GLU G 96 10.23 5.93 48.47
CA GLU G 96 10.02 5.81 49.89
C GLU G 96 10.49 4.50 50.50
N ASN G 97 10.94 3.55 49.68
CA ASN G 97 11.62 2.38 50.22
C ASN G 97 12.93 2.12 49.49
N ASP G 98 12.92 2.24 48.16
CA ASP G 98 14.15 2.28 47.38
C ASP G 98 14.73 3.69 47.46
N LYS G 99 15.97 3.84 47.02
CA LYS G 99 16.56 5.16 46.89
C LYS G 99 15.86 5.96 45.80
N TYR G 100 15.48 5.29 44.72
CA TYR G 100 14.79 5.88 43.59
C TYR G 100 13.87 4.81 43.01
N ASP G 101 13.09 5.19 42.00
CA ASP G 101 12.22 4.24 41.34
C ASP G 101 12.61 4.11 39.88
N ALA G 102 12.35 2.93 39.33
CA ALA G 102 12.99 2.53 38.07
C ALA G 102 12.01 1.74 37.23
N GLN G 103 12.17 1.86 35.91
CA GLN G 103 11.70 0.87 34.95
C GLN G 103 12.93 0.39 34.19
N PHE G 104 13.07 -0.92 34.08
CA PHE G 104 14.33 -1.57 33.71
C PHE G 104 14.12 -2.45 32.48
N GLY G 105 15.16 -2.57 31.67
CA GLY G 105 15.13 -3.53 30.59
C GLY G 105 16.47 -3.70 29.93
N PHE G 106 16.63 -4.85 29.27
CA PHE G 106 17.75 -5.07 28.35
C PHE G 106 17.34 -4.54 26.99
N ALA G 107 18.14 -3.63 26.46
CA ALA G 107 17.77 -2.87 25.26
C ALA G 107 18.88 -2.92 24.22
N TYR G 108 18.44 -2.93 22.96
CA TYR G 108 19.33 -3.10 21.82
C TYR G 108 19.14 -1.90 20.90
N ILE G 109 20.23 -1.21 20.58
CA ILE G 109 20.16 -0.05 19.69
C ILE G 109 20.06 -0.52 18.25
N GLU G 110 18.85 -0.48 17.68
CA GLU G 110 18.68 -0.86 16.29
C GLU G 110 18.67 0.31 15.31
N SER G 111 18.51 1.54 15.79
CA SER G 111 18.62 2.70 14.92
C SER G 111 19.43 3.77 15.63
N ARG G 112 20.26 4.46 14.84
CA ARG G 112 21.08 5.58 15.30
C ARG G 112 21.07 6.57 14.15
N GLU G 113 20.34 7.66 14.36
CA GLU G 113 20.16 8.71 13.36
C GLU G 113 20.68 10.00 13.98
N TYR G 114 21.67 10.61 13.36
CA TYR G 114 22.19 11.88 13.82
C TYR G 114 22.07 12.95 12.75
N SER G 115 21.69 14.14 13.18
CA SER G 115 21.57 15.29 12.30
C SER G 115 22.67 16.29 12.62
N ASP G 116 23.21 16.89 11.56
CA ASP G 116 24.08 18.05 11.62
C ASP G 116 23.31 19.18 10.97
N GLY G 117 23.03 20.23 11.74
CA GLY G 117 22.41 21.43 11.21
C GLY G 117 23.40 22.54 11.00
N VAL G 118 22.91 23.68 10.55
CA VAL G 118 23.73 24.88 10.38
C VAL G 118 24.35 25.33 11.69
N GLU G 119 23.55 25.38 12.76
CA GLU G 119 24.10 25.58 14.09
C GLU G 119 23.58 24.57 15.10
N GLY G 120 24.43 24.12 16.01
CA GLY G 120 23.95 23.38 17.16
C GLY G 120 24.68 22.06 17.23
N ALA G 121 24.75 21.47 18.43
CA ALA G 121 25.48 20.23 18.62
C ALA G 121 24.79 19.08 17.88
N VAL G 122 25.60 18.11 17.44
CA VAL G 122 25.12 17.05 16.56
C VAL G 122 23.89 16.38 17.17
N GLU G 123 22.78 16.42 16.45
CA GLU G 123 21.53 15.89 16.97
C GLU G 123 21.55 14.37 16.90
N ILE G 124 21.79 13.74 18.03
CA ILE G 124 21.85 12.29 18.12
C ILE G 124 20.54 11.78 18.67
N SER G 125 19.78 11.08 17.82
CA SER G 125 18.62 10.32 18.23
C SER G 125 18.90 8.85 17.97
N ILE G 126 18.74 8.02 19.00
CA ILE G 126 18.93 6.59 18.86
C ILE G 126 17.62 5.89 19.19
N SER G 127 17.21 5.01 18.29
CA SER G 127 15.96 4.27 18.42
C SER G 127 16.26 2.80 18.73
N LEU G 128 15.46 2.23 19.62
CA LEU G 128 15.68 0.90 20.15
C LEU G 128 14.36 0.19 20.36
N GLN G 129 14.38 -1.14 20.26
CA GLN G 129 13.27 -1.96 20.69
C GLN G 129 13.73 -2.73 21.91
N VAL G 130 12.82 -2.99 22.84
CA VAL G 130 13.13 -3.80 24.01
C VAL G 130 11.95 -4.73 24.25
N ILE G 131 12.25 -5.97 24.65
CA ILE G 131 11.20 -6.98 24.78
C ILE G 131 10.15 -6.53 25.79
N GLY G 132 10.60 -6.09 26.96
CA GLY G 132 9.69 -5.60 27.97
C GLY G 132 10.40 -4.74 28.98
N GLU G 133 9.71 -3.71 29.49
CA GLU G 133 10.25 -2.89 30.55
C GLU G 133 9.62 -3.28 31.89
N LEU G 134 10.49 -3.66 32.83
CA LEU G 134 10.05 -4.16 34.12
C LEU G 134 10.08 -3.01 35.11
N LYS G 135 8.99 -2.85 35.85
CA LYS G 135 8.84 -1.77 36.81
C LYS G 135 9.45 -2.19 38.14
N ASN G 136 10.24 -1.30 38.74
CA ASN G 136 10.84 -1.57 40.05
C ASN G 136 11.28 -0.24 40.66
N GLY G 137 12.14 -0.33 41.67
CA GLY G 137 12.78 0.87 42.18
C GLY G 137 14.29 0.78 42.05
N GLU G 138 14.93 1.94 41.96
CA GLU G 138 16.36 2.00 41.72
C GLU G 138 17.07 2.41 43.00
N ILE G 139 18.32 1.98 43.14
CA ILE G 139 19.08 2.23 44.35
C ILE G 139 20.19 3.24 44.10
N ASP G 140 21.33 2.77 43.59
CA ASP G 140 22.46 3.67 43.39
C ASP G 140 22.50 4.18 41.96
N THR G 141 21.95 5.38 41.76
CA THR G 141 22.00 6.04 40.46
C THR G 141 23.18 7.00 40.35
N LEU G 142 24.22 6.83 41.18
CA LEU G 142 25.37 7.72 41.34
C LEU G 142 24.89 9.13 41.65
N PRO G 143 24.04 9.30 42.69
CA PRO G 143 23.19 10.50 42.80
C PRO G 143 23.93 11.80 43.03
N GLU G 144 25.21 11.68 43.38
CA GLU G 144 26.11 12.81 43.47
C GLU G 144 26.07 13.67 42.21
N GLU G 145 26.23 13.04 41.04
CA GLU G 145 26.35 13.77 39.79
C GLU G 145 25.15 13.61 38.87
N ILE G 146 24.49 12.46 38.86
CA ILE G 146 23.33 12.21 38.02
C ILE G 146 22.09 12.90 38.56
N VAL G 147 21.90 12.85 39.88
CA VAL G 147 20.71 13.40 40.49
C VAL G 147 20.82 14.93 40.46
N ASN G 148 22.06 15.42 40.63
CA ASN G 148 22.29 16.87 40.68
C ASN G 148 23.03 17.34 39.45
N VAL G 149 22.40 18.21 38.65
CA VAL G 149 23.12 18.87 37.56
C VAL G 149 23.12 20.37 37.84
N SER G 150 24.33 20.93 37.97
CA SER G 150 24.47 22.32 38.39
C SER G 150 25.59 23.05 37.65
N LYS G 151 25.34 24.26 37.19
CA LYS G 151 26.40 25.05 36.57
C LYS G 151 27.64 25.22 37.44
N GLY G 152 27.50 25.52 38.73
CA GLY G 152 28.63 25.76 39.59
C GLY G 152 28.43 26.93 40.54
N GLY G 153 28.83 26.76 41.79
CA GLY G 153 28.63 27.77 42.81
C GLY G 153 29.93 28.10 43.52
N TYR G 154 30.72 28.95 42.88
CA TYR G 154 31.99 29.44 43.39
C TYR G 154 31.85 30.93 43.70
N ASP G 155 31.48 31.26 44.95
CA ASP G 155 30.85 32.55 45.25
C ASP G 155 31.79 33.75 45.18
N PHE G 156 33.00 33.64 45.75
CA PHE G 156 34.15 34.54 45.61
C PHE G 156 35.40 33.72 45.30
N GLN G 157 35.96 33.98 44.12
CA GLN G 157 37.38 33.76 43.83
C GLN G 157 37.92 35.11 43.38
N GLN G 158 37.63 36.18 44.14
CA GLN G 158 37.88 37.52 43.62
C GLN G 158 39.35 37.89 43.52
N PRO G 159 40.28 37.40 44.36
CA PRO G 159 41.69 37.66 44.07
C PRO G 159 42.32 36.67 43.12
N GLY G 160 41.58 35.64 42.69
CA GLY G 160 42.18 34.58 41.92
C GLY G 160 41.29 33.45 41.43
N GLN G 161 40.39 33.70 40.49
CA GLN G 161 39.58 32.61 39.95
C GLN G 161 40.43 31.70 39.07
N THR G 162 41.30 32.30 38.24
CA THR G 162 42.26 31.63 37.37
C THR G 162 41.62 30.49 36.57
N THR G 163 40.51 30.79 35.90
CA THR G 163 39.69 29.74 35.35
C THR G 163 39.52 29.96 33.86
N GLY G 164 39.22 28.89 33.14
CA GLY G 164 38.88 28.96 31.73
C GLY G 164 37.38 29.13 31.52
N GLU G 165 36.88 28.66 30.38
CA GLU G 165 35.46 28.81 30.06
C GLU G 165 34.57 28.08 31.06
N ALA G 166 34.97 26.86 31.45
CA ALA G 166 34.21 26.03 32.37
C ALA G 166 34.61 26.36 33.79
N PRO G 167 33.64 26.62 34.67
CA PRO G 167 33.91 27.43 35.86
C PRO G 167 34.57 26.63 36.97
N GLY G 168 35.36 27.36 37.77
CA GLY G 168 35.84 26.86 39.05
C GLY G 168 37.02 25.93 39.03
N THR G 169 37.72 25.81 37.90
CA THR G 169 38.98 25.10 37.87
C THR G 169 40.14 26.08 37.99
N VAL G 170 40.94 25.89 39.03
CA VAL G 170 42.12 26.69 39.31
C VAL G 170 43.35 25.85 39.00
N PRO G 171 44.16 26.23 37.98
CA PRO G 171 45.36 25.42 37.68
C PRO G 171 46.42 25.56 38.76
N ALA G 172 47.39 24.65 38.72
CA ALA G 172 48.42 24.47 39.75
C ALA G 172 47.88 23.78 41.00
N PRO H 1 -23.85 24.09 27.95
CA PRO H 1 -23.98 22.70 27.49
C PRO H 1 -23.09 21.71 28.24
N ILE H 2 -21.84 21.56 27.79
CA ILE H 2 -20.87 20.67 28.42
C ILE H 2 -19.58 21.46 28.62
N MET H 3 -18.79 21.04 29.60
CA MET H 3 -17.55 21.72 29.94
C MET H 3 -16.36 20.80 29.73
N GLY H 4 -15.18 21.42 29.59
CA GLY H 4 -13.94 20.68 29.49
C GLY H 4 -13.54 19.93 30.74
N GLN H 5 -14.15 20.25 31.87
CA GLN H 5 -13.98 19.50 33.11
C GLN H 5 -15.13 18.55 33.37
N ASP H 6 -16.18 18.60 32.55
CA ASP H 6 -17.40 17.85 32.80
C ASP H 6 -17.24 16.35 32.71
N VAL H 7 -16.67 15.82 31.63
CA VAL H 7 -16.52 14.37 31.46
C VAL H 7 -15.26 13.95 32.19
N LYS H 8 -15.40 13.03 33.16
CA LYS H 8 -14.24 12.50 33.86
C LYS H 8 -14.22 10.99 33.79
N TYR H 9 -13.01 10.45 33.69
CA TYR H 9 -12.78 9.07 33.29
C TYR H 9 -12.35 8.25 34.52
N LEU H 10 -13.27 7.45 35.03
CA LEU H 10 -12.95 6.55 36.13
C LEU H 10 -12.54 5.19 35.58
N PHE H 11 -11.42 4.67 36.06
CA PHE H 11 -10.95 3.34 35.68
C PHE H 11 -10.78 2.48 36.92
N GLN H 12 -11.59 1.43 37.01
CA GLN H 12 -11.40 0.42 38.04
C GLN H 12 -11.00 -0.88 37.39
N SER H 13 -9.88 -1.45 37.86
CA SER H 13 -9.38 -2.71 37.34
C SER H 13 -10.18 -3.89 37.89
N ILE H 14 -10.33 -4.93 37.06
CA ILE H 14 -11.08 -6.10 37.46
C ILE H 14 -10.44 -6.80 38.66
N ASP H 15 -9.11 -6.82 38.74
CA ASP H 15 -8.41 -7.60 39.75
C ASP H 15 -8.68 -7.11 41.16
N ALA H 16 -9.07 -5.85 41.34
CA ALA H 16 -9.23 -5.32 42.69
C ALA H 16 -10.46 -5.90 43.38
N ALA H 17 -11.57 -6.03 42.63
CA ALA H 17 -12.88 -6.43 43.14
C ALA H 17 -13.30 -5.62 44.35
N THR H 18 -13.30 -4.29 44.19
CA THR H 18 -13.67 -3.36 45.25
C THR H 18 -14.54 -2.27 44.66
N GLY H 19 -14.99 -1.34 45.51
CA GLY H 19 -15.85 -0.26 45.08
C GLY H 19 -15.25 1.12 45.29
N SER H 20 -13.92 1.20 45.27
CA SER H 20 -13.25 2.48 45.49
C SER H 20 -13.40 3.42 44.31
N ALA H 21 -13.36 2.87 43.09
CA ALA H 21 -13.36 3.56 41.80
C ALA H 21 -12.33 4.68 41.74
N PRO H 22 -11.03 4.38 41.57
CA PRO H 22 -10.04 5.46 41.48
C PRO H 22 -10.15 6.23 40.17
N LEU H 23 -9.90 7.53 40.23
CA LEU H 23 -9.72 8.33 39.03
C LEU H 23 -8.40 9.07 39.12
N PHE H 24 -7.78 9.26 37.97
CA PHE H 24 -6.40 9.71 38.07
C PHE H 24 -6.31 11.20 37.78
N PRO H 25 -5.59 11.98 38.59
CA PRO H 25 -5.48 13.42 38.31
C PRO H 25 -4.55 13.70 37.14
N ALA H 26 -4.40 15.00 36.87
CA ALA H 26 -3.56 15.55 35.80
C ALA H 26 -4.02 15.07 34.42
N TYR H 27 -5.34 15.00 34.26
CA TYR H 27 -5.92 14.70 32.96
C TYR H 27 -5.75 15.86 31.99
N GLN H 28 -5.36 15.53 30.78
CA GLN H 28 -5.16 16.48 29.70
C GLN H 28 -6.35 16.27 28.77
N THR H 29 -6.21 15.44 27.74
CA THR H 29 -7.28 15.20 26.80
C THR H 29 -7.51 13.70 26.60
N ASP H 30 -8.60 13.41 25.91
CA ASP H 30 -9.18 12.09 25.88
C ASP H 30 -10.12 12.01 24.69
N GLY H 31 -9.65 11.37 23.62
CA GLY H 31 -10.51 11.05 22.51
C GLY H 31 -11.11 9.68 22.67
N SER H 32 -12.38 9.54 22.30
CA SER H 32 -13.06 8.26 22.24
C SER H 32 -13.79 8.26 20.92
N VAL H 33 -13.46 7.29 20.07
CA VAL H 33 -13.98 7.24 18.72
C VAL H 33 -14.59 5.86 18.49
N SER H 34 -15.66 5.83 17.70
CA SER H 34 -16.54 4.67 17.58
C SER H 34 -16.80 4.42 16.10
N GLY H 35 -16.51 3.21 15.64
CA GLY H 35 -16.69 2.88 14.24
C GLY H 35 -17.67 1.76 14.01
N GLU H 36 -18.76 2.03 13.30
CA GLU H 36 -19.80 1.05 13.03
C GLU H 36 -19.59 0.55 11.60
N ARG H 37 -19.43 -0.76 11.46
CA ARG H 37 -19.10 -1.36 10.17
C ARG H 37 -20.20 -1.06 9.15
N GLU H 38 -19.79 -0.68 7.95
CA GLU H 38 -20.68 -0.11 6.94
C GLU H 38 -20.36 -0.72 5.59
N LEU H 39 -21.38 -1.29 4.95
CA LEU H 39 -21.26 -1.94 3.66
C LEU H 39 -21.68 -1.00 2.54
N PHE H 40 -20.75 -0.73 1.62
CA PHE H 40 -21.04 0.00 0.40
C PHE H 40 -20.49 -0.73 -0.82
N ASP H 41 -21.31 -1.62 -1.37
CA ASP H 41 -21.24 -2.03 -2.77
C ASP H 41 -22.42 -1.43 -3.50
N GLU H 42 -22.39 -1.51 -4.83
CA GLU H 42 -23.50 -1.05 -5.65
C GLU H 42 -24.72 -1.96 -5.58
N GLN H 43 -24.51 -3.28 -5.70
CA GLN H 43 -25.56 -4.31 -5.81
C GLN H 43 -26.49 -4.05 -6.98
N THR H 44 -25.92 -3.53 -8.08
CA THR H 44 -26.64 -2.90 -9.20
C THR H 44 -27.77 -1.98 -8.71
N LYS H 45 -27.42 -1.11 -7.76
CA LYS H 45 -28.38 -0.20 -7.14
C LYS H 45 -27.71 1.12 -6.76
N ASN H 46 -28.37 1.91 -5.92
CA ASN H 46 -27.81 3.18 -5.45
C ASN H 46 -26.78 2.98 -4.35
N GLY H 47 -26.18 1.80 -4.24
CA GLY H 47 -25.20 1.52 -3.21
C GLY H 47 -25.86 1.14 -1.91
N ARG H 48 -25.05 0.76 -0.93
CA ARG H 48 -25.55 0.36 0.38
C ARG H 48 -24.97 1.32 1.41
N ILE H 49 -25.85 1.99 2.15
CA ILE H 49 -25.44 2.93 3.19
C ILE H 49 -26.16 2.60 4.49
N LEU H 50 -27.41 2.11 4.38
CA LEU H 50 -28.17 1.68 5.55
C LEU H 50 -27.54 0.47 6.23
N GLY H 51 -26.76 -0.32 5.49
CA GLY H 51 -26.27 -1.60 5.94
C GLY H 51 -25.45 -1.53 7.21
N PRO H 52 -26.02 -2.03 8.31
CA PRO H 52 -25.33 -1.92 9.60
C PRO H 52 -24.21 -2.92 9.79
N GLY H 53 -23.52 -2.80 10.92
CA GLY H 53 -22.41 -3.68 11.25
C GLY H 53 -22.05 -3.53 12.71
N SER H 54 -20.90 -4.10 13.06
CA SER H 54 -20.43 -4.02 14.44
C SER H 54 -19.64 -2.73 14.65
N VAL H 55 -19.63 -2.27 15.89
CA VAL H 55 -18.97 -1.02 16.27
C VAL H 55 -17.67 -1.35 17.00
N ALA H 56 -16.59 -0.70 16.59
CA ALA H 56 -15.30 -0.81 17.26
C ALA H 56 -15.05 0.48 18.01
N ASP H 57 -15.08 0.41 19.33
CA ASP H 57 -15.04 1.59 20.18
C ASP H 57 -13.61 1.77 20.67
N SER H 58 -12.93 2.76 20.07
CA SER H 58 -11.55 3.07 20.36
C SER H 58 -11.48 4.30 21.25
N GLY H 59 -10.50 4.28 22.16
CA GLY H 59 -10.27 5.41 23.02
C GLY H 59 -8.79 5.62 23.29
N GLU H 60 -8.42 6.85 23.60
CA GLU H 60 -7.04 7.17 23.99
C GLU H 60 -7.12 8.17 25.13
N VAL H 61 -6.38 7.90 26.21
CA VAL H 61 -6.38 8.74 27.39
C VAL H 61 -5.02 9.41 27.51
N THR H 62 -4.99 10.73 27.55
CA THR H 62 -3.75 11.45 27.77
C THR H 62 -3.80 12.15 29.12
N TYR H 63 -2.69 12.09 29.85
CA TYR H 63 -2.58 12.79 31.13
C TYR H 63 -1.10 12.95 31.48
N TYR H 64 -0.81 13.88 32.39
CA TYR H 64 0.53 14.09 32.92
C TYR H 64 0.75 13.17 34.11
N GLY H 65 1.90 12.52 34.15
CA GLY H 65 2.18 11.55 35.19
C GLY H 65 2.42 12.13 36.57
N LYS H 66 1.96 11.44 37.61
CA LYS H 66 2.24 11.85 38.97
C LYS H 66 3.13 10.80 39.64
N ARG H 67 3.93 11.25 40.61
CA ARG H 67 4.94 10.39 41.23
C ARG H 67 4.41 9.02 41.63
N GLY H 68 3.31 8.94 42.36
CA GLY H 68 2.70 7.67 42.72
C GLY H 68 1.36 7.53 42.04
N ASP H 69 0.30 7.53 42.88
CA ASP H 69 -1.10 7.63 42.48
C ASP H 69 -1.58 6.33 41.81
N ALA H 70 -2.62 5.75 42.42
CA ALA H 70 -2.95 4.33 42.33
C ALA H 70 -3.87 3.89 41.20
N GLY H 71 -4.74 4.78 40.68
CA GLY H 71 -5.45 4.49 39.45
C GLY H 71 -4.52 4.32 38.26
N GLN H 72 -3.66 5.31 38.03
CA GLN H 72 -2.60 5.15 37.04
C GLN H 72 -1.67 4.00 37.38
N LYS H 73 -1.31 3.83 38.66
CA LYS H 73 -0.58 2.64 39.05
C LYS H 73 -1.37 1.37 38.78
N ALA H 74 -2.68 1.39 39.00
CA ALA H 74 -3.51 0.29 38.53
C ALA H 74 -3.47 0.19 37.01
N ILE H 75 -3.56 1.33 36.32
CA ILE H 75 -3.36 1.36 34.87
C ILE H 75 -2.06 0.69 34.49
N GLU H 76 -0.97 1.04 35.18
CA GLU H 76 0.33 0.47 34.85
C GLU H 76 0.42 -1.01 35.17
N ASP H 77 -0.03 -1.44 36.35
CA ASP H 77 -0.18 -2.86 36.61
C ASP H 77 -1.14 -3.51 35.62
N ALA H 78 -2.19 -2.80 35.24
CA ALA H 78 -3.08 -3.34 34.21
C ALA H 78 -2.33 -3.63 32.92
N TYR H 79 -1.57 -2.65 32.41
CA TYR H 79 -0.91 -2.81 31.12
C TYR H 79 0.27 -3.76 31.20
N GLN H 80 1.14 -3.56 32.18
CA GLN H 80 2.45 -4.21 32.20
C GLN H 80 2.32 -5.73 32.31
N ASN H 81 1.57 -6.22 33.29
CA ASN H 81 1.28 -7.65 33.33
C ASN H 81 0.10 -7.99 32.43
N GLY H 82 -0.88 -7.11 32.35
CA GLY H 82 -2.04 -7.31 31.51
C GLY H 82 -3.27 -7.69 32.29
N LYS H 83 -4.17 -6.73 32.48
CA LYS H 83 -5.43 -6.89 33.20
C LYS H 83 -6.51 -6.16 32.40
N GLN H 84 -7.73 -6.66 32.46
CA GLN H 84 -8.91 -5.97 31.96
C GLN H 84 -9.18 -4.77 32.87
N ILE H 85 -9.58 -3.65 32.28
CA ILE H 85 -9.88 -2.45 33.06
C ILE H 85 -11.35 -2.11 32.92
N LYS H 86 -12.00 -1.90 34.06
CA LYS H 86 -13.40 -1.49 34.09
C LYS H 86 -13.48 0.02 33.92
N PHE H 87 -13.99 0.43 32.77
CA PHE H 87 -13.90 1.80 32.28
C PHE H 87 -15.24 2.52 32.43
N TRP H 88 -15.22 3.66 33.11
CA TRP H 88 -16.40 4.47 33.38
C TRP H 88 -16.14 5.87 32.85
N ARG H 89 -17.00 6.33 31.93
CA ARG H 89 -16.96 7.72 31.47
C ARG H 89 -18.18 8.43 32.02
N VAL H 90 -17.96 9.32 32.99
CA VAL H 90 -19.06 9.93 33.70
C VAL H 90 -18.87 11.45 33.69
N ASP H 91 -19.99 12.14 33.74
CA ASP H 91 -19.99 13.60 33.76
C ASP H 91 -20.05 14.11 35.19
N THR H 92 -19.58 15.35 35.36
CA THR H 92 -19.48 16.00 36.66
C THR H 92 -20.73 16.79 37.02
N VAL H 93 -21.71 16.88 36.11
CA VAL H 93 -22.95 17.57 36.40
C VAL H 93 -24.01 16.55 36.83
N LYS H 94 -24.74 16.90 37.88
CA LYS H 94 -25.71 15.99 38.48
C LYS H 94 -26.86 15.73 37.50
N ASN H 95 -27.13 14.47 37.22
CA ASN H 95 -28.30 14.08 36.45
C ASN H 95 -29.56 14.36 37.26
N GLU H 96 -30.71 14.28 36.58
CA GLU H 96 -31.98 14.59 37.20
C GLU H 96 -32.69 13.38 37.79
N ASN H 97 -32.17 12.17 37.59
CA ASN H 97 -32.68 11.02 38.32
C ASN H 97 -31.53 10.22 38.94
N ASP H 98 -30.45 10.02 38.21
CA ASP H 98 -29.21 9.51 38.75
C ASP H 98 -28.48 10.65 39.43
N LYS H 99 -27.45 10.33 40.20
CA LYS H 99 -26.57 11.35 40.76
C LYS H 99 -25.78 12.03 39.66
N TYR H 100 -25.36 11.25 38.66
CA TYR H 100 -24.62 11.73 37.52
C TYR H 100 -24.99 10.87 36.32
N ASP H 101 -24.47 11.21 35.15
CA ASP H 101 -24.73 10.42 33.96
C ASP H 101 -23.42 9.83 33.44
N ALA H 102 -23.54 8.68 32.79
CA ALA H 102 -22.39 7.83 32.54
C ALA H 102 -22.51 7.17 31.18
N GLN H 103 -21.35 6.92 30.58
CA GLN H 103 -21.18 5.91 29.54
C GLN H 103 -20.14 4.93 30.06
N PHE H 104 -20.46 3.64 29.97
CA PHE H 104 -19.78 2.59 30.71
C PHE H 104 -19.22 1.54 29.75
N GLY H 105 -18.11 0.93 30.13
CA GLY H 105 -17.64 -0.22 29.38
C GLY H 105 -16.50 -0.92 30.08
N PHE H 106 -16.32 -2.18 29.70
CA PHE H 106 -15.13 -2.95 30.07
C PHE H 106 -14.06 -2.66 29.02
N ALA H 107 -12.91 -2.18 29.47
CA ALA H 107 -11.89 -1.67 28.58
C ALA H 107 -10.53 -2.28 28.87
N TYR H 108 -9.76 -2.46 27.81
CA TYR H 108 -8.48 -3.15 27.86
C TYR H 108 -7.41 -2.21 27.31
N ILE H 109 -6.37 -1.97 28.09
CA ILE H 109 -5.28 -1.09 27.65
C ILE H 109 -4.37 -1.84 26.70
N GLU H 110 -4.51 -1.59 25.40
CA GLU H 110 -3.65 -2.23 24.42
C GLU H 110 -2.45 -1.38 24.00
N SER H 111 -2.47 -0.08 24.26
CA SER H 111 -1.31 0.76 23.98
C SER H 111 -1.07 1.68 25.16
N ARG H 112 0.22 1.88 25.47
CA ARG H 112 0.67 2.79 26.52
C ARG H 112 1.93 3.44 25.97
N GLU H 113 1.79 4.71 25.60
CA GLU H 113 2.87 5.49 25.01
C GLU H 113 3.10 6.68 25.91
N TYR H 114 4.32 6.81 26.44
CA TYR H 114 4.68 7.94 27.27
C TYR H 114 5.85 8.70 26.68
N SER H 115 5.75 10.03 26.74
CA SER H 115 6.79 10.92 26.26
C SER H 115 7.46 11.60 27.44
N ASP H 116 8.77 11.73 27.35
CA ASP H 116 9.59 12.57 28.21
C ASP H 116 10.13 13.69 27.34
N GLY H 117 9.76 14.92 27.67
CA GLY H 117 10.29 16.09 26.99
C GLY H 117 11.36 16.77 27.81
N VAL H 118 11.88 17.88 27.27
CA VAL H 118 12.87 18.69 27.97
C VAL H 118 12.31 19.24 29.27
N GLU H 119 11.09 19.79 29.22
CA GLU H 119 10.39 20.14 30.45
C GLU H 119 8.97 19.59 30.50
N GLY H 120 8.51 19.15 31.66
CA GLY H 120 7.10 18.88 31.84
C GLY H 120 6.93 17.47 32.33
N ALA H 121 5.81 17.19 33.01
CA ALA H 121 5.57 15.87 33.57
C ALA H 121 5.39 14.83 32.47
N VAL H 122 5.79 13.60 32.78
CA VAL H 122 5.86 12.54 31.78
C VAL H 122 4.53 12.42 31.05
N GLU H 123 4.56 12.61 29.73
CA GLU H 123 3.33 12.60 28.95
C GLU H 123 2.84 11.19 28.76
N ILE H 124 1.83 10.80 29.53
CA ILE H 124 1.28 9.46 29.47
C ILE H 124 0.00 9.51 28.66
N SER H 125 0.04 8.88 27.49
CA SER H 125 -1.14 8.60 26.69
C SER H 125 -1.34 7.10 26.62
N ILE H 126 -2.52 6.63 26.98
CA ILE H 126 -2.84 5.21 26.91
C ILE H 126 -4.00 5.03 25.95
N SER H 127 -3.83 4.10 25.00
CA SER H 127 -4.82 3.82 23.98
C SER H 127 -5.45 2.46 24.24
N LEU H 128 -6.76 2.38 24.04
CA LEU H 128 -7.54 1.21 24.38
C LEU H 128 -8.62 0.99 23.33
N GLN H 129 -9.01 -0.27 23.16
CA GLN H 129 -10.21 -0.62 22.41
C GLN H 129 -11.22 -1.17 23.39
N VAL H 130 -12.50 -0.91 23.14
CA VAL H 130 -13.55 -1.47 23.97
C VAL H 130 -14.68 -1.92 23.05
N ILE H 131 -15.29 -3.07 23.38
CA ILE H 131 -16.29 -3.66 22.50
C ILE H 131 -17.44 -2.70 22.27
N GLY H 132 -17.97 -2.14 23.35
CA GLY H 132 -19.04 -1.18 23.23
C GLY H 132 -19.17 -0.33 24.48
N GLU H 133 -19.54 0.93 24.31
CA GLU H 133 -19.82 1.79 25.44
C GLU H 133 -21.32 1.93 25.65
N LEU H 134 -21.76 1.57 26.85
CA LEU H 134 -23.17 1.53 27.18
C LEU H 134 -23.52 2.84 27.88
N LYS H 135 -24.60 3.47 27.43
CA LYS H 135 -25.03 4.76 27.98
C LYS H 135 -25.92 4.51 29.19
N ASN H 136 -25.68 5.24 30.27
CA ASN H 136 -26.50 5.14 31.47
C ASN H 136 -26.29 6.39 32.32
N GLY H 137 -26.67 6.30 33.59
CA GLY H 137 -26.31 7.34 34.54
C GLY H 137 -25.49 6.78 35.69
N GLU H 138 -24.69 7.65 36.27
CA GLU H 138 -23.76 7.24 37.32
C GLU H 138 -24.26 7.72 38.66
N ILE H 139 -23.90 6.99 39.71
CA ILE H 139 -24.39 7.29 41.05
C ILE H 139 -23.27 7.83 41.93
N ASP H 140 -22.46 6.95 42.51
CA ASP H 140 -21.41 7.40 43.41
C ASP H 140 -20.08 7.52 42.68
N THR H 141 -19.77 8.75 42.25
CA THR H 141 -18.48 9.03 41.63
C THR H 141 -17.46 9.56 42.63
N LEU H 142 -17.66 9.29 43.94
CA LEU H 142 -16.87 9.82 45.06
C LEU H 142 -16.85 11.34 45.00
N PRO H 143 -18.03 11.99 44.92
CA PRO H 143 -18.11 13.38 44.41
C PRO H 143 -17.44 14.43 45.28
N GLU H 144 -17.12 14.02 46.51
CA GLU H 144 -16.33 14.83 47.43
C GLU H 144 -15.05 15.32 46.78
N GLU H 145 -14.28 14.42 46.17
CA GLU H 145 -12.98 14.76 45.63
C GLU H 145 -12.90 14.73 44.11
N ILE H 146 -13.65 13.86 43.45
CA ILE H 146 -13.65 13.76 41.99
C ILE H 146 -14.46 14.89 41.37
N VAL H 147 -15.60 15.22 41.95
CA VAL H 147 -16.49 16.23 41.39
C VAL H 147 -15.84 17.59 41.63
N ASN H 148 -15.19 17.73 42.79
CA ASN H 148 -14.59 19.01 43.17
C ASN H 148 -13.07 18.95 43.11
N VAL H 149 -12.44 19.74 42.25
CA VAL H 149 -10.99 19.87 42.27
C VAL H 149 -10.66 21.33 42.61
N SER H 150 -9.96 21.53 43.72
CA SER H 150 -9.71 22.87 44.23
C SER H 150 -8.31 23.04 44.80
N LYS H 151 -7.64 24.14 44.47
CA LYS H 151 -6.33 24.40 45.05
C LYS H 151 -6.33 24.41 46.58
N GLY H 152 -7.30 25.05 47.23
CA GLY H 152 -7.32 25.15 48.68
C GLY H 152 -7.75 26.51 49.17
N GLY H 153 -8.60 26.54 50.20
CA GLY H 153 -9.13 27.78 50.73
C GLY H 153 -8.92 27.88 52.22
N TYR H 154 -7.70 28.28 52.60
CA TYR H 154 -7.30 28.49 53.98
C TYR H 154 -7.08 29.98 54.20
N ASP H 155 -8.13 30.69 54.63
CA ASP H 155 -8.21 32.14 54.44
C ASP H 155 -7.24 32.96 55.30
N PHE H 156 -7.13 32.64 56.60
CA PHE H 156 -6.11 33.11 57.55
C PHE H 156 -5.55 31.91 58.30
N GLN H 157 -4.24 31.70 58.11
CA GLN H 157 -3.39 31.02 59.08
C GLN H 157 -2.27 32.00 59.42
N GLN H 158 -2.62 33.26 59.73
CA GLN H 158 -1.61 34.31 59.78
C GLN H 158 -0.64 34.19 60.96
N PRO H 159 -1.03 33.69 62.14
CA PRO H 159 0.01 33.44 63.16
C PRO H 159 0.71 32.10 63.01
N GLY H 160 0.30 31.26 62.06
CA GLY H 160 0.82 29.91 62.00
C GLY H 160 0.35 29.01 60.88
N GLN H 161 0.72 29.29 59.63
CA GLN H 161 0.35 28.38 58.54
C GLN H 161 1.14 27.08 58.63
N THR H 162 2.44 27.19 58.95
CA THR H 162 3.37 26.07 59.16
C THR H 162 3.26 25.01 58.06
N THR H 163 3.34 25.45 56.81
CA THR H 163 2.99 24.58 55.71
C THR H 163 4.15 24.47 54.74
N GLY H 164 4.19 23.39 53.98
CA GLY H 164 5.13 23.22 52.90
C GLY H 164 4.62 23.76 51.58
N GLU H 165 5.09 23.20 50.47
CA GLU H 165 4.69 23.67 49.15
C GLU H 165 3.19 23.50 48.92
N ALA H 166 2.65 22.35 49.33
CA ALA H 166 1.24 22.01 49.15
C ALA H 166 0.44 22.55 50.31
N PRO H 167 -0.64 23.28 50.06
CA PRO H 167 -1.15 24.24 51.03
C PRO H 167 -1.98 23.58 52.12
N GLY H 168 -1.95 24.21 53.30
CA GLY H 168 -2.89 23.93 54.36
C GLY H 168 -2.63 22.71 55.22
N THR H 169 -1.44 22.14 55.13
CA THR H 169 -1.03 21.10 56.06
C THR H 169 -0.20 21.70 57.17
N VAL H 170 -0.69 21.53 58.40
CA VAL H 170 -0.02 22.01 59.61
C VAL H 170 0.54 20.79 60.35
N PRO H 171 1.88 20.65 60.48
CA PRO H 171 2.42 19.49 61.19
C PRO H 171 2.16 19.57 62.68
N ALA H 172 2.35 18.44 63.36
CA ALA H 172 1.98 18.22 64.76
C ALA H 172 0.48 18.04 64.95
N PRO I 1 -25.19 36.11 -0.87
CA PRO I 1 -25.41 34.75 -1.38
C PRO I 1 -25.89 33.76 -0.35
N ILE I 2 -24.97 33.14 0.40
CA ILE I 2 -25.30 32.20 1.45
C ILE I 2 -24.52 32.59 2.69
N MET I 3 -25.03 32.21 3.86
CA MET I 3 -24.44 32.56 5.12
C MET I 3 -23.99 31.31 5.88
N GLY I 4 -23.07 31.50 6.82
CA GLY I 4 -22.63 30.43 7.70
C GLY I 4 -23.68 29.92 8.66
N GLN I 5 -24.76 30.67 8.85
CA GLN I 5 -25.91 30.22 9.61
C GLN I 5 -27.04 29.74 8.73
N ASP I 6 -26.91 29.90 7.40
CA ASP I 6 -27.99 29.62 6.48
C ASP I 6 -28.39 28.15 6.39
N VAL I 7 -27.45 27.24 6.18
CA VAL I 7 -27.76 25.82 6.06
C VAL I 7 -27.86 25.22 7.45
N LYS I 8 -29.01 24.66 7.79
CA LYS I 8 -29.16 24.00 9.08
C LYS I 8 -29.65 22.57 8.89
N TYR I 9 -29.16 21.69 9.76
CA TYR I 9 -29.23 20.25 9.57
C TYR I 9 -30.26 19.67 10.53
N LEU I 10 -31.43 19.31 9.99
CA LEU I 10 -32.46 18.65 10.79
C LEU I 10 -32.31 17.14 10.65
N PHE I 11 -32.30 16.45 11.79
CA PHE I 11 -32.25 14.99 11.81
C PHE I 11 -33.45 14.45 12.56
N GLN I 12 -34.31 13.73 11.84
CA GLN I 12 -35.38 12.99 12.49
C GLN I 12 -35.14 11.50 12.30
N SER I 13 -35.15 10.77 13.42
CA SER I 13 -34.95 9.33 13.39
C SER I 13 -36.21 8.60 12.93
N ILE I 14 -36.01 7.49 12.22
CA ILE I 14 -37.13 6.72 11.72
C ILE I 14 -38.00 6.18 12.84
N ASP I 15 -37.40 5.79 13.97
CA ASP I 15 -38.11 5.10 15.03
C ASP I 15 -39.18 5.98 15.68
N ALA I 16 -39.06 7.30 15.60
CA ALA I 16 -40.00 8.16 16.30
C ALA I 16 -41.38 8.15 15.64
N ALA I 17 -41.40 8.17 14.30
CA ALA I 17 -42.61 8.30 13.47
C ALA I 17 -43.48 9.47 13.91
N THR I 18 -42.87 10.65 13.97
CA THR I 18 -43.55 11.88 14.37
C THR I 18 -43.14 13.01 13.44
N GLY I 19 -43.69 14.20 13.67
CA GLY I 19 -43.39 15.35 12.84
C GLY I 19 -42.74 16.49 13.59
N SER I 20 -42.03 16.18 14.67
CA SER I 20 -41.41 17.21 15.48
C SER I 20 -40.22 17.85 14.78
N ALA I 21 -39.44 17.03 14.06
CA ALA I 21 -38.19 17.37 13.38
C ALA I 21 -37.21 18.09 14.32
N PRO I 22 -36.52 17.39 15.23
CA PRO I 22 -35.56 18.07 16.10
C PRO I 22 -34.32 18.52 15.35
N LEU I 23 -33.77 19.66 15.73
CA LEU I 23 -32.45 20.06 15.27
C LEU I 23 -31.58 20.38 16.46
N PHE I 24 -30.30 20.10 16.34
CA PHE I 24 -29.52 20.14 17.56
C PHE I 24 -28.70 21.42 17.63
N PRO I 25 -28.70 22.12 18.76
CA PRO I 25 -27.90 23.35 18.85
C PRO I 25 -26.41 23.07 18.95
N ALA I 26 -25.64 24.16 19.07
CA ALA I 26 -24.19 24.17 19.19
C ALA I 26 -23.51 23.53 17.98
N TYR I 27 -24.07 23.81 16.80
CA TYR I 27 -23.47 23.38 15.56
C TYR I 27 -22.19 24.18 15.27
N GLN I 28 -21.17 23.47 14.85
CA GLN I 28 -19.88 24.03 14.49
C GLN I 28 -19.83 23.96 12.96
N THR I 29 -19.26 22.90 12.42
CA THR I 29 -19.15 22.77 10.98
C THR I 29 -19.64 21.40 10.51
N ASP I 30 -19.76 21.29 9.19
CA ASP I 30 -20.50 20.22 8.56
C ASP I 30 -20.08 20.14 7.12
N GLY I 31 -19.24 19.16 6.82
CA GLY I 31 -18.93 18.85 5.45
C GLY I 31 -19.83 17.78 4.90
N SER I 32 -20.24 17.95 3.64
CA SER I 32 -21.00 16.93 2.92
C SER I 32 -20.34 16.84 1.57
N VAL I 33 -19.86 15.64 1.24
CA VAL I 33 -19.08 15.42 0.04
C VAL I 33 -19.71 14.26 -0.74
N SER I 34 -19.64 14.35 -2.06
CA SER I 34 -20.42 13.51 -2.97
C SER I 34 -19.48 13.00 -4.06
N GLY I 35 -19.41 11.68 -4.21
CA GLY I 35 -18.52 11.09 -5.19
C GLY I 35 -19.24 10.28 -6.24
N GLU I 36 -19.14 10.68 -7.49
CA GLU I 36 -19.80 10.01 -8.61
C GLU I 36 -18.76 9.14 -9.31
N ARG I 37 -19.04 7.85 -9.41
CA ARG I 37 -18.09 6.90 -9.95
C ARG I 37 -17.73 7.25 -11.38
N GLU I 38 -16.45 7.19 -11.71
CA GLU I 38 -15.91 7.74 -12.95
C GLU I 38 -14.91 6.75 -13.52
N LEU I 39 -15.13 6.37 -14.78
CA LEU I 39 -14.29 5.42 -15.49
C LEU I 39 -13.29 6.16 -16.38
N PHE I 40 -12.00 5.91 -16.11
CA PHE I 40 -10.92 6.37 -16.97
C PHE I 40 -9.97 5.25 -17.31
N ASP I 41 -10.26 4.53 -18.38
CA ASP I 41 -9.28 3.79 -19.17
C ASP I 41 -9.09 4.52 -20.50
N GLU I 42 -8.06 4.11 -21.23
CA GLU I 42 -7.81 4.66 -22.56
C GLU I 42 -8.82 4.20 -23.60
N GLN I 43 -9.09 2.89 -23.63
CA GLN I 43 -9.91 2.22 -24.66
C GLN I 43 -9.36 2.45 -26.07
N THR I 44 -8.03 2.50 -26.18
CA THR I 44 -7.28 3.02 -27.34
C THR I 44 -7.90 4.31 -27.88
N LYS I 45 -8.16 5.25 -26.95
CA LYS I 45 -8.80 6.52 -27.29
C LYS I 45 -8.28 7.63 -26.39
N ASN I 46 -8.99 8.77 -26.35
CA ASN I 46 -8.61 9.88 -25.49
C ASN I 46 -9.03 9.66 -24.03
N GLY I 47 -9.24 8.42 -23.62
CA GLY I 47 -9.65 8.12 -22.26
C GLY I 47 -11.14 8.29 -22.09
N ARG I 48 -11.63 7.92 -20.91
CA ARG I 48 -13.06 8.02 -20.61
C ARG I 48 -13.21 8.98 -19.45
N ILE I 49 -14.00 10.04 -19.67
CA ILE I 49 -14.27 11.04 -18.63
C ILE I 49 -15.78 11.26 -18.51
N LEU I 50 -16.49 11.14 -19.64
CA LEU I 50 -17.95 11.24 -19.63
C LEU I 50 -18.61 10.11 -18.86
N GLY I 51 -17.91 8.97 -18.73
CA GLY I 51 -18.50 7.75 -18.22
C GLY I 51 -19.04 7.88 -16.82
N PRO I 52 -20.37 7.84 -16.69
CA PRO I 52 -20.99 8.05 -15.38
C PRO I 52 -20.94 6.85 -14.47
N GLY I 53 -21.43 7.03 -13.25
CA GLY I 53 -21.45 5.97 -12.26
C GLY I 53 -22.34 6.36 -11.11
N SER I 54 -22.26 5.58 -10.04
CA SER I 54 -23.07 5.85 -8.86
C SER I 54 -22.38 6.86 -7.95
N VAL I 55 -23.18 7.58 -7.19
CA VAL I 55 -22.68 8.63 -6.30
C VAL I 55 -22.72 8.13 -4.86
N ALA I 56 -21.61 8.32 -4.14
CA ALA I 56 -21.52 8.00 -2.73
C ALA I 56 -21.52 9.30 -1.96
N ASP I 57 -22.59 9.56 -1.23
CA ASP I 57 -22.81 10.84 -0.58
C ASP I 57 -22.40 10.72 0.87
N SER I 58 -21.23 11.28 1.18
CA SER I 58 -20.65 11.24 2.51
C SER I 58 -20.86 12.57 3.21
N GLY I 59 -21.10 12.49 4.52
CA GLY I 59 -21.24 13.67 5.34
C GLY I 59 -20.63 13.50 6.70
N GLU I 60 -20.24 14.60 7.33
CA GLU I 60 -19.74 14.59 8.70
C GLU I 60 -20.30 15.82 9.40
N VAL I 61 -20.86 15.61 10.58
CA VAL I 61 -21.49 16.68 11.35
C VAL I 61 -20.66 16.92 12.60
N THR I 62 -20.19 18.14 12.77
CA THR I 62 -19.48 18.50 14.00
C THR I 62 -20.31 19.49 14.80
N TYR I 63 -20.35 19.29 16.12
CA TYR I 63 -21.03 20.21 17.01
C TYR I 63 -20.50 20.01 18.43
N TYR I 64 -20.73 21.00 19.29
CA TYR I 64 -20.39 20.93 20.71
C TYR I 64 -21.55 20.30 21.46
N GLY I 65 -21.24 19.37 22.36
CA GLY I 65 -22.27 18.64 23.07
C GLY I 65 -23.00 19.44 24.12
N LYS I 66 -24.30 19.19 24.27
CA LYS I 66 -25.08 19.81 25.33
C LYS I 66 -25.54 18.75 26.32
N ARG I 67 -25.73 19.16 27.58
CA ARG I 67 -26.01 18.22 28.66
C ARG I 67 -27.09 17.19 28.31
N GLY I 68 -28.24 17.62 27.83
CA GLY I 68 -29.29 16.71 27.40
C GLY I 68 -29.51 16.82 25.90
N ASP I 69 -30.69 17.32 25.54
CA ASP I 69 -31.04 17.72 24.17
C ASP I 69 -31.23 16.50 23.26
N ALA I 70 -32.44 16.41 22.70
CA ALA I 70 -33.05 15.17 22.23
C ALA I 70 -32.79 14.76 20.79
N GLY I 71 -32.51 15.71 19.88
CA GLY I 71 -32.01 15.35 18.57
C GLY I 71 -30.67 14.64 18.62
N GLN I 72 -29.69 15.25 19.30
CA GLN I 72 -28.43 14.56 19.56
C GLN I 72 -28.65 13.30 20.39
N LYS I 73 -29.54 13.35 21.40
CA LYS I 73 -29.90 12.12 22.10
C LYS I 73 -30.55 11.11 21.16
N ALA I 74 -31.38 11.57 20.22
CA ALA I 74 -31.82 10.68 19.16
C ALA I 74 -30.65 10.21 18.32
N ILE I 75 -29.75 11.13 17.97
CA ILE I 75 -28.51 10.76 17.29
C ILE I 75 -27.79 9.65 18.07
N GLU I 76 -27.65 9.83 19.38
CA GLU I 76 -26.93 8.84 20.20
C GLU I 76 -27.67 7.52 20.28
N ASP I 77 -28.99 7.54 20.56
CA ASP I 77 -29.78 6.33 20.43
C ASP I 77 -29.73 5.77 19.01
N ALA I 78 -29.70 6.64 18.01
CA ALA I 78 -29.54 6.16 16.65
C ALA I 78 -28.25 5.36 16.49
N TYR I 79 -27.12 5.93 16.91
CA TYR I 79 -25.84 5.28 16.69
C TYR I 79 -25.64 4.07 17.60
N GLN I 80 -25.90 4.24 18.89
CA GLN I 80 -25.49 3.26 19.89
C GLN I 80 -26.18 1.92 19.69
N ASN I 81 -27.51 1.91 19.59
CA ASN I 81 -28.21 0.68 19.22
C ASN I 81 -28.23 0.49 17.71
N GLY I 82 -28.34 1.58 16.96
CA GLY I 82 -28.34 1.53 15.51
C GLY I 82 -29.71 1.73 14.91
N LYS I 83 -29.96 2.93 14.41
CA LYS I 83 -31.22 3.31 13.78
C LYS I 83 -30.88 4.11 12.53
N GLN I 84 -31.72 4.02 11.51
CA GLN I 84 -31.68 4.89 10.35
C GLN I 84 -32.09 6.29 10.77
N ILE I 85 -31.42 7.31 10.23
CA ILE I 85 -31.76 8.69 10.55
C ILE I 85 -32.26 9.41 9.32
N LYS I 86 -33.42 10.06 9.47
CA LYS I 86 -33.99 10.85 8.39
C LYS I 86 -33.35 12.22 8.40
N PHE I 87 -32.56 12.50 7.36
CA PHE I 87 -31.62 13.61 7.30
C PHE I 87 -32.17 14.70 6.38
N TRP I 88 -32.28 15.91 6.90
CA TRP I 88 -32.79 17.07 6.19
C TRP I 88 -31.73 18.17 6.24
N ARG I 89 -31.28 18.63 5.07
CA ARG I 89 -30.39 19.79 4.98
C ARG I 89 -31.19 20.94 4.39
N VAL I 90 -31.53 21.92 5.23
CA VAL I 90 -32.40 22.99 4.79
C VAL I 90 -31.76 24.33 5.10
N ASP I 91 -32.11 25.32 4.30
CA ASP I 91 -31.61 26.67 4.47
C ASP I 91 -32.56 27.50 5.31
N THR I 92 -32.01 28.55 5.91
CA THR I 92 -32.74 29.43 6.81
C THR I 92 -33.36 30.63 6.08
N VAL I 93 -33.11 30.77 4.78
CA VAL I 93 -33.73 31.84 4.00
C VAL I 93 -34.96 31.31 3.29
N LYS I 94 -36.03 32.10 3.32
CA LYS I 94 -37.31 31.68 2.79
C LYS I 94 -37.23 31.55 1.26
N ASN I 95 -37.60 30.38 0.75
CA ASN I 95 -37.73 30.18 -0.68
C ASN I 95 -38.89 31.01 -1.22
N GLU I 96 -38.97 31.10 -2.54
CA GLU I 96 -40.00 31.90 -3.19
C GLU I 96 -41.25 31.13 -3.56
N ASN I 97 -41.27 29.81 -3.38
CA ASN I 97 -42.51 29.08 -3.49
C ASN I 97 -42.72 28.15 -2.29
N ASP I 98 -41.65 27.47 -1.86
CA ASP I 98 -41.65 26.77 -0.59
C ASP I 98 -41.39 27.78 0.51
N LYS I 99 -41.60 27.37 1.75
CA LYS I 99 -41.21 28.19 2.90
C LYS I 99 -39.71 28.32 2.98
N TYR I 100 -39.00 27.24 2.67
CA TYR I 100 -37.54 27.20 2.67
C TYR I 100 -37.12 26.22 1.58
N ASP I 101 -35.81 26.10 1.38
CA ASP I 101 -35.29 25.16 0.40
C ASP I 101 -34.45 24.10 1.10
N ALA I 102 -34.41 22.92 0.49
CA ALA I 102 -33.95 21.74 1.21
C ALA I 102 -33.17 20.84 0.26
N GLN I 103 -32.21 20.12 0.83
CA GLN I 103 -31.68 18.89 0.26
C GLN I 103 -31.92 17.80 1.29
N PHE I 104 -32.48 16.68 0.84
CA PHE I 104 -33.08 15.69 1.71
C PHE I 104 -32.45 14.32 1.50
N GLY I 105 -32.39 13.51 2.56
CA GLY I 105 -31.98 12.14 2.39
C GLY I 105 -32.22 11.32 3.64
N PHE I 106 -32.29 10.01 3.43
CA PHE I 106 -32.25 9.04 4.53
C PHE I 106 -30.79 8.74 4.83
N ALA I 107 -30.38 8.96 6.07
CA ALA I 107 -28.97 8.92 6.44
C ALA I 107 -28.75 8.03 7.65
N TYR I 108 -27.59 7.38 7.65
CA TYR I 108 -27.23 6.38 8.65
C TYR I 108 -25.92 6.81 9.29
N ILE I 109 -25.91 6.91 10.61
CA ILE I 109 -24.71 7.31 11.33
C ILE I 109 -23.77 6.12 11.45
N GLU I 110 -22.73 6.09 10.62
CA GLU I 110 -21.76 5.00 10.69
C GLU I 110 -20.52 5.34 11.51
N SER I 111 -20.26 6.61 11.79
CA SER I 111 -19.15 6.97 12.66
C SER I 111 -19.62 8.04 13.63
N ARG I 112 -19.14 7.94 14.87
CA ARG I 112 -19.41 8.90 15.94
C ARG I 112 -18.10 8.99 16.70
N GLU I 113 -17.42 10.12 16.54
CA GLU I 113 -16.13 10.39 17.14
C GLU I 113 -16.29 11.64 17.99
N TYR I 114 -16.04 11.52 19.29
CA TYR I 114 -16.10 12.68 20.17
C TYR I 114 -14.76 12.90 20.87
N SER I 115 -14.38 14.17 20.96
CA SER I 115 -13.16 14.57 21.63
C SER I 115 -13.50 15.29 22.93
N ASP I 116 -12.71 15.01 23.95
CA ASP I 116 -12.69 15.75 25.20
C ASP I 116 -11.31 16.42 25.26
N GLY I 117 -11.31 17.75 25.28
CA GLY I 117 -10.08 18.51 25.44
C GLY I 117 -9.94 19.02 26.86
N VAL I 118 -8.86 19.77 27.10
CA VAL I 118 -8.61 20.40 28.38
C VAL I 118 -9.71 21.39 28.73
N GLU I 119 -10.10 22.24 27.77
CA GLU I 119 -11.29 23.05 27.95
C GLU I 119 -12.23 22.98 26.76
N GLY I 120 -13.54 22.98 27.00
CA GLY I 120 -14.49 23.19 25.94
C GLY I 120 -15.48 22.05 25.93
N ALA I 121 -16.67 22.28 25.38
CA ALA I 121 -17.71 21.27 25.36
C ALA I 121 -17.31 20.09 24.48
N VAL I 122 -17.80 18.91 24.84
CA VAL I 122 -17.36 17.67 24.21
C VAL I 122 -17.51 17.77 22.70
N GLU I 123 -16.40 17.63 21.99
CA GLU I 123 -16.41 17.79 20.54
C GLU I 123 -17.02 16.56 19.88
N ILE I 124 -18.27 16.70 19.47
CA ILE I 124 -18.99 15.60 18.84
C ILE I 124 -18.99 15.81 17.34
N SER I 125 -18.28 14.94 16.63
CA SER I 125 -18.34 14.84 15.18
C SER I 125 -18.93 13.49 14.83
N ILE I 126 -19.98 13.48 14.03
CA ILE I 126 -20.60 12.25 13.57
C ILE I 126 -20.50 12.19 12.06
N SER I 127 -20.01 11.06 11.55
CA SER I 127 -19.81 10.83 10.13
C SER I 127 -20.83 9.83 9.63
N LEU I 128 -21.35 10.09 8.44
CA LEU I 128 -22.44 9.31 7.87
C LEU I 128 -22.26 9.17 6.37
N GLN I 129 -22.77 8.08 5.81
CA GLN I 129 -22.91 7.92 4.38
C GLN I 129 -24.39 7.95 4.06
N VAL I 130 -24.75 8.50 2.90
CA VAL I 130 -26.14 8.48 2.47
C VAL I 130 -26.15 8.17 0.97
N ILE I 131 -27.13 7.38 0.55
CA ILE I 131 -27.16 6.90 -0.83
C ILE I 131 -27.21 8.07 -1.79
N GLY I 132 -28.13 9.01 -1.55
CA GLY I 132 -28.23 10.18 -2.38
C GLY I 132 -28.97 11.29 -1.68
N GLU I 133 -28.55 12.54 -1.94
CA GLU I 133 -29.27 13.69 -1.43
C GLU I 133 -30.15 14.31 -2.51
N LEU I 134 -31.44 14.38 -2.21
CA LEU I 134 -32.42 14.85 -3.18
C LEU I 134 -32.68 16.32 -2.93
N LYS I 135 -32.64 17.12 -3.98
CA LYS I 135 -32.82 18.56 -3.89
C LYS I 135 -34.31 18.89 -3.95
N ASN I 136 -34.77 19.75 -3.05
CA ASN I 136 -36.16 20.19 -3.04
C ASN I 136 -36.27 21.48 -2.24
N GLY I 137 -37.49 21.83 -1.84
CA GLY I 137 -37.66 22.91 -0.89
C GLY I 137 -38.35 22.42 0.38
N GLU I 138 -38.09 23.13 1.47
CA GLU I 138 -38.59 22.73 2.77
C GLU I 138 -39.72 23.64 3.18
N ILE I 139 -40.63 23.11 4.00
CA ILE I 139 -41.82 23.87 4.40
C ILE I 139 -41.73 24.25 5.87
N ASP I 140 -42.10 23.34 6.77
CA ASP I 140 -42.12 23.67 8.19
C ASP I 140 -40.83 23.21 8.86
N THR I 141 -39.89 24.15 9.01
CA THR I 141 -38.65 23.89 9.72
C THR I 141 -38.73 24.32 11.18
N LEU I 142 -39.94 24.44 11.74
CA LEU I 142 -40.24 24.97 13.07
C LEU I 142 -39.63 26.35 13.22
N PRO I 143 -39.93 27.28 12.28
CA PRO I 143 -39.08 28.47 12.08
C PRO I 143 -39.04 29.45 13.24
N GLU I 144 -39.99 29.29 14.16
CA GLU I 144 -40.00 30.02 15.42
C GLU I 144 -38.67 29.94 16.13
N GLU I 145 -38.13 28.74 16.31
CA GLU I 145 -36.94 28.54 17.10
C GLU I 145 -35.72 28.13 16.28
N ILE I 146 -35.88 27.39 15.20
CA ILE I 146 -34.79 26.95 14.36
C ILE I 146 -34.29 28.08 13.46
N VAL I 147 -35.21 28.85 12.90
CA VAL I 147 -34.85 29.92 11.97
C VAL I 147 -34.22 31.05 12.78
N ASN I 148 -34.74 31.27 13.99
CA ASN I 148 -34.27 32.36 14.83
C ASN I 148 -33.48 31.85 16.03
N VAL I 149 -32.20 32.19 16.13
CA VAL I 149 -31.45 31.89 17.33
C VAL I 149 -31.01 33.23 17.95
N SER I 150 -31.46 33.47 19.18
CA SER I 150 -31.24 34.77 19.82
C SER I 150 -30.92 34.65 21.29
N LYS I 151 -29.92 35.39 21.78
CA LYS I 151 -29.63 35.40 23.21
C LYS I 151 -30.82 35.77 24.08
N GLY I 152 -31.59 36.79 23.72
CA GLY I 152 -32.70 37.24 24.55
C GLY I 152 -32.80 38.75 24.63
N GLY I 153 -34.03 39.27 24.53
CA GLY I 153 -34.26 40.70 24.54
C GLY I 153 -35.29 41.10 25.58
N TYR I 154 -34.83 41.20 26.83
CA TYR I 154 -35.63 41.61 27.97
C TYR I 154 -35.14 42.98 28.44
N ASP I 155 -35.75 44.04 27.90
CA ASP I 155 -35.12 45.36 27.89
C ASP I 155 -35.01 46.05 29.25
N PHE I 156 -36.08 46.03 30.05
CA PHE I 156 -36.15 46.39 31.48
C PHE I 156 -36.88 45.30 32.24
N GLN I 157 -36.15 44.68 33.16
CA GLN I 157 -36.73 44.04 34.34
C GLN I 157 -36.07 44.69 35.55
N GLN I 158 -36.03 46.04 35.57
CA GLN I 158 -35.18 46.73 36.54
C GLN I 158 -35.67 46.62 37.99
N PRO I 159 -36.98 46.55 38.30
CA PRO I 159 -37.33 46.26 39.70
C PRO I 159 -37.35 44.78 40.04
N GLY I 160 -37.11 43.90 39.07
CA GLY I 160 -37.29 42.48 39.32
C GLY I 160 -36.97 41.52 38.19
N GLN I 161 -35.70 41.36 37.81
CA GLN I 161 -35.38 40.36 36.79
C GLN I 161 -35.52 38.95 37.34
N THR I 162 -35.06 38.75 38.58
CA THR I 162 -35.17 37.49 39.35
C THR I 162 -34.75 36.28 38.51
N THR I 163 -33.57 36.37 37.92
CA THR I 163 -33.20 35.40 36.89
C THR I 163 -31.89 34.73 37.27
N GLY I 164 -31.67 33.53 36.75
CA GLY I 164 -30.41 32.84 36.88
C GLY I 164 -29.45 33.17 35.77
N GLU I 165 -28.53 32.24 35.45
CA GLU I 165 -27.53 32.48 34.43
C GLU I 165 -28.17 32.70 33.06
N ALA I 166 -29.18 31.90 32.73
CA ALA I 166 -29.87 31.96 31.44
C ALA I 166 -31.00 32.98 31.52
N PRO I 167 -31.07 33.90 30.58
CA PRO I 167 -31.74 35.17 30.81
C PRO I 167 -33.26 35.07 30.70
N GLY I 168 -33.94 35.92 31.47
CA GLY I 168 -35.35 36.19 31.27
C GLY I 168 -36.33 35.19 31.86
N THR I 169 -35.86 34.28 32.70
CA THR I 169 -36.77 33.43 33.46
C THR I 169 -36.99 34.01 34.84
N VAL I 170 -38.26 34.30 35.13
CA VAL I 170 -38.71 34.82 36.42
C VAL I 170 -39.43 33.72 37.16
N PRO I 171 -38.91 33.24 38.31
CA PRO I 171 -39.61 32.16 39.04
C PRO I 171 -40.89 32.67 39.68
N ALA I 172 -41.74 31.74 40.10
CA ALA I 172 -43.10 31.98 40.59
C ALA I 172 -44.08 32.30 39.46
N PRO J 1 1.09 40.49 -17.15
CA PRO J 1 0.89 39.16 -17.76
C PRO J 1 -0.54 38.64 -17.67
N ILE J 2 -0.86 37.99 -16.56
CA ILE J 2 -2.20 37.45 -16.33
C ILE J 2 -2.63 37.89 -14.94
N MET J 3 -3.95 37.98 -14.74
CA MET J 3 -4.52 38.43 -13.48
C MET J 3 -5.35 37.33 -12.83
N GLY J 4 -5.54 37.47 -11.51
CA GLY J 4 -6.39 36.56 -10.77
C GLY J 4 -7.86 36.62 -11.13
N GLN J 5 -8.29 37.68 -11.81
CA GLN J 5 -9.62 37.78 -12.37
C GLN J 5 -9.68 37.44 -13.85
N ASP J 6 -8.52 37.23 -14.48
CA ASP J 6 -8.44 37.07 -15.92
C ASP J 6 -9.10 35.81 -16.44
N VAL J 7 -8.79 34.64 -15.89
CA VAL J 7 -9.37 33.37 -16.37
C VAL J 7 -10.72 33.20 -15.71
N LYS J 8 -11.78 33.09 -16.52
CA LYS J 8 -13.10 32.84 -15.98
C LYS J 8 -13.72 31.61 -16.63
N TYR J 9 -14.47 30.86 -15.82
CA TYR J 9 -14.88 29.50 -16.14
C TYR J 9 -16.37 29.51 -16.50
N LEU J 10 -16.66 29.37 -17.79
CA LEU J 10 -18.05 29.26 -18.24
C LEU J 10 -18.41 27.78 -18.36
N PHE J 11 -19.55 27.41 -17.78
CA PHE J 11 -20.07 26.06 -17.88
C PHE J 11 -21.47 26.08 -18.48
N GLN J 12 -21.59 25.49 -19.67
CA GLN J 12 -22.90 25.27 -20.25
C GLN J 12 -23.18 23.78 -20.32
N SER J 13 -24.32 23.37 -19.78
CA SER J 13 -24.72 21.98 -19.78
C SER J 13 -25.26 21.56 -21.14
N ILE J 14 -25.00 20.30 -21.50
CA ILE J 14 -25.46 19.78 -22.78
C ILE J 14 -26.97 19.81 -22.91
N ASP J 15 -27.70 19.56 -21.81
CA ASP J 15 -29.14 19.38 -21.86
C ASP J 15 -29.87 20.65 -22.26
N ALA J 16 -29.26 21.82 -22.07
CA ALA J 16 -29.97 23.07 -22.35
C ALA J 16 -30.15 23.29 -23.84
N ALA J 17 -29.10 23.00 -24.63
CA ALA J 17 -29.01 23.26 -26.07
C ALA J 17 -29.37 24.72 -26.40
N THR J 18 -28.68 25.65 -25.75
CA THR J 18 -28.90 27.08 -25.94
C THR J 18 -27.55 27.78 -26.02
N GLY J 19 -27.58 29.09 -26.21
CA GLY J 19 -26.36 29.87 -26.31
C GLY J 19 -26.21 30.92 -25.24
N SER J 20 -26.81 30.69 -24.08
CA SER J 20 -26.75 31.66 -23.00
C SER J 20 -25.37 31.74 -22.36
N ALA J 21 -24.71 30.58 -22.23
CA ALA J 21 -23.44 30.36 -21.55
C ALA J 21 -23.40 30.97 -20.16
N PRO J 22 -24.04 30.34 -19.15
CA PRO J 22 -23.98 30.90 -17.79
C PRO J 22 -22.60 30.78 -17.16
N LEU J 23 -22.22 31.77 -16.38
CA LEU J 23 -21.04 31.64 -15.53
C LEU J 23 -21.43 31.98 -14.10
N PHE J 24 -20.78 31.31 -13.16
CA PHE J 24 -21.33 31.41 -11.83
C PHE J 24 -20.51 32.38 -10.99
N PRO J 25 -21.13 33.30 -10.26
CA PRO J 25 -20.36 34.23 -9.43
C PRO J 25 -19.79 33.56 -8.19
N ALA J 26 -19.10 34.38 -7.39
CA ALA J 26 -18.46 34.00 -6.13
C ALA J 26 -17.40 32.91 -6.34
N TYR J 27 -16.66 33.05 -7.44
CA TYR J 27 -15.53 32.17 -7.71
C TYR J 27 -14.38 32.48 -6.76
N GLN J 28 -13.80 31.41 -6.23
CA GLN J 28 -12.67 31.48 -5.33
C GLN J 28 -11.46 31.03 -6.17
N THR J 29 -11.13 29.75 -6.12
CA THR J 29 -9.99 29.24 -6.87
C THR J 29 -10.38 28.01 -7.69
N ASP J 30 -9.45 27.62 -8.55
CA ASP J 30 -9.72 26.70 -9.63
C ASP J 30 -8.39 26.14 -10.11
N GLY J 31 -8.09 24.92 -9.72
CA GLY J 31 -6.97 24.21 -10.27
C GLY J 31 -7.38 23.36 -11.43
N SER J 32 -6.55 23.32 -12.47
CA SER J 32 -6.73 22.44 -13.60
C SER J 32 -5.37 21.82 -13.86
N VAL J 33 -5.31 20.49 -13.79
CA VAL J 33 -4.05 19.77 -13.86
C VAL J 33 -4.18 18.70 -14.94
N SER J 34 -3.07 18.44 -15.62
CA SER J 34 -3.06 17.67 -16.86
C SER J 34 -1.92 16.66 -16.78
N GLY J 35 -2.24 15.39 -16.95
CA GLY J 35 -1.24 14.34 -16.85
C GLY J 35 -1.08 13.55 -18.11
N GLU J 36 0.10 13.59 -18.72
CA GLU J 36 0.40 12.89 -19.96
C GLU J 36 1.16 11.61 -19.61
N ARG J 37 0.63 10.48 -20.02
CA ARG J 37 1.18 9.18 -19.66
C ARG J 37 2.62 9.06 -20.16
N GLU J 38 3.49 8.55 -19.30
CA GLU J 38 4.94 8.61 -19.51
C GLU J 38 5.54 7.26 -19.12
N LEU J 39 6.27 6.67 -20.07
CA LEU J 39 6.91 5.38 -19.90
C LEU J 39 8.37 5.55 -19.51
N PHE J 40 8.72 5.00 -18.34
CA PHE J 40 10.11 4.91 -17.91
C PHE J 40 10.44 3.52 -17.43
N ASP J 41 10.87 2.67 -18.37
CA ASP J 41 11.72 1.52 -18.09
C ASP J 41 13.12 1.81 -18.61
N GLU J 42 14.08 0.96 -18.24
CA GLU J 42 15.44 1.08 -18.74
C GLU J 42 15.58 0.69 -20.21
N GLN J 43 15.00 -0.45 -20.60
CA GLN J 43 15.14 -1.08 -21.92
C GLN J 43 16.60 -1.37 -22.25
N THR J 44 17.39 -1.74 -21.21
CA THR J 44 18.86 -1.75 -21.22
C THR J 44 19.43 -0.50 -21.90
N LYS J 45 18.92 0.66 -21.48
CA LYS J 45 19.31 1.95 -22.06
C LYS J 45 19.28 3.03 -21.00
N ASN J 46 19.31 4.30 -21.44
CA ASN J 46 19.22 5.43 -20.52
C ASN J 46 17.80 5.70 -20.05
N GLY J 47 16.91 4.71 -20.12
CA GLY J 47 15.53 4.88 -19.71
C GLY J 47 14.71 5.52 -20.81
N ARG J 48 13.40 5.60 -20.56
CA ARG J 48 12.49 6.17 -21.55
C ARG J 48 11.84 7.41 -20.91
N ILE J 49 12.01 8.56 -21.56
CA ILE J 49 11.42 9.81 -21.09
C ILE J 49 10.64 10.47 -22.21
N LEU J 50 11.12 10.30 -23.45
CA LEU J 50 10.42 10.83 -24.62
C LEU J 50 9.08 10.15 -24.84
N GLY J 51 8.91 8.93 -24.32
CA GLY J 51 7.78 8.09 -24.63
C GLY J 51 6.44 8.70 -24.26
N PRO J 52 5.66 9.09 -25.28
CA PRO J 52 4.41 9.79 -25.01
C PRO J 52 3.28 8.87 -24.57
N GLY J 53 2.13 9.48 -24.25
CA GLY J 53 0.97 8.74 -23.81
C GLY J 53 -0.24 9.65 -23.85
N SER J 54 -1.32 9.16 -23.25
CA SER J 54 -2.55 9.93 -23.20
C SER J 54 -2.55 10.87 -22.01
N VAL J 55 -3.29 11.96 -22.14
CA VAL J 55 -3.36 13.00 -21.12
C VAL J 55 -4.70 12.89 -20.38
N ALA J 56 -4.62 12.92 -19.06
CA ALA J 56 -5.80 12.94 -18.21
C ALA J 56 -5.93 14.34 -17.63
N ASP J 57 -6.96 15.06 -18.06
CA ASP J 57 -7.11 16.46 -17.73
C ASP J 57 -8.09 16.59 -16.57
N SER J 58 -7.54 16.85 -15.39
CA SER J 58 -8.29 16.96 -14.16
C SER J 58 -8.48 18.42 -13.79
N GLY J 59 -9.65 18.73 -13.24
CA GLY J 59 -9.92 20.06 -12.76
C GLY J 59 -10.76 20.06 -11.51
N GLU J 60 -10.64 21.12 -10.72
CA GLU J 60 -11.47 21.30 -9.53
C GLU J 60 -11.86 22.76 -9.46
N VAL J 61 -13.15 23.02 -9.26
CA VAL J 61 -13.68 24.37 -9.22
C VAL J 61 -14.15 24.66 -7.80
N THR J 62 -13.60 25.70 -7.18
CA THR J 62 -14.08 26.11 -5.87
C THR J 62 -14.76 27.47 -5.98
N TYR J 63 -15.89 27.61 -5.28
CA TYR J 63 -16.60 28.88 -5.23
C TYR J 63 -17.51 28.89 -4.00
N TYR J 64 -17.95 30.08 -3.61
CA TYR J 64 -18.91 30.26 -2.52
C TYR J 64 -20.32 30.20 -3.09
N GLY J 65 -21.20 29.46 -2.43
CA GLY J 65 -22.55 29.26 -2.93
C GLY J 65 -23.45 30.47 -2.85
N LYS J 66 -24.31 30.64 -3.84
CA LYS J 66 -25.30 31.70 -3.81
C LYS J 66 -26.70 31.08 -3.73
N ARG J 67 -27.63 31.83 -3.12
CA ARG J 67 -28.97 31.30 -2.83
C ARG J 67 -29.60 30.58 -4.01
N GLY J 68 -29.65 31.20 -5.19
CA GLY J 68 -30.18 30.56 -6.37
C GLY J 68 -29.07 30.35 -7.39
N ASP J 69 -29.20 31.07 -8.52
CA ASP J 69 -28.16 31.22 -9.54
C ASP J 69 -27.99 29.92 -10.34
N ALA J 70 -28.19 30.05 -11.66
CA ALA J 70 -28.58 28.97 -12.56
C ALA J 70 -27.45 28.17 -13.21
N GLY J 71 -26.27 28.75 -13.40
CA GLY J 71 -25.11 27.95 -13.78
C GLY J 71 -24.74 26.92 -12.74
N GLN J 72 -24.56 27.36 -11.49
CA GLN J 72 -24.39 26.41 -10.39
C GLN J 72 -25.60 25.51 -10.23
N LYS J 73 -26.81 26.06 -10.37
CA LYS J 73 -27.99 25.20 -10.40
C LYS J 73 -27.95 24.24 -11.56
N ALA J 74 -27.47 24.66 -12.73
CA ALA J 74 -27.18 23.72 -13.79
C ALA J 74 -26.10 22.74 -13.37
N ILE J 75 -25.04 23.24 -12.73
CA ILE J 75 -24.02 22.37 -12.15
C ILE J 75 -24.67 21.33 -11.23
N GLU J 76 -25.56 21.77 -10.35
CA GLU J 76 -26.19 20.85 -9.41
C GLU J 76 -27.12 19.86 -10.11
N ASP J 77 -27.98 20.33 -11.02
CA ASP J 77 -28.73 19.39 -11.86
C ASP J 77 -27.79 18.52 -12.69
N ALA J 78 -26.67 19.09 -13.15
CA ALA J 78 -25.71 18.26 -13.85
C ALA J 78 -25.21 17.11 -12.97
N TYR J 79 -24.78 17.40 -11.75
CA TYR J 79 -24.18 16.38 -10.90
C TYR J 79 -25.24 15.42 -10.36
N GLN J 80 -26.32 15.97 -9.80
CA GLN J 80 -27.25 15.18 -9.01
C GLN J 80 -27.94 14.09 -9.82
N ASN J 81 -28.52 14.45 -10.97
CA ASN J 81 -29.03 13.43 -11.87
C ASN J 81 -27.93 12.89 -12.76
N GLY J 82 -27.00 13.74 -13.17
CA GLY J 82 -25.88 13.35 -14.01
C GLY J 82 -26.04 13.79 -15.44
N LYS J 83 -25.33 14.85 -15.81
CA LYS J 83 -25.33 15.42 -17.15
C LYS J 83 -23.89 15.76 -17.51
N GLN J 84 -23.54 15.67 -18.79
CA GLN J 84 -22.30 16.18 -19.32
C GLN J 84 -22.33 17.70 -19.26
N ILE J 85 -21.19 18.31 -18.93
CA ILE J 85 -21.12 19.77 -18.86
C ILE J 85 -20.14 20.28 -19.91
N LYS J 86 -20.61 21.25 -20.69
CA LYS J 86 -19.77 21.90 -21.70
C LYS J 86 -18.95 22.99 -21.02
N PHE J 87 -17.64 22.76 -20.94
CA PHE J 87 -16.72 23.51 -20.10
C PHE J 87 -15.87 24.44 -20.95
N TRP J 88 -15.91 25.73 -20.61
CA TRP J 88 -15.18 26.78 -21.32
C TRP J 88 -14.28 27.50 -20.31
N ARG J 89 -12.98 27.51 -20.57
CA ARG J 89 -12.05 28.31 -19.77
C ARG J 89 -11.56 29.46 -20.63
N VAL J 90 -12.02 30.66 -20.32
CA VAL J 90 -11.74 31.81 -21.17
C VAL J 90 -11.17 32.94 -20.32
N ASP J 91 -10.36 33.75 -20.97
CA ASP J 91 -9.75 34.90 -20.31
C ASP J 91 -10.59 36.15 -20.53
N THR J 92 -10.40 37.11 -19.62
CA THR J 92 -11.15 38.36 -19.61
C THR J 92 -10.46 39.46 -20.40
N VAL J 93 -9.26 39.21 -20.93
CA VAL J 93 -8.58 40.20 -21.76
C VAL J 93 -8.82 39.89 -23.23
N LYS J 94 -9.12 40.93 -24.00
CA LYS J 94 -9.49 40.79 -25.40
C LYS J 94 -8.30 40.27 -26.21
N ASN J 95 -8.52 39.18 -26.93
CA ASN J 95 -7.53 38.69 -27.87
C ASN J 95 -7.40 39.66 -29.04
N GLU J 96 -6.35 39.45 -29.85
CA GLU J 96 -6.07 40.34 -30.97
C GLU J 96 -6.70 39.90 -32.28
N ASN J 97 -7.32 38.72 -32.33
CA ASN J 97 -8.13 38.38 -33.49
C ASN J 97 -9.51 37.87 -33.06
N ASP J 98 -9.56 37.04 -32.03
CA ASP J 98 -10.80 36.69 -31.37
C ASP J 98 -11.17 37.82 -30.43
N LYS J 99 -12.40 37.80 -29.92
CA LYS J 99 -12.80 38.72 -28.88
C LYS J 99 -12.06 38.43 -27.58
N TYR J 100 -11.85 37.14 -27.30
CA TYR J 100 -11.15 36.69 -26.12
C TYR J 100 -10.43 35.39 -26.50
N ASP J 101 -9.65 34.85 -25.57
CA ASP J 101 -8.97 33.59 -25.81
C ASP J 101 -9.47 32.54 -24.83
N ALA J 102 -9.41 31.28 -25.26
CA ALA J 102 -10.17 30.22 -24.61
C ALA J 102 -9.35 28.93 -24.62
N GLN J 103 -9.58 28.13 -23.58
CA GLN J 103 -9.31 26.70 -23.61
C GLN J 103 -10.63 26.01 -23.33
N PHE J 104 -10.98 25.03 -24.15
CA PHE J 104 -12.33 24.50 -24.26
C PHE J 104 -12.32 22.99 -24.01
N GLY J 105 -13.42 22.48 -23.44
CA GLY J 105 -13.58 21.05 -23.35
C GLY J 105 -14.98 20.67 -22.92
N PHE J 106 -15.34 19.43 -23.23
CA PHE J 106 -16.52 18.79 -22.67
C PHE J 106 -16.12 18.16 -21.34
N ALA J 107 -16.81 18.54 -20.28
CA ALA J 107 -16.41 18.19 -18.93
C ALA J 107 -17.57 17.58 -18.15
N TYR J 108 -17.22 16.64 -17.28
CA TYR J 108 -18.18 15.86 -16.51
C TYR J 108 -17.87 16.03 -15.04
N ILE J 109 -18.86 16.45 -14.27
CA ILE J 109 -18.69 16.63 -12.82
C ILE J 109 -18.74 15.29 -12.13
N GLU J 110 -17.57 14.75 -11.76
CA GLU J 110 -17.53 13.49 -11.04
C GLU J 110 -17.43 13.63 -9.53
N SER J 111 -17.05 14.80 -9.03
CA SER J 111 -17.05 15.04 -7.59
C SER J 111 -17.65 16.39 -7.30
N ARG J 112 -18.42 16.45 -6.22
CA ARG J 112 -19.05 17.68 -5.72
C ARG J 112 -18.95 17.58 -4.20
N GLU J 113 -18.07 18.38 -3.63
CA GLU J 113 -17.80 18.40 -2.21
C GLU J 113 -18.09 19.80 -1.72
N TYR J 114 -19.03 19.94 -0.78
CA TYR J 114 -19.33 21.24 -0.20
C TYR J 114 -19.12 21.22 1.30
N SER J 115 -18.54 22.31 1.80
CA SER J 115 -18.30 22.49 3.22
C SER J 115 -19.22 23.57 3.76
N ASP J 116 -19.74 23.33 4.95
CA ASP J 116 -20.43 24.31 5.77
C ASP J 116 -19.55 24.55 7.00
N GLY J 117 -19.08 25.78 7.15
CA GLY J 117 -18.31 26.17 8.32
C GLY J 117 -19.16 26.95 9.30
N VAL J 118 -18.54 27.37 10.39
CA VAL J 118 -19.19 28.20 11.39
C VAL J 118 -19.65 29.52 10.81
N GLU J 119 -18.79 30.18 10.04
CA GLU J 119 -19.24 31.34 9.25
C GLU J 119 -18.81 31.25 7.80
N GLY J 120 -19.65 31.69 6.87
CA GLY J 120 -19.23 31.91 5.52
C GLY J 120 -20.13 31.13 4.59
N ALA J 121 -20.21 31.55 3.33
CA ALA J 121 -21.10 30.91 2.37
C ALA J 121 -20.62 29.50 2.06
N VAL J 122 -21.59 28.63 1.73
CA VAL J 122 -21.33 27.20 1.60
C VAL J 122 -20.17 26.98 0.63
N GLU J 123 -19.11 26.35 1.12
CA GLU J 123 -17.92 26.15 0.29
C GLU J 123 -18.15 25.04 -0.71
N ILE J 124 -18.41 25.42 -1.94
CA ILE J 124 -18.68 24.46 -3.01
C ILE J 124 -17.42 24.29 -3.84
N SER J 125 -16.83 23.12 -3.76
CA SER J 125 -15.76 22.69 -4.64
C SER J 125 -16.27 21.53 -5.47
N ILE J 126 -16.17 21.64 -6.80
CA ILE J 126 -16.58 20.55 -7.68
C ILE J 126 -15.36 20.10 -8.48
N SER J 127 -15.13 18.80 -8.48
CA SER J 127 -14.00 18.18 -9.16
C SER J 127 -14.48 17.43 -10.38
N LEU J 128 -13.72 17.53 -11.47
CA LEU J 128 -14.10 16.99 -12.76
C LEU J 128 -12.88 16.45 -13.48
N GLN J 129 -13.11 15.45 -14.33
CA GLN J 129 -12.11 15.00 -15.28
C GLN J 129 -12.59 15.38 -16.67
N VAL J 130 -11.67 15.71 -17.56
CA VAL J 130 -12.03 15.99 -18.94
C VAL J 130 -10.98 15.35 -19.83
N ILE J 131 -11.43 14.79 -20.96
CA ILE J 131 -10.53 14.02 -21.82
C ILE J 131 -9.38 14.89 -22.29
N GLY J 132 -9.69 16.09 -22.80
CA GLY J 132 -8.67 17.00 -23.23
C GLY J 132 -9.18 18.41 -23.31
N GLU J 133 -8.31 19.38 -23.00
CA GLU J 133 -8.67 20.78 -23.17
C GLU J 133 -8.04 21.35 -24.43
N LEU J 134 -8.89 21.87 -25.31
CA LEU J 134 -8.45 22.34 -26.61
C LEU J 134 -8.25 23.85 -26.52
N LYS J 135 -7.11 24.32 -27.00
CA LYS J 135 -6.76 25.73 -26.95
C LYS J 135 -7.34 26.45 -28.15
N ASN J 136 -7.97 27.60 -27.92
CA ASN J 136 -8.51 28.41 -29.00
C ASN J 136 -8.73 29.83 -28.49
N GLY J 137 -9.53 30.60 -29.22
CA GLY J 137 -9.97 31.88 -28.71
C GLY J 137 -11.48 31.94 -28.60
N GLU J 138 -11.94 32.80 -27.68
CA GLU J 138 -13.37 32.87 -27.38
C GLU J 138 -13.93 34.15 -27.98
N ILE J 139 -15.22 34.12 -28.31
CA ILE J 139 -15.86 35.26 -28.95
C ILE J 139 -16.83 35.94 -28.01
N ASP J 140 -18.05 35.43 -27.90
CA ASP J 140 -19.06 36.08 -27.06
C ASP J 140 -19.10 35.45 -25.68
N THR J 141 -18.39 36.07 -24.73
CA THR J 141 -18.42 35.65 -23.34
C THR J 141 -19.45 36.42 -22.52
N LEU J 142 -20.46 37.02 -23.18
CA LEU J 142 -21.46 37.91 -22.60
C LEU J 142 -20.76 39.06 -21.87
N PRO J 143 -19.85 39.78 -22.55
CA PRO J 143 -18.83 40.58 -21.85
C PRO J 143 -19.36 41.76 -21.06
N GLU J 144 -20.61 42.10 -21.31
CA GLU J 144 -21.35 43.09 -20.54
C GLU J 144 -21.26 42.81 -19.05
N GLU J 145 -21.57 41.58 -18.63
CA GLU J 145 -21.65 41.24 -17.23
C GLU J 145 -20.55 40.31 -16.75
N ILE J 146 -20.06 39.41 -17.59
CA ILE J 146 -19.01 38.47 -17.22
C ILE J 146 -17.65 39.16 -17.21
N VAL J 147 -17.38 40.01 -18.19
CA VAL J 147 -16.09 40.66 -18.32
C VAL J 147 -15.99 41.72 -17.22
N ASN J 148 -17.12 42.37 -16.93
CA ASN J 148 -17.15 43.45 -15.95
C ASN J 148 -17.88 43.04 -14.68
N VAL J 149 -17.18 43.00 -13.55
CA VAL J 149 -17.86 42.81 -12.28
C VAL J 149 -17.64 44.06 -11.43
N SER J 150 -18.74 44.71 -11.06
CA SER J 150 -18.66 46.00 -10.39
C SER J 150 -19.70 46.16 -9.29
N LYS J 151 -19.30 46.67 -8.13
CA LYS J 151 -20.27 46.94 -7.07
C LYS J 151 -21.43 47.84 -7.50
N GLY J 152 -21.17 48.93 -8.22
CA GLY J 152 -22.21 49.86 -8.61
C GLY J 152 -21.78 51.31 -8.49
N GLY J 153 -22.13 52.12 -9.48
CA GLY J 153 -21.73 53.51 -9.51
C GLY J 153 -22.93 54.43 -9.72
N TYR J 154 -23.63 54.69 -8.62
CA TYR J 154 -24.78 55.59 -8.57
C TYR J 154 -24.40 56.82 -7.75
N ASP J 155 -23.91 57.86 -8.45
CA ASP J 155 -23.10 58.89 -7.81
C ASP J 155 -23.85 59.83 -6.86
N PHE J 156 -25.04 60.31 -7.28
CA PHE J 156 -26.05 61.01 -6.47
C PHE J 156 -27.42 60.40 -6.76
N GLN J 157 -28.00 59.84 -5.70
CA GLN J 157 -29.45 59.69 -5.56
C GLN J 157 -29.82 60.41 -4.26
N GLN J 158 -29.33 61.64 -4.08
CA GLN J 158 -29.41 62.27 -2.76
C GLN J 158 -30.83 62.66 -2.34
N PRO J 159 -31.76 63.04 -3.23
CA PRO J 159 -33.14 63.22 -2.76
C PRO J 159 -33.95 61.94 -2.73
N GLY J 160 -33.40 60.82 -3.19
CA GLY J 160 -34.19 59.62 -3.34
C GLY J 160 -33.51 58.36 -3.83
N GLN J 161 -32.62 57.75 -3.03
CA GLN J 161 -32.02 56.49 -3.46
C GLN J 161 -33.04 55.36 -3.40
N THR J 162 -33.86 55.34 -2.34
CA THR J 162 -34.96 54.40 -2.13
C THR J 162 -34.53 52.95 -2.39
N THR J 163 -33.43 52.54 -1.76
CA THR J 163 -32.81 51.29 -2.15
C THR J 163 -32.68 50.38 -0.94
N GLY J 164 -32.60 49.08 -1.19
CA GLY J 164 -32.32 48.11 -0.15
C GLY J 164 -30.84 47.86 0.03
N GLU J 165 -30.47 46.67 0.48
CA GLU J 165 -29.07 46.35 0.74
C GLU J 165 -28.24 46.40 -0.53
N ALA J 166 -28.78 45.88 -1.63
CA ALA J 166 -28.10 45.82 -2.92
C ALA J 166 -28.36 47.11 -3.69
N PRO J 167 -27.32 47.76 -4.19
CA PRO J 167 -27.39 49.19 -4.47
C PRO J 167 -28.10 49.50 -5.77
N GLY J 168 -28.73 50.67 -5.80
CA GLY J 168 -29.19 51.28 -7.03
C GLY J 168 -30.50 50.78 -7.60
N THR J 169 -31.27 50.02 -6.82
CA THR J 169 -32.62 49.67 -7.22
C THR J 169 -33.62 50.61 -6.56
N VAL J 170 -34.37 51.31 -7.39
CA VAL J 170 -35.41 52.24 -6.96
C VAL J 170 -36.77 51.61 -7.25
N PRO J 171 -37.58 51.29 -6.21
CA PRO J 171 -38.89 50.69 -6.49
C PRO J 171 -39.85 51.67 -7.10
N ALA J 172 -40.95 51.16 -7.65
CA ALA J 172 -41.93 51.89 -8.45
C ALA J 172 -41.43 52.19 -9.86
N PRO K 1 28.63 33.02 -4.48
CA PRO K 1 28.54 31.72 -5.13
C PRO K 1 27.57 31.67 -6.31
N ILE K 2 26.29 31.43 -6.02
CA ILE K 2 25.25 31.38 -7.03
C ILE K 2 24.10 32.25 -6.55
N MET K 3 23.31 32.75 -7.50
CA MET K 3 22.20 33.64 -7.20
C MET K 3 20.87 33.02 -7.62
N GLY K 4 19.79 33.53 -7.03
CA GLY K 4 18.45 33.10 -7.40
C GLY K 4 18.02 33.50 -8.79
N GLN K 5 18.74 34.44 -9.41
CA GLN K 5 18.54 34.79 -10.80
C GLN K 5 19.55 34.14 -11.72
N ASP K 6 20.55 33.47 -11.15
CA ASP K 6 21.68 32.94 -11.93
C ASP K 6 21.29 31.84 -12.90
N VAL K 7 20.59 30.80 -12.48
CA VAL K 7 20.24 29.69 -13.35
C VAL K 7 18.97 30.07 -14.10
N LYS K 8 19.04 30.09 -15.43
CA LYS K 8 17.86 30.37 -16.24
C LYS K 8 17.62 29.26 -17.26
N TYR K 9 16.35 28.99 -17.49
CA TYR K 9 15.90 27.76 -18.15
C TYR K 9 15.45 28.12 -19.57
N LEU K 10 16.27 27.77 -20.56
CA LEU K 10 15.89 27.95 -21.95
C LEU K 10 15.27 26.68 -22.48
N PHE K 11 14.10 26.80 -23.12
CA PHE K 11 13.44 25.67 -23.75
C PHE K 11 13.23 25.96 -25.23
N GLN K 12 13.88 25.17 -26.07
CA GLN K 12 13.61 25.21 -27.50
C GLN K 12 12.99 23.89 -27.93
N SER K 13 11.84 23.98 -28.59
CA SER K 13 11.14 22.81 -29.07
C SER K 13 11.79 22.25 -30.34
N ILE K 14 11.75 20.92 -30.48
CA ILE K 14 12.35 20.27 -31.63
C ILE K 14 11.69 20.71 -32.93
N ASP K 15 10.38 20.94 -32.93
CA ASP K 15 9.64 21.19 -34.15
C ASP K 15 10.05 22.49 -34.83
N ALA K 16 10.62 23.44 -34.10
CA ALA K 16 10.93 24.73 -34.70
C ALA K 16 12.10 24.64 -35.67
N ALA K 17 13.14 23.87 -35.29
CA ALA K 17 14.42 23.75 -36.01
C ALA K 17 15.01 25.12 -36.33
N THR K 18 15.18 25.94 -35.29
CA THR K 18 15.74 27.27 -35.42
C THR K 18 16.74 27.51 -34.28
N GLY K 19 17.34 28.69 -34.27
CA GLY K 19 18.32 29.03 -33.25
C GLY K 19 17.92 30.22 -32.39
N SER K 20 16.63 30.45 -32.25
CA SER K 20 16.15 31.60 -31.49
C SER K 20 16.37 31.41 -29.99
N ALA K 21 16.18 30.18 -29.51
CA ALA K 21 16.20 29.76 -28.11
C ALA K 21 15.34 30.65 -27.22
N PRO K 22 14.00 30.50 -27.23
CA PRO K 22 13.17 31.33 -26.36
C PRO K 22 13.31 30.95 -24.89
N LEU K 23 13.24 31.94 -24.01
CA LEU K 23 13.11 31.69 -22.59
C LEU K 23 11.92 32.46 -22.05
N PHE K 24 11.26 31.87 -21.08
CA PHE K 24 9.97 32.45 -20.76
C PHE K 24 10.06 33.30 -19.49
N PRO K 25 9.52 34.51 -19.49
CA PRO K 25 9.58 35.35 -18.28
C PRO K 25 8.65 34.86 -17.19
N ALA K 26 8.65 35.61 -16.08
CA ALA K 26 7.84 35.36 -14.88
C ALA K 26 8.15 33.99 -14.26
N TYR K 27 9.43 33.65 -14.27
CA TYR K 27 9.89 32.44 -13.60
C TYR K 27 9.83 32.61 -12.08
N GLN K 28 9.32 31.57 -11.42
CA GLN K 28 9.21 31.53 -9.99
C GLN K 28 10.30 30.56 -9.53
N THR K 29 9.97 29.28 -9.37
CA THR K 29 10.95 28.31 -8.93
C THR K 29 10.96 27.08 -9.84
N ASP K 30 11.96 26.23 -9.61
CA ASP K 30 12.34 25.21 -10.55
C ASP K 30 13.19 24.19 -9.81
N GLY K 31 12.58 23.07 -9.48
CA GLY K 31 13.32 21.95 -8.95
C GLY K 31 13.72 21.01 -10.05
N SER K 32 14.94 20.48 -9.96
CA SER K 32 15.43 19.44 -10.85
C SER K 32 16.08 18.41 -9.95
N VAL K 33 15.58 17.18 -10.01
CA VAL K 33 16.00 16.13 -9.11
C VAL K 33 16.40 14.92 -9.94
N SER K 34 17.40 14.19 -9.46
CA SER K 34 18.11 13.18 -10.23
C SER K 34 18.24 11.93 -9.36
N GLY K 35 17.76 10.80 -9.87
CA GLY K 35 17.80 9.57 -9.11
C GLY K 35 18.60 8.48 -9.80
N GLU K 36 19.68 8.04 -9.15
CA GLU K 36 20.56 7.00 -9.70
C GLU K 36 20.19 5.68 -9.03
N ARG K 37 19.86 4.68 -9.82
CA ARG K 37 19.37 3.42 -9.31
C ARG K 37 20.44 2.76 -8.43
N GLU K 38 20.01 2.24 -7.28
CA GLU K 38 20.91 1.81 -6.23
C GLU K 38 20.44 0.48 -5.68
N LEU K 39 21.33 -0.50 -5.67
CA LEU K 39 21.05 -1.84 -5.20
C LEU K 39 21.54 -2.02 -3.76
N PHE K 40 20.60 -2.34 -2.88
CA PHE K 40 20.91 -2.73 -1.50
C PHE K 40 20.20 -4.01 -1.12
N ASP K 41 20.85 -5.14 -1.38
CA ASP K 41 20.64 -6.39 -0.67
C ASP K 41 21.85 -6.65 0.21
N GLU K 42 21.74 -7.63 1.10
CA GLU K 42 22.85 -8.04 1.94
C GLU K 42 23.93 -8.79 1.18
N GLN K 43 23.53 -9.77 0.36
CA GLN K 43 24.43 -10.72 -0.34
C GLN K 43 25.32 -11.49 0.63
N THR K 44 24.76 -11.81 1.82
CA THR K 44 25.50 -12.25 3.01
C THR K 44 26.76 -11.42 3.23
N LYS K 45 26.59 -10.10 3.18
CA LYS K 45 27.71 -9.16 3.32
C LYS K 45 27.24 -7.89 4.00
N ASN K 46 28.07 -6.83 3.92
CA ASN K 46 27.71 -5.54 4.50
C ASN K 46 26.72 -4.77 3.64
N GLY K 47 25.98 -5.44 2.77
CA GLY K 47 25.02 -4.77 1.90
C GLY K 47 25.71 -4.21 0.67
N ARG K 48 24.90 -3.68 -0.26
CA ARG K 48 25.42 -3.12 -1.49
C ARG K 48 25.04 -1.65 -1.52
N ILE K 49 26.05 -0.79 -1.63
CA ILE K 49 25.83 0.66 -1.70
C ILE K 49 26.58 1.23 -2.90
N LEU K 50 27.73 0.65 -3.23
CA LEU K 50 28.49 1.06 -4.41
C LEU K 50 27.74 0.76 -5.70
N GLY K 51 26.82 -0.20 -5.68
CA GLY K 51 26.19 -0.71 -6.87
C GLY K 51 25.45 0.34 -7.67
N PRO K 52 26.00 0.68 -8.85
CA PRO K 52 25.42 1.75 -9.65
C PRO K 52 24.18 1.34 -10.42
N GLY K 53 23.58 2.31 -11.10
CA GLY K 53 22.38 2.07 -11.89
C GLY K 53 22.13 3.26 -12.79
N SER K 54 20.93 3.27 -13.39
CA SER K 54 20.56 4.34 -14.28
C SER K 54 19.97 5.51 -13.50
N VAL K 55 20.10 6.71 -14.06
CA VAL K 55 19.63 7.93 -13.41
C VAL K 55 18.35 8.39 -14.10
N ALA K 56 17.34 8.72 -13.29
CA ALA K 56 16.10 9.28 -13.76
C ALA K 56 16.07 10.75 -13.38
N ASP K 57 16.16 11.61 -14.38
CA ASP K 57 16.33 13.04 -14.16
C ASP K 57 14.99 13.71 -14.29
N SER K 58 14.42 14.07 -13.14
CA SER K 58 13.10 14.70 -13.05
C SER K 58 13.25 16.20 -12.82
N GLY K 59 12.35 16.95 -13.43
CA GLY K 59 12.32 18.38 -13.24
C GLY K 59 10.91 18.92 -13.20
N GLU K 60 10.72 20.05 -12.54
CA GLU K 60 9.43 20.74 -12.52
C GLU K 60 9.71 22.23 -12.64
N VAL K 61 9.00 22.89 -13.55
CA VAL K 61 9.20 24.31 -13.80
C VAL K 61 7.95 25.05 -13.36
N THR K 62 8.11 26.00 -12.45
CA THR K 62 6.99 26.84 -12.05
C THR K 62 7.22 28.26 -12.51
N TYR K 63 6.16 28.89 -13.02
CA TYR K 63 6.22 30.30 -13.43
C TYR K 63 4.80 30.85 -13.47
N TYR K 64 4.69 32.19 -13.47
CA TYR K 64 3.43 32.88 -13.62
C TYR K 64 3.15 33.11 -15.10
N GLY K 65 1.92 32.84 -15.52
CA GLY K 65 1.58 32.93 -16.93
C GLY K 65 1.50 34.33 -17.48
N LYS K 66 1.92 34.51 -18.73
CA LYS K 66 1.78 35.78 -19.41
C LYS K 66 0.79 35.64 -20.57
N ARG K 67 0.12 36.74 -20.90
CA ARG K 67 -0.97 36.72 -21.88
C ARG K 67 -0.61 35.95 -23.15
N GLY K 68 0.50 36.26 -23.79
CA GLY K 68 0.94 35.54 -24.97
C GLY K 68 2.22 34.78 -24.66
N ASP K 69 3.30 35.22 -25.32
CA ASP K 69 4.69 34.81 -25.04
C ASP K 69 4.94 33.36 -25.50
N ALA K 70 5.92 33.23 -26.39
CA ALA K 70 6.05 32.13 -27.35
C ALA K 70 6.84 30.90 -26.89
N GLY K 71 7.79 31.05 -25.97
CA GLY K 71 8.38 29.88 -25.33
C GLY K 71 7.37 29.07 -24.55
N GLN K 72 6.63 29.72 -23.63
CA GLN K 72 5.51 29.05 -22.98
C GLN K 72 4.45 28.62 -23.98
N LYS K 73 4.15 29.44 -24.99
CA LYS K 73 3.28 28.98 -26.05
C LYS K 73 3.87 27.80 -26.80
N ALA K 74 5.18 27.77 -27.01
CA ALA K 74 5.82 26.56 -27.49
C ALA K 74 5.67 25.44 -26.48
N ILE K 75 5.88 25.74 -25.20
CA ILE K 75 5.62 24.78 -24.13
C ILE K 75 4.21 24.23 -24.26
N GLU K 76 3.22 25.10 -24.43
CA GLU K 76 1.84 24.66 -24.52
C GLU K 76 1.56 23.84 -25.78
N ASP K 77 2.01 24.32 -26.94
CA ASP K 77 1.97 23.46 -28.13
C ASP K 77 2.78 22.20 -27.94
N ALA K 78 3.90 22.28 -27.23
CA ALA K 78 4.64 21.06 -26.93
C ALA K 78 3.78 20.06 -26.16
N TYR K 79 3.14 20.50 -25.08
CA TYR K 79 2.40 19.58 -24.23
C TYR K 79 1.10 19.12 -24.88
N GLN K 80 0.31 20.08 -25.39
CA GLN K 80 -1.06 19.82 -25.79
C GLN K 80 -1.15 18.81 -26.93
N ASN K 81 -0.41 19.04 -28.02
CA ASN K 81 -0.33 18.03 -29.05
C ASN K 81 0.74 16.99 -28.72
N GLY K 82 1.83 17.42 -28.11
CA GLY K 82 2.90 16.53 -27.71
C GLY K 82 4.12 16.63 -28.60
N LYS K 83 5.14 17.32 -28.12
CA LYS K 83 6.40 17.53 -28.82
C LYS K 83 7.53 17.33 -27.80
N GLN K 84 8.67 16.85 -28.27
CA GLN K 84 9.90 16.84 -27.49
C GLN K 84 10.38 18.27 -27.32
N ILE K 85 10.91 18.58 -26.14
CA ILE K 85 11.42 19.93 -25.87
C ILE K 85 12.92 19.86 -25.61
N LYS K 86 13.65 20.71 -26.32
CA LYS K 86 15.10 20.83 -26.14
C LYS K 86 15.37 21.75 -24.96
N PHE K 87 15.87 21.18 -23.88
CA PHE K 87 15.94 21.80 -22.57
C PHE K 87 17.37 22.22 -22.26
N TRP K 88 17.55 23.50 -21.94
CA TRP K 88 18.85 24.10 -21.63
C TRP K 88 18.76 24.75 -20.26
N ARG K 89 19.62 24.30 -19.33
CA ARG K 89 19.75 24.96 -18.03
C ARG K 89 21.08 25.68 -18.00
N VAL K 90 21.03 27.00 -18.07
CA VAL K 90 22.26 27.78 -18.19
C VAL K 90 22.29 28.86 -17.12
N ASP K 91 23.49 29.24 -16.74
CA ASP K 91 23.69 30.26 -15.74
C ASP K 91 23.90 31.62 -16.40
N THR K 92 23.63 32.67 -15.62
CA THR K 92 23.69 34.05 -16.10
C THR K 92 25.06 34.68 -15.87
N VAL K 93 25.98 33.97 -15.21
CA VAL K 93 27.32 34.48 -15.01
C VAL K 93 28.26 33.92 -16.08
N LYS K 94 29.09 34.79 -16.64
CA LYS K 94 29.96 34.44 -17.75
C LYS K 94 30.99 33.42 -17.30
N ASN K 95 31.07 32.30 -18.00
CA ASN K 95 32.12 31.32 -17.80
C ASN K 95 33.46 31.90 -18.24
N GLU K 96 34.54 31.21 -17.88
CA GLU K 96 35.88 31.69 -18.18
C GLU K 96 36.45 31.15 -19.49
N ASN K 97 35.75 30.24 -20.16
CA ASN K 97 36.14 29.88 -21.51
C ASN K 97 34.93 29.90 -22.45
N ASP K 98 33.80 29.39 -22.00
CA ASP K 98 32.53 29.60 -22.68
C ASP K 98 32.00 30.98 -22.32
N LYS K 99 30.99 31.44 -23.04
CA LYS K 99 30.29 32.67 -22.67
C LYS K 99 29.53 32.47 -21.35
N TYR K 100 28.96 31.30 -21.17
CA TYR K 100 28.22 30.94 -19.97
C TYR K 100 28.41 29.45 -19.75
N ASP K 101 27.86 28.94 -18.65
CA ASP K 101 27.94 27.51 -18.36
C ASP K 101 26.54 26.92 -18.34
N ALA K 102 26.46 25.64 -18.68
CA ALA K 102 25.19 25.04 -19.03
C ALA K 102 25.13 23.61 -18.53
N GLN K 103 23.92 23.17 -18.21
CA GLN K 103 23.56 21.76 -18.16
C GLN K 103 22.43 21.57 -19.15
N PHE K 104 22.55 20.57 -20.01
CA PHE K 104 21.77 20.44 -21.24
C PHE K 104 21.02 19.12 -21.26
N GLY K 105 19.86 19.10 -21.89
CA GLY K 105 19.19 17.84 -22.12
C GLY K 105 18.01 17.99 -23.06
N PHE K 106 17.63 16.87 -23.66
CA PHE K 106 16.36 16.76 -24.39
C PHE K 106 15.30 16.38 -23.38
N ALA K 107 14.24 17.19 -23.30
CA ALA K 107 13.26 17.06 -22.24
C ALA K 107 11.84 17.04 -22.80
N TYR K 108 10.99 16.27 -22.13
CA TYR K 108 9.64 16.00 -22.57
C TYR K 108 8.69 16.42 -21.46
N ILE K 109 7.73 17.28 -21.79
CA ILE K 109 6.76 17.74 -20.80
C ILE K 109 5.69 16.68 -20.60
N GLU K 110 5.79 15.93 -19.50
CA GLU K 110 4.79 14.92 -19.20
C GLU K 110 3.71 15.39 -18.23
N SER K 111 3.91 16.49 -17.52
CA SER K 111 2.87 17.03 -16.67
C SER K 111 2.83 18.54 -16.86
N ARG K 112 1.61 19.08 -16.85
CA ARG K 112 1.35 20.51 -16.94
C ARG K 112 0.16 20.76 -16.02
N GLU K 113 0.45 21.37 -14.88
CA GLU K 113 -0.54 21.66 -13.85
C GLU K 113 -0.56 23.16 -13.65
N TYR K 114 -1.71 23.78 -13.87
CA TYR K 114 -1.85 25.21 -13.64
C TYR K 114 -2.94 25.49 -12.62
N SER K 115 -2.66 26.45 -11.74
CA SER K 115 -3.59 26.89 -10.73
C SER K 115 -4.09 28.29 -11.05
N ASP K 116 -5.37 28.49 -10.82
CA ASP K 116 -6.01 29.81 -10.81
C ASP K 116 -6.44 30.05 -9.37
N GLY K 117 -5.88 31.10 -8.77
CA GLY K 117 -6.28 31.51 -7.43
C GLY K 117 -7.20 32.71 -7.48
N VAL K 118 -7.60 33.18 -6.30
CA VAL K 118 -8.42 34.38 -6.17
C VAL K 118 -7.70 35.61 -6.74
N GLU K 119 -6.43 35.79 -6.41
CA GLU K 119 -5.62 36.78 -7.08
C GLU K 119 -4.29 36.24 -7.57
N GLY K 120 -3.83 36.67 -8.74
CA GLY K 120 -2.46 36.42 -9.13
C GLY K 120 -2.46 35.74 -10.48
N ALA K 121 -1.36 35.87 -11.22
CA ALA K 121 -1.27 35.30 -12.55
C ALA K 121 -1.30 33.77 -12.50
N VAL K 122 -1.85 33.18 -13.56
CA VAL K 122 -2.12 31.75 -13.58
C VAL K 122 -0.87 30.97 -13.22
N GLU K 123 -0.94 30.19 -12.15
CA GLU K 123 0.23 29.47 -11.66
C GLU K 123 0.50 28.26 -12.56
N ILE K 124 1.48 28.40 -13.43
CA ILE K 124 1.85 27.35 -14.35
C ILE K 124 3.07 26.62 -13.81
N SER K 125 2.87 25.37 -13.42
CA SER K 125 3.96 24.46 -13.10
C SER K 125 3.93 23.33 -14.11
N ILE K 126 5.06 23.08 -14.78
CA ILE K 126 5.17 21.99 -15.73
C ILE K 126 6.24 21.03 -15.23
N SER K 127 5.89 19.74 -15.19
CA SER K 127 6.77 18.69 -14.72
C SER K 127 7.21 17.83 -15.90
N LEU K 128 8.49 17.45 -15.88
CA LEU K 128 9.12 16.76 -16.99
C LEU K 128 10.09 15.72 -16.46
N GLN K 129 10.29 14.67 -17.24
CA GLN K 129 11.39 13.72 -17.02
C GLN K 129 12.36 13.89 -18.15
N VAL K 130 13.65 13.72 -17.87
CA VAL K 130 14.66 13.75 -18.92
C VAL K 130 15.66 12.63 -18.64
N ILE K 131 16.12 11.98 -19.71
CA ILE K 131 16.97 10.81 -19.56
C ILE K 131 18.23 11.16 -18.78
N GLY K 132 18.90 12.24 -19.19
CA GLY K 132 20.09 12.67 -18.50
C GLY K 132 20.40 14.12 -18.80
N GLU K 133 20.94 14.84 -17.81
CA GLU K 133 21.39 16.19 -18.04
C GLU K 133 22.91 16.23 -18.18
N LEU K 134 23.36 16.75 -19.32
CA LEU K 134 24.78 16.76 -19.65
C LEU K 134 25.35 18.12 -19.27
N LYS K 135 26.47 18.10 -18.56
CA LYS K 135 27.11 19.32 -18.08
C LYS K 135 28.02 19.86 -19.16
N ASN K 136 27.95 21.17 -19.41
CA ASN K 136 28.82 21.83 -20.38
C ASN K 136 28.83 23.32 -20.11
N GLY K 137 29.27 24.10 -21.09
CA GLY K 137 29.11 25.53 -21.02
C GLY K 137 28.29 26.06 -22.17
N GLU K 138 27.65 27.21 -21.95
CA GLU K 138 26.73 27.76 -22.93
C GLU K 138 27.37 28.97 -23.58
N ILE K 139 26.98 29.24 -24.82
CA ILE K 139 27.59 30.33 -25.59
C ILE K 139 26.60 31.47 -25.76
N ASP K 140 25.72 31.38 -26.76
CA ASP K 140 24.78 32.47 -27.03
C ASP K 140 23.45 32.23 -26.35
N THR K 141 23.28 32.83 -25.17
CA THR K 141 22.02 32.77 -24.45
C THR K 141 21.13 33.98 -24.73
N LEU K 142 21.37 34.69 -25.86
CA LEU K 142 20.74 35.94 -26.25
C LEU K 142 20.92 36.97 -25.14
N PRO K 143 22.18 37.21 -24.70
CA PRO K 143 22.42 37.82 -23.37
C PRO K 143 21.95 39.25 -23.24
N GLU K 144 21.65 39.88 -24.37
CA GLU K 144 21.03 41.19 -24.41
C GLU K 144 19.80 41.26 -23.53
N GLU K 145 18.88 40.31 -23.69
CA GLU K 145 17.60 40.36 -22.99
C GLU K 145 17.44 39.28 -21.92
N ILE K 146 18.03 38.10 -22.10
CA ILE K 146 17.93 37.02 -21.14
C ILE K 146 18.84 37.25 -19.94
N VAL K 147 20.06 37.74 -20.19
CA VAL K 147 21.04 37.94 -19.13
C VAL K 147 20.61 39.15 -18.32
N ASN K 148 20.04 40.15 -19.00
CA ASN K 148 19.65 41.39 -18.35
C ASN K 148 18.13 41.53 -18.26
N VAL K 149 17.57 41.56 -17.06
CA VAL K 149 16.17 41.88 -16.91
C VAL K 149 16.06 43.17 -16.10
N SER K 150 15.45 44.19 -16.72
CA SER K 150 15.43 45.53 -16.14
C SER K 150 14.10 46.23 -16.34
N LYS K 151 13.56 46.87 -15.29
CA LYS K 151 12.34 47.65 -15.46
C LYS K 151 12.43 48.72 -16.54
N GLY K 152 13.52 49.49 -16.62
CA GLY K 152 13.64 50.56 -17.58
C GLY K 152 14.28 51.81 -17.01
N GLY K 153 15.18 52.42 -17.76
CA GLY K 153 15.92 53.59 -17.30
C GLY K 153 15.80 54.74 -18.29
N TYR K 154 14.68 55.44 -18.21
CA TYR K 154 14.39 56.62 -19.03
C TYR K 154 14.39 57.85 -18.12
N ASP K 155 15.55 58.50 -17.99
CA ASP K 155 15.82 59.38 -16.86
C ASP K 155 15.03 60.68 -16.84
N PHE K 156 14.95 61.39 -17.98
CA PHE K 156 14.06 62.52 -18.27
C PHE K 156 13.39 62.28 -19.61
N GLN K 157 12.05 62.18 -19.54
CA GLN K 157 11.17 62.50 -20.67
C GLN K 157 10.22 63.58 -20.16
N GLN K 158 10.77 64.64 -19.53
CA GLN K 158 9.91 65.55 -18.76
C GLN K 158 9.01 66.43 -19.64
N PRO K 159 9.39 66.84 -20.87
CA PRO K 159 8.39 67.52 -21.70
C PRO K 159 7.50 66.58 -22.49
N GLY K 160 7.73 65.27 -22.41
CA GLY K 160 7.02 64.36 -23.29
C GLY K 160 7.30 62.87 -23.15
N GLN K 161 6.90 62.24 -22.04
CA GLN K 161 7.08 60.80 -21.93
C GLN K 161 6.12 60.05 -22.85
N THR K 162 4.86 60.53 -22.92
CA THR K 162 3.81 60.03 -23.81
C THR K 162 3.71 58.50 -23.76
N THR K 163 3.61 57.95 -22.56
CA THR K 163 3.78 56.52 -22.41
C THR K 163 2.56 55.94 -21.71
N GLY K 164 2.33 54.64 -21.94
CA GLY K 164 1.30 53.90 -21.22
C GLY K 164 1.81 53.28 -19.94
N GLU K 165 1.20 52.18 -19.52
CA GLU K 165 1.58 51.53 -18.26
C GLU K 165 3.02 51.04 -18.31
N ALA K 166 3.43 50.44 -19.43
CA ALA K 166 4.76 49.89 -19.62
C ALA K 166 5.70 50.97 -20.12
N PRO K 167 6.84 51.15 -19.48
CA PRO K 167 7.55 52.43 -19.53
C PRO K 167 8.34 52.61 -20.83
N GLY K 168 8.47 53.88 -21.22
CA GLY K 168 9.42 54.29 -22.23
C GLY K 168 9.03 54.08 -23.67
N THR K 169 7.77 53.77 -23.95
CA THR K 169 7.29 53.76 -25.32
C THR K 169 6.60 55.08 -25.64
N VAL K 170 7.14 55.74 -26.66
CA VAL K 170 6.62 57.01 -27.16
C VAL K 170 5.93 56.75 -28.50
N PRO K 171 4.60 56.93 -28.61
CA PRO K 171 3.93 56.70 -29.90
C PRO K 171 4.29 57.76 -30.92
N ALA K 172 4.00 57.46 -32.19
CA ALA K 172 4.40 58.24 -33.36
C ALA K 172 5.87 58.03 -33.71
N PRO L 1 30.01 20.99 24.24
CA PRO L 1 29.99 19.65 23.64
C PRO L 1 30.40 19.61 22.18
N ILE L 2 29.44 19.83 21.27
CA ILE L 2 29.69 19.85 19.84
C ILE L 2 29.06 21.10 19.28
N MET L 3 29.58 21.58 18.15
CA MET L 3 29.12 22.80 17.52
C MET L 3 28.55 22.50 16.13
N GLY L 4 27.71 23.44 15.65
CA GLY L 4 27.17 23.34 14.30
C GLY L 4 28.20 23.51 13.20
N GLN L 5 29.38 24.01 13.53
CA GLN L 5 30.50 24.07 12.60
C GLN L 5 31.50 22.94 12.84
N ASP L 6 31.31 22.16 13.89
CA ASP L 6 32.28 21.17 14.31
C ASP L 6 32.47 20.02 13.32
N VAL L 7 31.40 19.36 12.88
CA VAL L 7 31.50 18.23 11.96
C VAL L 7 31.58 18.78 10.55
N LYS L 8 32.67 18.44 9.85
CA LYS L 8 32.80 18.86 8.46
C LYS L 8 33.07 17.66 7.57
N TYR L 9 32.51 17.72 6.36
CA TYR L 9 32.36 16.56 5.48
C TYR L 9 33.36 16.68 4.34
N LEU L 10 34.43 15.89 4.40
CA LEU L 10 35.40 15.83 3.32
C LEU L 10 35.03 14.70 2.37
N PHE L 11 34.99 14.99 1.07
CA PHE L 11 34.74 14.00 0.04
C PHE L 11 35.89 13.97 -0.95
N GLN L 12 36.59 12.84 -0.98
CA GLN L 12 37.59 12.61 -2.02
C GLN L 12 37.12 11.48 -2.91
N SER L 13 37.10 11.74 -4.22
CA SER L 13 36.70 10.74 -5.19
C SER L 13 37.81 9.73 -5.43
N ILE L 14 37.42 8.48 -5.70
CA ILE L 14 38.38 7.43 -5.94
C ILE L 14 39.24 7.71 -7.17
N ASP L 15 38.65 8.30 -8.21
CA ASP L 15 39.33 8.47 -9.49
C ASP L 15 40.54 9.38 -9.41
N ALA L 16 40.61 10.27 -8.42
CA ALA L 16 41.70 11.23 -8.37
C ALA L 16 43.01 10.56 -7.98
N ALA L 17 42.95 9.63 -7.01
CA ALA L 17 44.12 8.97 -6.41
C ALA L 17 45.17 9.98 -5.95
N THR L 18 44.74 10.94 -5.13
CA THR L 18 45.61 11.98 -4.60
C THR L 18 45.31 12.18 -3.13
N GLY L 19 46.03 13.11 -2.50
CA GLY L 19 45.86 13.38 -1.09
C GLY L 19 45.43 14.80 -0.78
N SER L 20 44.74 15.43 -1.73
CA SER L 20 44.32 16.81 -1.55
C SER L 20 43.19 16.94 -0.54
N ALA L 21 42.27 15.97 -0.55
CA ALA L 21 41.03 15.92 0.23
C ALA L 21 40.23 17.21 0.13
N PRO L 22 39.50 17.46 -0.97
CA PRO L 22 38.70 18.69 -1.06
C PRO L 22 37.49 18.64 -0.14
N LEU L 23 37.13 19.79 0.41
CA LEU L 23 35.86 19.93 1.10
C LEU L 23 35.12 21.13 0.51
N PHE L 24 33.81 21.02 0.48
CA PHE L 24 33.11 22.01 -0.32
C PHE L 24 32.48 23.07 0.57
N PRO L 25 32.64 24.36 0.26
CA PRO L 25 32.03 25.40 1.09
C PRO L 25 30.53 25.49 0.91
N ALA L 26 29.94 26.44 1.63
CA ALA L 26 28.50 26.75 1.64
C ALA L 26 27.68 25.55 2.09
N TYR L 27 28.20 24.84 3.10
CA TYR L 27 27.47 23.76 3.72
C TYR L 27 26.31 24.29 4.56
N GLN L 28 25.17 23.65 4.42
CA GLN L 28 23.96 23.98 5.14
C GLN L 28 23.81 22.87 6.19
N THR L 29 23.05 21.83 5.88
CA THR L 29 22.84 20.74 6.82
C THR L 29 23.11 19.38 6.17
N ASP L 30 23.13 18.37 7.02
CA ASP L 30 23.69 17.07 6.68
C ASP L 30 23.16 16.08 7.68
N GLY L 31 22.18 15.30 7.26
CA GLY L 31 21.74 14.16 8.04
C GLY L 31 22.46 12.90 7.64
N SER L 32 22.81 12.09 8.63
CA SER L 32 23.37 10.77 8.39
C SER L 32 22.62 9.84 9.33
N VAL L 33 21.97 8.84 8.76
CA VAL L 33 21.09 7.96 9.50
C VAL L 33 21.50 6.51 9.22
N SER L 34 21.37 5.66 10.23
CA SER L 34 21.96 4.34 10.24
C SER L 34 20.90 3.35 10.73
N GLY L 35 20.63 2.33 9.91
CA GLY L 35 19.62 1.36 10.26
C GLY L 35 20.15 -0.05 10.39
N GLU L 36 20.03 -0.62 11.58
CA GLU L 36 20.52 -1.97 11.87
C GLU L 36 19.34 -2.91 11.83
N ARG L 37 19.42 -3.93 10.98
CA ARG L 37 18.31 -4.84 10.75
C ARG L 37 17.93 -5.55 12.04
N GLU L 38 16.63 -5.63 12.30
CA GLU L 38 16.10 -6.03 13.60
C GLU L 38 14.93 -6.99 13.39
N LEU L 39 15.03 -8.15 14.01
CA LEU L 39 14.02 -9.20 13.90
C LEU L 39 13.08 -9.16 15.10
N PHE L 40 11.79 -8.98 14.81
CA PHE L 40 10.74 -9.09 15.82
C PHE L 40 9.61 -9.98 15.32
N ASP L 41 9.74 -11.27 15.56
CA ASP L 41 8.62 -12.19 15.67
C ASP L 41 8.45 -12.59 17.14
N GLU L 42 7.34 -13.24 17.45
CA GLU L 42 7.09 -13.75 18.79
C GLU L 42 7.96 -14.94 19.15
N GLN L 43 8.05 -15.93 18.25
CA GLN L 43 8.70 -17.23 18.47
C GLN L 43 8.10 -17.97 19.67
N THR L 44 6.79 -17.82 19.86
CA THR L 44 6.06 -18.16 21.09
C THR L 44 6.82 -17.71 22.34
N LYS L 45 7.26 -16.45 22.32
CA LYS L 45 8.05 -15.87 23.40
C LYS L 45 7.76 -14.39 23.56
N ASN L 46 8.61 -13.67 24.29
CA ASN L 46 8.45 -12.23 24.48
C ASN L 46 8.91 -11.43 23.26
N GLY L 47 8.97 -12.05 22.09
CA GLY L 47 9.41 -11.37 20.88
C GLY L 47 10.93 -11.34 20.80
N ARG L 48 11.43 -10.85 19.67
CA ARG L 48 12.86 -10.78 19.45
C ARG L 48 13.24 -9.31 19.28
N ILE L 49 14.14 -8.84 20.13
CA ILE L 49 14.62 -7.45 20.06
C ILE L 49 16.14 -7.43 20.03
N LEU L 50 16.77 -8.38 20.72
CA LEU L 50 18.21 -8.52 20.72
C LEU L 50 18.75 -8.88 19.33
N GLY L 51 17.92 -9.49 18.48
CA GLY L 51 18.34 -10.07 17.24
C GLY L 51 18.98 -9.08 16.29
N PRO L 52 20.30 -9.20 16.10
CA PRO L 52 21.02 -8.24 15.28
C PRO L 52 20.85 -8.43 13.79
N GLY L 53 21.44 -7.53 13.01
CA GLY L 53 21.36 -7.58 11.56
C GLY L 53 22.37 -6.64 10.96
N SER L 54 22.25 -6.42 9.67
CA SER L 54 23.16 -5.53 8.96
C SER L 54 22.66 -4.09 9.05
N VAL L 55 23.60 -3.15 8.97
CA VAL L 55 23.31 -1.74 9.10
C VAL L 55 23.36 -1.09 7.71
N ALA L 56 22.33 -0.31 7.40
CA ALA L 56 22.27 0.47 6.17
C ALA L 56 22.51 1.93 6.52
N ASP L 57 23.66 2.46 6.12
CA ASP L 57 24.09 3.78 6.54
C ASP L 57 23.75 4.77 5.44
N SER L 58 22.71 5.55 5.67
CA SER L 58 22.19 6.53 4.74
C SER L 58 22.64 7.92 5.15
N GLY L 59 22.93 8.75 4.14
CA GLY L 59 23.29 10.12 4.38
C GLY L 59 22.75 11.04 3.31
N GLU L 60 22.55 12.31 3.66
CA GLU L 60 22.14 13.33 2.71
C GLU L 60 22.91 14.60 3.03
N VAL L 61 23.51 15.20 2.00
CA VAL L 61 24.31 16.39 2.17
C VAL L 61 23.61 17.54 1.49
N THR L 62 23.33 18.60 2.25
CA THR L 62 22.74 19.80 1.66
C THR L 62 23.74 20.94 1.74
N TYR L 63 23.84 21.71 0.65
CA TYR L 63 24.70 22.89 0.61
C TYR L 63 24.22 23.81 -0.51
N TYR L 64 24.65 25.07 -0.45
CA TYR L 64 24.38 26.07 -1.49
C TYR L 64 25.49 25.99 -2.53
N GLY L 65 25.10 26.00 -3.81
CA GLY L 65 26.06 25.84 -4.88
C GLY L 65 26.96 27.03 -5.12
N LYS L 66 28.21 26.76 -5.47
CA LYS L 66 29.13 27.83 -5.83
C LYS L 66 29.49 27.71 -7.32
N ARG L 67 29.82 28.85 -7.94
CA ARG L 67 30.03 28.90 -9.38
C ARG L 67 30.92 27.78 -9.91
N GLY L 68 32.10 27.59 -9.34
CA GLY L 68 32.98 26.50 -9.73
C GLY L 68 33.12 25.50 -8.60
N ASP L 69 34.34 25.42 -8.05
CA ASP L 69 34.67 24.70 -6.81
C ASP L 69 34.63 23.19 -7.03
N ALA L 70 35.77 22.56 -6.76
CA ALA L 70 36.17 21.28 -7.31
C ALA L 70 35.78 20.01 -6.56
N GLY L 71 35.57 20.10 -5.23
CA GLY L 71 34.95 19.00 -4.51
C GLY L 71 33.53 18.73 -4.97
N GLN L 72 32.69 19.77 -4.97
CA GLN L 72 31.37 19.63 -5.58
C GLN L 72 31.45 19.30 -7.06
N LYS L 73 32.39 19.91 -7.80
CA LYS L 73 32.63 19.49 -9.16
C LYS L 73 33.06 18.04 -9.24
N ALA L 74 33.89 17.58 -8.30
CA ALA L 74 34.14 16.15 -8.19
C ALA L 74 32.87 15.40 -7.84
N ILE L 75 32.09 15.93 -6.91
CA ILE L 75 30.77 15.38 -6.61
C ILE L 75 29.94 15.25 -7.89
N GLU L 76 29.91 16.31 -8.70
CA GLU L 76 29.11 16.28 -9.92
C GLU L 76 29.66 15.31 -10.96
N ASP L 77 30.97 15.33 -11.21
CA ASP L 77 31.58 14.26 -12.01
C ASP L 77 31.37 12.90 -11.39
N ALA L 78 31.41 12.82 -10.06
CA ALA L 78 31.10 11.55 -9.42
C ALA L 78 29.70 11.07 -9.78
N TYR L 79 28.69 11.92 -9.64
CA TYR L 79 27.32 11.49 -9.85
C TYR L 79 27.00 11.30 -11.33
N GLN L 80 27.36 12.28 -12.15
CA GLN L 80 26.87 12.35 -13.52
C GLN L 80 27.35 11.17 -14.35
N ASN L 81 28.67 10.90 -14.37
CA ASN L 81 29.15 9.69 -15.00
C ASN L 81 29.06 8.50 -14.06
N GLY L 82 29.28 8.72 -12.76
CA GLY L 82 29.18 7.68 -11.76
C GLY L 82 30.54 7.21 -11.27
N LYS L 83 30.92 7.66 -10.10
CA LYS L 83 32.18 7.31 -9.45
C LYS L 83 31.88 7.05 -7.98
N GLN L 84 32.65 6.15 -7.37
CA GLN L 84 32.65 5.96 -5.92
C GLN L 84 33.28 7.18 -5.27
N ILE L 85 32.74 7.61 -4.13
CA ILE L 85 33.28 8.76 -3.43
C ILE L 85 33.81 8.34 -2.07
N LYS L 86 35.05 8.73 -1.79
CA LYS L 86 35.67 8.46 -0.50
C LYS L 86 35.23 9.52 0.49
N PHE L 87 34.43 9.10 1.47
CA PHE L 87 33.66 9.97 2.34
C PHE L 87 34.29 10.01 3.73
N TRP L 88 34.61 11.22 4.19
CA TRP L 88 35.24 11.47 5.48
C TRP L 88 34.35 12.42 6.27
N ARG L 89 33.90 11.99 7.45
CA ARG L 89 33.18 12.87 8.37
C ARG L 89 34.10 13.16 9.56
N VAL L 90 34.61 14.38 9.63
CA VAL L 90 35.60 14.71 10.62
C VAL L 90 35.18 15.95 11.37
N ASP L 91 35.62 16.03 12.62
CA ASP L 91 35.32 17.17 13.47
C ASP L 91 36.44 18.20 13.40
N THR L 92 36.07 19.44 13.74
CA THR L 92 36.98 20.58 13.67
C THR L 92 37.72 20.83 14.98
N VAL L 93 37.41 20.05 16.02
CA VAL L 93 38.12 20.18 17.29
C VAL L 93 39.22 19.13 17.37
N LYS L 94 40.39 19.56 17.82
CA LYS L 94 41.58 18.70 17.84
C LYS L 94 41.38 17.56 18.83
N ASN L 95 41.56 16.34 18.37
CA ASN L 95 41.57 15.17 19.25
C ASN L 95 42.81 15.21 20.14
N GLU L 96 42.81 14.35 21.16
CA GLU L 96 43.90 14.32 22.12
C GLU L 96 45.01 13.34 21.77
N ASN L 97 44.85 12.53 20.72
CA ASN L 97 45.98 11.76 20.21
C ASN L 97 46.11 11.92 18.70
N ASP L 98 44.99 11.89 17.99
CA ASP L 98 44.96 12.28 16.59
C ASP L 98 44.91 13.80 16.52
N LYS L 99 45.14 14.35 15.32
CA LYS L 99 44.95 15.77 15.11
C LYS L 99 43.47 16.15 15.22
N TYR L 100 42.60 15.27 14.74
CA TYR L 100 41.16 15.44 14.78
C TYR L 100 40.53 14.06 14.90
N ASP L 101 39.22 14.02 15.03
CA ASP L 101 38.52 12.74 15.12
C ASP L 101 37.57 12.61 13.93
N ALA L 102 37.32 11.37 13.52
CA ALA L 102 36.75 11.10 12.23
C ALA L 102 35.79 9.92 12.32
N GLN L 103 34.77 9.95 11.47
CA GLN L 103 34.05 8.76 11.04
C GLN L 103 34.19 8.68 9.54
N PHE L 104 34.55 7.50 9.03
CA PHE L 104 35.06 7.32 7.69
C PHE L 104 34.22 6.31 6.93
N GLY L 105 34.13 6.49 5.61
CA GLY L 105 33.51 5.45 4.80
C GLY L 105 33.71 5.72 3.33
N PHE L 106 33.57 4.65 2.55
CA PHE L 106 33.46 4.75 1.10
C PHE L 106 31.99 4.95 0.76
N ALA L 107 31.69 6.02 0.05
CA ALA L 107 30.32 6.46 -0.17
C ALA L 107 30.04 6.71 -1.64
N TYR L 108 28.81 6.41 -2.02
CA TYR L 108 28.37 6.45 -3.41
C TYR L 108 27.17 7.39 -3.50
N ILE L 109 27.26 8.39 -4.37
CA ILE L 109 26.16 9.35 -4.55
C ILE L 109 25.08 8.72 -5.40
N GLU L 110 24.00 8.26 -4.77
CA GLU L 110 22.89 7.70 -5.52
C GLU L 110 21.76 8.67 -5.80
N SER L 111 21.70 9.79 -5.10
CA SER L 111 20.71 10.82 -5.40
C SER L 111 21.38 12.18 -5.37
N ARG L 112 20.96 13.04 -6.31
CA ARG L 112 21.43 14.42 -6.42
C ARG L 112 20.19 15.22 -6.82
N GLU L 113 19.68 15.98 -5.88
CA GLU L 113 18.47 16.78 -6.05
C GLU L 113 18.85 18.23 -5.79
N TYR L 114 18.67 19.09 -6.78
CA TYR L 114 18.94 20.50 -6.62
C TYR L 114 17.70 21.34 -6.88
N SER L 115 17.51 22.34 -6.05
CA SER L 115 16.40 23.27 -6.17
C SER L 115 16.92 24.63 -6.61
N ASP L 116 16.16 25.26 -7.50
CA ASP L 116 16.30 26.66 -7.87
C ASP L 116 15.05 27.37 -7.37
N GLY L 117 15.23 28.31 -6.45
CA GLY L 117 14.14 29.13 -5.97
C GLY L 117 14.15 30.51 -6.61
N VAL L 118 13.20 31.34 -6.20
CA VAL L 118 13.13 32.72 -6.67
C VAL L 118 14.38 33.50 -6.29
N GLU L 119 14.82 33.37 -5.04
CA GLU L 119 16.12 33.90 -4.66
C GLU L 119 16.97 32.88 -3.92
N GLY L 120 18.28 32.87 -4.17
CA GLY L 120 19.19 32.14 -3.31
C GLY L 120 20.00 31.19 -4.16
N ALA L 121 21.18 30.79 -3.68
CA ALA L 121 22.06 29.92 -4.43
C ALA L 121 21.45 28.54 -4.59
N VAL L 122 21.78 27.89 -5.71
CA VAL L 122 21.14 26.64 -6.10
C VAL L 122 21.21 25.65 -4.95
N GLU L 123 20.04 25.20 -4.48
CA GLU L 123 20.00 24.31 -3.33
C GLU L 123 20.39 22.90 -3.76
N ILE L 124 21.62 22.52 -3.44
CA ILE L 124 22.14 21.22 -3.79
C ILE L 124 22.08 20.32 -2.56
N SER L 125 21.21 19.31 -2.63
CA SER L 125 21.17 18.23 -1.67
C SER L 125 21.54 16.94 -2.40
N ILE L 126 22.54 16.24 -1.89
CA ILE L 126 22.94 14.96 -2.46
C ILE L 126 22.75 13.87 -1.41
N SER L 127 22.07 12.80 -1.82
CA SER L 127 21.76 11.68 -0.94
C SER L 127 22.59 10.48 -1.34
N LEU L 128 23.08 9.75 -0.35
CA LEU L 128 24.01 8.66 -0.54
C LEU L 128 23.72 7.53 0.44
N GLN L 129 24.04 6.31 0.04
CA GLN L 129 24.07 5.18 0.95
C GLN L 129 25.52 4.76 1.11
N VAL L 130 25.89 4.29 2.31
CA VAL L 130 27.23 3.78 2.53
C VAL L 130 27.10 2.52 3.37
N ILE L 131 27.93 1.53 3.07
CA ILE L 131 27.81 0.23 3.72
C ILE L 131 27.98 0.37 5.22
N GLY L 132 29.02 1.07 5.65
CA GLY L 132 29.24 1.29 7.06
C GLY L 132 30.16 2.46 7.30
N GLU L 133 29.93 3.21 8.36
CA GLU L 133 30.83 4.28 8.76
C GLU L 133 31.72 3.83 9.92
N LEU L 134 33.02 3.90 9.69
CA LEU L 134 34.00 3.41 10.64
C LEU L 134 34.48 4.59 11.48
N LYS L 135 34.48 4.42 12.79
CA LYS L 135 34.88 5.47 13.72
C LYS L 135 36.39 5.45 13.90
N ASN L 136 37.02 6.62 13.83
CA ASN L 136 38.46 6.74 14.05
C ASN L 136 38.79 8.19 14.37
N GLY L 137 40.07 8.53 14.26
CA GLY L 137 40.46 9.93 14.32
C GLY L 137 41.14 10.37 13.05
N GLU L 138 41.05 11.67 12.79
CA GLU L 138 41.56 12.23 11.54
C GLU L 138 42.84 13.00 11.82
N ILE L 139 43.71 13.06 10.81
CA ILE L 139 45.01 13.70 10.98
C ILE L 139 45.07 15.01 10.20
N ASP L 140 45.37 14.94 8.90
CA ASP L 140 45.51 16.16 8.12
C ASP L 140 44.21 16.49 7.39
N THR L 141 43.42 17.38 8.00
CA THR L 141 42.20 17.87 7.37
C THR L 141 42.42 19.18 6.62
N LEU L 142 43.68 19.49 6.24
CA LEU L 142 44.12 20.75 5.65
C LEU L 142 43.72 21.91 6.54
N PRO L 143 44.10 21.87 7.84
CA PRO L 143 43.40 22.68 8.86
C PRO L 143 43.58 24.18 8.73
N GLU L 144 44.55 24.57 7.89
CA GLU L 144 44.74 25.96 7.51
C GLU L 144 43.45 26.60 7.03
N GLU L 145 42.76 25.96 6.08
CA GLU L 145 41.60 26.54 5.45
C GLU L 145 40.29 25.86 5.82
N ILE L 146 40.29 24.55 6.07
CA ILE L 146 39.09 23.80 6.41
C ILE L 146 38.70 24.05 7.87
N VAL L 147 39.69 24.08 8.76
CA VAL L 147 39.43 24.22 10.19
C VAL L 147 39.01 25.67 10.44
N ASN L 148 39.63 26.59 9.70
CA ASN L 148 39.37 28.02 9.88
C ASN L 148 38.60 28.61 8.71
N VAL L 149 37.38 29.10 8.96
CA VAL L 149 36.66 29.84 7.93
C VAL L 149 36.45 31.26 8.45
N SER L 150 37.01 32.23 7.71
CA SER L 150 37.02 33.61 8.18
C SER L 150 36.77 34.62 7.05
N LYS L 151 35.92 35.60 7.29
CA LYS L 151 35.71 36.65 6.29
C LYS L 151 37.00 37.35 5.85
N GLY L 152 37.88 37.72 6.78
CA GLY L 152 39.09 38.45 6.43
C GLY L 152 39.41 39.55 7.43
N GLY L 153 40.69 39.67 7.79
CA GLY L 153 41.12 40.64 8.77
C GLY L 153 42.26 41.50 8.24
N TYR L 154 41.88 42.51 7.45
CA TYR L 154 42.81 43.48 6.87
C TYR L 154 42.54 44.84 7.52
N ASP L 155 43.27 45.13 8.61
CA ASP L 155 42.84 46.13 9.57
C ASP L 155 42.90 47.58 9.09
N PHE L 156 44.00 47.98 8.44
CA PHE L 156 44.20 49.21 7.68
C PHE L 156 44.82 48.88 6.33
N GLN L 157 44.06 49.19 5.28
CA GLN L 157 44.62 49.47 3.95
C GLN L 157 44.13 50.87 3.59
N GLN L 158 44.29 51.84 4.51
CA GLN L 158 43.59 53.12 4.35
C GLN L 158 44.14 53.98 3.20
N PRO L 159 45.45 53.96 2.86
CA PRO L 159 45.85 54.68 1.64
C PRO L 159 45.67 53.88 0.36
N GLY L 160 45.25 52.62 0.45
CA GLY L 160 45.24 51.77 -0.72
C GLY L 160 44.72 50.35 -0.57
N GLN L 161 43.43 50.15 -0.34
CA GLN L 161 42.90 48.80 -0.28
C GLN L 161 42.87 48.16 -1.66
N THR L 162 42.47 48.96 -2.67
CA THR L 162 42.44 48.59 -4.10
C THR L 162 41.81 47.22 -4.32
N THR L 163 40.61 47.03 -3.77
CA THR L 163 40.06 45.69 -3.69
C THR L 163 38.69 45.67 -4.36
N GLY L 164 38.27 44.49 -4.81
CA GLY L 164 36.92 44.28 -5.31
C GLY L 164 35.96 43.88 -4.23
N GLU L 165 34.91 43.13 -4.60
CA GLU L 165 33.88 42.73 -3.64
C GLU L 165 34.46 41.84 -2.55
N ALA L 166 35.34 40.90 -2.92
CA ALA L 166 35.95 39.94 -2.01
C ALA L 166 37.21 40.54 -1.42
N PRO L 167 37.36 40.54 -0.11
CA PRO L 167 38.22 41.49 0.57
C PRO L 167 39.70 41.13 0.49
N GLY L 168 40.54 42.17 0.51
CA GLY L 168 41.96 42.02 0.75
C GLY L 168 42.81 41.58 -0.42
N THR L 169 42.28 41.61 -1.64
CA THR L 169 43.10 41.41 -2.82
C THR L 169 43.49 42.75 -3.41
N VAL L 170 44.79 42.96 -3.50
CA VAL L 170 45.39 44.17 -4.07
C VAL L 170 46.00 43.81 -5.41
N PRO L 171 45.48 44.34 -6.54
CA PRO L 171 46.06 44.00 -7.85
C PRO L 171 47.43 44.62 -8.03
N ALA L 172 48.16 44.13 -9.02
CA ALA L 172 49.57 44.46 -9.29
C ALA L 172 50.51 43.75 -8.32
N PRO A 1 -10.84 -17.79 24.19
CA PRO A 1 -10.79 -19.21 23.80
C PRO A 1 -9.33 -19.59 24.01
N ILE A 2 -8.80 -20.44 23.14
CA ILE A 2 -7.41 -20.88 23.19
C ILE A 2 -6.58 -19.87 22.41
N MET A 3 -5.48 -19.42 23.00
CA MET A 3 -4.62 -18.41 22.40
C MET A 3 -3.53 -19.07 21.55
N GLY A 4 -2.90 -18.25 20.70
CA GLY A 4 -1.78 -18.70 19.90
C GLY A 4 -0.61 -19.25 20.71
N GLN A 5 -0.36 -18.71 21.89
CA GLN A 5 0.61 -19.25 22.82
C GLN A 5 0.07 -20.44 23.59
N ASP A 6 -1.24 -20.48 23.85
CA ASP A 6 -1.84 -21.48 24.73
C ASP A 6 -1.50 -22.91 24.34
N VAL A 7 -1.56 -23.28 23.06
CA VAL A 7 -1.29 -24.65 22.62
C VAL A 7 0.20 -24.77 22.36
N LYS A 8 0.89 -25.60 23.15
CA LYS A 8 2.31 -25.84 22.90
C LYS A 8 2.57 -27.33 22.76
N TYR A 9 3.57 -27.65 21.93
CA TYR A 9 3.77 -28.99 21.40
C TYR A 9 5.08 -29.54 21.95
N LEU A 10 5.01 -30.71 22.58
CA LEU A 10 6.21 -31.39 23.06
C LEU A 10 6.33 -32.75 22.39
N PHE A 11 7.56 -33.22 22.22
CA PHE A 11 7.82 -34.54 21.66
C PHE A 11 8.71 -35.33 22.61
N GLN A 12 8.52 -36.65 22.61
CA GLN A 12 9.44 -37.52 23.32
C GLN A 12 9.86 -38.66 22.39
N SER A 13 11.16 -38.90 22.34
CA SER A 13 11.71 -39.96 21.51
C SER A 13 11.45 -41.34 22.13
N ILE A 14 11.06 -42.29 21.28
CA ILE A 14 10.77 -43.63 21.75
C ILE A 14 11.98 -44.29 22.38
N ASP A 15 13.19 -44.01 21.88
CA ASP A 15 14.38 -44.71 22.29
C ASP A 15 15.00 -44.13 23.56
N ALA A 16 14.62 -42.92 23.95
CA ALA A 16 15.27 -42.29 25.10
C ALA A 16 14.91 -43.00 26.40
N ALA A 17 13.60 -43.21 26.65
CA ALA A 17 13.06 -43.76 27.89
C ALA A 17 13.42 -42.90 29.10
N THR A 18 13.15 -41.60 29.00
CA THR A 18 13.44 -40.64 30.06
C THR A 18 12.13 -40.27 30.76
N GLY A 19 12.26 -39.58 31.89
CA GLY A 19 11.10 -39.19 32.67
C GLY A 19 10.57 -37.81 32.33
N SER A 20 10.63 -37.44 31.04
CA SER A 20 10.20 -36.11 30.63
C SER A 20 10.44 -35.88 29.15
N ALA A 21 9.49 -35.22 28.48
CA ALA A 21 9.43 -34.97 27.03
C ALA A 21 9.94 -33.58 26.66
N PRO A 22 11.05 -33.45 25.91
CA PRO A 22 11.50 -32.11 25.52
C PRO A 22 10.63 -31.48 24.45
N LEU A 23 10.54 -30.16 24.46
CA LEU A 23 9.94 -29.44 23.36
C LEU A 23 10.88 -28.32 22.93
N PHE A 24 10.73 -27.90 21.69
CA PHE A 24 11.79 -27.04 21.19
C PHE A 24 11.37 -25.58 21.25
N PRO A 25 12.29 -24.66 21.54
CA PRO A 25 11.91 -23.24 21.59
C PRO A 25 11.82 -22.61 20.20
N ALA A 26 11.38 -21.36 20.19
CA ALA A 26 11.21 -20.53 19.00
C ALA A 26 10.30 -21.20 17.97
N TYR A 27 9.05 -21.39 18.36
CA TYR A 27 8.03 -21.90 17.45
C TYR A 27 7.58 -20.81 16.48
N GLN A 28 7.26 -21.25 15.27
CA GLN A 28 6.78 -20.37 14.22
C GLN A 28 5.29 -20.67 14.11
N THR A 29 4.91 -21.89 13.73
CA THR A 29 3.51 -22.24 13.60
C THR A 29 3.34 -23.73 13.31
N ASP A 30 2.14 -24.20 13.58
CA ASP A 30 1.86 -25.61 13.71
C ASP A 30 0.52 -25.88 13.04
N GLY A 31 0.55 -26.66 11.97
CA GLY A 31 -0.65 -27.16 11.37
C GLY A 31 -0.79 -28.64 11.55
N SER A 32 -1.81 -29.06 12.29
CA SER A 32 -2.16 -30.47 12.44
C SER A 32 -3.41 -30.67 11.58
N VAL A 33 -3.32 -31.57 10.62
CA VAL A 33 -4.38 -31.76 9.65
C VAL A 33 -4.84 -33.22 9.73
N SER A 34 -6.15 -33.40 9.78
CA SER A 34 -6.78 -34.66 10.14
C SER A 34 -7.94 -34.91 9.17
N GLY A 35 -7.75 -35.86 8.27
CA GLY A 35 -8.77 -36.15 7.29
C GLY A 35 -9.53 -37.43 7.56
N GLU A 36 -10.86 -37.33 7.64
CA GLU A 36 -11.72 -38.49 7.93
C GLU A 36 -12.39 -38.89 6.63
N ARG A 37 -11.83 -39.91 5.98
CA ARG A 37 -12.30 -40.32 4.66
C ARG A 37 -13.75 -40.82 4.74
N GLU A 38 -14.48 -40.66 3.65
CA GLU A 38 -15.93 -40.84 3.64
C GLU A 38 -16.30 -41.77 2.49
N LEU A 39 -17.57 -42.12 2.42
CA LEU A 39 -18.11 -43.01 1.41
C LEU A 39 -18.10 -42.34 0.04
N PHE A 40 -17.67 -43.11 -0.97
CA PHE A 40 -17.77 -42.69 -2.35
C PHE A 40 -19.16 -42.95 -2.92
N ASP A 41 -19.68 -41.98 -3.64
CA ASP A 41 -20.70 -42.18 -4.67
C ASP A 41 -22.02 -42.50 -3.98
N GLU A 42 -22.96 -41.56 -4.05
CA GLU A 42 -24.30 -41.77 -3.50
C GLU A 42 -25.09 -42.82 -4.26
N GLN A 43 -24.90 -42.90 -5.58
CA GLN A 43 -25.68 -43.73 -6.52
C GLN A 43 -27.10 -43.19 -6.70
N THR A 44 -27.30 -41.91 -6.39
CA THR A 44 -28.61 -41.26 -6.18
C THR A 44 -29.54 -42.17 -5.37
N LYS A 45 -29.09 -42.57 -4.19
CA LYS A 45 -29.83 -43.47 -3.32
C LYS A 45 -30.38 -42.72 -2.11
N ASN A 46 -30.21 -43.30 -0.92
CA ASN A 46 -30.64 -42.65 0.32
C ASN A 46 -29.49 -42.00 1.07
N GLY A 47 -28.34 -41.81 0.43
CA GLY A 47 -27.20 -41.22 1.09
C GLY A 47 -26.11 -42.25 1.31
N ARG A 48 -25.33 -42.50 0.27
CA ARG A 48 -24.25 -43.48 0.34
C ARG A 48 -22.93 -42.71 0.28
N ILE A 49 -22.97 -41.46 0.72
CA ILE A 49 -21.78 -40.61 0.77
C ILE A 49 -21.57 -40.08 2.18
N LEU A 50 -22.44 -40.50 3.11
CA LEU A 50 -22.31 -40.13 4.51
C LEU A 50 -21.80 -41.29 5.35
N GLY A 51 -20.90 -42.11 4.81
CA GLY A 51 -20.49 -43.35 5.42
C GLY A 51 -19.12 -43.30 6.07
N PRO A 52 -18.88 -44.22 7.00
CA PRO A 52 -17.62 -44.18 7.75
C PRO A 52 -16.43 -44.73 6.99
N GLY A 53 -15.30 -44.06 7.11
CA GLY A 53 -14.08 -44.46 6.43
C GLY A 53 -12.90 -44.26 7.37
N SER A 54 -11.72 -44.58 6.85
CA SER A 54 -10.51 -44.43 7.62
C SER A 54 -10.15 -42.96 7.79
N VAL A 55 -9.22 -42.68 8.70
CA VAL A 55 -8.82 -41.32 9.03
C VAL A 55 -7.34 -41.16 8.68
N ALA A 56 -7.03 -40.09 7.94
CA ALA A 56 -5.66 -39.73 7.61
C ALA A 56 -5.22 -38.65 8.60
N ASP A 57 -4.07 -38.86 9.21
CA ASP A 57 -3.61 -38.02 10.30
C ASP A 57 -2.17 -37.60 10.02
N SER A 58 -2.01 -36.31 9.74
CA SER A 58 -0.73 -35.71 9.40
C SER A 58 -0.58 -34.35 10.07
N GLY A 59 0.66 -34.02 10.41
CA GLY A 59 0.95 -32.73 10.98
C GLY A 59 2.23 -32.15 10.45
N GLU A 60 2.33 -30.82 10.43
CA GLU A 60 3.56 -30.14 10.04
C GLU A 60 3.91 -29.17 11.16
N VAL A 61 5.20 -29.01 11.42
CA VAL A 61 5.69 -28.15 12.49
C VAL A 61 6.75 -27.23 11.93
N THR A 62 6.54 -25.92 12.05
CA THR A 62 7.55 -24.97 11.64
C THR A 62 8.18 -24.33 12.88
N TYR A 63 9.47 -24.01 12.76
CA TYR A 63 10.17 -23.31 13.83
C TYR A 63 11.53 -22.83 13.32
N TYR A 64 12.19 -21.96 14.08
CA TYR A 64 13.54 -21.49 13.79
C TYR A 64 14.53 -22.29 14.62
N GLY A 65 15.42 -23.01 13.95
CA GLY A 65 16.35 -23.89 14.64
C GLY A 65 17.44 -23.16 15.41
N LYS A 66 17.72 -23.61 16.63
CA LYS A 66 18.83 -23.07 17.40
C LYS A 66 20.07 -23.94 17.17
N ARG A 67 21.25 -23.32 17.34
CA ARG A 67 22.51 -23.97 17.00
C ARG A 67 22.69 -25.33 17.66
N GLY A 68 22.23 -25.50 18.89
CA GLY A 68 22.29 -26.79 19.57
C GLY A 68 21.35 -26.80 20.75
N ASP A 69 20.15 -27.35 20.51
CA ASP A 69 19.15 -27.67 21.53
C ASP A 69 18.44 -28.99 21.20
N ALA A 70 17.86 -29.59 22.24
CA ALA A 70 17.56 -31.01 22.34
C ALA A 70 16.35 -31.53 21.56
N GLY A 71 15.25 -30.77 21.49
CA GLY A 71 14.18 -31.11 20.56
C GLY A 71 14.62 -31.03 19.11
N GLN A 72 15.43 -30.02 18.78
CA GLN A 72 16.05 -29.98 17.45
C GLN A 72 16.95 -31.18 17.22
N LYS A 73 17.89 -31.45 18.12
CA LYS A 73 18.65 -32.69 18.02
C LYS A 73 17.76 -33.91 18.15
N ALA A 74 16.63 -33.79 18.85
CA ALA A 74 15.64 -34.86 18.80
C ALA A 74 15.07 -35.01 17.40
N ILE A 75 14.80 -33.88 16.73
CA ILE A 75 14.41 -33.90 15.33
C ILE A 75 15.54 -34.43 14.46
N GLU A 76 16.78 -34.02 14.76
CA GLU A 76 17.92 -34.44 13.95
C GLU A 76 18.14 -35.95 14.02
N ASP A 77 18.07 -36.56 15.20
CA ASP A 77 18.05 -38.02 15.28
C ASP A 77 16.76 -38.59 14.71
N ALA A 78 15.63 -37.92 14.95
CA ALA A 78 14.40 -38.37 14.33
C ALA A 78 14.55 -38.55 12.83
N TYR A 79 15.03 -37.51 12.13
CA TYR A 79 15.09 -37.58 10.67
C TYR A 79 16.34 -38.28 10.19
N GLN A 80 17.50 -37.86 10.69
CA GLN A 80 18.79 -38.25 10.11
C GLN A 80 19.15 -39.69 10.44
N ASN A 81 18.94 -40.10 11.69
CA ASN A 81 19.10 -41.51 12.03
C ASN A 81 17.93 -42.34 11.53
N GLY A 82 16.75 -41.71 11.45
CA GLY A 82 15.56 -42.38 10.96
C GLY A 82 14.84 -43.15 12.05
N LYS A 83 14.10 -42.45 12.88
CA LYS A 83 13.33 -43.02 13.99
C LYS A 83 11.97 -42.31 14.00
N GLN A 84 10.95 -43.01 14.49
CA GLN A 84 9.66 -42.41 14.80
C GLN A 84 9.74 -41.76 16.16
N ILE A 85 9.09 -40.61 16.32
CA ILE A 85 9.09 -39.92 17.61
C ILE A 85 7.67 -39.83 18.15
N LYS A 86 7.56 -39.78 19.47
CA LYS A 86 6.28 -39.63 20.14
C LYS A 86 5.95 -38.14 20.23
N PHE A 87 4.69 -37.82 19.93
CA PHE A 87 4.22 -36.46 19.67
C PHE A 87 3.12 -36.09 20.65
N TRP A 88 3.33 -34.99 21.37
CA TRP A 88 2.42 -34.48 22.38
C TRP A 88 2.10 -33.04 22.04
N ARG A 89 0.81 -32.67 22.10
CA ARG A 89 0.40 -31.27 21.95
C ARG A 89 -0.56 -30.96 23.10
N VAL A 90 -0.17 -29.99 23.92
CA VAL A 90 -0.93 -29.71 25.13
C VAL A 90 -1.11 -28.21 25.27
N ASP A 91 -2.12 -27.84 26.06
CA ASP A 91 -2.43 -26.45 26.31
C ASP A 91 -1.73 -25.98 27.59
N THR A 92 -1.35 -24.70 27.58
CA THR A 92 -0.62 -24.08 28.67
C THR A 92 -1.52 -23.69 29.83
N VAL A 93 -2.81 -23.45 29.58
CA VAL A 93 -3.74 -23.14 30.66
C VAL A 93 -4.00 -24.39 31.49
N LYS A 94 -4.15 -24.20 32.79
CA LYS A 94 -4.29 -25.30 33.73
C LYS A 94 -5.65 -25.96 33.57
N ASN A 95 -5.66 -27.29 33.47
CA ASN A 95 -6.90 -28.05 33.49
C ASN A 95 -7.41 -28.17 34.91
N GLU A 96 -8.71 -27.98 35.08
CA GLU A 96 -9.34 -28.01 36.38
C GLU A 96 -9.55 -29.40 36.94
N ASN A 97 -9.60 -30.43 36.10
CA ASN A 97 -9.58 -31.80 36.60
C ASN A 97 -8.40 -32.57 36.01
N ASP A 98 -7.25 -31.92 35.86
CA ASP A 98 -6.00 -32.59 35.55
C ASP A 98 -4.87 -31.57 35.62
N LYS A 99 -3.66 -32.01 35.33
CA LYS A 99 -2.53 -31.09 35.20
C LYS A 99 -2.77 -30.13 34.04
N TYR A 100 -2.72 -30.65 32.82
CA TYR A 100 -2.94 -29.89 31.61
C TYR A 100 -3.84 -30.72 30.70
N ASP A 101 -4.11 -30.22 29.51
CA ASP A 101 -4.91 -30.95 28.54
C ASP A 101 -4.11 -31.17 27.26
N ALA A 102 -4.26 -32.35 26.70
CA ALA A 102 -3.33 -32.84 25.70
C ALA A 102 -4.08 -33.57 24.59
N GLN A 103 -3.44 -33.60 23.41
CA GLN A 103 -3.72 -34.60 22.39
C GLN A 103 -2.37 -35.22 22.02
N PHE A 104 -2.37 -36.54 21.83
CA PHE A 104 -1.15 -37.34 21.81
C PHE A 104 -1.13 -38.25 20.59
N GLY A 105 0.07 -38.57 20.11
CA GLY A 105 0.18 -39.58 19.09
C GLY A 105 1.60 -40.05 18.92
N PHE A 106 1.73 -41.17 18.22
CA PHE A 106 3.02 -41.65 17.73
C PHE A 106 3.23 -41.04 16.35
N ALA A 107 4.40 -40.43 16.14
CA ALA A 107 4.66 -39.62 14.97
C ALA A 107 5.93 -40.07 14.27
N TYR A 108 6.02 -39.68 12.99
CA TYR A 108 7.10 -40.11 12.11
C TYR A 108 7.62 -38.88 11.39
N ILE A 109 8.81 -39.00 10.78
CA ILE A 109 9.41 -37.89 10.05
C ILE A 109 9.09 -38.02 8.57
N GLU A 110 8.03 -37.36 8.13
CA GLU A 110 7.68 -37.39 6.71
C GLU A 110 8.56 -36.51 5.83
N SER A 111 8.88 -35.30 6.26
CA SER A 111 9.83 -34.47 5.52
C SER A 111 10.41 -33.43 6.45
N ARG A 112 11.52 -32.82 6.02
CA ARG A 112 12.21 -31.76 6.74
C ARG A 112 12.73 -30.83 5.64
N GLU A 113 12.54 -29.53 5.85
CA GLU A 113 12.94 -28.50 4.91
C GLU A 113 13.69 -27.44 5.69
N TYR A 114 14.93 -27.17 5.29
CA TYR A 114 15.71 -26.12 5.93
C TYR A 114 15.93 -24.94 5.00
N SER A 115 15.62 -23.75 5.50
CA SER A 115 15.81 -22.52 4.77
C SER A 115 16.79 -21.63 5.51
N ASP A 116 17.88 -21.30 4.81
CA ASP A 116 18.83 -20.28 5.21
C ASP A 116 18.62 -19.11 4.24
N GLY A 117 18.41 -17.92 4.79
CA GLY A 117 18.30 -16.71 3.99
C GLY A 117 19.27 -15.64 4.46
N VAL A 118 19.58 -14.71 3.57
CA VAL A 118 20.43 -13.57 3.89
C VAL A 118 19.73 -12.61 4.83
N GLU A 119 18.40 -12.56 4.79
CA GLU A 119 17.65 -11.84 5.81
C GLU A 119 17.15 -12.75 6.92
N GLY A 120 17.02 -12.24 8.14
CA GLY A 120 16.29 -12.94 9.17
C GLY A 120 17.15 -14.08 9.67
N ALA A 121 16.53 -15.20 10.00
CA ALA A 121 17.25 -16.35 10.55
C ALA A 121 16.70 -17.65 9.99
N VAL A 122 17.56 -18.68 10.01
CA VAL A 122 17.25 -19.94 9.35
C VAL A 122 15.91 -20.48 9.82
N GLU A 123 15.20 -21.15 8.92
CA GLU A 123 13.85 -21.64 9.24
C GLU A 123 13.74 -23.12 8.94
N ILE A 124 13.22 -23.87 9.90
CA ILE A 124 13.07 -25.31 9.75
C ILE A 124 11.58 -25.64 9.70
N SER A 125 11.19 -26.36 8.65
CA SER A 125 9.87 -26.97 8.55
C SER A 125 10.05 -28.48 8.60
N ILE A 126 9.38 -29.12 9.54
CA ILE A 126 9.41 -30.57 9.66
C ILE A 126 7.99 -31.10 9.58
N SER A 127 7.78 -32.03 8.65
CA SER A 127 6.47 -32.64 8.41
C SER A 127 6.46 -34.06 8.92
N LEU A 128 5.30 -34.49 9.40
CA LEU A 128 5.15 -35.77 10.06
C LEU A 128 3.78 -36.37 9.74
N GLN A 129 3.76 -37.67 9.50
CA GLN A 129 2.52 -38.43 9.44
C GLN A 129 2.27 -39.00 10.82
N VAL A 130 1.02 -39.33 11.11
CA VAL A 130 0.69 -39.98 12.37
C VAL A 130 -0.38 -41.02 12.09
N ILE A 131 -0.52 -41.99 13.01
CA ILE A 131 -1.41 -43.12 12.78
C ILE A 131 -2.62 -43.02 13.70
N GLY A 132 -3.01 -41.81 14.05
CA GLY A 132 -4.17 -41.62 14.89
C GLY A 132 -3.82 -40.94 16.18
N GLU A 133 -3.92 -39.60 16.21
CA GLU A 133 -3.73 -38.87 17.43
C GLU A 133 -5.00 -38.87 18.27
N LEU A 134 -4.81 -39.04 19.58
CA LEU A 134 -5.93 -39.18 20.51
C LEU A 134 -5.86 -38.05 21.51
N LYS A 135 -7.02 -37.60 21.99
CA LYS A 135 -7.11 -36.49 22.92
C LYS A 135 -7.15 -37.04 24.34
N ASN A 136 -6.48 -36.36 25.27
CA ASN A 136 -6.49 -36.75 26.67
C ASN A 136 -6.16 -35.54 27.53
N GLY A 137 -5.74 -35.78 28.76
CA GLY A 137 -5.19 -34.71 29.57
C GLY A 137 -3.70 -34.88 29.76
N GLU A 138 -3.01 -33.74 29.86
CA GLU A 138 -1.55 -33.75 29.92
C GLU A 138 -1.13 -33.92 31.37
N ILE A 139 -0.20 -34.86 31.58
CA ILE A 139 0.25 -35.18 32.93
C ILE A 139 1.52 -34.43 33.28
N ASP A 140 2.52 -34.49 32.40
CA ASP A 140 3.79 -33.84 32.71
C ASP A 140 3.71 -32.33 32.51
N THR A 141 3.70 -31.61 33.63
CA THR A 141 3.73 -30.15 33.58
C THR A 141 4.97 -29.61 32.91
N LEU A 142 6.16 -30.19 33.19
CA LEU A 142 7.47 -29.73 32.73
C LEU A 142 7.59 -28.23 32.93
N PRO A 143 7.49 -27.74 34.18
CA PRO A 143 7.14 -26.33 34.44
C PRO A 143 8.22 -25.32 34.06
N GLU A 144 9.25 -25.81 33.38
CA GLU A 144 10.29 -24.97 32.79
C GLU A 144 9.76 -24.19 31.60
N GLU A 145 9.00 -24.84 30.73
CA GLU A 145 8.57 -24.23 29.48
C GLU A 145 7.06 -24.01 29.39
N ILE A 146 6.25 -25.06 29.50
CA ILE A 146 4.80 -24.95 29.43
C ILE A 146 4.26 -24.08 30.56
N VAL A 147 4.71 -24.31 31.78
CA VAL A 147 4.21 -23.60 32.95
C VAL A 147 4.79 -22.19 32.91
N ASN A 148 6.09 -22.10 32.60
CA ASN A 148 6.78 -20.82 32.61
C ASN A 148 7.17 -20.39 31.20
N VAL A 149 6.59 -19.29 30.71
CA VAL A 149 7.05 -18.72 29.45
C VAL A 149 7.27 -17.22 29.67
N SER A 150 8.55 -16.84 29.79
CA SER A 150 8.90 -15.47 30.16
C SER A 150 9.58 -14.71 29.04
N LYS A 151 9.64 -13.38 29.12
CA LYS A 151 10.37 -12.61 28.12
C LYS A 151 11.87 -12.55 28.38
N GLY A 152 12.37 -13.08 29.49
CA GLY A 152 13.79 -12.99 29.82
C GLY A 152 14.11 -11.84 30.74
N GLY A 153 13.07 -11.13 31.17
CA GLY A 153 13.25 -9.95 32.02
C GLY A 153 13.75 -10.32 33.41
N TYR A 154 14.72 -9.55 33.89
CA TYR A 154 15.30 -9.70 35.21
C TYR A 154 15.43 -8.32 35.84
N ASP A 155 15.24 -8.25 37.17
CA ASP A 155 14.88 -7.00 37.83
C ASP A 155 15.94 -5.90 37.79
N PHE A 156 17.20 -6.24 38.08
CA PHE A 156 18.41 -5.43 37.88
C PHE A 156 19.59 -6.37 37.61
N GLN A 157 20.62 -5.80 36.97
CA GLN A 157 21.99 -6.28 37.09
C GLN A 157 22.86 -5.03 37.11
N GLN A 158 23.00 -4.40 38.28
CA GLN A 158 23.58 -3.05 38.32
C GLN A 158 24.99 -2.99 38.92
N PRO A 159 25.40 -3.86 39.86
CA PRO A 159 26.81 -3.85 40.24
C PRO A 159 27.73 -4.47 39.21
N GLY A 160 27.24 -4.77 38.01
CA GLY A 160 28.04 -5.52 37.06
C GLY A 160 28.14 -7.02 37.24
N GLN A 161 27.21 -7.80 36.67
CA GLN A 161 27.35 -9.26 36.76
C GLN A 161 27.77 -9.84 35.42
N THR A 162 28.92 -9.41 34.91
CA THR A 162 29.56 -9.90 33.68
C THR A 162 28.53 -10.36 32.64
N THR A 163 27.84 -9.41 32.03
CA THR A 163 26.67 -9.75 31.25
C THR A 163 27.08 -9.96 29.80
N GLY A 164 26.13 -10.42 28.99
CA GLY A 164 26.31 -10.52 27.56
C GLY A 164 25.01 -10.33 26.79
N GLU A 165 24.96 -10.82 25.55
CA GLU A 165 23.78 -10.64 24.71
C GLU A 165 22.57 -11.35 25.31
N ALA A 166 22.80 -12.36 26.14
CA ALA A 166 21.75 -13.16 26.76
C ALA A 166 21.19 -12.41 27.96
N PRO A 167 19.94 -12.66 28.32
CA PRO A 167 19.17 -11.66 29.08
C PRO A 167 19.49 -11.67 30.57
N GLY A 168 20.21 -12.73 30.97
CA GLY A 168 20.88 -12.76 32.26
C GLY A 168 22.22 -13.47 32.32
N THR A 169 23.32 -12.75 32.20
CA THR A 169 24.63 -13.34 32.46
C THR A 169 25.17 -12.84 33.79
N VAL A 170 25.94 -13.72 34.44
CA VAL A 170 26.57 -13.43 35.72
C VAL A 170 28.08 -13.62 35.56
N PRO A 171 28.91 -13.21 36.53
CA PRO A 171 30.36 -13.40 36.38
C PRO A 171 30.76 -14.85 36.55
N ALA A 172 31.43 -15.39 35.54
CA ALA A 172 31.77 -16.81 35.41
C ALA A 172 30.53 -17.70 35.45
N PRO B 1 -30.81 -7.38 3.17
CA PRO B 1 -31.02 -8.80 2.83
C PRO B 1 -30.58 -9.53 4.10
N ILE B 2 -29.95 -10.69 3.94
CA ILE B 2 -29.45 -11.48 5.05
C ILE B 2 -28.05 -10.98 5.39
N MET B 3 -27.80 -10.76 6.67
CA MET B 3 -26.53 -10.23 7.14
C MET B 3 -25.56 -11.36 7.47
N GLY B 4 -24.29 -11.00 7.60
CA GLY B 4 -23.25 -11.93 8.00
C GLY B 4 -23.51 -12.59 9.35
N GLN B 5 -24.12 -11.87 10.28
CA GLN B 5 -24.56 -12.43 11.55
C GLN B 5 -25.87 -13.19 11.41
N ASP B 6 -26.74 -12.77 10.50
CA ASP B 6 -28.09 -13.32 10.39
C ASP B 6 -28.14 -14.83 10.29
N VAL B 7 -27.30 -15.46 9.48
CA VAL B 7 -27.33 -16.91 9.31
C VAL B 7 -26.42 -17.53 10.35
N LYS B 8 -26.99 -18.30 11.27
CA LYS B 8 -26.18 -19.00 12.26
C LYS B 8 -26.48 -20.49 12.24
N TYR B 9 -25.44 -21.28 12.54
CA TYR B 9 -25.42 -22.70 12.26
C TYR B 9 -25.41 -23.47 13.58
N LEU B 10 -26.36 -24.38 13.75
CA LEU B 10 -26.38 -25.24 14.92
C LEU B 10 -26.30 -26.69 14.49
N PHE B 11 -25.72 -27.53 15.35
CA PHE B 11 -25.64 -28.96 15.10
C PHE B 11 -26.23 -29.72 16.28
N GLN B 12 -26.81 -30.88 15.98
CA GLN B 12 -27.23 -31.79 17.04
C GLN B 12 -26.71 -33.19 16.73
N SER B 13 -26.10 -33.81 17.74
CA SER B 13 -25.56 -35.16 17.60
C SER B 13 -26.68 -36.19 17.58
N ILE B 14 -26.55 -37.17 16.68
CA ILE B 14 -27.56 -38.21 16.56
C ILE B 14 -27.69 -39.03 17.84
N ASP B 15 -26.59 -39.24 18.56
CA ASP B 15 -26.58 -40.14 19.70
C ASP B 15 -27.05 -39.48 20.98
N ALA B 16 -27.10 -38.15 21.03
CA ALA B 16 -27.45 -37.47 22.28
C ALA B 16 -28.91 -37.72 22.66
N ALA B 17 -29.83 -37.46 21.70
CA ALA B 17 -31.29 -37.50 21.91
C ALA B 17 -31.74 -36.52 23.00
N THR B 18 -31.31 -35.26 22.86
CA THR B 18 -31.65 -34.20 23.80
C THR B 18 -32.71 -33.31 23.17
N GLY B 19 -33.29 -32.43 23.99
CA GLY B 19 -34.34 -31.54 23.53
C GLY B 19 -33.83 -30.19 23.06
N SER B 20 -32.66 -30.18 22.42
CA SER B 20 -32.06 -28.93 21.97
C SER B 20 -30.68 -29.14 21.36
N ALA B 21 -30.40 -28.41 20.27
CA ALA B 21 -29.21 -28.52 19.43
C ALA B 21 -28.16 -27.47 19.78
N PRO B 22 -26.95 -27.87 20.27
CA PRO B 22 -25.93 -26.85 20.56
C PRO B 22 -25.30 -26.27 19.31
N LEU B 23 -24.87 -25.03 19.39
CA LEU B 23 -24.04 -24.45 18.35
C LEU B 23 -22.83 -23.80 19.00
N PHE B 24 -21.77 -23.66 18.21
CA PHE B 24 -20.54 -23.32 18.88
C PHE B 24 -20.25 -21.83 18.73
N PRO B 25 -19.69 -21.17 19.74
CA PRO B 25 -19.39 -19.74 19.62
C PRO B 25 -18.13 -19.47 18.82
N ALA B 26 -17.88 -18.19 18.60
CA ALA B 26 -16.72 -17.66 17.87
C ALA B 26 -16.61 -18.27 16.47
N TYR B 27 -17.62 -17.97 15.64
CA TYR B 27 -17.60 -18.37 14.24
C TYR B 27 -16.66 -17.48 13.44
N GLN B 28 -16.03 -18.08 12.45
CA GLN B 28 -15.12 -17.38 11.55
C GLN B 28 -15.90 -17.24 10.24
N THR B 29 -16.24 -18.35 9.58
CA THR B 29 -16.96 -18.29 8.33
C THR B 29 -17.36 -19.69 7.86
N ASP B 30 -18.36 -19.70 6.99
CA ASP B 30 -19.11 -20.90 6.68
C ASP B 30 -19.35 -20.91 5.18
N GLY B 31 -18.79 -21.92 4.52
CA GLY B 31 -19.11 -22.15 3.14
C GLY B 31 -19.85 -23.45 2.97
N SER B 32 -21.10 -23.36 2.50
CA SER B 32 -21.90 -24.52 2.14
C SER B 32 -21.94 -24.54 0.63
N VAL B 33 -21.46 -25.63 0.05
CA VAL B 33 -21.30 -25.74 -1.39
C VAL B 33 -22.12 -26.93 -1.87
N SER B 34 -22.89 -26.69 -2.93
CA SER B 34 -23.95 -27.59 -3.37
C SER B 34 -23.86 -27.72 -4.90
N GLY B 35 -23.41 -28.88 -5.37
CA GLY B 35 -23.25 -29.08 -6.78
C GLY B 35 -24.32 -29.97 -7.39
N GLU B 36 -25.01 -29.48 -8.41
CA GLU B 36 -26.08 -30.21 -9.07
C GLU B 36 -25.55 -30.71 -10.40
N ARG B 37 -25.14 -31.97 -10.43
CA ARG B 37 -24.48 -32.53 -11.60
C ARG B 37 -25.45 -32.55 -12.79
N GLU B 38 -24.91 -32.46 -14.00
CA GLU B 38 -25.68 -32.20 -15.20
C GLU B 38 -25.31 -33.23 -16.26
N LEU B 39 -26.03 -33.19 -17.37
CA LEU B 39 -25.82 -34.11 -18.48
C LEU B 39 -24.50 -33.82 -19.18
N PHE B 40 -23.78 -34.89 -19.49
CA PHE B 40 -22.58 -34.82 -20.32
C PHE B 40 -22.93 -34.80 -21.79
N ASP B 41 -22.27 -33.92 -22.53
CA ASP B 41 -22.04 -34.06 -23.97
C ASP B 41 -23.37 -33.80 -24.68
N GLU B 42 -23.43 -32.67 -25.39
CA GLU B 42 -24.61 -32.34 -26.19
C GLU B 42 -24.80 -33.26 -27.37
N GLN B 43 -23.69 -33.71 -27.99
CA GLN B 43 -23.65 -34.49 -29.25
C GLN B 43 -24.02 -33.61 -30.45
N THR B 44 -23.90 -32.28 -30.28
CA THR B 44 -24.48 -31.27 -31.16
C THR B 44 -25.91 -31.62 -31.57
N LYS B 45 -26.75 -31.84 -30.56
CA LYS B 45 -28.14 -32.24 -30.78
C LYS B 45 -29.09 -31.09 -30.45
N ASN B 46 -30.15 -31.38 -29.70
CA ASN B 46 -31.10 -30.36 -29.28
C ASN B 46 -30.88 -29.92 -27.83
N GLY B 47 -29.73 -30.23 -27.24
CA GLY B 47 -29.46 -29.86 -25.87
C GLY B 47 -29.47 -31.08 -24.96
N ARG B 48 -28.35 -31.79 -24.96
CA ARG B 48 -28.23 -33.00 -24.15
C ARG B 48 -27.24 -32.69 -23.02
N ILE B 49 -27.14 -31.41 -22.66
CA ILE B 49 -26.27 -30.97 -21.58
C ILE B 49 -27.09 -30.20 -20.55
N LEU B 50 -28.40 -30.09 -20.77
CA LEU B 50 -29.30 -29.45 -19.82
C LEU B 50 -30.13 -30.47 -19.05
N GLY B 51 -29.56 -31.63 -18.72
CA GLY B 51 -30.28 -32.74 -18.18
C GLY B 51 -30.09 -32.94 -16.69
N PRO B 52 -31.04 -33.63 -16.05
CA PRO B 52 -30.99 -33.78 -14.60
C PRO B 52 -29.99 -34.83 -14.13
N GLY B 53 -29.28 -34.51 -13.06
CA GLY B 53 -28.28 -35.40 -12.49
C GLY B 53 -28.35 -35.34 -10.99
N SER B 54 -27.46 -36.11 -10.35
CA SER B 54 -27.41 -36.14 -8.90
C SER B 54 -26.83 -34.84 -8.35
N VAL B 55 -26.98 -34.63 -7.05
CA VAL B 55 -26.54 -33.43 -6.39
C VAL B 55 -25.46 -33.79 -5.36
N ALA B 56 -24.34 -33.08 -5.42
CA ALA B 56 -23.26 -33.21 -4.45
C ALA B 56 -23.42 -32.12 -3.41
N ASP B 57 -23.40 -32.50 -2.14
CA ASP B 57 -23.71 -31.59 -1.06
C ASP B 57 -22.62 -31.69 -0.01
N SER B 58 -21.85 -30.61 0.12
CA SER B 58 -20.72 -30.53 1.02
C SER B 58 -20.69 -29.15 1.67
N GLY B 59 -20.20 -29.12 2.91
CA GLY B 59 -20.04 -27.88 3.61
C GLY B 59 -18.76 -27.85 4.41
N GLU B 60 -18.22 -26.66 4.62
CA GLU B 60 -17.04 -26.47 5.49
C GLU B 60 -17.39 -25.41 6.51
N VAL B 61 -16.89 -25.58 7.72
CA VAL B 61 -17.17 -24.67 8.82
C VAL B 61 -15.86 -24.26 9.46
N THR B 62 -15.59 -22.96 9.52
CA THR B 62 -14.41 -22.48 10.21
C THR B 62 -14.82 -21.78 11.49
N TYR B 63 -13.97 -21.88 12.52
CA TYR B 63 -14.20 -21.18 13.78
C TYR B 63 -12.95 -21.28 14.63
N TYR B 64 -12.91 -20.48 15.71
CA TYR B 64 -11.82 -20.51 16.68
C TYR B 64 -12.27 -21.33 17.88
N GLY B 65 -11.57 -22.43 18.14
CA GLY B 65 -11.96 -23.34 19.21
C GLY B 65 -11.74 -22.81 20.61
N LYS B 66 -12.73 -23.00 21.48
CA LYS B 66 -12.59 -22.64 22.87
C LYS B 66 -12.10 -23.86 23.67
N ARG B 67 -11.42 -23.59 24.78
CA ARG B 67 -10.76 -24.65 25.55
C ARG B 67 -11.68 -25.80 25.93
N GLY B 68 -12.95 -25.52 26.24
CA GLY B 68 -13.92 -26.56 26.54
C GLY B 68 -15.33 -26.01 26.44
N ASP B 69 -15.93 -26.23 25.27
CA ASP B 69 -17.35 -25.99 25.00
C ASP B 69 -17.93 -27.07 24.09
N ALA B 70 -19.25 -27.19 24.15
CA ALA B 70 -20.01 -28.41 23.80
C ALA B 70 -20.20 -28.72 22.32
N GLY B 71 -20.41 -27.71 21.47
CA GLY B 71 -20.34 -27.93 20.03
C GLY B 71 -18.95 -28.34 19.56
N GLN B 72 -17.91 -27.72 20.14
CA GLN B 72 -16.56 -28.19 19.89
C GLN B 72 -16.35 -29.62 20.37
N LYS B 73 -16.70 -29.93 21.62
CA LYS B 73 -16.69 -31.32 22.05
C LYS B 73 -17.68 -32.16 21.26
N ALA B 74 -18.76 -31.55 20.75
CA ALA B 74 -19.60 -32.26 19.80
C ALA B 74 -18.84 -32.57 18.52
N ILE B 75 -18.03 -31.61 18.05
CA ILE B 75 -17.14 -31.86 16.92
C ILE B 75 -16.09 -32.90 17.30
N GLU B 76 -15.55 -32.80 18.51
CA GLU B 76 -14.51 -33.72 18.94
C GLU B 76 -14.99 -35.17 18.99
N ASP B 77 -16.18 -35.41 19.54
CA ASP B 77 -16.78 -36.74 19.41
C ASP B 77 -17.20 -37.03 17.98
N ALA B 78 -17.70 -36.02 17.27
CA ALA B 78 -18.01 -36.23 15.86
C ALA B 78 -16.81 -36.80 15.11
N TYR B 79 -15.64 -36.15 15.21
CA TYR B 79 -14.50 -36.58 14.42
C TYR B 79 -13.74 -37.73 15.09
N GLN B 80 -13.39 -37.55 16.38
CA GLN B 80 -12.44 -38.44 17.04
C GLN B 80 -13.06 -39.79 17.36
N ASN B 81 -14.29 -39.81 17.87
CA ASN B 81 -14.99 -41.08 18.04
C ASN B 81 -15.49 -41.61 16.70
N GLY B 82 -15.78 -40.71 15.77
CA GLY B 82 -16.24 -41.09 14.45
C GLY B 82 -17.74 -41.33 14.40
N LYS B 83 -18.51 -40.26 14.35
CA LYS B 83 -19.97 -40.29 14.30
C LYS B 83 -20.39 -39.24 13.27
N GLN B 84 -21.55 -39.46 12.64
CA GLN B 84 -22.21 -38.45 11.83
C GLN B 84 -23.01 -37.54 12.75
N ILE B 85 -23.04 -36.24 12.43
CA ILE B 85 -23.79 -35.29 13.24
C ILE B 85 -24.89 -34.67 12.40
N LYS B 86 -25.97 -34.26 13.08
CA LYS B 86 -27.08 -33.58 12.42
C LYS B 86 -26.77 -32.09 12.36
N PHE B 87 -27.05 -31.49 11.20
CA PHE B 87 -26.57 -30.17 10.83
C PHE B 87 -27.76 -29.27 10.53
N TRP B 88 -27.83 -28.14 11.23
CA TRP B 88 -28.88 -27.14 11.11
C TRP B 88 -28.25 -25.80 10.82
N ARG B 89 -28.80 -25.07 9.84
CA ARG B 89 -28.38 -23.69 9.57
C ARG B 89 -29.64 -22.84 9.49
N VAL B 90 -29.75 -21.85 10.38
CA VAL B 90 -30.97 -21.07 10.47
C VAL B 90 -30.62 -19.60 10.57
N ASP B 91 -31.61 -18.78 10.24
CA ASP B 91 -31.45 -17.34 10.29
C ASP B 91 -31.93 -16.79 11.62
N THR B 92 -31.27 -15.73 12.07
CA THR B 92 -31.53 -15.10 13.36
C THR B 92 -32.75 -14.20 13.33
N VAL B 93 -33.11 -13.66 12.16
CA VAL B 93 -34.30 -12.84 12.05
C VAL B 93 -35.54 -13.71 12.17
N LYS B 94 -36.58 -13.16 12.81
CA LYS B 94 -37.79 -13.92 13.12
C LYS B 94 -38.57 -14.17 11.85
N ASN B 95 -38.99 -15.41 11.64
CA ASN B 95 -39.90 -15.75 10.57
C ASN B 95 -41.32 -15.37 10.94
N GLU B 96 -42.03 -14.77 9.99
CA GLU B 96 -43.38 -14.28 10.23
C GLU B 96 -44.44 -15.38 10.22
N ASN B 97 -44.17 -16.52 9.58
CA ASN B 97 -45.05 -17.67 9.75
C ASN B 97 -44.28 -18.87 10.28
N ASP B 98 -43.36 -18.64 11.20
CA ASP B 98 -42.73 -19.71 11.97
C ASP B 98 -41.86 -19.08 13.03
N LYS B 99 -41.18 -19.91 13.82
CA LYS B 99 -40.18 -19.43 14.76
C LYS B 99 -39.03 -18.75 14.02
N TYR B 100 -38.24 -19.55 13.29
CA TYR B 100 -37.12 -19.07 12.51
C TYR B 100 -37.16 -19.80 11.17
N ASP B 101 -36.17 -19.55 10.33
CA ASP B 101 -36.09 -20.22 9.04
C ASP B 101 -34.77 -20.97 8.94
N ALA B 102 -34.84 -22.16 8.36
CA ALA B 102 -33.76 -23.13 8.50
C ALA B 102 -33.52 -23.84 7.18
N GLN B 103 -32.31 -24.36 7.03
CA GLN B 103 -32.01 -25.45 6.12
C GLN B 103 -31.28 -26.51 6.92
N PHE B 104 -31.59 -27.77 6.68
CA PHE B 104 -31.27 -28.87 7.57
C PHE B 104 -30.64 -30.01 6.80
N GLY B 105 -29.78 -30.78 7.47
CA GLY B 105 -29.28 -32.00 6.86
C GLY B 105 -28.62 -32.89 7.87
N PHE B 106 -28.41 -34.15 7.46
CA PHE B 106 -27.56 -35.08 8.17
C PHE B 106 -26.15 -34.92 7.63
N ALA B 107 -25.18 -34.75 8.53
CA ALA B 107 -23.83 -34.36 8.16
C ALA B 107 -22.81 -35.32 8.74
N TYR B 108 -21.62 -35.30 8.13
CA TYR B 108 -20.55 -36.22 8.46
C TYR B 108 -19.26 -35.42 8.61
N ILE B 109 -18.24 -36.04 9.22
CA ILE B 109 -16.96 -35.36 9.41
C ILE B 109 -16.01 -35.75 8.29
N GLU B 110 -15.94 -34.93 7.25
CA GLU B 110 -15.02 -35.19 6.15
C GLU B 110 -13.57 -34.86 6.47
N SER B 111 -13.29 -33.73 7.11
CA SER B 111 -11.94 -33.42 7.53
C SER B 111 -12.00 -32.40 8.66
N ARG B 112 -10.89 -32.29 9.38
CA ARG B 112 -10.71 -31.31 10.46
C ARG B 112 -9.25 -30.89 10.37
N GLU B 113 -9.04 -29.59 10.48
CA GLU B 113 -7.73 -28.98 10.38
C GLU B 113 -7.57 -28.03 11.55
N TYR B 114 -6.53 -28.22 12.36
CA TYR B 114 -6.27 -27.34 13.47
C TYR B 114 -4.99 -26.54 13.26
N SER B 115 -5.10 -25.23 13.41
CA SER B 115 -3.98 -24.33 13.27
C SER B 115 -3.75 -23.61 14.60
N ASP B 116 -2.54 -23.79 15.13
CA ASP B 116 -2.00 -23.02 16.24
C ASP B 116 -0.92 -22.13 15.65
N GLY B 117 -1.01 -20.83 15.92
CA GLY B 117 0.00 -19.88 15.50
C GLY B 117 0.50 -19.07 16.67
N VAL B 118 1.70 -18.51 16.52
CA VAL B 118 2.29 -17.63 17.52
C VAL B 118 1.55 -16.30 17.59
N GLU B 119 0.94 -15.88 16.48
CA GLU B 119 0.03 -14.75 16.53
C GLU B 119 -1.42 -15.17 16.66
N GLY B 120 -2.26 -14.35 17.30
CA GLY B 120 -3.69 -14.54 17.22
C GLY B 120 -4.07 -15.72 18.09
N ALA B 121 -5.06 -16.50 17.64
CA ALA B 121 -5.53 -17.63 18.42
C ALA B 121 -5.86 -18.82 17.51
N VAL B 122 -5.82 -20.02 18.11
CA VAL B 122 -5.91 -21.25 17.34
C VAL B 122 -7.15 -21.23 16.46
N GLU B 123 -7.05 -21.87 15.30
CA GLU B 123 -8.16 -21.84 14.35
C GLU B 123 -8.51 -23.26 13.91
N ILE B 124 -9.80 -23.57 13.96
CA ILE B 124 -10.29 -24.88 13.59
C ILE B 124 -11.11 -24.76 12.31
N SER B 125 -10.75 -25.57 11.32
CA SER B 125 -11.55 -25.76 10.13
C SER B 125 -12.05 -27.20 10.13
N ILE B 126 -13.37 -27.37 10.05
CA ILE B 126 -13.96 -28.69 9.99
C ILE B 126 -14.81 -28.79 8.72
N SER B 127 -14.53 -29.81 7.92
CA SER B 127 -15.22 -30.04 6.65
C SER B 127 -16.15 -31.24 6.78
N LEU B 128 -17.26 -31.17 6.07
CA LEU B 128 -18.33 -32.15 6.18
C LEU B 128 -18.97 -32.37 4.82
N GLN B 129 -19.27 -33.63 4.52
CA GLN B 129 -20.12 -33.98 3.39
C GLN B 129 -21.54 -34.10 3.91
N VAL B 130 -22.52 -33.97 3.02
CA VAL B 130 -23.91 -34.16 3.41
C VAL B 130 -24.61 -34.88 2.26
N ILE B 131 -25.74 -35.51 2.57
CA ILE B 131 -26.43 -36.34 1.58
C ILE B 131 -27.73 -35.68 1.14
N GLY B 132 -27.75 -34.35 1.15
CA GLY B 132 -28.92 -33.63 0.69
C GLY B 132 -29.51 -32.78 1.80
N GLU B 133 -29.09 -31.53 1.88
CA GLU B 133 -29.68 -30.60 2.81
C GLU B 133 -30.98 -30.03 2.26
N LEU B 134 -31.97 -29.90 3.14
CA LEU B 134 -33.30 -29.48 2.74
C LEU B 134 -33.64 -28.21 3.49
N LYS B 135 -34.44 -27.36 2.87
CA LYS B 135 -34.82 -26.07 3.44
C LYS B 135 -36.15 -26.22 4.16
N ASN B 136 -36.29 -25.57 5.31
CA ASN B 136 -37.54 -25.57 6.06
C ASN B 136 -37.60 -24.34 6.95
N GLY B 137 -38.45 -24.39 7.96
CA GLY B 137 -38.41 -23.36 8.99
C GLY B 137 -37.87 -23.90 10.30
N GLU B 138 -37.19 -23.04 11.04
CA GLU B 138 -36.52 -23.46 12.25
C GLU B 138 -37.50 -23.40 13.41
N ILE B 139 -37.55 -24.48 14.19
CA ILE B 139 -38.51 -24.58 15.27
C ILE B 139 -37.87 -24.17 16.60
N ASP B 140 -36.70 -24.74 16.91
CA ASP B 140 -36.06 -24.45 18.19
C ASP B 140 -35.40 -23.08 18.17
N THR B 141 -36.01 -22.13 18.89
CA THR B 141 -35.44 -20.79 19.04
C THR B 141 -34.08 -20.84 19.73
N LEU B 142 -33.91 -21.64 20.79
CA LEU B 142 -32.74 -21.72 21.66
C LEU B 142 -32.29 -20.31 22.02
N PRO B 143 -33.14 -19.53 22.71
CA PRO B 143 -32.99 -18.06 22.72
C PRO B 143 -31.79 -17.54 23.49
N GLU B 144 -30.92 -18.46 23.89
CA GLU B 144 -29.63 -18.13 24.49
C GLU B 144 -28.67 -17.54 23.47
N GLU B 145 -28.60 -18.14 22.28
CA GLU B 145 -27.62 -17.75 21.29
C GLU B 145 -28.23 -17.12 20.03
N ILE B 146 -29.10 -17.82 19.32
CA ILE B 146 -29.73 -17.31 18.11
C ILE B 146 -30.57 -16.07 18.40
N VAL B 147 -31.39 -16.14 19.45
CA VAL B 147 -32.29 -15.05 19.78
C VAL B 147 -31.46 -13.91 20.39
N ASN B 148 -30.54 -14.28 21.28
CA ASN B 148 -29.72 -13.31 21.99
C ASN B 148 -28.26 -13.37 21.54
N VAL B 149 -27.77 -12.30 20.91
CA VAL B 149 -26.34 -12.22 20.63
C VAL B 149 -25.85 -10.84 21.10
N SER B 150 -25.16 -10.83 22.24
CA SER B 150 -24.78 -9.59 22.88
C SER B 150 -23.27 -9.35 22.90
N LYS B 151 -22.83 -8.13 23.12
CA LYS B 151 -21.40 -7.87 23.24
C LYS B 151 -20.82 -8.19 24.62
N GLY B 152 -21.64 -8.56 25.60
CA GLY B 152 -21.17 -8.82 26.94
C GLY B 152 -21.31 -7.61 27.85
N GLY B 153 -21.90 -6.55 27.35
CA GLY B 153 -22.04 -5.31 28.10
C GLY B 153 -23.02 -5.46 29.25
N TYR B 154 -22.62 -4.91 30.40
CA TYR B 154 -23.43 -4.90 31.62
C TYR B 154 -23.35 -3.51 32.23
N ASP B 155 -24.47 -3.07 32.85
CA ASP B 155 -24.71 -1.64 33.05
C ASP B 155 -23.74 -0.95 34.01
N PHE B 156 -23.46 -1.56 35.18
CA PHE B 156 -22.40 -1.22 36.13
C PHE B 156 -21.94 -2.51 36.83
N GLN B 157 -20.72 -2.44 37.37
CA GLN B 157 -20.30 -3.26 38.50
C GLN B 157 -19.42 -2.35 39.37
N GLN B 158 -20.04 -1.52 40.21
CA GLN B 158 -19.29 -0.43 40.85
C GLN B 158 -19.04 -0.64 42.33
N PRO B 159 -19.89 -1.35 43.11
CA PRO B 159 -19.47 -1.66 44.49
C PRO B 159 -18.43 -2.75 44.59
N GLY B 160 -17.85 -3.18 43.47
CA GLY B 160 -16.98 -4.34 43.50
C GLY B 160 -17.62 -5.71 43.51
N GLN B 161 -17.92 -6.30 42.35
CA GLN B 161 -18.46 -7.65 42.36
C GLN B 161 -17.41 -8.65 41.87
N THR B 162 -16.27 -8.71 42.57
CA THR B 162 -15.16 -9.65 42.33
C THR B 162 -15.04 -10.03 40.85
N THR B 163 -14.55 -9.09 40.05
CA THR B 163 -14.65 -9.25 38.61
C THR B 163 -13.38 -9.92 38.09
N GLY B 164 -13.40 -10.27 36.80
CA GLY B 164 -12.22 -10.76 36.12
C GLY B 164 -12.20 -10.39 34.65
N GLU B 165 -11.43 -11.14 33.85
CA GLU B 165 -11.30 -10.84 32.43
C GLU B 165 -12.63 -10.98 31.71
N ALA B 166 -13.54 -11.78 32.27
CA ALA B 166 -14.84 -12.05 31.67
C ALA B 166 -15.78 -10.91 31.98
N PRO B 167 -16.79 -10.67 31.14
CA PRO B 167 -17.41 -9.36 31.05
C PRO B 167 -18.42 -9.10 32.16
N GLY B 168 -18.75 -10.17 32.87
CA GLY B 168 -19.43 -10.10 34.14
C GLY B 168 -19.08 -11.13 35.19
N THR B 169 -18.17 -10.81 36.11
CA THR B 169 -17.93 -11.67 37.24
C THR B 169 -18.53 -11.05 38.50
N VAL B 170 -18.98 -11.93 39.40
CA VAL B 170 -19.55 -11.54 40.68
C VAL B 170 -18.74 -12.20 41.79
N PRO B 171 -18.94 -11.82 43.07
CA PRO B 171 -18.16 -12.46 44.14
C PRO B 171 -18.63 -13.88 44.42
N ALA B 172 -17.70 -14.82 44.32
CA ALA B 172 -17.94 -16.26 44.36
C ALA B 172 -18.93 -16.72 43.29
N PRO C 1 -20.71 2.88 -24.13
CA PRO C 1 -21.06 1.55 -24.62
C PRO C 1 -22.09 1.06 -23.62
N ILE C 2 -22.07 -0.24 -23.32
CA ILE C 2 -22.97 -0.84 -22.35
C ILE C 2 -22.35 -0.70 -20.98
N MET C 3 -23.15 -0.26 -20.01
CA MET C 3 -22.69 -0.01 -18.65
C MET C 3 -22.86 -1.26 -17.80
N GLY C 4 -22.19 -1.26 -16.65
CA GLY C 4 -22.33 -2.33 -15.68
C GLY C 4 -23.74 -2.54 -15.17
N GLN C 5 -24.52 -1.47 -15.06
CA GLN C 5 -25.94 -1.55 -14.75
C GLN C 5 -26.78 -1.91 -15.98
N ASP C 6 -26.34 -1.50 -17.17
CA ASP C 6 -27.14 -1.64 -18.38
C ASP C 6 -27.63 -3.06 -18.63
N VAL C 7 -26.81 -4.08 -18.48
CA VAL C 7 -27.19 -5.46 -18.76
C VAL C 7 -27.78 -6.03 -17.48
N LYS C 8 -29.07 -6.37 -17.50
CA LYS C 8 -29.69 -7.01 -16.35
C LYS C 8 -30.36 -8.31 -16.75
N TYR C 9 -30.35 -9.26 -15.82
CA TYR C 9 -30.64 -10.66 -16.10
C TYR C 9 -31.94 -11.05 -15.41
N LEU C 10 -32.89 -11.57 -16.19
CA LEU C 10 -34.12 -12.08 -15.61
C LEU C 10 -34.27 -13.57 -15.95
N PHE C 11 -34.95 -14.30 -15.08
CA PHE C 11 -35.23 -15.71 -15.29
C PHE C 11 -36.74 -15.96 -15.19
N GLN C 12 -37.22 -16.94 -15.94
CA GLN C 12 -38.58 -17.41 -15.76
C GLN C 12 -38.58 -18.92 -15.67
N SER C 13 -39.29 -19.44 -14.66
CA SER C 13 -39.39 -20.87 -14.45
C SER C 13 -40.31 -21.51 -15.46
N ILE C 14 -39.90 -22.67 -15.98
CA ILE C 14 -40.70 -23.38 -16.97
C ILE C 14 -42.05 -23.79 -16.43
N ASP C 15 -42.14 -24.13 -15.14
CA ASP C 15 -43.35 -24.69 -14.58
C ASP C 15 -44.36 -23.62 -14.16
N ALA C 16 -43.95 -22.37 -14.03
CA ALA C 16 -44.85 -21.34 -13.54
C ALA C 16 -45.97 -21.05 -14.53
N ALA C 17 -45.60 -20.79 -15.79
CA ALA C 17 -46.51 -20.35 -16.87
C ALA C 17 -47.23 -19.06 -16.52
N THR C 18 -46.45 -18.05 -16.12
CA THR C 18 -46.97 -16.74 -15.75
C THR C 18 -46.71 -15.75 -16.88
N GLY C 19 -47.32 -14.58 -16.79
CA GLY C 19 -47.17 -13.56 -17.82
C GLY C 19 -46.06 -12.57 -17.53
N SER C 20 -44.96 -13.05 -16.94
CA SER C 20 -43.86 -12.17 -16.59
C SER C 20 -42.76 -12.92 -15.85
N ALA C 21 -41.49 -12.58 -16.16
CA ALA C 21 -40.27 -13.23 -15.68
C ALA C 21 -39.64 -12.48 -14.51
N PRO C 22 -39.55 -13.07 -13.30
CA PRO C 22 -38.91 -12.35 -12.20
C PRO C 22 -37.40 -12.30 -12.34
N LEU C 23 -36.79 -11.24 -11.82
CA LEU C 23 -35.35 -11.20 -11.67
C LEU C 23 -35.00 -10.79 -10.25
N PHE C 24 -33.81 -11.16 -9.82
CA PHE C 24 -33.58 -11.03 -8.40
C PHE C 24 -32.78 -9.76 -8.11
N PRO C 25 -33.05 -9.07 -7.00
CA PRO C 25 -32.29 -7.86 -6.69
C PRO C 25 -30.93 -8.18 -6.08
N ALA C 26 -30.16 -7.10 -5.88
CA ALA C 26 -28.81 -7.12 -5.30
C ALA C 26 -27.88 -8.06 -6.07
N TYR C 27 -27.65 -7.70 -7.33
CA TYR C 27 -26.67 -8.41 -8.15
C TYR C 27 -25.25 -8.04 -7.76
N GLN C 28 -24.37 -9.01 -7.88
CA GLN C 28 -22.96 -8.85 -7.59
C GLN C 28 -22.27 -8.82 -8.95
N THR C 29 -22.33 -9.91 -9.71
CA THR C 29 -21.69 -9.95 -11.02
C THR C 29 -22.03 -11.24 -11.75
N ASP C 30 -21.86 -11.19 -13.06
CA ASP C 30 -22.43 -12.15 -13.98
C ASP C 30 -21.38 -12.46 -15.03
N GLY C 31 -20.93 -13.70 -15.05
CA GLY C 31 -20.10 -14.17 -16.13
C GLY C 31 -20.82 -15.20 -16.97
N SER C 32 -21.05 -14.87 -18.23
CA SER C 32 -21.60 -15.80 -19.20
C SER C 32 -20.43 -16.17 -20.10
N VAL C 33 -20.14 -17.46 -20.16
CA VAL C 33 -18.96 -17.96 -20.86
C VAL C 33 -19.42 -18.94 -21.94
N SER C 34 -18.90 -18.76 -23.14
CA SER C 34 -19.41 -19.40 -24.35
C SER C 34 -18.22 -19.91 -25.17
N GLY C 35 -18.04 -21.22 -25.18
CA GLY C 35 -16.92 -21.80 -25.89
C GLY C 35 -17.31 -22.46 -27.18
N GLU C 36 -16.69 -22.05 -28.28
CA GLU C 36 -16.97 -22.59 -29.61
C GLU C 36 -15.84 -23.53 -29.99
N ARG C 37 -16.06 -24.82 -29.80
CA ARG C 37 -15.01 -25.82 -30.00
C ARG C 37 -14.58 -25.84 -31.46
N GLU C 38 -13.33 -26.21 -31.70
CA GLU C 38 -12.69 -26.03 -33.00
C GLU C 38 -12.04 -27.35 -33.40
N LEU C 39 -11.51 -27.37 -34.63
CA LEU C 39 -10.88 -28.55 -35.19
C LEU C 39 -9.55 -28.84 -34.48
N PHE C 40 -9.33 -30.12 -34.18
CA PHE C 40 -8.06 -30.59 -33.67
C PHE C 40 -7.06 -30.83 -34.80
N ASP C 41 -5.83 -30.38 -34.59
CA ASP C 41 -4.64 -30.93 -35.24
C ASP C 41 -4.66 -30.48 -36.70
N GLU C 42 -3.73 -29.58 -37.05
CA GLU C 42 -3.58 -29.12 -38.43
C GLU C 42 -3.08 -30.22 -39.36
N GLN C 43 -2.20 -31.10 -38.85
CA GLN C 43 -1.48 -32.13 -39.62
C GLN C 43 -0.41 -31.51 -40.52
N THR C 44 0.01 -30.28 -40.19
CA THR C 44 0.78 -29.37 -41.06
C THR C 44 0.24 -29.39 -42.49
N LYS C 45 -1.06 -29.10 -42.63
CA LYS C 45 -1.74 -29.13 -43.91
C LYS C 45 -2.05 -27.72 -44.39
N ASN C 46 -3.29 -27.50 -44.84
CA ASN C 46 -3.73 -26.17 -45.27
C ASN C 46 -4.59 -25.48 -44.22
N GLY C 47 -4.59 -25.95 -42.98
CA GLY C 47 -5.39 -25.36 -41.93
C GLY C 47 -6.54 -26.27 -41.55
N ARG C 48 -6.24 -27.25 -40.71
CA ARG C 48 -7.24 -28.21 -40.27
C ARG C 48 -7.53 -27.93 -38.80
N ILE C 49 -7.29 -26.69 -38.38
CA ILE C 49 -7.54 -26.27 -37.01
C ILE C 49 -8.49 -25.06 -37.00
N LEU C 50 -8.93 -24.65 -38.18
CA LEU C 50 -9.90 -23.57 -38.31
C LEU C 50 -11.29 -24.08 -38.65
N GLY C 51 -11.67 -25.24 -38.10
CA GLY C 51 -12.88 -25.93 -38.50
C GLY C 51 -14.01 -25.81 -37.52
N PRO C 52 -15.24 -26.03 -37.99
CA PRO C 52 -16.41 -25.83 -37.13
C PRO C 52 -16.65 -26.97 -36.17
N GLY C 53 -17.01 -26.62 -34.93
CA GLY C 53 -17.28 -27.60 -33.89
C GLY C 53 -18.47 -27.16 -33.08
N SER C 54 -18.80 -27.97 -32.08
CA SER C 54 -19.92 -27.67 -31.21
C SER C 54 -19.57 -26.49 -30.30
N VAL C 55 -20.60 -25.95 -29.65
CA VAL C 55 -20.46 -24.80 -28.77
C VAL C 55 -20.85 -25.19 -27.36
N ALA C 56 -19.98 -24.87 -26.40
CA ALA C 56 -20.25 -25.07 -24.98
C ALA C 56 -20.75 -23.75 -24.41
N ASP C 57 -21.87 -23.81 -23.70
CA ASP C 57 -22.55 -22.60 -23.24
C ASP C 57 -22.86 -22.76 -21.76
N SER C 58 -22.18 -21.96 -20.96
CA SER C 58 -22.29 -21.98 -19.51
C SER C 58 -22.27 -20.55 -18.97
N GLY C 59 -22.99 -20.37 -17.86
CA GLY C 59 -23.01 -19.09 -17.20
C GLY C 59 -22.99 -19.24 -15.69
N GLU C 60 -22.44 -18.24 -15.01
CA GLU C 60 -22.46 -18.20 -13.55
C GLU C 60 -23.05 -16.86 -13.14
N VAL C 61 -23.82 -16.87 -12.04
CA VAL C 61 -24.49 -15.68 -11.56
C VAL C 61 -24.18 -15.52 -10.08
N THR C 62 -23.61 -14.39 -9.70
CA THR C 62 -23.38 -14.11 -8.30
C THR C 62 -24.35 -13.03 -7.82
N TYR C 63 -24.75 -13.12 -6.56
CA TYR C 63 -25.61 -12.10 -5.95
C TYR C 63 -25.68 -12.34 -4.44
N TYR C 64 -26.20 -11.35 -3.72
CA TYR C 64 -26.44 -11.46 -2.28
C TYR C 64 -27.91 -11.80 -2.05
N GLY C 65 -28.15 -12.95 -1.43
CA GLY C 65 -29.51 -13.43 -1.24
C GLY C 65 -30.30 -12.65 -0.21
N LYS C 66 -31.55 -12.35 -0.53
CA LYS C 66 -32.45 -11.72 0.42
C LYS C 66 -33.26 -12.79 1.14
N ARG C 67 -33.70 -12.48 2.37
CA ARG C 67 -34.35 -13.45 3.24
C ARG C 67 -35.52 -14.16 2.59
N GLY C 68 -36.30 -13.48 1.75
CA GLY C 68 -37.41 -14.08 1.03
C GLY C 68 -37.85 -13.19 -0.11
N ASP C 69 -37.30 -13.49 -1.30
CA ASP C 69 -37.73 -12.93 -2.58
C ASP C 69 -37.70 -14.00 -3.69
N ALA C 70 -38.46 -13.71 -4.74
CA ALA C 70 -39.01 -14.71 -5.67
C ALA C 70 -38.06 -15.30 -6.72
N GLY C 71 -37.13 -14.50 -7.27
CA GLY C 71 -36.04 -15.09 -8.05
C GLY C 71 -35.12 -15.97 -7.24
N GLN C 72 -34.83 -15.56 -5.99
CA GLN C 72 -34.13 -16.44 -5.08
C GLN C 72 -34.91 -17.72 -4.79
N LYS C 73 -36.18 -17.60 -4.39
CA LYS C 73 -37.01 -18.79 -4.28
C LYS C 73 -37.20 -19.47 -5.62
N ALA C 74 -37.12 -18.72 -6.73
CA ALA C 74 -37.06 -19.36 -8.04
C ALA C 74 -35.78 -20.17 -8.17
N ILE C 75 -34.66 -19.63 -7.69
CA ILE C 75 -33.41 -20.39 -7.63
C ILE C 75 -33.55 -21.56 -6.67
N GLU C 76 -34.20 -21.34 -5.53
CA GLU C 76 -34.34 -22.39 -4.53
C GLU C 76 -35.14 -23.57 -5.04
N ASP C 77 -36.27 -23.33 -5.72
CA ASP C 77 -36.95 -24.42 -6.42
C ASP C 77 -36.13 -24.92 -7.61
N ALA C 78 -35.48 -24.01 -8.32
CA ALA C 78 -34.59 -24.45 -9.40
C ALA C 78 -33.61 -25.51 -8.91
N TYR C 79 -32.87 -25.22 -7.84
CA TYR C 79 -31.83 -26.13 -7.40
C TYR C 79 -32.39 -27.25 -6.51
N GLN C 80 -33.14 -26.88 -5.49
CA GLN C 80 -33.50 -27.81 -4.42
C GLN C 80 -34.56 -28.81 -4.87
N ASN C 81 -35.59 -28.35 -5.59
CA ASN C 81 -36.53 -29.28 -6.19
C ASN C 81 -35.94 -29.96 -7.42
N GLY C 82 -35.03 -29.27 -8.10
CA GLY C 82 -34.36 -29.80 -9.27
C GLY C 82 -35.16 -29.62 -10.54
N LYS C 83 -35.12 -28.40 -11.08
CA LYS C 83 -35.82 -28.02 -12.30
C LYS C 83 -34.87 -27.18 -13.13
N GLN C 84 -35.03 -27.21 -14.45
CA GLN C 84 -34.36 -26.28 -15.35
C GLN C 84 -35.16 -24.98 -15.38
N ILE C 85 -34.46 -23.85 -15.46
CA ILE C 85 -35.13 -22.56 -15.51
C ILE C 85 -34.81 -21.86 -16.82
N LYS C 86 -35.73 -21.02 -17.26
CA LYS C 86 -35.53 -20.22 -18.46
C LYS C 86 -34.79 -18.95 -18.10
N PHE C 87 -33.81 -18.60 -18.93
CA PHE C 87 -32.79 -17.59 -18.63
C PHE C 87 -32.84 -16.49 -19.67
N TRP C 88 -33.01 -15.26 -19.20
CA TRP C 88 -33.10 -14.06 -20.03
C TRP C 88 -32.06 -13.06 -19.54
N ARG C 89 -31.30 -12.47 -20.48
CA ARG C 89 -30.39 -11.37 -20.15
C ARG C 89 -30.66 -10.24 -21.13
N VAL C 90 -31.05 -9.09 -20.61
CA VAL C 90 -31.46 -7.99 -21.48
C VAL C 90 -30.83 -6.70 -20.98
N ASP C 91 -30.77 -5.73 -21.89
CA ASP C 91 -30.20 -4.43 -21.58
C ASP C 91 -31.30 -3.46 -21.16
N THR C 92 -30.93 -2.57 -20.25
CA THR C 92 -31.85 -1.60 -19.67
C THR C 92 -32.12 -0.41 -20.58
N VAL C 93 -31.18 -0.10 -21.49
CA VAL C 93 -31.40 0.99 -22.44
C VAL C 93 -32.44 0.56 -23.48
N LYS C 94 -33.27 1.51 -23.88
CA LYS C 94 -34.39 1.23 -24.77
C LYS C 94 -33.88 0.92 -26.17
N ASN C 95 -34.39 -0.16 -26.75
CA ASN C 95 -34.12 -0.47 -28.14
C ASN C 95 -35.00 0.39 -29.04
N GLU C 96 -34.39 0.91 -30.11
CA GLU C 96 -35.09 1.80 -31.02
C GLU C 96 -36.01 1.09 -31.99
N ASN C 97 -35.79 -0.18 -32.26
CA ASN C 97 -36.78 -0.97 -33.00
C ASN C 97 -37.24 -2.17 -32.19
N ASP C 98 -37.41 -2.00 -30.89
CA ASP C 98 -38.08 -2.99 -30.06
C ASP C 98 -38.24 -2.39 -28.65
N LYS C 99 -38.82 -3.17 -27.75
CA LYS C 99 -38.87 -2.79 -26.35
C LYS C 99 -37.47 -2.67 -25.77
N TYR C 100 -36.79 -3.80 -25.63
CA TYR C 100 -35.44 -3.88 -25.12
C TYR C 100 -34.67 -4.86 -25.99
N ASP C 101 -33.42 -5.12 -25.63
CA ASP C 101 -32.62 -6.08 -26.37
C ASP C 101 -32.14 -7.18 -25.43
N ALA C 102 -32.15 -8.40 -25.93
CA ALA C 102 -32.06 -9.57 -25.08
C ALA C 102 -31.17 -10.62 -25.72
N GLN C 103 -30.62 -11.48 -24.87
CA GLN C 103 -30.15 -12.80 -25.25
C GLN C 103 -30.79 -13.79 -24.31
N PHE C 104 -31.22 -14.94 -24.84
CA PHE C 104 -32.16 -15.83 -24.18
C PHE C 104 -31.64 -17.26 -24.23
N GLY C 105 -32.00 -18.05 -23.22
CA GLY C 105 -31.71 -19.47 -23.28
C GLY C 105 -32.49 -20.26 -22.26
N PHE C 106 -32.52 -21.57 -22.46
CA PHE C 106 -32.99 -22.51 -21.44
C PHE C 106 -31.79 -22.89 -20.59
N ALA C 107 -31.95 -22.79 -19.27
CA ALA C 107 -30.83 -22.92 -18.35
C ALA C 107 -31.12 -23.96 -17.28
N TYR C 108 -30.04 -24.43 -16.66
CA TYR C 108 -30.09 -25.51 -15.70
C TYR C 108 -29.27 -25.10 -14.48
N ILE C 109 -29.44 -25.81 -13.37
CA ILE C 109 -28.70 -25.51 -12.15
C ILE C 109 -27.49 -26.41 -12.05
N GLU C 110 -26.34 -25.92 -12.51
CA GLU C 110 -25.11 -26.70 -12.41
C GLU C 110 -24.51 -26.73 -11.02
N SER C 111 -24.45 -25.61 -10.31
CA SER C 111 -23.99 -25.60 -8.93
C SER C 111 -24.54 -24.37 -8.23
N ARG C 112 -24.50 -24.41 -6.91
CA ARG C 112 -24.90 -23.30 -6.05
C ARG C 112 -23.94 -23.34 -4.87
N GLU C 113 -23.45 -22.17 -4.50
CA GLU C 113 -22.48 -22.00 -3.42
C GLU C 113 -22.99 -20.88 -2.53
N TYR C 114 -23.17 -21.17 -1.24
CA TYR C 114 -23.58 -20.15 -0.30
C TYR C 114 -22.48 -19.84 0.70
N SER C 115 -22.18 -18.55 0.82
CA SER C 115 -21.19 -18.07 1.75
C SER C 115 -21.85 -17.15 2.78
N ASP C 116 -21.72 -17.54 4.05
CA ASP C 116 -22.04 -16.71 5.20
C ASP C 116 -20.70 -16.33 5.83
N GLY C 117 -20.49 -15.04 6.04
CA GLY C 117 -19.31 -14.56 6.73
C GLY C 117 -19.68 -13.66 7.89
N VAL C 118 -18.75 -13.52 8.83
CA VAL C 118 -18.91 -12.64 9.98
C VAL C 118 -18.87 -11.18 9.55
N GLU C 119 -18.17 -10.88 8.46
CA GLU C 119 -18.25 -9.55 7.87
C GLU C 119 -19.23 -9.49 6.71
N GLY C 120 -19.87 -8.35 6.49
CA GLY C 120 -20.60 -8.13 5.27
C GLY C 120 -21.90 -8.91 5.32
N ALA C 121 -22.33 -9.45 4.19
CA ALA C 121 -23.59 -10.17 4.12
C ALA C 121 -23.47 -11.40 3.22
N VAL C 122 -24.34 -12.37 3.47
CA VAL C 122 -24.24 -13.68 2.83
C VAL C 122 -24.16 -13.51 1.32
N GLU C 123 -23.44 -14.43 0.67
CA GLU C 123 -23.23 -14.31 -0.77
C GLU C 123 -23.58 -15.62 -1.45
N ILE C 124 -24.38 -15.52 -2.51
CA ILE C 124 -24.82 -16.70 -3.25
C ILE C 124 -24.19 -16.66 -4.63
N SER C 125 -23.53 -17.75 -4.99
CA SER C 125 -23.06 -17.99 -6.35
C SER C 125 -23.83 -19.17 -6.91
N ILE C 126 -24.50 -18.98 -8.04
CA ILE C 126 -25.23 -20.04 -8.69
C ILE C 126 -24.70 -20.20 -10.11
N SER C 127 -24.31 -21.42 -10.46
CA SER C 127 -23.74 -21.74 -11.76
C SER C 127 -24.74 -22.55 -12.56
N LEU C 128 -24.72 -22.35 -13.88
CA LEU C 128 -25.70 -22.91 -14.79
C LEU C 128 -25.04 -23.27 -16.11
N GLN C 129 -25.42 -24.43 -16.65
CA GLN C 129 -25.09 -24.78 -18.02
C GLN C 129 -26.25 -24.36 -18.89
N VAL C 130 -26.00 -24.16 -20.18
CA VAL C 130 -27.07 -23.85 -21.11
C VAL C 130 -26.80 -24.60 -22.41
N ILE C 131 -27.84 -24.77 -23.22
CA ILE C 131 -27.71 -25.59 -24.43
C ILE C 131 -27.78 -24.72 -25.67
N GLY C 132 -27.32 -23.48 -25.55
CA GLY C 132 -27.30 -22.58 -26.69
C GLY C 132 -28.16 -21.36 -26.44
N GLU C 133 -27.55 -20.29 -25.92
CA GLU C 133 -28.25 -19.04 -25.78
C GLU C 133 -28.27 -18.27 -27.10
N LEU C 134 -29.41 -17.67 -27.39
CA LEU C 134 -29.61 -16.99 -28.66
C LEU C 134 -29.92 -15.53 -28.38
N LYS C 135 -29.52 -14.65 -29.29
CA LYS C 135 -29.70 -13.22 -29.14
C LYS C 135 -30.99 -12.80 -29.83
N ASN C 136 -31.72 -11.87 -29.22
CA ASN C 136 -32.94 -11.34 -29.81
C ASN C 136 -33.23 -9.98 -29.22
N GLY C 137 -34.47 -9.53 -29.33
CA GLY C 137 -34.89 -8.33 -28.61
C GLY C 137 -35.84 -8.67 -27.48
N GLU C 138 -35.75 -7.90 -26.41
CA GLU C 138 -36.52 -8.17 -25.21
C GLU C 138 -37.90 -7.55 -25.35
N ILE C 139 -38.92 -8.36 -25.05
CA ILE C 139 -40.30 -7.91 -25.21
C ILE C 139 -40.87 -7.40 -23.90
N ASP C 140 -40.72 -8.17 -22.83
CA ASP C 140 -41.30 -7.78 -21.54
C ASP C 140 -40.45 -6.71 -20.88
N THR C 141 -40.98 -5.48 -20.87
CA THR C 141 -40.33 -4.37 -20.17
C THR C 141 -40.19 -4.63 -18.68
N LEU C 142 -41.23 -5.18 -18.03
CA LEU C 142 -41.34 -5.37 -16.58
C LEU C 142 -40.89 -4.11 -15.86
N PRO C 143 -41.58 -2.98 -16.08
CA PRO C 143 -40.99 -1.66 -15.80
C PRO C 143 -40.81 -1.32 -14.33
N GLU C 144 -41.00 -2.33 -13.48
CA GLU C 144 -40.71 -2.25 -12.07
C GLU C 144 -39.20 -2.23 -11.80
N GLU C 145 -38.45 -3.08 -12.49
CA GLU C 145 -37.03 -3.25 -12.22
C GLU C 145 -36.13 -2.80 -13.36
N ILE C 146 -36.27 -3.38 -14.55
CA ILE C 146 -35.45 -3.01 -15.71
C ILE C 146 -35.66 -1.55 -16.09
N VAL C 147 -36.92 -1.12 -16.17
CA VAL C 147 -37.24 0.23 -16.60
C VAL C 147 -36.88 1.18 -15.47
N ASN C 148 -37.25 0.79 -14.24
CA ASN C 148 -37.04 1.64 -13.07
C ASN C 148 -35.97 1.06 -12.15
N VAL C 149 -34.85 1.75 -11.99
CA VAL C 149 -33.88 1.35 -10.99
C VAL C 149 -33.51 2.59 -10.18
N SER C 150 -34.04 2.68 -8.96
CA SER C 150 -33.91 3.89 -8.15
C SER C 150 -33.06 3.67 -6.90
N LYS C 151 -32.58 4.73 -6.28
CA LYS C 151 -31.86 4.59 -5.03
C LYS C 151 -32.76 4.47 -3.80
N GLY C 152 -34.09 4.59 -3.95
CA GLY C 152 -34.98 4.54 -2.82
C GLY C 152 -35.33 5.92 -2.28
N GLY C 153 -34.86 6.96 -2.95
CA GLY C 153 -35.06 8.33 -2.51
C GLY C 153 -36.51 8.75 -2.65
N TYR C 154 -37.02 9.42 -1.63
CA TYR C 154 -38.37 9.96 -1.59
C TYR C 154 -38.31 11.37 -1.03
N ASP C 155 -39.20 12.25 -1.53
CA ASP C 155 -38.97 13.69 -1.47
C ASP C 155 -38.99 14.28 -0.06
N PHE C 156 -39.98 13.93 0.77
CA PHE C 156 -40.07 14.15 2.22
C PHE C 156 -40.85 13.02 2.86
N GLN C 157 -40.63 12.85 4.17
CA GLN C 157 -41.59 12.25 5.08
C GLN C 157 -41.50 13.05 6.38
N GLN C 158 -42.17 14.21 6.44
CA GLN C 158 -41.89 15.15 7.53
C GLN C 158 -43.03 15.24 8.56
N PRO C 159 -44.31 15.01 8.25
CA PRO C 159 -45.29 14.95 9.34
C PRO C 159 -45.24 13.66 10.14
N GLY C 160 -44.21 12.82 9.92
CA GLY C 160 -44.21 11.50 10.52
C GLY C 160 -45.05 10.42 9.87
N GLN C 161 -44.51 9.68 8.91
CA GLN C 161 -45.27 8.58 8.33
C GLN C 161 -44.72 7.23 8.80
N THR C 162 -44.71 7.02 10.12
CA THR C 162 -44.31 5.77 10.78
C THR C 162 -43.23 5.04 10.00
N THR C 163 -42.01 5.57 10.04
CA THR C 163 -40.99 5.10 9.12
C THR C 163 -40.19 3.99 9.78
N GLY C 164 -39.31 3.36 8.99
CA GLY C 164 -38.35 2.40 9.52
C GLY C 164 -37.06 2.37 8.73
N GLU C 165 -36.31 1.27 8.82
CA GLU C 165 -35.02 1.17 8.14
C GLU C 165 -35.17 1.25 6.64
N ALA C 166 -36.37 0.90 6.13
CA ALA C 166 -36.65 0.87 4.70
C ALA C 166 -36.96 2.28 4.23
N PRO C 167 -36.73 2.59 2.96
CA PRO C 167 -36.50 3.97 2.54
C PRO C 167 -37.78 4.76 2.39
N GLY C 168 -38.90 4.02 2.40
CA GLY C 168 -40.21 4.61 2.59
C GLY C 168 -41.23 3.80 3.36
N THR C 169 -41.36 4.06 4.66
CA THR C 169 -42.46 3.46 5.42
C THR C 169 -43.51 4.51 5.72
N VAL C 170 -44.75 4.05 5.77
CA VAL C 170 -45.92 4.89 6.07
C VAL C 170 -46.62 4.31 7.30
N PRO C 171 -47.58 5.03 7.92
CA PRO C 171 -48.26 4.47 9.10
C PRO C 171 -49.21 3.36 8.72
N ALA C 172 -49.01 2.19 9.33
CA ALA C 172 -49.69 0.93 9.01
C ALA C 172 -49.51 0.54 7.55
N PRO D 1 9.62 2.80 -30.33
CA PRO D 1 9.34 1.56 -31.04
C PRO D 1 7.85 1.65 -31.36
N ILE D 2 7.15 0.52 -31.31
CA ILE D 2 5.72 0.46 -31.56
C ILE D 2 5.01 0.75 -30.25
N MET D 3 4.02 1.62 -30.30
CA MET D 3 3.28 2.03 -29.12
C MET D 3 2.05 1.15 -28.90
N GLY D 4 1.50 1.22 -27.69
CA GLY D 4 0.27 0.51 -27.37
C GLY D 4 -0.90 0.86 -28.26
N GLN D 5 -1.00 2.10 -28.70
CA GLN D 5 -1.98 2.51 -29.69
C GLN D 5 -1.57 2.14 -31.12
N ASP D 6 -0.27 2.10 -31.39
CA ASP D 6 0.23 1.92 -32.75
C ASP D 6 -0.34 0.70 -33.46
N VAL D 7 -0.42 -0.45 -32.81
CA VAL D 7 -0.90 -1.68 -33.44
C VAL D 7 -2.41 -1.73 -33.24
N LYS D 8 -3.16 -1.66 -34.34
CA LYS D 8 -4.62 -1.78 -34.25
C LYS D 8 -5.11 -2.89 -35.18
N TYR D 9 -6.18 -3.54 -34.74
CA TYR D 9 -6.62 -4.83 -35.29
C TYR D 9 -7.95 -4.62 -36.00
N LEU D 10 -8.02 -5.02 -37.26
CA LEU D 10 -9.27 -4.99 -38.01
C LEU D 10 -9.63 -6.39 -38.48
N PHE D 11 -10.92 -6.66 -38.61
CA PHE D 11 -11.41 -7.92 -39.13
C PHE D 11 -12.34 -7.68 -40.31
N GLN D 12 -12.36 -8.63 -41.24
CA GLN D 12 -13.34 -8.61 -42.31
C GLN D 12 -13.98 -9.99 -42.41
N SER D 13 -15.31 -10.01 -42.47
CA SER D 13 -16.05 -11.25 -42.59
C SER D 13 -15.95 -11.82 -44.00
N ILE D 14 -15.76 -13.14 -44.08
CA ILE D 14 -15.65 -13.80 -45.38
C ILE D 14 -16.90 -13.64 -46.22
N ASP D 15 -18.08 -13.61 -45.59
CA ASP D 15 -19.34 -13.63 -46.31
C ASP D 15 -19.78 -12.25 -46.77
N ALA D 16 -19.22 -11.18 -46.22
CA ALA D 16 -19.68 -9.84 -46.56
C ALA D 16 -19.37 -9.49 -48.00
N ALA D 17 -18.09 -9.66 -48.39
CA ALA D 17 -17.54 -9.25 -49.70
C ALA D 17 -17.71 -7.74 -49.94
N THR D 18 -17.25 -6.94 -48.98
CA THR D 18 -17.33 -5.49 -49.03
C THR D 18 -15.95 -4.93 -49.36
N GLY D 19 -15.90 -3.65 -49.67
CA GLY D 19 -14.65 -3.00 -50.03
C GLY D 19 -13.95 -2.35 -48.84
N SER D 20 -14.03 -2.97 -47.67
CA SER D 20 -13.43 -2.40 -46.47
C SER D 20 -13.73 -3.24 -45.23
N ALA D 21 -12.74 -3.38 -44.35
CA ALA D 21 -12.74 -4.23 -43.16
C ALA D 21 -13.05 -3.44 -41.89
N PRO D 22 -14.18 -3.72 -41.20
CA PRO D 22 -14.45 -2.98 -39.95
C PRO D 22 -13.57 -3.42 -38.81
N LEU D 23 -13.28 -2.50 -37.90
CA LEU D 23 -12.65 -2.85 -36.64
C LEU D 23 -13.44 -2.23 -35.50
N PHE D 24 -13.31 -2.82 -34.33
CA PHE D 24 -14.26 -2.43 -33.31
C PHE D 24 -13.63 -1.43 -32.35
N PRO D 25 -14.38 -0.43 -31.86
CA PRO D 25 -13.80 0.53 -30.92
C PRO D 25 -13.70 -0.02 -29.51
N ALA D 26 -13.08 0.79 -28.64
CA ALA D 26 -12.86 0.51 -27.23
C ALA D 26 -12.13 -0.82 -27.02
N TYR D 27 -10.89 -0.86 -27.52
CA TYR D 27 -10.02 -2.00 -27.27
C TYR D 27 -9.48 -1.99 -25.85
N GLN D 28 -9.30 -3.18 -25.31
CA GLN D 28 -8.77 -3.38 -23.98
C GLN D 28 -7.34 -3.87 -24.20
N THR D 29 -7.17 -5.05 -24.80
CA THR D 29 -5.85 -5.60 -25.04
C THR D 29 -5.92 -6.86 -25.88
N ASP D 30 -4.77 -7.18 -26.49
CA ASP D 30 -4.69 -8.12 -27.57
C ASP D 30 -3.46 -8.97 -27.37
N GLY D 31 -3.68 -10.26 -27.15
CA GLY D 31 -2.59 -11.20 -27.15
C GLY D 31 -2.67 -12.14 -28.32
N SER D 32 -1.67 -12.08 -29.19
CA SER D 32 -1.52 -13.01 -30.30
C SER D 32 -0.37 -13.91 -29.91
N VAL D 33 -0.65 -15.21 -29.86
CA VAL D 33 0.31 -16.18 -29.36
C VAL D 33 0.55 -17.21 -30.46
N SER D 34 1.83 -17.50 -30.70
CA SER D 34 2.28 -18.22 -31.88
C SER D 34 3.33 -19.24 -31.43
N GLY D 35 2.95 -20.51 -31.45
CA GLY D 35 3.86 -21.56 -31.00
C GLY D 35 4.43 -22.36 -32.14
N GLU D 36 5.76 -22.43 -32.22
CA GLU D 36 6.46 -23.16 -33.28
C GLU D 36 6.98 -24.45 -32.67
N ARG D 37 6.24 -25.54 -32.88
CA ARG D 37 6.57 -26.82 -32.27
C ARG D 37 7.92 -27.32 -32.76
N GLU D 38 8.60 -28.09 -31.92
CA GLU D 38 10.00 -28.44 -32.11
C GLU D 38 10.17 -29.94 -31.97
N LEU D 39 11.38 -30.42 -32.25
CA LEU D 39 11.71 -31.84 -32.18
C LEU D 39 11.71 -32.32 -30.73
N PHE D 40 11.12 -33.50 -30.53
CA PHE D 40 11.19 -34.18 -29.24
C PHE D 40 12.49 -34.97 -29.11
N ASP D 41 13.11 -34.87 -27.95
CA ASP D 41 14.02 -35.89 -27.43
C ASP D 41 15.32 -35.81 -28.22
N GLU D 42 16.38 -35.35 -27.56
CA GLU D 42 17.70 -35.32 -28.18
C GLU D 42 18.28 -36.70 -28.43
N GLN D 43 18.00 -37.64 -27.52
CA GLN D 43 18.59 -39.00 -27.49
C GLN D 43 20.06 -38.96 -27.06
N THR D 44 20.46 -37.87 -26.40
CA THR D 44 21.85 -37.46 -26.18
C THR D 44 22.71 -37.67 -27.43
N LYS D 45 22.26 -37.06 -28.54
CA LYS D 45 22.92 -37.19 -29.83
C LYS D 45 23.64 -35.90 -30.19
N ASN D 46 23.47 -35.45 -31.44
CA ASN D 46 24.07 -34.19 -31.89
C ASN D 46 23.07 -33.04 -31.92
N GLY D 47 21.93 -33.18 -31.25
CA GLY D 47 20.91 -32.14 -31.23
C GLY D 47 19.71 -32.54 -32.05
N ARG D 48 18.83 -33.34 -31.44
CA ARG D 48 17.64 -33.82 -32.11
C ARG D 48 16.44 -33.13 -31.46
N ILE D 49 16.69 -31.94 -30.89
CA ILE D 49 15.65 -31.15 -30.26
C ILE D 49 15.60 -29.76 -30.89
N LEU D 50 16.47 -29.52 -31.89
CA LEU D 50 16.46 -28.27 -32.62
C LEU D 50 15.84 -28.41 -34.01
N GLY D 51 14.80 -29.23 -34.13
CA GLY D 51 14.25 -29.62 -35.42
C GLY D 51 12.96 -28.93 -35.75
N PRO D 52 12.63 -28.88 -37.05
CA PRO D 52 11.45 -28.14 -37.48
C PRO D 52 10.14 -28.89 -37.26
N GLY D 53 9.13 -28.16 -36.80
CA GLY D 53 7.82 -28.73 -36.53
C GLY D 53 6.75 -27.77 -36.98
N SER D 54 5.50 -28.19 -36.76
CA SER D 54 4.37 -27.36 -37.14
C SER D 54 4.25 -26.16 -36.22
N VAL D 55 3.43 -25.20 -36.62
CA VAL D 55 3.24 -23.96 -35.87
C VAL D 55 1.79 -23.87 -35.42
N ALA D 56 1.59 -23.59 -34.13
CA ALA D 56 0.28 -23.37 -33.55
C ALA D 56 0.06 -21.86 -33.49
N ASP D 57 -1.07 -21.40 -34.00
CA ASP D 57 -1.34 -19.99 -34.16
C ASP D 57 -2.70 -19.68 -33.57
N SER D 58 -2.70 -18.94 -32.46
CA SER D 58 -3.89 -18.58 -31.73
C SER D 58 -3.80 -17.14 -31.26
N GLY D 59 -4.95 -16.49 -31.18
CA GLY D 59 -5.01 -15.14 -30.67
C GLY D 59 -6.24 -14.92 -29.80
N GLU D 60 -6.14 -13.99 -28.86
CA GLU D 60 -7.27 -13.60 -28.03
C GLU D 60 -7.40 -12.09 -28.12
N VAL D 61 -8.64 -11.61 -28.12
CA VAL D 61 -8.92 -10.18 -28.25
C VAL D 61 -9.87 -9.78 -27.14
N THR D 62 -9.47 -8.81 -26.34
CA THR D 62 -10.35 -8.27 -25.31
C THR D 62 -10.81 -6.87 -25.70
N TYR D 63 -12.04 -6.53 -25.32
CA TYR D 63 -12.57 -5.19 -25.55
C TYR D 63 -13.87 -5.03 -24.78
N TYR D 64 -14.35 -3.79 -24.68
CA TYR D 64 -15.62 -3.46 -24.05
C TYR D 64 -16.66 -3.29 -25.14
N GLY D 65 -17.70 -4.14 -25.12
CA GLY D 65 -18.70 -4.12 -26.16
C GLY D 65 -19.64 -2.92 -26.14
N LYS D 66 -19.89 -2.35 -27.31
CA LYS D 66 -20.86 -1.26 -27.41
C LYS D 66 -22.23 -1.86 -27.78
N ARG D 67 -23.29 -1.13 -27.40
CA ARG D 67 -24.65 -1.63 -27.53
C ARG D 67 -24.99 -2.09 -28.95
N GLY D 68 -24.48 -1.42 -29.97
CA GLY D 68 -24.69 -1.84 -31.35
C GLY D 68 -23.69 -1.16 -32.26
N ASP D 69 -22.60 -1.88 -32.54
CA ASP D 69 -21.60 -1.55 -33.56
C ASP D 69 -21.10 -2.80 -34.28
N ALA D 70 -20.56 -2.57 -35.48
CA ALA D 70 -20.47 -3.55 -36.57
C ALA D 70 -19.40 -4.64 -36.45
N GLY D 71 -18.20 -4.32 -35.93
CA GLY D 71 -17.26 -5.36 -35.57
C GLY D 71 -17.76 -6.25 -34.45
N GLN D 72 -18.43 -5.66 -33.45
CA GLN D 72 -19.11 -6.47 -32.45
C GLN D 72 -20.20 -7.34 -33.07
N LYS D 73 -21.12 -6.76 -33.85
CA LYS D 73 -22.05 -7.58 -34.60
C LYS D 73 -21.35 -8.48 -35.60
N ALA D 74 -20.17 -8.08 -36.08
CA ALA D 74 -19.35 -9.00 -36.85
C ALA D 74 -18.90 -10.17 -35.98
N ILE D 75 -18.51 -9.88 -34.74
CA ILE D 75 -18.21 -10.94 -33.78
C ILE D 75 -19.46 -11.75 -33.46
N GLU D 76 -20.60 -11.07 -33.32
CA GLU D 76 -21.84 -11.76 -32.97
C GLU D 76 -22.28 -12.74 -34.06
N ASP D 77 -22.23 -12.34 -35.33
CA ASP D 77 -22.41 -13.32 -36.40
C ASP D 77 -21.26 -14.30 -36.47
N ALA D 78 -20.03 -13.83 -36.24
CA ALA D 78 -18.91 -14.76 -36.20
C ALA D 78 -19.18 -15.91 -35.24
N TYR D 79 -19.54 -15.61 -33.99
CA TYR D 79 -19.70 -16.66 -32.99
C TYR D 79 -21.08 -17.32 -33.06
N GLN D 80 -22.13 -16.49 -33.05
CA GLN D 80 -23.49 -16.99 -32.84
C GLN D 80 -24.03 -17.70 -34.07
N ASN D 81 -23.82 -17.15 -35.26
CA ASN D 81 -24.16 -17.88 -36.47
C ASN D 81 -23.15 -18.97 -36.77
N GLY D 82 -21.91 -18.77 -36.34
CA GLY D 82 -20.85 -19.75 -36.53
C GLY D 82 -20.19 -19.64 -37.88
N LYS D 83 -19.31 -18.67 -38.03
CA LYS D 83 -18.56 -18.41 -39.27
C LYS D 83 -17.12 -18.11 -38.87
N GLN D 84 -16.18 -18.40 -39.75
CA GLN D 84 -14.80 -17.96 -39.64
C GLN D 84 -14.70 -16.53 -40.15
N ILE D 85 -13.88 -15.71 -39.50
CA ILE D 85 -13.70 -14.34 -39.93
C ILE D 85 -12.26 -14.10 -40.34
N LYS D 86 -12.06 -13.15 -41.25
CA LYS D 86 -10.72 -12.77 -41.69
C LYS D 86 -10.17 -11.72 -40.74
N PHE D 87 -8.90 -11.89 -40.38
CA PHE D 87 -8.27 -11.19 -39.26
C PHE D 87 -7.06 -10.41 -39.77
N TRP D 88 -7.07 -9.11 -39.52
CA TRP D 88 -6.02 -8.18 -39.93
C TRP D 88 -5.52 -7.44 -38.69
N ARG D 89 -4.19 -7.34 -38.55
CA ARG D 89 -3.58 -6.53 -37.50
C ARG D 89 -2.53 -5.65 -38.14
N VAL D 90 -2.71 -4.34 -38.04
CA VAL D 90 -1.84 -3.41 -38.75
C VAL D 90 -1.44 -2.29 -37.80
N ASP D 91 -0.35 -1.63 -38.17
CA ASP D 91 0.17 -0.51 -37.39
C ASP D 91 -0.36 0.80 -37.92
N THR D 92 -0.55 1.74 -37.00
CA THR D 92 -1.11 3.05 -37.31
C THR D 92 -0.09 4.01 -37.92
N VAL D 93 1.20 3.80 -37.64
CA VAL D 93 2.23 4.63 -38.25
C VAL D 93 2.35 4.31 -39.73
N LYS D 94 2.61 5.33 -40.54
CA LYS D 94 2.64 5.20 -41.98
C LYS D 94 3.87 4.42 -42.40
N ASN D 95 3.68 3.42 -43.27
CA ASN D 95 4.79 2.72 -43.88
C ASN D 95 5.37 3.55 -45.02
N GLU D 96 6.70 3.61 -45.07
CA GLU D 96 7.39 4.42 -46.07
C GLU D 96 7.44 3.80 -47.45
N ASN D 97 7.28 2.49 -47.57
CA ASN D 97 7.08 1.88 -48.88
C ASN D 97 5.77 1.10 -48.93
N ASP D 98 4.73 1.62 -48.30
CA ASP D 98 3.38 1.12 -48.47
C ASP D 98 2.42 2.05 -47.74
N LYS D 99 1.13 1.72 -47.78
CA LYS D 99 0.15 2.43 -46.98
C LYS D 99 0.44 2.26 -45.49
N TYR D 100 0.25 1.05 -44.99
CA TYR D 100 0.50 0.70 -43.60
C TYR D 100 1.21 -0.65 -43.58
N ASP D 101 1.48 -1.17 -42.40
CA ASP D 101 2.11 -2.48 -42.27
C ASP D 101 1.21 -3.41 -41.47
N ALA D 102 1.16 -4.66 -41.90
CA ALA D 102 0.10 -5.56 -41.47
C ALA D 102 0.66 -6.95 -41.23
N GLN D 103 -0.04 -7.70 -40.40
CA GLN D 103 0.02 -9.15 -40.38
C GLN D 103 -1.42 -9.65 -40.47
N PHE D 104 -1.63 -10.70 -41.25
CA PHE D 104 -2.95 -11.10 -41.73
C PHE D 104 -3.18 -12.58 -41.50
N GLY D 105 -4.43 -12.96 -41.30
CA GLY D 105 -4.77 -14.38 -41.27
C GLY D 105 -6.24 -14.62 -41.39
N PHE D 106 -6.58 -15.87 -41.68
CA PHE D 106 -7.95 -16.35 -41.58
C PHE D 106 -8.17 -16.86 -40.17
N ALA D 107 -9.23 -16.40 -39.53
CA ALA D 107 -9.44 -16.63 -38.11
C ALA D 107 -10.80 -17.25 -37.84
N TYR D 108 -10.91 -17.85 -36.66
CA TYR D 108 -12.10 -18.61 -36.27
C TYR D 108 -12.48 -18.17 -34.86
N ILE D 109 -13.71 -18.51 -34.44
CA ILE D 109 -14.19 -18.16 -33.11
C ILE D 109 -13.98 -19.33 -32.17
N GLU D 110 -12.86 -19.33 -31.44
CA GLU D 110 -12.60 -20.39 -30.48
C GLU D 110 -13.40 -20.26 -29.19
N SER D 111 -13.51 -19.07 -28.63
CA SER D 111 -14.37 -18.87 -27.46
C SER D 111 -14.73 -17.40 -27.37
N ARG D 112 -15.77 -17.12 -26.57
CA ARG D 112 -16.24 -15.78 -26.29
C ARG D 112 -16.69 -15.82 -24.83
N GLU D 113 -16.31 -14.78 -24.09
CA GLU D 113 -16.60 -14.66 -22.67
C GLU D 113 -17.14 -13.27 -22.44
N TYR D 114 -18.35 -13.16 -21.89
CA TYR D 114 -18.93 -11.87 -21.56
C TYR D 114 -19.03 -11.67 -20.07
N SER D 115 -18.52 -10.54 -19.61
CA SER D 115 -18.57 -10.17 -18.21
C SER D 115 -19.36 -8.88 -18.06
N ASP D 116 -20.43 -8.97 -17.28
CA ASP D 116 -21.19 -7.83 -16.77
C ASP D 116 -20.88 -7.73 -15.29
N GLY D 117 -20.46 -6.53 -14.86
CA GLY D 117 -20.24 -6.28 -13.45
C GLY D 117 -21.00 -5.06 -12.98
N VAL D 118 -21.22 -4.98 -11.67
CA VAL D 118 -21.88 -3.83 -11.06
C VAL D 118 -20.98 -2.60 -11.10
N GLU D 119 -19.66 -2.79 -11.11
CA GLU D 119 -18.75 -1.70 -11.38
C GLU D 119 -18.33 -1.62 -12.84
N GLY D 120 -18.06 -0.43 -13.35
CA GLY D 120 -17.38 -0.31 -14.61
C GLY D 120 -18.36 -0.63 -15.73
N ALA D 121 -17.88 -1.28 -16.79
CA ALA D 121 -18.73 -1.58 -17.92
C ALA D 121 -18.41 -2.97 -18.48
N VAL D 122 -19.41 -3.55 -19.16
CA VAL D 122 -19.33 -4.95 -19.58
C VAL D 122 -18.06 -5.18 -20.37
N GLU D 123 -17.51 -6.39 -20.25
CA GLU D 123 -16.24 -6.69 -20.90
C GLU D 123 -16.36 -7.97 -21.72
N ILE D 124 -15.90 -7.90 -22.97
CA ILE D 124 -15.96 -9.02 -23.88
C ILE D 124 -14.56 -9.51 -24.15
N SER D 125 -14.34 -10.81 -23.94
CA SER D 125 -13.13 -11.49 -24.37
C SER D 125 -13.52 -12.49 -25.45
N ILE D 126 -12.89 -12.38 -26.62
CA ILE D 126 -13.13 -13.31 -27.71
C ILE D 126 -11.81 -13.95 -28.10
N SER D 127 -11.79 -15.28 -28.11
CA SER D 127 -10.62 -16.06 -28.43
C SER D 127 -10.78 -16.70 -29.80
N LEU D 128 -9.66 -16.84 -30.51
CA LEU D 128 -9.66 -17.29 -31.90
C LEU D 128 -8.42 -18.13 -32.16
N GLN D 129 -8.60 -19.22 -32.90
CA GLN D 129 -7.50 -19.97 -33.46
C GLN D 129 -7.25 -19.44 -34.86
N VAL D 130 -6.05 -19.66 -35.37
CA VAL D 130 -5.74 -19.27 -36.75
C VAL D 130 -4.85 -20.36 -37.35
N ILE D 131 -4.80 -20.42 -38.68
CA ILE D 131 -4.10 -21.50 -39.35
C ILE D 131 -2.83 -20.97 -40.01
N GLY D 132 -2.25 -19.93 -39.44
CA GLY D 132 -1.02 -19.38 -39.97
C GLY D 132 -1.18 -17.94 -40.40
N GLU D 133 -0.90 -17.01 -39.49
CA GLU D 133 -0.90 -15.60 -39.83
C GLU D 133 0.40 -15.21 -40.52
N LEU D 134 0.27 -14.38 -41.55
CA LEU D 134 1.42 -14.00 -42.37
C LEU D 134 1.58 -12.49 -42.29
N LYS D 135 2.81 -12.02 -42.39
CA LYS D 135 3.12 -10.61 -42.28
C LYS D 135 3.17 -10.01 -43.69
N ASN D 136 2.66 -8.79 -43.83
CA ASN D 136 2.71 -8.07 -45.10
C ASN D 136 2.60 -6.58 -44.83
N GLY D 137 2.24 -5.82 -45.86
CA GLY D 137 1.89 -4.43 -45.66
C GLY D 137 0.41 -4.19 -45.82
N GLU D 138 -0.10 -3.23 -45.05
CA GLU D 138 -1.54 -2.97 -45.01
C GLU D 138 -1.90 -2.03 -46.14
N ILE D 139 -2.93 -2.40 -46.90
CA ILE D 139 -3.33 -1.61 -48.06
C ILE D 139 -4.46 -0.65 -47.69
N ASP D 140 -5.51 -1.15 -47.06
CA ASP D 140 -6.66 -0.31 -46.74
C ASP D 140 -6.36 0.59 -45.56
N THR D 141 -6.18 1.88 -45.84
CA THR D 141 -6.00 2.88 -44.80
C THR D 141 -7.19 2.97 -43.86
N LEU D 142 -8.42 2.93 -44.39
CA LEU D 142 -9.69 3.13 -43.68
C LEU D 142 -9.56 4.33 -42.75
N PRO D 143 -9.32 5.54 -43.31
CA PRO D 143 -8.75 6.65 -42.52
C PRO D 143 -9.69 7.26 -41.48
N GLU D 144 -10.82 6.59 -41.29
CA GLU D 144 -11.76 6.91 -40.21
C GLU D 144 -11.19 6.55 -38.85
N GLU D 145 -10.59 5.37 -38.73
CA GLU D 145 -10.15 4.87 -37.44
C GLU D 145 -8.65 4.73 -37.32
N ILE D 146 -7.99 3.96 -38.17
CA ILE D 146 -6.54 3.78 -38.12
C ILE D 146 -5.81 5.09 -38.35
N VAL D 147 -6.23 5.84 -39.36
CA VAL D 147 -5.55 7.08 -39.72
C VAL D 147 -5.92 8.13 -38.68
N ASN D 148 -7.21 8.18 -38.33
CA ASN D 148 -7.71 9.18 -37.38
C ASN D 148 -8.11 8.55 -36.05
N VAL D 149 -7.41 8.89 -34.97
CA VAL D 149 -7.85 8.47 -33.66
C VAL D 149 -7.85 9.72 -32.75
N SER D 150 -9.03 10.24 -32.49
CA SER D 150 -9.16 11.51 -31.77
C SER D 150 -9.79 11.36 -30.40
N LYS D 151 -9.64 12.35 -29.53
CA LYS D 151 -10.32 12.30 -28.24
C LYS D 151 -11.77 12.75 -28.29
N GLY D 152 -12.28 13.22 -29.42
CA GLY D 152 -13.63 13.73 -29.51
C GLY D 152 -13.72 15.23 -29.34
N GLY D 153 -12.59 15.88 -29.21
CA GLY D 153 -12.53 17.32 -28.97
C GLY D 153 -12.99 18.10 -30.20
N TYR D 154 -13.81 19.11 -29.94
CA TYR D 154 -14.32 20.03 -30.96
C TYR D 154 -14.21 21.45 -30.43
N ASP D 155 -13.93 22.40 -31.34
CA ASP D 155 -13.35 23.69 -30.96
C ASP D 155 -14.24 24.58 -30.09
N PHE D 156 -15.52 24.74 -30.47
CA PHE D 156 -16.61 25.33 -29.68
C PHE D 156 -17.92 24.66 -30.07
N GLN D 157 -18.90 24.76 -29.17
CA GLN D 157 -20.32 24.71 -29.49
C GLN D 157 -20.99 25.74 -28.59
N GLN D 158 -20.95 27.01 -28.96
CA GLN D 158 -21.32 28.07 -28.02
C GLN D 158 -22.67 28.74 -28.33
N PRO D 159 -23.15 28.84 -29.58
CA PRO D 159 -24.52 29.34 -29.76
C PRO D 159 -25.59 28.31 -29.40
N GLY D 160 -25.22 27.20 -28.78
CA GLY D 160 -26.18 26.12 -28.60
C GLY D 160 -26.49 25.21 -29.76
N GLN D 161 -25.72 24.13 -29.96
CA GLN D 161 -26.06 23.19 -31.03
C GLN D 161 -26.64 21.91 -30.46
N THR D 162 -27.75 22.03 -29.72
CA THR D 162 -28.53 20.92 -29.15
C THR D 162 -27.64 19.72 -28.80
N THR D 163 -26.86 19.86 -27.74
CA THR D 163 -25.79 18.89 -27.49
C THR D 163 -26.32 17.79 -26.57
N GLY D 164 -25.49 16.76 -26.38
CA GLY D 164 -25.78 15.72 -25.42
C GLY D 164 -24.51 15.13 -24.82
N GLU D 165 -24.62 13.91 -24.29
CA GLU D 165 -23.48 13.27 -23.63
C GLU D 165 -22.34 13.02 -24.62
N ALA D 166 -22.68 12.92 -25.91
CA ALA D 166 -21.71 12.65 -26.97
C ALA D 166 -20.98 13.93 -27.33
N PRO D 167 -19.76 13.83 -27.84
CA PRO D 167 -18.81 14.93 -27.74
C PRO D 167 -19.04 16.02 -28.78
N GLY D 168 -19.88 15.66 -29.76
CA GLY D 168 -20.47 16.65 -30.65
C GLY D 168 -21.89 16.38 -31.12
N THR D 169 -22.88 16.97 -30.47
CA THR D 169 -24.24 16.93 -30.98
C THR D 169 -24.61 18.29 -31.55
N VAL D 170 -25.46 18.25 -32.58
CA VAL D 170 -25.97 19.43 -33.25
C VAL D 170 -27.50 19.41 -33.19
N PRO D 171 -28.20 20.50 -33.54
CA PRO D 171 -29.66 20.48 -33.47
C PRO D 171 -30.26 19.64 -34.59
N ALA D 172 -31.05 18.65 -34.20
CA ALA D 172 -31.61 17.62 -35.07
C ALA D 172 -30.52 16.84 -35.82
N PRO E 1 29.56 -7.51 -9.26
CA PRO E 1 29.53 -8.76 -10.02
C PRO E 1 29.08 -8.32 -11.41
N ILE E 2 28.27 -9.15 -12.07
CA ILE E 2 27.72 -8.85 -13.38
C ILE E 2 26.44 -8.06 -13.19
N MET E 3 26.30 -6.97 -13.94
CA MET E 3 25.16 -6.09 -13.82
C MET E 3 24.05 -6.51 -14.78
N GLY E 4 22.85 -5.99 -14.53
CA GLY E 4 21.72 -6.21 -15.43
C GLY E 4 21.95 -5.77 -16.86
N GLN E 5 22.71 -4.69 -17.06
CA GLN E 5 23.14 -4.26 -18.38
C GLN E 5 24.32 -5.07 -18.90
N ASP E 6 25.18 -5.56 -18.00
CA ASP E 6 26.43 -6.20 -18.39
C ASP E 6 26.26 -7.34 -19.38
N VAL E 7 25.29 -8.22 -19.19
CA VAL E 7 25.09 -9.37 -20.09
C VAL E 7 24.16 -8.94 -21.20
N LYS E 8 24.67 -8.92 -22.43
CA LYS E 8 23.84 -8.59 -23.58
C LYS E 8 23.91 -9.70 -24.63
N TYR E 9 22.79 -9.88 -25.32
CA TYR E 9 22.54 -11.08 -26.13
C TYR E 9 22.49 -10.68 -27.60
N LEU E 10 23.31 -11.33 -28.41
CA LEU E 10 23.28 -11.11 -29.85
C LEU E 10 22.96 -12.42 -30.55
N PHE E 11 22.31 -12.33 -31.72
CA PHE E 11 22.02 -13.49 -32.54
C PHE E 11 22.56 -13.28 -33.94
N GLN E 12 22.93 -14.38 -34.59
CA GLN E 12 23.29 -14.34 -36.00
C GLN E 12 22.55 -15.46 -36.72
N SER E 13 21.91 -15.11 -37.84
CA SER E 13 21.19 -16.07 -38.65
C SER E 13 22.14 -16.97 -39.43
N ILE E 14 21.81 -18.26 -39.47
CA ILE E 14 22.66 -19.21 -40.17
C ILE E 14 22.74 -18.91 -41.66
N ASP E 15 21.67 -18.39 -42.25
CA ASP E 15 21.59 -18.22 -43.70
C ASP E 15 22.23 -16.92 -44.17
N ALA E 16 22.47 -15.97 -43.28
CA ALA E 16 22.99 -14.67 -43.71
C ALA E 16 24.42 -14.80 -44.24
N ALA E 17 25.30 -15.41 -43.44
CA ALA E 17 26.75 -15.51 -43.70
C ALA E 17 27.40 -14.13 -43.82
N THR E 18 27.16 -13.28 -42.82
CA THR E 18 27.70 -11.93 -42.76
C THR E 18 28.84 -11.90 -41.76
N GLY E 19 29.59 -10.79 -41.76
CA GLY E 19 30.72 -10.64 -40.88
C GLY E 19 30.39 -9.96 -39.56
N SER E 20 29.20 -10.23 -39.03
CA SER E 20 28.77 -9.57 -37.79
C SER E 20 27.34 -9.96 -37.42
N ALA E 21 27.09 -10.17 -36.12
CA ALA E 21 25.85 -10.67 -35.52
C ALA E 21 24.98 -9.54 -34.97
N PRO E 22 23.78 -9.30 -35.53
CA PRO E 22 22.93 -8.24 -34.97
C PRO E 22 22.32 -8.62 -33.64
N LEU E 23 22.08 -7.63 -32.79
CA LEU E 23 21.28 -7.83 -31.60
C LEU E 23 20.21 -6.75 -31.53
N PHE E 24 19.15 -7.05 -30.81
CA PHE E 24 18.02 -6.17 -30.96
C PHE E 24 17.94 -5.19 -29.80
N PRO E 25 17.54 -3.93 -30.02
CA PRO E 25 17.45 -2.98 -28.92
C PRO E 25 16.19 -3.17 -28.09
N ALA E 26 16.12 -2.39 -27.01
CA ALA E 26 15.01 -2.36 -26.05
C ALA E 26 14.73 -3.75 -25.47
N TYR E 27 15.72 -4.27 -24.76
CA TYR E 27 15.55 -5.52 -24.03
C TYR E 27 14.72 -5.32 -22.78
N GLN E 28 13.95 -6.35 -22.44
CA GLN E 28 13.10 -6.37 -21.27
C GLN E 28 13.82 -7.29 -20.28
N THR E 29 13.95 -8.57 -20.62
CA THR E 29 14.59 -9.52 -19.73
C THR E 29 14.76 -10.88 -20.41
N ASP E 30 15.69 -11.64 -19.84
CA ASP E 30 16.25 -12.81 -20.51
C ASP E 30 16.40 -13.91 -19.47
N GLY E 31 15.65 -14.98 -19.66
CA GLY E 31 15.85 -16.17 -18.87
C GLY E 31 16.39 -17.30 -19.70
N SER E 32 17.61 -17.73 -19.38
CA SER E 32 18.21 -18.91 -19.99
C SER E 32 18.15 -19.99 -18.92
N VAL E 33 17.49 -21.10 -19.25
CA VAL E 33 17.22 -22.15 -18.29
C VAL E 33 17.85 -23.45 -18.82
N SER E 34 18.57 -24.13 -17.95
CA SER E 34 19.46 -25.22 -18.33
C SER E 34 19.27 -26.36 -17.34
N GLY E 35 18.62 -27.44 -17.78
CA GLY E 35 18.35 -28.55 -16.91
C GLY E 35 19.24 -29.75 -17.17
N GLU E 36 19.94 -30.21 -16.14
CA GLU E 36 20.85 -31.35 -16.25
C GLU E 36 20.18 -32.56 -15.62
N ARG E 37 19.57 -33.40 -16.45
CA ARG E 37 18.79 -34.52 -15.97
C ARG E 37 19.68 -35.50 -15.19
N GLU E 38 19.08 -36.20 -14.25
CA GLU E 38 19.81 -36.97 -13.25
C GLU E 38 19.23 -38.38 -13.20
N LEU E 39 19.88 -39.24 -12.41
CA LEU E 39 19.48 -40.63 -12.26
C LEU E 39 18.18 -40.72 -11.49
N PHE E 40 17.29 -41.60 -11.97
CA PHE E 40 16.07 -41.95 -11.26
C PHE E 40 16.33 -43.02 -10.21
N ASP E 41 15.76 -42.82 -9.03
CA ASP E 41 15.44 -43.89 -8.09
C ASP E 41 16.74 -44.40 -7.48
N GLU E 42 16.93 -44.11 -6.19
CA GLU E 42 18.09 -44.61 -5.46
C GLU E 42 18.07 -46.12 -5.27
N GLN E 43 16.88 -46.70 -5.09
CA GLN E 43 16.65 -48.12 -4.73
C GLN E 43 17.07 -48.40 -3.29
N THR E 44 17.15 -47.34 -2.47
CA THR E 44 17.82 -47.32 -1.16
C THR E 44 19.16 -48.06 -1.20
N LYS E 45 20.03 -47.63 -2.12
CA LYS E 45 21.33 -48.27 -2.34
C LYS E 45 22.44 -47.37 -1.83
N ASN E 46 23.49 -47.20 -2.63
CA ASN E 46 24.60 -46.33 -2.27
C ASN E 46 24.54 -44.97 -2.97
N GLY E 47 23.39 -44.61 -3.54
CA GLY E 47 23.26 -43.35 -4.24
C GLY E 47 23.14 -43.57 -5.74
N ARG E 48 21.93 -43.90 -6.19
CA ARG E 48 21.68 -44.17 -7.60
C ARG E 48 20.83 -43.02 -8.12
N ILE E 49 20.93 -41.86 -7.47
CA ILE E 49 20.21 -40.67 -7.89
C ILE E 49 21.18 -39.53 -8.13
N LEU E 50 22.48 -39.80 -7.97
CA LEU E 50 23.51 -38.82 -8.26
C LEU E 50 24.23 -39.10 -9.57
N GLY E 51 23.51 -39.60 -10.58
CA GLY E 51 24.10 -40.10 -11.79
C GLY E 51 23.97 -39.17 -12.98
N PRO E 52 24.84 -39.35 -13.97
CA PRO E 52 24.85 -38.43 -15.11
C PRO E 52 23.75 -38.69 -16.12
N GLY E 53 23.15 -37.61 -16.61
CA GLY E 53 22.08 -37.70 -17.58
C GLY E 53 22.23 -36.60 -18.61
N SER E 54 21.29 -36.57 -19.54
CA SER E 54 21.32 -35.57 -20.59
C SER E 54 20.97 -34.20 -20.03
N VAL E 55 21.21 -33.16 -20.83
CA VAL E 55 20.99 -31.79 -20.43
C VAL E 55 19.94 -31.17 -21.35
N ALA E 56 18.93 -30.55 -20.74
CA ALA E 56 17.90 -29.81 -21.46
C ALA E 56 18.28 -28.34 -21.44
N ASP E 57 18.28 -27.71 -22.61
CA ASP E 57 18.79 -26.37 -22.77
C ASP E 57 17.75 -25.54 -23.51
N SER E 58 17.15 -24.60 -22.80
CA SER E 58 16.11 -23.73 -23.32
C SER E 58 16.31 -22.31 -22.81
N GLY E 59 15.91 -21.36 -23.65
CA GLY E 59 15.97 -19.97 -23.26
C GLY E 59 14.76 -19.19 -23.74
N GLU E 60 14.40 -18.14 -23.03
CA GLU E 60 13.32 -17.24 -23.44
C GLU E 60 13.88 -15.83 -23.44
N VAL E 61 13.42 -15.02 -24.40
CA VAL E 61 13.91 -13.66 -24.55
C VAL E 61 12.70 -12.73 -24.65
N THR E 62 12.63 -11.76 -23.76
CA THR E 62 11.58 -10.76 -23.84
C THR E 62 12.16 -9.43 -24.29
N TYR E 63 11.37 -8.66 -25.04
CA TYR E 63 11.77 -7.32 -25.46
C TYR E 63 10.56 -6.61 -26.05
N TYR E 64 10.70 -5.30 -26.26
CA TYR E 64 9.69 -4.48 -26.91
C TYR E 64 10.08 -4.28 -28.37
N GLY E 65 9.25 -4.76 -29.27
CA GLY E 65 9.56 -4.70 -30.69
C GLY E 65 9.51 -3.33 -31.31
N LYS E 66 10.51 -2.99 -32.12
CA LYS E 66 10.50 -1.74 -32.86
C LYS E 66 9.88 -1.97 -34.24
N ARG E 67 9.31 -0.90 -34.81
CA ARG E 67 8.55 -1.01 -36.06
C ARG E 67 9.33 -1.67 -37.19
N GLY E 68 10.63 -1.46 -37.28
CA GLY E 68 11.45 -2.12 -38.29
C GLY E 68 12.92 -1.99 -37.92
N ASP E 69 13.42 -3.05 -37.27
CA ASP E 69 14.85 -3.28 -37.00
C ASP E 69 15.21 -4.77 -37.14
N ALA E 70 16.50 -5.00 -37.35
CA ALA E 70 17.04 -6.20 -38.00
C ALA E 70 17.09 -7.49 -37.17
N GLY E 71 17.40 -7.40 -35.87
CA GLY E 71 17.22 -8.55 -35.00
C GLY E 71 15.76 -8.97 -34.87
N GLN E 72 14.86 -7.98 -34.79
CA GLN E 72 13.44 -8.28 -34.86
C GLN E 72 13.05 -8.92 -36.19
N LYS E 73 13.42 -8.31 -37.32
CA LYS E 73 13.24 -8.99 -38.59
C LYS E 73 14.05 -10.26 -38.69
N ALA E 74 15.17 -10.35 -37.96
CA ALA E 74 15.85 -11.62 -37.82
C ALA E 74 14.97 -12.63 -37.08
N ILE E 75 14.30 -12.17 -36.03
CA ILE E 75 13.30 -13.01 -35.35
C ILE E 75 12.13 -13.32 -36.27
N GLU E 76 11.69 -12.32 -37.05
CA GLU E 76 10.55 -12.52 -37.93
C GLU E 76 10.82 -13.57 -39.01
N ASP E 77 11.99 -13.53 -39.64
CA ASP E 77 12.39 -14.63 -40.52
C ASP E 77 12.67 -15.90 -39.72
N ALA E 78 13.28 -15.76 -38.54
CA ALA E 78 13.46 -16.93 -37.70
C ALA E 78 12.15 -17.69 -37.49
N TYR E 79 11.11 -17.00 -37.05
CA TYR E 79 9.87 -17.68 -36.72
C TYR E 79 8.99 -17.90 -37.95
N GLN E 80 8.75 -16.83 -38.71
CA GLN E 80 7.72 -16.85 -39.75
C GLN E 80 8.14 -17.65 -40.97
N ASN E 81 9.39 -17.49 -41.41
CA ASN E 81 9.91 -18.36 -42.46
C ASN E 81 10.25 -19.74 -41.92
N GLY E 82 10.61 -19.81 -40.64
CA GLY E 82 10.94 -21.07 -40.00
C GLY E 82 12.38 -21.49 -40.22
N LYS E 83 13.28 -20.88 -39.48
CA LYS E 83 14.72 -21.16 -39.54
C LYS E 83 15.23 -21.20 -38.11
N GLN E 84 16.30 -21.96 -37.89
CA GLN E 84 17.05 -21.93 -36.65
C GLN E 84 18.03 -20.76 -36.71
N ILE E 85 18.23 -20.08 -35.58
CA ILE E 85 19.16 -18.96 -35.53
C ILE E 85 20.29 -19.26 -34.57
N LYS E 86 21.45 -18.66 -34.82
CA LYS E 86 22.60 -18.80 -33.96
C LYS E 86 22.52 -17.76 -32.86
N PHE E 87 22.81 -18.19 -31.63
CA PHE E 87 22.52 -17.47 -30.40
C PHE E 87 23.80 -17.21 -29.63
N TRP E 88 24.07 -15.94 -29.35
CA TRP E 88 25.25 -15.48 -28.63
C TRP E 88 24.80 -14.65 -27.44
N ARG E 89 25.39 -14.91 -26.27
CA ARG E 89 25.16 -14.07 -25.08
C ARG E 89 26.53 -13.72 -24.50
N VAL E 90 26.83 -12.43 -24.45
CA VAL E 90 28.15 -11.99 -24.06
C VAL E 90 28.03 -10.83 -23.06
N ASP E 91 29.10 -10.64 -22.31
CA ASP E 91 29.16 -9.57 -21.33
C ASP E 91 29.79 -8.32 -21.94
N THR E 92 29.32 -7.17 -21.46
CA THR E 92 29.74 -5.87 -21.95
C THR E 92 31.08 -5.43 -21.37
N VAL E 93 31.44 -5.92 -20.19
CA VAL E 93 32.74 -5.61 -19.61
C VAL E 93 33.84 -6.30 -20.38
N LYS E 94 34.97 -5.62 -20.52
CA LYS E 94 36.07 -6.11 -21.35
C LYS E 94 36.75 -7.30 -20.66
N ASN E 95 36.97 -8.36 -21.41
CA ASN E 95 37.75 -9.49 -20.93
C ASN E 95 39.24 -9.16 -21.02
N GLU E 96 39.96 -9.51 -19.96
CA GLU E 96 41.38 -9.20 -19.88
C GLU E 96 42.27 -10.13 -20.70
N ASN E 97 41.80 -11.33 -21.03
CA ASN E 97 42.52 -12.14 -22.00
C ASN E 97 41.61 -12.50 -23.18
N ASP E 98 40.79 -11.56 -23.62
CA ASP E 98 40.06 -11.68 -24.87
C ASP E 98 39.34 -10.37 -25.13
N LYS E 99 38.60 -10.30 -26.24
CA LYS E 99 37.73 -9.17 -26.50
C LYS E 99 36.66 -9.05 -25.43
N TYR E 100 35.73 -9.99 -25.43
CA TYR E 100 34.64 -10.05 -24.47
C TYR E 100 34.50 -11.50 -24.03
N ASP E 101 33.50 -11.77 -23.20
CA ASP E 101 33.25 -13.13 -22.75
C ASP E 101 31.83 -13.53 -23.12
N ALA E 102 31.69 -14.79 -23.55
CA ALA E 102 30.49 -15.21 -24.26
C ALA E 102 30.08 -16.60 -23.80
N GLN E 103 28.79 -16.88 -23.98
CA GLN E 103 28.28 -18.25 -24.08
C GLN E 103 27.45 -18.30 -25.35
N PHE E 104 27.58 -19.41 -26.08
CA PHE E 104 27.15 -19.51 -27.46
C PHE E 104 26.31 -20.76 -27.68
N GLY E 105 25.39 -20.71 -28.63
CA GLY E 105 24.69 -21.91 -29.02
C GLY E 105 23.95 -21.74 -30.34
N PHE E 106 23.56 -22.87 -30.90
CA PHE E 106 22.61 -22.90 -32.01
C PHE E 106 21.21 -22.95 -31.43
N ALA E 107 20.34 -22.07 -31.89
CA ALA E 107 19.03 -21.88 -31.27
C ALA E 107 17.92 -21.98 -32.30
N TYR E 108 16.71 -22.22 -31.78
CA TYR E 108 15.54 -22.49 -32.59
C TYR E 108 14.40 -21.63 -32.07
N ILE E 109 13.33 -21.49 -32.85
CA ILE E 109 12.19 -20.70 -32.45
C ILE E 109 11.12 -21.62 -31.87
N GLU E 110 11.12 -21.76 -30.54
CA GLU E 110 10.10 -22.58 -29.89
C GLU E 110 8.73 -21.91 -29.80
N SER E 111 8.66 -20.64 -29.44
CA SER E 111 7.40 -19.93 -29.44
C SER E 111 7.67 -18.44 -29.54
N ARG E 112 6.62 -17.69 -29.90
CA ARG E 112 6.66 -16.23 -29.98
C ARG E 112 5.27 -15.79 -29.53
N GLU E 113 5.26 -14.77 -28.68
CA GLU E 113 4.04 -14.22 -28.10
C GLU E 113 4.10 -12.71 -28.27
N TYR E 114 3.09 -12.14 -28.91
CA TYR E 114 3.02 -10.70 -29.07
C TYR E 114 1.86 -10.12 -28.28
N SER E 115 2.18 -9.11 -27.48
CA SER E 115 1.20 -8.40 -26.68
C SER E 115 1.14 -6.94 -27.10
N ASP E 116 -0.04 -6.53 -27.55
CA ASP E 116 -0.41 -5.13 -27.76
C ASP E 116 -1.38 -4.77 -26.64
N GLY E 117 -1.08 -3.68 -25.93
CA GLY E 117 -1.97 -3.16 -24.92
C GLY E 117 -2.28 -1.69 -25.14
N VAL E 118 -3.39 -1.24 -24.57
CA VAL E 118 -3.79 0.15 -24.63
C VAL E 118 -2.86 1.03 -23.80
N GLU E 119 -2.25 0.47 -22.76
CA GLU E 119 -1.19 1.16 -22.05
C GLU E 119 0.19 0.74 -22.52
N GLY E 120 1.17 1.64 -22.47
CA GLY E 120 2.55 1.25 -22.62
C GLY E 120 2.81 0.97 -24.09
N ALA E 121 3.65 -0.03 -24.38
CA ALA E 121 4.00 -0.34 -25.75
C ALA E 121 4.09 -1.85 -25.96
N VAL E 122 3.91 -2.26 -27.21
CA VAL E 122 3.78 -3.68 -27.54
C VAL E 122 4.95 -4.46 -26.97
N GLU E 123 4.70 -5.71 -26.59
CA GLU E 123 5.73 -6.51 -25.96
C GLU E 123 5.86 -7.85 -26.66
N ILE E 124 7.08 -8.23 -26.98
CA ILE E 124 7.35 -9.48 -27.68
C ILE E 124 8.11 -10.41 -26.73
N SER E 125 7.58 -11.61 -26.57
CA SER E 125 8.27 -12.70 -25.91
C SER E 125 8.57 -13.78 -26.94
N ILE E 126 9.83 -14.14 -27.09
CA ILE E 126 10.23 -15.20 -28.00
C ILE E 126 10.96 -16.27 -27.22
N SER E 127 10.51 -17.51 -27.36
CA SER E 127 11.06 -18.65 -26.65
C SER E 127 11.82 -19.53 -27.63
N LEU E 128 12.89 -20.15 -27.15
CA LEU E 128 13.81 -20.91 -27.98
C LEU E 128 14.33 -22.11 -27.21
N GLN E 129 14.43 -23.25 -27.89
CA GLN E 129 15.15 -24.40 -27.39
C GLN E 129 16.56 -24.33 -27.93
N VAL E 130 17.50 -25.00 -27.26
CA VAL E 130 18.87 -25.06 -27.75
C VAL E 130 19.39 -26.47 -27.48
N ILE E 131 20.43 -26.85 -28.21
CA ILE E 131 20.93 -28.23 -28.14
C ILE E 131 22.28 -28.26 -27.43
N GLY E 132 22.50 -27.33 -26.52
CA GLY E 132 23.73 -27.31 -25.76
C GLY E 132 24.50 -26.03 -25.99
N GLU E 133 24.27 -25.04 -25.14
CA GLU E 133 25.05 -23.81 -25.19
C GLU E 133 26.38 -23.99 -24.48
N LEU E 134 27.43 -23.44 -25.08
CA LEU E 134 28.78 -23.62 -24.57
C LEU E 134 29.35 -22.25 -24.25
N LYS E 135 30.22 -22.20 -23.24
CA LYS E 135 30.81 -20.95 -22.79
C LYS E 135 32.16 -20.75 -23.47
N ASN E 136 32.45 -19.50 -23.84
CA ASN E 136 33.74 -19.17 -24.46
C ASN E 136 34.02 -17.70 -24.23
N GLY E 137 34.91 -17.14 -25.04
CA GLY E 137 35.09 -15.70 -25.05
C GLY E 137 34.55 -15.08 -26.33
N GLU E 138 34.04 -13.86 -26.21
CA GLU E 138 33.38 -13.20 -27.32
C GLU E 138 34.44 -12.50 -28.16
N ILE E 139 34.38 -12.71 -29.48
CA ILE E 139 35.37 -12.15 -30.38
C ILE E 139 34.87 -10.86 -31.00
N ASP E 140 33.66 -10.86 -31.54
CA ASP E 140 33.14 -9.67 -32.21
C ASP E 140 32.69 -8.63 -31.19
N THR E 141 33.47 -7.56 -31.08
CA THR E 141 33.11 -6.43 -30.23
C THR E 141 31.80 -5.79 -30.65
N LEU E 142 31.58 -5.58 -31.96
CA LEU E 142 30.46 -4.86 -32.56
C LEU E 142 30.24 -3.56 -31.81
N PRO E 143 31.24 -2.65 -31.80
CA PRO E 143 31.30 -1.59 -30.78
C PRO E 143 30.24 -0.51 -30.89
N GLU E 144 29.27 -0.75 -31.76
CA GLU E 144 28.08 0.08 -31.88
C GLU E 144 27.17 -0.08 -30.69
N GLU E 145 26.94 -1.32 -30.25
CA GLU E 145 25.96 -1.60 -29.21
C GLU E 145 26.57 -2.13 -27.92
N ILE E 146 27.29 -3.25 -27.96
CA ILE E 146 27.93 -3.82 -26.77
C ILE E 146 28.94 -2.88 -26.17
N VAL E 147 29.81 -2.31 -27.00
CA VAL E 147 30.88 -1.44 -26.52
C VAL E 147 30.25 -0.11 -26.12
N ASN E 148 29.34 0.39 -26.96
CA ASN E 148 28.72 1.69 -26.74
C ASN E 148 27.25 1.54 -26.37
N VAL E 149 26.88 1.92 -25.15
CA VAL E 149 25.46 1.99 -24.80
C VAL E 149 25.21 3.35 -24.14
N SER E 150 24.59 4.26 -24.90
CA SER E 150 24.44 5.63 -24.47
C SER E 150 22.99 6.01 -24.22
N LYS E 151 22.74 7.10 -23.49
CA LYS E 151 21.36 7.57 -23.31
C LYS E 151 20.83 8.39 -24.49
N GLY E 152 21.65 8.70 -25.49
CA GLY E 152 21.21 9.53 -26.59
C GLY E 152 21.58 11.00 -26.42
N GLY E 153 22.29 11.30 -25.34
CA GLY E 153 22.66 12.67 -25.02
C GLY E 153 23.67 13.23 -26.00
N TYR E 154 23.43 14.47 -26.41
CA TYR E 154 24.29 15.21 -27.32
C TYR E 154 24.46 16.63 -26.78
N ASP E 155 25.66 17.21 -26.97
CA ASP E 155 26.12 18.32 -26.14
C ASP E 155 25.31 19.61 -26.28
N PHE E 156 25.02 20.05 -27.51
CA PHE E 156 24.07 21.10 -27.90
C PHE E 156 23.48 20.76 -29.26
N GLN E 157 22.31 21.36 -29.52
CA GLN E 157 21.84 21.64 -30.87
C GLN E 157 21.16 23.01 -30.80
N GLN E 158 21.94 24.10 -30.85
CA GLN E 158 21.39 25.40 -30.50
C GLN E 158 21.21 26.34 -31.70
N PRO E 159 21.99 26.27 -32.79
CA PRO E 159 21.61 27.08 -33.96
C PRO E 159 20.42 26.53 -34.74
N GLY E 160 19.72 25.53 -34.20
CA GLY E 160 18.70 24.87 -34.98
C GLY E 160 19.13 23.83 -36.00
N GLN E 161 19.28 22.56 -35.60
CA GLN E 161 19.61 21.53 -36.58
C GLN E 161 18.41 20.65 -36.87
N THR E 162 17.31 21.26 -37.34
CA THR E 162 16.06 20.59 -37.77
C THR E 162 15.80 19.31 -36.97
N THR E 163 15.41 19.48 -35.71
CA THR E 163 15.40 18.33 -34.81
C THR E 163 14.02 17.69 -34.83
N GLY E 164 13.91 16.54 -34.15
CA GLY E 164 12.64 15.89 -33.94
C GLY E 164 12.59 15.12 -32.63
N GLU E 165 11.66 14.16 -32.54
CA GLU E 165 11.50 13.39 -31.31
C GLU E 165 12.74 12.59 -30.97
N ALA E 166 13.56 12.29 -31.99
CA ALA E 166 14.78 11.50 -31.84
C ALA E 166 15.89 12.38 -31.31
N PRO E 167 16.86 11.81 -30.61
CA PRO E 167 17.66 12.58 -29.66
C PRO E 167 18.77 13.40 -30.34
N GLY E 168 18.98 13.08 -31.61
CA GLY E 168 19.74 13.94 -32.50
C GLY E 168 19.30 13.99 -33.95
N THR E 169 18.50 14.98 -34.32
CA THR E 169 18.21 15.22 -35.73
C THR E 169 18.96 16.44 -36.22
N VAL E 170 19.33 16.39 -37.50
CA VAL E 170 20.03 17.48 -38.18
C VAL E 170 19.20 17.91 -39.38
N PRO E 171 19.53 19.04 -40.03
CA PRO E 171 18.73 19.46 -41.21
C PRO E 171 19.01 18.59 -42.41
N ALA E 172 17.94 18.00 -42.94
CA ALA E 172 17.97 16.99 -44.00
C ALA E 172 18.82 15.78 -43.61
N PRO F 1 19.16 -18.05 18.02
CA PRO F 1 19.30 -19.38 17.41
C PRO F 1 20.32 -19.16 16.30
N ILE F 2 20.14 -19.84 15.18
CA ILE F 2 21.01 -19.70 14.02
C ILE F 2 20.49 -18.54 13.18
N MET F 3 21.40 -17.66 12.78
CA MET F 3 21.05 -16.47 12.01
C MET F 3 21.12 -16.75 10.52
N GLY F 4 20.50 -15.86 9.74
CA GLY F 4 20.57 -15.93 8.29
C GLY F 4 21.96 -15.92 7.72
N GLN F 5 22.89 -15.20 8.35
CA GLN F 5 24.30 -15.23 8.00
C GLN F 5 25.01 -16.46 8.57
N ASP F 6 24.56 -16.95 9.71
CA ASP F 6 25.26 -18.01 10.44
C ASP F 6 25.55 -19.24 9.60
N VAL F 7 24.60 -19.73 8.81
CA VAL F 7 24.80 -20.94 8.01
C VAL F 7 25.37 -20.52 6.66
N LYS F 8 26.60 -20.94 6.39
CA LYS F 8 27.20 -20.66 5.08
C LYS F 8 27.67 -21.94 4.42
N TYR F 9 27.59 -21.94 3.09
CA TYR F 9 27.67 -23.16 2.28
C TYR F 9 28.96 -23.11 1.45
N LEU F 10 29.77 -24.15 1.58
CA LEU F 10 30.98 -24.27 0.76
C LEU F 10 30.91 -25.55 -0.07
N PHE F 11 31.53 -25.54 -1.23
CA PHE F 11 31.62 -26.71 -2.08
C PHE F 11 33.07 -27.00 -2.42
N GLN F 12 33.37 -28.29 -2.60
CA GLN F 12 34.67 -28.67 -3.12
C GLN F 12 34.47 -29.66 -4.27
N SER F 13 35.17 -29.40 -5.38
CA SER F 13 35.09 -30.26 -6.54
C SER F 13 35.87 -31.56 -6.32
N ILE F 14 35.27 -32.66 -6.76
CA ILE F 14 35.91 -33.97 -6.60
C ILE F 14 37.24 -34.05 -7.33
N ASP F 15 37.35 -33.39 -8.49
CA ASP F 15 38.51 -33.54 -9.36
C ASP F 15 39.67 -32.64 -8.94
N ALA F 16 39.43 -31.62 -8.12
CA ALA F 16 40.49 -30.68 -7.80
C ALA F 16 41.58 -31.34 -6.95
N ALA F 17 41.18 -31.99 -5.85
CA ALA F 17 42.07 -32.57 -4.83
C ALA F 17 42.98 -31.51 -4.20
N THR F 18 42.36 -30.43 -3.72
CA THR F 18 43.08 -29.33 -3.10
C THR F 18 42.87 -29.40 -1.59
N GLY F 19 43.63 -28.60 -0.85
CA GLY F 19 43.55 -28.60 0.60
C GLY F 19 42.60 -27.56 1.15
N SER F 20 41.48 -27.33 0.45
CA SER F 20 40.53 -26.32 0.88
C SER F 20 39.38 -26.16 -0.11
N ALA F 21 38.17 -25.99 0.41
CA ALA F 21 36.89 -25.93 -0.33
C ALA F 21 36.43 -24.50 -0.58
N PRO F 22 36.35 -24.05 -1.85
CA PRO F 22 35.87 -22.68 -2.09
C PRO F 22 34.37 -22.54 -1.88
N LEU F 23 33.94 -21.36 -1.48
CA LEU F 23 32.52 -21.03 -1.47
C LEU F 23 32.32 -19.70 -2.16
N PHE F 24 31.11 -19.49 -2.66
CA PHE F 24 30.99 -18.37 -3.56
C PHE F 24 30.39 -17.17 -2.85
N PRO F 25 30.81 -15.95 -3.15
CA PRO F 25 30.23 -14.78 -2.48
C PRO F 25 28.88 -14.39 -3.06
N ALA F 26 28.27 -13.40 -2.40
CA ALA F 26 26.96 -12.82 -2.76
C ALA F 26 25.88 -13.89 -2.81
N TYR F 27 25.62 -14.51 -1.67
CA TYR F 27 24.51 -15.45 -1.54
C TYR F 27 23.18 -14.72 -1.48
N GLN F 28 22.17 -15.36 -2.03
CA GLN F 28 20.81 -14.85 -2.06
C GLN F 28 20.06 -15.70 -1.03
N THR F 29 19.93 -17.00 -1.27
CA THR F 29 19.21 -17.87 -0.36
C THR F 29 19.35 -19.33 -0.76
N ASP F 30 19.10 -20.19 0.22
CA ASP F 30 19.48 -21.59 0.16
C ASP F 30 18.34 -22.41 0.74
N GLY F 31 17.73 -23.23 -0.10
CA GLY F 31 16.79 -24.19 0.37
C GLY F 31 17.31 -25.60 0.20
N SER F 32 17.51 -26.29 1.31
CA SER F 32 17.87 -27.70 1.32
C SER F 32 16.61 -28.44 1.74
N VAL F 33 16.15 -29.34 0.89
CA VAL F 33 14.88 -30.02 1.09
C VAL F 33 15.15 -31.53 1.13
N SER F 34 14.58 -32.17 2.14
CA SER F 34 14.94 -33.54 2.52
C SER F 34 13.64 -34.31 2.79
N GLY F 35 13.29 -35.21 1.88
CA GLY F 35 12.06 -35.97 2.03
C GLY F 35 12.29 -37.40 2.46
N GLU F 36 11.66 -37.80 3.56
CA GLU F 36 11.79 -39.14 4.11
C GLU F 36 10.52 -39.92 3.77
N ARG F 37 10.59 -40.71 2.71
CA ARG F 37 9.40 -41.41 2.21
C ARG F 37 8.90 -42.40 3.24
N GLU F 38 7.59 -42.66 3.22
CA GLU F 38 6.89 -43.36 4.29
C GLU F 38 6.06 -44.47 3.68
N LEU F 39 5.46 -45.29 4.55
CA LEU F 39 4.64 -46.42 4.14
C LEU F 39 3.35 -45.94 3.51
N PHE F 40 2.97 -46.59 2.41
CA PHE F 40 1.67 -46.39 1.78
C PHE F 40 0.60 -47.21 2.46
N ASP F 41 -0.55 -46.58 2.70
CA ASP F 41 -1.83 -47.27 2.84
C ASP F 41 -1.84 -47.98 4.18
N GLU F 42 -2.66 -47.48 5.10
CA GLU F 42 -2.84 -48.12 6.40
C GLU F 42 -3.54 -49.46 6.32
N GLN F 43 -4.49 -49.61 5.38
CA GLN F 43 -5.39 -50.77 5.24
C GLN F 43 -6.42 -50.83 6.36
N THR F 44 -6.65 -49.68 7.01
CA THR F 44 -7.34 -49.56 8.31
C THR F 44 -6.90 -50.65 9.29
N LYS F 45 -5.59 -50.72 9.52
CA LYS F 45 -4.99 -51.75 10.37
C LYS F 45 -4.51 -51.13 11.69
N ASN F 46 -3.29 -51.47 12.11
CA ASN F 46 -2.71 -50.92 13.32
C ASN F 46 -1.70 -49.81 13.02
N GLY F 47 -1.70 -49.26 11.81
CA GLY F 47 -0.76 -48.21 11.45
C GLY F 47 0.28 -48.73 10.48
N ARG F 48 -0.09 -48.79 9.20
CA ARG F 48 0.80 -49.27 8.16
C ARG F 48 1.20 -48.08 7.31
N ILE F 49 1.15 -46.88 7.90
CA ILE F 49 1.54 -45.66 7.22
C ILE F 49 2.63 -44.95 8.01
N LEU F 50 3.06 -45.55 9.12
CA LEU F 50 4.15 -45.01 9.92
C LEU F 50 5.44 -45.80 9.73
N GLY F 51 5.70 -46.27 8.51
CA GLY F 51 6.77 -47.20 8.23
C GLY F 51 7.97 -46.57 7.56
N PRO F 52 9.13 -47.22 7.68
CA PRO F 52 10.36 -46.63 7.16
C PRO F 52 10.52 -46.78 5.65
N GLY F 53 10.99 -45.72 5.02
CA GLY F 53 11.19 -45.69 3.58
C GLY F 53 12.47 -44.98 3.25
N SER F 54 12.75 -44.88 1.95
CA SER F 54 13.95 -44.20 1.50
C SER F 54 13.82 -42.70 1.70
N VAL F 55 14.94 -42.00 1.57
CA VAL F 55 15.01 -40.55 1.78
C VAL F 55 15.43 -39.88 0.48
N ALA F 56 14.66 -38.87 0.08
CA ALA F 56 14.98 -38.05 -1.09
C ALA F 56 15.68 -36.80 -0.59
N ASP F 57 16.83 -36.48 -1.18
CA ASP F 57 17.68 -35.42 -0.69
C ASP F 57 18.06 -34.53 -1.86
N SER F 58 17.53 -33.30 -1.82
CA SER F 58 17.72 -32.30 -2.87
C SER F 58 17.94 -30.94 -2.25
N GLY F 59 18.73 -30.13 -2.93
CA GLY F 59 18.96 -28.76 -2.51
C GLY F 59 19.01 -27.80 -3.67
N GLU F 60 18.64 -26.55 -3.42
CA GLU F 60 18.74 -25.50 -4.42
C GLU F 60 19.53 -24.35 -3.80
N VAL F 61 20.35 -23.70 -4.62
CA VAL F 61 21.20 -22.61 -4.15
C VAL F 61 21.00 -21.42 -5.07
N THR F 62 20.61 -20.28 -4.51
CA THR F 62 20.51 -19.06 -5.29
C THR F 62 21.62 -18.11 -4.91
N TYR F 63 22.10 -17.34 -5.90
CA TYR F 63 23.11 -16.31 -5.64
C TYR F 63 23.23 -15.43 -6.88
N TYR F 64 23.93 -14.30 -6.73
CA TYR F 64 24.24 -13.39 -7.82
C TYR F 64 25.65 -13.66 -8.30
N GLY F 65 25.78 -14.06 -9.56
CA GLY F 65 27.07 -14.44 -10.11
C GLY F 65 28.03 -13.29 -10.34
N LYS F 66 29.29 -13.47 -9.95
CA LYS F 66 30.31 -12.48 -10.23
C LYS F 66 31.00 -12.82 -11.54
N ARG F 67 31.56 -11.79 -12.20
CA ARG F 67 32.12 -11.95 -13.54
C ARG F 67 33.16 -13.06 -13.63
N GLY F 68 33.96 -13.28 -12.60
CA GLY F 68 34.94 -14.35 -12.59
C GLY F 68 35.42 -14.60 -11.17
N ASP F 69 34.78 -15.57 -10.51
CA ASP F 69 35.20 -16.15 -9.23
C ASP F 69 34.96 -17.67 -9.20
N ALA F 70 35.69 -18.32 -8.29
CA ALA F 70 36.04 -19.73 -8.36
C ALA F 70 34.95 -20.75 -8.00
N GLY F 71 34.12 -20.47 -7.01
CA GLY F 71 32.92 -21.27 -6.80
C GLY F 71 31.94 -21.19 -7.96
N GLN F 72 31.79 -19.99 -8.53
CA GLN F 72 31.02 -19.86 -9.76
C GLN F 72 31.64 -20.65 -10.90
N LYS F 73 32.93 -20.47 -11.17
CA LYS F 73 33.61 -21.32 -12.13
C LYS F 73 33.64 -22.76 -11.67
N ALA F 74 33.59 -23.01 -10.36
CA ALA F 74 33.37 -24.37 -9.89
C ALA F 74 31.99 -24.87 -10.30
N ILE F 75 30.98 -24.00 -10.19
CA ILE F 75 29.65 -24.32 -10.71
C ILE F 75 29.68 -24.47 -12.22
N GLU F 76 30.43 -23.60 -12.90
CA GLU F 76 30.48 -23.64 -14.36
C GLU F 76 31.09 -24.94 -14.87
N ASP F 77 32.20 -25.40 -14.29
CA ASP F 77 32.69 -26.74 -14.59
C ASP F 77 31.75 -27.81 -14.06
N ALA F 78 31.17 -27.60 -12.88
CA ALA F 78 30.18 -28.55 -12.39
C ALA F 78 29.09 -28.81 -13.43
N TYR F 79 28.46 -27.75 -13.95
CA TYR F 79 27.34 -27.94 -14.85
C TYR F 79 27.80 -28.16 -16.29
N GLN F 80 28.66 -27.28 -16.79
CA GLN F 80 28.96 -27.23 -18.22
C GLN F 80 29.84 -28.38 -18.66
N ASN F 81 30.88 -28.70 -17.89
CA ASN F 81 31.66 -29.91 -18.17
C ASN F 81 30.90 -31.16 -17.74
N GLY F 82 30.05 -31.04 -16.73
CA GLY F 82 29.25 -32.15 -16.25
C GLY F 82 30.00 -33.02 -15.26
N LYS F 83 30.09 -32.57 -14.02
CA LYS F 83 30.76 -33.26 -12.93
C LYS F 83 29.87 -33.12 -11.70
N GLN F 84 29.95 -34.09 -10.79
CA GLN F 84 29.36 -34.00 -9.46
C GLN F 84 30.32 -33.22 -8.57
N ILE F 85 29.77 -32.39 -7.68
CA ILE F 85 30.60 -31.61 -6.76
C ILE F 85 30.29 -32.01 -5.33
N LYS F 86 31.29 -31.86 -4.47
CA LYS F 86 31.13 -32.13 -3.05
C LYS F 86 30.58 -30.89 -2.36
N PHE F 87 29.61 -31.09 -1.49
CA PHE F 87 28.76 -30.05 -0.94
C PHE F 87 28.87 -30.01 0.58
N TRP F 88 29.24 -28.85 1.10
CA TRP F 88 29.44 -28.62 2.53
C TRP F 88 28.56 -27.45 2.95
N ARG F 89 27.85 -27.58 4.06
CA ARG F 89 27.10 -26.47 4.65
C ARG F 89 27.45 -26.41 6.13
N VAL F 90 28.02 -25.29 6.57
CA VAL F 90 28.52 -25.19 7.92
C VAL F 90 28.09 -23.87 8.51
N ASP F 91 28.11 -23.82 9.85
CA ASP F 91 27.74 -22.62 10.57
C ASP F 91 28.97 -21.80 10.90
N THR F 92 28.78 -20.48 10.91
CA THR F 92 29.85 -19.52 11.14
C THR F 92 30.22 -19.38 12.61
N VAL F 93 29.28 -19.66 13.52
CA VAL F 93 29.58 -19.62 14.94
C VAL F 93 30.49 -20.78 15.32
N LYS F 94 31.41 -20.52 16.24
CA LYS F 94 32.43 -21.48 16.61
C LYS F 94 31.82 -22.62 17.41
N ASN F 95 32.13 -23.86 17.02
CA ASN F 95 31.74 -25.02 17.80
C ASN F 95 32.68 -25.17 19.00
N GLU F 96 32.08 -25.48 20.15
CA GLU F 96 32.83 -25.60 21.39
C GLU F 96 33.60 -26.90 21.54
N ASN F 97 33.20 -27.95 20.82
CA ASN F 97 34.03 -29.14 20.75
C ASN F 97 34.38 -29.48 19.30
N ASP F 98 34.64 -28.46 18.49
CA ASP F 98 35.23 -28.65 17.18
C ASP F 98 35.54 -27.27 16.60
N LYS F 99 36.07 -27.25 15.37
CA LYS F 99 36.25 -26.00 14.65
C LYS F 99 34.91 -25.32 14.41
N TYR F 100 34.11 -25.91 13.54
CA TYR F 100 32.78 -25.43 13.18
C TYR F 100 31.85 -26.63 13.15
N ASP F 101 30.59 -26.39 12.78
CA ASP F 101 29.63 -27.47 12.67
C ASP F 101 29.06 -27.51 11.25
N ALA F 102 28.89 -28.72 10.75
CA ALA F 102 28.70 -28.92 9.32
C ALA F 102 27.63 -29.98 9.07
N GLN F 103 27.04 -29.90 7.90
CA GLN F 103 26.37 -31.03 7.26
C GLN F 103 26.94 -31.14 5.85
N PHE F 104 27.17 -32.37 5.41
CA PHE F 104 28.02 -32.65 4.25
C PHE F 104 27.32 -33.61 3.31
N GLY F 105 27.64 -33.50 2.02
CA GLY F 105 27.17 -34.50 1.09
C GLY F 105 27.89 -34.42 -0.24
N PHE F 106 27.73 -35.48 -1.03
CA PHE F 106 28.13 -35.48 -2.43
C PHE F 106 26.95 -34.98 -3.25
N ALA F 107 27.19 -34.01 -4.10
CA ALA F 107 26.13 -33.30 -4.79
C ALA F 107 26.33 -33.30 -6.30
N TYR F 108 25.24 -33.05 -7.01
CA TYR F 108 25.20 -33.13 -8.46
C TYR F 108 24.52 -31.87 -8.98
N ILE F 109 24.66 -31.61 -10.29
CA ILE F 109 24.05 -30.44 -10.90
C ILE F 109 22.73 -30.83 -11.54
N GLU F 110 21.63 -30.66 -10.81
CA GLU F 110 20.32 -30.97 -11.36
C GLU F 110 19.80 -29.93 -12.33
N SER F 111 19.94 -28.64 -12.04
CA SER F 111 19.57 -27.60 -12.98
C SER F 111 20.30 -26.32 -12.64
N ARG F 112 20.34 -25.41 -13.60
CA ARG F 112 20.94 -24.08 -13.44
C ARG F 112 20.06 -23.15 -14.26
N GLU F 113 19.74 -22.01 -13.67
CA GLU F 113 18.86 -21.01 -14.27
C GLU F 113 19.57 -19.66 -14.13
N TYR F 114 19.79 -18.98 -15.25
CA TYR F 114 20.38 -17.66 -15.22
C TYR F 114 19.39 -16.59 -15.64
N SER F 115 19.27 -15.57 -14.81
CA SER F 115 18.41 -14.44 -15.07
C SER F 115 19.24 -13.17 -15.18
N ASP F 116 19.14 -12.53 -16.34
CA ASP F 116 19.62 -11.18 -16.60
C ASP F 116 18.39 -10.30 -16.71
N GLY F 117 18.37 -9.22 -15.93
CA GLY F 117 17.30 -8.24 -16.01
C GLY F 117 17.85 -6.85 -16.22
N VAL F 118 17.00 -5.96 -16.74
CA VAL F 118 17.35 -4.56 -16.93
C VAL F 118 17.48 -3.84 -15.59
N GLU F 119 16.75 -4.30 -14.58
CA GLU F 119 16.97 -3.81 -13.22
C GLU F 119 17.89 -4.72 -12.42
N GLY F 120 18.65 -4.16 -11.49
CA GLY F 120 19.34 -4.97 -10.51
C GLY F 120 20.51 -5.64 -11.16
N ALA F 121 20.80 -6.89 -10.76
CA ALA F 121 21.95 -7.60 -11.30
C ALA F 121 21.62 -9.06 -11.52
N VAL F 122 22.38 -9.69 -12.43
CA VAL F 122 22.07 -11.03 -12.89
C VAL F 122 21.92 -11.98 -11.71
N GLU F 123 21.04 -12.97 -11.85
CA GLU F 123 20.77 -13.88 -10.74
C GLU F 123 20.91 -15.33 -11.20
N ILE F 124 21.64 -16.11 -10.43
CA ILE F 124 21.89 -17.50 -10.75
C ILE F 124 21.18 -18.38 -9.72
N SER F 125 20.36 -19.29 -10.20
CA SER F 125 19.79 -20.36 -9.39
C SER F 125 20.37 -21.68 -9.88
N ILE F 126 20.99 -22.42 -8.96
CA ILE F 126 21.53 -23.73 -9.29
C ILE F 126 20.90 -24.76 -8.37
N SER F 127 20.33 -25.80 -8.98
CA SER F 127 19.65 -26.87 -8.26
C SER F 127 20.50 -28.14 -8.31
N LEU F 128 20.42 -28.92 -7.23
CA LEU F 128 21.26 -30.09 -7.05
C LEU F 128 20.48 -31.18 -6.33
N GLN F 129 20.67 -32.41 -6.78
CA GLN F 129 20.22 -33.59 -6.04
C GLN F 129 21.37 -34.06 -5.19
N VAL F 130 21.08 -34.80 -4.13
CA VAL F 130 22.13 -35.39 -3.31
C VAL F 130 21.67 -36.78 -2.90
N ILE F 131 22.63 -37.62 -2.51
CA ILE F 131 22.33 -39.02 -2.23
C ILE F 131 22.43 -39.30 -0.74
N GLY F 132 22.16 -38.29 0.08
CA GLY F 132 22.18 -38.46 1.51
C GLY F 132 23.21 -37.56 2.16
N GLU F 133 22.78 -36.37 2.57
CA GLU F 133 23.64 -35.49 3.33
C GLU F 133 23.67 -35.89 4.80
N LEU F 134 24.87 -35.83 5.37
CA LEU F 134 25.09 -36.28 6.74
C LEU F 134 25.60 -35.10 7.55
N LYS F 135 25.26 -35.08 8.84
CA LYS F 135 25.64 -34.00 9.73
C LYS F 135 26.93 -34.37 10.45
N ASN F 136 27.82 -33.39 10.64
CA ASN F 136 29.06 -33.60 11.37
C ASN F 136 29.55 -32.27 11.91
N GLY F 137 30.84 -32.20 12.24
CA GLY F 137 31.44 -30.93 12.55
C GLY F 137 32.41 -30.50 11.46
N GLU F 138 32.49 -29.19 11.25
CA GLU F 138 33.28 -28.63 10.16
C GLU F 138 34.73 -28.48 10.63
N ILE F 139 35.65 -28.97 9.80
CA ILE F 139 37.06 -28.96 10.17
C ILE F 139 37.76 -27.75 9.56
N ASP F 140 37.58 -27.52 8.27
CA ASP F 140 38.28 -26.42 7.61
C ASP F 140 37.62 -25.09 7.94
N THR F 141 38.30 -24.30 8.78
CA THR F 141 37.85 -22.95 9.10
C THR F 141 37.76 -22.06 7.87
N LEU F 142 38.77 -22.11 6.98
CA LEU F 142 38.94 -21.25 5.81
C LEU F 142 38.70 -19.80 6.21
N PRO F 143 39.52 -19.25 7.13
CA PRO F 143 39.11 -18.06 7.90
C PRO F 143 39.06 -16.77 7.10
N GLU F 144 39.18 -16.90 5.79
CA GLU F 144 38.98 -15.80 4.86
C GLU F 144 37.52 -15.40 4.77
N GLU F 145 36.62 -16.39 4.68
CA GLU F 145 35.21 -16.12 4.45
C GLU F 145 34.30 -16.49 5.62
N ILE F 146 34.30 -17.75 6.05
CA ILE F 146 33.47 -18.20 7.16
C ILE F 146 33.84 -17.48 8.45
N VAL F 147 35.13 -17.40 8.75
CA VAL F 147 35.60 -16.81 10.00
C VAL F 147 35.45 -15.30 9.87
N ASN F 148 35.83 -14.75 8.71
CA ASN F 148 35.80 -13.31 8.50
C ASN F 148 34.73 -12.92 7.49
N VAL F 149 33.71 -12.18 7.93
CA VAL F 149 32.75 -11.61 6.99
C VAL F 149 32.60 -10.13 7.31
N SER F 150 33.22 -9.29 6.48
CA SER F 150 33.29 -7.86 6.78
C SER F 150 32.50 -7.02 5.78
N LYS F 151 32.19 -5.77 6.12
CA LYS F 151 31.53 -4.88 5.17
C LYS F 151 32.48 -4.24 4.16
N GLY F 152 33.80 -4.42 4.29
CA GLY F 152 34.76 -3.78 3.41
C GLY F 152 35.31 -2.50 3.99
N GLY F 153 34.93 -2.18 5.22
CA GLY F 153 35.34 -0.94 5.85
C GLY F 153 36.83 -0.95 6.19
N TYR F 154 37.47 0.17 5.90
CA TYR F 154 38.89 0.40 6.18
C TYR F 154 39.05 1.79 6.80
N ASP F 155 40.00 1.92 7.73
CA ASP F 155 39.98 3.01 8.71
C ASP F 155 40.15 4.41 8.14
N PHE F 156 41.13 4.61 7.25
CA PHE F 156 41.33 5.78 6.38
C PHE F 156 41.99 5.33 5.09
N GLN F 157 41.83 6.17 4.06
CA GLN F 157 42.76 6.26 2.94
C GLN F 157 42.86 7.75 2.59
N GLN F 158 43.68 8.51 3.33
CA GLN F 158 43.59 9.96 3.24
C GLN F 158 44.78 10.62 2.52
N PRO F 159 46.01 10.07 2.52
CA PRO F 159 47.03 10.65 1.64
C PRO F 159 46.85 10.32 0.17
N GLY F 160 45.72 9.73 -0.21
CA GLY F 160 45.59 9.23 -1.57
C GLY F 160 46.24 7.91 -1.92
N GLN F 161 45.54 6.78 -1.72
CA GLN F 161 46.11 5.51 -2.14
C GLN F 161 45.42 4.98 -3.39
N THR F 162 45.47 5.76 -4.48
CA THR F 162 44.95 5.42 -5.81
C THR F 162 43.73 4.50 -5.72
N THR F 163 42.60 5.06 -5.30
CA THR F 163 41.47 4.22 -4.94
C THR F 163 40.57 4.02 -6.15
N GLY F 164 39.57 3.15 -6.00
CA GLY F 164 38.53 2.97 -6.99
C GLY F 164 37.21 2.58 -6.38
N GLU F 165 36.32 1.98 -7.18
CA GLU F 165 35.00 1.60 -6.71
C GLU F 165 35.07 0.57 -5.60
N ALA F 166 36.17 -0.19 -5.55
CA ALA F 166 36.37 -1.25 -4.57
C ALA F 166 36.83 -0.65 -3.26
N PRO F 167 36.56 -1.30 -2.14
CA PRO F 167 36.48 -0.61 -0.86
C PRO F 167 37.86 -0.34 -0.25
N GLY F 168 38.86 -0.98 -0.83
CA GLY F 168 40.26 -0.63 -0.62
C GLY F 168 41.19 -0.78 -1.80
N THR F 169 41.44 0.29 -2.54
CA THR F 169 42.48 0.27 -3.55
C THR F 169 43.70 1.07 -3.07
N VAL F 170 44.86 0.62 -3.50
CA VAL F 170 46.14 1.26 -3.19
C VAL F 170 46.83 1.63 -4.50
N PRO F 171 47.92 2.44 -4.48
CA PRO F 171 48.59 2.79 -5.74
C PRO F 171 49.36 1.63 -6.31
N ALA F 172 49.05 1.27 -7.55
CA ALA F 172 49.54 0.07 -8.24
C ALA F 172 49.22 -1.21 -7.48
N PRO G 1 3.53 16.26 39.86
CA PRO G 1 3.64 14.86 39.41
C PRO G 1 5.12 14.71 39.10
N ILE G 2 5.45 13.95 38.06
CA ILE G 2 6.82 13.74 37.63
C ILE G 2 7.18 14.86 36.67
N MET G 3 8.34 15.47 36.88
CA MET G 3 8.80 16.59 36.08
C MET G 3 9.62 16.12 34.89
N GLY G 4 9.80 17.03 33.92
CA GLY G 4 10.64 16.75 32.76
C GLY G 4 12.07 16.39 33.11
N GLN G 5 12.62 16.95 34.17
CA GLN G 5 13.92 16.57 34.69
C GLN G 5 13.85 15.31 35.54
N ASP G 6 12.73 15.07 36.21
CA ASP G 6 12.61 13.99 37.18
C ASP G 6 13.00 12.62 36.63
N VAL G 7 12.57 12.26 35.43
CA VAL G 7 12.86 10.95 34.86
C VAL G 7 14.18 11.06 34.10
N LYS G 8 15.20 10.34 34.57
CA LYS G 8 16.48 10.32 33.86
C LYS G 8 16.89 8.89 33.56
N TYR G 9 17.58 8.74 32.43
CA TYR G 9 17.79 7.44 31.78
C TYR G 9 19.28 7.10 31.85
N LEU G 10 19.59 5.94 32.40
CA LEU G 10 20.96 5.44 32.41
C LEU G 10 21.05 4.11 31.67
N PHE G 11 22.20 3.84 31.08
CA PHE G 11 22.45 2.57 30.41
C PHE G 11 23.71 1.93 30.96
N GLN G 12 23.73 0.60 30.95
CA GLN G 12 24.95 -0.12 31.27
C GLN G 12 25.19 -1.18 30.21
N SER G 13 26.43 -1.22 29.70
CA SER G 13 26.80 -2.19 28.68
C SER G 13 26.96 -3.58 29.29
N ILE G 14 26.45 -4.58 28.56
CA ILE G 14 26.53 -5.96 29.03
C ILE G 14 27.97 -6.42 29.19
N ASP G 15 28.88 -5.96 28.33
CA ASP G 15 30.24 -6.47 28.28
C ASP G 15 31.16 -5.80 29.31
N ALA G 16 30.76 -4.66 29.86
CA ALA G 16 31.66 -3.93 30.76
C ALA G 16 31.86 -4.70 32.06
N ALA G 17 30.77 -5.10 32.71
CA ALA G 17 30.76 -5.73 34.05
C ALA G 17 31.38 -4.83 35.10
N THR G 18 30.90 -3.58 35.17
CA THR G 18 31.38 -2.59 36.12
C THR G 18 30.36 -2.42 37.23
N GLY G 19 30.75 -1.72 38.29
CA GLY G 19 29.88 -1.52 39.42
C GLY G 19 29.08 -0.23 39.36
N SER G 20 28.64 0.14 38.15
CA SER G 20 27.91 1.39 37.97
C SER G 20 27.61 1.67 36.51
N ALA G 21 26.39 2.17 36.23
CA ALA G 21 25.82 2.40 34.90
C ALA G 21 25.96 3.85 34.46
N PRO G 22 26.72 4.15 33.38
CA PRO G 22 26.82 5.54 32.93
C PRO G 22 25.56 6.03 32.25
N LEU G 23 25.29 7.33 32.36
CA LEU G 23 24.26 7.95 31.56
C LEU G 23 24.82 9.20 30.90
N PHE G 24 24.20 9.60 29.81
CA PHE G 24 24.90 10.60 29.03
C PHE G 24 24.31 11.98 29.29
N PRO G 25 25.14 13.03 29.32
CA PRO G 25 24.60 14.38 29.56
C PRO G 25 23.95 14.98 28.31
N ALA G 26 23.36 16.15 28.52
CA ALA G 26 22.68 16.95 27.49
C ALA G 26 21.58 16.14 26.79
N TYR G 27 20.58 15.75 27.57
CA TYR G 27 19.40 15.10 27.02
C TYR G 27 18.50 16.10 26.31
N GLN G 28 17.84 15.63 25.26
CA GLN G 28 16.92 16.42 24.47
C GLN G 28 15.54 15.90 24.86
N THR G 29 15.24 14.63 24.57
CA THR G 29 13.94 14.08 24.88
C THR G 29 13.90 12.57 24.59
N ASP G 30 12.94 11.92 25.23
CA ASP G 30 12.92 10.48 25.37
C ASP G 30 11.49 10.01 25.17
N GLY G 31 11.29 9.25 24.12
CA GLY G 31 10.03 8.56 23.93
C GLY G 31 10.18 7.08 24.06
N SER G 32 9.53 6.51 25.07
CA SER G 32 9.46 5.07 25.25
C SER G 32 8.04 4.69 24.86
N VAL G 33 7.93 3.80 23.88
CA VAL G 33 6.65 3.45 23.30
C VAL G 33 6.45 1.94 23.45
N SER G 34 5.28 1.56 23.93
CA SER G 34 5.00 0.21 24.42
C SER G 34 3.63 -0.22 23.88
N GLY G 35 3.64 -1.12 22.92
CA GLY G 35 2.40 -1.57 22.31
C GLY G 35 1.97 -2.94 22.76
N GLU G 36 0.76 -3.06 23.29
CA GLU G 36 0.22 -4.32 23.78
C GLU G 36 -0.79 -4.83 22.76
N ARG G 37 -0.35 -5.75 21.91
CA ARG G 37 -1.17 -6.23 20.80
C ARG G 37 -2.40 -6.94 21.34
N GLU G 38 -3.48 -6.91 20.56
CA GLU G 38 -4.80 -7.30 21.02
C GLU G 38 -5.41 -8.28 20.01
N LEU G 39 -6.57 -8.81 20.36
CA LEU G 39 -7.28 -9.78 19.55
C LEU G 39 -7.82 -9.12 18.28
N PHE G 40 -7.66 -9.81 17.16
CA PHE G 40 -8.27 -9.40 15.90
C PHE G 40 -9.72 -9.88 15.81
N ASP G 41 -10.60 -8.99 15.36
CA ASP G 41 -11.85 -9.36 14.72
C ASP G 41 -12.81 -9.87 15.80
N GLU G 42 -13.84 -9.09 16.09
CA GLU G 42 -14.87 -9.50 17.03
C GLU G 42 -15.71 -10.67 16.54
N GLN G 43 -15.97 -10.71 15.22
CA GLN G 43 -16.89 -11.66 14.56
C GLN G 43 -18.35 -11.34 14.88
N THR G 44 -18.61 -10.10 15.31
CA THR G 44 -19.85 -9.67 15.98
C THR G 44 -20.32 -10.70 17.00
N LYS G 45 -19.44 -11.03 17.94
CA LYS G 45 -19.71 -12.03 18.96
C LYS G 45 -19.91 -11.38 20.32
N ASN G 46 -19.28 -11.92 21.36
CA ASN G 46 -19.36 -11.34 22.70
C ASN G 46 -18.12 -10.54 23.07
N GLY G 47 -17.30 -10.16 22.09
CA GLY G 47 -16.09 -9.40 22.35
C GLY G 47 -14.86 -10.25 22.15
N ARG G 48 -14.45 -10.38 20.89
CA ARG G 48 -13.28 -11.18 20.55
C ARG G 48 -12.18 -10.23 20.11
N ILE G 49 -12.25 -8.99 20.59
CA ILE G 49 -11.26 -7.97 20.28
C ILE G 49 -10.66 -7.43 21.57
N LEU G 50 -11.10 -7.96 22.71
CA LEU G 50 -10.55 -7.58 24.01
C LEU G 50 -9.62 -8.64 24.58
N GLY G 51 -8.85 -9.32 23.71
CA GLY G 51 -8.09 -10.48 24.08
C GLY G 51 -6.61 -10.23 24.25
N PRO G 52 -5.93 -11.08 25.00
CA PRO G 52 -4.51 -10.85 25.28
C PRO G 52 -3.59 -11.23 24.14
N GLY G 53 -2.59 -10.38 23.92
CA GLY G 53 -1.62 -10.59 22.86
C GLY G 53 -0.24 -10.22 23.34
N SER G 54 0.73 -10.34 22.44
CA SER G 54 2.10 -10.01 22.78
C SER G 54 2.27 -8.50 22.90
N VAL G 55 3.40 -8.09 23.46
CA VAL G 55 3.70 -6.69 23.70
C VAL G 55 4.93 -6.29 22.88
N ALA G 56 4.81 -5.19 22.15
CA ALA G 56 5.92 -4.62 21.39
C ALA G 56 6.51 -3.50 22.24
N ASP G 57 7.82 -3.52 22.41
CA ASP G 57 8.49 -2.62 23.33
C ASP G 57 9.67 -1.98 22.62
N SER G 58 9.55 -0.69 22.36
CA SER G 58 10.54 0.10 21.65
C SER G 58 10.69 1.46 22.30
N GLY G 59 11.91 1.99 22.22
CA GLY G 59 12.20 3.31 22.73
C GLY G 59 13.12 4.08 21.83
N GLU G 60 13.01 5.40 21.85
CA GLU G 60 13.93 6.28 21.11
C GLU G 60 14.49 7.28 22.10
N VAL G 61 15.75 7.64 21.92
CA VAL G 61 16.44 8.56 22.81
C VAL G 61 17.11 9.64 21.97
N THR G 62 16.76 10.90 22.24
CA THR G 62 17.44 11.99 21.56
C THR G 62 18.34 12.72 22.54
N TYR G 63 19.46 13.24 22.02
CA TYR G 63 20.37 14.04 22.83
C TYR G 63 21.39 14.72 21.92
N TYR G 64 22.14 15.67 22.46
CA TYR G 64 23.23 16.35 21.77
C TYR G 64 24.54 15.71 22.18
N GLY G 65 25.25 15.14 21.21
CA GLY G 65 26.48 14.42 21.51
C GLY G 65 27.64 15.30 21.90
N LYS G 66 28.37 14.90 22.92
CA LYS G 66 29.59 15.60 23.32
C LYS G 66 30.80 14.94 22.63
N ARG G 67 31.86 15.73 22.44
CA ARG G 67 33.01 15.28 21.67
C ARG G 67 33.60 13.97 22.15
N GLY G 68 33.60 13.71 23.46
CA GLY G 68 34.08 12.46 24.01
C GLY G 68 33.61 12.30 25.44
N ASP G 69 32.49 11.58 25.58
CA ASP G 69 31.95 11.10 26.86
C ASP G 69 31.36 9.69 26.72
N ALA G 70 31.27 9.02 27.86
CA ALA G 70 31.23 7.56 27.98
C ALA G 70 29.92 6.85 27.62
N GLY G 71 28.76 7.44 27.96
CA GLY G 71 27.51 6.95 27.42
C GLY G 71 27.41 7.09 25.92
N GLN G 72 27.90 8.22 25.38
CA GLN G 72 28.02 8.35 23.93
C GLN G 72 28.96 7.30 23.35
N LYS G 73 30.18 7.18 23.87
CA LYS G 73 31.03 6.07 23.46
C LYS G 73 30.42 4.73 23.82
N ALA G 74 29.59 4.66 24.86
CA ALA G 74 28.80 3.47 25.09
C ALA G 74 27.83 3.23 23.95
N ILE G 75 27.19 4.30 23.47
CA ILE G 75 26.34 4.21 22.28
C ILE G 75 27.20 3.87 21.06
N GLU G 76 28.38 4.47 20.95
CA GLU G 76 29.23 4.22 19.78
C GLU G 76 29.68 2.77 19.69
N ASP G 77 30.10 2.16 20.80
CA ASP G 77 30.32 0.72 20.80
C ASP G 77 29.01 -0.05 20.67
N ALA G 78 27.94 0.44 21.30
CA ALA G 78 26.65 -0.20 21.11
C ALA G 78 26.31 -0.35 19.64
N TYR G 79 26.36 0.75 18.88
CA TYR G 79 25.95 0.70 17.48
C TYR G 79 27.06 0.19 16.56
N GLN G 80 28.24 0.79 16.67
CA GLN G 80 29.29 0.60 15.67
C GLN G 80 29.94 -0.77 15.79
N ASN G 81 30.24 -1.21 17.02
CA ASN G 81 30.71 -2.58 17.21
C ASN G 81 29.56 -3.58 17.10
N GLY G 82 28.35 -3.13 17.44
CA GLY G 82 27.18 -3.97 17.35
C GLY G 82 26.98 -4.86 18.57
N LYS G 83 26.47 -4.27 19.63
CA LYS G 83 26.22 -4.95 20.90
C LYS G 83 24.85 -4.46 21.40
N GLN G 84 24.17 -5.31 22.17
CA GLN G 84 22.98 -4.91 22.92
C GLN G 84 23.43 -4.26 24.21
N ILE G 85 22.70 -3.23 24.64
CA ILE G 85 23.04 -2.54 25.89
C ILE G 85 21.89 -2.67 26.87
N LYS G 86 22.23 -2.64 28.15
CA LYS G 86 21.23 -2.68 29.22
C LYS G 86 20.74 -1.28 29.49
N PHE G 87 19.43 -1.15 29.64
CA PHE G 87 18.71 0.13 29.62
C PHE G 87 17.96 0.32 30.94
N TRP G 88 18.24 1.44 31.60
CA TRP G 88 17.66 1.80 32.88
C TRP G 88 17.03 3.18 32.75
N ARG G 89 15.81 3.34 33.25
CA ARG G 89 15.17 4.67 33.32
C ARG G 89 14.62 4.84 34.74
N VAL G 90 15.12 5.84 35.43
CA VAL G 90 14.78 6.00 36.84
C VAL G 90 14.44 7.46 37.11
N ASP G 91 13.72 7.66 38.20
CA ASP G 91 13.32 9.00 38.62
C ASP G 91 14.32 9.57 39.61
N THR G 92 14.48 10.89 39.54
CA THR G 92 15.45 11.62 40.36
C THR G 92 14.94 11.86 41.78
N VAL G 93 13.63 11.90 41.97
CA VAL G 93 13.07 12.06 43.32
C VAL G 93 13.30 10.79 44.12
N LYS G 94 13.57 10.95 45.41
CA LYS G 94 13.91 9.85 46.28
C LYS G 94 12.69 8.98 46.54
N ASN G 95 12.85 7.67 46.39
CA ASN G 95 11.81 6.73 46.77
C ASN G 95 11.83 6.52 48.29
N GLU G 96 10.63 6.51 48.88
CA GLU G 96 10.51 6.40 50.32
C GLU G 96 10.70 4.98 50.85
N ASN G 97 10.51 3.95 50.02
CA ASN G 97 10.91 2.62 50.41
C ASN G 97 11.91 2.03 49.42
N ASP G 98 12.83 2.86 48.93
CA ASP G 98 13.99 2.38 48.19
C ASP G 98 14.91 3.56 47.92
N LYS G 99 16.02 3.32 47.22
CA LYS G 99 16.88 4.39 46.77
C LYS G 99 16.14 5.31 45.81
N TYR G 100 15.84 4.80 44.63
CA TYR G 100 15.12 5.51 43.60
C TYR G 100 14.10 4.56 43.00
N ASP G 101 13.38 5.01 41.98
CA ASP G 101 12.40 4.16 41.30
C ASP G 101 12.75 4.08 39.83
N ALA G 102 12.59 2.87 39.28
CA ALA G 102 13.19 2.54 38.00
C ALA G 102 12.23 1.72 37.17
N GLN G 103 12.43 1.78 35.86
CA GLN G 103 11.98 0.74 34.93
C GLN G 103 13.19 0.34 34.11
N PHE G 104 13.32 -0.97 33.85
CA PHE G 104 14.56 -1.57 33.39
C PHE G 104 14.30 -2.46 32.19
N GLY G 105 15.29 -2.59 31.32
CA GLY G 105 15.20 -3.58 30.26
C GLY G 105 16.53 -3.82 29.60
N PHE G 106 16.59 -4.92 28.84
CA PHE G 106 17.69 -5.19 27.93
C PHE G 106 17.34 -4.55 26.59
N ALA G 107 18.26 -3.77 26.05
CA ALA G 107 17.98 -2.93 24.89
C ALA G 107 18.99 -3.18 23.78
N TYR G 108 18.59 -2.78 22.57
CA TYR G 108 19.36 -3.03 21.36
C TYR G 108 19.43 -1.74 20.57
N ILE G 109 20.35 -1.68 19.60
CA ILE G 109 20.50 -0.49 18.77
C ILE G 109 19.72 -0.67 17.47
N GLU G 110 18.49 -0.17 17.44
CA GLU G 110 17.68 -0.25 16.23
C GLU G 110 18.09 0.74 15.16
N SER G 111 18.36 2.00 15.50
CA SER G 111 18.86 2.96 14.54
C SER G 111 19.57 4.08 15.28
N ARG G 112 20.36 4.84 14.53
CA ARG G 112 21.08 6.00 15.03
C ARG G 112 21.08 7.00 13.87
N GLU G 113 20.79 8.25 14.20
CA GLU G 113 20.69 9.33 13.24
C GLU G 113 21.50 10.49 13.79
N TYR G 114 22.47 10.97 13.01
CA TYR G 114 23.27 12.11 13.41
C TYR G 114 22.98 13.31 12.51
N SER G 115 22.69 14.43 13.14
CA SER G 115 22.44 15.68 12.46
C SER G 115 23.47 16.71 12.87
N ASP G 116 24.21 17.20 11.88
CA ASP G 116 25.08 18.36 11.99
C ASP G 116 24.39 19.48 11.21
N GLY G 117 24.21 20.63 11.86
CA GLY G 117 23.66 21.80 11.19
C GLY G 117 24.57 23.01 11.38
N VAL G 118 24.41 23.97 10.48
CA VAL G 118 25.15 25.24 10.56
C VAL G 118 24.68 26.08 11.73
N GLU G 119 23.42 25.92 12.14
CA GLU G 119 22.96 26.51 13.38
C GLU G 119 23.00 25.54 14.54
N GLY G 120 23.22 26.03 15.76
CA GLY G 120 23.00 25.23 16.94
C GLY G 120 24.13 24.23 17.07
N ALA G 121 23.82 23.02 17.53
CA ALA G 121 24.84 22.01 17.74
C ALA G 121 24.33 20.62 17.34
N VAL G 122 25.28 19.74 17.01
CA VAL G 122 24.95 18.45 16.43
C VAL G 122 23.94 17.73 17.29
N GLU G 123 23.08 16.94 16.64
CA GLU G 123 22.01 16.26 17.38
C GLU G 123 22.01 14.77 17.04
N ILE G 124 21.96 13.95 18.08
CA ILE G 124 21.98 12.50 17.92
C ILE G 124 20.63 11.96 18.35
N SER G 125 20.02 11.18 17.46
CA SER G 125 18.85 10.38 17.77
C SER G 125 19.24 8.91 17.68
N ILE G 126 19.03 8.17 18.76
CA ILE G 126 19.31 6.74 18.78
C ILE G 126 18.04 6.01 19.14
N SER G 127 17.66 5.05 18.30
CA SER G 127 16.45 4.26 18.48
C SER G 127 16.82 2.84 18.89
N LEU G 128 15.96 2.23 19.70
CA LEU G 128 16.23 0.95 20.31
C LEU G 128 14.94 0.16 20.43
N GLN G 129 15.03 -1.14 20.14
CA GLN G 129 13.96 -2.08 20.46
C GLN G 129 14.28 -2.69 21.81
N VAL G 130 13.26 -3.20 22.49
CA VAL G 130 13.47 -3.90 23.75
C VAL G 130 12.53 -5.10 23.79
N ILE G 131 12.86 -6.06 24.64
CA ILE G 131 12.11 -7.32 24.67
C ILE G 131 11.28 -7.41 25.94
N GLY G 132 10.86 -6.27 26.47
CA GLY G 132 10.03 -6.26 27.66
C GLY G 132 10.69 -5.53 28.80
N GLU G 133 10.42 -4.23 28.92
CA GLU G 133 10.91 -3.47 30.05
C GLU G 133 10.01 -3.68 31.26
N LEU G 134 10.65 -3.80 32.42
CA LEU G 134 9.94 -4.12 33.65
C LEU G 134 10.19 -2.99 34.64
N LYS G 135 9.20 -2.73 35.49
CA LYS G 135 9.27 -1.65 36.46
C LYS G 135 9.79 -2.20 37.79
N ASN G 136 10.63 -1.43 38.47
CA ASN G 136 11.15 -1.81 39.78
C ASN G 136 11.57 -0.56 40.53
N GLY G 137 12.41 -0.73 41.54
CA GLY G 137 13.04 0.41 42.18
C GLY G 137 14.52 0.47 41.84
N GLU G 138 15.02 1.70 41.76
CA GLU G 138 16.40 1.93 41.34
C GLU G 138 17.31 1.81 42.55
N ILE G 139 18.38 1.03 42.39
CA ILE G 139 19.29 0.77 43.51
C ILE G 139 20.49 1.72 43.45
N ASP G 140 21.13 1.82 42.29
CA ASP G 140 22.33 2.64 42.18
C ASP G 140 21.96 4.12 42.10
N THR G 141 22.23 4.84 43.19
CA THR G 141 22.04 6.28 43.22
C THR G 141 22.88 7.00 42.18
N LEU G 142 24.16 6.62 42.03
CA LEU G 142 25.17 7.27 41.20
C LEU G 142 25.12 8.77 41.42
N PRO G 143 25.39 9.24 42.66
CA PRO G 143 24.94 10.58 43.08
C PRO G 143 25.67 11.74 42.42
N GLU G 144 26.46 11.43 41.41
CA GLU G 144 27.11 12.41 40.56
C GLU G 144 26.11 13.10 39.65
N GLU G 145 25.19 12.35 39.04
CA GLU G 145 24.28 12.87 38.05
C GLU G 145 22.83 12.87 38.48
N ILE G 146 22.26 11.71 38.80
CA ILE G 146 20.87 11.59 39.22
C ILE G 146 20.62 12.37 40.51
N VAL G 147 21.49 12.20 41.50
CA VAL G 147 21.31 12.83 42.80
C VAL G 147 21.63 14.31 42.65
N ASN G 148 22.73 14.60 41.93
CA ASN G 148 23.20 15.97 41.77
C ASN G 148 23.01 16.46 40.33
N VAL G 149 22.15 17.46 40.12
CA VAL G 149 22.07 18.10 38.81
C VAL G 149 22.14 19.61 39.02
N SER G 150 23.30 20.19 38.72
CA SER G 150 23.55 21.58 39.03
C SER G 150 23.71 22.45 37.79
N LYS G 151 23.59 23.76 37.91
CA LYS G 151 23.82 24.63 36.77
C LYS G 151 25.30 24.93 36.51
N GLY G 152 26.22 24.47 37.37
CA GLY G 152 27.63 24.77 37.22
C GLY G 152 28.08 25.97 38.03
N GLY G 153 27.16 26.53 38.82
CA GLY G 153 27.43 27.71 39.62
C GLY G 153 28.42 27.41 40.74
N TYR G 154 29.37 28.33 40.91
CA TYR G 154 30.38 28.27 41.96
C TYR G 154 30.51 29.66 42.58
N ASP G 155 30.78 29.69 43.90
CA ASP G 155 30.48 30.88 44.71
C ASP G 155 31.30 32.12 44.36
N PHE G 156 32.62 31.98 44.21
CA PHE G 156 33.56 32.96 43.65
C PHE G 156 34.70 32.22 42.96
N GLN G 157 35.36 32.93 42.04
CA GLN G 157 36.75 32.68 41.66
C GLN G 157 37.39 34.05 41.46
N GLN G 158 37.81 34.70 42.55
CA GLN G 158 38.17 36.12 42.47
C GLN G 158 39.67 36.39 42.57
N PRO G 159 40.49 35.59 43.27
CA PRO G 159 41.94 35.83 43.16
C PRO G 159 42.55 35.35 41.84
N GLY G 160 41.72 34.98 40.86
CA GLY G 160 42.25 34.36 39.67
C GLY G 160 42.63 32.89 39.73
N GLN G 161 41.68 31.98 39.46
CA GLN G 161 42.05 30.56 39.43
C GLN G 161 42.07 30.04 37.99
N THR G 162 42.91 30.65 37.15
CA THR G 162 43.16 30.27 35.74
C THR G 162 41.92 29.65 35.10
N THR G 163 40.94 30.49 34.80
CA THR G 163 39.63 29.98 34.44
C THR G 163 39.54 29.83 32.92
N GLY G 164 38.46 29.22 32.45
CA GLY G 164 38.15 29.16 31.04
C GLY G 164 36.66 29.14 30.77
N GLU G 165 36.28 28.66 29.59
CA GLU G 165 34.87 28.64 29.20
C GLU G 165 34.03 27.76 30.13
N ALA G 166 34.69 26.79 30.78
CA ALA G 166 34.02 25.84 31.67
C ALA G 166 33.80 26.50 33.02
N PRO G 167 32.80 26.07 33.78
CA PRO G 167 32.19 26.92 34.79
C PRO G 167 33.00 26.96 36.08
N GLY G 168 33.96 26.04 36.17
CA GLY G 168 35.03 26.11 37.15
C GLY G 168 36.39 25.60 36.73
N THR G 169 37.27 26.49 36.29
CA THR G 169 38.66 26.12 36.06
C THR G 169 39.53 26.68 37.17
N VAL G 170 40.60 25.93 37.48
CA VAL G 170 41.58 26.31 38.49
C VAL G 170 42.95 26.36 37.83
N PRO G 171 43.99 26.90 38.48
CA PRO G 171 45.32 26.94 37.85
C PRO G 171 45.96 25.57 37.81
N ALA G 172 46.32 25.13 36.60
CA ALA G 172 46.79 23.78 36.28
C ALA G 172 45.79 22.71 36.69
N PRO H 1 -23.56 23.73 27.33
CA PRO H 1 -23.65 22.30 27.03
C PRO H 1 -22.71 21.65 28.04
N ILE H 2 -22.02 20.60 27.63
CA ILE H 2 -21.06 19.90 28.48
C ILE H 2 -19.72 20.60 28.34
N MET H 3 -19.08 20.87 29.48
CA MET H 3 -17.81 21.59 29.51
C MET H 3 -16.64 20.62 29.46
N GLY H 4 -15.46 21.17 29.15
CA GLY H 4 -14.23 20.39 29.15
C GLY H 4 -13.92 19.72 30.46
N GLN H 5 -14.27 20.35 31.59
CA GLN H 5 -14.17 19.75 32.90
C GLN H 5 -15.33 18.79 33.19
N ASP H 6 -16.51 19.07 32.63
CA ASP H 6 -17.71 18.33 32.97
C ASP H 6 -17.59 16.82 32.83
N VAL H 7 -16.99 16.32 31.75
CA VAL H 7 -16.86 14.88 31.53
C VAL H 7 -15.58 14.41 32.18
N LYS H 8 -15.69 13.57 33.20
CA LYS H 8 -14.50 13.01 33.85
C LYS H 8 -14.57 11.48 33.85
N TYR H 9 -13.40 10.87 33.75
CA TYR H 9 -13.26 9.45 33.42
C TYR H 9 -12.69 8.72 34.63
N LEU H 10 -13.39 7.68 35.07
CA LEU H 10 -12.88 6.84 36.15
C LEU H 10 -12.75 5.40 35.65
N PHE H 11 -11.80 4.67 36.22
CA PHE H 11 -11.61 3.26 35.91
C PHE H 11 -11.65 2.44 37.18
N GLN H 12 -12.12 1.20 37.05
CA GLN H 12 -12.01 0.24 38.14
C GLN H 12 -11.44 -1.06 37.62
N SER H 13 -10.44 -1.58 38.33
CA SER H 13 -9.81 -2.83 37.95
C SER H 13 -10.70 -4.02 38.28
N ILE H 14 -10.74 -4.97 37.34
CA ILE H 14 -11.58 -6.16 37.53
C ILE H 14 -11.14 -6.97 38.74
N ASP H 15 -9.85 -7.01 39.04
CA ASP H 15 -9.32 -7.89 40.07
C ASP H 15 -9.43 -7.29 41.46
N ALA H 16 -9.64 -5.99 41.59
CA ALA H 16 -9.64 -5.36 42.90
C ALA H 16 -10.83 -5.82 43.74
N ALA H 17 -12.04 -5.72 43.17
CA ALA H 17 -13.32 -5.96 43.84
C ALA H 17 -13.52 -5.06 45.06
N THR H 18 -13.36 -3.75 44.83
CA THR H 18 -13.50 -2.74 45.88
C THR H 18 -14.82 -2.02 45.70
N GLY H 19 -15.21 -1.23 46.69
CA GLY H 19 -16.47 -0.51 46.65
C GLY H 19 -16.34 0.89 46.09
N SER H 20 -15.47 1.07 45.10
CA SER H 20 -15.25 2.40 44.53
C SER H 20 -14.15 2.39 43.47
N ALA H 21 -14.36 3.14 42.39
CA ALA H 21 -13.51 3.20 41.19
C ALA H 21 -12.57 4.41 41.21
N PRO H 22 -11.24 4.20 41.25
CA PRO H 22 -10.33 5.34 41.23
C PRO H 22 -10.25 6.00 39.87
N LEU H 23 -10.01 7.31 39.85
CA LEU H 23 -9.66 7.99 38.61
C LEU H 23 -8.41 8.82 38.83
N PHE H 24 -7.72 9.11 37.76
CA PHE H 24 -6.39 9.64 37.98
C PHE H 24 -6.38 11.15 37.81
N PRO H 25 -5.61 11.90 38.60
CA PRO H 25 -5.58 13.35 38.44
C PRO H 25 -4.71 13.80 37.28
N ALA H 26 -4.74 15.10 37.03
CA ALA H 26 -3.99 15.80 35.98
C ALA H 26 -4.28 15.20 34.60
N TYR H 27 -5.54 15.32 34.19
CA TYR H 27 -5.93 14.92 32.84
C TYR H 27 -5.46 15.95 31.81
N GLN H 28 -5.14 15.45 30.63
CA GLN H 28 -4.69 16.25 29.52
C GLN H 28 -5.87 16.27 28.55
N THR H 29 -6.25 15.11 28.01
CA THR H 29 -7.35 15.05 27.07
C THR H 29 -7.69 13.60 26.71
N ASP H 30 -8.91 13.44 26.22
CA ASP H 30 -9.55 12.14 26.12
C ASP H 30 -10.28 12.07 24.80
N GLY H 31 -9.83 11.17 23.95
CA GLY H 31 -10.56 10.86 22.74
C GLY H 31 -11.13 9.47 22.78
N SER H 32 -12.45 9.37 22.76
CA SER H 32 -13.15 8.10 22.65
C SER H 32 -13.70 8.07 21.23
N VAL H 33 -13.29 7.05 20.49
CA VAL H 33 -13.61 6.96 19.07
C VAL H 33 -14.38 5.65 18.83
N SER H 34 -15.48 5.76 18.11
CA SER H 34 -16.49 4.71 18.01
C SER H 34 -16.91 4.59 16.54
N GLY H 35 -16.47 3.51 15.90
CA GLY H 35 -16.78 3.31 14.50
C GLY H 35 -17.85 2.28 14.26
N GLU H 36 -18.91 2.64 13.56
CA GLU H 36 -20.03 1.75 13.26
C GLU H 36 -19.91 1.32 11.81
N ARG H 37 -19.35 0.14 11.58
CA ARG H 37 -19.07 -0.32 10.23
C ARG H 37 -20.37 -0.50 9.45
N GLU H 38 -20.28 -0.33 8.13
CA GLU H 38 -21.45 -0.21 7.27
C GLU H 38 -21.31 -1.18 6.10
N LEU H 39 -22.36 -1.26 5.30
CA LEU H 39 -22.42 -2.15 4.15
C LEU H 39 -21.47 -1.67 3.07
N PHE H 40 -20.75 -2.62 2.47
CA PHE H 40 -19.92 -2.38 1.31
C PHE H 40 -20.75 -2.42 0.03
N ASP H 41 -20.51 -1.46 -0.85
CA ASP H 41 -20.77 -1.58 -2.28
C ASP H 41 -22.28 -1.52 -2.50
N GLU H 42 -22.75 -0.42 -3.09
CA GLU H 42 -24.15 -0.27 -3.43
C GLU H 42 -24.60 -1.23 -4.53
N GLN H 43 -23.72 -1.51 -5.49
CA GLN H 43 -23.99 -2.28 -6.72
C GLN H 43 -24.87 -1.48 -7.70
N THR H 44 -24.89 -0.15 -7.53
CA THR H 44 -25.88 0.77 -8.11
C THR H 44 -27.29 0.20 -8.03
N LYS H 45 -27.71 -0.13 -6.81
CA LYS H 45 -29.01 -0.74 -6.56
C LYS H 45 -29.94 0.25 -5.88
N ASN H 46 -30.64 -0.18 -4.83
CA ASN H 46 -31.52 0.69 -4.07
C ASN H 46 -30.89 1.17 -2.76
N GLY H 47 -29.59 1.04 -2.61
CA GLY H 47 -28.91 1.45 -1.39
C GLY H 47 -28.44 0.26 -0.59
N ARG H 48 -27.29 -0.28 -0.99
CA ARG H 48 -26.73 -1.45 -0.32
C ARG H 48 -25.48 -0.99 0.42
N ILE H 49 -25.45 0.29 0.77
CA ILE H 49 -24.34 0.87 1.52
C ILE H 49 -24.86 1.52 2.81
N LEU H 50 -26.17 1.43 3.03
CA LEU H 50 -26.77 1.93 4.26
C LEU H 50 -27.14 0.81 5.22
N GLY H 51 -26.33 -0.24 5.28
CA GLY H 51 -26.66 -1.46 6.00
C GLY H 51 -25.95 -1.61 7.32
N PRO H 52 -26.51 -2.43 8.21
CA PRO H 52 -25.95 -2.55 9.56
C PRO H 52 -24.72 -3.44 9.62
N GLY H 53 -23.74 -3.01 10.40
CA GLY H 53 -22.49 -3.73 10.55
C GLY H 53 -22.05 -3.67 12.00
N SER H 54 -20.91 -4.30 12.27
CA SER H 54 -20.36 -4.30 13.61
C SER H 54 -19.82 -2.93 13.98
N VAL H 55 -19.55 -2.74 15.27
CA VAL H 55 -19.08 -1.47 15.79
C VAL H 55 -17.68 -1.66 16.39
N ALA H 56 -16.76 -0.79 15.98
CA ALA H 56 -15.41 -0.76 16.53
C ALA H 56 -15.36 0.31 17.60
N ASP H 57 -14.86 -0.05 18.77
CA ASP H 57 -14.92 0.81 19.94
C ASP H 57 -13.52 0.89 20.56
N SER H 58 -12.92 2.06 20.45
CA SER H 58 -11.58 2.33 20.94
C SER H 58 -11.53 3.70 21.60
N GLY H 59 -10.66 3.81 22.59
CA GLY H 59 -10.44 5.07 23.25
C GLY H 59 -8.99 5.30 23.59
N GLU H 60 -8.58 6.56 23.65
CA GLU H 60 -7.23 6.92 24.07
C GLU H 60 -7.35 7.93 25.20
N VAL H 61 -6.45 7.85 26.16
CA VAL H 61 -6.48 8.72 27.34
C VAL H 61 -5.09 9.32 27.51
N THR H 62 -5.01 10.64 27.52
CA THR H 62 -3.75 11.31 27.80
C THR H 62 -3.80 11.95 29.18
N TYR H 63 -2.64 11.98 29.85
CA TYR H 63 -2.53 12.65 31.14
C TYR H 63 -1.06 12.76 31.52
N TYR H 64 -0.78 13.56 32.55
CA TYR H 64 0.57 13.69 33.11
C TYR H 64 0.67 12.83 34.35
N GLY H 65 1.57 11.85 34.31
CA GLY H 65 1.70 10.91 35.40
C GLY H 65 2.30 11.47 36.67
N LYS H 66 1.71 11.14 37.82
CA LYS H 66 2.26 11.52 39.10
C LYS H 66 3.16 10.40 39.62
N ARG H 67 4.13 10.77 40.46
CA ARG H 67 5.15 9.83 40.91
C ARG H 67 4.58 8.56 41.53
N GLY H 68 3.48 8.64 42.25
CA GLY H 68 2.83 7.48 42.82
C GLY H 68 1.41 7.81 43.23
N ASP H 69 0.47 7.51 42.32
CA ASP H 69 -0.97 7.53 42.56
C ASP H 69 -1.66 6.36 41.84
N ALA H 70 -2.85 6.04 42.34
CA ALA H 70 -3.50 4.72 42.22
C ALA H 70 -4.13 4.38 40.87
N GLY H 71 -4.76 5.34 40.19
CA GLY H 71 -5.16 5.12 38.80
C GLY H 71 -3.96 4.92 37.87
N GLN H 72 -2.88 5.68 38.10
CA GLN H 72 -1.64 5.42 37.39
C GLN H 72 -1.08 4.04 37.71
N LYS H 73 -0.94 3.69 38.98
CA LYS H 73 -0.60 2.32 39.33
C LYS H 73 -1.66 1.34 38.90
N ALA H 74 -2.92 1.77 38.80
CA ALA H 74 -3.93 0.95 38.16
C ALA H 74 -3.60 0.75 36.68
N ILE H 75 -3.15 1.81 36.01
CA ILE H 75 -2.67 1.68 34.64
C ILE H 75 -1.41 0.82 34.59
N GLU H 76 -0.52 1.00 35.57
CA GLU H 76 0.73 0.25 35.57
C GLU H 76 0.50 -1.26 35.72
N ASP H 77 -0.38 -1.67 36.63
CA ASP H 77 -0.80 -3.07 36.65
C ASP H 77 -1.62 -3.43 35.43
N ALA H 78 -2.48 -2.52 34.97
CA ALA H 78 -3.20 -2.77 33.74
C ALA H 78 -2.27 -3.17 32.61
N TYR H 79 -1.24 -2.35 32.34
CA TYR H 79 -0.38 -2.62 31.20
C TYR H 79 0.71 -3.63 31.52
N GLN H 80 1.44 -3.39 32.62
CA GLN H 80 2.68 -4.12 32.88
C GLN H 80 2.41 -5.55 33.34
N ASN H 81 1.44 -5.75 34.23
CA ASN H 81 1.04 -7.10 34.57
C ASN H 81 0.19 -7.71 33.47
N GLY H 82 -0.53 -6.88 32.72
CA GLY H 82 -1.36 -7.33 31.62
C GLY H 82 -2.72 -7.80 32.07
N LYS H 83 -3.61 -6.85 32.32
CA LYS H 83 -4.99 -7.09 32.75
C LYS H 83 -5.88 -6.14 31.98
N GLN H 84 -7.13 -6.53 31.77
CA GLN H 84 -8.17 -5.64 31.27
C GLN H 84 -8.73 -4.85 32.44
N ILE H 85 -9.05 -3.57 32.21
CA ILE H 85 -9.61 -2.73 33.26
C ILE H 85 -11.01 -2.29 32.87
N LYS H 86 -11.83 -2.05 33.88
CA LYS H 86 -13.19 -1.54 33.67
C LYS H 86 -13.14 -0.02 33.58
N PHE H 87 -13.88 0.52 32.60
CA PHE H 87 -13.75 1.89 32.14
C PHE H 87 -15.08 2.61 32.30
N TRP H 88 -15.07 3.71 33.04
CA TRP H 88 -16.23 4.53 33.32
C TRP H 88 -15.94 5.97 32.88
N ARG H 89 -16.88 6.59 32.19
CA ARG H 89 -16.78 8.01 31.85
C ARG H 89 -18.10 8.68 32.23
N VAL H 90 -18.05 9.63 33.14
CA VAL H 90 -19.26 10.22 33.68
C VAL H 90 -19.12 11.73 33.71
N ASP H 91 -20.26 12.41 33.77
CA ASP H 91 -20.30 13.85 33.82
C ASP H 91 -20.38 14.32 35.27
N THR H 92 -19.76 15.49 35.51
CA THR H 92 -19.66 16.07 36.83
C THR H 92 -20.94 16.79 37.26
N VAL H 93 -21.73 17.26 36.30
CA VAL H 93 -23.01 17.90 36.63
C VAL H 93 -24.00 16.84 37.13
N LYS H 94 -24.81 17.23 38.10
CA LYS H 94 -25.72 16.31 38.77
C LYS H 94 -26.85 15.93 37.82
N ASN H 95 -27.13 14.64 37.71
CA ASN H 95 -28.30 14.15 36.99
C ASN H 95 -29.55 14.33 37.85
N GLU H 96 -30.61 14.82 37.21
CA GLU H 96 -31.86 15.09 37.91
C GLU H 96 -32.69 13.85 38.22
N ASN H 97 -32.50 12.75 37.47
CA ASN H 97 -33.09 11.49 37.88
C ASN H 97 -32.03 10.42 38.07
N ASP H 98 -30.88 10.79 38.64
CA ASP H 98 -29.90 9.83 39.10
C ASP H 98 -28.80 10.60 39.84
N LYS H 99 -27.78 9.88 40.31
CA LYS H 99 -26.60 10.52 40.87
C LYS H 99 -25.89 11.35 39.82
N TYR H 100 -25.29 10.68 38.84
CA TYR H 100 -24.57 11.30 37.75
C TYR H 100 -24.97 10.57 36.47
N ASP H 101 -24.37 10.96 35.35
CA ASP H 101 -24.63 10.29 34.09
C ASP H 101 -23.33 9.76 33.51
N ALA H 102 -23.41 8.55 32.95
CA ALA H 102 -22.22 7.76 32.67
C ALA H 102 -22.35 7.08 31.32
N GLN H 103 -21.20 6.75 30.75
CA GLN H 103 -21.08 5.71 29.74
C GLN H 103 -19.96 4.78 30.21
N PHE H 104 -20.17 3.48 30.03
CA PHE H 104 -19.41 2.45 30.72
C PHE H 104 -18.91 1.40 29.72
N GLY H 105 -17.78 0.79 30.04
CA GLY H 105 -17.35 -0.35 29.24
C GLY H 105 -16.26 -1.13 29.93
N PHE H 106 -16.03 -2.34 29.42
CA PHE H 106 -14.85 -3.13 29.78
C PHE H 106 -13.75 -2.77 28.80
N ALA H 107 -12.58 -2.44 29.32
CA ALA H 107 -11.51 -1.86 28.53
C ALA H 107 -10.22 -2.66 28.70
N TYR H 108 -9.32 -2.47 27.72
CA TYR H 108 -8.08 -3.22 27.63
C TYR H 108 -6.95 -2.23 27.38
N ILE H 109 -5.71 -2.67 27.58
CA ILE H 109 -4.55 -1.81 27.36
C ILE H 109 -3.98 -2.07 25.97
N GLU H 110 -4.40 -1.26 25.00
CA GLU H 110 -3.87 -1.39 23.65
C GLU H 110 -2.47 -0.85 23.48
N SER H 111 -2.16 0.32 24.03
CA SER H 111 -0.80 0.83 23.99
C SER H 111 -0.61 1.84 25.11
N ARG H 112 0.65 2.13 25.42
CA ARG H 112 1.04 3.12 26.42
C ARG H 112 2.30 3.76 25.86
N GLU H 113 2.36 5.08 25.95
CA GLU H 113 3.46 5.88 25.44
C GLU H 113 3.85 6.85 26.54
N TYR H 114 5.12 6.82 26.93
CA TYR H 114 5.63 7.74 27.93
C TYR H 114 6.62 8.72 27.32
N SER H 115 6.38 9.99 27.57
CA SER H 115 7.25 11.07 27.10
C SER H 115 7.82 11.82 28.29
N ASP H 116 9.14 11.82 28.38
CA ASP H 116 9.91 12.67 29.27
C ASP H 116 10.59 13.71 28.39
N GLY H 117 10.41 14.98 28.74
CA GLY H 117 11.08 16.06 28.05
C GLY H 117 11.82 16.96 29.01
N VAL H 118 12.80 17.69 28.49
CA VAL H 118 13.56 18.65 29.26
C VAL H 118 12.71 19.86 29.64
N GLU H 119 11.70 20.17 28.83
CA GLU H 119 10.71 21.16 29.22
C GLU H 119 9.46 20.53 29.82
N GLY H 120 8.79 21.22 30.74
CA GLY H 120 7.46 20.81 31.13
C GLY H 120 7.56 19.60 32.02
N ALA H 121 6.61 18.67 31.90
CA ALA H 121 6.59 17.49 32.75
C ALA H 121 6.16 16.27 31.96
N VAL H 122 6.57 15.09 32.45
CA VAL H 122 6.39 13.84 31.71
C VAL H 122 4.94 13.67 31.29
N GLU H 123 4.73 13.05 30.14
CA GLU H 123 3.38 12.91 29.61
C GLU H 123 3.10 11.45 29.26
N ILE H 124 1.96 10.95 29.72
CA ILE H 124 1.57 9.57 29.49
C ILE H 124 0.36 9.56 28.58
N SER H 125 0.48 8.81 27.48
CA SER H 125 -0.65 8.48 26.62
C SER H 125 -0.91 6.99 26.73
N ILE H 126 -2.14 6.62 27.10
CA ILE H 126 -2.53 5.22 27.17
C ILE H 126 -3.72 5.00 26.26
N SER H 127 -3.60 4.01 25.38
CA SER H 127 -4.62 3.68 24.41
C SER H 127 -5.27 2.36 24.79
N LEU H 128 -6.57 2.25 24.49
CA LEU H 128 -7.38 1.13 24.91
C LEU H 128 -8.41 0.79 23.84
N GLN H 129 -8.61 -0.49 23.61
CA GLN H 129 -9.72 -0.98 22.82
C GLN H 129 -10.85 -1.30 23.78
N VAL H 130 -12.08 -1.33 23.28
CA VAL H 130 -13.22 -1.72 24.10
C VAL H 130 -14.15 -2.55 23.22
N ILE H 131 -15.01 -3.32 23.87
CA ILE H 131 -15.86 -4.27 23.14
C ILE H 131 -17.31 -3.81 23.17
N GLY H 132 -17.52 -2.50 23.26
CA GLY H 132 -18.86 -1.96 23.26
C GLY H 132 -19.17 -1.21 24.53
N GLU H 133 -18.92 0.10 24.51
CA GLU H 133 -19.29 0.94 25.64
C GLU H 133 -20.78 1.30 25.58
N LEU H 134 -21.41 1.28 26.74
CA LEU H 134 -22.85 1.50 26.83
C LEU H 134 -23.09 2.71 27.71
N LYS H 135 -24.16 3.44 27.42
CA LYS H 135 -24.50 4.65 28.15
C LYS H 135 -25.48 4.31 29.27
N ASN H 136 -25.32 4.95 30.42
CA ASN H 136 -26.22 4.76 31.54
C ASN H 136 -26.15 5.98 32.45
N GLY H 137 -26.58 5.81 33.70
CA GLY H 137 -26.35 6.84 34.69
C GLY H 137 -25.34 6.39 35.71
N GLU H 138 -24.57 7.36 36.21
CA GLU H 138 -23.47 7.06 37.12
C GLU H 138 -24.01 6.98 38.54
N ILE H 139 -23.63 5.91 39.24
CA ILE H 139 -24.13 5.68 40.59
C ILE H 139 -23.15 6.19 41.63
N ASP H 140 -21.88 5.81 41.50
CA ASP H 140 -20.89 6.20 42.51
C ASP H 140 -20.48 7.66 42.33
N THR H 141 -20.95 8.51 43.24
CA THR H 141 -20.55 9.91 43.25
C THR H 141 -19.05 10.08 43.44
N LEU H 142 -18.42 9.31 44.34
CA LEU H 142 -17.02 9.42 44.76
C LEU H 142 -16.68 10.88 45.02
N PRO H 143 -17.36 11.54 45.99
CA PRO H 143 -17.42 13.01 46.00
C PRO H 143 -16.12 13.71 46.35
N GLU H 144 -15.04 12.94 46.40
CA GLU H 144 -13.69 13.46 46.55
C GLU H 144 -13.23 14.17 45.29
N GLU H 145 -13.48 13.59 44.11
CA GLU H 145 -12.96 14.11 42.86
C GLU H 145 -14.04 14.62 41.92
N ILE H 146 -14.99 13.79 41.51
CA ILE H 146 -16.05 14.20 40.60
C ILE H 146 -16.91 15.30 41.22
N VAL H 147 -17.32 15.13 42.47
CA VAL H 147 -18.20 16.08 43.14
C VAL H 147 -17.38 17.31 43.47
N ASN H 148 -16.16 17.10 43.98
CA ASN H 148 -15.31 18.19 44.42
C ASN H 148 -14.09 18.35 43.51
N VAL H 149 -14.00 19.47 42.80
CA VAL H 149 -12.78 19.77 42.05
C VAL H 149 -12.37 21.20 42.39
N SER H 150 -11.33 21.32 43.23
CA SER H 150 -10.94 22.62 43.76
C SER H 150 -9.58 23.07 43.28
N LYS H 151 -9.26 24.35 43.39
CA LYS H 151 -7.92 24.82 43.03
C LYS H 151 -6.88 24.60 44.12
N GLY H 152 -7.26 24.12 45.31
CA GLY H 152 -6.32 23.95 46.40
C GLY H 152 -6.30 25.13 47.36
N GLY H 153 -7.19 26.09 47.13
CA GLY H 153 -7.24 27.30 47.92
C GLY H 153 -7.74 27.02 49.34
N TYR H 154 -7.06 27.61 50.31
CA TYR H 154 -7.40 27.53 51.72
C TYR H 154 -7.32 28.92 52.33
N ASP H 155 -8.21 29.19 53.30
CA ASP H 155 -8.56 30.57 53.64
C ASP H 155 -7.45 31.40 54.25
N PHE H 156 -6.71 30.85 55.23
CA PHE H 156 -5.44 31.35 55.78
C PHE H 156 -4.60 30.16 56.23
N GLN H 157 -3.29 30.41 56.33
CA GLN H 157 -2.39 29.68 57.21
C GLN H 157 -1.41 30.71 57.77
N GLN H 158 -1.82 31.46 58.81
CA GLN H 158 -1.06 32.64 59.20
C GLN H 158 -0.29 32.48 60.51
N PRO H 159 -0.72 31.67 61.50
CA PRO H 159 0.18 31.44 62.64
C PRO H 159 1.34 30.51 62.33
N GLY H 160 1.56 30.17 61.06
CA GLY H 160 2.54 29.15 60.76
C GLY H 160 2.16 27.70 60.93
N GLN H 161 1.56 27.06 59.92
CA GLN H 161 1.26 25.64 60.04
C GLN H 161 2.21 24.80 59.19
N THR H 162 3.51 24.92 59.45
CA THR H 162 4.60 24.15 58.82
C THR H 162 4.27 23.78 57.37
N THR H 163 4.31 24.78 56.49
CA THR H 163 3.76 24.59 55.17
C THR H 163 4.85 24.12 54.22
N GLY H 164 4.46 23.75 53.00
CA GLY H 164 5.39 23.44 51.94
C GLY H 164 4.86 23.80 50.57
N GLU H 165 5.42 23.17 49.53
CA GLU H 165 5.01 23.48 48.15
C GLU H 165 3.54 23.13 47.92
N ALA H 166 3.00 22.20 48.71
CA ALA H 166 1.63 21.73 48.58
C ALA H 166 0.69 22.74 49.24
N PRO H 167 -0.56 22.81 48.80
CA PRO H 167 -1.36 24.02 48.97
C PRO H 167 -1.95 24.13 50.37
N GLY H 168 -1.87 23.02 51.11
CA GLY H 168 -2.08 23.01 52.53
C GLY H 168 -1.26 22.05 53.36
N THR H 169 -0.14 22.50 53.92
CA THR H 169 0.59 21.69 54.88
C THR H 169 0.37 22.23 56.29
N VAL H 170 0.38 21.31 57.25
CA VAL H 170 0.22 21.61 58.67
C VAL H 170 1.44 21.09 59.41
N PRO H 171 1.65 21.45 60.70
CA PRO H 171 2.83 20.94 61.42
C PRO H 171 2.67 19.48 61.77
N ALA H 172 3.65 18.68 61.32
CA ALA H 172 3.65 17.22 61.38
C ALA H 172 2.43 16.62 60.69
N PRO I 1 -24.70 35.54 -1.03
CA PRO I 1 -25.02 34.17 -1.43
C PRO I 1 -25.57 33.53 -0.16
N ILE I 2 -25.28 32.26 0.06
CA ILE I 2 -25.72 31.53 1.25
C ILE I 2 -24.67 31.77 2.34
N MET I 3 -25.14 32.10 3.53
CA MET I 3 -24.28 32.41 4.66
C MET I 3 -23.99 31.16 5.48
N GLY I 4 -22.95 31.25 6.31
CA GLY I 4 -22.61 30.17 7.22
C GLY I 4 -23.73 29.77 8.17
N GLN I 5 -24.56 30.72 8.59
CA GLN I 5 -25.76 30.45 9.36
C GLN I 5 -26.91 29.98 8.48
N ASP I 6 -26.97 30.44 7.23
CA ASP I 6 -28.11 30.19 6.36
C ASP I 6 -28.48 28.73 6.23
N VAL I 7 -27.52 27.82 6.04
CA VAL I 7 -27.81 26.40 5.86
C VAL I 7 -27.83 25.75 7.24
N LYS I 8 -29.00 25.25 7.64
CA LYS I 8 -29.10 24.54 8.90
C LYS I 8 -29.70 23.15 8.70
N TYR I 9 -29.25 22.21 9.52
CA TYR I 9 -29.43 20.78 9.30
C TYR I 9 -30.36 20.23 10.38
N LEU I 10 -31.44 19.58 9.95
CA LEU I 10 -32.32 18.90 10.88
C LEU I 10 -32.39 17.43 10.55
N PHE I 11 -32.62 16.61 11.57
CA PHE I 11 -32.78 15.16 11.40
C PHE I 11 -34.10 14.72 12.01
N GLN I 12 -34.68 13.68 11.42
CA GLN I 12 -35.84 13.03 12.03
C GLN I 12 -35.61 11.53 12.05
N SER I 13 -35.86 10.93 13.21
CA SER I 13 -35.69 9.50 13.39
C SER I 13 -36.83 8.73 12.71
N ILE I 14 -36.46 7.63 12.04
CA ILE I 14 -37.45 6.82 11.34
C ILE I 14 -38.47 6.23 12.30
N ASP I 15 -38.07 5.89 13.52
CA ASP I 15 -38.93 5.17 14.45
C ASP I 15 -39.87 6.09 15.23
N ALA I 16 -39.60 7.40 15.27
CA ALA I 16 -40.40 8.29 16.09
C ALA I 16 -41.82 8.42 15.54
N ALA I 17 -41.94 8.74 14.24
CA ALA I 17 -43.21 9.04 13.57
C ALA I 17 -43.93 10.22 14.20
N THR I 18 -43.21 11.33 14.35
CA THR I 18 -43.73 12.55 14.93
C THR I 18 -43.99 13.57 13.84
N GLY I 19 -44.68 14.65 14.18
CA GLY I 19 -45.02 15.67 13.21
C GLY I 19 -44.02 16.80 13.15
N SER I 20 -42.73 16.48 13.29
CA SER I 20 -41.70 17.50 13.29
C SER I 20 -40.33 16.92 13.58
N ALA I 21 -39.30 17.41 12.87
CA ALA I 21 -37.92 16.94 12.87
C ALA I 21 -37.01 17.78 13.78
N PRO I 22 -36.45 17.21 14.87
CA PRO I 22 -35.55 18.00 15.72
C PRO I 22 -34.21 18.26 15.07
N LEU I 23 -33.60 19.39 15.40
CA LEU I 23 -32.22 19.63 15.03
C LEU I 23 -31.45 20.08 16.27
N PHE I 24 -30.15 19.88 16.25
CA PHE I 24 -29.47 20.05 17.51
C PHE I 24 -28.78 21.41 17.58
N PRO I 25 -28.74 22.06 18.74
CA PRO I 25 -28.08 23.36 18.82
C PRO I 25 -26.56 23.23 18.92
N ALA I 26 -25.91 24.40 18.89
CA ALA I 26 -24.45 24.57 18.98
C ALA I 26 -23.74 23.76 17.88
N TYR I 27 -24.00 24.15 16.63
CA TYR I 27 -23.29 23.57 15.51
C TYR I 27 -21.88 24.14 15.40
N GLN I 28 -20.98 23.29 14.94
CA GLN I 28 -19.58 23.64 14.75
C GLN I 28 -19.42 23.76 13.23
N THR I 29 -19.60 22.67 12.49
CA THR I 29 -19.45 22.71 11.05
C THR I 29 -19.86 21.39 10.41
N ASP I 30 -20.16 21.47 9.13
CA ASP I 30 -20.87 20.43 8.42
C ASP I 30 -20.22 20.26 7.05
N GLY I 31 -19.65 19.09 6.83
CA GLY I 31 -19.19 18.74 5.51
C GLY I 31 -20.02 17.62 4.92
N SER I 32 -20.71 17.92 3.83
CA SER I 32 -21.44 16.91 3.06
C SER I 32 -20.60 16.70 1.81
N VAL I 33 -20.19 15.46 1.59
CA VAL I 33 -19.27 15.13 0.51
C VAL I 33 -19.96 14.09 -0.38
N SER I 34 -19.90 14.34 -1.69
CA SER I 34 -20.71 13.63 -2.67
C SER I 34 -19.82 13.29 -3.86
N GLY I 35 -19.50 12.01 -3.99
CA GLY I 35 -18.62 11.58 -5.07
C GLY I 35 -19.34 10.87 -6.19
N GLU I 36 -19.19 11.36 -7.41
CA GLU I 36 -19.86 10.79 -8.59
C GLU I 36 -18.81 10.02 -9.38
N ARG I 37 -18.78 8.70 -9.18
CA ARG I 37 -17.75 7.86 -9.77
C ARG I 37 -17.86 7.89 -11.29
N GLU I 38 -16.72 7.69 -11.96
CA GLU I 38 -16.58 7.95 -13.39
C GLU I 38 -15.96 6.73 -14.05
N LEU I 39 -15.89 6.78 -15.38
CA LEU I 39 -15.33 5.70 -16.18
C LEU I 39 -13.83 5.59 -15.97
N PHE I 40 -13.36 4.35 -15.83
CA PHE I 40 -11.93 4.06 -15.81
C PHE I 40 -11.37 3.96 -17.21
N ASP I 41 -10.21 4.57 -17.41
CA ASP I 41 -9.26 4.19 -18.46
C ASP I 41 -9.84 4.63 -19.80
N GLU I 42 -9.20 5.64 -20.41
CA GLU I 42 -9.60 6.11 -21.73
C GLU I 42 -9.32 5.09 -22.82
N GLN I 43 -8.20 4.33 -22.69
CA GLN I 43 -7.67 3.42 -23.71
C GLN I 43 -7.06 4.17 -24.88
N THR I 44 -6.72 5.45 -24.66
CA THR I 44 -6.42 6.45 -25.70
C THR I 44 -7.41 6.36 -26.86
N LYS I 45 -8.69 6.45 -26.53
CA LYS I 45 -9.77 6.34 -27.51
C LYS I 45 -10.41 7.70 -27.78
N ASN I 46 -11.75 7.74 -27.78
CA ASN I 46 -12.47 9.00 -27.98
C ASN I 46 -13.01 9.58 -26.66
N GLY I 47 -12.51 9.11 -25.52
CA GLY I 47 -12.97 9.59 -24.24
C GLY I 47 -13.79 8.54 -23.53
N ARG I 48 -13.10 7.60 -22.88
CA ARG I 48 -13.76 6.51 -22.17
C ARG I 48 -13.55 6.76 -20.68
N ILE I 49 -13.34 8.02 -20.31
CA ILE I 49 -13.16 8.41 -18.91
C ILE I 49 -14.18 9.47 -18.53
N LEU I 50 -15.06 9.83 -19.48
CA LEU I 50 -16.14 10.76 -19.21
C LEU I 50 -17.49 10.06 -19.07
N GLY I 51 -17.51 8.86 -18.49
CA GLY I 51 -18.67 8.01 -18.48
C GLY I 51 -19.41 7.98 -17.17
N PRO I 52 -20.68 7.60 -17.20
CA PRO I 52 -21.50 7.64 -15.98
C PRO I 52 -21.26 6.47 -15.04
N GLY I 53 -21.21 6.78 -13.75
CA GLY I 53 -20.97 5.78 -12.72
C GLY I 53 -21.85 6.05 -11.54
N SER I 54 -21.71 5.21 -10.52
CA SER I 54 -22.50 5.36 -9.30
C SER I 54 -22.01 6.57 -8.51
N VAL I 55 -22.81 6.97 -7.53
CA VAL I 55 -22.53 8.13 -6.70
C VAL I 55 -22.35 7.70 -5.25
N ALA I 56 -21.25 8.13 -4.64
CA ALA I 56 -20.99 7.90 -3.24
C ALA I 56 -21.42 9.14 -2.46
N ASP I 57 -22.21 8.94 -1.42
CA ASP I 57 -22.85 10.04 -0.71
C ASP I 57 -22.59 9.85 0.78
N SER I 58 -21.78 10.73 1.34
CA SER I 58 -21.39 10.70 2.73
C SER I 58 -21.38 12.11 3.31
N GLY I 59 -21.68 12.20 4.59
CA GLY I 59 -21.63 13.47 5.28
C GLY I 59 -21.07 13.33 6.68
N GLU I 60 -20.46 14.39 7.19
CA GLU I 60 -19.98 14.44 8.56
C GLU I 60 -20.56 15.68 9.21
N VAL I 61 -20.89 15.57 10.50
CA VAL I 61 -21.50 16.66 11.24
C VAL I 61 -20.72 16.85 12.53
N THR I 62 -20.21 18.07 12.74
CA THR I 62 -19.55 18.37 14.00
C THR I 62 -20.42 19.31 14.82
N TYR I 63 -20.35 19.17 16.13
CA TYR I 63 -21.07 20.07 17.05
C TYR I 63 -20.58 19.82 18.47
N TYR I 64 -20.95 20.73 19.38
CA TYR I 64 -20.66 20.60 20.80
C TYR I 64 -21.90 20.07 21.51
N GLY I 65 -21.77 18.89 22.11
CA GLY I 65 -22.91 18.24 22.74
C GLY I 65 -23.39 18.89 24.01
N LYS I 66 -24.70 19.04 24.15
CA LYS I 66 -25.29 19.53 25.38
C LYS I 66 -25.65 18.36 26.29
N ARG I 67 -25.68 18.62 27.60
CA ARG I 67 -25.86 17.56 28.59
C ARG I 67 -27.09 16.70 28.35
N GLY I 68 -28.19 17.28 27.86
CA GLY I 68 -29.38 16.52 27.54
C GLY I 68 -30.29 17.34 26.67
N ASP I 69 -30.16 17.11 25.34
CA ASP I 69 -31.08 17.61 24.31
C ASP I 69 -31.29 16.56 23.21
N ALA I 70 -32.40 16.73 22.50
CA ALA I 70 -33.10 15.67 21.76
C ALA I 70 -32.49 15.21 20.44
N GLY I 71 -31.92 16.12 19.64
CA GLY I 71 -31.12 15.69 18.50
C GLY I 71 -29.87 14.95 18.92
N GLN I 72 -29.22 15.39 20.00
CA GLN I 72 -28.14 14.62 20.58
C GLN I 72 -28.60 13.24 21.06
N LYS I 73 -29.66 13.19 21.88
CA LYS I 73 -30.24 11.90 22.21
C LYS I 73 -30.80 11.20 20.99
N ALA I 74 -31.20 11.94 19.96
CA ALA I 74 -31.51 11.32 18.68
C ALA I 74 -30.27 10.69 18.07
N ILE I 75 -29.13 11.38 18.16
CA ILE I 75 -27.85 10.79 17.76
C ILE I 75 -27.49 9.62 18.67
N GLU I 76 -27.74 9.76 19.97
CA GLU I 76 -27.38 8.69 20.90
C GLU I 76 -28.15 7.41 20.64
N ASP I 77 -29.46 7.49 20.40
CA ASP I 77 -30.20 6.33 19.93
C ASP I 77 -29.79 5.94 18.52
N ALA I 78 -29.53 6.93 17.66
CA ALA I 78 -29.03 6.60 16.33
C ALA I 78 -27.82 5.70 16.40
N TYR I 79 -26.80 6.08 17.17
CA TYR I 79 -25.56 5.31 17.18
C TYR I 79 -25.63 4.14 18.16
N GLN I 80 -26.03 4.41 19.40
CA GLN I 80 -25.87 3.43 20.48
C GLN I 80 -26.88 2.31 20.37
N ASN I 81 -28.15 2.61 20.07
CA ASN I 81 -29.11 1.56 19.79
C ASN I 81 -28.90 0.98 18.40
N GLY I 82 -28.37 1.78 17.48
CA GLY I 82 -28.09 1.33 16.13
C GLY I 82 -29.30 1.41 15.22
N LYS I 83 -29.60 2.61 14.76
CA LYS I 83 -30.73 2.89 13.86
C LYS I 83 -30.23 3.85 12.79
N GLN I 84 -30.82 3.80 11.61
CA GLN I 84 -30.64 4.81 10.58
C GLN I 84 -31.56 5.99 10.88
N ILE I 85 -31.08 7.20 10.62
CA ILE I 85 -31.88 8.40 10.86
C ILE I 85 -32.12 9.12 9.55
N LYS I 86 -33.24 9.84 9.48
CA LYS I 86 -33.57 10.65 8.32
C LYS I 86 -32.92 12.01 8.46
N PHE I 87 -32.34 12.49 7.37
CA PHE I 87 -31.42 13.62 7.35
C PHE I 87 -31.95 14.71 6.43
N TRP I 88 -32.12 15.91 6.99
CA TRP I 88 -32.64 17.08 6.30
C TRP I 88 -31.63 18.21 6.44
N ARG I 89 -31.33 18.89 5.34
CA ARG I 89 -30.50 20.11 5.38
C ARG I 89 -31.23 21.20 4.60
N VAL I 90 -31.56 22.28 5.27
CA VAL I 90 -32.38 23.31 4.65
C VAL I 90 -31.79 24.68 4.95
N ASP I 91 -32.18 25.64 4.12
CA ASP I 91 -31.71 27.01 4.28
C ASP I 91 -32.71 27.82 5.10
N THR I 92 -32.17 28.76 5.86
CA THR I 92 -32.94 29.60 6.77
C THR I 92 -33.66 30.73 6.05
N VAL I 93 -33.14 31.18 4.90
CA VAL I 93 -33.82 32.21 4.12
C VAL I 93 -35.08 31.65 3.50
N LYS I 94 -36.11 32.48 3.43
CA LYS I 94 -37.42 32.05 2.98
C LYS I 94 -37.40 31.80 1.47
N ASN I 95 -37.93 30.66 1.05
CA ASN I 95 -38.12 30.38 -0.36
C ASN I 95 -39.36 31.11 -0.87
N GLU I 96 -39.23 31.71 -2.05
CA GLU I 96 -40.30 32.51 -2.63
C GLU I 96 -41.41 31.67 -3.26
N ASN I 97 -41.12 30.43 -3.64
CA ASN I 97 -42.21 29.53 -4.03
C ASN I 97 -42.20 28.27 -3.18
N ASP I 98 -41.92 28.42 -1.89
CA ASP I 98 -42.14 27.35 -0.91
C ASP I 98 -41.88 27.92 0.47
N LYS I 99 -42.01 27.07 1.49
CA LYS I 99 -41.63 27.46 2.84
C LYS I 99 -40.14 27.76 2.91
N TYR I 100 -39.31 26.73 2.77
CA TYR I 100 -37.87 26.84 2.78
C TYR I 100 -37.33 25.96 1.65
N ASP I 101 -36.01 25.89 1.54
CA ASP I 101 -35.39 25.03 0.54
C ASP I 101 -34.49 24.02 1.21
N ALA I 102 -34.51 22.80 0.68
CA ALA I 102 -33.99 21.66 1.41
C ALA I 102 -33.24 20.74 0.45
N GLN I 103 -32.33 19.96 1.03
CA GLN I 103 -31.86 18.72 0.44
C GLN I 103 -32.01 17.64 1.51
N PHE I 104 -32.44 16.46 1.10
CA PHE I 104 -32.96 15.44 2.01
C PHE I 104 -32.32 14.09 1.72
N GLY I 105 -32.20 13.26 2.75
CA GLY I 105 -31.78 11.90 2.53
C GLY I 105 -32.05 11.02 3.72
N PHE I 106 -31.97 9.71 3.48
CA PHE I 106 -31.94 8.72 4.56
C PHE I 106 -30.49 8.50 4.93
N ALA I 107 -30.19 8.58 6.23
CA ALA I 107 -28.82 8.62 6.71
C ALA I 107 -28.59 7.55 7.76
N TYR I 108 -27.31 7.23 7.95
CA TYR I 108 -26.87 6.15 8.82
C TYR I 108 -25.75 6.68 9.70
N ILE I 109 -25.43 5.95 10.78
CA ILE I 109 -24.37 6.35 11.69
C ILE I 109 -23.09 5.61 11.32
N GLU I 110 -22.24 6.26 10.51
CA GLU I 110 -20.97 5.65 10.15
C GLU I 110 -19.91 5.71 11.25
N SER I 111 -19.78 6.83 11.95
CA SER I 111 -18.87 6.90 13.09
C SER I 111 -19.29 8.05 13.99
N ARG I 112 -18.79 8.03 15.21
CA ARG I 112 -19.02 9.07 16.22
C ARG I 112 -17.71 9.16 16.99
N GLU I 113 -17.27 10.39 17.22
CA GLU I 113 -16.02 10.69 17.90
C GLU I 113 -16.33 11.73 18.97
N TYR I 114 -16.01 11.41 20.22
CA TYR I 114 -16.21 12.38 21.30
C TYR I 114 -14.88 12.83 21.87
N SER I 115 -14.72 14.15 21.94
CA SER I 115 -13.54 14.77 22.50
C SER I 115 -13.92 15.59 23.72
N ASP I 116 -13.31 15.23 24.85
CA ASP I 116 -13.32 16.01 26.09
C ASP I 116 -11.90 16.56 26.24
N GLY I 117 -11.80 17.87 26.42
CA GLY I 117 -10.53 18.52 26.68
C GLY I 117 -10.58 19.36 27.94
N VAL I 118 -9.41 19.62 28.51
CA VAL I 118 -9.29 20.47 29.68
C VAL I 118 -9.58 21.94 29.33
N GLU I 119 -9.33 22.32 28.08
CA GLU I 119 -9.80 23.62 27.61
C GLU I 119 -11.11 23.54 26.87
N GLY I 120 -11.92 24.59 26.93
CA GLY I 120 -13.05 24.70 26.03
C GLY I 120 -14.14 23.76 26.50
N ALA I 121 -14.86 23.16 25.56
CA ALA I 121 -15.97 22.28 25.90
C ALA I 121 -16.01 21.07 24.95
N VAL I 122 -16.61 19.98 25.44
CA VAL I 122 -16.57 18.70 24.74
C VAL I 122 -17.04 18.88 23.31
N GLU I 123 -16.47 18.07 22.41
CA GLU I 123 -16.79 18.21 20.99
C GLU I 123 -17.19 16.87 20.42
N ILE I 124 -18.30 16.84 19.70
CA ILE I 124 -18.82 15.63 19.10
C ILE I 124 -18.71 15.74 17.59
N SER I 125 -18.07 14.75 16.98
CA SER I 125 -18.08 14.57 15.53
C SER I 125 -18.84 13.30 15.22
N ILE I 126 -19.88 13.40 14.40
CA ILE I 126 -20.65 12.24 13.98
C ILE I 126 -20.62 12.15 12.46
N SER I 127 -20.22 11.00 11.95
CA SER I 127 -20.10 10.76 10.53
C SER I 127 -21.20 9.81 10.07
N LEU I 128 -21.66 10.02 8.85
CA LEU I 128 -22.82 9.31 8.30
C LEU I 128 -22.61 9.05 6.82
N GLN I 129 -23.00 7.86 6.39
CA GLN I 129 -23.12 7.55 4.97
C GLN I 129 -24.56 7.81 4.57
N VAL I 130 -24.80 8.02 3.28
CA VAL I 130 -26.16 8.19 2.79
C VAL I 130 -26.24 7.49 1.44
N ILE I 131 -27.48 7.17 1.03
CA ILE I 131 -27.67 6.37 -0.19
C ILE I 131 -28.27 7.24 -1.29
N GLY I 132 -27.96 8.52 -1.28
CA GLY I 132 -28.45 9.40 -2.31
C GLY I 132 -29.31 10.50 -1.74
N GLU I 133 -28.71 11.64 -1.41
CA GLU I 133 -29.47 12.79 -0.98
C GLU I 133 -30.03 13.54 -2.18
N LEU I 134 -31.28 13.99 -2.03
CA LEU I 134 -32.00 14.63 -3.13
C LEU I 134 -32.37 16.03 -2.69
N LYS I 135 -32.42 16.95 -3.65
CA LYS I 135 -32.72 18.35 -3.37
C LYS I 135 -34.21 18.59 -3.57
N ASN I 136 -34.80 19.41 -2.70
CA ASN I 136 -36.21 19.78 -2.81
C ASN I 136 -36.44 21.10 -2.10
N GLY I 137 -37.70 21.37 -1.76
CA GLY I 137 -37.99 22.49 -0.89
C GLY I 137 -38.44 22.03 0.48
N GLU I 138 -38.09 22.81 1.49
CA GLU I 138 -38.35 22.44 2.87
C GLU I 138 -39.77 22.86 3.24
N ILE I 139 -40.51 21.92 3.83
CA ILE I 139 -41.90 22.19 4.16
C ILE I 139 -42.04 22.62 5.62
N ASP I 140 -41.44 21.87 6.54
CA ASP I 140 -41.58 22.19 7.96
C ASP I 140 -40.71 23.36 8.35
N THR I 141 -41.35 24.51 8.59
CA THR I 141 -40.65 25.70 9.06
C THR I 141 -39.97 25.46 10.40
N LEU I 142 -40.65 24.79 11.35
CA LEU I 142 -40.23 24.58 12.74
C LEU I 142 -39.73 25.89 13.32
N PRO I 143 -40.58 26.92 13.40
CA PRO I 143 -40.10 28.31 13.52
C PRO I 143 -39.47 28.67 14.85
N GLU I 144 -39.23 27.65 15.66
CA GLU I 144 -38.48 27.77 16.90
C GLU I 144 -36.99 27.99 16.63
N GLU I 145 -36.43 27.24 15.69
CA GLU I 145 -34.99 27.27 15.46
C GLU I 145 -34.60 27.84 14.09
N ILE I 146 -35.06 27.25 12.99
CA ILE I 146 -34.76 27.72 11.65
C ILE I 146 -35.27 29.13 11.43
N VAL I 147 -36.51 29.39 11.80
CA VAL I 147 -37.13 30.69 11.56
C VAL I 147 -36.54 31.68 12.56
N ASN I 148 -36.41 31.24 13.82
CA ASN I 148 -35.91 32.11 14.88
C ASN I 148 -34.53 31.69 15.36
N VAL I 149 -33.52 32.52 15.14
CA VAL I 149 -32.22 32.27 15.74
C VAL I 149 -31.75 33.55 16.43
N SER I 150 -31.84 33.56 17.76
CA SER I 150 -31.60 34.78 18.52
C SER I 150 -30.35 34.68 19.40
N LYS I 151 -29.82 35.80 19.86
CA LYS I 151 -28.70 35.77 20.79
C LYS I 151 -29.10 35.51 22.24
N GLY I 152 -30.39 35.47 22.56
CA GLY I 152 -30.83 35.30 23.94
C GLY I 152 -31.16 36.61 24.61
N GLY I 153 -31.07 37.71 23.87
CA GLY I 153 -31.29 39.03 24.42
C GLY I 153 -32.74 39.25 24.79
N TYR I 154 -32.94 39.85 25.96
CA TYR I 154 -34.25 40.20 26.49
C TYR I 154 -34.19 41.61 27.05
N ASP I 155 -35.30 42.36 26.92
CA ASP I 155 -35.25 43.82 26.98
C ASP I 155 -34.85 44.41 28.32
N PHE I 156 -35.44 43.92 29.42
CA PHE I 156 -35.06 44.14 30.82
C PHE I 156 -35.42 42.90 31.64
N GLN I 157 -34.74 42.78 32.78
CA GLN I 157 -35.25 42.05 33.94
C GLN I 157 -34.82 42.86 35.17
N GLN I 158 -35.57 43.91 35.51
CA GLN I 158 -35.05 44.89 36.47
C GLN I 158 -35.76 44.83 37.83
N PRO I 159 -37.04 44.43 37.96
CA PRO I 159 -37.56 44.23 39.33
C PRO I 159 -37.07 42.96 40.00
N GLY I 160 -36.09 42.28 39.42
CA GLY I 160 -35.71 40.97 39.92
C GLY I 160 -36.58 39.78 39.55
N GLN I 161 -36.31 39.12 38.41
CA GLN I 161 -37.08 37.92 38.09
C GLN I 161 -36.23 36.67 38.28
N THR I 162 -35.74 36.47 39.51
CA THR I 162 -34.97 35.28 39.95
C THR I 162 -34.15 34.69 38.80
N THR I 163 -33.07 35.38 38.44
CA THR I 163 -32.38 35.05 37.21
C THR I 163 -31.25 34.06 37.51
N GLY I 164 -30.64 33.56 36.45
CA GLY I 164 -29.44 32.73 36.56
C GLY I 164 -28.51 32.89 35.38
N GLU I 165 -27.64 31.90 35.17
CA GLU I 165 -26.66 31.97 34.08
C GLU I 165 -27.34 32.03 32.72
N ALA I 166 -28.57 31.52 32.64
CA ALA I 166 -29.33 31.45 31.40
C ALA I 166 -29.96 32.80 31.13
N PRO I 167 -30.22 33.13 29.87
CA PRO I 167 -30.33 34.53 29.45
C PRO I 167 -31.68 35.15 29.78
N GLY I 168 -32.61 34.26 30.14
CA GLY I 168 -33.84 34.67 30.80
C GLY I 168 -34.41 33.73 31.83
N THR I 169 -34.13 33.96 33.10
CA THR I 169 -34.81 33.23 34.17
C THR I 169 -35.83 34.14 34.85
N VAL I 170 -36.91 33.50 35.31
CA VAL I 170 -37.98 34.17 36.02
C VAL I 170 -38.14 33.51 37.39
N PRO I 171 -38.92 34.09 38.33
CA PRO I 171 -39.07 33.45 39.65
C PRO I 171 -39.95 32.22 39.57
N ALA I 172 -39.40 31.09 40.02
CA ALA I 172 -39.98 29.75 39.89
C ALA I 172 -40.26 29.38 38.45
N PRO J 1 1.26 39.77 -16.90
CA PRO J 1 0.92 38.50 -17.54
C PRO J 1 -0.59 38.39 -17.33
N ILE J 2 -1.08 37.17 -17.10
CA ILE J 2 -2.49 36.92 -16.85
C ILE J 2 -2.74 37.10 -15.36
N MET J 3 -3.79 37.83 -15.02
CA MET J 3 -4.13 38.14 -13.64
C MET J 3 -5.07 37.08 -13.07
N GLY J 4 -5.18 37.08 -11.74
CA GLY J 4 -6.11 36.20 -11.06
C GLY J 4 -7.56 36.38 -11.47
N GLN J 5 -7.96 37.60 -11.80
CA GLN J 5 -9.26 37.89 -12.36
C GLN J 5 -9.33 37.57 -13.85
N ASP J 6 -8.22 37.72 -14.56
CA ASP J 6 -8.20 37.61 -16.02
C ASP J 6 -8.81 36.33 -16.55
N VAL J 7 -8.51 35.16 -15.97
CA VAL J 7 -9.03 33.89 -16.46
C VAL J 7 -10.35 33.63 -15.77
N LYS J 8 -11.44 33.60 -16.53
CA LYS J 8 -12.74 33.27 -15.97
C LYS J 8 -13.37 32.12 -16.72
N TYR J 9 -14.14 31.32 -15.98
CA TYR J 9 -14.58 29.99 -16.41
C TYR J 9 -16.08 30.00 -16.61
N LEU J 10 -16.53 29.62 -17.79
CA LEU J 10 -17.96 29.48 -18.06
C LEU J 10 -18.27 28.04 -18.45
N PHE J 11 -19.48 27.59 -18.14
CA PHE J 11 -19.95 26.28 -18.53
C PHE J 11 -21.26 26.39 -19.31
N GLN J 12 -21.46 25.44 -20.22
CA GLN J 12 -22.76 25.33 -20.88
C GLN J 12 -23.20 23.88 -20.84
N SER J 13 -24.46 23.67 -20.44
CA SER J 13 -25.04 22.34 -20.36
C SER J 13 -25.36 21.80 -21.75
N ILE J 14 -25.03 20.53 -21.96
CA ILE J 14 -25.29 19.89 -23.24
C ILE J 14 -26.77 19.88 -23.59
N ASP J 15 -27.65 19.73 -22.60
CA ASP J 15 -29.06 19.54 -22.85
C ASP J 15 -29.82 20.86 -23.06
N ALA J 16 -29.23 21.99 -22.69
CA ALA J 16 -29.95 23.26 -22.78
C ALA J 16 -30.20 23.65 -24.23
N ALA J 17 -29.14 23.66 -25.04
CA ALA J 17 -29.13 24.14 -26.43
C ALA J 17 -29.56 25.62 -26.52
N THR J 18 -28.90 26.46 -25.72
CA THR J 18 -29.18 27.89 -25.69
C THR J 18 -28.09 28.63 -26.43
N GLY J 19 -28.31 29.92 -26.68
CA GLY J 19 -27.36 30.74 -27.40
C GLY J 19 -26.38 31.48 -26.50
N SER J 20 -25.97 30.84 -25.40
CA SER J 20 -25.07 31.49 -24.45
C SER J 20 -24.82 30.61 -23.24
N ALA J 21 -23.57 30.60 -22.76
CA ALA J 21 -23.05 29.76 -21.68
C ALA J 21 -23.00 30.50 -20.34
N PRO J 22 -23.77 30.06 -19.32
CA PRO J 22 -23.71 30.75 -18.02
C PRO J 22 -22.42 30.43 -17.27
N LEU J 23 -21.97 31.38 -16.47
CA LEU J 23 -20.89 31.11 -15.51
C LEU J 23 -21.32 31.62 -14.14
N PHE J 24 -20.72 31.04 -13.11
CA PHE J 24 -21.30 31.30 -11.82
C PHE J 24 -20.51 32.38 -11.08
N PRO J 25 -21.17 33.25 -10.32
CA PRO J 25 -20.42 34.29 -9.59
C PRO J 25 -19.79 33.75 -8.31
N ALA J 26 -19.02 34.64 -7.68
CA ALA J 26 -18.28 34.38 -6.43
C ALA J 26 -17.36 33.17 -6.56
N TYR J 27 -16.37 33.30 -7.45
CA TYR J 27 -15.34 32.29 -7.57
C TYR J 27 -14.34 32.37 -6.42
N GLN J 28 -13.83 31.22 -6.04
CA GLN J 28 -12.85 31.09 -4.98
C GLN J 28 -11.53 30.79 -5.70
N THR J 29 -11.44 29.65 -6.38
CA THR J 29 -10.22 29.30 -7.08
C THR J 29 -10.41 28.04 -7.92
N ASP J 30 -9.52 27.88 -8.89
CA ASP J 30 -9.70 26.96 -9.99
C ASP J 30 -8.37 26.30 -10.26
N GLY J 31 -8.33 24.98 -10.05
CA GLY J 31 -7.19 24.20 -10.47
C GLY J 31 -7.55 23.27 -11.58
N SER J 32 -6.94 23.48 -12.74
CA SER J 32 -7.06 22.58 -13.88
C SER J 32 -5.74 21.83 -13.95
N VAL J 33 -5.81 20.51 -13.86
CA VAL J 33 -4.62 19.68 -13.77
C VAL J 33 -4.63 18.70 -14.94
N SER J 34 -3.50 18.59 -15.62
CA SER J 34 -3.40 17.94 -16.92
C SER J 34 -2.14 17.08 -16.91
N GLY J 35 -2.33 15.76 -16.85
CA GLY J 35 -1.20 14.85 -16.81
C GLY J 35 -0.95 14.13 -18.11
N GLU J 36 0.26 14.25 -18.64
CA GLU J 36 0.64 13.64 -19.90
C GLU J 36 1.50 12.42 -19.59
N ARG J 37 0.89 11.24 -19.59
CA ARG J 37 1.57 10.01 -19.18
C ARG J 37 2.71 9.71 -20.13
N GLU J 38 3.74 9.04 -19.61
CA GLU J 38 5.02 8.89 -20.29
C GLU J 38 5.41 7.42 -20.29
N LEU J 39 6.51 7.11 -20.99
CA LEU J 39 7.01 5.77 -21.11
C LEU J 39 7.58 5.28 -19.78
N PHE J 40 7.25 4.03 -19.44
CA PHE J 40 7.85 3.36 -18.29
C PHE J 40 9.20 2.75 -18.66
N ASP J 41 10.16 2.93 -17.76
CA ASP J 41 11.32 2.05 -17.63
C ASP J 41 12.24 2.31 -18.82
N GLU J 42 13.40 2.91 -18.54
CA GLU J 42 14.41 3.14 -19.57
C GLU J 42 15.04 1.84 -20.07
N GLN J 43 15.22 0.86 -19.18
CA GLN J 43 15.96 -0.39 -19.41
C GLN J 43 17.46 -0.15 -19.52
N THR J 44 17.92 0.98 -18.97
CA THR J 44 19.25 1.57 -19.22
C THR J 44 19.63 1.49 -20.70
N LYS J 45 18.76 2.04 -21.55
CA LYS J 45 18.94 2.00 -23.00
C LYS J 45 19.32 3.38 -23.52
N ASN J 46 18.67 3.81 -24.60
CA ASN J 46 18.91 5.14 -25.17
C ASN J 46 17.83 6.14 -24.79
N GLY J 47 17.01 5.84 -23.79
CA GLY J 47 15.94 6.73 -23.38
C GLY J 47 14.59 6.17 -23.75
N ARG J 48 14.09 5.25 -22.92
CA ARG J 48 12.80 4.62 -23.16
C ARG J 48 11.83 5.14 -22.11
N ILE J 49 12.11 6.34 -21.60
CA ILE J 49 11.24 6.98 -20.61
C ILE J 49 10.82 8.35 -21.12
N LEU J 50 11.24 8.71 -22.34
CA LEU J 50 10.83 9.95 -22.96
C LEU J 50 9.79 9.73 -24.06
N GLY J 51 8.89 8.77 -23.86
CA GLY J 51 7.99 8.31 -24.90
C GLY J 51 6.56 8.82 -24.74
N PRO J 52 5.81 8.83 -25.84
CA PRO J 52 4.46 9.40 -25.80
C PRO J 52 3.43 8.48 -25.19
N GLY J 53 2.55 9.06 -24.37
CA GLY J 53 1.50 8.31 -23.71
C GLY J 53 0.23 9.11 -23.72
N SER J 54 -0.80 8.53 -23.11
CA SER J 54 -2.09 9.20 -23.03
C SER J 54 -2.03 10.37 -22.06
N VAL J 55 -3.06 11.20 -22.11
CA VAL J 55 -3.14 12.40 -21.29
C VAL J 55 -4.35 12.30 -20.35
N ALA J 56 -4.12 12.53 -19.07
CA ALA J 56 -5.18 12.58 -18.07
C ALA J 56 -5.55 14.04 -17.85
N ASP J 57 -6.84 14.33 -17.92
CA ASP J 57 -7.32 15.70 -17.91
C ASP J 57 -8.43 15.81 -16.88
N SER J 58 -8.13 16.54 -15.80
CA SER J 58 -9.04 16.73 -14.69
C SER J 58 -8.97 18.17 -14.20
N GLY J 59 -10.11 18.65 -13.70
CA GLY J 59 -10.16 19.98 -13.14
C GLY J 59 -11.02 20.03 -11.90
N GLU J 60 -10.73 20.96 -11.00
CA GLU J 60 -11.54 21.18 -9.81
C GLU J 60 -11.90 22.66 -9.78
N VAL J 61 -13.10 22.97 -9.33
CA VAL J 61 -13.60 24.34 -9.28
C VAL J 61 -14.15 24.61 -7.89
N THR J 62 -13.62 25.62 -7.23
CA THR J 62 -14.15 26.03 -5.94
C THR J 62 -14.90 27.34 -6.08
N TYR J 63 -15.95 27.51 -5.29
CA TYR J 63 -16.70 28.77 -5.25
C TYR J 63 -17.66 28.75 -4.07
N TYR J 64 -18.23 29.91 -3.76
CA TYR J 64 -19.25 30.05 -2.72
C TYR J 64 -20.61 30.08 -3.38
N GLY J 65 -21.46 29.11 -3.05
CA GLY J 65 -22.75 28.98 -3.68
C GLY J 65 -23.75 30.04 -3.28
N LYS J 66 -24.47 30.59 -4.26
CA LYS J 66 -25.55 31.52 -3.98
C LYS J 66 -26.88 30.76 -3.87
N ARG J 67 -27.82 31.32 -3.12
CA ARG J 67 -29.07 30.64 -2.81
C ARG J 67 -29.82 30.14 -4.05
N GLY J 68 -29.78 30.87 -5.15
CA GLY J 68 -30.40 30.43 -6.39
C GLY J 68 -29.87 31.25 -7.55
N ASP J 69 -28.86 30.69 -8.22
CA ASP J 69 -28.33 31.16 -9.50
C ASP J 69 -27.96 29.98 -10.42
N ALA J 70 -27.89 30.29 -11.71
CA ALA J 70 -28.06 29.33 -12.81
C ALA J 70 -26.88 28.41 -13.13
N GLY J 71 -25.63 28.90 -13.03
CA GLY J 71 -24.49 27.99 -13.06
C GLY J 71 -24.46 27.03 -11.88
N GLN J 72 -24.82 27.52 -10.69
CA GLN J 72 -25.00 26.63 -9.56
C GLN J 72 -26.11 25.62 -9.81
N LYS J 73 -27.31 26.06 -10.21
CA LYS J 73 -28.33 25.12 -10.64
C LYS J 73 -27.91 24.34 -11.86
N ALA J 74 -27.03 24.90 -12.69
CA ALA J 74 -26.41 24.10 -13.74
C ALA J 74 -25.54 23.01 -13.14
N ILE J 75 -24.79 23.34 -12.09
CA ILE J 75 -24.04 22.33 -11.34
C ILE J 75 -25.00 21.36 -10.66
N GLU J 76 -26.09 21.86 -10.10
CA GLU J 76 -27.03 21.01 -9.39
C GLU J 76 -27.68 19.98 -10.31
N ASP J 77 -28.12 20.38 -11.49
CA ASP J 77 -28.55 19.40 -12.49
C ASP J 77 -27.37 18.59 -13.00
N ALA J 78 -26.21 19.22 -13.18
CA ALA J 78 -25.04 18.44 -13.57
C ALA J 78 -24.80 17.27 -12.63
N TYR J 79 -24.75 17.52 -11.32
CA TYR J 79 -24.42 16.45 -10.38
C TYR J 79 -25.64 15.62 -10.02
N GLN J 80 -26.72 16.29 -9.60
CA GLN J 80 -27.85 15.60 -8.96
C GLN J 80 -28.68 14.82 -9.97
N ASN J 81 -28.96 15.41 -11.13
CA ASN J 81 -29.61 14.64 -12.19
C ASN J 81 -28.63 13.69 -12.87
N GLY J 82 -27.35 14.07 -12.88
CA GLY J 82 -26.31 13.24 -13.47
C GLY J 82 -26.19 13.45 -14.96
N LYS J 83 -25.53 14.54 -15.35
CA LYS J 83 -25.30 14.91 -16.75
C LYS J 83 -23.86 15.39 -16.85
N GLN J 84 -23.26 15.23 -18.02
CA GLN J 84 -21.99 15.86 -18.36
C GLN J 84 -22.25 17.29 -18.81
N ILE J 85 -21.37 18.21 -18.43
CA ILE J 85 -21.53 19.61 -18.82
C ILE J 85 -20.36 20.04 -19.69
N LYS J 86 -20.62 21.01 -20.57
CA LYS J 86 -19.58 21.57 -21.41
C LYS J 86 -18.87 22.68 -20.66
N PHE J 87 -17.54 22.69 -20.76
CA PHE J 87 -16.65 23.46 -19.90
C PHE J 87 -15.81 24.41 -20.75
N TRP J 88 -15.89 25.70 -20.43
CA TRP J 88 -15.18 26.76 -21.13
C TRP J 88 -14.38 27.55 -20.11
N ARG J 89 -13.11 27.84 -20.42
CA ARG J 89 -12.29 28.72 -19.60
C ARG J 89 -11.64 29.75 -20.52
N VAL J 90 -11.95 31.02 -20.29
CA VAL J 90 -11.51 32.06 -21.20
C VAL J 90 -10.95 33.23 -20.41
N ASP J 91 -10.14 34.03 -21.09
CA ASP J 91 -9.54 35.20 -20.47
C ASP J 91 -10.39 36.43 -20.73
N THR J 92 -10.37 37.34 -19.75
CA THR J 92 -11.16 38.56 -19.78
C THR J 92 -10.54 39.65 -20.65
N VAL J 93 -9.22 39.62 -20.84
CA VAL J 93 -8.58 40.59 -21.72
C VAL J 93 -8.94 40.29 -23.17
N LYS J 94 -9.10 41.34 -23.96
CA LYS J 94 -9.56 41.22 -25.33
C LYS J 94 -8.45 40.62 -26.20
N ASN J 95 -8.81 39.61 -26.99
CA ASN J 95 -7.90 39.06 -27.98
C ASN J 95 -7.86 39.97 -29.21
N GLU J 96 -6.65 40.22 -29.71
CA GLU J 96 -6.45 41.12 -30.84
C GLU J 96 -6.82 40.51 -32.18
N ASN J 97 -6.82 39.18 -32.31
CA ASN J 97 -7.38 38.57 -33.50
C ASN J 97 -8.52 37.62 -33.13
N ASP J 98 -9.34 37.98 -32.16
CA ASP J 98 -10.59 37.30 -31.89
C ASP J 98 -11.35 38.08 -30.83
N LYS J 99 -12.51 37.58 -30.44
CA LYS J 99 -13.24 38.14 -29.31
C LYS J 99 -12.43 38.01 -28.03
N TYR J 100 -12.28 36.79 -27.55
CA TYR J 100 -11.53 36.47 -26.35
C TYR J 100 -10.69 35.23 -26.66
N ASP J 101 -9.96 34.74 -25.65
CA ASP J 101 -9.16 33.54 -25.82
C ASP J 101 -9.60 32.50 -24.81
N ALA J 102 -9.65 31.25 -25.25
CA ALA J 102 -10.37 30.21 -24.54
C ALA J 102 -9.57 28.91 -24.57
N GLN J 103 -9.85 28.07 -23.58
CA GLN J 103 -9.61 26.63 -23.67
C GLN J 103 -10.91 25.95 -23.29
N PHE J 104 -11.23 24.87 -24.01
CA PHE J 104 -12.57 24.31 -24.02
C PHE J 104 -12.52 22.80 -23.79
N GLY J 105 -13.57 22.25 -23.21
CA GLY J 105 -13.68 20.81 -23.14
C GLY J 105 -15.07 20.36 -22.76
N PHE J 106 -15.32 19.07 -22.98
CA PHE J 106 -16.50 18.41 -22.44
C PHE J 106 -16.14 17.87 -21.06
N ALA J 107 -16.97 18.17 -20.08
CA ALA J 107 -16.65 17.92 -18.68
C ALA J 107 -17.75 17.11 -18.00
N TYR J 108 -17.37 16.50 -16.89
CA TYR J 108 -18.23 15.58 -16.15
C TYR J 108 -18.16 15.96 -14.68
N ILE J 109 -19.11 15.46 -13.89
CA ILE J 109 -19.14 15.74 -12.46
C ILE J 109 -18.47 14.59 -11.70
N GLU J 110 -17.18 14.75 -11.40
CA GLU J 110 -16.48 13.73 -10.64
C GLU J 110 -16.79 13.74 -9.15
N SER J 111 -16.86 14.91 -8.52
CA SER J 111 -17.26 14.98 -7.13
C SER J 111 -17.76 16.39 -6.83
N ARG J 112 -18.49 16.52 -5.72
CA ARG J 112 -19.01 17.79 -5.23
C ARG J 112 -18.92 17.68 -3.71
N GLU J 113 -18.44 18.75 -3.09
CA GLU J 113 -18.24 18.82 -1.65
C GLU J 113 -18.84 20.14 -1.19
N TYR J 114 -19.78 20.06 -0.24
CA TYR J 114 -20.38 21.27 0.32
C TYR J 114 -19.98 21.44 1.77
N SER J 115 -19.50 22.64 2.08
CA SER J 115 -19.10 22.99 3.43
C SER J 115 -19.96 24.16 3.91
N ASP J 116 -20.67 23.92 5.01
CA ASP J 116 -21.35 24.94 5.79
C ASP J 116 -20.56 25.08 7.09
N GLY J 117 -20.18 26.31 7.42
CA GLY J 117 -19.51 26.60 8.67
C GLY J 117 -20.22 27.70 9.43
N VAL J 118 -19.98 27.74 10.74
CA VAL J 118 -20.53 28.78 11.60
C VAL J 118 -19.87 30.13 11.32
N GLU J 119 -18.63 30.12 10.85
CA GLU J 119 -18.01 31.34 10.34
C GLU J 119 -18.12 31.47 8.83
N GLY J 120 -18.20 32.69 8.32
CA GLY J 120 -18.03 32.91 6.89
C GLY J 120 -19.28 32.46 6.18
N ALA J 121 -19.12 31.88 4.99
CA ALA J 121 -20.27 31.47 4.19
C ALA J 121 -19.98 30.14 3.50
N VAL J 122 -21.07 29.43 3.17
CA VAL J 122 -20.96 28.06 2.67
C VAL J 122 -20.02 28.01 1.48
N GLU J 123 -19.32 26.89 1.35
CA GLU J 123 -18.32 26.76 0.29
C GLU J 123 -18.55 25.49 -0.50
N ILE J 124 -18.56 25.62 -1.82
CA ILE J 124 -18.78 24.50 -2.72
C ILE J 124 -17.51 24.21 -3.49
N SER J 125 -17.07 22.96 -3.42
CA SER J 125 -16.01 22.45 -4.27
C SER J 125 -16.61 21.41 -5.21
N ILE J 126 -16.45 21.61 -6.51
CA ILE J 126 -16.93 20.66 -7.49
C ILE J 126 -15.76 20.21 -8.35
N SER J 127 -15.57 18.90 -8.43
CA SER J 127 -14.48 18.29 -9.18
C SER J 127 -15.02 17.63 -10.43
N LEU J 128 -14.21 17.65 -11.49
CA LEU J 128 -14.62 17.21 -12.81
C LEU J 128 -13.46 16.55 -13.53
N GLN J 129 -13.74 15.45 -14.21
CA GLN J 129 -12.81 14.85 -15.16
C GLN J 129 -13.12 15.42 -16.53
N VAL J 130 -12.16 15.37 -17.43
CA VAL J 130 -12.39 15.80 -18.80
C VAL J 130 -11.63 14.86 -19.72
N ILE J 131 -12.05 14.81 -20.99
CA ILE J 131 -11.48 13.84 -21.92
C ILE J 131 -10.61 14.54 -22.95
N GLY J 132 -9.99 15.65 -22.56
CA GLY J 132 -9.10 16.36 -23.45
C GLY J 132 -9.60 17.77 -23.72
N GLU J 133 -9.13 18.72 -22.91
CA GLU J 133 -9.44 20.12 -23.16
C GLU J 133 -8.51 20.69 -24.23
N LEU J 134 -9.09 21.50 -25.11
CA LEU J 134 -8.36 22.03 -26.25
C LEU J 134 -8.39 23.55 -26.16
N LYS J 135 -7.33 24.18 -26.65
CA LYS J 135 -7.19 25.63 -26.59
C LYS J 135 -7.70 26.24 -27.88
N ASN J 136 -8.38 27.37 -27.79
CA ASN J 136 -8.87 28.09 -28.96
C ASN J 136 -9.07 29.55 -28.59
N GLY J 137 -9.86 30.26 -29.40
CA GLY J 137 -10.28 31.59 -29.02
C GLY J 137 -11.75 31.62 -28.65
N GLU J 138 -12.09 32.50 -27.71
CA GLU J 138 -13.43 32.56 -27.17
C GLU J 138 -14.28 33.45 -28.06
N ILE J 139 -15.46 32.94 -28.43
CA ILE J 139 -16.32 33.67 -29.35
C ILE J 139 -17.38 34.46 -28.57
N ASP J 140 -18.08 33.81 -27.64
CA ASP J 140 -19.14 34.50 -26.91
C ASP J 140 -18.57 35.42 -25.85
N THR J 141 -18.67 36.73 -26.11
CA THR J 141 -18.26 37.74 -25.15
C THR J 141 -19.06 37.65 -23.86
N LEU J 142 -20.39 37.45 -23.94
CA LEU J 142 -21.34 37.47 -22.83
C LEU J 142 -21.07 38.68 -21.94
N PRO J 143 -21.18 39.91 -22.49
CA PRO J 143 -20.53 41.08 -21.88
C PRO J 143 -21.12 41.55 -20.57
N GLU J 144 -22.01 40.73 -20.02
CA GLU J 144 -22.56 40.93 -18.68
C GLU J 144 -21.52 40.64 -17.61
N GLU J 145 -20.76 39.55 -17.76
CA GLU J 145 -19.85 39.10 -16.72
C GLU J 145 -18.39 39.18 -17.13
N ILE J 146 -17.97 38.52 -18.20
CA ILE J 146 -16.59 38.52 -18.66
C ILE J 146 -16.16 39.93 -19.05
N VAL J 147 -16.98 40.63 -19.82
CA VAL J 147 -16.64 41.95 -20.33
C VAL J 147 -16.76 42.93 -19.17
N ASN J 148 -17.84 42.79 -18.39
CA ASN J 148 -18.10 43.71 -17.29
C ASN J 148 -17.94 43.03 -15.94
N VAL J 149 -16.96 43.46 -15.15
CA VAL J 149 -16.86 42.99 -13.77
C VAL J 149 -16.71 44.21 -12.86
N SER J 150 -17.79 44.57 -12.18
CA SER J 150 -17.81 45.80 -11.42
C SER J 150 -17.92 45.56 -9.92
N LYS J 151 -17.61 46.57 -9.10
CA LYS J 151 -17.79 46.42 -7.65
C LYS J 151 -19.21 46.66 -7.18
N GLY J 152 -20.13 47.06 -8.05
CA GLY J 152 -21.49 47.37 -7.64
C GLY J 152 -21.71 48.85 -7.37
N GLY J 153 -20.68 49.66 -7.61
CA GLY J 153 -20.74 51.08 -7.34
C GLY J 153 -21.69 51.80 -8.29
N TYR J 154 -22.49 52.69 -7.72
CA TYR J 154 -23.44 53.52 -8.45
C TYR J 154 -23.33 54.95 -7.92
N ASP J 155 -23.51 55.93 -8.82
CA ASP J 155 -23.01 57.29 -8.60
C ASP J 155 -23.64 58.04 -7.44
N PHE J 156 -24.98 58.03 -7.34
CA PHE J 156 -25.80 58.45 -6.20
C PHE J 156 -27.08 57.61 -6.17
N GLN J 157 -27.67 57.57 -4.97
CA GLN J 157 -29.11 57.33 -4.79
C GLN J 157 -29.56 58.24 -3.66
N GLN J 158 -29.81 59.52 -3.96
CA GLN J 158 -29.97 60.51 -2.90
C GLN J 158 -31.41 60.99 -2.69
N PRO J 159 -32.31 61.03 -3.70
CA PRO J 159 -33.71 61.33 -3.37
C PRO J 159 -34.44 60.17 -2.72
N GLY J 160 -33.74 59.10 -2.33
CA GLY J 160 -34.42 57.91 -1.88
C GLY J 160 -35.00 56.97 -2.92
N GLN J 161 -34.22 56.01 -3.41
CA GLN J 161 -34.78 55.03 -4.35
C GLN J 161 -34.96 53.68 -3.69
N THR J 162 -35.75 53.64 -2.61
CA THR J 162 -36.13 52.43 -1.86
C THR J 162 -35.04 51.37 -1.90
N THR J 163 -33.96 51.61 -1.16
CA THR J 163 -32.77 50.81 -1.34
C THR J 163 -32.79 49.64 -0.36
N GLY J 164 -31.83 48.73 -0.51
CA GLY J 164 -31.62 47.65 0.44
C GLY J 164 -30.17 47.24 0.53
N GLU J 165 -29.92 46.02 1.02
CA GLU J 165 -28.55 45.54 1.20
C GLU J 165 -27.81 45.45 -0.12
N ALA J 166 -28.55 45.32 -1.23
CA ALA J 166 -27.98 45.18 -2.56
C ALA J 166 -27.59 46.56 -3.09
N PRO J 167 -26.61 46.62 -3.98
CA PRO J 167 -25.84 47.84 -4.16
C PRO J 167 -26.55 48.89 -5.01
N GLY J 168 -27.63 48.44 -5.65
CA GLY J 168 -28.62 49.32 -6.24
C GLY J 168 -30.06 48.87 -6.21
N THR J 169 -30.83 49.32 -5.22
CA THR J 169 -32.27 49.09 -5.24
C THR J 169 -32.99 50.39 -5.59
N VAL J 170 -34.12 50.22 -6.27
CA VAL J 170 -34.98 51.34 -6.66
C VAL J 170 -36.37 51.10 -6.08
N PRO J 171 -37.28 52.09 -6.11
CA PRO J 171 -38.63 51.86 -5.56
C PRO J 171 -39.46 50.95 -6.44
N ALA J 172 -39.94 49.86 -5.86
CA ALA J 172 -40.62 48.75 -6.54
C ALA J 172 -39.76 48.15 -7.65
N PRO K 1 28.26 32.38 -4.28
CA PRO K 1 28.13 31.15 -5.06
C PRO K 1 27.18 31.54 -6.19
N ILE K 2 26.32 30.61 -6.59
CA ILE K 2 25.32 30.85 -7.62
C ILE K 2 24.09 31.43 -6.96
N MET K 3 23.56 32.51 -7.55
CA MET K 3 22.41 33.21 -6.99
C MET K 3 21.11 32.66 -7.56
N GLY K 4 20.01 32.99 -6.90
CA GLY K 4 18.69 32.61 -7.37
C GLY K 4 18.36 33.11 -8.77
N GLN K 5 18.86 34.28 -9.14
CA GLN K 5 18.75 34.79 -10.50
C GLN K 5 19.78 34.17 -11.43
N ASP K 6 20.95 33.80 -10.91
CA ASP K 6 22.07 33.36 -11.73
C ASP K 6 21.72 32.21 -12.68
N VAL K 7 20.99 31.19 -12.23
CA VAL K 7 20.66 30.04 -13.06
C VAL K 7 19.36 30.35 -13.78
N LYS K 8 19.41 30.46 -15.11
CA LYS K 8 18.19 30.68 -15.89
C LYS K 8 18.05 29.60 -16.96
N TYR K 9 16.79 29.27 -17.26
CA TYR K 9 16.44 28.06 -18.00
C TYR K 9 15.85 28.47 -19.34
N LEU K 10 16.41 27.95 -20.42
CA LEU K 10 15.87 28.18 -21.75
C LEU K 10 15.50 26.85 -22.40
N PHE K 11 14.49 26.86 -23.25
CA PHE K 11 14.09 25.69 -24.01
C PHE K 11 14.09 25.98 -25.49
N GLN K 12 14.36 24.96 -26.29
CA GLN K 12 14.20 25.07 -27.73
C GLN K 12 13.42 23.87 -28.24
N SER K 13 12.40 24.14 -29.05
CA SER K 13 11.57 23.09 -29.62
C SER K 13 12.31 22.36 -30.74
N ILE K 14 12.17 21.03 -30.74
CA ILE K 14 12.84 20.21 -31.74
C ILE K 14 12.36 20.55 -33.15
N ASP K 15 11.10 20.91 -33.32
CA ASP K 15 10.51 21.09 -34.63
C ASP K 15 10.78 22.47 -35.22
N ALA K 16 11.18 23.44 -34.41
CA ALA K 16 11.35 24.80 -34.91
C ALA K 16 12.51 24.89 -35.89
N ALA K 17 13.69 24.40 -35.48
CA ALA K 17 14.96 24.51 -36.21
C ALA K 17 15.35 25.98 -36.46
N THR K 18 15.35 26.76 -35.37
CA THR K 18 15.70 28.17 -35.42
C THR K 18 17.10 28.36 -34.86
N GLY K 19 17.64 29.56 -35.05
CA GLY K 19 18.98 29.86 -34.58
C GLY K 19 19.03 30.47 -33.19
N SER K 20 18.14 30.03 -32.31
CA SER K 20 18.07 30.60 -30.97
C SER K 20 16.92 30.00 -30.16
N ALA K 21 17.16 29.75 -28.87
CA ALA K 21 16.28 29.07 -27.92
C ALA K 21 15.51 30.06 -27.04
N PRO K 22 14.16 30.13 -27.14
CA PRO K 22 13.43 31.05 -26.27
C PRO K 22 13.36 30.56 -24.84
N LEU K 23 13.30 31.49 -23.90
CA LEU K 23 12.98 31.16 -22.52
C LEU K 23 11.87 32.08 -22.03
N PHE K 24 11.16 31.62 -21.02
CA PHE K 24 9.94 32.33 -20.73
C PHE K 24 10.13 33.28 -19.55
N PRO K 25 9.52 34.47 -19.56
CA PRO K 25 9.69 35.38 -18.43
C PRO K 25 8.82 34.99 -17.24
N ALA K 26 9.02 35.74 -16.15
CA ALA K 26 8.31 35.59 -14.87
C ALA K 26 8.44 34.18 -14.32
N TYR K 27 9.67 33.79 -14.01
CA TYR K 27 9.93 32.52 -13.35
C TYR K 27 9.55 32.59 -11.87
N GLN K 28 9.08 31.45 -11.37
CA GLN K 28 8.69 31.30 -9.99
C GLN K 28 9.81 30.47 -9.35
N THR K 29 9.99 29.23 -9.78
CA THR K 29 11.02 28.37 -9.23
C THR K 29 11.13 27.06 -10.00
N ASP K 30 12.28 26.43 -9.83
CA ASP K 30 12.73 25.36 -10.71
C ASP K 30 13.36 24.29 -9.85
N GLY K 31 12.74 23.12 -9.85
CA GLY K 31 13.36 21.96 -9.24
C GLY K 31 13.73 20.94 -10.28
N SER K 32 15.02 20.67 -10.41
CA SER K 32 15.53 19.60 -11.26
C SER K 32 15.97 18.52 -10.30
N VAL K 33 15.40 17.33 -10.46
CA VAL K 33 15.62 16.23 -9.53
C VAL K 33 16.18 15.05 -10.32
N SER K 34 17.24 14.46 -9.79
CA SER K 34 18.09 13.51 -10.52
C SER K 34 18.40 12.35 -9.57
N GLY K 35 17.78 11.20 -9.85
CA GLY K 35 17.97 10.05 -9.00
C GLY K 35 18.87 8.99 -9.62
N GLU K 36 19.93 8.62 -8.92
CA GLU K 36 20.90 7.63 -9.40
C GLU K 36 20.64 6.34 -8.65
N ARG K 37 19.91 5.42 -9.28
CA ARG K 37 19.49 4.19 -8.63
C ARG K 37 20.70 3.34 -8.27
N GLU K 38 20.56 2.54 -7.21
CA GLU K 38 21.68 1.88 -6.57
C GLU K 38 21.34 0.40 -6.40
N LEU K 39 22.33 -0.37 -5.95
CA LEU K 39 22.19 -1.81 -5.75
C LEU K 39 21.26 -2.10 -4.59
N PHE K 40 20.38 -3.07 -4.80
CA PHE K 40 19.52 -3.61 -3.74
C PHE K 40 20.27 -4.65 -2.91
N ASP K 41 20.11 -4.55 -1.60
CA ASP K 41 20.27 -5.67 -0.68
C ASP K 41 21.76 -5.99 -0.57
N GLU K 42 22.33 -5.70 0.60
CA GLU K 42 23.73 -6.04 0.86
C GLU K 42 23.98 -7.54 0.95
N GLN K 43 23.00 -8.28 1.49
CA GLN K 43 23.11 -9.71 1.82
C GLN K 43 24.02 -9.96 3.02
N THR K 44 24.24 -8.91 3.82
CA THR K 44 25.30 -8.81 4.83
C THR K 44 26.64 -9.35 4.29
N LYS K 45 27.06 -8.80 3.16
CA LYS K 45 28.29 -9.23 2.49
C LYS K 45 29.38 -8.18 2.65
N ASN K 46 30.07 -7.86 1.55
CA ASN K 46 31.11 -6.83 1.57
C ASN K 46 30.63 -5.49 1.01
N GLY K 47 29.32 -5.30 0.88
CA GLY K 47 28.79 -4.05 0.35
C GLY K 47 28.20 -4.27 -1.04
N ARG K 48 26.98 -4.77 -1.07
CA ARG K 48 26.29 -5.04 -2.32
C ARG K 48 25.17 -4.03 -2.47
N ILE K 49 25.34 -2.88 -1.82
CA ILE K 49 24.36 -1.80 -1.88
C ILE K 49 25.04 -0.52 -2.38
N LEU K 50 26.33 -0.61 -2.68
CA LEU K 50 27.07 0.52 -3.23
C LEU K 50 27.34 0.35 -4.72
N GLY K 51 26.38 -0.22 -5.46
CA GLY K 51 26.59 -0.62 -6.83
C GLY K 51 25.94 0.29 -7.84
N PRO K 52 26.44 0.26 -9.08
CA PRO K 52 25.93 1.20 -10.10
C PRO K 52 24.60 0.79 -10.70
N GLY K 53 23.73 1.77 -10.88
CA GLY K 53 22.41 1.54 -11.44
C GLY K 53 22.07 2.66 -12.39
N SER K 54 20.87 2.57 -12.96
CA SER K 54 20.40 3.58 -13.90
C SER K 54 20.08 4.88 -13.16
N VAL K 55 19.91 5.94 -13.93
CA VAL K 55 19.66 7.28 -13.40
C VAL K 55 18.28 7.74 -13.87
N ALA K 56 17.47 8.20 -12.92
CA ALA K 56 16.16 8.79 -13.21
C ALA K 56 16.33 10.30 -13.23
N ASP K 57 15.85 10.94 -14.29
CA ASP K 57 16.10 12.35 -14.53
C ASP K 57 14.78 13.02 -14.83
N SER K 58 14.34 13.87 -13.90
CA SER K 58 13.07 14.58 -13.99
C SER K 58 13.24 16.01 -13.49
N GLY K 59 12.46 16.90 -14.07
CA GLY K 59 12.46 18.29 -13.65
C GLY K 59 11.07 18.87 -13.65
N GLU K 60 10.84 19.86 -12.79
CA GLU K 60 9.59 20.59 -12.76
C GLU K 60 9.92 22.08 -12.87
N VAL K 61 9.06 22.82 -13.57
CA VAL K 61 9.29 24.24 -13.79
C VAL K 61 8.00 24.98 -13.42
N THR K 62 8.12 25.92 -12.49
CA THR K 62 6.97 26.76 -12.15
C THR K 62 7.19 28.17 -12.70
N TYR K 63 6.09 28.82 -13.08
CA TYR K 63 6.15 30.21 -13.53
C TYR K 63 4.73 30.76 -13.65
N TYR K 64 4.62 32.08 -13.80
CA TYR K 64 3.34 32.75 -14.02
C TYR K 64 3.19 33.02 -15.52
N GLY K 65 2.16 32.44 -16.12
CA GLY K 65 1.98 32.55 -17.55
C GLY K 65 1.53 33.92 -18.02
N LYS K 66 2.13 34.40 -19.10
CA LYS K 66 1.71 35.65 -19.72
C LYS K 66 0.70 35.35 -20.83
N ARG K 67 -0.16 36.34 -21.11
CA ARG K 67 -1.28 36.14 -22.03
C ARG K 67 -0.86 35.60 -23.39
N GLY K 68 0.29 36.01 -23.91
CA GLY K 68 0.80 35.49 -25.17
C GLY K 68 2.28 35.81 -25.31
N ASP K 69 3.11 34.83 -24.93
CA ASP K 69 4.55 34.81 -25.16
C ASP K 69 5.04 33.39 -25.51
N ALA K 70 6.19 33.35 -26.16
CA ALA K 70 6.64 32.26 -27.02
C ALA K 70 7.14 30.98 -26.34
N GLY K 71 7.86 31.09 -25.22
CA GLY K 71 8.13 29.91 -24.40
C GLY K 71 6.88 29.29 -23.82
N GLN K 72 5.94 30.13 -23.38
CA GLN K 72 4.62 29.63 -22.99
C GLN K 72 3.90 28.96 -24.14
N LYS K 73 3.78 29.63 -25.30
CA LYS K 73 3.26 28.95 -26.48
C LYS K 73 4.16 27.81 -26.92
N ALA K 74 5.46 27.87 -26.61
CA ALA K 74 6.30 26.70 -26.79
C ALA K 74 5.87 25.58 -25.87
N ILE K 75 5.54 25.91 -24.62
CA ILE K 75 4.96 24.93 -23.70
C ILE K 75 3.60 24.47 -24.19
N GLU K 76 2.79 25.40 -24.71
CA GLU K 76 1.45 25.06 -25.17
C GLU K 76 1.47 24.08 -26.33
N ASP K 77 2.34 24.29 -27.33
CA ASP K 77 2.56 23.27 -28.34
C ASP K 77 3.26 22.05 -27.77
N ALA K 78 4.21 22.26 -26.85
CA ALA K 78 4.81 21.10 -26.20
C ALA K 78 3.77 20.17 -25.61
N TYR K 79 2.85 20.70 -24.80
CA TYR K 79 1.90 19.84 -24.12
C TYR K 79 0.70 19.51 -24.99
N GLN K 80 0.07 20.54 -25.56
CA GLN K 80 -1.24 20.39 -26.20
C GLN K 80 -1.15 19.67 -27.54
N ASN K 81 -0.16 20.02 -28.37
CA ASN K 81 0.07 19.24 -29.58
C ASN K 81 0.76 17.93 -29.27
N GLY K 82 1.54 17.89 -28.18
CA GLY K 82 2.23 16.69 -27.77
C GLY K 82 3.54 16.48 -28.49
N LYS K 83 4.57 17.20 -28.05
CA LYS K 83 5.92 17.14 -28.62
C LYS K 83 6.90 17.15 -27.44
N GLN K 84 8.06 16.55 -27.64
CA GLN K 84 9.17 16.68 -26.72
C GLN K 84 9.92 17.97 -27.03
N ILE K 85 10.40 18.66 -26.00
CA ILE K 85 11.12 19.90 -26.20
C ILE K 85 12.55 19.75 -25.69
N LYS K 86 13.46 20.52 -26.28
CA LYS K 86 14.85 20.53 -25.86
C LYS K 86 15.01 21.54 -24.73
N PHE K 87 15.75 21.13 -23.69
CA PHE K 87 15.81 21.79 -22.41
C PHE K 87 17.23 22.22 -22.09
N TRP K 88 17.40 23.51 -21.83
CA TRP K 88 18.70 24.13 -21.53
C TRP K 88 18.57 24.86 -20.21
N ARG K 89 19.55 24.69 -19.33
CA ARG K 89 19.64 25.47 -18.09
C ARG K 89 21.05 26.01 -17.97
N VAL K 90 21.18 27.32 -17.95
CA VAL K 90 22.50 27.94 -17.99
C VAL K 90 22.56 29.05 -16.95
N ASP K 91 23.80 29.39 -16.59
CA ASP K 91 24.04 30.45 -15.62
C ASP K 91 24.26 31.78 -16.32
N THR K 92 23.82 32.84 -15.65
CA THR K 92 23.89 34.20 -16.17
C THR K 92 25.27 34.81 -16.06
N VAL K 93 26.08 34.37 -15.09
CA VAL K 93 27.44 34.86 -14.95
C VAL K 93 28.29 34.34 -16.10
N LYS K 94 29.22 35.18 -16.57
CA LYS K 94 30.02 34.87 -17.73
C LYS K 94 31.03 33.78 -17.39
N ASN K 95 31.13 32.76 -18.24
CA ASN K 95 32.17 31.75 -18.12
C ASN K 95 33.48 32.30 -18.68
N GLU K 96 34.56 32.04 -17.95
CA GLU K 96 35.87 32.55 -18.33
C GLU K 96 36.53 31.78 -19.45
N ASN K 97 36.15 30.53 -19.68
CA ASN K 97 36.58 29.84 -20.89
C ASN K 97 35.39 29.36 -21.71
N ASP K 98 34.34 30.18 -21.79
CA ASP K 98 33.26 29.97 -22.73
C ASP K 98 32.33 31.18 -22.66
N LYS K 99 31.26 31.14 -23.44
CA LYS K 99 30.21 32.15 -23.33
C LYS K 99 29.56 32.10 -21.96
N TYR K 100 28.82 31.03 -21.70
CA TYR K 100 28.14 30.80 -20.44
C TYR K 100 28.34 29.34 -20.07
N ASP K 101 27.74 28.92 -18.96
CA ASP K 101 27.83 27.52 -18.54
C ASP K 101 26.44 26.93 -18.43
N ALA K 102 26.33 25.68 -18.87
CA ALA K 102 25.03 25.10 -19.17
C ALA K 102 24.98 23.66 -18.68
N GLN K 103 23.76 23.19 -18.44
CA GLN K 103 23.43 21.77 -18.44
C GLN K 103 22.23 21.61 -19.36
N PHE K 104 22.25 20.53 -20.16
CA PHE K 104 21.38 20.39 -21.32
C PHE K 104 20.70 19.04 -21.31
N GLY K 105 19.50 18.98 -21.90
CA GLY K 105 18.88 17.69 -22.11
C GLY K 105 17.72 17.78 -23.08
N PHE K 106 17.31 16.60 -23.55
CA PHE K 106 16.05 16.46 -24.28
C PHE K 106 14.96 16.19 -23.26
N ALA K 107 13.87 16.95 -23.35
CA ALA K 107 12.85 16.95 -22.32
C ALA K 107 11.47 16.68 -22.93
N TYR K 108 10.56 16.27 -22.04
CA TYR K 108 9.22 15.85 -22.43
C TYR K 108 8.23 16.53 -21.50
N ILE K 109 6.95 16.52 -21.88
CA ILE K 109 5.91 17.13 -21.06
C ILE K 109 5.24 16.06 -20.22
N GLU K 110 5.70 15.90 -18.97
CA GLU K 110 5.09 14.93 -18.08
C GLU K 110 3.76 15.39 -17.49
N SER K 111 3.65 16.64 -17.05
CA SER K 111 2.38 17.17 -16.59
C SER K 111 2.40 18.68 -16.67
N ARG K 112 1.21 19.28 -16.62
CA ARG K 112 1.02 20.72 -16.62
C ARG K 112 -0.17 20.96 -15.70
N GLU K 113 -0.03 21.96 -14.83
CA GLU K 113 -1.03 22.31 -13.85
C GLU K 113 -1.24 23.81 -13.93
N TYR K 114 -2.47 24.25 -14.17
CA TYR K 114 -2.78 25.66 -14.20
C TYR K 114 -3.67 26.06 -13.04
N SER K 115 -3.23 27.10 -12.33
CA SER K 115 -3.97 27.64 -11.20
C SER K 115 -4.36 29.08 -11.50
N ASP K 116 -5.66 29.32 -11.48
CA ASP K 116 -6.25 30.65 -11.48
C ASP K 116 -6.83 30.87 -10.08
N GLY K 117 -6.45 31.97 -9.45
CA GLY K 117 -7.00 32.35 -8.16
C GLY K 117 -7.56 33.75 -8.18
N VAL K 118 -8.46 34.04 -7.24
CA VAL K 118 -9.03 35.36 -7.08
C VAL K 118 -8.00 36.35 -6.55
N GLU K 119 -7.01 35.86 -5.81
CA GLU K 119 -5.86 36.70 -5.47
C GLU K 119 -4.69 36.49 -6.40
N GLY K 120 -3.88 37.52 -6.61
CA GLY K 120 -2.59 37.33 -7.25
C GLY K 120 -2.81 37.11 -8.73
N ALA K 121 -2.00 36.25 -9.35
CA ALA K 121 -2.10 36.01 -10.78
C ALA K 121 -1.88 34.52 -11.09
N VAL K 122 -2.43 34.11 -12.23
CA VAL K 122 -2.48 32.70 -12.59
C VAL K 122 -1.09 32.08 -12.50
N GLU K 123 -1.03 30.81 -12.13
CA GLU K 123 0.26 30.15 -11.92
C GLU K 123 0.31 28.85 -12.71
N ILE K 124 1.39 28.66 -13.44
CA ILE K 124 1.57 27.47 -14.27
C ILE K 124 2.71 26.65 -13.69
N SER K 125 2.43 25.38 -13.44
CA SER K 125 3.45 24.39 -13.11
C SER K 125 3.51 23.39 -14.25
N ILE K 126 4.69 23.21 -14.83
CA ILE K 126 4.88 22.23 -15.89
C ILE K 126 5.98 21.27 -15.47
N SER K 127 5.66 19.98 -15.52
CA SER K 127 6.57 18.93 -15.12
C SER K 127 7.06 18.18 -16.35
N LEU K 128 8.31 17.71 -16.28
CA LEU K 128 8.97 17.10 -17.42
C LEU K 128 9.88 15.98 -16.94
N GLN K 129 9.89 14.87 -17.69
CA GLN K 129 10.89 13.83 -17.53
C GLN K 129 12.00 14.12 -18.51
N VAL K 130 13.19 13.58 -18.24
CA VAL K 130 14.30 13.71 -19.16
C VAL K 130 15.07 12.39 -19.17
N ILE K 131 15.85 12.17 -20.22
CA ILE K 131 16.51 10.89 -20.40
C ILE K 131 18.01 11.03 -20.20
N GLY K 132 18.40 11.98 -19.36
CA GLY K 132 19.80 12.17 -19.05
C GLY K 132 20.28 13.54 -19.44
N GLU K 133 20.22 14.49 -18.51
CA GLU K 133 20.78 15.81 -18.74
C GLU K 133 22.28 15.82 -18.53
N LEU K 134 22.97 16.52 -19.41
CA LEU K 134 24.43 16.53 -19.41
C LEU K 134 24.89 17.97 -19.20
N LYS K 135 26.04 18.12 -18.55
CA LYS K 135 26.57 19.44 -18.23
C LYS K 135 27.57 19.84 -19.32
N ASN K 136 27.56 21.12 -19.70
CA ASN K 136 28.49 21.65 -20.68
C ASN K 136 28.64 23.14 -20.47
N GLY K 137 29.13 23.84 -21.50
CA GLY K 137 29.10 25.29 -21.48
C GLY K 137 28.08 25.83 -22.47
N GLU K 138 27.49 26.96 -22.11
CA GLU K 138 26.41 27.54 -22.89
C GLU K 138 27.01 28.41 -23.99
N ILE K 139 26.53 28.19 -25.22
CA ILE K 139 27.08 28.90 -26.37
C ILE K 139 26.23 30.13 -26.70
N ASP K 140 24.92 29.95 -26.81
CA ASP K 140 24.06 31.06 -27.19
C ASP K 140 23.85 32.01 -26.02
N THR K 141 24.48 33.19 -26.10
CA THR K 141 24.28 34.23 -25.11
C THR K 141 22.83 34.69 -25.04
N LEU K 142 22.16 34.87 -26.18
CA LEU K 142 20.81 35.43 -26.32
C LEU K 142 20.69 36.69 -25.47
N PRO K 143 21.50 37.73 -25.74
CA PRO K 143 21.78 38.76 -24.73
C PRO K 143 20.60 39.69 -24.41
N GLU K 144 19.44 39.33 -24.92
CA GLU K 144 18.18 39.98 -24.59
C GLU K 144 17.76 39.67 -23.16
N GLU K 145 17.86 38.41 -22.75
CA GLU K 145 17.34 37.97 -21.47
C GLU K 145 18.42 37.52 -20.49
N ILE K 146 19.23 36.51 -20.83
CA ILE K 146 20.28 36.01 -19.97
C ILE K 146 21.32 37.10 -19.68
N VAL K 147 21.77 37.80 -20.72
CA VAL K 147 22.80 38.81 -20.58
C VAL K 147 22.19 40.02 -19.91
N ASN K 148 20.98 40.40 -20.37
CA ASN K 148 20.32 41.59 -19.86
C ASN K 148 19.09 41.23 -19.03
N VAL K 149 19.12 41.54 -17.73
CA VAL K 149 17.90 41.40 -16.93
C VAL K 149 17.71 42.70 -16.15
N SER K 150 16.76 43.51 -16.60
CA SER K 150 16.58 44.85 -16.05
C SER K 150 15.26 45.01 -15.30
N LYS K 151 15.14 46.04 -14.48
CA LYS K 151 13.87 46.30 -13.82
C LYS K 151 12.86 47.06 -14.69
N GLY K 152 13.23 47.49 -15.89
CA GLY K 152 12.35 48.27 -16.73
C GLY K 152 12.56 49.77 -16.60
N GLY K 153 13.55 50.16 -15.80
CA GLY K 153 13.82 51.56 -15.53
C GLY K 153 14.35 52.28 -16.77
N TYR K 154 13.82 53.47 -17.00
CA TYR K 154 14.22 54.35 -18.09
C TYR K 154 14.37 55.76 -17.55
N ASP K 155 15.35 56.50 -18.10
CA ASP K 155 15.91 57.66 -17.40
C ASP K 155 14.96 58.83 -17.19
N PHE K 156 14.20 59.23 -18.22
CA PHE K 156 13.05 60.15 -18.20
C PHE K 156 12.08 59.74 -19.31
N GLN K 157 10.83 60.17 -19.12
CA GLN K 157 9.88 60.40 -20.22
C GLN K 157 9.10 61.64 -19.84
N GLN K 158 9.67 62.83 -20.08
CA GLN K 158 9.10 64.05 -19.49
C GLN K 158 8.40 64.97 -20.50
N PRO K 159 8.76 65.02 -21.79
CA PRO K 159 7.91 65.78 -22.72
C PRO K 159 6.61 65.08 -23.08
N GLY K 160 6.27 63.98 -22.40
CA GLY K 160 5.14 63.19 -22.83
C GLY K 160 5.34 62.23 -23.99
N GLN K 161 5.77 61.00 -23.75
CA GLN K 161 5.88 60.04 -24.85
C GLN K 161 4.78 59.00 -24.77
N THR K 162 3.51 59.45 -24.81
CA THR K 162 2.30 58.62 -24.83
C THR K 162 2.50 57.30 -24.08
N THR K 163 2.54 57.38 -22.75
CA THR K 163 2.99 56.25 -21.96
C THR K 163 1.78 55.41 -21.57
N GLY K 164 2.06 54.25 -20.96
CA GLY K 164 1.02 53.42 -20.37
C GLY K 164 1.52 52.64 -19.18
N GLU K 165 0.83 51.55 -18.84
CA GLU K 165 1.19 50.75 -17.67
C GLU K 165 2.57 50.13 -17.83
N ALA K 166 3.03 49.96 -19.07
CA ALA K 166 4.31 49.35 -19.38
C ALA K 166 5.41 50.38 -19.21
N PRO K 167 6.63 49.95 -18.91
CA PRO K 167 7.60 50.82 -18.25
C PRO K 167 8.28 51.78 -19.19
N GLY K 168 8.09 51.53 -20.49
CA GLY K 168 8.39 52.49 -21.52
C GLY K 168 7.47 52.50 -22.74
N THR K 169 6.47 53.37 -22.76
CA THR K 169 5.70 53.58 -23.97
C THR K 169 6.07 54.91 -24.61
N VAL K 170 5.98 54.94 -25.93
CA VAL K 170 6.27 56.11 -26.74
C VAL K 170 5.02 56.44 -27.57
N PRO K 171 4.95 57.61 -28.22
CA PRO K 171 3.76 57.93 -29.02
C PRO K 171 3.72 57.12 -30.30
N ALA K 172 2.61 56.39 -30.49
CA ALA K 172 2.43 55.40 -31.55
C ALA K 172 3.50 54.33 -31.54
N PRO L 1 29.43 20.56 23.98
CA PRO L 1 29.53 19.26 23.29
C PRO L 1 30.06 19.63 21.92
N ILE L 2 29.60 18.93 20.88
CA ILE L 2 30.00 19.19 19.51
C ILE L 2 29.07 20.25 18.95
N MET L 3 29.65 21.26 18.30
CA MET L 3 28.91 22.38 17.76
C MET L 3 28.49 22.11 16.32
N GLY L 4 27.54 22.90 15.84
CA GLY L 4 27.10 22.84 14.46
C GLY L 4 28.20 23.05 13.44
N GLN L 5 29.17 23.90 13.76
CA GLN L 5 30.37 24.07 12.94
C GLN L 5 31.39 22.96 13.18
N ASP L 6 31.44 22.41 14.39
CA ASP L 6 32.48 21.47 14.77
C ASP L 6 32.63 20.29 13.83
N VAL L 7 31.54 19.66 13.39
CA VAL L 7 31.61 18.50 12.51
C VAL L 7 31.63 18.99 11.08
N LYS L 8 32.74 18.75 10.37
CA LYS L 8 32.81 19.13 8.96
C LYS L 8 33.18 17.92 8.11
N TYR L 9 32.66 17.90 6.88
CA TYR L 9 32.63 16.71 6.04
C TYR L 9 33.52 16.95 4.84
N LEU L 10 34.46 16.04 4.61
CA LEU L 10 35.32 16.09 3.43
C LEU L 10 35.14 14.81 2.63
N PHE L 11 35.31 14.91 1.32
CA PHE L 11 35.27 13.76 0.44
C PHE L 11 36.54 13.68 -0.40
N GLN L 12 36.93 12.45 -0.73
CA GLN L 12 38.02 12.26 -1.68
C GLN L 12 37.58 11.25 -2.74
N SER L 13 37.81 11.61 -4.00
CA SER L 13 37.45 10.75 -5.12
C SER L 13 38.42 9.57 -5.24
N ILE L 14 37.87 8.39 -5.49
CA ILE L 14 38.69 7.19 -5.62
C ILE L 14 39.68 7.31 -6.77
N ASP L 15 39.31 7.97 -7.86
CA ASP L 15 40.11 7.99 -9.07
C ASP L 15 41.20 9.04 -9.04
N ALA L 16 41.12 10.03 -8.14
CA ALA L 16 42.09 11.11 -8.16
C ALA L 16 43.48 10.62 -7.76
N ALA L 17 43.58 9.91 -6.62
CA ALA L 17 44.84 9.48 -6.00
C ALA L 17 45.75 10.65 -5.66
N THR L 18 45.19 11.63 -4.95
CA THR L 18 45.92 12.83 -4.55
C THR L 18 46.26 12.73 -3.07
N GLY L 19 47.11 13.64 -2.60
CA GLY L 19 47.54 13.63 -1.21
C GLY L 19 46.70 14.52 -0.31
N SER L 20 45.40 14.59 -0.58
CA SER L 20 44.52 15.45 0.20
C SER L 20 43.09 15.43 -0.34
N ALA L 21 42.11 15.44 0.57
CA ALA L 21 40.68 15.30 0.31
C ALA L 21 39.96 16.65 0.31
N PRO L 22 39.38 17.08 -0.84
CA PRO L 22 38.67 18.36 -0.84
C PRO L 22 37.34 18.28 -0.11
N LEU L 23 36.91 19.40 0.47
CA LEU L 23 35.54 19.51 0.98
C LEU L 23 34.94 20.79 0.46
N PHE L 24 33.62 20.83 0.41
CA PHE L 24 33.04 21.92 -0.35
C PHE L 24 32.56 23.02 0.60
N PRO L 25 32.68 24.29 0.22
CA PRO L 25 32.22 25.37 1.11
C PRO L 25 30.71 25.55 1.05
N ALA L 26 30.23 26.44 1.91
CA ALA L 26 28.82 26.82 2.05
C ALA L 26 27.93 25.61 2.32
N TYR L 27 28.17 24.97 3.46
CA TYR L 27 27.32 23.88 3.91
C TYR L 27 26.00 24.41 4.45
N GLN L 28 24.96 23.62 4.24
CA GLN L 28 23.62 23.92 4.70
C GLN L 28 23.39 22.98 5.88
N THR L 29 23.36 21.67 5.64
CA THR L 29 23.13 20.71 6.71
C THR L 29 23.32 19.28 6.21
N ASP L 30 23.54 18.40 7.18
CA ASP L 30 24.06 17.07 6.92
C ASP L 30 23.32 16.10 7.81
N GLY L 31 22.57 15.20 7.19
CA GLY L 31 21.99 14.10 7.91
C GLY L 31 22.62 12.78 7.50
N SER L 32 23.27 12.13 8.44
CA SER L 32 23.81 10.79 8.26
C SER L 32 22.89 9.88 9.05
N VAL L 33 22.28 8.92 8.37
CA VAL L 33 21.27 8.06 8.95
C VAL L 33 21.74 6.62 8.83
N SER L 34 21.65 5.89 9.94
CA SER L 34 22.29 4.59 10.11
C SER L 34 21.29 3.65 10.77
N GLY L 35 20.77 2.70 9.99
CA GLY L 35 19.78 1.77 10.51
C GLY L 35 20.34 0.39 10.76
N GLU L 36 20.19 -0.10 12.00
CA GLU L 36 20.69 -1.41 12.40
C GLU L 36 19.50 -2.36 12.48
N ARG L 37 19.30 -3.14 11.42
CA ARG L 37 18.12 -3.99 11.31
C ARG L 37 18.14 -5.05 12.42
N GLU L 38 16.95 -5.49 12.82
CA GLU L 38 16.78 -6.29 14.04
C GLU L 38 15.94 -7.52 13.69
N LEU L 39 15.80 -8.39 14.67
CA LEU L 39 15.06 -9.64 14.53
C LEU L 39 13.57 -9.36 14.39
N PHE L 40 12.92 -10.06 13.45
CA PHE L 40 11.48 -10.04 13.32
C PHE L 40 10.83 -11.02 14.28
N ASP L 41 9.75 -10.56 14.92
CA ASP L 41 8.71 -11.42 15.45
C ASP L 41 9.25 -12.13 16.69
N GLU L 42 8.74 -11.76 17.85
CA GLU L 42 9.11 -12.41 19.10
C GLU L 42 8.62 -13.84 19.19
N GLN L 43 7.43 -14.12 18.64
CA GLN L 43 6.71 -15.40 18.75
C GLN L 43 6.14 -15.60 20.15
N THR L 44 6.00 -14.50 20.91
CA THR L 44 5.79 -14.48 22.36
C THR L 44 6.68 -15.49 23.08
N LYS L 45 7.99 -15.38 22.83
CA LYS L 45 8.98 -16.31 23.39
C LYS L 45 9.78 -15.62 24.49
N ASN L 46 11.11 -15.78 24.44
CA ASN L 46 11.99 -15.13 25.42
C ASN L 46 12.68 -13.90 24.86
N GLY L 47 12.19 -13.36 23.74
CA GLY L 47 12.79 -12.19 23.13
C GLY L 47 13.49 -12.54 21.84
N ARG L 48 12.72 -12.65 20.77
CA ARG L 48 13.25 -13.01 19.47
C ARG L 48 13.17 -11.77 18.58
N ILE L 49 13.17 -10.60 19.21
CA ILE L 49 13.12 -9.34 18.50
C ILE L 49 14.31 -8.47 18.90
N LEU L 50 15.17 -9.00 19.77
CA LEU L 50 16.38 -8.31 20.18
C LEU L 50 17.63 -8.90 19.51
N GLY L 51 17.52 -9.34 18.26
CA GLY L 51 18.55 -10.10 17.60
C GLY L 51 19.35 -9.30 16.59
N PRO L 52 20.55 -9.77 16.27
CA PRO L 52 21.43 -9.02 15.38
C PRO L 52 21.08 -9.14 13.91
N GLY L 53 21.14 -8.02 13.20
CA GLY L 53 20.83 -7.98 11.79
C GLY L 53 21.81 -7.08 11.08
N SER L 54 21.61 -6.95 9.78
CA SER L 54 22.48 -6.11 8.97
C SER L 54 22.22 -4.63 9.27
N VAL L 55 23.13 -3.78 8.81
CA VAL L 55 23.06 -2.35 9.05
C VAL L 55 22.91 -1.62 7.71
N ALA L 56 21.92 -0.73 7.65
CA ALA L 56 21.72 0.13 6.49
C ALA L 56 22.36 1.48 6.78
N ASP L 57 23.17 1.95 5.85
CA ASP L 57 24.00 3.13 6.07
C ASP L 57 23.81 4.06 4.88
N SER L 58 23.18 5.20 5.15
CA SER L 58 22.86 6.20 4.15
C SER L 58 23.09 7.59 4.73
N GLY L 59 23.48 8.51 3.86
CA GLY L 59 23.64 9.89 4.25
C GLY L 59 23.16 10.85 3.18
N GLU L 60 22.73 12.03 3.61
CA GLU L 60 22.34 13.09 2.68
C GLU L 60 23.13 14.33 3.05
N VAL L 61 23.52 15.10 2.04
CA VAL L 61 24.32 16.30 2.24
C VAL L 61 23.66 17.45 1.50
N THR L 62 23.33 18.52 2.21
CA THR L 62 22.80 19.71 1.57
C THR L 62 23.84 20.81 1.59
N TYR L 63 23.83 21.64 0.54
CA TYR L 63 24.72 22.81 0.49
C TYR L 63 24.29 23.70 -0.68
N TYR L 64 24.83 24.92 -0.71
CA TYR L 64 24.62 25.86 -1.80
C TYR L 64 25.80 25.80 -2.75
N GLY L 65 25.54 25.41 -4.00
CA GLY L 65 26.61 25.23 -4.96
C GLY L 65 27.26 26.51 -5.45
N LYS L 66 28.58 26.52 -5.52
CA LYS L 66 29.31 27.64 -6.08
C LYS L 66 29.55 27.40 -7.57
N ARG L 67 29.70 28.49 -8.32
CA ARG L 67 29.78 28.42 -9.79
C ARG L 67 30.86 27.46 -10.28
N GLY L 68 32.00 27.38 -9.60
CA GLY L 68 33.04 26.44 -9.97
C GLY L 68 34.01 26.28 -8.81
N ASP L 69 33.78 25.22 -8.02
CA ASP L 69 34.69 24.72 -6.98
C ASP L 69 34.69 23.19 -6.95
N ALA L 70 35.77 22.64 -6.38
CA ALA L 70 36.27 21.29 -6.63
C ALA L 70 35.53 20.13 -5.98
N GLY L 71 35.04 20.30 -4.74
CA GLY L 71 34.11 19.32 -4.18
C GLY L 71 32.79 19.26 -4.93
N GLN L 72 32.29 20.41 -5.35
CA GLN L 72 31.13 20.44 -6.25
C GLN L 72 31.43 19.74 -7.57
N LYS L 73 32.51 20.12 -8.25
CA LYS L 73 32.94 19.36 -9.42
C LYS L 73 33.31 17.94 -9.07
N ALA L 74 33.75 17.69 -7.84
CA ALA L 74 33.89 16.32 -7.38
C ALA L 74 32.54 15.63 -7.32
N ILE L 75 31.51 16.33 -6.84
CA ILE L 75 30.15 15.83 -6.88
C ILE L 75 29.67 15.68 -8.32
N GLU L 76 30.02 16.65 -9.18
CA GLU L 76 29.58 16.60 -10.56
C GLU L 76 30.14 15.42 -11.32
N ASP L 77 31.44 15.12 -11.16
CA ASP L 77 31.96 13.86 -11.68
C ASP L 77 31.42 12.67 -10.92
N ALA L 78 31.26 12.80 -9.59
CA ALA L 78 30.64 11.71 -8.85
C ALA L 78 29.31 11.30 -9.46
N TYR L 79 28.40 12.26 -9.68
CA TYR L 79 27.07 11.91 -10.16
C TYR L 79 27.04 11.74 -11.68
N GLN L 80 27.54 12.74 -12.40
CA GLN L 80 27.32 12.83 -13.84
C GLN L 80 28.15 11.82 -14.61
N ASN L 81 29.42 11.65 -14.25
CA ASN L 81 30.20 10.58 -14.84
C ASN L 81 29.83 9.23 -14.24
N GLY L 82 29.37 9.23 -12.99
CA GLY L 82 28.95 8.01 -12.33
C GLY L 82 30.10 7.26 -11.70
N LYS L 83 30.54 7.73 -10.54
CA LYS L 83 31.64 7.14 -9.77
C LYS L 83 31.22 7.14 -8.31
N GLN L 84 31.73 6.21 -7.54
CA GLN L 84 31.63 6.22 -6.09
C GLN L 84 32.73 7.12 -5.53
N ILE L 85 32.40 7.86 -4.47
CA ILE L 85 33.38 8.75 -3.85
C ILE L 85 33.65 8.31 -2.42
N LYS L 86 34.85 8.61 -1.95
CA LYS L 86 35.22 8.32 -0.57
C LYS L 86 34.78 9.48 0.32
N PHE L 87 34.21 9.13 1.46
CA PHE L 87 33.46 10.05 2.32
C PHE L 87 34.09 10.09 3.71
N TRP L 88 34.45 11.30 4.13
CA TRP L 88 35.09 11.57 5.41
C TRP L 88 34.26 12.60 6.16
N ARG L 89 34.01 12.36 7.44
CA ARG L 89 33.36 13.36 8.30
C ARG L 89 34.18 13.46 9.59
N VAL L 90 34.71 14.66 9.84
CA VAL L 90 35.63 14.83 10.95
C VAL L 90 35.25 16.08 11.73
N ASP L 91 35.72 16.13 12.97
CA ASP L 91 35.46 17.26 13.83
C ASP L 91 36.61 18.25 13.76
N THR L 92 36.25 19.54 13.90
CA THR L 92 37.19 20.64 13.79
C THR L 92 38.02 20.84 15.07
N VAL L 93 37.50 20.42 16.22
CA VAL L 93 38.27 20.51 17.46
C VAL L 93 39.40 19.50 17.44
N LYS L 94 40.54 19.89 18.00
CA LYS L 94 41.75 19.08 17.96
C LYS L 94 41.60 17.87 18.87
N ASN L 95 41.93 16.69 18.33
CA ASN L 95 42.00 15.49 19.14
C ASN L 95 43.29 15.47 19.94
N GLU L 96 43.18 15.09 21.21
CA GLU L 96 44.33 15.09 22.11
C GLU L 96 45.26 13.90 21.92
N ASN L 97 44.78 12.80 21.35
CA ASN L 97 45.70 11.74 20.93
C ASN L 97 45.57 11.46 19.44
N ASP L 98 45.40 12.50 18.64
CA ASP L 98 45.52 12.40 17.19
C ASP L 98 45.42 13.81 16.60
N LYS L 99 45.48 13.90 15.28
CA LYS L 99 45.23 15.17 14.60
C LYS L 99 43.81 15.64 14.85
N TYR L 100 42.85 14.94 14.29
CA TYR L 100 41.44 15.22 14.43
C TYR L 100 40.71 13.90 14.66
N ASP L 101 39.39 13.95 14.75
CA ASP L 101 38.61 12.75 14.93
C ASP L 101 37.60 12.63 13.79
N ALA L 102 37.43 11.40 13.31
CA ALA L 102 36.78 11.18 12.02
C ALA L 102 35.86 9.98 12.11
N GLN L 103 34.88 9.95 11.21
CA GLN L 103 34.20 8.74 10.79
C GLN L 103 34.26 8.71 9.27
N PHE L 104 34.50 7.53 8.71
CA PHE L 104 34.93 7.37 7.32
C PHE L 104 34.07 6.32 6.62
N GLY L 105 33.91 6.47 5.32
CA GLY L 105 33.29 5.42 4.54
C GLY L 105 33.49 5.60 3.06
N PHE L 106 33.23 4.53 2.32
CA PHE L 106 33.11 4.58 0.87
C PHE L 106 31.66 4.89 0.54
N ALA L 107 31.47 5.89 -0.32
CA ALA L 107 30.14 6.45 -0.55
C ALA L 107 29.82 6.47 -2.05
N TYR L 108 28.52 6.56 -2.32
CA TYR L 108 28.00 6.47 -3.68
C TYR L 108 27.01 7.61 -3.88
N ILE L 109 26.66 7.89 -5.14
CA ILE L 109 25.72 8.97 -5.44
C ILE L 109 24.33 8.38 -5.62
N GLU L 110 23.53 8.38 -4.55
CA GLU L 110 22.16 7.89 -4.64
C GLU L 110 21.20 8.85 -5.33
N SER L 111 21.26 10.14 -5.03
CA SER L 111 20.45 11.11 -5.74
C SER L 111 21.08 12.48 -5.61
N ARG L 112 20.65 13.39 -6.48
CA ARG L 112 21.08 14.79 -6.47
C ARG L 112 19.85 15.58 -6.89
N GLU L 113 19.60 16.66 -6.18
CA GLU L 113 18.45 17.53 -6.39
C GLU L 113 18.97 18.96 -6.44
N TYR L 114 18.69 19.66 -7.52
CA TYR L 114 19.08 21.06 -7.64
C TYR L 114 17.86 21.97 -7.64
N SER L 115 17.90 22.97 -6.78
CA SER L 115 16.85 23.96 -6.68
C SER L 115 17.41 25.34 -7.00
N ASP L 116 16.83 25.96 -8.02
CA ASP L 116 17.01 27.36 -8.36
C ASP L 116 15.71 28.06 -8.00
N GLY L 117 15.80 29.12 -7.22
CA GLY L 117 14.66 29.93 -6.88
C GLY L 117 14.90 31.40 -7.19
N VAL L 118 13.82 32.15 -7.35
CA VAL L 118 13.88 33.59 -7.58
C VAL L 118 14.36 34.32 -6.33
N GLU L 119 14.09 33.75 -5.15
CA GLU L 119 14.70 34.28 -3.94
C GLU L 119 15.95 33.52 -3.54
N GLY L 120 16.91 34.18 -2.90
CA GLY L 120 17.99 33.47 -2.25
C GLY L 120 18.96 32.98 -3.29
N ALA L 121 19.53 31.80 -3.08
CA ALA L 121 20.52 31.26 -4.01
C ALA L 121 20.33 29.75 -4.17
N VAL L 122 20.79 29.25 -5.31
CA VAL L 122 20.54 27.87 -5.71
C VAL L 122 20.94 26.91 -4.60
N GLU L 123 20.21 25.80 -4.47
CA GLU L 123 20.47 24.87 -3.38
C GLU L 123 20.63 23.45 -3.93
N ILE L 124 21.68 22.78 -3.50
CA ILE L 124 21.99 21.44 -3.96
C ILE L 124 21.81 20.48 -2.78
N SER L 125 21.01 19.45 -3.01
CA SER L 125 20.91 18.32 -2.10
C SER L 125 21.45 17.10 -2.81
N ILE L 126 22.44 16.45 -2.20
CA ILE L 126 23.01 15.23 -2.76
C ILE L 126 22.89 14.13 -1.73
N SER L 127 22.29 13.01 -2.16
CA SER L 127 22.05 11.86 -1.29
C SER L 127 22.99 10.73 -1.69
N LEU L 128 23.40 9.95 -0.70
CA LEU L 128 24.40 8.91 -0.86
C LEU L 128 24.07 7.72 0.02
N GLN L 129 24.26 6.53 -0.52
CA GLN L 129 24.26 5.30 0.27
C GLN L 129 25.69 5.00 0.64
N VAL L 130 25.89 4.21 1.70
CA VAL L 130 27.22 3.79 2.09
C VAL L 130 27.13 2.35 2.57
N ILE L 131 28.27 1.66 2.56
CA ILE L 131 28.28 0.22 2.86
C ILE L 131 28.92 -0.03 4.22
N GLY L 132 28.81 0.93 5.13
CA GLY L 132 29.35 0.77 6.45
C GLY L 132 30.40 1.82 6.76
N GLU L 133 29.98 2.92 7.35
CA GLU L 133 30.92 3.93 7.81
C GLU L 133 31.51 3.54 9.16
N LEU L 134 32.82 3.78 9.29
CA LEU L 134 33.55 3.36 10.48
C LEU L 134 34.15 4.60 11.12
N LYS L 135 34.28 4.57 12.44
CA LYS L 135 34.78 5.70 13.20
C LYS L 135 36.27 5.53 13.43
N ASN L 136 37.03 6.62 13.35
CA ASN L 136 38.46 6.59 13.60
C ASN L 136 38.92 7.98 14.00
N GLY L 137 40.23 8.24 13.87
CA GLY L 137 40.73 9.59 14.02
C GLY L 137 41.18 10.16 12.69
N GLU L 138 41.01 11.46 12.54
CA GLU L 138 41.30 12.12 11.27
C GLU L 138 42.77 12.48 11.22
N ILE L 139 43.41 12.12 10.11
CA ILE L 139 44.85 12.34 9.97
C ILE L 139 45.13 13.64 9.22
N ASP L 140 44.48 13.84 8.08
CA ASP L 140 44.75 15.04 7.28
C ASP L 140 44.08 16.26 7.88
N THR L 141 44.89 17.14 8.47
CA THR L 141 44.40 18.41 8.99
C THR L 141 43.77 19.28 7.91
N LEU L 142 44.39 19.36 6.72
CA LEU L 142 44.03 20.24 5.61
C LEU L 142 43.75 21.64 6.14
N PRO L 143 44.76 22.30 6.75
CA PRO L 143 44.49 23.42 7.67
C PRO L 143 43.98 24.69 7.00
N GLU L 144 43.66 24.58 5.71
CA GLU L 144 43.01 25.64 4.97
C GLU L 144 41.56 25.81 5.39
N GLU L 145 40.83 24.71 5.58
CA GLU L 145 39.40 24.78 5.86
C GLU L 145 39.02 24.27 7.24
N ILE L 146 39.33 23.03 7.59
CA ILE L 146 39.01 22.47 8.89
C ILE L 146 39.70 23.24 10.02
N VAL L 147 41.00 23.50 9.85
CA VAL L 147 41.78 24.15 10.89
C VAL L 147 41.38 25.63 10.91
N ASN L 148 41.27 26.22 9.71
CA ASN L 148 40.97 27.64 9.59
C ASN L 148 39.57 27.87 9.03
N VAL L 149 38.68 28.46 9.82
CA VAL L 149 37.39 28.87 9.29
C VAL L 149 37.15 30.33 9.71
N SER L 150 37.33 31.25 8.77
CA SER L 150 37.29 32.68 9.09
C SER L 150 36.10 33.39 8.46
N LYS L 151 35.76 34.58 8.95
CA LYS L 151 34.70 35.36 8.32
C LYS L 151 35.15 36.13 7.09
N GLY L 152 36.44 36.14 6.74
CA GLY L 152 36.94 36.91 5.63
C GLY L 152 37.48 38.27 6.04
N GLY L 153 37.50 38.54 7.34
CA GLY L 153 37.94 39.81 7.86
C GLY L 153 39.43 40.02 7.66
N TYR L 154 39.79 41.23 7.23
CA TYR L 154 41.16 41.65 7.02
C TYR L 154 41.33 43.05 7.62
N ASP L 155 42.52 43.32 8.17
CA ASP L 155 42.69 44.40 9.15
C ASP L 155 42.46 45.81 8.62
N PHE L 156 43.03 46.15 7.46
CA PHE L 156 42.76 47.33 6.64
C PHE L 156 43.00 46.98 5.17
N GLN L 157 42.37 47.78 4.30
CA GLN L 157 42.84 48.01 2.94
C GLN L 157 42.61 49.48 2.65
N GLN L 158 43.51 50.36 3.10
CA GLN L 158 43.20 51.79 3.11
C GLN L 158 43.97 52.60 2.06
N PRO L 159 45.19 52.24 1.62
CA PRO L 159 45.76 52.97 0.48
C PRO L 159 45.13 52.61 -0.86
N GLY L 160 44.03 51.87 -0.86
CA GLY L 160 43.51 51.35 -2.11
C GLY L 160 44.17 50.14 -2.73
N GLN L 161 43.74 48.92 -2.36
CA GLN L 161 44.32 47.74 -3.01
C GLN L 161 43.31 47.11 -3.97
N THR L 162 42.87 47.90 -4.97
CA THR L 162 41.97 47.48 -6.06
C THR L 162 41.00 46.39 -5.61
N THR L 163 40.02 46.77 -4.81
CA THR L 163 39.21 45.79 -4.12
C THR L 163 37.98 45.46 -4.95
N GLY L 164 37.23 44.45 -4.51
CA GLY L 164 35.95 44.13 -5.10
C GLY L 164 34.98 43.54 -4.09
N GLU L 165 33.96 42.83 -4.58
CA GLU L 165 32.94 42.26 -3.70
C GLU L 165 33.54 41.25 -2.73
N ALA L 166 34.67 40.65 -3.10
CA ALA L 166 35.35 39.64 -2.30
C ALA L 166 36.14 40.30 -1.19
N PRO L 167 36.37 39.62 -0.08
CA PRO L 167 36.65 40.29 1.19
C PRO L 167 38.09 40.76 1.30
N GLY L 168 38.91 40.27 0.38
CA GLY L 168 40.22 40.83 0.12
C GLY L 168 40.72 40.81 -1.31
N THR L 169 40.55 41.91 -2.05
CA THR L 169 41.17 42.03 -3.35
C THR L 169 42.35 42.99 -3.27
N VAL L 170 43.35 42.72 -4.10
CA VAL L 170 44.55 43.55 -4.21
C VAL L 170 44.70 44.01 -5.66
N PRO L 171 45.60 44.96 -5.96
CA PRO L 171 45.74 45.40 -7.36
C PRO L 171 46.43 44.36 -8.21
N ALA L 172 45.75 43.96 -9.28
CA ALA L 172 46.13 42.85 -10.16
C ALA L 172 46.27 41.53 -9.40
N PRO A 1 -10.91 -17.69 24.92
CA PRO A 1 -10.97 -19.07 24.46
C PRO A 1 -9.60 -19.74 24.45
N ILE A 2 -8.88 -19.61 23.34
CA ILE A 2 -7.54 -20.15 23.20
C ILE A 2 -6.62 -19.03 22.74
N MET A 3 -5.31 -19.23 22.91
CA MET A 3 -4.31 -18.24 22.57
C MET A 3 -3.32 -18.78 21.56
N GLY A 4 -2.71 -17.87 20.79
CA GLY A 4 -1.67 -18.23 19.85
C GLY A 4 -0.43 -18.84 20.47
N GLN A 5 -0.25 -18.64 21.78
CA GLN A 5 0.80 -19.29 22.54
C GLN A 5 0.29 -20.46 23.37
N ASP A 6 -1.03 -20.68 23.37
CA ASP A 6 -1.65 -21.65 24.25
C ASP A 6 -1.28 -23.10 23.95
N VAL A 7 -1.40 -23.54 22.70
CA VAL A 7 -1.11 -24.93 22.35
C VAL A 7 0.39 -25.05 22.12
N LYS A 8 1.04 -25.92 22.87
CA LYS A 8 2.47 -26.16 22.65
C LYS A 8 2.74 -27.64 22.42
N TYR A 9 3.76 -27.90 21.60
CA TYR A 9 3.97 -29.21 20.99
C TYR A 9 5.23 -29.82 21.59
N LEU A 10 5.04 -30.82 22.46
CA LEU A 10 6.17 -31.55 23.02
C LEU A 10 6.48 -32.76 22.14
N PHE A 11 7.76 -32.99 21.88
CA PHE A 11 8.20 -34.15 21.13
C PHE A 11 9.24 -34.93 21.93
N GLN A 12 8.89 -36.15 22.29
CA GLN A 12 9.85 -37.06 22.88
C GLN A 12 10.09 -38.23 21.94
N SER A 13 11.35 -38.62 21.79
CA SER A 13 11.71 -39.72 20.93
C SER A 13 11.53 -41.06 21.65
N ILE A 14 11.19 -42.10 20.87
CA ILE A 14 10.98 -43.42 21.44
C ILE A 14 12.24 -43.97 22.09
N ASP A 15 13.40 -43.76 21.47
CA ASP A 15 14.63 -44.39 21.90
C ASP A 15 15.14 -43.85 23.23
N ALA A 16 14.69 -42.66 23.65
CA ALA A 16 15.22 -42.06 24.86
C ALA A 16 14.83 -42.85 26.10
N ALA A 17 13.56 -43.31 26.14
CA ALA A 17 12.95 -43.98 27.29
C ALA A 17 13.18 -43.20 28.59
N THR A 18 12.74 -41.94 28.59
CA THR A 18 12.87 -41.06 29.74
C THR A 18 11.58 -40.27 29.92
N GLY A 19 11.56 -39.41 30.94
CA GLY A 19 10.38 -38.62 31.22
C GLY A 19 10.64 -37.13 31.28
N SER A 20 11.70 -36.68 30.61
CA SER A 20 12.06 -35.27 30.64
C SER A 20 11.08 -34.42 29.84
N ALA A 21 10.49 -35.01 28.79
CA ALA A 21 9.62 -34.38 27.80
C ALA A 21 10.17 -33.05 27.29
N PRO A 22 11.18 -33.06 26.40
CA PRO A 22 11.70 -31.78 25.88
C PRO A 22 10.70 -31.08 24.99
N LEU A 23 10.72 -29.74 25.00
CA LEU A 23 9.99 -28.96 24.02
C LEU A 23 10.92 -27.91 23.44
N PHE A 24 10.67 -27.56 22.20
CA PHE A 24 11.71 -26.79 21.54
C PHE A 24 11.26 -25.34 21.37
N PRO A 25 12.11 -24.36 21.69
CA PRO A 25 11.70 -22.96 21.52
C PRO A 25 11.72 -22.53 20.07
N ALA A 26 11.44 -21.23 19.88
CA ALA A 26 11.40 -20.55 18.57
C ALA A 26 10.36 -21.18 17.65
N TYR A 27 9.23 -21.59 18.24
CA TYR A 27 8.11 -22.08 17.48
C TYR A 27 7.41 -20.93 16.74
N GLN A 28 7.09 -21.19 15.48
CA GLN A 28 6.41 -20.26 14.62
C GLN A 28 4.97 -20.78 14.54
N THR A 29 4.67 -21.61 13.55
CA THR A 29 3.32 -22.13 13.41
C THR A 29 3.34 -23.64 13.14
N ASP A 30 2.14 -24.21 13.19
CA ASP A 30 1.97 -25.64 13.29
C ASP A 30 0.56 -25.97 12.82
N GLY A 31 0.48 -26.48 11.59
CA GLY A 31 -0.75 -27.02 11.10
C GLY A 31 -0.86 -28.49 11.41
N SER A 32 -2.04 -28.91 11.87
CA SER A 32 -2.35 -30.33 12.07
C SER A 32 -3.72 -30.52 11.45
N VAL A 33 -3.78 -31.39 10.44
CA VAL A 33 -4.99 -31.58 9.65
C VAL A 33 -5.27 -33.08 9.58
N SER A 34 -6.55 -33.43 9.59
CA SER A 34 -7.02 -34.79 9.79
C SER A 34 -8.04 -35.11 8.70
N GLY A 35 -7.82 -36.24 8.02
CA GLY A 35 -8.71 -36.62 6.94
C GLY A 35 -9.39 -37.95 7.16
N GLU A 36 -10.72 -37.92 7.30
CA GLU A 36 -11.51 -39.13 7.55
C GLU A 36 -12.03 -39.63 6.20
N ARG A 37 -11.75 -40.89 5.90
CA ARG A 37 -12.09 -41.46 4.60
C ARG A 37 -13.59 -41.57 4.44
N GLU A 38 -14.10 -41.11 3.30
CA GLU A 38 -15.52 -40.90 3.09
C GLU A 38 -15.89 -41.37 1.68
N LEU A 39 -16.98 -42.14 1.60
CA LEU A 39 -17.46 -42.70 0.35
C LEU A 39 -18.65 -41.91 -0.16
N PHE A 40 -18.50 -41.38 -1.38
CA PHE A 40 -19.59 -40.75 -2.10
C PHE A 40 -19.73 -41.31 -3.50
N ASP A 41 -20.56 -42.35 -3.62
CA ASP A 41 -21.23 -42.72 -4.86
C ASP A 41 -22.72 -42.47 -4.69
N GLU A 42 -23.47 -42.56 -5.79
CA GLU A 42 -24.92 -42.43 -5.74
C GLU A 42 -25.60 -43.62 -5.10
N GLN A 43 -25.23 -44.85 -5.52
CA GLN A 43 -25.88 -46.12 -5.16
C GLN A 43 -27.36 -46.13 -5.52
N THR A 44 -27.69 -45.55 -6.69
CA THR A 44 -29.04 -45.15 -7.10
C THR A 44 -29.82 -44.52 -5.95
N LYS A 45 -29.14 -43.61 -5.24
CA LYS A 45 -29.72 -42.94 -4.07
C LYS A 45 -29.27 -41.49 -4.02
N ASN A 46 -29.44 -40.85 -2.84
CA ASN A 46 -29.00 -39.47 -2.65
C ASN A 46 -27.50 -39.36 -2.40
N GLY A 47 -26.73 -40.39 -2.70
CA GLY A 47 -25.29 -40.37 -2.47
C GLY A 47 -24.97 -40.82 -1.06
N ARG A 48 -23.69 -41.10 -0.83
CA ARG A 48 -23.22 -41.55 0.47
C ARG A 48 -22.36 -40.44 1.07
N ILE A 49 -22.75 -39.97 2.25
CA ILE A 49 -22.01 -38.94 2.97
C ILE A 49 -21.71 -39.39 4.38
N LEU A 50 -22.67 -40.08 5.02
CA LEU A 50 -22.46 -40.64 6.34
C LEU A 50 -21.34 -41.68 6.37
N GLY A 51 -20.96 -42.19 5.19
CA GLY A 51 -20.06 -43.32 5.08
C GLY A 51 -18.69 -43.07 5.66
N PRO A 52 -18.42 -43.66 6.82
CA PRO A 52 -17.15 -43.40 7.51
C PRO A 52 -15.96 -44.12 6.91
N GLY A 53 -14.79 -43.90 7.48
CA GLY A 53 -13.56 -44.50 7.02
C GLY A 53 -12.46 -44.25 8.01
N SER A 54 -11.23 -44.45 7.55
CA SER A 54 -10.07 -44.24 8.40
C SER A 54 -9.61 -42.78 8.31
N VAL A 55 -8.97 -42.32 9.38
CA VAL A 55 -8.51 -40.94 9.49
C VAL A 55 -7.00 -40.89 9.25
N ALA A 56 -6.58 -39.99 8.38
CA ALA A 56 -5.17 -39.73 8.12
C ALA A 56 -4.81 -38.40 8.74
N ASP A 57 -4.01 -38.43 9.79
CA ASP A 57 -3.73 -37.25 10.60
C ASP A 57 -2.35 -36.72 10.22
N SER A 58 -2.36 -35.60 9.51
CA SER A 58 -1.16 -34.95 9.01
C SER A 58 -0.76 -33.81 9.93
N GLY A 59 0.55 -33.63 10.07
CA GLY A 59 1.07 -32.53 10.85
C GLY A 59 2.28 -31.90 10.20
N GLU A 60 2.42 -30.59 10.37
CA GLU A 60 3.61 -29.88 9.89
C GLU A 60 4.00 -28.88 10.97
N VAL A 61 5.26 -28.90 11.36
CA VAL A 61 5.77 -28.03 12.41
C VAL A 61 6.80 -27.08 11.80
N THR A 62 6.59 -25.79 11.96
CA THR A 62 7.57 -24.82 11.51
C THR A 62 8.15 -24.08 12.71
N TYR A 63 9.46 -23.83 12.68
CA TYR A 63 10.12 -23.06 13.72
C TYR A 63 11.46 -22.55 13.19
N TYR A 64 12.02 -21.54 13.86
CA TYR A 64 13.34 -21.01 13.56
C TYR A 64 14.39 -21.87 14.24
N GLY A 65 15.46 -22.18 13.53
CA GLY A 65 16.49 -23.07 14.05
C GLY A 65 17.38 -22.46 15.10
N LYS A 66 17.76 -23.25 16.10
CA LYS A 66 18.71 -22.81 17.10
C LYS A 66 20.01 -23.60 16.94
N ARG A 67 21.12 -23.01 17.38
CA ARG A 67 22.44 -23.59 17.16
C ARG A 67 22.57 -25.02 17.65
N GLY A 68 22.26 -25.30 18.91
CA GLY A 68 22.27 -26.65 19.44
C GLY A 68 20.87 -27.12 19.75
N ASP A 69 20.64 -27.39 21.04
CA ASP A 69 19.31 -27.63 21.63
C ASP A 69 18.74 -28.97 21.16
N ALA A 70 18.48 -29.84 22.14
CA ALA A 70 18.40 -31.29 21.99
C ALA A 70 17.07 -31.89 21.56
N GLY A 71 15.95 -31.19 21.75
CA GLY A 71 14.70 -31.59 21.13
C GLY A 71 14.75 -31.56 19.62
N GLN A 72 15.22 -30.45 19.05
CA GLN A 72 15.49 -30.40 17.62
C GLN A 72 16.60 -31.35 17.22
N LYS A 73 17.63 -31.50 18.06
CA LYS A 73 18.63 -32.54 17.81
C LYS A 73 18.03 -33.93 17.91
N ALA A 74 17.11 -34.16 18.84
CA ALA A 74 16.34 -35.39 18.81
C ALA A 74 15.53 -35.50 17.53
N ILE A 75 14.85 -34.41 17.15
CA ILE A 75 14.17 -34.35 15.86
C ILE A 75 15.13 -34.68 14.73
N GLU A 76 16.36 -34.16 14.78
CA GLU A 76 17.32 -34.39 13.73
C GLU A 76 17.81 -35.84 13.71
N ASP A 77 18.21 -36.40 14.85
CA ASP A 77 18.47 -37.83 14.91
C ASP A 77 17.21 -38.64 14.58
N ALA A 78 16.04 -38.15 14.97
CA ALA A 78 14.82 -38.84 14.56
C ALA A 78 14.71 -38.94 13.05
N TYR A 79 14.80 -37.81 12.35
CA TYR A 79 14.58 -37.83 10.91
C TYR A 79 15.76 -38.43 10.16
N GLN A 80 16.97 -37.99 10.49
CA GLN A 80 18.15 -38.28 9.66
C GLN A 80 18.44 -39.77 9.61
N ASN A 81 18.53 -40.44 10.76
CA ASN A 81 18.65 -41.89 10.77
C ASN A 81 17.28 -42.54 10.66
N GLY A 82 16.29 -42.00 11.37
CA GLY A 82 14.93 -42.51 11.32
C GLY A 82 14.50 -43.13 12.63
N LYS A 83 13.70 -42.38 13.39
CA LYS A 83 13.17 -42.80 14.69
C LYS A 83 11.72 -42.35 14.75
N GLN A 84 10.87 -43.13 15.40
CA GLN A 84 9.52 -42.73 15.75
C GLN A 84 9.61 -41.62 16.79
N ILE A 85 8.70 -40.64 16.71
CA ILE A 85 8.68 -39.54 17.66
C ILE A 85 7.36 -39.53 18.41
N LYS A 86 7.46 -39.48 19.74
CA LYS A 86 6.28 -39.39 20.59
C LYS A 86 5.87 -37.93 20.71
N PHE A 87 4.70 -37.62 20.15
CA PHE A 87 4.25 -36.26 19.88
C PHE A 87 3.12 -35.89 20.84
N TRP A 88 3.32 -34.81 21.58
CA TRP A 88 2.37 -34.30 22.56
C TRP A 88 1.89 -32.93 22.11
N ARG A 89 0.58 -32.77 21.92
CA ARG A 89 -0.01 -31.46 21.65
C ARG A 89 -0.78 -31.02 22.89
N VAL A 90 -0.20 -30.12 23.67
CA VAL A 90 -0.78 -29.76 24.94
C VAL A 90 -0.98 -28.25 25.00
N ASP A 91 -1.96 -27.84 25.79
CA ASP A 91 -2.27 -26.44 25.97
C ASP A 91 -1.59 -25.90 27.21
N THR A 92 -1.39 -24.57 27.22
CA THR A 92 -0.70 -23.88 28.29
C THR A 92 -1.64 -23.48 29.43
N VAL A 93 -2.93 -23.75 29.30
CA VAL A 93 -3.87 -23.46 30.38
C VAL A 93 -4.20 -24.74 31.13
N LYS A 94 -4.25 -24.63 32.46
CA LYS A 94 -4.43 -25.78 33.33
C LYS A 94 -5.83 -26.35 33.16
N ASN A 95 -5.92 -27.65 32.93
CA ASN A 95 -7.20 -28.34 32.92
C ASN A 95 -7.83 -28.29 34.31
N GLU A 96 -9.13 -28.58 34.36
CA GLU A 96 -9.86 -28.51 35.61
C GLU A 96 -9.80 -29.78 36.44
N ASN A 97 -9.25 -30.87 35.91
CA ASN A 97 -8.95 -32.03 36.75
C ASN A 97 -7.55 -32.55 36.46
N ASP A 98 -7.13 -32.51 35.20
CA ASP A 98 -5.74 -32.75 34.85
C ASP A 98 -4.95 -31.46 35.12
N LYS A 99 -3.64 -31.53 34.98
CA LYS A 99 -2.81 -30.34 35.04
C LYS A 99 -3.01 -29.48 33.80
N TYR A 100 -3.05 -30.13 32.64
CA TYR A 100 -3.26 -29.49 31.36
C TYR A 100 -4.01 -30.47 30.47
N ASP A 101 -4.44 -29.99 29.30
CA ASP A 101 -5.14 -30.86 28.35
C ASP A 101 -4.31 -30.99 27.09
N ALA A 102 -4.49 -32.13 26.40
CA ALA A 102 -3.55 -32.56 25.39
C ALA A 102 -4.28 -33.31 24.30
N GLN A 103 -3.66 -33.31 23.12
CA GLN A 103 -3.89 -34.31 22.08
C GLN A 103 -2.54 -34.92 21.76
N PHE A 104 -2.50 -36.25 21.65
CA PHE A 104 -1.26 -37.02 21.69
C PHE A 104 -1.19 -37.96 20.50
N GLY A 105 0.03 -38.32 20.11
CA GLY A 105 0.17 -39.37 19.12
C GLY A 105 1.62 -39.78 18.93
N PHE A 106 1.80 -41.00 18.45
CA PHE A 106 3.09 -41.46 17.96
C PHE A 106 3.24 -40.97 16.53
N ALA A 107 4.26 -40.15 16.29
CA ALA A 107 4.41 -39.44 15.05
C ALA A 107 5.77 -39.69 14.42
N TYR A 108 5.78 -39.75 13.09
CA TYR A 108 6.95 -40.10 12.31
C TYR A 108 7.25 -38.95 11.35
N ILE A 109 8.41 -38.33 11.51
CA ILE A 109 8.81 -37.22 10.65
C ILE A 109 9.06 -37.74 9.25
N GLU A 110 8.10 -37.53 8.35
CA GLU A 110 8.29 -37.96 6.96
C GLU A 110 8.80 -36.85 6.05
N SER A 111 8.78 -35.59 6.47
CA SER A 111 9.37 -34.53 5.68
C SER A 111 10.12 -33.59 6.61
N ARG A 112 11.31 -33.18 6.16
CA ARG A 112 12.17 -32.22 6.86
C ARG A 112 12.65 -31.27 5.78
N GLU A 113 12.03 -30.10 5.74
CA GLU A 113 12.32 -29.07 4.76
C GLU A 113 12.80 -27.83 5.51
N TYR A 114 14.03 -27.41 5.25
CA TYR A 114 14.56 -26.21 5.87
C TYR A 114 15.00 -25.20 4.82
N SER A 115 14.67 -23.94 5.09
CA SER A 115 15.05 -22.84 4.23
C SER A 115 16.09 -21.98 4.92
N ASP A 116 17.07 -21.55 4.13
CA ASP A 116 18.03 -20.52 4.49
C ASP A 116 17.65 -19.27 3.71
N GLY A 117 17.27 -18.22 4.43
CA GLY A 117 16.97 -16.94 3.83
C GLY A 117 18.14 -15.97 3.96
N VAL A 118 17.99 -14.81 3.35
CA VAL A 118 18.99 -13.75 3.45
C VAL A 118 19.14 -13.26 4.88
N GLU A 119 18.03 -13.04 5.58
CA GLU A 119 18.08 -12.81 7.01
C GLU A 119 17.18 -13.73 7.79
N GLY A 120 17.61 -14.18 8.97
CA GLY A 120 16.72 -14.84 9.89
C GLY A 120 17.22 -16.24 10.15
N ALA A 121 16.83 -16.82 11.29
CA ALA A 121 17.30 -18.15 11.67
C ALA A 121 16.76 -19.20 10.71
N VAL A 122 17.49 -20.32 10.65
CA VAL A 122 17.22 -21.35 9.64
C VAL A 122 15.77 -21.82 9.75
N GLU A 123 15.03 -21.69 8.66
CA GLU A 123 13.62 -22.03 8.67
C GLU A 123 13.44 -23.55 8.67
N ILE A 124 12.97 -24.08 9.78
CA ILE A 124 12.77 -25.52 9.92
C ILE A 124 11.27 -25.80 9.93
N SER A 125 10.81 -26.48 8.89
CA SER A 125 9.48 -27.05 8.83
C SER A 125 9.60 -28.55 8.68
N ILE A 126 9.00 -29.30 9.60
CA ILE A 126 9.00 -30.75 9.53
C ILE A 126 7.57 -31.23 9.38
N SER A 127 7.37 -32.15 8.43
CA SER A 127 6.06 -32.69 8.13
C SER A 127 6.00 -34.15 8.55
N LEU A 128 4.85 -34.55 9.08
CA LEU A 128 4.67 -35.87 9.68
C LEU A 128 3.24 -36.33 9.48
N GLN A 129 3.06 -37.64 9.40
CA GLN A 129 1.75 -38.26 9.49
C GLN A 129 1.70 -39.05 10.77
N VAL A 130 0.53 -39.11 11.40
CA VAL A 130 0.35 -39.94 12.58
C VAL A 130 -0.96 -40.70 12.43
N ILE A 131 -0.98 -41.93 12.92
CA ILE A 131 -2.13 -42.81 12.71
C ILE A 131 -3.40 -42.14 13.22
N GLY A 132 -3.38 -41.69 14.47
CA GLY A 132 -4.51 -41.01 15.03
C GLY A 132 -4.11 -40.09 16.16
N GLU A 133 -4.84 -38.99 16.33
CA GLU A 133 -4.62 -38.11 17.46
C GLU A 133 -5.63 -38.40 18.57
N LEU A 134 -5.09 -38.77 19.73
CA LEU A 134 -5.92 -39.19 20.85
C LEU A 134 -6.09 -38.00 21.78
N LYS A 135 -7.34 -37.71 22.12
CA LYS A 135 -7.67 -36.56 22.96
C LYS A 135 -7.56 -36.98 24.43
N ASN A 136 -6.87 -36.17 25.23
CA ASN A 136 -6.73 -36.42 26.66
C ASN A 136 -6.29 -35.15 27.35
N GLY A 137 -5.90 -35.26 28.61
CA GLY A 137 -5.25 -34.16 29.28
C GLY A 137 -3.87 -34.53 29.77
N GLU A 138 -3.00 -33.54 29.84
CA GLU A 138 -1.61 -33.78 30.19
C GLU A 138 -1.38 -33.40 31.65
N ILE A 139 -0.35 -33.98 32.24
CA ILE A 139 -0.07 -33.76 33.66
C ILE A 139 1.19 -32.94 33.84
N ASP A 140 2.36 -33.56 33.67
CA ASP A 140 3.61 -32.84 33.90
C ASP A 140 4.23 -32.41 32.58
N THR A 141 3.97 -31.17 32.20
CA THR A 141 4.58 -30.58 31.01
C THR A 141 5.81 -29.76 31.35
N LEU A 142 6.45 -30.02 32.50
CA LEU A 142 7.57 -29.27 33.07
C LEU A 142 7.21 -27.79 33.14
N PRO A 143 6.09 -27.44 33.83
CA PRO A 143 5.42 -26.16 33.59
C PRO A 143 6.19 -24.93 34.06
N GLU A 144 7.23 -25.17 34.85
CA GLU A 144 8.17 -24.13 35.25
C GLU A 144 8.74 -23.41 34.05
N GLU A 145 9.31 -24.14 33.09
CA GLU A 145 10.01 -23.53 31.98
C GLU A 145 9.26 -23.61 30.66
N ILE A 146 8.46 -24.65 30.43
CA ILE A 146 7.69 -24.81 29.20
C ILE A 146 6.45 -23.93 29.20
N VAL A 147 5.67 -23.99 30.27
CA VAL A 147 4.42 -23.25 30.35
C VAL A 147 4.75 -21.78 30.35
N ASN A 148 5.81 -21.41 31.08
CA ASN A 148 6.20 -20.01 31.24
C ASN A 148 7.41 -19.67 30.38
N VAL A 149 7.24 -18.80 29.39
CA VAL A 149 8.39 -18.29 28.66
C VAL A 149 8.50 -16.79 28.94
N SER A 150 9.66 -16.39 29.46
CA SER A 150 9.85 -15.02 29.92
C SER A 150 11.23 -14.45 29.60
N LYS A 151 11.31 -13.21 29.17
CA LYS A 151 12.61 -12.59 28.94
C LYS A 151 13.51 -12.57 30.18
N GLY A 152 12.99 -12.29 31.37
CA GLY A 152 13.81 -12.20 32.55
C GLY A 152 13.45 -11.02 33.43
N GLY A 153 13.47 -11.22 34.75
CA GLY A 153 13.08 -10.20 35.69
C GLY A 153 14.18 -9.94 36.73
N TYR A 154 15.26 -9.33 36.27
CA TYR A 154 16.40 -8.95 37.09
C TYR A 154 16.41 -7.43 37.24
N ASP A 155 15.71 -6.93 38.28
CA ASP A 155 15.25 -5.54 38.29
C ASP A 155 16.35 -4.48 38.41
N PHE A 156 17.29 -4.67 39.35
CA PHE A 156 18.56 -3.94 39.50
C PHE A 156 19.69 -4.95 39.68
N GLN A 157 20.66 -4.88 38.77
CA GLN A 157 22.04 -5.30 39.02
C GLN A 157 22.90 -4.05 38.87
N GLN A 158 22.47 -2.93 39.46
CA GLN A 158 23.08 -1.65 39.12
C GLN A 158 24.53 -1.51 39.59
N PRO A 159 24.98 -2.09 40.72
CA PRO A 159 26.42 -2.05 40.99
C PRO A 159 27.20 -3.14 40.28
N GLY A 160 26.55 -4.01 39.53
CA GLY A 160 27.23 -5.16 38.98
C GLY A 160 26.40 -6.23 38.29
N GLN A 161 25.89 -5.97 37.07
CA GLN A 161 25.16 -7.01 36.35
C GLN A 161 26.11 -8.09 35.86
N THR A 162 27.26 -7.67 35.30
CA THR A 162 28.36 -8.53 34.84
C THR A 162 27.86 -9.60 33.87
N THR A 163 27.08 -9.20 32.88
CA THR A 163 26.34 -10.16 32.08
C THR A 163 26.66 -9.94 30.60
N GLY A 164 26.46 -10.99 29.80
CA GLY A 164 26.55 -10.89 28.37
C GLY A 164 25.24 -10.46 27.73
N GLU A 165 25.01 -10.87 26.48
CA GLU A 165 23.81 -10.46 25.76
C GLU A 165 22.55 -10.95 26.46
N ALA A 166 22.56 -12.21 26.92
CA ALA A 166 21.42 -12.84 27.56
C ALA A 166 21.44 -12.51 29.05
N PRO A 167 20.35 -11.97 29.59
CA PRO A 167 20.43 -11.17 30.81
C PRO A 167 20.47 -12.02 32.07
N GLY A 168 21.20 -11.50 33.05
CA GLY A 168 21.13 -11.98 34.42
C GLY A 168 22.03 -13.11 34.81
N THR A 169 22.96 -13.49 33.93
CA THR A 169 24.00 -14.44 34.31
C THR A 169 25.25 -13.69 34.75
N VAL A 170 25.66 -13.97 35.98
CA VAL A 170 26.85 -13.39 36.59
C VAL A 170 27.93 -14.47 36.64
N PRO A 171 29.08 -14.29 35.97
CA PRO A 171 30.13 -15.32 36.02
C PRO A 171 30.74 -15.42 37.40
N ALA A 172 31.43 -16.54 37.64
CA ALA A 172 31.97 -16.93 38.94
C ALA A 172 30.88 -17.36 39.92
N PRO B 1 -31.39 -7.08 3.53
CA PRO B 1 -31.57 -8.46 3.07
C PRO B 1 -31.11 -9.48 4.11
N ILE B 2 -29.84 -9.84 4.08
CA ILE B 2 -29.25 -10.78 5.04
C ILE B 2 -28.02 -10.13 5.63
N MET B 3 -27.58 -10.65 6.78
CA MET B 3 -26.45 -10.11 7.50
C MET B 3 -25.36 -11.15 7.67
N GLY B 4 -24.12 -10.67 7.83
CA GLY B 4 -22.99 -11.54 8.11
C GLY B 4 -23.08 -12.31 9.41
N GLN B 5 -23.95 -11.87 10.32
CA GLN B 5 -24.25 -12.60 11.55
C GLN B 5 -25.58 -13.32 11.47
N ASP B 6 -26.33 -13.13 10.37
CA ASP B 6 -27.69 -13.63 10.26
C ASP B 6 -27.80 -15.15 10.23
N VAL B 7 -27.05 -15.84 9.38
CA VAL B 7 -27.12 -17.29 9.26
C VAL B 7 -26.23 -17.90 10.33
N LYS B 8 -26.81 -18.71 11.20
CA LYS B 8 -26.02 -19.41 12.22
C LYS B 8 -26.25 -20.91 12.14
N TYR B 9 -25.19 -21.65 12.47
CA TYR B 9 -25.08 -23.07 12.16
C TYR B 9 -25.15 -23.86 13.47
N LEU B 10 -26.29 -24.50 13.70
CA LEU B 10 -26.44 -25.38 14.85
C LEU B 10 -26.03 -26.80 14.47
N PHE B 11 -25.28 -27.46 15.35
CA PHE B 11 -24.89 -28.84 15.15
C PHE B 11 -25.28 -29.67 16.37
N GLN B 12 -26.19 -30.61 16.15
CA GLN B 12 -26.50 -31.59 17.19
C GLN B 12 -26.08 -32.96 16.69
N SER B 13 -25.47 -33.73 17.60
CA SER B 13 -25.02 -35.08 17.29
C SER B 13 -26.16 -36.08 17.41
N ILE B 14 -26.10 -37.13 16.57
CA ILE B 14 -27.14 -38.15 16.58
C ILE B 14 -27.21 -38.88 17.92
N ASP B 15 -26.07 -39.17 18.53
CA ASP B 15 -26.03 -40.01 19.71
C ASP B 15 -26.62 -39.32 20.94
N ALA B 16 -26.73 -38.00 20.94
CA ALA B 16 -27.20 -37.30 22.14
C ALA B 16 -28.66 -37.63 22.43
N ALA B 17 -29.49 -37.68 21.38
CA ALA B 17 -30.95 -37.82 21.46
C ALA B 17 -31.57 -36.85 22.47
N THR B 18 -31.33 -35.56 22.25
CA THR B 18 -31.84 -34.50 23.11
C THR B 18 -32.34 -33.35 22.25
N GLY B 19 -32.84 -32.30 22.90
CA GLY B 19 -33.36 -31.15 22.19
C GLY B 19 -32.73 -29.84 22.59
N SER B 20 -31.51 -29.90 23.12
CA SER B 20 -30.83 -28.70 23.58
C SER B 20 -30.38 -27.81 22.42
N ALA B 21 -30.06 -28.45 21.29
CA ALA B 21 -29.49 -27.85 20.07
C ALA B 21 -28.33 -26.90 20.39
N PRO B 22 -27.13 -27.43 20.70
CA PRO B 22 -26.00 -26.53 20.97
C PRO B 22 -25.53 -25.79 19.71
N LEU B 23 -25.06 -24.57 19.88
CA LEU B 23 -24.36 -23.87 18.82
C LEU B 23 -23.06 -23.32 19.36
N PHE B 24 -22.08 -23.22 18.49
CA PHE B 24 -20.76 -22.97 19.03
C PHE B 24 -20.32 -21.54 18.74
N PRO B 25 -19.79 -20.80 19.71
CA PRO B 25 -19.34 -19.43 19.44
C PRO B 25 -18.04 -19.40 18.67
N ALA B 26 -17.55 -18.16 18.48
CA ALA B 26 -16.30 -17.84 17.77
C ALA B 26 -16.33 -18.34 16.33
N TYR B 27 -17.50 -18.24 15.71
CA TYR B 27 -17.65 -18.55 14.31
C TYR B 27 -17.00 -17.48 13.44
N GLN B 28 -16.27 -17.92 12.44
CA GLN B 28 -15.58 -17.07 11.49
C GLN B 28 -16.44 -17.14 10.22
N THR B 29 -16.12 -18.06 9.32
CA THR B 29 -16.87 -18.18 8.07
C THR B 29 -17.19 -19.64 7.77
N ASP B 30 -18.05 -19.81 6.77
CA ASP B 30 -18.74 -21.06 6.52
C ASP B 30 -19.19 -21.07 5.08
N GLY B 31 -18.46 -21.81 4.26
CA GLY B 31 -18.89 -22.07 2.91
C GLY B 31 -19.72 -23.32 2.84
N SER B 32 -20.82 -23.26 2.10
CA SER B 32 -21.65 -24.42 1.81
C SER B 32 -21.92 -24.35 0.31
N VAL B 33 -21.49 -25.38 -0.40
CA VAL B 33 -21.54 -25.39 -1.85
C VAL B 33 -22.18 -26.71 -2.29
N SER B 34 -22.94 -26.66 -3.37
CA SER B 34 -23.84 -27.73 -3.78
C SER B 34 -23.61 -27.99 -5.26
N GLY B 35 -23.38 -29.26 -5.61
CA GLY B 35 -23.11 -29.61 -6.99
C GLY B 35 -24.12 -30.58 -7.56
N GLU B 36 -24.89 -30.14 -8.55
CA GLU B 36 -25.91 -30.96 -9.18
C GLU B 36 -25.30 -31.59 -10.43
N ARG B 37 -25.40 -32.91 -10.51
CA ARG B 37 -24.75 -33.66 -11.59
C ARG B 37 -25.42 -33.36 -12.92
N GLU B 38 -24.60 -33.06 -13.93
CA GLU B 38 -25.07 -32.51 -15.19
C GLU B 38 -24.32 -33.18 -16.34
N LEU B 39 -25.08 -33.58 -17.35
CA LEU B 39 -24.55 -34.27 -18.52
C LEU B 39 -24.45 -33.31 -19.70
N PHE B 40 -23.22 -33.16 -20.21
CA PHE B 40 -22.98 -32.44 -21.45
C PHE B 40 -22.16 -33.26 -22.43
N ASP B 41 -22.86 -34.01 -23.27
CA ASP B 41 -22.36 -34.45 -24.57
C ASP B 41 -23.15 -33.74 -25.66
N GLU B 42 -22.69 -33.86 -26.90
CA GLU B 42 -23.41 -33.31 -28.04
C GLU B 42 -24.69 -34.06 -28.37
N GLN B 43 -24.61 -35.40 -28.44
CA GLN B 43 -25.69 -36.30 -28.88
C GLN B 43 -26.15 -35.97 -30.31
N THR B 44 -25.19 -35.62 -31.17
CA THR B 44 -25.39 -34.96 -32.47
C THR B 44 -26.46 -33.85 -32.37
N LYS B 45 -26.34 -33.04 -31.32
CA LYS B 45 -27.31 -31.97 -31.06
C LYS B 45 -26.59 -30.74 -30.50
N ASN B 46 -27.35 -29.81 -29.90
CA ASN B 46 -26.78 -28.62 -29.28
C ASN B 46 -26.20 -28.90 -27.91
N GLY B 47 -25.95 -30.16 -27.56
CA GLY B 47 -25.41 -30.50 -26.26
C GLY B 47 -26.51 -30.67 -25.24
N ARG B 48 -26.15 -31.24 -24.09
CA ARG B 48 -27.11 -31.48 -23.02
C ARG B 48 -26.74 -30.57 -21.86
N ILE B 49 -27.70 -29.73 -21.46
CA ILE B 49 -27.50 -28.81 -20.33
C ILE B 49 -28.63 -28.99 -19.33
N LEU B 50 -29.86 -29.17 -19.82
CA LEU B 50 -31.01 -29.43 -18.96
C LEU B 50 -30.84 -30.72 -18.15
N GLY B 51 -29.91 -31.59 -18.56
CA GLY B 51 -29.79 -32.91 -18.02
C GLY B 51 -29.47 -32.95 -16.54
N PRO B 52 -30.46 -33.29 -15.72
CA PRO B 52 -30.27 -33.26 -14.26
C PRO B 52 -29.47 -34.42 -13.73
N GLY B 53 -29.25 -34.42 -12.42
CA GLY B 53 -28.49 -35.46 -11.75
C GLY B 53 -28.63 -35.29 -10.25
N SER B 54 -27.73 -35.97 -9.54
CA SER B 54 -27.73 -35.89 -8.08
C SER B 54 -26.91 -34.71 -7.60
N VAL B 55 -27.25 -34.21 -6.42
CA VAL B 55 -26.60 -33.05 -5.84
C VAL B 55 -25.64 -33.51 -4.74
N ALA B 56 -24.41 -33.01 -4.79
CA ALA B 56 -23.41 -33.24 -3.77
C ALA B 56 -23.24 -31.97 -2.98
N ASP B 57 -23.67 -31.98 -1.72
CA ASP B 57 -23.72 -30.78 -0.91
C ASP B 57 -22.55 -30.78 0.04
N SER B 58 -21.58 -29.92 -0.23
CA SER B 58 -20.36 -29.79 0.53
C SER B 58 -20.46 -28.62 1.50
N GLY B 59 -19.85 -28.81 2.67
CA GLY B 59 -19.80 -27.76 3.66
C GLY B 59 -18.45 -27.68 4.34
N GLU B 60 -18.03 -26.49 4.69
CA GLU B 60 -16.80 -26.28 5.46
C GLU B 60 -17.09 -25.20 6.50
N VAL B 61 -16.76 -25.51 7.76
CA VAL B 61 -17.02 -24.59 8.86
C VAL B 61 -15.69 -24.18 9.46
N THR B 62 -15.43 -22.88 9.51
CA THR B 62 -14.23 -22.38 10.18
C THR B 62 -14.61 -21.57 11.40
N TYR B 63 -13.84 -21.74 12.47
CA TYR B 63 -14.04 -20.96 13.69
C TYR B 63 -12.77 -21.02 14.54
N TYR B 64 -12.65 -20.09 15.48
CA TYR B 64 -11.56 -20.06 16.44
C TYR B 64 -11.89 -21.00 17.59
N GLY B 65 -10.90 -21.77 18.03
CA GLY B 65 -11.13 -22.77 19.05
C GLY B 65 -11.28 -22.21 20.46
N LYS B 66 -12.17 -22.80 21.24
CA LYS B 66 -12.31 -22.43 22.64
C LYS B 66 -11.83 -23.59 23.53
N ARG B 67 -11.40 -23.26 24.74
CA ARG B 67 -10.78 -24.24 25.63
C ARG B 67 -11.63 -25.49 25.86
N GLY B 68 -12.87 -25.35 26.29
CA GLY B 68 -13.77 -26.47 26.46
C GLY B 68 -14.89 -26.40 25.45
N ASP B 69 -16.12 -26.27 25.97
CA ASP B 69 -17.33 -25.97 25.20
C ASP B 69 -17.74 -27.15 24.31
N ALA B 70 -18.96 -27.63 24.56
CA ALA B 70 -19.41 -28.99 24.26
C ALA B 70 -19.96 -29.26 22.86
N GLY B 71 -20.42 -28.22 22.14
CA GLY B 71 -20.71 -28.39 20.71
C GLY B 71 -19.47 -28.75 19.91
N GLN B 72 -18.38 -27.99 20.08
CA GLN B 72 -17.11 -28.38 19.49
C GLN B 72 -16.59 -29.69 20.07
N LYS B 73 -16.79 -29.92 21.38
CA LYS B 73 -16.48 -31.23 21.92
C LYS B 73 -17.35 -32.32 21.34
N ALA B 74 -18.64 -32.03 21.09
CA ALA B 74 -19.46 -32.95 20.32
C ALA B 74 -18.89 -33.12 18.92
N ILE B 75 -18.53 -32.01 18.27
CA ILE B 75 -17.84 -32.07 16.98
C ILE B 75 -16.59 -32.94 17.09
N GLU B 76 -15.83 -32.80 18.18
CA GLU B 76 -14.60 -33.55 18.33
C GLU B 76 -14.87 -35.05 18.56
N ASP B 77 -15.78 -35.40 19.48
CA ASP B 77 -16.23 -36.78 19.57
C ASP B 77 -16.88 -37.24 18.28
N ALA B 78 -17.60 -36.35 17.59
CA ALA B 78 -18.15 -36.72 16.30
C ALA B 78 -17.05 -37.15 15.33
N TYR B 79 -16.04 -36.31 15.12
CA TYR B 79 -15.02 -36.61 14.12
C TYR B 79 -14.07 -37.70 14.58
N GLN B 80 -13.55 -37.57 15.81
CA GLN B 80 -12.43 -38.38 16.26
C GLN B 80 -12.78 -39.87 16.32
N ASN B 81 -13.89 -40.22 16.98
CA ASN B 81 -14.36 -41.59 16.91
C ASN B 81 -15.21 -41.82 15.66
N GLY B 82 -16.05 -40.86 15.32
CA GLY B 82 -16.88 -40.94 14.13
C GLY B 82 -18.36 -41.07 14.46
N LYS B 83 -19.08 -39.96 14.32
CA LYS B 83 -20.52 -39.87 14.59
C LYS B 83 -21.13 -39.01 13.48
N GLN B 84 -22.35 -39.33 13.09
CA GLN B 84 -23.15 -38.47 12.23
C GLN B 84 -23.51 -37.21 13.01
N ILE B 85 -23.55 -36.07 12.32
CA ILE B 85 -23.90 -34.81 12.99
C ILE B 85 -25.15 -34.23 12.34
N LYS B 86 -26.12 -33.89 13.17
CA LYS B 86 -27.34 -33.26 12.72
C LYS B 86 -27.12 -31.76 12.60
N PHE B 87 -27.14 -31.26 11.37
CA PHE B 87 -26.66 -29.94 10.99
C PHE B 87 -27.84 -29.03 10.66
N TRP B 88 -27.93 -27.90 11.36
CA TRP B 88 -28.99 -26.92 11.20
C TRP B 88 -28.36 -25.62 10.70
N ARG B 89 -28.82 -25.13 9.55
CA ARG B 89 -28.41 -23.81 9.05
C ARG B 89 -29.62 -22.89 9.17
N VAL B 90 -29.61 -22.04 10.19
CA VAL B 90 -30.77 -21.21 10.48
C VAL B 90 -30.36 -19.75 10.51
N ASP B 91 -31.32 -18.89 10.22
CA ASP B 91 -31.10 -17.46 10.22
C ASP B 91 -31.53 -16.86 11.55
N THR B 92 -30.96 -15.69 11.84
CA THR B 92 -31.20 -14.99 13.10
C THR B 92 -32.41 -14.06 13.03
N VAL B 93 -33.05 -13.96 11.87
CA VAL B 93 -34.27 -13.16 11.74
C VAL B 93 -35.50 -14.05 11.78
N LYS B 94 -36.52 -13.63 12.51
CA LYS B 94 -37.71 -14.43 12.72
C LYS B 94 -38.49 -14.57 11.42
N ASN B 95 -38.82 -15.81 11.07
CA ASN B 95 -39.71 -16.07 9.96
C ASN B 95 -41.10 -15.50 10.24
N GLU B 96 -41.90 -15.37 9.19
CA GLU B 96 -43.22 -14.78 9.30
C GLU B 96 -44.30 -15.78 9.70
N ASN B 97 -44.01 -17.08 9.72
CA ASN B 97 -44.94 -18.03 10.30
C ASN B 97 -44.21 -18.99 11.23
N ASP B 98 -43.00 -19.39 10.87
CA ASP B 98 -42.11 -20.10 11.77
C ASP B 98 -41.46 -19.08 12.69
N LYS B 99 -40.72 -19.56 13.68
CA LYS B 99 -39.91 -18.69 14.52
C LYS B 99 -38.72 -18.14 13.74
N TYR B 100 -38.08 -19.01 12.98
CA TYR B 100 -36.94 -18.67 12.15
C TYR B 100 -36.97 -19.56 10.92
N ASP B 101 -36.10 -19.30 9.96
CA ASP B 101 -36.02 -20.11 8.76
C ASP B 101 -34.65 -20.80 8.70
N ALA B 102 -34.64 -21.95 8.04
CA ALA B 102 -33.53 -22.88 8.19
C ALA B 102 -33.30 -23.63 6.88
N GLN B 103 -32.07 -24.10 6.71
CA GLN B 103 -31.75 -25.21 5.83
C GLN B 103 -31.03 -26.24 6.67
N PHE B 104 -31.42 -27.50 6.50
CA PHE B 104 -31.12 -28.58 7.45
C PHE B 104 -30.49 -29.76 6.73
N GLY B 105 -29.71 -30.55 7.46
CA GLY B 105 -29.24 -31.80 6.90
C GLY B 105 -28.52 -32.64 7.93
N PHE B 106 -28.49 -33.94 7.66
CA PHE B 106 -27.64 -34.87 8.39
C PHE B 106 -26.26 -34.81 7.74
N ALA B 107 -25.26 -34.42 8.53
CA ALA B 107 -23.95 -34.10 8.01
C ALA B 107 -22.87 -34.88 8.74
N TYR B 108 -21.84 -35.27 7.98
CA TYR B 108 -20.77 -36.13 8.46
C TYR B 108 -19.45 -35.38 8.27
N ILE B 109 -18.77 -35.11 9.39
CA ILE B 109 -17.49 -34.42 9.34
C ILE B 109 -16.45 -35.31 8.69
N GLU B 110 -16.14 -35.06 7.41
CA GLU B 110 -15.13 -35.84 6.73
C GLU B 110 -13.75 -35.20 6.74
N SER B 111 -13.63 -33.93 7.11
CA SER B 111 -12.32 -33.30 7.25
C SER B 111 -12.33 -32.43 8.50
N ARG B 112 -11.23 -32.52 9.25
CA ARG B 112 -11.01 -31.71 10.45
C ARG B 112 -9.56 -31.23 10.33
N GLU B 113 -9.42 -29.97 9.94
CA GLU B 113 -8.12 -29.34 9.72
C GLU B 113 -8.03 -28.18 10.68
N TYR B 114 -7.05 -28.21 11.58
CA TYR B 114 -6.83 -27.10 12.49
C TYR B 114 -5.42 -26.55 12.36
N SER B 115 -5.33 -25.23 12.39
CA SER B 115 -4.06 -24.52 12.32
C SER B 115 -3.76 -23.88 13.66
N ASP B 116 -2.50 -23.95 14.05
CA ASP B 116 -1.92 -23.20 15.15
C ASP B 116 -1.04 -22.12 14.53
N GLY B 117 -1.42 -20.87 14.75
CA GLY B 117 -0.62 -19.74 14.31
C GLY B 117 0.21 -19.16 15.42
N VAL B 118 1.05 -18.19 15.09
CA VAL B 118 1.86 -17.47 16.07
C VAL B 118 0.98 -16.72 17.06
N GLU B 119 -0.04 -16.02 16.58
CA GLU B 119 -1.05 -15.47 17.46
C GLU B 119 -2.46 -15.87 17.08
N GLY B 120 -3.32 -16.13 18.05
CA GLY B 120 -4.74 -16.24 17.78
C GLY B 120 -5.20 -17.62 18.19
N ALA B 121 -6.50 -17.77 18.45
CA ALA B 121 -7.05 -19.04 18.91
C ALA B 121 -6.95 -20.09 17.80
N VAL B 122 -6.96 -21.36 18.23
CA VAL B 122 -6.68 -22.47 17.34
C VAL B 122 -7.66 -22.45 16.17
N GLU B 123 -7.13 -22.39 14.96
CA GLU B 123 -7.97 -22.28 13.77
C GLU B 123 -8.60 -23.63 13.45
N ILE B 124 -9.91 -23.72 13.65
CA ILE B 124 -10.65 -24.94 13.42
C ILE B 124 -11.50 -24.76 12.18
N SER B 125 -11.16 -25.51 11.13
CA SER B 125 -12.00 -25.65 9.95
C SER B 125 -12.37 -27.12 9.81
N ILE B 126 -13.66 -27.41 9.75
CA ILE B 126 -14.14 -28.77 9.56
C ILE B 126 -14.91 -28.83 8.25
N SER B 127 -14.61 -29.84 7.44
CA SER B 127 -15.22 -30.04 6.14
C SER B 127 -16.13 -31.26 6.19
N LEU B 128 -17.26 -31.17 5.51
CA LEU B 128 -18.30 -32.18 5.56
C LEU B 128 -19.03 -32.24 4.23
N GLN B 129 -19.53 -33.43 3.90
CA GLN B 129 -20.48 -33.59 2.80
C GLN B 129 -21.81 -34.00 3.41
N VAL B 130 -22.91 -33.55 2.81
CA VAL B 130 -24.23 -33.96 3.25
C VAL B 130 -25.04 -34.32 2.02
N ILE B 131 -25.89 -35.34 2.15
CA ILE B 131 -26.62 -35.86 0.99
C ILE B 131 -27.42 -34.74 0.32
N GLY B 132 -28.21 -34.03 1.10
CA GLY B 132 -28.97 -32.92 0.57
C GLY B 132 -29.33 -31.92 1.64
N GLU B 133 -29.42 -30.65 1.25
CA GLU B 133 -29.87 -29.62 2.18
C GLU B 133 -31.35 -29.33 1.97
N LEU B 134 -32.13 -29.55 3.02
CA LEU B 134 -33.58 -29.42 2.95
C LEU B 134 -33.95 -28.03 3.46
N LYS B 135 -34.74 -27.31 2.67
CA LYS B 135 -35.15 -25.96 3.01
C LYS B 135 -36.40 -26.01 3.88
N ASN B 136 -36.39 -25.29 5.00
CA ASN B 136 -37.53 -25.20 5.89
C ASN B 136 -37.39 -23.99 6.78
N GLY B 137 -38.22 -23.90 7.80
CA GLY B 137 -38.01 -22.90 8.83
C GLY B 137 -37.85 -23.54 10.20
N GLU B 138 -37.10 -22.86 11.06
CA GLU B 138 -36.76 -23.40 12.36
C GLU B 138 -37.65 -22.76 13.42
N ILE B 139 -37.82 -23.47 14.54
CA ILE B 139 -38.72 -23.00 15.59
C ILE B 139 -37.93 -22.56 16.82
N ASP B 140 -37.43 -23.52 17.60
CA ASP B 140 -36.72 -23.17 18.83
C ASP B 140 -35.22 -23.27 18.64
N THR B 141 -34.59 -22.14 18.32
CA THR B 141 -33.14 -22.06 18.22
C THR B 141 -32.48 -21.59 19.50
N LEU B 142 -33.17 -21.74 20.66
CA LEU B 142 -32.78 -21.24 21.97
C LEU B 142 -32.47 -19.75 21.87
N PRO B 143 -33.44 -18.93 21.40
CA PRO B 143 -33.13 -17.59 20.85
C PRO B 143 -32.66 -16.57 21.88
N GLU B 144 -32.84 -16.91 23.15
CA GLU B 144 -32.31 -16.14 24.26
C GLU B 144 -30.81 -15.93 24.13
N GLU B 145 -30.05 -17.00 23.95
CA GLU B 145 -28.60 -16.93 23.95
C GLU B 145 -27.97 -17.10 22.59
N ILE B 146 -28.57 -17.87 21.69
CA ILE B 146 -28.05 -18.09 20.35
C ILE B 146 -28.35 -16.91 19.44
N VAL B 147 -29.61 -16.48 19.39
CA VAL B 147 -30.03 -15.42 18.49
C VAL B 147 -29.31 -14.14 18.94
N ASN B 148 -29.23 -13.94 20.26
CA ASN B 148 -28.64 -12.72 20.81
C ASN B 148 -27.23 -12.98 21.34
N VAL B 149 -26.23 -12.36 20.74
CA VAL B 149 -24.89 -12.40 21.31
C VAL B 149 -24.51 -10.99 21.74
N SER B 150 -24.18 -10.82 23.01
CA SER B 150 -23.95 -9.50 23.58
C SER B 150 -22.81 -9.47 24.58
N LYS B 151 -21.97 -8.44 24.55
CA LYS B 151 -20.91 -8.31 25.54
C LYS B 151 -21.43 -8.26 26.98
N GLY B 152 -22.52 -7.55 27.25
CA GLY B 152 -23.01 -7.42 28.61
C GLY B 152 -23.45 -6.01 28.95
N GLY B 153 -24.53 -5.88 29.70
CA GLY B 153 -25.09 -4.58 30.04
C GLY B 153 -25.27 -4.42 31.53
N TYR B 154 -24.14 -4.28 32.22
CA TYR B 154 -24.08 -4.07 33.66
C TYR B 154 -23.64 -2.63 33.92
N ASP B 155 -24.61 -1.71 34.00
CA ASP B 155 -24.35 -0.29 33.78
C ASP B 155 -23.51 0.39 34.85
N PHE B 156 -23.84 0.18 36.14
CA PHE B 156 -23.04 0.51 37.33
C PHE B 156 -23.00 -0.71 38.25
N GLN B 157 -21.78 -1.15 38.54
CA GLN B 157 -21.44 -1.88 39.75
C GLN B 157 -20.43 -1.03 40.50
N GLN B 158 -20.71 0.28 40.62
CA GLN B 158 -19.65 1.21 41.06
C GLN B 158 -19.25 1.02 42.52
N PRO B 159 -20.12 0.63 43.47
CA PRO B 159 -19.59 0.31 44.80
C PRO B 159 -19.05 -1.11 44.91
N GLY B 160 -19.10 -1.90 43.85
CA GLY B 160 -18.76 -3.30 43.97
C GLY B 160 -19.02 -4.21 42.78
N GLN B 161 -18.23 -4.11 41.71
CA GLN B 161 -18.41 -5.04 40.60
C GLN B 161 -17.94 -6.44 40.97
N THR B 162 -16.77 -6.52 41.63
CA THR B 162 -16.17 -7.75 42.17
C THR B 162 -16.05 -8.84 41.09
N THR B 163 -15.52 -8.47 39.93
CA THR B 163 -15.62 -9.34 38.78
C THR B 163 -14.22 -9.59 38.21
N GLY B 164 -14.08 -10.69 37.48
CA GLY B 164 -12.87 -10.98 36.74
C GLY B 164 -12.87 -10.34 35.36
N GLU B 165 -12.15 -10.96 34.42
CA GLU B 165 -12.03 -10.41 33.07
C GLU B 165 -13.39 -10.33 32.39
N ALA B 166 -14.20 -11.39 32.52
CA ALA B 166 -15.52 -11.47 31.90
C ALA B 166 -16.55 -10.81 32.79
N PRO B 167 -17.32 -9.87 32.27
CA PRO B 167 -17.94 -8.84 33.12
C PRO B 167 -19.23 -9.33 33.78
N GLY B 168 -19.44 -8.82 35.00
CA GLY B 168 -20.72 -8.90 35.66
C GLY B 168 -20.99 -10.14 36.50
N THR B 169 -19.98 -10.98 36.72
CA THR B 169 -20.10 -12.06 37.66
C THR B 169 -19.55 -11.63 39.01
N VAL B 170 -20.42 -11.71 40.02
CA VAL B 170 -20.09 -11.37 41.40
C VAL B 170 -19.99 -12.67 42.21
N PRO B 171 -18.81 -13.02 42.76
CA PRO B 171 -18.71 -14.26 43.53
C PRO B 171 -19.51 -14.19 44.82
N ALA B 172 -19.77 -15.37 45.40
CA ALA B 172 -20.66 -15.57 46.53
C ALA B 172 -22.13 -15.42 46.16
N PRO C 1 -21.18 3.43 -24.35
CA PRO C 1 -21.41 2.08 -24.90
C PRO C 1 -22.36 1.25 -24.05
N ILE C 2 -21.82 0.55 -23.05
CA ILE C 2 -22.61 -0.26 -22.13
C ILE C 2 -22.23 0.14 -20.72
N MET C 3 -23.09 -0.20 -19.76
CA MET C 3 -22.88 0.16 -18.37
C MET C 3 -22.85 -1.08 -17.49
N GLY C 4 -22.17 -0.95 -16.34
CA GLY C 4 -22.13 -2.02 -15.36
C GLY C 4 -23.47 -2.39 -14.77
N GLN C 5 -24.46 -1.51 -14.89
CA GLN C 5 -25.83 -1.81 -14.53
C GLN C 5 -26.71 -2.10 -15.73
N ASP C 6 -26.16 -1.99 -16.94
CA ASP C 6 -26.95 -2.08 -18.16
C ASP C 6 -27.53 -3.47 -18.42
N VAL C 7 -26.72 -4.52 -18.37
CA VAL C 7 -27.20 -5.88 -18.65
C VAL C 7 -27.81 -6.43 -17.37
N LYS C 8 -29.07 -6.82 -17.43
CA LYS C 8 -29.72 -7.44 -16.27
C LYS C 8 -30.32 -8.78 -16.65
N TYR C 9 -30.31 -9.70 -15.68
CA TYR C 9 -30.52 -11.12 -15.93
C TYR C 9 -31.87 -11.52 -15.31
N LEU C 10 -32.86 -11.73 -16.18
CA LEU C 10 -34.16 -12.23 -15.72
C LEU C 10 -34.17 -13.74 -15.75
N PHE C 11 -34.71 -14.36 -14.70
CA PHE C 11 -34.85 -15.80 -14.64
C PHE C 11 -36.31 -16.17 -14.35
N GLN C 12 -36.93 -16.82 -15.31
CA GLN C 12 -38.26 -17.39 -15.08
C GLN C 12 -38.16 -18.91 -15.15
N SER C 13 -38.83 -19.57 -14.21
CA SER C 13 -38.85 -21.03 -14.17
C SER C 13 -39.88 -21.60 -15.13
N ILE C 14 -39.57 -22.79 -15.67
CA ILE C 14 -40.48 -23.44 -16.61
C ILE C 14 -41.82 -23.77 -15.98
N ASP C 15 -41.83 -24.22 -14.73
CA ASP C 15 -43.03 -24.72 -14.11
C ASP C 15 -44.05 -23.63 -13.81
N ALA C 16 -43.63 -22.36 -13.77
CA ALA C 16 -44.55 -21.30 -13.40
C ALA C 16 -45.64 -21.10 -14.44
N ALA C 17 -45.25 -21.16 -15.73
CA ALA C 17 -46.10 -20.86 -16.89
C ALA C 17 -46.85 -19.54 -16.71
N THR C 18 -46.10 -18.46 -16.52
CA THR C 18 -46.65 -17.13 -16.32
C THR C 18 -45.81 -16.13 -17.11
N GLY C 19 -46.18 -14.86 -17.04
CA GLY C 19 -45.48 -13.81 -17.75
C GLY C 19 -45.01 -12.68 -16.86
N SER C 20 -44.83 -12.95 -15.58
CA SER C 20 -44.42 -11.92 -14.63
C SER C 20 -42.96 -11.51 -14.84
N ALA C 21 -42.13 -12.47 -15.30
CA ALA C 21 -40.68 -12.36 -15.47
C ALA C 21 -39.99 -11.75 -14.25
N PRO C 22 -39.83 -12.50 -13.14
CA PRO C 22 -39.13 -11.93 -11.98
C PRO C 22 -37.66 -11.69 -12.24
N LEU C 23 -37.11 -10.65 -11.64
CA LEU C 23 -35.67 -10.46 -11.61
C LEU C 23 -35.23 -10.19 -10.18
N PHE C 24 -34.02 -10.59 -9.87
CA PHE C 24 -33.69 -10.60 -8.46
C PHE C 24 -32.72 -9.47 -8.13
N PRO C 25 -32.95 -8.71 -7.06
CA PRO C 25 -32.02 -7.63 -6.72
C PRO C 25 -30.73 -8.16 -6.09
N ALA C 26 -29.89 -7.20 -5.67
CA ALA C 26 -28.59 -7.43 -5.03
C ALA C 26 -27.66 -8.24 -5.93
N TYR C 27 -27.74 -7.96 -7.23
CA TYR C 27 -26.81 -8.55 -8.18
C TYR C 27 -25.42 -7.94 -8.04
N GLN C 28 -24.43 -8.81 -8.06
CA GLN C 28 -23.03 -8.44 -7.96
C GLN C 28 -22.50 -8.57 -9.39
N THR C 29 -21.95 -9.74 -9.75
CA THR C 29 -21.41 -9.94 -11.08
C THR C 29 -21.86 -11.27 -11.67
N ASP C 30 -21.57 -11.42 -12.95
CA ASP C 30 -22.18 -12.44 -13.78
C ASP C 30 -21.28 -12.67 -14.98
N GLY C 31 -20.53 -13.76 -14.92
CA GLY C 31 -19.79 -14.20 -16.07
C GLY C 31 -20.61 -15.15 -16.92
N SER C 32 -20.55 -14.95 -18.23
CA SER C 32 -21.16 -15.86 -19.19
C SER C 32 -20.11 -16.08 -20.25
N VAL C 33 -19.69 -17.33 -20.41
CA VAL C 33 -18.59 -17.68 -21.30
C VAL C 33 -19.04 -18.83 -22.19
N SER C 34 -18.56 -18.81 -23.43
CA SER C 34 -19.08 -19.65 -24.51
C SER C 34 -17.91 -20.32 -25.20
N GLY C 35 -17.98 -21.65 -25.34
CA GLY C 35 -16.89 -22.39 -25.94
C GLY C 35 -17.31 -23.13 -27.19
N GLU C 36 -16.74 -22.75 -28.33
CA GLU C 36 -17.07 -23.36 -29.62
C GLU C 36 -16.02 -24.42 -29.90
N ARG C 37 -16.47 -25.65 -30.16
CA ARG C 37 -15.57 -26.78 -30.31
C ARG C 37 -14.75 -26.63 -31.60
N GLU C 38 -13.44 -26.84 -31.48
CA GLU C 38 -12.49 -26.49 -32.53
C GLU C 38 -11.46 -27.61 -32.64
N LEU C 39 -11.20 -28.01 -33.88
CA LEU C 39 -10.26 -29.08 -34.19
C LEU C 39 -8.93 -28.50 -34.69
N PHE C 40 -7.87 -28.84 -33.97
CA PHE C 40 -6.51 -28.54 -34.40
C PHE C 40 -5.63 -29.78 -34.38
N ASP C 41 -5.58 -30.47 -35.50
CA ASP C 41 -4.47 -31.34 -35.88
C ASP C 41 -3.77 -30.71 -37.08
N GLU C 42 -2.61 -31.27 -37.43
CA GLU C 42 -1.87 -30.82 -38.61
C GLU C 42 -2.54 -31.23 -39.91
N GLN C 43 -2.93 -32.50 -40.03
CA GLN C 43 -3.45 -33.14 -41.26
C GLN C 43 -2.44 -33.04 -42.41
N THR C 44 -1.15 -33.20 -42.08
CA THR C 44 0.00 -32.84 -42.93
C THR C 44 -0.21 -31.50 -43.62
N LYS C 45 -0.69 -30.52 -42.85
CA LYS C 45 -1.00 -29.18 -43.36
C LYS C 45 -0.62 -28.12 -42.34
N ASN C 46 -1.15 -26.90 -42.53
CA ASN C 46 -0.91 -25.81 -41.59
C ASN C 46 -1.80 -25.90 -40.35
N GLY C 47 -2.40 -27.05 -40.08
CA GLY C 47 -3.26 -27.21 -38.92
C GLY C 47 -4.68 -26.81 -39.26
N ARG C 48 -5.60 -27.17 -38.37
CA ARG C 48 -7.02 -26.85 -38.57
C ARG C 48 -7.41 -25.83 -37.50
N ILE C 49 -7.91 -24.67 -37.96
CA ILE C 49 -8.36 -23.61 -37.07
C ILE C 49 -9.78 -23.20 -37.43
N LEU C 50 -10.08 -23.15 -38.73
CA LEU C 50 -11.43 -22.86 -39.20
C LEU C 50 -12.44 -23.89 -38.74
N GLY C 51 -11.97 -25.06 -38.30
CA GLY C 51 -12.82 -26.20 -38.03
C GLY C 51 -13.82 -25.97 -36.93
N PRO C 52 -15.09 -25.80 -37.30
CA PRO C 52 -16.12 -25.47 -36.30
C PRO C 52 -16.56 -26.65 -35.47
N GLY C 53 -17.47 -26.39 -34.54
CA GLY C 53 -17.99 -27.41 -33.64
C GLY C 53 -19.17 -26.86 -32.89
N SER C 54 -19.52 -27.56 -31.81
CA SER C 54 -20.64 -27.15 -30.98
C SER C 54 -20.16 -26.17 -29.90
N VAL C 55 -21.08 -25.33 -29.46
CA VAL C 55 -20.79 -24.29 -28.48
C VAL C 55 -21.34 -24.73 -27.12
N ALA C 56 -20.48 -24.62 -26.10
CA ALA C 56 -20.87 -24.89 -24.71
C ALA C 56 -20.94 -23.55 -23.99
N ASP C 57 -22.14 -23.14 -23.62
CA ASP C 57 -22.38 -21.81 -23.09
C ASP C 57 -22.54 -21.93 -21.58
N SER C 58 -21.51 -21.47 -20.87
CA SER C 58 -21.44 -21.53 -19.42
C SER C 58 -21.84 -20.17 -18.82
N GLY C 59 -22.52 -20.24 -17.68
CA GLY C 59 -22.88 -19.04 -16.97
C GLY C 59 -22.71 -19.19 -15.47
N GLU C 60 -22.34 -18.11 -14.80
CA GLU C 60 -22.25 -18.10 -13.34
C GLU C 60 -22.83 -16.77 -12.87
N VAL C 61 -23.74 -16.83 -11.92
CA VAL C 61 -24.41 -15.64 -11.41
C VAL C 61 -24.06 -15.49 -9.93
N THR C 62 -23.51 -14.35 -9.56
CA THR C 62 -23.23 -14.08 -8.16
C THR C 62 -24.10 -12.92 -7.68
N TYR C 63 -24.61 -13.04 -6.46
CA TYR C 63 -25.39 -11.96 -5.84
C TYR C 63 -25.42 -12.18 -4.33
N TYR C 64 -25.77 -11.12 -3.60
CA TYR C 64 -25.96 -11.17 -2.16
C TYR C 64 -27.36 -11.67 -1.87
N GLY C 65 -27.49 -12.57 -0.90
CA GLY C 65 -28.77 -13.17 -0.59
C GLY C 65 -29.74 -12.28 0.15
N LYS C 66 -31.02 -12.38 -0.18
CA LYS C 66 -32.05 -11.66 0.53
C LYS C 66 -32.92 -12.66 1.30
N ARG C 67 -33.54 -12.18 2.39
CA ARG C 67 -34.28 -13.05 3.30
C ARG C 67 -35.33 -13.91 2.62
N GLY C 68 -36.25 -13.31 1.86
CA GLY C 68 -37.23 -14.06 1.11
C GLY C 68 -36.98 -13.91 -0.37
N ASP C 69 -37.97 -13.32 -1.06
CA ASP C 69 -37.87 -12.87 -2.46
C ASP C 69 -37.81 -14.07 -3.42
N ALA C 70 -38.79 -14.10 -4.32
CA ALA C 70 -39.28 -15.30 -4.99
C ALA C 70 -38.55 -15.74 -6.26
N GLY C 71 -37.85 -14.82 -6.95
CA GLY C 71 -36.94 -15.24 -8.00
C GLY C 71 -35.81 -16.12 -7.51
N GLN C 72 -35.12 -15.69 -6.44
CA GLN C 72 -34.16 -16.56 -5.79
C GLN C 72 -34.82 -17.77 -5.16
N LYS C 73 -36.02 -17.62 -4.60
CA LYS C 73 -36.77 -18.79 -4.17
C LYS C 73 -37.16 -19.68 -5.33
N ALA C 74 -37.51 -19.11 -6.48
CA ALA C 74 -37.64 -19.92 -7.69
C ALA C 74 -36.32 -20.58 -8.05
N ILE C 75 -35.23 -19.81 -8.01
CA ILE C 75 -33.89 -20.38 -8.20
C ILE C 75 -33.66 -21.51 -7.20
N GLU C 76 -34.08 -21.33 -5.96
CA GLU C 76 -33.85 -22.36 -4.94
C GLU C 76 -34.70 -23.60 -5.17
N ASP C 77 -36.00 -23.44 -5.43
CA ASP C 77 -36.80 -24.58 -5.89
C ASP C 77 -36.29 -25.12 -7.21
N ALA C 78 -35.79 -24.26 -8.08
CA ALA C 78 -35.19 -24.76 -9.32
C ALA C 78 -34.02 -25.71 -9.03
N TYR C 79 -33.05 -25.26 -8.22
CA TYR C 79 -31.86 -26.07 -8.00
C TYR C 79 -32.15 -27.26 -7.07
N GLN C 80 -32.79 -26.98 -5.94
CA GLN C 80 -32.87 -27.96 -4.85
C GLN C 80 -33.62 -29.21 -5.25
N ASN C 81 -34.84 -29.06 -5.82
CA ASN C 81 -35.52 -30.21 -6.38
C ASN C 81 -35.05 -30.49 -7.80
N GLY C 82 -34.86 -29.43 -8.60
CA GLY C 82 -34.38 -29.56 -9.95
C GLY C 82 -35.43 -29.17 -10.98
N LYS C 83 -35.29 -27.97 -11.54
CA LYS C 83 -36.18 -27.42 -12.54
C LYS C 83 -35.31 -26.71 -13.57
N GLN C 84 -35.73 -26.75 -14.84
CA GLN C 84 -35.16 -25.94 -15.89
C GLN C 84 -35.51 -24.47 -15.61
N ILE C 85 -34.57 -23.57 -15.91
CA ILE C 85 -34.81 -22.15 -15.69
C ILE C 85 -34.73 -21.41 -17.02
N LYS C 86 -35.75 -20.61 -17.30
CA LYS C 86 -35.79 -19.78 -18.50
C LYS C 86 -35.03 -18.48 -18.21
N PHE C 87 -33.90 -18.31 -18.89
CA PHE C 87 -32.89 -17.31 -18.58
C PHE C 87 -32.90 -16.22 -19.64
N TRP C 88 -33.08 -14.99 -19.19
CA TRP C 88 -33.13 -13.80 -20.04
C TRP C 88 -31.96 -12.89 -19.69
N ARG C 89 -31.11 -12.60 -20.66
CA ARG C 89 -30.04 -11.60 -20.49
C ARG C 89 -30.42 -10.38 -21.30
N VAL C 90 -30.89 -9.34 -20.63
CA VAL C 90 -31.41 -8.18 -21.32
C VAL C 90 -30.70 -6.93 -20.81
N ASP C 91 -30.64 -5.93 -21.69
CA ASP C 91 -30.02 -4.66 -21.36
C ASP C 91 -31.06 -3.66 -20.89
N THR C 92 -30.58 -2.67 -20.13
CA THR C 92 -31.43 -1.65 -19.53
C THR C 92 -31.66 -0.46 -20.46
N VAL C 93 -31.04 -0.46 -21.65
CA VAL C 93 -31.26 0.61 -22.62
C VAL C 93 -32.24 0.13 -23.69
N LYS C 94 -33.16 1.00 -24.06
CA LYS C 94 -34.22 0.65 -24.99
C LYS C 94 -33.65 0.42 -26.38
N ASN C 95 -34.00 -0.71 -26.98
CA ASN C 95 -33.66 -0.97 -28.37
C ASN C 95 -34.38 0.02 -29.28
N GLU C 96 -33.91 0.12 -30.52
CA GLU C 96 -34.47 1.07 -31.47
C GLU C 96 -35.68 0.56 -32.23
N ASN C 97 -36.01 -0.73 -32.11
CA ASN C 97 -37.29 -1.20 -32.63
C ASN C 97 -38.00 -2.08 -31.60
N ASP C 98 -37.24 -2.88 -30.86
CA ASP C 98 -37.75 -3.58 -29.69
C ASP C 98 -37.78 -2.59 -28.53
N LYS C 99 -38.35 -3.01 -27.41
CA LYS C 99 -38.29 -2.23 -26.19
C LYS C 99 -36.88 -2.26 -25.61
N TYR C 100 -36.27 -3.43 -25.61
CA TYR C 100 -34.92 -3.64 -25.12
C TYR C 100 -34.30 -4.76 -25.95
N ASP C 101 -33.01 -5.00 -25.75
CA ASP C 101 -32.33 -6.07 -26.46
C ASP C 101 -31.83 -7.10 -25.46
N ALA C 102 -31.73 -8.34 -25.94
CA ALA C 102 -31.61 -9.48 -25.05
C ALA C 102 -30.74 -10.55 -25.68
N GLN C 103 -30.16 -11.38 -24.82
CA GLN C 103 -29.70 -12.71 -25.18
C GLN C 103 -30.38 -13.69 -24.23
N PHE C 104 -30.90 -14.79 -24.77
CA PHE C 104 -31.87 -15.63 -24.10
C PHE C 104 -31.41 -17.08 -24.11
N GLY C 105 -31.88 -17.87 -23.14
CA GLY C 105 -31.66 -19.29 -23.21
C GLY C 105 -32.40 -20.03 -22.13
N PHE C 106 -32.65 -21.31 -22.39
CA PHE C 106 -33.12 -22.24 -21.37
C PHE C 106 -31.91 -22.74 -20.60
N ALA C 107 -31.87 -22.46 -19.31
CA ALA C 107 -30.68 -22.68 -18.49
C ALA C 107 -30.99 -23.54 -17.28
N TYR C 108 -30.02 -24.37 -16.93
CA TYR C 108 -30.15 -25.36 -15.88
C TYR C 108 -29.08 -25.09 -14.82
N ILE C 109 -29.51 -24.77 -13.60
CA ILE C 109 -28.57 -24.50 -12.52
C ILE C 109 -27.86 -25.79 -12.14
N GLU C 110 -26.61 -25.95 -12.60
CA GLU C 110 -25.85 -27.12 -12.24
C GLU C 110 -24.93 -26.93 -11.04
N SER C 111 -24.69 -25.69 -10.60
CA SER C 111 -23.93 -25.45 -9.40
C SER C 111 -24.59 -24.35 -8.60
N ARG C 112 -24.65 -24.56 -7.28
CA ARG C 112 -25.19 -23.58 -6.33
C ARG C 112 -24.19 -23.58 -5.18
N GLU C 113 -23.35 -22.55 -5.15
CA GLU C 113 -22.31 -22.40 -4.16
C GLU C 113 -22.59 -21.11 -3.41
N TYR C 114 -22.80 -21.19 -2.10
CA TYR C 114 -23.01 -20.01 -1.29
C TYR C 114 -22.00 -19.94 -0.16
N SER C 115 -21.49 -18.72 0.06
CA SER C 115 -20.55 -18.46 1.13
C SER C 115 -21.22 -17.62 2.20
N ASP C 116 -20.90 -17.96 3.45
CA ASP C 116 -21.21 -17.16 4.63
C ASP C 116 -19.89 -16.57 5.09
N GLY C 117 -19.80 -15.24 5.04
CA GLY C 117 -18.63 -14.53 5.55
C GLY C 117 -18.89 -13.96 6.93
N VAL C 118 -17.85 -13.38 7.52
CA VAL C 118 -17.95 -12.72 8.81
C VAL C 118 -18.90 -11.53 8.75
N GLU C 119 -18.77 -10.70 7.70
CA GLU C 119 -19.78 -9.68 7.45
C GLU C 119 -20.34 -9.75 6.04
N GLY C 120 -21.64 -9.51 5.87
CA GLY C 120 -22.17 -9.27 4.54
C GLY C 120 -23.23 -10.31 4.26
N ALA C 121 -24.14 -10.02 3.33
CA ALA C 121 -25.23 -10.92 3.02
C ALA C 121 -24.71 -12.20 2.37
N VAL C 122 -25.50 -13.27 2.48
CA VAL C 122 -25.06 -14.59 2.07
C VAL C 122 -24.63 -14.58 0.61
N GLU C 123 -23.39 -14.96 0.36
CA GLU C 123 -22.86 -14.91 -1.00
C GLU C 123 -23.41 -16.05 -1.83
N ILE C 124 -24.25 -15.71 -2.79
CA ILE C 124 -24.89 -16.69 -3.65
C ILE C 124 -24.28 -16.59 -5.04
N SER C 125 -23.57 -17.62 -5.44
CA SER C 125 -23.10 -17.80 -6.80
C SER C 125 -23.72 -19.09 -7.34
N ILE C 126 -24.43 -19.00 -8.45
CA ILE C 126 -25.01 -20.17 -9.09
C ILE C 126 -24.40 -20.32 -10.47
N SER C 127 -23.98 -21.55 -10.79
CA SER C 127 -23.35 -21.86 -12.05
C SER C 127 -24.27 -22.73 -12.89
N LEU C 128 -24.29 -22.48 -14.19
CA LEU C 128 -25.21 -23.10 -15.11
C LEU C 128 -24.56 -23.28 -16.48
N GLN C 129 -24.99 -24.30 -17.20
CA GLN C 129 -24.67 -24.45 -18.61
C GLN C 129 -25.96 -24.30 -19.38
N VAL C 130 -25.88 -23.73 -20.58
CA VAL C 130 -27.04 -23.62 -21.44
C VAL C 130 -26.62 -24.02 -22.85
N ILE C 131 -27.52 -24.69 -23.57
CA ILE C 131 -27.18 -25.23 -24.88
C ILE C 131 -26.64 -24.14 -25.79
N GLY C 132 -27.41 -23.06 -25.92
CA GLY C 132 -26.97 -21.94 -26.73
C GLY C 132 -27.62 -20.65 -26.30
N GLU C 133 -26.91 -19.54 -26.46
CA GLU C 133 -27.49 -18.23 -26.20
C GLU C 133 -27.97 -17.59 -27.50
N LEU C 134 -29.27 -17.31 -27.55
CA LEU C 134 -29.89 -16.79 -28.75
C LEU C 134 -29.98 -15.29 -28.63
N LYS C 135 -29.50 -14.59 -29.64
CA LYS C 135 -29.49 -13.12 -29.64
C LYS C 135 -30.82 -12.61 -30.17
N ASN C 136 -31.42 -11.66 -29.44
CA ASN C 136 -32.67 -11.05 -29.86
C ASN C 136 -32.85 -9.74 -29.10
N GLY C 137 -34.05 -9.18 -29.19
CA GLY C 137 -34.40 -8.06 -28.33
C GLY C 137 -35.61 -8.37 -27.48
N GLU C 138 -35.66 -7.74 -26.31
CA GLU C 138 -36.71 -8.02 -25.35
C GLU C 138 -37.76 -6.93 -25.40
N ILE C 139 -38.97 -7.26 -24.97
CA ILE C 139 -40.08 -6.32 -25.05
C ILE C 139 -40.48 -5.84 -23.66
N ASP C 140 -41.19 -6.67 -22.90
CA ASP C 140 -41.67 -6.26 -21.59
C ASP C 140 -40.79 -6.83 -20.49
N THR C 141 -39.83 -6.04 -20.03
CA THR C 141 -38.99 -6.41 -18.91
C THR C 141 -39.49 -5.84 -17.59
N LEU C 142 -40.80 -5.51 -17.50
CA LEU C 142 -41.44 -4.84 -16.38
C LEU C 142 -40.67 -3.57 -16.04
N PRO C 143 -40.49 -2.65 -17.01
CA PRO C 143 -39.42 -1.64 -16.93
C PRO C 143 -39.62 -0.58 -15.87
N GLU C 144 -40.83 -0.52 -15.32
CA GLU C 144 -41.16 0.31 -14.17
C GLU C 144 -40.22 0.05 -13.01
N GLU C 145 -40.08 -1.21 -12.59
CA GLU C 145 -39.33 -1.56 -11.40
C GLU C 145 -38.00 -2.23 -11.70
N ILE C 146 -37.88 -2.99 -12.77
CA ILE C 146 -36.65 -3.67 -13.14
C ILE C 146 -35.65 -2.71 -13.79
N VAL C 147 -36.10 -1.97 -14.79
CA VAL C 147 -35.23 -1.08 -15.54
C VAL C 147 -34.75 0.02 -14.58
N ASN C 148 -35.67 0.50 -13.73
CA ASN C 148 -35.37 1.59 -12.80
C ASN C 148 -35.16 1.07 -11.38
N VAL C 149 -33.95 1.21 -10.84
CA VAL C 149 -33.74 0.93 -9.43
C VAL C 149 -33.37 2.24 -8.73
N SER C 150 -34.15 2.60 -7.72
CA SER C 150 -34.01 3.90 -7.08
C SER C 150 -34.20 3.84 -5.57
N LYS C 151 -33.37 4.54 -4.81
CA LYS C 151 -33.57 4.60 -3.36
C LYS C 151 -34.94 5.14 -2.95
N GLY C 152 -35.46 6.18 -3.60
CA GLY C 152 -36.72 6.78 -3.22
C GLY C 152 -36.69 8.29 -3.24
N GLY C 153 -37.78 8.90 -3.68
CA GLY C 153 -37.86 10.34 -3.81
C GLY C 153 -39.07 10.91 -3.08
N TYR C 154 -38.99 10.88 -1.75
CA TYR C 154 -40.00 11.41 -0.85
C TYR C 154 -39.46 12.68 -0.20
N ASP C 155 -39.69 13.83 -0.86
CA ASP C 155 -38.87 15.01 -0.62
C ASP C 155 -39.04 15.67 0.75
N PHE C 156 -40.29 15.87 1.20
CA PHE C 156 -40.71 16.24 2.55
C PHE C 156 -41.84 15.32 3.00
N GLN C 157 -41.60 14.63 4.10
CA GLN C 157 -42.65 14.15 5.00
C GLN C 157 -42.42 14.84 6.33
N GLN C 158 -42.17 16.15 6.32
CA GLN C 158 -41.66 16.82 7.51
C GLN C 158 -42.66 16.89 8.67
N PRO C 159 -43.99 17.01 8.45
CA PRO C 159 -44.89 16.88 9.61
C PRO C 159 -45.21 15.44 9.98
N GLY C 160 -44.70 14.46 9.24
CA GLY C 160 -45.11 13.09 9.45
C GLY C 160 -44.64 12.03 8.47
N GLN C 161 -43.37 11.64 8.51
CA GLN C 161 -42.92 10.56 7.63
C GLN C 161 -43.48 9.22 8.08
N THR C 162 -43.44 8.97 9.39
CA THR C 162 -44.00 7.78 10.07
C THR C 162 -43.49 6.48 9.44
N THR C 163 -42.18 6.39 9.25
CA THR C 163 -41.64 5.34 8.41
C THR C 163 -40.58 4.57 9.21
N GLY C 164 -40.33 3.33 8.78
CA GLY C 164 -39.25 2.54 9.32
C GLY C 164 -37.94 2.79 8.60
N GLU C 165 -37.05 1.77 8.58
CA GLU C 165 -35.75 1.93 7.95
C GLU C 165 -35.86 2.23 6.47
N ALA C 166 -36.77 1.52 5.78
CA ALA C 166 -36.97 1.67 4.34
C ALA C 166 -37.96 2.80 4.09
N PRO C 167 -37.59 3.77 3.26
CA PRO C 167 -38.19 5.10 3.33
C PRO C 167 -39.54 5.17 2.62
N GLY C 168 -40.42 6.00 3.19
CA GLY C 168 -41.62 6.45 2.51
C GLY C 168 -42.85 5.58 2.65
N THR C 169 -42.82 4.57 3.52
CA THR C 169 -44.02 3.82 3.85
C THR C 169 -44.64 4.40 5.11
N VAL C 170 -45.89 4.82 4.98
CA VAL C 170 -46.69 5.36 6.08
C VAL C 170 -47.73 4.33 6.48
N PRO C 171 -47.70 3.81 7.72
CA PRO C 171 -48.71 2.81 8.12
C PRO C 171 -50.09 3.41 8.20
N ALA C 172 -51.10 2.54 8.21
CA ALA C 172 -52.52 2.88 8.11
C ALA C 172 -52.91 3.35 6.72
N PRO D 1 9.76 3.39 -30.77
CA PRO D 1 9.58 2.08 -31.42
C PRO D 1 8.13 1.81 -31.80
N ILE D 2 7.37 1.23 -30.87
CA ILE D 2 5.96 0.95 -31.07
C ILE D 2 5.19 1.54 -29.90
N MET D 3 3.87 1.71 -30.10
CA MET D 3 3.02 2.33 -29.09
C MET D 3 1.89 1.37 -28.70
N GLY D 4 1.39 1.58 -27.48
CA GLY D 4 0.24 0.81 -26.99
C GLY D 4 -1.03 1.02 -27.78
N GLN D 5 -1.11 2.09 -28.57
CA GLN D 5 -2.20 2.32 -29.51
C GLN D 5 -1.80 2.00 -30.94
N ASP D 6 -0.54 1.67 -31.18
CA ASP D 6 -0.01 1.51 -32.52
C ASP D 6 -0.60 0.34 -33.29
N VAL D 7 -0.63 -0.86 -32.73
CA VAL D 7 -1.15 -2.04 -33.42
C VAL D 7 -2.65 -2.06 -33.25
N LYS D 8 -3.39 -2.05 -34.36
CA LYS D 8 -4.84 -2.16 -34.29
C LYS D 8 -5.33 -3.32 -35.14
N TYR D 9 -6.43 -3.93 -34.68
CA TYR D 9 -6.87 -5.24 -35.14
C TYR D 9 -8.17 -5.06 -35.94
N LEU D 10 -8.07 -5.17 -37.25
CA LEU D 10 -9.25 -5.13 -38.11
C LEU D 10 -9.79 -6.54 -38.30
N PHE D 11 -11.10 -6.70 -38.21
CA PHE D 11 -11.76 -7.97 -38.45
C PHE D 11 -12.85 -7.80 -39.50
N GLN D 12 -12.66 -8.45 -40.64
CA GLN D 12 -13.71 -8.52 -41.64
C GLN D 12 -14.17 -9.98 -41.77
N SER D 13 -15.48 -10.17 -41.86
CA SER D 13 -16.05 -11.49 -42.01
C SER D 13 -16.03 -11.95 -43.46
N ILE D 14 -15.88 -13.26 -43.65
CA ILE D 14 -15.84 -13.82 -44.99
C ILE D 14 -17.13 -13.57 -45.77
N ASP D 15 -18.28 -13.69 -45.11
CA ASP D 15 -19.56 -13.64 -45.78
C ASP D 15 -19.90 -12.26 -46.31
N ALA D 16 -19.26 -11.21 -45.81
CA ALA D 16 -19.62 -9.86 -46.22
C ALA D 16 -19.27 -9.60 -47.68
N ALA D 17 -18.09 -10.09 -48.11
CA ALA D 17 -17.51 -9.83 -49.44
C ALA D 17 -17.54 -8.35 -49.80
N THR D 18 -16.92 -7.54 -48.95
CA THR D 18 -16.86 -6.08 -49.14
C THR D 18 -15.45 -5.61 -48.80
N GLY D 19 -15.24 -4.30 -48.92
CA GLY D 19 -13.95 -3.72 -48.64
C GLY D 19 -13.98 -2.59 -47.62
N SER D 20 -15.00 -2.60 -46.77
CA SER D 20 -15.15 -1.53 -45.78
C SER D 20 -14.11 -1.64 -44.67
N ALA D 21 -13.68 -2.87 -44.37
CA ALA D 21 -12.79 -3.25 -43.28
C ALA D 21 -13.17 -2.60 -41.95
N PRO D 22 -14.22 -3.08 -41.26
CA PRO D 22 -14.58 -2.47 -39.98
C PRO D 22 -13.54 -2.76 -38.90
N LEU D 23 -13.37 -1.81 -37.98
CA LEU D 23 -12.59 -2.05 -36.78
C LEU D 23 -13.40 -1.59 -35.58
N PHE D 24 -13.17 -2.25 -34.46
CA PHE D 24 -14.11 -2.01 -33.39
C PHE D 24 -13.48 -1.19 -32.27
N PRO D 25 -14.15 -0.15 -31.77
CA PRO D 25 -13.55 0.65 -30.69
C PRO D 25 -13.60 -0.07 -29.36
N ALA D 26 -13.14 0.66 -28.33
CA ALA D 26 -13.08 0.22 -26.93
C ALA D 26 -12.20 -1.02 -26.78
N TYR D 27 -11.12 -1.04 -27.55
CA TYR D 27 -10.12 -2.09 -27.42
C TYR D 27 -9.31 -1.91 -26.14
N GLN D 28 -9.11 -3.02 -25.44
CA GLN D 28 -8.35 -3.07 -24.20
C GLN D 28 -7.01 -3.69 -24.60
N THR D 29 -6.89 -5.02 -24.50
CA THR D 29 -5.66 -5.68 -24.84
C THR D 29 -5.90 -6.93 -25.70
N ASP D 30 -4.81 -7.46 -26.21
CA ASP D 30 -4.84 -8.42 -27.30
C ASP D 30 -3.54 -9.19 -27.27
N GLY D 31 -3.60 -10.41 -26.75
CA GLY D 31 -2.48 -11.31 -26.87
C GLY D 31 -2.58 -12.15 -28.12
N SER D 32 -1.46 -12.30 -28.80
CA SER D 32 -1.34 -13.19 -29.95
C SER D 32 -0.05 -13.96 -29.73
N VAL D 33 -0.19 -15.28 -29.63
CA VAL D 33 0.94 -16.14 -29.27
C VAL D 33 0.99 -17.29 -30.28
N SER D 34 2.21 -17.71 -30.60
CA SER D 34 2.48 -18.59 -31.74
C SER D 34 3.37 -19.73 -31.24
N GLY D 35 2.95 -20.96 -31.53
CA GLY D 35 3.70 -22.12 -31.08
C GLY D 35 4.19 -22.99 -32.21
N GLU D 36 5.51 -23.06 -32.37
CA GLU D 36 6.14 -23.85 -33.44
C GLU D 36 6.49 -25.21 -32.86
N ARG D 37 6.02 -26.27 -33.52
CA ARG D 37 6.18 -27.62 -33.01
C ARG D 37 7.65 -28.04 -33.06
N GLU D 38 8.13 -28.59 -31.96
CA GLU D 38 9.56 -28.80 -31.74
C GLU D 38 9.77 -30.17 -31.10
N LEU D 39 10.73 -30.92 -31.63
CA LEU D 39 11.05 -32.25 -31.17
C LEU D 39 12.30 -32.23 -30.31
N PHE D 40 12.16 -32.70 -29.07
CA PHE D 40 13.29 -32.92 -28.18
C PHE D 40 13.27 -34.32 -27.59
N ASP D 41 13.91 -35.26 -28.28
CA ASP D 41 14.45 -36.47 -27.69
C ASP D 41 15.97 -36.39 -27.74
N GLU D 42 16.62 -37.34 -27.06
CA GLU D 42 18.08 -37.43 -27.09
C GLU D 42 18.62 -37.92 -28.42
N GLN D 43 18.04 -39.01 -28.95
CA GLN D 43 18.51 -39.73 -30.14
C GLN D 43 19.96 -40.23 -29.97
N THR D 44 20.29 -40.68 -28.75
CA THR D 44 21.66 -40.89 -28.27
C THR D 44 22.59 -39.76 -28.69
N LYS D 45 22.11 -38.53 -28.52
CA LYS D 45 22.84 -37.33 -28.92
C LYS D 45 22.62 -36.21 -27.91
N ASN D 46 22.94 -34.97 -28.31
CA ASN D 46 22.73 -33.80 -27.45
C ASN D 46 21.28 -33.32 -27.47
N GLY D 47 20.36 -34.14 -27.93
CA GLY D 47 18.95 -33.75 -28.00
C GLY D 47 18.64 -33.04 -29.30
N ARG D 48 17.35 -32.87 -29.58
CA ARG D 48 16.91 -32.22 -30.80
C ARG D 48 16.26 -30.89 -30.39
N ILE D 49 16.79 -29.80 -30.93
CA ILE D 49 16.26 -28.47 -30.67
C ILE D 49 15.97 -27.75 -31.98
N LEU D 50 16.86 -27.93 -32.97
CA LEU D 50 16.65 -27.37 -34.30
C LEU D 50 15.40 -27.91 -34.96
N GLY D 51 14.87 -29.03 -34.47
CA GLY D 51 13.82 -29.77 -35.12
C GLY D 51 12.53 -28.99 -35.28
N PRO D 52 12.26 -28.54 -36.51
CA PRO D 52 11.07 -27.69 -36.73
C PRO D 52 9.76 -28.45 -36.74
N GLY D 53 8.67 -27.71 -36.92
CA GLY D 53 7.35 -28.29 -36.95
C GLY D 53 6.35 -27.25 -37.40
N SER D 54 5.07 -27.54 -37.15
CA SER D 54 4.02 -26.62 -37.53
C SER D 54 3.78 -25.59 -36.43
N VAL D 55 3.27 -24.43 -36.83
CA VAL D 55 3.03 -23.32 -35.91
C VAL D 55 1.53 -23.23 -35.62
N ALA D 56 1.20 -23.14 -34.34
CA ALA D 56 -0.17 -22.94 -33.89
C ALA D 56 -0.29 -21.52 -33.38
N ASP D 57 -1.03 -20.69 -34.10
CA ASP D 57 -1.08 -19.26 -33.84
C ASP D 57 -2.38 -18.96 -33.11
N SER D 58 -2.26 -18.67 -31.82
CA SER D 58 -3.38 -18.38 -30.94
C SER D 58 -3.56 -16.88 -30.77
N GLY D 59 -4.80 -16.46 -30.67
CA GLY D 59 -5.12 -15.07 -30.42
C GLY D 59 -6.26 -14.91 -29.45
N GLU D 60 -6.20 -13.86 -28.64
CA GLU D 60 -7.29 -13.51 -27.73
C GLU D 60 -7.45 -12.00 -27.78
N VAL D 61 -8.69 -11.56 -27.99
CA VAL D 61 -8.99 -10.14 -28.11
C VAL D 61 -9.91 -9.75 -26.96
N THR D 62 -9.50 -8.77 -26.16
CA THR D 62 -10.36 -8.26 -25.11
C THR D 62 -10.75 -6.82 -25.42
N TYR D 63 -12.01 -6.48 -25.13
CA TYR D 63 -12.48 -5.11 -25.29
C TYR D 63 -13.76 -4.93 -24.48
N TYR D 64 -14.13 -3.67 -24.23
CA TYR D 64 -15.37 -3.32 -23.56
C TYR D 64 -16.49 -3.28 -24.59
N GLY D 65 -17.64 -3.84 -24.23
CA GLY D 65 -18.75 -3.95 -25.17
C GLY D 65 -19.49 -2.66 -25.43
N LYS D 66 -19.91 -2.45 -26.67
CA LYS D 66 -20.72 -1.31 -27.02
C LYS D 66 -22.13 -1.78 -27.40
N ARG D 67 -23.12 -0.89 -27.22
CA ARG D 67 -24.51 -1.27 -27.38
C ARG D 67 -24.82 -1.90 -28.73
N GLY D 68 -24.48 -1.27 -29.85
CA GLY D 68 -24.66 -1.84 -31.17
C GLY D 68 -23.32 -2.15 -31.80
N ASP D 69 -23.06 -1.47 -32.92
CA ASP D 69 -21.75 -1.42 -33.59
C ASP D 69 -21.40 -2.77 -34.23
N ALA D 70 -21.21 -2.73 -35.54
CA ALA D 70 -21.36 -3.86 -36.45
C ALA D 70 -20.15 -4.79 -36.65
N GLY D 71 -18.94 -4.31 -36.36
CA GLY D 71 -17.80 -5.23 -36.28
C GLY D 71 -17.95 -6.25 -35.18
N GLN D 72 -18.28 -5.80 -33.96
CA GLN D 72 -18.61 -6.73 -32.90
C GLN D 72 -19.89 -7.51 -33.22
N LYS D 73 -20.88 -6.88 -33.86
CA LYS D 73 -22.02 -7.62 -34.34
C LYS D 73 -21.64 -8.61 -35.42
N ALA D 74 -20.70 -8.27 -36.30
CA ALA D 74 -20.12 -9.26 -37.19
C ALA D 74 -19.41 -10.36 -36.39
N ILE D 75 -18.61 -9.95 -35.40
CA ILE D 75 -18.01 -10.91 -34.48
C ILE D 75 -19.08 -11.80 -33.86
N GLU D 76 -20.20 -11.20 -33.46
CA GLU D 76 -21.26 -11.97 -32.81
C GLU D 76 -21.95 -12.93 -33.78
N ASP D 77 -22.36 -12.46 -34.96
CA ASP D 77 -22.82 -13.38 -35.99
C ASP D 77 -21.73 -14.35 -36.39
N ALA D 78 -20.46 -13.92 -36.40
CA ALA D 78 -19.39 -14.86 -36.66
C ALA D 78 -19.38 -16.01 -35.66
N TYR D 79 -19.35 -15.69 -34.37
CA TYR D 79 -19.22 -16.75 -33.36
C TYR D 79 -20.52 -17.52 -33.18
N GLN D 80 -21.64 -16.80 -33.04
CA GLN D 80 -22.88 -17.41 -32.59
C GLN D 80 -23.40 -18.45 -33.57
N ASN D 81 -23.53 -18.09 -34.85
CA ASN D 81 -23.84 -19.09 -35.87
C ASN D 81 -22.59 -19.83 -36.33
N GLY D 82 -21.50 -19.10 -36.51
CA GLY D 82 -20.24 -19.69 -36.92
C GLY D 82 -19.82 -19.26 -38.31
N LYS D 83 -18.88 -18.33 -38.37
CA LYS D 83 -18.33 -17.79 -39.62
C LYS D 83 -16.82 -17.65 -39.43
N GLN D 84 -16.07 -17.86 -40.50
CA GLN D 84 -14.65 -17.53 -40.54
C GLN D 84 -14.51 -16.01 -40.51
N ILE D 85 -13.47 -15.53 -39.82
CA ILE D 85 -13.24 -14.09 -39.72
C ILE D 85 -11.89 -13.75 -40.34
N LYS D 86 -11.90 -12.78 -41.24
CA LYS D 86 -10.67 -12.29 -41.85
C LYS D 86 -10.04 -11.25 -40.94
N PHE D 87 -8.87 -11.60 -40.39
CA PHE D 87 -8.24 -10.89 -39.28
C PHE D 87 -7.02 -10.14 -39.76
N TRP D 88 -7.01 -8.83 -39.52
CA TRP D 88 -5.93 -7.93 -39.93
C TRP D 88 -5.30 -7.36 -38.67
N ARG D 89 -3.99 -7.56 -38.51
CA ARG D 89 -3.23 -6.93 -37.43
C ARG D 89 -2.32 -5.88 -38.05
N VAL D 90 -2.72 -4.61 -37.95
CA VAL D 90 -2.02 -3.55 -38.63
C VAL D 90 -1.59 -2.49 -37.63
N ASP D 91 -0.52 -1.79 -37.97
CA ASP D 91 0.00 -0.73 -37.13
C ASP D 91 -0.52 0.63 -37.60
N THR D 92 -0.51 1.58 -36.67
CA THR D 92 -1.02 2.92 -36.90
C THR D 92 0.02 3.85 -37.49
N VAL D 93 1.25 3.38 -37.66
CA VAL D 93 2.30 4.20 -38.28
C VAL D 93 2.48 3.79 -39.73
N LYS D 94 2.62 4.78 -40.61
CA LYS D 94 2.68 4.55 -42.04
C LYS D 94 3.97 3.83 -42.40
N ASN D 95 3.86 2.75 -43.15
CA ASN D 95 5.03 2.06 -43.70
C ASN D 95 5.73 2.99 -44.70
N GLU D 96 6.98 2.63 -45.02
CA GLU D 96 7.79 3.45 -45.90
C GLU D 96 7.59 3.15 -47.38
N ASN D 97 6.86 2.09 -47.71
CA ASN D 97 6.45 1.91 -49.11
C ASN D 97 4.96 1.55 -49.20
N ASP D 98 4.48 0.76 -48.25
CA ASP D 98 3.04 0.56 -48.07
C ASP D 98 2.48 1.75 -47.32
N LYS D 99 1.16 1.81 -47.19
CA LYS D 99 0.52 2.81 -46.34
C LYS D 99 0.77 2.51 -44.87
N TYR D 100 0.65 1.23 -44.51
CA TYR D 100 0.86 0.76 -43.15
C TYR D 100 1.41 -0.66 -43.25
N ASP D 101 1.83 -1.21 -42.12
CA ASP D 101 2.33 -2.58 -42.09
C ASP D 101 1.41 -3.43 -41.23
N ALA D 102 1.39 -4.73 -41.56
CA ALA D 102 0.33 -5.60 -41.09
C ALA D 102 0.87 -7.00 -40.86
N GLN D 103 0.19 -7.74 -39.98
CA GLN D 103 0.21 -9.19 -39.97
C GLN D 103 -1.23 -9.65 -40.08
N PHE D 104 -1.47 -10.64 -40.93
CA PHE D 104 -2.80 -10.98 -41.43
C PHE D 104 -3.09 -12.45 -41.23
N GLY D 105 -4.36 -12.80 -41.14
CA GLY D 105 -4.72 -14.21 -41.15
C GLY D 105 -6.22 -14.40 -41.22
N PHE D 106 -6.60 -15.57 -41.72
CA PHE D 106 -7.98 -16.05 -41.61
C PHE D 106 -8.15 -16.69 -40.25
N ALA D 107 -9.05 -16.13 -39.44
CA ALA D 107 -9.16 -16.48 -38.05
C ALA D 107 -10.59 -16.89 -37.70
N TYR D 108 -10.67 -17.86 -36.79
CA TYR D 108 -11.94 -18.48 -36.41
C TYR D 108 -12.12 -18.30 -34.91
N ILE D 109 -13.18 -17.58 -34.52
CA ILE D 109 -13.45 -17.35 -33.11
C ILE D 109 -13.87 -18.66 -32.46
N GLU D 110 -12.94 -19.29 -31.72
CA GLU D 110 -13.27 -20.53 -31.03
C GLU D 110 -13.67 -20.32 -29.57
N SER D 111 -13.44 -19.14 -29.00
CA SER D 111 -13.91 -18.86 -27.66
C SER D 111 -14.47 -17.45 -27.60
N ARG D 112 -15.61 -17.30 -26.93
CA ARG D 112 -16.26 -16.02 -26.71
C ARG D 112 -16.67 -16.04 -25.24
N GLU D 113 -15.90 -15.33 -24.43
CA GLU D 113 -16.08 -15.26 -22.99
C GLU D 113 -16.34 -13.79 -22.64
N TYR D 114 -17.51 -13.50 -22.09
CA TYR D 114 -17.81 -12.16 -21.65
C TYR D 114 -18.16 -12.10 -20.18
N SER D 115 -17.64 -11.09 -19.51
CA SER D 115 -17.90 -10.87 -18.10
C SER D 115 -18.77 -9.64 -17.92
N ASP D 116 -19.71 -9.74 -17.00
CA ASP D 116 -20.49 -8.63 -16.49
C ASP D 116 -19.97 -8.35 -15.08
N GLY D 117 -19.40 -7.17 -14.88
CA GLY D 117 -18.96 -6.73 -13.57
C GLY D 117 -19.96 -5.80 -12.93
N VAL D 118 -19.68 -5.43 -11.68
CA VAL D 118 -20.51 -4.48 -10.94
C VAL D 118 -20.49 -3.11 -11.62
N GLU D 119 -19.32 -2.64 -12.03
CA GLU D 119 -19.25 -1.46 -12.88
C GLU D 119 -18.45 -1.70 -14.14
N GLY D 120 -18.87 -1.12 -15.26
CA GLY D 120 -18.03 -1.06 -16.43
C GLY D 120 -18.71 -1.78 -17.57
N ALA D 121 -18.34 -1.46 -18.81
CA ALA D 121 -18.98 -2.05 -19.97
C ALA D 121 -18.66 -3.54 -20.07
N VAL D 122 -19.54 -4.27 -20.76
CA VAL D 122 -19.49 -5.72 -20.78
C VAL D 122 -18.13 -6.19 -21.28
N GLU D 123 -17.44 -6.97 -20.46
CA GLU D 123 -16.09 -7.41 -20.79
C GLU D 123 -16.14 -8.50 -21.85
N ILE D 124 -15.69 -8.16 -23.05
CA ILE D 124 -15.69 -9.09 -24.16
C ILE D 124 -14.26 -9.51 -24.46
N SER D 125 -13.97 -10.78 -24.21
CA SER D 125 -12.74 -11.41 -24.65
C SER D 125 -13.08 -12.55 -25.59
N ILE D 126 -12.54 -12.52 -26.80
CA ILE D 126 -12.77 -13.59 -27.77
C ILE D 126 -11.44 -14.24 -28.08
N SER D 127 -11.42 -15.57 -28.06
CA SER D 127 -10.23 -16.36 -28.30
C SER D 127 -10.36 -17.09 -29.62
N LEU D 128 -9.25 -17.17 -30.35
CA LEU D 128 -9.23 -17.69 -31.71
C LEU D 128 -7.90 -18.37 -31.98
N GLN D 129 -7.92 -19.38 -32.85
CA GLN D 129 -6.71 -19.94 -33.42
C GLN D 129 -6.69 -19.61 -34.90
N VAL D 130 -5.51 -19.38 -35.46
CA VAL D 130 -5.38 -19.15 -36.88
C VAL D 130 -4.21 -19.98 -37.39
N ILE D 131 -4.34 -20.50 -38.61
CA ILE D 131 -3.34 -21.44 -39.13
C ILE D 131 -1.96 -20.80 -39.11
N GLY D 132 -1.84 -19.61 -39.68
CA GLY D 132 -0.58 -18.90 -39.66
C GLY D 132 -0.78 -17.41 -39.80
N GLU D 133 0.11 -16.63 -39.20
CA GLU D 133 0.10 -15.19 -39.38
C GLU D 133 1.11 -14.77 -40.43
N LEU D 134 0.59 -14.14 -41.48
CA LEU D 134 1.42 -13.76 -42.63
C LEU D 134 1.82 -12.32 -42.46
N LYS D 135 3.12 -12.04 -42.57
CA LYS D 135 3.66 -10.71 -42.40
C LYS D 135 3.59 -9.95 -43.71
N ASN D 136 3.07 -8.74 -43.69
CA ASN D 136 3.00 -7.89 -44.87
C ASN D 136 2.79 -6.45 -44.44
N GLY D 137 2.46 -5.58 -45.41
CA GLY D 137 2.02 -4.26 -45.06
C GLY D 137 0.64 -3.97 -45.61
N GLU D 138 -0.08 -3.09 -44.89
CA GLU D 138 -1.47 -2.82 -45.23
C GLU D 138 -1.54 -1.50 -45.99
N ILE D 139 -2.61 -1.34 -46.76
CA ILE D 139 -2.77 -0.16 -47.60
C ILE D 139 -3.88 0.74 -47.07
N ASP D 140 -5.14 0.36 -47.31
CA ASP D 140 -6.25 1.20 -46.91
C ASP D 140 -6.89 0.67 -45.62
N THR D 141 -6.46 1.24 -44.49
CA THR D 141 -7.05 0.91 -43.21
C THR D 141 -8.13 1.90 -42.80
N LEU D 142 -8.74 2.62 -43.77
CA LEU D 142 -9.70 3.70 -43.57
C LEU D 142 -9.11 4.73 -42.61
N PRO D 143 -7.92 5.29 -42.93
CA PRO D 143 -7.08 5.93 -41.90
C PRO D 143 -7.63 7.22 -41.32
N GLU D 144 -8.64 7.76 -41.99
CA GLU D 144 -9.40 8.90 -41.51
C GLU D 144 -9.93 8.67 -40.11
N GLU D 145 -10.66 7.56 -39.90
CA GLU D 145 -11.33 7.31 -38.64
C GLU D 145 -10.68 6.22 -37.80
N ILE D 146 -10.05 5.22 -38.42
CA ILE D 146 -9.40 4.14 -37.69
C ILE D 146 -8.04 4.57 -37.16
N VAL D 147 -7.21 5.15 -38.00
CA VAL D 147 -5.86 5.54 -37.62
C VAL D 147 -5.98 6.64 -36.57
N ASN D 148 -6.92 7.55 -36.78
CA ASN D 148 -7.08 8.69 -35.88
C ASN D 148 -8.28 8.50 -34.95
N VAL D 149 -8.05 8.40 -33.65
CA VAL D 149 -9.16 8.42 -32.70
C VAL D 149 -9.04 9.69 -31.85
N SER D 150 -10.10 10.50 -31.87
CA SER D 150 -10.04 11.81 -31.23
C SER D 150 -11.35 12.17 -30.53
N LYS D 151 -11.27 12.76 -29.34
CA LYS D 151 -12.48 13.22 -28.67
C LYS D 151 -13.29 14.23 -29.49
N GLY D 152 -12.66 15.18 -30.17
CA GLY D 152 -13.37 16.20 -30.90
C GLY D 152 -12.79 17.59 -30.72
N GLY D 153 -12.77 18.37 -31.79
CA GLY D 153 -12.18 19.69 -31.77
C GLY D 153 -13.15 20.75 -32.27
N TYR D 154 -14.16 21.02 -31.44
CA TYR D 154 -15.18 22.02 -31.70
C TYR D 154 -14.96 23.20 -30.74
N ASP D 155 -14.13 24.17 -31.17
CA ASP D 155 -13.47 25.09 -30.24
C ASP D 155 -14.39 26.06 -29.52
N PHE D 156 -15.30 26.74 -30.26
CA PHE D 156 -16.43 27.53 -29.78
C PHE D 156 -17.68 27.13 -30.56
N GLN D 157 -18.69 26.68 -29.79
CA GLN D 157 -20.09 26.76 -30.19
C GLN D 157 -20.77 27.65 -29.16
N GLN D 158 -20.15 28.80 -28.83
CA GLN D 158 -20.59 29.54 -27.64
C GLN D 158 -21.97 30.19 -27.79
N PRO D 159 -22.42 30.64 -28.98
CA PRO D 159 -23.83 31.06 -29.06
C PRO D 159 -24.80 29.92 -29.27
N GLY D 160 -24.33 28.68 -29.38
CA GLY D 160 -25.20 27.59 -29.75
C GLY D 160 -24.58 26.24 -30.06
N GLN D 161 -24.12 25.50 -29.04
CA GLN D 161 -23.60 24.17 -29.30
C GLN D 161 -24.73 23.20 -29.64
N THR D 162 -25.84 23.28 -28.88
CA THR D 162 -27.07 22.50 -29.08
C THR D 162 -26.79 21.00 -29.18
N THR D 163 -26.02 20.48 -28.23
CA THR D 163 -25.49 19.14 -28.39
C THR D 163 -25.85 18.31 -27.17
N GLY D 164 -25.86 16.98 -27.34
CA GLY D 164 -26.02 16.06 -26.24
C GLY D 164 -24.70 15.73 -25.57
N GLU D 165 -24.61 14.54 -24.97
CA GLU D 165 -23.41 14.13 -24.24
C GLU D 165 -22.20 14.10 -25.17
N ALA D 166 -22.37 13.53 -26.37
CA ALA D 166 -21.29 13.38 -27.34
C ALA D 166 -21.18 14.65 -28.16
N PRO D 167 -19.99 15.24 -28.23
CA PRO D 167 -19.86 16.67 -28.54
C PRO D 167 -19.96 16.97 -30.02
N GLY D 168 -20.54 18.13 -30.32
CA GLY D 168 -20.46 18.74 -31.63
C GLY D 168 -21.49 18.34 -32.65
N THR D 169 -22.52 17.60 -32.24
CA THR D 169 -23.66 17.36 -33.11
C THR D 169 -24.75 18.38 -32.83
N VAL D 170 -25.12 19.11 -33.87
CA VAL D 170 -26.18 20.11 -33.83
C VAL D 170 -27.41 19.56 -34.56
N PRO D 171 -28.55 19.37 -33.88
CA PRO D 171 -29.74 18.84 -34.58
C PRO D 171 -30.28 19.83 -35.59
N ALA D 172 -31.10 19.32 -36.50
CA ALA D 172 -31.62 20.04 -37.67
C ALA D 172 -30.55 20.26 -38.74
N PRO E 1 30.20 -7.12 -9.34
CA PRO E 1 30.14 -8.44 -9.99
C PRO E 1 29.61 -8.36 -11.41
N ILE E 2 28.28 -8.44 -11.57
CA ILE E 2 27.64 -8.35 -12.87
C ILE E 2 26.55 -7.29 -12.77
N MET E 3 26.10 -6.80 -13.92
CA MET E 3 25.11 -5.75 -13.98
C MET E 3 23.88 -6.20 -14.77
N GLY E 4 22.74 -5.57 -14.48
CA GLY E 4 21.51 -5.83 -15.20
C GLY E 4 21.57 -5.47 -16.68
N GLN E 5 22.55 -4.64 -17.07
CA GLN E 5 22.81 -4.34 -18.47
C GLN E 5 24.02 -5.09 -19.00
N ASP E 6 24.72 -5.83 -18.14
CA ASP E 6 25.98 -6.45 -18.49
C ASP E 6 25.87 -7.55 -19.54
N VAL E 7 24.97 -8.52 -19.37
CA VAL E 7 24.83 -9.63 -20.31
C VAL E 7 23.93 -9.18 -21.44
N LYS E 8 24.44 -9.22 -22.67
CA LYS E 8 23.61 -8.87 -23.82
C LYS E 8 23.61 -10.01 -24.83
N TYR E 9 22.48 -10.15 -25.52
CA TYR E 9 22.14 -11.35 -26.29
C TYR E 9 22.18 -11.00 -27.77
N LEU E 10 23.22 -11.45 -28.46
CA LEU E 10 23.31 -11.28 -29.91
C LEU E 10 22.68 -12.49 -30.60
N PHE E 11 21.89 -12.22 -31.64
CA PHE E 11 21.29 -13.27 -32.45
C PHE E 11 21.62 -13.05 -33.91
N GLN E 12 22.39 -13.98 -34.47
CA GLN E 12 22.60 -13.99 -35.92
C GLN E 12 21.96 -15.24 -36.50
N SER E 13 21.30 -15.06 -37.65
CA SER E 13 20.64 -16.15 -38.34
C SER E 13 21.63 -16.93 -39.19
N ILE E 14 21.38 -18.23 -39.33
CA ILE E 14 22.25 -19.09 -40.12
C ILE E 14 22.30 -18.68 -41.58
N ASP E 15 21.16 -18.29 -42.15
CA ASP E 15 21.06 -18.05 -43.58
C ASP E 15 21.81 -16.79 -44.01
N ALA E 16 22.12 -15.88 -43.09
CA ALA E 16 22.75 -14.63 -43.49
C ALA E 16 24.16 -14.85 -44.00
N ALA E 17 24.92 -15.74 -43.34
CA ALA E 17 26.35 -16.00 -43.58
C ALA E 17 27.16 -14.70 -43.66
N THR E 18 27.10 -13.92 -42.59
CA THR E 18 27.81 -12.65 -42.49
C THR E 18 28.41 -12.52 -41.11
N GLY E 19 29.09 -11.41 -40.86
CA GLY E 19 29.73 -11.17 -39.59
C GLY E 19 29.32 -9.88 -38.91
N SER E 20 28.14 -9.37 -39.26
CA SER E 20 27.68 -8.11 -38.71
C SER E 20 27.28 -8.24 -37.24
N ALA E 21 26.82 -9.44 -36.85
CA ALA E 21 26.27 -9.78 -35.54
C ALA E 21 25.28 -8.74 -35.03
N PRO E 22 24.04 -8.71 -35.54
CA PRO E 22 23.07 -7.73 -35.02
C PRO E 22 22.64 -8.03 -33.60
N LEU E 23 22.35 -6.98 -32.84
CA LEU E 23 21.71 -7.15 -31.54
C LEU E 23 20.52 -6.19 -31.46
N PHE E 24 19.53 -6.59 -30.71
CA PHE E 24 18.30 -5.84 -30.85
C PHE E 24 18.05 -4.98 -29.60
N PRO E 25 17.70 -3.71 -29.76
CA PRO E 25 17.44 -2.88 -28.57
C PRO E 25 16.11 -3.21 -27.92
N ALA E 26 15.79 -2.40 -26.90
CA ALA E 26 14.56 -2.50 -26.09
C ALA E 26 14.43 -3.86 -25.42
N TYR E 27 15.58 -4.39 -24.98
CA TYR E 27 15.59 -5.62 -24.20
C TYR E 27 15.06 -5.38 -22.80
N GLN E 28 14.21 -6.29 -22.35
CA GLN E 28 13.60 -6.25 -21.03
C GLN E 28 14.36 -7.31 -20.24
N THR E 29 13.86 -8.55 -20.22
CA THR E 29 14.50 -9.61 -19.46
C THR E 29 14.60 -10.89 -20.30
N ASP E 30 15.36 -11.83 -19.75
CA ASP E 30 15.84 -12.97 -20.49
C ASP E 30 16.20 -14.05 -19.49
N GLY E 31 15.33 -15.04 -19.39
CA GLY E 31 15.64 -16.22 -18.64
C GLY E 31 16.27 -17.28 -19.51
N SER E 32 17.32 -17.91 -19.01
CA SER E 32 17.96 -19.05 -19.67
C SER E 32 18.14 -20.08 -18.57
N VAL E 33 17.52 -21.24 -18.75
CA VAL E 33 17.50 -22.28 -17.73
C VAL E 33 17.89 -23.59 -18.38
N SER E 34 18.60 -24.42 -17.62
CA SER E 34 19.31 -25.58 -18.13
C SER E 34 18.96 -26.78 -17.25
N GLY E 35 18.53 -27.87 -17.88
CA GLY E 35 18.13 -29.05 -17.13
C GLY E 35 18.95 -30.27 -17.46
N GLU E 36 19.71 -30.76 -16.49
CA GLU E 36 20.57 -31.93 -16.67
C GLU E 36 19.81 -33.15 -16.20
N ARG E 37 19.70 -34.16 -17.07
CA ARG E 37 18.89 -35.33 -16.79
C ARG E 37 19.51 -36.16 -15.67
N GLU E 38 18.69 -36.54 -14.70
CA GLU E 38 19.16 -37.10 -13.43
C GLU E 38 18.26 -38.26 -13.05
N LEU E 39 18.89 -39.36 -12.65
CA LEU E 39 18.20 -40.58 -12.27
C LEU E 39 18.17 -40.72 -10.75
N PHE E 40 16.95 -40.80 -10.21
CA PHE E 40 16.74 -41.13 -8.80
C PHE E 40 15.75 -42.27 -8.64
N ASP E 41 16.28 -43.48 -8.60
CA ASP E 41 15.65 -44.62 -7.95
C ASP E 41 16.48 -45.01 -6.73
N GLU E 42 15.93 -45.90 -5.91
CA GLU E 42 16.65 -46.42 -4.75
C GLU E 42 17.79 -47.35 -5.13
N GLN E 43 17.52 -48.33 -6.01
CA GLN E 43 18.43 -49.42 -6.38
C GLN E 43 18.84 -50.25 -5.16
N THR E 44 17.88 -50.47 -4.25
CA THR E 44 18.12 -50.95 -2.87
C THR E 44 19.33 -50.26 -2.23
N LYS E 45 19.39 -48.94 -2.40
CA LYS E 45 20.51 -48.14 -1.90
C LYS E 45 20.03 -46.80 -1.39
N ASN E 46 20.95 -45.85 -1.22
CA ASN E 46 20.59 -44.50 -0.79
C ASN E 46 20.05 -43.64 -1.93
N GLY E 47 19.65 -44.24 -3.04
CA GLY E 47 19.14 -43.49 -4.18
C GLY E 47 20.26 -43.06 -5.09
N ARG E 48 19.89 -42.59 -6.28
CA ARG E 48 20.86 -42.16 -7.27
C ARG E 48 20.71 -40.65 -7.43
N ILE E 49 21.80 -39.92 -7.19
CA ILE E 49 21.80 -38.46 -7.33
C ILE E 49 22.95 -38.04 -8.24
N LEU E 50 24.11 -38.70 -8.10
CA LEU E 50 25.25 -38.44 -8.96
C LEU E 50 24.95 -38.75 -10.43
N GLY E 51 23.88 -39.51 -10.68
CA GLY E 51 23.60 -40.04 -12.00
C GLY E 51 23.36 -38.99 -13.06
N PRO E 52 24.35 -38.80 -13.94
CA PRO E 52 24.24 -37.72 -14.93
C PRO E 52 23.32 -38.05 -16.08
N GLY E 53 23.17 -37.08 -17.00
CA GLY E 53 22.32 -37.24 -18.15
C GLY E 53 22.56 -36.11 -19.12
N SER E 54 21.61 -35.94 -20.04
CA SER E 54 21.72 -34.87 -21.02
C SER E 54 21.10 -33.59 -20.48
N VAL E 55 21.58 -32.46 -21.00
CA VAL E 55 21.14 -31.14 -20.56
C VAL E 55 20.19 -30.56 -21.61
N ALA E 56 19.05 -30.07 -21.14
CA ALA E 56 18.08 -29.38 -21.98
C ALA E 56 18.15 -27.90 -21.63
N ASP E 57 18.64 -27.09 -22.56
CA ASP E 57 18.92 -25.69 -22.30
C ASP E 57 17.81 -24.86 -22.92
N SER E 58 16.96 -24.30 -22.05
CA SER E 58 15.82 -23.51 -22.43
C SER E 58 16.15 -22.03 -22.32
N GLY E 59 15.59 -21.25 -23.24
CA GLY E 59 15.75 -19.81 -23.20
C GLY E 59 14.47 -19.09 -23.55
N GLU E 60 14.24 -17.94 -22.94
CA GLU E 60 13.11 -17.09 -23.26
C GLU E 60 13.60 -15.65 -23.28
N VAL E 61 13.32 -14.93 -24.36
CA VAL E 61 13.77 -13.56 -24.52
C VAL E 61 12.55 -12.65 -24.57
N THR E 62 12.48 -11.68 -23.69
CA THR E 62 11.41 -10.70 -23.74
C THR E 62 11.98 -9.33 -24.07
N TYR E 63 11.26 -8.58 -24.90
CA TYR E 63 11.65 -7.21 -25.23
C TYR E 63 10.43 -6.48 -25.80
N TYR E 64 10.51 -5.15 -25.81
CA TYR E 64 9.48 -4.29 -26.41
C TYR E 64 9.74 -4.19 -27.90
N GLY E 65 8.68 -4.28 -28.70
CA GLY E 65 8.81 -4.29 -30.14
C GLY E 65 9.12 -2.94 -30.75
N LYS E 66 9.96 -2.94 -31.78
CA LYS E 66 10.24 -1.72 -32.53
C LYS E 66 9.66 -1.84 -33.94
N ARG E 67 9.34 -0.70 -34.55
CA ARG E 67 8.64 -0.67 -35.83
C ARG E 67 9.31 -1.50 -36.91
N GLY E 68 10.58 -1.28 -37.19
CA GLY E 68 11.32 -2.09 -38.15
C GLY E 68 12.38 -2.91 -37.46
N ASP E 69 13.64 -2.63 -37.81
CA ASP E 69 14.84 -3.13 -37.12
C ASP E 69 15.02 -4.63 -37.35
N ALA E 70 16.17 -4.97 -37.94
CA ALA E 70 16.40 -6.19 -38.70
C ALA E 70 16.81 -7.45 -37.92
N GLY E 71 17.37 -7.29 -36.72
CA GLY E 71 17.55 -8.44 -35.84
C GLY E 71 16.24 -9.09 -35.44
N GLN E 72 15.28 -8.27 -34.96
CA GLN E 72 13.94 -8.78 -34.74
C GLN E 72 13.26 -9.21 -36.04
N LYS E 73 13.50 -8.49 -37.14
CA LYS E 73 13.03 -8.97 -38.43
C LYS E 73 13.71 -10.27 -38.83
N ALA E 74 15.00 -10.43 -38.53
CA ALA E 74 15.63 -11.73 -38.67
C ALA E 74 14.97 -12.75 -37.76
N ILE E 75 14.74 -12.38 -36.49
CA ILE E 75 13.97 -13.22 -35.58
C ILE E 75 12.61 -13.58 -36.19
N GLU E 76 11.96 -12.60 -36.82
CA GLU E 76 10.64 -12.85 -37.39
C GLU E 76 10.70 -13.77 -38.61
N ASP E 77 11.60 -13.50 -39.56
CA ASP E 77 11.85 -14.47 -40.62
C ASP E 77 12.35 -15.79 -40.06
N ALA E 78 13.15 -15.75 -38.99
CA ALA E 78 13.55 -17.00 -38.36
C ALA E 78 12.36 -17.82 -37.90
N TYR E 79 11.47 -17.22 -37.12
CA TYR E 79 10.36 -17.99 -36.55
C TYR E 79 9.28 -18.29 -37.59
N GLN E 80 8.87 -17.26 -38.33
CA GLN E 80 7.67 -17.36 -39.16
C GLN E 80 7.81 -18.41 -40.25
N ASN E 81 8.88 -18.35 -41.04
CA ASN E 81 9.15 -19.43 -41.98
C ASN E 81 9.87 -20.58 -41.31
N GLY E 82 10.83 -20.27 -40.44
CA GLY E 82 11.57 -21.28 -39.71
C GLY E 82 13.03 -21.35 -40.12
N LYS E 83 13.89 -20.78 -39.29
CA LYS E 83 15.34 -20.74 -39.49
C LYS E 83 15.99 -20.99 -38.15
N GLN E 84 17.13 -21.67 -38.16
CA GLN E 84 18.01 -21.79 -36.99
C GLN E 84 18.60 -20.42 -36.71
N ILE E 85 18.76 -20.10 -35.41
CA ILE E 85 19.33 -18.82 -35.02
C ILE E 85 20.60 -19.04 -34.23
N LYS E 86 21.66 -18.36 -34.65
CA LYS E 86 22.94 -18.41 -33.95
C LYS E 86 22.91 -17.40 -32.80
N PHE E 87 22.94 -17.93 -31.58
CA PHE E 87 22.64 -17.20 -30.36
C PHE E 87 23.92 -16.97 -29.56
N TRP E 88 24.21 -15.70 -29.28
CA TRP E 88 25.39 -15.28 -28.54
C TRP E 88 24.93 -14.62 -27.24
N ARG E 89 25.38 -15.16 -26.10
CA ARG E 89 25.15 -14.53 -24.80
C ARG E 89 26.48 -13.96 -24.31
N VAL E 90 26.65 -12.66 -24.44
CA VAL E 90 27.94 -12.04 -24.14
C VAL E 90 27.74 -10.94 -23.11
N ASP E 91 28.80 -10.69 -22.36
CA ASP E 91 28.79 -9.65 -21.34
C ASP E 91 29.39 -8.36 -21.89
N THR E 92 29.01 -7.26 -21.26
CA THR E 92 29.41 -5.92 -21.67
C THR E 92 30.75 -5.50 -21.06
N VAL E 93 31.33 -6.33 -20.19
CA VAL E 93 32.63 -6.03 -19.61
C VAL E 93 33.72 -6.82 -20.34
N LYS E 94 34.84 -6.15 -20.61
CA LYS E 94 35.91 -6.73 -21.41
C LYS E 94 36.58 -7.86 -20.63
N ASN E 95 36.71 -9.02 -21.27
CA ASN E 95 37.48 -10.12 -20.71
C ASN E 95 38.95 -9.71 -20.60
N GLU E 96 39.70 -10.48 -19.81
CA GLU E 96 41.10 -10.17 -19.56
C GLU E 96 42.05 -10.75 -20.60
N ASN E 97 41.57 -11.60 -21.50
CA ASN E 97 42.39 -11.98 -22.65
C ASN E 97 41.58 -11.91 -23.94
N ASP E 98 40.30 -12.27 -23.88
CA ASP E 98 39.37 -12.01 -24.97
C ASP E 98 38.93 -10.55 -24.87
N LYS E 99 38.19 -10.08 -25.87
CA LYS E 99 37.57 -8.77 -25.80
C LYS E 99 36.42 -8.77 -24.80
N TYR E 100 35.61 -9.81 -24.83
CA TYR E 100 34.49 -9.99 -23.93
C TYR E 100 34.33 -11.48 -23.68
N ASP E 101 33.45 -11.84 -22.75
CA ASP E 101 33.18 -13.24 -22.47
C ASP E 101 31.73 -13.56 -22.82
N ALA E 102 31.51 -14.84 -23.15
CA ALA E 102 30.29 -15.22 -23.85
C ALA E 102 29.87 -16.62 -23.43
N GLN E 103 28.58 -16.88 -23.56
CA GLN E 103 28.04 -18.24 -23.68
C GLN E 103 27.25 -18.27 -24.98
N PHE E 104 27.43 -19.33 -25.76
CA PHE E 104 27.03 -19.37 -27.15
C PHE E 104 26.20 -20.61 -27.43
N GLY E 105 25.35 -20.53 -28.46
CA GLY E 105 24.68 -21.74 -28.91
C GLY E 105 23.90 -21.50 -30.19
N PHE E 106 23.68 -22.60 -30.90
CA PHE E 106 22.73 -22.61 -32.02
C PHE E 106 21.34 -22.81 -31.45
N ALA E 107 20.47 -21.85 -31.66
CA ALA E 107 19.18 -21.80 -30.99
C ALA E 107 18.04 -21.69 -32.00
N TYR E 108 16.94 -22.33 -31.65
CA TYR E 108 15.78 -22.46 -32.53
C TYR E 108 14.58 -21.86 -31.81
N ILE E 109 13.99 -20.80 -32.37
CA ILE E 109 12.83 -20.16 -31.77
C ILE E 109 11.64 -21.10 -31.86
N GLU E 110 11.31 -21.76 -30.76
CA GLU E 110 10.15 -22.64 -30.76
C GLU E 110 8.87 -21.98 -30.24
N SER E 111 8.97 -20.82 -29.60
CA SER E 111 7.78 -20.10 -29.19
C SER E 111 7.97 -18.62 -29.46
N ARG E 112 6.93 -18.00 -29.99
CA ARG E 112 6.89 -16.55 -30.26
C ARG E 112 5.53 -16.09 -29.76
N GLU E 113 5.54 -15.47 -28.59
CA GLU E 113 4.34 -14.99 -27.92
C GLU E 113 4.48 -13.49 -27.77
N TYR E 114 3.55 -12.74 -28.37
CA TYR E 114 3.56 -11.30 -28.24
C TYR E 114 2.23 -10.80 -27.67
N SER E 115 2.34 -9.84 -26.76
CA SER E 115 1.19 -9.22 -26.14
C SER E 115 1.06 -7.78 -26.63
N ASP E 116 -0.17 -7.38 -26.88
CA ASP E 116 -0.57 -6.00 -27.11
C ASP E 116 -1.31 -5.55 -25.85
N GLY E 117 -0.76 -4.57 -25.15
CA GLY E 117 -1.41 -3.99 -23.99
C GLY E 117 -2.07 -2.67 -24.34
N VAL E 118 -2.78 -2.11 -23.37
CA VAL E 118 -3.41 -0.81 -23.52
C VAL E 118 -2.39 0.28 -23.75
N GLU E 119 -1.30 0.29 -22.97
CA GLU E 119 -0.18 1.15 -23.28
C GLU E 119 1.13 0.39 -23.38
N GLY E 120 2.01 0.77 -24.31
CA GLY E 120 3.37 0.30 -24.27
C GLY E 120 3.66 -0.45 -25.56
N ALA E 121 4.93 -0.56 -25.93
CA ALA E 121 5.32 -1.20 -27.18
C ALA E 121 5.00 -2.70 -27.12
N VAL E 122 4.85 -3.28 -28.31
CA VAL E 122 4.36 -4.65 -28.44
C VAL E 122 5.27 -5.59 -27.65
N GLU E 123 4.67 -6.32 -26.71
CA GLU E 123 5.46 -7.20 -25.84
C GLU E 123 5.87 -8.45 -26.60
N ILE E 124 7.16 -8.56 -26.89
CA ILE E 124 7.70 -9.69 -27.62
C ILE E 124 8.49 -10.57 -26.67
N SER E 125 7.99 -11.76 -26.42
CA SER E 125 8.72 -12.82 -25.73
C SER E 125 8.86 -13.99 -26.68
N ILE E 126 10.10 -14.42 -26.92
CA ILE E 126 10.36 -15.58 -27.76
C ILE E 126 11.03 -16.64 -26.92
N SER E 127 10.54 -17.88 -27.04
CA SER E 127 11.04 -19.01 -26.29
C SER E 127 11.75 -19.97 -27.23
N LEU E 128 12.85 -20.53 -26.75
CA LEU E 128 13.73 -21.36 -27.56
C LEU E 128 14.38 -22.44 -26.70
N GLN E 129 14.68 -23.57 -27.33
CA GLN E 129 15.53 -24.58 -26.72
C GLN E 129 16.82 -24.64 -27.51
N VAL E 130 17.93 -24.91 -26.84
CA VAL E 130 19.20 -25.09 -27.53
C VAL E 130 19.88 -26.32 -26.95
N ILE E 131 20.58 -27.05 -27.81
CA ILE E 131 21.16 -28.34 -27.39
C ILE E 131 22.06 -28.14 -26.18
N GLY E 132 23.00 -27.21 -26.29
CA GLY E 132 23.88 -26.92 -25.18
C GLY E 132 24.43 -25.51 -25.26
N GLU E 133 24.69 -24.91 -24.11
CA GLU E 133 25.34 -23.61 -24.06
C GLU E 133 26.83 -23.77 -23.80
N LEU E 134 27.63 -23.29 -24.75
CA LEU E 134 29.07 -23.46 -24.69
C LEU E 134 29.68 -22.20 -24.12
N LYS E 135 30.52 -22.35 -23.10
CA LYS E 135 31.14 -21.23 -22.41
C LYS E 135 32.41 -20.84 -23.15
N ASN E 136 32.56 -19.54 -23.43
CA ASN E 136 33.77 -19.03 -24.08
C ASN E 136 33.85 -17.53 -23.85
N GLY E 137 34.74 -16.87 -24.57
CA GLY E 137 34.76 -15.42 -24.59
C GLY E 137 34.58 -14.89 -26.00
N GLU E 138 33.98 -13.71 -26.09
CA GLU E 138 33.65 -13.12 -27.38
C GLU E 138 34.68 -12.08 -27.74
N ILE E 139 34.81 -11.80 -29.04
CA ILE E 139 35.83 -10.87 -29.51
C ILE E 139 35.18 -9.58 -30.03
N ASP E 140 34.59 -9.64 -31.23
CA ASP E 140 34.02 -8.42 -31.81
C ASP E 140 32.51 -8.42 -31.65
N THR E 141 32.03 -7.75 -30.61
CA THR E 141 30.61 -7.57 -30.39
C THR E 141 30.10 -6.24 -30.93
N LEU E 142 30.83 -5.63 -31.90
CA LEU E 142 30.59 -4.31 -32.46
C LEU E 142 30.50 -3.29 -31.32
N PRO E 143 31.55 -3.19 -30.47
CA PRO E 143 31.39 -2.60 -29.13
C PRO E 143 31.15 -1.10 -29.11
N GLU E 144 31.35 -0.47 -30.26
CA GLU E 144 31.00 0.93 -30.48
C GLU E 144 29.54 1.20 -30.15
N GLU E 145 28.62 0.44 -30.74
CA GLU E 145 27.20 0.70 -30.59
C GLU E 145 26.48 -0.29 -29.70
N ILE E 146 26.91 -1.54 -29.64
CA ILE E 146 26.29 -2.56 -28.81
C ILE E 146 26.70 -2.43 -27.36
N VAL E 147 27.99 -2.33 -27.10
CA VAL E 147 28.51 -2.27 -25.74
C VAL E 147 28.02 -0.97 -25.12
N ASN E 148 28.04 0.11 -25.91
CA ASN E 148 27.67 1.43 -25.42
C ASN E 148 26.28 1.83 -25.88
N VAL E 149 25.33 1.99 -24.96
CA VAL E 149 24.05 2.55 -25.32
C VAL E 149 23.90 3.89 -24.60
N SER E 150 23.67 4.95 -25.39
CA SER E 150 23.68 6.30 -24.85
C SER E 150 22.61 7.19 -25.47
N LYS E 151 21.92 7.99 -24.67
CA LYS E 151 20.96 8.94 -25.22
C LYS E 151 21.56 9.91 -26.24
N GLY E 152 22.75 10.44 -26.02
CA GLY E 152 23.34 11.42 -26.92
C GLY E 152 23.99 12.57 -26.19
N GLY E 153 25.13 13.03 -26.70
CA GLY E 153 25.90 14.09 -26.07
C GLY E 153 26.17 15.23 -27.03
N TYR E 154 25.12 15.97 -27.36
CA TYR E 154 25.18 17.13 -28.22
C TYR E 154 24.96 18.39 -27.37
N ASP E 155 26.07 18.94 -26.85
CA ASP E 155 26.00 19.83 -25.68
C ASP E 155 25.33 21.17 -25.92
N PHE E 156 25.70 21.87 -27.01
CA PHE E 156 25.04 23.05 -27.58
C PHE E 156 24.87 22.86 -29.08
N GLN E 157 23.61 22.93 -29.51
CA GLN E 157 23.25 23.31 -30.88
C GLN E 157 22.41 24.58 -30.74
N GLN E 158 22.88 25.53 -29.92
CA GLN E 158 22.01 26.64 -29.53
C GLN E 158 21.67 27.60 -30.67
N PRO E 159 22.53 27.86 -31.67
CA PRO E 159 22.03 28.64 -32.83
C PRO E 159 21.30 27.82 -33.86
N GLY E 160 21.18 26.51 -33.66
CA GLY E 160 20.64 25.66 -34.70
C GLY E 160 20.70 24.16 -34.51
N GLN E 161 19.87 23.59 -33.63
CA GLN E 161 19.84 22.13 -33.50
C GLN E 161 19.19 21.48 -34.71
N THR E 162 18.07 22.06 -35.17
CA THR E 162 17.33 21.65 -36.37
C THR E 162 16.99 20.16 -36.37
N THR E 163 16.45 19.69 -35.25
CA THR E 163 16.35 18.25 -35.05
C THR E 163 14.90 17.89 -34.73
N GLY E 164 14.57 16.63 -34.97
CA GLY E 164 13.28 16.09 -34.57
C GLY E 164 13.28 15.56 -33.15
N GLU E 165 12.44 14.57 -32.87
CA GLU E 165 12.32 14.02 -31.51
C GLU E 165 13.64 13.41 -31.05
N ALA E 166 14.29 12.65 -31.93
CA ALA E 166 15.54 11.96 -31.63
C ALA E 166 16.71 12.91 -31.87
N PRO E 167 17.57 13.10 -30.88
CA PRO E 167 18.39 14.31 -30.80
C PRO E 167 19.63 14.25 -31.70
N GLY E 168 19.98 15.42 -32.21
CA GLY E 168 21.28 15.64 -32.83
C GLY E 168 21.41 15.32 -34.30
N THR E 169 20.30 15.04 -34.99
CA THR E 169 20.33 14.93 -36.44
C THR E 169 19.93 16.25 -37.05
N VAL E 170 20.83 16.78 -37.88
CA VAL E 170 20.63 18.03 -38.61
C VAL E 170 20.39 17.69 -40.07
N PRO E 171 19.20 18.02 -40.65
CA PRO E 171 18.97 17.70 -42.06
C PRO E 171 19.85 18.52 -42.97
N ALA E 172 19.96 18.07 -44.23
CA ALA E 172 20.89 18.60 -45.24
C ALA E 172 22.33 18.23 -44.94
N PRO F 1 19.67 -17.90 18.54
CA PRO F 1 19.69 -19.25 17.97
C PRO F 1 20.57 -19.35 16.73
N ILE F 2 20.01 -19.07 15.56
CA ILE F 2 20.74 -19.09 14.30
C ILE F 2 20.49 -17.76 13.61
N MET F 3 21.35 -17.44 12.64
CA MET F 3 21.28 -16.17 11.92
C MET F 3 21.14 -16.41 10.43
N GLY F 4 20.55 -15.43 9.74
CA GLY F 4 20.42 -15.47 8.29
C GLY F 4 21.75 -15.49 7.55
N GLN F 5 22.83 -15.10 8.21
CA GLN F 5 24.18 -15.23 7.67
C GLN F 5 24.93 -16.41 8.26
N ASP F 6 24.34 -17.10 9.22
CA ASP F 6 25.03 -18.14 9.98
C ASP F 6 25.39 -19.36 9.16
N VAL F 7 24.47 -19.96 8.42
CA VAL F 7 24.75 -21.16 7.64
C VAL F 7 25.35 -20.72 6.31
N LYS F 8 26.56 -21.20 6.02
CA LYS F 8 27.18 -20.91 4.73
C LYS F 8 27.57 -22.19 4.01
N TYR F 9 27.50 -22.14 2.69
CA TYR F 9 27.51 -23.33 1.83
C TYR F 9 28.83 -23.36 1.06
N LEU F 10 29.72 -24.24 1.46
CA LEU F 10 30.97 -24.44 0.73
C LEU F 10 30.78 -25.53 -0.32
N PHE F 11 31.30 -25.29 -1.52
CA PHE F 11 31.26 -26.27 -2.59
C PHE F 11 32.67 -26.50 -3.13
N GLN F 12 33.15 -27.73 -2.94
CA GLN F 12 34.39 -28.13 -3.59
C GLN F 12 34.09 -29.23 -4.60
N SER F 13 34.73 -29.12 -5.76
CA SER F 13 34.55 -30.10 -6.83
C SER F 13 35.44 -31.32 -6.60
N ILE F 14 34.95 -32.49 -7.04
CA ILE F 14 35.70 -33.72 -6.87
C ILE F 14 37.03 -33.68 -7.62
N ASP F 15 37.05 -33.12 -8.83
CA ASP F 15 38.22 -33.19 -9.70
C ASP F 15 39.39 -32.36 -9.18
N ALA F 16 39.14 -31.40 -8.30
CA ALA F 16 40.21 -30.51 -7.86
C ALA F 16 41.25 -31.25 -7.02
N ALA F 17 40.78 -32.15 -6.14
CA ALA F 17 41.60 -32.88 -5.15
C ALA F 17 42.52 -31.94 -4.39
N THR F 18 41.93 -30.94 -3.73
CA THR F 18 42.66 -29.96 -2.95
C THR F 18 41.91 -29.70 -1.65
N GLY F 19 42.46 -28.81 -0.82
CA GLY F 19 41.86 -28.49 0.46
C GLY F 19 41.58 -27.02 0.66
N SER F 20 41.45 -26.28 -0.44
CA SER F 20 41.23 -24.84 -0.35
C SER F 20 39.84 -24.51 0.16
N ALA F 21 38.86 -25.38 -0.15
CA ALA F 21 37.44 -25.23 0.13
C ALA F 21 36.90 -23.86 -0.27
N PRO F 22 36.70 -23.58 -1.58
CA PRO F 22 36.16 -22.27 -1.96
C PRO F 22 34.71 -22.09 -1.52
N LEU F 23 34.34 -20.86 -1.19
CA LEU F 23 32.95 -20.51 -1.00
C LEU F 23 32.63 -19.26 -1.81
N PHE F 24 31.39 -19.16 -2.24
CA PHE F 24 31.16 -18.12 -3.23
C PHE F 24 30.35 -16.98 -2.63
N PRO F 25 30.75 -15.73 -2.85
CA PRO F 25 29.98 -14.61 -2.28
C PRO F 25 28.69 -14.36 -3.03
N ALA F 26 28.01 -13.28 -2.60
CA ALA F 26 26.73 -12.82 -3.16
C ALA F 26 25.65 -13.89 -3.04
N TYR F 27 25.68 -14.62 -1.93
CA TYR F 27 24.63 -15.58 -1.62
C TYR F 27 23.34 -14.87 -1.22
N GLN F 28 22.24 -15.36 -1.77
CA GLN F 28 20.92 -14.84 -1.51
C GLN F 28 20.29 -15.87 -0.56
N THR F 29 19.58 -16.86 -1.11
CA THR F 29 18.93 -17.86 -0.29
C THR F 29 19.17 -19.27 -0.83
N ASP F 30 18.79 -20.24 -0.02
CA ASP F 30 19.21 -21.62 -0.18
C ASP F 30 18.22 -22.49 0.55
N GLY F 31 17.33 -23.12 -0.23
CA GLY F 31 16.47 -24.14 0.32
C GLY F 31 17.11 -25.50 0.21
N SER F 32 17.01 -26.28 1.27
CA SER F 32 17.44 -27.67 1.28
C SER F 32 16.29 -28.44 1.93
N VAL F 33 15.72 -29.37 1.18
CA VAL F 33 14.53 -30.09 1.61
C VAL F 33 14.77 -31.58 1.41
N SER F 34 14.22 -32.37 2.33
CA SER F 34 14.57 -33.78 2.46
C SER F 34 13.27 -34.58 2.54
N GLY F 35 13.17 -35.60 1.70
CA GLY F 35 11.95 -36.41 1.66
C GLY F 35 12.19 -37.86 2.00
N GLU F 36 11.62 -38.33 3.11
CA GLU F 36 11.78 -39.70 3.57
C GLU F 36 10.58 -40.50 3.06
N ARG F 37 10.86 -41.59 2.37
CA ARG F 37 9.81 -42.37 1.72
C ARG F 37 8.95 -43.07 2.77
N GLU F 38 7.64 -42.95 2.60
CA GLU F 38 6.67 -43.32 3.64
C GLU F 38 5.51 -44.04 2.98
N LEU F 39 5.11 -45.16 3.59
CA LEU F 39 4.03 -46.00 3.11
C LEU F 39 2.76 -45.77 3.93
N PHE F 40 1.70 -45.35 3.24
CA PHE F 40 0.38 -45.26 3.83
C PHE F 40 -0.66 -45.99 2.98
N ASP F 41 -0.86 -47.27 3.28
CA ASP F 41 -2.09 -47.98 2.99
C ASP F 41 -2.78 -48.30 4.32
N GLU F 42 -4.03 -48.77 4.24
CA GLU F 42 -4.76 -49.20 5.42
C GLU F 42 -4.23 -50.49 6.03
N GLN F 43 -4.02 -51.52 5.18
CA GLN F 43 -3.66 -52.89 5.58
C GLN F 43 -4.71 -53.50 6.51
N THR F 44 -5.99 -53.21 6.23
CA THR F 44 -7.13 -53.40 7.14
C THR F 44 -6.78 -52.98 8.57
N LYS F 45 -6.14 -51.82 8.69
CA LYS F 45 -5.70 -51.30 9.98
C LYS F 45 -5.86 -49.78 10.03
N ASN F 46 -5.19 -49.14 11.00
CA ASN F 46 -5.24 -47.68 11.12
C ASN F 46 -4.30 -46.99 10.13
N GLY F 47 -3.84 -47.69 9.10
CA GLY F 47 -2.93 -47.10 8.12
C GLY F 47 -1.49 -47.25 8.57
N ARG F 48 -0.57 -46.98 7.65
CA ARG F 48 0.85 -47.10 7.93
C ARG F 48 1.44 -45.69 7.88
N ILE F 49 2.05 -45.28 9.00
CA ILE F 49 2.69 -43.97 9.09
C ILE F 49 4.13 -44.13 9.57
N LEU F 50 4.36 -45.05 10.51
CA LEU F 50 5.71 -45.35 10.98
C LEU F 50 6.60 -45.88 9.86
N GLY F 51 6.00 -46.33 8.76
CA GLY F 51 6.70 -47.04 7.72
C GLY F 51 7.80 -46.23 7.05
N PRO F 52 9.05 -46.56 7.37
CA PRO F 52 10.17 -45.76 6.84
C PRO F 52 10.51 -46.05 5.40
N GLY F 53 11.49 -45.33 4.88
CA GLY F 53 11.93 -45.49 3.50
C GLY F 53 13.21 -44.73 3.28
N SER F 54 13.52 -44.50 2.01
CA SER F 54 14.74 -43.78 1.66
C SER F 54 14.47 -42.28 1.62
N VAL F 55 15.52 -41.50 1.85
CA VAL F 55 15.42 -40.04 1.90
C VAL F 55 15.98 -39.46 0.60
N ALA F 56 15.21 -38.55 0.01
CA ALA F 56 15.64 -37.82 -1.18
C ALA F 56 15.93 -36.38 -0.76
N ASP F 57 17.19 -36.00 -0.78
CA ASP F 57 17.63 -34.74 -0.23
C ASP F 57 17.85 -33.77 -1.39
N SER F 58 16.95 -32.81 -1.51
CA SER F 58 16.96 -31.81 -2.57
C SER F 58 17.56 -30.52 -2.06
N GLY F 59 18.28 -29.84 -2.95
CA GLY F 59 18.84 -28.55 -2.63
C GLY F 59 18.75 -27.58 -3.78
N GLU F 60 18.56 -26.30 -3.47
CA GLU F 60 18.56 -25.25 -4.48
C GLU F 60 19.33 -24.08 -3.91
N VAL F 61 20.30 -23.57 -4.68
CA VAL F 61 21.13 -22.47 -4.23
C VAL F 61 20.89 -21.28 -5.15
N THR F 62 20.52 -20.15 -4.57
CA THR F 62 20.37 -18.93 -5.35
C THR F 62 21.41 -17.91 -4.92
N TYR F 63 21.97 -17.19 -5.90
CA TYR F 63 22.91 -16.11 -5.61
C TYR F 63 23.01 -15.21 -6.83
N TYR F 64 23.54 -14.00 -6.62
CA TYR F 64 23.81 -13.04 -7.69
C TYR F 64 25.14 -13.37 -8.32
N GLY F 65 25.20 -13.33 -9.64
CA GLY F 65 26.41 -13.71 -10.35
C GLY F 65 27.53 -12.69 -10.29
N LYS F 66 28.77 -13.17 -10.19
CA LYS F 66 29.93 -12.30 -10.24
C LYS F 66 30.70 -12.57 -11.54
N ARG F 67 31.44 -11.55 -11.99
CA ARG F 67 32.11 -11.60 -13.30
C ARG F 67 33.00 -12.84 -13.47
N GLY F 68 33.93 -13.07 -12.56
CA GLY F 68 34.77 -14.25 -12.61
C GLY F 68 34.46 -15.17 -11.45
N ASP F 69 35.47 -15.37 -10.60
CA ASP F 69 35.35 -16.04 -9.29
C ASP F 69 35.07 -17.53 -9.45
N ALA F 70 35.99 -18.32 -8.89
CA ALA F 70 36.27 -19.71 -9.28
C ALA F 70 35.42 -20.81 -8.65
N GLY F 71 34.80 -20.55 -7.50
CA GLY F 71 33.79 -21.47 -6.99
C GLY F 71 32.58 -21.58 -7.91
N GLN F 72 32.02 -20.43 -8.32
CA GLN F 72 30.99 -20.45 -9.34
C GLN F 72 31.53 -20.94 -10.68
N LYS F 73 32.77 -20.61 -11.02
CA LYS F 73 33.38 -21.21 -12.20
C LYS F 73 33.58 -22.71 -12.03
N ALA F 74 33.93 -23.17 -10.83
CA ALA F 74 33.89 -24.60 -10.56
C ALA F 74 32.47 -25.13 -10.69
N ILE F 75 31.50 -24.43 -10.13
CA ILE F 75 30.09 -24.77 -10.33
C ILE F 75 29.76 -24.83 -11.82
N GLU F 76 30.28 -23.89 -12.59
CA GLU F 76 29.98 -23.85 -14.02
C GLU F 76 30.65 -25.00 -14.77
N ASP F 77 31.94 -25.24 -14.56
CA ASP F 77 32.55 -26.45 -15.08
C ASP F 77 31.89 -27.70 -14.50
N ALA F 78 31.46 -27.65 -13.25
CA ALA F 78 30.73 -28.79 -12.71
C ALA F 78 29.48 -29.09 -13.52
N TYR F 79 28.61 -28.08 -13.72
CA TYR F 79 27.34 -28.33 -14.38
C TYR F 79 27.53 -28.53 -15.89
N GLN F 80 28.27 -27.63 -16.53
CA GLN F 80 28.29 -27.55 -17.99
C GLN F 80 28.84 -28.81 -18.62
N ASN F 81 30.02 -29.26 -18.19
CA ASN F 81 30.52 -30.56 -18.63
C ASN F 81 29.93 -31.69 -17.81
N GLY F 82 29.83 -31.48 -16.50
CA GLY F 82 29.27 -32.47 -15.60
C GLY F 82 30.29 -33.06 -14.65
N LYS F 83 30.28 -32.60 -13.40
CA LYS F 83 31.18 -33.04 -12.34
C LYS F 83 30.35 -33.16 -11.07
N GLN F 84 30.68 -34.14 -10.24
CA GLN F 84 30.16 -34.23 -8.87
C GLN F 84 30.72 -33.07 -8.06
N ILE F 85 29.89 -32.52 -7.17
CA ILE F 85 30.33 -31.42 -6.33
C ILE F 85 30.26 -31.82 -4.86
N LYS F 86 31.36 -31.60 -4.15
CA LYS F 86 31.43 -31.87 -2.72
C LYS F 86 30.87 -30.67 -1.98
N PHE F 87 29.74 -30.88 -1.32
CA PHE F 87 28.89 -29.83 -0.78
C PHE F 87 28.97 -29.82 0.74
N TRP F 88 29.34 -28.66 1.29
CA TRP F 88 29.50 -28.45 2.72
C TRP F 88 28.48 -27.41 3.17
N ARG F 89 27.62 -27.78 4.11
CA ARG F 89 26.70 -26.82 4.74
C ARG F 89 27.18 -26.59 6.17
N VAL F 90 27.83 -25.46 6.40
CA VAL F 90 28.46 -25.21 7.69
C VAL F 90 27.95 -23.88 8.24
N ASP F 91 27.97 -23.79 9.57
CA ASP F 91 27.54 -22.59 10.26
C ASP F 91 28.73 -21.71 10.59
N THR F 92 28.43 -20.42 10.77
CA THR F 92 29.44 -19.40 11.04
C THR F 92 29.76 -19.27 12.52
N VAL F 93 29.08 -20.02 13.38
CA VAL F 93 29.38 -19.99 14.80
C VAL F 93 30.22 -21.21 15.18
N LYS F 94 31.23 -20.99 16.00
CA LYS F 94 32.18 -22.03 16.37
C LYS F 94 31.50 -23.09 17.22
N ASN F 95 31.66 -24.36 16.83
CA ASN F 95 31.21 -25.46 17.63
C ASN F 95 32.00 -25.51 18.94
N GLU F 96 31.47 -26.26 19.91
CA GLU F 96 32.09 -26.34 21.23
C GLU F 96 33.17 -27.39 21.34
N ASN F 97 33.35 -28.25 20.33
CA ASN F 97 34.52 -29.12 20.29
C ASN F 97 35.16 -29.10 18.91
N ASP F 98 34.35 -29.03 17.86
CA ASP F 98 34.84 -28.77 16.53
C ASP F 98 35.06 -27.27 16.39
N LYS F 99 35.65 -26.85 15.27
CA LYS F 99 35.76 -25.43 14.97
C LYS F 99 34.39 -24.85 14.61
N TYR F 100 33.64 -25.58 13.81
CA TYR F 100 32.30 -25.20 13.39
C TYR F 100 31.49 -26.48 13.22
N ASP F 101 30.19 -26.34 12.98
CA ASP F 101 29.34 -27.49 12.76
C ASP F 101 28.77 -27.44 11.34
N ALA F 102 28.48 -28.62 10.81
CA ALA F 102 28.27 -28.78 9.39
C ALA F 102 27.22 -29.86 9.12
N GLN F 103 26.59 -29.75 7.95
CA GLN F 103 25.94 -30.86 7.29
C GLN F 103 26.54 -30.95 5.91
N PHE F 104 26.88 -32.17 5.48
CA PHE F 104 27.77 -32.41 4.36
C PHE F 104 27.13 -33.37 3.37
N GLY F 105 27.54 -33.29 2.11
CA GLY F 105 27.13 -34.31 1.15
C GLY F 105 27.84 -34.16 -0.17
N PHE F 106 27.90 -35.26 -0.90
CA PHE F 106 28.30 -35.26 -2.30
C PHE F 106 27.08 -34.90 -3.12
N ALA F 107 27.16 -33.79 -3.84
CA ALA F 107 26.00 -33.21 -4.51
C ALA F 107 26.27 -32.99 -5.99
N TYR F 108 25.22 -33.19 -6.77
CA TYR F 108 25.29 -33.15 -8.23
C TYR F 108 24.33 -32.08 -8.72
N ILE F 109 24.85 -31.05 -9.38
CA ILE F 109 24.03 -29.97 -9.91
C ILE F 109 23.18 -30.50 -11.05
N GLU F 110 21.90 -30.78 -10.78
CA GLU F 110 21.00 -31.24 -11.82
C GLU F 110 20.20 -30.14 -12.48
N SER F 111 20.15 -28.94 -11.91
CA SER F 111 19.49 -27.82 -12.55
C SER F 111 20.34 -26.56 -12.37
N ARG F 112 20.46 -25.80 -13.45
CA ARG F 112 21.17 -24.52 -13.46
C ARG F 112 20.25 -23.57 -14.23
N GLU F 113 19.56 -22.72 -13.48
CA GLU F 113 18.60 -21.77 -14.01
C GLU F 113 19.09 -20.38 -13.64
N TYR F 114 19.37 -19.55 -14.64
CA TYR F 114 19.78 -18.18 -14.39
C TYR F 114 18.85 -17.20 -15.08
N SER F 115 18.52 -16.14 -14.36
CA SER F 115 17.68 -15.07 -14.87
C SER F 115 18.52 -13.81 -15.07
N ASP F 116 18.24 -13.13 -16.17
CA ASP F 116 18.72 -11.78 -16.46
C ASP F 116 17.51 -10.87 -16.30
N GLY F 117 17.59 -9.96 -15.33
CA GLY F 117 16.56 -8.96 -15.13
C GLY F 117 16.98 -7.63 -15.71
N VAL F 118 16.05 -6.67 -15.66
CA VAL F 118 16.32 -5.30 -16.11
C VAL F 118 17.41 -4.66 -15.27
N GLU F 119 17.34 -4.79 -13.96
CA GLU F 119 18.45 -4.40 -13.10
C GLU F 119 18.91 -5.51 -12.18
N GLY F 120 20.21 -5.63 -11.95
CA GLY F 120 20.70 -6.48 -10.88
C GLY F 120 21.60 -7.55 -11.47
N ALA F 121 22.48 -8.11 -10.66
CA ALA F 121 23.42 -9.12 -11.13
C ALA F 121 22.70 -10.40 -11.54
N VAL F 122 23.34 -11.16 -12.42
CA VAL F 122 22.71 -12.32 -13.05
C VAL F 122 22.21 -13.28 -11.98
N GLU F 123 20.90 -13.56 -12.01
CA GLU F 123 20.30 -14.40 -10.98
C GLU F 123 20.66 -15.86 -11.23
N ILE F 124 21.49 -16.41 -10.36
CA ILE F 124 21.93 -17.79 -10.48
C ILE F 124 21.26 -18.62 -9.39
N SER F 125 20.39 -19.52 -9.81
CA SER F 125 19.83 -20.55 -8.94
C SER F 125 20.23 -21.91 -9.50
N ILE F 126 20.89 -22.72 -8.69
CA ILE F 126 21.27 -24.06 -9.09
C ILE F 126 20.57 -25.07 -8.20
N SER F 127 19.98 -26.09 -8.81
CA SER F 127 19.23 -27.11 -8.11
C SER F 127 19.98 -28.43 -8.18
N LEU F 128 19.95 -29.18 -7.09
CA LEU F 128 20.73 -30.39 -6.92
C LEU F 128 19.98 -31.38 -6.05
N GLN F 129 20.24 -32.67 -6.28
CA GLN F 129 19.81 -33.72 -5.38
C GLN F 129 21.07 -34.33 -4.78
N VAL F 130 20.99 -34.76 -3.54
CA VAL F 130 22.11 -35.46 -2.91
C VAL F 130 21.55 -36.67 -2.18
N ILE F 131 22.31 -37.76 -2.19
CA ILE F 131 21.82 -39.02 -1.64
C ILE F 131 21.39 -38.83 -0.19
N GLY F 132 22.27 -38.28 0.64
CA GLY F 132 21.93 -38.01 2.01
C GLY F 132 22.78 -36.90 2.59
N GLU F 133 22.21 -36.14 3.53
CA GLU F 133 22.97 -35.13 4.23
C GLU F 133 23.45 -35.66 5.58
N LEU F 134 24.77 -35.67 5.75
CA LEU F 134 25.38 -36.25 6.93
C LEU F 134 25.68 -35.12 7.89
N LYS F 135 25.24 -35.28 9.14
CA LYS F 135 25.42 -34.26 10.17
C LYS F 135 26.77 -34.45 10.84
N ASN F 136 27.53 -33.37 10.95
CA ASN F 136 28.82 -33.40 11.63
C ASN F 136 29.23 -31.98 12.00
N GLY F 137 30.48 -31.81 12.40
CA GLY F 137 31.01 -30.47 12.57
C GLY F 137 32.23 -30.24 11.69
N GLU F 138 32.43 -28.99 11.30
CA GLU F 138 33.49 -28.65 10.36
C GLU F 138 34.67 -28.06 11.12
N ILE F 139 35.84 -28.15 10.52
CA ILE F 139 37.06 -27.70 11.19
C ILE F 139 37.60 -26.44 10.52
N ASP F 140 38.24 -26.59 9.36
CA ASP F 140 38.85 -25.44 8.70
C ASP F 140 37.98 -24.94 7.56
N THR F 141 37.15 -23.94 7.85
CA THR F 141 36.33 -23.29 6.85
C THR F 141 36.97 -22.04 6.28
N LEU F 142 38.32 -21.92 6.39
CA LEU F 142 39.11 -20.74 6.03
C LEU F 142 38.53 -19.52 6.73
N PRO F 143 38.42 -19.54 8.08
CA PRO F 143 37.51 -18.64 8.79
C PRO F 143 37.90 -17.17 8.77
N GLU F 144 39.14 -16.91 8.37
CA GLU F 144 39.64 -15.56 8.12
C GLU F 144 38.73 -14.80 7.16
N GLU F 145 38.47 -15.37 5.99
CA GLU F 145 37.75 -14.67 4.94
C GLU F 145 36.32 -15.16 4.75
N ILE F 146 36.04 -16.44 4.98
CA ILE F 146 34.71 -17.01 4.82
C ILE F 146 33.82 -16.67 6.00
N VAL F 147 34.30 -16.90 7.21
CA VAL F 147 33.51 -16.69 8.41
C VAL F 147 33.23 -15.19 8.53
N ASN F 148 34.26 -14.39 8.23
CA ASN F 148 34.15 -12.94 8.36
C ASN F 148 33.97 -12.26 7.00
N VAL F 149 32.82 -11.62 6.78
CA VAL F 149 32.66 -10.80 5.60
C VAL F 149 32.50 -9.34 6.05
N SER F 150 33.39 -8.48 5.54
CA SER F 150 33.45 -7.11 6.02
C SER F 150 33.72 -6.11 4.90
N LYS F 151 33.03 -4.97 4.89
CA LYS F 151 33.33 -3.93 3.91
C LYS F 151 34.77 -3.46 3.93
N GLY F 152 35.38 -3.26 5.10
CA GLY F 152 36.73 -2.74 5.19
C GLY F 152 36.90 -1.70 6.26
N GLY F 153 38.04 -1.74 6.96
CA GLY F 153 38.30 -0.83 8.06
C GLY F 153 39.61 -0.08 7.88
N TYR F 154 39.60 0.84 6.93
CA TYR F 154 40.74 1.71 6.61
C TYR F 154 40.41 3.13 7.08
N ASP F 155 40.74 3.44 8.35
CA ASP F 155 40.10 4.53 9.05
C ASP F 155 40.44 5.93 8.54
N PHE F 156 41.72 6.22 8.30
CA PHE F 156 42.27 7.38 7.59
C PHE F 156 43.30 6.90 6.57
N GLN F 157 43.03 7.23 5.30
CA GLN F 157 44.07 7.39 4.28
C GLN F 157 44.00 8.84 3.83
N GLN F 158 43.93 9.77 4.79
CA GLN F 158 43.57 11.15 4.44
C GLN F 158 44.65 11.88 3.62
N PRO F 159 45.96 11.64 3.78
CA PRO F 159 46.90 12.24 2.83
C PRO F 159 47.05 11.45 1.54
N GLY F 160 46.37 10.32 1.39
CA GLY F 160 46.62 9.46 0.27
C GLY F 160 45.96 8.10 0.24
N GLN F 161 44.64 8.02 -0.01
CA GLN F 161 44.01 6.71 -0.13
C GLN F 161 44.41 6.03 -1.42
N THR F 162 44.42 6.79 -2.53
CA THR F 162 44.86 6.35 -3.87
C THR F 162 44.15 5.07 -4.31
N THR F 163 42.83 5.05 -4.17
CA THR F 163 42.10 3.80 -4.31
C THR F 163 41.00 3.96 -5.35
N GLY F 164 40.57 2.84 -5.92
CA GLY F 164 39.42 2.81 -6.80
C GLY F 164 38.12 2.65 -6.04
N GLU F 165 37.11 2.05 -6.70
CA GLU F 165 35.79 1.90 -6.08
C GLU F 165 35.86 1.04 -4.83
N ALA F 166 36.62 -0.06 -4.89
CA ALA F 166 36.76 -1.00 -3.78
C ALA F 166 37.87 -0.52 -2.85
N PRO F 167 37.58 -0.39 -1.56
CA PRO F 167 38.37 0.51 -0.70
C PRO F 167 39.67 -0.12 -0.23
N GLY F 168 40.67 0.75 -0.09
CA GLY F 168 41.88 0.42 0.65
C GLY F 168 43.00 -0.25 -0.13
N THR F 169 42.88 -0.35 -1.45
CA THR F 169 43.99 -0.79 -2.26
C THR F 169 44.77 0.42 -2.79
N VAL F 170 46.04 0.45 -2.46
CA VAL F 170 46.96 1.49 -2.89
C VAL F 170 47.89 0.92 -3.96
N PRO F 171 47.86 1.43 -5.20
CA PRO F 171 48.74 0.88 -6.24
C PRO F 171 50.21 1.18 -5.94
N ALA F 172 51.08 0.44 -6.63
CA ALA F 172 52.53 0.42 -6.38
C ALA F 172 52.89 -0.29 -5.08
N PRO G 1 3.69 16.36 40.59
CA PRO G 1 3.67 14.98 40.10
C PRO G 1 5.04 14.53 39.59
N ILE G 2 5.33 14.78 38.32
CA ILE G 2 6.60 14.43 37.71
C ILE G 2 7.14 15.67 37.03
N MET G 3 8.43 15.68 36.74
CA MET G 3 9.10 16.82 36.15
C MET G 3 9.77 16.43 34.83
N GLY G 4 9.94 17.42 33.96
CA GLY G 4 10.64 17.23 32.70
C GLY G 4 12.10 16.83 32.86
N GLN G 5 12.69 17.05 34.03
CA GLN G 5 14.01 16.56 34.36
C GLN G 5 13.98 15.33 35.25
N ASP G 6 12.79 14.92 35.69
CA ASP G 6 12.64 13.85 36.67
C ASP G 6 13.10 12.48 36.18
N VAL G 7 12.63 12.02 35.03
CA VAL G 7 12.98 10.69 34.52
C VAL G 7 14.32 10.81 33.79
N LYS G 8 15.31 10.05 34.24
CA LYS G 8 16.60 10.04 33.55
C LYS G 8 16.98 8.62 33.17
N TYR G 9 17.68 8.51 32.05
CA TYR G 9 17.87 7.25 31.32
C TYR G 9 19.34 6.84 31.44
N LEU G 10 19.59 5.83 32.28
CA LEU G 10 20.94 5.27 32.39
C LEU G 10 21.10 4.14 31.40
N PHE G 11 22.24 4.10 30.72
CA PHE G 11 22.57 3.02 29.79
C PHE G 11 23.92 2.42 30.16
N GLN G 12 23.89 1.15 30.56
CA GLN G 12 25.12 0.41 30.74
C GLN G 12 25.17 -0.72 29.72
N SER G 13 26.36 -0.91 29.14
CA SER G 13 26.57 -1.95 28.15
C SER G 13 26.84 -3.30 28.81
N ILE G 14 26.41 -4.37 28.15
CA ILE G 14 26.60 -5.71 28.69
C ILE G 14 28.07 -6.06 28.84
N ASP G 15 28.91 -5.67 27.88
CA ASP G 15 30.29 -6.11 27.85
C ASP G 15 31.13 -5.49 28.96
N ALA G 16 30.68 -4.39 29.56
CA ALA G 16 31.50 -3.71 30.55
C ALA G 16 31.67 -4.56 31.81
N ALA G 17 30.58 -5.21 32.24
CA ALA G 17 30.49 -5.97 33.51
C ALA G 17 31.02 -5.16 34.69
N THR G 18 30.44 -3.98 34.91
CA THR G 18 30.81 -3.09 35.99
C THR G 18 29.56 -2.51 36.63
N GLY G 19 29.75 -1.66 37.64
CA GLY G 19 28.64 -1.07 38.34
C GLY G 19 28.69 0.45 38.38
N SER G 20 29.38 1.06 37.42
CA SER G 20 29.53 2.51 37.40
C SER G 20 28.22 3.20 37.02
N ALA G 21 27.41 2.53 36.19
CA ALA G 21 26.16 3.01 35.59
C ALA G 21 26.32 4.41 34.99
N PRO G 22 26.96 4.56 33.82
CA PRO G 22 27.09 5.90 33.22
C PRO G 22 25.75 6.45 32.75
N LEU G 23 25.58 7.76 32.83
CA LEU G 23 24.46 8.42 32.19
C LEU G 23 24.98 9.60 31.38
N PHE G 24 24.27 9.92 30.32
CA PHE G 24 24.90 10.84 29.40
C PHE G 24 24.22 12.20 29.46
N PRO G 25 24.97 13.30 29.54
CA PRO G 25 24.34 14.62 29.58
C PRO G 25 23.79 15.05 28.22
N ALA G 26 23.29 16.29 28.21
CA ALA G 26 22.71 16.95 27.03
C ALA G 26 21.52 16.16 26.48
N TYR G 27 20.74 15.60 27.39
CA TYR G 27 19.50 14.94 27.01
C TYR G 27 18.43 15.95 26.61
N GLN G 28 17.76 15.65 25.52
CA GLN G 28 16.70 16.47 24.99
C GLN G 28 15.40 15.74 25.37
N THR G 29 14.91 14.86 24.50
CA THR G 29 13.68 14.14 24.78
C THR G 29 13.83 12.66 24.44
N ASP G 30 12.82 11.91 24.86
CA ASP G 30 12.90 10.47 24.94
C ASP G 30 11.48 9.92 24.94
N GLY G 31 11.06 9.42 23.79
CA GLY G 31 9.82 8.69 23.71
C GLY G 31 10.04 7.22 23.96
N SER G 32 9.16 6.62 24.76
CA SER G 32 9.15 5.18 24.97
C SER G 32 7.69 4.77 24.83
N VAL G 33 7.42 3.91 23.87
CA VAL G 33 6.05 3.53 23.52
C VAL G 33 5.99 2.01 23.46
N SER G 34 4.85 1.47 23.88
CA SER G 34 4.68 0.06 24.16
C SER G 34 3.41 -0.43 23.46
N GLY G 35 3.54 -1.51 22.68
CA GLY G 35 2.41 -2.02 21.94
C GLY G 35 2.04 -3.44 22.31
N GLU G 36 0.85 -3.61 22.88
CA GLU G 36 0.37 -4.92 23.31
C GLU G 36 -0.48 -5.50 22.20
N ARG G 37 -0.16 -6.70 21.76
CA ARG G 37 -0.81 -7.32 20.62
C ARG G 37 -2.27 -7.66 20.97
N GLU G 38 -3.18 -7.28 20.07
CA GLU G 38 -4.60 -7.29 20.36
C GLU G 38 -5.34 -7.82 19.13
N LEU G 39 -6.27 -8.74 19.39
CA LEU G 39 -7.07 -9.37 18.35
C LEU G 39 -8.47 -8.76 18.30
N PHE G 40 -8.81 -8.23 17.12
CA PHE G 40 -10.17 -7.77 16.84
C PHE G 40 -10.69 -8.35 15.54
N ASP G 41 -11.34 -9.50 15.65
CA ASP G 41 -12.34 -9.96 14.69
C ASP G 41 -13.70 -9.96 15.37
N GLU G 42 -14.75 -10.16 14.57
CA GLU G 42 -16.10 -10.25 15.11
C GLU G 42 -16.35 -11.54 15.87
N GLN G 43 -15.97 -12.69 15.28
CA GLN G 43 -16.26 -14.04 15.78
C GLN G 43 -17.77 -14.28 15.93
N THR G 44 -18.54 -13.76 14.97
CA THR G 44 -20.00 -13.58 15.06
C THR G 44 -20.42 -13.06 16.43
N LYS G 45 -19.70 -12.06 16.92
CA LYS G 45 -19.93 -11.49 18.25
C LYS G 45 -19.71 -9.99 18.23
N ASN G 46 -19.56 -9.38 19.41
CA ASN G 46 -19.29 -7.95 19.52
C ASN G 46 -17.83 -7.61 19.27
N GLY G 47 -17.06 -8.52 18.68
CA GLY G 47 -15.65 -8.27 18.41
C GLY G 47 -14.80 -8.67 19.61
N ARG G 48 -13.49 -8.74 19.39
CA ARG G 48 -12.56 -9.12 20.43
C ARG G 48 -11.72 -7.89 20.76
N ILE G 49 -11.75 -7.49 22.04
CA ILE G 49 -10.97 -6.34 22.51
C ILE G 49 -10.14 -6.76 23.72
N LEU G 50 -10.72 -7.58 24.60
CA LEU G 50 -10.00 -8.11 25.76
C LEU G 50 -8.81 -8.96 25.35
N GLY G 51 -8.77 -9.40 24.09
CA GLY G 51 -7.81 -10.38 23.64
C GLY G 51 -6.38 -9.93 23.73
N PRO G 52 -5.64 -10.47 24.71
CA PRO G 52 -4.27 -10.01 24.94
C PRO G 52 -3.27 -10.55 23.93
N GLY G 53 -2.02 -10.14 24.10
CA GLY G 53 -0.94 -10.55 23.22
C GLY G 53 0.39 -10.13 23.81
N SER G 54 1.40 -10.15 22.95
CA SER G 54 2.74 -9.75 23.38
C SER G 54 2.93 -8.25 23.22
N VAL G 55 3.82 -7.69 24.03
CA VAL G 55 4.08 -6.26 24.05
C VAL G 55 5.40 -5.99 23.33
N ALA G 56 5.36 -5.02 22.41
CA ALA G 56 6.55 -4.55 21.70
C ALA G 56 6.90 -3.18 22.24
N ASP G 57 8.00 -3.09 22.96
CA ASP G 57 8.37 -1.88 23.69
C ASP G 57 9.44 -1.14 22.90
N SER G 58 9.03 -0.03 22.30
CA SER G 58 9.89 0.79 21.46
C SER G 58 10.41 1.97 22.26
N GLY G 59 11.64 2.36 21.96
CA GLY G 59 12.23 3.53 22.58
C GLY G 59 13.04 4.34 21.60
N GLU G 60 13.06 5.65 21.77
CA GLU G 60 13.88 6.54 20.97
C GLU G 60 14.46 7.59 21.90
N VAL G 61 15.77 7.77 21.85
CA VAL G 61 16.48 8.71 22.72
C VAL G 61 17.10 9.79 21.85
N THR G 62 16.77 11.04 22.13
CA THR G 62 17.39 12.15 21.43
C THR G 62 18.22 12.97 22.41
N TYR G 63 19.40 13.41 21.95
CA TYR G 63 20.25 14.28 22.75
C TYR G 63 21.24 14.98 21.84
N TYR G 64 21.84 16.06 22.33
CA TYR G 64 22.89 16.80 21.64
C TYR G 64 24.22 16.11 21.89
N GLY G 65 25.03 15.97 20.84
CA GLY G 65 26.28 15.24 20.94
C GLY G 65 27.38 15.98 21.66
N LYS G 66 28.18 15.27 22.44
CA LYS G 66 29.35 15.85 23.08
C LYS G 66 30.61 15.25 22.47
N ARG G 67 31.71 16.02 22.54
CA ARG G 67 32.94 15.65 21.86
C ARG G 67 33.44 14.24 22.21
N GLY G 68 33.61 13.92 23.48
CA GLY G 68 34.00 12.59 23.90
C GLY G 68 32.86 11.92 24.65
N ASP G 69 33.13 11.61 25.92
CA ASP G 69 32.13 11.17 26.91
C ASP G 69 31.64 9.76 26.58
N ALA G 70 31.84 8.87 27.55
CA ALA G 70 31.93 7.42 27.36
C ALA G 70 30.63 6.62 27.36
N GLY G 71 29.55 7.15 27.96
CA GLY G 71 28.25 6.55 27.77
C GLY G 71 27.79 6.58 26.32
N GLN G 72 27.85 7.77 25.69
CA GLN G 72 27.62 7.85 24.26
C GLN G 72 28.67 7.08 23.46
N LYS G 73 29.93 7.09 23.91
CA LYS G 73 30.92 6.22 23.28
C LYS G 73 30.60 4.75 23.49
N ALA G 74 30.07 4.39 24.67
CA ALA G 74 29.53 3.04 24.83
C ALA G 74 28.36 2.81 23.89
N ILE G 75 27.45 3.79 23.82
CA ILE G 75 26.36 3.74 22.83
C ILE G 75 26.94 3.56 21.43
N GLU G 76 28.02 4.27 21.11
CA GLU G 76 28.59 4.18 19.78
C GLU G 76 29.25 2.84 19.51
N ASP G 77 30.08 2.34 20.44
CA ASP G 77 30.55 0.96 20.33
C ASP G 77 29.39 -0.02 20.39
N ALA G 78 28.37 0.28 21.17
CA ALA G 78 27.19 -0.59 21.17
C ALA G 78 26.58 -0.71 19.78
N TYR G 79 26.28 0.42 19.14
CA TYR G 79 25.59 0.38 17.86
C TYR G 79 26.52 -0.05 16.73
N GLN G 80 27.70 0.57 16.66
CA GLN G 80 28.55 0.47 15.47
C GLN G 80 29.02 -0.96 15.24
N ASN G 81 29.59 -1.60 16.27
CA ASN G 81 29.91 -3.02 16.15
C ASN G 81 28.70 -3.87 16.47
N GLY G 82 27.94 -3.49 17.50
CA GLY G 82 26.74 -4.20 17.89
C GLY G 82 26.86 -4.88 19.23
N LYS G 83 26.26 -4.27 20.25
CA LYS G 83 26.27 -4.76 21.63
C LYS G 83 24.88 -4.53 22.20
N GLN G 84 24.42 -5.44 23.04
CA GLN G 84 23.22 -5.25 23.85
C GLN G 84 23.49 -4.14 24.86
N ILE G 85 22.48 -3.32 25.13
CA ILE G 85 22.63 -2.23 26.10
C ILE G 85 21.65 -2.42 27.24
N LYS G 86 22.18 -2.36 28.46
CA LYS G 86 21.36 -2.45 29.66
C LYS G 86 20.81 -1.07 29.99
N PHE G 87 19.48 -0.95 29.86
CA PHE G 87 18.78 0.33 29.83
C PHE G 87 17.99 0.51 31.13
N TRP G 88 18.27 1.62 31.81
CA TRP G 88 17.64 1.97 33.08
C TRP G 88 16.86 3.26 32.88
N ARG G 89 15.55 3.22 33.15
CA ARG G 89 14.72 4.42 33.16
C ARG G 89 14.35 4.73 34.61
N VAL G 90 15.03 5.71 35.19
CA VAL G 90 14.85 5.98 36.61
C VAL G 90 14.48 7.44 36.80
N ASP G 91 13.78 7.69 37.90
CA ASP G 91 13.34 9.03 38.24
C ASP G 91 14.32 9.67 39.22
N THR G 92 14.31 11.00 39.22
CA THR G 92 15.21 11.80 40.04
C THR G 92 14.68 12.05 41.44
N VAL G 93 13.46 11.59 41.74
CA VAL G 93 12.90 11.73 43.08
C VAL G 93 13.05 10.42 43.84
N LYS G 94 13.43 10.51 45.11
CA LYS G 94 13.72 9.34 45.92
C LYS G 94 12.44 8.57 46.19
N ASN G 95 12.46 7.27 45.94
CA ASN G 95 11.37 6.39 46.33
C ASN G 95 11.25 6.35 47.84
N GLU G 96 10.11 5.86 48.32
CA GLU G 96 9.82 5.81 49.75
C GLU G 96 10.35 4.58 50.44
N ASN G 97 10.84 3.58 49.69
CA ASN G 97 11.57 2.48 50.32
C ASN G 97 12.86 2.17 49.56
N ASP G 98 12.81 2.27 48.24
CA ASP G 98 14.03 2.27 47.42
C ASP G 98 14.66 3.65 47.49
N LYS G 99 15.84 3.79 46.91
CA LYS G 99 16.46 5.10 46.76
C LYS G 99 15.74 5.91 45.69
N TYR G 100 15.40 5.26 44.58
CA TYR G 100 14.69 5.87 43.48
C TYR G 100 13.82 4.78 42.85
N ASP G 101 12.97 5.19 41.91
CA ASP G 101 12.12 4.22 41.21
C ASP G 101 12.49 4.22 39.73
N ALA G 102 12.24 3.07 39.10
CA ALA G 102 12.85 2.78 37.80
C ALA G 102 11.91 1.94 36.97
N GLN G 103 12.09 2.03 35.66
CA GLN G 103 11.66 1.01 34.72
C GLN G 103 12.90 0.61 33.93
N PHE G 104 13.09 -0.70 33.74
CA PHE G 104 14.36 -1.27 33.34
C PHE G 104 14.16 -2.19 32.13
N GLY G 105 15.22 -2.37 31.34
CA GLY G 105 15.18 -3.37 30.30
C GLY G 105 16.51 -3.55 29.63
N PHE G 106 16.69 -4.73 29.05
CA PHE G 106 17.80 -4.99 28.14
C PHE G 106 17.39 -4.48 26.76
N ALA G 107 18.15 -3.52 26.25
CA ALA G 107 17.75 -2.78 25.05
C ALA G 107 18.85 -2.83 24.00
N TYR G 108 18.41 -2.88 22.74
CA TYR G 108 19.29 -3.05 21.60
C TYR G 108 19.08 -1.86 20.66
N ILE G 109 20.13 -1.08 20.46
CA ILE G 109 20.05 0.08 19.58
C ILE G 109 19.88 -0.40 18.13
N GLU G 110 18.65 -0.34 17.62
CA GLU G 110 18.42 -0.73 16.23
C GLU G 110 18.43 0.44 15.26
N SER G 111 18.37 1.69 15.73
CA SER G 111 18.50 2.83 14.85
C SER G 111 19.38 3.87 15.51
N ARG G 112 20.27 4.46 14.71
CA ARG G 112 21.16 5.54 15.14
C ARG G 112 21.11 6.55 14.01
N GLU G 113 20.36 7.62 14.24
CA GLU G 113 20.14 8.68 13.28
C GLU G 113 20.67 9.97 13.89
N TYR G 114 21.66 10.58 13.26
CA TYR G 114 22.19 11.85 13.73
C TYR G 114 22.10 12.91 12.65
N SER G 115 21.70 14.11 13.08
CA SER G 115 21.59 15.26 12.19
C SER G 115 22.68 16.26 12.54
N ASP G 116 23.26 16.84 11.49
CA ASP G 116 24.13 18.00 11.56
C ASP G 116 23.33 19.18 11.03
N GLY G 117 23.07 20.15 11.88
CA GLY G 117 22.40 21.37 11.47
C GLY G 117 23.39 22.50 11.26
N VAL G 118 22.88 23.64 10.79
CA VAL G 118 23.69 24.84 10.61
C VAL G 118 24.23 25.34 11.94
N GLU G 119 23.40 25.39 12.97
CA GLU G 119 23.90 25.63 14.32
C GLU G 119 23.46 24.58 15.31
N GLY G 120 24.34 24.19 16.24
CA GLY G 120 23.90 23.42 17.38
C GLY G 120 24.67 22.11 17.39
N ALA G 121 24.77 21.47 18.55
CA ALA G 121 25.53 20.24 18.69
C ALA G 121 24.85 19.11 17.90
N VAL G 122 25.67 18.11 17.54
CA VAL G 122 25.23 17.06 16.64
C VAL G 122 23.99 16.37 17.20
N GLU G 123 22.91 16.38 16.42
CA GLU G 123 21.65 15.83 16.90
C GLU G 123 21.70 14.31 16.87
N ILE G 124 21.72 13.70 18.04
CA ILE G 124 21.79 12.26 18.17
C ILE G 124 20.44 11.75 18.66
N SER G 125 19.76 11.00 17.80
CA SER G 125 18.58 10.24 18.16
C SER G 125 18.86 8.77 17.89
N ILE G 126 18.71 7.94 18.92
CA ILE G 126 18.91 6.50 18.79
C ILE G 126 17.59 5.80 19.09
N SER G 127 17.22 4.88 18.23
CA SER G 127 15.97 4.13 18.34
C SER G 127 16.28 2.68 18.68
N LEU G 128 15.45 2.11 19.55
CA LEU G 128 15.67 0.78 20.11
C LEU G 128 14.34 0.10 20.37
N GLN G 129 14.34 -1.22 20.29
CA GLN G 129 13.23 -2.04 20.77
C GLN G 129 13.73 -2.83 21.95
N VAL G 130 12.86 -3.07 22.93
CA VAL G 130 13.22 -3.90 24.07
C VAL G 130 12.06 -4.86 24.32
N ILE G 131 12.39 -6.09 24.73
CA ILE G 131 11.37 -7.12 24.87
C ILE G 131 10.26 -6.66 25.80
N GLY G 132 10.64 -6.21 27.00
CA GLY G 132 9.67 -5.71 27.94
C GLY G 132 10.29 -4.74 28.91
N GLU G 133 9.51 -3.77 29.37
CA GLU G 133 9.97 -2.85 30.41
C GLU G 133 9.45 -3.31 31.77
N LEU G 134 10.40 -3.58 32.66
CA LEU G 134 10.07 -4.12 33.98
C LEU G 134 10.05 -2.98 34.97
N LYS G 135 8.96 -2.88 35.72
CA LYS G 135 8.78 -1.80 36.69
C LYS G 135 9.43 -2.19 38.01
N ASN G 136 10.23 -1.30 38.57
CA ASN G 136 10.86 -1.52 39.86
C ASN G 136 11.33 -0.19 40.43
N GLY G 137 12.14 -0.25 41.48
CA GLY G 137 12.80 0.95 41.95
C GLY G 137 14.30 0.79 41.94
N GLU G 138 15.00 1.91 41.76
CA GLU G 138 16.44 1.88 41.61
C GLU G 138 17.09 2.29 42.93
N ILE G 139 18.34 1.87 43.11
CA ILE G 139 19.04 2.13 44.37
C ILE G 139 20.16 3.14 44.16
N ASP G 140 21.27 2.71 43.57
CA ASP G 140 22.41 3.61 43.42
C ASP G 140 22.48 4.13 41.99
N THR G 141 21.92 5.32 41.78
CA THR G 141 22.01 6.00 40.49
C THR G 141 23.16 6.99 40.43
N LEU G 142 24.18 6.84 41.29
CA LEU G 142 25.30 7.75 41.50
C LEU G 142 24.77 9.15 41.76
N PRO G 143 23.92 9.32 42.79
CA PRO G 143 23.03 10.50 42.86
C PRO G 143 23.71 11.82 43.11
N GLU G 144 24.99 11.75 43.49
CA GLU G 144 25.85 12.91 43.62
C GLU G 144 25.88 13.72 42.33
N GLU G 145 26.18 13.09 41.21
CA GLU G 145 26.37 13.78 39.95
C GLU G 145 25.24 13.60 38.95
N ILE G 146 24.57 12.45 38.96
CA ILE G 146 23.46 12.18 38.04
C ILE G 146 22.18 12.85 38.50
N VAL G 147 21.82 12.66 39.77
CA VAL G 147 20.57 13.20 40.30
C VAL G 147 20.67 14.73 40.27
N ASN G 148 21.86 15.24 40.62
CA ASN G 148 22.06 16.68 40.71
C ASN G 148 22.85 17.20 39.51
N VAL G 149 22.24 18.05 38.69
CA VAL G 149 22.98 18.73 37.64
C VAL G 149 22.97 20.23 37.95
N SER G 150 24.16 20.81 38.07
CA SER G 150 24.30 22.18 38.52
C SER G 150 25.39 22.94 37.79
N LYS G 151 25.14 24.19 37.41
CA LYS G 151 26.18 25.01 36.80
C LYS G 151 27.43 25.15 37.66
N GLY G 152 27.31 25.35 38.96
CA GLY G 152 28.46 25.57 39.83
C GLY G 152 28.25 26.68 40.84
N GLY G 153 28.75 26.49 42.05
CA GLY G 153 28.55 27.44 43.12
C GLY G 153 29.88 27.86 43.75
N TYR G 154 30.65 28.63 42.98
CA TYR G 154 31.93 29.19 43.39
C TYR G 154 31.77 30.69 43.61
N ASP G 155 31.40 31.08 44.85
CA ASP G 155 30.77 32.38 45.09
C ASP G 155 31.67 33.58 44.90
N PHE G 156 32.91 33.55 45.46
CA PHE G 156 34.03 34.46 45.19
C PHE G 156 35.29 33.64 44.95
N GLN G 157 35.87 33.86 43.78
CA GLN G 157 37.30 33.65 43.53
C GLN G 157 37.86 35.02 43.16
N GLN G 158 37.50 36.06 43.93
CA GLN G 158 37.78 37.42 43.47
C GLN G 158 39.26 37.79 43.43
N PRO G 159 40.14 37.28 44.32
CA PRO G 159 41.57 37.54 44.08
C PRO G 159 42.22 36.58 43.11
N GLY G 160 41.48 35.62 42.56
CA GLY G 160 42.09 34.58 41.77
C GLY G 160 41.24 33.40 41.34
N GLN G 161 40.33 33.59 40.38
CA GLN G 161 39.56 32.45 39.89
C GLN G 161 40.43 31.53 39.04
N THR G 162 41.25 32.12 38.15
CA THR G 162 42.24 31.44 37.30
C THR G 162 41.61 30.29 36.51
N THR G 163 40.48 30.59 35.86
CA THR G 163 39.67 29.52 35.30
C THR G 163 39.43 29.78 33.82
N GLY G 164 39.12 28.71 33.08
CA GLY G 164 38.70 28.83 31.70
C GLY G 164 37.22 29.05 31.56
N GLU G 165 36.65 28.61 30.43
CA GLU G 165 35.22 28.83 30.18
C GLU G 165 34.35 28.15 31.23
N ALA G 166 34.70 26.90 31.60
CA ALA G 166 33.95 26.11 32.55
C ALA G 166 34.42 26.44 33.96
N PRO G 167 33.51 26.80 34.86
CA PRO G 167 33.87 27.62 36.02
C PRO G 167 34.47 26.78 37.16
N GLY G 168 35.40 27.41 37.87
CA GLY G 168 35.85 26.92 39.15
C GLY G 168 37.01 25.93 39.15
N THR G 169 37.63 25.70 38.00
CA THR G 169 38.85 24.92 37.96
C THR G 169 40.06 25.85 38.00
N VAL G 170 40.89 25.64 39.01
CA VAL G 170 42.12 26.40 39.21
C VAL G 170 43.30 25.51 38.85
N PRO G 171 44.11 25.86 37.83
CA PRO G 171 45.25 24.99 37.48
C PRO G 171 46.31 25.00 38.57
N ALA G 172 47.20 24.00 38.51
CA ALA G 172 48.20 23.69 39.54
C ALA G 172 47.58 23.09 40.80
N PRO H 1 -24.01 23.94 27.89
CA PRO H 1 -24.13 22.54 27.45
C PRO H 1 -23.21 21.61 28.23
N ILE H 2 -21.97 21.45 27.76
CA ILE H 2 -20.98 20.62 28.42
C ILE H 2 -19.72 21.45 28.60
N MET H 3 -18.86 21.01 29.50
CA MET H 3 -17.63 21.72 29.83
C MET H 3 -16.41 20.85 29.58
N GLY H 4 -15.27 21.51 29.34
CA GLY H 4 -14.01 20.82 29.17
C GLY H 4 -13.55 20.06 30.40
N GLN H 5 -14.09 20.37 31.57
CA GLN H 5 -13.86 19.62 32.78
C GLN H 5 -15.03 18.71 33.13
N ASP H 6 -16.11 18.77 32.36
CA ASP H 6 -17.34 18.07 32.70
C ASP H 6 -17.24 16.56 32.63
N VAL H 7 -16.73 15.99 31.55
CA VAL H 7 -16.63 14.53 31.40
C VAL H 7 -15.36 14.07 32.09
N LYS H 8 -15.48 13.18 33.06
CA LYS H 8 -14.30 12.63 33.73
C LYS H 8 -14.33 11.11 33.67
N TYR H 9 -13.12 10.54 33.59
CA TYR H 9 -12.92 9.15 33.20
C TYR H 9 -12.43 8.37 34.42
N LEU H 10 -13.33 7.56 34.99
CA LEU H 10 -12.95 6.68 36.09
C LEU H 10 -12.49 5.33 35.53
N PHE H 11 -11.40 4.81 36.07
CA PHE H 11 -10.90 3.49 35.70
C PHE H 11 -10.74 2.63 36.94
N GLN H 12 -11.52 1.56 37.01
CA GLN H 12 -11.33 0.56 38.04
C GLN H 12 -10.90 -0.75 37.38
N SER H 13 -9.92 -1.41 37.99
CA SER H 13 -9.41 -2.68 37.49
C SER H 13 -10.29 -3.84 37.94
N ILE H 14 -10.37 -4.86 37.10
CA ILE H 14 -11.18 -6.03 37.41
C ILE H 14 -10.70 -6.75 38.66
N ASP H 15 -9.38 -6.87 38.84
CA ASP H 15 -8.82 -7.68 39.90
C ASP H 15 -9.05 -7.09 41.29
N ALA H 16 -9.35 -5.79 41.38
CA ALA H 16 -9.47 -5.16 42.69
C ALA H 16 -10.69 -5.69 43.45
N ALA H 17 -11.81 -5.87 42.73
CA ALA H 17 -13.13 -6.24 43.29
C ALA H 17 -13.49 -5.35 44.49
N THR H 18 -13.53 -4.04 44.26
CA THR H 18 -13.86 -3.07 45.29
C THR H 18 -14.78 -2.02 44.69
N GLY H 19 -15.17 -1.04 45.51
CA GLY H 19 -16.07 0.00 45.07
C GLY H 19 -15.53 1.41 45.30
N SER H 20 -14.21 1.53 45.38
CA SER H 20 -13.60 2.82 45.65
C SER H 20 -13.69 3.75 44.43
N ALA H 21 -13.69 3.17 43.24
CA ALA H 21 -13.66 3.83 41.93
C ALA H 21 -12.61 4.94 41.87
N PRO H 22 -11.31 4.61 41.74
CA PRO H 22 -10.30 5.67 41.64
C PRO H 22 -10.40 6.45 40.34
N LEU H 23 -10.07 7.74 40.40
CA LEU H 23 -9.88 8.52 39.19
C LEU H 23 -8.57 9.26 39.28
N PHE H 24 -7.97 9.51 38.13
CA PHE H 24 -6.59 9.95 38.22
C PHE H 24 -6.49 11.43 37.84
N PRO H 25 -5.78 12.24 38.62
CA PRO H 25 -5.65 13.66 38.27
C PRO H 25 -4.70 13.89 37.11
N ALA H 26 -4.49 15.18 36.82
CA ALA H 26 -3.61 15.68 35.75
C ALA H 26 -4.05 15.16 34.38
N TYR H 27 -5.37 15.08 34.20
CA TYR H 27 -5.93 14.74 32.90
C TYR H 27 -5.79 15.90 31.92
N GLN H 28 -5.38 15.55 30.72
CA GLN H 28 -5.19 16.49 29.63
C GLN H 28 -6.39 16.29 28.72
N THR H 29 -6.28 15.40 27.73
CA THR H 29 -7.37 15.16 26.80
C THR H 29 -7.57 13.67 26.57
N ASP H 30 -8.68 13.37 25.90
CA ASP H 30 -9.23 12.03 25.85
C ASP H 30 -10.13 11.94 24.64
N GLY H 31 -9.62 11.32 23.59
CA GLY H 31 -10.45 10.98 22.47
C GLY H 31 -11.06 9.61 22.62
N SER H 32 -12.35 9.51 22.29
CA SER H 32 -13.05 8.23 22.25
C SER H 32 -13.82 8.25 20.94
N VAL H 33 -13.51 7.29 20.08
CA VAL H 33 -14.05 7.26 18.73
C VAL H 33 -14.59 5.85 18.47
N SER H 34 -15.68 5.79 17.71
CA SER H 34 -16.51 4.59 17.58
C SER H 34 -16.76 4.34 16.10
N GLY H 35 -16.47 3.13 15.65
CA GLY H 35 -16.64 2.81 14.25
C GLY H 35 -17.64 1.69 14.01
N GLU H 36 -18.75 2.01 13.35
CA GLU H 36 -19.81 1.04 13.06
C GLU H 36 -19.56 0.49 11.66
N ARG H 37 -19.50 -0.83 11.56
CA ARG H 37 -19.14 -1.48 10.30
C ARG H 37 -20.26 -1.29 9.28
N GLU H 38 -19.89 -0.90 8.07
CA GLU H 38 -20.83 -0.41 7.06
C GLU H 38 -20.43 -0.98 5.70
N LEU H 39 -21.42 -1.50 4.98
CA LEU H 39 -21.23 -2.11 3.68
C LEU H 39 -21.68 -1.15 2.58
N PHE H 40 -20.73 -0.84 1.69
CA PHE H 40 -21.03 -0.08 0.47
C PHE H 40 -20.48 -0.79 -0.76
N ASP H 41 -21.30 -1.64 -1.35
CA ASP H 41 -21.20 -2.01 -2.76
C ASP H 41 -22.42 -1.44 -3.48
N GLU H 42 -22.39 -1.51 -4.81
CA GLU H 42 -23.53 -1.08 -5.62
C GLU H 42 -24.72 -2.01 -5.53
N GLN H 43 -24.48 -3.33 -5.67
CA GLN H 43 -25.52 -4.38 -5.77
C GLN H 43 -26.46 -4.12 -6.94
N THR H 44 -25.91 -3.64 -8.06
CA THR H 44 -26.64 -3.03 -9.19
C THR H 44 -27.75 -2.10 -8.69
N LYS H 45 -27.41 -1.26 -7.70
CA LYS H 45 -28.36 -0.35 -7.08
C LYS H 45 -27.69 0.97 -6.76
N ASN H 46 -28.33 1.78 -5.89
CA ASN H 46 -27.76 3.05 -5.46
C ASN H 46 -26.70 2.88 -4.37
N GLY H 47 -26.18 1.67 -4.18
CA GLY H 47 -25.19 1.42 -3.16
C GLY H 47 -25.84 1.09 -1.83
N ARG H 48 -25.04 0.59 -0.89
CA ARG H 48 -25.53 0.22 0.42
C ARG H 48 -24.93 1.20 1.43
N ILE H 49 -25.79 1.88 2.17
CA ILE H 49 -25.37 2.83 3.20
C ILE H 49 -26.05 2.50 4.52
N LEU H 50 -27.33 2.12 4.46
CA LEU H 50 -28.07 1.70 5.64
C LEU H 50 -27.46 0.47 6.29
N GLY H 51 -26.61 -0.25 5.56
CA GLY H 51 -26.13 -1.55 5.98
C GLY H 51 -25.32 -1.53 7.25
N PRO H 52 -25.91 -2.00 8.35
CA PRO H 52 -25.24 -1.93 9.64
C PRO H 52 -24.16 -2.96 9.84
N GLY H 53 -23.51 -2.91 11.00
CA GLY H 53 -22.43 -3.81 11.32
C GLY H 53 -22.06 -3.67 12.79
N SER H 54 -20.89 -4.19 13.12
CA SER H 54 -20.42 -4.11 14.50
C SER H 54 -19.66 -2.80 14.72
N VAL H 55 -19.64 -2.35 15.98
CA VAL H 55 -19.01 -1.10 16.36
C VAL H 55 -17.68 -1.40 17.05
N ALA H 56 -16.63 -0.72 16.60
CA ALA H 56 -15.31 -0.80 17.22
C ALA H 56 -15.07 0.50 17.96
N ASP H 57 -15.04 0.43 19.28
CA ASP H 57 -14.99 1.62 20.13
C ASP H 57 -13.57 1.80 20.63
N SER H 58 -12.89 2.79 20.07
CA SER H 58 -11.51 3.11 20.39
C SER H 58 -11.44 4.25 21.38
N GLY H 59 -10.45 4.17 22.26
CA GLY H 59 -10.22 5.23 23.23
C GLY H 59 -8.75 5.50 23.42
N GLU H 60 -8.40 6.76 23.66
CA GLU H 60 -7.04 7.15 23.98
C GLU H 60 -7.10 8.17 25.09
N VAL H 61 -6.33 7.94 26.16
CA VAL H 61 -6.33 8.82 27.32
C VAL H 61 -4.95 9.43 27.45
N THR H 62 -4.88 10.76 27.47
CA THR H 62 -3.62 11.43 27.71
C THR H 62 -3.67 12.17 29.03
N TYR H 63 -2.56 12.14 29.77
CA TYR H 63 -2.45 12.89 31.02
C TYR H 63 -0.97 13.03 31.38
N TYR H 64 -0.67 13.98 32.28
CA TYR H 64 0.67 14.17 32.81
C TYR H 64 0.88 13.22 33.96
N GLY H 65 2.06 12.60 34.01
CA GLY H 65 2.34 11.59 35.01
C GLY H 65 2.60 12.12 36.40
N LYS H 66 2.12 11.42 37.42
CA LYS H 66 2.41 11.77 38.79
C LYS H 66 3.32 10.70 39.41
N ARG H 67 4.09 11.11 40.44
CA ARG H 67 5.11 10.24 41.01
C ARG H 67 4.57 8.88 41.46
N GLY H 68 3.54 8.84 42.29
CA GLY H 68 2.92 7.60 42.70
C GLY H 68 1.52 7.49 42.13
N ASP H 69 0.54 7.44 43.04
CA ASP H 69 -0.89 7.55 42.73
C ASP H 69 -1.41 6.32 42.00
N ALA H 70 -2.38 5.66 42.61
CA ALA H 70 -2.71 4.24 42.43
C ALA H 70 -3.65 3.89 41.28
N GLY H 71 -4.46 4.84 40.79
CA GLY H 71 -5.19 4.61 39.55
C GLY H 71 -4.27 4.43 38.36
N GLN H 72 -3.31 5.35 38.19
CA GLN H 72 -2.28 5.14 37.19
C GLN H 72 -1.40 3.94 37.50
N LYS H 73 -1.11 3.69 38.78
CA LYS H 73 -0.44 2.45 39.14
C LYS H 73 -1.31 1.24 38.85
N ALA H 74 -2.62 1.33 39.06
CA ALA H 74 -3.51 0.28 38.56
C ALA H 74 -3.44 0.20 37.04
N ILE H 75 -3.48 1.34 36.36
CA ILE H 75 -3.27 1.37 34.91
C ILE H 75 -1.95 0.70 34.56
N GLU H 76 -0.90 0.96 35.33
CA GLU H 76 0.41 0.38 35.04
C GLU H 76 0.45 -1.11 35.28
N ASP H 77 -0.04 -1.59 36.43
CA ASP H 77 -0.22 -3.02 36.60
C ASP H 77 -1.20 -3.59 35.60
N ALA H 78 -2.22 -2.82 35.23
CA ALA H 78 -3.13 -3.28 34.18
C ALA H 78 -2.37 -3.55 32.87
N TYR H 79 -1.61 -2.57 32.38
CA TYR H 79 -0.97 -2.72 31.08
C TYR H 79 0.23 -3.65 31.15
N GLN H 80 1.10 -3.44 32.14
CA GLN H 80 2.42 -4.07 32.16
C GLN H 80 2.31 -5.59 32.26
N ASN H 81 1.57 -6.10 33.24
CA ASN H 81 1.30 -7.53 33.28
C ASN H 81 0.13 -7.90 32.37
N GLY H 82 -0.91 -7.07 32.38
CA GLY H 82 -2.08 -7.29 31.54
C GLY H 82 -3.32 -7.62 32.34
N LYS H 83 -4.20 -6.64 32.50
CA LYS H 83 -5.45 -6.76 33.23
C LYS H 83 -6.51 -6.01 32.43
N GLN H 84 -7.74 -6.51 32.46
CA GLN H 84 -8.90 -5.79 31.96
C GLN H 84 -9.16 -4.59 32.87
N ILE H 85 -9.58 -3.47 32.29
CA ILE H 85 -9.87 -2.29 33.07
C ILE H 85 -11.33 -1.90 32.91
N LYS H 86 -12.00 -1.70 34.04
CA LYS H 86 -13.38 -1.26 34.05
C LYS H 86 -13.42 0.26 33.93
N PHE H 87 -13.94 0.74 32.79
CA PHE H 87 -13.81 2.11 32.34
C PHE H 87 -15.15 2.82 32.46
N TRP H 88 -15.15 3.94 33.19
CA TRP H 88 -16.33 4.75 33.44
C TRP H 88 -16.10 6.13 32.82
N ARG H 89 -16.99 6.53 31.91
CA ARG H 89 -16.98 7.89 31.36
C ARG H 89 -18.19 8.62 31.92
N VAL H 90 -17.95 9.48 32.91
CA VAL H 90 -19.05 10.12 33.61
C VAL H 90 -18.86 11.63 33.57
N ASP H 91 -19.99 12.33 33.65
CA ASP H 91 -19.99 13.78 33.63
C ASP H 91 -20.03 14.33 35.06
N THR H 92 -19.56 15.56 35.20
CA THR H 92 -19.45 16.24 36.48
C THR H 92 -20.74 16.96 36.86
N VAL H 93 -21.75 16.96 36.00
CA VAL H 93 -23.03 17.58 36.33
C VAL H 93 -24.03 16.50 36.73
N LYS H 94 -24.80 16.79 37.77
CA LYS H 94 -25.72 15.81 38.35
C LYS H 94 -26.85 15.54 37.37
N ASN H 95 -27.11 14.26 37.11
CA ASN H 95 -28.28 13.87 36.34
C ASN H 95 -29.56 14.23 37.10
N GLU H 96 -30.67 14.23 36.38
CA GLU H 96 -31.95 14.61 36.97
C GLU H 96 -32.68 13.47 37.65
N ASN H 97 -32.21 12.23 37.52
CA ASN H 97 -32.75 11.16 38.35
C ASN H 97 -31.61 10.31 38.93
N ASP H 98 -30.56 10.10 38.16
CA ASP H 98 -29.32 9.53 38.68
C ASP H 98 -28.55 10.66 39.38
N LYS H 99 -27.46 10.30 40.04
CA LYS H 99 -26.55 11.28 40.60
C LYS H 99 -25.78 12.00 39.49
N TYR H 100 -25.31 11.22 38.51
CA TYR H 100 -24.58 11.73 37.37
C TYR H 100 -24.91 10.83 36.18
N ASP H 101 -24.46 11.22 34.99
CA ASP H 101 -24.67 10.40 33.81
C ASP H 101 -23.33 9.94 33.26
N ALA H 102 -23.37 8.79 32.59
CA ALA H 102 -22.15 8.04 32.31
C ALA H 102 -22.27 7.32 30.98
N GLN H 103 -21.12 7.05 30.38
CA GLN H 103 -20.96 5.99 29.40
C GLN H 103 -19.87 5.07 29.91
N PHE H 104 -20.10 3.76 29.82
CA PHE H 104 -19.35 2.77 30.57
C PHE H 104 -18.84 1.68 29.62
N GLY H 105 -17.75 1.02 30.01
CA GLY H 105 -17.33 -0.15 29.27
C GLY H 105 -16.20 -0.87 29.96
N PHE H 106 -16.07 -2.15 29.65
CA PHE H 106 -14.90 -2.94 30.01
C PHE H 106 -13.83 -2.68 28.95
N ALA H 107 -12.70 -2.13 29.37
CA ALA H 107 -11.70 -1.63 28.45
C ALA H 107 -10.33 -2.23 28.74
N TYR H 108 -9.59 -2.46 27.66
CA TYR H 108 -8.31 -3.15 27.70
C TYR H 108 -7.24 -2.23 27.13
N ILE H 109 -6.27 -1.85 27.96
CA ILE H 109 -5.20 -0.96 27.50
C ILE H 109 -4.32 -1.70 26.51
N GLU H 110 -4.51 -1.42 25.22
CA GLU H 110 -3.68 -2.05 24.20
C GLU H 110 -2.49 -1.20 23.78
N SER H 111 -2.44 0.08 24.14
CA SER H 111 -1.26 0.89 23.86
C SER H 111 -0.97 1.76 25.07
N ARG H 112 0.31 1.85 25.40
CA ARG H 112 0.82 2.69 26.49
C ARG H 112 2.05 3.38 25.91
N GLU H 113 1.88 4.64 25.55
CA GLU H 113 2.92 5.45 24.94
C GLU H 113 3.16 6.64 25.85
N TYR H 114 4.39 6.76 26.36
CA TYR H 114 4.73 7.89 27.20
C TYR H 114 5.92 8.64 26.63
N SER H 115 5.82 9.96 26.68
CA SER H 115 6.88 10.84 26.21
C SER H 115 7.52 11.55 27.41
N ASP H 116 8.84 11.66 27.35
CA ASP H 116 9.64 12.50 28.22
C ASP H 116 10.08 13.69 27.38
N GLY H 117 9.64 14.88 27.78
CA GLY H 117 10.07 16.10 27.13
C GLY H 117 11.13 16.81 27.93
N VAL H 118 11.67 17.90 27.38
CA VAL H 118 12.64 18.73 28.05
C VAL H 118 12.06 19.35 29.31
N GLU H 119 10.84 19.89 29.24
CA GLU H 119 10.13 20.30 30.43
C GLU H 119 8.74 19.68 30.53
N GLY H 120 8.31 19.30 31.72
CA GLY H 120 6.92 18.98 31.93
C GLY H 120 6.82 17.55 32.42
N ALA H 121 5.72 17.22 33.10
CA ALA H 121 5.55 15.88 33.65
C ALA H 121 5.41 14.84 32.54
N VAL H 122 5.74 13.60 32.90
CA VAL H 122 5.85 12.53 31.90
C VAL H 122 4.54 12.39 31.14
N GLU H 123 4.62 12.53 29.82
CA GLU H 123 3.41 12.49 29.00
C GLU H 123 2.91 11.07 28.86
N ILE H 124 1.77 10.79 29.48
CA ILE H 124 1.19 9.46 29.45
C ILE H 124 -0.06 9.49 28.58
N SER H 125 0.01 8.80 27.45
CA SER H 125 -1.14 8.53 26.61
C SER H 125 -1.32 7.02 26.53
N ILE H 126 -2.51 6.53 26.91
CA ILE H 126 -2.82 5.12 26.83
C ILE H 126 -3.97 4.93 25.86
N SER H 127 -3.81 3.97 24.96
CA SER H 127 -4.80 3.67 23.93
C SER H 127 -5.45 2.33 24.21
N LEU H 128 -6.75 2.25 23.96
CA LEU H 128 -7.55 1.09 24.32
C LEU H 128 -8.67 0.91 23.31
N GLN H 129 -9.09 -0.34 23.12
CA GLN H 129 -10.31 -0.64 22.41
C GLN H 129 -11.28 -1.24 23.41
N VAL H 130 -12.57 -0.98 23.22
CA VAL H 130 -13.59 -1.58 24.07
C VAL H 130 -14.72 -2.06 23.16
N ILE H 131 -15.32 -3.19 23.53
CA ILE H 131 -16.31 -3.83 22.67
C ILE H 131 -17.43 -2.85 22.35
N GLY H 132 -18.02 -2.26 23.38
CA GLY H 132 -19.06 -1.28 23.19
C GLY H 132 -19.17 -0.33 24.35
N GLU H 133 -19.57 0.92 24.08
CA GLU H 133 -19.83 1.87 25.14
C GLU H 133 -21.32 1.93 25.45
N LEU H 134 -21.65 1.61 26.70
CA LEU H 134 -23.04 1.53 27.12
C LEU H 134 -23.41 2.83 27.79
N LYS H 135 -24.52 3.43 27.34
CA LYS H 135 -24.98 4.71 27.85
C LYS H 135 -25.83 4.48 29.09
N ASN H 136 -25.55 5.20 30.17
CA ASN H 136 -26.32 5.12 31.40
C ASN H 136 -26.06 6.36 32.23
N GLY H 137 -26.50 6.33 33.49
CA GLY H 137 -26.11 7.35 34.43
C GLY H 137 -25.40 6.76 35.64
N GLU H 138 -24.50 7.55 36.22
CA GLU H 138 -23.67 7.08 37.30
C GLU H 138 -24.24 7.58 38.63
N ILE H 139 -23.91 6.87 39.71
CA ILE H 139 -24.45 7.21 41.02
C ILE H 139 -23.36 7.78 41.92
N ASP H 140 -22.50 6.91 42.45
CA ASP H 140 -21.48 7.37 43.39
C ASP H 140 -20.13 7.49 42.69
N THR H 141 -19.82 8.70 42.24
CA THR H 141 -18.51 8.99 41.65
C THR H 141 -17.54 9.57 42.66
N LEU H 142 -17.76 9.32 43.97
CA LEU H 142 -17.02 9.90 45.10
C LEU H 142 -16.99 11.42 44.97
N PRO H 143 -18.16 12.07 44.88
CA PRO H 143 -18.24 13.43 44.31
C PRO H 143 -17.62 14.52 45.17
N GLU H 144 -17.30 14.17 46.41
CA GLU H 144 -16.55 15.03 47.31
C GLU H 144 -15.22 15.46 46.69
N GLU H 145 -14.42 14.51 46.23
CA GLU H 145 -13.08 14.80 45.74
C GLU H 145 -12.93 14.71 44.23
N ILE H 146 -13.69 13.85 43.56
CA ILE H 146 -13.63 13.69 42.12
C ILE H 146 -14.39 14.81 41.40
N VAL H 147 -15.63 15.05 41.81
CA VAL H 147 -16.47 16.03 41.15
C VAL H 147 -15.85 17.40 41.38
N ASN H 148 -15.35 17.63 42.61
CA ASN H 148 -14.79 18.92 42.97
C ASN H 148 -13.26 18.88 42.99
N VAL H 149 -12.62 19.64 42.12
CA VAL H 149 -11.17 19.81 42.20
C VAL H 149 -10.88 21.26 42.53
N SER H 150 -10.16 21.49 43.63
CA SER H 150 -9.96 22.83 44.15
C SER H 150 -8.55 23.04 44.70
N LYS H 151 -7.93 24.18 44.42
CA LYS H 151 -6.63 24.48 45.01
C LYS H 151 -6.62 24.46 46.54
N GLY H 152 -7.65 25.00 47.20
CA GLY H 152 -7.66 25.07 48.64
C GLY H 152 -8.16 26.41 49.17
N GLY H 153 -8.94 26.38 50.25
CA GLY H 153 -9.53 27.58 50.80
C GLY H 153 -9.21 27.72 52.29
N TYR H 154 -7.95 28.03 52.55
CA TYR H 154 -7.43 28.27 53.90
C TYR H 154 -7.14 29.77 54.06
N ASP H 155 -8.15 30.52 54.50
CA ASP H 155 -8.18 31.96 54.26
C ASP H 155 -7.14 32.77 55.02
N PHE H 156 -6.97 32.53 56.33
CA PHE H 156 -5.88 32.98 57.20
C PHE H 156 -5.35 31.79 58.01
N GLN H 157 -4.06 31.54 57.83
CA GLN H 157 -3.23 30.87 58.84
C GLN H 157 -2.16 31.88 59.24
N GLN H 158 -2.55 33.14 59.49
CA GLN H 158 -1.57 34.20 59.59
C GLN H 158 -0.66 34.10 60.82
N PRO H 159 -1.11 33.59 62.00
CA PRO H 159 -0.11 33.36 63.06
C PRO H 159 0.63 32.04 62.92
N GLY H 160 0.33 31.25 61.91
CA GLY H 160 0.90 29.91 61.85
C GLY H 160 0.39 28.97 60.77
N GLN H 161 0.74 29.16 59.50
CA GLN H 161 0.33 28.22 58.48
C GLN H 161 1.10 26.91 58.61
N THR H 162 2.41 27.01 58.83
CA THR H 162 3.33 25.87 59.08
C THR H 162 3.23 24.81 57.98
N THR H 163 3.29 25.25 56.74
CA THR H 163 2.93 24.36 55.64
C THR H 163 4.07 24.32 54.63
N GLY H 164 4.11 23.25 53.85
CA GLY H 164 5.03 23.13 52.73
C GLY H 164 4.47 23.74 51.46
N GLU H 165 4.91 23.24 50.31
CA GLU H 165 4.48 23.79 49.03
C GLU H 165 2.98 23.66 48.84
N ALA H 166 2.41 22.50 49.20
CA ALA H 166 0.99 22.21 49.05
C ALA H 166 0.24 22.73 50.27
N PRO H 167 -0.78 23.54 50.07
CA PRO H 167 -1.23 24.46 51.11
C PRO H 167 -2.12 23.80 52.15
N GLY H 168 -1.98 24.27 53.39
CA GLY H 168 -2.95 24.00 54.44
C GLY H 168 -2.73 22.75 55.27
N THR H 169 -1.60 22.08 55.10
CA THR H 169 -1.23 20.99 56.00
C THR H 169 -0.32 21.51 57.09
N VAL H 170 -0.78 21.32 58.33
CA VAL H 170 -0.05 21.71 59.53
C VAL H 170 0.51 20.45 60.19
N PRO H 171 1.84 20.29 60.31
CA PRO H 171 2.37 19.08 60.95
C PRO H 171 2.05 19.03 62.43
N ALA H 172 2.18 17.84 63.00
CA ALA H 172 1.76 17.51 64.37
C ALA H 172 0.24 17.45 64.52
N PRO I 1 -25.27 36.01 -1.05
CA PRO I 1 -25.50 34.65 -1.55
C PRO I 1 -25.99 33.70 -0.46
N ILE I 2 -25.06 33.08 0.26
CA ILE I 2 -25.37 32.17 1.35
C ILE I 2 -24.58 32.62 2.57
N MET I 3 -25.01 32.17 3.75
CA MET I 3 -24.38 32.56 5.00
C MET I 3 -23.88 31.33 5.75
N GLY I 4 -22.88 31.55 6.60
CA GLY I 4 -22.36 30.50 7.47
C GLY I 4 -23.36 29.96 8.47
N GLN I 5 -24.44 30.70 8.73
CA GLN I 5 -25.55 30.22 9.54
C GLN I 5 -26.75 29.79 8.69
N ASP I 6 -26.67 29.99 7.36
CA ASP I 6 -27.81 29.78 6.48
C ASP I 6 -28.25 28.33 6.38
N VAL I 7 -27.36 27.39 6.11
CA VAL I 7 -27.72 25.98 5.94
C VAL I 7 -27.77 25.35 7.33
N LYS I 8 -28.93 24.80 7.69
CA LYS I 8 -29.05 24.10 8.97
C LYS I 8 -29.56 22.69 8.75
N TYR I 9 -29.10 21.79 9.62
CA TYR I 9 -29.20 20.35 9.41
C TYR I 9 -30.19 19.77 10.41
N LEU I 10 -31.38 19.42 9.94
CA LEU I 10 -32.37 18.76 10.78
C LEU I 10 -32.19 17.26 10.68
N PHE I 11 -32.26 16.58 11.83
CA PHE I 11 -32.19 15.12 11.88
C PHE I 11 -33.39 14.58 12.63
N GLN I 12 -34.23 13.83 11.92
CA GLN I 12 -35.30 13.09 12.56
C GLN I 12 -35.04 11.60 12.39
N SER I 13 -35.26 10.85 13.47
CA SER I 13 -35.07 9.40 13.46
C SER I 13 -36.29 8.69 12.88
N ILE I 14 -36.03 7.57 12.21
CA ILE I 14 -37.12 6.80 11.61
C ILE I 14 -38.11 6.30 12.65
N ASP I 15 -37.62 5.85 13.80
CA ASP I 15 -38.47 5.18 14.78
C ASP I 15 -39.46 6.13 15.46
N ALA I 16 -39.21 7.44 15.40
CA ALA I 16 -40.07 8.37 16.12
C ALA I 16 -41.47 8.42 15.51
N ALA I 17 -41.55 8.41 14.17
CA ALA I 17 -42.78 8.58 13.39
C ALA I 17 -43.59 9.79 13.86
N THR I 18 -42.95 10.97 13.85
CA THR I 18 -43.56 12.21 14.27
C THR I 18 -43.19 13.31 13.29
N GLY I 19 -43.67 14.52 13.56
CA GLY I 19 -43.41 15.65 12.68
C GLY I 19 -42.80 16.84 13.41
N SER I 20 -42.15 16.59 14.54
CA SER I 20 -41.57 17.68 15.32
C SER I 20 -40.35 18.28 14.66
N ALA I 21 -39.62 17.45 13.90
CA ALA I 21 -38.34 17.74 13.25
C ALA I 21 -37.36 18.44 14.19
N PRO I 22 -36.71 17.73 15.13
CA PRO I 22 -35.75 18.39 16.01
C PRO I 22 -34.50 18.83 15.27
N LEU I 23 -33.90 19.93 15.70
CA LEU I 23 -32.58 20.32 15.25
C LEU I 23 -31.72 20.64 16.45
N PHE I 24 -30.43 20.42 16.30
CA PHE I 24 -29.64 20.45 17.52
C PHE I 24 -28.76 21.69 17.55
N PRO I 25 -28.71 22.43 18.66
CA PRO I 25 -27.86 23.62 18.72
C PRO I 25 -26.39 23.28 18.84
N ALA I 26 -25.59 24.33 18.99
CA ALA I 26 -24.13 24.29 19.14
C ALA I 26 -23.46 23.61 17.93
N TYR I 27 -24.01 23.88 16.76
CA TYR I 27 -23.41 23.42 15.52
C TYR I 27 -22.15 24.21 15.20
N GLN I 28 -21.12 23.48 14.81
CA GLN I 28 -19.83 24.03 14.43
C GLN I 28 -19.81 23.97 12.90
N THR I 29 -19.29 22.89 12.34
CA THR I 29 -19.21 22.76 10.90
C THR I 29 -19.66 21.39 10.44
N ASP I 30 -19.81 21.27 9.12
CA ASP I 30 -20.54 20.18 8.51
C ASP I 30 -20.08 20.06 7.06
N GLY I 31 -19.23 19.09 6.81
CA GLY I 31 -18.88 18.75 5.45
C GLY I 31 -19.80 17.70 4.90
N SER I 32 -20.24 17.89 3.67
CA SER I 32 -21.02 16.91 2.93
C SER I 32 -20.37 16.83 1.55
N VAL I 33 -19.89 15.65 1.21
CA VAL I 33 -19.13 15.45 -0.02
C VAL I 33 -19.70 14.25 -0.75
N SER I 34 -19.69 14.33 -2.07
CA SER I 34 -20.44 13.42 -2.94
C SER I 34 -19.49 12.92 -4.02
N GLY I 35 -19.43 11.60 -4.19
CA GLY I 35 -18.54 11.01 -5.16
C GLY I 35 -19.25 10.21 -6.22
N GLU I 36 -19.18 10.67 -7.47
CA GLU I 36 -19.84 10.02 -8.60
C GLU I 36 -18.83 9.11 -9.26
N ARG I 37 -19.18 7.83 -9.42
CA ARG I 37 -18.26 6.82 -9.92
C ARG I 37 -17.96 7.08 -11.39
N GLU I 38 -16.67 7.05 -11.74
CA GLU I 38 -16.19 7.53 -13.03
C GLU I 38 -15.13 6.56 -13.54
N LEU I 39 -15.26 6.19 -14.82
CA LEU I 39 -14.36 5.26 -15.47
C LEU I 39 -13.37 6.01 -16.35
N PHE I 40 -12.08 5.82 -16.07
CA PHE I 40 -11.01 6.30 -16.92
C PHE I 40 -10.02 5.20 -17.26
N ASP I 41 -10.28 4.51 -18.37
CA ASP I 41 -9.27 3.80 -19.13
C ASP I 41 -9.11 4.51 -20.48
N GLU I 42 -8.08 4.12 -21.22
CA GLU I 42 -7.86 4.65 -22.56
C GLU I 42 -8.87 4.16 -23.57
N GLN I 43 -9.12 2.85 -23.61
CA GLN I 43 -9.94 2.15 -24.61
C GLN I 43 -9.41 2.37 -26.03
N THR I 44 -8.07 2.39 -26.17
CA THR I 44 -7.35 2.90 -27.34
C THR I 44 -7.95 4.20 -27.86
N LYS I 45 -8.25 5.12 -26.93
CA LYS I 45 -8.89 6.38 -27.25
C LYS I 45 -8.33 7.50 -26.38
N ASN I 46 -9.04 8.63 -26.32
CA ASN I 46 -8.62 9.75 -25.46
C ASN I 46 -9.01 9.54 -24.00
N GLY I 47 -9.33 8.32 -23.60
CA GLY I 47 -9.73 8.05 -22.22
C GLY I 47 -11.21 8.25 -22.04
N ARG I 48 -11.71 7.78 -20.89
CA ARG I 48 -13.13 7.89 -20.58
C ARG I 48 -13.26 8.86 -19.41
N ILE I 49 -14.03 9.93 -19.62
CA ILE I 49 -14.28 10.93 -18.58
C ILE I 49 -15.78 11.14 -18.41
N LEU I 50 -16.51 11.14 -19.53
CA LEU I 50 -17.97 11.26 -19.49
C LEU I 50 -18.62 10.10 -18.76
N GLY I 51 -17.88 9.00 -18.56
CA GLY I 51 -18.42 7.76 -18.07
C GLY I 51 -19.01 7.86 -16.68
N PRO I 52 -20.34 7.84 -16.59
CA PRO I 52 -21.00 8.04 -15.29
C PRO I 52 -20.97 6.82 -14.41
N GLY I 53 -21.53 6.95 -13.21
CA GLY I 53 -21.57 5.87 -12.24
C GLY I 53 -22.47 6.26 -11.10
N SER I 54 -22.34 5.50 -10.01
CA SER I 54 -23.14 5.77 -8.82
C SER I 54 -22.46 6.81 -7.93
N VAL I 55 -23.27 7.53 -7.16
CA VAL I 55 -22.79 8.59 -6.29
C VAL I 55 -22.77 8.09 -4.85
N ALA I 56 -21.65 8.31 -4.17
CA ALA I 56 -21.50 8.00 -2.76
C ALA I 56 -21.48 9.31 -2.00
N ASP I 57 -22.53 9.56 -1.23
CA ASP I 57 -22.73 10.84 -0.58
C ASP I 57 -22.34 10.71 0.88
N SER I 58 -21.20 11.31 1.23
CA SER I 58 -20.63 11.27 2.56
C SER I 58 -20.97 12.54 3.31
N GLY I 59 -21.18 12.39 4.61
CA GLY I 59 -21.44 13.53 5.46
C GLY I 59 -20.75 13.41 6.80
N GLU I 60 -20.31 14.53 7.35
CA GLU I 60 -19.73 14.57 8.69
C GLU I 60 -20.26 15.81 9.38
N VAL I 61 -20.79 15.62 10.59
CA VAL I 61 -21.38 16.71 11.36
C VAL I 61 -20.57 16.90 12.62
N THR I 62 -20.06 18.12 12.83
CA THR I 62 -19.37 18.43 14.07
C THR I 62 -20.16 19.45 14.86
N TYR I 63 -20.19 19.27 16.18
CA TYR I 63 -20.84 20.24 17.07
C TYR I 63 -20.33 20.02 18.49
N TYR I 64 -20.54 21.02 19.35
CA TYR I 64 -20.21 20.95 20.77
C TYR I 64 -21.35 20.27 21.50
N GLY I 65 -21.02 19.36 22.41
CA GLY I 65 -22.02 18.59 23.10
C GLY I 65 -22.78 19.35 24.18
N LYS I 66 -24.08 19.07 24.29
CA LYS I 66 -24.89 19.64 25.35
C LYS I 66 -25.30 18.54 26.32
N ARG I 67 -25.56 18.94 27.58
CA ARG I 67 -25.81 17.98 28.65
C ARG I 67 -26.93 16.98 28.32
N GLY I 68 -28.11 17.45 27.96
CA GLY I 68 -29.20 16.57 27.57
C GLY I 68 -29.49 16.74 26.09
N ASP I 69 -30.72 17.20 25.80
CA ASP I 69 -31.17 17.65 24.48
C ASP I 69 -31.30 16.47 23.51
N ALA I 70 -32.51 16.30 23.00
CA ALA I 70 -33.04 15.05 22.47
C ALA I 70 -32.75 14.71 21.01
N GLY I 71 -32.44 15.71 20.17
CA GLY I 71 -31.91 15.42 18.85
C GLY I 71 -30.58 14.69 18.89
N GLN I 72 -29.63 15.23 19.66
CA GLN I 72 -28.39 14.50 19.92
C GLN I 72 -28.64 13.20 20.67
N LYS I 73 -29.59 13.19 21.61
CA LYS I 73 -29.98 11.93 22.23
C LYS I 73 -30.62 10.99 21.23
N ALA I 74 -31.41 11.51 20.29
CA ALA I 74 -31.85 10.69 19.18
C ALA I 74 -30.67 10.22 18.35
N ILE I 75 -29.74 11.13 18.05
CA ILE I 75 -28.49 10.75 17.40
C ILE I 75 -27.79 9.64 18.19
N GLU I 76 -27.76 9.78 19.52
CA GLU I 76 -27.07 8.79 20.35
C GLU I 76 -27.79 7.44 20.36
N ASP I 77 -29.11 7.42 20.58
CA ASP I 77 -29.86 6.19 20.37
C ASP I 77 -29.77 5.71 18.93
N ALA I 78 -29.72 6.64 17.97
CA ALA I 78 -29.52 6.22 16.60
C ALA I 78 -28.22 5.44 16.43
N TYR I 79 -27.10 6.01 16.86
CA TYR I 79 -25.81 5.37 16.63
C TYR I 79 -25.59 4.17 17.55
N GLN I 80 -25.84 4.35 18.84
CA GLN I 80 -25.42 3.38 19.85
C GLN I 80 -26.10 2.03 19.67
N ASN I 81 -27.43 2.01 19.56
CA ASN I 81 -28.12 0.77 19.22
C ASN I 81 -28.14 0.57 17.71
N GLY I 82 -28.36 1.64 16.95
CA GLY I 82 -28.38 1.57 15.51
C GLY I 82 -29.75 1.82 14.92
N LYS I 83 -29.96 3.02 14.40
CA LYS I 83 -31.21 3.45 13.79
C LYS I 83 -30.85 4.27 12.55
N GLN I 84 -31.67 4.16 11.52
CA GLN I 84 -31.61 5.06 10.36
C GLN I 84 -32.03 6.45 10.81
N ILE I 85 -31.37 7.47 10.25
CA ILE I 85 -31.70 8.85 10.60
C ILE I 85 -32.17 9.59 9.36
N LYS I 86 -33.32 10.24 9.48
CA LYS I 86 -33.87 11.06 8.41
C LYS I 86 -33.24 12.45 8.47
N PHE I 87 -32.44 12.76 7.44
CA PHE I 87 -31.52 13.88 7.44
C PHE I 87 -32.03 14.96 6.50
N TRP I 88 -32.21 16.18 7.04
CA TRP I 88 -32.71 17.33 6.31
C TRP I 88 -31.60 18.39 6.28
N ARG I 89 -31.19 18.80 5.09
CA ARG I 89 -30.27 19.92 4.93
C ARG I 89 -31.04 21.10 4.35
N VAL I 90 -31.39 22.05 5.20
CA VAL I 90 -32.27 23.13 4.77
C VAL I 90 -31.59 24.46 5.06
N ASP I 91 -31.96 25.46 4.27
CA ASP I 91 -31.43 26.80 4.43
C ASP I 91 -32.36 27.66 5.25
N THR I 92 -31.79 28.71 5.86
CA THR I 92 -32.50 29.61 6.74
C THR I 92 -33.18 30.75 6.01
N VAL I 93 -33.02 30.82 4.68
CA VAL I 93 -33.70 31.84 3.90
C VAL I 93 -34.90 31.25 3.20
N LYS I 94 -36.01 31.99 3.21
CA LYS I 94 -37.28 31.49 2.69
C LYS I 94 -37.20 31.34 1.17
N ASN I 95 -37.58 30.17 0.67
CA ASN I 95 -37.71 29.96 -0.75
C ASN I 95 -38.82 30.84 -1.32
N GLU I 96 -38.82 31.00 -2.63
CA GLU I 96 -39.78 31.86 -3.29
C GLU I 96 -41.11 31.19 -3.62
N ASN I 97 -41.21 29.87 -3.45
CA ASN I 97 -42.52 29.23 -3.52
C ASN I 97 -42.71 28.26 -2.36
N ASP I 98 -41.65 27.57 -1.96
CA ASP I 98 -41.64 26.81 -0.72
C ASP I 98 -41.38 27.79 0.43
N LYS I 99 -41.48 27.29 1.66
CA LYS I 99 -41.10 28.09 2.82
C LYS I 99 -39.58 28.25 2.88
N TYR I 100 -38.86 27.16 2.62
CA TYR I 100 -37.42 27.14 2.61
C TYR I 100 -36.99 26.12 1.57
N ASP I 101 -35.68 26.06 1.30
CA ASP I 101 -35.15 25.09 0.35
C ASP I 101 -34.22 24.13 1.08
N ALA I 102 -34.13 22.92 0.54
CA ALA I 102 -33.57 21.81 1.28
C ALA I 102 -32.85 20.86 0.34
N GLN I 103 -31.90 20.12 0.92
CA GLN I 103 -31.42 18.85 0.36
C GLN I 103 -31.61 17.80 1.45
N PHE I 104 -32.13 16.65 1.06
CA PHE I 104 -32.69 15.68 1.99
C PHE I 104 -32.09 14.31 1.75
N GLY I 105 -32.09 13.47 2.79
CA GLY I 105 -31.72 12.08 2.59
C GLY I 105 -31.94 11.25 3.82
N PHE I 106 -32.10 9.96 3.60
CA PHE I 106 -32.07 8.97 4.68
C PHE I 106 -30.62 8.64 4.96
N ALA I 107 -30.17 8.93 6.18
CA ALA I 107 -28.76 8.87 6.52
C ALA I 107 -28.52 7.98 7.73
N TYR I 108 -27.38 7.30 7.70
CA TYR I 108 -27.02 6.29 8.69
C TYR I 108 -25.70 6.71 9.32
N ILE I 109 -25.71 6.97 10.62
CA ILE I 109 -24.50 7.37 11.33
C ILE I 109 -23.55 6.19 11.39
N GLU I 110 -22.52 6.20 10.53
CA GLU I 110 -21.54 5.13 10.55
C GLU I 110 -20.30 5.46 11.37
N SER I 111 -20.09 6.72 11.75
CA SER I 111 -18.98 7.06 12.63
C SER I 111 -19.47 8.07 13.67
N ARG I 112 -19.04 7.86 14.91
CA ARG I 112 -19.34 8.75 16.03
C ARG I 112 -18.02 8.88 16.78
N GLU I 113 -17.36 10.02 16.56
CA GLU I 113 -16.06 10.32 17.14
C GLU I 113 -16.22 11.57 18.00
N TYR I 114 -15.97 11.45 19.29
CA TYR I 114 -16.03 12.59 20.18
C TYR I 114 -14.71 12.81 20.89
N SER I 115 -14.32 14.07 20.98
CA SER I 115 -13.11 14.46 21.67
C SER I 115 -13.47 15.21 22.95
N ASP I 116 -12.71 14.92 24.00
CA ASP I 116 -12.68 15.67 25.25
C ASP I 116 -11.37 16.45 25.25
N GLY I 117 -11.47 17.77 25.24
CA GLY I 117 -10.30 18.62 25.35
C GLY I 117 -10.15 19.16 26.75
N VAL I 118 -9.05 19.88 26.97
CA VAL I 118 -8.78 20.52 28.25
C VAL I 118 -9.84 21.58 28.57
N GLU I 119 -10.19 22.41 27.59
CA GLU I 119 -11.34 23.28 27.74
C GLU I 119 -12.34 23.14 26.61
N GLY I 120 -13.64 23.21 26.90
CA GLY I 120 -14.62 23.36 25.86
C GLY I 120 -15.57 22.19 25.90
N ALA I 121 -16.77 22.35 25.35
CA ALA I 121 -17.78 21.30 25.40
C ALA I 121 -17.36 20.11 24.54
N VAL I 122 -17.92 18.95 24.87
CA VAL I 122 -17.47 17.69 24.28
C VAL I 122 -17.59 17.76 22.76
N GLU I 123 -16.46 17.54 22.08
CA GLU I 123 -16.44 17.67 20.62
C GLU I 123 -17.10 16.46 19.99
N ILE I 124 -18.27 16.69 19.39
CA ILE I 124 -19.02 15.63 18.75
C ILE I 124 -18.95 15.80 17.25
N SER I 125 -18.28 14.87 16.58
CA SER I 125 -18.31 14.75 15.13
C SER I 125 -18.88 13.40 14.78
N ILE I 126 -19.95 13.38 13.99
CA ILE I 126 -20.56 12.14 13.53
C ILE I 126 -20.46 12.08 12.01
N SER I 127 -20.01 10.92 11.52
CA SER I 127 -19.82 10.68 10.10
C SER I 127 -20.85 9.69 9.60
N LEU I 128 -21.35 9.94 8.39
CA LEU I 128 -22.45 9.19 7.81
C LEU I 128 -22.29 9.11 6.31
N GLN I 129 -22.81 8.04 5.73
CA GLN I 129 -22.98 7.93 4.29
C GLN I 129 -24.47 7.90 4.01
N VAL I 130 -24.87 8.48 2.88
CA VAL I 130 -26.27 8.42 2.48
C VAL I 130 -26.31 8.08 1.00
N ILE I 131 -27.31 7.30 0.60
CA ILE I 131 -27.37 6.79 -0.77
C ILE I 131 -27.33 7.95 -1.76
N GLY I 132 -28.21 8.92 -1.58
CA GLY I 132 -28.24 10.08 -2.44
C GLY I 132 -28.86 11.27 -1.75
N GLU I 133 -28.40 12.47 -2.10
CA GLU I 133 -29.01 13.69 -1.60
C GLU I 133 -29.99 14.26 -2.62
N LEU I 134 -31.25 14.36 -2.21
CA LEU I 134 -32.32 14.78 -3.11
C LEU I 134 -32.55 16.26 -2.89
N LYS I 135 -32.54 17.02 -3.98
CA LYS I 135 -32.71 18.48 -3.92
C LYS I 135 -34.19 18.80 -3.93
N ASN I 136 -34.63 19.65 -3.01
CA ASN I 136 -36.01 20.10 -2.94
C ASN I 136 -36.09 21.37 -2.10
N GLY I 137 -37.31 21.77 -1.76
CA GLY I 137 -37.47 22.84 -0.79
C GLY I 137 -38.27 22.37 0.41
N GLU I 138 -37.99 22.98 1.56
CA GLU I 138 -38.60 22.56 2.81
C GLU I 138 -39.73 23.50 3.16
N ILE I 139 -40.67 23.01 3.97
CA ILE I 139 -41.84 23.80 4.32
C ILE I 139 -41.81 24.22 5.78
N ASP I 140 -42.09 23.30 6.70
CA ASP I 140 -42.14 23.65 8.11
C ASP I 140 -40.87 23.20 8.83
N THR I 141 -39.92 24.12 8.95
CA THR I 141 -38.70 23.87 9.70
C THR I 141 -38.80 24.36 11.14
N LEU I 142 -40.02 24.51 11.68
CA LEU I 142 -40.32 25.10 12.99
C LEU I 142 -39.65 26.46 13.10
N PRO I 143 -39.93 27.39 12.16
CA PRO I 143 -39.04 28.54 11.93
C PRO I 143 -38.99 29.57 13.04
N GLU I 144 -39.93 29.46 13.97
CA GLU I 144 -39.95 30.23 15.19
C GLU I 144 -38.64 30.10 15.95
N GLU I 145 -38.21 28.87 16.24
CA GLU I 145 -37.06 28.65 17.08
C GLU I 145 -35.83 28.16 16.32
N ILE I 146 -36.00 27.42 15.23
CA ILE I 146 -34.89 26.90 14.44
C ILE I 146 -34.31 27.98 13.53
N VAL I 147 -35.17 28.67 12.79
CA VAL I 147 -34.72 29.67 11.83
C VAL I 147 -34.09 30.82 12.61
N ASN I 148 -34.72 31.17 13.74
CA ASN I 148 -34.25 32.29 14.55
C ASN I 148 -33.51 31.81 15.79
N VAL I 149 -32.22 32.12 15.89
CA VAL I 149 -31.50 31.87 17.13
C VAL I 149 -31.09 33.22 17.72
N SER I 150 -31.51 33.47 18.96
CA SER I 150 -31.31 34.78 19.57
C SER I 150 -30.97 34.69 21.05
N LYS I 151 -30.02 35.51 21.51
CA LYS I 151 -29.72 35.55 22.94
C LYS I 151 -30.91 35.88 23.82
N GLY I 152 -31.75 36.84 23.42
CA GLY I 152 -32.87 37.27 24.24
C GLY I 152 -33.04 38.77 24.29
N GLY I 153 -34.29 39.23 24.27
CA GLY I 153 -34.60 40.65 24.23
C GLY I 153 -35.54 41.04 25.37
N TYR I 154 -35.00 41.03 26.58
CA TYR I 154 -35.70 41.43 27.79
C TYR I 154 -35.14 42.75 28.27
N ASP I 155 -35.73 43.86 27.80
CA ASP I 155 -35.04 45.15 27.78
C ASP I 155 -34.81 45.78 29.16
N PHE I 156 -35.84 45.81 30.02
CA PHE I 156 -35.81 46.13 31.45
C PHE I 156 -36.59 45.06 32.21
N GLN I 157 -35.89 44.41 33.14
CA GLN I 157 -36.51 43.79 34.32
C GLN I 157 -35.91 44.51 35.52
N GLN I 158 -35.86 45.85 35.48
CA GLN I 158 -35.05 46.57 36.46
C GLN I 158 -35.61 46.51 37.89
N PRO I 159 -36.93 46.45 38.15
CA PRO I 159 -37.34 46.20 39.54
C PRO I 159 -37.33 44.73 39.92
N GLY I 160 -36.98 43.83 39.02
CA GLY I 160 -37.13 42.41 39.28
C GLY I 160 -36.89 41.43 38.16
N GLN I 161 -35.64 41.22 37.74
CA GLN I 161 -35.39 40.21 36.71
C GLN I 161 -35.58 38.80 37.27
N THR I 162 -35.06 38.56 38.48
CA THR I 162 -35.19 37.31 39.24
C THR I 162 -34.77 36.09 38.43
N THR I 163 -33.60 36.18 37.80
CA THR I 163 -33.26 35.20 36.78
C THR I 163 -31.90 34.59 37.13
N GLY I 164 -31.65 33.39 36.59
CA GLY I 164 -30.35 32.75 36.69
C GLY I 164 -29.43 33.18 35.58
N GLU I 165 -28.49 32.30 35.22
CA GLU I 165 -27.50 32.63 34.19
C GLU I 165 -28.16 32.90 32.85
N ALA I 166 -29.14 32.08 32.47
CA ALA I 166 -29.85 32.19 31.21
C ALA I 166 -31.00 33.18 31.34
N PRO I 167 -31.06 34.19 30.49
CA PRO I 167 -31.77 35.42 30.83
C PRO I 167 -33.28 35.32 30.63
N GLY I 168 -34.01 36.01 31.49
CA GLY I 168 -35.41 36.29 31.29
C GLY I 168 -36.40 35.27 31.80
N THR I 169 -35.94 34.27 32.56
CA THR I 169 -36.85 33.38 33.24
C THR I 169 -37.07 33.86 34.67
N VAL I 170 -38.34 34.11 34.99
CA VAL I 170 -38.76 34.55 36.31
C VAL I 170 -39.46 33.38 37.00
N PRO I 171 -38.93 32.87 38.14
CA PRO I 171 -39.61 31.75 38.81
C PRO I 171 -40.95 32.15 39.39
N ALA I 172 -41.76 31.15 39.70
CA ALA I 172 -43.17 31.30 40.11
C ALA I 172 -44.07 31.71 38.95
N PRO J 1 1.16 40.38 -17.34
CA PRO J 1 0.94 39.06 -17.95
C PRO J 1 -0.51 38.59 -17.82
N ILE J 2 -0.83 37.92 -16.72
CA ILE J 2 -2.17 37.43 -16.44
C ILE J 2 -2.56 37.91 -15.05
N MET J 3 -3.86 37.90 -14.77
CA MET J 3 -4.39 38.38 -13.52
C MET J 3 -5.18 37.29 -12.81
N GLY J 4 -5.26 37.40 -11.48
CA GLY J 4 -6.06 36.49 -10.68
C GLY J 4 -7.54 36.52 -10.97
N GLN J 5 -8.01 37.58 -11.63
CA GLN J 5 -9.38 37.65 -12.12
C GLN J 5 -9.48 37.40 -13.62
N ASP J 6 -8.33 37.25 -14.29
CA ASP J 6 -8.29 37.17 -15.75
C ASP J 6 -8.96 35.93 -16.32
N VAL J 7 -8.62 34.73 -15.85
CA VAL J 7 -9.20 33.49 -16.38
C VAL J 7 -10.54 33.27 -15.71
N LYS J 8 -11.61 33.17 -16.49
CA LYS J 8 -12.92 32.87 -15.94
C LYS J 8 -13.52 31.66 -16.63
N TYR J 9 -14.30 30.91 -15.85
CA TYR J 9 -14.71 29.54 -16.21
C TYR J 9 -16.20 29.54 -16.50
N LEU J 10 -16.55 29.46 -17.77
CA LEU J 10 -17.96 29.34 -18.16
C LEU J 10 -18.33 27.86 -18.24
N PHE J 11 -19.51 27.52 -17.71
CA PHE J 11 -20.04 26.18 -17.78
C PHE J 11 -21.44 26.20 -18.38
N GLN J 12 -21.57 25.58 -19.55
CA GLN J 12 -22.89 25.36 -20.13
C GLN J 12 -23.16 23.86 -20.18
N SER J 13 -24.39 23.49 -19.82
CA SER J 13 -24.81 22.10 -19.83
C SER J 13 -25.22 21.66 -21.23
N ILE J 14 -24.99 20.38 -21.52
CA ILE J 14 -25.34 19.83 -22.82
C ILE J 14 -26.84 19.91 -23.09
N ASP J 15 -27.66 19.63 -22.08
CA ASP J 15 -29.10 19.50 -22.28
C ASP J 15 -29.77 20.83 -22.61
N ALA J 16 -29.13 21.95 -22.29
CA ALA J 16 -29.79 23.24 -22.49
C ALA J 16 -30.00 23.54 -23.97
N ALA J 17 -28.98 23.23 -24.80
CA ALA J 17 -28.93 23.57 -26.23
C ALA J 17 -29.28 25.03 -26.48
N THR J 18 -28.52 25.93 -25.85
CA THR J 18 -28.71 27.37 -25.97
C THR J 18 -27.34 28.04 -26.11
N GLY J 19 -27.35 29.36 -26.23
CA GLY J 19 -26.12 30.12 -26.39
C GLY J 19 -25.96 31.22 -25.35
N SER J 20 -26.61 31.07 -24.21
CA SER J 20 -26.54 32.11 -23.17
C SER J 20 -25.18 32.14 -22.50
N ALA J 21 -24.52 30.97 -22.42
CA ALA J 21 -23.27 30.72 -21.72
C ALA J 21 -23.25 31.31 -20.31
N PRO J 22 -23.93 30.68 -19.33
CA PRO J 22 -23.89 31.23 -17.96
C PRO J 22 -22.51 31.09 -17.32
N LEU J 23 -22.16 32.05 -16.48
CA LEU J 23 -21.00 31.91 -15.62
C LEU J 23 -21.39 32.26 -14.19
N PHE J 24 -20.71 31.63 -13.25
CA PHE J 24 -21.25 31.73 -11.92
C PHE J 24 -20.38 32.64 -11.05
N PRO J 25 -20.96 33.56 -10.30
CA PRO J 25 -20.14 34.44 -9.45
C PRO J 25 -19.62 33.72 -8.21
N ALA J 26 -18.95 34.51 -7.36
CA ALA J 26 -18.35 34.07 -6.09
C ALA J 26 -17.32 32.96 -6.32
N TYR J 27 -16.58 33.09 -7.41
CA TYR J 27 -15.46 32.19 -7.68
C TYR J 27 -14.29 32.47 -6.75
N GLN J 28 -13.73 31.40 -6.21
CA GLN J 28 -12.59 31.45 -5.32
C GLN J 28 -11.40 31.02 -6.18
N THR J 29 -11.08 29.73 -6.19
CA THR J 29 -9.96 29.24 -6.97
C THR J 29 -10.33 27.98 -7.74
N ASP J 30 -9.42 27.60 -8.64
CA ASP J 30 -9.69 26.66 -9.69
C ASP J 30 -8.38 26.07 -10.15
N GLY J 31 -8.11 24.85 -9.70
CA GLY J 31 -6.99 24.11 -10.23
C GLY J 31 -7.40 23.27 -11.41
N SER J 32 -6.57 23.28 -12.45
CA SER J 32 -6.76 22.42 -13.62
C SER J 32 -5.38 21.83 -13.89
N VAL J 33 -5.29 20.51 -13.81
CA VAL J 33 -4.02 19.81 -13.90
C VAL J 33 -4.16 18.68 -14.93
N SER J 34 -3.09 18.43 -15.67
CA SER J 34 -3.12 17.60 -16.87
C SER J 34 -1.98 16.60 -16.77
N GLY J 35 -2.31 15.32 -16.96
CA GLY J 35 -1.30 14.28 -16.85
C GLY J 35 -1.12 13.49 -18.13
N GLU J 36 0.06 13.59 -18.73
CA GLU J 36 0.38 12.91 -19.98
C GLU J 36 1.08 11.60 -19.64
N ARG J 37 0.55 10.50 -20.14
CA ARG J 37 1.05 9.17 -19.79
C ARG J 37 2.45 8.97 -20.35
N GLU J 38 3.35 8.48 -19.52
CA GLU J 38 4.79 8.47 -19.80
C GLU J 38 5.37 7.13 -19.34
N LEU J 39 6.17 6.53 -20.21
CA LEU J 39 6.80 5.25 -19.96
C LEU J 39 8.26 5.44 -19.58
N PHE J 40 8.61 4.95 -18.38
CA PHE J 40 10.00 4.89 -17.95
C PHE J 40 10.36 3.50 -17.46
N ASP J 41 10.85 2.66 -18.37
CA ASP J 41 11.71 1.53 -18.06
C ASP J 41 13.10 1.82 -18.62
N GLU J 42 14.06 0.98 -18.26
CA GLU J 42 15.41 1.09 -18.79
C GLU J 42 15.53 0.68 -20.24
N GLN J 43 14.94 -0.48 -20.60
CA GLN J 43 15.07 -1.13 -21.92
C GLN J 43 16.53 -1.42 -22.27
N THR J 44 17.32 -1.83 -21.26
CA THR J 44 18.78 -1.85 -21.29
C THR J 44 19.36 -0.59 -21.94
N LYS J 45 18.80 0.56 -21.56
CA LYS J 45 19.19 1.85 -22.12
C LYS J 45 19.20 2.93 -21.04
N ASN J 46 19.20 4.20 -21.47
CA ASN J 46 19.15 5.32 -20.54
C ASN J 46 17.73 5.60 -20.02
N GLY J 47 16.82 4.66 -20.19
CA GLY J 47 15.44 4.84 -19.75
C GLY J 47 14.61 5.51 -20.83
N ARG J 48 13.29 5.50 -20.64
CA ARG J 48 12.38 6.09 -21.60
C ARG J 48 11.74 7.32 -20.94
N ILE J 49 11.91 8.48 -21.57
CA ILE J 49 11.33 9.72 -21.07
C ILE J 49 10.53 10.39 -22.17
N LEU J 50 11.03 10.35 -23.41
CA LEU J 50 10.31 10.88 -24.55
C LEU J 50 8.99 10.16 -24.78
N GLY J 51 8.81 8.98 -24.19
CA GLY J 51 7.70 8.11 -24.48
C GLY J 51 6.35 8.71 -24.15
N PRO J 52 5.60 9.12 -25.19
CA PRO J 52 4.33 9.79 -24.96
C PRO J 52 3.20 8.86 -24.55
N GLY J 53 2.03 9.44 -24.31
CA GLY J 53 0.86 8.69 -23.91
C GLY J 53 -0.35 9.58 -23.95
N SER J 54 -1.42 9.12 -23.29
CA SER J 54 -2.66 9.89 -23.25
C SER J 54 -2.63 10.86 -22.07
N VAL J 55 -3.38 11.95 -22.21
CA VAL J 55 -3.44 13.00 -21.21
C VAL J 55 -4.74 12.88 -20.43
N ALA J 56 -4.62 12.92 -19.10
CA ALA J 56 -5.76 12.93 -18.21
C ALA J 56 -5.88 14.32 -17.61
N ASP J 57 -6.93 15.04 -18.00
CA ASP J 57 -7.07 16.45 -17.66
C ASP J 57 -8.06 16.57 -16.52
N SER J 58 -7.54 16.87 -15.34
CA SER J 58 -8.32 16.99 -14.12
C SER J 58 -8.61 18.46 -13.82
N GLY J 59 -9.79 18.69 -13.28
CA GLY J 59 -10.18 20.03 -12.87
C GLY J 59 -10.92 20.03 -11.56
N GLU J 60 -10.73 21.08 -10.77
CA GLU J 60 -11.46 21.26 -9.53
C GLU J 60 -11.84 22.74 -9.42
N VAL J 61 -13.11 23.01 -9.19
CA VAL J 61 -13.62 24.37 -9.12
C VAL J 61 -14.13 24.63 -7.71
N THR J 62 -13.60 25.65 -7.05
CA THR J 62 -14.10 26.03 -5.75
C THR J 62 -14.75 27.41 -5.83
N TYR J 63 -15.87 27.57 -5.12
CA TYR J 63 -16.54 28.86 -5.04
C TYR J 63 -17.48 28.86 -3.84
N TYR J 64 -17.88 30.06 -3.41
CA TYR J 64 -18.86 30.23 -2.33
C TYR J 64 -20.26 30.11 -2.92
N GLY J 65 -21.14 29.40 -2.21
CA GLY J 65 -22.46 29.15 -2.72
C GLY J 65 -23.42 30.33 -2.65
N LYS J 66 -24.26 30.48 -3.66
CA LYS J 66 -25.29 31.50 -3.66
C LYS J 66 -26.66 30.83 -3.55
N ARG J 67 -27.63 31.57 -3.00
CA ARG J 67 -28.95 31.02 -2.70
C ARG J 67 -29.61 30.34 -3.89
N GLY J 68 -29.76 31.03 -5.02
CA GLY J 68 -30.31 30.43 -6.22
C GLY J 68 -29.24 30.32 -7.29
N ASP J 69 -29.47 31.04 -8.40
CA ASP J 69 -28.49 31.27 -9.48
C ASP J 69 -28.22 29.97 -10.26
N ALA J 70 -28.49 30.05 -11.56
CA ALA J 70 -28.80 28.91 -12.42
C ALA J 70 -27.63 28.16 -13.06
N GLY J 71 -26.46 28.80 -13.18
CA GLY J 71 -25.26 28.05 -13.54
C GLY J 71 -24.88 27.01 -12.50
N GLN J 72 -24.82 27.41 -11.23
CA GLN J 72 -24.65 26.44 -10.16
C GLN J 72 -25.85 25.49 -10.07
N LYS J 73 -27.07 25.98 -10.30
CA LYS J 73 -28.20 25.08 -10.40
C LYS J 73 -28.09 24.15 -11.60
N ALA J 74 -27.56 24.64 -12.72
CA ALA J 74 -27.21 23.74 -13.80
C ALA J 74 -26.14 22.76 -13.36
N ILE J 75 -25.10 23.26 -12.68
CA ILE J 75 -24.10 22.38 -12.07
C ILE J 75 -24.77 21.35 -11.16
N GLU J 76 -25.75 21.78 -10.38
CA GLU J 76 -26.41 20.88 -9.45
C GLU J 76 -27.26 19.84 -10.16
N ASP J 77 -28.10 20.26 -11.11
CA ASP J 77 -28.77 19.28 -11.98
C ASP J 77 -27.77 18.46 -12.77
N ALA J 78 -26.66 19.08 -13.18
CA ALA J 78 -25.62 18.29 -13.86
C ALA J 78 -25.13 17.16 -12.97
N TYR J 79 -24.70 17.46 -11.74
CA TYR J 79 -24.10 16.43 -10.90
C TYR J 79 -25.14 15.48 -10.33
N GLN J 80 -26.22 16.05 -9.78
CA GLN J 80 -27.15 15.27 -8.96
C GLN J 80 -27.83 14.17 -9.75
N ASN J 81 -28.43 14.51 -10.90
CA ASN J 81 -28.95 13.48 -11.79
C ASN J 81 -27.85 12.93 -12.69
N GLY J 82 -26.99 13.80 -13.19
CA GLY J 82 -25.89 13.40 -14.03
C GLY J 82 -26.03 13.88 -15.46
N LYS J 83 -25.29 14.93 -15.81
CA LYS J 83 -25.29 15.54 -17.14
C LYS J 83 -23.84 15.90 -17.46
N GLN J 84 -23.47 15.79 -18.73
CA GLN J 84 -22.22 16.31 -19.24
C GLN J 84 -22.27 17.84 -19.18
N ILE J 85 -21.13 18.45 -18.86
CA ILE J 85 -21.07 19.91 -18.78
C ILE J 85 -20.06 20.44 -19.80
N LYS J 86 -20.50 21.41 -20.58
CA LYS J 86 -19.65 22.06 -21.56
C LYS J 86 -18.88 23.17 -20.87
N PHE J 87 -17.56 22.99 -20.77
CA PHE J 87 -16.68 23.76 -19.91
C PHE J 87 -15.81 24.68 -20.74
N TRP J 88 -15.88 25.98 -20.45
CA TRP J 88 -15.14 27.03 -21.15
C TRP J 88 -14.18 27.67 -20.15
N ARG J 89 -12.89 27.65 -20.47
CA ARG J 89 -11.89 28.39 -19.68
C ARG J 89 -11.40 29.55 -20.53
N VAL J 90 -11.89 30.75 -20.22
CA VAL J 90 -11.60 31.90 -21.05
C VAL J 90 -11.01 33.00 -20.20
N ASP J 91 -10.21 33.84 -20.84
CA ASP J 91 -9.58 34.96 -20.18
C ASP J 91 -10.39 36.24 -20.38
N THR J 92 -10.19 37.18 -19.46
CA THR J 92 -10.93 38.43 -19.44
C THR J 92 -10.27 39.51 -20.29
N VAL J 93 -9.12 39.21 -20.89
CA VAL J 93 -8.47 40.17 -21.79
C VAL J 93 -8.76 39.79 -23.24
N LYS J 94 -9.05 40.80 -24.06
CA LYS J 94 -9.46 40.58 -25.44
C LYS J 94 -8.28 40.05 -26.25
N ASN J 95 -8.52 38.96 -26.98
CA ASN J 95 -7.54 38.45 -27.92
C ASN J 95 -7.33 39.46 -29.04
N GLU J 96 -6.24 39.28 -29.79
CA GLU J 96 -5.90 40.21 -30.86
C GLU J 96 -6.56 39.89 -32.20
N ASN J 97 -7.22 38.74 -32.32
CA ASN J 97 -8.05 38.51 -33.49
C ASN J 97 -9.41 37.94 -33.08
N ASP J 98 -9.44 37.10 -32.07
CA ASP J 98 -10.68 36.69 -31.43
C ASP J 98 -11.10 37.79 -30.46
N LYS J 99 -12.29 37.67 -29.89
CA LYS J 99 -12.73 38.58 -28.84
C LYS J 99 -11.95 38.30 -27.55
N TYR J 100 -11.77 37.02 -27.23
CA TYR J 100 -11.04 36.57 -26.05
C TYR J 100 -10.38 35.25 -26.41
N ASP J 101 -9.54 34.76 -25.51
CA ASP J 101 -8.89 33.48 -25.72
C ASP J 101 -9.33 32.49 -24.65
N ALA J 102 -9.30 31.21 -25.01
CA ALA J 102 -10.01 30.20 -24.24
C ALA J 102 -9.25 28.89 -24.29
N GLN J 103 -9.48 28.07 -23.28
CA GLN J 103 -9.28 26.62 -23.35
C GLN J 103 -10.59 25.97 -22.99
N PHE J 104 -10.98 24.95 -23.75
CA PHE J 104 -12.34 24.45 -23.78
C PHE J 104 -12.35 22.94 -23.58
N GLY J 105 -13.46 22.42 -23.07
CA GLY J 105 -13.63 20.98 -23.03
C GLY J 105 -15.02 20.57 -22.59
N PHE J 106 -15.39 19.36 -22.99
CA PHE J 106 -16.57 18.70 -22.45
C PHE J 106 -16.18 18.04 -21.13
N ALA J 107 -16.82 18.47 -20.05
CA ALA J 107 -16.39 18.10 -18.71
C ALA J 107 -17.54 17.50 -17.92
N TYR J 108 -17.19 16.52 -17.09
CA TYR J 108 -18.15 15.73 -16.33
C TYR J 108 -17.82 15.88 -14.85
N ILE J 109 -18.75 16.44 -14.09
CA ILE J 109 -18.56 16.63 -12.66
C ILE J 109 -18.55 15.27 -11.97
N GLU J 110 -17.37 14.78 -11.63
CA GLU J 110 -17.26 13.51 -10.93
C GLU J 110 -17.17 13.65 -9.42
N SER J 111 -16.90 14.84 -8.89
CA SER J 111 -16.91 15.05 -7.45
C SER J 111 -17.59 16.38 -7.15
N ARG J 112 -18.44 16.36 -6.13
CA ARG J 112 -19.14 17.54 -5.63
C ARG J 112 -19.01 17.46 -4.11
N GLU J 113 -18.10 18.27 -3.58
CA GLU J 113 -17.79 18.31 -2.16
C GLU J 113 -18.09 19.72 -1.68
N TYR J 114 -19.02 19.85 -0.74
CA TYR J 114 -19.34 21.15 -0.16
C TYR J 114 -19.14 21.13 1.35
N SER J 115 -18.57 22.21 1.85
CA SER J 115 -18.35 22.39 3.27
C SER J 115 -19.26 23.50 3.79
N ASP J 116 -19.80 23.25 4.98
CA ASP J 116 -20.50 24.25 5.79
C ASP J 116 -19.56 24.58 6.94
N GLY J 117 -19.12 25.83 7.00
CA GLY J 117 -18.31 26.32 8.10
C GLY J 117 -19.14 27.10 9.09
N VAL J 118 -18.50 27.51 10.19
CA VAL J 118 -19.13 28.33 11.20
C VAL J 118 -19.53 29.69 10.63
N GLU J 119 -18.63 30.33 9.87
CA GLU J 119 -19.01 31.51 9.11
C GLU J 119 -18.68 31.39 7.64
N GLY J 120 -19.54 31.90 6.76
CA GLY J 120 -19.16 32.07 5.38
C GLY J 120 -20.10 31.27 4.50
N ALA J 121 -20.23 31.65 3.24
CA ALA J 121 -21.14 30.98 2.33
C ALA J 121 -20.69 29.55 2.06
N VAL J 122 -21.65 28.71 1.67
CA VAL J 122 -21.42 27.27 1.55
C VAL J 122 -20.26 27.00 0.61
N GLU J 123 -19.24 26.31 1.10
CA GLU J 123 -18.04 26.07 0.30
C GLU J 123 -18.32 24.99 -0.72
N ILE J 124 -18.35 25.39 -1.99
CA ILE J 124 -18.62 24.48 -3.08
C ILE J 124 -17.33 24.25 -3.86
N SER J 125 -16.81 23.04 -3.80
CA SER J 125 -15.74 22.59 -4.66
C SER J 125 -16.25 21.41 -5.49
N ILE J 126 -16.16 21.52 -6.80
CA ILE J 126 -16.57 20.43 -7.69
C ILE J 126 -15.34 19.98 -8.47
N SER J 127 -15.16 18.66 -8.52
CA SER J 127 -14.03 18.04 -9.20
C SER J 127 -14.52 17.30 -10.44
N LEU J 128 -13.73 17.39 -11.50
CA LEU J 128 -14.11 16.87 -12.81
C LEU J 128 -12.88 16.39 -13.55
N GLN J 129 -13.07 15.40 -14.42
CA GLN J 129 -12.06 15.00 -15.39
C GLN J 129 -12.60 15.34 -16.76
N VAL J 130 -11.73 15.73 -17.67
CA VAL J 130 -12.13 15.98 -19.05
C VAL J 130 -11.10 15.31 -19.96
N ILE J 131 -11.58 14.79 -21.09
CA ILE J 131 -10.71 14.00 -21.97
C ILE J 131 -9.50 14.83 -22.39
N GLY J 132 -9.74 16.03 -22.90
CA GLY J 132 -8.66 16.89 -23.29
C GLY J 132 -9.07 18.34 -23.27
N GLU J 133 -8.13 19.24 -22.97
CA GLU J 133 -8.40 20.66 -23.06
C GLU J 133 -7.88 21.23 -24.37
N LEU J 134 -8.80 21.78 -25.15
CA LEU J 134 -8.48 22.27 -26.48
C LEU J 134 -8.23 23.76 -26.39
N LYS J 135 -7.10 24.20 -26.93
CA LYS J 135 -6.71 25.61 -26.87
C LYS J 135 -7.33 26.34 -28.05
N ASN J 136 -7.96 27.48 -27.79
CA ASN J 136 -8.54 28.32 -28.83
C ASN J 136 -8.78 29.71 -28.29
N GLY J 137 -9.53 30.52 -29.03
CA GLY J 137 -9.98 31.79 -28.50
C GLY J 137 -11.50 31.88 -28.52
N GLU J 138 -12.02 32.64 -27.56
CA GLU J 138 -13.47 32.72 -27.39
C GLU J 138 -13.97 34.02 -28.01
N ILE J 139 -15.26 34.03 -28.36
CA ILE J 139 -15.83 35.18 -29.04
C ILE J 139 -16.80 35.91 -28.13
N ASP J 140 -18.01 35.36 -27.94
CA ASP J 140 -19.01 36.05 -27.13
C ASP J 140 -19.09 35.44 -25.73
N THR J 141 -18.37 36.04 -24.79
CA THR J 141 -18.45 35.64 -23.40
C THR J 141 -19.44 36.47 -22.59
N LEU J 142 -20.42 37.09 -23.26
CA LEU J 142 -21.39 38.03 -22.70
C LEU J 142 -20.65 39.13 -21.94
N PRO J 143 -19.71 39.85 -22.62
CA PRO J 143 -18.66 40.59 -21.90
C PRO J 143 -19.13 41.80 -21.12
N GLU J 144 -20.39 42.19 -21.37
CA GLU J 144 -21.07 43.22 -20.59
C GLU J 144 -21.04 42.91 -19.11
N GLU J 145 -21.51 41.71 -18.73
CA GLU J 145 -21.67 41.36 -17.33
C GLU J 145 -20.63 40.37 -16.82
N ILE J 146 -20.13 39.48 -17.66
CA ILE J 146 -19.14 38.48 -17.27
C ILE J 146 -17.74 39.10 -17.19
N VAL J 147 -17.34 39.79 -18.25
CA VAL J 147 -16.00 40.36 -18.33
C VAL J 147 -15.89 41.43 -17.24
N ASN J 148 -16.95 42.21 -17.07
CA ASN J 148 -16.95 43.31 -16.11
C ASN J 148 -17.72 42.96 -14.84
N VAL J 149 -17.04 42.89 -13.70
CA VAL J 149 -17.74 42.75 -12.44
C VAL J 149 -17.50 44.01 -11.62
N SER J 150 -18.59 44.68 -11.23
CA SER J 150 -18.50 45.98 -10.59
C SER J 150 -19.52 46.16 -9.47
N LYS J 151 -19.10 46.74 -8.34
CA LYS J 151 -20.06 47.04 -7.28
C LYS J 151 -21.22 47.91 -7.72
N GLY J 152 -20.99 48.95 -8.52
CA GLY J 152 -22.05 49.86 -8.91
C GLY J 152 -21.62 51.32 -8.88
N GLY J 153 -22.06 52.09 -9.85
CA GLY J 153 -21.69 53.49 -9.96
C GLY J 153 -22.89 54.40 -10.04
N TYR J 154 -23.58 54.53 -8.92
CA TYR J 154 -24.74 55.39 -8.75
C TYR J 154 -24.36 56.58 -7.87
N ASP J 155 -23.87 57.65 -8.51
CA ASP J 155 -23.05 58.65 -7.81
C ASP J 155 -23.78 59.49 -6.78
N PHE J 156 -24.97 60.03 -7.12
CA PHE J 156 -25.96 60.65 -6.25
C PHE J 156 -27.34 60.09 -6.57
N GLN J 157 -27.95 59.51 -5.53
CA GLN J 157 -29.41 59.39 -5.42
C GLN J 157 -29.80 60.18 -4.17
N GLN J 158 -29.24 61.39 -4.01
CA GLN J 158 -29.35 62.08 -2.72
C GLN J 158 -30.76 62.51 -2.35
N PRO J 159 -31.65 62.90 -3.30
CA PRO J 159 -33.04 63.13 -2.86
C PRO J 159 -33.88 61.86 -2.79
N GLY J 160 -33.31 60.70 -3.12
CA GLY J 160 -34.11 59.50 -3.23
C GLY J 160 -33.46 58.26 -3.79
N GLN J 161 -32.59 57.59 -3.03
CA GLN J 161 -32.02 56.33 -3.52
C GLN J 161 -33.07 55.22 -3.50
N THR J 162 -33.84 55.14 -2.42
CA THR J 162 -34.96 54.20 -2.22
C THR J 162 -34.55 52.76 -2.48
N THR J 163 -33.44 52.35 -1.88
CA THR J 163 -32.82 51.09 -2.27
C THR J 163 -32.63 50.22 -1.05
N GLY J 164 -32.53 48.91 -1.27
CA GLY J 164 -32.17 47.97 -0.23
C GLY J 164 -30.68 47.81 -0.06
N GLU J 165 -30.24 46.64 0.40
CA GLU J 165 -28.82 46.42 0.65
C GLU J 165 -28.00 46.53 -0.63
N ALA J 166 -28.50 45.97 -1.73
CA ALA J 166 -27.81 45.97 -3.01
C ALA J 166 -28.16 47.25 -3.76
N PRO J 167 -27.15 48.00 -4.20
CA PRO J 167 -27.32 49.43 -4.46
C PRO J 167 -27.96 49.71 -5.81
N GLY J 168 -28.76 50.78 -5.82
CA GLY J 168 -29.20 51.41 -7.06
C GLY J 168 -30.47 50.87 -7.68
N THR J 169 -31.19 49.99 -6.98
CA THR J 169 -32.52 49.59 -7.42
C THR J 169 -33.57 50.45 -6.73
N VAL J 170 -34.37 51.13 -7.55
CA VAL J 170 -35.46 51.98 -7.10
C VAL J 170 -36.78 51.26 -7.39
N PRO J 171 -37.58 50.91 -6.37
CA PRO J 171 -38.86 50.23 -6.65
C PRO J 171 -39.84 51.13 -7.37
N ALA J 172 -40.86 50.52 -7.97
CA ALA J 172 -41.83 51.16 -8.85
C ALA J 172 -41.23 51.53 -10.21
N PRO K 1 28.77 32.87 -4.55
CA PRO K 1 28.67 31.56 -5.21
C PRO K 1 27.67 31.58 -6.37
N ILE K 2 26.41 31.30 -6.08
CA ILE K 2 25.34 31.32 -7.07
C ILE K 2 24.23 32.21 -6.55
N MET K 3 23.36 32.65 -7.45
CA MET K 3 22.27 33.55 -7.12
C MET K 3 20.92 32.93 -7.48
N GLY K 4 19.88 33.38 -6.78
CA GLY K 4 18.52 32.96 -7.07
C GLY K 4 18.03 33.35 -8.45
N GLN K 5 18.68 34.32 -9.10
CA GLN K 5 18.42 34.67 -10.48
C GLN K 5 19.46 34.10 -11.43
N ASP K 6 20.50 33.46 -10.90
CA ASP K 6 21.65 33.03 -11.70
C ASP K 6 21.32 31.94 -12.70
N VAL K 7 20.68 30.85 -12.30
CA VAL K 7 20.37 29.75 -13.21
C VAL K 7 19.08 30.08 -13.94
N LYS K 8 19.15 30.13 -15.27
CA LYS K 8 17.94 30.36 -16.06
C LYS K 8 17.74 29.25 -17.08
N TYR K 9 16.47 28.96 -17.35
CA TYR K 9 16.06 27.74 -18.04
C TYR K 9 15.54 28.11 -19.43
N LEU K 10 16.33 27.82 -20.45
CA LEU K 10 15.90 28.02 -21.83
C LEU K 10 15.24 26.75 -22.35
N PHE K 11 14.11 26.92 -23.04
CA PHE K 11 13.42 25.80 -23.66
C PHE K 11 13.20 26.09 -25.14
N GLN K 12 13.84 25.27 -25.98
CA GLN K 12 13.56 25.31 -27.41
C GLN K 12 12.92 24.00 -27.82
N SER K 13 11.89 24.10 -28.66
CA SER K 13 11.18 22.94 -29.16
C SER K 13 11.91 22.31 -30.34
N ILE K 14 11.80 20.99 -30.46
CA ILE K 14 12.46 20.27 -31.55
C ILE K 14 11.95 20.71 -32.91
N ASP K 15 10.64 20.94 -33.05
CA ASP K 15 10.04 21.19 -34.34
C ASP K 15 10.43 22.54 -34.92
N ALA K 16 10.91 23.47 -34.10
CA ALA K 16 11.20 24.81 -34.60
C ALA K 16 12.37 24.80 -35.59
N ALA K 17 13.41 24.02 -35.27
CA ALA K 17 14.69 23.97 -35.99
C ALA K 17 15.24 25.36 -36.26
N THR K 18 15.45 26.13 -35.18
CA THR K 18 15.98 27.48 -35.25
C THR K 18 17.00 27.67 -34.14
N GLY K 19 17.56 28.87 -34.07
CA GLY K 19 18.58 29.18 -33.08
C GLY K 19 18.25 30.39 -32.23
N SER K 20 16.96 30.73 -32.12
CA SER K 20 16.55 31.91 -31.37
C SER K 20 16.71 31.70 -29.86
N ALA K 21 16.56 30.44 -29.42
CA ALA K 21 16.55 30.01 -28.02
C ALA K 21 15.66 30.89 -27.15
N PRO K 22 14.32 30.75 -27.21
CA PRO K 22 13.46 31.56 -26.34
C PRO K 22 13.59 31.20 -24.88
N LEU K 23 13.45 32.17 -24.00
CA LEU K 23 13.31 31.90 -22.58
C LEU K 23 12.12 32.67 -22.04
N PHE K 24 11.49 32.12 -21.02
CA PHE K 24 10.20 32.69 -20.69
C PHE K 24 10.28 33.49 -19.39
N PRO K 25 9.73 34.70 -19.34
CA PRO K 25 9.78 35.47 -18.09
C PRO K 25 8.81 34.95 -17.04
N ALA K 26 8.76 35.68 -15.92
CA ALA K 26 7.90 35.40 -14.77
C ALA K 26 8.19 34.03 -14.17
N TYR K 27 9.47 33.66 -14.17
CA TYR K 27 9.91 32.43 -13.53
C TYR K 27 9.87 32.58 -12.01
N GLN K 28 9.34 31.55 -11.36
CA GLN K 28 9.22 31.49 -9.92
C GLN K 28 10.34 30.53 -9.49
N THR K 29 10.05 29.23 -9.38
CA THR K 29 11.04 28.27 -8.95
C THR K 29 11.01 27.03 -9.84
N ASP K 30 12.03 26.20 -9.65
CA ASP K 30 12.38 25.15 -10.58
C ASP K 30 13.19 24.11 -9.83
N GLY K 31 12.54 23.01 -9.48
CA GLY K 31 13.25 21.87 -8.96
C GLY K 31 13.67 20.94 -10.06
N SER K 32 14.90 20.46 -9.97
CA SER K 32 15.43 19.43 -10.88
C SER K 32 16.10 18.42 -9.97
N VAL K 33 15.62 17.18 -10.01
CA VAL K 33 16.07 16.14 -9.10
C VAL K 33 16.40 14.90 -9.93
N SER K 34 17.42 14.18 -9.50
CA SER K 34 18.06 13.13 -10.29
C SER K 34 18.19 11.89 -9.42
N GLY K 35 17.71 10.76 -9.93
CA GLY K 35 17.76 9.53 -9.17
C GLY K 35 18.57 8.44 -9.84
N GLU K 36 19.67 8.05 -9.20
CA GLU K 36 20.57 7.03 -9.73
C GLU K 36 20.17 5.69 -9.11
N ARG K 37 19.91 4.70 -9.95
CA ARG K 37 19.40 3.41 -9.48
C ARG K 37 20.47 2.68 -8.69
N GLU K 38 20.09 2.16 -7.53
CA GLU K 38 21.03 1.66 -6.54
C GLU K 38 20.48 0.37 -5.95
N LEU K 39 21.35 -0.63 -5.85
CA LEU K 39 21.00 -1.95 -5.33
C LEU K 39 21.50 -2.11 -3.90
N PHE K 40 20.56 -2.37 -2.99
CA PHE K 40 20.89 -2.74 -1.61
C PHE K 40 20.18 -4.00 -1.20
N ASP K 41 20.83 -5.13 -1.42
CA ASP K 41 20.61 -6.37 -0.66
C ASP K 41 21.85 -6.64 0.19
N GLU K 42 21.74 -7.61 1.08
CA GLU K 42 22.87 -8.04 1.90
C GLU K 42 23.93 -8.79 1.11
N GLN K 43 23.50 -9.78 0.31
CA GLN K 43 24.36 -10.73 -0.41
C GLN K 43 25.27 -11.51 0.55
N THR K 44 24.73 -11.88 1.71
CA THR K 44 25.47 -12.33 2.90
C THR K 44 26.73 -11.49 3.13
N LYS K 45 26.57 -10.17 3.03
CA LYS K 45 27.67 -9.23 3.17
C LYS K 45 27.21 -7.97 3.90
N ASN K 46 28.00 -6.90 3.81
CA ASN K 46 27.64 -5.62 4.42
C ASN K 46 26.64 -4.83 3.59
N GLY K 47 25.96 -5.47 2.64
CA GLY K 47 25.00 -4.79 1.79
C GLY K 47 25.68 -4.19 0.58
N ARG K 48 24.86 -3.77 -0.39
CA ARG K 48 25.38 -3.18 -1.62
C ARG K 48 24.98 -1.71 -1.62
N ILE K 49 25.98 -0.83 -1.72
CA ILE K 49 25.75 0.61 -1.76
C ILE K 49 26.45 1.21 -2.98
N LEU K 50 27.66 0.72 -3.28
CA LEU K 50 28.40 1.15 -4.45
C LEU K 50 27.66 0.82 -5.74
N GLY K 51 26.67 -0.08 -5.69
CA GLY K 51 26.04 -0.63 -6.85
C GLY K 51 25.33 0.39 -7.70
N PRO K 52 25.92 0.74 -8.85
CA PRO K 52 25.33 1.80 -9.69
C PRO K 52 24.12 1.36 -10.48
N GLY K 53 23.56 2.30 -11.23
CA GLY K 53 22.38 2.04 -12.04
C GLY K 53 22.13 3.21 -12.96
N SER K 54 20.91 3.25 -13.50
CA SER K 54 20.53 4.32 -14.39
C SER K 54 19.98 5.51 -13.60
N VAL K 55 20.10 6.70 -14.17
CA VAL K 55 19.66 7.93 -13.53
C VAL K 55 18.36 8.38 -14.16
N ALA K 56 17.38 8.70 -13.31
CA ALA K 56 16.10 9.26 -13.73
C ALA K 56 16.09 10.72 -13.33
N ASP K 57 16.13 11.60 -14.32
CA ASP K 57 16.29 13.03 -14.09
C ASP K 57 14.94 13.71 -14.24
N SER K 58 14.38 14.12 -13.11
CA SER K 58 13.08 14.74 -13.04
C SER K 58 13.23 16.25 -12.95
N GLY K 59 12.29 16.95 -13.57
CA GLY K 59 12.26 18.40 -13.51
C GLY K 59 10.85 18.93 -13.37
N GLU K 60 10.71 20.03 -12.65
CA GLU K 60 9.43 20.72 -12.52
C GLU K 60 9.70 22.20 -12.61
N VAL K 61 8.97 22.90 -13.48
CA VAL K 61 9.15 24.32 -13.71
C VAL K 61 7.88 25.04 -13.29
N THR K 62 7.99 25.98 -12.37
CA THR K 62 6.86 26.81 -12.00
C THR K 62 7.09 28.24 -12.42
N TYR K 63 6.03 28.89 -12.92
CA TYR K 63 6.10 30.30 -13.28
C TYR K 63 4.68 30.87 -13.35
N TYR K 64 4.56 32.19 -13.30
CA TYR K 64 3.30 32.90 -13.48
C TYR K 64 3.02 33.06 -14.96
N GLY K 65 1.77 32.82 -15.35
CA GLY K 65 1.41 32.85 -16.76
C GLY K 65 1.31 34.23 -17.35
N LYS K 66 1.74 34.37 -18.61
CA LYS K 66 1.58 35.63 -19.32
C LYS K 66 0.58 35.44 -20.46
N ARG K 67 -0.07 36.54 -20.87
CA ARG K 67 -1.17 36.49 -21.82
C ARG K 67 -0.80 35.77 -23.12
N GLY K 68 0.27 36.17 -23.79
CA GLY K 68 0.72 35.50 -25.00
C GLY K 68 2.06 34.83 -24.75
N ASP K 69 3.07 35.30 -25.48
CA ASP K 69 4.49 34.97 -25.27
C ASP K 69 4.77 33.50 -25.64
N ALA K 70 5.69 33.35 -26.59
CA ALA K 70 5.80 32.17 -27.46
C ALA K 70 6.62 30.98 -26.94
N GLY K 71 7.53 31.20 -25.99
CA GLY K 71 8.15 30.08 -25.30
C GLY K 71 7.14 29.24 -24.51
N GLN K 72 6.32 29.90 -23.70
CA GLN K 72 5.20 29.21 -23.07
C GLN K 72 4.19 28.71 -24.09
N LYS K 73 3.94 29.46 -25.17
CA LYS K 73 3.13 28.94 -26.25
C LYS K 73 3.79 27.76 -26.94
N ALA K 74 5.12 27.78 -27.09
CA ALA K 74 5.83 26.58 -27.51
C ALA K 74 5.66 25.46 -26.50
N ILE K 75 5.82 25.78 -25.21
CA ILE K 75 5.53 24.83 -24.15
C ILE K 75 4.10 24.29 -24.29
N GLU K 76 3.15 25.17 -24.60
CA GLU K 76 1.76 24.74 -24.71
C GLU K 76 1.53 23.86 -25.93
N ASP K 77 2.00 24.26 -27.10
CA ASP K 77 2.00 23.35 -28.25
C ASP K 77 2.83 22.11 -27.98
N ALA K 78 3.93 22.25 -27.23
CA ALA K 78 4.69 21.07 -26.86
C ALA K 78 3.83 20.08 -26.08
N TYR K 79 3.20 20.53 -24.99
CA TYR K 79 2.46 19.60 -24.14
C TYR K 79 1.15 19.16 -24.78
N GLN K 80 0.37 20.13 -25.28
CA GLN K 80 -1.02 19.87 -25.66
C GLN K 80 -1.13 18.87 -26.79
N ASN K 81 -0.40 19.09 -27.89
CA ASN K 81 -0.32 18.08 -28.94
C ASN K 81 0.73 17.03 -28.62
N GLY K 82 1.87 17.46 -28.10
CA GLY K 82 2.95 16.56 -27.72
C GLY K 82 4.18 16.71 -28.60
N LYS K 83 5.19 17.39 -28.07
CA LYS K 83 6.45 17.64 -28.75
C LYS K 83 7.56 17.47 -27.72
N GLN K 84 8.70 16.96 -28.16
CA GLN K 84 9.93 16.96 -27.36
C GLN K 84 10.40 18.39 -27.19
N ILE K 85 10.93 18.71 -26.02
CA ILE K 85 11.43 20.06 -25.77
C ILE K 85 12.92 20.01 -25.46
N LYS K 86 13.67 20.85 -26.17
CA LYS K 86 15.11 20.97 -25.94
C LYS K 86 15.35 21.94 -24.79
N PHE K 87 15.86 21.41 -23.68
CA PHE K 87 15.90 22.07 -22.40
C PHE K 87 17.33 22.47 -22.06
N TRP K 88 17.53 23.76 -21.80
CA TRP K 88 18.83 24.35 -21.48
C TRP K 88 18.76 24.91 -20.07
N ARG K 89 19.63 24.43 -19.18
CA ARG K 89 19.77 25.01 -17.84
C ARG K 89 21.11 25.75 -17.80
N VAL K 90 21.05 27.07 -17.89
CA VAL K 90 22.27 27.86 -18.00
C VAL K 90 22.29 28.91 -16.91
N ASP K 91 23.50 29.30 -16.54
CA ASP K 91 23.71 30.31 -15.51
C ASP K 91 23.90 31.67 -16.15
N THR K 92 23.62 32.71 -15.36
CA THR K 92 23.69 34.10 -15.80
C THR K 92 25.08 34.69 -15.64
N VAL K 93 26.02 33.94 -15.08
CA VAL K 93 27.40 34.42 -14.96
C VAL K 93 28.26 33.81 -16.04
N LYS K 94 29.12 34.64 -16.64
CA LYS K 94 29.93 34.22 -17.78
C LYS K 94 30.96 33.20 -17.34
N ASN K 95 31.02 32.08 -18.06
CA ASN K 95 32.07 31.10 -17.85
C ASN K 95 33.43 31.70 -18.22
N GLU K 96 34.49 31.04 -17.77
CA GLU K 96 35.84 31.54 -17.99
C GLU K 96 36.45 31.12 -19.32
N ASN K 97 35.81 30.23 -20.07
CA ASN K 97 36.22 29.97 -21.44
C ASN K 97 35.03 29.95 -22.38
N ASP K 98 33.90 29.41 -21.92
CA ASP K 98 32.63 29.56 -22.61
C ASP K 98 32.07 30.92 -22.28
N LYS K 99 30.97 31.29 -22.95
CA LYS K 99 30.25 32.51 -22.59
C LYS K 99 29.52 32.34 -21.27
N TYR K 100 28.90 31.18 -21.08
CA TYR K 100 28.18 30.83 -19.88
C TYR K 100 28.30 29.33 -19.67
N ASP K 101 27.84 28.83 -18.53
CA ASP K 101 27.88 27.41 -18.26
C ASP K 101 26.45 26.88 -18.13
N ALA K 102 26.29 25.60 -18.44
CA ALA K 102 24.97 25.05 -18.70
C ALA K 102 24.92 23.60 -18.25
N GLN K 103 23.70 23.15 -17.96
CA GLN K 103 23.34 21.74 -17.99
C GLN K 103 22.16 21.61 -18.93
N PHE K 104 22.20 20.60 -19.80
CA PHE K 104 21.36 20.52 -20.98
C PHE K 104 20.66 19.17 -21.04
N GLY K 105 19.51 19.13 -21.72
CA GLY K 105 18.89 17.85 -21.99
C GLY K 105 17.70 18.00 -22.92
N PHE K 106 17.39 16.89 -23.59
CA PHE K 106 16.13 16.75 -24.31
C PHE K 106 15.06 16.34 -23.31
N ALA K 107 14.04 17.18 -23.17
CA ALA K 107 13.07 17.03 -22.10
C ALA K 107 11.65 16.99 -22.66
N TYR K 108 10.82 16.19 -22.01
CA TYR K 108 9.46 15.91 -22.45
C TYR K 108 8.51 16.32 -21.34
N ILE K 109 7.64 17.29 -21.60
CA ILE K 109 6.68 17.75 -20.61
C ILE K 109 5.65 16.66 -20.36
N GLU K 110 5.80 15.93 -19.25
CA GLU K 110 4.84 14.90 -18.91
C GLU K 110 3.75 15.36 -17.95
N SER K 111 3.90 16.50 -17.32
CA SER K 111 2.84 17.05 -16.48
C SER K 111 2.74 18.55 -16.72
N ARG K 112 1.50 19.02 -16.82
CA ARG K 112 1.18 20.43 -16.98
C ARG K 112 0.03 20.69 -16.03
N GLU K 113 0.35 21.30 -14.89
CA GLU K 113 -0.59 21.58 -13.83
C GLU K 113 -0.63 23.09 -13.64
N TYR K 114 -1.78 23.71 -13.85
CA TYR K 114 -1.93 25.13 -13.64
C TYR K 114 -3.03 25.43 -12.63
N SER K 115 -2.74 26.37 -11.75
CA SER K 115 -3.69 26.82 -10.74
C SER K 115 -4.15 28.23 -11.07
N ASP K 116 -5.45 28.46 -10.87
CA ASP K 116 -6.08 29.77 -10.86
C ASP K 116 -6.39 30.08 -9.40
N GLY K 117 -5.77 31.13 -8.88
CA GLY K 117 -6.06 31.60 -7.53
C GLY K 117 -6.96 32.80 -7.56
N VAL K 118 -7.36 33.25 -6.37
CA VAL K 118 -8.18 34.44 -6.23
C VAL K 118 -7.44 35.69 -6.72
N GLU K 119 -6.18 35.83 -6.35
CA GLU K 119 -5.34 36.85 -6.96
C GLU K 119 -4.05 36.29 -7.54
N GLY K 120 -3.60 36.80 -8.68
CA GLY K 120 -2.26 36.53 -9.13
C GLY K 120 -2.33 35.85 -10.48
N ALA K 121 -1.26 35.93 -11.27
CA ALA K 121 -1.24 35.36 -12.60
C ALA K 121 -1.32 33.84 -12.54
N VAL K 122 -1.79 33.25 -13.64
CA VAL K 122 -2.11 31.83 -13.68
C VAL K 122 -0.88 31.01 -13.31
N GLU K 123 -1.01 30.20 -12.27
CA GLU K 123 0.13 29.44 -11.77
C GLU K 123 0.42 28.26 -12.70
N ILE K 124 1.54 28.35 -13.40
CA ILE K 124 1.93 27.31 -14.34
C ILE K 124 3.12 26.55 -13.76
N SER K 125 2.88 25.29 -13.44
CA SER K 125 3.94 24.34 -13.10
C SER K 125 3.91 23.21 -14.11
N ILE K 126 5.03 22.98 -14.78
CA ILE K 126 5.14 21.87 -15.73
C ILE K 126 6.19 20.91 -15.24
N SER K 127 5.85 19.62 -15.26
CA SER K 127 6.72 18.56 -14.79
C SER K 127 7.19 17.72 -15.98
N LEU K 128 8.45 17.31 -15.92
CA LEU K 128 9.11 16.63 -17.03
C LEU K 128 10.14 15.64 -16.50
N GLN K 129 10.36 14.58 -17.26
CA GLN K 129 11.49 13.69 -17.04
C GLN K 129 12.42 13.83 -18.22
N VAL K 130 13.73 13.72 -17.98
CA VAL K 130 14.69 13.74 -19.06
C VAL K 130 15.69 12.61 -18.82
N ILE K 131 16.14 11.98 -19.90
CA ILE K 131 16.99 10.80 -19.78
C ILE K 131 18.22 11.11 -18.94
N GLY K 132 18.93 12.17 -19.29
CA GLY K 132 20.09 12.57 -18.53
C GLY K 132 20.39 14.04 -18.71
N GLU K 133 20.95 14.66 -17.67
CA GLU K 133 21.40 16.04 -17.77
C GLU K 133 22.90 16.09 -18.04
N LEU K 134 23.26 16.69 -19.16
CA LEU K 134 24.65 16.73 -19.61
C LEU K 134 25.23 18.06 -19.19
N LYS K 135 26.38 18.01 -18.52
CA LYS K 135 27.05 19.20 -18.01
C LYS K 135 27.93 19.79 -19.11
N ASN K 136 27.81 21.09 -19.35
CA ASN K 136 28.64 21.78 -20.32
C ASN K 136 28.59 23.28 -20.05
N GLY K 137 29.10 24.06 -20.99
CA GLY K 137 28.91 25.49 -20.92
C GLY K 137 28.20 26.02 -22.15
N GLU K 138 27.46 27.11 -21.97
CA GLU K 138 26.63 27.65 -23.03
C GLU K 138 27.33 28.85 -23.65
N ILE K 139 26.98 29.15 -24.89
CA ILE K 139 27.64 30.22 -25.62
C ILE K 139 26.68 31.42 -25.81
N ASP K 140 25.75 31.29 -26.75
CA ASP K 140 24.85 32.41 -27.03
C ASP K 140 23.49 32.20 -26.38
N THR K 141 23.33 32.78 -25.19
CA THR K 141 22.04 32.76 -24.50
C THR K 141 21.22 34.01 -24.75
N LEU K 142 21.48 34.72 -25.87
CA LEU K 142 20.89 36.01 -26.24
C LEU K 142 21.07 36.98 -25.08
N PRO K 143 22.32 37.22 -24.63
CA PRO K 143 22.55 37.76 -23.27
C PRO K 143 22.12 39.22 -23.08
N GLU K 144 21.85 39.88 -24.19
CA GLU K 144 21.27 41.21 -24.20
C GLU K 144 19.99 41.27 -23.38
N GLU K 145 19.03 40.40 -23.67
CA GLU K 145 17.72 40.45 -23.05
C GLU K 145 17.48 39.35 -22.02
N ILE K 146 18.06 38.17 -22.19
CA ILE K 146 17.90 37.06 -21.26
C ILE K 146 18.76 37.24 -20.02
N VAL K 147 20.05 37.51 -20.21
CA VAL K 147 20.98 37.63 -19.10
C VAL K 147 20.56 38.84 -18.27
N ASN K 148 20.17 39.92 -18.96
CA ASN K 148 19.83 41.17 -18.29
C ASN K 148 18.31 41.36 -18.24
N VAL K 149 17.73 41.37 -17.04
CA VAL K 149 16.33 41.76 -16.91
C VAL K 149 16.26 43.05 -16.11
N SER K 150 15.64 44.07 -16.70
CA SER K 150 15.65 45.40 -16.12
C SER K 150 14.33 46.14 -16.29
N LYS K 151 13.86 46.83 -15.26
CA LYS K 151 12.65 47.63 -15.39
C LYS K 151 12.73 48.68 -16.49
N GLY K 152 13.85 49.38 -16.65
CA GLY K 152 13.97 50.44 -17.63
C GLY K 152 14.68 51.67 -17.10
N GLY K 153 15.50 52.29 -17.94
CA GLY K 153 16.28 53.44 -17.53
C GLY K 153 16.07 54.62 -18.46
N TYR K 154 14.89 55.21 -18.36
CA TYR K 154 14.48 56.39 -19.13
C TYR K 154 14.42 57.58 -18.18
N ASP K 155 15.54 58.29 -18.03
CA ASP K 155 15.76 59.13 -16.85
C ASP K 155 14.89 60.37 -16.76
N PHE K 156 14.77 61.13 -17.86
CA PHE K 156 13.80 62.21 -18.11
C PHE K 156 13.15 62.02 -19.48
N GLN K 157 11.83 61.90 -19.45
CA GLN K 157 10.97 62.25 -20.59
C GLN K 157 10.08 63.39 -20.11
N GLN K 158 10.67 64.39 -19.43
CA GLN K 158 9.85 65.35 -18.70
C GLN K 158 9.01 66.26 -19.61
N PRO K 159 9.44 66.66 -20.82
CA PRO K 159 8.49 67.38 -21.69
C PRO K 159 7.56 66.47 -22.46
N GLY K 160 7.69 65.15 -22.32
CA GLY K 160 6.93 64.25 -23.17
C GLY K 160 7.25 62.77 -23.09
N GLN K 161 6.85 62.07 -22.03
CA GLN K 161 7.06 60.63 -21.99
C GLN K 161 6.14 59.91 -22.95
N THR K 162 4.86 60.32 -22.97
CA THR K 162 3.81 59.83 -23.88
C THR K 162 3.70 58.31 -23.85
N THR K 163 3.63 57.75 -22.65
CA THR K 163 3.80 56.31 -22.51
C THR K 163 2.61 55.73 -21.75
N GLY K 164 2.37 54.44 -21.94
CA GLY K 164 1.39 53.71 -21.17
C GLY K 164 1.95 53.17 -19.87
N GLU K 165 1.37 52.07 -19.38
CA GLU K 165 1.81 51.50 -18.10
C GLU K 165 3.27 51.07 -18.15
N ALA K 166 3.68 50.43 -19.24
CA ALA K 166 5.03 49.92 -19.42
C ALA K 166 5.92 51.03 -19.98
N PRO K 167 7.03 51.32 -19.32
CA PRO K 167 7.66 52.64 -19.45
C PRO K 167 8.51 52.77 -20.70
N GLY K 168 8.52 53.99 -21.24
CA GLY K 168 9.48 54.40 -22.24
C GLY K 168 9.15 54.13 -23.69
N THR K 169 7.92 53.69 -23.98
CA THR K 169 7.46 53.61 -25.36
C THR K 169 6.71 54.88 -25.73
N VAL K 170 7.19 55.53 -26.76
CA VAL K 170 6.59 56.75 -27.31
C VAL K 170 5.91 56.40 -28.62
N PRO K 171 4.58 56.56 -28.74
CA PRO K 171 3.91 56.23 -30.02
C PRO K 171 4.32 57.19 -31.12
N ALA K 172 4.06 56.78 -32.36
CA ALA K 172 4.50 57.44 -33.59
C ALA K 172 6.01 57.29 -33.82
N PRO L 1 30.07 20.79 24.29
CA PRO L 1 30.07 19.46 23.68
C PRO L 1 30.48 19.48 22.22
N ILE L 2 29.51 19.67 21.32
CA ILE L 2 29.76 19.76 19.90
C ILE L 2 29.11 21.03 19.38
N MET L 3 29.54 21.47 18.20
CA MET L 3 29.05 22.71 17.61
C MET L 3 28.43 22.44 16.25
N GLY L 4 27.52 23.34 15.85
CA GLY L 4 26.91 23.28 14.53
C GLY L 4 27.88 23.45 13.38
N GLN L 5 29.07 23.99 13.65
CA GLN L 5 30.15 24.06 12.67
C GLN L 5 31.21 23.00 12.91
N ASP L 6 31.09 22.23 14.00
CA ASP L 6 32.13 21.30 14.42
C ASP L 6 32.36 20.15 13.46
N VAL L 7 31.32 19.42 13.05
CA VAL L 7 31.47 18.28 12.16
C VAL L 7 31.52 18.79 10.74
N LYS L 8 32.60 18.48 10.03
CA LYS L 8 32.69 18.87 8.62
C LYS L 8 32.99 17.66 7.76
N TYR L 9 32.46 17.70 6.53
CA TYR L 9 32.35 16.52 5.67
C TYR L 9 33.29 16.68 4.49
N LEU L 10 34.39 15.94 4.53
CA LEU L 10 35.33 15.92 3.41
C LEU L 10 34.94 14.81 2.42
N PHE L 11 34.97 15.12 1.14
CA PHE L 11 34.70 14.14 0.09
C PHE L 11 35.86 14.12 -0.90
N GLN L 12 36.53 12.97 -0.95
CA GLN L 12 37.52 12.75 -1.99
C GLN L 12 37.05 11.62 -2.89
N SER L 13 37.22 11.82 -4.20
CA SER L 13 36.83 10.82 -5.18
C SER L 13 37.90 9.75 -5.34
N ILE L 14 37.45 8.52 -5.65
CA ILE L 14 38.38 7.41 -5.80
C ILE L 14 39.34 7.64 -6.95
N ASP L 15 38.87 8.19 -8.07
CA ASP L 15 39.67 8.29 -9.28
C ASP L 15 40.82 9.28 -9.15
N ALA L 16 40.76 10.21 -8.19
CA ALA L 16 41.78 11.24 -8.10
C ALA L 16 43.14 10.65 -7.70
N ALA L 17 43.13 9.70 -6.76
CA ALA L 17 44.32 9.09 -6.15
C ALA L 17 45.33 10.17 -5.70
N THR L 18 44.86 11.07 -4.83
CA THR L 18 45.68 12.14 -4.30
C THR L 18 45.39 12.29 -2.81
N GLY L 19 46.06 13.26 -2.18
CA GLY L 19 45.90 13.48 -0.75
C GLY L 19 45.52 14.91 -0.40
N SER L 20 44.90 15.62 -1.35
CA SER L 20 44.54 17.01 -1.13
C SER L 20 43.37 17.14 -0.15
N ALA L 21 42.49 16.13 -0.15
CA ALA L 21 41.22 16.07 0.59
C ALA L 21 40.42 17.35 0.46
N PRO L 22 39.73 17.59 -0.67
CA PRO L 22 38.92 18.82 -0.78
C PRO L 22 37.71 18.78 0.13
N LEU L 23 37.31 19.95 0.62
CA LEU L 23 36.03 20.09 1.28
C LEU L 23 35.28 21.28 0.71
N PHE L 24 33.97 21.20 0.72
CA PHE L 24 33.27 22.18 -0.07
C PHE L 24 32.58 23.21 0.82
N PRO L 25 32.70 24.50 0.54
CA PRO L 25 32.03 25.50 1.38
C PRO L 25 30.54 25.55 1.14
N ALA L 26 29.90 26.51 1.81
CA ALA L 26 28.47 26.79 1.76
C ALA L 26 27.64 25.58 2.19
N TYR L 27 28.15 24.87 3.18
CA TYR L 27 27.42 23.76 3.78
C TYR L 27 26.26 24.28 4.63
N GLN L 28 25.12 23.63 4.47
CA GLN L 28 23.90 23.95 5.19
C GLN L 28 23.78 22.84 6.24
N THR L 29 23.08 21.77 5.92
CA THR L 29 22.90 20.67 6.87
C THR L 29 23.12 19.32 6.21
N ASP L 30 23.18 18.31 7.06
CA ASP L 30 23.70 17.01 6.69
C ASP L 30 23.14 15.99 7.67
N GLY L 31 22.15 15.25 7.22
CA GLY L 31 21.68 14.11 7.97
C GLY L 31 22.42 12.85 7.59
N SER L 32 22.79 12.07 8.59
CA SER L 32 23.38 10.75 8.37
C SER L 32 22.65 9.84 9.33
N VAL L 33 21.99 8.83 8.78
CA VAL L 33 21.13 7.95 9.56
C VAL L 33 21.49 6.50 9.22
N SER L 34 21.41 5.64 10.22
CA SER L 34 21.96 4.29 10.17
C SER L 34 20.90 3.32 10.64
N GLY L 35 20.65 2.28 9.84
CA GLY L 35 19.61 1.32 10.18
C GLY L 35 20.16 -0.08 10.34
N GLU L 36 20.07 -0.62 11.55
CA GLU L 36 20.56 -1.96 11.87
C GLU L 36 19.39 -2.92 11.76
N ARG L 37 19.55 -3.97 10.96
CA ARG L 37 18.47 -4.90 10.67
C ARG L 37 18.12 -5.71 11.92
N GLU L 38 16.83 -5.78 12.21
CA GLU L 38 16.34 -6.28 13.50
C GLU L 38 15.13 -7.17 13.25
N LEU L 39 15.13 -8.33 13.91
CA LEU L 39 14.06 -9.31 13.77
C LEU L 39 13.14 -9.26 14.98
N PHE L 40 11.86 -9.02 14.72
CA PHE L 40 10.82 -9.12 15.73
C PHE L 40 9.67 -9.99 15.25
N ASP L 41 9.76 -11.27 15.54
CA ASP L 41 8.61 -12.17 15.66
C ASP L 41 8.47 -12.58 17.13
N GLU L 42 7.35 -13.23 17.44
CA GLU L 42 7.14 -13.76 18.79
C GLU L 42 8.01 -14.95 19.11
N GLN L 43 8.06 -15.94 18.20
CA GLN L 43 8.72 -17.24 18.39
C GLN L 43 8.14 -18.00 19.58
N THR L 44 6.82 -17.90 19.78
CA THR L 44 6.10 -18.26 21.00
C THR L 44 6.85 -17.78 22.26
N LYS L 45 7.33 -16.54 22.21
CA LYS L 45 8.12 -15.96 23.28
C LYS L 45 7.78 -14.49 23.46
N ASN L 46 8.64 -13.75 24.17
CA ASN L 46 8.44 -12.31 24.37
C ASN L 46 8.88 -11.49 23.16
N GLY L 47 9.05 -12.12 21.99
CA GLY L 47 9.48 -11.41 20.81
C GLY L 47 10.99 -11.34 20.72
N ARG L 48 11.49 -10.95 19.56
CA ARG L 48 12.93 -10.86 19.33
C ARG L 48 13.26 -9.37 19.16
N ILE L 49 14.16 -8.88 20.01
CA ILE L 49 14.61 -7.49 19.95
C ILE L 49 16.13 -7.43 19.89
N LEU L 50 16.79 -8.31 20.66
CA LEU L 50 18.24 -8.41 20.62
C LEU L 50 18.76 -8.81 19.24
N GLY L 51 17.89 -9.34 18.38
CA GLY L 51 18.29 -9.95 17.14
C GLY L 51 18.96 -9.00 16.18
N PRO L 52 20.27 -9.13 16.03
CA PRO L 52 21.02 -8.18 15.20
C PRO L 52 20.87 -8.42 13.71
N GLY L 53 21.52 -7.57 12.92
CA GLY L 53 21.46 -7.67 11.48
C GLY L 53 22.49 -6.72 10.87
N SER L 54 22.31 -6.46 9.58
CA SER L 54 23.21 -5.57 8.88
C SER L 54 22.74 -4.12 9.00
N VAL L 55 23.68 -3.20 8.90
CA VAL L 55 23.41 -1.77 9.05
C VAL L 55 23.41 -1.12 7.68
N ALA L 56 22.37 -0.34 7.41
CA ALA L 56 22.26 0.46 6.20
C ALA L 56 22.47 1.91 6.56
N ASP L 57 23.59 2.48 6.12
CA ASP L 57 24.01 3.79 6.55
C ASP L 57 23.69 4.78 5.43
N SER L 58 22.67 5.60 5.67
CA SER L 58 22.19 6.59 4.72
C SER L 58 22.75 7.95 5.06
N GLY L 59 23.01 8.73 4.01
CA GLY L 59 23.48 10.08 4.18
C GLY L 59 22.86 11.03 3.18
N GLU L 60 22.61 12.26 3.59
CA GLU L 60 22.11 13.31 2.69
C GLU L 60 22.87 14.59 3.04
N VAL L 61 23.43 15.22 2.01
CA VAL L 61 24.22 16.43 2.19
C VAL L 61 23.52 17.57 1.47
N THR L 62 23.21 18.63 2.19
CA THR L 62 22.63 19.82 1.56
C THR L 62 23.61 20.98 1.67
N TYR L 63 23.69 21.76 0.60
CA TYR L 63 24.52 22.97 0.60
C TYR L 63 24.07 23.89 -0.53
N TYR L 64 24.46 25.16 -0.45
CA TYR L 64 24.21 26.14 -1.51
C TYR L 64 25.29 26.01 -2.57
N GLY L 65 24.88 26.06 -3.83
CA GLY L 65 25.81 25.86 -4.93
C GLY L 65 26.73 27.02 -5.21
N LYS L 66 27.98 26.72 -5.56
CA LYS L 66 28.92 27.77 -5.96
C LYS L 66 29.23 27.60 -7.46
N ARG L 67 29.62 28.72 -8.08
CA ARG L 67 29.80 28.75 -9.53
C ARG L 67 30.74 27.67 -10.06
N GLY L 68 31.96 27.58 -9.54
CA GLY L 68 32.88 26.53 -9.93
C GLY L 68 33.10 25.57 -8.78
N ASP L 69 34.36 25.52 -8.32
CA ASP L 69 34.80 24.85 -7.09
C ASP L 69 34.69 23.33 -7.23
N ALA L 70 35.84 22.68 -7.04
CA ALA L 70 36.16 21.36 -7.58
C ALA L 70 35.74 20.14 -6.75
N GLY L 71 35.52 20.30 -5.44
CA GLY L 71 34.88 19.25 -4.66
C GLY L 71 33.46 18.96 -5.12
N GLN L 72 32.65 20.02 -5.25
CA GLN L 72 31.34 19.85 -5.87
C GLN L 72 31.44 19.44 -7.33
N LYS L 73 32.43 19.94 -8.07
CA LYS L 73 32.68 19.44 -9.41
C LYS L 73 33.12 17.99 -9.38
N ALA L 74 33.92 17.59 -8.40
CA ALA L 74 34.17 16.16 -8.20
C ALA L 74 32.89 15.43 -7.87
N ILE L 75 32.08 15.99 -6.97
CA ILE L 75 30.75 15.45 -6.69
C ILE L 75 29.95 15.33 -7.99
N GLU L 76 30.02 16.35 -8.85
CA GLU L 76 29.26 16.34 -10.09
C GLU L 76 29.77 15.29 -11.08
N ASP L 77 31.08 15.25 -11.31
CA ASP L 77 31.63 14.12 -12.08
C ASP L 77 31.39 12.80 -11.37
N ALA L 78 31.41 12.78 -10.04
CA ALA L 78 31.08 11.56 -9.34
C ALA L 78 29.67 11.09 -9.69
N TYR L 79 28.66 11.94 -9.53
CA TYR L 79 27.29 11.52 -9.74
C TYR L 79 26.96 11.34 -11.23
N GLN L 80 27.32 12.34 -12.04
CA GLN L 80 26.82 12.42 -13.41
C GLN L 80 27.29 11.25 -14.26
N ASN L 81 28.59 10.98 -14.27
CA ASN L 81 29.08 9.76 -14.92
C ASN L 81 28.97 8.57 -13.99
N GLY L 82 29.31 8.75 -12.73
CA GLY L 82 29.23 7.70 -11.73
C GLY L 82 30.58 7.27 -11.22
N LYS L 83 30.93 7.72 -10.02
CA LYS L 83 32.19 7.42 -9.36
C LYS L 83 31.88 7.18 -7.89
N GLN L 84 32.61 6.26 -7.27
CA GLN L 84 32.61 6.09 -5.82
C GLN L 84 33.25 7.32 -5.18
N ILE L 85 32.71 7.75 -4.03
CA ILE L 85 33.25 8.91 -3.34
C ILE L 85 33.75 8.50 -1.96
N LYS L 86 34.99 8.89 -1.67
CA LYS L 86 35.58 8.63 -0.36
C LYS L 86 35.16 9.73 0.60
N PHE L 87 34.35 9.36 1.59
CA PHE L 87 33.60 10.28 2.43
C PHE L 87 34.21 10.31 3.83
N TRP L 88 34.58 11.51 4.28
CA TRP L 88 35.19 11.74 5.58
C TRP L 88 34.26 12.62 6.40
N ARG L 89 33.84 12.13 7.56
CA ARG L 89 33.07 12.95 8.51
C ARG L 89 33.97 13.25 9.70
N VAL L 90 34.50 14.47 9.75
CA VAL L 90 35.49 14.81 10.75
C VAL L 90 35.03 16.04 11.51
N ASP L 91 35.49 16.14 12.75
CA ASP L 91 35.16 17.26 13.61
C ASP L 91 36.26 18.31 13.56
N THR L 92 35.87 19.54 13.89
CA THR L 92 36.76 20.70 13.84
C THR L 92 37.55 20.88 15.13
N VAL L 93 37.32 20.05 16.14
CA VAL L 93 38.09 20.12 17.37
C VAL L 93 39.15 19.03 17.38
N LYS L 94 40.35 19.40 17.83
CA LYS L 94 41.51 18.50 17.78
C LYS L 94 41.31 17.36 18.77
N ASN L 95 41.49 16.13 18.28
CA ASN L 95 41.51 14.97 19.15
C ASN L 95 42.69 15.04 20.10
N GLU L 96 42.65 14.22 21.15
CA GLU L 96 43.68 14.24 22.17
C GLU L 96 44.87 13.35 21.85
N ASN L 97 44.80 12.53 20.81
CA ASN L 97 46.00 11.84 20.34
C ASN L 97 46.11 11.95 18.81
N ASP L 98 44.99 11.89 18.12
CA ASP L 98 44.95 12.22 16.71
C ASP L 98 44.91 13.74 16.58
N LYS L 99 45.01 14.25 15.35
CA LYS L 99 44.81 15.66 15.09
C LYS L 99 43.34 16.04 15.25
N TYR L 100 42.46 15.20 14.73
CA TYR L 100 41.02 15.38 14.80
C TYR L 100 40.39 14.00 14.85
N ASP L 101 39.08 13.95 15.08
CA ASP L 101 38.36 12.68 15.11
C ASP L 101 37.34 12.65 13.97
N ALA L 102 37.05 11.44 13.52
CA ALA L 102 36.39 11.25 12.24
C ALA L 102 35.47 10.04 12.29
N GLN L 103 34.47 10.05 11.42
CA GLN L 103 33.79 8.85 10.97
C GLN L 103 33.89 8.84 9.45
N PHE L 104 34.22 7.69 8.88
CA PHE L 104 34.69 7.57 7.51
C PHE L 104 33.89 6.52 6.76
N GLY L 105 33.83 6.66 5.44
CA GLY L 105 33.26 5.60 4.64
C GLY L 105 33.43 5.85 3.16
N PHE L 106 33.39 4.76 2.40
CA PHE L 106 33.28 4.81 0.95
C PHE L 106 31.81 4.99 0.60
N ALA L 107 31.49 6.10 -0.05
CA ALA L 107 30.11 6.52 -0.24
C ALA L 107 29.82 6.76 -1.72
N TYR L 108 28.60 6.42 -2.11
CA TYR L 108 28.16 6.46 -3.49
C TYR L 108 26.94 7.38 -3.58
N ILE L 109 27.07 8.47 -4.33
CA ILE L 109 25.97 9.42 -4.49
C ILE L 109 24.87 8.76 -5.30
N GLU L 110 23.81 8.31 -4.62
CA GLU L 110 22.68 7.72 -5.32
C GLU L 110 21.55 8.70 -5.61
N SER L 111 21.54 9.88 -4.99
CA SER L 111 20.55 10.89 -5.31
C SER L 111 21.24 12.25 -5.37
N ARG L 112 20.86 13.02 -6.39
CA ARG L 112 21.35 14.39 -6.58
C ARG L 112 20.10 15.19 -6.94
N GLU L 113 19.60 15.94 -5.96
CA GLU L 113 18.40 16.74 -6.10
C GLU L 113 18.79 18.18 -5.84
N TYR L 114 18.59 19.04 -6.84
CA TYR L 114 18.87 20.46 -6.68
C TYR L 114 17.64 21.29 -6.97
N SER L 115 17.43 22.30 -6.12
CA SER L 115 16.34 23.23 -6.27
C SER L 115 16.86 24.59 -6.68
N ASP L 116 16.13 25.23 -7.59
CA ASP L 116 16.30 26.63 -7.96
C ASP L 116 15.11 27.37 -7.35
N GLY L 117 15.39 28.27 -6.42
CA GLY L 117 14.37 29.12 -5.84
C GLY L 117 14.37 30.50 -6.45
N VAL L 118 13.40 31.31 -6.06
CA VAL L 118 13.31 32.69 -6.50
C VAL L 118 14.52 33.50 -6.05
N GLU L 119 14.92 33.35 -4.79
CA GLU L 119 16.19 33.91 -4.35
C GLU L 119 17.09 32.87 -3.70
N GLY L 120 18.40 32.94 -3.93
CA GLY L 120 19.33 32.18 -3.14
C GLY L 120 20.10 31.25 -4.04
N ALA L 121 21.29 30.82 -3.61
CA ALA L 121 22.13 29.97 -4.42
C ALA L 121 21.49 28.59 -4.62
N VAL L 122 21.91 27.92 -5.70
CA VAL L 122 21.26 26.69 -6.14
C VAL L 122 21.28 25.67 -5.01
N GLU L 123 20.11 25.21 -4.61
CA GLU L 123 20.01 24.28 -3.48
C GLU L 123 20.46 22.89 -3.90
N ILE L 124 21.61 22.46 -3.39
CA ILE L 124 22.17 21.16 -3.72
C ILE L 124 22.03 20.26 -2.51
N SER L 125 21.20 19.23 -2.64
CA SER L 125 21.12 18.13 -1.70
C SER L 125 21.48 16.85 -2.43
N ILE L 126 22.49 16.14 -1.93
CA ILE L 126 22.89 14.86 -2.50
C ILE L 126 22.68 13.77 -1.46
N SER L 127 22.05 12.68 -1.89
CA SER L 127 21.74 11.56 -1.03
C SER L 127 22.60 10.36 -1.42
N LEU L 128 23.05 9.62 -0.41
CA LEU L 128 23.99 8.54 -0.58
C LEU L 128 23.74 7.44 0.44
N GLN L 129 24.06 6.21 0.08
CA GLN L 129 24.13 5.11 1.03
C GLN L 129 25.58 4.69 1.12
N VAL L 130 26.00 4.25 2.30
CA VAL L 130 27.35 3.73 2.47
C VAL L 130 27.25 2.45 3.29
N ILE L 131 28.11 1.48 2.97
CA ILE L 131 28.01 0.16 3.60
C ILE L 131 28.08 0.29 5.11
N GLY L 132 29.10 0.97 5.61
CA GLY L 132 29.23 1.19 7.03
C GLY L 132 30.06 2.41 7.34
N GLU L 133 29.76 3.08 8.44
CA GLU L 133 30.56 4.19 8.90
C GLU L 133 31.54 3.74 9.97
N LEU L 134 32.83 3.92 9.68
CA LEU L 134 33.89 3.44 10.55
C LEU L 134 34.35 4.60 11.42
N LYS L 135 34.38 4.38 12.73
CA LYS L 135 34.75 5.41 13.69
C LYS L 135 36.27 5.42 13.84
N ASN L 136 36.87 6.61 13.75
CA ASN L 136 38.31 6.77 13.94
C ASN L 136 38.61 8.22 14.22
N GLY L 137 39.90 8.58 14.18
CA GLY L 137 40.27 9.98 14.21
C GLY L 137 41.06 10.37 12.98
N GLU L 138 40.94 11.64 12.61
CA GLU L 138 41.55 12.13 11.38
C GLU L 138 42.83 12.88 11.73
N ILE L 139 43.74 12.97 10.76
CA ILE L 139 45.02 13.59 10.99
C ILE L 139 45.13 14.92 10.24
N ASP L 140 45.34 14.86 8.92
CA ASP L 140 45.52 16.09 8.15
C ASP L 140 44.25 16.45 7.41
N THR L 141 43.45 17.32 8.02
CA THR L 141 42.25 17.84 7.37
C THR L 141 42.49 19.18 6.68
N LEU L 142 43.75 19.49 6.33
CA LEU L 142 44.21 20.76 5.78
C LEU L 142 43.75 21.90 6.70
N PRO L 143 44.10 21.86 8.00
CA PRO L 143 43.37 22.63 9.02
C PRO L 143 43.54 24.13 8.94
N GLU L 144 44.52 24.57 8.16
CA GLU L 144 44.70 25.97 7.82
C GLU L 144 43.44 26.60 7.26
N GLU L 145 42.86 25.99 6.22
CA GLU L 145 41.73 26.58 5.53
C GLU L 145 40.41 25.87 5.80
N ILE L 146 40.41 24.58 6.05
CA ILE L 146 39.19 23.82 6.33
C ILE L 146 38.72 24.03 7.76
N VAL L 147 39.62 23.86 8.72
CA VAL L 147 39.26 23.97 10.13
C VAL L 147 38.85 25.41 10.40
N ASN L 148 39.58 26.35 9.80
CA ASN L 148 39.33 27.77 10.04
C ASN L 148 38.60 28.41 8.86
N VAL L 149 37.38 28.88 9.07
CA VAL L 149 36.71 29.67 8.06
C VAL L 149 36.52 31.09 8.60
N SER L 150 37.04 32.07 7.87
CA SER L 150 37.08 33.44 8.35
C SER L 150 36.81 34.46 7.26
N LYS L 151 36.02 35.49 7.55
CA LYS L 151 35.81 36.56 6.57
C LYS L 151 37.09 37.24 6.12
N GLY L 152 38.04 37.52 7.01
CA GLY L 152 39.25 38.23 6.66
C GLY L 152 39.63 39.29 7.67
N GLY L 153 40.93 39.42 7.93
CA GLY L 153 41.43 40.35 8.93
C GLY L 153 42.48 41.28 8.34
N TYR L 154 42.02 42.20 7.50
CA TYR L 154 42.84 43.22 6.86
C TYR L 154 42.50 44.57 7.48
N ASP L 155 43.21 44.93 8.57
CA ASP L 155 42.71 45.93 9.51
C ASP L 155 42.66 47.36 8.98
N PHE L 156 43.73 47.82 8.33
CA PHE L 156 43.82 49.05 7.52
C PHE L 156 44.51 48.72 6.19
N GLN L 157 43.78 49.02 5.12
CA GLN L 157 44.36 49.32 3.80
C GLN L 157 43.95 50.74 3.48
N GLN L 158 44.08 51.67 4.45
CA GLN L 158 43.45 52.97 4.31
C GLN L 158 44.06 53.85 3.21
N PRO L 159 45.37 53.79 2.91
CA PRO L 159 45.83 54.53 1.71
C PRO L 159 45.64 53.77 0.41
N GLY L 160 45.10 52.55 0.46
CA GLY L 160 45.07 51.73 -0.73
C GLY L 160 44.63 50.29 -0.60
N GLN L 161 43.34 50.02 -0.39
CA GLN L 161 42.88 48.63 -0.34
C GLN L 161 42.91 48.00 -1.73
N THR L 162 42.43 48.76 -2.73
CA THR L 162 42.43 48.39 -4.16
C THR L 162 41.79 47.02 -4.39
N THR L 163 40.62 46.81 -3.81
CA THR L 163 40.07 45.47 -3.75
C THR L 163 38.67 45.46 -4.35
N GLY L 164 38.23 44.28 -4.79
CA GLY L 164 36.86 44.09 -5.23
C GLY L 164 35.93 43.75 -4.09
N GLU L 165 34.85 43.01 -4.39
CA GLU L 165 33.86 42.66 -3.37
C GLU L 165 34.48 41.84 -2.25
N ALA L 166 35.31 40.85 -2.62
CA ALA L 166 35.95 39.94 -1.67
C ALA L 166 37.23 40.58 -1.15
N PRO L 167 37.40 40.67 0.16
CA PRO L 167 38.29 41.67 0.73
C PRO L 167 39.75 41.25 0.72
N GLY L 168 40.61 42.24 0.55
CA GLY L 168 42.04 42.09 0.80
C GLY L 168 42.90 41.60 -0.33
N THR L 169 42.34 41.48 -1.54
CA THR L 169 43.16 41.20 -2.70
C THR L 169 43.53 42.51 -3.40
N VAL L 170 44.83 42.72 -3.53
CA VAL L 170 45.39 43.89 -4.19
C VAL L 170 45.96 43.45 -5.54
N PRO L 171 45.43 43.96 -6.68
CA PRO L 171 45.98 43.54 -7.98
C PRO L 171 47.40 44.04 -8.19
N ALA L 172 48.09 43.44 -9.15
CA ALA L 172 49.51 43.63 -9.42
C ALA L 172 50.39 42.98 -8.35
#